data_9V7J
#
_entry.id   9V7J
#
_cell.length_a   1.00
_cell.length_b   1.00
_cell.length_c   1.00
_cell.angle_alpha   90.00
_cell.angle_beta   90.00
_cell.angle_gamma   90.00
#
_symmetry.space_group_name_H-M   'P 1'
#
loop_
_entity.id
_entity.type
_entity.pdbx_description
1 polymer 'Phycobiliprotein ApcE'
2 polymer 'Allophycocyanin alpha subunit'
3 polymer 'Allophycocyanin beta subunit'
4 polymer 'Phycobilisome core component'
5 polymer 'Phycobilisome 7.8 kDa linker polypeptide, allophycocyanin-associated, core'
6 non-polymer PHYCOCYANOBILIN
#
loop_
_entity_poly.entity_id
_entity_poly.type
_entity_poly.pdbx_seq_one_letter_code
_entity_poly.pdbx_strand_id
1 'polypeptide(L)'
;MSIRGTSGSTVARPRLFRTVMTETINGINAEDRYPNSGEVSQLDQFFGDGQRRIAIVAKLTENAEMIVSRAANRIFVGGS
PMAYSERQKAKAKSPLANDEFGNEPIVEDRGGFLESLKSIFSTRGGGGRASADFAVPPDFEPINIARYGPERMQKSIRDL
DWFLRYTTYAILAGDPSILEANCLGLREILEKSCSISATIVALLEMRKNAARLFKDEADSKLVSSYISVVIRALDADRSD
APADIVRPSSEDRPGLTLPYIYKLSADSLTTFKMTAIYGADGRPKVNLSSDEKERVVRAAYRQVFERDLKAYGQSVSEAE
SKVKNGEISVREFVRRLGKSELYRREFYQPFINSRVLELAFKHFLGRAPESRAEVQKYFSIISSPIVRGQSSMPSGGLYA
LIDALIDSEEYTSIFGEDTVPYLRNLGVEAQPSWNWGAAYDLYNYAAPRRKVPQFITLFADYTQPLPNQHPYGAGNDPLE
IQFGAIFKNSTINPAERAAPIGKDVKRILIRNGSPTSNERGNPTGMSEGATTLGPKIFKLTQNVGFRSKGMVQNAGVVTV
EGSVQALITAAYQQIFGRQLYQGQRLKVAEIKLENGETTVKEFVRALGRSEIFRKLYWEPFYVCKAIEYIHRRLLGRPTY
DRVENNRYFDIASKKGFYGVVDAMLNSNEYQEVFGEDVLPYERYLTPAGLSLRKGRFGSSDVLTTPGGITPRGDAARMMD
KIQELGTPINERSIPEMYVNQGVPALKRQRKVFKQSQATDRESFDALVTAAYVQVFDKDIASYIRSEFSALESRLRNRET
SVKEFVRLLGFSALYRKQFHDRYPNTKVVEFAFKHFLGRAVKNQAELIKYHGLLGRKGIKALIGALVDGEEYGRLYGEDT
VPSWQFPTLPAANYPNSVELYNRFTRQDDSLVVPSFKPIRSKMDIASMPLVQAALKEQQATKTALDMSRPMFLELGRSFK
GADGQSVEVGVGTLRRQLEHIYRIAPDATRSEKDVAINAIYRQVLDVFAGIPPSYLRLSEAESKLKNNEISVREFVRRLG
RSENYRKRFFEPYSSPKVVELLTKHFLGRAPISQQEISTYVQILGTKGLAAAVDAIVESPEYLTIFNEDIVPYRRYPTLP
AGNYRASVRVNDEELISQSWSSLSPTYTGYQYVTR
;
A,C
2 'polypeptide(L)'
;MSVLTKAIVNADAEARYLSPGELDRIKSFVASGERRLRIAQTLTEARERIVKQAGDQLFQKRPDVVSPGGNAYGEKMTAL
CLRDLDYYLRLVTYGIVAGDVTPIEEIGIIGVKEMYNSLQTPIPAVAEGVRAMKNVATSLLSGDDAAEAGFYFDYLVGAM
Q
;
M,O,E,G,I,K,Q,S,U,W,Y,a,c,e,g,i,k,m,o,r,t,w,y,1,3,5,7,9,AA,AC,AE,AG,AI,AK,AM,AO,AQ,AS,AU,AW
3 'polypeptide(L)'
;MQDAITAVINNYDVQGKYLDGAALDKLKAYFTTGAVRVRAAAVISSNATTIIKEAAAKALIYSDLTRPGG(MEN)MYTTR
RYAACIRDMDYFLRYATYAMLAGDPSILDERVLNGLKETYNSLGVPIAATVGGIQAMKEVVGGLVGPDAAKEASIYFDYL
SSGLS
;
N,P,F,H,J,L,R,T,V,X,Z,b,d,f,h,j,l,n,p,q,v,x,z,2,4,6,8,0,AB,AD,AF,AH,AJ,AL,AN,AP,AR,AT,AV,AX
4 'polypeptide(L)'
;MKDAISTVIAKYDSQGKYFDNAAVDQLKAYFATGELRVRSAAAISANAQSIIKEATAKALLYSSLTRTGGNMYYARRFAA
CIRDMEYFLRYATFAMVAGDTSLLDEYVLNGLKETYTSLGVPIDATVKGINALREVVASVVGPEAAGEASKYFDHLAKGL
Q
;
s,u
5 'polypeptide(L)' MSRYFKVTACIPSLKRVRTGRELQNTFFTKLVPYENWFTEQQRIQKAGGKVLSVKLFTGVQGANTGVGA AY,AZ,Aa,Ab,Ac,Ad
#
# COMPACT_ATOMS: atom_id res chain seq x y z
N SER A 2 -5.36 -53.08 -49.99
CA SER A 2 -5.70 -52.65 -51.37
C SER A 2 -5.60 -51.13 -51.48
N ILE A 3 -6.08 -50.59 -52.60
CA ILE A 3 -6.18 -49.15 -52.78
C ILE A 3 -7.07 -48.58 -51.67
N ARG A 4 -6.84 -47.31 -51.37
CA ARG A 4 -7.70 -46.60 -50.45
C ARG A 4 -9.05 -46.36 -51.12
N GLY A 5 -9.04 -45.91 -52.39
CA GLY A 5 -10.27 -45.55 -53.07
C GLY A 5 -10.46 -46.34 -54.36
N THR A 6 -11.72 -46.64 -54.71
CA THR A 6 -12.08 -47.26 -55.97
C THR A 6 -12.91 -46.27 -56.78
N SER A 7 -12.56 -46.05 -58.05
CA SER A 7 -13.41 -45.35 -58.98
C SER A 7 -14.59 -46.24 -59.41
N GLY A 8 -14.37 -47.56 -59.39
CA GLY A 8 -15.37 -48.56 -59.74
C GLY A 8 -14.99 -49.32 -61.02
N SER A 9 -15.85 -50.24 -61.44
CA SER A 9 -15.66 -51.07 -62.63
C SER A 9 -16.74 -50.77 -63.68
N THR A 10 -16.33 -50.69 -64.95
CA THR A 10 -17.24 -50.42 -66.06
C THR A 10 -17.15 -51.55 -67.08
N VAL A 11 -18.27 -52.23 -67.35
CA VAL A 11 -18.33 -53.26 -68.39
C VAL A 11 -18.05 -52.64 -69.77
N ALA A 12 -16.82 -52.81 -70.26
CA ALA A 12 -16.45 -52.28 -71.57
C ALA A 12 -16.04 -53.43 -72.48
N ARG A 13 -16.53 -53.40 -73.72
CA ARG A 13 -16.17 -54.36 -74.75
C ARG A 13 -15.40 -53.65 -75.86
N PRO A 14 -14.15 -54.09 -76.19
CA PRO A 14 -13.47 -53.60 -77.40
C PRO A 14 -13.84 -54.38 -78.67
N ARG A 15 -13.39 -53.88 -79.83
CA ARG A 15 -13.70 -54.51 -81.11
C ARG A 15 -12.53 -55.34 -81.62
N LEU A 16 -12.74 -56.66 -81.71
CA LEU A 16 -11.69 -57.57 -82.14
C LEU A 16 -11.40 -57.31 -83.63
N PHE A 17 -12.44 -57.33 -84.46
CA PHE A 17 -12.28 -57.19 -85.91
C PHE A 17 -13.27 -56.18 -86.46
N ARG A 18 -12.79 -55.31 -87.35
CA ARG A 18 -13.69 -54.49 -88.14
C ARG A 18 -14.57 -55.43 -88.95
N THR A 19 -15.81 -55.01 -89.21
CA THR A 19 -16.68 -55.64 -90.18
C THR A 19 -17.30 -54.53 -91.01
N VAL A 20 -17.73 -54.85 -92.24
CA VAL A 20 -18.27 -53.86 -93.16
C VAL A 20 -19.59 -53.35 -92.58
N MET A 21 -20.35 -54.27 -91.97
CA MET A 21 -21.62 -53.95 -91.34
C MET A 21 -21.44 -52.86 -90.30
N THR A 22 -20.52 -53.09 -89.36
CA THR A 22 -20.25 -52.15 -88.28
C THR A 22 -19.62 -50.86 -88.82
N GLU A 23 -18.62 -51.02 -89.69
CA GLU A 23 -17.84 -49.89 -90.18
C GLU A 23 -18.76 -48.84 -90.80
N THR A 24 -19.80 -49.28 -91.52
CA THR A 24 -20.71 -48.37 -92.19
C THR A 24 -21.57 -47.67 -91.14
N ILE A 25 -22.09 -48.46 -90.20
CA ILE A 25 -22.92 -47.93 -89.12
C ILE A 25 -22.14 -46.88 -88.33
N ASN A 26 -20.88 -47.18 -87.96
CA ASN A 26 -20.11 -46.31 -87.10
C ASN A 26 -19.89 -44.96 -87.76
N GLY A 27 -19.72 -44.95 -89.09
CA GLY A 27 -19.63 -43.71 -89.84
C GLY A 27 -20.92 -42.91 -89.77
N ILE A 28 -22.05 -43.61 -89.89
CA ILE A 28 -23.36 -43.00 -89.84
C ILE A 28 -23.60 -42.34 -88.48
N ASN A 29 -23.23 -43.02 -87.39
CA ASN A 29 -23.47 -42.49 -86.05
C ASN A 29 -22.65 -41.21 -85.84
N ALA A 30 -21.37 -41.27 -86.22
CA ALA A 30 -20.49 -40.11 -86.04
C ALA A 30 -21.03 -38.92 -86.81
N GLU A 31 -21.66 -39.18 -87.96
CA GLU A 31 -22.27 -38.12 -88.75
C GLU A 31 -23.56 -37.65 -88.06
N ASP A 32 -24.25 -38.60 -87.41
CA ASP A 32 -25.55 -38.37 -86.81
C ASP A 32 -26.59 -38.11 -87.89
N ARG A 33 -26.43 -38.81 -89.02
CA ARG A 33 -27.31 -38.66 -90.16
C ARG A 33 -27.95 -40.02 -90.45
N TYR A 34 -29.17 -40.02 -90.99
CA TYR A 34 -29.81 -41.26 -91.41
C TYR A 34 -29.02 -41.86 -92.57
N PRO A 35 -29.08 -43.21 -92.81
CA PRO A 35 -28.27 -43.84 -93.85
C PRO A 35 -28.30 -43.07 -95.16
N ASN A 36 -27.11 -42.66 -95.60
CA ASN A 36 -26.93 -41.89 -96.84
C ASN A 36 -27.30 -42.78 -98.03
N SER A 37 -27.68 -42.13 -99.14
CA SER A 37 -28.21 -42.81 -100.32
C SER A 37 -27.24 -43.87 -100.86
N GLY A 38 -25.96 -43.51 -100.96
CA GLY A 38 -24.95 -44.37 -101.56
C GLY A 38 -24.74 -45.66 -100.79
N GLU A 39 -24.64 -45.55 -99.46
CA GLU A 39 -24.30 -46.69 -98.61
C GLU A 39 -25.41 -47.73 -98.63
N VAL A 40 -26.67 -47.27 -98.76
CA VAL A 40 -27.82 -48.14 -98.79
C VAL A 40 -27.62 -49.18 -99.91
N SER A 41 -27.23 -48.68 -101.08
CA SER A 41 -26.89 -49.54 -102.22
C SER A 41 -25.70 -50.43 -101.87
N GLN A 42 -24.69 -49.85 -101.17
CA GLN A 42 -23.49 -50.58 -100.80
C GLN A 42 -23.82 -51.72 -99.84
N LEU A 43 -24.85 -51.52 -99.01
CA LEU A 43 -25.18 -52.47 -97.95
C LEU A 43 -25.86 -53.72 -98.51
N ASP A 44 -26.80 -53.55 -99.46
CA ASP A 44 -27.61 -54.67 -99.94
C ASP A 44 -26.82 -55.57 -100.88
N GLN A 45 -25.88 -54.99 -101.65
CA GLN A 45 -24.97 -55.80 -102.43
C GLN A 45 -24.16 -56.64 -101.45
N PHE A 46 -23.79 -56.02 -100.31
CA PHE A 46 -23.06 -56.71 -99.26
C PHE A 46 -23.92 -57.84 -98.69
N PHE A 47 -25.25 -57.59 -98.60
CA PHE A 47 -26.18 -58.59 -98.10
C PHE A 47 -26.27 -59.77 -99.07
N GLY A 48 -26.38 -59.47 -100.38
CA GLY A 48 -26.51 -60.50 -101.40
C GLY A 48 -25.21 -61.27 -101.63
N ASP A 49 -24.11 -60.53 -101.89
CA ASP A 49 -22.79 -61.12 -102.12
C ASP A 49 -22.41 -62.06 -100.99
N GLY A 50 -22.89 -61.75 -99.77
CA GLY A 50 -22.71 -62.59 -98.61
C GLY A 50 -23.21 -64.01 -98.84
N GLN A 51 -24.35 -64.14 -99.54
CA GLN A 51 -24.99 -65.44 -99.74
C GLN A 51 -24.03 -66.37 -100.47
N ARG A 52 -23.49 -65.92 -101.60
CA ARG A 52 -22.50 -66.71 -102.34
C ARG A 52 -21.21 -66.83 -101.53
N ARG A 53 -20.86 -65.74 -100.80
CA ARG A 53 -19.70 -65.77 -99.92
C ARG A 53 -19.87 -66.89 -98.90
N ILE A 54 -21.11 -67.11 -98.44
CA ILE A 54 -21.40 -68.23 -97.56
C ILE A 54 -21.08 -69.53 -98.27
N ALA A 55 -21.55 -69.67 -99.52
CA ALA A 55 -21.29 -70.86 -100.31
C ALA A 55 -19.77 -71.08 -100.41
N ILE A 56 -19.04 -70.00 -100.69
CA ILE A 56 -17.58 -70.04 -100.81
C ILE A 56 -16.97 -70.52 -99.50
N VAL A 57 -17.50 -70.00 -98.38
CA VAL A 57 -17.02 -70.38 -97.06
C VAL A 57 -17.28 -71.87 -96.83
N ALA A 58 -18.47 -72.35 -97.20
CA ALA A 58 -18.83 -73.74 -96.97
C ALA A 58 -17.89 -74.68 -97.72
N LYS A 59 -17.54 -74.32 -98.96
CA LYS A 59 -16.64 -75.12 -99.78
C LYS A 59 -15.27 -75.20 -99.11
N LEU A 60 -14.79 -74.03 -98.66
CA LEU A 60 -13.49 -73.92 -98.01
C LEU A 60 -13.46 -74.76 -96.73
N THR A 61 -14.61 -74.81 -96.02
CA THR A 61 -14.69 -75.45 -94.71
C THR A 61 -14.48 -76.96 -94.83
N GLU A 62 -15.18 -77.60 -95.78
CA GLU A 62 -15.18 -79.05 -95.90
C GLU A 62 -13.84 -79.58 -96.43
N ASN A 63 -13.15 -78.77 -97.24
CA ASN A 63 -11.87 -79.18 -97.82
C ASN A 63 -10.71 -78.61 -96.98
N ALA A 64 -11.06 -77.90 -95.90
CA ALA A 64 -10.06 -77.19 -95.10
C ALA A 64 -8.97 -78.13 -94.60
N GLU A 65 -9.36 -79.31 -94.09
CA GLU A 65 -8.41 -80.23 -93.49
C GLU A 65 -7.36 -80.66 -94.52
N MET A 66 -7.81 -80.89 -95.76
CA MET A 66 -6.92 -81.24 -96.85
C MET A 66 -6.04 -80.05 -97.20
N ILE A 67 -6.65 -78.85 -97.29
CA ILE A 67 -5.93 -77.64 -97.67
C ILE A 67 -4.75 -77.44 -96.72
N VAL A 68 -5.01 -77.65 -95.42
CA VAL A 68 -3.98 -77.54 -94.38
C VAL A 68 -2.92 -78.60 -94.64
N SER A 69 -3.36 -79.84 -94.90
CA SER A 69 -2.44 -80.97 -94.99
C SER A 69 -1.38 -80.73 -96.06
N ARG A 70 -1.80 -80.27 -97.25
CA ARG A 70 -0.89 -80.10 -98.38
C ARG A 70 0.14 -79.02 -98.08
N ALA A 71 -0.30 -77.92 -97.47
CA ALA A 71 0.61 -76.85 -97.04
C ALA A 71 1.61 -77.41 -96.03
N ALA A 72 1.13 -78.27 -95.13
CA ALA A 72 1.94 -78.89 -94.08
C ALA A 72 2.91 -79.91 -94.68
N ASN A 73 2.39 -80.76 -95.57
CA ASN A 73 3.19 -81.80 -96.21
C ASN A 73 4.31 -81.15 -97.04
N ARG A 74 3.99 -80.02 -97.68
CA ARG A 74 4.96 -79.28 -98.49
C ARG A 74 6.19 -78.90 -97.65
N ILE A 75 5.95 -78.39 -96.43
CA ILE A 75 7.00 -77.76 -95.63
C ILE A 75 7.58 -78.73 -94.60
N PHE A 76 6.92 -79.88 -94.37
CA PHE A 76 7.34 -80.81 -93.32
C PHE A 76 7.79 -82.13 -93.96
N PHE A 140 13.96 -70.36 -99.97
CA PHE A 140 13.19 -71.09 -98.92
C PHE A 140 14.10 -72.18 -98.35
N GLU A 141 13.72 -72.75 -97.20
CA GLU A 141 14.36 -73.94 -96.66
C GLU A 141 13.29 -74.94 -96.20
N PRO A 142 13.47 -76.25 -96.49
CA PRO A 142 12.54 -77.29 -96.05
C PRO A 142 12.98 -77.93 -94.72
N ILE A 143 12.05 -77.98 -93.75
CA ILE A 143 12.36 -78.41 -92.40
C ILE A 143 11.72 -79.77 -92.13
N ASN A 144 12.50 -80.68 -91.51
CA ASN A 144 12.03 -82.02 -91.21
C ASN A 144 11.08 -81.99 -90.02
N ILE A 145 10.15 -82.96 -90.00
CA ILE A 145 9.12 -83.06 -88.99
C ILE A 145 9.76 -83.23 -87.61
N ALA A 146 10.80 -84.07 -87.52
CA ALA A 146 11.26 -84.60 -86.24
C ALA A 146 12.09 -83.60 -85.42
N ARG A 147 13.00 -82.87 -86.10
CA ARG A 147 13.91 -81.95 -85.41
C ARG A 147 13.11 -80.82 -84.76
N TYR A 148 12.01 -80.42 -85.41
CA TYR A 148 11.15 -79.37 -84.89
C TYR A 148 10.59 -79.80 -83.52
N GLY A 149 10.23 -81.08 -83.41
CA GLY A 149 9.64 -81.61 -82.19
C GLY A 149 8.12 -81.51 -82.24
N PRO A 150 7.39 -82.37 -81.48
CA PRO A 150 5.93 -82.44 -81.60
C PRO A 150 5.16 -81.16 -81.29
N GLU A 151 5.52 -80.49 -80.18
CA GLU A 151 4.84 -79.29 -79.73
C GLU A 151 4.95 -78.19 -80.81
N ARG A 152 6.17 -77.96 -81.31
CA ARG A 152 6.39 -76.94 -82.32
C ARG A 152 5.65 -77.32 -83.60
N MET A 153 5.65 -78.63 -83.91
CA MET A 153 4.88 -79.14 -85.04
C MET A 153 3.39 -78.92 -84.78
N GLN A 154 2.93 -79.28 -83.58
CA GLN A 154 1.52 -79.15 -83.23
C GLN A 154 1.09 -77.68 -83.37
N LYS A 155 1.94 -76.77 -82.90
CA LYS A 155 1.69 -75.34 -83.04
C LYS A 155 1.54 -74.98 -84.51
N SER A 156 2.48 -75.46 -85.33
CA SER A 156 2.48 -75.15 -86.75
C SER A 156 1.18 -75.65 -87.41
N ILE A 157 0.73 -76.85 -87.05
CA ILE A 157 -0.53 -77.39 -87.56
C ILE A 157 -1.68 -76.48 -87.15
N ARG A 158 -1.68 -76.10 -85.87
CA ARG A 158 -2.71 -75.21 -85.34
C ARG A 158 -2.69 -73.90 -86.14
N ASP A 159 -1.49 -73.34 -86.38
CA ASP A 159 -1.35 -72.06 -87.03
C ASP A 159 -1.96 -72.08 -88.43
N LEU A 160 -1.74 -73.18 -89.16
CA LEU A 160 -2.26 -73.29 -90.52
C LEU A 160 -3.79 -73.20 -90.45
N ASP A 161 -4.39 -74.02 -89.58
CA ASP A 161 -5.83 -74.01 -89.39
C ASP A 161 -6.29 -72.61 -88.97
N TRP A 162 -5.51 -71.97 -88.09
CA TRP A 162 -5.81 -70.65 -87.56
C TRP A 162 -5.94 -69.64 -88.71
N PHE A 163 -4.96 -69.62 -89.64
CA PHE A 163 -5.03 -68.66 -90.74
C PHE A 163 -6.32 -68.90 -91.52
N LEU A 164 -6.62 -70.18 -91.74
CA LEU A 164 -7.72 -70.59 -92.57
C LEU A 164 -9.04 -70.25 -91.91
N ARG A 165 -9.17 -70.47 -90.59
CA ARG A 165 -10.43 -70.20 -89.92
C ARG A 165 -10.71 -68.70 -89.98
N TYR A 166 -9.67 -67.88 -89.80
CA TYR A 166 -9.84 -66.45 -89.90
C TYR A 166 -10.23 -66.08 -91.33
N THR A 167 -9.65 -66.77 -92.32
CA THR A 167 -9.97 -66.52 -93.71
C THR A 167 -11.48 -66.69 -93.92
N THR A 168 -12.02 -67.83 -93.48
CA THR A 168 -13.45 -68.08 -93.63
C THR A 168 -14.21 -66.91 -92.99
N TYR A 169 -13.82 -66.53 -91.77
CA TYR A 169 -14.44 -65.42 -91.07
C TYR A 169 -14.31 -64.14 -91.89
N ALA A 170 -13.11 -63.91 -92.44
CA ALA A 170 -12.83 -62.71 -93.22
C ALA A 170 -13.73 -62.65 -94.45
N ILE A 171 -13.99 -63.81 -95.08
CA ILE A 171 -14.91 -63.88 -96.21
C ILE A 171 -16.27 -63.37 -95.73
N LEU A 172 -16.83 -64.03 -94.71
CA LEU A 172 -18.14 -63.66 -94.18
C LEU A 172 -18.16 -62.17 -93.84
N ALA A 173 -17.12 -61.72 -93.12
CA ALA A 173 -16.98 -60.35 -92.69
C ALA A 173 -16.91 -59.41 -93.89
N GLY A 174 -16.06 -59.78 -94.88
CA GLY A 174 -15.84 -58.95 -96.04
C GLY A 174 -14.91 -57.77 -95.72
N ASP A 175 -13.96 -58.00 -94.82
CA ASP A 175 -12.96 -57.00 -94.47
C ASP A 175 -11.59 -57.67 -94.37
N PRO A 176 -10.54 -57.01 -94.90
CA PRO A 176 -9.15 -57.44 -94.67
C PRO A 176 -8.67 -57.40 -93.23
N SER A 177 -9.25 -56.49 -92.42
CA SER A 177 -8.71 -56.09 -91.13
C SER A 177 -8.54 -57.26 -90.16
N ILE A 178 -9.51 -58.18 -90.09
CA ILE A 178 -9.41 -59.27 -89.12
C ILE A 178 -8.10 -60.03 -89.32
N LEU A 179 -7.79 -60.39 -90.58
CA LEU A 179 -6.54 -61.07 -90.89
C LEU A 179 -5.37 -60.12 -90.61
N GLU A 180 -5.55 -58.84 -90.99
CA GLU A 180 -4.50 -57.82 -90.91
C GLU A 180 -3.89 -57.73 -89.51
N ALA A 181 -4.73 -57.52 -88.50
CA ALA A 181 -4.27 -57.32 -87.14
C ALA A 181 -3.44 -58.51 -86.67
N ASN A 182 -3.98 -59.72 -86.79
CA ASN A 182 -3.36 -60.91 -86.25
C ASN A 182 -2.03 -61.22 -86.97
N CYS A 183 -1.97 -61.00 -88.29
CA CYS A 183 -0.77 -61.36 -89.04
C CYS A 183 0.41 -60.47 -88.66
N LEU A 184 0.17 -59.17 -88.44
CA LEU A 184 1.24 -58.20 -88.23
C LEU A 184 2.23 -58.68 -87.18
N GLY A 185 1.83 -58.59 -85.90
CA GLY A 185 2.71 -58.97 -84.81
C GLY A 185 3.23 -60.40 -84.96
N LEU A 186 2.43 -61.26 -85.61
CA LEU A 186 2.73 -62.69 -85.67
C LEU A 186 4.09 -62.89 -86.31
N ARG A 187 4.39 -62.12 -87.37
CA ARG A 187 5.63 -62.24 -88.09
C ARG A 187 6.81 -61.91 -87.17
N GLU A 188 6.65 -60.88 -86.32
CA GLU A 188 7.67 -60.53 -85.34
C GLU A 188 7.82 -61.69 -84.34
N ILE A 189 6.70 -62.23 -83.86
CA ILE A 189 6.71 -63.30 -82.86
C ILE A 189 7.45 -64.50 -83.45
N LEU A 190 7.10 -64.86 -84.69
CA LEU A 190 7.80 -65.91 -85.41
C LEU A 190 9.17 -65.36 -85.87
N GLU A 191 10.13 -66.27 -86.04
CA GLU A 191 11.51 -65.99 -86.49
C GLU A 191 12.46 -66.86 -85.66
N LYS A 192 12.71 -66.52 -84.39
CA LYS A 192 13.52 -67.37 -83.54
C LYS A 192 12.82 -68.72 -83.41
N SER A 193 11.50 -68.65 -83.24
CA SER A 193 10.65 -69.82 -83.15
C SER A 193 10.54 -70.54 -84.50
N CYS A 194 10.33 -69.78 -85.59
CA CYS A 194 9.96 -70.35 -86.89
C CYS A 194 10.71 -69.70 -88.05
N SER A 195 11.01 -70.49 -89.09
CA SER A 195 11.40 -69.93 -90.37
C SER A 195 10.24 -69.12 -90.94
N ILE A 196 10.55 -67.91 -91.45
CA ILE A 196 9.56 -67.09 -92.13
C ILE A 196 9.10 -67.79 -93.41
N SER A 197 10.03 -68.46 -94.11
CA SER A 197 9.77 -69.05 -95.42
C SER A 197 8.70 -70.14 -95.34
N ALA A 198 8.82 -71.05 -94.36
CA ALA A 198 7.91 -72.20 -94.28
C ALA A 198 6.45 -71.75 -94.29
N THR A 199 6.15 -70.67 -93.55
CA THR A 199 4.80 -70.14 -93.44
C THR A 199 4.33 -69.70 -94.84
N ILE A 200 5.22 -69.04 -95.59
CA ILE A 200 4.92 -68.56 -96.93
C ILE A 200 4.56 -69.74 -97.82
N VAL A 201 5.55 -70.64 -98.01
CA VAL A 201 5.42 -71.83 -98.84
C VAL A 201 4.05 -72.48 -98.61
N ALA A 202 3.57 -72.42 -97.36
CA ALA A 202 2.32 -73.04 -96.97
C ALA A 202 1.14 -72.48 -97.77
N LEU A 203 1.08 -71.15 -97.91
CA LEU A 203 0.00 -70.48 -98.64
C LEU A 203 0.09 -70.79 -100.12
N LEU A 204 1.33 -70.92 -100.63
CA LEU A 204 1.51 -71.31 -102.01
C LEU A 204 0.63 -72.54 -102.25
N GLU A 205 0.69 -73.51 -101.32
CA GLU A 205 -0.09 -74.73 -101.41
C GLU A 205 -1.59 -74.42 -101.30
N MET A 206 -1.96 -73.57 -100.33
CA MET A 206 -3.34 -73.33 -99.99
C MET A 206 -4.05 -72.41 -100.99
N ARG A 207 -3.32 -71.47 -101.60
CA ARG A 207 -3.87 -70.67 -102.68
C ARG A 207 -4.14 -71.55 -103.90
N LYS A 208 -3.22 -72.50 -104.15
CA LYS A 208 -3.43 -73.50 -105.18
C LYS A 208 -4.63 -74.37 -104.81
N ASN A 209 -4.74 -74.70 -103.51
CA ASN A 209 -5.93 -75.40 -103.02
C ASN A 209 -7.16 -74.53 -103.28
N ALA A 210 -7.04 -73.23 -102.94
CA ALA A 210 -8.15 -72.30 -103.07
C ALA A 210 -8.63 -72.23 -104.53
N ALA A 211 -7.68 -72.13 -105.47
CA ALA A 211 -8.00 -72.06 -106.89
C ALA A 211 -8.77 -73.32 -107.33
N ARG A 212 -8.34 -74.49 -106.82
CA ARG A 212 -8.93 -75.77 -107.17
C ARG A 212 -10.37 -75.89 -106.62
N LEU A 213 -10.57 -75.48 -105.36
CA LEU A 213 -11.86 -75.66 -104.71
C LEU A 213 -12.95 -74.85 -105.43
N PHE A 214 -12.66 -73.58 -105.70
CA PHE A 214 -13.64 -72.66 -106.28
C PHE A 214 -13.30 -72.48 -107.77
N LYS A 215 -14.22 -72.94 -108.63
CA LYS A 215 -14.05 -72.91 -110.08
C LYS A 215 -14.22 -71.49 -110.60
N ASP A 216 -15.14 -70.72 -110.00
CA ASP A 216 -15.26 -69.31 -110.35
C ASP A 216 -13.91 -68.66 -110.04
N GLU A 217 -13.36 -67.97 -111.04
CA GLU A 217 -12.09 -67.27 -110.87
C GLU A 217 -12.21 -66.28 -109.71
N ALA A 218 -13.29 -65.49 -109.70
CA ALA A 218 -13.52 -64.45 -108.70
C ALA A 218 -13.59 -65.08 -107.29
N ASP A 219 -14.31 -66.20 -107.17
CA ASP A 219 -14.47 -66.87 -105.89
C ASP A 219 -13.11 -67.33 -105.36
N SER A 220 -12.31 -67.98 -106.22
CA SER A 220 -10.95 -68.35 -105.87
C SER A 220 -10.12 -67.10 -105.57
N LYS A 221 -10.33 -66.03 -106.37
CA LYS A 221 -9.55 -64.80 -106.25
C LYS A 221 -9.75 -64.12 -104.89
N LEU A 222 -11.02 -63.96 -104.48
CA LEU A 222 -11.32 -63.31 -103.22
C LEU A 222 -10.68 -64.12 -102.10
N VAL A 223 -10.79 -65.46 -102.18
CA VAL A 223 -10.20 -66.34 -101.20
C VAL A 223 -8.69 -66.12 -101.21
N SER A 224 -8.13 -65.94 -102.41
CA SER A 224 -6.71 -65.67 -102.55
C SER A 224 -6.35 -64.34 -101.88
N SER A 225 -7.20 -63.32 -102.02
CA SER A 225 -6.89 -61.98 -101.51
C SER A 225 -6.75 -61.97 -99.99
N TYR A 226 -7.57 -62.78 -99.30
CA TYR A 226 -7.49 -62.95 -97.87
C TYR A 226 -6.15 -63.62 -97.52
N ILE A 227 -5.80 -64.68 -98.26
CA ILE A 227 -4.54 -65.37 -98.03
C ILE A 227 -3.38 -64.42 -98.36
N SER A 228 -3.58 -63.55 -99.35
CA SER A 228 -2.57 -62.57 -99.73
C SER A 228 -2.24 -61.63 -98.57
N VAL A 229 -3.28 -61.22 -97.82
CA VAL A 229 -3.09 -60.29 -96.71
C VAL A 229 -2.13 -60.93 -95.69
N VAL A 230 -2.40 -62.19 -95.33
CA VAL A 230 -1.62 -62.93 -94.34
C VAL A 230 -0.16 -62.94 -94.79
N ILE A 231 0.04 -63.30 -96.07
CA ILE A 231 1.38 -63.43 -96.63
C ILE A 231 2.08 -62.07 -96.61
N ARG A 232 1.36 -61.00 -97.00
CA ARG A 232 1.97 -59.71 -97.24
C ARG A 232 2.63 -59.17 -95.96
N ALA A 233 2.01 -59.42 -94.79
CA ALA A 233 2.60 -59.06 -93.52
C ALA A 233 3.87 -59.87 -93.30
N LEU A 234 3.75 -61.21 -93.37
CA LEU A 234 4.89 -62.10 -93.21
C LEU A 234 6.06 -61.64 -94.08
N ASP A 235 5.76 -61.20 -95.31
CA ASP A 235 6.76 -60.69 -96.24
C ASP A 235 7.39 -59.41 -95.67
N ALA A 236 6.53 -58.50 -95.19
CA ALA A 236 6.98 -57.26 -94.57
C ALA A 236 7.87 -57.59 -93.36
N ASP A 237 8.95 -56.83 -93.19
CA ASP A 237 9.91 -57.04 -92.10
C ASP A 237 9.26 -56.66 -90.77
N ARG A 238 9.94 -57.02 -89.67
CA ARG A 238 9.58 -56.60 -88.32
C ARG A 238 9.68 -55.07 -88.22
N SER A 239 10.77 -54.52 -88.80
CA SER A 239 11.03 -53.09 -88.85
C SER A 239 10.01 -52.35 -89.72
N ASP A 240 9.62 -52.95 -90.86
CA ASP A 240 8.71 -52.34 -91.82
C ASP A 240 7.34 -52.07 -91.17
N ALA A 241 6.90 -53.02 -90.31
CA ALA A 241 5.68 -52.88 -89.54
C ALA A 241 5.84 -51.78 -88.48
N PRO A 242 4.88 -50.83 -88.34
CA PRO A 242 5.05 -49.66 -87.47
C PRO A 242 4.40 -49.76 -86.09
N ALA A 243 5.16 -49.41 -85.04
CA ALA A 243 4.67 -49.41 -83.67
C ALA A 243 3.76 -48.20 -83.45
N ASP A 244 2.68 -48.41 -82.67
CA ASP A 244 1.70 -47.36 -82.40
C ASP A 244 2.25 -46.36 -81.39
N ILE A 245 1.68 -45.14 -81.49
CA ILE A 245 2.10 -44.02 -80.69
C ILE A 245 1.94 -44.36 -79.21
N VAL A 246 2.65 -43.56 -78.39
CA VAL A 246 2.58 -43.62 -76.95
C VAL A 246 2.13 -42.25 -76.47
N ARG A 247 1.03 -42.21 -75.70
CA ARG A 247 0.51 -40.94 -75.23
C ARG A 247 1.55 -40.34 -74.29
N PRO A 248 1.94 -39.05 -74.50
CA PRO A 248 2.92 -38.39 -73.64
C PRO A 248 2.30 -37.54 -72.54
N SER A 249 3.02 -37.46 -71.40
CA SER A 249 2.58 -36.69 -70.25
C SER A 249 3.76 -35.87 -69.72
N SER A 250 3.47 -34.76 -69.03
CA SER A 250 4.52 -34.07 -68.30
C SER A 250 4.76 -34.80 -66.97
N GLU A 251 4.90 -34.05 -65.87
CA GLU A 251 5.54 -34.56 -64.67
C GLU A 251 4.59 -35.49 -63.91
N ASP A 252 3.32 -35.50 -64.34
CA ASP A 252 2.33 -36.39 -63.76
C ASP A 252 1.73 -37.21 -64.90
N ARG A 253 0.94 -38.23 -64.55
CA ARG A 253 0.38 -39.15 -65.53
C ARG A 253 1.54 -39.79 -66.29
N PRO A 254 1.92 -41.03 -65.93
CA PRO A 254 2.99 -41.70 -66.65
C PRO A 254 2.60 -41.85 -68.12
N GLY A 255 3.61 -41.87 -69.01
CA GLY A 255 3.39 -42.11 -70.43
C GLY A 255 3.04 -43.57 -70.70
N LEU A 256 1.97 -43.79 -71.48
CA LEU A 256 1.48 -45.12 -71.78
C LEU A 256 1.70 -45.33 -73.27
N THR A 257 2.03 -46.56 -73.68
CA THR A 257 2.20 -46.87 -75.09
C THR A 257 1.16 -47.90 -75.50
N LEU A 258 0.56 -47.72 -76.68
CA LEU A 258 -0.42 -48.65 -77.22
C LEU A 258 0.19 -49.46 -78.36
N PRO A 259 -0.08 -50.79 -78.47
CA PRO A 259 0.26 -51.56 -79.67
C PRO A 259 -0.60 -51.19 -80.88
N TYR A 260 0.01 -51.29 -82.06
CA TYR A 260 -0.63 -50.88 -83.30
C TYR A 260 -1.77 -51.83 -83.65
N ILE A 261 -1.53 -53.14 -83.53
CA ILE A 261 -2.56 -54.10 -83.90
C ILE A 261 -3.83 -53.83 -83.07
N TYR A 262 -3.64 -53.39 -81.81
CA TYR A 262 -4.76 -53.03 -80.94
C TYR A 262 -5.51 -51.86 -81.56
N LYS A 263 -4.76 -50.85 -82.00
CA LYS A 263 -5.31 -49.67 -82.65
C LYS A 263 -6.01 -50.03 -83.96
N LEU A 264 -5.47 -51.02 -84.69
CA LEU A 264 -6.06 -51.45 -85.96
C LEU A 264 -7.37 -52.19 -85.71
N SER A 265 -7.39 -53.09 -84.73
CA SER A 265 -8.58 -53.85 -84.41
C SER A 265 -9.74 -52.91 -84.08
N ALA A 266 -9.43 -51.84 -83.33
CA ALA A 266 -10.42 -50.86 -82.92
C ALA A 266 -10.96 -50.13 -84.14
N ASP A 267 -12.27 -49.86 -84.12
CA ASP A 267 -12.95 -49.21 -85.22
C ASP A 267 -12.34 -47.85 -85.48
N SER A 268 -12.14 -47.53 -86.76
CA SER A 268 -11.49 -46.29 -87.18
C SER A 268 -12.26 -45.09 -86.63
N LEU A 269 -11.53 -44.01 -86.36
CA LEU A 269 -12.11 -42.80 -85.80
C LEU A 269 -12.38 -41.81 -86.93
N THR A 270 -13.63 -41.32 -87.00
CA THR A 270 -13.96 -40.27 -87.95
C THR A 270 -13.42 -38.95 -87.40
N THR A 271 -12.66 -38.24 -88.25
CA THR A 271 -12.09 -36.96 -87.89
C THR A 271 -12.76 -35.89 -88.73
N PHE A 272 -13.28 -34.85 -88.09
CA PHE A 272 -13.83 -33.72 -88.81
C PHE A 272 -12.83 -32.57 -88.74
N LYS A 273 -12.26 -32.18 -89.89
CA LYS A 273 -11.36 -31.04 -89.96
C LYS A 273 -11.62 -30.19 -91.20
N MET A 274 -11.43 -28.88 -91.03
CA MET A 274 -11.53 -27.89 -92.09
C MET A 274 -10.23 -27.09 -92.10
N THR A 275 -9.53 -27.08 -93.22
CA THR A 275 -8.21 -26.46 -93.29
C THR A 275 -8.29 -25.19 -94.13
N ALA A 276 -7.77 -24.09 -93.56
CA ALA A 276 -7.70 -22.81 -94.25
C ALA A 276 -6.72 -22.92 -95.43
N ILE A 277 -7.15 -22.40 -96.59
CA ILE A 277 -6.35 -22.46 -97.81
C ILE A 277 -5.89 -21.04 -98.13
N TYR A 278 -4.57 -20.89 -98.34
CA TYR A 278 -4.03 -19.59 -98.73
C TYR A 278 -4.55 -19.26 -100.13
N GLY A 279 -4.71 -17.96 -100.41
CA GLY A 279 -5.22 -17.49 -101.69
C GLY A 279 -4.25 -16.51 -102.35
N ALA A 280 -4.50 -16.23 -103.64
CA ALA A 280 -3.79 -15.18 -104.37
C ALA A 280 -4.16 -13.81 -103.80
N ASP A 281 -5.42 -13.66 -103.38
CA ASP A 281 -5.91 -12.47 -102.70
C ASP A 281 -5.13 -12.24 -101.41
N GLY A 282 -4.80 -13.34 -100.72
CA GLY A 282 -4.11 -13.29 -99.43
C GLY A 282 -5.08 -13.35 -98.26
N ARG A 283 -6.38 -13.42 -98.58
CA ARG A 283 -7.42 -13.70 -97.60
C ARG A 283 -7.83 -15.17 -97.73
N PRO A 284 -7.71 -15.98 -96.65
CA PRO A 284 -7.95 -17.42 -96.76
C PRO A 284 -9.37 -17.74 -97.19
N LYS A 285 -9.50 -18.70 -98.11
CA LYS A 285 -10.79 -19.20 -98.58
C LYS A 285 -10.73 -20.72 -98.54
N VAL A 286 -11.78 -21.36 -98.00
CA VAL A 286 -11.75 -22.80 -97.77
C VAL A 286 -12.78 -23.48 -98.68
N ASN A 287 -12.32 -24.58 -99.33
CA ASN A 287 -13.11 -25.27 -100.34
C ASN A 287 -13.70 -26.54 -99.75
N LEU A 288 -15.04 -26.61 -99.67
CA LEU A 288 -15.73 -27.83 -99.29
C LEU A 288 -17.10 -27.86 -99.99
N SER A 289 -17.60 -29.09 -100.23
CA SER A 289 -18.96 -29.27 -100.67
C SER A 289 -19.88 -28.57 -99.66
N SER A 290 -21.07 -28.16 -100.11
CA SER A 290 -21.98 -27.40 -99.26
C SER A 290 -22.26 -28.17 -97.98
N ASP A 291 -22.52 -29.49 -98.13
CA ASP A 291 -22.74 -30.38 -96.99
C ASP A 291 -21.43 -30.57 -96.21
N GLU A 292 -20.29 -30.67 -96.92
CA GLU A 292 -19.01 -30.99 -96.30
C GLU A 292 -18.52 -29.85 -95.41
N LYS A 293 -18.48 -28.62 -95.96
CA LYS A 293 -18.30 -27.45 -95.11
C LYS A 293 -19.55 -27.37 -94.25
N GLU A 294 -19.41 -27.06 -92.96
CA GLU A 294 -20.56 -27.00 -92.05
C GLU A 294 -20.73 -28.34 -91.35
N ARG A 295 -20.32 -29.44 -92.00
CA ARG A 295 -20.28 -30.73 -91.33
C ARG A 295 -19.23 -30.74 -90.22
N VAL A 296 -18.07 -30.09 -90.45
CA VAL A 296 -17.08 -29.96 -89.41
C VAL A 296 -17.70 -29.13 -88.29
N VAL A 297 -18.38 -28.05 -88.68
CA VAL A 297 -18.99 -27.15 -87.72
C VAL A 297 -20.09 -27.89 -86.96
N ARG A 298 -20.85 -28.72 -87.67
CA ARG A 298 -21.92 -29.46 -87.04
C ARG A 298 -21.37 -30.34 -85.92
N ALA A 299 -20.22 -30.98 -86.17
CA ALA A 299 -19.59 -31.87 -85.21
C ALA A 299 -18.89 -31.08 -84.10
N ALA A 300 -18.32 -29.92 -84.43
CA ALA A 300 -17.72 -29.08 -83.41
C ALA A 300 -18.81 -28.69 -82.41
N TYR A 301 -19.87 -28.04 -82.91
CA TYR A 301 -21.00 -27.70 -82.06
C TYR A 301 -21.29 -28.90 -81.17
N ARG A 302 -21.34 -30.08 -81.77
CA ARG A 302 -21.78 -31.28 -81.07
C ARG A 302 -20.81 -31.76 -80.00
N GLN A 303 -19.50 -31.55 -80.21
CA GLN A 303 -18.49 -32.02 -79.28
C GLN A 303 -18.47 -31.16 -78.02
N VAL A 304 -18.34 -29.85 -78.21
CA VAL A 304 -18.32 -28.88 -77.12
C VAL A 304 -19.62 -28.93 -76.31
N PHE A 305 -20.77 -28.84 -76.96
CA PHE A 305 -22.01 -28.75 -76.22
C PHE A 305 -22.53 -30.14 -75.93
N GLU A 306 -21.85 -31.16 -76.46
CA GLU A 306 -22.18 -32.54 -76.12
C GLU A 306 -23.54 -32.95 -76.67
N ARG A 307 -24.25 -32.01 -77.28
CA ARG A 307 -25.44 -32.31 -78.06
C ARG A 307 -25.42 -31.33 -79.22
N ASP A 308 -26.11 -31.67 -80.30
CA ASP A 308 -26.21 -30.77 -81.45
C ASP A 308 -27.20 -29.66 -81.12
N LEU A 309 -26.82 -28.41 -81.39
CA LEU A 309 -27.56 -27.26 -80.88
C LEU A 309 -28.53 -26.73 -81.94
N LYS A 310 -28.74 -27.48 -83.01
CA LYS A 310 -29.61 -27.05 -84.09
C LYS A 310 -31.07 -27.38 -83.75
N ALA A 311 -31.29 -28.49 -83.04
CA ALA A 311 -32.61 -28.88 -82.58
C ALA A 311 -33.20 -27.86 -81.60
N TYR A 312 -32.34 -27.00 -81.06
CA TYR A 312 -32.78 -25.89 -80.24
C TYR A 312 -32.84 -24.65 -81.13
N GLY A 313 -32.02 -24.64 -82.18
CA GLY A 313 -32.10 -23.63 -83.22
C GLY A 313 -31.43 -22.33 -82.81
N GLN A 314 -30.53 -22.38 -81.83
CA GLN A 314 -29.65 -21.26 -81.57
C GLN A 314 -28.22 -21.74 -81.78
N SER A 315 -27.38 -20.82 -82.28
CA SER A 315 -25.96 -21.04 -82.46
C SER A 315 -25.35 -19.68 -82.74
N VAL A 316 -24.10 -19.48 -82.35
CA VAL A 316 -23.51 -18.14 -82.47
C VAL A 316 -23.44 -17.81 -83.95
N SER A 317 -24.03 -16.67 -84.34
CA SER A 317 -24.11 -16.29 -85.75
C SER A 317 -22.71 -16.03 -86.30
N GLU A 318 -21.96 -15.15 -85.61
CA GLU A 318 -20.67 -14.71 -86.08
C GLU A 318 -19.63 -15.82 -85.95
N ALA A 319 -19.69 -16.59 -84.85
CA ALA A 319 -19.00 -17.85 -84.82
C ALA A 319 -19.61 -18.71 -85.93
N GLU A 320 -18.77 -19.38 -86.71
CA GLU A 320 -19.19 -20.23 -87.81
C GLU A 320 -19.11 -19.42 -89.12
N SER A 321 -19.61 -18.18 -89.11
CA SER A 321 -19.44 -17.31 -90.27
C SER A 321 -17.95 -17.21 -90.61
N LYS A 322 -17.13 -16.89 -89.61
CA LYS A 322 -15.71 -16.68 -89.80
C LYS A 322 -15.00 -17.98 -90.21
N VAL A 323 -15.47 -19.14 -89.73
CA VAL A 323 -14.82 -20.41 -90.04
C VAL A 323 -15.22 -20.87 -91.45
N LYS A 324 -16.45 -20.55 -91.86
CA LYS A 324 -16.89 -20.84 -93.21
C LYS A 324 -16.00 -20.10 -94.21
N ASN A 325 -15.70 -18.83 -93.91
CA ASN A 325 -14.82 -18.02 -94.74
C ASN A 325 -13.40 -18.56 -94.62
N GLY A 326 -12.98 -18.94 -93.41
CA GLY A 326 -11.71 -19.61 -93.21
C GLY A 326 -10.63 -18.72 -92.57
N GLU A 327 -10.98 -17.53 -92.09
CA GLU A 327 -10.00 -16.62 -91.50
C GLU A 327 -9.71 -16.99 -90.05
N ILE A 328 -10.75 -17.30 -89.26
CA ILE A 328 -10.52 -17.84 -87.93
C ILE A 328 -10.56 -19.36 -88.07
N SER A 329 -9.57 -20.00 -87.42
CA SER A 329 -9.35 -21.43 -87.52
C SER A 329 -10.45 -22.19 -86.79
N VAL A 330 -10.49 -23.52 -86.97
CA VAL A 330 -11.46 -24.33 -86.24
C VAL A 330 -11.02 -24.34 -84.77
N ARG A 331 -9.72 -24.41 -84.53
CA ARG A 331 -9.19 -24.28 -83.18
C ARG A 331 -9.74 -23.00 -82.54
N GLU A 332 -9.70 -21.89 -83.28
CA GLU A 332 -10.17 -20.62 -82.77
C GLU A 332 -11.69 -20.62 -82.66
N PHE A 333 -12.36 -21.45 -83.44
CA PHE A 333 -13.81 -21.55 -83.40
C PHE A 333 -14.23 -22.19 -82.08
N VAL A 334 -13.59 -23.32 -81.75
CA VAL A 334 -13.94 -24.04 -80.54
C VAL A 334 -13.61 -23.14 -79.36
N ARG A 335 -12.54 -22.35 -79.46
CA ARG A 335 -12.27 -21.33 -78.47
C ARG A 335 -13.47 -20.39 -78.33
N ARG A 336 -14.05 -19.96 -79.44
CA ARG A 336 -15.15 -19.01 -79.42
C ARG A 336 -16.41 -19.61 -78.81
N LEU A 337 -16.58 -20.93 -78.95
CA LEU A 337 -17.74 -21.62 -78.41
C LEU A 337 -17.70 -21.59 -76.89
N GLY A 338 -16.55 -21.99 -76.32
CA GLY A 338 -16.34 -22.03 -74.89
C GLY A 338 -16.62 -20.67 -74.24
N LYS A 339 -16.13 -19.60 -74.86
CA LYS A 339 -16.33 -18.26 -74.33
C LYS A 339 -17.78 -17.84 -74.52
N SER A 340 -18.52 -18.55 -75.37
CA SER A 340 -19.83 -18.10 -75.78
C SER A 340 -20.79 -18.15 -74.61
N GLU A 341 -21.84 -17.32 -74.69
CA GLU A 341 -22.94 -17.35 -73.74
C GLU A 341 -23.61 -18.73 -73.71
N LEU A 342 -23.68 -19.43 -74.85
CA LEU A 342 -24.40 -20.69 -74.88
C LEU A 342 -23.66 -21.69 -74.02
N TYR A 343 -22.33 -21.61 -73.97
CA TYR A 343 -21.52 -22.65 -73.37
C TYR A 343 -21.67 -22.61 -71.86
N ARG A 344 -21.61 -21.40 -71.30
CA ARG A 344 -22.07 -21.28 -69.94
C ARG A 344 -23.59 -21.30 -69.90
N ARG A 345 -24.13 -21.45 -68.71
CA ARG A 345 -25.55 -21.69 -68.53
C ARG A 345 -25.90 -23.10 -68.95
N GLU A 346 -25.31 -23.59 -70.03
CA GLU A 346 -25.51 -24.99 -70.33
C GLU A 346 -24.53 -25.78 -69.47
N PHE A 347 -23.31 -25.26 -69.39
CA PHE A 347 -22.27 -25.81 -68.53
C PHE A 347 -21.69 -24.66 -67.73
N TYR A 348 -20.97 -24.92 -66.65
CA TYR A 348 -20.45 -23.82 -65.84
C TYR A 348 -21.49 -23.28 -64.86
N GLN A 349 -22.52 -22.60 -65.33
CA GLN A 349 -23.43 -21.93 -64.44
C GLN A 349 -24.19 -22.91 -63.55
N PRO A 350 -24.67 -24.07 -64.05
CA PRO A 350 -25.30 -25.06 -63.17
C PRO A 350 -24.42 -25.92 -62.27
N PHE A 351 -23.13 -26.00 -62.57
CA PHE A 351 -22.19 -26.77 -61.78
C PHE A 351 -21.42 -25.90 -60.79
N ILE A 352 -20.89 -26.52 -59.76
CA ILE A 352 -19.88 -25.93 -58.87
C ILE A 352 -18.56 -25.88 -59.63
N ASN A 353 -17.65 -24.97 -59.29
CA ASN A 353 -16.43 -24.79 -60.09
C ASN A 353 -15.58 -26.05 -60.24
N SER A 354 -15.57 -26.95 -59.25
CA SER A 354 -14.75 -28.14 -59.34
C SER A 354 -15.30 -29.11 -60.37
N ARG A 355 -16.63 -29.15 -60.53
CA ARG A 355 -17.25 -29.99 -61.53
C ARG A 355 -17.10 -29.38 -62.92
N VAL A 356 -17.04 -28.04 -63.04
CA VAL A 356 -17.01 -27.44 -64.36
C VAL A 356 -15.68 -27.79 -65.03
N LEU A 357 -14.60 -27.83 -64.27
CA LEU A 357 -13.29 -28.05 -64.86
C LEU A 357 -13.18 -29.50 -65.36
N GLU A 358 -13.98 -30.40 -64.79
CA GLU A 358 -13.93 -31.79 -65.17
C GLU A 358 -14.69 -31.99 -66.48
N LEU A 359 -15.84 -31.32 -66.63
CA LEU A 359 -16.59 -31.41 -67.86
C LEU A 359 -15.79 -30.70 -68.95
N ALA A 360 -15.27 -29.51 -68.64
CA ALA A 360 -14.47 -28.77 -69.59
C ALA A 360 -13.26 -29.55 -70.06
N PHE A 361 -12.73 -30.46 -69.25
CA PHE A 361 -11.71 -31.36 -69.75
C PHE A 361 -12.32 -32.15 -70.90
N LYS A 362 -13.34 -32.95 -70.59
CA LYS A 362 -13.93 -33.89 -71.53
C LYS A 362 -14.23 -33.22 -72.86
N HIS A 363 -14.88 -32.05 -72.85
CA HIS A 363 -15.14 -31.38 -74.10
C HIS A 363 -14.22 -30.19 -74.30
N PHE A 364 -13.06 -30.46 -74.92
CA PHE A 364 -12.05 -29.48 -75.30
C PHE A 364 -10.74 -30.22 -75.49
N LEU A 365 -10.42 -31.06 -74.51
CA LEU A 365 -9.49 -32.15 -74.68
C LEU A 365 -10.31 -33.41 -74.56
N GLY A 366 -9.97 -34.49 -75.24
CA GLY A 366 -10.91 -35.60 -75.21
C GLY A 366 -10.71 -36.50 -74.00
N ARG A 367 -9.71 -36.25 -73.17
CA ARG A 367 -9.45 -37.15 -72.05
C ARG A 367 -10.24 -36.67 -70.83
N ALA A 368 -10.34 -37.55 -69.84
CA ALA A 368 -10.68 -37.20 -68.47
C ALA A 368 -9.50 -36.56 -67.76
N PRO A 369 -9.68 -35.83 -66.64
CA PRO A 369 -8.54 -35.28 -65.89
C PRO A 369 -7.80 -36.43 -65.24
N GLU A 370 -6.47 -36.45 -65.42
CA GLU A 370 -5.67 -37.64 -65.17
C GLU A 370 -4.96 -37.61 -63.83
N SER A 371 -4.79 -36.44 -63.19
CA SER A 371 -4.07 -36.43 -61.92
C SER A 371 -4.50 -35.32 -60.99
N ARG A 372 -4.10 -35.48 -59.73
CA ARG A 372 -4.33 -34.51 -58.68
C ARG A 372 -3.69 -33.16 -58.99
N ALA A 373 -2.50 -33.15 -59.58
CA ALA A 373 -1.80 -31.90 -59.77
C ALA A 373 -2.42 -31.09 -60.89
N GLU A 374 -3.12 -31.73 -61.84
CA GLU A 374 -3.64 -30.96 -62.94
C GLU A 374 -4.98 -30.36 -62.55
N VAL A 375 -5.80 -31.15 -61.85
CA VAL A 375 -7.07 -30.64 -61.38
C VAL A 375 -6.82 -29.50 -60.39
N GLN A 376 -5.63 -29.45 -59.76
CA GLN A 376 -5.29 -28.31 -58.92
C GLN A 376 -4.86 -27.09 -59.72
N LYS A 377 -4.11 -27.30 -60.79
CA LYS A 377 -3.62 -26.17 -61.55
C LYS A 377 -4.80 -25.48 -62.18
N TYR A 378 -5.76 -26.28 -62.63
CA TYR A 378 -6.88 -25.76 -63.39
C TYR A 378 -7.88 -25.11 -62.44
N PHE A 379 -7.97 -25.63 -61.21
CA PHE A 379 -8.87 -25.09 -60.21
C PHE A 379 -8.41 -23.71 -59.77
N SER A 380 -7.11 -23.44 -59.86
CA SER A 380 -6.60 -22.14 -59.52
C SER A 380 -6.80 -21.14 -60.66
N ILE A 381 -6.90 -21.64 -61.89
CA ILE A 381 -7.10 -20.77 -63.05
C ILE A 381 -8.52 -20.22 -62.99
N ILE A 382 -9.49 -21.12 -62.88
CA ILE A 382 -10.90 -20.73 -62.85
C ILE A 382 -11.20 -19.93 -61.59
N SER A 383 -10.50 -20.23 -60.51
CA SER A 383 -10.73 -19.55 -59.25
C SER A 383 -10.21 -18.12 -59.31
N SER A 384 -9.09 -17.91 -60.02
CA SER A 384 -8.32 -16.67 -59.89
C SER A 384 -9.11 -15.49 -60.45
N PRO A 385 -9.20 -14.38 -59.69
CA PRO A 385 -9.84 -13.17 -60.18
C PRO A 385 -8.91 -12.74 -61.29
N ILE A 386 -9.53 -12.23 -62.32
CA ILE A 386 -8.82 -11.90 -63.54
C ILE A 386 -7.86 -10.77 -63.24
N VAL A 387 -6.73 -10.76 -63.94
CA VAL A 387 -6.00 -9.50 -64.12
C VAL A 387 -6.86 -8.66 -65.07
N ARG A 388 -7.01 -7.36 -64.81
CA ARG A 388 -7.88 -6.55 -65.64
C ARG A 388 -7.37 -6.60 -67.08
N GLY A 389 -8.29 -6.86 -68.03
CA GLY A 389 -7.96 -6.98 -69.44
C GLY A 389 -8.64 -5.88 -70.28
N GLN A 390 -7.85 -5.24 -71.15
CA GLN A 390 -8.32 -4.16 -72.02
C GLN A 390 -9.37 -4.69 -73.00
N SER A 391 -9.16 -5.91 -73.51
CA SER A 391 -10.13 -6.58 -74.37
C SER A 391 -11.47 -6.62 -73.64
N SER A 392 -12.50 -6.01 -74.25
CA SER A 392 -13.83 -6.03 -73.66
C SER A 392 -14.28 -7.48 -73.44
N MET A 393 -13.82 -8.39 -74.32
CA MET A 393 -14.04 -9.82 -74.11
C MET A 393 -13.63 -10.13 -72.68
N PRO A 394 -14.58 -10.54 -71.80
CA PRO A 394 -14.29 -10.60 -70.37
C PRO A 394 -12.97 -11.31 -70.07
N SER A 395 -12.19 -10.74 -69.13
CA SER A 395 -10.86 -11.24 -68.82
C SER A 395 -10.95 -12.56 -68.06
N GLY A 396 -10.00 -13.45 -68.36
CA GLY A 396 -9.84 -14.71 -67.64
C GLY A 396 -11.13 -15.25 -67.01
N GLY A 397 -11.13 -15.40 -65.68
CA GLY A 397 -12.23 -16.04 -64.96
C GLY A 397 -12.45 -17.50 -65.35
N LEU A 398 -13.60 -17.85 -65.94
CA LEU A 398 -13.80 -19.15 -66.58
C LEU A 398 -13.22 -19.13 -67.99
N TYR A 399 -13.10 -17.94 -68.56
CA TYR A 399 -12.53 -17.79 -69.88
C TYR A 399 -11.06 -18.19 -69.87
N ALA A 400 -10.37 -17.76 -68.81
CA ALA A 400 -9.04 -18.24 -68.53
C ALA A 400 -8.96 -19.77 -68.59
N LEU A 401 -9.95 -20.43 -68.00
CA LEU A 401 -9.94 -21.89 -67.97
C LEU A 401 -9.89 -22.37 -69.41
N ILE A 402 -10.76 -21.81 -70.23
CA ILE A 402 -10.95 -22.30 -71.58
C ILE A 402 -9.71 -21.98 -72.39
N ASP A 403 -9.17 -20.77 -72.24
CA ASP A 403 -7.91 -20.44 -72.86
C ASP A 403 -6.85 -21.48 -72.51
N ALA A 404 -6.62 -21.68 -71.21
CA ALA A 404 -5.54 -22.53 -70.75
C ALA A 404 -5.59 -23.91 -71.40
N LEU A 405 -6.79 -24.40 -71.68
CA LEU A 405 -6.94 -25.71 -72.30
C LEU A 405 -6.56 -25.65 -73.78
N ILE A 406 -7.12 -24.69 -74.55
CA ILE A 406 -6.81 -24.63 -75.97
C ILE A 406 -5.35 -24.23 -76.15
N ASP A 407 -4.84 -23.33 -75.30
CA ASP A 407 -3.46 -22.89 -75.42
C ASP A 407 -2.45 -23.97 -75.01
N SER A 408 -2.91 -25.03 -74.34
CA SER A 408 -2.02 -26.07 -73.85
C SER A 408 -1.38 -26.80 -75.02
N GLU A 409 -0.10 -27.14 -74.89
CA GLU A 409 0.60 -27.88 -75.91
C GLU A 409 -0.09 -29.23 -76.14
N GLU A 410 -0.55 -29.90 -75.08
CA GLU A 410 -1.18 -31.21 -75.24
C GLU A 410 -2.36 -31.07 -76.19
N TYR A 411 -3.08 -29.97 -76.07
CA TYR A 411 -4.24 -29.70 -76.91
C TYR A 411 -3.78 -29.57 -78.35
N THR A 412 -2.95 -28.53 -78.56
CA THR A 412 -2.57 -28.09 -79.89
C THR A 412 -1.89 -29.23 -80.64
N SER A 413 -0.98 -29.94 -79.98
CA SER A 413 -0.27 -31.03 -80.62
C SER A 413 -1.21 -32.13 -81.11
N ILE A 414 -2.05 -32.68 -80.22
CA ILE A 414 -2.86 -33.85 -80.58
C ILE A 414 -3.92 -33.48 -81.62
N PHE A 415 -4.62 -32.37 -81.39
CA PHE A 415 -5.71 -31.99 -82.28
C PHE A 415 -5.14 -31.25 -83.48
N GLY A 416 -4.16 -30.38 -83.24
CA GLY A 416 -3.74 -29.45 -84.27
C GLY A 416 -4.75 -28.32 -84.41
N GLU A 417 -4.49 -27.39 -85.33
CA GLU A 417 -5.38 -26.26 -85.56
C GLU A 417 -6.60 -26.62 -86.41
N ASP A 418 -6.48 -27.67 -87.22
CA ASP A 418 -7.53 -27.97 -88.17
C ASP A 418 -8.58 -28.83 -87.52
N THR A 419 -8.17 -29.83 -86.75
CA THR A 419 -9.09 -30.86 -86.29
C THR A 419 -10.01 -30.27 -85.22
N VAL A 420 -11.24 -30.78 -85.16
CA VAL A 420 -12.09 -30.56 -83.99
C VAL A 420 -11.70 -31.62 -82.98
N PRO A 421 -11.67 -31.28 -81.69
CA PRO A 421 -11.35 -32.26 -80.64
C PRO A 421 -12.24 -33.49 -80.77
N TYR A 422 -11.67 -34.66 -80.54
CA TYR A 422 -12.42 -35.90 -80.54
C TYR A 422 -12.22 -36.53 -79.17
N LEU A 423 -13.13 -37.44 -78.81
CA LEU A 423 -13.02 -38.19 -77.57
C LEU A 423 -12.04 -39.35 -77.74
N ARG A 424 -10.89 -39.27 -77.09
CA ARG A 424 -10.00 -40.42 -76.99
C ARG A 424 -10.61 -41.46 -76.03
N ASN A 425 -10.36 -42.73 -76.29
CA ASN A 425 -11.23 -43.80 -75.82
C ASN A 425 -10.43 -45.10 -75.80
N LEU A 426 -11.09 -46.23 -75.53
CA LEU A 426 -10.37 -47.48 -75.35
C LEU A 426 -9.52 -47.78 -76.59
N GLY A 427 -10.15 -47.63 -77.76
CA GLY A 427 -9.51 -47.92 -79.04
C GLY A 427 -8.23 -47.12 -79.29
N VAL A 428 -8.24 -45.83 -78.92
CA VAL A 428 -7.18 -44.91 -79.28
C VAL A 428 -6.43 -44.42 -78.04
N GLU A 429 -5.12 -44.21 -78.18
CA GLU A 429 -4.31 -43.57 -77.15
C GLU A 429 -4.29 -44.37 -75.84
N ALA A 430 -4.60 -45.66 -75.89
CA ALA A 430 -4.32 -46.53 -74.74
C ALA A 430 -5.40 -46.41 -73.66
N GLN A 431 -5.48 -45.25 -72.95
CA GLN A 431 -6.45 -45.10 -71.87
C GLN A 431 -5.82 -45.61 -70.56
N PRO A 432 -5.61 -44.77 -69.52
CA PRO A 432 -5.03 -45.19 -68.23
C PRO A 432 -5.93 -45.85 -67.19
N SER A 433 -5.32 -46.66 -66.31
CA SER A 433 -6.07 -47.46 -65.36
C SER A 433 -6.47 -46.70 -64.10
N TRP A 434 -5.70 -45.68 -63.71
CA TRP A 434 -5.87 -45.10 -62.40
C TRP A 434 -7.13 -44.26 -62.34
N ASN A 435 -7.70 -43.89 -63.49
CA ASN A 435 -8.91 -43.09 -63.45
C ASN A 435 -10.04 -43.80 -64.17
N TRP A 436 -9.93 -45.11 -64.36
CA TRP A 436 -10.72 -45.78 -65.36
C TRP A 436 -12.20 -45.57 -65.09
N GLY A 437 -12.67 -46.09 -63.96
CA GLY A 437 -14.09 -46.07 -63.61
C GLY A 437 -14.67 -44.67 -63.74
N ALA A 438 -13.96 -43.68 -63.24
CA ALA A 438 -14.45 -42.31 -63.28
C ALA A 438 -14.59 -41.87 -64.72
N ALA A 439 -13.52 -42.09 -65.50
CA ALA A 439 -13.43 -41.60 -66.87
C ALA A 439 -14.56 -42.17 -67.73
N TYR A 440 -14.88 -43.45 -67.57
CA TYR A 440 -15.92 -44.05 -68.39
C TYR A 440 -17.28 -43.47 -68.05
N ASP A 441 -17.47 -43.02 -66.80
CA ASP A 441 -18.65 -42.29 -66.43
C ASP A 441 -18.64 -40.88 -67.02
N LEU A 442 -17.46 -40.29 -67.15
CA LEU A 442 -17.37 -38.94 -67.68
C LEU A 442 -17.68 -38.94 -69.17
N TYR A 443 -17.41 -40.06 -69.84
CA TYR A 443 -17.55 -40.14 -71.28
C TYR A 443 -19.01 -40.30 -71.69
N ASN A 444 -19.83 -40.93 -70.84
CA ASN A 444 -21.24 -41.17 -71.13
C ASN A 444 -22.01 -39.85 -71.14
N TYR A 445 -23.21 -39.85 -71.76
CA TYR A 445 -23.99 -38.64 -71.97
C TYR A 445 -24.71 -38.26 -70.68
N ALA A 446 -24.86 -39.21 -69.77
CA ALA A 446 -25.42 -38.96 -68.44
C ALA A 446 -24.49 -38.12 -67.56
N ALA A 447 -23.26 -37.86 -68.01
CA ALA A 447 -22.25 -37.22 -67.19
C ALA A 447 -22.72 -35.88 -66.65
N PRO A 448 -23.36 -35.01 -67.46
CA PRO A 448 -23.77 -33.70 -66.97
C PRO A 448 -24.88 -33.76 -65.93
N ARG A 449 -25.39 -34.95 -65.65
CA ARG A 449 -26.46 -35.10 -64.68
C ARG A 449 -25.90 -35.17 -63.27
N ARG A 450 -24.69 -35.74 -63.11
CA ARG A 450 -24.03 -35.75 -61.81
C ARG A 450 -23.40 -34.39 -61.55
N LYS A 451 -23.61 -33.87 -60.33
CA LYS A 451 -23.23 -32.51 -59.99
C LYS A 451 -22.04 -32.48 -59.01
N VAL A 452 -21.85 -33.55 -58.26
CA VAL A 452 -20.74 -33.69 -57.35
C VAL A 452 -19.50 -33.98 -58.15
N PRO A 453 -18.36 -33.33 -57.86
CA PRO A 453 -17.15 -33.59 -58.61
C PRO A 453 -16.65 -35.01 -58.36
N GLN A 454 -16.18 -35.65 -59.43
CA GLN A 454 -15.78 -37.04 -59.37
C GLN A 454 -14.26 -37.20 -59.34
N PHE A 455 -13.51 -36.24 -59.89
CA PHE A 455 -12.09 -36.47 -60.12
C PHE A 455 -11.30 -36.05 -58.89
N ILE A 456 -11.55 -34.85 -58.40
CA ILE A 456 -10.95 -34.41 -57.15
C ILE A 456 -11.31 -35.38 -56.04
N THR A 457 -12.54 -35.89 -55.97
CA THR A 457 -12.84 -36.79 -54.88
C THR A 457 -12.00 -38.06 -55.01
N LEU A 458 -11.81 -38.56 -56.21
CA LEU A 458 -11.13 -39.83 -56.43
C LEU A 458 -9.64 -39.65 -56.13
N PHE A 459 -9.00 -38.68 -56.79
CA PHE A 459 -7.64 -38.33 -56.43
C PHE A 459 -7.73 -37.85 -55.00
N ALA A 460 -6.81 -38.26 -54.15
CA ALA A 460 -6.89 -37.72 -52.80
C ALA A 460 -7.92 -38.44 -51.94
N ASP A 461 -8.75 -39.30 -52.51
CA ASP A 461 -9.35 -40.36 -51.74
C ASP A 461 -8.39 -41.54 -51.72
N TYR A 462 -7.43 -41.55 -52.65
CA TYR A 462 -6.39 -42.55 -52.69
C TYR A 462 -5.29 -42.25 -51.69
N THR A 463 -5.05 -40.96 -51.45
CA THR A 463 -4.08 -40.51 -50.47
C THR A 463 -4.61 -40.56 -49.05
N GLN A 464 -5.94 -40.55 -48.87
CA GLN A 464 -6.53 -40.50 -47.55
C GLN A 464 -6.77 -41.90 -47.00
N PRO A 465 -6.94 -42.08 -45.68
CA PRO A 465 -7.37 -43.36 -45.11
C PRO A 465 -8.83 -43.59 -45.48
N LEU A 466 -9.37 -44.77 -45.20
CA LEU A 466 -10.63 -45.04 -45.86
C LEU A 466 -11.77 -44.44 -45.05
N PRO A 467 -12.87 -44.01 -45.71
CA PRO A 467 -13.87 -43.13 -45.09
C PRO A 467 -14.81 -43.71 -44.05
N ASN A 468 -15.64 -42.84 -43.45
CA ASN A 468 -16.64 -43.28 -42.50
C ASN A 468 -17.95 -43.50 -43.24
N GLN A 469 -18.28 -44.74 -43.60
CA GLN A 469 -19.44 -44.98 -44.43
C GLN A 469 -19.87 -46.42 -44.29
N HIS A 470 -21.06 -46.74 -44.79
CA HIS A 470 -21.54 -48.10 -44.73
C HIS A 470 -20.56 -48.88 -45.59
N PRO A 471 -20.25 -50.13 -45.26
CA PRO A 471 -19.33 -50.88 -46.08
C PRO A 471 -19.80 -50.98 -47.52
N TYR A 472 -21.10 -51.22 -47.71
CA TYR A 472 -21.65 -51.54 -49.02
C TYR A 472 -21.82 -50.26 -49.82
N GLY A 473 -21.58 -49.09 -49.25
CA GLY A 473 -21.51 -47.88 -50.06
C GLY A 473 -22.09 -46.65 -49.37
N ALA A 474 -21.77 -45.46 -49.89
CA ALA A 474 -22.27 -44.22 -49.33
C ALA A 474 -23.79 -44.15 -49.40
N GLY A 475 -24.38 -44.73 -50.44
CA GLY A 475 -25.81 -44.70 -50.60
C GLY A 475 -26.52 -45.60 -49.60
N ASN A 476 -25.81 -46.49 -48.92
CA ASN A 476 -26.49 -47.42 -48.05
C ASN A 476 -26.72 -46.82 -46.67
N ASP A 477 -26.18 -45.64 -46.38
CA ASP A 477 -26.44 -45.02 -45.09
C ASP A 477 -27.70 -44.18 -45.11
N PRO A 478 -28.73 -44.47 -44.28
CA PRO A 478 -29.94 -43.66 -44.23
C PRO A 478 -29.60 -42.31 -43.63
N LEU A 479 -30.32 -41.27 -44.06
CA LEU A 479 -30.27 -39.97 -43.41
C LEU A 479 -30.84 -40.02 -42.00
N GLU A 480 -30.22 -39.33 -41.02
CA GLU A 480 -30.57 -39.55 -39.63
C GLU A 480 -31.49 -38.46 -39.07
N ILE A 481 -32.78 -38.78 -39.07
CA ILE A 481 -33.85 -37.85 -38.80
C ILE A 481 -34.88 -38.64 -38.01
N GLN A 482 -35.89 -37.98 -37.44
CA GLN A 482 -36.74 -38.65 -36.47
C GLN A 482 -37.44 -39.86 -37.06
N PHE A 483 -38.14 -39.67 -38.17
CA PHE A 483 -38.97 -40.71 -38.76
C PHE A 483 -38.69 -40.65 -40.26
N GLY A 484 -38.81 -41.77 -40.96
CA GLY A 484 -38.65 -41.75 -42.40
C GLY A 484 -37.33 -42.38 -42.84
N ALA A 485 -37.35 -43.17 -43.91
CA ALA A 485 -36.11 -43.75 -44.44
C ALA A 485 -35.70 -43.09 -45.76
N ILE A 486 -34.72 -42.19 -45.70
CA ILE A 486 -34.35 -41.39 -46.84
C ILE A 486 -32.94 -41.77 -47.26
N PHE A 487 -32.84 -42.43 -48.41
CA PHE A 487 -31.55 -42.80 -48.94
C PHE A 487 -31.30 -41.96 -50.18
N LYS A 488 -30.05 -41.88 -50.62
CA LYS A 488 -29.78 -41.26 -51.90
C LYS A 488 -30.01 -42.35 -52.95
N ASN A 489 -30.75 -41.99 -54.01
CA ASN A 489 -31.08 -42.90 -55.10
C ASN A 489 -30.07 -42.73 -56.23
N SER A 490 -29.64 -43.86 -56.82
CA SER A 490 -28.56 -43.87 -57.80
C SER A 490 -28.93 -43.18 -59.11
N THR A 491 -30.18 -43.32 -59.49
CA THR A 491 -30.64 -42.81 -60.77
C THR A 491 -30.92 -41.32 -60.61
N ILE A 492 -31.58 -40.87 -59.53
CA ILE A 492 -32.17 -39.54 -59.50
C ILE A 492 -31.11 -38.47 -59.43
N ASN A 493 -29.97 -38.76 -58.86
CA ASN A 493 -28.83 -37.96 -59.21
C ASN A 493 -27.56 -38.73 -58.86
N PRO A 494 -26.74 -39.06 -59.87
CA PRO A 494 -25.63 -39.96 -59.61
C PRO A 494 -24.65 -39.23 -58.71
N ALA A 495 -24.32 -39.84 -57.56
CA ALA A 495 -23.25 -39.34 -56.73
C ALA A 495 -22.65 -40.49 -55.94
N GLU A 496 -22.09 -41.46 -56.65
CA GLU A 496 -21.64 -42.65 -55.95
C GLU A 496 -20.25 -42.44 -55.37
N ARG A 497 -20.08 -42.93 -54.13
CA ARG A 497 -18.78 -43.03 -53.51
C ARG A 497 -18.62 -44.46 -53.06
N ALA A 498 -17.73 -45.20 -53.71
CA ALA A 498 -17.43 -46.55 -53.29
C ALA A 498 -16.06 -46.54 -52.63
N ALA A 499 -15.90 -47.44 -51.67
CA ALA A 499 -14.65 -47.55 -50.96
C ALA A 499 -14.48 -49.00 -50.59
N PRO A 500 -13.27 -49.58 -50.73
CA PRO A 500 -13.10 -50.98 -50.39
C PRO A 500 -12.94 -51.24 -48.92
N ILE A 501 -13.94 -51.89 -48.32
CA ILE A 501 -13.97 -52.05 -46.90
C ILE A 501 -14.12 -53.53 -46.63
N GLY A 502 -13.06 -54.13 -46.07
CA GLY A 502 -13.01 -55.57 -45.88
C GLY A 502 -13.96 -56.06 -44.80
N LYS A 503 -14.02 -57.38 -44.66
CA LYS A 503 -14.84 -58.06 -43.67
C LYS A 503 -14.50 -57.58 -42.24
N ASP A 504 -13.23 -57.28 -42.05
CA ASP A 504 -12.63 -57.02 -40.75
C ASP A 504 -12.81 -55.57 -40.26
N VAL A 505 -12.87 -54.61 -41.18
CA VAL A 505 -12.96 -53.19 -40.86
C VAL A 505 -14.13 -52.91 -39.92
N LYS A 506 -13.94 -52.01 -38.95
CA LYS A 506 -14.97 -51.68 -37.98
C LYS A 506 -15.33 -50.19 -38.07
N ARG A 507 -16.62 -49.83 -38.09
CA ARG A 507 -16.92 -48.40 -38.12
C ARG A 507 -16.70 -47.77 -36.76
N ILE A 508 -16.31 -46.51 -36.81
CA ILE A 508 -16.27 -45.68 -35.62
C ILE A 508 -17.62 -45.01 -35.47
N LEU A 509 -18.29 -45.26 -34.35
CA LEU A 509 -19.57 -44.68 -34.05
C LEU A 509 -19.50 -43.76 -32.85
N ILE A 510 -20.23 -42.65 -32.88
CA ILE A 510 -20.21 -41.68 -31.80
C ILE A 510 -21.33 -41.99 -30.85
N ARG A 511 -21.03 -42.05 -29.57
CA ARG A 511 -22.02 -42.45 -28.58
C ARG A 511 -22.97 -41.29 -28.32
N ASN A 512 -24.26 -41.61 -28.27
CA ASN A 512 -25.30 -40.66 -27.97
C ASN A 512 -25.53 -40.73 -26.46
N GLY A 513 -24.83 -39.89 -25.73
CA GLY A 513 -24.57 -40.19 -24.34
C GLY A 513 -23.17 -39.76 -23.98
N SER A 514 -22.64 -40.29 -22.88
CA SER A 514 -21.34 -39.86 -22.38
C SER A 514 -20.24 -40.61 -23.11
N PRO A 515 -19.21 -39.92 -23.61
CA PRO A 515 -18.22 -40.57 -24.45
C PRO A 515 -17.60 -41.83 -23.86
N THR A 516 -17.38 -41.87 -22.56
CA THR A 516 -16.69 -43.00 -21.96
C THR A 516 -17.62 -44.20 -21.79
N SER A 517 -18.88 -44.02 -22.17
CA SER A 517 -19.86 -45.06 -22.14
C SER A 517 -19.66 -46.00 -23.32
N ASN A 518 -18.97 -45.51 -24.34
CA ASN A 518 -18.85 -46.18 -25.60
C ASN A 518 -18.22 -47.54 -25.39
N GLU A 519 -18.79 -48.58 -25.99
CA GLU A 519 -18.49 -49.94 -25.63
C GLU A 519 -17.22 -50.44 -26.28
N ARG A 520 -16.65 -49.68 -27.19
CA ARG A 520 -15.39 -50.09 -27.78
C ARG A 520 -14.32 -50.00 -26.70
N GLY A 521 -14.31 -48.91 -25.96
CA GLY A 521 -13.34 -48.75 -24.90
C GLY A 521 -13.80 -49.36 -23.58
N ASN A 522 -15.09 -49.56 -23.35
CA ASN A 522 -15.45 -50.34 -22.17
C ASN A 522 -16.70 -51.19 -22.40
N PRO A 523 -16.55 -52.51 -22.28
CA PRO A 523 -17.65 -53.44 -22.51
C PRO A 523 -18.91 -53.28 -21.67
N THR A 524 -18.80 -52.70 -20.47
CA THR A 524 -19.96 -52.64 -19.58
C THR A 524 -20.69 -51.30 -19.67
N GLY A 525 -20.36 -50.48 -20.67
CA GLY A 525 -20.77 -49.09 -20.69
C GLY A 525 -22.28 -48.89 -20.88
N MET A 526 -22.98 -49.89 -21.42
CA MET A 526 -24.40 -49.73 -21.63
C MET A 526 -25.13 -50.01 -20.32
N SER A 527 -24.51 -50.81 -19.45
CA SER A 527 -25.08 -51.10 -18.14
C SER A 527 -24.54 -50.09 -17.13
N GLU A 528 -24.78 -48.82 -17.42
CA GLU A 528 -24.32 -47.71 -16.63
C GLU A 528 -25.47 -46.71 -16.52
N GLY A 529 -25.34 -45.76 -15.60
CA GLY A 529 -26.37 -44.77 -15.40
C GLY A 529 -26.59 -43.92 -16.66
N ALA A 530 -27.86 -43.72 -17.03
CA ALA A 530 -28.19 -42.74 -18.05
C ALA A 530 -27.84 -41.34 -17.54
N THR A 531 -27.59 -40.45 -18.50
CA THR A 531 -27.22 -39.08 -18.22
C THR A 531 -28.12 -38.16 -19.04
N THR A 532 -27.88 -36.87 -18.89
CA THR A 532 -28.63 -35.85 -19.57
C THR A 532 -28.05 -35.70 -20.96
N LEU A 533 -26.85 -36.25 -21.14
CA LEU A 533 -26.21 -36.30 -22.45
C LEU A 533 -26.94 -37.31 -23.32
N GLY A 534 -27.54 -38.31 -22.70
CA GLY A 534 -28.22 -39.34 -23.45
C GLY A 534 -29.60 -38.95 -23.92
N PRO A 535 -30.27 -39.84 -24.66
CA PRO A 535 -31.73 -39.85 -24.77
C PRO A 535 -32.35 -40.50 -23.55
N LYS A 536 -33.66 -40.30 -23.41
CA LYS A 536 -34.44 -40.87 -22.33
C LYS A 536 -34.71 -42.36 -22.52
N ILE A 537 -34.60 -43.13 -21.45
CA ILE A 537 -34.73 -44.57 -21.53
C ILE A 537 -36.00 -44.99 -20.79
N PHE A 538 -36.88 -45.74 -21.44
CA PHE A 538 -38.13 -46.14 -20.83
C PHE A 538 -38.07 -47.59 -20.40
N LYS A 539 -38.29 -47.83 -19.11
CA LYS A 539 -38.41 -49.18 -18.60
C LYS A 539 -39.79 -49.36 -17.99
N LEU A 540 -40.40 -50.55 -18.12
CA LEU A 540 -41.66 -50.82 -17.46
C LEU A 540 -41.36 -51.36 -16.07
N THR A 541 -41.60 -50.54 -15.05
CA THR A 541 -41.25 -50.85 -13.67
C THR A 541 -42.24 -51.84 -13.07
N GLN A 542 -43.53 -51.71 -13.41
CA GLN A 542 -44.53 -52.56 -12.78
C GLN A 542 -45.64 -52.90 -13.75
N ASN A 543 -46.31 -54.04 -13.47
CA ASN A 543 -47.50 -54.42 -14.22
C ASN A 543 -48.73 -54.16 -13.35
N VAL A 544 -49.67 -53.39 -13.92
CA VAL A 544 -50.87 -52.96 -13.22
C VAL A 544 -51.87 -54.11 -13.18
N GLY A 545 -51.96 -54.87 -14.28
CA GLY A 545 -52.90 -55.97 -14.39
C GLY A 545 -52.72 -56.99 -13.25
N PHE A 546 -51.47 -57.40 -13.03
CA PHE A 546 -51.09 -58.33 -11.98
C PHE A 546 -51.43 -57.73 -10.60
N ARG A 547 -51.24 -56.41 -10.47
CA ARG A 547 -51.51 -55.72 -9.22
C ARG A 547 -52.97 -55.28 -9.19
N SER A 548 -53.84 -56.26 -8.92
CA SER A 548 -55.23 -55.99 -8.61
C SER A 548 -55.30 -55.19 -7.30
N LYS A 549 -56.06 -54.09 -7.30
CA LYS A 549 -56.19 -53.27 -6.11
C LYS A 549 -56.75 -54.12 -4.97
N GLY A 550 -56.14 -54.03 -3.77
CA GLY A 550 -56.64 -54.70 -2.58
C GLY A 550 -57.82 -53.95 -1.96
N MET A 551 -57.94 -52.65 -2.30
CA MET A 551 -59.00 -51.79 -1.80
C MET A 551 -59.59 -50.98 -2.96
N VAL A 552 -60.83 -50.49 -2.79
CA VAL A 552 -61.50 -49.62 -3.74
C VAL A 552 -61.25 -50.14 -5.15
N GLN A 553 -61.69 -51.38 -5.41
CA GLN A 553 -61.43 -52.08 -6.65
C GLN A 553 -61.85 -51.22 -7.86
N ASN A 554 -63.05 -50.60 -7.78
CA ASN A 554 -63.57 -49.77 -8.87
C ASN A 554 -63.11 -48.31 -8.70
N ALA A 555 -61.79 -48.12 -8.59
CA ALA A 555 -61.20 -46.84 -8.19
C ALA A 555 -61.77 -45.73 -9.07
N GLY A 556 -61.73 -45.93 -10.39
CA GLY A 556 -62.05 -44.84 -11.31
C GLY A 556 -60.82 -44.00 -11.62
N VAL A 557 -60.15 -43.45 -10.59
CA VAL A 557 -58.94 -42.66 -10.76
C VAL A 557 -57.72 -43.57 -10.90
N VAL A 558 -57.73 -44.79 -10.35
CA VAL A 558 -56.74 -45.81 -10.68
C VAL A 558 -55.29 -45.29 -10.52
N THR A 559 -54.68 -44.83 -11.63
CA THR A 559 -53.36 -44.20 -11.69
C THR A 559 -52.30 -45.27 -12.01
N VAL A 560 -51.19 -44.82 -12.62
CA VAL A 560 -50.06 -45.63 -13.04
C VAL A 560 -50.41 -46.31 -14.38
N GLU A 561 -51.62 -46.02 -14.90
CA GLU A 561 -52.02 -46.42 -16.23
C GLU A 561 -51.14 -45.69 -17.26
N GLY A 562 -50.84 -44.42 -16.96
CA GLY A 562 -50.04 -43.56 -17.82
C GLY A 562 -48.63 -44.09 -18.07
N SER A 563 -47.98 -44.63 -17.04
CA SER A 563 -46.63 -45.16 -17.19
C SER A 563 -46.61 -46.23 -18.28
N VAL A 564 -47.69 -47.02 -18.36
CA VAL A 564 -47.76 -48.06 -19.37
C VAL A 564 -48.12 -47.41 -20.70
N GLN A 565 -49.06 -46.47 -20.64
CA GLN A 565 -49.59 -45.88 -21.84
C GLN A 565 -48.53 -44.98 -22.48
N ALA A 566 -47.65 -44.40 -21.66
CA ALA A 566 -46.50 -43.63 -22.15
C ALA A 566 -45.49 -44.56 -22.82
N LEU A 567 -45.16 -45.66 -22.15
CA LEU A 567 -44.28 -46.64 -22.75
C LEU A 567 -44.82 -47.10 -24.11
N ILE A 568 -46.13 -47.30 -24.23
CA ILE A 568 -46.67 -47.78 -25.48
C ILE A 568 -46.46 -46.71 -26.55
N THR A 569 -46.61 -45.45 -26.20
CA THR A 569 -46.43 -44.38 -27.15
C THR A 569 -44.98 -44.36 -27.61
N ALA A 570 -44.08 -44.54 -26.65
CA ALA A 570 -42.66 -44.48 -26.87
C ALA A 570 -42.17 -45.67 -27.67
N ALA A 571 -42.88 -46.81 -27.58
CA ALA A 571 -42.57 -47.94 -28.43
C ALA A 571 -42.71 -47.55 -29.89
N TYR A 572 -43.87 -46.99 -30.21
CA TYR A 572 -44.16 -46.64 -31.58
C TYR A 572 -43.14 -45.60 -32.00
N GLN A 573 -42.70 -44.73 -31.10
CA GLN A 573 -41.80 -43.67 -31.53
C GLN A 573 -40.44 -44.23 -31.89
N GLN A 574 -40.04 -45.34 -31.26
CA GLN A 574 -38.74 -45.91 -31.49
C GLN A 574 -38.79 -46.82 -32.71
N ILE A 575 -39.75 -47.75 -32.75
CA ILE A 575 -39.81 -48.68 -33.87
C ILE A 575 -40.12 -47.92 -35.14
N PHE A 576 -41.25 -47.21 -35.19
CA PHE A 576 -41.67 -46.61 -36.43
C PHE A 576 -41.10 -45.22 -36.59
N GLY A 577 -40.70 -44.59 -35.50
CA GLY A 577 -40.21 -43.22 -35.56
C GLY A 577 -41.27 -42.17 -35.23
N ARG A 578 -42.52 -42.49 -35.57
CA ARG A 578 -43.64 -41.58 -35.53
C ARG A 578 -44.76 -42.40 -34.87
N GLN A 579 -45.89 -41.78 -34.54
CA GLN A 579 -47.07 -42.53 -34.15
C GLN A 579 -47.74 -43.00 -35.43
N LEU A 580 -48.48 -44.10 -35.33
CA LEU A 580 -49.13 -44.65 -36.52
C LEU A 580 -50.47 -43.95 -36.69
N TYR A 581 -51.14 -44.18 -37.82
CA TYR A 581 -52.49 -43.70 -38.07
C TYR A 581 -53.50 -44.62 -37.39
N GLN A 582 -54.78 -44.25 -37.49
CA GLN A 582 -55.83 -44.77 -36.63
C GLN A 582 -56.13 -46.25 -36.85
N GLY A 583 -56.30 -46.66 -38.12
CA GLY A 583 -56.41 -48.08 -38.41
C GLY A 583 -55.17 -48.87 -37.98
N GLN A 584 -53.99 -48.26 -38.13
CA GLN A 584 -52.73 -48.98 -38.26
C GLN A 584 -52.25 -49.56 -36.92
N ARG A 585 -52.58 -48.95 -35.77
CA ARG A 585 -52.00 -49.42 -34.52
C ARG A 585 -52.42 -50.85 -34.25
N LEU A 586 -51.64 -51.57 -33.45
CA LEU A 586 -52.03 -52.93 -33.09
C LEU A 586 -52.47 -53.01 -31.63
N LYS A 587 -53.78 -53.05 -31.40
CA LYS A 587 -54.35 -52.97 -30.07
C LYS A 587 -54.09 -54.25 -29.29
N VAL A 588 -54.15 -55.40 -29.96
CA VAL A 588 -54.08 -56.67 -29.27
C VAL A 588 -52.78 -56.77 -28.47
N ALA A 589 -51.65 -56.45 -29.10
CA ALA A 589 -50.36 -56.44 -28.43
C ALA A 589 -50.35 -55.46 -27.27
N GLU A 590 -50.98 -54.30 -27.45
CA GLU A 590 -51.07 -53.31 -26.40
C GLU A 590 -51.86 -53.88 -25.23
N ILE A 591 -52.95 -54.57 -25.52
CA ILE A 591 -53.81 -55.11 -24.47
C ILE A 591 -53.00 -56.04 -23.57
N LYS A 592 -52.30 -57.01 -24.17
CA LYS A 592 -51.59 -58.00 -23.40
C LYS A 592 -50.55 -57.35 -22.50
N LEU A 593 -49.89 -56.30 -23.02
CA LEU A 593 -48.85 -55.63 -22.28
C LEU A 593 -49.45 -54.91 -21.07
N GLU A 594 -50.66 -54.37 -21.26
CA GLU A 594 -51.37 -53.67 -20.19
C GLU A 594 -51.80 -54.65 -19.10
N ASN A 595 -52.25 -55.86 -19.46
CA ASN A 595 -52.68 -56.82 -18.46
C ASN A 595 -51.50 -57.58 -17.87
N GLY A 596 -50.33 -57.49 -18.49
CA GLY A 596 -49.16 -58.16 -17.97
C GLY A 596 -49.04 -59.60 -18.46
N GLU A 597 -49.79 -59.92 -19.51
CA GLU A 597 -49.65 -61.21 -20.17
C GLU A 597 -48.27 -61.31 -20.79
N THR A 598 -47.88 -60.27 -21.54
CA THR A 598 -46.59 -60.24 -22.19
C THR A 598 -45.69 -59.26 -21.44
N THR A 599 -44.41 -59.27 -21.80
CA THR A 599 -43.46 -58.30 -21.30
C THR A 599 -43.08 -57.37 -22.46
N VAL A 600 -42.27 -56.35 -22.16
CA VAL A 600 -41.88 -55.35 -23.13
C VAL A 600 -41.14 -56.02 -24.29
N LYS A 601 -40.28 -56.98 -24.00
CA LYS A 601 -39.55 -57.70 -25.04
C LYS A 601 -40.51 -58.19 -26.11
N GLU A 602 -41.65 -58.76 -25.71
CA GLU A 602 -42.55 -59.44 -26.60
C GLU A 602 -43.40 -58.43 -27.38
N PHE A 603 -43.65 -57.28 -26.77
CA PHE A 603 -44.39 -56.22 -27.43
C PHE A 603 -43.58 -55.69 -28.61
N VAL A 604 -42.28 -55.50 -28.38
CA VAL A 604 -41.37 -55.05 -29.42
C VAL A 604 -41.30 -56.09 -30.52
N ARG A 605 -41.43 -57.37 -30.15
CA ARG A 605 -41.41 -58.41 -31.15
C ARG A 605 -42.60 -58.26 -32.08
N ALA A 606 -43.77 -57.99 -31.49
CA ALA A 606 -44.99 -57.89 -32.24
C ALA A 606 -44.96 -56.74 -33.24
N LEU A 607 -44.32 -55.63 -32.86
CA LEU A 607 -44.24 -54.47 -33.73
C LEU A 607 -43.29 -54.73 -34.88
N GLY A 608 -42.15 -55.39 -34.64
CA GLY A 608 -41.23 -55.77 -35.71
C GLY A 608 -41.85 -56.77 -36.69
N ARG A 609 -42.61 -57.74 -36.17
CA ARG A 609 -43.29 -58.71 -37.01
C ARG A 609 -44.41 -58.08 -37.82
N SER A 610 -44.90 -56.91 -37.42
CA SER A 610 -46.18 -56.43 -37.92
C SER A 610 -46.12 -56.15 -39.43
N GLU A 611 -47.28 -56.26 -40.08
CA GLU A 611 -47.37 -56.02 -41.51
C GLU A 611 -47.01 -54.58 -41.84
N ILE A 612 -47.42 -53.65 -40.97
CA ILE A 612 -47.25 -52.25 -41.28
C ILE A 612 -45.76 -51.94 -41.29
N PHE A 613 -45.01 -52.64 -40.43
CA PHE A 613 -43.58 -52.43 -40.30
C PHE A 613 -42.88 -52.93 -41.56
N ARG A 614 -43.33 -54.10 -42.05
CA ARG A 614 -42.86 -54.60 -43.33
C ARG A 614 -43.20 -53.62 -44.44
N LYS A 615 -44.44 -53.11 -44.48
CA LYS A 615 -44.85 -52.22 -45.56
C LYS A 615 -44.03 -50.94 -45.57
N LEU A 616 -43.69 -50.42 -44.39
CA LEU A 616 -43.03 -49.12 -44.33
C LEU A 616 -41.56 -49.26 -44.68
N TYR A 617 -40.92 -50.35 -44.26
CA TYR A 617 -39.46 -50.43 -44.33
C TYR A 617 -38.95 -51.60 -45.16
N TRP A 618 -39.52 -52.80 -45.05
CA TRP A 618 -39.03 -53.87 -45.90
C TRP A 618 -39.36 -53.65 -47.37
N GLU A 619 -40.64 -53.61 -47.73
CA GLU A 619 -41.05 -53.75 -49.13
C GLU A 619 -40.41 -52.72 -50.06
N PRO A 620 -40.38 -51.41 -49.77
CA PRO A 620 -39.84 -50.45 -50.74
C PRO A 620 -38.35 -50.33 -51.06
N PHE A 621 -37.46 -50.96 -50.30
CA PHE A 621 -36.05 -50.64 -50.40
C PHE A 621 -35.26 -51.83 -50.95
N TYR A 622 -34.06 -51.56 -51.49
CA TYR A 622 -33.03 -52.56 -51.72
C TYR A 622 -32.76 -53.37 -50.47
N VAL A 623 -32.45 -54.66 -50.58
CA VAL A 623 -32.53 -55.49 -49.39
C VAL A 623 -31.52 -55.04 -48.35
N CYS A 624 -30.37 -54.55 -48.80
CA CYS A 624 -29.36 -54.12 -47.86
C CYS A 624 -29.70 -52.80 -47.20
N LYS A 625 -30.29 -51.87 -47.97
CA LYS A 625 -30.79 -50.64 -47.42
C LYS A 625 -31.82 -50.96 -46.34
N ALA A 626 -32.71 -51.91 -46.62
CA ALA A 626 -33.70 -52.29 -45.63
C ALA A 626 -33.03 -52.73 -44.34
N ILE A 627 -32.16 -53.71 -44.45
CA ILE A 627 -31.55 -54.29 -43.27
C ILE A 627 -30.88 -53.21 -42.43
N GLU A 628 -30.21 -52.27 -43.08
CA GLU A 628 -29.52 -51.23 -42.34
C GLU A 628 -30.49 -50.35 -41.56
N TYR A 629 -31.59 -49.93 -42.19
CA TYR A 629 -32.61 -49.17 -41.49
C TYR A 629 -33.24 -49.99 -40.39
N ILE A 630 -33.66 -51.24 -40.65
CA ILE A 630 -34.29 -52.03 -39.59
C ILE A 630 -33.35 -52.11 -38.40
N HIS A 631 -32.05 -52.22 -38.66
CA HIS A 631 -31.10 -52.50 -37.61
C HIS A 631 -31.12 -51.34 -36.63
N ARG A 632 -31.11 -50.13 -37.17
CA ARG A 632 -31.02 -48.94 -36.37
C ARG A 632 -32.27 -48.74 -35.55
N ARG A 633 -33.41 -49.27 -35.99
CA ARG A 633 -34.63 -49.11 -35.24
C ARG A 633 -34.68 -50.12 -34.11
N LEU A 634 -34.28 -51.36 -34.37
CA LEU A 634 -34.49 -52.40 -33.39
C LEU A 634 -33.37 -52.47 -32.37
N LEU A 635 -32.14 -52.17 -32.78
CA LEU A 635 -31.00 -52.39 -31.92
C LEU A 635 -30.39 -51.07 -31.50
N GLY A 636 -30.79 -50.00 -32.16
CA GLY A 636 -30.43 -48.67 -31.73
C GLY A 636 -29.05 -48.21 -32.18
N ARG A 637 -28.43 -48.89 -33.16
CA ARG A 637 -27.18 -48.41 -33.69
C ARG A 637 -27.08 -48.75 -35.16
N PRO A 638 -26.20 -48.09 -35.93
CA PRO A 638 -25.76 -48.60 -37.21
C PRO A 638 -24.98 -49.89 -37.02
N THR A 639 -24.94 -50.74 -38.04
CA THR A 639 -24.09 -51.91 -38.03
C THR A 639 -22.62 -51.48 -38.00
N TYR A 640 -21.80 -52.30 -37.32
CA TYR A 640 -20.38 -52.03 -37.13
C TYR A 640 -19.62 -52.45 -38.39
N ASP A 641 -19.96 -53.62 -38.95
CA ASP A 641 -19.04 -54.28 -39.86
C ASP A 641 -19.74 -55.13 -40.93
N ARG A 642 -18.97 -55.58 -41.93
CA ARG A 642 -19.51 -56.45 -42.98
C ARG A 642 -19.94 -57.79 -42.39
N VAL A 643 -19.37 -58.20 -41.26
CA VAL A 643 -19.73 -59.49 -40.67
C VAL A 643 -21.19 -59.51 -40.21
N GLU A 644 -21.64 -58.44 -39.57
CA GLU A 644 -23.02 -58.31 -39.15
C GLU A 644 -23.92 -58.25 -40.38
N ASN A 645 -23.58 -57.34 -41.29
CA ASN A 645 -24.38 -57.12 -42.47
C ASN A 645 -24.59 -58.42 -43.23
N ASN A 646 -23.50 -59.17 -43.42
CA ASN A 646 -23.58 -60.45 -44.12
C ASN A 646 -24.47 -61.42 -43.36
N ARG A 647 -24.33 -61.48 -42.05
CA ARG A 647 -25.14 -62.42 -41.30
C ARG A 647 -26.62 -62.22 -41.59
N TYR A 648 -27.06 -60.97 -41.69
CA TYR A 648 -28.46 -60.66 -41.87
C TYR A 648 -28.86 -60.85 -43.33
N PHE A 649 -27.95 -60.54 -44.24
CA PHE A 649 -28.21 -60.75 -45.64
C PHE A 649 -28.40 -62.23 -45.94
N ASP A 650 -27.55 -63.07 -45.35
CA ASP A 650 -27.72 -64.50 -45.51
C ASP A 650 -29.09 -64.89 -44.99
N ILE A 651 -29.40 -64.54 -43.76
CA ILE A 651 -30.66 -64.94 -43.16
C ILE A 651 -31.84 -64.47 -43.99
N ALA A 652 -31.69 -63.35 -44.70
CA ALA A 652 -32.80 -62.73 -45.40
C ALA A 652 -33.15 -63.54 -46.62
N SER A 653 -32.13 -64.18 -47.19
CA SER A 653 -32.32 -64.95 -48.42
C SER A 653 -32.95 -66.31 -48.12
N LYS A 654 -32.67 -66.90 -46.97
CA LYS A 654 -33.30 -68.16 -46.62
C LYS A 654 -34.71 -67.94 -46.09
N LYS A 655 -34.89 -66.90 -45.26
CA LYS A 655 -36.11 -66.82 -44.47
C LYS A 655 -36.82 -65.48 -44.61
N GLY A 656 -36.30 -64.60 -45.45
CA GLY A 656 -36.95 -63.34 -45.78
C GLY A 656 -37.00 -62.35 -44.64
N PHE A 657 -37.99 -61.45 -44.72
CA PHE A 657 -38.18 -60.36 -43.80
C PHE A 657 -38.37 -60.88 -42.39
N TYR A 658 -39.12 -61.98 -42.24
CA TYR A 658 -39.42 -62.48 -40.93
C TYR A 658 -38.14 -62.98 -40.25
N GLY A 659 -37.31 -63.68 -41.01
CA GLY A 659 -36.07 -64.21 -40.49
C GLY A 659 -35.16 -63.10 -39.96
N VAL A 660 -34.98 -62.05 -40.76
CA VAL A 660 -34.10 -60.94 -40.43
C VAL A 660 -34.54 -60.32 -39.12
N VAL A 661 -35.84 -60.08 -38.95
CA VAL A 661 -36.31 -59.36 -37.79
C VAL A 661 -36.13 -60.24 -36.56
N ASP A 662 -36.40 -61.53 -36.70
CA ASP A 662 -36.27 -62.42 -35.55
C ASP A 662 -34.81 -62.47 -35.11
N ALA A 663 -33.90 -62.56 -36.06
CA ALA A 663 -32.49 -62.71 -35.75
C ALA A 663 -31.99 -61.55 -34.90
N MET A 664 -32.43 -60.35 -35.23
CA MET A 664 -32.05 -59.16 -34.51
C MET A 664 -32.59 -59.23 -33.09
N LEU A 665 -33.83 -59.67 -32.92
CA LEU A 665 -34.42 -59.63 -31.61
C LEU A 665 -33.91 -60.79 -30.77
N ASN A 666 -33.46 -61.86 -31.44
CA ASN A 666 -32.97 -63.04 -30.73
C ASN A 666 -31.48 -62.91 -30.46
N SER A 667 -30.87 -61.85 -30.99
CA SER A 667 -29.44 -61.63 -30.77
C SER A 667 -29.17 -61.47 -29.28
N ASN A 668 -28.00 -61.94 -28.87
CA ASN A 668 -27.63 -61.88 -27.46
C ASN A 668 -27.35 -60.41 -27.13
N GLU A 669 -26.78 -59.68 -28.10
CA GLU A 669 -26.56 -58.26 -27.94
C GLU A 669 -27.86 -57.58 -27.53
N TYR A 670 -28.95 -57.93 -28.21
CA TYR A 670 -30.22 -57.34 -27.89
C TYR A 670 -30.49 -57.58 -26.41
N GLN A 671 -30.33 -58.83 -25.97
CA GLN A 671 -30.70 -59.25 -24.62
C GLN A 671 -29.88 -58.53 -23.57
N GLU A 672 -28.59 -58.30 -23.84
CA GLU A 672 -27.70 -57.68 -22.87
C GLU A 672 -28.10 -56.25 -22.58
N VAL A 673 -28.37 -55.48 -23.64
CA VAL A 673 -28.62 -54.06 -23.49
C VAL A 673 -30.05 -53.82 -23.06
N PHE A 674 -31.02 -54.50 -23.68
CA PHE A 674 -32.38 -54.09 -23.48
C PHE A 674 -33.00 -54.92 -22.36
N GLY A 675 -32.81 -56.23 -22.38
CA GLY A 675 -32.91 -57.03 -21.18
C GLY A 675 -34.34 -57.36 -20.77
N GLU A 676 -35.30 -57.27 -21.69
CA GLU A 676 -36.66 -57.73 -21.43
C GLU A 676 -37.56 -56.69 -20.75
N ASP A 677 -37.05 -55.54 -20.29
CA ASP A 677 -37.93 -54.56 -19.65
C ASP A 677 -37.73 -53.16 -20.21
N VAL A 678 -36.50 -52.81 -20.60
CA VAL A 678 -36.22 -51.56 -21.29
C VAL A 678 -36.68 -51.71 -22.74
N LEU A 679 -37.25 -50.65 -23.34
CA LEU A 679 -37.50 -50.77 -24.76
C LEU A 679 -36.35 -50.09 -25.48
N PRO A 680 -36.00 -50.53 -26.69
CA PRO A 680 -34.82 -50.06 -27.37
C PRO A 680 -34.75 -48.55 -27.47
N TYR A 681 -33.53 -48.02 -27.44
CA TYR A 681 -33.31 -46.60 -27.56
C TYR A 681 -32.11 -46.40 -28.46
N GLU A 682 -31.88 -45.18 -28.90
CA GLU A 682 -30.79 -44.93 -29.82
C GLU A 682 -29.43 -44.80 -29.13
N ARG A 683 -28.54 -45.78 -29.34
CA ARG A 683 -27.32 -45.86 -28.56
C ARG A 683 -26.17 -45.08 -29.20
N TYR A 684 -26.09 -45.10 -30.53
CA TYR A 684 -24.92 -44.59 -31.23
C TYR A 684 -25.41 -43.88 -32.46
N LEU A 685 -24.56 -43.05 -33.04
CA LEU A 685 -24.91 -42.42 -34.30
C LEU A 685 -23.67 -42.11 -35.10
N THR A 686 -23.80 -41.89 -36.40
CA THR A 686 -22.63 -41.80 -37.24
C THR A 686 -22.18 -40.36 -37.23
N PRO A 687 -20.94 -40.05 -37.62
CA PRO A 687 -20.44 -38.68 -37.66
C PRO A 687 -21.23 -37.70 -38.49
N ALA A 688 -21.83 -38.18 -39.57
CA ALA A 688 -22.56 -37.30 -40.46
C ALA A 688 -23.91 -36.96 -39.85
N GLY A 689 -24.50 -37.94 -39.19
CA GLY A 689 -25.70 -37.69 -38.42
C GLY A 689 -25.46 -36.66 -37.32
N LEU A 690 -24.31 -36.75 -36.66
CA LEU A 690 -23.98 -35.82 -35.61
C LEU A 690 -23.77 -34.43 -36.20
N SER A 691 -23.16 -34.31 -37.36
CA SER A 691 -22.96 -32.99 -37.93
C SER A 691 -24.29 -32.33 -38.31
N LEU A 692 -25.28 -33.11 -38.74
CA LEU A 692 -26.57 -32.57 -39.11
C LEU A 692 -27.21 -31.79 -37.97
N ARG A 693 -27.17 -32.37 -36.77
CA ARG A 693 -27.86 -31.82 -35.63
C ARG A 693 -27.12 -30.63 -35.06
N LYS A 694 -25.80 -30.76 -34.92
CA LYS A 694 -24.99 -29.76 -34.24
C LYS A 694 -24.36 -28.74 -35.17
N GLY A 695 -24.19 -29.08 -36.44
CA GLY A 695 -23.33 -28.26 -37.29
C GLY A 695 -23.95 -26.93 -37.68
N ARG A 696 -25.26 -26.85 -37.95
CA ARG A 696 -25.85 -25.56 -38.18
C ARG A 696 -25.05 -24.58 -37.29
N PHE A 697 -24.45 -23.55 -37.89
CA PHE A 697 -23.75 -22.50 -37.14
C PHE A 697 -22.34 -22.96 -36.80
N GLY A 698 -22.03 -24.21 -37.11
CA GLY A 698 -20.66 -24.67 -37.25
C GLY A 698 -20.02 -24.89 -35.89
N SER A 699 -18.76 -24.48 -35.82
CA SER A 699 -17.94 -24.65 -34.64
C SER A 699 -17.76 -23.31 -33.96
N SER A 700 -18.18 -23.22 -32.69
CA SER A 700 -17.83 -22.08 -31.87
C SER A 700 -16.64 -22.47 -31.01
N ASP A 701 -15.63 -21.62 -31.03
CA ASP A 701 -14.32 -21.97 -30.53
C ASP A 701 -13.30 -21.63 -31.61
N VAL A 702 -12.06 -21.59 -31.19
CA VAL A 702 -10.97 -21.31 -32.10
C VAL A 702 -10.11 -22.54 -32.16
N LEU A 703 -10.50 -23.62 -31.51
CA LEU A 703 -9.70 -24.81 -31.73
C LEU A 703 -8.28 -24.56 -31.22
N THR A 704 -8.19 -24.25 -29.92
CA THR A 704 -6.93 -23.89 -29.29
C THR A 704 -6.05 -25.13 -29.22
N THR A 705 -4.74 -24.85 -29.28
CA THR A 705 -3.73 -25.87 -29.29
C THR A 705 -2.83 -25.69 -28.07
N PRO A 706 -2.13 -26.72 -27.58
CA PRO A 706 -1.13 -26.51 -26.56
C PRO A 706 0.11 -25.78 -27.06
N GLY A 707 0.57 -24.84 -26.25
CA GLY A 707 1.87 -24.23 -26.44
C GLY A 707 1.89 -23.28 -27.63
N GLY A 708 0.70 -22.78 -28.02
CA GLY A 708 0.60 -21.86 -29.13
C GLY A 708 0.75 -20.42 -28.64
N ILE A 709 1.56 -19.61 -29.33
CA ILE A 709 1.48 -18.17 -29.20
C ILE A 709 0.14 -17.71 -29.77
N THR A 710 -0.70 -17.07 -28.95
CA THR A 710 -1.93 -16.49 -29.46
C THR A 710 -2.13 -15.13 -28.83
N PRO A 711 -2.57 -14.12 -29.61
CA PRO A 711 -2.93 -12.82 -29.05
C PRO A 711 -4.36 -12.74 -28.54
N ARG A 712 -5.09 -13.85 -28.53
CA ARG A 712 -6.51 -13.79 -28.29
C ARG A 712 -6.75 -13.41 -26.84
N GLY A 713 -7.62 -12.39 -26.63
CA GLY A 713 -8.08 -12.00 -25.32
C GLY A 713 -7.25 -10.85 -24.71
N ASP A 714 -6.08 -10.60 -25.28
CA ASP A 714 -5.14 -9.61 -24.78
C ASP A 714 -5.76 -8.21 -24.76
N ALA A 715 -6.41 -7.82 -25.86
CA ALA A 715 -6.89 -6.46 -25.99
C ALA A 715 -8.01 -6.19 -25.00
N ALA A 716 -8.84 -7.20 -24.75
CA ALA A 716 -9.90 -7.09 -23.78
C ALA A 716 -9.31 -6.91 -22.39
N ARG A 717 -8.26 -7.67 -22.09
CA ARG A 717 -7.65 -7.63 -20.77
C ARG A 717 -7.05 -6.26 -20.51
N MET A 718 -6.49 -5.64 -21.53
CA MET A 718 -5.96 -4.29 -21.43
C MET A 718 -7.09 -3.29 -21.18
N MET A 719 -8.25 -3.42 -21.85
CA MET A 719 -9.32 -2.48 -21.59
C MET A 719 -9.88 -2.67 -20.20
N ASP A 720 -9.97 -3.91 -19.74
CA ASP A 720 -10.47 -4.15 -18.41
C ASP A 720 -9.56 -3.48 -17.39
N LYS A 721 -8.27 -3.41 -17.69
CA LYS A 721 -7.30 -2.82 -16.79
C LYS A 721 -7.50 -1.31 -16.77
N ILE A 722 -7.50 -0.70 -17.95
CA ILE A 722 -7.74 0.72 -18.10
C ILE A 722 -9.04 1.12 -17.43
N GLN A 723 -10.10 0.35 -17.57
CA GLN A 723 -11.33 0.68 -16.89
C GLN A 723 -11.14 0.68 -15.38
N GLU A 724 -10.36 -0.26 -14.83
CA GLU A 724 -10.27 -0.38 -13.38
C GLU A 724 -9.52 0.80 -12.78
N LEU A 725 -8.54 1.32 -13.50
CA LEU A 725 -7.69 2.38 -12.99
C LEU A 725 -8.37 3.73 -12.99
N GLY A 726 -9.55 3.83 -13.58
CA GLY A 726 -10.31 5.06 -13.47
C GLY A 726 -11.56 4.87 -12.61
N THR A 727 -11.81 3.67 -12.07
CA THR A 727 -12.92 3.59 -11.15
C THR A 727 -12.37 3.84 -9.76
N PRO A 728 -13.19 4.46 -8.89
CA PRO A 728 -12.98 4.46 -7.46
C PRO A 728 -12.76 3.09 -6.82
N ILE A 729 -11.79 3.03 -5.93
CA ILE A 729 -11.49 1.83 -5.17
C ILE A 729 -12.65 1.57 -4.21
N ASN A 730 -13.12 2.64 -3.57
CA ASN A 730 -14.26 2.62 -2.66
C ASN A 730 -15.47 3.21 -3.36
N GLU A 731 -16.66 2.72 -3.00
CA GLU A 731 -17.90 2.92 -3.75
C GLU A 731 -18.27 4.38 -4.03
N ARG A 732 -18.23 5.27 -3.05
CA ARG A 732 -18.79 6.62 -3.20
C ARG A 732 -20.31 6.52 -3.25
N SER A 733 -20.89 6.00 -2.16
CA SER A 733 -22.27 5.56 -2.10
C SER A 733 -23.24 6.72 -1.91
N ILE A 734 -22.76 7.88 -1.47
CA ILE A 734 -23.59 9.07 -1.45
C ILE A 734 -22.89 10.15 -2.26
N PRO A 735 -23.11 10.21 -3.57
CA PRO A 735 -22.30 11.07 -4.42
C PRO A 735 -22.24 12.54 -4.06
N GLU A 736 -23.23 13.03 -3.33
CA GLU A 736 -23.29 14.44 -2.99
C GLU A 736 -22.17 14.85 -2.05
N MET A 737 -21.87 13.98 -1.07
CA MET A 737 -20.77 14.21 -0.15
C MET A 737 -19.48 14.54 -0.88
N TYR A 738 -19.19 13.83 -1.97
CA TYR A 738 -17.91 13.93 -2.62
C TYR A 738 -17.88 15.13 -3.56
N VAL A 739 -19.04 15.63 -3.94
CA VAL A 739 -19.11 16.93 -4.60
C VAL A 739 -19.04 17.96 -3.48
N ASN A 740 -18.59 19.18 -3.72
CA ASN A 740 -18.61 20.14 -2.61
C ASN A 740 -17.64 19.72 -1.52
N GLN A 741 -16.47 19.28 -1.94
CA GLN A 741 -15.30 19.10 -1.12
C GLN A 741 -14.25 20.03 -1.68
N GLY A 742 -13.49 20.73 -0.83
CA GLY A 742 -12.51 21.67 -1.33
C GLY A 742 -12.91 23.12 -1.09
N VAL A 743 -12.17 24.02 -1.73
CA VAL A 743 -12.56 25.40 -1.81
C VAL A 743 -13.97 25.47 -2.36
N PRO A 744 -14.92 26.18 -1.70
CA PRO A 744 -16.30 26.26 -2.18
C PRO A 744 -16.47 26.97 -3.53
N ALA A 745 -17.59 26.64 -4.19
CA ALA A 745 -17.76 26.99 -5.60
C ALA A 745 -17.90 28.49 -5.77
N LEU A 746 -18.47 29.12 -4.74
CA LEU A 746 -18.57 30.57 -4.64
C LEU A 746 -17.32 31.24 -5.18
N LYS A 747 -16.14 30.79 -4.78
CA LYS A 747 -14.95 31.45 -5.26
C LYS A 747 -14.92 31.54 -6.79
N ARG A 748 -15.39 30.50 -7.50
CA ARG A 748 -15.28 30.44 -8.94
C ARG A 748 -16.47 31.13 -9.61
N GLN A 749 -17.65 31.02 -8.98
CA GLN A 749 -18.91 31.54 -9.50
C GLN A 749 -18.85 33.07 -9.69
N ARG A 750 -18.70 33.84 -8.61
CA ARG A 750 -18.54 35.30 -8.64
C ARG A 750 -18.04 35.85 -9.98
N LYS A 751 -18.40 37.10 -10.28
CA LYS A 751 -17.91 37.84 -11.45
C LYS A 751 -17.07 39.06 -11.06
N VAL A 752 -16.07 39.43 -11.88
CA VAL A 752 -15.24 40.62 -11.69
C VAL A 752 -15.83 41.76 -12.50
N PHE A 753 -15.71 42.99 -11.97
CA PHE A 753 -16.19 44.18 -12.67
C PHE A 753 -15.09 45.21 -12.85
N LYS A 754 -14.96 45.77 -14.06
CA LYS A 754 -13.97 46.78 -14.36
C LYS A 754 -14.58 47.94 -15.13
N GLN A 755 -13.90 49.09 -15.12
CA GLN A 755 -14.30 50.26 -15.86
C GLN A 755 -14.13 50.05 -17.37
N SER A 756 -13.19 49.19 -17.77
CA SER A 756 -12.98 48.91 -19.18
C SER A 756 -14.20 48.23 -19.79
N GLN A 757 -14.90 47.43 -18.99
CA GLN A 757 -16.18 46.83 -19.39
C GLN A 757 -17.33 47.84 -19.33
N ALA A 758 -17.13 48.96 -18.63
CA ALA A 758 -18.19 49.94 -18.35
C ALA A 758 -18.69 50.68 -19.60
N THR A 759 -18.05 50.49 -20.75
CA THR A 759 -18.31 51.36 -21.89
C THR A 759 -19.65 51.00 -22.55
N ASP A 760 -20.72 51.12 -21.77
CA ASP A 760 -22.08 50.79 -22.18
C ASP A 760 -22.92 51.29 -21.00
N ARG A 761 -24.21 51.58 -21.22
CA ARG A 761 -25.03 52.10 -20.13
C ARG A 761 -25.39 51.01 -19.13
N GLU A 762 -25.45 49.75 -19.56
CA GLU A 762 -25.92 48.71 -18.65
C GLU A 762 -24.74 48.22 -17.84
N SER A 763 -23.61 47.99 -18.53
CA SER A 763 -22.38 47.66 -17.87
C SER A 763 -22.14 48.63 -16.70
N PHE A 764 -22.19 49.93 -16.97
CA PHE A 764 -21.94 50.92 -15.93
C PHE A 764 -22.88 50.68 -14.75
N ASP A 765 -24.15 50.36 -14.99
CA ASP A 765 -25.09 50.16 -13.90
C ASP A 765 -24.72 48.94 -13.07
N ALA A 766 -24.19 47.91 -13.73
CA ALA A 766 -23.73 46.71 -13.03
C ALA A 766 -22.51 47.04 -12.19
N LEU A 767 -21.54 47.73 -12.78
CA LEU A 767 -20.39 48.18 -12.02
C LEU A 767 -20.86 48.77 -10.70
N VAL A 768 -21.73 49.77 -10.79
CA VAL A 768 -22.09 50.56 -9.62
C VAL A 768 -22.77 49.66 -8.61
N THR A 769 -23.64 48.78 -9.07
CA THR A 769 -24.32 47.92 -8.11
C THR A 769 -23.28 47.09 -7.38
N ALA A 770 -22.31 46.56 -8.14
CA ALA A 770 -21.26 45.72 -7.59
C ALA A 770 -20.47 46.48 -6.53
N ALA A 771 -20.06 47.70 -6.84
CA ALA A 771 -19.33 48.50 -5.88
C ALA A 771 -20.17 48.67 -4.62
N TYR A 772 -21.46 48.93 -4.76
CA TYR A 772 -22.26 49.13 -3.57
C TYR A 772 -22.21 47.85 -2.76
N VAL A 773 -22.23 46.71 -3.44
CA VAL A 773 -22.34 45.47 -2.72
C VAL A 773 -21.01 45.10 -2.06
N GLN A 774 -19.90 45.47 -2.67
CA GLN A 774 -18.62 45.20 -2.06
C GLN A 774 -18.48 46.03 -0.80
N VAL A 775 -18.67 47.34 -0.94
CA VAL A 775 -18.34 48.27 0.12
C VAL A 775 -19.33 48.17 1.27
N PHE A 776 -20.62 48.35 1.01
CA PHE A 776 -21.59 48.13 2.06
C PHE A 776 -21.73 46.64 1.97
N ASP A 777 -22.56 45.99 2.78
CA ASP A 777 -22.79 44.60 2.41
C ASP A 777 -23.97 44.57 1.46
N LYS A 778 -24.19 43.40 0.87
CA LYS A 778 -25.39 43.09 0.09
C LYS A 778 -26.68 43.68 0.65
N ASP A 779 -26.95 43.46 1.94
CA ASP A 779 -28.19 43.85 2.57
C ASP A 779 -28.38 45.36 2.60
N ILE A 780 -27.37 46.07 3.08
CA ILE A 780 -27.42 47.51 3.11
C ILE A 780 -27.44 48.07 1.70
N ALA A 781 -26.81 47.38 0.74
CA ALA A 781 -26.71 47.95 -0.59
C ALA A 781 -28.07 47.97 -1.25
N SER A 782 -28.96 47.07 -0.82
CA SER A 782 -30.29 47.02 -1.39
C SER A 782 -31.03 48.32 -1.11
N TYR A 783 -30.90 48.83 0.12
CA TYR A 783 -31.64 50.01 0.55
C TYR A 783 -31.22 51.25 -0.22
N ILE A 784 -30.03 51.27 -0.80
CA ILE A 784 -29.54 52.49 -1.44
C ILE A 784 -30.40 52.80 -2.65
N ARG A 785 -30.98 54.02 -2.67
CA ARG A 785 -31.71 54.50 -3.82
C ARG A 785 -30.85 55.47 -4.61
N SER A 786 -30.31 56.52 -3.99
CA SER A 786 -29.64 57.57 -4.77
C SER A 786 -28.86 58.62 -3.97
N GLU A 787 -28.70 58.44 -2.67
CA GLU A 787 -27.65 59.11 -1.90
C GLU A 787 -26.39 59.40 -2.72
N PHE A 788 -25.91 58.49 -3.58
CA PHE A 788 -24.58 58.69 -4.16
C PHE A 788 -24.68 59.12 -5.61
N SER A 789 -25.84 59.63 -6.02
CA SER A 789 -26.13 59.88 -7.42
C SER A 789 -25.11 60.82 -8.06
N ALA A 790 -24.62 61.76 -7.26
CA ALA A 790 -23.65 62.74 -7.71
C ALA A 790 -22.30 62.08 -7.94
N LEU A 791 -21.99 61.07 -7.12
CA LEU A 791 -20.74 60.34 -7.24
C LEU A 791 -20.81 59.52 -8.52
N GLU A 792 -21.96 58.88 -8.73
CA GLU A 792 -22.17 58.04 -9.89
C GLU A 792 -21.93 58.86 -11.15
N SER A 793 -22.43 60.10 -11.16
CA SER A 793 -22.34 60.90 -12.37
C SER A 793 -20.89 61.20 -12.71
N ARG A 794 -20.08 61.51 -11.71
CA ARG A 794 -18.68 61.78 -11.94
C ARG A 794 -17.96 60.56 -12.52
N LEU A 795 -18.35 59.36 -12.08
CA LEU A 795 -17.78 58.14 -12.60
C LEU A 795 -18.25 57.95 -14.04
N ARG A 796 -19.56 58.12 -14.26
CA ARG A 796 -20.15 57.95 -15.58
C ARG A 796 -19.40 58.85 -16.57
N ASN A 797 -19.01 60.04 -16.09
CA ASN A 797 -18.37 61.06 -16.89
C ASN A 797 -16.91 60.70 -17.18
N ARG A 798 -16.33 59.83 -16.37
CA ARG A 798 -14.96 59.36 -16.53
C ARG A 798 -14.01 60.46 -16.08
N GLU A 799 -14.45 61.23 -15.07
CA GLU A 799 -13.59 62.23 -14.45
C GLU A 799 -13.03 61.69 -13.13
N THR A 800 -13.69 60.71 -12.50
CA THR A 800 -13.10 59.99 -11.38
C THR A 800 -12.87 58.53 -11.79
N SER A 801 -11.92 57.88 -11.11
CA SER A 801 -11.65 56.46 -11.27
C SER A 801 -12.58 55.65 -10.36
N VAL A 802 -12.55 54.33 -10.53
CA VAL A 802 -13.33 53.43 -9.70
C VAL A 802 -12.76 53.43 -8.29
N LYS A 803 -11.43 53.59 -8.19
CA LYS A 803 -10.81 53.55 -6.88
C LYS A 803 -11.35 54.71 -6.06
N GLU A 804 -11.38 55.89 -6.70
CA GLU A 804 -11.84 57.12 -6.07
C GLU A 804 -13.29 57.00 -5.64
N PHE A 805 -14.11 56.38 -6.47
CA PHE A 805 -15.50 56.13 -6.16
C PHE A 805 -15.64 55.25 -4.92
N VAL A 806 -14.75 54.27 -4.79
CA VAL A 806 -14.76 53.36 -3.65
C VAL A 806 -14.29 54.10 -2.40
N ARG A 807 -13.29 54.98 -2.55
CA ARG A 807 -12.83 55.79 -1.44
C ARG A 807 -14.04 56.54 -0.88
N LEU A 808 -14.77 57.22 -1.75
CA LEU A 808 -15.83 58.12 -1.32
C LEU A 808 -17.00 57.37 -0.73
N LEU A 809 -17.31 56.18 -1.22
CA LEU A 809 -18.30 55.35 -0.55
C LEU A 809 -17.85 55.07 0.88
N GLY A 810 -16.55 54.90 1.06
CA GLY A 810 -16.01 54.62 2.37
C GLY A 810 -16.09 55.83 3.28
N PHE A 811 -15.82 57.02 2.73
CA PHE A 811 -15.88 58.27 3.46
C PHE A 811 -17.30 58.81 3.58
N SER A 812 -18.27 57.96 3.87
CA SER A 812 -19.65 58.36 3.72
C SER A 812 -20.37 58.11 5.04
N ALA A 813 -21.44 58.89 5.26
CA ALA A 813 -22.18 58.78 6.49
C ALA A 813 -22.79 57.41 6.63
N LEU A 814 -23.11 56.80 5.49
CA LEU A 814 -23.81 55.53 5.49
C LEU A 814 -22.84 54.44 5.96
N TYR A 815 -21.61 54.49 5.45
CA TYR A 815 -20.60 53.53 5.85
C TYR A 815 -20.47 53.67 7.36
N ARG A 816 -20.19 54.91 7.78
CA ARG A 816 -19.90 55.18 9.16
C ARG A 816 -21.06 54.71 10.01
N LYS A 817 -22.28 55.00 9.59
CA LYS A 817 -23.39 54.61 10.41
C LYS A 817 -23.49 53.10 10.50
N GLN A 818 -23.19 52.38 9.41
CA GLN A 818 -23.42 50.95 9.35
C GLN A 818 -22.25 50.11 9.88
N PHE A 819 -21.00 50.56 9.77
CA PHE A 819 -19.90 49.81 10.35
C PHE A 819 -19.36 50.54 11.58
N HIS A 820 -18.66 51.66 11.42
CA HIS A 820 -18.05 52.35 12.55
C HIS A 820 -18.92 52.40 13.82
N ASP A 821 -20.11 52.99 13.77
CA ASP A 821 -20.75 53.54 14.95
C ASP A 821 -21.17 52.53 16.03
N ARG A 822 -21.50 51.28 15.70
CA ARG A 822 -21.99 50.37 16.72
C ARG A 822 -20.98 49.26 17.04
N TYR A 823 -19.74 49.43 16.62
CA TYR A 823 -18.73 48.40 16.77
C TYR A 823 -17.51 49.02 17.43
N PRO A 824 -16.82 48.28 18.33
CA PRO A 824 -15.49 48.67 18.79
C PRO A 824 -14.45 48.77 17.69
N ASN A 825 -13.47 49.61 17.92
CA ASN A 825 -12.49 49.94 16.91
C ASN A 825 -11.79 48.73 16.28
N THR A 826 -11.63 47.61 16.98
CA THR A 826 -11.02 46.44 16.36
C THR A 826 -11.95 45.88 15.28
N LYS A 827 -13.21 45.65 15.65
CA LYS A 827 -14.18 45.15 14.69
C LYS A 827 -14.32 46.10 13.50
N VAL A 828 -13.97 47.37 13.68
CA VAL A 828 -14.07 48.33 12.60
C VAL A 828 -12.97 48.07 11.60
N VAL A 829 -11.81 47.65 12.09
CA VAL A 829 -10.71 47.35 11.20
C VAL A 829 -10.99 46.07 10.44
N GLU A 830 -11.51 45.04 11.11
CA GLU A 830 -12.01 43.91 10.39
C GLU A 830 -12.83 44.39 9.22
N PHE A 831 -13.99 44.98 9.47
CA PHE A 831 -14.92 45.27 8.40
C PHE A 831 -14.21 46.04 7.29
N ALA A 832 -13.26 46.89 7.62
CA ALA A 832 -12.66 47.69 6.58
C ALA A 832 -11.83 46.82 5.67
N PHE A 833 -11.16 45.84 6.27
CA PHE A 833 -10.36 44.91 5.50
C PHE A 833 -11.26 44.09 4.59
N LYS A 834 -12.34 43.57 5.17
CA LYS A 834 -13.29 42.81 4.38
C LYS A 834 -13.80 43.63 3.21
N HIS A 835 -14.19 44.88 3.43
CA HIS A 835 -14.84 45.64 2.41
C HIS A 835 -13.88 46.24 1.40
N PHE A 836 -12.66 46.60 1.77
CA PHE A 836 -11.85 47.32 0.82
C PHE A 836 -10.75 46.45 0.23
N LEU A 837 -10.47 45.29 0.82
CA LEU A 837 -9.47 44.38 0.27
C LEU A 837 -10.00 42.97 0.09
N GLY A 838 -11.06 42.58 0.78
CA GLY A 838 -11.63 41.29 0.49
C GLY A 838 -11.02 40.17 1.32
N ARG A 839 -10.49 40.53 2.47
CA ARG A 839 -9.66 39.62 3.23
C ARG A 839 -9.94 39.84 4.70
N ALA A 840 -9.43 39.00 5.58
CA ALA A 840 -9.34 39.35 6.99
C ALA A 840 -7.97 39.95 7.27
N VAL A 841 -7.66 40.26 8.54
CA VAL A 841 -6.39 40.85 8.92
C VAL A 841 -5.34 39.74 9.01
N LYS A 842 -4.21 39.88 8.32
CA LYS A 842 -3.35 38.73 8.11
C LYS A 842 -2.53 38.46 9.37
N ASN A 843 -2.05 39.49 10.06
CA ASN A 843 -1.14 39.27 11.17
C ASN A 843 -1.26 40.41 12.19
N GLN A 844 -0.68 40.21 13.39
CA GLN A 844 -0.79 41.17 14.49
C GLN A 844 -0.07 42.47 14.17
N ALA A 845 0.94 42.44 13.33
CA ALA A 845 1.63 43.66 12.98
C ALA A 845 0.74 44.56 12.14
N GLU A 846 -0.10 43.94 11.33
CA GLU A 846 -0.99 44.65 10.45
C GLU A 846 -2.15 45.21 11.27
N LEU A 847 -2.60 44.44 12.26
CA LEU A 847 -3.66 44.88 13.15
C LEU A 847 -3.23 46.12 13.90
N ILE A 848 -1.98 46.12 14.33
CA ILE A 848 -1.40 47.24 15.05
C ILE A 848 -1.36 48.47 14.17
N LYS A 849 -0.89 48.34 12.94
CA LYS A 849 -0.66 49.52 12.13
C LYS A 849 -1.96 50.23 11.81
N TYR A 850 -3.01 49.47 11.56
CA TYR A 850 -4.24 50.03 11.04
C TYR A 850 -5.11 50.47 12.20
N HIS A 851 -5.21 49.62 13.21
CA HIS A 851 -5.95 49.95 14.41
C HIS A 851 -5.34 51.17 15.08
N GLY A 852 -4.02 51.26 14.96
CA GLY A 852 -3.32 52.41 15.48
C GLY A 852 -3.84 53.67 14.81
N LEU A 853 -3.79 53.68 13.49
CA LEU A 853 -4.15 54.84 12.71
C LEU A 853 -5.62 55.20 12.85
N LEU A 854 -6.47 54.24 13.22
CA LEU A 854 -7.89 54.48 13.39
C LEU A 854 -8.11 55.25 14.69
N GLY A 855 -7.41 54.86 15.75
CA GLY A 855 -7.20 55.77 16.85
C GLY A 855 -6.35 56.94 16.34
N ARG A 856 -6.40 58.09 16.98
CA ARG A 856 -5.50 59.15 16.58
C ARG A 856 -5.77 59.65 15.16
N LYS A 857 -6.80 59.15 14.50
CA LYS A 857 -7.28 59.79 13.29
C LYS A 857 -8.68 59.30 13.02
N GLY A 858 -9.28 59.82 11.95
CA GLY A 858 -10.62 59.36 11.64
C GLY A 858 -10.66 57.90 11.20
N ILE A 859 -11.88 57.39 11.13
CA ILE A 859 -12.21 56.36 10.17
C ILE A 859 -11.83 56.81 8.77
N LYS A 860 -12.00 58.08 8.42
CA LYS A 860 -11.65 58.52 7.08
C LYS A 860 -10.16 58.30 6.80
N ALA A 861 -9.31 58.24 7.82
CA ALA A 861 -7.90 57.97 7.59
C ALA A 861 -7.64 56.50 7.28
N LEU A 862 -8.25 55.63 8.07
CA LEU A 862 -8.17 54.21 7.83
C LEU A 862 -8.55 53.90 6.40
N ILE A 863 -9.78 54.22 6.03
CA ILE A 863 -10.24 53.94 4.69
C ILE A 863 -9.23 54.47 3.68
N GLY A 864 -8.72 55.67 3.89
CA GLY A 864 -7.84 56.26 2.91
C GLY A 864 -6.50 55.52 2.77
N ALA A 865 -6.06 54.90 3.88
CA ALA A 865 -4.77 54.22 3.91
C ALA A 865 -4.83 52.91 3.15
N LEU A 866 -5.93 52.18 3.32
CA LEU A 866 -6.10 50.93 2.63
C LEU A 866 -6.09 51.16 1.13
N VAL A 867 -6.89 52.09 0.65
CA VAL A 867 -7.03 52.27 -0.78
C VAL A 867 -5.76 52.83 -1.38
N ASP A 868 -4.94 53.48 -0.56
CA ASP A 868 -3.70 54.05 -1.06
C ASP A 868 -2.57 53.02 -1.00
N GLY A 869 -2.71 52.03 -0.13
CA GLY A 869 -1.66 51.05 0.10
C GLY A 869 -1.36 50.21 -1.14
N GLU A 870 -0.30 49.40 -1.04
CA GLU A 870 0.18 48.64 -2.19
C GLU A 870 -0.70 47.43 -2.47
N GLU A 871 -1.20 46.77 -1.43
CA GLU A 871 -2.02 45.60 -1.68
C GLU A 871 -3.16 46.02 -2.60
N TYR A 872 -3.90 47.07 -2.22
CA TYR A 872 -5.04 47.52 -3.01
C TYR A 872 -4.56 47.80 -4.43
N GLY A 873 -3.41 48.46 -4.54
CA GLY A 873 -2.90 48.85 -5.83
C GLY A 873 -2.49 47.66 -6.68
N ARG A 874 -1.79 46.69 -6.07
CA ARG A 874 -1.36 45.53 -6.83
C ARG A 874 -2.58 44.85 -7.44
N LEU A 875 -3.60 44.59 -6.63
CA LEU A 875 -4.56 43.62 -7.10
C LEU A 875 -5.83 44.25 -7.67
N TYR A 876 -6.32 45.34 -7.11
CA TYR A 876 -7.55 45.92 -7.61
C TYR A 876 -7.24 46.98 -8.64
N GLY A 877 -6.07 47.60 -8.58
CA GLY A 877 -5.70 48.64 -9.52
C GLY A 877 -6.58 49.89 -9.37
N GLU A 878 -6.67 50.71 -10.44
CA GLU A 878 -7.52 51.88 -10.45
C GLU A 878 -8.94 51.61 -10.96
N ASP A 879 -9.16 50.58 -11.79
CA ASP A 879 -10.46 50.46 -12.46
C ASP A 879 -11.27 49.24 -12.02
N THR A 880 -10.77 48.42 -11.11
CA THR A 880 -11.49 47.20 -10.76
C THR A 880 -12.16 47.37 -9.41
N VAL A 881 -13.38 46.88 -9.28
CA VAL A 881 -14.03 46.92 -7.99
C VAL A 881 -13.41 45.83 -7.14
N PRO A 882 -13.05 46.07 -5.88
CA PRO A 882 -12.56 45.00 -5.02
C PRO A 882 -13.53 43.82 -4.98
N SER A 883 -12.99 42.66 -4.61
CA SER A 883 -13.78 41.44 -4.54
C SER A 883 -13.20 40.61 -3.41
N TRP A 884 -13.93 39.60 -2.95
CA TRP A 884 -13.39 38.70 -1.97
C TRP A 884 -12.19 37.94 -2.53
N GLN A 885 -11.07 38.04 -1.81
CA GLN A 885 -9.81 37.45 -2.23
C GLN A 885 -9.79 35.94 -2.06
N PHE A 886 -10.43 35.40 -1.03
CA PHE A 886 -10.28 33.99 -0.68
C PHE A 886 -8.82 33.59 -0.67
N PRO A 887 -7.96 34.16 0.19
CA PRO A 887 -6.52 33.97 -0.01
C PRO A 887 -6.11 32.66 0.64
N THR A 888 -5.36 31.89 -0.11
CA THR A 888 -4.33 31.05 0.46
C THR A 888 -3.20 32.01 0.71
N LEU A 889 -2.48 31.80 1.80
CA LEU A 889 -1.10 32.22 1.86
C LEU A 889 -0.74 32.42 3.31
N PRO A 890 -1.02 33.57 3.96
CA PRO A 890 -0.31 33.83 5.20
C PRO A 890 -0.50 32.69 6.19
N ALA A 891 -1.69 32.38 6.65
CA ALA A 891 -1.81 31.16 7.43
C ALA A 891 -3.22 31.03 7.91
N ALA A 892 -3.54 31.71 8.99
CA ALA A 892 -4.93 31.58 9.33
C ALA A 892 -5.77 32.36 8.32
N ASN A 893 -5.18 33.04 7.34
CA ASN A 893 -5.94 33.99 6.54
C ASN A 893 -7.13 33.33 5.85
N TYR A 894 -6.93 32.24 5.14
CA TYR A 894 -8.03 31.57 4.47
C TYR A 894 -9.18 31.26 5.43
N PRO A 895 -9.02 30.54 6.54
CA PRO A 895 -10.17 30.22 7.39
C PRO A 895 -10.85 31.44 7.97
N ASN A 896 -10.07 32.49 8.22
CA ASN A 896 -10.58 33.66 8.90
C ASN A 896 -11.40 34.46 7.92
N SER A 897 -10.83 34.74 6.76
CA SER A 897 -11.58 35.38 5.70
C SER A 897 -12.89 34.67 5.41
N VAL A 898 -12.92 33.36 5.39
CA VAL A 898 -14.10 32.67 4.94
C VAL A 898 -15.18 32.73 6.00
N GLU A 899 -14.81 32.77 7.27
CA GLU A 899 -15.78 33.04 8.32
C GLU A 899 -16.38 34.44 8.14
N LEU A 900 -15.56 35.43 7.83
CA LEU A 900 -16.06 36.76 7.53
C LEU A 900 -17.03 36.76 6.36
N TYR A 901 -16.67 36.14 5.24
CA TYR A 901 -17.53 36.12 4.07
C TYR A 901 -18.83 35.37 4.33
N ASN A 902 -18.84 34.41 5.23
CA ASN A 902 -20.06 33.63 5.38
C ASN A 902 -21.08 34.36 6.24
N ARG A 903 -20.67 35.34 7.03
CA ARG A 903 -21.62 35.94 7.95
C ARG A 903 -22.50 36.92 7.20
N PHE A 904 -23.81 36.85 7.46
CA PHE A 904 -24.72 37.86 6.97
C PHE A 904 -24.55 39.11 7.80
N THR A 905 -24.96 40.25 7.24
CA THR A 905 -24.98 41.50 7.99
C THR A 905 -25.75 41.31 9.29
N ARG A 906 -25.15 41.72 10.40
CA ARG A 906 -25.72 41.64 11.72
C ARG A 906 -25.83 40.22 12.26
N GLN A 907 -25.34 39.20 11.55
CA GLN A 907 -25.53 37.82 11.99
C GLN A 907 -24.71 37.50 13.23
N ASP A 908 -23.42 37.85 13.18
CA ASP A 908 -22.52 37.81 14.33
C ASP A 908 -21.63 39.03 14.27
N ASP A 909 -21.52 39.73 15.40
CA ASP A 909 -20.78 40.96 15.48
C ASP A 909 -19.40 40.68 16.07
N SER A 910 -19.22 39.45 16.55
CA SER A 910 -18.02 39.05 17.29
C SER A 910 -16.78 39.10 16.41
N LEU A 911 -15.62 39.39 17.00
CA LEU A 911 -14.39 39.47 16.23
C LEU A 911 -14.01 38.08 15.74
N VAL A 912 -13.65 37.98 14.46
CA VAL A 912 -13.13 36.73 13.95
C VAL A 912 -11.73 36.62 14.51
N VAL A 913 -10.99 37.73 14.47
CA VAL A 913 -9.70 37.75 15.11
C VAL A 913 -9.58 38.89 16.13
N PRO A 914 -9.76 38.61 17.45
CA PRO A 914 -9.65 39.65 18.46
C PRO A 914 -8.28 40.29 18.31
N SER A 915 -7.29 39.41 18.31
CA SER A 915 -5.92 39.72 17.97
C SER A 915 -5.21 38.39 17.92
N PHE A 916 -4.01 38.36 17.34
CA PHE A 916 -3.27 37.11 17.21
C PHE A 916 -2.55 36.79 18.50
N LYS A 917 -2.87 35.63 19.10
CA LYS A 917 -2.20 35.27 20.35
C LYS A 917 -0.78 34.83 20.08
N PRO A 918 0.19 35.32 20.88
CA PRO A 918 1.61 35.03 20.66
C PRO A 918 1.90 33.61 21.13
N ILE A 919 2.92 32.97 20.54
CA ILE A 919 3.10 31.53 20.73
C ILE A 919 4.38 31.26 21.53
N ARG A 920 4.25 30.33 22.50
CA ARG A 920 5.35 29.92 23.36
C ARG A 920 6.35 29.08 22.55
N SER A 921 7.50 28.77 23.16
CA SER A 921 8.51 27.95 22.51
C SER A 921 8.40 26.51 23.02
N LYS A 922 8.24 25.56 22.08
CA LYS A 922 8.15 24.16 22.43
C LYS A 922 9.55 23.61 22.73
N MET A 923 10.53 23.98 21.89
CA MET A 923 11.87 23.43 21.98
C MET A 923 12.89 24.54 22.20
N ASP A 924 13.86 24.28 23.10
CA ASP A 924 14.99 25.18 23.35
C ASP A 924 16.05 24.98 22.26
N ILE A 925 16.89 26.01 22.10
CA ILE A 925 17.96 26.06 21.10
C ILE A 925 18.93 24.90 21.30
N ALA A 926 19.23 24.56 22.56
CA ALA A 926 20.21 23.54 22.92
C ALA A 926 19.73 22.12 22.63
N SER A 927 18.41 21.90 22.62
CA SER A 927 17.86 20.58 22.29
C SER A 927 18.10 20.21 20.82
N MET A 928 18.20 21.20 19.93
CA MET A 928 18.37 20.90 18.52
C MET A 928 19.72 20.23 18.33
N PRO A 929 19.80 19.17 17.50
CA PRO A 929 21.02 18.36 17.36
C PRO A 929 22.35 19.03 17.05
N LEU A 930 22.35 19.98 16.12
CA LEU A 930 23.59 20.60 15.70
C LEU A 930 24.18 21.45 16.80
N VAL A 931 23.32 22.21 17.48
CA VAL A 931 23.77 23.01 18.59
C VAL A 931 24.22 22.05 19.68
N GLN A 932 23.38 21.08 20.02
CA GLN A 932 23.72 20.18 21.11
C GLN A 932 25.12 19.62 20.94
N ALA A 933 25.42 19.13 19.74
CA ALA A 933 26.74 18.61 19.40
C ALA A 933 27.83 19.66 19.64
N ALA A 934 27.65 20.87 19.12
CA ALA A 934 28.67 21.89 19.23
C ALA A 934 28.93 22.25 20.69
N LEU A 935 27.91 22.10 21.55
CA LEU A 935 28.09 22.40 22.96
C LEU A 935 28.97 21.34 23.58
N LYS A 936 28.74 20.06 23.26
CA LYS A 936 29.56 18.98 23.78
C LYS A 936 31.02 19.21 23.40
N GLU A 937 31.26 19.58 22.15
CA GLU A 937 32.60 19.78 21.66
C GLU A 937 33.33 20.89 22.41
N GLN A 938 32.64 21.98 22.77
CA GLN A 938 33.29 23.06 23.50
C GLN A 938 33.39 22.66 24.97
N GLN A 939 32.31 22.08 25.51
CA GLN A 939 32.24 21.74 26.92
C GLN A 939 33.21 20.60 27.21
N ALA A 940 32.92 19.41 26.70
CA ALA A 940 33.92 18.35 26.75
C ALA A 940 35.15 18.81 25.96
N THR A 941 36.33 18.59 26.53
CA THR A 941 37.56 19.08 25.90
C THR A 941 37.42 20.60 25.70
N LYS A 942 36.99 21.28 26.77
CA LYS A 942 37.15 22.72 26.91
C LYS A 942 38.59 22.98 27.35
N THR A 943 39.08 22.13 28.27
CA THR A 943 40.43 22.19 28.81
C THR A 943 41.25 21.07 28.20
N ALA A 944 42.33 21.44 27.54
CA ALA A 944 43.25 20.48 26.94
C ALA A 944 44.63 21.14 26.87
N LEU A 945 45.21 21.22 25.67
CA LEU A 945 46.47 21.90 25.50
C LEU A 945 46.29 22.98 24.43
N ASP A 946 46.79 24.17 24.73
CA ASP A 946 46.65 25.32 23.83
C ASP A 946 47.91 25.41 22.97
N MET A 947 47.69 25.51 21.65
CA MET A 947 48.78 25.75 20.70
C MET A 947 49.06 27.24 20.61
N SER A 948 50.31 27.58 20.29
CA SER A 948 50.79 28.95 20.27
C SER A 948 51.00 29.45 21.70
N ARG A 949 50.83 28.54 22.67
CA ARG A 949 51.14 28.84 24.05
C ARG A 949 52.39 28.04 24.41
N PRO A 950 53.46 28.70 24.92
CA PRO A 950 54.65 27.99 25.36
C PRO A 950 54.29 26.96 26.42
N MET A 951 54.92 25.79 26.32
CA MET A 951 54.51 24.65 27.12
C MET A 951 54.62 24.98 28.61
N PHE A 952 55.65 25.74 29.00
CA PHE A 952 55.91 26.00 30.40
C PHE A 952 54.74 26.78 31.00
N LEU A 953 54.14 27.67 30.20
CA LEU A 953 52.96 28.41 30.61
C LEU A 953 51.74 27.51 30.66
N GLU A 954 51.70 26.51 29.78
CA GLU A 954 50.56 25.61 29.70
C GLU A 954 50.55 24.61 30.85
N LEU A 955 51.74 24.18 31.30
CA LEU A 955 51.83 23.21 32.36
C LEU A 955 51.42 23.86 33.68
N GLY A 956 51.74 25.16 33.81
CA GLY A 956 51.39 25.96 34.98
C GLY A 956 49.91 26.34 35.01
N ARG A 957 49.21 26.27 33.88
CA ARG A 957 47.82 26.71 33.83
C ARG A 957 46.97 25.74 34.66
N SER A 958 45.94 26.29 35.32
CA SER A 958 45.01 25.52 36.14
C SER A 958 43.70 25.28 35.38
N PHE A 959 43.10 24.11 35.60
CA PHE A 959 41.91 23.69 34.86
C PHE A 959 40.65 24.01 35.66
N LYS A 960 40.59 23.54 36.91
CA LYS A 960 39.40 23.73 37.73
C LYS A 960 39.19 25.21 38.07
N GLY A 961 40.31 25.93 38.28
CA GLY A 961 40.26 27.34 38.66
C GLY A 961 39.73 27.53 40.08
N ALA A 962 38.55 28.17 40.18
CA ALA A 962 37.86 28.32 41.46
C ALA A 962 37.19 27.01 41.83
N ASP A 963 36.84 26.86 43.12
CA ASP A 963 36.35 25.62 43.69
C ASP A 963 37.51 24.65 43.90
N GLY A 964 38.73 25.22 43.99
CA GLY A 964 39.92 24.46 44.31
C GLY A 964 40.41 24.79 45.71
N GLN A 965 41.35 23.98 46.19
CA GLN A 965 41.87 24.09 47.55
C GLN A 965 42.68 25.39 47.63
N SER A 966 42.91 25.85 48.87
CA SER A 966 43.67 27.06 49.16
C SER A 966 44.76 26.71 50.16
N VAL A 967 45.67 27.66 50.39
CA VAL A 967 46.80 27.44 51.27
C VAL A 967 46.28 27.02 52.64
N GLU A 968 45.36 27.82 53.20
CA GLU A 968 44.68 27.46 54.43
C GLU A 968 43.58 26.46 54.13
N VAL A 969 43.93 25.18 53.96
CA VAL A 969 42.92 24.14 53.79
C VAL A 969 43.12 23.02 54.80
N GLY A 970 44.27 22.35 54.77
CA GLY A 970 44.48 21.19 55.64
C GLY A 970 44.89 21.65 57.03
N VAL A 971 46.18 21.49 57.35
CA VAL A 971 46.71 21.91 58.62
C VAL A 971 46.54 23.43 58.70
N GLY A 972 46.80 24.09 57.57
CA GLY A 972 46.69 25.53 57.47
C GLY A 972 47.97 26.23 57.94
N THR A 973 47.95 27.56 57.82
CA THR A 973 49.11 28.39 58.11
C THR A 973 49.15 28.74 59.60
N LEU A 974 47.98 28.88 60.23
CA LEU A 974 47.88 29.55 61.51
C LEU A 974 48.60 28.76 62.61
N ARG A 975 48.32 27.47 62.74
CA ARG A 975 48.85 26.71 63.86
C ARG A 975 50.37 26.81 63.93
N ARG A 976 51.04 26.66 62.78
CA ARG A 976 52.43 27.07 62.69
C ARG A 976 52.44 28.59 62.75
N GLN A 977 53.42 29.18 63.44
CA GLN A 977 53.57 30.62 63.57
C GLN A 977 52.72 31.18 64.72
N LEU A 978 51.92 30.33 65.39
CA LEU A 978 51.38 30.65 66.70
C LEU A 978 52.09 29.83 67.78
N GLU A 979 53.17 29.14 67.38
CA GLU A 979 54.04 28.48 68.33
C GLU A 979 55.39 29.19 68.27
N HIS A 980 55.84 29.67 69.44
CA HIS A 980 57.10 30.37 69.54
C HIS A 980 57.87 29.67 70.65
N ILE A 981 58.98 29.06 70.26
CA ILE A 981 59.89 28.52 71.23
C ILE A 981 60.38 29.68 72.10
N TYR A 982 60.36 29.48 73.42
CA TYR A 982 60.86 30.48 74.35
C TYR A 982 61.97 29.87 75.19
N ARG A 983 63.10 30.58 75.22
CA ARG A 983 64.21 30.20 76.08
C ARG A 983 64.59 31.40 76.94
N ILE A 984 64.61 31.20 78.25
CA ILE A 984 65.09 32.22 79.17
C ILE A 984 66.60 32.33 79.02
N ALA A 985 67.10 33.56 78.91
CA ALA A 985 68.52 33.83 78.88
C ALA A 985 68.91 34.68 80.10
N PRO A 986 70.00 34.36 80.83
CA PRO A 986 70.35 35.09 82.05
C PRO A 986 70.46 36.61 81.88
N ASP A 987 71.15 37.03 80.80
CA ASP A 987 71.38 38.43 80.52
C ASP A 987 70.18 39.09 79.84
N ALA A 988 69.21 38.28 79.38
CA ALA A 988 67.99 38.81 78.81
C ALA A 988 67.42 39.88 79.73
N THR A 989 66.88 40.95 79.12
CA THR A 989 66.25 42.03 79.86
C THR A 989 64.95 41.50 80.45
N ARG A 990 64.50 42.14 81.54
CA ARG A 990 63.32 41.71 82.28
C ARG A 990 62.14 41.50 81.33
N SER A 991 61.89 42.49 80.45
CA SER A 991 60.73 42.48 79.57
C SER A 991 60.72 41.22 78.70
N GLU A 992 61.88 40.88 78.14
CA GLU A 992 62.03 39.65 77.40
C GLU A 992 61.67 38.48 78.33
N LYS A 993 62.29 38.45 79.52
CA LYS A 993 62.16 37.32 80.42
C LYS A 993 60.69 37.14 80.80
N ASP A 994 60.00 38.24 81.12
CA ASP A 994 58.64 38.14 81.65
C ASP A 994 57.73 37.49 80.60
N VAL A 995 57.89 37.89 79.33
CA VAL A 995 57.05 37.39 78.26
C VAL A 995 57.08 35.87 78.22
N ALA A 996 58.28 35.30 78.39
CA ALA A 996 58.42 33.85 78.49
C ALA A 996 57.68 33.35 79.73
N ILE A 997 57.93 34.00 80.88
CA ILE A 997 57.34 33.55 82.13
C ILE A 997 55.83 33.49 81.94
N ASN A 998 55.26 34.55 81.34
CA ASN A 998 53.81 34.67 81.18
C ASN A 998 53.27 33.51 80.35
N ALA A 999 54.04 33.09 79.35
CA ALA A 999 53.62 32.01 78.46
C ALA A 999 53.63 30.68 79.19
N ILE A 1000 54.57 30.50 80.14
CA ILE A 1000 54.62 29.26 80.91
C ILE A 1000 53.28 29.12 81.63
N TYR A 1001 52.91 30.20 82.36
CA TYR A 1001 51.65 30.25 83.09
C TYR A 1001 50.52 30.01 82.11
N ARG A 1002 50.64 30.63 80.93
CA ARG A 1002 49.59 30.58 79.93
C ARG A 1002 49.25 29.14 79.51
N GLN A 1003 50.28 28.32 79.26
CA GLN A 1003 50.06 26.97 78.73
C GLN A 1003 49.67 26.00 79.83
N VAL A 1004 50.35 26.09 80.99
CA VAL A 1004 50.17 25.12 82.07
C VAL A 1004 48.83 25.37 82.76
N LEU A 1005 48.55 26.64 83.10
CA LEU A 1005 47.36 26.98 83.87
C LEU A 1005 46.22 27.46 82.96
N ASP A 1006 46.45 27.40 81.64
CA ASP A 1006 45.42 27.65 80.65
C ASP A 1006 44.85 29.07 80.80
N VAL A 1007 45.73 30.02 81.13
CA VAL A 1007 45.39 31.44 81.22
C VAL A 1007 45.44 32.03 79.83
N PHE A 1008 44.36 31.95 79.05
CA PHE A 1008 44.43 32.33 77.66
C PHE A 1008 44.27 33.84 77.46
N ALA A 1009 43.86 34.57 78.49
CA ALA A 1009 44.07 36.00 78.47
C ALA A 1009 45.56 36.22 78.20
N GLY A 1010 46.39 35.36 78.80
CA GLY A 1010 47.79 35.26 78.46
C GLY A 1010 48.67 36.12 79.37
N ILE A 1011 48.04 36.79 80.35
CA ILE A 1011 48.78 37.41 81.44
C ILE A 1011 48.24 36.84 82.75
N PRO A 1012 49.11 36.29 83.62
CA PRO A 1012 48.64 35.66 84.86
C PRO A 1012 48.02 36.72 85.78
N PRO A 1013 46.94 36.38 86.51
CA PRO A 1013 46.48 37.19 87.65
C PRO A 1013 47.47 37.03 88.81
N SER A 1014 47.64 38.09 89.60
CA SER A 1014 48.69 38.16 90.60
C SER A 1014 48.64 36.95 91.56
N TYR A 1015 47.43 36.52 91.93
CA TYR A 1015 47.25 35.45 92.91
C TYR A 1015 47.68 34.10 92.32
N LEU A 1016 47.53 33.93 91.00
CA LEU A 1016 47.98 32.73 90.31
C LEU A 1016 49.51 32.61 90.35
N ARG A 1017 50.19 33.77 90.22
CA ARG A 1017 51.64 33.79 90.05
C ARG A 1017 52.33 33.19 91.28
N LEU A 1018 53.47 32.52 91.02
CA LEU A 1018 54.39 32.07 92.06
C LEU A 1018 55.62 32.97 92.04
N SER A 1019 55.82 33.77 93.10
CA SER A 1019 56.89 34.76 93.11
C SER A 1019 58.25 34.09 93.38
N GLU A 1020 58.34 33.31 94.45
CA GLU A 1020 59.60 32.69 94.84
C GLU A 1020 60.20 31.95 93.65
N ALA A 1021 59.37 31.13 92.97
CA ALA A 1021 59.84 30.36 91.84
C ALA A 1021 60.33 31.30 90.73
N GLU A 1022 59.56 32.35 90.44
CA GLU A 1022 59.93 33.32 89.42
C GLU A 1022 61.27 33.98 89.73
N SER A 1023 61.47 34.34 91.01
CA SER A 1023 62.70 34.99 91.43
C SER A 1023 63.89 34.07 91.17
N LYS A 1024 63.71 32.77 91.45
CA LYS A 1024 64.76 31.79 91.20
C LYS A 1024 65.02 31.70 89.70
N LEU A 1025 63.93 31.69 88.91
CA LEU A 1025 64.01 31.56 87.46
C LEU A 1025 64.72 32.76 86.84
N LYS A 1026 64.37 33.97 87.30
CA LYS A 1026 65.02 35.19 86.84
C LYS A 1026 66.50 35.18 87.23
N ASN A 1027 66.82 34.57 88.38
CA ASN A 1027 68.18 34.52 88.87
C ASN A 1027 68.99 33.51 88.05
N ASN A 1028 68.29 32.48 87.53
CA ASN A 1028 68.86 31.41 86.71
C ASN A 1028 69.22 30.23 87.60
N GLU A 1029 68.76 30.26 88.86
CA GLU A 1029 69.04 29.18 89.80
C GLU A 1029 68.29 27.92 89.34
N ILE A 1030 67.09 28.11 88.78
CA ILE A 1030 66.26 26.98 88.37
C ILE A 1030 66.02 27.04 86.87
N SER A 1031 65.89 25.85 86.25
CA SER A 1031 65.62 25.76 84.83
C SER A 1031 64.12 25.92 84.60
N VAL A 1032 63.74 26.15 83.34
CA VAL A 1032 62.35 26.26 82.96
C VAL A 1032 61.62 24.95 83.26
N ARG A 1033 62.28 23.81 83.02
CA ARG A 1033 61.66 22.53 83.32
C ARG A 1033 61.32 22.45 84.81
N GLU A 1034 62.22 22.94 85.67
CA GLU A 1034 62.03 22.89 87.11
C GLU A 1034 60.86 23.78 87.51
N PHE A 1035 60.78 24.97 86.89
CA PHE A 1035 59.74 25.95 87.17
C PHE A 1035 58.37 25.41 86.79
N VAL A 1036 58.33 24.60 85.73
CA VAL A 1036 57.12 23.96 85.25
C VAL A 1036 56.71 22.86 86.22
N ARG A 1037 57.68 22.14 86.79
CA ARG A 1037 57.37 21.10 87.76
C ARG A 1037 56.72 21.75 88.99
N ARG A 1038 57.30 22.87 89.46
CA ARG A 1038 56.81 23.58 90.63
C ARG A 1038 55.34 24.00 90.46
N LEU A 1039 54.96 24.37 89.24
CA LEU A 1039 53.60 24.84 88.95
C LEU A 1039 52.57 23.72 89.10
N GLY A 1040 52.90 22.52 88.62
CA GLY A 1040 52.05 21.37 88.87
C GLY A 1040 52.04 20.96 90.34
N ARG A 1041 53.16 21.23 91.04
CA ARG A 1041 53.27 20.96 92.47
C ARG A 1041 52.33 21.90 93.23
N SER A 1042 52.15 23.13 92.71
CA SER A 1042 51.44 24.19 93.41
C SER A 1042 49.96 23.83 93.59
N GLU A 1043 49.36 24.44 94.63
CA GLU A 1043 47.98 24.21 95.01
C GLU A 1043 47.05 24.63 93.87
N ASN A 1044 47.28 25.83 93.34
CA ASN A 1044 46.39 26.44 92.35
C ASN A 1044 46.09 25.43 91.24
N TYR A 1045 47.11 24.70 90.81
CA TYR A 1045 46.89 23.67 89.79
C TYR A 1045 45.95 22.62 90.36
N ARG A 1046 46.27 22.15 91.57
CA ARG A 1046 45.50 21.09 92.22
C ARG A 1046 44.05 21.56 92.35
N LYS A 1047 43.91 22.85 92.73
CA LYS A 1047 42.60 23.47 92.94
C LYS A 1047 41.81 23.46 91.62
N ARG A 1048 42.40 24.00 90.55
CA ARG A 1048 41.67 24.28 89.32
C ARG A 1048 41.49 23.04 88.45
N PHE A 1049 42.40 22.06 88.54
CA PHE A 1049 42.42 20.99 87.54
C PHE A 1049 42.18 19.60 88.15
N PHE A 1050 42.95 19.23 89.18
CA PHE A 1050 42.82 17.90 89.74
C PHE A 1050 41.49 17.74 90.47
N GLU A 1051 41.20 18.68 91.37
CA GLU A 1051 40.10 18.52 92.31
C GLU A 1051 38.78 18.32 91.55
N PRO A 1052 38.39 19.24 90.64
CA PRO A 1052 37.08 19.14 89.96
C PRO A 1052 36.90 17.92 89.06
N TYR A 1053 37.93 17.56 88.31
CA TYR A 1053 37.79 16.61 87.23
C TYR A 1053 37.91 15.18 87.78
N SER A 1054 37.55 14.21 86.92
CA SER A 1054 37.69 12.79 87.24
C SER A 1054 39.09 12.31 86.87
N SER A 1055 39.51 11.19 87.49
CA SER A 1055 40.87 10.69 87.36
C SER A 1055 41.29 10.60 85.88
N PRO A 1056 40.49 9.96 85.00
CA PRO A 1056 40.83 9.87 83.57
C PRO A 1056 40.98 11.22 82.87
N LYS A 1057 40.06 12.14 83.18
CA LYS A 1057 40.11 13.48 82.62
C LYS A 1057 41.38 14.17 83.12
N VAL A 1058 41.71 14.01 84.41
CA VAL A 1058 42.85 14.72 84.99
C VAL A 1058 44.09 14.40 84.16
N VAL A 1059 44.22 13.13 83.76
CA VAL A 1059 45.34 12.70 82.94
C VAL A 1059 45.33 13.49 81.64
N GLU A 1060 44.18 13.50 80.96
CA GLU A 1060 44.04 14.20 79.68
C GLU A 1060 44.53 15.64 79.82
N LEU A 1061 44.07 16.34 80.85
CA LEU A 1061 44.50 17.72 81.08
C LEU A 1061 46.01 17.76 81.23
N LEU A 1062 46.57 16.82 82.01
CA LEU A 1062 48.00 16.81 82.30
C LEU A 1062 48.78 16.86 80.99
N THR A 1063 48.39 16.00 80.03
CA THR A 1063 49.12 15.85 78.78
C THR A 1063 48.98 17.12 77.94
N LYS A 1064 47.81 17.75 77.99
CA LYS A 1064 47.59 19.00 77.28
C LYS A 1064 48.39 20.12 77.93
N HIS A 1065 48.34 20.21 79.26
CA HIS A 1065 49.04 21.28 79.97
C HIS A 1065 50.54 21.07 79.81
N PHE A 1066 50.97 19.83 80.06
CA PHE A 1066 52.36 19.43 79.89
C PHE A 1066 52.45 18.47 78.71
N LEU A 1067 53.23 18.81 77.68
CA LEU A 1067 53.41 17.95 76.52
C LEU A 1067 52.48 18.38 75.38
N GLY A 1068 51.58 19.32 75.63
CA GLY A 1068 50.85 20.00 74.57
C GLY A 1068 49.97 19.09 73.71
N ARG A 1069 49.82 17.81 74.06
CA ARG A 1069 49.09 16.89 73.20
C ARG A 1069 48.03 16.13 73.99
N ALA A 1070 47.07 15.55 73.25
CA ALA A 1070 46.08 14.66 73.83
C ALA A 1070 46.71 13.31 74.14
N PRO A 1071 46.25 12.58 75.19
CA PRO A 1071 46.86 11.30 75.55
C PRO A 1071 46.89 10.38 74.34
N ILE A 1072 48.08 9.83 74.07
CA ILE A 1072 48.34 9.04 72.88
C ILE A 1072 47.49 7.76 72.91
N SER A 1073 47.48 7.08 74.07
CA SER A 1073 46.88 5.75 74.17
C SER A 1073 46.18 5.55 75.51
N GLN A 1074 45.27 4.57 75.54
CA GLN A 1074 44.59 4.16 76.76
C GLN A 1074 45.62 3.65 77.78
N GLN A 1075 46.65 2.96 77.28
CA GLN A 1075 47.72 2.46 78.13
C GLN A 1075 48.40 3.63 78.86
N GLU A 1076 48.65 4.73 78.13
CA GLU A 1076 49.27 5.91 78.71
C GLU A 1076 48.37 6.44 79.83
N ILE A 1077 47.06 6.45 79.56
CA ILE A 1077 46.09 6.94 80.52
C ILE A 1077 46.15 6.08 81.78
N SER A 1078 46.19 4.76 81.58
CA SER A 1078 46.17 3.83 82.69
C SER A 1078 47.35 4.08 83.63
N THR A 1079 48.54 4.25 83.05
CA THR A 1079 49.77 4.37 83.84
C THR A 1079 49.67 5.60 84.75
N TYR A 1080 49.19 6.71 84.19
CA TYR A 1080 49.11 7.98 84.90
C TYR A 1080 48.02 7.91 85.97
N VAL A 1081 46.89 7.26 85.64
CA VAL A 1081 45.82 7.06 86.59
C VAL A 1081 46.35 6.29 87.80
N GLN A 1082 47.07 5.21 87.52
CA GLN A 1082 47.65 4.38 88.56
C GLN A 1082 48.52 5.24 89.49
N ILE A 1083 49.32 6.15 88.91
CA ILE A 1083 50.18 7.02 89.70
C ILE A 1083 49.31 7.90 90.60
N LEU A 1084 48.23 8.47 90.02
CA LEU A 1084 47.37 9.40 90.74
C LEU A 1084 46.70 8.71 91.92
N GLY A 1085 46.28 7.45 91.70
CA GLY A 1085 45.61 6.66 92.73
C GLY A 1085 46.57 6.23 93.85
N THR A 1086 47.80 5.85 93.48
CA THR A 1086 48.72 5.26 94.43
C THR A 1086 49.68 6.31 95.01
N LYS A 1087 49.87 7.43 94.30
CA LYS A 1087 50.74 8.50 94.75
C LYS A 1087 50.15 9.84 94.36
N GLY A 1088 50.80 10.92 94.82
CA GLY A 1088 50.23 12.26 94.77
C GLY A 1088 50.04 12.76 93.34
N LEU A 1089 49.25 13.84 93.22
CA LEU A 1089 49.15 14.60 91.98
C LEU A 1089 50.56 15.02 91.58
N ALA A 1090 51.34 15.48 92.56
CA ALA A 1090 52.73 15.88 92.35
C ALA A 1090 53.52 14.79 91.64
N ALA A 1091 53.34 13.52 92.06
CA ALA A 1091 54.11 12.41 91.52
C ALA A 1091 53.82 12.23 90.03
N ALA A 1092 52.56 12.38 89.62
CA ALA A 1092 52.18 12.29 88.22
C ALA A 1092 52.72 13.48 87.41
N VAL A 1093 52.73 14.67 88.03
CA VAL A 1093 53.32 15.86 87.40
C VAL A 1093 54.82 15.64 87.19
N ASP A 1094 55.49 15.11 88.22
CA ASP A 1094 56.91 14.82 88.13
C ASP A 1094 57.15 13.86 86.96
N ALA A 1095 56.31 12.82 86.86
CA ALA A 1095 56.50 11.78 85.86
C ALA A 1095 56.48 12.34 84.45
N ILE A 1096 55.55 13.25 84.16
CA ILE A 1096 55.37 13.77 82.81
C ILE A 1096 56.59 14.62 82.43
N VAL A 1097 57.00 15.51 83.33
CA VAL A 1097 58.20 16.32 83.13
C VAL A 1097 59.44 15.42 83.05
N GLU A 1098 59.46 14.32 83.83
CA GLU A 1098 60.55 13.35 83.81
C GLU A 1098 60.52 12.51 82.53
N SER A 1099 59.33 12.37 81.91
CA SER A 1099 59.15 11.44 80.82
C SER A 1099 60.03 11.82 79.62
N PRO A 1100 60.47 10.83 78.81
CA PRO A 1100 61.38 11.08 77.69
C PRO A 1100 60.84 12.06 76.64
N GLU A 1101 59.55 11.89 76.30
CA GLU A 1101 58.95 12.70 75.27
C GLU A 1101 59.11 14.19 75.60
N TYR A 1102 58.80 14.55 76.85
CA TYR A 1102 58.95 15.93 77.29
C TYR A 1102 60.39 16.40 77.04
N LEU A 1103 61.35 15.55 77.43
CA LEU A 1103 62.76 15.90 77.38
C LEU A 1103 63.17 16.15 75.93
N THR A 1104 62.66 15.32 75.01
CA THR A 1104 63.04 15.40 73.61
C THR A 1104 62.50 16.70 72.99
N ILE A 1105 61.23 17.00 73.27
CA ILE A 1105 60.55 18.12 72.63
C ILE A 1105 60.97 19.45 73.26
N PHE A 1106 61.18 19.50 74.59
CA PHE A 1106 61.46 20.77 75.24
C PHE A 1106 62.76 20.76 76.04
N ASN A 1107 63.28 19.57 76.37
CA ASN A 1107 64.48 19.47 77.19
C ASN A 1107 64.24 20.28 78.46
N GLU A 1108 65.17 21.20 78.81
CA GLU A 1108 65.00 22.07 79.96
C GLU A 1108 64.53 23.45 79.52
N ASP A 1109 65.22 24.01 78.51
CA ASP A 1109 65.18 25.43 78.20
C ASP A 1109 63.86 25.88 77.56
N ILE A 1110 63.21 24.99 76.80
CA ILE A 1110 62.05 25.38 76.00
C ILE A 1110 60.79 25.36 76.87
N VAL A 1111 60.00 26.44 76.78
CA VAL A 1111 58.69 26.52 77.40
C VAL A 1111 57.71 25.64 76.63
N PRO A 1112 56.84 24.83 77.26
CA PRO A 1112 55.91 23.97 76.49
C PRO A 1112 55.07 24.78 75.51
N TYR A 1113 54.61 24.10 74.45
CA TYR A 1113 53.78 24.71 73.41
C TYR A 1113 52.81 23.64 72.90
N ARG A 1114 51.81 24.04 72.09
CA ARG A 1114 50.65 23.19 71.83
C ARG A 1114 50.94 21.97 70.96
N ARG A 1115 51.87 22.08 70.00
CA ARG A 1115 52.36 20.94 69.22
C ARG A 1115 51.29 19.86 69.01
N TYR A 1116 50.66 19.83 67.83
CA TYR A 1116 49.71 18.79 67.45
C TYR A 1116 50.42 17.64 66.72
N PRO A 1117 50.84 16.55 67.40
CA PRO A 1117 51.95 15.73 66.90
C PRO A 1117 51.73 15.07 65.53
N THR A 1118 50.93 13.99 65.52
CA THR A 1118 50.50 13.33 64.30
C THR A 1118 51.23 12.01 64.07
N LEU A 1119 52.36 11.75 64.73
CA LEU A 1119 53.08 10.53 64.43
C LEU A 1119 52.35 9.33 65.04
N PRO A 1120 51.87 9.39 66.31
CA PRO A 1120 51.01 8.31 66.82
C PRO A 1120 49.73 8.48 66.01
N ALA A 1121 49.04 7.39 65.69
CA ALA A 1121 47.86 7.46 64.85
C ALA A 1121 46.66 8.01 65.62
N GLY A 1122 45.99 9.01 65.02
CA GLY A 1122 44.78 9.60 65.58
C GLY A 1122 45.08 10.78 66.50
N ASN A 1123 46.34 10.96 66.91
CA ASN A 1123 46.71 11.98 67.87
C ASN A 1123 46.43 13.36 67.29
N TYR A 1124 46.56 13.50 65.96
CA TYR A 1124 46.35 14.79 65.32
C TYR A 1124 44.90 15.23 65.54
N ARG A 1125 43.98 14.31 65.30
CA ARG A 1125 42.56 14.55 65.54
C ARG A 1125 42.34 14.89 67.02
N ALA A 1126 42.81 14.00 67.91
CA ALA A 1126 42.64 14.18 69.34
C ALA A 1126 43.25 15.52 69.79
N SER A 1127 44.45 15.84 69.28
CA SER A 1127 45.17 17.02 69.72
C SER A 1127 44.42 18.29 69.33
N VAL A 1128 43.84 18.29 68.13
CA VAL A 1128 43.01 19.39 67.68
C VAL A 1128 41.82 19.54 68.63
N ARG A 1129 41.17 18.42 68.93
CA ARG A 1129 40.03 18.41 69.81
C ARG A 1129 40.40 19.05 71.16
N VAL A 1130 41.51 18.61 71.76
CA VAL A 1130 41.81 19.02 73.13
C VAL A 1130 42.29 20.46 73.15
N ASN A 1131 42.99 20.92 72.11
CA ASN A 1131 43.53 22.27 72.13
C ASN A 1131 42.48 23.27 71.63
N ASP A 1132 41.78 22.91 70.56
CA ASP A 1132 40.95 23.88 69.85
C ASP A 1132 39.53 23.98 70.44
N GLU A 1133 38.96 22.85 70.90
CA GLU A 1133 37.53 22.82 71.25
C GLU A 1133 37.34 22.83 72.77
N GLU A 1134 37.84 21.79 73.46
CA GLU A 1134 37.57 21.59 74.87
C GLU A 1134 38.21 22.72 75.68
N LEU A 1135 37.62 23.91 75.59
CA LEU A 1135 37.93 24.95 76.54
C LEU A 1135 37.33 24.50 77.86
N ILE A 1136 38.02 24.73 78.97
CA ILE A 1136 37.56 24.21 80.26
C ILE A 1136 36.09 24.59 80.44
N SER A 1137 35.28 23.60 80.84
CA SER A 1137 33.82 23.75 80.93
C SER A 1137 33.29 23.60 82.35
N GLN A 1138 34.18 23.56 83.36
CA GLN A 1138 33.76 23.41 84.74
C GLN A 1138 34.32 24.57 85.56
N SER A 1139 33.52 25.03 86.54
CA SER A 1139 34.04 25.93 87.55
C SER A 1139 34.95 25.14 88.49
N TRP A 1140 36.10 25.75 88.83
CA TRP A 1140 36.96 25.18 89.85
C TRP A 1140 36.28 25.24 91.21
N SER A 1141 35.68 26.39 91.55
CA SER A 1141 35.08 26.61 92.85
C SER A 1141 33.69 25.99 92.88
N SER A 1142 33.35 25.38 94.02
CA SER A 1142 32.04 24.81 94.26
C SER A 1142 31.04 25.90 94.65
N LEU A 1143 31.53 26.94 95.34
CA LEU A 1143 30.67 27.88 96.05
C LEU A 1143 29.84 28.70 95.06
N SER A 1144 28.66 29.15 95.53
CA SER A 1144 27.83 30.15 94.86
C SER A 1144 27.40 29.70 93.46
N PRO A 1145 26.80 28.49 93.30
CA PRO A 1145 26.41 28.00 91.98
C PRO A 1145 25.39 28.88 91.25
N THR A 1146 25.60 29.07 89.94
CA THR A 1146 24.83 30.01 89.15
C THR A 1146 23.45 29.44 88.86
N TYR A 1147 22.41 30.28 89.09
CA TYR A 1147 21.06 29.94 88.70
C TYR A 1147 20.90 30.17 87.20
N THR A 1148 20.09 29.30 86.59
CA THR A 1148 19.99 29.17 85.14
C THR A 1148 19.36 30.42 84.53
N GLY A 1149 18.32 30.98 85.19
CA GLY A 1149 17.60 32.12 84.67
C GLY A 1149 18.40 33.43 84.78
N TYR A 1150 17.68 34.56 84.63
CA TYR A 1150 18.26 35.90 84.65
C TYR A 1150 19.11 36.12 83.39
N GLN A 1151 18.92 35.25 82.38
CA GLN A 1151 19.65 35.29 81.13
C GLN A 1151 19.74 36.74 80.63
N TYR A 1152 18.58 37.36 80.44
CA TYR A 1152 18.50 38.71 79.87
C TYR A 1152 18.80 39.74 80.94
N VAL A 1153 19.33 40.88 80.49
CA VAL A 1153 19.52 42.04 81.35
C VAL A 1153 18.64 43.17 80.80
N SER B 2 56.66 -41.08 -21.01
CA SER B 2 57.24 -41.97 -19.96
C SER B 2 56.33 -41.99 -18.73
N ILE B 3 56.83 -42.58 -17.64
CA ILE B 3 56.14 -42.56 -16.36
C ILE B 3 55.92 -41.10 -15.96
N ARG B 4 54.88 -40.89 -15.15
CA ARG B 4 54.65 -39.60 -14.56
C ARG B 4 55.72 -39.32 -13.51
N GLY B 5 56.03 -40.30 -12.65
CA GLY B 5 56.96 -40.10 -11.55
C GLY B 5 58.11 -41.10 -11.60
N THR B 6 59.30 -40.67 -11.14
CA THR B 6 60.45 -41.54 -10.99
C THR B 6 60.80 -41.62 -9.51
N SER B 7 61.00 -42.84 -8.98
CA SER B 7 61.59 -43.03 -7.66
C SER B 7 63.10 -42.76 -7.73
N GLY B 8 63.71 -42.97 -8.89
CA GLY B 8 65.13 -42.77 -9.12
C GLY B 8 65.85 -44.09 -9.41
N SER B 9 67.17 -43.99 -9.61
CA SER B 9 68.05 -45.13 -9.90
C SER B 9 69.06 -45.32 -8.76
N THR B 10 69.30 -46.57 -8.38
CA THR B 10 70.26 -46.90 -7.32
C THR B 10 71.31 -47.87 -7.87
N VAL B 11 72.58 -47.48 -7.83
CA VAL B 11 73.69 -48.35 -8.21
C VAL B 11 73.75 -49.57 -7.29
N ALA B 12 73.25 -50.71 -7.77
CA ALA B 12 73.26 -51.94 -6.98
C ALA B 12 74.06 -53.00 -7.73
N ARG B 13 74.91 -53.72 -6.99
CA ARG B 13 75.69 -54.83 -7.53
C ARG B 13 75.22 -56.13 -6.87
N PRO B 14 74.80 -57.16 -7.64
CA PRO B 14 74.58 -58.50 -7.09
C PRO B 14 75.85 -59.35 -7.05
N ARG B 15 75.76 -60.53 -6.40
CA ARG B 15 76.90 -61.43 -6.27
C ARG B 15 76.80 -62.58 -7.25
N LEU B 16 77.75 -62.63 -8.20
CA LEU B 16 77.76 -63.66 -9.22
C LEU B 16 78.06 -65.01 -8.57
N PHE B 17 79.15 -65.09 -7.79
CA PHE B 17 79.59 -66.34 -7.19
C PHE B 17 79.93 -66.13 -5.72
N ARG B 18 79.48 -67.06 -4.88
CA ARG B 18 79.96 -67.11 -3.51
C ARG B 18 81.48 -67.33 -3.57
N THR B 19 82.18 -66.77 -2.58
CA THR B 19 83.58 -67.10 -2.33
C THR B 19 83.71 -67.34 -0.83
N VAL B 20 84.73 -68.10 -0.42
CA VAL B 20 84.91 -68.44 0.98
C VAL B 20 85.26 -67.18 1.75
N MET B 21 86.05 -66.30 1.11
CA MET B 21 86.46 -65.03 1.67
C MET B 21 85.24 -64.21 2.08
N THR B 22 84.33 -64.01 1.11
CA THR B 22 83.13 -63.23 1.33
C THR B 22 82.18 -63.94 2.30
N GLU B 23 81.97 -65.24 2.07
CA GLU B 23 81.00 -66.01 2.83
C GLU B 23 81.28 -65.90 4.33
N THR B 24 82.56 -65.91 4.71
CA THR B 24 82.94 -65.84 6.11
C THR B 24 82.66 -64.45 6.64
N ILE B 25 83.05 -63.44 5.86
CA ILE B 25 82.84 -62.04 6.24
C ILE B 25 81.35 -61.80 6.44
N ASN B 26 80.51 -62.24 5.49
CA ASN B 26 79.09 -61.93 5.52
C ASN B 26 78.43 -62.49 6.78
N GLY B 27 78.91 -63.66 7.22
CA GLY B 27 78.44 -64.25 8.48
C GLY B 27 78.83 -63.36 9.67
N ILE B 28 80.07 -62.86 9.64
CA ILE B 28 80.58 -62.00 10.70
C ILE B 28 79.76 -60.72 10.80
N ASN B 29 79.41 -60.10 9.65
CA ASN B 29 78.66 -58.84 9.67
C ASN B 29 77.28 -59.06 10.26
N ALA B 30 76.60 -60.12 9.80
CA ALA B 30 75.26 -60.41 10.27
C ALA B 30 75.25 -60.62 11.78
N GLU B 31 76.34 -61.19 12.30
CA GLU B 31 76.50 -61.40 13.73
C GLU B 31 76.79 -60.07 14.40
N ASP B 32 77.53 -59.21 13.69
CA ASP B 32 78.01 -57.93 14.21
C ASP B 32 79.05 -58.19 15.31
N ARG B 33 79.86 -59.23 15.10
CA ARG B 33 80.87 -59.64 16.07
C ARG B 33 82.22 -59.60 15.36
N TYR B 34 83.30 -59.31 16.11
CA TYR B 34 84.64 -59.37 15.56
C TYR B 34 84.97 -60.81 15.18
N PRO B 35 85.88 -61.06 14.21
CA PRO B 35 86.16 -62.43 13.74
C PRO B 35 86.32 -63.43 14.89
N ASN B 36 85.46 -64.45 14.87
CA ASN B 36 85.43 -65.49 15.90
C ASN B 36 86.73 -66.30 15.82
N SER B 37 87.10 -66.93 16.94
CA SER B 37 88.38 -67.62 17.08
C SER B 37 88.58 -68.70 16.00
N GLY B 38 87.54 -69.51 15.78
CA GLY B 38 87.63 -70.65 14.88
C GLY B 38 87.90 -70.23 13.43
N GLU B 39 87.18 -69.20 12.96
CA GLU B 39 87.24 -68.81 11.56
C GLU B 39 88.61 -68.24 11.22
N VAL B 40 89.24 -67.58 12.20
CA VAL B 40 90.56 -66.99 12.00
C VAL B 40 91.52 -68.09 11.52
N SER B 41 91.49 -69.24 12.21
CA SER B 41 92.26 -70.41 11.81
C SER B 41 91.81 -70.89 10.43
N GLN B 42 90.49 -70.88 10.18
CA GLN B 42 89.92 -71.33 8.92
C GLN B 42 90.40 -70.44 7.76
N LEU B 43 90.62 -69.15 8.05
CA LEU B 43 90.93 -68.18 7.02
C LEU B 43 92.37 -68.32 6.54
N ASP B 44 93.33 -68.52 7.45
CA ASP B 44 94.74 -68.52 7.10
C ASP B 44 95.15 -69.81 6.38
N GLN B 45 94.51 -70.93 6.75
CA GLN B 45 94.70 -72.16 5.99
C GLN B 45 94.23 -71.89 4.56
N PHE B 46 93.10 -71.15 4.46
CA PHE B 46 92.55 -70.77 3.17
C PHE B 46 93.54 -69.89 2.43
N PHE B 47 94.26 -69.03 3.17
CA PHE B 47 95.25 -68.14 2.57
C PHE B 47 96.44 -68.97 2.04
N GLY B 48 96.91 -69.93 2.84
CA GLY B 48 98.05 -70.75 2.47
C GLY B 48 97.73 -71.76 1.37
N ASP B 49 96.66 -72.55 1.57
CA ASP B 49 96.21 -73.56 0.62
C ASP B 49 95.98 -72.94 -0.77
N GLY B 50 95.61 -71.64 -0.78
CA GLY B 50 95.47 -70.87 -2.00
C GLY B 50 96.76 -70.89 -2.82
N GLN B 51 97.91 -70.80 -2.12
CA GLN B 51 99.20 -70.70 -2.78
C GLN B 51 99.41 -71.91 -3.71
N ARG B 52 99.26 -73.12 -3.14
CA ARG B 52 99.38 -74.33 -3.94
C ARG B 52 98.20 -74.43 -4.92
N ARG B 53 97.01 -73.97 -4.49
CA ARG B 53 95.85 -73.92 -5.36
C ARG B 53 96.18 -73.08 -6.59
N ILE B 54 96.96 -72.01 -6.41
CA ILE B 54 97.42 -71.22 -7.52
C ILE B 54 98.27 -72.08 -8.44
N ALA B 55 99.22 -72.82 -7.86
CA ALA B 55 100.08 -73.70 -8.62
C ALA B 55 99.22 -74.68 -9.43
N ILE B 56 98.21 -75.27 -8.77
CA ILE B 56 97.29 -76.21 -9.39
C ILE B 56 96.58 -75.53 -10.56
N VAL B 57 96.15 -74.28 -10.35
CA VAL B 57 95.46 -73.53 -11.38
C VAL B 57 96.41 -73.31 -12.57
N ALA B 58 97.66 -72.95 -12.29
CA ALA B 58 98.63 -72.64 -13.33
C ALA B 58 98.86 -73.88 -14.22
N LYS B 59 98.96 -75.06 -13.60
CA LYS B 59 99.17 -76.31 -14.33
C LYS B 59 97.99 -76.57 -15.24
N LEU B 60 96.78 -76.40 -14.69
CA LEU B 60 95.54 -76.63 -15.43
C LEU B 60 95.45 -75.66 -16.61
N THR B 61 95.95 -74.43 -16.44
CA THR B 61 95.81 -73.37 -17.43
C THR B 61 96.61 -73.70 -18.69
N GLU B 62 97.87 -74.11 -18.53
CA GLU B 62 98.77 -74.31 -19.66
C GLU B 62 98.40 -75.55 -20.47
N ASN B 63 97.81 -76.56 -19.80
CA ASN B 63 97.44 -77.80 -20.46
C ASN B 63 95.95 -77.76 -20.84
N ALA B 64 95.28 -76.63 -20.54
CA ALA B 64 93.83 -76.52 -20.71
C ALA B 64 93.43 -76.83 -22.16
N GLU B 65 94.16 -76.27 -23.14
CA GLU B 65 93.78 -76.41 -24.54
C GLU B 65 93.78 -77.88 -24.94
N MET B 66 94.76 -78.63 -24.44
CA MET B 66 94.84 -80.07 -24.69
C MET B 66 93.70 -80.78 -23.97
N ILE B 67 93.46 -80.41 -22.70
CA ILE B 67 92.42 -81.04 -21.90
C ILE B 67 91.09 -80.96 -22.64
N VAL B 68 90.81 -79.77 -23.19
CA VAL B 68 89.60 -79.52 -23.96
C VAL B 68 89.60 -80.44 -25.19
N SER B 69 90.74 -80.47 -25.90
CA SER B 69 90.83 -81.17 -27.17
C SER B 69 90.43 -82.63 -27.03
N ARG B 70 90.97 -83.31 -26.00
CA ARG B 70 90.75 -84.75 -25.81
C ARG B 70 89.28 -85.03 -25.52
N ALA B 71 88.66 -84.21 -24.67
CA ALA B 71 87.24 -84.31 -24.39
C ALA B 71 86.43 -84.12 -25.68
N ALA B 72 86.87 -83.16 -26.51
CA ALA B 72 86.21 -82.85 -27.76
C ALA B 72 86.42 -83.97 -28.79
N ASN B 73 87.67 -84.45 -28.90
CA ASN B 73 88.00 -85.51 -29.84
C ASN B 73 87.24 -86.78 -29.49
N ARG B 74 87.07 -87.03 -28.19
CA ARG B 74 86.33 -88.19 -27.71
C ARG B 74 84.91 -88.21 -28.26
N ILE B 75 84.24 -87.05 -28.24
CA ILE B 75 82.80 -86.97 -28.50
C ILE B 75 82.51 -86.54 -29.93
N PHE B 76 83.53 -86.05 -30.66
CA PHE B 76 83.33 -85.50 -32.00
C PHE B 76 84.08 -86.38 -33.02
N PHE B 140 75.63 -93.98 -23.87
CA PHE B 140 76.13 -92.74 -24.54
C PHE B 140 75.90 -92.91 -26.05
N GLU B 141 75.98 -91.79 -26.78
CA GLU B 141 76.00 -91.83 -28.24
C GLU B 141 77.11 -90.91 -28.76
N PRO B 142 77.89 -91.35 -29.78
CA PRO B 142 78.93 -90.52 -30.40
C PRO B 142 78.44 -89.76 -31.62
N ILE B 143 78.66 -88.43 -31.63
CA ILE B 143 78.11 -87.55 -32.64
C ILE B 143 79.22 -87.06 -33.56
N ASN B 144 78.94 -87.07 -34.88
CA ASN B 144 79.90 -86.65 -35.88
C ASN B 144 80.00 -85.13 -35.89
N ILE B 145 81.19 -84.64 -36.28
CA ILE B 145 81.51 -83.21 -36.30
C ILE B 145 80.55 -82.49 -37.26
N ALA B 146 80.27 -83.09 -38.42
CA ALA B 146 79.68 -82.38 -39.55
C ALA B 146 78.17 -82.14 -39.38
N ARG B 147 77.42 -83.13 -38.87
CA ARG B 147 75.97 -83.03 -38.77
C ARG B 147 75.60 -81.94 -37.76
N TYR B 148 76.39 -81.80 -36.69
CA TYR B 148 76.19 -80.76 -35.70
C TYR B 148 76.18 -79.39 -36.40
N GLY B 149 77.10 -79.22 -37.37
CA GLY B 149 77.31 -77.96 -38.05
C GLY B 149 78.35 -77.13 -37.29
N PRO B 150 78.98 -76.12 -37.93
CA PRO B 150 80.06 -75.34 -37.28
C PRO B 150 79.64 -74.59 -36.00
N GLU B 151 78.49 -73.90 -36.07
CA GLU B 151 78.01 -73.08 -34.96
C GLU B 151 77.75 -73.97 -33.74
N ARG B 152 77.02 -75.08 -33.95
CA ARG B 152 76.70 -75.99 -32.85
C ARG B 152 77.99 -76.59 -32.30
N MET B 153 78.94 -76.90 -33.20
CA MET B 153 80.26 -77.36 -32.81
C MET B 153 80.94 -76.26 -32.00
N GLN B 154 80.97 -75.04 -32.55
CA GLN B 154 81.64 -73.92 -31.92
C GLN B 154 81.09 -73.72 -30.51
N LYS B 155 79.76 -73.77 -30.37
CA LYS B 155 79.13 -73.61 -29.06
C LYS B 155 79.65 -74.68 -28.11
N SER B 156 79.61 -75.94 -28.59
CA SER B 156 80.05 -77.08 -27.80
C SER B 156 81.50 -76.91 -27.35
N ILE B 157 82.36 -76.50 -28.29
CA ILE B 157 83.77 -76.23 -27.99
C ILE B 157 83.87 -75.13 -26.93
N ARG B 158 83.10 -74.05 -27.10
CA ARG B 158 83.10 -72.94 -26.17
C ARG B 158 82.78 -73.47 -24.77
N ASP B 159 81.70 -74.26 -24.66
CA ASP B 159 81.23 -74.68 -23.35
C ASP B 159 82.28 -75.50 -22.62
N LEU B 160 82.98 -76.37 -23.35
CA LEU B 160 84.04 -77.18 -22.76
C LEU B 160 85.07 -76.24 -22.13
N ASP B 161 85.58 -75.32 -22.95
CA ASP B 161 86.57 -74.34 -22.51
C ASP B 161 86.04 -73.58 -21.29
N TRP B 162 84.76 -73.22 -21.36
CA TRP B 162 84.10 -72.48 -20.30
C TRP B 162 84.16 -73.26 -18.99
N PHE B 163 83.80 -74.54 -19.03
CA PHE B 163 83.77 -75.37 -17.83
C PHE B 163 85.13 -75.32 -17.17
N LEU B 164 86.19 -75.37 -18.00
CA LEU B 164 87.55 -75.42 -17.50
C LEU B 164 87.90 -74.08 -16.85
N ARG B 165 87.51 -72.97 -17.49
CA ARG B 165 87.87 -71.65 -16.97
C ARG B 165 87.16 -71.46 -15.64
N TYR B 166 85.91 -71.89 -15.53
CA TYR B 166 85.21 -71.80 -14.26
C TYR B 166 85.89 -72.68 -13.21
N THR B 167 86.36 -73.86 -13.63
CA THR B 167 87.03 -74.76 -12.72
C THR B 167 88.23 -74.04 -12.09
N THR B 168 89.06 -73.41 -12.93
CA THR B 168 90.22 -72.68 -12.44
C THR B 168 89.75 -71.65 -11.42
N TYR B 169 88.72 -70.87 -11.78
CA TYR B 169 88.18 -69.85 -10.88
C TYR B 169 87.69 -70.50 -9.59
N ALA B 170 86.99 -71.63 -9.72
CA ALA B 170 86.44 -72.33 -8.56
C ALA B 170 87.55 -72.79 -7.62
N ILE B 171 88.69 -73.23 -8.20
CA ILE B 171 89.85 -73.60 -7.40
C ILE B 171 90.26 -72.38 -6.58
N LEU B 172 90.58 -71.27 -7.27
CA LEU B 172 91.02 -70.07 -6.60
C LEU B 172 90.01 -69.66 -5.52
N ALA B 173 88.73 -69.67 -5.91
CA ALA B 173 87.64 -69.29 -5.02
C ALA B 173 87.57 -70.24 -3.82
N GLY B 174 87.65 -71.55 -4.12
CA GLY B 174 87.51 -72.57 -3.08
C GLY B 174 86.05 -72.76 -2.67
N ASP B 175 85.14 -72.61 -3.63
CA ASP B 175 83.73 -72.84 -3.39
C ASP B 175 83.14 -73.60 -4.58
N PRO B 176 82.27 -74.60 -4.30
CA PRO B 176 81.47 -75.27 -5.36
C PRO B 176 80.48 -74.37 -6.09
N SER B 177 80.00 -73.30 -5.43
CA SER B 177 78.83 -72.55 -5.85
C SER B 177 78.97 -71.95 -7.25
N ILE B 178 80.14 -71.40 -7.60
CA ILE B 178 80.28 -70.76 -8.90
C ILE B 178 79.91 -71.74 -10.01
N LEU B 179 80.47 -72.96 -9.94
CA LEU B 179 80.15 -74.00 -10.92
C LEU B 179 78.68 -74.40 -10.76
N GLU B 180 78.22 -74.49 -9.51
CA GLU B 180 76.86 -74.96 -9.18
C GLU B 180 75.77 -74.17 -9.91
N ALA B 181 75.80 -72.84 -9.79
CA ALA B 181 74.78 -71.99 -10.39
C ALA B 181 74.68 -72.23 -11.90
N ASN B 182 75.81 -72.13 -12.60
CA ASN B 182 75.78 -72.18 -14.06
C ASN B 182 75.43 -73.57 -14.56
N CYS B 183 75.85 -74.63 -13.86
CA CYS B 183 75.60 -75.99 -14.29
C CYS B 183 74.08 -76.27 -14.31
N LEU B 184 73.37 -75.83 -13.26
CA LEU B 184 71.98 -76.22 -13.04
C LEU B 184 71.14 -75.99 -14.29
N GLY B 185 70.81 -74.73 -14.59
CA GLY B 185 69.96 -74.42 -15.73
C GLY B 185 70.50 -75.02 -17.03
N LEU B 186 71.83 -75.21 -17.11
CA LEU B 186 72.50 -75.37 -18.38
C LEU B 186 71.96 -76.56 -19.15
N ARG B 187 71.75 -77.68 -18.45
CA ARG B 187 71.27 -78.90 -19.10
C ARG B 187 69.84 -78.71 -19.57
N GLU B 188 69.02 -77.95 -18.83
CA GLU B 188 67.67 -77.63 -19.30
C GLU B 188 67.79 -76.82 -20.59
N ILE B 189 68.72 -75.85 -20.61
CA ILE B 189 68.97 -75.02 -21.80
C ILE B 189 69.40 -75.95 -22.94
N LEU B 190 70.30 -76.90 -22.63
CA LEU B 190 70.80 -77.86 -23.62
C LEU B 190 69.81 -79.03 -23.74
N GLU B 191 70.14 -80.02 -24.60
CA GLU B 191 69.37 -81.23 -24.89
C GLU B 191 68.88 -81.13 -26.34
N LYS B 192 67.98 -80.19 -26.61
CA LYS B 192 67.57 -79.91 -27.98
C LYS B 192 68.80 -79.47 -28.77
N SER B 193 69.59 -78.61 -28.12
CA SER B 193 70.85 -78.11 -28.65
C SER B 193 71.93 -79.21 -28.67
N CYS B 194 72.06 -79.95 -27.56
CA CYS B 194 73.23 -80.76 -27.27
C CYS B 194 72.85 -82.14 -26.71
N SER B 195 73.66 -83.14 -27.05
CA SER B 195 73.57 -84.41 -26.35
C SER B 195 73.95 -84.21 -24.88
N ILE B 196 73.12 -84.75 -23.98
CA ILE B 196 73.42 -84.76 -22.55
C ILE B 196 74.69 -85.58 -22.29
N SER B 197 74.82 -86.71 -23.00
CA SER B 197 75.88 -87.67 -22.75
C SER B 197 77.25 -87.07 -23.10
N ALA B 198 77.37 -86.43 -24.27
CA ALA B 198 78.64 -85.90 -24.75
C ALA B 198 79.39 -85.13 -23.66
N THR B 199 78.65 -84.35 -22.85
CA THR B 199 79.24 -83.60 -21.77
C THR B 199 79.80 -84.57 -20.72
N ILE B 200 78.99 -85.58 -20.34
CA ILE B 200 79.40 -86.57 -19.35
C ILE B 200 80.68 -87.25 -19.82
N VAL B 201 80.69 -87.61 -21.10
CA VAL B 201 81.83 -88.25 -21.75
C VAL B 201 83.03 -87.28 -21.74
N ALA B 202 82.76 -86.00 -21.98
CA ALA B 202 83.81 -84.99 -22.09
C ALA B 202 84.63 -84.90 -20.80
N LEU B 203 83.95 -84.87 -19.64
CA LEU B 203 84.62 -84.77 -18.35
C LEU B 203 85.39 -86.06 -18.06
N LEU B 204 84.86 -87.20 -18.51
CA LEU B 204 85.57 -88.44 -18.35
C LEU B 204 87.00 -88.21 -18.87
N GLU B 205 87.10 -87.56 -20.04
CA GLU B 205 88.40 -87.27 -20.65
C GLU B 205 89.17 -86.29 -19.78
N MET B 206 88.50 -85.22 -19.32
CA MET B 206 89.16 -84.11 -18.65
C MET B 206 89.54 -84.45 -17.20
N ARG B 207 88.76 -85.30 -16.53
CA ARG B 207 89.15 -85.78 -15.21
C ARG B 207 90.37 -86.69 -15.33
N LYS B 208 90.42 -87.48 -16.40
CA LYS B 208 91.61 -88.28 -16.71
C LYS B 208 92.76 -87.34 -17.03
N ASN B 209 92.47 -86.24 -17.76
CA ASN B 209 93.47 -85.21 -17.99
C ASN B 209 93.91 -84.63 -16.65
N ALA B 210 92.93 -84.33 -15.78
CA ALA B 210 93.19 -83.72 -14.49
C ALA B 210 94.12 -84.62 -13.65
N ALA B 211 93.83 -85.92 -13.61
CA ALA B 211 94.64 -86.87 -12.87
C ALA B 211 96.08 -86.88 -13.37
N ARG B 212 96.25 -86.79 -14.71
CA ARG B 212 97.56 -86.83 -15.34
C ARG B 212 98.36 -85.55 -15.02
N LEU B 213 97.71 -84.38 -15.09
CA LEU B 213 98.41 -83.12 -14.92
C LEU B 213 98.98 -83.00 -13.52
N PHE B 214 98.17 -83.30 -12.50
CA PHE B 214 98.56 -83.14 -11.10
C PHE B 214 98.87 -84.51 -10.52
N LYS B 215 100.15 -84.70 -10.16
CA LYS B 215 100.64 -85.97 -9.64
C LYS B 215 100.17 -86.19 -8.20
N ASP B 216 100.08 -85.11 -7.42
CA ASP B 216 99.48 -85.22 -6.09
C ASP B 216 98.05 -85.71 -6.28
N GLU B 217 97.71 -86.79 -5.57
CA GLU B 217 96.37 -87.35 -5.63
C GLU B 217 95.35 -86.27 -5.24
N ALA B 218 95.63 -85.57 -4.13
CA ALA B 218 94.73 -84.55 -3.59
C ALA B 218 94.53 -83.42 -4.60
N ASP B 219 95.62 -82.98 -5.25
CA ASP B 219 95.55 -81.90 -6.22
C ASP B 219 94.67 -82.30 -7.40
N SER B 220 94.88 -83.51 -7.93
CA SER B 220 94.02 -84.04 -8.97
C SER B 220 92.59 -84.21 -8.44
N LYS B 221 92.45 -84.65 -7.18
CA LYS B 221 91.16 -84.91 -6.56
C LYS B 221 90.29 -83.66 -6.46
N LEU B 222 90.89 -82.57 -5.94
CA LEU B 222 90.15 -81.33 -5.77
C LEU B 222 89.70 -80.86 -7.15
N VAL B 223 90.60 -80.96 -8.15
CA VAL B 223 90.27 -80.57 -9.51
C VAL B 223 89.12 -81.45 -10.00
N SER B 224 89.16 -82.73 -9.62
CA SER B 224 88.10 -83.66 -9.96
C SER B 224 86.78 -83.24 -9.32
N SER B 225 86.82 -82.76 -8.06
CA SER B 225 85.60 -82.44 -7.31
C SER B 225 84.84 -81.30 -7.98
N TYR B 226 85.57 -80.31 -8.52
CA TYR B 226 84.97 -79.22 -9.27
C TYR B 226 84.31 -79.78 -10.53
N ILE B 227 85.01 -80.65 -11.26
CA ILE B 227 84.45 -81.26 -12.45
C ILE B 227 83.25 -82.13 -12.07
N SER B 228 83.31 -82.74 -10.89
CA SER B 228 82.22 -83.58 -10.39
C SER B 228 80.95 -82.76 -10.23
N VAL B 229 81.07 -81.53 -9.74
CA VAL B 229 79.92 -80.67 -9.51
C VAL B 229 79.19 -80.45 -10.84
N VAL B 230 79.95 -80.11 -11.89
CA VAL B 230 79.41 -79.81 -13.22
C VAL B 230 78.63 -81.03 -13.69
N ILE B 231 79.26 -82.21 -13.56
CA ILE B 231 78.67 -83.45 -14.04
C ILE B 231 77.40 -83.76 -13.24
N ARG B 232 77.44 -83.57 -11.92
CA ARG B 232 76.37 -84.03 -11.04
C ARG B 232 75.04 -83.35 -11.40
N ALA B 233 75.09 -82.06 -11.79
CA ALA B 233 73.91 -81.36 -12.25
C ALA B 233 73.42 -81.98 -13.56
N LEU B 234 74.32 -82.05 -14.55
CA LEU B 234 74.01 -82.66 -15.84
C LEU B 234 73.32 -84.01 -15.63
N ASP B 235 73.82 -84.81 -14.66
CA ASP B 235 73.24 -86.11 -14.34
C ASP B 235 71.82 -85.92 -13.80
N ALA B 236 71.65 -84.97 -12.87
CA ALA B 236 70.34 -84.64 -12.31
C ALA B 236 69.40 -84.20 -13.44
N ASP B 237 68.13 -84.64 -13.37
CA ASP B 237 67.13 -84.34 -14.39
C ASP B 237 66.77 -82.85 -14.33
N ARG B 238 66.03 -82.40 -15.36
CA ARG B 238 65.42 -81.07 -15.39
C ARG B 238 64.41 -80.93 -14.25
N SER B 239 63.62 -82.00 -14.05
CA SER B 239 62.62 -82.08 -12.98
C SER B 239 63.26 -82.12 -11.59
N ASP B 240 64.38 -82.86 -11.46
CA ASP B 240 65.06 -83.05 -10.18
C ASP B 240 65.55 -81.70 -9.63
N ALA B 241 66.04 -80.84 -10.54
CA ALA B 241 66.44 -79.48 -10.20
C ALA B 241 65.22 -78.65 -9.79
N PRO B 242 65.27 -77.89 -8.66
CA PRO B 242 64.08 -77.20 -8.14
C PRO B 242 63.99 -75.71 -8.47
N ALA B 243 62.80 -75.28 -8.93
CA ALA B 243 62.53 -73.89 -9.25
C ALA B 243 62.35 -73.09 -7.97
N ASP B 244 62.86 -71.84 -7.96
CA ASP B 244 62.79 -70.99 -6.79
C ASP B 244 61.39 -70.41 -6.61
N ILE B 245 61.10 -70.08 -5.35
CA ILE B 245 59.79 -69.59 -4.94
C ILE B 245 59.45 -68.32 -5.73
N VAL B 246 58.16 -68.02 -5.72
CA VAL B 246 57.61 -66.81 -6.30
C VAL B 246 56.90 -66.06 -5.17
N ARG B 247 57.31 -64.79 -4.95
CA ARG B 247 56.71 -64.01 -3.89
C ARG B 247 55.23 -63.81 -4.22
N PRO B 248 54.31 -64.11 -3.29
CA PRO B 248 52.88 -63.95 -3.52
C PRO B 248 52.30 -62.63 -3.00
N SER B 249 51.26 -62.14 -3.68
CA SER B 249 50.60 -60.90 -3.34
C SER B 249 49.09 -61.10 -3.39
N SER B 250 48.32 -60.30 -2.65
CA SER B 250 46.89 -60.26 -2.83
C SER B 250 46.56 -59.39 -4.05
N GLU B 251 45.54 -58.54 -3.93
CA GLU B 251 44.86 -57.96 -5.09
C GLU B 251 45.73 -56.87 -5.71
N ASP B 252 46.79 -56.47 -5.00
CA ASP B 252 47.73 -55.49 -5.51
C ASP B 252 49.12 -56.12 -5.47
N ARG B 253 50.10 -55.46 -6.09
CA ARG B 253 51.44 -55.98 -6.21
C ARG B 253 51.36 -57.33 -6.93
N PRO B 254 51.63 -57.36 -8.26
CA PRO B 254 51.65 -58.62 -8.98
C PRO B 254 52.67 -59.56 -8.35
N GLY B 255 52.40 -60.88 -8.45
CA GLY B 255 53.33 -61.90 -7.99
C GLY B 255 54.58 -61.98 -8.88
N LEU B 256 55.74 -62.03 -8.24
CA LEU B 256 57.02 -62.05 -8.93
C LEU B 256 57.67 -63.41 -8.68
N THR B 257 58.31 -63.98 -9.71
CA THR B 257 58.94 -65.29 -9.60
C THR B 257 60.45 -65.10 -9.77
N LEU B 258 61.23 -65.72 -8.87
CA LEU B 258 62.69 -65.64 -8.93
C LEU B 258 63.28 -66.97 -9.39
N PRO B 259 64.32 -66.97 -10.27
CA PRO B 259 65.10 -68.17 -10.58
C PRO B 259 65.93 -68.67 -9.40
N TYR B 260 66.10 -69.99 -9.32
CA TYR B 260 66.83 -70.60 -8.23
C TYR B 260 68.32 -70.29 -8.35
N ILE B 261 68.87 -70.43 -9.56
CA ILE B 261 70.28 -70.16 -9.76
C ILE B 261 70.61 -68.75 -9.30
N TYR B 262 69.67 -67.81 -9.51
CA TYR B 262 69.83 -66.42 -9.06
C TYR B 262 69.94 -66.40 -7.54
N LYS B 263 69.05 -67.15 -6.88
CA LYS B 263 69.04 -67.24 -5.42
C LYS B 263 70.31 -67.92 -4.90
N LEU B 264 70.83 -68.90 -5.67
CA LEU B 264 72.05 -69.60 -5.29
C LEU B 264 73.26 -68.70 -5.41
N SER B 265 73.35 -67.95 -6.50
CA SER B 265 74.46 -67.03 -6.73
C SER B 265 74.56 -66.02 -5.58
N ALA B 266 73.39 -65.53 -5.14
CA ALA B 266 73.31 -64.55 -4.07
C ALA B 266 73.79 -65.16 -2.76
N ASP B 267 74.52 -64.36 -1.98
CA ASP B 267 75.09 -64.82 -0.72
C ASP B 267 73.98 -65.29 0.21
N SER B 268 74.23 -66.42 0.89
CA SER B 268 73.25 -67.04 1.76
C SER B 268 72.83 -66.06 2.86
N LEU B 269 71.57 -66.20 3.30
CA LEU B 269 71.02 -65.31 4.31
C LEU B 269 71.12 -65.99 5.67
N THR B 270 71.70 -65.29 6.64
CA THR B 270 71.74 -65.77 8.02
C THR B 270 70.36 -65.56 8.63
N THR B 271 69.80 -66.62 9.19
CA THR B 271 68.50 -66.57 9.84
C THR B 271 68.71 -66.79 11.33
N PHE B 272 68.16 -65.90 12.15
CA PHE B 272 68.20 -66.08 13.59
C PHE B 272 66.81 -66.52 14.04
N LYS B 273 66.70 -67.75 14.56
CA LYS B 273 65.45 -68.25 15.11
C LYS B 273 65.69 -69.04 16.41
N MET B 274 64.71 -68.92 17.32
CA MET B 274 64.67 -69.64 18.57
C MET B 274 63.31 -70.35 18.64
N THR B 275 63.33 -71.68 18.78
CA THR B 275 62.10 -72.46 18.73
C THR B 275 61.77 -73.00 20.12
N ALA B 276 60.52 -72.75 20.56
CA ALA B 276 60.04 -73.27 21.83
C ALA B 276 59.96 -74.79 21.78
N ILE B 277 60.45 -75.45 22.83
CA ILE B 277 60.48 -76.90 22.90
C ILE B 277 59.47 -77.33 23.97
N TYR B 278 58.59 -78.26 23.61
CA TYR B 278 57.63 -78.80 24.57
C TYR B 278 58.41 -79.61 25.61
N GLY B 279 57.88 -79.64 26.84
CA GLY B 279 58.52 -80.34 27.94
C GLY B 279 57.57 -81.37 28.57
N ALA B 280 58.14 -82.24 29.42
CA ALA B 280 57.38 -83.17 30.23
C ALA B 280 56.56 -82.40 31.28
N ASP B 281 57.16 -81.30 31.80
CA ASP B 281 56.50 -80.38 32.71
C ASP B 281 55.26 -79.78 32.04
N GLY B 282 55.37 -79.49 30.74
CA GLY B 282 54.30 -78.86 29.96
C GLY B 282 54.49 -77.34 29.88
N ARG B 283 55.56 -76.85 30.52
CA ARG B 283 55.99 -75.47 30.38
C ARG B 283 57.19 -75.45 29.41
N PRO B 284 57.11 -74.69 28.29
CA PRO B 284 58.16 -74.75 27.26
C PRO B 284 59.51 -74.29 27.81
N LYS B 285 60.56 -75.03 27.46
CA LYS B 285 61.94 -74.69 27.80
C LYS B 285 62.77 -74.81 26.53
N VAL B 286 63.62 -73.80 26.27
CA VAL B 286 64.35 -73.74 25.00
C VAL B 286 65.85 -73.92 25.26
N ASN B 287 66.45 -74.79 24.44
CA ASN B 287 67.85 -75.20 24.62
C ASN B 287 68.74 -74.46 23.61
N LEU B 288 69.65 -73.62 24.12
CA LEU B 288 70.67 -73.00 23.29
C LEU B 288 71.92 -72.77 24.14
N SER B 289 73.08 -72.76 23.46
CA SER B 289 74.32 -72.32 24.08
C SER B 289 74.09 -70.93 24.65
N SER B 290 74.85 -70.57 25.70
CA SER B 290 74.65 -69.29 26.38
C SER B 290 74.73 -68.14 25.36
N ASP B 291 75.74 -68.21 24.48
CA ASP B 291 75.91 -67.23 23.41
C ASP B 291 74.79 -67.38 22.37
N GLU B 292 74.39 -68.61 22.07
CA GLU B 292 73.43 -68.89 21.00
C GLU B 292 72.03 -68.38 21.37
N LYS B 293 71.52 -68.75 22.56
CA LYS B 293 70.35 -68.08 23.09
C LYS B 293 70.78 -66.65 23.37
N GLU B 294 69.93 -65.68 23.05
CA GLU B 294 70.27 -64.27 23.25
C GLU B 294 70.87 -63.69 21.97
N ARG B 295 71.51 -64.54 21.15
CA ARG B 295 71.95 -64.12 19.83
C ARG B 295 70.74 -63.83 18.92
N VAL B 296 69.69 -64.65 19.02
CA VAL B 296 68.46 -64.38 18.29
C VAL B 296 67.92 -63.05 18.80
N VAL B 297 67.92 -62.89 20.12
CA VAL B 297 67.39 -61.69 20.74
C VAL B 297 68.24 -60.49 20.33
N ARG B 298 69.54 -60.68 20.27
CA ARG B 298 70.43 -59.59 19.90
C ARG B 298 70.08 -59.08 18.51
N ALA B 299 69.78 -60.00 17.58
CA ALA B 299 69.44 -59.65 16.21
C ALA B 299 68.02 -59.11 16.10
N ALA B 300 67.11 -59.63 16.92
CA ALA B 300 65.76 -59.09 16.93
C ALA B 300 65.83 -57.62 17.34
N TYR B 301 66.39 -57.36 18.53
CA TYR B 301 66.58 -55.99 18.97
C TYR B 301 67.09 -55.18 17.77
N ARG B 302 68.08 -55.72 17.07
CA ARG B 302 68.78 -55.00 16.03
C ARG B 302 67.91 -54.73 14.80
N GLN B 303 66.99 -55.65 14.47
CA GLN B 303 66.17 -55.53 13.28
C GLN B 303 65.10 -54.45 13.48
N VAL B 304 64.33 -54.59 14.55
CA VAL B 304 63.27 -53.65 14.89
C VAL B 304 63.82 -52.24 15.10
N PHE B 305 64.83 -52.08 15.94
CA PHE B 305 65.30 -50.75 16.27
C PHE B 305 66.34 -50.31 15.26
N GLU B 306 66.71 -51.21 14.34
CA GLU B 306 67.59 -50.85 13.24
C GLU B 306 69.00 -50.52 13.71
N ARG B 307 69.21 -50.54 15.03
CA ARG B 307 70.53 -50.50 15.62
C ARG B 307 70.46 -51.37 16.86
N ASP B 308 71.61 -51.88 17.32
CA ASP B 308 71.66 -52.68 18.52
C ASP B 308 71.54 -51.76 19.73
N LEU B 309 70.65 -52.11 20.68
CA LEU B 309 70.26 -51.18 21.74
C LEU B 309 71.08 -51.42 23.01
N LYS B 310 72.14 -52.23 22.91
CA LYS B 310 72.96 -52.54 24.07
C LYS B 310 73.98 -51.43 24.31
N ALA B 311 74.45 -50.79 23.23
CA ALA B 311 75.40 -49.69 23.31
C ALA B 311 74.81 -48.49 24.04
N TYR B 312 73.49 -48.45 24.17
CA TYR B 312 72.83 -47.45 24.99
C TYR B 312 72.48 -48.08 26.33
N GLY B 313 72.37 -49.40 26.34
CA GLY B 313 72.26 -50.16 27.58
C GLY B 313 70.86 -50.12 28.18
N GLN B 314 69.85 -49.84 27.36
CA GLN B 314 68.47 -50.05 27.77
C GLN B 314 67.88 -51.11 26.84
N SER B 315 66.99 -51.92 27.40
CA SER B 315 66.23 -52.93 26.69
C SER B 315 65.14 -53.41 27.63
N VAL B 316 64.00 -53.82 27.09
CA VAL B 316 62.87 -54.15 27.94
C VAL B 316 63.28 -55.38 28.77
N SER B 317 63.19 -55.26 30.10
CA SER B 317 63.65 -56.32 30.99
C SER B 317 62.78 -57.57 30.80
N GLU B 318 61.46 -57.38 30.90
CA GLU B 318 60.52 -58.49 30.88
C GLU B 318 60.41 -59.08 29.48
N ALA B 319 60.42 -58.20 28.46
CA ALA B 319 60.67 -58.68 27.11
C ALA B 319 62.08 -59.28 27.13
N GLU B 320 62.24 -60.45 26.52
CA GLU B 320 63.52 -61.16 26.45
C GLU B 320 63.56 -62.19 27.58
N SER B 321 63.17 -61.80 28.80
CA SER B 321 63.06 -62.78 29.88
C SER B 321 62.14 -63.91 29.44
N LYS B 322 60.95 -63.56 28.95
CA LYS B 322 59.94 -64.54 28.56
C LYS B 322 60.39 -65.37 27.36
N VAL B 323 61.19 -64.80 26.45
CA VAL B 323 61.63 -65.53 25.25
C VAL B 323 62.79 -66.45 25.61
N LYS B 324 63.62 -66.04 26.58
CA LYS B 324 64.69 -66.90 27.06
C LYS B 324 64.09 -68.18 27.66
N ASN B 325 63.01 -68.01 28.45
CA ASN B 325 62.30 -69.14 29.02
C ASN B 325 61.59 -69.93 27.91
N GLY B 326 60.99 -69.21 26.96
CA GLY B 326 60.44 -69.83 25.77
C GLY B 326 58.91 -69.89 25.75
N GLU B 327 58.23 -69.21 26.70
CA GLU B 327 56.78 -69.25 26.75
C GLU B 327 56.15 -68.27 25.77
N ILE B 328 56.68 -67.04 25.67
CA ILE B 328 56.26 -66.14 24.61
C ILE B 328 57.24 -66.34 23.46
N SER B 329 56.66 -66.44 22.25
CA SER B 329 57.39 -66.76 21.04
C SER B 329 58.27 -65.58 20.62
N VAL B 330 59.14 -65.79 19.63
CA VAL B 330 59.97 -64.71 19.11
C VAL B 330 59.02 -63.77 18.35
N ARG B 331 58.07 -64.34 17.61
CA ARG B 331 57.04 -63.55 16.96
C ARG B 331 56.38 -62.62 17.99
N GLU B 332 56.03 -63.16 19.15
CA GLU B 332 55.38 -62.38 20.19
C GLU B 332 56.37 -61.40 20.82
N PHE B 333 57.65 -61.70 20.75
CA PHE B 333 58.68 -60.82 21.28
C PHE B 333 58.76 -59.56 20.44
N VAL B 334 58.84 -59.75 19.11
CA VAL B 334 58.97 -58.62 18.21
C VAL B 334 57.70 -57.80 18.34
N ARG B 335 56.56 -58.45 18.54
CA ARG B 335 55.33 -57.73 18.86
C ARG B 335 55.53 -56.84 20.09
N ARG B 336 56.18 -57.37 21.14
CA ARG B 336 56.36 -56.64 22.38
C ARG B 336 57.30 -55.45 22.20
N LEU B 337 58.25 -55.56 21.28
CA LEU B 337 59.21 -54.50 21.02
C LEU B 337 58.48 -53.30 20.42
N GLY B 338 57.69 -53.53 19.36
CA GLY B 338 56.93 -52.50 18.68
C GLY B 338 56.04 -51.72 19.64
N LYS B 339 55.36 -52.42 20.53
CA LYS B 339 54.49 -51.78 21.50
C LYS B 339 55.30 -51.05 22.55
N SER B 340 56.60 -51.35 22.62
CA SER B 340 57.40 -50.88 23.73
C SER B 340 57.58 -49.38 23.65
N GLU B 341 57.86 -48.77 24.80
CA GLU B 341 58.20 -47.36 24.89
C GLU B 341 59.44 -47.05 24.06
N LEU B 342 60.39 -47.97 23.98
CA LEU B 342 61.64 -47.68 23.28
C LEU B 342 61.35 -47.49 21.80
N TYR B 343 60.35 -48.21 21.28
CA TYR B 343 60.16 -48.28 19.84
C TYR B 343 59.58 -46.98 19.35
N ARG B 344 58.58 -46.47 20.07
CA ARG B 344 58.23 -45.08 19.86
C ARG B 344 59.27 -44.17 20.48
N ARG B 345 59.21 -42.90 20.13
CA ARG B 345 60.23 -41.94 20.48
C ARG B 345 61.48 -42.19 19.65
N GLU B 346 61.83 -43.45 19.41
CA GLU B 346 62.91 -43.68 18.49
C GLU B 346 62.33 -43.62 17.09
N PHE B 347 61.16 -44.21 16.94
CA PHE B 347 60.41 -44.24 15.69
C PHE B 347 58.99 -43.84 16.06
N TYR B 348 58.20 -43.38 15.10
CA TYR B 348 56.86 -42.98 15.46
C TYR B 348 56.78 -41.53 15.97
N GLN B 349 57.27 -41.27 17.18
CA GLN B 349 57.08 -39.96 17.77
C GLN B 349 57.77 -38.88 16.97
N PRO B 350 58.99 -39.06 16.43
CA PRO B 350 59.57 -38.03 15.56
C PRO B 350 59.12 -37.88 14.12
N PHE B 351 58.32 -38.80 13.60
CA PHE B 351 57.86 -38.75 12.22
C PHE B 351 56.38 -38.36 12.20
N ILE B 352 55.88 -37.89 11.04
CA ILE B 352 54.44 -37.81 10.81
C ILE B 352 53.91 -39.21 10.55
N ASN B 353 52.61 -39.43 10.77
CA ASN B 353 52.06 -40.77 10.65
C ASN B 353 52.29 -41.45 9.30
N SER B 354 52.41 -40.69 8.20
CA SER B 354 52.62 -41.31 6.91
C SER B 354 54.01 -41.88 6.77
N ARG B 355 54.99 -41.26 7.43
CA ARG B 355 56.34 -41.78 7.40
C ARG B 355 56.49 -42.92 8.41
N VAL B 356 55.70 -42.95 9.47
CA VAL B 356 55.92 -43.94 10.50
C VAL B 356 55.57 -45.32 9.93
N LEU B 357 54.53 -45.41 9.11
CA LEU B 357 54.10 -46.72 8.68
C LEU B 357 55.00 -47.22 7.55
N GLU B 358 55.77 -46.34 6.92
CA GLU B 358 56.73 -46.77 5.92
C GLU B 358 57.94 -47.39 6.61
N LEU B 359 58.40 -46.80 7.71
CA LEU B 359 59.50 -47.37 8.45
C LEU B 359 59.03 -48.65 9.10
N ALA B 360 57.84 -48.62 9.71
CA ALA B 360 57.27 -49.81 10.34
C ALA B 360 57.12 -50.96 9.36
N PHE B 361 56.95 -50.68 8.07
CA PHE B 361 56.98 -51.74 7.08
C PHE B 361 58.37 -52.37 7.16
N LYS B 362 59.40 -51.58 6.85
CA LYS B 362 60.77 -52.07 6.72
C LYS B 362 61.16 -52.91 7.93
N HIS B 363 60.91 -52.44 9.14
CA HIS B 363 61.25 -53.25 10.30
C HIS B 363 60.01 -53.86 10.93
N PHE B 364 59.65 -55.06 10.44
CA PHE B 364 58.55 -55.89 10.95
C PHE B 364 58.18 -56.87 9.84
N LEU B 365 58.02 -56.32 8.64
CA LEU B 365 58.10 -57.08 7.41
C LEU B 365 59.35 -56.59 6.71
N GLY B 366 60.04 -57.41 5.96
CA GLY B 366 61.32 -56.94 5.46
C GLY B 366 61.19 -56.14 4.18
N ARG B 367 59.98 -56.04 3.60
CA ARG B 367 59.85 -55.35 2.34
C ARG B 367 59.56 -53.87 2.58
N ALA B 368 59.72 -53.07 1.53
CA ALA B 368 59.14 -51.73 1.43
C ALA B 368 57.66 -51.82 1.12
N PRO B 369 56.85 -50.76 1.36
CA PRO B 369 55.42 -50.78 1.00
C PRO B 369 55.30 -50.77 -0.51
N GLU B 370 54.50 -51.69 -1.04
CA GLU B 370 54.54 -52.05 -2.45
C GLU B 370 53.43 -51.36 -3.26
N SER B 371 52.35 -50.87 -2.64
CA SER B 371 51.31 -50.27 -3.44
C SER B 371 50.53 -49.17 -2.72
N ARG B 372 49.80 -48.41 -3.52
CA ARG B 372 48.93 -47.35 -3.03
C ARG B 372 47.84 -47.88 -2.10
N ALA B 373 47.28 -49.04 -2.39
CA ALA B 373 46.16 -49.53 -1.62
C ALA B 373 46.60 -50.02 -0.25
N GLU B 374 47.86 -50.40 -0.10
CA GLU B 374 48.26 -50.95 1.19
C GLU B 374 48.65 -49.80 2.11
N VAL B 375 49.35 -48.81 1.57
CA VAL B 375 49.71 -47.65 2.36
C VAL B 375 48.45 -46.92 2.77
N GLN B 376 47.32 -47.10 2.05
CA GLN B 376 46.05 -46.53 2.49
C GLN B 376 45.39 -47.34 3.59
N LYS B 377 45.48 -48.67 3.51
CA LYS B 377 44.82 -49.48 4.50
C LYS B 377 45.49 -49.26 5.83
N TYR B 378 46.81 -49.12 5.78
CA TYR B 378 47.61 -49.03 7.00
C TYR B 378 47.48 -47.63 7.59
N PHE B 379 47.30 -46.63 6.73
CA PHE B 379 47.16 -45.26 7.18
C PHE B 379 45.84 -45.06 7.92
N SER B 380 44.84 -45.88 7.60
CA SER B 380 43.58 -45.82 8.28
C SER B 380 43.65 -46.56 9.62
N ILE B 381 44.56 -47.51 9.76
CA ILE B 381 44.70 -48.26 10.99
C ILE B 381 45.34 -47.34 12.03
N ILE B 382 46.47 -46.73 11.69
CA ILE B 382 47.18 -45.85 12.60
C ILE B 382 46.35 -44.61 12.90
N SER B 383 45.56 -44.18 11.93
CA SER B 383 44.72 -43.00 12.12
C SER B 383 43.57 -43.29 13.08
N SER B 384 43.04 -44.52 13.04
CA SER B 384 41.80 -44.84 13.73
C SER B 384 41.94 -44.73 15.23
N PRO B 385 40.97 -44.09 15.92
CA PRO B 385 41.02 -43.91 17.36
C PRO B 385 40.84 -45.29 17.97
N ILE B 386 41.25 -45.39 19.23
CA ILE B 386 41.19 -46.62 19.97
C ILE B 386 39.76 -47.18 19.90
N VAL B 387 39.67 -48.48 19.62
CA VAL B 387 38.49 -49.22 20.02
C VAL B 387 38.60 -49.36 21.53
N ARG B 388 37.50 -49.26 22.28
CA ARG B 388 37.61 -49.38 23.72
C ARG B 388 38.15 -50.78 24.05
N GLY B 389 39.20 -50.83 24.88
CA GLY B 389 39.92 -52.06 25.15
C GLY B 389 39.98 -52.35 26.65
N GLN B 390 39.58 -53.57 27.03
CA GLN B 390 39.69 -54.03 28.42
C GLN B 390 41.16 -54.10 28.84
N SER B 391 42.03 -54.55 27.92
CA SER B 391 43.46 -54.66 28.20
C SER B 391 44.01 -53.26 28.48
N SER B 392 44.62 -53.09 29.65
CA SER B 392 45.28 -51.84 30.00
C SER B 392 46.32 -51.50 28.93
N MET B 393 46.95 -52.53 28.33
CA MET B 393 47.84 -52.34 27.20
C MET B 393 47.11 -51.45 26.21
N PRO B 394 47.62 -50.21 25.95
CA PRO B 394 46.84 -49.22 25.22
C PRO B 394 46.22 -49.80 23.94
N SER B 395 44.95 -49.45 23.69
CA SER B 395 44.20 -49.99 22.57
C SER B 395 44.70 -49.42 21.25
N GLY B 396 44.72 -50.28 20.22
CA GLY B 396 45.03 -49.88 18.86
C GLY B 396 45.95 -48.66 18.75
N GLY B 397 45.47 -47.58 18.13
CA GLY B 397 46.29 -46.43 17.81
C GLY B 397 47.47 -46.73 16.87
N LEU B 398 48.71 -46.57 17.34
CA LEU B 398 49.88 -47.07 16.62
C LEU B 398 50.09 -48.55 16.94
N TYR B 399 49.55 -48.99 18.08
CA TYR B 399 49.66 -50.38 18.46
C TYR B 399 48.88 -51.26 17.50
N ALA B 400 47.70 -50.77 17.10
CA ALA B 400 46.94 -51.36 16.03
C ALA B 400 47.81 -51.56 14.79
N LEU B 401 48.62 -50.57 14.45
CA LEU B 401 49.45 -50.65 13.27
C LEU B 401 50.33 -51.88 13.41
N ILE B 402 50.96 -51.99 14.58
CA ILE B 402 51.97 -53.01 14.79
C ILE B 402 51.29 -54.37 14.82
N ASP B 403 50.15 -54.47 15.50
CA ASP B 403 49.37 -55.69 15.45
C ASP B 403 49.11 -56.10 14.01
N ALA B 404 48.49 -55.20 13.25
CA ALA B 404 48.05 -55.52 11.90
C ALA B 404 49.18 -56.12 11.06
N LEU B 405 50.41 -55.68 11.30
CA LEU B 405 51.55 -56.18 10.56
C LEU B 405 51.90 -57.60 11.03
N ILE B 406 52.07 -57.82 12.34
CA ILE B 406 52.44 -59.15 12.81
C ILE B 406 51.30 -60.12 12.56
N ASP B 407 50.04 -59.67 12.72
CA ASP B 407 48.90 -60.54 12.52
C ASP B 407 48.67 -60.88 11.05
N SER B 408 49.30 -60.14 10.13
CA SER B 408 49.10 -60.34 8.71
C SER B 408 49.61 -61.71 8.28
N GLU B 409 48.87 -62.38 7.39
CA GLU B 409 49.27 -63.67 6.89
C GLU B 409 50.64 -63.55 6.20
N GLU B 410 50.88 -62.47 5.44
CA GLU B 410 52.14 -62.33 4.72
C GLU B 410 53.28 -62.40 5.73
N TYR B 411 53.07 -61.79 6.89
CA TYR B 411 54.07 -61.79 7.95
C TYR B 411 54.32 -63.20 8.42
N THR B 412 53.25 -63.78 8.97
CA THR B 412 53.31 -65.05 9.68
C THR B 412 53.85 -66.13 8.75
N SER B 413 53.35 -66.18 7.52
CA SER B 413 53.78 -67.19 6.58
C SER B 413 55.29 -67.12 6.30
N ILE B 414 55.79 -65.96 5.89
CA ILE B 414 57.18 -65.85 5.43
C ILE B 414 58.14 -66.04 6.60
N PHE B 415 57.87 -65.36 7.71
CA PHE B 415 58.79 -65.42 8.85
C PHE B 415 58.49 -66.67 9.67
N GLY B 416 57.21 -66.99 9.84
CA GLY B 416 56.84 -68.00 10.81
C GLY B 416 56.92 -67.43 12.21
N GLU B 417 56.61 -68.26 13.22
CA GLU B 417 56.65 -67.85 14.62
C GLU B 417 58.06 -67.85 15.19
N ASP B 418 58.95 -68.65 14.62
CA ASP B 418 60.26 -68.83 15.21
C ASP B 418 61.20 -67.74 14.72
N THR B 419 61.17 -67.44 13.42
CA THR B 419 62.19 -66.60 12.83
C THR B 419 62.00 -65.15 13.29
N VAL B 420 63.11 -64.42 13.39
CA VAL B 420 63.04 -62.97 13.49
C VAL B 420 62.95 -62.45 12.06
N PRO B 421 62.16 -61.40 11.82
CA PRO B 421 62.06 -60.82 10.49
C PRO B 421 63.44 -60.50 9.93
N TYR B 422 63.64 -60.73 8.64
CA TYR B 422 64.88 -60.38 7.96
C TYR B 422 64.51 -59.44 6.83
N LEU B 423 65.50 -58.69 6.35
CA LEU B 423 65.31 -57.81 5.20
C LEU B 423 65.39 -58.60 3.91
N ARG B 424 64.26 -58.75 3.22
CA ARG B 424 64.28 -59.29 1.86
C ARG B 424 64.84 -58.24 0.91
N ASN B 425 65.56 -58.67 -0.13
CA ASN B 425 66.42 -57.78 -0.89
C ASN B 425 66.67 -58.36 -2.28
N LEU B 426 67.73 -57.88 -2.95
CA LEU B 426 67.97 -58.22 -4.35
C LEU B 426 68.12 -59.73 -4.47
N GLY B 427 68.91 -60.32 -3.57
CA GLY B 427 69.23 -61.74 -3.61
C GLY B 427 68.00 -62.63 -3.45
N VAL B 428 67.08 -62.23 -2.56
CA VAL B 428 65.98 -63.09 -2.15
C VAL B 428 64.63 -62.47 -2.56
N GLU B 429 63.64 -63.33 -2.86
CA GLU B 429 62.30 -62.86 -3.15
C GLU B 429 62.23 -61.98 -4.41
N ALA B 430 63.25 -61.98 -5.27
CA ALA B 430 63.09 -61.39 -6.60
C ALA B 430 63.23 -59.88 -6.57
N GLN B 431 62.30 -59.17 -5.90
CA GLN B 431 62.31 -57.72 -5.80
C GLN B 431 61.46 -57.12 -6.93
N PRO B 432 60.74 -55.99 -6.68
CA PRO B 432 59.81 -55.39 -7.62
C PRO B 432 60.28 -54.10 -8.28
N SER B 433 59.97 -53.91 -9.57
CA SER B 433 60.47 -52.76 -10.32
C SER B 433 59.75 -51.47 -9.94
N TRP B 434 58.46 -51.55 -9.59
CA TRP B 434 57.65 -50.36 -9.48
C TRP B 434 58.10 -49.45 -8.33
N ASN B 435 58.69 -50.02 -7.28
CA ASN B 435 59.11 -49.17 -6.17
C ASN B 435 60.58 -49.34 -5.87
N TRP B 436 61.42 -49.36 -6.91
CA TRP B 436 62.79 -49.79 -6.70
C TRP B 436 63.55 -48.70 -5.98
N GLY B 437 63.70 -47.54 -6.64
CA GLY B 437 64.50 -46.44 -6.13
C GLY B 437 64.14 -46.11 -4.69
N ALA B 438 62.85 -46.04 -4.40
CA ALA B 438 62.40 -45.70 -3.07
C ALA B 438 62.87 -46.75 -2.09
N ALA B 439 62.62 -48.01 -2.42
CA ALA B 439 62.89 -49.14 -1.53
C ALA B 439 64.37 -49.21 -1.16
N TYR B 440 65.26 -49.00 -2.12
CA TYR B 440 66.68 -49.09 -1.82
C TYR B 440 67.11 -47.97 -0.90
N ASP B 441 66.42 -46.83 -0.93
CA ASP B 441 66.65 -45.79 0.04
C ASP B 441 66.07 -46.17 1.40
N LEU B 442 64.98 -46.93 1.42
CA LEU B 442 64.35 -47.31 2.66
C LEU B 442 65.22 -48.33 3.39
N TYR B 443 65.99 -49.11 2.61
CA TYR B 443 66.76 -50.20 3.19
C TYR B 443 68.03 -49.68 3.86
N ASN B 444 68.59 -48.57 3.37
CA ASN B 444 69.81 -48.00 3.92
C ASN B 444 69.57 -47.45 5.32
N TYR B 445 70.65 -47.25 6.09
CA TYR B 445 70.57 -46.86 7.49
C TYR B 445 70.27 -45.38 7.62
N ALA B 446 70.53 -44.63 6.54
CA ALA B 446 70.18 -43.22 6.47
C ALA B 446 68.66 -43.00 6.39
N ALA B 447 67.88 -44.05 6.25
CA ALA B 447 66.45 -43.93 6.01
C ALA B 447 65.75 -43.11 7.09
N PRO B 448 66.04 -43.33 8.38
CA PRO B 448 65.33 -42.60 9.42
C PRO B 448 65.66 -41.11 9.46
N ARG B 449 66.59 -40.68 8.61
CA ARG B 449 66.98 -39.29 8.57
C ARG B 449 66.01 -38.49 7.72
N ARG B 450 65.46 -39.10 6.67
CA ARG B 450 64.45 -38.45 5.84
C ARG B 450 63.10 -38.50 6.56
N LYS B 451 62.42 -37.34 6.58
CA LYS B 451 61.22 -37.19 7.37
C LYS B 451 59.96 -37.08 6.50
N VAL B 452 60.12 -36.65 5.24
CA VAL B 452 59.02 -36.57 4.30
C VAL B 452 58.70 -37.98 3.84
N PRO B 453 57.41 -38.35 3.75
CA PRO B 453 57.08 -39.70 3.32
C PRO B 453 57.44 -39.90 1.85
N GLN B 454 57.96 -41.07 1.54
CA GLN B 454 58.48 -41.38 0.22
C GLN B 454 57.54 -42.26 -0.58
N PHE B 455 56.72 -43.08 0.08
CA PHE B 455 55.98 -44.11 -0.63
C PHE B 455 54.66 -43.55 -1.14
N ILE B 456 53.90 -42.92 -0.24
CA ILE B 456 52.69 -42.23 -0.63
C ILE B 456 53.01 -41.20 -1.70
N THR B 457 54.12 -40.45 -1.60
CA THR B 457 54.37 -39.46 -2.62
C THR B 457 54.59 -40.14 -3.97
N LEU B 458 55.29 -41.27 -3.99
CA LEU B 458 55.65 -41.93 -5.23
C LEU B 458 54.42 -42.56 -5.85
N PHE B 459 53.71 -43.40 -5.09
CA PHE B 459 52.42 -43.88 -5.55
C PHE B 459 51.56 -42.63 -5.68
N ALA B 460 50.80 -42.52 -6.75
CA ALA B 460 49.95 -41.34 -6.81
C ALA B 460 50.69 -40.09 -7.28
N ASP B 461 52.00 -40.14 -7.37
CA ASP B 461 52.70 -39.24 -8.28
C ASP B 461 52.73 -39.86 -9.66
N TYR B 462 52.50 -41.17 -9.72
CA TYR B 462 52.39 -41.89 -10.97
C TYR B 462 51.02 -41.70 -11.61
N THR B 463 50.00 -41.56 -10.76
CA THR B 463 48.65 -41.32 -11.21
C THR B 463 48.41 -39.85 -11.57
N GLN B 464 49.22 -38.93 -11.05
CA GLN B 464 49.01 -37.51 -11.27
C GLN B 464 49.76 -37.03 -12.51
N PRO B 465 49.39 -35.87 -13.10
CA PRO B 465 50.17 -35.25 -14.16
C PRO B 465 51.45 -34.71 -13.56
N LEU B 466 52.41 -34.28 -14.38
CA LEU B 466 53.72 -34.11 -13.77
C LEU B 466 53.79 -32.74 -13.11
N PRO B 467 54.57 -32.58 -12.03
CA PRO B 467 54.47 -31.43 -11.13
C PRO B 467 54.98 -30.07 -11.60
N ASN B 468 54.78 -29.05 -10.77
CA ASN B 468 55.30 -27.71 -11.05
C ASN B 468 56.65 -27.57 -10.36
N GLN B 469 57.76 -27.76 -11.07
CA GLN B 469 59.06 -27.76 -10.42
C GLN B 469 60.13 -27.50 -11.46
N HIS B 470 61.35 -27.22 -10.98
CA HIS B 470 62.44 -27.00 -11.90
C HIS B 470 62.61 -28.32 -12.62
N PRO B 471 62.98 -28.33 -13.90
CA PRO B 471 63.16 -29.59 -14.60
C PRO B 471 64.17 -30.48 -13.90
N TYR B 472 65.29 -29.89 -13.44
CA TYR B 472 66.42 -30.65 -12.94
C TYR B 472 66.13 -31.11 -11.51
N GLY B 473 65.03 -30.70 -10.91
CA GLY B 473 64.64 -31.30 -9.64
C GLY B 473 64.00 -30.32 -8.67
N ALA B 474 63.33 -30.84 -7.64
CA ALA B 474 62.69 -30.01 -6.64
C ALA B 474 63.72 -29.17 -5.89
N GLY B 475 64.91 -29.70 -5.69
CA GLY B 475 65.94 -29.00 -4.97
C GLY B 475 66.52 -27.84 -5.78
N ASN B 476 66.25 -27.77 -7.07
CA ASN B 476 66.88 -26.74 -7.86
C ASN B 476 66.07 -25.44 -7.82
N ASP B 477 64.89 -25.44 -7.22
CA ASP B 477 64.13 -24.20 -7.11
C ASP B 477 64.50 -23.42 -5.87
N PRO B 478 65.02 -22.17 -5.97
CA PRO B 478 65.34 -21.35 -4.81
C PRO B 478 64.05 -20.98 -4.10
N LEU B 479 64.13 -20.83 -2.78
CA LEU B 479 63.04 -20.25 -2.01
C LEU B 479 62.84 -18.77 -2.35
N GLU B 480 61.59 -18.29 -2.43
CA GLU B 480 61.33 -16.97 -3.01
C GLU B 480 61.10 -15.91 -1.94
N ILE B 481 62.16 -15.18 -1.64
CA ILE B 481 62.24 -14.27 -0.52
C ILE B 481 63.04 -13.09 -1.02
N GLN B 482 63.11 -11.99 -0.27
CA GLN B 482 63.63 -10.76 -0.82
C GLN B 482 65.08 -10.91 -1.28
N PHE B 483 65.95 -11.38 -0.37
CA PHE B 483 67.38 -11.44 -0.63
C PHE B 483 67.79 -12.81 -0.10
N GLY B 484 68.85 -13.40 -0.67
CA GLY B 484 69.36 -14.66 -0.14
C GLY B 484 69.02 -15.82 -1.06
N ALA B 485 69.97 -16.74 -1.28
CA ALA B 485 69.70 -17.93 -2.08
C ALA B 485 69.61 -19.18 -1.21
N ILE B 486 68.39 -19.64 -0.94
CA ILE B 486 68.16 -20.73 -0.01
C ILE B 486 67.61 -21.91 -0.77
N PHE B 487 68.44 -22.95 -0.90
CA PHE B 487 68.01 -24.16 -1.56
C PHE B 487 67.89 -25.24 -0.50
N LYS B 488 67.19 -26.33 -0.82
CA LYS B 488 67.21 -27.47 0.06
C LYS B 488 68.47 -28.26 -0.29
N ASN B 489 69.23 -28.66 0.73
CA ASN B 489 70.46 -29.40 0.56
C ASN B 489 70.18 -30.91 0.70
N SER B 490 70.81 -31.71 -0.16
CA SER B 490 70.51 -33.13 -0.27
C SER B 490 70.93 -33.93 0.96
N THR B 491 72.04 -33.52 1.56
CA THR B 491 72.61 -34.24 2.67
C THR B 491 71.86 -33.85 3.94
N ILE B 492 71.58 -32.55 4.16
CA ILE B 492 71.18 -32.07 5.48
C ILE B 492 69.81 -32.57 5.86
N ASN B 493 68.96 -32.80 4.89
CA ASN B 493 67.86 -33.69 5.17
C ASN B 493 67.29 -34.20 3.86
N PRO B 494 67.37 -35.51 3.61
CA PRO B 494 67.03 -36.03 2.30
C PRO B 494 65.53 -35.82 2.10
N ALA B 495 65.16 -35.14 1.02
CA ALA B 495 63.77 -35.04 0.63
C ALA B 495 63.68 -34.84 -0.88
N GLU B 496 64.20 -35.82 -1.63
CA GLU B 496 64.26 -35.61 -3.07
C GLU B 496 62.94 -35.94 -3.74
N ARG B 497 62.56 -35.08 -4.70
CA ARG B 497 61.46 -35.35 -5.59
C ARG B 497 61.99 -35.16 -6.99
N ALA B 498 62.11 -36.27 -7.73
CA ALA B 498 62.50 -36.20 -9.11
C ALA B 498 61.28 -36.47 -9.97
N ALA B 499 61.27 -35.85 -11.14
CA ALA B 499 60.17 -36.02 -12.07
C ALA B 499 60.75 -35.93 -13.46
N PRO B 500 60.32 -36.78 -14.40
CA PRO B 500 60.87 -36.73 -15.74
C PRO B 500 60.27 -35.64 -16.61
N ILE B 501 61.08 -34.63 -16.92
CA ILE B 501 60.56 -33.48 -17.60
C ILE B 501 61.42 -33.29 -18.85
N GLY B 502 60.80 -33.50 -20.01
CA GLY B 502 61.52 -33.45 -21.27
C GLY B 502 61.95 -32.04 -21.64
N LYS B 503 62.71 -31.94 -22.73
CA LYS B 503 63.22 -30.65 -23.21
C LYS B 503 62.08 -29.71 -23.58
N ASP B 504 60.97 -30.31 -24.00
CA ASP B 504 59.84 -29.60 -24.59
C ASP B 504 58.88 -29.03 -23.54
N VAL B 505 58.77 -29.68 -22.38
CA VAL B 505 57.86 -29.27 -21.32
C VAL B 505 58.09 -27.80 -20.95
N LYS B 506 57.01 -27.06 -20.67
CA LYS B 506 57.09 -25.65 -20.33
C LYS B 506 56.50 -25.41 -18.94
N ARG B 507 57.17 -24.65 -18.07
CA ARG B 507 56.56 -24.39 -16.77
C ARG B 507 55.44 -23.37 -16.89
N ILE B 508 54.46 -23.55 -16.02
CA ILE B 508 53.44 -22.56 -15.84
C ILE B 508 53.89 -21.59 -14.75
N LEU B 509 53.99 -20.31 -15.10
CA LEU B 509 54.40 -19.28 -14.18
C LEU B 509 53.27 -18.28 -13.95
N ILE B 510 53.14 -17.80 -12.72
CA ILE B 510 52.08 -16.87 -12.37
C ILE B 510 52.61 -15.46 -12.50
N ARG B 511 51.88 -14.62 -13.19
CA ARG B 511 52.34 -13.26 -13.46
C ARG B 511 52.20 -12.42 -12.20
N ASN B 512 53.24 -11.64 -11.91
CA ASN B 512 53.26 -10.72 -10.80
C ASN B 512 52.79 -9.38 -11.35
N GLY B 513 51.50 -9.13 -11.27
CA GLY B 513 50.89 -8.19 -12.16
C GLY B 513 49.52 -8.68 -12.58
N SER B 514 48.99 -8.14 -13.67
CA SER B 514 47.64 -8.47 -14.09
C SER B 514 47.65 -9.76 -14.89
N PRO B 515 46.76 -10.73 -14.59
CA PRO B 515 46.85 -12.02 -15.23
C PRO B 515 46.90 -12.00 -16.75
N THR B 516 46.20 -11.08 -17.39
CA THR B 516 46.12 -11.08 -18.84
C THR B 516 47.38 -10.49 -19.47
N SER B 517 48.30 -10.04 -18.61
CA SER B 517 49.57 -9.51 -19.04
C SER B 517 50.50 -10.65 -19.42
N ASN B 518 50.19 -11.85 -18.92
CA ASN B 518 51.06 -12.99 -19.03
C ASN B 518 51.33 -13.29 -20.49
N GLU B 519 52.60 -13.51 -20.84
CA GLU B 519 53.04 -13.49 -22.22
C GLU B 519 52.75 -14.80 -22.93
N ARG B 520 52.30 -15.81 -22.20
CA ARG B 520 51.95 -17.05 -22.86
C ARG B 520 50.69 -16.80 -23.68
N GLY B 521 49.72 -16.14 -23.09
CA GLY B 521 48.50 -15.83 -23.80
C GLY B 521 48.59 -14.54 -24.62
N ASN B 522 49.49 -13.61 -24.31
CA ASN B 522 49.68 -12.52 -25.23
C ASN B 522 51.11 -12.03 -25.27
N PRO B 523 51.74 -12.12 -26.46
CA PRO B 523 53.13 -11.72 -26.64
C PRO B 523 53.52 -10.29 -26.29
N THR B 524 52.58 -9.34 -26.32
CA THR B 524 52.94 -7.94 -26.12
C THR B 524 52.69 -7.49 -24.68
N GLY B 525 52.42 -8.43 -23.77
CA GLY B 525 51.90 -8.11 -22.46
C GLY B 525 52.90 -7.36 -21.56
N MET B 526 54.20 -7.46 -21.84
CA MET B 526 55.17 -6.79 -21.01
C MET B 526 55.25 -5.32 -21.42
N SER B 527 54.91 -5.04 -22.68
CA SER B 527 54.89 -3.68 -23.18
C SER B 527 53.49 -3.11 -23.01
N GLU B 528 53.03 -3.10 -21.75
CA GLU B 528 51.72 -2.65 -21.37
C GLU B 528 51.87 -1.81 -20.10
N GLY B 529 50.82 -1.08 -19.75
CA GLY B 529 50.86 -0.24 -18.57
C GLY B 529 51.06 -1.07 -17.31
N ALA B 530 51.96 -0.62 -16.43
CA ALA B 530 52.07 -1.17 -15.10
C ALA B 530 50.80 -0.87 -14.33
N THR B 531 50.53 -1.72 -13.34
CA THR B 531 49.34 -1.61 -12.50
C THR B 531 49.79 -1.68 -11.04
N THR B 532 48.79 -1.60 -10.17
CA THR B 532 49.02 -1.64 -8.74
C THR B 532 49.15 -3.10 -8.33
N LEU B 533 48.73 -3.99 -9.24
CA LEU B 533 48.89 -5.42 -9.04
C LEU B 533 50.36 -5.77 -9.19
N GLY B 534 51.09 -4.99 -9.98
CA GLY B 534 52.49 -5.27 -10.24
C GLY B 534 53.40 -4.81 -9.11
N PRO B 535 54.71 -5.08 -9.24
CA PRO B 535 55.75 -4.32 -8.57
C PRO B 535 56.03 -3.02 -9.30
N LYS B 536 56.74 -2.12 -8.61
CA LYS B 536 57.12 -0.83 -9.15
C LYS B 536 58.27 -0.94 -10.17
N ILE B 537 58.17 -0.19 -11.26
CA ILE B 537 59.14 -0.28 -12.33
C ILE B 537 59.91 1.03 -12.41
N PHE B 538 61.24 0.96 -12.37
CA PHE B 538 62.05 2.16 -12.38
C PHE B 538 62.68 2.37 -13.76
N LYS B 539 62.40 3.52 -14.36
CA LYS B 539 63.04 3.91 -15.60
C LYS B 539 63.82 5.20 -15.37
N LEU B 540 64.99 5.35 -16.01
CA LEU B 540 65.71 6.61 -15.92
C LEU B 540 65.21 7.52 -17.03
N THR B 541 64.43 8.54 -16.65
CA THR B 541 63.77 9.44 -17.59
C THR B 541 64.75 10.44 -18.18
N GLN B 542 65.70 10.93 -17.38
CA GLN B 542 66.60 11.95 -17.88
C GLN B 542 68.00 11.78 -17.29
N ASN B 543 68.98 12.32 -18.03
CA ASN B 543 70.35 12.38 -17.54
C ASN B 543 70.66 13.82 -17.13
N VAL B 544 71.11 13.96 -15.86
CA VAL B 544 71.37 15.26 -15.26
C VAL B 544 72.71 15.80 -15.79
N GLY B 545 73.70 14.91 -15.94
CA GLY B 545 75.05 15.28 -16.32
C GLY B 545 75.12 16.16 -17.58
N PHE B 546 74.54 15.68 -18.69
CA PHE B 546 74.53 16.41 -19.95
C PHE B 546 73.59 17.62 -19.86
N ARG B 547 72.58 17.55 -18.97
CA ARG B 547 71.70 18.69 -18.76
C ARG B 547 72.38 19.61 -17.76
N SER B 548 73.43 20.27 -18.25
CA SER B 548 74.09 21.35 -17.54
C SER B 548 73.08 22.50 -17.41
N LYS B 549 72.95 23.04 -16.19
CA LYS B 549 72.01 24.12 -15.96
C LYS B 549 72.40 25.31 -16.83
N GLY B 550 71.41 25.91 -17.50
CA GLY B 550 71.61 27.12 -18.29
C GLY B 550 71.69 28.37 -17.41
N MET B 551 71.17 28.25 -16.18
CA MET B 551 71.16 29.34 -15.20
C MET B 551 71.58 28.80 -13.83
N VAL B 552 72.06 29.70 -12.96
CA VAL B 552 72.43 29.38 -11.58
C VAL B 552 73.19 28.05 -11.56
N GLN B 553 74.32 28.03 -12.27
CA GLN B 553 75.12 26.82 -12.45
C GLN B 553 75.44 26.16 -11.11
N ASN B 554 75.83 26.97 -10.12
CA ASN B 554 76.20 26.50 -8.79
C ASN B 554 74.97 26.44 -7.87
N ALA B 555 73.91 25.76 -8.36
CA ALA B 555 72.60 25.79 -7.72
C ALA B 555 72.72 25.49 -6.23
N GLY B 556 73.40 24.40 -5.90
CA GLY B 556 73.42 23.92 -4.53
C GLY B 556 72.23 22.99 -4.25
N VAL B 557 70.99 23.48 -4.50
CA VAL B 557 69.79 22.67 -4.31
C VAL B 557 69.54 21.77 -5.52
N VAL B 558 70.00 22.16 -6.72
CA VAL B 558 70.06 21.25 -7.88
C VAL B 558 68.70 20.56 -8.13
N THR B 559 68.51 19.34 -7.61
CA THR B 559 67.27 18.56 -7.66
C THR B 559 67.31 17.63 -8.87
N VAL B 560 66.56 16.52 -8.76
CA VAL B 560 66.46 15.46 -9.76
C VAL B 560 67.68 14.54 -9.61
N GLU B 561 68.56 14.85 -8.65
CA GLU B 561 69.65 13.96 -8.27
C GLU B 561 69.08 12.68 -7.67
N GLY B 562 68.00 12.84 -6.89
CA GLY B 562 67.33 11.74 -6.21
C GLY B 562 66.80 10.68 -7.17
N SER B 563 66.21 11.09 -8.30
CA SER B 563 65.66 10.14 -9.26
C SER B 563 66.76 9.17 -9.71
N VAL B 564 67.99 9.67 -9.84
CA VAL B 564 69.10 8.83 -10.25
C VAL B 564 69.54 8.01 -9.05
N GLN B 565 69.60 8.68 -7.90
CA GLN B 565 70.15 8.06 -6.71
C GLN B 565 69.18 6.99 -6.21
N ALA B 566 67.88 7.18 -6.45
CA ALA B 566 66.87 6.17 -6.15
C ALA B 566 67.02 4.97 -7.07
N LEU B 567 67.14 5.24 -8.37
CA LEU B 567 67.38 4.16 -9.31
C LEU B 567 68.62 3.36 -8.92
N ILE B 568 69.68 4.01 -8.45
CA ILE B 568 70.88 3.27 -8.11
C ILE B 568 70.58 2.37 -6.92
N THR B 569 69.80 2.83 -5.97
CA THR B 569 69.46 2.03 -4.82
C THR B 569 68.66 0.82 -5.26
N ALA B 570 67.73 1.06 -6.19
CA ALA B 570 66.83 0.04 -6.67
C ALA B 570 67.55 -0.98 -7.55
N ALA B 571 68.65 -0.57 -8.17
CA ALA B 571 69.48 -1.52 -8.90
C ALA B 571 69.99 -2.59 -7.94
N TYR B 572 70.59 -2.13 -6.86
CA TYR B 572 71.19 -3.03 -5.91
C TYR B 572 70.07 -3.89 -5.35
N GLN B 573 68.87 -3.37 -5.20
CA GLN B 573 67.83 -4.16 -4.58
C GLN B 573 67.39 -5.29 -5.49
N GLN B 574 67.48 -5.08 -6.80
CA GLN B 574 67.04 -6.09 -7.75
C GLN B 574 68.15 -7.11 -7.98
N ILE B 575 69.35 -6.64 -8.29
CA ILE B 575 70.43 -7.58 -8.57
C ILE B 575 70.76 -8.37 -7.32
N PHE B 576 71.14 -7.69 -6.23
CA PHE B 576 71.62 -8.42 -5.08
C PHE B 576 70.49 -8.77 -4.14
N GLY B 577 69.36 -8.08 -4.26
CA GLY B 577 68.25 -8.31 -3.33
C GLY B 577 68.23 -7.35 -2.15
N ARG B 578 69.40 -6.91 -1.72
CA ARG B 578 69.63 -6.15 -0.51
C ARG B 578 70.57 -5.05 -0.93
N GLN B 579 70.83 -4.06 -0.06
CA GLN B 579 71.89 -3.11 -0.30
C GLN B 579 73.19 -3.78 0.11
N LEU B 580 74.31 -3.35 -0.48
CA LEU B 580 75.58 -3.97 -0.19
C LEU B 580 76.16 -3.27 1.04
N TYR B 581 77.26 -3.81 1.59
CA TYR B 581 78.00 -3.18 2.68
C TYR B 581 78.94 -2.11 2.12
N GLN B 582 79.64 -1.41 3.02
CA GLN B 582 80.28 -0.14 2.72
C GLN B 582 81.44 -0.26 1.75
N GLY B 583 82.34 -1.20 1.99
CA GLY B 583 83.39 -1.48 1.01
C GLY B 583 82.82 -1.91 -0.36
N GLN B 584 81.72 -2.68 -0.33
CA GLN B 584 81.33 -3.58 -1.41
C GLN B 584 80.76 -2.83 -2.61
N ARG B 585 80.13 -1.66 -2.42
CA ARG B 585 79.44 -1.02 -3.55
C ARG B 585 80.45 -0.66 -4.63
N LEU B 586 79.99 -0.52 -5.87
CA LEU B 586 80.89 -0.10 -6.93
C LEU B 586 80.59 1.32 -7.37
N LYS B 587 81.41 2.28 -6.91
CA LYS B 587 81.16 3.70 -7.12
C LYS B 587 81.39 4.08 -8.58
N VAL B 588 82.41 3.48 -9.21
CA VAL B 588 82.79 3.92 -10.55
C VAL B 588 81.61 3.79 -11.52
N ALA B 589 80.94 2.64 -11.49
CA ALA B 589 79.76 2.42 -12.33
C ALA B 589 78.67 3.43 -12.00
N GLU B 590 78.49 3.73 -10.72
CA GLU B 590 77.50 4.71 -10.28
C GLU B 590 77.86 6.07 -10.86
N ILE B 591 79.15 6.43 -10.83
CA ILE B 591 79.58 7.73 -11.30
C ILE B 591 79.17 7.92 -12.76
N LYS B 592 79.53 6.96 -13.60
CA LYS B 592 79.29 7.10 -15.02
C LYS B 592 77.80 7.26 -15.31
N LEU B 593 76.97 6.53 -14.55
CA LEU B 593 75.53 6.57 -14.76
C LEU B 593 75.00 7.95 -14.38
N GLU B 594 75.58 8.54 -13.33
CA GLU B 594 75.19 9.86 -12.89
C GLU B 594 75.56 10.93 -13.91
N ASN B 595 76.74 10.81 -14.55
CA ASN B 595 77.16 11.81 -15.54
C ASN B 595 76.54 11.54 -16.89
N GLY B 596 75.96 10.36 -17.09
CA GLY B 596 75.32 10.05 -18.36
C GLY B 596 76.30 9.48 -19.37
N GLU B 597 77.46 9.04 -18.89
CA GLU B 597 78.42 8.34 -19.74
C GLU B 597 77.81 7.01 -20.17
N THR B 598 77.27 6.25 -19.21
CA THR B 598 76.66 4.97 -19.51
C THR B 598 75.15 5.13 -19.40
N THR B 599 74.44 4.09 -19.83
CA THR B 599 73.01 4.01 -19.66
C THR B 599 72.71 2.92 -18.62
N VAL B 600 71.43 2.76 -18.27
CA VAL B 600 71.01 1.82 -17.26
C VAL B 600 71.40 0.40 -17.67
N LYS B 601 71.26 0.07 -18.94
CA LYS B 601 71.64 -1.25 -19.43
C LYS B 601 73.06 -1.61 -18.99
N GLU B 602 73.98 -0.64 -19.10
CA GLU B 602 75.39 -0.89 -18.90
C GLU B 602 75.72 -0.94 -17.42
N PHE B 603 74.95 -0.22 -16.60
CA PHE B 603 75.12 -0.24 -15.17
C PHE B 603 74.79 -1.63 -14.64
N VAL B 604 73.69 -2.20 -15.14
CA VAL B 604 73.25 -3.53 -14.78
C VAL B 604 74.31 -4.54 -15.22
N ARG B 605 74.98 -4.26 -16.34
CA ARG B 605 76.02 -5.16 -16.80
C ARG B 605 77.14 -5.19 -15.78
N ALA B 606 77.53 -4.03 -15.29
CA ALA B 606 78.63 -3.90 -14.37
C ALA B 606 78.38 -4.64 -13.05
N LEU B 607 77.13 -4.62 -12.59
CA LEU B 607 76.77 -5.30 -11.35
C LEU B 607 76.79 -6.80 -11.53
N GLY B 608 76.29 -7.32 -12.66
CA GLY B 608 76.36 -8.75 -12.95
C GLY B 608 77.80 -9.25 -13.10
N ARG B 609 78.66 -8.46 -13.76
CA ARG B 609 80.05 -8.81 -13.91
C ARG B 609 80.81 -8.76 -12.59
N SER B 610 80.28 -8.06 -11.58
CA SER B 610 81.09 -7.69 -10.44
C SER B 610 81.55 -8.92 -9.65
N GLU B 611 82.69 -8.77 -8.97
CA GLU B 611 83.24 -9.86 -8.18
C GLU B 611 82.30 -10.22 -7.05
N ILE B 612 81.66 -9.22 -6.45
CA ILE B 612 80.85 -9.47 -5.27
C ILE B 612 79.66 -10.32 -5.67
N PHE B 613 79.18 -10.13 -6.90
CA PHE B 613 78.03 -10.84 -7.42
C PHE B 613 78.41 -12.30 -7.65
N ARG B 614 79.60 -12.53 -8.19
CA ARG B 614 80.15 -13.87 -8.29
C ARG B 614 80.30 -14.49 -6.91
N LYS B 615 80.85 -13.76 -5.95
CA LYS B 615 81.09 -14.33 -4.63
C LYS B 615 79.78 -14.73 -3.94
N LEU B 616 78.73 -13.93 -4.15
CA LEU B 616 77.50 -14.18 -3.41
C LEU B 616 76.72 -15.33 -4.03
N TYR B 617 76.74 -15.45 -5.37
CA TYR B 617 75.84 -16.37 -6.03
C TYR B 617 76.55 -17.42 -6.89
N TRP B 618 77.59 -17.09 -7.64
CA TRP B 618 78.25 -18.13 -8.39
C TRP B 618 78.99 -19.11 -7.49
N GLU B 619 80.01 -18.65 -6.75
CA GLU B 619 80.99 -19.54 -6.14
C GLU B 619 80.36 -20.59 -5.22
N PRO B 620 79.44 -20.28 -4.29
CA PRO B 620 78.94 -21.32 -3.38
C PRO B 620 77.99 -22.43 -3.81
N PHE B 621 77.43 -22.39 -5.01
CA PHE B 621 76.32 -23.28 -5.34
C PHE B 621 76.73 -24.27 -6.43
N TYR B 622 75.98 -25.38 -6.53
CA TYR B 622 75.96 -26.25 -7.69
C TYR B 622 75.69 -25.46 -8.96
N VAL B 623 76.29 -25.83 -10.09
CA VAL B 623 76.31 -24.87 -11.20
C VAL B 623 74.89 -24.59 -11.68
N CYS B 624 74.01 -25.58 -11.60
CA CYS B 624 72.67 -25.39 -12.09
C CYS B 624 71.84 -24.57 -11.12
N LYS B 625 72.03 -24.77 -9.82
CA LYS B 625 71.40 -23.94 -8.82
C LYS B 625 71.82 -22.49 -9.04
N ALA B 626 73.10 -22.26 -9.31
CA ALA B 626 73.57 -20.92 -9.56
C ALA B 626 72.81 -20.30 -10.72
N ILE B 627 72.83 -20.97 -11.86
CA ILE B 627 72.23 -20.41 -13.06
C ILE B 627 70.77 -20.05 -12.81
N GLU B 628 70.05 -20.89 -12.09
CA GLU B 628 68.64 -20.62 -11.85
C GLU B 628 68.46 -19.36 -11.02
N TYR B 629 69.23 -19.20 -9.95
CA TYR B 629 69.18 -17.99 -9.16
C TYR B 629 69.61 -16.78 -9.97
N ILE B 630 70.74 -16.83 -10.69
CA ILE B 630 71.15 -15.68 -11.46
C ILE B 630 70.04 -15.27 -12.41
N HIS B 631 69.34 -16.25 -12.97
CA HIS B 631 68.38 -15.98 -14.03
C HIS B 631 67.29 -15.08 -13.47
N ARG B 632 66.81 -15.44 -12.29
CA ARG B 632 65.70 -14.76 -11.67
C ARG B 632 66.08 -13.34 -11.28
N ARG B 633 67.35 -13.08 -11.03
CA ARG B 633 67.76 -11.75 -10.66
C ARG B 633 67.90 -10.89 -11.91
N LEU B 634 68.46 -11.42 -12.97
CA LEU B 634 68.78 -10.58 -14.11
C LEU B 634 67.60 -10.41 -15.06
N LEU B 635 66.78 -11.43 -15.19
CA LEU B 635 65.75 -11.43 -16.21
C LEU B 635 64.37 -11.35 -15.58
N GLY B 636 64.31 -11.58 -14.28
CA GLY B 636 63.10 -11.34 -13.53
C GLY B 636 62.08 -12.47 -13.59
N ARG B 637 62.49 -13.67 -14.03
CA ARG B 637 61.60 -14.81 -13.98
C ARG B 637 62.37 -16.08 -13.73
N PRO B 638 61.73 -17.16 -13.28
CA PRO B 638 62.30 -18.49 -13.39
C PRO B 638 62.43 -18.89 -14.85
N THR B 639 63.35 -19.80 -15.15
CA THR B 639 63.46 -20.37 -16.47
C THR B 639 62.19 -21.18 -16.79
N TYR B 640 61.81 -21.17 -18.08
CA TYR B 640 60.60 -21.83 -18.56
C TYR B 640 60.89 -23.31 -18.75
N ASP B 641 62.04 -23.66 -19.32
CA ASP B 641 62.21 -24.98 -19.90
C ASP B 641 63.65 -25.49 -19.85
N ARG B 642 63.84 -26.79 -20.17
CA ARG B 642 65.17 -27.38 -20.23
C ARG B 642 65.99 -26.75 -21.35
N VAL B 643 65.34 -26.20 -22.37
CA VAL B 643 66.08 -25.60 -23.48
C VAL B 643 66.89 -24.38 -23.04
N GLU B 644 66.28 -23.52 -22.22
CA GLU B 644 66.98 -22.37 -21.68
C GLU B 644 68.08 -22.82 -20.75
N ASN B 645 67.72 -23.69 -19.80
CA ASN B 645 68.65 -24.16 -18.79
C ASN B 645 69.89 -24.75 -19.47
N ASN B 646 69.68 -25.60 -20.47
CA ASN B 646 70.79 -26.21 -21.20
C ASN B 646 71.62 -25.16 -21.90
N ARG B 647 70.99 -24.18 -22.51
CA ARG B 647 71.76 -23.16 -23.22
C ARG B 647 72.77 -22.51 -22.29
N TYR B 648 72.39 -22.25 -21.05
CA TYR B 648 73.25 -21.56 -20.11
C TYR B 648 74.27 -22.51 -19.52
N PHE B 649 73.87 -23.76 -19.31
CA PHE B 649 74.79 -24.76 -18.81
C PHE B 649 75.91 -24.99 -19.82
N ASP B 650 75.57 -25.09 -21.09
CA ASP B 650 76.58 -25.21 -22.12
C ASP B 650 77.52 -24.02 -22.02
N ILE B 651 76.98 -22.82 -22.09
CA ILE B 651 77.81 -21.62 -22.10
C ILE B 651 78.71 -21.56 -20.87
N ALA B 652 78.25 -22.15 -19.75
CA ALA B 652 78.96 -22.02 -18.49
C ALA B 652 80.21 -22.86 -18.51
N SER B 653 80.15 -23.96 -19.25
CA SER B 653 81.26 -24.89 -19.31
C SER B 653 82.36 -24.38 -20.24
N LYS B 654 82.00 -23.66 -21.29
CA LYS B 654 83.02 -23.11 -22.17
C LYS B 654 83.60 -21.83 -21.59
N LYS B 655 82.77 -20.98 -20.99
CA LYS B 655 83.19 -19.62 -20.71
C LYS B 655 82.96 -19.22 -19.25
N GLY B 656 82.45 -20.15 -18.44
CA GLY B 656 82.32 -19.93 -17.01
C GLY B 656 81.26 -18.91 -16.63
N PHE B 657 81.44 -18.35 -15.43
CA PHE B 657 80.53 -17.40 -14.83
C PHE B 657 80.35 -16.19 -15.71
N TYR B 658 81.43 -15.72 -16.32
CA TYR B 658 81.35 -14.51 -17.13
C TYR B 658 80.47 -14.75 -18.36
N GLY B 659 80.66 -15.90 -19.00
CA GLY B 659 79.89 -16.25 -20.17
C GLY B 659 78.39 -16.27 -19.88
N VAL B 660 78.01 -16.94 -18.79
CA VAL B 660 76.61 -17.11 -18.42
C VAL B 660 75.97 -15.74 -18.23
N VAL B 661 76.64 -14.84 -17.54
CA VAL B 661 76.01 -13.57 -17.20
C VAL B 661 75.87 -12.75 -18.47
N ASP B 662 76.88 -12.80 -19.35
CA ASP B 662 76.81 -12.01 -20.57
C ASP B 662 75.64 -12.50 -21.43
N ALA B 663 75.50 -13.82 -21.53
CA ALA B 663 74.49 -14.40 -22.39
C ALA B 663 73.09 -13.92 -22.01
N MET B 664 72.84 -13.85 -20.71
CA MET B 664 71.56 -13.40 -20.20
C MET B 664 71.35 -11.95 -20.57
N LEU B 665 72.37 -11.11 -20.46
CA LEU B 665 72.17 -9.70 -20.68
C LEU B 665 72.14 -9.42 -22.17
N ASN B 666 72.74 -10.29 -22.97
CA ASN B 666 72.79 -10.10 -24.42
C ASN B 666 71.57 -10.75 -25.06
N SER B 667 70.77 -11.46 -24.28
CA SER B 667 69.59 -12.09 -24.81
C SER B 667 68.64 -11.04 -25.38
N ASN B 668 67.94 -11.41 -26.44
CA ASN B 668 67.04 -10.50 -27.10
C ASN B 668 65.84 -10.29 -26.18
N GLU B 669 65.46 -11.34 -25.46
CA GLU B 669 64.40 -11.24 -24.47
C GLU B 669 64.71 -10.10 -23.51
N TYR B 670 65.95 -10.04 -23.05
CA TYR B 670 66.34 -8.99 -22.14
C TYR B 670 66.00 -7.66 -22.79
N GLN B 671 66.43 -7.49 -24.04
CA GLN B 671 66.33 -6.22 -24.73
C GLN B 671 64.89 -5.80 -24.95
N GLU B 672 64.00 -6.75 -25.22
CA GLU B 672 62.61 -6.44 -25.49
C GLU B 672 61.91 -5.87 -24.27
N VAL B 673 62.11 -6.50 -23.12
CA VAL B 673 61.39 -6.14 -21.91
C VAL B 673 62.03 -4.94 -21.27
N PHE B 674 63.36 -4.92 -21.14
CA PHE B 674 63.97 -3.92 -20.29
C PHE B 674 64.37 -2.72 -21.12
N GLY B 675 65.02 -2.95 -22.26
CA GLY B 675 65.03 -1.98 -23.33
C GLY B 675 66.02 -0.82 -23.14
N GLU B 676 67.02 -1.01 -22.27
CA GLU B 676 68.11 -0.03 -22.15
C GLU B 676 67.81 1.12 -21.17
N ASP B 677 66.59 1.28 -20.65
CA ASP B 677 66.33 2.38 -19.72
C ASP B 677 65.62 1.91 -18.46
N VAL B 678 64.76 0.90 -18.56
CA VAL B 678 64.14 0.27 -17.41
C VAL B 678 65.17 -0.63 -16.77
N LEU B 679 65.20 -0.71 -15.43
CA LEU B 679 66.07 -1.72 -14.84
C LEU B 679 65.20 -2.93 -14.52
N PRO B 680 65.76 -4.14 -14.56
CA PRO B 680 64.97 -5.35 -14.43
C PRO B 680 64.09 -5.36 -13.20
N TYR B 681 62.94 -6.01 -13.33
CA TYR B 681 62.01 -6.14 -12.23
C TYR B 681 61.47 -7.56 -12.25
N GLU B 682 60.79 -7.96 -11.19
CA GLU B 682 60.31 -9.32 -11.11
C GLU B 682 59.01 -9.55 -11.86
N ARG B 683 59.08 -10.30 -12.96
CA ARG B 683 57.94 -10.41 -13.87
C ARG B 683 56.98 -11.53 -13.50
N TYR B 684 57.52 -12.65 -13.04
CA TYR B 684 56.74 -13.86 -12.87
C TYR B 684 57.20 -14.52 -11.59
N LEU B 685 56.39 -15.43 -11.07
CA LEU B 685 56.83 -16.19 -9.91
C LEU B 685 56.14 -17.54 -9.90
N THR B 686 56.68 -18.49 -9.15
CA THR B 686 56.20 -19.86 -9.27
C THR B 686 55.04 -20.01 -8.31
N PRO B 687 54.20 -21.02 -8.44
CA PRO B 687 53.06 -21.24 -7.54
C PRO B 687 53.39 -21.39 -6.08
N ALA B 688 54.56 -21.95 -5.77
CA ALA B 688 54.94 -22.16 -4.39
C ALA B 688 55.38 -20.86 -3.77
N GLY B 689 56.07 -20.06 -4.56
CA GLY B 689 56.40 -18.72 -4.13
C GLY B 689 55.16 -17.89 -3.84
N LEU B 690 54.14 -18.04 -4.67
CA LEU B 690 52.90 -17.32 -4.47
C LEU B 690 52.20 -17.80 -3.21
N SER B 691 52.23 -19.09 -2.93
CA SER B 691 51.57 -19.57 -1.72
C SER B 691 52.27 -19.07 -0.45
N LEU B 692 53.59 -18.88 -0.49
CA LEU B 692 54.32 -18.38 0.66
C LEU B 692 53.78 -17.04 1.12
N ARG B 693 53.57 -16.14 0.17
CA ARG B 693 53.22 -14.77 0.47
C ARG B 693 51.77 -14.64 0.87
N LYS B 694 50.88 -15.33 0.14
CA LYS B 694 49.44 -15.17 0.33
C LYS B 694 48.83 -16.22 1.24
N GLY B 695 49.46 -17.38 1.38
CA GLY B 695 48.77 -18.50 1.99
C GLY B 695 48.60 -18.35 3.50
N ARG B 696 49.55 -17.81 4.23
CA ARG B 696 49.30 -17.55 5.64
C ARG B 696 47.79 -17.23 5.73
N PHE B 697 47.04 -17.99 6.54
CA PHE B 697 45.62 -17.71 6.77
C PHE B 697 44.78 -18.30 5.65
N GLY B 698 45.44 -18.81 4.62
CA GLY B 698 44.83 -19.77 3.70
C GLY B 698 43.93 -19.06 2.72
N SER B 699 42.80 -19.72 2.46
CA SER B 699 41.82 -19.25 1.49
C SER B 699 40.62 -18.71 2.24
N SER B 700 40.29 -17.44 2.00
CA SER B 700 39.01 -16.90 2.44
C SER B 700 38.07 -16.93 1.26
N ASP B 701 36.87 -17.48 1.51
CA ASP B 701 35.97 -17.86 0.44
C ASP B 701 35.57 -19.31 0.69
N VAL B 702 34.50 -19.70 0.02
CA VAL B 702 34.01 -21.05 0.12
C VAL B 702 34.17 -21.69 -1.24
N LEU B 703 34.77 -21.01 -2.19
CA LEU B 703 35.02 -21.74 -3.41
C LEU B 703 33.69 -22.14 -4.04
N THR B 704 32.88 -21.13 -4.34
CA THR B 704 31.54 -21.32 -4.84
C THR B 704 31.60 -21.90 -6.25
N THR B 705 30.56 -22.65 -6.56
CA THR B 705 30.42 -23.36 -7.80
C THR B 705 29.22 -22.84 -8.56
N PRO B 706 29.17 -22.95 -9.90
CA PRO B 706 27.92 -22.71 -10.59
C PRO B 706 26.87 -23.79 -10.34
N GLY B 707 25.65 -23.33 -10.10
CA GLY B 707 24.49 -24.19 -10.09
C GLY B 707 24.46 -25.10 -8.86
N GLY B 708 25.14 -24.68 -7.79
CA GLY B 708 25.16 -25.44 -6.55
C GLY B 708 24.01 -25.03 -5.66
N ILE B 709 23.28 -26.00 -5.10
CA ILE B 709 22.42 -25.75 -3.96
C ILE B 709 23.30 -25.39 -2.76
N THR B 710 23.12 -24.20 -2.19
CA THR B 710 23.84 -23.84 -1.00
C THR B 710 22.91 -23.12 -0.04
N PRO B 711 22.97 -23.41 1.27
CA PRO B 711 22.21 -22.64 2.25
C PRO B 711 22.93 -21.40 2.75
N ARG B 712 24.07 -21.05 2.16
CA ARG B 712 24.90 -20.02 2.74
C ARG B 712 24.19 -18.67 2.59
N GLY B 713 24.11 -17.93 3.71
CA GLY B 713 23.59 -16.56 3.72
C GLY B 713 22.10 -16.48 4.04
N ASP B 714 21.40 -17.61 3.96
CA ASP B 714 19.97 -17.68 4.15
C ASP B 714 19.56 -17.21 5.54
N ALA B 715 20.25 -17.69 6.57
CA ALA B 715 19.84 -17.42 7.93
C ALA B 715 20.01 -15.94 8.25
N ALA B 716 21.07 -15.32 7.71
CA ALA B 716 21.28 -13.91 7.89
C ALA B 716 20.17 -13.12 7.22
N ARG B 717 19.76 -13.55 6.03
CA ARG B 717 18.74 -12.84 5.28
C ARG B 717 17.42 -12.87 6.02
N MET B 718 17.12 -13.99 6.67
CA MET B 718 15.93 -14.12 7.49
C MET B 718 16.01 -13.18 8.69
N MET B 719 17.16 -13.06 9.36
CA MET B 719 17.23 -12.15 10.50
C MET B 719 17.10 -10.71 10.03
N ASP B 720 17.69 -10.38 8.89
CA ASP B 720 17.58 -9.03 8.41
C ASP B 720 16.13 -8.69 8.14
N LYS B 721 15.34 -9.68 7.75
CA LYS B 721 13.94 -9.48 7.45
C LYS B 721 13.18 -9.25 8.74
N ILE B 722 13.36 -10.15 9.70
CA ILE B 722 12.74 -10.02 11.02
C ILE B 722 13.09 -8.69 11.65
N GLN B 723 14.33 -8.24 11.54
CA GLN B 723 14.68 -6.95 12.09
C GLN B 723 13.88 -5.84 11.41
N GLU B 724 13.66 -5.92 10.09
CA GLU B 724 13.03 -4.82 9.39
C GLU B 724 11.56 -4.68 9.78
N LEU B 725 10.91 -5.80 10.05
CA LEU B 725 9.50 -5.80 10.33
C LEU B 725 9.16 -5.31 11.72
N GLY B 726 10.16 -5.09 12.55
CA GLY B 726 9.91 -4.47 13.83
C GLY B 726 10.49 -3.05 13.89
N THR B 727 11.13 -2.56 12.83
CA THR B 727 11.53 -1.17 12.89
C THR B 727 10.39 -0.35 12.31
N PRO B 728 10.21 0.87 12.83
CA PRO B 728 9.43 1.91 12.17
C PRO B 728 9.80 2.20 10.73
N ILE B 729 8.78 2.35 9.90
CA ILE B 729 8.96 2.71 8.50
C ILE B 729 9.47 4.13 8.42
N ASN B 730 8.88 5.00 9.25
CA ASN B 730 9.27 6.40 9.37
C ASN B 730 10.06 6.59 10.66
N GLU B 731 11.00 7.53 10.65
CA GLU B 731 12.06 7.66 11.63
C GLU B 731 11.61 7.76 13.09
N ARG B 732 10.63 8.60 13.42
CA ARG B 732 10.30 8.91 14.81
C ARG B 732 11.40 9.75 15.43
N SER B 733 11.64 10.92 14.82
CA SER B 733 12.82 11.73 15.09
C SER B 733 12.69 12.55 16.36
N ILE B 734 11.49 12.71 16.91
CA ILE B 734 11.35 13.30 18.22
C ILE B 734 10.59 12.32 19.10
N PRO B 735 11.28 11.39 19.77
CA PRO B 735 10.59 10.29 20.43
C PRO B 735 9.53 10.66 21.45
N GLU B 736 9.59 11.87 22.00
CA GLU B 736 8.65 12.28 23.03
C GLU B 736 7.24 12.42 22.48
N MET B 737 7.12 12.97 21.28
CA MET B 737 5.83 13.09 20.61
C MET B 737 5.09 11.76 20.59
N TYR B 738 5.79 10.66 20.30
CA TYR B 738 5.13 9.40 20.07
C TYR B 738 4.83 8.71 21.39
N VAL B 739 5.49 9.12 22.47
CA VAL B 739 5.07 8.72 23.80
C VAL B 739 3.92 9.66 24.15
N ASN B 740 3.00 9.29 25.04
CA ASN B 740 1.96 10.27 25.39
C ASN B 740 1.06 10.52 24.18
N GLN B 741 0.71 9.44 23.50
CA GLN B 741 -0.34 9.41 22.51
C GLN B 741 -1.37 8.43 23.06
N GLY B 742 -2.66 8.72 22.94
CA GLY B 742 -3.66 7.82 23.47
C GLY B 742 -4.35 8.36 24.71
N VAL B 743 -5.09 7.47 25.36
CA VAL B 743 -5.60 7.74 26.69
C VAL B 743 -4.43 8.13 27.57
N PRO B 744 -4.50 9.27 28.31
CA PRO B 744 -3.40 9.69 29.17
C PRO B 744 -3.09 8.76 30.35
N ALA B 745 -1.85 8.85 30.84
CA ALA B 745 -1.32 7.84 31.74
C ALA B 745 -2.02 7.89 33.09
N LEU B 746 -2.46 9.10 33.45
CA LEU B 746 -3.28 9.35 34.61
C LEU B 746 -4.29 8.23 34.82
N LYS B 747 -5.01 7.83 33.78
CA LYS B 747 -5.99 6.79 33.97
C LYS B 747 -5.38 5.55 34.64
N ARG B 748 -4.15 5.18 34.28
CA ARG B 748 -3.55 3.94 34.75
C ARG B 748 -2.84 4.16 36.10
N GLN B 749 -2.27 5.34 36.28
CA GLN B 749 -1.48 5.68 37.45
C GLN B 749 -2.33 5.61 38.74
N ARG B 750 -3.36 6.46 38.87
CA ARG B 750 -4.31 6.45 39.99
C ARG B 750 -4.37 5.11 40.74
N LYS B 751 -4.74 5.17 42.03
CA LYS B 751 -4.98 4.00 42.87
C LYS B 751 -6.45 3.90 43.33
N VAL B 752 -6.97 2.68 43.51
CA VAL B 752 -8.32 2.44 44.03
C VAL B 752 -8.24 2.21 45.53
N PHE B 753 -9.27 2.66 46.27
CA PHE B 753 -9.33 2.47 47.71
C PHE B 753 -10.61 1.74 48.13
N LYS B 754 -10.48 0.73 49.00
CA LYS B 754 -11.62 -0.02 49.49
C LYS B 754 -11.55 -0.20 51.01
N GLN B 755 -12.68 -0.51 51.62
CA GLN B 755 -12.77 -0.80 53.04
C GLN B 755 -12.09 -2.12 53.38
N SER B 756 -12.06 -3.06 52.44
CA SER B 756 -11.42 -4.33 52.67
C SER B 756 -9.92 -4.16 52.90
N GLN B 757 -9.32 -3.16 52.24
CA GLN B 757 -7.93 -2.79 52.48
C GLN B 757 -7.76 -1.98 53.77
N ALA B 758 -8.86 -1.45 54.32
CA ALA B 758 -8.83 -0.55 55.47
C ALA B 758 -8.37 -1.20 56.76
N THR B 759 -8.18 -2.52 56.79
CA THR B 759 -8.01 -3.22 58.05
C THR B 759 -6.61 -3.00 58.62
N ASP B 760 -6.29 -1.73 58.88
CA ASP B 760 -4.99 -1.28 59.36
C ASP B 760 -5.23 0.19 59.68
N ARG B 761 -4.43 0.79 60.56
CA ARG B 761 -4.66 2.18 60.92
C ARG B 761 -4.22 3.12 59.80
N GLU B 762 -3.24 2.73 58.99
CA GLU B 762 -2.71 3.65 57.99
C GLU B 762 -3.60 3.59 56.76
N SER B 763 -3.92 2.35 56.35
CA SER B 763 -4.86 2.14 55.28
C SER B 763 -6.10 3.00 55.50
N PHE B 764 -6.72 2.91 56.68
CA PHE B 764 -7.92 3.68 56.96
C PHE B 764 -7.66 5.17 56.72
N ASP B 765 -6.50 5.69 57.12
CA ASP B 765 -6.23 7.11 56.93
C ASP B 765 -6.13 7.48 55.47
N ALA B 766 -5.60 6.56 54.65
CA ALA B 766 -5.52 6.76 53.22
C ALA B 766 -6.92 6.75 52.61
N LEU B 767 -7.72 5.76 52.97
CA LEU B 767 -9.10 5.73 52.53
C LEU B 767 -9.71 7.12 52.70
N VAL B 768 -9.66 7.63 53.92
CA VAL B 768 -10.39 8.84 54.26
C VAL B 768 -9.84 9.98 53.44
N THR B 769 -8.53 10.06 53.29
CA THR B 769 -8.00 11.17 52.52
C THR B 769 -8.54 11.09 51.11
N ALA B 770 -8.56 9.87 50.55
CA ALA B 770 -9.02 9.64 49.19
C ALA B 770 -10.47 10.09 49.04
N ALA B 771 -11.33 9.68 49.97
CA ALA B 771 -12.71 10.11 49.91
C ALA B 771 -12.80 11.62 49.93
N TYR B 772 -12.01 12.28 50.77
CA TYR B 772 -12.10 13.72 50.82
C TYR B 772 -11.75 14.25 49.44
N VAL B 773 -10.77 13.63 48.80
CA VAL B 773 -10.29 14.19 47.55
C VAL B 773 -11.27 13.92 46.42
N GLN B 774 -11.97 12.79 46.47
CA GLN B 774 -12.95 12.53 45.44
C GLN B 774 -14.09 13.52 45.56
N VAL B 775 -14.66 13.62 46.76
CA VAL B 775 -15.90 14.35 46.94
C VAL B 775 -15.67 15.85 46.85
N PHE B 776 -14.79 16.40 47.67
CA PHE B 776 -14.46 17.81 47.51
C PHE B 776 -13.44 17.71 46.40
N ASP B 777 -12.86 18.79 45.93
CA ASP B 777 -11.73 18.53 45.04
C ASP B 777 -10.49 18.45 45.92
N LYS B 778 -9.40 18.02 45.30
CA LYS B 778 -8.06 18.08 45.87
C LYS B 778 -7.76 19.32 46.71
N ASP B 779 -8.03 20.50 46.14
CA ASP B 779 -7.69 21.76 46.76
C ASP B 779 -8.45 22.01 48.05
N ILE B 780 -9.77 21.86 47.99
CA ILE B 780 -10.58 22.02 49.16
C ILE B 780 -10.28 20.93 50.17
N ALA B 781 -9.88 19.74 49.72
CA ALA B 781 -9.70 18.65 50.65
C ALA B 781 -8.48 18.91 51.53
N SER B 782 -7.56 19.71 51.03
CA SER B 782 -6.37 20.03 51.79
C SER B 782 -6.75 20.78 53.06
N TYR B 783 -7.67 21.74 52.94
CA TYR B 783 -8.05 22.60 54.04
C TYR B 783 -8.71 21.82 55.17
N ILE B 784 -9.29 20.65 54.88
CA ILE B 784 -10.05 19.96 55.90
C ILE B 784 -9.11 19.50 57.01
N ARG B 785 -9.43 19.90 58.25
CA ARG B 785 -8.70 19.44 59.41
C ARG B 785 -9.50 18.36 60.14
N SER B 786 -10.76 18.63 60.50
CA SER B 786 -11.48 17.69 61.35
C SER B 786 -12.98 17.95 61.55
N GLU B 787 -13.57 18.90 60.81
CA GLU B 787 -15.00 18.95 60.60
C GLU B 787 -15.69 17.57 60.60
N PHE B 788 -15.09 16.52 59.99
CA PHE B 788 -15.86 15.30 59.79
C PHE B 788 -15.41 14.21 60.75
N SER B 789 -14.73 14.60 61.83
CA SER B 789 -14.06 13.65 62.72
C SER B 789 -15.02 12.62 63.28
N ALA B 790 -16.27 13.05 63.51
CA ALA B 790 -17.30 12.18 64.04
C ALA B 790 -17.72 11.15 63.01
N LEU B 791 -17.70 11.57 61.73
CA LEU B 791 -18.07 10.68 60.64
C LEU B 791 -16.99 9.63 60.51
N GLU B 792 -15.73 10.09 60.59
CA GLU B 792 -14.59 9.22 60.45
C GLU B 792 -14.68 8.12 61.50
N SER B 793 -15.07 8.49 62.73
CA SER B 793 -15.06 7.51 63.81
C SER B 793 -16.07 6.41 63.54
N ARG B 794 -17.25 6.78 63.05
CA ARG B 794 -18.26 5.77 62.74
C ARG B 794 -17.77 4.80 61.67
N LEU B 795 -17.00 5.30 60.69
CA LEU B 795 -16.44 4.46 59.66
C LEU B 795 -15.38 3.56 60.28
N ARG B 796 -14.49 4.16 61.08
CA ARG B 796 -13.41 3.41 61.72
C ARG B 796 -14.00 2.26 62.50
N ASN B 797 -15.18 2.50 63.10
CA ASN B 797 -15.86 1.55 63.96
C ASN B 797 -16.51 0.43 63.15
N ARG B 798 -16.75 0.70 61.86
CA ARG B 798 -17.34 -0.28 60.94
C ARG B 798 -18.83 -0.38 61.24
N GLU B 799 -19.43 0.74 61.65
CA GLU B 799 -20.87 0.82 61.84
C GLU B 799 -21.52 1.50 60.64
N THR B 800 -20.77 2.33 59.90
CA THR B 800 -21.24 2.83 58.61
C THR B 800 -20.37 2.26 57.50
N SER B 801 -20.94 2.21 56.29
CA SER B 801 -20.22 1.83 55.08
C SER B 801 -19.52 3.04 54.47
N VAL B 802 -18.69 2.79 53.46
CA VAL B 802 -18.00 3.85 52.76
C VAL B 802 -19.01 4.65 51.96
N LYS B 803 -20.04 3.98 51.46
CA LYS B 803 -21.03 4.67 50.64
C LYS B 803 -21.71 5.73 51.49
N GLU B 804 -22.09 5.32 52.70
CA GLU B 804 -22.77 6.18 53.65
C GLU B 804 -21.91 7.37 54.03
N PHE B 805 -20.62 7.13 54.21
CA PHE B 805 -19.66 8.18 54.50
C PHE B 805 -19.60 9.20 53.37
N VAL B 806 -19.68 8.71 52.13
CA VAL B 806 -19.65 9.57 50.96
C VAL B 806 -20.95 10.36 50.86
N ARG B 807 -22.08 9.72 51.18
CA ARG B 807 -23.36 10.41 51.21
C ARG B 807 -23.23 11.62 52.12
N LEU B 808 -22.74 11.39 53.34
CA LEU B 808 -22.74 12.43 54.36
C LEU B 808 -21.76 13.53 54.04
N LEU B 809 -20.64 13.23 53.40
CA LEU B 809 -19.78 14.29 52.91
C LEU B 809 -20.54 15.16 51.92
N GLY B 810 -21.41 14.53 51.15
CA GLY B 810 -22.19 15.25 50.16
C GLY B 810 -23.24 16.13 50.82
N PHE B 811 -23.88 15.61 51.88
CA PHE B 811 -24.89 16.33 52.63
C PHE B 811 -24.30 17.29 53.65
N SER B 812 -23.27 18.04 53.27
CA SER B 812 -22.49 18.75 54.25
C SER B 812 -22.44 20.22 53.86
N ALA B 813 -22.27 21.08 54.87
CA ALA B 813 -22.24 22.50 54.63
C ALA B 813 -21.08 22.87 53.73
N LEU B 814 -20.00 22.09 53.83
CA LEU B 814 -18.79 22.40 53.12
C LEU B 814 -19.02 22.14 51.63
N TYR B 815 -19.66 21.01 51.32
CA TYR B 815 -19.96 20.68 49.95
C TYR B 815 -20.80 21.83 49.41
N ARG B 816 -21.90 22.09 50.12
CA ARG B 816 -22.87 23.06 49.67
C ARG B 816 -22.18 24.39 49.47
N LYS B 817 -21.33 24.78 50.40
CA LYS B 817 -20.70 26.07 50.26
C LYS B 817 -19.78 26.10 49.05
N GLN B 818 -19.10 24.98 48.76
CA GLN B 818 -18.08 24.97 47.72
C GLN B 818 -18.61 24.65 46.33
N PHE B 819 -19.67 23.86 46.19
CA PHE B 819 -20.25 23.63 44.87
C PHE B 819 -21.58 24.36 44.74
N HIS B 820 -22.64 23.90 45.39
CA HIS B 820 -23.95 24.51 45.25
C HIS B 820 -23.95 26.05 45.17
N ASP B 821 -23.47 26.75 46.19
CA ASP B 821 -23.87 28.12 46.45
C ASP B 821 -23.47 29.16 45.40
N ARG B 822 -22.37 29.00 44.66
CA ARG B 822 -21.96 30.04 43.74
C ARG B 822 -22.13 29.63 42.28
N TYR B 823 -22.90 28.57 42.03
CA TYR B 823 -23.04 28.03 40.70
C TYR B 823 -24.53 27.89 40.40
N PRO B 824 -24.96 28.16 39.15
CA PRO B 824 -26.30 27.78 38.70
C PRO B 824 -26.58 26.30 38.74
N ASN B 825 -27.84 25.96 38.89
CA ASN B 825 -28.26 24.60 39.14
C ASN B 825 -27.75 23.60 38.10
N THR B 826 -27.50 23.99 36.84
CA THR B 826 -26.96 23.03 35.88
C THR B 826 -25.53 22.68 36.26
N LYS B 827 -24.70 23.69 36.48
CA LYS B 827 -23.33 23.45 36.89
C LYS B 827 -23.26 22.64 38.18
N VAL B 828 -24.31 22.68 38.98
CA VAL B 828 -24.33 21.93 40.22
C VAL B 828 -24.50 20.46 39.92
N VAL B 829 -25.25 20.14 38.87
CA VAL B 829 -25.44 18.76 38.50
C VAL B 829 -24.15 18.22 37.88
N GLU B 830 -23.50 18.99 37.02
CA GLU B 830 -22.17 18.62 36.61
C GLU B 830 -21.38 18.18 37.82
N PHE B 831 -21.05 19.12 38.71
CA PHE B 831 -20.12 18.81 39.77
C PHE B 831 -20.56 17.56 40.51
N ALA B 832 -21.85 17.33 40.66
CA ALA B 832 -22.27 16.19 41.45
C ALA B 832 -21.92 14.91 40.73
N PHE B 833 -22.07 14.93 39.41
CA PHE B 833 -21.74 13.77 38.61
C PHE B 833 -20.24 13.51 38.70
N LYS B 834 -19.45 14.57 38.52
CA LYS B 834 -18.01 14.43 38.64
C LYS B 834 -17.63 13.85 39.98
N HIS B 835 -18.20 14.34 41.08
CA HIS B 835 -17.74 13.96 42.39
C HIS B 835 -18.31 12.62 42.84
N PHE B 836 -19.50 12.24 42.45
CA PHE B 836 -20.06 11.04 43.06
C PHE B 836 -20.05 9.86 42.09
N LEU B 837 -19.82 10.09 40.80
CA LEU B 837 -19.71 8.99 39.84
C LEU B 837 -18.45 9.06 39.00
N GLY B 838 -17.81 10.21 38.88
CA GLY B 838 -16.54 10.21 38.21
C GLY B 838 -16.66 10.45 36.71
N ARG B 839 -17.75 11.09 36.30
CA ARG B 839 -18.12 11.15 34.91
C ARG B 839 -18.69 12.51 34.64
N ALA B 840 -18.94 12.87 33.39
CA ALA B 840 -19.82 13.99 33.08
C ALA B 840 -21.24 13.45 32.86
N VAL B 841 -22.19 14.31 32.47
CA VAL B 841 -23.57 13.91 32.24
C VAL B 841 -23.66 13.30 30.85
N LYS B 842 -24.22 12.09 30.73
CA LYS B 842 -24.04 11.33 29.50
C LYS B 842 -24.99 11.85 28.43
N ASN B 843 -26.23 12.20 28.78
CA ASN B 843 -27.21 12.55 27.77
C ASN B 843 -28.23 13.53 28.34
N GLN B 844 -29.05 14.14 27.45
CA GLN B 844 -30.02 15.16 27.85
C GLN B 844 -31.13 14.58 28.71
N ALA B 845 -31.43 13.31 28.56
CA ALA B 845 -32.46 12.71 29.39
C ALA B 845 -32.01 12.62 30.83
N GLU B 846 -30.72 12.41 31.01
CA GLU B 846 -30.13 12.27 32.33
C GLU B 846 -30.05 13.66 32.96
N LEU B 847 -29.72 14.66 32.16
CA LEU B 847 -29.65 16.03 32.63
C LEU B 847 -30.99 16.48 33.15
N ILE B 848 -32.04 16.09 32.43
CA ILE B 848 -33.40 16.42 32.80
C ILE B 848 -33.77 15.77 34.12
N LYS B 849 -33.46 14.50 34.29
CA LYS B 849 -33.96 13.79 35.45
C LYS B 849 -33.35 14.35 36.73
N TYR B 850 -32.06 14.70 36.68
CA TYR B 850 -31.34 15.04 37.88
C TYR B 850 -31.52 16.52 38.16
N HIS B 851 -31.40 17.33 37.12
CA HIS B 851 -31.61 18.75 37.25
C HIS B 851 -33.04 19.03 37.69
N GLY B 852 -33.93 18.16 37.24
CA GLY B 852 -35.31 18.26 37.65
C GLY B 852 -35.40 18.12 39.16
N LEU B 853 -34.85 17.03 39.66
CA LEU B 853 -34.95 16.68 41.06
C LEU B 853 -34.22 17.68 41.95
N LEU B 854 -33.25 18.41 41.40
CA LEU B 854 -32.50 19.40 42.15
C LEU B 854 -33.36 20.63 42.37
N GLY B 855 -34.08 21.05 41.33
CA GLY B 855 -35.24 21.88 41.54
C GLY B 855 -36.28 21.05 42.31
N ARG B 856 -37.20 21.68 43.00
CA ARG B 856 -38.26 20.91 43.62
C ARG B 856 -37.74 19.96 44.71
N LYS B 857 -36.46 20.00 45.02
CA LYS B 857 -35.97 19.35 46.22
C LYS B 857 -34.60 19.91 46.54
N GLY B 858 -34.03 19.44 47.64
CA GLY B 858 -32.72 19.93 47.99
C GLY B 858 -31.64 19.49 47.00
N ILE B 859 -30.48 20.12 47.15
CA ILE B 859 -29.23 19.46 46.84
C ILE B 859 -29.14 18.14 47.58
N LYS B 860 -29.61 18.05 48.83
CA LYS B 860 -29.51 16.80 49.55
C LYS B 860 -30.28 15.68 48.82
N ALA B 861 -31.27 16.00 48.00
CA ALA B 861 -31.98 14.97 47.25
C ALA B 861 -31.16 14.46 46.08
N LEU B 862 -30.57 15.39 45.33
CA LEU B 862 -29.69 15.05 44.24
C LEU B 862 -28.62 14.09 44.72
N ILE B 863 -27.81 14.54 45.67
CA ILE B 863 -26.73 13.71 46.17
C ILE B 863 -27.28 12.34 46.54
N GLY B 864 -28.44 12.29 47.21
CA GLY B 864 -28.95 11.03 47.68
C GLY B 864 -29.36 10.09 46.54
N ALA B 865 -29.79 10.66 45.43
CA ALA B 865 -30.29 9.90 44.29
C ALA B 865 -29.15 9.22 43.55
N LEU B 866 -28.05 9.95 43.38
CA LEU B 866 -26.90 9.40 42.72
C LEU B 866 -26.38 8.19 43.49
N VAL B 867 -26.15 8.35 44.79
CA VAL B 867 -25.53 7.29 45.55
C VAL B 867 -26.47 6.10 45.67
N ASP B 868 -27.77 6.33 45.51
CA ASP B 868 -28.73 5.24 45.62
C ASP B 868 -28.91 4.56 44.27
N GLY B 869 -28.63 5.27 43.19
CA GLY B 869 -28.87 4.77 41.85
C GLY B 869 -28.04 3.53 41.52
N GLU B 870 -28.33 2.93 40.37
CA GLU B 870 -27.71 1.67 39.99
C GLU B 870 -26.27 1.87 39.51
N GLU B 871 -26.00 2.96 38.79
CA GLU B 871 -24.65 3.14 38.31
C GLU B 871 -23.71 3.11 39.51
N TYR B 872 -23.99 3.92 40.53
CA TYR B 872 -23.14 3.98 41.70
C TYR B 872 -23.00 2.57 42.28
N GLY B 873 -24.11 1.85 42.35
CA GLY B 873 -24.12 0.54 42.95
C GLY B 873 -23.33 -0.47 42.12
N ARG B 874 -23.51 -0.45 40.81
CA ARG B 874 -22.79 -1.40 39.97
C ARG B 874 -21.30 -1.23 40.20
N LEU B 875 -20.80 0.00 40.12
CA LEU B 875 -19.37 0.11 39.95
C LEU B 875 -18.63 0.44 41.23
N TYR B 876 -19.18 1.26 42.12
CA TYR B 876 -18.45 1.62 43.33
C TYR B 876 -18.83 0.68 44.45
N GLY B 877 -20.02 0.09 44.41
CA GLY B 877 -20.47 -0.81 45.45
C GLY B 877 -20.66 -0.09 46.79
N GLU B 878 -20.62 -0.83 47.90
CA GLU B 878 -20.72 -0.26 49.24
C GLU B 878 -19.36 0.14 49.85
N ASP B 879 -18.25 -0.48 49.44
CA ASP B 879 -17.00 -0.27 50.17
C ASP B 879 -15.93 0.46 49.38
N THR B 880 -16.18 0.85 48.13
CA THR B 880 -15.14 1.46 47.34
C THR B 880 -15.38 2.96 47.24
N VAL B 881 -14.32 3.75 47.32
CA VAL B 881 -14.47 5.17 47.13
C VAL B 881 -14.62 5.42 45.65
N PRO B 882 -15.57 6.24 45.19
CA PRO B 882 -15.65 6.57 43.78
C PRO B 882 -14.32 7.08 43.23
N SER B 883 -14.16 7.00 41.91
CA SER B 883 -12.95 7.42 41.25
C SER B 883 -13.35 7.93 39.89
N TRP B 884 -12.47 8.66 39.21
CA TRP B 884 -12.74 9.07 37.85
C TRP B 884 -12.87 7.86 36.93
N GLN B 885 -14.01 7.79 36.23
CA GLN B 885 -14.33 6.67 35.37
C GLN B 885 -13.54 6.68 34.07
N PHE B 886 -13.24 7.85 33.51
CA PHE B 886 -12.68 7.94 32.18
C PHE B 886 -13.44 7.06 31.21
N PRO B 887 -14.74 7.30 30.95
CA PRO B 887 -15.51 6.29 30.24
C PRO B 887 -15.31 6.48 28.75
N THR B 888 -15.04 5.37 28.09
CA THR B 888 -15.49 5.18 26.73
C THR B 888 -16.94 4.79 26.91
N LEU B 889 -17.79 5.23 26.00
CA LEU B 889 -19.01 4.50 25.71
C LEU B 889 -20.01 5.47 25.14
N PRO B 890 -20.77 6.24 25.93
CA PRO B 890 -21.95 6.85 25.34
C PRO B 890 -21.60 7.68 24.12
N ALA B 891 -20.81 8.72 24.21
CA ALA B 891 -20.36 9.33 22.97
C ALA B 891 -19.54 10.54 23.31
N ALA B 892 -20.19 11.64 23.58
CA ALA B 892 -19.32 12.72 23.95
C ALA B 892 -18.75 12.46 25.35
N ASN B 893 -19.13 11.37 26.02
CA ASN B 893 -18.81 11.24 27.44
C ASN B 893 -17.31 11.33 27.69
N TYR B 894 -16.49 10.57 27.00
CA TYR B 894 -15.06 10.62 27.20
C TYR B 894 -14.52 12.04 27.09
N PRO B 895 -14.69 12.79 26.00
CA PRO B 895 -14.10 14.11 25.92
C PRO B 895 -14.60 15.08 26.98
N ASN B 896 -15.85 14.91 27.39
CA ASN B 896 -16.50 15.83 28.29
C ASN B 896 -15.98 15.58 29.69
N SER B 897 -16.02 14.33 30.11
CA SER B 897 -15.42 13.96 31.37
C SER B 897 -13.98 14.44 31.49
N VAL B 898 -13.19 14.35 30.44
CA VAL B 898 -11.78 14.62 30.59
C VAL B 898 -11.54 16.12 30.70
N GLU B 899 -12.38 16.93 30.07
CA GLU B 899 -12.34 18.36 30.31
C GLU B 899 -12.67 18.67 31.77
N LEU B 900 -13.68 18.01 32.33
CA LEU B 900 -13.98 18.15 33.74
C LEU B 900 -12.81 17.78 34.62
N TYR B 901 -12.19 16.63 34.41
CA TYR B 901 -11.08 16.18 35.23
C TYR B 901 -9.86 17.10 35.10
N ASN B 902 -9.69 17.76 33.97
CA ASN B 902 -8.48 18.54 33.82
C ASN B 902 -8.57 19.88 34.52
N ARG B 903 -9.78 20.35 34.82
CA ARG B 903 -9.90 21.69 35.36
C ARG B 903 -9.54 21.67 36.84
N PHE B 904 -8.73 22.64 37.25
CA PHE B 904 -8.48 22.85 38.66
C PHE B 904 -9.69 23.51 39.28
N THR B 905 -9.83 23.39 40.60
CA THR B 905 -10.89 24.10 41.32
C THR B 905 -10.81 25.58 41.00
N ARG B 906 -11.96 26.15 40.63
CA ARG B 906 -12.11 27.55 40.29
C ARG B 906 -11.43 27.95 38.99
N GLN B 907 -10.86 27.02 38.23
CA GLN B 907 -10.12 27.38 37.03
C GLN B 907 -11.04 27.88 35.92
N ASP B 908 -12.09 27.11 35.65
CA ASP B 908 -13.19 27.51 34.78
C ASP B 908 -14.49 27.02 35.40
N ASP B 909 -15.45 27.92 35.46
CA ASP B 909 -16.72 27.65 36.10
C ASP B 909 -17.75 27.30 35.03
N SER B 910 -17.38 27.49 33.77
CA SER B 910 -18.28 27.36 32.63
C SER B 910 -18.76 25.92 32.47
N LEU B 911 -19.99 25.73 31.97
CA LEU B 911 -20.54 24.40 31.78
C LEU B 911 -19.76 23.69 30.69
N VAL B 912 -19.39 22.44 30.95
CA VAL B 912 -18.79 21.62 29.91
C VAL B 912 -19.92 21.25 28.98
N VAL B 913 -21.05 20.87 29.57
CA VAL B 913 -22.23 20.63 28.77
C VAL B 913 -23.41 21.47 29.24
N PRO B 914 -23.72 22.61 28.57
CA PRO B 914 -24.85 23.45 28.97
C PRO B 914 -26.09 22.57 28.94
N SER B 915 -26.25 21.92 27.80
CA SER B 915 -27.21 20.87 27.58
C SER B 915 -26.90 20.32 26.20
N PHE B 916 -27.44 19.15 25.88
CA PHE B 916 -27.15 18.51 24.61
C PHE B 916 -28.02 19.12 23.52
N LYS B 917 -27.40 19.70 22.48
CA LYS B 917 -28.18 20.30 21.41
C LYS B 917 -28.78 19.21 20.54
N PRO B 918 -30.08 19.32 20.19
CA PRO B 918 -30.78 18.30 19.41
C PRO B 918 -30.35 18.40 17.96
N ILE B 919 -30.40 17.29 17.22
CA ILE B 919 -29.77 17.23 15.90
C ILE B 919 -30.83 17.11 14.81
N ARG B 920 -30.64 17.90 13.74
CA ARG B 920 -31.52 17.92 12.58
C ARG B 920 -31.34 16.62 11.78
N SER B 921 -32.22 16.42 10.78
CA SER B 921 -32.14 15.24 9.93
C SER B 921 -31.45 15.61 8.62
N LYS B 922 -30.38 14.87 8.30
CA LYS B 922 -29.64 15.11 7.07
C LYS B 922 -30.40 14.49 5.89
N MET B 923 -30.92 13.27 6.08
CA MET B 923 -31.56 12.52 5.00
C MET B 923 -33.00 12.18 5.37
N ASP B 924 -33.90 12.32 4.38
CA ASP B 924 -35.30 11.92 4.51
C ASP B 924 -35.44 10.42 4.31
N ILE B 925 -36.53 9.85 4.84
CA ILE B 925 -36.85 8.43 4.80
C ILE B 925 -36.92 7.94 3.35
N ALA B 926 -37.49 8.76 2.46
CA ALA B 926 -37.71 8.41 1.06
C ALA B 926 -36.42 8.34 0.24
N SER B 927 -35.40 9.09 0.64
CA SER B 927 -34.11 9.06 -0.05
C SER B 927 -33.41 7.71 0.12
N MET B 928 -33.67 7.00 1.23
CA MET B 928 -32.98 5.73 1.46
C MET B 928 -33.42 4.74 0.40
N PRO B 929 -32.49 3.94 -0.17
CA PRO B 929 -32.78 3.07 -1.31
C PRO B 929 -33.94 2.08 -1.24
N LEU B 930 -34.09 1.40 -0.10
CA LEU B 930 -35.11 0.38 0.01
C LEU B 930 -36.50 0.98 0.02
N VAL B 931 -36.65 2.09 0.74
CA VAL B 931 -37.91 2.78 0.75
C VAL B 931 -38.14 3.34 -0.65
N GLN B 932 -37.15 4.03 -1.20
CA GLN B 932 -37.34 4.65 -2.50
C GLN B 932 -37.89 3.64 -3.50
N ALA B 933 -37.28 2.46 -3.56
CA ALA B 933 -37.73 1.39 -4.43
C ALA B 933 -39.18 1.01 -4.16
N ALA B 934 -39.53 0.79 -2.89
CA ALA B 934 -40.88 0.36 -2.56
C ALA B 934 -41.91 1.41 -2.96
N LEU B 935 -41.51 2.68 -2.97
CA LEU B 935 -42.43 3.74 -3.35
C LEU B 935 -42.69 3.66 -4.84
N LYS B 936 -41.63 3.43 -5.64
CA LYS B 936 -41.80 3.30 -7.08
C LYS B 936 -42.74 2.15 -7.40
N GLU B 937 -42.58 1.02 -6.71
CA GLU B 937 -43.39 -0.15 -6.94
C GLU B 937 -44.87 0.12 -6.67
N GLN B 938 -45.19 0.89 -5.62
CA GLN B 938 -46.59 1.18 -5.32
C GLN B 938 -47.07 2.28 -6.26
N GLN B 939 -46.23 3.30 -6.47
CA GLN B 939 -46.61 4.47 -7.26
C GLN B 939 -46.74 4.05 -8.72
N ALA B 940 -45.61 3.72 -9.37
CA ALA B 940 -45.69 3.10 -10.68
C ALA B 940 -46.45 1.78 -10.54
N THR B 941 -47.39 1.51 -11.46
CA THR B 941 -48.23 0.35 -11.36
C THR B 941 -48.93 0.36 -9.99
N LYS B 942 -49.51 1.53 -9.66
CA LYS B 942 -50.52 1.65 -8.62
C LYS B 942 -51.85 1.19 -9.22
N THR B 943 -52.09 1.58 -10.48
CA THR B 943 -53.28 1.22 -11.22
C THR B 943 -52.92 0.17 -12.27
N ALA B 944 -53.59 -0.97 -12.18
CA ALA B 944 -53.38 -2.06 -13.12
C ALA B 944 -54.66 -2.87 -13.19
N LEU B 945 -54.58 -4.17 -12.91
CA LEU B 945 -55.77 -5.00 -12.85
C LEU B 945 -55.81 -5.69 -11.48
N ASP B 946 -56.98 -5.65 -10.85
CA ASP B 946 -57.15 -6.20 -9.52
C ASP B 946 -57.69 -7.63 -9.64
N MET B 947 -57.01 -8.56 -8.97
CA MET B 947 -57.46 -9.95 -8.87
C MET B 947 -58.49 -10.08 -7.75
N SER B 948 -59.40 -11.05 -7.91
CA SER B 948 -60.52 -11.25 -7.01
C SER B 948 -61.59 -10.17 -7.24
N ARG B 949 -61.37 -9.36 -8.28
CA ARG B 949 -62.36 -8.39 -8.72
C ARG B 949 -62.90 -8.91 -10.05
N PRO B 950 -64.24 -9.06 -10.19
CA PRO B 950 -64.84 -9.47 -11.46
C PRO B 950 -64.45 -8.47 -12.56
N MET B 951 -64.15 -9.01 -13.74
CA MET B 951 -63.56 -8.21 -14.80
C MET B 951 -64.47 -7.03 -15.16
N PHE B 952 -65.80 -7.28 -15.15
CA PHE B 952 -66.74 -6.27 -15.61
C PHE B 952 -66.67 -5.05 -14.69
N LEU B 953 -66.43 -5.29 -13.40
CA LEU B 953 -66.24 -4.21 -12.43
C LEU B 953 -64.90 -3.51 -12.64
N GLU B 954 -63.90 -4.26 -13.10
CA GLU B 954 -62.57 -3.74 -13.30
C GLU B 954 -62.49 -2.87 -14.55
N LEU B 955 -63.24 -3.24 -15.60
CA LEU B 955 -63.20 -2.50 -16.84
C LEU B 955 -63.88 -1.16 -16.64
N GLY B 956 -64.92 -1.15 -15.79
CA GLY B 956 -65.66 0.06 -15.44
C GLY B 956 -64.89 0.99 -14.50
N ARG B 957 -63.87 0.48 -13.81
CA ARG B 957 -63.16 1.28 -12.82
C ARG B 957 -62.38 2.38 -13.55
N SER B 958 -62.30 3.55 -12.91
CA SER B 958 -61.57 4.70 -13.45
C SER B 958 -60.21 4.85 -12.76
N PHE B 959 -59.20 5.29 -13.54
CA PHE B 959 -57.82 5.35 -13.04
C PHE B 959 -57.52 6.77 -12.54
N LYS B 960 -57.74 7.78 -13.38
CA LYS B 960 -57.40 9.15 -13.02
C LYS B 960 -58.29 9.65 -11.89
N GLY B 961 -59.57 9.22 -11.88
CA GLY B 961 -60.53 9.66 -10.87
C GLY B 961 -60.90 11.14 -11.04
N ALA B 962 -60.53 11.95 -10.04
CA ALA B 962 -60.70 13.39 -10.12
C ALA B 962 -59.64 13.99 -11.03
N ASP B 963 -59.88 15.22 -11.50
CA ASP B 963 -59.06 15.88 -12.50
C ASP B 963 -59.38 15.30 -13.88
N GLY B 964 -60.58 14.70 -14.00
CA GLY B 964 -61.08 14.20 -15.27
C GLY B 964 -62.23 15.07 -15.76
N GLN B 965 -62.60 14.85 -17.02
CA GLN B 965 -63.63 15.66 -17.67
C GLN B 965 -64.97 15.35 -17.03
N SER B 966 -65.94 16.25 -17.24
CA SER B 966 -67.28 16.13 -16.70
C SER B 966 -68.27 16.27 -17.86
N VAL B 967 -69.55 15.99 -17.58
CA VAL B 967 -70.58 16.02 -18.60
C VAL B 967 -70.58 17.40 -19.25
N GLU B 968 -70.67 18.45 -18.41
CA GLU B 968 -70.56 19.81 -18.89
C GLU B 968 -69.08 20.15 -19.10
N VAL B 969 -68.49 19.70 -20.22
CA VAL B 969 -67.12 20.09 -20.55
C VAL B 969 -67.04 20.70 -21.95
N GLY B 970 -67.43 19.96 -22.98
CA GLY B 970 -67.28 20.44 -24.35
C GLY B 970 -68.42 21.36 -24.72
N VAL B 971 -69.35 20.84 -25.53
CA VAL B 971 -70.53 21.60 -25.92
C VAL B 971 -71.32 21.89 -24.65
N GLY B 972 -71.40 20.87 -23.79
CA GLY B 972 -72.12 20.96 -22.53
C GLY B 972 -73.61 20.64 -22.72
N THR B 973 -74.32 20.64 -21.58
CA THR B 973 -75.72 20.26 -21.55
C THR B 973 -76.61 21.47 -21.87
N LEU B 974 -76.17 22.66 -21.47
CA LEU B 974 -77.06 23.81 -21.39
C LEU B 974 -77.58 24.23 -22.77
N ARG B 975 -76.69 24.40 -23.76
CA ARG B 975 -77.09 24.94 -25.05
C ARG B 975 -78.22 24.12 -25.65
N ARG B 976 -78.09 22.79 -25.62
CA ARG B 976 -79.22 21.92 -25.87
C ARG B 976 -80.15 22.08 -24.66
N GLN B 977 -81.47 22.11 -24.89
CA GLN B 977 -82.47 22.23 -23.84
C GLN B 977 -82.74 23.69 -23.48
N LEU B 978 -81.98 24.63 -24.07
CA LEU B 978 -82.37 26.04 -24.08
C LEU B 978 -82.85 26.43 -25.47
N GLU B 979 -83.00 25.44 -26.35
CA GLU B 979 -83.63 25.65 -27.65
C GLU B 979 -84.94 24.86 -27.65
N HIS B 980 -86.03 25.57 -27.91
CA HIS B 980 -87.35 24.97 -27.95
C HIS B 980 -87.95 25.36 -29.29
N ILE B 981 -88.18 24.35 -30.11
CA ILE B 981 -88.92 24.57 -31.33
C ILE B 981 -90.31 25.06 -30.95
N TYR B 982 -90.76 26.13 -31.62
CA TYR B 982 -92.10 26.66 -31.39
C TYR B 982 -92.87 26.64 -32.70
N ARG B 983 -94.07 26.07 -32.65
CA ARG B 983 -94.98 26.08 -33.77
C ARG B 983 -96.32 26.63 -33.31
N ILE B 984 -96.80 27.67 -34.00
CA ILE B 984 -98.13 28.20 -33.74
C ILE B 984 -99.14 27.19 -34.26
N ALA B 985 -100.17 26.91 -33.43
CA ALA B 985 -101.29 26.07 -33.83
C ALA B 985 -102.57 26.90 -33.80
N PRO B 986 -103.44 26.81 -34.83
CA PRO B 986 -104.65 27.65 -34.87
C PRO B 986 -105.54 27.55 -33.62
N ASP B 987 -105.77 26.30 -33.16
CA ASP B 987 -106.61 26.02 -32.01
C ASP B 987 -105.90 26.25 -30.69
N ALA B 988 -104.56 26.41 -30.74
CA ALA B 988 -103.79 26.70 -29.54
C ALA B 988 -104.44 27.85 -28.79
N THR B 989 -104.43 27.74 -27.45
CA THR B 989 -104.94 28.79 -26.58
C THR B 989 -104.01 30.00 -26.66
N ARG B 990 -104.55 31.18 -26.37
CA ARG B 990 -103.84 32.43 -26.53
C ARG B 990 -102.47 32.37 -25.83
N SER B 991 -102.44 31.92 -24.58
CA SER B 991 -101.21 31.95 -23.78
C SER B 991 -100.13 31.08 -24.42
N GLU B 992 -100.52 29.92 -24.93
CA GLU B 992 -99.59 29.12 -25.72
C GLU B 992 -99.08 29.96 -26.88
N LYS B 993 -100.00 30.56 -27.65
CA LYS B 993 -99.66 31.30 -28.86
C LYS B 993 -98.72 32.45 -28.50
N ASP B 994 -99.03 33.20 -27.44
CA ASP B 994 -98.28 34.41 -27.12
C ASP B 994 -96.82 34.04 -26.83
N VAL B 995 -96.62 32.95 -26.07
CA VAL B 995 -95.28 32.54 -25.68
C VAL B 995 -94.39 32.39 -26.91
N ALA B 996 -94.94 31.77 -27.97
CA ALA B 996 -94.24 31.67 -29.23
C ALA B 996 -94.00 33.07 -29.80
N ILE B 997 -95.05 33.90 -29.84
CA ILE B 997 -94.93 35.22 -30.43
C ILE B 997 -93.78 35.95 -29.74
N ASN B 998 -93.75 35.88 -28.40
CA ASN B 998 -92.77 36.60 -27.59
C ASN B 998 -91.35 36.16 -27.97
N ALA B 999 -91.19 34.87 -28.25
CA ALA B 999 -89.89 34.32 -28.59
C ALA B 999 -89.44 34.81 -29.97
N ILE B 1000 -90.39 35.02 -30.90
CA ILE B 1000 -90.03 35.52 -32.21
C ILE B 1000 -89.36 36.87 -32.01
N TYR B 1001 -90.05 37.75 -31.27
CA TYR B 1001 -89.56 39.08 -30.96
C TYR B 1001 -88.21 38.94 -30.26
N ARG B 1002 -88.13 37.96 -29.37
CA ARG B 1002 -86.95 37.76 -28.55
C ARG B 1002 -85.70 37.51 -29.40
N GLN B 1003 -85.80 36.65 -30.41
CA GLN B 1003 -84.63 36.25 -31.19
C GLN B 1003 -84.29 37.30 -32.25
N VAL B 1004 -85.31 37.85 -32.93
CA VAL B 1004 -85.10 38.75 -34.05
C VAL B 1004 -84.63 40.11 -33.54
N LEU B 1005 -85.33 40.65 -32.52
CA LEU B 1005 -85.06 41.99 -32.01
C LEU B 1005 -84.16 41.94 -30.77
N ASP B 1006 -83.70 40.74 -30.40
CA ASP B 1006 -82.71 40.56 -29.36
C ASP B 1006 -83.21 41.11 -28.02
N VAL B 1007 -84.51 40.94 -27.76
CA VAL B 1007 -85.11 41.37 -26.50
C VAL B 1007 -84.93 40.27 -25.47
N PHE B 1008 -83.79 40.27 -24.76
CA PHE B 1008 -83.46 39.12 -23.94
C PHE B 1008 -84.20 39.13 -22.61
N ALA B 1009 -84.76 40.28 -22.22
CA ALA B 1009 -85.76 40.25 -21.16
C ALA B 1009 -86.77 39.16 -21.53
N GLY B 1010 -87.08 39.08 -22.83
CA GLY B 1010 -87.82 37.97 -23.39
C GLY B 1010 -89.32 38.24 -23.45
N ILE B 1011 -89.72 39.45 -23.02
CA ILE B 1011 -91.06 39.95 -23.28
C ILE B 1011 -90.94 41.28 -24.01
N PRO B 1012 -91.60 41.44 -25.17
CA PRO B 1012 -91.45 42.67 -25.96
C PRO B 1012 -92.06 43.85 -25.19
N PRO B 1013 -91.44 45.05 -25.28
CA PRO B 1013 -92.10 46.29 -24.86
C PRO B 1013 -93.19 46.64 -25.87
N SER B 1014 -94.28 47.26 -25.40
CA SER B 1014 -95.47 47.46 -26.22
C SER B 1014 -95.15 48.17 -27.53
N TYR B 1015 -94.24 49.16 -27.50
CA TYR B 1015 -93.92 49.97 -28.67
C TYR B 1015 -93.16 49.15 -29.71
N LEU B 1016 -92.38 48.16 -29.26
CA LEU B 1016 -91.68 47.24 -30.17
C LEU B 1016 -92.68 46.38 -30.94
N ARG B 1017 -93.75 45.96 -30.27
CA ARG B 1017 -94.68 44.98 -30.81
C ARG B 1017 -95.34 45.51 -32.09
N LEU B 1018 -95.61 44.60 -33.04
CA LEU B 1018 -96.43 44.85 -34.21
C LEU B 1018 -97.79 44.19 -34.02
N SER B 1019 -98.85 44.99 -33.88
CA SER B 1019 -100.17 44.44 -33.56
C SER B 1019 -100.82 43.81 -34.79
N GLU B 1020 -100.90 44.57 -35.89
CA GLU B 1020 -101.57 44.11 -37.09
C GLU B 1020 -101.01 42.74 -37.49
N ALA B 1021 -99.68 42.62 -37.51
CA ALA B 1021 -99.04 41.36 -37.90
C ALA B 1021 -99.44 40.25 -36.93
N GLU B 1022 -99.40 40.55 -35.63
CA GLU B 1022 -99.76 39.57 -34.60
C GLU B 1022 -101.20 39.10 -34.79
N SER B 1023 -102.11 40.03 -35.08
CA SER B 1023 -103.52 39.70 -35.26
C SER B 1023 -103.68 38.73 -36.43
N LYS B 1024 -102.92 38.96 -37.51
CA LYS B 1024 -102.94 38.08 -38.66
C LYS B 1024 -102.41 36.71 -38.27
N LEU B 1025 -101.31 36.71 -37.48
CA LEU B 1025 -100.65 35.49 -37.05
C LEU B 1025 -101.57 34.65 -36.16
N LYS B 1026 -102.25 35.32 -35.21
CA LYS B 1026 -103.19 34.65 -34.33
C LYS B 1026 -104.37 34.11 -35.14
N ASN B 1027 -104.73 34.80 -36.22
CA ASN B 1027 -105.84 34.40 -37.06
C ASN B 1027 -105.45 33.19 -37.91
N ASN B 1028 -104.14 33.10 -38.22
CA ASN B 1028 -103.55 32.02 -39.01
C ASN B 1028 -103.48 32.45 -40.48
N GLU B 1029 -103.75 33.73 -40.76
CA GLU B 1029 -103.71 34.26 -42.11
C GLU B 1029 -102.27 34.22 -42.62
N ILE B 1030 -101.31 34.49 -41.72
CA ILE B 1030 -99.90 34.58 -42.11
C ILE B 1030 -99.11 33.49 -41.36
N SER B 1031 -98.06 33.00 -42.03
CA SER B 1031 -97.20 31.99 -41.42
C SER B 1031 -96.18 32.70 -40.54
N VAL B 1032 -95.49 31.91 -39.70
CA VAL B 1032 -94.44 32.42 -38.84
C VAL B 1032 -93.31 33.02 -39.70
N ARG B 1033 -92.99 32.35 -40.81
CA ARG B 1033 -91.95 32.86 -41.69
C ARG B 1033 -92.31 34.25 -42.19
N GLU B 1034 -93.60 34.45 -42.52
CA GLU B 1034 -94.07 35.73 -43.05
C GLU B 1034 -93.98 36.80 -41.96
N PHE B 1035 -94.35 36.42 -40.73
CA PHE B 1035 -94.33 37.33 -39.59
C PHE B 1035 -92.92 37.79 -39.28
N VAL B 1036 -91.95 36.90 -39.49
CA VAL B 1036 -90.55 37.17 -39.29
C VAL B 1036 -90.04 38.11 -40.38
N ARG B 1037 -90.54 37.96 -41.60
CA ARG B 1037 -90.14 38.84 -42.69
C ARG B 1037 -90.62 40.26 -42.37
N ARG B 1038 -91.88 40.38 -41.90
CA ARG B 1038 -92.48 41.68 -41.57
C ARG B 1038 -91.66 42.42 -40.52
N LEU B 1039 -91.06 41.69 -39.57
CA LEU B 1039 -90.30 42.28 -38.48
C LEU B 1039 -89.01 42.93 -38.99
N GLY B 1040 -88.32 42.25 -39.92
CA GLY B 1040 -87.17 42.87 -40.57
C GLY B 1040 -87.58 44.03 -41.47
N ARG B 1041 -88.80 43.96 -42.02
CA ARG B 1041 -89.34 45.04 -42.85
C ARG B 1041 -89.60 46.28 -41.98
N SER B 1042 -89.96 46.05 -40.70
CA SER B 1042 -90.40 47.10 -39.80
C SER B 1042 -89.27 48.09 -39.52
N GLU B 1043 -89.67 49.32 -39.19
CA GLU B 1043 -88.74 50.42 -38.91
C GLU B 1043 -87.87 50.08 -37.71
N ASN B 1044 -88.51 49.60 -36.63
CA ASN B 1044 -87.82 49.38 -35.36
C ASN B 1044 -86.54 48.59 -35.59
N TYR B 1045 -86.61 47.57 -36.46
CA TYR B 1045 -85.42 46.80 -36.80
C TYR B 1045 -84.41 47.75 -37.45
N ARG B 1046 -84.88 48.49 -38.45
CA ARG B 1046 -84.02 49.38 -39.22
C ARG B 1046 -83.38 50.38 -38.26
N LYS B 1047 -84.19 50.86 -37.31
CA LYS B 1047 -83.76 51.83 -36.31
C LYS B 1047 -82.63 51.24 -35.46
N ARG B 1048 -82.88 50.06 -34.87
CA ARG B 1048 -82.01 49.53 -33.83
C ARG B 1048 -80.78 48.83 -34.40
N PHE B 1049 -80.86 48.31 -35.64
CA PHE B 1049 -79.80 47.41 -36.11
C PHE B 1049 -79.11 47.94 -37.36
N PHE B 1050 -79.87 48.30 -38.40
CA PHE B 1050 -79.24 48.72 -39.64
C PHE B 1050 -78.56 50.07 -39.47
N GLU B 1051 -79.32 51.05 -38.94
CA GLU B 1051 -78.88 52.43 -38.95
C GLU B 1051 -77.53 52.58 -38.23
N PRO B 1052 -77.40 52.14 -36.96
CA PRO B 1052 -76.16 52.34 -36.20
C PRO B 1052 -74.91 51.64 -36.74
N TYR B 1053 -75.08 50.41 -37.20
CA TYR B 1053 -73.95 49.54 -37.48
C TYR B 1053 -73.44 49.81 -38.90
N SER B 1054 -72.24 49.27 -39.20
CA SER B 1054 -71.64 49.34 -40.52
C SER B 1054 -72.15 48.19 -41.39
N SER B 1055 -72.06 48.36 -42.72
CA SER B 1055 -72.64 47.42 -43.67
C SER B 1055 -72.22 45.99 -43.34
N PRO B 1056 -70.91 45.68 -43.17
CA PRO B 1056 -70.47 44.32 -42.83
C PRO B 1056 -71.05 43.77 -41.53
N LYS B 1057 -71.10 44.63 -40.50
CA LYS B 1057 -71.67 44.24 -39.23
C LYS B 1057 -73.16 43.96 -39.42
N VAL B 1058 -73.85 44.78 -40.21
CA VAL B 1058 -75.30 44.65 -40.37
C VAL B 1058 -75.60 43.22 -40.84
N VAL B 1059 -74.78 42.73 -41.78
CA VAL B 1059 -74.92 41.38 -42.28
C VAL B 1059 -74.80 40.39 -41.14
N GLU B 1060 -73.72 40.52 -40.36
CA GLU B 1060 -73.48 39.62 -39.23
C GLU B 1060 -74.72 39.55 -38.34
N LEU B 1061 -75.27 40.70 -37.97
CA LEU B 1061 -76.46 40.73 -37.13
C LEU B 1061 -77.59 39.97 -37.83
N LEU B 1062 -77.75 40.21 -39.14
CA LEU B 1062 -78.85 39.61 -39.88
C LEU B 1062 -78.83 38.09 -39.68
N THR B 1063 -77.64 37.49 -39.83
CA THR B 1063 -77.51 36.05 -39.78
C THR B 1063 -77.78 35.54 -38.37
N LYS B 1064 -77.38 36.31 -37.36
CA LYS B 1064 -77.64 35.95 -35.97
C LYS B 1064 -79.13 36.09 -35.68
N HIS B 1065 -79.73 37.20 -36.11
CA HIS B 1065 -81.14 37.44 -35.83
C HIS B 1065 -81.97 36.42 -36.60
N PHE B 1066 -81.65 36.28 -37.89
CA PHE B 1066 -82.29 35.31 -38.75
C PHE B 1066 -81.28 34.23 -39.10
N LEU B 1067 -81.55 32.97 -38.78
CA LEU B 1067 -80.65 31.85 -39.09
C LEU B 1067 -79.77 31.51 -37.89
N GLY B 1068 -79.82 32.31 -36.83
CA GLY B 1068 -79.24 31.93 -35.54
C GLY B 1068 -77.74 31.68 -35.56
N ARG B 1069 -77.04 31.96 -36.66
CA ARG B 1069 -75.63 31.62 -36.75
C ARG B 1069 -74.82 32.83 -37.20
N ALA B 1070 -73.50 32.75 -36.95
CA ALA B 1070 -72.56 33.74 -37.45
C ALA B 1070 -72.33 33.53 -38.95
N PRO B 1071 -72.04 34.58 -39.75
CA PRO B 1071 -71.87 34.44 -41.19
C PRO B 1071 -70.83 33.35 -41.48
N ILE B 1072 -71.21 32.41 -42.35
CA ILE B 1072 -70.39 31.24 -42.63
C ILE B 1072 -69.08 31.66 -43.30
N SER B 1073 -69.18 32.56 -44.30
CA SER B 1073 -68.04 32.88 -45.15
C SER B 1073 -68.03 34.37 -45.52
N GLN B 1074 -66.85 34.86 -45.93
CA GLN B 1074 -66.70 36.21 -46.43
C GLN B 1074 -67.54 36.39 -47.70
N GLN B 1075 -67.62 35.33 -48.52
CA GLN B 1075 -68.44 35.36 -49.72
C GLN B 1075 -69.89 35.64 -49.36
N GLU B 1076 -70.38 34.98 -48.30
CA GLU B 1076 -71.76 35.18 -47.86
C GLU B 1076 -71.95 36.64 -47.45
N ILE B 1077 -70.95 37.20 -46.76
CA ILE B 1077 -70.99 38.58 -46.32
C ILE B 1077 -71.08 39.50 -47.53
N SER B 1078 -70.25 39.21 -48.54
CA SER B 1078 -70.18 40.05 -49.72
C SER B 1078 -71.55 40.13 -50.41
N THR B 1079 -72.21 38.98 -50.57
CA THR B 1079 -73.45 38.92 -51.32
C THR B 1079 -74.50 39.79 -50.64
N TYR B 1080 -74.58 39.70 -49.31
CA TYR B 1080 -75.59 40.42 -48.54
C TYR B 1080 -75.27 41.91 -48.52
N VAL B 1081 -73.98 42.25 -48.42
CA VAL B 1081 -73.55 43.64 -48.48
C VAL B 1081 -73.99 44.25 -49.81
N GLN B 1082 -73.73 43.53 -50.91
CA GLN B 1082 -74.10 43.97 -52.23
C GLN B 1082 -75.60 44.27 -52.28
N ILE B 1083 -76.42 43.40 -51.67
CA ILE B 1083 -77.86 43.60 -51.66
C ILE B 1083 -78.18 44.89 -50.91
N LEU B 1084 -77.53 45.11 -49.76
CA LEU B 1084 -77.79 46.27 -48.91
C LEU B 1084 -77.44 47.56 -49.64
N GLY B 1085 -76.33 47.53 -50.39
CA GLY B 1085 -75.86 48.68 -51.14
C GLY B 1085 -76.74 49.00 -52.35
N THR B 1086 -77.21 47.95 -53.05
CA THR B 1086 -77.92 48.14 -54.31
C THR B 1086 -79.43 48.13 -54.11
N LYS B 1087 -79.91 47.53 -52.99
CA LYS B 1087 -81.33 47.46 -52.70
C LYS B 1087 -81.55 47.59 -51.20
N GLY B 1088 -82.83 47.66 -50.81
CA GLY B 1088 -83.21 48.03 -49.46
C GLY B 1088 -82.74 47.04 -48.39
N LEU B 1089 -82.77 47.49 -47.13
CA LEU B 1089 -82.60 46.61 -45.99
C LEU B 1089 -83.63 45.48 -46.11
N ALA B 1090 -84.87 45.84 -46.46
CA ALA B 1090 -85.96 44.89 -46.68
C ALA B 1090 -85.53 43.77 -47.62
N ALA B 1091 -84.87 44.14 -48.73
CA ALA B 1091 -84.49 43.16 -49.76
C ALA B 1091 -83.54 42.11 -49.19
N ALA B 1092 -82.58 42.54 -48.36
CA ALA B 1092 -81.66 41.62 -47.70
C ALA B 1092 -82.36 40.74 -46.67
N VAL B 1093 -83.35 41.31 -45.96
CA VAL B 1093 -84.16 40.55 -45.01
C VAL B 1093 -84.96 39.49 -45.75
N ASP B 1094 -85.57 39.89 -46.88
CA ASP B 1094 -86.32 38.96 -47.72
C ASP B 1094 -85.42 37.81 -48.14
N ALA B 1095 -84.19 38.14 -48.57
CA ALA B 1095 -83.26 37.15 -49.11
C ALA B 1095 -82.95 36.05 -48.08
N ILE B 1096 -82.72 36.44 -46.83
CA ILE B 1096 -82.32 35.49 -45.80
C ILE B 1096 -83.47 34.54 -45.49
N VAL B 1097 -84.67 35.09 -45.31
CA VAL B 1097 -85.87 34.27 -45.11
C VAL B 1097 -86.15 33.41 -46.35
N GLU B 1098 -85.87 33.97 -47.55
CA GLU B 1098 -86.04 33.23 -48.81
C GLU B 1098 -84.95 32.16 -48.97
N SER B 1099 -83.80 32.34 -48.32
CA SER B 1099 -82.64 31.50 -48.57
C SER B 1099 -82.94 30.04 -48.18
N PRO B 1100 -82.30 29.06 -48.86
CA PRO B 1100 -82.57 27.64 -48.62
C PRO B 1100 -82.32 27.18 -47.18
N GLU B 1101 -81.20 27.64 -46.61
CA GLU B 1101 -80.80 27.23 -45.27
C GLU B 1101 -81.93 27.52 -44.28
N TYR B 1102 -82.49 28.73 -44.34
CA TYR B 1102 -83.59 29.09 -43.46
C TYR B 1102 -84.72 28.09 -43.63
N LEU B 1103 -85.06 27.78 -44.89
CA LEU B 1103 -86.20 26.93 -45.20
C LEU B 1103 -85.98 25.53 -44.61
N THR B 1104 -84.74 25.04 -44.70
CA THR B 1104 -84.43 23.69 -44.25
C THR B 1104 -84.55 23.60 -42.73
N ILE B 1105 -84.00 24.59 -42.02
CA ILE B 1105 -83.90 24.55 -40.57
C ILE B 1105 -85.25 24.91 -39.93
N PHE B 1106 -86.00 25.86 -40.51
CA PHE B 1106 -87.22 26.32 -39.85
C PHE B 1106 -88.45 26.20 -40.74
N ASN B 1107 -88.26 26.08 -42.07
CA ASN B 1107 -89.38 26.03 -43.00
C ASN B 1107 -90.26 27.26 -42.73
N GLU B 1108 -91.56 27.06 -42.54
CA GLU B 1108 -92.46 28.16 -42.22
C GLU B 1108 -92.76 28.17 -40.72
N ASP B 1109 -93.12 27.00 -40.18
CA ASP B 1109 -93.78 26.87 -38.89
C ASP B 1109 -92.86 27.16 -37.70
N ILE B 1110 -91.57 26.86 -37.82
CA ILE B 1110 -90.65 26.92 -36.69
C ILE B 1110 -90.17 28.36 -36.49
N VAL B 1111 -90.23 28.83 -35.24
CA VAL B 1111 -89.65 30.11 -34.84
C VAL B 1111 -88.13 29.98 -34.82
N PRO B 1112 -87.34 30.95 -35.34
CA PRO B 1112 -85.88 30.81 -35.32
C PRO B 1112 -85.33 30.57 -33.91
N TYR B 1113 -84.16 29.93 -33.84
CA TYR B 1113 -83.49 29.61 -32.57
C TYR B 1113 -81.98 29.69 -32.81
N ARG B 1114 -81.19 29.66 -31.74
CA ARG B 1114 -79.78 30.06 -31.80
C ARG B 1114 -78.88 29.11 -32.59
N ARG B 1115 -79.14 27.80 -32.53
CA ARG B 1115 -78.47 26.80 -33.36
C ARG B 1115 -77.01 27.18 -33.68
N TYR B 1116 -76.06 26.58 -32.95
CA TYR B 1116 -74.63 26.75 -33.22
C TYR B 1116 -74.11 25.67 -34.17
N PRO B 1117 -74.07 25.89 -35.51
CA PRO B 1117 -74.10 24.78 -36.47
C PRO B 1117 -72.97 23.76 -36.37
N THR B 1118 -71.79 24.14 -36.87
CA THR B 1118 -70.58 23.36 -36.75
C THR B 1118 -70.18 22.65 -38.04
N LEU B 1119 -71.10 22.50 -39.00
CA LEU B 1119 -70.75 21.75 -40.19
C LEU B 1119 -69.83 22.58 -41.08
N PRO B 1120 -70.09 23.89 -41.33
CA PRO B 1120 -69.11 24.72 -42.03
C PRO B 1120 -67.97 24.84 -41.00
N ALA B 1121 -66.73 24.92 -41.48
CA ALA B 1121 -65.59 24.95 -40.58
C ALA B 1121 -65.45 26.31 -39.90
N GLY B 1122 -65.29 26.27 -38.56
CA GLY B 1122 -65.07 27.47 -37.76
C GLY B 1122 -66.37 28.12 -37.28
N ASN B 1123 -67.51 27.72 -37.87
CA ASN B 1123 -68.78 28.36 -37.58
C ASN B 1123 -69.15 28.15 -36.10
N TYR B 1124 -68.73 27.02 -35.52
CA TYR B 1124 -69.06 26.72 -34.13
C TYR B 1124 -68.43 27.78 -33.23
N ARG B 1125 -67.14 28.06 -33.48
CA ARG B 1125 -66.44 29.10 -32.75
C ARG B 1125 -67.14 30.44 -32.96
N ALA B 1126 -67.33 30.82 -34.22
CA ALA B 1126 -67.96 32.08 -34.58
C ALA B 1126 -69.34 32.19 -33.94
N SER B 1127 -70.13 31.10 -34.00
CA SER B 1127 -71.51 31.12 -33.55
C SER B 1127 -71.57 31.33 -32.04
N VAL B 1128 -70.65 30.70 -31.31
CA VAL B 1128 -70.53 30.90 -29.88
C VAL B 1128 -70.22 32.38 -29.60
N ARG B 1129 -69.25 32.92 -30.35
CA ARG B 1129 -68.86 34.32 -30.20
C ARG B 1129 -70.08 35.22 -30.37
N VAL B 1130 -70.84 35.03 -31.45
CA VAL B 1130 -71.90 35.98 -31.80
C VAL B 1130 -73.06 35.82 -30.84
N ASN B 1131 -73.35 34.60 -30.37
CA ASN B 1131 -74.52 34.41 -29.53
C ASN B 1131 -74.17 34.70 -28.07
N ASP B 1132 -73.01 34.21 -27.62
CA ASP B 1132 -72.70 34.21 -26.20
C ASP B 1132 -72.05 35.51 -25.73
N GLU B 1133 -71.20 36.13 -26.56
CA GLU B 1133 -70.37 37.25 -26.10
C GLU B 1133 -70.90 38.59 -26.60
N GLU B 1134 -70.94 38.77 -27.92
CA GLU B 1134 -71.27 40.05 -28.52
C GLU B 1134 -72.72 40.42 -28.20
N LEU B 1135 -72.97 40.77 -26.95
CA LEU B 1135 -74.20 41.44 -26.61
C LEU B 1135 -74.11 42.83 -27.24
N ILE B 1136 -75.21 43.34 -27.79
CA ILE B 1136 -75.16 44.61 -28.50
C ILE B 1136 -74.45 45.64 -27.62
N SER B 1137 -73.50 46.37 -28.21
CA SER B 1137 -72.64 47.30 -27.48
C SER B 1137 -72.81 48.75 -27.93
N GLN B 1138 -73.83 49.03 -28.75
CA GLN B 1138 -74.08 50.38 -29.23
C GLN B 1138 -75.50 50.80 -28.87
N SER B 1139 -75.66 52.08 -28.52
CA SER B 1139 -76.98 52.66 -28.42
C SER B 1139 -77.54 52.84 -29.84
N TRP B 1140 -78.82 52.48 -30.00
CA TRP B 1140 -79.51 52.76 -31.24
C TRP B 1140 -79.69 54.27 -31.42
N SER B 1141 -80.10 54.96 -30.36
CA SER B 1141 -80.39 56.39 -30.43
C SER B 1141 -79.09 57.17 -30.32
N SER B 1142 -79.00 58.25 -31.12
CA SER B 1142 -77.86 59.15 -31.08
C SER B 1142 -77.99 60.15 -29.92
N LEU B 1143 -79.23 60.50 -29.56
CA LEU B 1143 -79.50 61.64 -28.70
C LEU B 1143 -79.00 61.38 -27.28
N SER B 1144 -78.69 62.47 -26.57
CA SER B 1144 -78.41 62.49 -25.13
C SER B 1144 -77.23 61.59 -24.77
N PRO B 1145 -76.05 61.74 -25.42
CA PRO B 1145 -74.90 60.88 -25.13
C PRO B 1145 -74.40 60.95 -23.70
N THR B 1146 -74.06 59.78 -23.14
CA THR B 1146 -73.74 59.65 -21.72
C THR B 1146 -72.34 60.21 -21.45
N TYR B 1147 -72.24 61.05 -20.41
CA TYR B 1147 -70.95 61.52 -19.93
C TYR B 1147 -70.32 60.41 -19.09
N THR B 1148 -68.99 60.32 -19.18
CA THR B 1148 -68.21 59.21 -18.68
C THR B 1148 -68.25 59.17 -17.15
N GLY B 1149 -68.16 60.35 -16.50
CA GLY B 1149 -68.12 60.44 -15.05
C GLY B 1149 -69.48 60.15 -14.39
N TYR B 1150 -69.59 60.53 -13.11
CA TYR B 1150 -70.79 60.30 -12.30
C TYR B 1150 -70.94 58.81 -12.00
N GLN B 1151 -69.85 58.05 -12.22
CA GLN B 1151 -69.82 56.60 -12.01
C GLN B 1151 -70.51 56.25 -10.70
N TYR B 1152 -70.00 56.83 -9.60
CA TYR B 1152 -70.47 56.51 -8.27
C TYR B 1152 -71.76 57.27 -7.98
N VAL B 1153 -72.57 56.67 -7.10
CA VAL B 1153 -73.73 57.34 -6.55
C VAL B 1153 -73.52 57.50 -5.04
N SER C 2 -82.12 17.06 -13.17
CA SER C 2 -82.93 16.97 -11.90
C SER C 2 -84.25 17.72 -12.12
N VAL C 3 -85.21 17.52 -11.19
CA VAL C 3 -86.47 18.21 -11.25
C VAL C 3 -86.25 19.72 -11.28
N LEU C 4 -85.37 20.18 -10.45
CA LEU C 4 -85.19 21.61 -10.24
C LEU C 4 -84.63 22.20 -11.56
N THR C 5 -83.64 21.54 -12.15
CA THR C 5 -83.04 22.04 -13.38
C THR C 5 -84.12 22.17 -14.45
N LYS C 6 -84.97 21.14 -14.56
CA LYS C 6 -86.00 21.15 -15.57
C LYS C 6 -86.92 22.34 -15.37
N ALA C 7 -87.34 22.60 -14.12
CA ALA C 7 -88.26 23.69 -13.84
C ALA C 7 -87.65 25.03 -14.18
N ILE C 8 -86.39 25.23 -13.81
CA ILE C 8 -85.70 26.49 -14.08
C ILE C 8 -85.64 26.71 -15.58
N VAL C 9 -85.29 25.66 -16.32
CA VAL C 9 -85.13 25.79 -17.75
C VAL C 9 -86.45 26.22 -18.41
N ASN C 10 -87.58 25.65 -17.97
CA ASN C 10 -88.85 26.01 -18.56
C ASN C 10 -89.17 27.47 -18.27
N ALA C 11 -88.89 27.89 -17.03
CA ALA C 11 -89.14 29.26 -16.63
C ALA C 11 -88.31 30.23 -17.46
N ASP C 12 -87.03 29.89 -17.69
CA ASP C 12 -86.14 30.78 -18.40
C ASP C 12 -86.62 30.94 -19.85
N ALA C 13 -87.09 29.85 -20.46
CA ALA C 13 -87.62 29.91 -21.80
C ALA C 13 -88.81 30.88 -21.86
N GLU C 14 -89.69 30.78 -20.86
CA GLU C 14 -90.83 31.67 -20.78
C GLU C 14 -90.42 33.06 -20.30
N ALA C 15 -89.21 33.18 -19.76
CA ALA C 15 -88.70 34.44 -19.26
C ALA C 15 -89.51 34.95 -18.07
N ARG C 16 -89.94 34.02 -17.22
CA ARG C 16 -90.81 34.34 -16.10
C ARG C 16 -90.23 33.71 -14.82
N TYR C 17 -90.66 34.22 -13.65
CA TYR C 17 -90.37 33.60 -12.37
C TYR C 17 -91.15 32.28 -12.27
N LEU C 18 -90.71 31.37 -11.41
CA LEU C 18 -91.34 30.06 -11.29
C LEU C 18 -92.81 30.19 -10.91
N SER C 19 -93.63 29.43 -11.67
CA SER C 19 -95.07 29.39 -11.45
C SER C 19 -95.37 28.69 -10.13
N PRO C 20 -96.53 28.95 -9.50
CA PRO C 20 -96.90 28.28 -8.26
C PRO C 20 -96.94 26.76 -8.42
N GLY C 21 -97.52 26.31 -9.53
CA GLY C 21 -97.59 24.89 -9.86
C GLY C 21 -96.20 24.25 -9.93
N GLU C 22 -95.27 24.95 -10.60
CA GLU C 22 -93.90 24.51 -10.70
C GLU C 22 -93.26 24.44 -9.32
N LEU C 23 -93.54 25.46 -8.50
CA LEU C 23 -93.01 25.51 -7.14
C LEU C 23 -93.54 24.32 -6.34
N ASP C 24 -94.81 23.98 -6.53
CA ASP C 24 -95.43 22.88 -5.81
C ASP C 24 -94.74 21.57 -6.14
N ARG C 25 -94.41 21.37 -7.41
CA ARG C 25 -93.73 20.15 -7.84
C ARG C 25 -92.37 20.06 -7.15
N ILE C 26 -91.69 21.21 -6.99
CA ILE C 26 -90.41 21.23 -6.32
C ILE C 26 -90.58 20.78 -4.88
N LYS C 27 -91.63 21.29 -4.23
CA LYS C 27 -91.92 20.95 -2.85
C LYS C 27 -92.14 19.45 -2.71
N SER C 28 -92.91 18.87 -3.64
CA SER C 28 -93.22 17.45 -3.58
C SER C 28 -91.92 16.66 -3.69
N PHE C 29 -91.05 17.10 -4.62
CA PHE C 29 -89.80 16.40 -4.89
C PHE C 29 -88.92 16.37 -3.63
N VAL C 30 -88.84 17.48 -2.90
CA VAL C 30 -87.92 17.55 -1.77
C VAL C 30 -88.42 16.60 -0.68
N ALA C 31 -89.75 16.49 -0.52
CA ALA C 31 -90.32 15.54 0.42
C ALA C 31 -90.01 14.10 0.00
N SER C 32 -90.12 13.82 -1.30
CA SER C 32 -89.91 12.48 -1.81
C SER C 32 -88.45 12.05 -1.67
N GLY C 33 -87.52 13.03 -1.68
CA GLY C 33 -86.10 12.76 -1.82
C GLY C 33 -85.54 11.71 -0.85
N GLU C 34 -85.93 11.82 0.43
CA GLU C 34 -85.39 10.90 1.44
C GLU C 34 -85.75 9.46 1.13
N ARG C 35 -87.01 9.21 0.75
CA ARG C 35 -87.43 7.90 0.27
C ARG C 35 -86.57 7.48 -0.94
N ARG C 36 -86.39 8.43 -1.88
CA ARG C 36 -85.65 8.13 -3.09
C ARG C 36 -84.21 7.71 -2.75
N LEU C 37 -83.60 8.38 -1.76
CA LEU C 37 -82.23 8.09 -1.41
C LEU C 37 -82.09 6.63 -0.97
N ARG C 38 -83.07 6.17 -0.16
CA ARG C 38 -83.06 4.80 0.32
C ARG C 38 -83.18 3.82 -0.84
N ILE C 39 -84.07 4.10 -1.80
CA ILE C 39 -84.26 3.22 -2.94
C ILE C 39 -82.94 3.08 -3.68
N ALA C 40 -82.25 4.20 -3.89
CA ALA C 40 -80.99 4.20 -4.61
C ALA C 40 -79.95 3.39 -3.83
N GLN C 41 -79.95 3.56 -2.50
CA GLN C 41 -78.97 2.90 -1.67
C GLN C 41 -79.14 1.38 -1.80
N THR C 42 -80.40 0.92 -1.77
CA THR C 42 -80.70 -0.50 -1.86
C THR C 42 -80.08 -1.09 -3.13
N LEU C 43 -80.33 -0.44 -4.28
CA LEU C 43 -79.84 -0.94 -5.55
C LEU C 43 -78.32 -0.95 -5.60
N THR C 44 -77.69 0.07 -5.00
CA THR C 44 -76.24 0.14 -5.01
C THR C 44 -75.65 -1.08 -4.29
N GLU C 45 -76.24 -1.45 -3.15
CA GLU C 45 -75.73 -2.55 -2.37
C GLU C 45 -75.89 -3.86 -3.14
N ALA C 46 -77.02 -4.01 -3.83
CA ALA C 46 -77.33 -5.21 -4.57
C ALA C 46 -76.79 -5.16 -5.99
N ARG C 47 -75.96 -4.14 -6.28
CA ARG C 47 -75.58 -3.87 -7.67
C ARG C 47 -74.95 -5.11 -8.29
N GLU C 48 -73.90 -5.64 -7.64
CA GLU C 48 -73.10 -6.74 -8.16
C GLU C 48 -73.99 -7.93 -8.55
N ARG C 49 -74.93 -8.30 -7.67
CA ARG C 49 -75.80 -9.43 -7.94
C ARG C 49 -76.79 -9.09 -9.04
N ILE C 50 -77.32 -7.85 -9.08
CA ILE C 50 -78.30 -7.49 -10.08
C ILE C 50 -77.67 -7.68 -11.46
N VAL C 51 -76.45 -7.18 -11.62
CA VAL C 51 -75.79 -7.24 -12.92
C VAL C 51 -75.60 -8.70 -13.30
N LYS C 52 -75.10 -9.51 -12.36
CA LYS C 52 -74.80 -10.90 -12.62
C LYS C 52 -76.06 -11.64 -13.07
N GLN C 53 -77.12 -11.51 -12.28
CA GLN C 53 -78.37 -12.20 -12.58
C GLN C 53 -78.94 -11.76 -13.92
N ALA C 54 -78.91 -10.45 -14.19
CA ALA C 54 -79.48 -9.90 -15.42
C ALA C 54 -78.70 -10.43 -16.61
N GLY C 55 -77.37 -10.48 -16.48
CA GLY C 55 -76.52 -10.98 -17.56
C GLY C 55 -76.94 -12.39 -17.96
N ASP C 56 -77.08 -13.27 -16.98
CA ASP C 56 -77.44 -14.66 -17.18
C ASP C 56 -78.79 -14.73 -17.91
N GLN C 57 -79.76 -13.96 -17.43
CA GLN C 57 -81.07 -13.93 -18.04
C GLN C 57 -80.96 -13.49 -19.50
N LEU C 58 -80.18 -12.45 -19.75
CA LEU C 58 -80.02 -11.91 -21.10
C LEU C 58 -79.42 -12.98 -22.01
N PHE C 59 -78.39 -13.68 -21.53
CA PHE C 59 -77.72 -14.67 -22.33
C PHE C 59 -78.65 -15.84 -22.62
N GLN C 60 -79.50 -16.19 -21.65
CA GLN C 60 -80.52 -17.21 -21.89
C GLN C 60 -81.49 -16.71 -22.95
N LYS C 61 -81.94 -15.45 -22.80
CA LYS C 61 -82.92 -14.86 -23.73
C LYS C 61 -82.32 -14.79 -25.13
N ARG C 62 -81.04 -14.42 -25.22
CA ARG C 62 -80.36 -14.25 -26.51
C ARG C 62 -79.12 -15.14 -26.55
N PRO C 63 -79.22 -16.42 -26.97
CA PRO C 63 -78.04 -17.27 -27.10
C PRO C 63 -77.03 -16.66 -28.08
N ASP C 64 -77.55 -16.01 -29.12
CA ASP C 64 -76.75 -15.54 -30.25
C ASP C 64 -75.66 -14.58 -29.80
N VAL C 65 -75.98 -13.66 -28.89
CA VAL C 65 -75.04 -12.59 -28.54
C VAL C 65 -73.76 -13.23 -28.02
N VAL C 66 -73.89 -14.25 -27.16
CA VAL C 66 -72.72 -15.00 -26.69
C VAL C 66 -72.59 -16.26 -27.56
N SER C 67 -72.27 -16.05 -28.83
CA SER C 67 -72.01 -17.12 -29.78
C SER C 67 -70.89 -16.63 -30.68
N PRO C 68 -70.15 -17.51 -31.39
CA PRO C 68 -68.94 -17.08 -32.09
C PRO C 68 -69.17 -15.89 -33.02
N GLY C 69 -70.33 -15.90 -33.71
CA GLY C 69 -70.73 -14.77 -34.52
C GLY C 69 -70.99 -13.52 -33.66
N GLY C 70 -71.64 -13.70 -32.51
CA GLY C 70 -72.15 -12.62 -31.69
C GLY C 70 -71.06 -11.74 -31.08
N ASN C 71 -71.44 -10.50 -30.77
CA ASN C 71 -70.53 -9.48 -30.29
C ASN C 71 -70.03 -9.82 -28.90
N ALA C 72 -70.95 -10.35 -28.08
CA ALA C 72 -70.68 -10.60 -26.67
C ALA C 72 -69.72 -11.77 -26.49
N TYR C 73 -69.55 -12.62 -27.51
CA TYR C 73 -68.82 -13.87 -27.36
C TYR C 73 -67.36 -13.66 -27.00
N GLY C 74 -66.86 -14.54 -26.12
CA GLY C 74 -65.52 -14.45 -25.57
C GLY C 74 -65.51 -13.77 -24.21
N GLU C 75 -64.53 -14.07 -23.37
CA GLU C 75 -64.48 -13.56 -22.00
C GLU C 75 -64.36 -12.04 -22.01
N LYS C 76 -63.43 -11.51 -22.80
CA LYS C 76 -63.20 -10.07 -22.84
C LYS C 76 -64.52 -9.39 -23.19
N MET C 77 -65.15 -9.86 -24.26
CA MET C 77 -66.39 -9.27 -24.75
C MET C 77 -67.50 -9.42 -23.72
N THR C 78 -67.61 -10.58 -23.08
CA THR C 78 -68.68 -10.80 -22.12
C THR C 78 -68.51 -9.84 -20.94
N ALA C 79 -67.26 -9.62 -20.50
CA ALA C 79 -66.99 -8.68 -19.44
C ALA C 79 -67.47 -7.28 -19.83
N LEU C 80 -67.17 -6.86 -21.06
CA LEU C 80 -67.55 -5.55 -21.54
C LEU C 80 -69.07 -5.42 -21.55
N CYS C 81 -69.77 -6.47 -21.95
CA CYS C 81 -71.23 -6.45 -21.95
C CYS C 81 -71.75 -6.26 -20.54
N LEU C 82 -71.12 -6.93 -19.57
CA LEU C 82 -71.55 -6.80 -18.19
C LEU C 82 -71.19 -5.41 -17.66
N ARG C 83 -70.03 -4.89 -18.06
CA ARG C 83 -69.63 -3.54 -17.67
C ARG C 83 -70.68 -2.54 -18.15
N ASP C 84 -71.17 -2.72 -19.37
CA ASP C 84 -72.19 -1.83 -19.91
C ASP C 84 -73.44 -1.89 -19.04
N LEU C 85 -73.84 -3.10 -18.63
CA LEU C 85 -75.02 -3.25 -17.79
C LEU C 85 -74.79 -2.53 -16.47
N ASP C 86 -73.59 -2.65 -15.92
CA ASP C 86 -73.25 -1.97 -14.68
C ASP C 86 -73.38 -0.46 -14.85
N TYR C 87 -72.87 0.08 -15.98
CA TYR C 87 -72.95 1.50 -16.26
C TYR C 87 -74.40 1.97 -16.22
N TYR C 88 -75.27 1.22 -16.89
CA TYR C 88 -76.66 1.63 -16.96
C TYR C 88 -77.29 1.59 -15.58
N LEU C 89 -76.91 0.63 -14.74
CA LEU C 89 -77.47 0.56 -13.41
C LEU C 89 -77.05 1.79 -12.60
N ARG C 90 -75.78 2.18 -12.72
CA ARG C 90 -75.29 3.35 -12.01
C ARG C 90 -76.09 4.57 -12.44
N LEU C 91 -76.34 4.68 -13.75
CA LEU C 91 -77.11 5.80 -14.28
C LEU C 91 -78.50 5.79 -13.67
N VAL C 92 -79.14 4.63 -13.57
CA VAL C 92 -80.48 4.56 -13.03
C VAL C 92 -80.50 5.06 -11.59
N THR C 93 -79.50 4.69 -10.78
CA THR C 93 -79.48 5.14 -9.41
C THR C 93 -79.41 6.66 -9.38
N TYR C 94 -78.54 7.23 -10.22
CA TYR C 94 -78.41 8.68 -10.30
C TYR C 94 -79.75 9.31 -10.61
N GLY C 95 -80.50 8.70 -11.54
CA GLY C 95 -81.80 9.18 -11.95
C GLY C 95 -82.78 9.24 -10.79
N ILE C 96 -82.80 8.18 -9.98
CA ILE C 96 -83.78 8.09 -8.89
C ILE C 96 -83.54 9.24 -7.92
N VAL C 97 -82.29 9.51 -7.56
CA VAL C 97 -82.00 10.58 -6.61
C VAL C 97 -82.36 11.93 -7.25
N ALA C 98 -82.07 12.09 -8.54
CA ALA C 98 -82.34 13.34 -9.24
C ALA C 98 -83.83 13.56 -9.42
N GLY C 99 -84.61 12.48 -9.54
CA GLY C 99 -86.04 12.61 -9.74
C GLY C 99 -86.38 12.90 -11.19
N ASP C 100 -85.38 12.83 -12.07
CA ASP C 100 -85.58 13.08 -13.48
C ASP C 100 -84.59 12.28 -14.27
N VAL C 101 -84.86 12.08 -15.57
CA VAL C 101 -84.05 11.24 -16.41
C VAL C 101 -82.90 12.03 -16.99
N THR C 102 -82.89 13.33 -16.83
CA THR C 102 -81.89 14.19 -17.45
C THR C 102 -80.48 13.67 -17.14
N PRO C 103 -80.08 13.41 -15.87
CA PRO C 103 -78.74 12.91 -15.60
C PRO C 103 -78.43 11.65 -16.39
N ILE C 104 -79.40 10.72 -16.40
CA ILE C 104 -79.30 9.48 -17.15
C ILE C 104 -79.10 9.82 -18.62
N GLU C 105 -79.92 10.74 -19.12
CA GLU C 105 -80.01 11.01 -20.55
C GLU C 105 -78.70 11.54 -21.11
N GLU C 106 -78.08 12.51 -20.42
CA GLU C 106 -76.85 13.09 -20.93
C GLU C 106 -75.74 12.04 -21.02
N ILE C 107 -75.60 11.21 -19.98
CA ILE C 107 -74.47 10.28 -19.94
C ILE C 107 -74.69 9.10 -20.88
N GLY C 108 -75.92 8.62 -21.03
CA GLY C 108 -76.16 7.32 -21.63
C GLY C 108 -77.04 7.31 -22.87
N ILE C 109 -77.99 8.24 -23.05
CA ILE C 109 -79.00 8.00 -24.06
C ILE C 109 -78.75 8.84 -25.32
N ILE C 110 -77.86 9.83 -25.29
CA ILE C 110 -77.65 10.65 -26.47
C ILE C 110 -76.41 10.18 -27.20
N GLY C 111 -76.60 9.79 -28.46
CA GLY C 111 -75.52 9.23 -29.26
C GLY C 111 -75.35 7.73 -29.01
N VAL C 112 -76.24 7.13 -28.21
CA VAL C 112 -76.10 5.73 -27.86
C VAL C 112 -76.21 4.88 -29.11
N LYS C 113 -77.18 5.21 -29.98
CA LYS C 113 -77.40 4.45 -31.20
C LYS C 113 -76.12 4.44 -32.01
N GLU C 114 -75.52 5.62 -32.19
CA GLU C 114 -74.34 5.79 -33.02
C GLU C 114 -73.17 4.99 -32.45
N MET C 115 -72.99 5.06 -31.13
CA MET C 115 -71.89 4.36 -30.48
C MET C 115 -72.04 2.86 -30.70
N TYR C 116 -73.23 2.34 -30.43
CA TYR C 116 -73.44 0.90 -30.54
C TYR C 116 -73.35 0.46 -31.99
N ASN C 117 -73.82 1.28 -32.93
CA ASN C 117 -73.73 0.89 -34.33
C ASN C 117 -72.27 0.78 -34.77
N SER C 118 -71.40 1.68 -34.31
CA SER C 118 -69.98 1.53 -34.62
C SER C 118 -69.47 0.23 -33.99
N LEU C 119 -69.85 -0.03 -32.74
CA LEU C 119 -69.41 -1.24 -32.07
C LEU C 119 -70.01 -2.47 -32.76
N GLN C 120 -71.21 -2.31 -33.33
CA GLN C 120 -71.96 -3.36 -34.00
C GLN C 120 -72.76 -4.18 -33.00
N THR C 121 -72.75 -3.77 -31.73
CA THR C 121 -73.59 -4.35 -30.71
C THR C 121 -75.05 -4.18 -31.13
N PRO C 122 -75.91 -5.23 -31.03
CA PRO C 122 -77.35 -5.06 -31.28
C PRO C 122 -78.05 -4.27 -30.17
N ILE C 123 -78.79 -3.25 -30.57
CA ILE C 123 -79.43 -2.34 -29.63
C ILE C 123 -80.54 -3.10 -28.89
N PRO C 124 -81.38 -3.92 -29.57
CA PRO C 124 -82.46 -4.64 -28.89
C PRO C 124 -81.99 -5.54 -27.74
N ALA C 125 -80.85 -6.20 -27.93
CA ALA C 125 -80.27 -7.06 -26.91
C ALA C 125 -79.90 -6.24 -25.69
N VAL C 126 -79.34 -5.03 -25.90
CA VAL C 126 -78.98 -4.15 -24.81
C VAL C 126 -80.25 -3.83 -24.02
N ALA C 127 -81.33 -3.54 -24.74
CA ALA C 127 -82.61 -3.21 -24.13
C ALA C 127 -83.10 -4.37 -23.27
N GLU C 128 -82.94 -5.60 -23.78
CA GLU C 128 -83.37 -6.78 -23.05
C GLU C 128 -82.60 -6.89 -21.73
N GLY C 129 -81.28 -6.63 -21.78
CA GLY C 129 -80.44 -6.64 -20.60
C GLY C 129 -80.96 -5.66 -19.54
N VAL C 130 -81.36 -4.48 -19.98
CA VAL C 130 -81.87 -3.48 -19.07
C VAL C 130 -83.19 -3.97 -18.48
N ARG C 131 -84.04 -4.58 -19.31
CA ARG C 131 -85.30 -5.15 -18.84
C ARG C 131 -85.01 -6.20 -17.78
N ALA C 132 -84.03 -7.06 -18.05
CA ALA C 132 -83.63 -8.10 -17.12
C ALA C 132 -83.20 -7.50 -15.79
N MET C 133 -82.39 -6.44 -15.86
CA MET C 133 -81.92 -5.78 -14.64
C MET C 133 -83.10 -5.26 -13.86
N LYS C 134 -84.11 -4.72 -14.57
CA LYS C 134 -85.29 -4.17 -13.93
C LYS C 134 -85.96 -5.25 -13.07
N ASN C 135 -86.12 -6.45 -13.65
CA ASN C 135 -86.83 -7.53 -12.99
C ASN C 135 -86.12 -7.93 -11.70
N VAL C 136 -84.79 -8.05 -11.77
CA VAL C 136 -83.99 -8.40 -10.61
C VAL C 136 -84.15 -7.29 -9.56
N ALA C 137 -84.02 -6.04 -9.99
CA ALA C 137 -84.09 -4.90 -9.09
C ALA C 137 -85.46 -4.83 -8.42
N THR C 138 -86.51 -5.10 -9.19
CA THR C 138 -87.87 -5.03 -8.69
C THR C 138 -88.05 -6.00 -7.52
N SER C 139 -87.50 -7.21 -7.66
CA SER C 139 -87.67 -8.24 -6.64
C SER C 139 -87.09 -7.78 -5.31
N LEU C 140 -85.91 -7.14 -5.32
CA LEU C 140 -85.27 -6.70 -4.10
C LEU C 140 -86.02 -5.51 -3.50
N LEU C 141 -86.59 -4.67 -4.36
CA LEU C 141 -87.25 -3.47 -3.90
C LEU C 141 -88.65 -3.83 -3.39
N SER C 142 -89.15 -3.04 -2.45
CA SER C 142 -90.56 -3.09 -2.07
C SER C 142 -91.41 -2.57 -3.22
N GLY C 143 -92.69 -2.94 -3.24
CA GLY C 143 -93.59 -2.71 -4.38
C GLY C 143 -93.64 -1.25 -4.84
N ASP C 144 -93.89 -0.34 -3.89
CA ASP C 144 -93.95 1.10 -4.18
C ASP C 144 -92.58 1.57 -4.67
N ASP C 145 -91.51 1.11 -3.99
CA ASP C 145 -90.15 1.46 -4.35
C ASP C 145 -89.88 0.96 -5.77
N ALA C 146 -90.35 -0.27 -6.05
CA ALA C 146 -90.13 -0.92 -7.34
C ALA C 146 -90.77 -0.09 -8.46
N ALA C 147 -91.98 0.43 -8.21
CA ALA C 147 -92.69 1.21 -9.20
C ALA C 147 -91.88 2.44 -9.59
N GLU C 148 -91.34 3.15 -8.57
CA GLU C 148 -90.51 4.31 -8.81
C GLU C 148 -89.30 3.91 -9.66
N ALA C 149 -88.61 2.84 -9.25
CA ALA C 149 -87.44 2.38 -9.96
C ALA C 149 -87.81 1.95 -11.39
N GLY C 150 -88.99 1.32 -11.54
CA GLY C 150 -89.43 0.82 -12.83
C GLY C 150 -89.48 1.95 -13.88
N PHE C 151 -89.98 3.11 -13.47
CA PHE C 151 -90.13 4.22 -14.40
C PHE C 151 -88.79 4.53 -15.06
N TYR C 152 -87.73 4.62 -14.25
CA TYR C 152 -86.42 4.95 -14.76
C TYR C 152 -85.92 3.83 -15.67
N PHE C 153 -86.14 2.58 -15.25
CA PHE C 153 -85.75 1.44 -16.05
C PHE C 153 -86.47 1.45 -17.39
N ASP C 154 -87.76 1.77 -17.37
CA ASP C 154 -88.59 1.79 -18.58
C ASP C 154 -88.06 2.85 -19.53
N TYR C 155 -87.69 4.03 -19.00
CA TYR C 155 -87.20 5.12 -19.81
C TYR C 155 -85.99 4.63 -20.60
N LEU C 156 -85.05 3.94 -19.92
CA LEU C 156 -83.84 3.47 -20.56
C LEU C 156 -84.21 2.55 -21.71
N VAL C 157 -85.16 1.63 -21.44
CA VAL C 157 -85.55 0.67 -22.45
C VAL C 157 -86.16 1.41 -23.63
N GLY C 158 -86.99 2.42 -23.35
CA GLY C 158 -87.60 3.22 -24.39
C GLY C 158 -86.56 3.98 -25.21
N ALA C 159 -85.56 4.54 -24.52
CA ALA C 159 -84.54 5.35 -25.17
C ALA C 159 -83.76 4.51 -26.19
N MET C 160 -83.36 3.29 -25.77
CA MET C 160 -82.55 2.45 -26.64
C MET C 160 -83.42 1.36 -27.12
N GLN C 161 -83.97 1.32 -28.35
CA GLN C 161 -84.64 0.10 -28.79
C GLN C 161 -84.38 -0.25 -30.26
N MET D 1 -76.86 24.14 -17.51
CA MET D 1 -76.63 24.58 -16.11
C MET D 1 -76.49 23.34 -15.24
N GLN D 2 -76.24 23.59 -13.97
CA GLN D 2 -76.11 22.54 -12.97
C GLN D 2 -76.89 22.94 -11.74
N ASP D 3 -77.31 21.96 -10.95
CA ASP D 3 -77.94 22.13 -9.67
C ASP D 3 -77.16 21.33 -8.65
N ALA D 4 -77.47 21.49 -7.36
CA ALA D 4 -76.72 20.83 -6.31
C ALA D 4 -76.77 19.32 -6.47
N ILE D 5 -77.97 18.79 -6.71
CA ILE D 5 -78.13 17.34 -6.86
C ILE D 5 -77.26 16.86 -8.02
N THR D 6 -77.35 17.53 -9.16
CA THR D 6 -76.59 17.12 -10.33
C THR D 6 -75.09 17.30 -10.09
N ALA D 7 -74.70 18.33 -9.35
CA ALA D 7 -73.28 18.56 -9.06
C ALA D 7 -72.67 17.35 -8.35
N VAL D 8 -73.40 16.83 -7.35
CA VAL D 8 -72.94 15.67 -6.61
C VAL D 8 -72.83 14.49 -7.59
N ILE D 9 -73.88 14.28 -8.37
CA ILE D 9 -73.90 13.20 -9.34
C ILE D 9 -72.70 13.31 -10.27
N ASN D 10 -72.42 14.51 -10.77
CA ASN D 10 -71.38 14.68 -11.78
C ASN D 10 -70.03 14.34 -11.17
N ASN D 11 -69.81 14.75 -9.92
CA ASN D 11 -68.54 14.48 -9.26
C ASN D 11 -68.33 12.96 -9.16
N TYR D 12 -69.39 12.25 -8.82
CA TYR D 12 -69.33 10.80 -8.70
C TYR D 12 -69.13 10.15 -10.07
N ASP D 13 -69.80 10.69 -11.09
CA ASP D 13 -69.72 10.11 -12.42
C ASP D 13 -68.30 10.19 -12.98
N VAL D 14 -67.58 11.29 -12.74
CA VAL D 14 -66.22 11.38 -13.26
C VAL D 14 -65.35 10.36 -12.54
N GLN D 15 -65.61 10.14 -11.24
CA GLN D 15 -64.90 9.11 -10.50
C GLN D 15 -65.36 7.73 -10.96
N GLY D 16 -66.61 7.64 -11.44
CA GLY D 16 -67.18 6.37 -11.85
C GLY D 16 -67.78 5.62 -10.66
N LYS D 17 -67.72 6.26 -9.49
CA LYS D 17 -68.18 5.67 -8.24
C LYS D 17 -69.71 5.68 -8.20
N TYR D 18 -70.28 4.60 -7.65
CA TYR D 18 -71.69 4.58 -7.26
C TYR D 18 -71.88 5.54 -6.10
N LEU D 19 -73.12 6.02 -5.95
CA LEU D 19 -73.42 6.98 -4.89
C LEU D 19 -73.20 6.30 -3.53
N ASP D 20 -72.56 7.05 -2.62
CA ASP D 20 -72.21 6.54 -1.30
C ASP D 20 -72.85 7.42 -0.23
N GLY D 21 -72.80 6.96 1.02
CA GLY D 21 -73.48 7.61 2.13
C GLY D 21 -73.06 9.07 2.30
N ALA D 22 -71.75 9.33 2.20
CA ALA D 22 -71.23 10.69 2.29
C ALA D 22 -71.88 11.58 1.24
N ALA D 23 -71.95 11.08 0.00
CA ALA D 23 -72.65 11.77 -1.08
C ALA D 23 -74.11 11.94 -0.73
N LEU D 24 -74.72 10.88 -0.18
CA LEU D 24 -76.14 10.91 0.17
C LEU D 24 -76.41 12.01 1.19
N ASP D 25 -75.48 12.18 2.15
CA ASP D 25 -75.61 13.18 3.19
C ASP D 25 -75.68 14.60 2.60
N LYS D 26 -74.82 14.87 1.60
CA LYS D 26 -74.86 16.17 0.93
C LYS D 26 -76.21 16.36 0.27
N LEU D 27 -76.72 15.31 -0.38
CA LEU D 27 -78.00 15.39 -1.04
C LEU D 27 -79.10 15.64 -0.01
N LYS D 28 -78.97 14.96 1.15
CA LYS D 28 -79.97 15.07 2.20
C LYS D 28 -79.99 16.49 2.74
N ALA D 29 -78.79 17.08 2.89
CA ALA D 29 -78.66 18.46 3.35
C ALA D 29 -79.46 19.37 2.44
N TYR D 30 -79.29 19.20 1.12
CA TYR D 30 -79.99 20.03 0.16
C TYR D 30 -81.49 19.88 0.35
N PHE D 31 -81.96 18.65 0.55
CA PHE D 31 -83.40 18.38 0.58
C PHE D 31 -84.08 19.13 1.72
N THR D 32 -83.41 19.22 2.89
CA THR D 32 -83.93 19.96 4.03
C THR D 32 -84.02 21.46 3.69
N THR D 33 -82.99 22.00 3.04
CA THR D 33 -82.95 23.42 2.71
C THR D 33 -84.04 23.75 1.69
N GLY D 34 -84.37 22.78 0.84
CA GLY D 34 -85.25 22.95 -0.31
C GLY D 34 -86.56 23.65 0.03
N ALA D 35 -87.24 23.18 1.08
CA ALA D 35 -88.55 23.69 1.43
C ALA D 35 -88.49 25.20 1.69
N VAL D 36 -87.48 25.63 2.45
CA VAL D 36 -87.25 27.04 2.76
C VAL D 36 -87.08 27.82 1.47
N ARG D 37 -86.27 27.28 0.55
CA ARG D 37 -85.94 27.96 -0.69
C ARG D 37 -87.22 28.21 -1.50
N VAL D 38 -88.09 27.21 -1.57
CA VAL D 38 -89.31 27.35 -2.35
C VAL D 38 -90.14 28.50 -1.80
N ARG D 39 -90.25 28.59 -0.48
CA ARG D 39 -91.03 29.65 0.14
C ARG D 39 -90.41 31.00 -0.21
N ALA D 40 -89.08 31.10 -0.12
CA ALA D 40 -88.38 32.34 -0.41
C ALA D 40 -88.64 32.78 -1.85
N ALA D 41 -88.58 31.84 -2.78
CA ALA D 41 -88.75 32.14 -4.19
C ALA D 41 -90.12 32.76 -4.45
N ALA D 42 -91.16 32.21 -3.81
CA ALA D 42 -92.51 32.71 -4.00
C ALA D 42 -92.63 34.14 -3.47
N VAL D 43 -91.99 34.40 -2.33
CA VAL D 43 -91.99 35.74 -1.75
C VAL D 43 -91.35 36.71 -2.73
N ILE D 44 -90.19 36.34 -3.29
CA ILE D 44 -89.48 37.25 -4.16
C ILE D 44 -90.32 37.54 -5.40
N SER D 45 -90.92 36.52 -6.00
CA SER D 45 -91.66 36.71 -7.23
C SER D 45 -92.80 37.71 -7.03
N SER D 46 -93.52 37.60 -5.91
CA SER D 46 -94.66 38.45 -5.63
C SER D 46 -94.21 39.90 -5.41
N ASN D 47 -93.06 40.09 -4.77
CA ASN D 47 -92.61 41.42 -4.37
C ASN D 47 -91.54 41.96 -5.32
N ALA D 48 -91.39 41.36 -6.49
CA ALA D 48 -90.27 41.68 -7.36
C ALA D 48 -90.27 43.16 -7.76
N THR D 49 -91.43 43.66 -8.21
CA THR D 49 -91.53 45.03 -8.66
C THR D 49 -91.10 45.97 -7.53
N THR D 50 -91.60 45.74 -6.32
CA THR D 50 -91.30 46.58 -5.17
C THR D 50 -89.81 46.48 -4.82
N ILE D 51 -89.26 45.27 -4.88
CA ILE D 51 -87.86 45.08 -4.51
C ILE D 51 -87.01 45.99 -5.39
N ILE D 52 -87.32 46.00 -6.70
CA ILE D 52 -86.55 46.79 -7.64
C ILE D 52 -86.72 48.27 -7.30
N LYS D 53 -87.96 48.68 -7.04
CA LYS D 53 -88.27 50.06 -6.72
C LYS D 53 -87.46 50.53 -5.51
N GLU D 54 -87.48 49.73 -4.44
CA GLU D 54 -86.81 50.10 -3.21
C GLU D 54 -85.30 50.20 -3.45
N ALA D 55 -84.75 49.23 -4.17
CA ALA D 55 -83.32 49.20 -4.41
C ALA D 55 -82.89 50.42 -5.22
N ALA D 56 -83.70 50.77 -6.23
CA ALA D 56 -83.38 51.92 -7.05
C ALA D 56 -83.37 53.18 -6.20
N ALA D 57 -84.39 53.29 -5.33
CA ALA D 57 -84.53 54.41 -4.42
C ALA D 57 -83.30 54.53 -3.52
N LYS D 58 -82.81 53.39 -3.04
CA LYS D 58 -81.64 53.36 -2.17
C LYS D 58 -80.38 53.83 -2.89
N ALA D 59 -80.17 53.44 -4.15
CA ALA D 59 -78.89 53.70 -4.81
C ALA D 59 -79.01 54.54 -6.09
N LEU D 60 -79.87 54.11 -7.01
CA LEU D 60 -79.82 54.63 -8.37
C LEU D 60 -80.40 56.04 -8.46
N ILE D 61 -81.60 56.26 -7.91
CA ILE D 61 -82.29 57.52 -8.19
C ILE D 61 -81.78 58.60 -7.25
N TYR D 62 -82.24 59.85 -7.48
CA TYR D 62 -81.82 61.01 -6.71
C TYR D 62 -80.29 61.16 -6.74
N SER D 63 -79.70 60.84 -7.90
CA SER D 63 -78.25 60.73 -8.01
C SER D 63 -77.83 61.44 -9.28
N ASP D 64 -76.52 61.57 -9.47
CA ASP D 64 -75.99 62.11 -10.70
C ASP D 64 -76.41 61.26 -11.91
N LEU D 65 -76.51 59.94 -11.74
CA LEU D 65 -76.88 59.06 -12.83
C LEU D 65 -78.20 59.49 -13.45
N THR D 66 -79.18 59.76 -12.61
CA THR D 66 -80.48 60.17 -13.12
C THR D 66 -80.43 61.59 -13.66
N ARG D 67 -79.52 62.43 -13.16
CA ARG D 67 -79.43 63.82 -13.60
C ARG D 67 -78.86 63.85 -15.01
N PRO D 68 -79.12 64.90 -15.81
CA PRO D 68 -78.66 64.96 -17.21
C PRO D 68 -77.15 64.82 -17.32
N GLY D 69 -76.72 64.00 -18.29
CA GLY D 69 -75.32 63.65 -18.45
C GLY D 69 -74.94 62.38 -17.67
N GLY D 70 -75.90 61.81 -16.92
CA GLY D 70 -75.67 60.60 -16.17
C GLY D 70 -76.11 59.39 -16.99
N MET D 72 -78.05 56.93 -16.43
CA MET D 72 -79.43 56.52 -16.35
C MET D 72 -80.37 57.66 -16.71
N TYR D 73 -79.81 58.78 -17.21
CA TYR D 73 -80.60 59.89 -17.71
C TYR D 73 -81.29 59.49 -19.01
N THR D 74 -82.48 60.08 -19.26
CA THR D 74 -83.40 59.78 -20.36
C THR D 74 -84.27 58.59 -19.98
N THR D 75 -85.50 58.55 -20.47
CA THR D 75 -86.41 57.49 -20.09
C THR D 75 -85.89 56.14 -20.56
N ARG D 76 -85.34 56.13 -21.79
CA ARG D 76 -84.88 54.89 -22.40
C ARG D 76 -83.83 54.23 -21.51
N ARG D 77 -82.83 55.00 -21.10
CA ARG D 77 -81.77 54.47 -20.26
C ARG D 77 -82.32 54.06 -18.89
N TYR D 78 -83.23 54.84 -18.32
CA TYR D 78 -83.79 54.49 -17.03
C TYR D 78 -84.47 53.13 -17.14
N ALA D 79 -85.26 52.95 -18.19
CA ALA D 79 -85.99 51.72 -18.39
C ALA D 79 -85.04 50.53 -18.55
N ALA D 80 -83.95 50.74 -19.29
CA ALA D 80 -82.94 49.71 -19.48
C ALA D 80 -82.36 49.26 -18.14
N CYS D 81 -82.02 50.23 -17.29
CA CYS D 81 -81.39 49.90 -16.03
C CYS D 81 -82.33 49.07 -15.16
N ILE D 82 -83.63 49.42 -15.12
CA ILE D 82 -84.52 48.67 -14.27
C ILE D 82 -84.77 47.29 -14.88
N ARG D 83 -84.72 47.17 -16.21
CA ARG D 83 -84.83 45.87 -16.85
C ARG D 83 -83.65 44.98 -16.43
N ASP D 84 -82.45 45.55 -16.40
CA ASP D 84 -81.30 44.78 -16.00
C ASP D 84 -81.45 44.31 -14.55
N MET D 85 -81.99 45.18 -13.70
CA MET D 85 -82.17 44.87 -12.30
C MET D 85 -83.08 43.66 -12.16
N ASP D 86 -84.17 43.66 -12.93
CA ASP D 86 -85.10 42.56 -12.92
C ASP D 86 -84.41 41.24 -13.33
N TYR D 87 -83.57 41.31 -14.36
CA TYR D 87 -82.84 40.12 -14.81
C TYR D 87 -82.07 39.53 -13.60
N PHE D 88 -81.29 40.40 -12.94
CA PHE D 88 -80.46 39.93 -11.88
C PHE D 88 -81.33 39.25 -10.82
N LEU D 89 -82.46 39.86 -10.49
CA LEU D 89 -83.33 39.31 -9.46
C LEU D 89 -83.85 37.93 -9.87
N ARG D 90 -84.34 37.81 -11.11
CA ARG D 90 -84.93 36.56 -11.57
C ARG D 90 -83.89 35.43 -11.52
N TYR D 91 -82.68 35.74 -11.99
CA TYR D 91 -81.65 34.72 -12.07
C TYR D 91 -81.19 34.32 -10.68
N ALA D 92 -81.08 35.30 -9.78
CA ALA D 92 -80.70 34.98 -8.41
C ALA D 92 -81.72 34.04 -7.78
N THR D 93 -83.01 34.30 -8.05
CA THR D 93 -84.06 33.43 -7.54
C THR D 93 -83.89 32.02 -8.09
N TYR D 94 -83.59 31.91 -9.39
CA TYR D 94 -83.36 30.61 -10.01
C TYR D 94 -82.20 29.91 -9.31
N ALA D 95 -81.11 30.65 -9.07
CA ALA D 95 -79.93 30.07 -8.46
C ALA D 95 -80.24 29.57 -7.05
N MET D 96 -81.04 30.34 -6.32
CA MET D 96 -81.37 29.98 -4.96
C MET D 96 -82.14 28.66 -4.94
N LEU D 97 -83.13 28.50 -5.81
CA LEU D 97 -83.83 27.23 -5.91
C LEU D 97 -82.85 26.12 -6.26
N ALA D 98 -82.00 26.37 -7.25
CA ALA D 98 -81.09 25.34 -7.74
C ALA D 98 -80.10 24.93 -6.64
N GLY D 99 -79.66 25.90 -5.85
CA GLY D 99 -78.63 25.63 -4.87
C GLY D 99 -77.23 25.66 -5.51
N ASP D 100 -77.12 26.17 -6.75
CA ASP D 100 -75.85 26.22 -7.43
C ASP D 100 -75.66 27.58 -8.12
N PRO D 101 -74.46 28.17 -8.09
CA PRO D 101 -74.18 29.42 -8.78
C PRO D 101 -73.96 29.36 -10.29
N SER D 102 -73.92 28.15 -10.85
CA SER D 102 -73.51 27.96 -12.24
C SER D 102 -74.40 28.71 -13.24
N ILE D 103 -75.73 28.69 -13.01
CA ILE D 103 -76.62 29.32 -13.96
C ILE D 103 -76.25 30.80 -14.09
N LEU D 104 -75.85 31.44 -12.99
CA LEU D 104 -75.49 32.84 -13.04
C LEU D 104 -74.32 33.01 -13.99
N ASP D 105 -73.31 32.13 -13.90
CA ASP D 105 -72.15 32.22 -14.76
C ASP D 105 -72.55 32.01 -16.22
N GLU D 106 -73.40 31.00 -16.49
CA GLU D 106 -73.73 30.66 -17.85
C GLU D 106 -74.57 31.73 -18.55
N ARG D 107 -75.52 32.33 -17.84
CA ARG D 107 -76.42 33.29 -18.48
C ARG D 107 -76.03 34.74 -18.16
N VAL D 108 -76.00 35.10 -16.90
CA VAL D 108 -75.90 36.50 -16.54
C VAL D 108 -74.45 36.96 -16.67
N LEU D 109 -73.53 36.21 -16.06
CA LEU D 109 -72.20 36.74 -15.83
C LEU D 109 -71.39 36.81 -17.11
N ASN D 110 -71.68 35.94 -18.07
CA ASN D 110 -70.79 35.74 -19.22
C ASN D 110 -70.88 36.89 -20.21
N GLY D 111 -69.76 37.61 -20.43
CA GLY D 111 -69.72 38.75 -21.32
C GLY D 111 -70.34 40.04 -20.80
N LEU D 112 -70.86 40.06 -19.56
CA LEU D 112 -71.56 41.24 -19.10
C LEU D 112 -70.57 42.38 -18.88
N LYS D 113 -69.41 42.08 -18.29
CA LYS D 113 -68.44 43.10 -17.97
C LYS D 113 -68.04 43.83 -19.24
N GLU D 114 -67.74 43.05 -20.29
CA GLU D 114 -67.29 43.59 -21.56
C GLU D 114 -68.40 44.44 -22.19
N THR D 115 -69.64 43.94 -22.16
CA THR D 115 -70.77 44.68 -22.70
C THR D 115 -70.88 46.03 -21.99
N TYR D 116 -70.82 46.00 -20.66
CA TYR D 116 -71.00 47.20 -19.88
C TYR D 116 -69.88 48.20 -20.19
N ASN D 117 -68.65 47.71 -20.32
CA ASN D 117 -67.54 48.60 -20.59
C ASN D 117 -67.70 49.30 -21.94
N SER D 118 -68.11 48.56 -22.97
CA SER D 118 -68.36 49.18 -24.25
C SER D 118 -69.50 50.19 -24.14
N LEU D 119 -70.57 49.84 -23.42
CA LEU D 119 -71.71 50.72 -23.30
C LEU D 119 -71.33 51.96 -22.49
N GLY D 120 -70.41 51.82 -21.54
CA GLY D 120 -70.09 52.87 -20.61
C GLY D 120 -71.04 52.90 -19.41
N VAL D 121 -71.83 51.84 -19.24
CA VAL D 121 -72.55 51.62 -18.00
C VAL D 121 -71.56 51.49 -16.86
N PRO D 122 -71.78 52.17 -15.69
CA PRO D 122 -70.85 52.07 -14.55
C PRO D 122 -71.04 50.79 -13.72
N ILE D 123 -70.00 49.97 -13.65
CA ILE D 123 -70.11 48.66 -13.01
C ILE D 123 -70.34 48.81 -11.52
N ALA D 124 -69.59 49.72 -10.89
CA ALA D 124 -69.67 49.87 -9.43
C ALA D 124 -71.08 50.24 -9.00
N ALA D 125 -71.73 51.17 -9.73
CA ALA D 125 -73.10 51.54 -9.45
C ALA D 125 -74.04 50.36 -9.59
N THR D 126 -73.82 49.53 -10.62
CA THR D 126 -74.66 48.34 -10.84
C THR D 126 -74.49 47.41 -9.66
N VAL D 127 -73.25 47.23 -9.23
CA VAL D 127 -72.95 46.34 -8.11
C VAL D 127 -73.69 46.87 -6.88
N GLY D 128 -73.62 48.19 -6.66
CA GLY D 128 -74.32 48.85 -5.57
C GLY D 128 -75.81 48.53 -5.58
N GLY D 129 -76.43 48.59 -6.75
CA GLY D 129 -77.84 48.24 -6.94
C GLY D 129 -78.13 46.80 -6.58
N ILE D 130 -77.23 45.88 -6.95
CA ILE D 130 -77.41 44.47 -6.66
C ILE D 130 -77.38 44.27 -5.15
N GLN D 131 -76.43 44.94 -4.48
CA GLN D 131 -76.29 44.86 -3.03
C GLN D 131 -77.55 45.40 -2.35
N ALA D 132 -78.07 46.51 -2.88
CA ALA D 132 -79.29 47.08 -2.37
C ALA D 132 -80.45 46.09 -2.50
N MET D 133 -80.55 45.42 -3.66
CA MET D 133 -81.64 44.46 -3.86
C MET D 133 -81.51 43.37 -2.80
N LYS D 134 -80.28 42.95 -2.53
CA LYS D 134 -80.02 41.88 -1.59
C LYS D 134 -80.60 42.24 -0.22
N GLU D 135 -80.32 43.46 0.22
CA GLU D 135 -80.78 43.94 1.52
C GLU D 135 -82.31 43.91 1.59
N VAL D 136 -82.98 44.42 0.57
CA VAL D 136 -84.43 44.44 0.52
C VAL D 136 -84.94 43.00 0.54
N VAL D 137 -84.32 42.13 -0.27
CA VAL D 137 -84.75 40.75 -0.40
C VAL D 137 -84.64 40.07 0.96
N GLY D 138 -83.51 40.33 1.66
CA GLY D 138 -83.23 39.73 2.95
C GLY D 138 -84.38 39.92 3.93
N GLY D 139 -84.88 41.15 4.02
CA GLY D 139 -86.02 41.48 4.85
C GLY D 139 -87.24 40.61 4.53
N LEU D 140 -87.64 40.56 3.26
CA LEU D 140 -88.87 39.91 2.86
C LEU D 140 -88.79 38.40 3.09
N VAL D 141 -87.64 37.80 2.74
CA VAL D 141 -87.51 36.35 2.76
C VAL D 141 -87.48 35.85 4.19
N GLY D 142 -86.89 36.66 5.09
CA GLY D 142 -86.68 36.27 6.47
C GLY D 142 -85.30 35.65 6.66
N PRO D 143 -84.79 35.53 7.91
CA PRO D 143 -83.36 35.26 8.17
C PRO D 143 -82.75 33.98 7.61
N ASP D 144 -83.43 32.83 7.80
CA ASP D 144 -82.94 31.56 7.32
C ASP D 144 -82.76 31.59 5.80
N ALA D 145 -83.79 32.11 5.11
CA ALA D 145 -83.77 32.23 3.66
C ALA D 145 -82.74 33.27 3.23
N ALA D 146 -82.57 34.35 4.02
CA ALA D 146 -81.71 35.46 3.66
C ALA D 146 -80.28 35.00 3.43
N LYS D 147 -79.76 34.12 4.30
CA LYS D 147 -78.38 33.69 4.19
C LYS D 147 -78.16 33.04 2.82
N GLU D 148 -79.10 32.15 2.44
CA GLU D 148 -79.04 31.45 1.18
C GLU D 148 -79.14 32.44 0.03
N ALA D 149 -80.10 33.37 0.11
CA ALA D 149 -80.30 34.37 -0.92
C ALA D 149 -79.06 35.23 -1.09
N SER D 150 -78.42 35.60 0.03
CA SER D 150 -77.31 36.54 -0.01
C SER D 150 -76.14 36.01 -0.86
N ILE D 151 -75.85 34.72 -0.77
CA ILE D 151 -74.66 34.20 -1.44
C ILE D 151 -74.77 34.40 -2.95
N TYR D 152 -75.95 34.20 -3.52
CA TYR D 152 -76.13 34.34 -4.97
C TYR D 152 -76.01 35.80 -5.37
N PHE D 153 -76.58 36.70 -4.57
CA PHE D 153 -76.45 38.13 -4.84
C PHE D 153 -74.98 38.54 -4.80
N ASP D 154 -74.24 38.01 -3.82
CA ASP D 154 -72.83 38.33 -3.68
C ASP D 154 -72.05 37.78 -4.88
N TYR D 155 -72.44 36.61 -5.35
CA TYR D 155 -71.81 35.97 -6.50
C TYR D 155 -71.93 36.86 -7.73
N LEU D 156 -73.14 37.38 -7.96
CA LEU D 156 -73.38 38.28 -9.07
C LEU D 156 -72.48 39.51 -8.94
N SER D 157 -72.43 40.06 -7.73
CA SER D 157 -71.68 41.29 -7.49
C SER D 157 -70.20 41.06 -7.80
N SER D 158 -69.66 39.94 -7.31
CA SER D 158 -68.24 39.62 -7.50
C SER D 158 -67.93 39.44 -8.99
N GLY D 159 -68.84 38.78 -9.73
CA GLY D 159 -68.65 38.56 -11.15
C GLY D 159 -68.56 39.88 -11.92
N LEU D 160 -69.45 40.82 -11.59
CA LEU D 160 -69.53 42.07 -12.32
C LEU D 160 -68.27 42.87 -12.03
N SER D 161 -67.86 42.86 -10.77
CA SER D 161 -66.68 43.58 -10.34
C SER D 161 -65.45 42.65 -10.51
N SER E 2 -103.87 23.64 -16.93
CA SER E 2 -103.78 22.62 -15.83
C SER E 2 -102.35 22.03 -15.84
N VAL E 3 -101.99 21.31 -14.77
CA VAL E 3 -100.70 20.66 -14.68
C VAL E 3 -100.52 19.72 -15.87
N LEU E 4 -101.58 18.94 -16.15
CA LEU E 4 -101.45 17.90 -17.14
C LEU E 4 -101.23 18.53 -18.50
N THR E 5 -101.99 19.60 -18.81
CA THR E 5 -101.88 20.24 -20.10
C THR E 5 -100.45 20.72 -20.29
N LYS E 6 -99.89 21.34 -19.25
CA LYS E 6 -98.55 21.88 -19.35
C LYS E 6 -97.56 20.76 -19.70
N ALA E 7 -97.66 19.62 -19.00
CA ALA E 7 -96.73 18.52 -19.20
C ALA E 7 -96.83 17.99 -20.64
N ILE E 8 -98.06 17.80 -21.11
CA ILE E 8 -98.29 17.27 -22.44
C ILE E 8 -97.68 18.20 -23.48
N VAL E 9 -97.90 19.50 -23.30
CA VAL E 9 -97.44 20.48 -24.25
C VAL E 9 -95.93 20.43 -24.37
N ASN E 10 -95.22 20.30 -23.23
CA ASN E 10 -93.77 20.27 -23.26
C ASN E 10 -93.30 19.02 -24.02
N ALA E 11 -93.96 17.90 -23.76
CA ALA E 11 -93.63 16.65 -24.40
C ALA E 11 -93.82 16.75 -25.92
N ASP E 12 -94.94 17.35 -26.34
CA ASP E 12 -95.26 17.44 -27.75
C ASP E 12 -94.22 18.29 -28.47
N ALA E 13 -93.78 19.38 -27.84
CA ALA E 13 -92.74 20.23 -28.41
C ALA E 13 -91.46 19.42 -28.64
N GLU E 14 -91.11 18.60 -27.65
CA GLU E 14 -89.94 17.75 -27.73
C GLU E 14 -90.20 16.55 -28.63
N ALA E 15 -91.48 16.29 -28.94
CA ALA E 15 -91.87 15.18 -29.78
C ALA E 15 -91.51 13.84 -29.13
N ARG E 16 -91.67 13.76 -27.81
CA ARG E 16 -91.30 12.58 -27.04
C ARG E 16 -92.47 12.17 -26.15
N TYR E 17 -92.46 10.93 -25.68
CA TYR E 17 -93.38 10.45 -24.67
C TYR E 17 -93.03 11.12 -23.34
N LEU E 18 -93.99 11.17 -22.41
CA LEU E 18 -93.80 11.86 -21.15
C LEU E 18 -92.65 11.26 -20.37
N SER E 19 -91.79 12.16 -19.87
CA SER E 19 -90.63 11.79 -19.06
C SER E 19 -91.10 11.25 -17.71
N PRO E 20 -90.31 10.40 -17.04
CA PRO E 20 -90.67 9.86 -15.73
C PRO E 20 -90.97 10.96 -14.72
N GLY E 21 -90.09 11.97 -14.69
CA GLY E 21 -90.26 13.12 -13.82
C GLY E 21 -91.60 13.82 -14.05
N GLU E 22 -91.94 14.04 -15.32
CA GLU E 22 -93.21 14.64 -15.71
C GLU E 22 -94.35 13.77 -15.23
N LEU E 23 -94.21 12.45 -15.41
CA LEU E 23 -95.23 11.50 -14.98
C LEU E 23 -95.42 11.58 -13.48
N ASP E 24 -94.31 11.72 -12.74
CA ASP E 24 -94.37 11.78 -11.28
C ASP E 24 -95.17 13.00 -10.83
N ARG E 25 -94.95 14.13 -11.50
CA ARG E 25 -95.67 15.35 -11.16
C ARG E 25 -97.16 15.14 -11.38
N ILE E 26 -97.52 14.40 -12.44
CA ILE E 26 -98.93 14.13 -12.71
C ILE E 26 -99.52 13.31 -11.57
N LYS E 27 -98.75 12.32 -11.10
CA LYS E 27 -99.20 11.46 -10.02
C LYS E 27 -99.46 12.30 -8.77
N SER E 28 -98.53 13.20 -8.47
CA SER E 28 -98.64 14.02 -7.28
C SER E 28 -99.91 14.86 -7.38
N PHE E 29 -100.14 15.43 -8.56
CA PHE E 29 -101.26 16.32 -8.78
C PHE E 29 -102.59 15.60 -8.54
N VAL E 30 -102.71 14.36 -9.03
CA VAL E 30 -103.98 13.66 -8.93
C VAL E 30 -104.27 13.36 -7.46
N ALA E 31 -103.23 13.05 -6.67
CA ALA E 31 -103.38 12.83 -5.24
C ALA E 31 -103.82 14.12 -4.55
N SER E 32 -103.22 15.26 -4.95
CA SER E 32 -103.50 16.53 -4.34
C SER E 32 -104.93 16.99 -4.65
N GLY E 33 -105.46 16.57 -5.79
CA GLY E 33 -106.69 17.14 -6.36
C GLY E 33 -107.87 17.17 -5.37
N GLU E 34 -108.08 16.06 -4.67
CA GLU E 34 -109.22 15.97 -3.75
C GLU E 34 -109.14 17.04 -2.66
N ARG E 35 -107.96 17.22 -2.08
CA ARG E 35 -107.71 18.31 -1.15
C ARG E 35 -107.99 19.67 -1.83
N ARG E 36 -107.51 19.82 -3.05
CA ARG E 36 -107.69 21.07 -3.80
C ARG E 36 -109.16 21.37 -3.97
N LEU E 37 -109.95 20.33 -4.26
CA LEU E 37 -111.38 20.52 -4.50
C LEU E 37 -112.04 21.13 -3.25
N ARG E 38 -111.67 20.60 -2.09
CA ARG E 38 -112.19 21.08 -0.81
C ARG E 38 -111.83 22.55 -0.61
N ILE E 39 -110.57 22.93 -0.88
CA ILE E 39 -110.11 24.29 -0.70
C ILE E 39 -110.99 25.21 -1.55
N ALA E 40 -111.22 24.82 -2.81
CA ALA E 40 -112.02 25.61 -3.72
C ALA E 40 -113.44 25.74 -3.21
N GLN E 41 -113.97 24.62 -2.69
CA GLN E 41 -115.35 24.59 -2.24
C GLN E 41 -115.52 25.58 -1.08
N THR E 42 -114.55 25.59 -0.16
CA THR E 42 -114.60 26.46 1.00
C THR E 42 -114.74 27.92 0.55
N LEU E 43 -113.88 28.34 -0.39
CA LEU E 43 -113.86 29.73 -0.83
C LEU E 43 -115.18 30.07 -1.53
N THR E 44 -115.72 29.12 -2.30
CA THR E 44 -116.96 29.37 -3.02
C THR E 44 -118.09 29.68 -2.02
N GLU E 45 -118.16 28.91 -0.93
CA GLU E 45 -119.22 29.09 0.05
C GLU E 45 -119.08 30.44 0.73
N ALA E 46 -117.83 30.84 1.02
CA ALA E 46 -117.55 32.07 1.72
C ALA E 46 -117.37 33.22 0.76
N ARG E 47 -117.72 33.01 -0.52
CA ARG E 47 -117.40 33.97 -1.57
C ARG E 47 -117.95 35.35 -1.21
N GLU E 48 -119.28 35.39 -0.97
CA GLU E 48 -120.01 36.64 -0.71
C GLU E 48 -119.35 37.45 0.39
N ARG E 49 -119.02 36.79 1.51
CA ARG E 49 -118.41 37.46 2.64
C ARG E 49 -116.99 37.90 2.31
N ILE E 50 -116.22 37.08 1.59
CA ILE E 50 -114.84 37.43 1.27
C ILE E 50 -114.83 38.74 0.50
N VAL E 51 -115.71 38.81 -0.51
CA VAL E 51 -115.75 39.99 -1.38
C VAL E 51 -116.11 41.20 -0.52
N LYS E 52 -117.15 41.06 0.31
CA LYS E 52 -117.64 42.17 1.12
C LYS E 52 -116.54 42.66 2.03
N GLN E 53 -115.91 41.78 2.77
CA GLN E 53 -114.86 42.15 3.72
C GLN E 53 -113.70 42.82 3.00
N ALA E 54 -113.28 42.25 1.87
CA ALA E 54 -112.15 42.79 1.12
C ALA E 54 -112.46 44.20 0.63
N GLY E 55 -113.68 44.38 0.13
CA GLY E 55 -114.14 45.67 -0.36
C GLY E 55 -114.02 46.74 0.71
N ASP E 56 -114.51 46.45 1.90
CA ASP E 56 -114.49 47.38 3.03
C ASP E 56 -113.05 47.74 3.35
N GLN E 57 -112.17 46.75 3.41
CA GLN E 57 -110.77 46.98 3.70
C GLN E 57 -110.19 47.94 2.63
N LEU E 58 -110.49 47.65 1.36
CA LEU E 58 -109.98 48.44 0.26
C LEU E 58 -110.44 49.90 0.41
N PHE E 59 -111.73 50.09 0.69
CA PHE E 59 -112.30 51.41 0.78
C PHE E 59 -111.71 52.16 1.96
N GLN E 60 -111.43 51.46 3.06
CA GLN E 60 -110.76 52.09 4.20
C GLN E 60 -109.34 52.46 3.77
N LYS E 61 -108.65 51.55 3.08
CA LYS E 61 -107.27 51.80 2.65
C LYS E 61 -107.23 52.97 1.67
N ARG E 62 -108.23 53.04 0.76
CA ARG E 62 -108.28 54.09 -0.25
C ARG E 62 -109.60 54.85 -0.15
N PRO E 63 -109.71 55.90 0.69
CA PRO E 63 -110.94 56.68 0.74
C PRO E 63 -111.26 57.30 -0.63
N ASP E 64 -110.21 57.70 -1.35
CA ASP E 64 -110.31 58.52 -2.54
C ASP E 64 -111.15 57.81 -3.60
N VAL E 65 -110.94 56.48 -3.78
CA VAL E 65 -111.56 55.81 -4.90
C VAL E 65 -113.08 55.96 -4.79
N VAL E 66 -113.64 55.80 -3.57
CA VAL E 66 -115.04 56.02 -3.32
C VAL E 66 -115.19 57.44 -2.76
N SER E 67 -114.92 58.44 -3.60
CA SER E 67 -115.11 59.83 -3.28
C SER E 67 -115.60 60.50 -4.57
N PRO E 68 -116.23 61.68 -4.52
CA PRO E 68 -116.89 62.23 -5.71
C PRO E 68 -115.96 62.33 -6.90
N GLY E 69 -114.70 62.71 -6.65
CA GLY E 69 -113.68 62.67 -7.69
C GLY E 69 -113.41 61.25 -8.21
N GLY E 70 -113.35 60.28 -7.28
CA GLY E 70 -112.87 58.93 -7.55
C GLY E 70 -113.80 58.14 -8.48
N ASN E 71 -113.20 57.15 -9.16
CA ASN E 71 -113.89 56.35 -10.18
C ASN E 71 -114.97 55.49 -9.52
N ALA E 72 -114.62 54.95 -8.36
CA ALA E 72 -115.44 53.95 -7.69
C ALA E 72 -116.71 54.58 -7.12
N TYR E 73 -116.74 55.92 -6.98
CA TYR E 73 -117.80 56.61 -6.28
C TYR E 73 -119.13 56.44 -6.98
N GLY E 74 -120.19 56.30 -6.17
CA GLY E 74 -121.56 56.08 -6.59
C GLY E 74 -121.85 54.59 -6.44
N GLU E 75 -123.16 54.27 -6.27
CA GLU E 75 -123.59 52.89 -6.06
C GLU E 75 -123.25 52.04 -7.28
N LYS E 76 -123.60 52.52 -8.48
CA LYS E 76 -123.35 51.77 -9.69
C LYS E 76 -121.88 51.40 -9.77
N MET E 77 -121.03 52.40 -9.61
CA MET E 77 -119.59 52.23 -9.74
C MET E 77 -119.07 51.29 -8.64
N THR E 78 -119.56 51.46 -7.41
CA THR E 78 -119.07 50.65 -6.32
C THR E 78 -119.44 49.18 -6.56
N ALA E 79 -120.65 48.94 -7.08
CA ALA E 79 -121.08 47.59 -7.41
C ALA E 79 -120.13 46.97 -8.43
N LEU E 80 -119.78 47.73 -9.47
CA LEU E 80 -118.92 47.23 -10.52
C LEU E 80 -117.55 46.86 -9.93
N CYS E 81 -117.04 47.70 -9.01
CA CYS E 81 -115.77 47.40 -8.39
C CYS E 81 -115.84 46.07 -7.60
N LEU E 82 -116.97 45.86 -6.92
CA LEU E 82 -117.16 44.63 -6.17
C LEU E 82 -117.32 43.44 -7.12
N ARG E 83 -118.03 43.65 -8.23
CA ARG E 83 -118.21 42.62 -9.22
C ARG E 83 -116.83 42.15 -9.73
N ASP E 84 -115.94 43.12 -9.96
CA ASP E 84 -114.60 42.79 -10.42
C ASP E 84 -113.89 41.91 -9.40
N LEU E 85 -114.02 42.25 -8.12
CA LEU E 85 -113.39 41.48 -7.07
C LEU E 85 -113.95 40.06 -7.09
N ASP E 86 -115.26 39.95 -7.28
CA ASP E 86 -115.89 38.65 -7.35
C ASP E 86 -115.32 37.82 -8.51
N TYR E 87 -115.16 38.46 -9.67
CA TYR E 87 -114.61 37.80 -10.85
C TYR E 87 -113.23 37.20 -10.53
N TYR E 88 -112.40 38.00 -9.89
CA TYR E 88 -111.06 37.54 -9.59
C TYR E 88 -111.09 36.36 -8.63
N LEU E 89 -112.03 36.38 -7.69
CA LEU E 89 -112.12 35.27 -6.74
C LEU E 89 -112.50 33.99 -7.49
N ARG E 90 -113.46 34.09 -8.41
CA ARG E 90 -113.88 32.93 -9.17
C ARG E 90 -112.69 32.37 -9.95
N LEU E 91 -111.88 33.26 -10.54
CA LEU E 91 -110.71 32.84 -11.28
C LEU E 91 -109.75 32.08 -10.36
N VAL E 92 -109.55 32.60 -9.14
CA VAL E 92 -108.61 31.94 -8.23
C VAL E 92 -109.09 30.52 -7.92
N THR E 93 -110.40 30.33 -7.70
CA THR E 93 -110.90 29.01 -7.40
C THR E 93 -110.58 28.07 -8.57
N TYR E 94 -110.82 28.55 -9.80
CA TYR E 94 -110.55 27.76 -10.99
C TYR E 94 -109.08 27.33 -10.99
N GLY E 95 -108.19 28.25 -10.64
CA GLY E 95 -106.77 27.99 -10.62
C GLY E 95 -106.41 26.85 -9.64
N ILE E 96 -107.01 26.89 -8.44
CA ILE E 96 -106.68 25.91 -7.42
C ILE E 96 -107.02 24.51 -7.93
N VAL E 97 -108.20 24.34 -8.53
CA VAL E 97 -108.59 23.02 -9.00
C VAL E 97 -107.68 22.60 -10.15
N ALA E 98 -107.30 23.54 -11.03
CA ALA E 98 -106.45 23.24 -12.16
C ALA E 98 -105.02 22.89 -11.71
N GLY E 99 -104.58 23.50 -10.62
CA GLY E 99 -103.22 23.29 -10.14
C GLY E 99 -102.21 24.14 -10.92
N ASP E 100 -102.71 25.06 -11.74
CA ASP E 100 -101.86 25.86 -12.59
C ASP E 100 -102.54 27.19 -12.84
N VAL E 101 -101.77 28.24 -13.18
CA VAL E 101 -102.31 29.57 -13.28
C VAL E 101 -102.89 29.82 -14.66
N THR E 102 -102.62 28.90 -15.60
CA THR E 102 -103.01 29.10 -16.98
C THR E 102 -104.49 29.47 -17.09
N PRO E 103 -105.45 28.73 -16.48
CA PRO E 103 -106.86 29.09 -16.61
C PRO E 103 -107.09 30.52 -16.14
N ILE E 104 -106.49 30.89 -14.99
CA ILE E 104 -106.58 32.23 -14.46
C ILE E 104 -106.04 33.20 -15.51
N GLU E 105 -104.87 32.86 -16.06
CA GLU E 105 -104.11 33.78 -16.87
C GLU E 105 -104.86 34.18 -18.14
N GLU E 106 -105.44 33.20 -18.84
CA GLU E 106 -106.13 33.50 -20.08
C GLU E 106 -107.32 34.43 -19.84
N ILE E 107 -108.11 34.15 -18.79
CA ILE E 107 -109.35 34.89 -18.59
C ILE E 107 -109.08 36.29 -18.04
N GLY E 108 -108.06 36.44 -17.17
CA GLY E 108 -107.95 37.64 -16.36
C GLY E 108 -106.66 38.43 -16.52
N ILE E 109 -105.52 37.82 -16.87
CA ILE E 109 -104.28 38.57 -16.71
C ILE E 109 -103.75 39.08 -18.04
N ILE E 110 -104.27 38.63 -19.18
CA ILE E 110 -103.71 39.09 -20.45
C ILE E 110 -104.61 40.18 -21.02
N GLY E 111 -104.03 41.36 -21.22
CA GLY E 111 -104.78 42.51 -21.68
C GLY E 111 -105.44 43.26 -20.52
N VAL E 112 -105.18 42.82 -19.28
CA VAL E 112 -105.83 43.43 -18.13
C VAL E 112 -105.42 44.90 -18.04
N LYS E 113 -104.12 45.18 -18.24
CA LYS E 113 -103.60 46.52 -18.14
C LYS E 113 -104.35 47.42 -19.11
N GLU E 114 -104.48 46.95 -20.36
CA GLU E 114 -105.08 47.74 -21.41
C GLU E 114 -106.55 48.02 -21.10
N MET E 115 -107.27 47.00 -20.63
CA MET E 115 -108.67 47.14 -20.33
C MET E 115 -108.86 48.19 -19.23
N TYR E 116 -108.09 48.05 -18.15
CA TYR E 116 -108.26 48.96 -17.03
C TYR E 116 -107.83 50.37 -17.40
N ASN E 117 -106.78 50.50 -18.23
CA ASN E 117 -106.35 51.83 -18.63
C ASN E 117 -107.44 52.54 -19.42
N SER E 118 -108.13 51.82 -20.31
CA SER E 118 -109.24 52.45 -21.01
C SER E 118 -110.31 52.84 -20.00
N LEU E 119 -110.61 51.97 -19.05
CA LEU E 119 -111.62 52.26 -18.04
C LEU E 119 -111.15 53.41 -17.15
N GLN E 120 -109.82 53.51 -16.96
CA GLN E 120 -109.18 54.51 -16.12
C GLN E 120 -109.18 54.07 -14.66
N THR E 121 -109.64 52.84 -14.40
CA THR E 121 -109.56 52.23 -13.09
C THR E 121 -108.09 52.14 -12.67
N PRO E 122 -107.70 52.52 -11.44
CA PRO E 122 -106.28 52.40 -11.06
C PRO E 122 -105.86 50.97 -10.77
N ILE E 123 -104.83 50.49 -11.41
CA ILE E 123 -104.38 49.11 -11.30
C ILE E 123 -103.78 48.94 -9.88
N PRO E 124 -102.93 49.87 -9.41
CA PRO E 124 -102.30 49.71 -8.10
C PRO E 124 -103.27 49.63 -6.91
N ALA E 125 -104.57 49.77 -7.12
CA ALA E 125 -105.59 49.56 -6.15
C ALA E 125 -106.39 48.27 -6.36
N VAL E 126 -106.53 47.83 -7.60
CA VAL E 126 -107.05 46.52 -7.96
C VAL E 126 -106.18 45.47 -7.26
N ALA E 127 -104.85 45.64 -7.32
CA ALA E 127 -103.94 44.73 -6.70
C ALA E 127 -104.19 44.61 -5.18
N GLU E 128 -104.41 45.77 -4.56
CA GLU E 128 -104.66 45.86 -3.14
C GLU E 128 -105.94 45.08 -2.79
N GLY E 129 -106.97 45.22 -3.62
CA GLY E 129 -108.22 44.51 -3.43
C GLY E 129 -108.00 43.00 -3.42
N VAL E 130 -107.14 42.51 -4.34
CA VAL E 130 -106.86 41.11 -4.42
C VAL E 130 -106.10 40.68 -3.16
N ARG E 131 -105.14 41.52 -2.71
CA ARG E 131 -104.42 41.26 -1.49
C ARG E 131 -105.39 41.15 -0.31
N ALA E 132 -106.33 42.09 -0.25
CA ALA E 132 -107.34 42.09 0.80
C ALA E 132 -108.14 40.79 0.79
N MET E 133 -108.56 40.36 -0.41
CA MET E 133 -109.33 39.14 -0.53
C MET E 133 -108.50 37.95 -0.03
N LYS E 134 -107.20 37.98 -0.31
CA LYS E 134 -106.32 36.90 0.11
C LYS E 134 -106.35 36.76 1.63
N ASN E 135 -106.27 37.90 2.34
CA ASN E 135 -106.19 37.88 3.79
C ASN E 135 -107.47 37.28 4.37
N VAL E 136 -108.62 37.69 3.84
CA VAL E 136 -109.90 37.16 4.29
C VAL E 136 -109.94 35.66 4.02
N ALA E 137 -109.54 35.26 2.80
CA ALA E 137 -109.60 33.86 2.40
C ALA E 137 -108.68 33.02 3.28
N THR E 138 -107.51 33.55 3.59
CA THR E 138 -106.51 32.83 4.39
C THR E 138 -107.12 32.48 5.76
N SER E 139 -107.82 33.44 6.37
CA SER E 139 -108.38 33.25 7.70
C SER E 139 -109.34 32.06 7.73
N LEU E 140 -110.19 31.94 6.71
CA LEU E 140 -111.18 30.87 6.67
C LEU E 140 -110.49 29.53 6.40
N LEU E 141 -109.42 29.56 5.60
CA LEU E 141 -108.74 28.33 5.25
C LEU E 141 -107.84 27.89 6.39
N SER E 142 -107.62 26.56 6.49
CA SER E 142 -106.61 26.01 7.36
C SER E 142 -105.23 26.36 6.80
N GLY E 143 -104.20 26.34 7.67
CA GLY E 143 -102.88 26.87 7.36
C GLY E 143 -102.27 26.33 6.06
N ASP E 144 -102.23 24.98 5.94
CA ASP E 144 -101.69 24.33 4.76
C ASP E 144 -102.55 24.69 3.53
N ASP E 145 -103.88 24.66 3.71
CA ASP E 145 -104.80 25.03 2.66
C ASP E 145 -104.55 26.48 2.24
N ALA E 146 -104.33 27.34 3.25
CA ALA E 146 -104.11 28.77 3.03
C ALA E 146 -102.87 28.99 2.17
N ALA E 147 -101.80 28.23 2.45
CA ALA E 147 -100.55 28.38 1.71
C ALA E 147 -100.79 28.10 0.23
N GLU E 148 -101.52 27.01 -0.07
CA GLU E 148 -101.84 26.66 -1.44
C GLU E 148 -102.62 27.81 -2.09
N ALA E 149 -103.66 28.29 -1.40
CA ALA E 149 -104.49 29.36 -1.92
C ALA E 149 -103.66 30.64 -2.10
N GLY E 150 -102.73 30.88 -1.16
CA GLY E 150 -101.91 32.08 -1.18
C GLY E 150 -101.14 32.21 -2.50
N PHE E 151 -100.58 31.08 -2.97
CA PHE E 151 -99.77 31.10 -4.17
C PHE E 151 -100.56 31.68 -5.32
N TYR E 152 -101.80 31.23 -5.50
CA TYR E 152 -102.64 31.71 -6.60
C TYR E 152 -102.96 33.18 -6.40
N PHE E 153 -103.25 33.57 -5.16
CA PHE E 153 -103.54 34.96 -4.86
C PHE E 153 -102.32 35.82 -5.18
N ASP E 154 -101.14 35.34 -4.81
CA ASP E 154 -99.89 36.07 -5.02
C ASP E 154 -99.65 36.25 -6.51
N TYR E 155 -99.91 35.22 -7.30
CA TYR E 155 -99.72 35.27 -8.74
C TYR E 155 -100.53 36.42 -9.31
N LEU E 156 -101.79 36.53 -8.90
CA LEU E 156 -102.68 37.57 -9.39
C LEU E 156 -102.07 38.93 -9.08
N VAL E 157 -101.61 39.09 -7.83
CA VAL E 157 -101.04 40.34 -7.41
C VAL E 157 -99.81 40.66 -8.23
N GLY E 158 -98.99 39.64 -8.48
CA GLY E 158 -97.79 39.79 -9.32
C GLY E 158 -98.15 40.19 -10.74
N ALA E 159 -99.18 39.55 -11.30
CA ALA E 159 -99.59 39.78 -12.68
C ALA E 159 -100.01 41.23 -12.89
N MET E 160 -100.71 41.84 -11.95
CA MET E 160 -100.93 43.28 -12.04
C MET E 160 -99.76 44.08 -11.38
N MET F 1 -104.27 23.08 -26.16
CA MET F 1 -105.18 21.89 -26.03
C MET F 1 -106.09 22.14 -24.83
N GLN F 2 -106.91 21.15 -24.51
CA GLN F 2 -107.74 21.21 -23.30
C GLN F 2 -107.66 19.84 -22.63
N ASP F 3 -107.89 19.82 -21.32
CA ASP F 3 -107.93 18.61 -20.53
C ASP F 3 -109.27 18.56 -19.82
N ALA F 4 -109.58 17.43 -19.17
CA ALA F 4 -110.88 17.26 -18.56
C ALA F 4 -111.13 18.34 -17.50
N ILE F 5 -110.13 18.57 -16.65
CA ILE F 5 -110.26 19.56 -15.59
C ILE F 5 -110.57 20.93 -16.20
N THR F 6 -109.78 21.33 -17.21
CA THR F 6 -109.97 22.62 -17.83
C THR F 6 -111.30 22.68 -18.57
N ALA F 7 -111.74 21.57 -19.15
CA ALA F 7 -113.02 21.55 -19.87
C ALA F 7 -114.17 21.91 -18.93
N VAL F 8 -114.15 21.33 -17.72
CA VAL F 8 -115.17 21.63 -16.73
C VAL F 8 -115.10 23.12 -16.39
N ILE F 9 -113.88 23.60 -16.11
CA ILE F 9 -113.68 25.00 -15.77
C ILE F 9 -114.24 25.89 -16.88
N ASN F 10 -113.95 25.55 -18.13
CA ASN F 10 -114.31 26.43 -19.24
C ASN F 10 -115.83 26.49 -19.34
N ASN F 11 -116.50 25.35 -19.15
CA ASN F 11 -117.95 25.31 -19.26
C ASN F 11 -118.56 26.24 -18.19
N TYR F 12 -118.00 26.21 -16.99
CA TYR F 12 -118.47 27.04 -15.90
C TYR F 12 -118.18 28.51 -16.18
N ASP F 13 -116.99 28.79 -16.75
CA ASP F 13 -116.60 30.16 -17.00
C ASP F 13 -117.54 30.83 -18.01
N VAL F 14 -117.97 30.12 -19.05
CA VAL F 14 -118.86 30.73 -20.03
C VAL F 14 -120.20 31.03 -19.35
N GLN F 15 -120.63 30.14 -18.43
CA GLN F 15 -121.84 30.39 -17.68
C GLN F 15 -121.60 31.52 -16.67
N GLY F 16 -120.33 31.66 -16.21
CA GLY F 16 -120.00 32.64 -15.21
C GLY F 16 -120.24 32.10 -13.81
N LYS F 17 -120.66 30.83 -13.74
CA LYS F 17 -121.00 30.17 -12.49
C LYS F 17 -119.73 29.81 -11.73
N TYR F 18 -119.78 29.97 -10.39
CA TYR F 18 -118.76 29.40 -9.52
C TYR F 18 -118.86 27.89 -9.57
N LEU F 19 -117.74 27.21 -9.26
CA LEU F 19 -117.71 25.75 -9.31
C LEU F 19 -118.68 25.20 -8.28
N ASP F 20 -119.45 24.19 -8.68
CA ASP F 20 -120.48 23.62 -7.84
C ASP F 20 -120.21 22.12 -7.65
N GLY F 21 -120.94 21.50 -6.72
CA GLY F 21 -120.71 20.11 -6.33
C GLY F 21 -120.80 19.16 -7.51
N ALA F 22 -121.80 19.35 -8.37
CA ALA F 22 -121.97 18.52 -9.57
C ALA F 22 -120.71 18.59 -10.43
N ALA F 23 -120.21 19.81 -10.64
CA ALA F 23 -118.95 20.02 -11.34
C ALA F 23 -117.82 19.32 -10.60
N LEU F 24 -117.81 19.46 -9.27
CA LEU F 24 -116.75 18.88 -8.46
C LEU F 24 -116.72 17.36 -8.63
N ASP F 25 -117.91 16.75 -8.73
CA ASP F 25 -118.04 15.31 -8.88
C ASP F 25 -117.37 14.83 -10.17
N LYS F 26 -117.58 15.58 -11.27
CA LYS F 26 -116.94 15.24 -12.53
C LYS F 26 -115.42 15.30 -12.37
N LEU F 27 -114.94 16.34 -11.68
CA LEU F 27 -113.52 16.50 -11.45
C LEU F 27 -113.00 15.33 -10.62
N LYS F 28 -113.80 14.94 -9.61
CA LYS F 28 -113.41 13.88 -8.71
C LYS F 28 -113.30 12.58 -9.48
N ALA F 29 -114.26 12.35 -10.38
CA ALA F 29 -114.27 11.15 -11.21
C ALA F 29 -112.95 11.06 -11.98
N TYR F 30 -112.52 12.18 -12.58
CA TYR F 30 -111.29 12.20 -13.35
C TYR F 30 -110.12 11.81 -12.44
N PHE F 31 -110.10 12.34 -11.22
CA PHE F 31 -108.94 12.18 -10.34
C PHE F 31 -108.72 10.69 -10.02
N THR F 32 -109.80 9.94 -9.81
CA THR F 32 -109.71 8.51 -9.55
C THR F 32 -109.13 7.77 -10.76
N THR F 33 -109.60 8.14 -11.97
CA THR F 33 -109.17 7.46 -13.19
C THR F 33 -107.70 7.75 -13.45
N GLY F 34 -107.23 8.93 -13.00
CA GLY F 34 -105.89 9.43 -13.30
C GLY F 34 -104.77 8.41 -13.06
N ALA F 35 -104.78 7.78 -11.88
CA ALA F 35 -103.71 6.87 -11.50
C ALA F 35 -103.57 5.74 -12.52
N VAL F 36 -104.71 5.16 -12.93
CA VAL F 36 -104.73 4.09 -13.92
C VAL F 36 -104.10 4.59 -15.21
N ARG F 37 -104.48 5.80 -15.63
CA ARG F 37 -104.05 6.36 -16.90
C ARG F 37 -102.53 6.49 -16.91
N VAL F 38 -101.96 6.97 -15.81
CA VAL F 38 -100.51 7.17 -15.73
C VAL F 38 -99.81 5.83 -15.95
N ARG F 39 -100.31 4.78 -15.32
CA ARG F 39 -99.71 3.45 -15.44
C ARG F 39 -99.78 3.00 -16.91
N ALA F 40 -100.95 3.19 -17.54
CA ALA F 40 -101.14 2.80 -18.93
C ALA F 40 -100.16 3.51 -19.84
N ALA F 41 -99.98 4.81 -19.61
CA ALA F 41 -99.10 5.62 -20.45
C ALA F 41 -97.67 5.08 -20.42
N ALA F 42 -97.19 4.71 -19.22
CA ALA F 42 -95.84 4.20 -19.06
C ALA F 42 -95.68 2.89 -19.82
N VAL F 43 -96.70 2.04 -19.76
CA VAL F 43 -96.68 0.77 -20.47
C VAL F 43 -96.54 1.04 -21.97
N ILE F 44 -97.35 1.97 -22.49
CA ILE F 44 -97.37 2.22 -23.92
C ILE F 44 -96.01 2.74 -24.36
N SER F 45 -95.44 3.68 -23.61
CA SER F 45 -94.18 4.30 -24.00
C SER F 45 -93.07 3.24 -24.14
N SER F 46 -93.01 2.31 -23.18
CA SER F 46 -91.98 1.29 -23.16
C SER F 46 -92.15 0.32 -24.34
N ASN F 47 -93.39 0.01 -24.71
CA ASN F 47 -93.66 -1.00 -25.71
C ASN F 47 -94.02 -0.39 -27.06
N ALA F 48 -93.74 0.91 -27.25
CA ALA F 48 -94.22 1.62 -28.42
C ALA F 48 -93.70 1.00 -29.70
N THR F 49 -92.39 0.73 -29.76
CA THR F 49 -91.79 0.18 -30.97
C THR F 49 -92.47 -1.15 -31.33
N THR F 50 -92.67 -2.01 -30.34
CA THR F 50 -93.27 -3.32 -30.55
C THR F 50 -94.73 -3.15 -30.99
N ILE F 51 -95.45 -2.22 -30.36
CA ILE F 51 -96.85 -2.04 -30.68
C ILE F 51 -96.96 -1.75 -32.17
N ILE F 52 -96.09 -0.86 -32.67
CA ILE F 52 -96.15 -0.47 -34.06
C ILE F 52 -95.82 -1.68 -34.93
N LYS F 53 -94.79 -2.44 -34.54
CA LYS F 53 -94.35 -3.61 -35.28
C LYS F 53 -95.52 -4.60 -35.43
N GLU F 54 -96.17 -4.91 -34.31
CA GLU F 54 -97.24 -5.89 -34.29
C GLU F 54 -98.39 -5.42 -35.17
N ALA F 55 -98.75 -4.13 -35.05
CA ALA F 55 -99.88 -3.60 -35.79
C ALA F 55 -99.58 -3.65 -37.29
N ALA F 56 -98.35 -3.31 -37.67
CA ALA F 56 -97.96 -3.33 -39.07
C ALA F 56 -98.07 -4.76 -39.61
N ALA F 57 -97.59 -5.71 -38.81
CA ALA F 57 -97.64 -7.12 -39.17
C ALA F 57 -99.07 -7.57 -39.38
N LYS F 58 -99.98 -7.11 -38.51
CA LYS F 58 -101.38 -7.47 -38.61
C LYS F 58 -102.03 -6.93 -39.88
N ALA F 59 -101.71 -5.68 -40.30
CA ALA F 59 -102.45 -5.05 -41.39
C ALA F 59 -101.56 -4.62 -42.56
N LEU F 60 -100.51 -3.87 -42.29
CA LEU F 60 -99.80 -3.17 -43.35
C LEU F 60 -98.92 -4.10 -44.18
N ILE F 61 -98.10 -4.94 -43.54
CA ILE F 61 -97.09 -5.66 -44.30
C ILE F 61 -97.72 -6.92 -44.91
N TYR F 62 -96.94 -7.62 -45.75
CA TYR F 62 -97.38 -8.82 -46.46
C TYR F 62 -98.64 -8.52 -47.26
N SER F 63 -98.72 -7.30 -47.83
CA SER F 63 -99.93 -6.83 -48.45
C SER F 63 -99.58 -6.18 -49.78
N ASP F 64 -100.62 -5.80 -50.55
CA ASP F 64 -100.38 -5.08 -51.78
C ASP F 64 -99.65 -3.76 -51.53
N LEU F 65 -99.94 -3.11 -50.41
CA LEU F 65 -99.31 -1.83 -50.09
C LEU F 65 -97.80 -1.95 -50.14
N THR F 66 -97.27 -2.97 -49.50
CA THR F 66 -95.83 -3.15 -49.47
C THR F 66 -95.32 -3.62 -50.82
N ARG F 67 -96.15 -4.28 -51.63
CA ARG F 67 -95.72 -4.79 -52.92
C ARG F 67 -95.55 -3.62 -53.89
N PRO F 68 -94.73 -3.74 -54.95
CA PRO F 68 -94.49 -2.61 -55.87
C PRO F 68 -95.77 -2.09 -56.49
N GLY F 69 -95.88 -0.76 -56.53
CA GLY F 69 -97.10 -0.10 -56.97
C GLY F 69 -98.06 0.19 -55.81
N GLY F 70 -97.69 -0.23 -54.59
CA GLY F 70 -98.50 0.01 -53.41
C GLY F 70 -98.01 1.27 -52.70
N MET F 72 -97.13 1.92 -49.71
CA MET F 72 -96.07 1.78 -48.74
C MET F 72 -94.84 1.12 -49.36
N TYR F 73 -94.86 0.94 -50.70
CA TYR F 73 -93.70 0.45 -51.42
C TYR F 73 -92.59 1.50 -51.45
N THR F 74 -91.32 1.04 -51.48
CA THR F 74 -90.09 1.83 -51.38
C THR F 74 -89.78 2.09 -49.90
N THR F 75 -88.50 2.18 -49.57
CA THR F 75 -88.12 2.34 -48.17
C THR F 75 -88.66 3.66 -47.63
N ARG F 76 -88.58 4.70 -48.43
CA ARG F 76 -88.98 6.04 -48.00
C ARG F 76 -90.44 6.04 -47.56
N ARG F 77 -91.31 5.49 -48.39
CA ARG F 77 -92.73 5.42 -48.06
C ARG F 77 -92.97 4.52 -46.84
N TYR F 78 -92.27 3.39 -46.76
CA TYR F 78 -92.45 2.50 -45.63
C TYR F 78 -92.13 3.25 -44.35
N ALA F 79 -91.00 3.96 -44.36
CA ALA F 79 -90.56 4.70 -43.18
C ALA F 79 -91.58 5.76 -42.80
N ALA F 80 -92.13 6.46 -43.80
CA ALA F 80 -93.15 7.47 -43.57
C ALA F 80 -94.36 6.88 -42.87
N CYS F 81 -94.83 5.73 -43.35
CA CYS F 81 -96.02 5.13 -42.78
C CYS F 81 -95.79 4.76 -41.32
N ILE F 82 -94.63 4.21 -40.98
CA ILE F 82 -94.42 3.81 -39.60
C ILE F 82 -94.24 5.06 -38.74
N ARG F 83 -93.70 6.15 -39.30
CA ARG F 83 -93.62 7.41 -38.57
C ARG F 83 -95.02 7.93 -38.24
N ASP F 84 -95.93 7.83 -39.21
CA ASP F 84 -97.28 8.28 -38.96
C ASP F 84 -97.92 7.44 -37.85
N MET F 85 -97.65 6.15 -37.85
CA MET F 85 -98.22 5.23 -36.87
C MET F 85 -97.77 5.66 -35.48
N ASP F 86 -96.48 5.98 -35.36
CA ASP F 86 -95.92 6.43 -34.10
C ASP F 86 -96.62 7.71 -33.63
N TYR F 87 -96.86 8.65 -34.54
CA TYR F 87 -97.55 9.87 -34.20
C TYR F 87 -98.90 9.54 -33.55
N PHE F 88 -99.67 8.70 -34.22
CA PHE F 88 -101.00 8.38 -33.73
C PHE F 88 -100.88 7.82 -32.32
N LEU F 89 -99.93 6.93 -32.12
CA LEU F 89 -99.78 6.30 -30.81
C LEU F 89 -99.44 7.34 -29.75
N ARG F 90 -98.47 8.22 -30.03
CA ARG F 90 -98.03 9.19 -29.05
C ARG F 90 -99.17 10.13 -28.67
N TYR F 91 -99.94 10.57 -29.67
CA TYR F 91 -101.01 11.52 -29.42
C TYR F 91 -102.13 10.85 -28.65
N ALA F 92 -102.43 9.60 -28.99
CA ALA F 92 -103.46 8.88 -28.25
C ALA F 92 -103.07 8.76 -26.79
N THR F 93 -101.79 8.48 -26.52
CA THR F 93 -101.31 8.40 -25.16
C THR F 93 -101.50 9.74 -24.45
N TYR F 94 -101.18 10.84 -25.14
CA TYR F 94 -101.36 12.17 -24.58
C TYR F 94 -102.84 12.38 -24.24
N ALA F 95 -103.72 12.00 -25.17
CA ALA F 95 -105.15 12.20 -24.98
C ALA F 95 -105.64 11.39 -23.78
N MET F 96 -105.12 10.18 -23.62
CA MET F 96 -105.55 9.32 -22.53
C MET F 96 -105.19 9.96 -21.19
N LEU F 97 -103.96 10.47 -21.06
CA LEU F 97 -103.59 11.17 -19.85
C LEU F 97 -104.49 12.37 -19.64
N ALA F 98 -104.72 13.15 -20.69
CA ALA F 98 -105.50 14.38 -20.58
C ALA F 98 -106.94 14.07 -20.18
N GLY F 99 -107.48 12.97 -20.71
CA GLY F 99 -108.88 12.65 -20.51
C GLY F 99 -109.78 13.45 -21.47
N ASP F 100 -109.19 14.06 -22.49
CA ASP F 100 -109.95 14.87 -23.42
C ASP F 100 -109.50 14.56 -24.85
N PRO F 101 -110.44 14.46 -25.82
CA PRO F 101 -110.10 14.24 -27.22
C PRO F 101 -109.61 15.47 -28.00
N SER F 102 -109.66 16.65 -27.38
CA SER F 102 -109.40 17.89 -28.09
C SER F 102 -108.00 17.94 -28.72
N ILE F 103 -106.98 17.48 -27.99
CA ILE F 103 -105.61 17.56 -28.48
C ILE F 103 -105.54 16.81 -29.83
N LEU F 104 -106.25 15.69 -29.96
CA LEU F 104 -106.23 14.95 -31.22
C LEU F 104 -106.75 15.85 -32.33
N ASP F 105 -107.86 16.56 -32.08
CA ASP F 105 -108.42 17.45 -33.08
C ASP F 105 -107.46 18.58 -33.44
N GLU F 106 -106.83 19.18 -32.43
CA GLU F 106 -105.99 20.35 -32.64
C GLU F 106 -104.72 20.01 -33.40
N ARG F 107 -104.08 18.86 -33.09
CA ARG F 107 -102.81 18.53 -33.72
C ARG F 107 -102.99 17.49 -34.85
N VAL F 108 -103.52 16.34 -34.54
CA VAL F 108 -103.47 15.24 -35.49
C VAL F 108 -104.57 15.41 -36.54
N LEU F 109 -105.80 15.63 -36.09
CA LEU F 109 -106.94 15.47 -36.96
C LEU F 109 -107.04 16.60 -37.97
N ASN F 110 -106.54 17.79 -37.61
CA ASN F 110 -106.78 18.98 -38.42
C ASN F 110 -105.92 18.99 -39.67
N GLY F 111 -106.54 19.01 -40.85
CA GLY F 111 -105.81 19.00 -42.11
C GLY F 111 -105.27 17.64 -42.54
N LEU F 112 -105.49 16.58 -41.76
CA LEU F 112 -104.89 15.30 -42.11
C LEU F 112 -105.56 14.73 -43.37
N LYS F 113 -106.89 14.83 -43.43
CA LYS F 113 -107.62 14.26 -44.54
C LYS F 113 -107.12 14.87 -45.85
N GLU F 114 -107.00 16.21 -45.86
CA GLU F 114 -106.59 16.93 -47.04
C GLU F 114 -105.16 16.55 -47.41
N THR F 115 -104.26 16.47 -46.43
CA THR F 115 -102.89 16.07 -46.67
C THR F 115 -102.86 14.71 -47.34
N TYR F 116 -103.61 13.77 -46.76
CA TYR F 116 -103.59 12.40 -47.24
C TYR F 116 -104.12 12.35 -48.66
N ASN F 117 -105.19 13.11 -48.95
CA ASN F 117 -105.76 13.07 -50.28
C ASN F 117 -104.78 13.59 -51.32
N SER F 118 -104.07 14.67 -51.01
CA SER F 118 -103.05 15.16 -51.93
C SER F 118 -101.95 14.13 -52.10
N LEU F 119 -101.52 13.50 -51.01
CA LEU F 119 -100.44 12.53 -51.07
C LEU F 119 -100.89 11.29 -51.82
N GLY F 120 -102.19 10.95 -51.74
CA GLY F 120 -102.69 9.70 -52.27
C GLY F 120 -102.53 8.53 -51.29
N VAL F 121 -102.18 8.84 -50.03
CA VAL F 121 -102.21 7.85 -48.98
C VAL F 121 -103.64 7.34 -48.82
N PRO F 122 -103.87 6.01 -48.69
CA PRO F 122 -105.21 5.47 -48.48
C PRO F 122 -105.71 5.55 -47.04
N ILE F 123 -106.81 6.27 -46.84
CA ILE F 123 -107.31 6.55 -45.50
C ILE F 123 -107.77 5.25 -44.82
N ALA F 124 -108.49 4.40 -45.56
CA ALA F 124 -109.07 3.21 -44.96
C ALA F 124 -107.97 2.29 -44.41
N ALA F 125 -106.87 2.13 -45.16
CA ALA F 125 -105.74 1.35 -44.69
C ALA F 125 -105.14 1.93 -43.42
N THR F 126 -105.04 3.27 -43.37
CA THR F 126 -104.49 3.96 -42.20
C THR F 126 -105.39 3.68 -41.00
N VAL F 127 -106.70 3.78 -41.23
CA VAL F 127 -107.66 3.54 -40.18
C VAL F 127 -107.49 2.11 -39.66
N GLY F 128 -107.36 1.16 -40.59
CA GLY F 128 -107.10 -0.24 -40.26
C GLY F 128 -105.90 -0.40 -39.33
N GLY F 129 -104.80 0.30 -39.66
CA GLY F 129 -103.60 0.29 -38.84
C GLY F 129 -103.85 0.84 -37.42
N ILE F 130 -104.66 1.90 -37.33
CA ILE F 130 -104.95 2.52 -36.05
C ILE F 130 -105.73 1.50 -35.19
N GLN F 131 -106.70 0.83 -35.81
CA GLN F 131 -107.52 -0.16 -35.13
C GLN F 131 -106.64 -1.32 -34.64
N ALA F 132 -105.69 -1.73 -35.49
CA ALA F 132 -104.76 -2.77 -35.10
C ALA F 132 -103.94 -2.35 -33.89
N MET F 133 -103.45 -1.10 -33.89
CA MET F 133 -102.66 -0.63 -32.76
C MET F 133 -103.49 -0.69 -31.50
N LYS F 134 -104.77 -0.32 -31.63
CA LYS F 134 -105.66 -0.29 -30.48
C LYS F 134 -105.72 -1.68 -29.83
N GLU F 135 -105.90 -2.70 -30.66
CA GLU F 135 -106.00 -4.07 -30.19
C GLU F 135 -104.74 -4.48 -29.44
N VAL F 136 -103.57 -4.21 -30.01
CA VAL F 136 -102.30 -4.52 -29.38
C VAL F 136 -102.20 -3.77 -28.05
N VAL F 137 -102.54 -2.47 -28.07
CA VAL F 137 -102.41 -1.63 -26.90
C VAL F 137 -103.30 -2.19 -25.79
N GLY F 138 -104.52 -2.59 -26.16
CA GLY F 138 -105.49 -3.09 -25.21
C GLY F 138 -104.92 -4.22 -24.35
N GLY F 139 -104.26 -5.18 -25.01
CA GLY F 139 -103.60 -6.28 -24.33
C GLY F 139 -102.61 -5.79 -23.28
N LEU F 140 -101.68 -4.92 -23.69
CA LEU F 140 -100.58 -4.51 -22.82
C LEU F 140 -101.09 -3.71 -21.63
N VAL F 141 -102.04 -2.81 -21.87
CA VAL F 141 -102.47 -1.88 -20.83
C VAL F 141 -103.27 -2.64 -19.78
N GLY F 142 -104.02 -3.66 -20.22
CA GLY F 142 -104.93 -4.38 -19.34
C GLY F 142 -106.34 -3.80 -19.43
N PRO F 143 -107.38 -4.52 -18.95
CA PRO F 143 -108.78 -4.20 -19.25
C PRO F 143 -109.32 -2.82 -18.84
N ASP F 144 -109.06 -2.42 -17.59
CA ASP F 144 -109.55 -1.14 -17.09
C ASP F 144 -108.98 0.00 -17.94
N ALA F 145 -107.67 -0.07 -18.21
CA ALA F 145 -106.99 0.94 -18.99
C ALA F 145 -107.45 0.86 -20.46
N ALA F 146 -107.73 -0.35 -20.94
CA ALA F 146 -108.06 -0.58 -22.35
C ALA F 146 -109.29 0.23 -22.76
N LYS F 147 -110.32 0.25 -21.91
CA LYS F 147 -111.55 0.94 -22.26
C LYS F 147 -111.24 2.42 -22.53
N GLU F 148 -110.46 3.02 -21.63
CA GLU F 148 -110.07 4.42 -21.75
C GLU F 148 -109.24 4.62 -23.01
N ALA F 149 -108.25 3.75 -23.23
CA ALA F 149 -107.38 3.84 -24.38
C ALA F 149 -108.19 3.72 -25.68
N SER F 150 -109.17 2.82 -25.70
CA SER F 150 -109.91 2.52 -26.93
C SER F 150 -110.62 3.77 -27.47
N ILE F 151 -111.20 4.57 -26.58
CA ILE F 151 -112.03 5.68 -27.05
C ILE F 151 -111.20 6.65 -27.89
N TYR F 152 -109.96 6.92 -27.48
CA TYR F 152 -109.10 7.86 -28.20
C TYR F 152 -108.69 7.29 -29.55
N PHE F 153 -108.37 5.99 -29.59
CA PHE F 153 -108.06 5.33 -30.84
C PHE F 153 -109.25 5.41 -31.79
N ASP F 154 -110.44 5.18 -31.26
CA ASP F 154 -111.65 5.23 -32.08
C ASP F 154 -111.89 6.64 -32.59
N TYR F 155 -111.60 7.63 -31.75
CA TYR F 155 -111.76 9.03 -32.11
C TYR F 155 -110.89 9.37 -33.30
N LEU F 156 -109.62 8.93 -33.27
CA LEU F 156 -108.70 9.14 -34.37
C LEU F 156 -109.27 8.51 -35.63
N SER F 157 -109.75 7.27 -35.50
CA SER F 157 -110.23 6.52 -36.65
C SER F 157 -111.40 7.24 -37.29
N SER F 158 -112.35 7.70 -36.46
CA SER F 158 -113.54 8.38 -36.94
C SER F 158 -113.16 9.69 -37.66
N GLY F 159 -112.20 10.42 -37.11
CA GLY F 159 -111.75 11.67 -37.70
C GLY F 159 -111.18 11.45 -39.10
N LEU F 160 -110.35 10.42 -39.25
CA LEU F 160 -109.67 10.19 -40.50
C LEU F 160 -110.70 9.77 -41.54
N SER F 161 -111.64 8.93 -41.12
CA SER F 161 -112.68 8.46 -42.00
C SER F 161 -113.87 9.44 -41.93
N SER G 2 -81.10 10.06 -62.89
CA SER G 2 -80.25 9.91 -64.10
C SER G 2 -79.23 11.04 -64.16
N VAL G 3 -78.21 10.89 -65.01
CA VAL G 3 -77.20 11.93 -65.22
C VAL G 3 -77.92 13.21 -65.66
N LEU G 4 -78.88 13.06 -66.59
CA LEU G 4 -79.47 14.22 -67.18
C LEU G 4 -80.25 14.99 -66.12
N THR G 5 -81.03 14.25 -65.30
CA THR G 5 -81.86 14.86 -64.28
C THR G 5 -80.96 15.65 -63.34
N LYS G 6 -79.84 15.05 -62.94
CA LYS G 6 -78.95 15.71 -62.00
C LYS G 6 -78.47 17.03 -62.57
N ALA G 7 -78.04 17.02 -63.84
CA ALA G 7 -77.51 18.22 -64.47
C ALA G 7 -78.56 19.32 -64.54
N ILE G 8 -79.77 18.96 -64.95
CA ILE G 8 -80.86 19.92 -65.07
C ILE G 8 -81.14 20.55 -63.72
N VAL G 9 -81.20 19.71 -62.69
CA VAL G 9 -81.54 20.19 -61.35
C VAL G 9 -80.51 21.21 -60.88
N ASN G 10 -79.22 20.97 -61.13
CA ASN G 10 -78.20 21.90 -60.68
C ASN G 10 -78.36 23.24 -61.41
N ALA G 11 -78.65 23.15 -62.72
CA ALA G 11 -78.83 24.34 -63.53
C ALA G 11 -80.02 25.15 -63.02
N ASP G 12 -81.13 24.47 -62.71
CA ASP G 12 -82.34 25.15 -62.30
C ASP G 12 -82.11 25.88 -60.99
N ALA G 13 -81.37 25.26 -60.06
CA ALA G 13 -81.05 25.90 -58.79
C ALA G 13 -80.27 27.18 -59.04
N GLU G 14 -79.31 27.12 -59.95
CA GLU G 14 -78.51 28.28 -60.31
C GLU G 14 -79.30 29.24 -61.20
N ALA G 15 -80.41 28.76 -61.75
CA ALA G 15 -81.26 29.57 -62.64
C ALA G 15 -80.49 29.96 -63.90
N ARG G 16 -79.68 29.03 -64.42
CA ARG G 16 -78.84 29.27 -65.59
C ARG G 16 -79.07 28.15 -66.60
N TYR G 17 -78.70 28.42 -67.87
CA TYR G 17 -78.66 27.39 -68.90
C TYR G 17 -77.52 26.43 -68.59
N LEU G 18 -77.59 25.21 -69.14
CA LEU G 18 -76.60 24.19 -68.87
C LEU G 18 -75.20 24.66 -69.28
N SER G 19 -74.25 24.44 -68.37
CA SER G 19 -72.86 24.79 -68.58
C SER G 19 -72.25 23.88 -69.65
N PRO G 20 -71.21 24.33 -70.36
CA PRO G 20 -70.55 23.50 -71.37
C PRO G 20 -70.06 22.17 -70.81
N GLY G 21 -69.42 22.25 -69.63
CA GLY G 21 -68.94 21.07 -68.93
C GLY G 21 -70.06 20.08 -68.65
N GLU G 22 -71.19 20.59 -68.17
CA GLU G 22 -72.37 19.77 -67.90
C GLU G 22 -72.86 19.14 -69.20
N LEU G 23 -72.87 19.93 -70.28
CA LEU G 23 -73.30 19.44 -71.58
C LEU G 23 -72.38 18.31 -72.04
N ASP G 24 -71.07 18.46 -71.80
CA ASP G 24 -70.10 17.46 -72.22
C ASP G 24 -70.36 16.14 -71.53
N ARG G 25 -70.67 16.20 -70.23
CA ARG G 25 -70.94 14.99 -69.46
C ARG G 25 -72.18 14.30 -70.04
N ILE G 26 -73.17 15.07 -70.49
CA ILE G 26 -74.36 14.49 -71.09
C ILE G 26 -73.97 13.75 -72.36
N LYS G 27 -73.09 14.36 -73.16
CA LYS G 27 -72.64 13.76 -74.41
C LYS G 27 -71.96 12.43 -74.12
N SER G 28 -71.10 12.42 -73.10
CA SER G 28 -70.35 11.22 -72.76
C SER G 28 -71.34 10.12 -72.38
N PHE G 29 -72.35 10.49 -71.59
CA PHE G 29 -73.32 9.55 -71.07
C PHE G 29 -74.10 8.89 -72.20
N VAL G 30 -74.49 9.67 -73.22
CA VAL G 30 -75.32 9.11 -74.29
C VAL G 30 -74.50 8.10 -75.09
N ALA G 31 -73.20 8.38 -75.26
CA ALA G 31 -72.30 7.44 -75.92
C ALA G 31 -72.17 6.14 -75.10
N SER G 32 -72.04 6.29 -73.77
CA SER G 32 -71.85 5.16 -72.89
C SER G 32 -73.10 4.27 -72.84
N GLY G 33 -74.28 4.87 -73.06
CA GLY G 33 -75.56 4.24 -72.79
C GLY G 33 -75.73 2.87 -73.42
N GLU G 34 -75.34 2.73 -74.70
CA GLU G 34 -75.53 1.47 -75.40
C GLU G 34 -74.75 0.34 -74.71
N ARG G 35 -73.50 0.60 -74.33
CA ARG G 35 -72.73 -0.34 -73.52
C ARG G 35 -73.46 -0.64 -72.22
N ARG G 36 -73.97 0.41 -71.57
CA ARG G 36 -74.65 0.25 -70.29
C ARG G 36 -75.86 -0.66 -70.45
N LEU G 37 -76.60 -0.50 -71.56
CA LEU G 37 -77.80 -1.29 -71.77
C LEU G 37 -77.45 -2.78 -71.79
N ARG G 38 -76.35 -3.13 -72.48
CA ARG G 38 -75.91 -4.50 -72.56
C ARG G 38 -75.55 -5.04 -71.17
N ILE G 39 -74.84 -4.25 -70.36
CA ILE G 39 -74.45 -4.68 -69.02
C ILE G 39 -75.71 -5.01 -68.22
N ALA G 40 -76.72 -4.13 -68.31
CA ALA G 40 -77.96 -4.33 -67.58
C ALA G 40 -78.66 -5.59 -68.06
N GLN G 41 -78.64 -5.80 -69.39
CA GLN G 41 -79.32 -6.95 -69.97
C GLN G 41 -78.72 -8.23 -69.42
N THR G 42 -77.38 -8.27 -69.36
CA THR G 42 -76.67 -9.45 -68.89
C THR G 42 -77.14 -9.82 -67.49
N LEU G 43 -77.16 -8.84 -66.59
CA LEU G 43 -77.54 -9.09 -65.20
C LEU G 43 -78.99 -9.54 -65.10
N THR G 44 -79.87 -8.96 -65.93
CA THR G 44 -81.27 -9.34 -65.89
C THR G 44 -81.43 -10.83 -66.21
N GLU G 45 -80.69 -11.30 -67.23
CA GLU G 45 -80.81 -12.69 -67.65
C GLU G 45 -80.31 -13.62 -66.55
N ALA G 46 -79.22 -13.21 -65.88
CA ALA G 46 -78.60 -14.01 -64.85
C ALA G 46 -79.20 -13.72 -63.49
N ARG G 47 -80.30 -12.97 -63.45
CA ARG G 47 -80.81 -12.44 -62.19
C ARG G 47 -81.08 -13.59 -61.22
N GLU G 48 -81.90 -14.57 -61.66
CA GLU G 48 -82.34 -15.66 -60.82
C GLU G 48 -81.15 -16.39 -60.16
N ARG G 49 -80.12 -16.68 -60.94
CA ARG G 49 -78.95 -17.38 -60.44
C ARG G 49 -78.15 -16.47 -59.50
N ILE G 50 -78.02 -15.17 -59.83
CA ILE G 50 -77.24 -14.27 -58.99
C ILE G 50 -77.83 -14.27 -57.59
N VAL G 51 -79.15 -14.13 -57.51
CA VAL G 51 -79.82 -14.05 -56.22
C VAL G 51 -79.57 -15.34 -55.45
N LYS G 52 -79.77 -16.47 -56.12
CA LYS G 52 -79.65 -17.77 -55.48
C LYS G 52 -78.25 -17.94 -54.91
N GLN G 53 -77.23 -17.72 -55.76
CA GLN G 53 -75.85 -17.91 -55.35
C GLN G 53 -75.50 -16.98 -54.19
N ALA G 54 -75.93 -15.71 -54.27
CA ALA G 54 -75.59 -14.72 -53.26
C ALA G 54 -76.21 -15.11 -51.94
N GLY G 55 -77.47 -15.59 -51.99
CA GLY G 55 -78.17 -16.01 -50.78
C GLY G 55 -77.36 -17.08 -50.03
N ASP G 56 -76.93 -18.11 -50.77
CA ASP G 56 -76.19 -19.22 -50.21
C ASP G 56 -74.90 -18.71 -49.57
N GLN G 57 -74.19 -17.84 -50.27
CA GLN G 57 -72.96 -17.27 -49.76
C GLN G 57 -73.21 -16.53 -48.47
N LEU G 58 -74.29 -15.72 -48.45
CA LEU G 58 -74.62 -14.92 -47.28
C LEU G 58 -74.89 -15.86 -46.10
N PHE G 59 -75.66 -16.91 -46.33
CA PHE G 59 -76.03 -17.81 -45.25
C PHE G 59 -74.80 -18.55 -44.73
N GLN G 60 -73.88 -18.89 -45.62
CA GLN G 60 -72.63 -19.51 -45.19
C GLN G 60 -71.82 -18.52 -44.34
N LYS G 61 -71.71 -17.27 -44.81
CA LYS G 61 -70.93 -16.26 -44.09
C LYS G 61 -71.58 -15.92 -42.76
N ARG G 62 -72.92 -15.92 -42.72
CA ARG G 62 -73.67 -15.58 -41.50
C ARG G 62 -74.61 -16.74 -41.15
N PRO G 63 -74.14 -17.77 -40.40
CA PRO G 63 -75.02 -18.84 -40.00
C PRO G 63 -76.18 -18.33 -39.15
N ASP G 64 -75.92 -17.29 -38.34
CA ASP G 64 -76.84 -16.80 -37.33
C ASP G 64 -78.17 -16.37 -37.97
N VAL G 65 -78.12 -15.67 -39.10
CA VAL G 65 -79.32 -15.07 -39.67
C VAL G 65 -80.34 -16.19 -39.94
N VAL G 66 -79.89 -17.31 -40.50
CA VAL G 66 -80.73 -18.49 -40.69
C VAL G 66 -80.50 -19.44 -39.52
N SER G 67 -80.90 -19.00 -38.33
CA SER G 67 -80.86 -19.81 -37.12
C SER G 67 -82.12 -19.47 -36.33
N PRO G 68 -82.57 -20.31 -35.38
CA PRO G 68 -83.89 -20.10 -34.76
C PRO G 68 -84.06 -18.70 -34.18
N GLY G 69 -82.98 -18.18 -33.57
CA GLY G 69 -82.97 -16.79 -33.12
C GLY G 69 -83.09 -15.81 -34.28
N GLY G 70 -82.37 -16.09 -35.38
CA GLY G 70 -82.17 -15.14 -36.47
C GLY G 70 -83.46 -14.84 -37.25
N ASN G 71 -83.47 -13.67 -37.88
CA ASN G 71 -84.65 -13.14 -38.56
C ASN G 71 -84.96 -13.98 -39.80
N ALA G 72 -83.90 -14.40 -40.49
CA ALA G 72 -84.03 -15.07 -41.76
C ALA G 72 -84.58 -16.48 -41.60
N TYR G 73 -84.50 -17.04 -40.39
CA TYR G 73 -84.80 -18.46 -40.16
C TYR G 73 -86.24 -18.81 -40.50
N GLY G 74 -86.41 -20.00 -41.10
CA GLY G 74 -87.69 -20.48 -41.58
C GLY G 74 -87.88 -20.20 -43.07
N GLU G 75 -88.70 -20.97 -43.73
CA GLU G 75 -88.90 -20.92 -45.17
C GLU G 75 -89.46 -19.55 -45.56
N LYS G 76 -90.55 -19.13 -44.87
CA LYS G 76 -91.19 -17.87 -45.20
C LYS G 76 -90.16 -16.76 -45.12
N MET G 77 -89.44 -16.73 -43.99
CA MET G 77 -88.48 -15.67 -43.73
C MET G 77 -87.34 -15.72 -44.76
N THR G 78 -86.87 -16.92 -45.09
CA THR G 78 -85.76 -17.04 -46.02
C THR G 78 -86.19 -16.52 -47.40
N ALA G 79 -87.43 -16.83 -47.80
CA ALA G 79 -87.95 -16.33 -49.06
C ALA G 79 -87.94 -14.81 -49.07
N LEU G 80 -88.40 -14.19 -47.97
CA LEU G 80 -88.46 -12.74 -47.88
C LEU G 80 -87.06 -12.15 -48.00
N CYS G 81 -86.07 -12.79 -47.37
CA CYS G 81 -84.70 -12.32 -47.45
C CYS G 81 -84.21 -12.37 -48.90
N LEU G 82 -84.58 -13.43 -49.63
CA LEU G 82 -84.17 -13.56 -51.01
C LEU G 82 -84.92 -12.53 -51.87
N ARG G 83 -86.20 -12.30 -51.55
CA ARG G 83 -86.98 -11.30 -52.26
C ARG G 83 -86.30 -9.93 -52.14
N ASP G 84 -85.81 -9.62 -50.92
CA ASP G 84 -85.13 -8.36 -50.71
C ASP G 84 -83.89 -8.27 -51.60
N LEU G 85 -83.14 -9.36 -51.69
CA LEU G 85 -81.94 -9.37 -52.51
C LEU G 85 -82.33 -9.13 -53.97
N ASP G 86 -83.42 -9.75 -54.41
CA ASP G 86 -83.91 -9.55 -55.76
C ASP G 86 -84.24 -8.09 -56.01
N TYR G 87 -84.93 -7.45 -55.04
CA TYR G 87 -85.29 -6.05 -55.14
C TYR G 87 -84.05 -5.19 -55.38
N TYR G 88 -83.02 -5.44 -54.58
CA TYR G 88 -81.82 -4.62 -54.68
C TYR G 88 -81.16 -4.84 -56.03
N LEU G 89 -81.20 -6.06 -56.57
CA LEU G 89 -80.60 -6.31 -57.87
C LEU G 89 -81.33 -5.52 -58.94
N ARG G 90 -82.66 -5.52 -58.87
CA ARG G 90 -83.46 -4.78 -59.85
C ARG G 90 -83.08 -3.31 -59.79
N LEU G 91 -82.92 -2.78 -58.58
CA LEU G 91 -82.55 -1.39 -58.42
C LEU G 91 -81.18 -1.13 -59.06
N VAL G 92 -80.23 -2.04 -58.87
CA VAL G 92 -78.90 -1.84 -59.44
C VAL G 92 -78.99 -1.77 -60.96
N THR G 93 -79.79 -2.64 -61.58
CA THR G 93 -79.91 -2.60 -63.03
C THR G 93 -80.44 -1.24 -63.47
N TYR G 94 -81.46 -0.74 -62.77
CA TYR G 94 -82.03 0.56 -63.08
C TYR G 94 -80.94 1.62 -63.02
N GLY G 95 -80.08 1.55 -62.00
CA GLY G 95 -79.00 2.49 -61.81
C GLY G 95 -78.04 2.51 -63.00
N ILE G 96 -77.67 1.33 -63.50
CA ILE G 96 -76.68 1.24 -64.55
C ILE G 96 -77.22 1.95 -65.79
N VAL G 97 -78.49 1.71 -66.15
CA VAL G 97 -79.04 2.35 -67.33
C VAL G 97 -79.14 3.86 -67.11
N ALA G 98 -79.50 4.28 -65.90
CA ALA G 98 -79.64 5.70 -65.57
C ALA G 98 -78.29 6.39 -65.56
N GLY G 99 -77.23 5.68 -65.17
CA GLY G 99 -75.91 6.28 -65.08
C GLY G 99 -75.73 7.05 -63.77
N ASP G 100 -76.71 6.92 -62.86
CA ASP G 100 -76.65 7.62 -61.60
C ASP G 100 -77.35 6.79 -60.55
N VAL G 101 -77.07 7.04 -59.27
CA VAL G 101 -77.61 6.25 -58.19
C VAL G 101 -78.98 6.78 -57.77
N THR G 102 -79.37 7.93 -58.28
CA THR G 102 -80.60 8.58 -57.86
C THR G 102 -81.78 7.62 -57.94
N PRO G 103 -82.04 6.91 -59.07
CA PRO G 103 -83.17 5.99 -59.13
C PRO G 103 -83.10 4.96 -58.02
N ILE G 104 -81.90 4.39 -57.81
CA ILE G 104 -81.66 3.42 -56.77
C ILE G 104 -81.99 4.06 -55.43
N GLU G 105 -81.51 5.29 -55.22
CA GLU G 105 -81.54 5.95 -53.93
C GLU G 105 -82.97 6.17 -53.46
N GLU G 106 -83.84 6.69 -54.34
CA GLU G 106 -85.20 7.00 -53.94
C GLU G 106 -85.95 5.73 -53.52
N ILE G 107 -85.79 4.64 -54.29
CA ILE G 107 -86.58 3.45 -54.04
C ILE G 107 -86.05 2.68 -52.83
N GLY G 108 -84.73 2.67 -52.62
CA GLY G 108 -84.14 1.69 -51.71
C GLY G 108 -83.34 2.27 -50.55
N ILE G 109 -82.72 3.46 -50.69
CA ILE G 109 -81.72 3.80 -49.68
C ILE G 109 -82.25 4.83 -48.69
N ILE G 110 -83.40 5.46 -48.93
CA ILE G 110 -83.86 6.48 -47.99
C ILE G 110 -84.93 5.87 -47.08
N GLY G 111 -84.65 5.92 -45.78
CA GLY G 111 -85.51 5.31 -44.78
C GLY G 111 -85.23 3.81 -44.62
N VAL G 112 -84.19 3.32 -45.29
CA VAL G 112 -83.89 1.89 -45.26
C VAL G 112 -83.57 1.47 -43.82
N LYS G 113 -82.76 2.29 -43.13
CA LYS G 113 -82.37 1.98 -41.76
C LYS G 113 -83.62 1.81 -40.90
N GLU G 114 -84.54 2.77 -41.02
CA GLU G 114 -85.74 2.80 -40.20
C GLU G 114 -86.60 1.57 -40.47
N MET G 115 -86.76 1.23 -41.75
CA MET G 115 -87.58 0.10 -42.14
C MET G 115 -87.01 -1.17 -41.53
N TYR G 116 -85.71 -1.39 -41.72
CA TYR G 116 -85.09 -2.61 -41.26
C TYR G 116 -85.08 -2.67 -39.73
N ASN G 117 -84.91 -1.52 -39.06
CA ASN G 117 -84.92 -1.51 -37.61
C ASN G 117 -86.28 -1.94 -37.09
N SER G 118 -87.38 -1.48 -37.71
CA SER G 118 -88.68 -1.96 -37.30
C SER G 118 -88.78 -3.46 -37.54
N LEU G 119 -88.30 -3.93 -38.69
CA LEU G 119 -88.35 -5.34 -39.00
C LEU G 119 -87.44 -6.12 -38.04
N GLN G 120 -86.36 -5.46 -37.60
CA GLN G 120 -85.36 -6.04 -36.71
C GLN G 120 -84.32 -6.83 -37.49
N THR G 121 -84.43 -6.79 -38.83
CA THR G 121 -83.41 -7.36 -39.70
C THR G 121 -82.08 -6.67 -39.42
N PRO G 122 -80.95 -7.41 -39.29
CA PRO G 122 -79.63 -6.76 -39.16
C PRO G 122 -79.15 -6.13 -40.46
N ILE G 123 -78.78 -4.86 -40.38
CA ILE G 123 -78.42 -4.08 -41.55
C ILE G 123 -77.11 -4.63 -42.13
N PRO G 124 -76.08 -4.95 -41.31
CA PRO G 124 -74.81 -5.45 -41.83
C PRO G 124 -74.93 -6.71 -42.67
N ALA G 125 -75.82 -7.63 -42.25
CA ALA G 125 -76.07 -8.85 -42.98
C ALA G 125 -76.64 -8.53 -44.37
N VAL G 126 -77.54 -7.55 -44.43
CA VAL G 126 -78.13 -7.14 -45.71
C VAL G 126 -77.00 -6.66 -46.62
N ALA G 127 -76.09 -5.87 -46.04
CA ALA G 127 -74.95 -5.34 -46.80
C ALA G 127 -74.10 -6.49 -47.36
N GLU G 128 -73.88 -7.52 -46.54
CA GLU G 128 -73.11 -8.68 -46.95
C GLU G 128 -73.76 -9.36 -48.13
N GLY G 129 -75.07 -9.49 -48.09
CA GLY G 129 -75.85 -10.08 -49.18
C GLY G 129 -75.61 -9.32 -50.49
N VAL G 130 -75.59 -7.99 -50.40
CA VAL G 130 -75.38 -7.16 -51.56
C VAL G 130 -73.95 -7.36 -52.07
N ARG G 131 -72.99 -7.45 -51.14
CA ARG G 131 -71.60 -7.71 -51.48
C ARG G 131 -71.51 -9.05 -52.23
N ALA G 132 -72.20 -10.06 -51.70
CA ALA G 132 -72.23 -11.38 -52.30
C ALA G 132 -72.77 -11.29 -53.72
N MET G 133 -73.87 -10.56 -53.91
CA MET G 133 -74.47 -10.42 -55.22
C MET G 133 -73.47 -9.78 -56.18
N LYS G 134 -72.70 -8.81 -55.68
CA LYS G 134 -71.73 -8.13 -56.50
C LYS G 134 -70.72 -9.14 -57.06
N ASN G 135 -70.23 -10.03 -56.20
CA ASN G 135 -69.20 -10.98 -56.59
C ASN G 135 -69.72 -11.91 -57.70
N VAL G 136 -70.95 -12.41 -57.53
CA VAL G 136 -71.57 -13.25 -58.52
C VAL G 136 -71.71 -12.47 -59.83
N ALA G 137 -72.22 -11.24 -59.74
CA ALA G 137 -72.46 -10.43 -60.92
C ALA G 137 -71.15 -10.14 -61.64
N THR G 138 -70.09 -9.86 -60.87
CA THR G 138 -68.79 -9.54 -61.42
C THR G 138 -68.28 -10.68 -62.30
N SER G 139 -68.44 -11.92 -61.82
CA SER G 139 -67.94 -13.09 -62.53
C SER G 139 -68.57 -13.19 -63.91
N LEU G 140 -69.87 -12.95 -64.02
CA LEU G 140 -70.59 -13.07 -65.28
C LEU G 140 -70.20 -11.91 -66.21
N LEU G 141 -69.94 -10.74 -65.63
CA LEU G 141 -69.63 -9.56 -66.43
C LEU G 141 -68.17 -9.62 -66.87
N SER G 142 -67.87 -9.01 -68.00
CA SER G 142 -66.51 -8.72 -68.42
C SER G 142 -65.89 -7.69 -67.47
N GLY G 143 -64.57 -7.64 -67.39
CA GLY G 143 -63.83 -6.86 -66.39
C GLY G 143 -64.24 -5.37 -66.35
N ASP G 144 -64.23 -4.73 -67.51
CA ASP G 144 -64.61 -3.33 -67.62
C ASP G 144 -66.08 -3.15 -67.25
N ASP G 145 -66.92 -4.06 -67.74
CA ASP G 145 -68.34 -4.06 -67.43
C ASP G 145 -68.51 -4.23 -65.91
N ALA G 146 -67.72 -5.14 -65.33
CA ALA G 146 -67.80 -5.44 -63.91
C ALA G 146 -67.49 -4.19 -63.08
N ALA G 147 -66.47 -3.43 -63.51
CA ALA G 147 -66.08 -2.23 -62.78
C ALA G 147 -67.25 -1.24 -62.70
N GLU G 148 -67.92 -1.03 -63.85
CA GLU G 148 -69.08 -0.16 -63.91
C GLU G 148 -70.14 -0.66 -62.93
N ALA G 149 -70.46 -1.95 -63.02
CA ALA G 149 -71.47 -2.55 -62.16
C ALA G 149 -71.05 -2.44 -60.69
N GLY G 150 -69.75 -2.62 -60.43
CA GLY G 150 -69.23 -2.59 -59.08
C GLY G 150 -69.55 -1.28 -58.36
N PHE G 151 -69.43 -0.16 -59.09
CA PHE G 151 -69.66 1.15 -58.49
C PHE G 151 -71.05 1.20 -57.89
N TYR G 152 -72.06 0.75 -58.65
CA TYR G 152 -73.43 0.79 -58.17
C TYR G 152 -73.60 -0.14 -56.99
N PHE G 153 -72.99 -1.33 -57.07
CA PHE G 153 -73.06 -2.28 -55.98
C PHE G 153 -72.41 -1.70 -54.72
N ASP G 154 -71.27 -1.04 -54.89
CA ASP G 154 -70.55 -0.46 -53.76
C ASP G 154 -71.41 0.62 -53.09
N TYR G 155 -72.09 1.44 -53.91
CA TYR G 155 -72.93 2.51 -53.38
C TYR G 155 -73.97 1.90 -52.44
N LEU G 156 -74.62 0.81 -52.87
CA LEU G 156 -75.65 0.17 -52.09
C LEU G 156 -75.06 -0.26 -50.76
N VAL G 157 -73.89 -0.89 -50.81
CA VAL G 157 -73.24 -1.39 -49.61
C VAL G 157 -72.94 -0.21 -48.68
N GLY G 158 -72.45 0.89 -49.26
CA GLY G 158 -72.17 2.09 -48.48
C GLY G 158 -73.43 2.66 -47.84
N ALA G 159 -74.53 2.69 -48.59
CA ALA G 159 -75.78 3.26 -48.14
C ALA G 159 -76.31 2.51 -46.93
N MET G 160 -76.26 1.17 -47.00
CA MET G 160 -76.73 0.29 -45.93
C MET G 160 -75.55 -0.04 -45.03
N GLN G 161 -75.20 0.93 -44.21
CA GLN G 161 -74.06 0.80 -43.32
C GLN G 161 -74.27 1.67 -42.06
N MET H 1 -88.76 15.95 -60.70
CA MET H 1 -89.15 15.86 -62.13
C MET H 1 -88.78 14.42 -62.62
N GLN H 2 -89.02 14.17 -63.90
CA GLN H 2 -88.54 12.96 -64.48
C GLN H 2 -87.92 13.23 -65.84
N ASP H 3 -87.02 12.32 -66.26
CA ASP H 3 -86.47 12.25 -67.57
C ASP H 3 -86.88 10.95 -68.24
N ALA H 4 -86.58 10.78 -69.53
CA ALA H 4 -87.06 9.63 -70.28
C ALA H 4 -86.55 8.34 -69.63
N ILE H 5 -85.26 8.30 -69.31
CA ILE H 5 -84.67 7.11 -68.71
C ILE H 5 -85.39 6.78 -67.40
N THR H 6 -85.55 7.79 -66.54
CA THR H 6 -86.19 7.56 -65.25
C THR H 6 -87.66 7.20 -65.44
N ALA H 7 -88.32 7.77 -66.44
CA ALA H 7 -89.74 7.50 -66.67
C ALA H 7 -89.93 6.00 -66.94
N VAL H 8 -89.05 5.41 -67.77
CA VAL H 8 -89.13 4.00 -68.07
C VAL H 8 -88.91 3.22 -66.79
N ILE H 9 -87.86 3.58 -66.04
CA ILE H 9 -87.54 2.90 -64.80
C ILE H 9 -88.74 2.95 -63.86
N ASN H 10 -89.38 4.11 -63.73
CA ASN H 10 -90.44 4.27 -62.75
C ASN H 10 -91.61 3.38 -63.12
N ASN H 11 -91.92 3.31 -64.43
CA ASN H 11 -93.05 2.50 -64.87
C ASN H 11 -92.81 1.03 -64.51
N TYR H 12 -91.56 0.58 -64.70
CA TYR H 12 -91.19 -0.79 -64.40
C TYR H 12 -91.20 -1.02 -62.89
N ASP H 13 -90.75 -0.04 -62.12
CA ASP H 13 -90.67 -0.18 -60.68
C ASP H 13 -92.05 -0.38 -60.06
N VAL H 14 -93.07 0.36 -60.54
CA VAL H 14 -94.39 0.20 -59.97
C VAL H 14 -94.91 -1.20 -60.31
N GLN H 15 -94.58 -1.70 -61.50
CA GLN H 15 -94.93 -3.05 -61.88
C GLN H 15 -94.09 -4.05 -61.07
N GLY H 16 -92.87 -3.64 -60.69
CA GLY H 16 -91.96 -4.51 -59.98
C GLY H 16 -91.16 -5.37 -60.95
N LYS H 17 -91.38 -5.15 -62.24
CA LYS H 17 -90.76 -5.90 -63.30
C LYS H 17 -89.30 -5.49 -63.47
N TYR H 18 -88.43 -6.48 -63.74
CA TYR H 18 -87.08 -6.19 -64.21
C TYR H 18 -87.16 -5.59 -65.60
N LEU H 19 -86.12 -4.82 -65.97
CA LEU H 19 -86.10 -4.17 -67.27
C LEU H 19 -86.08 -5.24 -68.36
N ASP H 20 -86.87 -5.02 -69.41
CA ASP H 20 -87.03 -5.96 -70.50
C ASP H 20 -86.62 -5.29 -71.81
N GLY H 21 -86.49 -6.10 -72.87
CA GLY H 21 -85.99 -5.63 -74.15
C GLY H 21 -86.80 -4.47 -74.71
N ALA H 22 -88.13 -4.57 -74.63
CA ALA H 22 -89.02 -3.52 -75.10
C ALA H 22 -88.68 -2.20 -74.39
N ALA H 23 -88.53 -2.28 -73.06
CA ALA H 23 -88.10 -1.12 -72.28
C ALA H 23 -86.72 -0.66 -72.75
N LEU H 24 -85.82 -1.62 -72.98
CA LEU H 24 -84.47 -1.29 -73.38
C LEU H 24 -84.48 -0.52 -74.70
N ASP H 25 -85.37 -0.90 -75.62
CA ASP H 25 -85.46 -0.27 -76.92
C ASP H 25 -85.82 1.21 -76.79
N LYS H 26 -86.76 1.52 -75.89
CA LYS H 26 -87.13 2.91 -75.65
C LYS H 26 -85.92 3.68 -75.13
N LEU H 27 -85.16 3.05 -74.23
CA LEU H 27 -83.98 3.69 -73.67
C LEU H 27 -82.96 3.92 -74.77
N LYS H 28 -82.83 2.91 -75.67
CA LYS H 28 -81.85 2.97 -76.73
C LYS H 28 -82.20 4.12 -77.67
N ALA H 29 -83.51 4.27 -77.96
CA ALA H 29 -83.98 5.33 -78.82
C ALA H 29 -83.52 6.68 -78.26
N TYR H 30 -83.72 6.87 -76.95
CA TYR H 30 -83.35 8.11 -76.32
C TYR H 30 -81.86 8.38 -76.49
N PHE H 31 -81.04 7.33 -76.32
CA PHE H 31 -79.60 7.51 -76.29
C PHE H 31 -79.09 8.07 -77.63
N THR H 32 -79.65 7.60 -78.74
CA THR H 32 -79.29 8.10 -80.07
C THR H 32 -79.65 9.58 -80.21
N THR H 33 -80.85 9.95 -79.74
CA THR H 33 -81.35 11.32 -79.89
C THR H 33 -80.50 12.28 -79.04
N GLY H 34 -79.96 11.76 -77.92
CA GLY H 34 -79.25 12.55 -76.94
C GLY H 34 -78.24 13.55 -77.51
N ALA H 35 -77.35 13.06 -78.39
CA ALA H 35 -76.26 13.88 -78.88
C ALA H 35 -76.80 15.13 -79.59
N VAL H 36 -77.84 14.94 -80.43
CA VAL H 36 -78.47 16.03 -81.14
C VAL H 36 -78.99 17.07 -80.15
N ARG H 37 -79.66 16.57 -79.09
CA ARG H 37 -80.30 17.43 -78.12
C ARG H 37 -79.25 18.33 -77.45
N VAL H 38 -78.10 17.74 -77.08
CA VAL H 38 -77.09 18.50 -76.40
C VAL H 38 -76.63 19.67 -77.28
N ARG H 39 -76.44 19.40 -78.58
CA ARG H 39 -76.00 20.44 -79.49
C ARG H 39 -77.05 21.55 -79.55
N ALA H 40 -78.33 21.15 -79.65
CA ALA H 40 -79.41 22.11 -79.74
C ALA H 40 -79.46 23.01 -78.50
N ALA H 41 -79.29 22.41 -77.33
CA ALA H 41 -79.36 23.14 -76.08
C ALA H 41 -78.31 24.24 -76.04
N ALA H 42 -77.08 23.92 -76.48
CA ALA H 42 -76.00 24.90 -76.47
C ALA H 42 -76.32 26.07 -77.39
N VAL H 43 -76.90 25.77 -78.55
CA VAL H 43 -77.31 26.79 -79.51
C VAL H 43 -78.32 27.72 -78.84
N ILE H 44 -79.32 27.15 -78.18
CA ILE H 44 -80.38 27.95 -77.60
C ILE H 44 -79.81 28.86 -76.51
N SER H 45 -78.95 28.31 -75.65
CA SER H 45 -78.42 29.08 -74.54
C SER H 45 -77.67 30.32 -75.04
N SER H 46 -76.86 30.15 -76.09
CA SER H 46 -76.05 31.24 -76.62
C SER H 46 -76.94 32.32 -77.24
N ASN H 47 -78.04 31.92 -77.89
CA ASN H 47 -78.87 32.85 -78.66
C ASN H 47 -80.13 33.24 -77.88
N ALA H 48 -80.17 32.96 -76.57
CA ALA H 48 -81.40 33.10 -75.82
C ALA H 48 -81.93 34.53 -75.86
N THR H 49 -81.04 35.50 -75.59
CA THR H 49 -81.46 36.89 -75.54
C THR H 49 -82.08 37.29 -76.88
N THR H 50 -81.42 36.92 -77.99
CA THR H 50 -81.91 37.27 -79.32
C THR H 50 -83.23 36.57 -79.60
N ILE H 51 -83.35 35.30 -79.19
CA ILE H 51 -84.55 34.55 -79.47
C ILE H 51 -85.73 35.31 -78.87
N ILE H 52 -85.56 35.77 -77.64
CA ILE H 52 -86.63 36.46 -76.94
C ILE H 52 -86.95 37.77 -77.68
N LYS H 53 -85.89 38.50 -78.07
CA LYS H 53 -86.04 39.76 -78.77
C LYS H 53 -86.86 39.58 -80.04
N GLU H 54 -86.47 38.58 -80.85
CA GLU H 54 -87.11 38.34 -82.12
C GLU H 54 -88.58 37.98 -81.91
N ALA H 55 -88.85 37.10 -80.93
CA ALA H 55 -90.20 36.64 -80.69
C ALA H 55 -91.08 37.79 -80.25
N ALA H 56 -90.54 38.66 -79.37
CA ALA H 56 -91.30 39.80 -78.90
C ALA H 56 -91.66 40.71 -80.09
N ALA H 57 -90.65 40.94 -80.95
CA ALA H 57 -90.82 41.76 -82.13
C ALA H 57 -91.92 41.20 -83.02
N LYS H 58 -91.94 39.88 -83.18
CA LYS H 58 -92.94 39.22 -84.01
C LYS H 58 -94.35 39.39 -83.46
N ALA H 59 -94.54 39.29 -82.12
CA ALA H 59 -95.89 39.24 -81.57
C ALA H 59 -96.19 40.37 -80.56
N LEU H 60 -95.33 40.52 -79.56
CA LEU H 60 -95.69 41.33 -78.42
C LEU H 60 -95.62 42.84 -78.72
N ILE H 61 -94.52 43.31 -79.30
CA ILE H 61 -94.29 44.75 -79.34
C ILE H 61 -95.03 45.33 -80.55
N TYR H 62 -95.03 46.68 -80.64
CA TYR H 62 -95.70 47.42 -81.69
C TYR H 62 -97.18 47.04 -81.73
N SER H 63 -97.78 46.81 -80.56
CA SER H 63 -99.11 46.25 -80.46
C SER H 63 -99.90 47.05 -79.42
N ASP H 64 -101.17 46.72 -79.28
CA ASP H 64 -101.99 47.34 -78.24
C ASP H 64 -101.44 47.05 -76.84
N LEU H 65 -100.86 45.83 -76.67
CA LEU H 65 -100.33 45.44 -75.37
C LEU H 65 -99.32 46.48 -74.88
N THR H 66 -98.40 46.87 -75.76
CA THR H 66 -97.39 47.82 -75.37
C THR H 66 -97.99 49.22 -75.24
N ARG H 67 -99.08 49.51 -75.96
CA ARG H 67 -99.67 50.84 -75.91
C ARG H 67 -100.38 51.03 -74.58
N PRO H 68 -100.59 52.27 -74.09
CA PRO H 68 -101.20 52.51 -72.79
C PRO H 68 -102.57 51.85 -72.65
N GLY H 69 -102.79 51.22 -71.50
CA GLY H 69 -104.00 50.44 -71.28
C GLY H 69 -103.83 48.97 -71.68
N GLY H 70 -102.65 48.62 -72.22
CA GLY H 70 -102.35 47.25 -72.60
C GLY H 70 -101.62 46.54 -71.48
N MET H 72 -98.92 44.88 -71.29
CA MET H 72 -97.47 45.00 -71.21
C MET H 72 -97.03 46.47 -71.19
N TYR H 73 -97.99 47.37 -71.04
CA TYR H 73 -97.69 48.80 -70.86
C TYR H 73 -97.05 49.04 -69.49
N THR H 74 -96.17 50.05 -69.41
CA THR H 74 -95.33 50.41 -68.27
C THR H 74 -94.07 49.55 -68.30
N THR H 75 -92.95 50.10 -67.81
CA THR H 75 -91.69 49.38 -67.88
C THR H 75 -91.77 48.10 -67.04
N ARG H 76 -92.40 48.21 -65.86
CA ARG H 76 -92.45 47.10 -64.94
C ARG H 76 -93.13 45.90 -65.59
N ARG H 77 -94.30 46.12 -66.21
CA ARG H 77 -94.99 45.04 -66.87
C ARG H 77 -94.20 44.51 -68.06
N TYR H 78 -93.57 45.40 -68.84
CA TYR H 78 -92.81 44.95 -69.98
C TYR H 78 -91.71 44.00 -69.50
N ALA H 79 -91.01 44.41 -68.45
CA ALA H 79 -89.91 43.62 -67.93
C ALA H 79 -90.41 42.26 -67.44
N ALA H 80 -91.57 42.25 -66.78
CA ALA H 80 -92.16 41.01 -66.30
C ALA H 80 -92.42 40.04 -67.46
N CYS H 81 -93.00 40.57 -68.54
CA CYS H 81 -93.37 39.72 -69.66
C CYS H 81 -92.11 39.10 -70.28
N ILE H 82 -91.03 39.87 -70.43
CA ILE H 82 -89.85 39.29 -71.06
C ILE H 82 -89.20 38.30 -70.09
N ARG H 83 -89.33 38.52 -68.78
CA ARG H 83 -88.82 37.56 -67.81
C ARG H 83 -89.57 36.23 -67.96
N ASP H 84 -90.88 36.31 -68.12
CA ASP H 84 -91.66 35.10 -68.29
C ASP H 84 -91.24 34.37 -69.55
N MET H 85 -90.95 35.11 -70.61
CA MET H 85 -90.57 34.53 -71.88
C MET H 85 -89.29 33.73 -71.70
N ASP H 86 -88.33 34.33 -70.97
CA ASP H 86 -87.08 33.66 -70.68
C ASP H 86 -87.31 32.36 -69.93
N TYR H 87 -88.21 32.38 -68.95
CA TYR H 87 -88.52 31.16 -68.19
C TYR H 87 -88.96 30.08 -69.13
N PHE H 88 -89.92 30.39 -69.99
CA PHE H 88 -90.46 29.39 -70.89
C PHE H 88 -89.32 28.80 -71.71
N LEU H 89 -88.44 29.66 -72.22
CA LEU H 89 -87.36 29.18 -73.05
C LEU H 89 -86.44 28.25 -72.27
N ARG H 90 -86.03 28.65 -71.06
CA ARG H 90 -85.10 27.87 -70.27
C ARG H 90 -85.69 26.49 -69.96
N TYR H 91 -86.97 26.47 -69.58
CA TYR H 91 -87.59 25.22 -69.18
C TYR H 91 -87.77 24.32 -70.40
N ALA H 92 -88.13 24.89 -71.54
CA ALA H 92 -88.27 24.10 -72.75
C ALA H 92 -86.92 23.44 -73.09
N THR H 93 -85.83 24.20 -72.94
CA THR H 93 -84.51 23.65 -73.19
C THR H 93 -84.25 22.48 -72.23
N TYR H 94 -84.60 22.65 -70.96
CA TYR H 94 -84.43 21.58 -69.98
C TYR H 94 -85.21 20.36 -70.41
N ALA H 95 -86.46 20.58 -70.84
CA ALA H 95 -87.33 19.48 -71.23
C ALA H 95 -86.74 18.74 -72.43
N MET H 96 -86.18 19.49 -73.36
CA MET H 96 -85.63 18.89 -74.56
C MET H 96 -84.46 17.98 -74.21
N LEU H 97 -83.56 18.44 -73.34
CA LEU H 97 -82.48 17.58 -72.88
C LEU H 97 -83.05 16.36 -72.19
N ALA H 98 -84.02 16.56 -71.30
CA ALA H 98 -84.57 15.47 -70.51
C ALA H 98 -85.27 14.46 -71.40
N GLY H 99 -85.92 14.92 -72.46
CA GLY H 99 -86.73 14.06 -73.29
C GLY H 99 -88.09 13.76 -72.67
N ASP H 100 -88.47 14.54 -71.64
CA ASP H 100 -89.72 14.33 -70.96
C ASP H 100 -90.44 15.65 -70.75
N PRO H 101 -91.77 15.71 -70.94
CA PRO H 101 -92.55 16.92 -70.67
C PRO H 101 -92.87 17.20 -69.20
N SER H 102 -92.55 16.25 -68.30
CA SER H 102 -93.00 16.34 -66.92
C SER H 102 -92.47 17.58 -66.22
N ILE H 103 -91.21 17.94 -66.44
CA ILE H 103 -90.63 19.09 -65.76
C ILE H 103 -91.48 20.33 -66.04
N LEU H 104 -91.97 20.46 -67.27
CA LEU H 104 -92.80 21.61 -67.61
C LEU H 104 -94.05 21.63 -66.71
N ASP H 105 -94.67 20.46 -66.55
CA ASP H 105 -95.86 20.36 -65.71
C ASP H 105 -95.53 20.70 -64.25
N GLU H 106 -94.42 20.18 -63.73
CA GLU H 106 -94.07 20.31 -62.33
C GLU H 106 -93.70 21.75 -61.98
N ARG H 107 -92.95 22.43 -62.85
CA ARG H 107 -92.43 23.77 -62.51
C ARG H 107 -93.21 24.85 -63.23
N VAL H 108 -93.30 24.84 -64.54
CA VAL H 108 -93.88 25.97 -65.24
C VAL H 108 -95.40 25.91 -65.16
N LEU H 109 -95.99 24.77 -65.52
CA LEU H 109 -97.41 24.75 -65.84
C LEU H 109 -98.24 24.84 -64.54
N ASN H 110 -97.70 24.34 -63.42
CA ASN H 110 -98.48 24.21 -62.20
C ASN H 110 -98.62 25.55 -61.51
N GLY H 111 -99.84 26.04 -61.32
CA GLY H 111 -100.11 27.30 -60.64
C GLY H 111 -100.01 28.49 -61.59
N LEU H 112 -99.54 28.33 -62.84
CA LEU H 112 -99.37 29.46 -63.70
C LEU H 112 -100.74 29.98 -64.14
N LYS H 113 -101.67 29.08 -64.46
CA LYS H 113 -102.96 29.48 -64.95
C LYS H 113 -103.63 30.37 -63.92
N GLU H 114 -103.61 29.93 -62.65
CA GLU H 114 -104.26 30.65 -61.57
C GLU H 114 -103.60 32.02 -61.39
N THR H 115 -102.26 32.07 -61.40
CA THR H 115 -101.53 33.31 -61.28
C THR H 115 -101.97 34.28 -62.37
N TYR H 116 -101.98 33.78 -63.61
CA TYR H 116 -102.29 34.63 -64.74
C TYR H 116 -103.72 35.15 -64.64
N ASN H 117 -104.66 34.30 -64.20
CA ASN H 117 -106.05 34.72 -64.12
C ASN H 117 -106.20 35.82 -63.08
N SER H 118 -105.55 35.69 -61.93
CA SER H 118 -105.61 36.75 -60.93
C SER H 118 -104.99 38.03 -61.48
N LEU H 119 -103.85 37.90 -62.18
CA LEU H 119 -103.17 39.07 -62.69
C LEU H 119 -103.98 39.72 -63.80
N GLY H 120 -104.74 38.91 -64.56
CA GLY H 120 -105.43 39.40 -65.74
C GLY H 120 -104.51 39.41 -66.98
N VAL H 121 -103.36 38.73 -66.88
CA VAL H 121 -102.51 38.51 -68.03
C VAL H 121 -103.28 37.75 -69.11
N PRO H 122 -103.20 38.16 -70.40
CA PRO H 122 -103.91 37.45 -71.47
C PRO H 122 -103.20 36.19 -71.97
N ILE H 123 -103.89 35.06 -71.84
CA ILE H 123 -103.29 33.77 -72.10
C ILE H 123 -102.97 33.63 -73.59
N ALA H 124 -103.89 34.07 -74.47
CA ALA H 124 -103.71 33.88 -75.89
C ALA H 124 -102.46 34.60 -76.38
N ALA H 125 -102.23 35.83 -75.91
CA ALA H 125 -101.04 36.57 -76.26
C ALA H 125 -99.78 35.84 -75.81
N THR H 126 -99.82 35.26 -74.60
CA THR H 126 -98.68 34.55 -74.06
C THR H 126 -98.39 33.35 -74.96
N VAL H 127 -99.46 32.64 -75.34
CA VAL H 127 -99.32 31.47 -76.17
C VAL H 127 -98.69 31.89 -77.49
N GLY H 128 -99.17 32.99 -78.06
CA GLY H 128 -98.62 33.56 -79.28
C GLY H 128 -97.12 33.78 -79.19
N GLY H 129 -96.67 34.36 -78.08
CA GLY H 129 -95.26 34.57 -77.82
C GLY H 129 -94.46 33.27 -77.79
N ILE H 130 -95.04 32.23 -77.16
CA ILE H 130 -94.37 30.95 -77.06
C ILE H 130 -94.19 30.37 -78.46
N GLN H 131 -95.25 30.46 -79.27
CA GLN H 131 -95.23 29.94 -80.63
C GLN H 131 -94.18 30.68 -81.46
N ALA H 132 -94.11 32.00 -81.27
CA ALA H 132 -93.10 32.80 -81.96
C ALA H 132 -91.70 32.33 -81.56
N MET H 133 -91.47 32.10 -80.26
CA MET H 133 -90.15 31.65 -79.83
C MET H 133 -89.80 30.34 -80.52
N LYS H 134 -90.81 29.47 -80.63
CA LYS H 134 -90.61 28.16 -81.22
C LYS H 134 -90.06 28.30 -82.64
N GLU H 135 -90.70 29.18 -83.42
CA GLU H 135 -90.32 29.41 -84.81
C GLU H 135 -88.87 29.89 -84.89
N VAL H 136 -88.50 30.87 -84.07
CA VAL H 136 -87.14 31.39 -84.06
C VAL H 136 -86.17 30.26 -83.67
N VAL H 137 -86.54 29.49 -82.64
CA VAL H 137 -85.68 28.44 -82.12
C VAL H 137 -85.45 27.41 -83.23
N GLY H 138 -86.53 27.07 -83.94
CA GLY H 138 -86.49 26.05 -84.99
C GLY H 138 -85.38 26.35 -86.00
N GLY H 139 -85.32 27.61 -86.45
CA GLY H 139 -84.29 28.06 -87.37
C GLY H 139 -82.88 27.79 -86.84
N LEU H 140 -82.60 28.25 -85.62
CA LEU H 140 -81.26 28.21 -85.06
C LEU H 140 -80.81 26.76 -84.85
N VAL H 141 -81.71 25.92 -84.31
CA VAL H 141 -81.35 24.58 -83.89
C VAL H 141 -81.08 23.71 -85.15
N GLY H 142 -81.83 23.98 -86.21
CA GLY H 142 -81.73 23.21 -87.41
C GLY H 142 -82.75 22.05 -87.44
N PRO H 143 -82.66 21.26 -88.56
CA PRO H 143 -83.55 20.11 -88.76
C PRO H 143 -83.54 18.97 -87.76
N ASP H 144 -82.34 18.52 -87.33
CA ASP H 144 -82.22 17.42 -86.40
C ASP H 144 -82.98 17.76 -85.09
N ALA H 145 -82.84 19.00 -84.60
CA ALA H 145 -83.28 19.43 -83.35
C ALA H 145 -84.67 20.02 -83.37
N ALA H 146 -85.09 20.65 -84.47
CA ALA H 146 -86.30 21.47 -84.46
C ALA H 146 -87.53 20.67 -84.05
N LYS H 147 -87.65 19.46 -84.61
CA LYS H 147 -88.82 18.63 -84.36
C LYS H 147 -88.92 18.36 -82.86
N GLU H 148 -87.79 17.99 -82.25
CA GLU H 148 -87.72 17.69 -80.83
C GLU H 148 -88.07 18.94 -80.02
N ALA H 149 -87.46 20.08 -80.39
CA ALA H 149 -87.70 21.33 -79.69
C ALA H 149 -89.18 21.72 -79.77
N SER H 150 -89.80 21.52 -80.95
CA SER H 150 -91.15 21.99 -81.17
C SER H 150 -92.14 21.35 -80.19
N ILE H 151 -91.98 20.06 -79.91
CA ILE H 151 -92.98 19.36 -79.12
C ILE H 151 -93.11 19.99 -77.73
N TYR H 152 -91.98 20.39 -77.13
CA TYR H 152 -91.99 20.97 -75.78
C TYR H 152 -92.65 22.34 -75.80
N PHE H 153 -92.34 23.14 -76.83
CA PHE H 153 -92.96 24.44 -77.00
C PHE H 153 -94.48 24.27 -77.13
N ASP H 154 -94.90 23.28 -77.93
CA ASP H 154 -96.31 23.03 -78.14
C ASP H 154 -96.97 22.58 -76.85
N TYR H 155 -96.25 21.80 -76.05
CA TYR H 155 -96.75 21.29 -74.79
C TYR H 155 -97.06 22.47 -73.85
N LEU H 156 -96.13 23.44 -73.77
CA LEU H 156 -96.34 24.61 -72.96
C LEU H 156 -97.59 25.34 -73.44
N SER H 157 -97.70 25.51 -74.76
CA SER H 157 -98.79 26.27 -75.33
C SER H 157 -100.12 25.62 -75.01
N SER H 158 -100.19 24.29 -75.17
CA SER H 158 -101.43 23.54 -74.92
C SER H 158 -101.83 23.64 -73.47
N GLY H 159 -100.85 23.57 -72.55
CA GLY H 159 -101.12 23.67 -71.12
C GLY H 159 -101.77 25.00 -70.77
N LEU H 160 -101.23 26.09 -71.33
CA LEU H 160 -101.67 27.43 -70.97
C LEU H 160 -103.06 27.63 -71.52
N SER H 161 -103.30 27.12 -72.74
CA SER H 161 -104.59 27.24 -73.38
C SER H 161 -105.43 26.02 -73.00
N SER I 2 -62.80 23.63 -62.33
CA SER I 2 -62.53 22.34 -63.03
C SER I 2 -63.68 21.35 -62.74
N VAL I 3 -63.74 20.27 -63.53
CA VAL I 3 -64.74 19.24 -63.33
C VAL I 3 -64.65 18.70 -61.90
N LEU I 4 -63.43 18.44 -61.47
CA LEU I 4 -63.22 17.74 -60.21
C LEU I 4 -63.71 18.67 -59.08
N THR I 5 -63.35 19.96 -59.15
CA THR I 5 -63.73 20.89 -58.10
C THR I 5 -65.25 20.92 -58.00
N LYS I 6 -65.92 20.99 -59.15
CA LYS I 6 -67.37 21.08 -59.16
C LYS I 6 -67.97 19.85 -58.45
N ALA I 7 -67.47 18.66 -58.77
CA ALA I 7 -68.01 17.43 -58.20
C ALA I 7 -67.82 17.39 -56.69
N ILE I 8 -66.62 17.77 -56.23
CA ILE I 8 -66.32 17.77 -54.81
C ILE I 8 -67.25 18.72 -54.08
N VAL I 9 -67.45 19.90 -54.67
CA VAL I 9 -68.27 20.92 -54.03
C VAL I 9 -69.70 20.41 -53.85
N ASN I 10 -70.25 19.73 -54.86
CA ASN I 10 -71.62 19.23 -54.76
C ASN I 10 -71.69 18.19 -53.65
N ALA I 11 -70.68 17.32 -53.59
CA ALA I 11 -70.63 16.28 -52.57
C ALA I 11 -70.58 16.90 -51.18
N ASP I 12 -69.75 17.92 -50.99
CA ASP I 12 -69.57 18.53 -49.69
C ASP I 12 -70.88 19.15 -49.22
N ALA I 13 -71.61 19.80 -50.14
CA ALA I 13 -72.90 20.37 -49.81
C ALA I 13 -73.86 19.29 -49.30
N GLU I 14 -73.85 18.15 -49.99
CA GLU I 14 -74.68 17.04 -49.61
C GLU I 14 -74.10 16.31 -48.40
N ALA I 15 -72.84 16.58 -48.08
CA ALA I 15 -72.15 15.96 -46.96
C ALA I 15 -72.02 14.45 -47.17
N ARG I 16 -71.75 14.04 -48.42
CA ARG I 16 -71.65 12.65 -48.80
C ARG I 16 -70.36 12.42 -49.57
N TYR I 17 -69.91 11.15 -49.65
CA TYR I 17 -68.81 10.76 -50.53
C TYR I 17 -69.27 10.89 -51.98
N LEU I 18 -68.32 11.00 -52.91
CA LEU I 18 -68.65 11.16 -54.32
C LEU I 18 -69.48 9.98 -54.81
N SER I 19 -70.53 10.32 -55.55
CA SER I 19 -71.46 9.36 -56.13
C SER I 19 -70.74 8.62 -57.26
N PRO I 20 -71.17 7.38 -57.59
CA PRO I 20 -70.56 6.62 -58.68
C PRO I 20 -70.60 7.37 -60.00
N GLY I 21 -71.77 7.97 -60.30
CA GLY I 21 -71.95 8.77 -61.49
C GLY I 21 -70.95 9.92 -61.57
N GLU I 22 -70.78 10.62 -60.44
CA GLU I 22 -69.81 11.71 -60.35
C GLU I 22 -68.41 11.18 -60.59
N LEU I 23 -68.10 10.02 -60.00
CA LEU I 23 -66.80 9.39 -60.16
C LEU I 23 -66.56 9.05 -61.64
N ASP I 24 -67.61 8.58 -62.32
CA ASP I 24 -67.50 8.19 -63.72
C ASP I 24 -67.15 9.40 -64.57
N ARG I 25 -67.79 10.54 -64.28
CA ARG I 25 -67.51 11.75 -65.03
C ARG I 25 -66.07 12.16 -64.84
N ILE I 26 -65.52 11.97 -63.64
CA ILE I 26 -64.12 12.29 -63.38
C ILE I 26 -63.23 11.42 -64.26
N LYS I 27 -63.57 10.13 -64.34
CA LYS I 27 -62.79 9.19 -65.13
C LYS I 27 -62.79 9.64 -66.60
N SER I 28 -63.96 10.02 -67.10
CA SER I 28 -64.09 10.42 -68.49
C SER I 28 -63.20 11.65 -68.74
N PHE I 29 -63.23 12.59 -67.79
CA PHE I 29 -62.52 13.84 -67.91
C PHE I 29 -61.02 13.60 -68.00
N VAL I 30 -60.49 12.67 -67.18
CA VAL I 30 -59.04 12.47 -67.15
C VAL I 30 -58.59 11.89 -68.49
N ALA I 31 -59.42 11.01 -69.08
CA ALA I 31 -59.14 10.46 -70.40
C ALA I 31 -59.15 11.57 -71.46
N SER I 32 -60.13 12.47 -71.37
CA SER I 32 -60.30 13.53 -72.35
C SER I 32 -59.15 14.53 -72.28
N GLY I 33 -58.54 14.69 -71.09
CA GLY I 33 -57.63 15.79 -70.81
C GLY I 33 -56.51 15.97 -71.86
N GLU I 34 -55.87 14.86 -72.26
CA GLU I 34 -54.75 14.94 -73.19
C GLU I 34 -55.19 15.56 -74.52
N ARG I 35 -56.33 15.12 -75.04
CA ARG I 35 -56.93 15.74 -76.22
C ARG I 35 -57.17 17.23 -75.96
N ARG I 36 -57.74 17.54 -74.79
CA ARG I 36 -58.06 18.92 -74.45
C ARG I 36 -56.81 19.77 -74.47
N LEU I 37 -55.70 19.23 -73.95
CA LEU I 37 -54.47 20.00 -73.88
C LEU I 37 -54.03 20.43 -75.28
N ARG I 38 -54.12 19.50 -76.24
CA ARG I 38 -53.76 19.78 -77.61
C ARG I 38 -54.64 20.89 -78.19
N ILE I 39 -55.96 20.82 -77.95
CA ILE I 39 -56.88 21.83 -78.47
C ILE I 39 -56.46 23.20 -77.96
N ALA I 40 -56.14 23.28 -76.65
CA ALA I 40 -55.76 24.53 -76.04
C ALA I 40 -54.45 25.04 -76.67
N GLN I 41 -53.52 24.10 -76.90
CA GLN I 41 -52.23 24.47 -77.44
C GLN I 41 -52.41 25.09 -78.82
N THR I 42 -53.27 24.49 -79.64
CA THR I 42 -53.51 24.97 -80.99
C THR I 42 -53.96 26.43 -80.96
N LEU I 43 -54.95 26.74 -80.11
CA LEU I 43 -55.50 28.09 -80.03
C LEU I 43 -54.45 29.07 -79.55
N THR I 44 -53.60 28.65 -78.60
CA THR I 44 -52.58 29.53 -78.07
C THR I 44 -51.63 29.96 -79.19
N GLU I 45 -51.24 29.02 -80.05
CA GLU I 45 -50.30 29.31 -81.12
C GLU I 45 -50.92 30.27 -82.11
N ALA I 46 -52.21 30.08 -82.40
CA ALA I 46 -52.93 30.88 -83.38
C ALA I 46 -53.54 32.12 -82.74
N ARG I 47 -53.19 32.39 -81.48
CA ARG I 47 -53.90 33.40 -80.70
C ARG I 47 -53.85 34.75 -81.42
N GLU I 48 -52.64 35.20 -81.75
CA GLU I 48 -52.41 36.53 -82.33
C GLU I 48 -53.28 36.73 -83.58
N ARG I 49 -53.31 35.73 -84.47
CA ARG I 49 -54.08 35.85 -85.69
C ARG I 49 -55.59 35.80 -85.39
N ILE I 50 -56.01 34.96 -84.43
CA ILE I 50 -57.42 34.84 -84.14
C ILE I 50 -57.95 36.21 -83.71
N VAL I 51 -57.21 36.86 -82.81
CA VAL I 51 -57.65 38.13 -82.27
C VAL I 51 -57.74 39.14 -83.43
N LYS I 52 -56.70 39.20 -84.27
CA LYS I 52 -56.65 40.17 -85.33
C LYS I 52 -57.83 39.98 -86.29
N GLN I 53 -58.04 38.73 -86.74
CA GLN I 53 -59.10 38.44 -87.68
C GLN I 53 -60.46 38.79 -87.07
N ALA I 54 -60.67 38.41 -85.81
CA ALA I 54 -61.95 38.62 -85.15
C ALA I 54 -62.23 40.12 -85.02
N GLY I 55 -61.19 40.89 -84.67
CA GLY I 55 -61.32 42.32 -84.54
C GLY I 55 -61.86 42.96 -85.81
N ASP I 56 -61.24 42.60 -86.94
CA ASP I 56 -61.61 43.12 -88.24
C ASP I 56 -63.07 42.79 -88.54
N GLN I 57 -63.45 41.53 -88.30
CA GLN I 57 -64.82 41.09 -88.53
C GLN I 57 -65.77 41.91 -87.68
N LEU I 58 -65.43 42.11 -86.41
CA LEU I 58 -66.29 42.84 -85.49
C LEU I 58 -66.49 44.26 -86.00
N PHE I 59 -65.39 44.90 -86.43
CA PHE I 59 -65.47 46.29 -86.86
C PHE I 59 -66.30 46.39 -88.13
N GLN I 60 -66.21 45.38 -89.00
CA GLN I 60 -67.06 45.35 -90.19
C GLN I 60 -68.53 45.17 -89.78
N LYS I 61 -68.79 44.26 -88.85
CA LYS I 61 -70.16 43.99 -88.41
C LYS I 61 -70.75 45.22 -87.68
N ARG I 62 -69.90 45.92 -86.93
CA ARG I 62 -70.33 47.09 -86.16
C ARG I 62 -69.47 48.29 -86.54
N PRO I 63 -69.82 49.06 -87.59
CA PRO I 63 -69.05 50.26 -87.91
C PRO I 63 -69.07 51.25 -86.76
N ASP I 64 -70.19 51.31 -86.03
CA ASP I 64 -70.45 52.33 -85.03
C ASP I 64 -69.38 52.30 -83.93
N VAL I 65 -68.99 51.11 -83.48
CA VAL I 65 -68.11 51.02 -82.32
C VAL I 65 -66.80 51.78 -82.63
N VAL I 66 -66.26 51.60 -83.82
CA VAL I 66 -65.10 52.37 -84.27
C VAL I 66 -65.60 53.55 -85.10
N SER I 67 -66.29 54.48 -84.43
CA SER I 67 -66.74 55.72 -85.03
C SER I 67 -66.60 56.79 -83.95
N PRO I 68 -66.56 58.09 -84.30
CA PRO I 68 -66.22 59.12 -83.31
C PRO I 68 -67.08 59.04 -82.05
N GLY I 69 -68.37 58.78 -82.24
CA GLY I 69 -69.26 58.53 -81.12
C GLY I 69 -68.87 57.28 -80.32
N GLY I 70 -68.50 56.20 -81.04
CA GLY I 70 -68.32 54.88 -80.48
C GLY I 70 -67.14 54.79 -79.50
N ASN I 71 -67.23 53.81 -78.61
CA ASN I 71 -66.27 53.64 -77.52
C ASN I 71 -64.92 53.20 -78.08
N ALA I 72 -64.97 52.34 -79.09
CA ALA I 72 -63.77 51.71 -79.62
C ALA I 72 -62.92 52.70 -80.42
N TYR I 73 -63.51 53.83 -80.84
CA TYR I 73 -62.87 54.74 -81.77
C TYR I 73 -61.59 55.35 -81.19
N GLY I 74 -60.59 55.49 -82.08
CA GLY I 74 -59.26 55.96 -81.71
C GLY I 74 -58.31 54.79 -81.48
N GLU I 75 -57.01 55.03 -81.64
CA GLU I 75 -55.99 53.99 -81.57
C GLU I 75 -55.96 53.40 -80.16
N LYS I 76 -55.92 54.27 -79.13
CA LYS I 76 -55.83 53.80 -77.77
C LYS I 76 -57.01 52.86 -77.50
N MET I 77 -58.21 53.34 -77.83
CA MET I 77 -59.43 52.61 -77.56
C MET I 77 -59.47 51.31 -78.35
N THR I 78 -59.04 51.36 -79.62
CA THR I 78 -59.08 50.16 -80.44
C THR I 78 -58.15 49.10 -79.86
N ALA I 79 -56.97 49.52 -79.39
CA ALA I 79 -56.04 48.60 -78.76
C ALA I 79 -56.68 47.93 -77.55
N LEU I 80 -57.36 48.73 -76.71
CA LEU I 80 -58.00 48.20 -75.52
C LEU I 80 -59.07 47.17 -75.91
N CYS I 81 -59.83 47.44 -76.96
CA CYS I 81 -60.85 46.51 -77.42
C CYS I 81 -60.20 45.20 -77.84
N LEU I 82 -59.06 45.27 -78.52
CA LEU I 82 -58.36 44.07 -78.94
C LEU I 82 -57.77 43.35 -77.73
N ARG I 83 -57.25 44.11 -76.76
CA ARG I 83 -56.73 43.53 -75.55
C ARG I 83 -57.82 42.71 -74.85
N ASP I 84 -59.04 43.26 -74.82
CA ASP I 84 -60.16 42.58 -74.19
C ASP I 84 -60.41 41.25 -74.91
N LEU I 85 -60.37 41.27 -76.25
CA LEU I 85 -60.61 40.05 -77.01
C LEU I 85 -59.53 39.04 -76.67
N ASP I 86 -58.28 39.49 -76.54
CA ASP I 86 -57.19 38.61 -76.19
C ASP I 86 -57.45 37.97 -74.82
N TYR I 87 -57.89 38.78 -73.84
CA TYR I 87 -58.18 38.30 -72.51
C TYR I 87 -59.20 37.17 -72.56
N TYR I 88 -60.27 37.37 -73.33
CA TYR I 88 -61.31 36.37 -73.38
C TYR I 88 -60.78 35.09 -74.01
N LEU I 89 -59.89 35.22 -75.00
CA LEU I 89 -59.35 34.02 -75.63
C LEU I 89 -58.52 33.23 -74.62
N ARG I 90 -57.71 33.94 -73.83
CA ARG I 90 -56.90 33.27 -72.82
C ARG I 90 -57.80 32.52 -71.85
N LEU I 91 -58.91 33.16 -71.45
CA LEU I 91 -59.84 32.54 -70.54
C LEU I 91 -60.42 31.27 -71.17
N VAL I 92 -60.76 31.32 -72.45
CA VAL I 92 -61.35 30.15 -73.10
C VAL I 92 -60.35 28.99 -73.07
N THR I 93 -59.06 29.25 -73.32
CA THR I 93 -58.09 28.18 -73.30
C THR I 93 -58.05 27.55 -71.92
N TYR I 94 -58.05 28.39 -70.88
CA TYR I 94 -58.05 27.90 -69.50
C TYR I 94 -59.24 26.98 -69.28
N GLY I 95 -60.40 27.38 -69.79
CA GLY I 95 -61.63 26.62 -69.66
C GLY I 95 -61.50 25.23 -70.27
N ILE I 96 -60.92 25.15 -71.47
CA ILE I 96 -60.85 23.88 -72.18
C ILE I 96 -60.03 22.89 -71.34
N VAL I 97 -58.89 23.33 -70.81
CA VAL I 97 -58.05 22.43 -70.03
C VAL I 97 -58.79 22.04 -68.74
N ALA I 98 -59.50 22.99 -68.12
CA ALA I 98 -60.23 22.72 -66.89
C ALA I 98 -61.40 21.79 -67.13
N GLY I 99 -62.02 21.87 -68.30
CA GLY I 99 -63.19 21.06 -68.60
C GLY I 99 -64.47 21.68 -68.01
N ASP I 100 -64.35 22.90 -67.50
CA ASP I 100 -65.46 23.57 -66.88
C ASP I 100 -65.31 25.06 -67.04
N VAL I 101 -66.42 25.80 -66.94
CA VAL I 101 -66.41 27.23 -67.19
C VAL I 101 -66.04 27.99 -65.93
N THR I 102 -65.98 27.31 -64.79
CA THR I 102 -65.75 27.96 -63.52
C THR I 102 -64.51 28.87 -63.59
N PRO I 103 -63.34 28.40 -64.04
CA PRO I 103 -62.15 29.27 -64.12
C PRO I 103 -62.44 30.52 -64.94
N ILE I 104 -63.10 30.32 -66.09
CA ILE I 104 -63.49 31.42 -66.97
C ILE I 104 -64.39 32.36 -66.19
N GLU I 105 -65.37 31.78 -65.48
CA GLU I 105 -66.45 32.53 -64.88
C GLU I 105 -65.92 33.51 -63.82
N GLU I 106 -65.03 33.05 -62.93
CA GLU I 106 -64.57 33.92 -61.88
C GLU I 106 -63.80 35.14 -62.46
N ILE I 107 -62.93 34.89 -63.45
CA ILE I 107 -62.08 35.94 -63.95
C ILE I 107 -62.85 36.93 -64.85
N GLY I 108 -63.83 36.44 -65.62
CA GLY I 108 -64.38 37.22 -66.71
C GLY I 108 -65.87 37.49 -66.65
N ILE I 109 -66.70 36.60 -66.05
CA ILE I 109 -68.12 36.74 -66.32
C ILE I 109 -68.86 37.36 -65.14
N ILE I 110 -68.24 37.49 -63.95
CA ILE I 110 -68.98 38.02 -62.82
C ILE I 110 -68.63 39.49 -62.64
N GLY I 111 -69.65 40.34 -62.70
CA GLY I 111 -69.46 41.77 -62.64
C GLY I 111 -69.12 42.36 -64.00
N VAL I 112 -69.14 41.54 -65.06
CA VAL I 112 -68.75 42.00 -66.38
C VAL I 112 -69.71 43.10 -66.84
N LYS I 113 -71.00 42.90 -66.62
CA LYS I 113 -72.01 43.87 -67.02
C LYS I 113 -71.70 45.21 -66.38
N GLU I 114 -71.45 45.19 -65.07
CA GLU I 114 -71.22 46.41 -64.31
C GLU I 114 -69.98 47.13 -64.80
N MET I 115 -68.91 46.37 -65.05
CA MET I 115 -67.66 46.95 -65.49
C MET I 115 -67.87 47.65 -66.84
N TYR I 116 -68.50 46.95 -67.78
CA TYR I 116 -68.67 47.50 -69.11
C TYR I 116 -69.63 48.68 -69.08
N ASN I 117 -70.66 48.64 -68.22
CA ASN I 117 -71.59 49.74 -68.13
C ASN I 117 -70.88 51.00 -67.64
N SER I 118 -69.97 50.88 -66.66
CA SER I 118 -69.20 52.04 -66.26
C SER I 118 -68.35 52.53 -67.43
N LEU I 119 -67.72 51.60 -68.15
CA LEU I 119 -66.89 51.98 -69.29
C LEU I 119 -67.76 52.57 -70.39
N GLN I 120 -69.02 52.10 -70.48
CA GLN I 120 -69.99 52.52 -71.48
C GLN I 120 -69.80 51.73 -72.77
N THR I 121 -68.89 50.74 -72.75
CA THR I 121 -68.75 49.81 -73.85
C THR I 121 -70.07 49.08 -74.05
N PRO I 122 -70.57 48.91 -75.31
CA PRO I 122 -71.77 48.10 -75.55
C PRO I 122 -71.51 46.60 -75.38
N ILE I 123 -72.34 45.97 -74.58
CA ILE I 123 -72.16 44.56 -74.23
C ILE I 123 -72.39 43.70 -75.47
N PRO I 124 -73.43 43.96 -76.28
CA PRO I 124 -73.69 43.13 -77.47
C PRO I 124 -72.54 43.08 -78.47
N ALA I 125 -71.86 44.22 -78.64
CA ALA I 125 -70.72 44.30 -79.54
C ALA I 125 -69.60 43.39 -79.02
N VAL I 126 -69.39 43.36 -77.70
CA VAL I 126 -68.38 42.52 -77.10
C VAL I 126 -68.72 41.06 -77.43
N ALA I 127 -70.00 40.72 -77.30
CA ALA I 127 -70.47 39.37 -77.59
C ALA I 127 -70.18 39.00 -79.05
N GLU I 128 -70.40 39.95 -79.96
CA GLU I 128 -70.17 39.73 -81.39
C GLU I 128 -68.68 39.42 -81.61
N GLY I 129 -67.79 40.17 -80.94
CA GLY I 129 -66.36 39.94 -81.01
C GLY I 129 -65.99 38.52 -80.62
N VAL I 130 -66.63 38.04 -79.54
CA VAL I 130 -66.36 36.69 -79.07
C VAL I 130 -66.88 35.69 -80.11
N ARG I 131 -68.04 35.96 -80.68
CA ARG I 131 -68.59 35.10 -81.73
C ARG I 131 -67.62 35.04 -82.90
N ALA I 132 -67.10 36.21 -83.29
CA ALA I 132 -66.14 36.31 -84.38
C ALA I 132 -64.91 35.46 -84.07
N MET I 133 -64.40 35.56 -82.84
CA MET I 133 -63.22 34.78 -82.45
C MET I 133 -63.53 33.29 -82.57
N LYS I 134 -64.75 32.90 -82.21
CA LYS I 134 -65.15 31.51 -82.26
C LYS I 134 -65.01 30.99 -83.69
N ASN I 135 -65.50 31.77 -84.66
CA ASN I 135 -65.51 31.35 -86.06
C ASN I 135 -64.08 31.14 -86.56
N VAL I 136 -63.20 32.08 -86.24
CA VAL I 136 -61.80 31.97 -86.61
C VAL I 136 -61.20 30.72 -85.97
N ALA I 137 -61.44 30.55 -84.67
CA ALA I 137 -60.88 29.43 -83.93
C ALA I 137 -61.39 28.10 -84.50
N THR I 138 -62.67 28.06 -84.85
CA THR I 138 -63.30 26.84 -85.37
C THR I 138 -62.57 26.39 -86.64
N SER I 139 -62.25 27.34 -87.52
CA SER I 139 -61.62 27.02 -88.80
C SER I 139 -60.29 26.32 -88.59
N LEU I 140 -59.48 26.79 -87.63
CA LEU I 140 -58.18 26.21 -87.38
C LEU I 140 -58.32 24.84 -86.72
N LEU I 141 -59.35 24.68 -85.88
CA LEU I 141 -59.53 23.44 -85.16
C LEU I 141 -60.15 22.40 -86.08
N SER I 142 -59.87 21.12 -85.81
CA SER I 142 -60.59 20.02 -86.41
C SER I 142 -62.02 20.00 -85.88
N GLY I 143 -62.95 19.39 -86.62
CA GLY I 143 -64.39 19.47 -86.36
C GLY I 143 -64.79 19.11 -84.94
N ASP I 144 -64.33 17.93 -84.48
CA ASP I 144 -64.62 17.47 -83.11
C ASP I 144 -63.99 18.43 -82.10
N ASP I 145 -62.75 18.84 -82.36
CA ASP I 145 -62.04 19.77 -81.51
C ASP I 145 -62.83 21.08 -81.46
N ALA I 146 -63.32 21.51 -82.64
CA ALA I 146 -64.05 22.77 -82.77
C ALA I 146 -65.32 22.73 -81.92
N ALA I 147 -66.02 21.60 -81.90
CA ALA I 147 -67.25 21.48 -81.14
C ALA I 147 -66.96 21.70 -79.66
N GLU I 148 -65.90 21.07 -79.15
CA GLU I 148 -65.50 21.24 -77.76
C GLU I 148 -65.22 22.71 -77.49
N ALA I 149 -64.41 23.33 -78.35
CA ALA I 149 -64.06 24.74 -78.18
C ALA I 149 -65.30 25.62 -78.28
N GLY I 150 -66.23 25.26 -79.17
CA GLY I 150 -67.44 26.03 -79.39
C GLY I 150 -68.24 26.21 -78.10
N PHE I 151 -68.34 25.14 -77.31
CA PHE I 151 -69.14 25.17 -76.10
C PHE I 151 -68.64 26.29 -75.20
N TYR I 152 -67.32 26.39 -75.01
CA TYR I 152 -66.76 27.40 -74.15
C TYR I 152 -67.00 28.78 -74.73
N PHE I 153 -66.84 28.91 -76.05
CA PHE I 153 -67.08 30.17 -76.72
C PHE I 153 -68.54 30.59 -76.56
N ASP I 154 -69.45 29.62 -76.70
CA ASP I 154 -70.89 29.89 -76.58
C ASP I 154 -71.22 30.38 -75.17
N TYR I 155 -70.61 29.76 -74.16
CA TYR I 155 -70.85 30.13 -72.77
C TYR I 155 -70.52 31.61 -72.61
N LEU I 156 -69.37 32.05 -73.13
CA LEU I 156 -68.95 33.42 -73.00
C LEU I 156 -69.99 34.33 -73.61
N VAL I 157 -70.44 33.97 -74.82
CA VAL I 157 -71.41 34.77 -75.52
C VAL I 157 -72.69 34.85 -74.71
N GLY I 158 -73.10 33.72 -74.13
CA GLY I 158 -74.28 33.68 -73.28
C GLY I 158 -74.13 34.55 -72.05
N ALA I 159 -72.95 34.50 -71.42
CA ALA I 159 -72.68 35.24 -70.20
C ALA I 159 -72.81 36.74 -70.43
N MET I 160 -72.23 37.22 -71.54
CA MET I 160 -72.26 38.62 -71.92
C MET I 160 -73.46 38.86 -72.84
N GLN I 161 -74.61 38.90 -72.21
CA GLN I 161 -75.87 39.05 -72.92
C GLN I 161 -76.93 39.61 -71.95
N MET J 1 -62.51 25.97 -52.85
CA MET J 1 -61.30 25.11 -52.74
C MET J 1 -60.46 25.28 -54.00
N GLN J 2 -59.35 24.54 -54.01
CA GLN J 2 -58.55 24.51 -55.26
C GLN J 2 -58.20 23.03 -55.53
N ASP J 3 -58.01 22.73 -56.82
CA ASP J 3 -57.52 21.44 -57.23
C ASP J 3 -56.24 21.66 -58.02
N ALA J 4 -55.56 20.58 -58.43
CA ALA J 4 -54.28 20.72 -59.10
C ALA J 4 -54.45 21.48 -60.43
N ILE J 5 -55.45 21.11 -61.20
CA ILE J 5 -55.68 21.75 -62.48
C ILE J 5 -55.89 23.25 -62.27
N THR J 6 -56.77 23.61 -61.33
CA THR J 6 -57.07 25.01 -61.09
C THR J 6 -55.85 25.72 -60.52
N ALA J 7 -55.05 25.05 -59.71
CA ALA J 7 -53.88 25.67 -59.11
C ALA J 7 -52.92 26.15 -60.23
N VAL J 8 -52.71 25.30 -61.25
CA VAL J 8 -51.86 25.66 -62.35
C VAL J 8 -52.47 26.87 -63.07
N ILE J 9 -53.77 26.80 -63.35
CA ILE J 9 -54.45 27.87 -64.04
C ILE J 9 -54.29 29.17 -63.27
N ASN J 10 -54.46 29.12 -61.94
CA ASN J 10 -54.46 30.34 -61.16
C ASN J 10 -53.08 30.97 -61.20
N ASN J 11 -52.03 30.14 -61.14
CA ASN J 11 -50.67 30.66 -61.14
C ASN J 11 -50.42 31.39 -62.46
N TYR J 12 -50.91 30.83 -63.57
CA TYR J 12 -50.74 31.43 -64.88
C TYR J 12 -51.57 32.71 -64.99
N ASP J 13 -52.78 32.69 -64.42
CA ASP J 13 -53.65 33.84 -64.52
C ASP J 13 -53.06 35.06 -63.83
N VAL J 14 -52.41 34.88 -62.66
CA VAL J 14 -51.84 36.02 -61.97
C VAL J 14 -50.69 36.57 -62.81
N GLN J 15 -49.94 35.68 -63.48
CA GLN J 15 -48.89 36.12 -64.37
C GLN J 15 -49.51 36.74 -65.62
N GLY J 16 -50.71 36.29 -65.98
CA GLY J 16 -51.37 36.76 -67.19
C GLY J 16 -50.90 35.96 -68.42
N LYS J 17 -50.05 34.96 -68.16
CA LYS J 17 -49.46 34.15 -69.21
C LYS J 17 -50.49 33.15 -69.74
N TYR J 18 -50.44 32.93 -71.06
CA TYR J 18 -51.16 31.82 -71.67
C TYR J 18 -50.51 30.52 -71.21
N LEU J 19 -51.29 29.43 -71.24
CA LEU J 19 -50.78 28.14 -70.79
C LEU J 19 -49.63 27.70 -71.70
N ASP J 20 -48.58 27.18 -71.10
CA ASP J 20 -47.38 26.79 -71.82
C ASP J 20 -47.11 25.30 -71.57
N GLY J 21 -46.17 24.74 -72.35
CA GLY J 21 -45.88 23.32 -72.33
C GLY J 21 -45.50 22.83 -70.93
N ALA J 22 -44.64 23.59 -70.23
CA ALA J 22 -44.24 23.24 -68.87
C ALA J 22 -45.47 23.10 -67.97
N ALA J 23 -46.38 24.08 -68.06
CA ALA J 23 -47.65 24.02 -67.36
C ALA J 23 -48.43 22.79 -67.80
N LEU J 24 -48.46 22.54 -69.12
CA LEU J 24 -49.21 21.42 -69.67
C LEU J 24 -48.70 20.10 -69.07
N ASP J 25 -47.38 19.99 -68.91
CA ASP J 25 -46.75 18.80 -68.38
C ASP J 25 -47.25 18.49 -66.97
N LYS J 26 -47.36 19.53 -66.13
CA LYS J 26 -47.87 19.36 -64.78
C LYS J 26 -49.30 18.83 -64.85
N LEU J 27 -50.10 19.41 -65.76
CA LEU J 27 -51.48 18.99 -65.91
C LEU J 27 -51.52 17.54 -66.37
N LYS J 28 -50.62 17.19 -67.27
CA LYS J 28 -50.58 15.85 -67.85
C LYS J 28 -50.25 14.85 -66.75
N ALA J 29 -49.29 15.22 -65.88
CA ALA J 29 -48.90 14.39 -64.76
C ALA J 29 -50.13 14.04 -63.92
N TYR J 30 -50.94 15.07 -63.61
CA TYR J 30 -52.12 14.86 -62.80
C TYR J 30 -53.07 13.89 -63.49
N PHE J 31 -53.23 14.02 -64.81
CA PHE J 31 -54.23 13.26 -65.53
C PHE J 31 -53.93 11.75 -65.45
N THR J 32 -52.67 11.39 -65.52
CA THR J 32 -52.25 9.99 -65.38
C THR J 32 -52.59 9.45 -63.99
N THR J 33 -52.32 10.25 -62.95
CA THR J 33 -52.55 9.83 -61.57
C THR J 33 -54.06 9.67 -61.32
N GLY J 34 -54.86 10.48 -62.03
CA GLY J 34 -56.30 10.59 -61.81
C GLY J 34 -57.02 9.24 -61.73
N ALA J 35 -56.76 8.35 -62.69
CA ALA J 35 -57.50 7.09 -62.76
C ALA J 35 -57.33 6.28 -61.46
N VAL J 36 -56.08 6.22 -60.97
CA VAL J 36 -55.76 5.52 -59.72
C VAL J 36 -56.59 6.12 -58.58
N ARG J 37 -56.61 7.46 -58.53
CA ARG J 37 -57.25 8.17 -57.44
C ARG J 37 -58.74 7.84 -57.40
N VAL J 38 -59.38 7.81 -58.58
CA VAL J 38 -60.80 7.54 -58.62
C VAL J 38 -61.09 6.17 -58.02
N ARG J 39 -60.26 5.18 -58.37
CA ARG J 39 -60.46 3.83 -57.87
C ARG J 39 -60.32 3.83 -56.35
N ALA J 40 -59.29 4.53 -55.84
CA ALA J 40 -59.04 4.58 -54.41
C ALA J 40 -60.24 5.19 -53.67
N ALA J 41 -60.79 6.28 -54.23
CA ALA J 41 -61.88 6.98 -53.59
C ALA J 41 -63.09 6.06 -53.42
N ALA J 42 -63.40 5.26 -54.46
CA ALA J 42 -64.53 4.37 -54.40
C ALA J 42 -64.35 3.32 -53.31
N VAL J 43 -63.11 2.81 -53.20
CA VAL J 43 -62.79 1.83 -52.17
C VAL J 43 -63.05 2.44 -50.80
N ILE J 44 -62.56 3.67 -50.58
CA ILE J 44 -62.66 4.28 -49.27
C ILE J 44 -64.14 4.49 -48.92
N SER J 45 -64.93 5.00 -49.87
CA SER J 45 -66.32 5.30 -49.60
C SER J 45 -67.08 4.06 -49.13
N SER J 46 -66.84 2.93 -49.81
CA SER J 46 -67.54 1.69 -49.50
C SER J 46 -67.15 1.16 -48.12
N ASN J 47 -65.87 1.33 -47.74
CA ASN J 47 -65.36 0.73 -46.52
C ASN J 47 -65.24 1.76 -45.39
N ALA J 48 -65.89 2.92 -45.54
CA ALA J 48 -65.67 4.03 -44.63
C ALA J 48 -66.03 3.66 -43.20
N THR J 49 -67.22 3.06 -43.01
CA THR J 49 -67.67 2.72 -41.67
C THR J 49 -66.66 1.78 -41.00
N THR J 50 -66.19 0.77 -41.73
CA THR J 50 -65.25 -0.21 -41.20
C THR J 50 -63.92 0.47 -40.88
N ILE J 51 -63.48 1.37 -41.77
CA ILE J 51 -62.19 2.02 -41.58
C ILE J 51 -62.22 2.72 -40.22
N ILE J 52 -63.32 3.43 -39.94
CA ILE J 52 -63.42 4.18 -38.72
C ILE J 52 -63.42 3.21 -37.53
N LYS J 53 -64.19 2.12 -37.66
CA LYS J 53 -64.29 1.13 -36.62
C LYS J 53 -62.91 0.57 -36.25
N GLU J 54 -62.16 0.17 -37.28
CA GLU J 54 -60.85 -0.44 -37.09
C GLU J 54 -59.92 0.55 -36.42
N ALA J 55 -59.93 1.80 -36.89
CA ALA J 55 -59.02 2.81 -36.37
C ALA J 55 -59.34 3.08 -34.90
N ALA J 56 -60.63 3.15 -34.57
CA ALA J 56 -61.02 3.41 -33.20
C ALA J 56 -60.54 2.27 -32.30
N ALA J 57 -60.72 1.03 -32.80
CA ALA J 57 -60.29 -0.16 -32.08
C ALA J 57 -58.79 -0.11 -31.82
N LYS J 58 -58.01 0.33 -32.82
CA LYS J 58 -56.58 0.41 -32.70
C LYS J 58 -56.15 1.43 -31.64
N ALA J 59 -56.81 2.60 -31.56
CA ALA J 59 -56.32 3.67 -30.71
C ALA J 59 -57.32 4.12 -29.63
N LEU J 60 -58.54 4.45 -30.04
CA LEU J 60 -59.44 5.19 -29.17
C LEU J 60 -60.04 4.30 -28.08
N ILE J 61 -60.59 3.13 -28.45
CA ILE J 61 -61.38 2.39 -27.48
C ILE J 61 -60.46 1.56 -26.59
N TYR J 62 -61.04 0.91 -25.58
CA TYR J 62 -60.31 0.10 -24.60
C TYR J 62 -59.19 0.92 -23.96
N SER J 63 -59.46 2.20 -23.72
CA SER J 63 -58.44 3.14 -23.29
C SER J 63 -58.99 3.99 -22.16
N ASP J 64 -58.14 4.79 -21.55
CA ASP J 64 -58.57 5.75 -20.56
C ASP J 64 -59.62 6.71 -21.10
N LEU J 65 -59.50 7.10 -22.37
CA LEU J 65 -60.45 8.04 -22.97
C LEU J 65 -61.87 7.52 -22.81
N THR J 66 -62.08 6.26 -23.13
CA THR J 66 -63.42 5.70 -23.04
C THR J 66 -63.81 5.48 -21.59
N ARG J 67 -62.84 5.29 -20.69
CA ARG J 67 -63.14 5.03 -19.28
C ARG J 67 -63.63 6.33 -18.64
N PRO J 68 -64.41 6.28 -17.54
CA PRO J 68 -64.99 7.49 -16.93
C PRO J 68 -63.92 8.49 -16.55
N GLY J 69 -64.20 9.77 -16.85
CA GLY J 69 -63.24 10.84 -16.67
C GLY J 69 -62.37 11.06 -17.91
N GLY J 70 -62.56 10.24 -18.95
CA GLY J 70 -61.84 10.39 -20.20
C GLY J 70 -62.64 11.23 -21.19
N MET J 72 -63.59 10.79 -24.19
CA MET J 72 -64.55 10.11 -25.03
C MET J 72 -65.55 9.32 -24.19
N TYR J 73 -65.52 9.50 -22.86
CA TYR J 73 -66.50 8.92 -21.98
C TYR J 73 -67.87 9.58 -22.16
N THR J 74 -68.95 8.80 -21.95
CA THR J 74 -70.35 9.17 -22.20
C THR J 74 -70.68 8.94 -23.67
N THR J 75 -71.93 8.57 -23.96
CA THR J 75 -72.31 8.24 -25.32
C THR J 75 -72.14 9.45 -26.23
N ARG J 76 -72.53 10.63 -25.72
CA ARG J 76 -72.51 11.85 -26.51
C ARG J 76 -71.11 12.13 -27.02
N ARG J 77 -70.12 12.08 -26.11
CA ARG J 77 -68.75 12.32 -26.49
C ARG J 77 -68.24 11.24 -27.44
N TYR J 78 -68.59 9.98 -27.18
CA TYR J 78 -68.13 8.90 -28.05
C TYR J 78 -68.63 9.17 -29.48
N ALA J 79 -69.91 9.52 -29.58
CA ALA J 79 -70.50 9.75 -30.88
C ALA J 79 -69.83 10.92 -31.59
N ALA J 80 -69.51 11.98 -30.83
CA ALA J 80 -68.83 13.13 -31.39
C ALA J 80 -67.49 12.74 -31.98
N CYS J 81 -66.72 11.94 -31.24
CA CYS J 81 -65.40 11.57 -31.69
C CYS J 81 -65.47 10.79 -33.00
N ILE J 82 -66.42 9.85 -33.12
CA ILE J 82 -66.48 9.07 -34.33
C ILE J 82 -66.99 9.94 -35.48
N ARG J 83 -67.83 10.94 -35.18
CA ARG J 83 -68.27 11.87 -36.21
C ARG J 83 -67.06 12.66 -36.75
N ASP J 84 -66.18 13.09 -35.85
CA ASP J 84 -65.02 13.82 -36.29
C ASP J 84 -64.14 12.95 -37.18
N MET J 85 -64.02 11.68 -36.81
CA MET J 85 -63.18 10.75 -37.55
C MET J 85 -63.71 10.63 -38.98
N ASP J 86 -65.03 10.52 -39.11
CA ASP J 86 -65.65 10.45 -40.41
C ASP J 86 -65.34 11.69 -41.26
N TYR J 87 -65.41 12.88 -40.63
CA TYR J 87 -65.10 14.10 -41.32
C TYR J 87 -63.70 14.02 -41.93
N PHE J 88 -62.74 13.64 -41.10
CA PHE J 88 -61.36 13.60 -41.56
C PHE J 88 -61.26 12.68 -42.76
N LEU J 89 -61.92 11.52 -42.68
CA LEU J 89 -61.83 10.57 -43.76
C LEU J 89 -62.42 11.15 -45.05
N ARG J 90 -63.62 11.75 -44.95
CA ARG J 90 -64.30 12.26 -46.13
C ARG J 90 -63.46 13.34 -46.81
N TYR J 91 -62.89 14.24 -45.99
CA TYR J 91 -62.14 15.35 -46.54
C TYR J 91 -60.84 14.86 -47.17
N ALA J 92 -60.19 13.89 -46.53
CA ALA J 92 -58.97 13.33 -47.09
C ALA J 92 -59.27 12.71 -48.47
N THR J 93 -60.41 12.02 -48.58
CA THR J 93 -60.80 11.44 -49.85
C THR J 93 -60.99 12.54 -50.89
N TYR J 94 -61.64 13.64 -50.50
CA TYR J 94 -61.85 14.77 -51.40
C TYR J 94 -60.48 15.29 -51.85
N ALA J 95 -59.55 15.46 -50.91
CA ALA J 95 -58.25 16.01 -51.22
C ALA J 95 -57.50 15.09 -52.20
N MET J 96 -57.64 13.78 -52.01
CA MET J 96 -56.95 12.82 -52.85
C MET J 96 -57.43 12.94 -54.28
N LEU J 97 -58.75 13.02 -54.48
CA LEU J 97 -59.29 13.23 -55.81
C LEU J 97 -58.78 14.54 -56.38
N ALA J 98 -58.83 15.60 -55.58
CA ALA J 98 -58.45 16.93 -56.06
C ALA J 98 -56.97 16.97 -56.43
N GLY J 99 -56.14 16.25 -55.67
CA GLY J 99 -54.72 16.34 -55.86
C GLY J 99 -54.11 17.55 -55.22
N ASP J 100 -54.88 18.23 -54.35
CA ASP J 100 -54.40 19.45 -53.71
C ASP J 100 -54.72 19.41 -52.23
N PRO J 101 -53.79 19.84 -51.35
CA PRO J 101 -54.07 19.91 -49.91
C PRO J 101 -54.91 21.11 -49.45
N SER J 102 -55.20 22.06 -50.35
CA SER J 102 -55.80 23.32 -49.96
C SER J 102 -57.17 23.13 -49.30
N ILE J 103 -58.00 22.22 -49.84
CA ILE J 103 -59.32 22.06 -49.30
C ILE J 103 -59.24 21.69 -47.82
N LEU J 104 -58.24 20.88 -47.44
CA LEU J 104 -58.08 20.52 -46.04
C LEU J 104 -57.86 21.78 -45.22
N ASP J 105 -57.01 22.67 -45.70
CA ASP J 105 -56.74 23.92 -44.99
C ASP J 105 -57.99 24.79 -44.89
N GLU J 106 -58.75 24.90 -45.98
CA GLU J 106 -59.90 25.79 -46.04
C GLU J 106 -61.04 25.30 -45.14
N ARG J 107 -61.30 24.00 -45.10
CA ARG J 107 -62.46 23.47 -44.38
C ARG J 107 -62.03 22.85 -43.04
N VAL J 108 -61.17 21.84 -43.06
CA VAL J 108 -60.93 21.07 -41.86
C VAL J 108 -59.97 21.82 -40.95
N LEU J 109 -58.83 22.27 -41.49
CA LEU J 109 -57.72 22.66 -40.65
C LEU J 109 -57.98 24.00 -39.98
N ASN J 110 -58.79 24.87 -40.60
CA ASN J 110 -58.93 26.23 -40.14
C ASN J 110 -59.78 26.32 -38.87
N GLY J 111 -59.19 26.82 -37.79
CA GLY J 111 -59.89 26.94 -36.52
C GLY J 111 -60.04 25.64 -35.73
N LEU J 112 -59.52 24.51 -36.21
CA LEU J 112 -59.74 23.25 -35.52
C LEU J 112 -58.97 23.24 -34.20
N LYS J 113 -57.72 23.72 -34.23
CA LYS J 113 -56.88 23.69 -33.04
C LYS J 113 -57.57 24.46 -31.92
N GLU J 114 -58.04 25.65 -32.25
CA GLU J 114 -58.68 26.53 -31.29
C GLU J 114 -59.95 25.89 -30.74
N THR J 115 -60.77 25.31 -31.63
CA THR J 115 -61.98 24.62 -31.21
C THR J 115 -61.65 23.53 -30.23
N TYR J 116 -60.66 22.71 -30.57
CA TYR J 116 -60.29 21.58 -29.74
C TYR J 116 -59.80 22.05 -28.38
N ASN J 117 -59.00 23.13 -28.36
CA ASN J 117 -58.47 23.61 -27.10
C ASN J 117 -59.60 24.09 -26.19
N SER J 118 -60.57 24.82 -26.74
CA SER J 118 -61.72 25.24 -25.94
C SER J 118 -62.48 24.02 -25.43
N LEU J 119 -62.68 23.03 -26.31
CA LEU J 119 -63.45 21.86 -25.93
C LEU J 119 -62.70 21.04 -24.90
N GLY J 120 -61.36 21.06 -24.95
CA GLY J 120 -60.55 20.19 -24.13
C GLY J 120 -60.34 18.81 -24.75
N VAL J 121 -60.73 18.66 -26.03
CA VAL J 121 -60.39 17.47 -26.78
C VAL J 121 -58.87 17.34 -26.88
N PRO J 122 -58.27 16.16 -26.67
CA PRO J 122 -56.82 15.98 -26.79
C PRO J 122 -56.34 15.82 -28.24
N ILE J 123 -55.47 16.75 -28.67
CA ILE J 123 -55.06 16.80 -30.06
C ILE J 123 -54.22 15.56 -30.40
N ALA J 124 -53.30 15.16 -29.51
CA ALA J 124 -52.40 14.06 -29.80
C ALA J 124 -53.18 12.76 -30.05
N ALA J 125 -54.20 12.50 -29.23
CA ALA J 125 -55.03 11.33 -29.42
C ALA J 125 -55.75 11.38 -30.77
N THR J 126 -56.24 12.57 -31.16
CA THR J 126 -56.93 12.74 -32.43
C THR J 126 -55.96 12.42 -33.56
N VAL J 127 -54.73 12.95 -33.43
CA VAL J 127 -53.72 12.73 -34.44
C VAL J 127 -53.46 11.23 -34.57
N GLY J 128 -53.34 10.55 -33.41
CA GLY J 128 -53.17 9.11 -33.36
C GLY J 128 -54.26 8.37 -34.15
N GLY J 129 -55.51 8.78 -33.96
CA GLY J 129 -56.64 8.23 -34.68
C GLY J 129 -56.52 8.44 -36.20
N ILE J 130 -56.06 9.62 -36.60
CA ILE J 130 -55.91 9.93 -38.02
C ILE J 130 -54.87 9.00 -38.62
N GLN J 131 -53.76 8.81 -37.90
CA GLN J 131 -52.67 7.95 -38.35
C GLN J 131 -53.16 6.51 -38.46
N ALA J 132 -53.97 6.08 -37.50
CA ALA J 132 -54.55 4.75 -37.54
C ALA J 132 -55.44 4.60 -38.78
N MET J 133 -56.26 5.60 -39.07
CA MET J 133 -57.12 5.51 -40.24
C MET J 133 -56.27 5.36 -41.49
N LYS J 134 -55.15 6.10 -41.53
CA LYS J 134 -54.27 6.08 -42.68
C LYS J 134 -53.79 4.65 -42.95
N GLU J 135 -53.35 3.98 -41.89
CA GLU J 135 -52.84 2.62 -41.98
C GLU J 135 -53.91 1.68 -42.54
N VAL J 136 -55.13 1.75 -41.99
CA VAL J 136 -56.23 0.92 -42.47
C VAL J 136 -56.50 1.24 -43.94
N VAL J 137 -56.54 2.53 -44.27
CA VAL J 137 -56.88 2.97 -45.63
C VAL J 137 -55.83 2.41 -46.59
N GLY J 138 -54.56 2.49 -46.18
CA GLY J 138 -53.45 2.06 -47.01
C GLY J 138 -53.63 0.63 -47.51
N GLY J 139 -54.00 -0.27 -46.59
CA GLY J 139 -54.30 -1.64 -46.91
C GLY J 139 -55.35 -1.78 -48.01
N LEU J 140 -56.51 -1.13 -47.80
CA LEU J 140 -57.66 -1.31 -48.69
C LEU J 140 -57.35 -0.76 -50.08
N VAL J 141 -56.71 0.42 -50.14
CA VAL J 141 -56.53 1.12 -51.41
C VAL J 141 -55.51 0.38 -52.25
N GLY J 142 -54.52 -0.24 -51.59
CA GLY J 142 -53.41 -0.87 -52.28
C GLY J 142 -52.24 0.10 -52.43
N PRO J 143 -51.01 -0.39 -52.74
CA PRO J 143 -49.78 0.40 -52.62
C PRO J 143 -49.66 1.71 -53.41
N ASP J 144 -49.99 1.66 -54.71
CA ASP J 144 -49.89 2.84 -55.57
C ASP J 144 -50.79 3.95 -55.03
N ALA J 145 -52.03 3.58 -54.69
CA ALA J 145 -53.00 4.51 -54.15
C ALA J 145 -52.59 4.97 -52.76
N ALA J 146 -51.98 4.07 -51.97
CA ALA J 146 -51.65 4.35 -50.58
C ALA J 146 -50.72 5.56 -50.48
N LYS J 147 -49.72 5.67 -51.35
CA LYS J 147 -48.76 6.76 -51.26
C LYS J 147 -49.50 8.09 -51.37
N GLU J 148 -50.40 8.17 -52.37
CA GLU J 148 -51.18 9.38 -52.60
C GLU J 148 -52.08 9.66 -51.39
N ALA J 149 -52.76 8.62 -50.91
CA ALA J 149 -53.66 8.77 -49.77
C ALA J 149 -52.89 9.23 -48.53
N SER J 150 -51.69 8.69 -48.32
CA SER J 150 -50.94 8.94 -47.10
C SER J 150 -50.63 10.43 -46.94
N ILE J 151 -50.28 11.12 -48.04
CA ILE J 151 -49.82 12.49 -47.90
C ILE J 151 -50.92 13.37 -47.30
N TYR J 152 -52.18 13.16 -47.71
CA TYR J 152 -53.28 13.98 -47.23
C TYR J 152 -53.54 13.68 -45.75
N PHE J 153 -53.48 12.41 -45.36
CA PHE J 153 -53.63 12.03 -43.97
C PHE J 153 -52.53 12.69 -43.13
N ASP J 154 -51.31 12.68 -43.64
CA ASP J 154 -50.19 13.28 -42.93
C ASP J 154 -50.37 14.78 -42.81
N TYR J 155 -50.92 15.40 -43.87
CA TYR J 155 -51.17 16.82 -43.89
C TYR J 155 -52.13 17.21 -42.78
N LEU J 156 -53.21 16.44 -42.64
CA LEU J 156 -54.19 16.67 -41.57
C LEU J 156 -53.50 16.57 -40.23
N SER J 157 -52.68 15.52 -40.06
CA SER J 157 -52.04 15.26 -38.78
C SER J 157 -51.13 16.42 -38.41
N SER J 158 -50.34 16.90 -39.38
CA SER J 158 -49.40 17.99 -39.15
C SER J 158 -50.13 19.27 -38.78
N GLY J 159 -51.27 19.54 -39.45
CA GLY J 159 -52.06 20.72 -39.17
C GLY J 159 -52.57 20.73 -37.73
N LEU J 160 -53.08 19.58 -37.27
CA LEU J 160 -53.70 19.49 -35.97
C LEU J 160 -52.61 19.67 -34.92
N SER J 161 -51.46 19.04 -35.17
CA SER J 161 -50.34 19.12 -34.25
C SER J 161 -49.48 20.34 -34.62
N SER K 2 -84.52 64.87 -36.31
CA SER K 2 -84.77 66.07 -37.18
C SER K 2 -85.36 65.60 -38.51
N VAL K 3 -85.91 66.55 -39.28
CA VAL K 3 -86.45 66.25 -40.60
C VAL K 3 -85.35 65.62 -41.45
N LEU K 4 -84.16 66.24 -41.40
CA LEU K 4 -83.11 65.82 -42.32
C LEU K 4 -82.70 64.39 -41.97
N THR K 5 -82.53 64.11 -40.67
CA THR K 5 -82.10 62.80 -40.24
C THR K 5 -83.09 61.75 -40.77
N LYS K 6 -84.39 62.05 -40.61
CA LYS K 6 -85.40 61.09 -41.00
C LYS K 6 -85.26 60.78 -42.49
N ALA K 7 -85.11 61.82 -43.32
CA ALA K 7 -85.04 61.65 -44.76
C ALA K 7 -83.82 60.81 -45.16
N ILE K 8 -82.66 61.12 -44.54
CA ILE K 8 -81.44 60.41 -44.85
C ILE K 8 -81.60 58.94 -44.51
N VAL K 9 -82.19 58.67 -43.34
CA VAL K 9 -82.32 57.30 -42.88
C VAL K 9 -83.17 56.49 -43.85
N ASN K 10 -84.27 57.08 -44.36
CA ASN K 10 -85.12 56.35 -45.28
C ASN K 10 -84.36 56.03 -46.56
N ALA K 11 -83.58 57.02 -47.04
CA ALA K 11 -82.82 56.85 -48.25
C ALA K 11 -81.79 55.73 -48.07
N ASP K 12 -81.10 55.72 -46.93
CA ASP K 12 -80.04 54.75 -46.70
C ASP K 12 -80.62 53.34 -46.67
N ALA K 13 -81.80 53.18 -46.06
CA ALA K 13 -82.46 51.88 -46.03
C ALA K 13 -82.74 51.40 -47.45
N GLU K 14 -83.22 52.31 -48.29
CA GLU K 14 -83.50 51.99 -49.68
C GLU K 14 -82.22 51.90 -50.49
N ALA K 15 -81.12 52.42 -49.94
CA ALA K 15 -79.83 52.42 -50.62
C ALA K 15 -79.88 53.26 -51.89
N ARG K 16 -80.60 54.40 -51.82
CA ARG K 16 -80.80 55.27 -52.95
C ARG K 16 -80.44 56.71 -52.55
N TYR K 17 -80.17 57.56 -53.56
CA TYR K 17 -80.02 58.99 -53.33
C TYR K 17 -81.37 59.59 -52.95
N LEU K 18 -81.34 60.76 -52.30
CA LEU K 18 -82.58 61.38 -51.83
C LEU K 18 -83.51 61.67 -53.00
N SER K 19 -84.78 61.32 -52.78
CA SER K 19 -85.83 61.52 -53.77
C SER K 19 -86.12 63.01 -53.90
N PRO K 20 -86.64 63.47 -55.06
CA PRO K 20 -86.95 64.90 -55.25
C PRO K 20 -87.93 65.40 -54.19
N GLY K 21 -88.98 64.59 -53.94
CA GLY K 21 -89.98 64.91 -52.93
C GLY K 21 -89.35 65.09 -51.55
N GLU K 22 -88.44 64.18 -51.18
CA GLU K 22 -87.72 64.26 -49.93
C GLU K 22 -86.89 65.53 -49.88
N LEU K 23 -86.23 65.85 -51.01
CA LEU K 23 -85.41 67.05 -51.10
C LEU K 23 -86.28 68.28 -50.91
N ASP K 24 -87.49 68.27 -51.49
CA ASP K 24 -88.39 69.42 -51.39
C ASP K 24 -88.77 69.67 -49.94
N ARG K 25 -89.04 68.60 -49.20
CA ARG K 25 -89.40 68.74 -47.80
C ARG K 25 -88.24 69.36 -47.03
N ILE K 26 -87.01 69.01 -47.38
CA ILE K 26 -85.84 69.57 -46.72
C ILE K 26 -85.80 71.07 -46.98
N LYS K 27 -86.07 71.46 -48.24
CA LYS K 27 -86.06 72.86 -48.62
C LYS K 27 -87.09 73.63 -47.79
N SER K 28 -88.29 73.06 -47.66
CA SER K 28 -89.35 73.72 -46.92
C SER K 28 -88.91 73.93 -45.48
N PHE K 29 -88.29 72.89 -44.90
CA PHE K 29 -87.88 72.90 -43.51
C PHE K 29 -86.87 74.01 -43.25
N VAL K 30 -85.90 74.18 -44.17
CA VAL K 30 -84.83 75.16 -43.92
C VAL K 30 -85.44 76.56 -43.95
N ALA K 31 -86.43 76.80 -44.81
CA ALA K 31 -87.13 78.07 -44.85
C ALA K 31 -87.88 78.29 -43.54
N SER K 32 -88.55 77.24 -43.04
CA SER K 32 -89.36 77.34 -41.84
C SER K 32 -88.49 77.61 -40.61
N GLY K 33 -87.23 77.13 -40.63
CA GLY K 33 -86.39 77.06 -39.45
C GLY K 33 -86.28 78.36 -38.67
N GLU K 34 -86.07 79.48 -39.39
CA GLU K 34 -85.88 80.76 -38.71
C GLU K 34 -87.10 81.14 -37.88
N ARG K 35 -88.30 80.96 -38.45
CA ARG K 35 -89.54 81.12 -37.71
C ARG K 35 -89.56 80.18 -36.49
N ARG K 36 -89.17 78.92 -36.71
CA ARG K 36 -89.19 77.93 -35.65
C ARG K 36 -88.28 78.37 -34.51
N LEU K 37 -87.11 78.92 -34.85
CA LEU K 37 -86.16 79.32 -33.84
C LEU K 37 -86.78 80.36 -32.90
N ARG K 38 -87.51 81.32 -33.49
CA ARG K 38 -88.15 82.36 -32.72
C ARG K 38 -89.21 81.76 -31.78
N ILE K 39 -90.01 80.81 -32.28
CA ILE K 39 -91.03 80.18 -31.46
C ILE K 39 -90.38 79.54 -30.24
N ALA K 40 -89.27 78.82 -30.48
CA ALA K 40 -88.58 78.14 -29.40
C ALA K 40 -88.04 79.15 -28.40
N GLN K 41 -87.51 80.26 -28.92
CA GLN K 41 -86.90 81.27 -28.07
C GLN K 41 -87.96 81.85 -27.12
N THR K 42 -89.17 82.11 -27.68
CA THR K 42 -90.25 82.68 -26.90
C THR K 42 -90.56 81.78 -25.70
N LEU K 43 -90.72 80.47 -25.94
CA LEU K 43 -91.07 79.54 -24.88
C LEU K 43 -89.96 79.45 -23.85
N THR K 44 -88.71 79.50 -24.29
CA THR K 44 -87.58 79.43 -23.37
C THR K 44 -87.65 80.58 -22.37
N GLU K 45 -87.93 81.79 -22.88
CA GLU K 45 -87.95 82.97 -22.03
C GLU K 45 -89.09 82.86 -21.01
N ALA K 46 -90.23 82.34 -21.47
CA ALA K 46 -91.42 82.23 -20.63
C ALA K 46 -91.44 80.91 -19.87
N ARG K 47 -90.33 80.18 -19.90
CA ARG K 47 -90.32 78.80 -19.41
C ARG K 47 -90.76 78.77 -17.95
N GLU K 48 -90.10 79.55 -17.10
CA GLU K 48 -90.31 79.56 -15.66
C GLU K 48 -91.81 79.76 -15.33
N ARG K 49 -92.43 80.75 -15.98
CA ARG K 49 -93.83 81.04 -15.73
C ARG K 49 -94.72 79.93 -16.28
N ILE K 50 -94.40 79.37 -17.45
CA ILE K 50 -95.23 78.34 -18.04
C ILE K 50 -95.32 77.17 -17.06
N VAL K 51 -94.16 76.76 -16.53
CA VAL K 51 -94.13 75.62 -15.64
C VAL K 51 -94.96 75.93 -14.40
N LYS K 52 -94.76 77.11 -13.82
CA LYS K 52 -95.44 77.49 -12.60
C LYS K 52 -96.95 77.46 -12.81
N GLN K 53 -97.43 78.13 -13.86
CA GLN K 53 -98.86 78.21 -14.13
C GLN K 53 -99.43 76.81 -14.36
N ALA K 54 -98.73 76.00 -15.15
CA ALA K 54 -99.22 74.68 -15.49
C ALA K 54 -99.32 73.81 -14.23
N GLY K 55 -98.32 73.91 -13.37
CA GLY K 55 -98.29 73.17 -12.12
C GLY K 55 -99.54 73.44 -11.30
N ASP K 56 -99.86 74.72 -11.11
CA ASP K 56 -101.00 75.15 -10.32
C ASP K 56 -102.28 74.57 -10.92
N GLN K 57 -102.42 74.67 -12.25
CA GLN K 57 -103.59 74.15 -12.93
C GLN K 57 -103.70 72.65 -12.67
N LEU K 58 -102.58 71.94 -12.79
CA LEU K 58 -102.57 70.50 -12.62
C LEU K 58 -103.02 70.14 -11.20
N PHE K 59 -102.48 70.85 -10.21
CA PHE K 59 -102.79 70.55 -8.82
C PHE K 59 -104.26 70.84 -8.54
N GLN K 60 -104.81 71.89 -9.15
CA GLN K 60 -106.24 72.15 -9.02
C GLN K 60 -107.03 71.01 -9.66
N LYS K 61 -106.62 70.59 -10.87
CA LYS K 61 -107.32 69.55 -11.60
C LYS K 61 -107.26 68.23 -10.83
N ARG K 62 -106.10 67.94 -10.23
CA ARG K 62 -105.88 66.71 -9.51
C ARG K 62 -105.44 67.00 -8.08
N PRO K 63 -106.37 67.20 -7.12
CA PRO K 63 -106.00 67.42 -5.73
C PRO K 63 -105.19 66.24 -5.19
N ASP K 64 -105.53 65.02 -5.65
CA ASP K 64 -105.01 63.79 -5.09
C ASP K 64 -103.48 63.73 -5.18
N VAL K 65 -102.92 64.16 -6.32
CA VAL K 65 -101.49 63.96 -6.54
C VAL K 65 -100.72 64.66 -5.41
N VAL K 66 -101.13 65.90 -5.06
CA VAL K 66 -100.54 66.60 -3.92
C VAL K 66 -101.44 66.38 -2.71
N SER K 67 -101.49 65.13 -2.24
CA SER K 67 -102.21 64.76 -1.03
C SER K 67 -101.36 63.69 -0.35
N PRO K 68 -101.55 63.42 0.97
CA PRO K 68 -100.61 62.56 1.69
C PRO K 68 -100.40 61.22 1.01
N GLY K 69 -101.49 60.64 0.48
CA GLY K 69 -101.39 59.43 -0.31
C GLY K 69 -100.59 59.64 -1.60
N GLY K 70 -100.81 60.78 -2.26
CA GLY K 70 -100.33 61.03 -3.61
C GLY K 70 -98.81 61.16 -3.68
N ASN K 71 -98.28 60.89 -4.89
CA ASN K 71 -96.85 60.84 -5.12
C ASN K 71 -96.23 62.22 -5.01
N ALA K 72 -96.96 63.23 -5.50
CA ALA K 72 -96.46 64.58 -5.60
C ALA K 72 -96.35 65.24 -4.22
N TYR K 73 -97.04 64.69 -3.22
CA TYR K 73 -97.18 65.35 -1.93
C TYR K 73 -95.83 65.52 -1.21
N GLY K 74 -95.67 66.68 -0.55
CA GLY K 74 -94.44 67.07 0.10
C GLY K 74 -93.61 67.98 -0.81
N GLU K 75 -92.76 68.81 -0.20
CA GLU K 75 -91.99 69.82 -0.92
C GLU K 75 -91.04 69.15 -1.92
N LYS K 76 -90.28 68.14 -1.43
CA LYS K 76 -89.31 67.48 -2.28
C LYS K 76 -90.03 66.93 -3.51
N MET K 77 -91.12 66.21 -3.27
CA MET K 77 -91.86 65.56 -4.32
C MET K 77 -92.48 66.58 -5.26
N THR K 78 -93.01 67.67 -4.73
CA THR K 78 -93.64 68.67 -5.57
C THR K 78 -92.59 69.30 -6.49
N ALA K 79 -91.39 69.55 -5.96
CA ALA K 79 -90.31 70.07 -6.77
C ALA K 79 -89.99 69.12 -7.93
N LEU K 80 -89.90 67.82 -7.63
CA LEU K 80 -89.60 66.82 -8.63
C LEU K 80 -90.67 66.81 -9.71
N CYS K 81 -91.94 66.94 -9.32
CA CYS K 81 -93.02 66.98 -10.29
C CYS K 81 -92.87 68.18 -11.21
N LEU K 82 -92.47 69.33 -10.64
CA LEU K 82 -92.28 70.52 -11.45
C LEU K 82 -91.05 70.37 -12.33
N ARG K 83 -90.00 69.74 -11.81
CA ARG K 83 -88.80 69.48 -12.59
C ARG K 83 -89.16 68.65 -13.81
N ASP K 84 -90.03 67.65 -13.63
CA ASP K 84 -90.45 66.80 -14.74
C ASP K 84 -91.15 67.65 -15.80
N LEU K 85 -92.02 68.56 -15.36
CA LEU K 85 -92.73 69.42 -16.29
C LEU K 85 -91.73 70.27 -17.06
N ASP K 86 -90.72 70.78 -16.36
CA ASP K 86 -89.69 71.58 -17.00
C ASP K 86 -88.95 70.75 -18.05
N TYR K 87 -88.61 69.50 -17.72
CA TYR K 87 -87.93 68.61 -18.66
C TYR K 87 -88.74 68.47 -19.94
N TYR K 88 -90.03 68.24 -19.79
CA TYR K 88 -90.87 68.04 -20.98
C TYR K 88 -90.90 69.31 -21.81
N LEU K 89 -90.91 70.47 -21.16
CA LEU K 89 -90.94 71.73 -21.91
C LEU K 89 -89.65 71.87 -22.72
N ARG K 90 -88.51 71.55 -22.10
CA ARG K 90 -87.23 71.63 -22.79
C ARG K 90 -87.26 70.72 -24.01
N LEU K 91 -87.81 69.52 -23.85
CA LEU K 91 -87.89 68.58 -24.95
C LEU K 91 -88.74 69.18 -26.07
N VAL K 92 -89.87 69.82 -25.73
CA VAL K 92 -90.73 70.38 -26.75
C VAL K 92 -89.97 71.45 -27.55
N THR K 93 -89.20 72.29 -26.87
CA THR K 93 -88.46 73.32 -27.59
C THR K 93 -87.51 72.66 -28.57
N TYR K 94 -86.80 71.61 -28.13
CA TYR K 94 -85.88 70.89 -28.98
C TYR K 94 -86.61 70.39 -30.22
N GLY K 95 -87.82 69.86 -30.03
CA GLY K 95 -88.62 69.34 -31.11
C GLY K 95 -88.95 70.40 -32.15
N ILE K 96 -89.32 71.60 -31.70
CA ILE K 96 -89.74 72.64 -32.61
C ILE K 96 -88.57 73.00 -33.54
N VAL K 97 -87.36 73.15 -32.97
CA VAL K 97 -86.22 73.51 -33.79
C VAL K 97 -85.88 72.37 -34.75
N ALA K 98 -86.00 71.13 -34.27
CA ALA K 98 -85.70 69.96 -35.09
C ALA K 98 -86.72 69.77 -36.20
N GLY K 99 -87.97 70.17 -35.96
CA GLY K 99 -89.02 69.99 -36.94
C GLY K 99 -89.56 68.56 -36.94
N ASP K 100 -89.16 67.77 -35.94
CA ASP K 100 -89.56 66.38 -35.85
C ASP K 100 -89.68 66.00 -34.38
N VAL K 101 -90.43 64.95 -34.07
CA VAL K 101 -90.61 64.54 -32.69
C VAL K 101 -89.48 63.62 -32.24
N THR K 102 -88.67 63.17 -33.18
CA THR K 102 -87.64 62.18 -32.90
C THR K 102 -86.78 62.60 -31.71
N PRO K 103 -86.21 63.83 -31.66
CA PRO K 103 -85.41 64.24 -30.51
C PRO K 103 -86.18 64.10 -29.20
N ILE K 104 -87.44 64.56 -29.22
CA ILE K 104 -88.33 64.46 -28.07
C ILE K 104 -88.47 62.98 -27.71
N GLU K 105 -88.72 62.15 -28.73
CA GLU K 105 -89.12 60.77 -28.53
C GLU K 105 -88.02 59.97 -27.83
N GLU K 106 -86.77 60.10 -28.29
CA GLU K 106 -85.69 59.34 -27.71
C GLU K 106 -85.50 59.68 -26.23
N ILE K 107 -85.53 60.97 -25.89
CA ILE K 107 -85.19 61.38 -24.53
C ILE K 107 -86.36 61.09 -23.57
N GLY K 108 -87.61 61.23 -24.03
CA GLY K 108 -88.73 61.30 -23.11
C GLY K 108 -89.81 60.24 -23.30
N ILE K 109 -90.04 59.70 -24.51
CA ILE K 109 -91.26 58.95 -24.70
C ILE K 109 -91.00 57.44 -24.71
N ILE K 110 -89.76 56.98 -24.79
CA ILE K 110 -89.53 55.55 -24.86
C ILE K 110 -89.10 55.05 -23.48
N GLY K 111 -89.90 54.11 -22.96
CA GLY K 111 -89.66 53.59 -21.62
C GLY K 111 -90.30 54.48 -20.55
N VAL K 112 -91.05 55.52 -20.97
CA VAL K 112 -91.62 56.46 -20.03
C VAL K 112 -92.60 55.72 -19.12
N LYS K 113 -93.43 54.85 -19.70
CA LYS K 113 -94.43 54.11 -18.94
C LYS K 113 -93.73 53.31 -17.84
N GLU K 114 -92.67 52.60 -18.22
CA GLU K 114 -91.95 51.73 -17.30
C GLU K 114 -91.34 52.55 -16.16
N MET K 115 -90.72 53.68 -16.50
CA MET K 115 -90.08 54.51 -15.50
C MET K 115 -91.12 55.00 -14.51
N TYR K 116 -92.23 55.53 -15.01
CA TYR K 116 -93.23 56.11 -14.12
C TYR K 116 -93.90 55.00 -13.30
N ASN K 117 -94.09 53.82 -13.88
CA ASN K 117 -94.70 52.74 -13.12
C ASN K 117 -93.81 52.34 -11.95
N SER K 118 -92.50 52.29 -12.14
CA SER K 118 -91.62 52.01 -11.02
C SER K 118 -91.76 53.13 -9.99
N LEU K 119 -91.78 54.38 -10.44
CA LEU K 119 -91.92 55.51 -9.53
C LEU K 119 -93.29 55.49 -8.86
N GLN K 120 -94.30 54.96 -9.58
CA GLN K 120 -95.68 54.87 -9.14
C GLN K 120 -96.42 56.18 -9.41
N THR K 121 -95.75 57.13 -10.08
CA THR K 121 -96.38 58.35 -10.55
C THR K 121 -97.53 57.97 -11.50
N PRO K 122 -98.73 58.56 -11.39
CA PRO K 122 -99.80 58.32 -12.37
C PRO K 122 -99.51 58.99 -13.72
N ILE K 123 -99.59 58.19 -14.79
CA ILE K 123 -99.23 58.65 -16.12
C ILE K 123 -100.29 59.70 -16.56
N PRO K 124 -101.60 59.48 -16.34
CA PRO K 124 -102.61 60.44 -16.80
C PRO K 124 -102.43 61.84 -16.24
N ALA K 125 -102.02 61.93 -14.97
CA ALA K 125 -101.77 63.21 -14.33
C ALA K 125 -100.62 63.93 -15.04
N VAL K 126 -99.57 63.18 -15.42
CA VAL K 126 -98.43 63.75 -16.12
C VAL K 126 -98.94 64.34 -17.44
N ALA K 127 -99.81 63.60 -18.12
CA ALA K 127 -100.37 64.04 -19.39
C ALA K 127 -101.14 65.34 -19.21
N GLU K 128 -101.90 65.43 -18.11
CA GLU K 128 -102.69 66.63 -17.82
C GLU K 128 -101.76 67.82 -17.65
N GLY K 129 -100.65 67.62 -16.95
CA GLY K 129 -99.65 68.66 -16.74
C GLY K 129 -99.12 69.19 -18.08
N VAL K 130 -98.87 68.28 -19.03
CA VAL K 130 -98.38 68.67 -20.33
C VAL K 130 -99.47 69.45 -21.06
N ARG K 131 -100.72 69.00 -20.94
CA ARG K 131 -101.83 69.71 -21.54
C ARG K 131 -101.91 71.13 -20.98
N ALA K 132 -101.78 71.23 -19.66
CA ALA K 132 -101.80 72.52 -18.99
C ALA K 132 -100.69 73.42 -19.53
N MET K 133 -99.48 72.87 -19.68
CA MET K 133 -98.36 73.65 -20.18
C MET K 133 -98.68 74.15 -21.59
N LYS K 134 -99.34 73.31 -22.39
CA LYS K 134 -99.68 73.67 -23.75
C LYS K 134 -100.54 74.93 -23.74
N ASN K 135 -101.55 74.96 -22.86
CA ASN K 135 -102.51 76.06 -22.83
C ASN K 135 -101.80 77.37 -22.49
N VAL K 136 -100.92 77.32 -21.49
CA VAL K 136 -100.15 78.49 -21.09
C VAL K 136 -99.28 78.93 -22.27
N ALA K 137 -98.59 77.98 -22.90
CA ALA K 137 -97.66 78.28 -23.99
C ALA K 137 -98.43 78.89 -25.16
N THR K 138 -99.62 78.36 -25.45
CA THR K 138 -100.42 78.82 -26.57
C THR K 138 -100.74 80.30 -26.40
N SER K 139 -101.10 80.70 -25.18
CA SER K 139 -101.51 82.07 -24.91
C SER K 139 -100.38 83.05 -25.26
N LEU K 140 -99.14 82.71 -24.88
CA LEU K 140 -98.01 83.59 -25.12
C LEU K 140 -97.67 83.62 -26.61
N LEU K 141 -97.86 82.48 -27.30
CA LEU K 141 -97.51 82.40 -28.70
C LEU K 141 -98.59 83.05 -29.54
N SER K 142 -98.19 83.57 -30.71
CA SER K 142 -99.13 84.00 -31.74
C SER K 142 -99.84 82.76 -32.31
N GLY K 143 -101.02 82.96 -32.91
CA GLY K 143 -101.91 81.88 -33.30
C GLY K 143 -101.24 80.82 -34.19
N ASP K 144 -100.59 81.26 -35.27
CA ASP K 144 -99.89 80.37 -36.19
C ASP K 144 -98.74 79.67 -35.45
N ASP K 145 -97.99 80.45 -34.64
CA ASP K 145 -96.90 79.92 -33.86
C ASP K 145 -97.46 78.86 -32.90
N ALA K 146 -98.61 79.18 -32.28
CA ALA K 146 -99.24 78.30 -31.30
C ALA K 146 -99.60 76.96 -31.94
N ALA K 147 -100.11 76.99 -33.18
CA ALA K 147 -100.50 75.78 -33.87
C ALA K 147 -99.29 74.86 -34.04
N GLU K 148 -98.16 75.43 -34.47
CA GLU K 148 -96.92 74.67 -34.63
C GLU K 148 -96.54 74.05 -33.29
N ALA K 149 -96.52 74.87 -32.23
CA ALA K 149 -96.15 74.39 -30.91
C ALA K 149 -97.14 73.34 -30.42
N GLY K 150 -98.42 73.52 -30.74
CA GLY K 150 -99.47 72.60 -30.30
C GLY K 150 -99.20 71.18 -30.75
N PHE K 151 -98.74 71.03 -32.00
CA PHE K 151 -98.52 69.71 -32.57
C PHE K 151 -97.56 68.93 -31.67
N TYR K 152 -96.45 69.57 -31.28
CA TYR K 152 -95.44 68.91 -30.47
C TYR K 152 -96.03 68.59 -29.09
N PHE K 153 -96.79 69.54 -28.53
CA PHE K 153 -97.41 69.33 -27.24
C PHE K 153 -98.40 68.16 -27.30
N ASP K 154 -99.17 68.09 -28.40
CA ASP K 154 -100.16 67.04 -28.56
C ASP K 154 -99.47 65.68 -28.63
N TYR K 155 -98.35 65.61 -29.34
CA TYR K 155 -97.61 64.37 -29.49
C TYR K 155 -97.25 63.84 -28.12
N LEU K 156 -96.72 64.73 -27.25
CA LEU K 156 -96.31 64.33 -25.92
C LEU K 156 -97.50 63.75 -25.17
N VAL K 157 -98.64 64.44 -25.26
CA VAL K 157 -99.83 64.00 -24.56
C VAL K 157 -100.24 62.62 -25.09
N GLY K 158 -100.18 62.46 -26.41
CA GLY K 158 -100.50 61.17 -27.02
C GLY K 158 -99.56 60.06 -26.55
N ALA K 159 -98.27 60.38 -26.49
CA ALA K 159 -97.25 59.41 -26.13
C ALA K 159 -97.46 58.88 -24.72
N MET K 160 -97.78 59.79 -23.78
CA MET K 160 -98.02 59.48 -22.39
C MET K 160 -99.53 59.25 -22.20
N GLN K 161 -99.93 58.08 -22.65
CA GLN K 161 -101.31 57.65 -22.53
C GLN K 161 -101.38 56.10 -22.48
N MET L 1 -77.42 58.05 -36.92
CA MET L 1 -76.61 59.19 -37.33
C MET L 1 -77.00 60.45 -36.55
N GLN L 2 -76.27 61.51 -36.83
CA GLN L 2 -76.69 62.79 -36.35
C GLN L 2 -76.52 63.85 -37.42
N ASP L 3 -77.26 64.95 -37.30
CA ASP L 3 -77.22 66.09 -38.17
C ASP L 3 -76.81 67.31 -37.36
N ALA L 4 -76.58 68.44 -38.05
CA ALA L 4 -76.09 69.63 -37.39
C ALA L 4 -77.10 70.10 -36.32
N ILE L 5 -78.38 70.13 -36.70
CA ILE L 5 -79.41 70.58 -35.78
C ILE L 5 -79.41 69.69 -34.53
N THR L 6 -79.40 68.36 -34.75
CA THR L 6 -79.43 67.44 -33.61
C THR L 6 -78.13 67.54 -32.81
N ALA L 7 -77.00 67.79 -33.46
CA ALA L 7 -75.72 67.89 -32.77
C ALA L 7 -75.78 69.03 -31.73
N VAL L 8 -76.34 70.17 -32.13
CA VAL L 8 -76.48 71.30 -31.23
C VAL L 8 -77.39 70.89 -30.07
N ILE L 9 -78.53 70.29 -30.41
CA ILE L 9 -79.48 69.87 -29.40
C ILE L 9 -78.80 68.92 -28.41
N ASN L 10 -78.02 67.96 -28.91
CA ASN L 10 -77.45 66.96 -28.04
C ASN L 10 -76.47 67.61 -27.08
N ASN L 11 -75.68 68.57 -27.57
CA ASN L 11 -74.70 69.23 -26.73
C ASN L 11 -75.41 69.95 -25.58
N TYR L 12 -76.53 70.60 -25.90
CA TYR L 12 -77.31 71.31 -24.90
C TYR L 12 -77.96 70.34 -23.93
N ASP L 13 -78.45 69.21 -24.44
CA ASP L 13 -79.13 68.24 -23.60
C ASP L 13 -78.20 67.68 -22.53
N VAL L 14 -76.94 67.40 -22.87
CA VAL L 14 -76.02 66.85 -21.88
C VAL L 14 -75.76 67.90 -20.81
N GLN L 15 -75.70 69.18 -21.23
CA GLN L 15 -75.56 70.26 -20.26
C GLN L 15 -76.86 70.44 -19.49
N GLY L 16 -77.99 70.09 -20.12
CA GLY L 16 -79.29 70.27 -19.51
C GLY L 16 -79.81 71.69 -19.74
N LYS L 17 -79.04 72.48 -20.50
CA LYS L 17 -79.35 73.86 -20.77
C LYS L 17 -80.48 73.95 -21.80
N TYR L 18 -81.37 74.93 -21.60
CA TYR L 18 -82.32 75.32 -22.64
C TYR L 18 -81.56 75.95 -23.79
N LEU L 19 -82.14 75.90 -25.00
CA LEU L 19 -81.49 76.48 -26.17
C LEU L 19 -81.31 77.97 -25.97
N ASP L 20 -80.12 78.47 -26.33
CA ASP L 20 -79.77 79.87 -26.13
C ASP L 20 -79.42 80.50 -27.48
N GLY L 21 -79.30 81.83 -27.49
CA GLY L 21 -79.11 82.59 -28.72
C GLY L 21 -77.86 82.13 -29.49
N ALA L 22 -76.75 81.91 -28.78
CA ALA L 22 -75.53 81.43 -29.39
C ALA L 22 -75.78 80.12 -30.14
N ALA L 23 -76.48 79.19 -29.46
CA ALA L 23 -76.90 77.94 -30.09
C ALA L 23 -77.79 78.23 -31.28
N LEU L 24 -78.72 79.17 -31.12
CA LEU L 24 -79.67 79.50 -32.17
C LEU L 24 -78.92 80.00 -33.41
N ASP L 25 -77.86 80.77 -33.20
CA ASP L 25 -77.06 81.33 -34.29
C ASP L 25 -76.44 80.22 -35.14
N LYS L 26 -75.91 79.17 -34.47
CA LYS L 26 -75.35 78.04 -35.19
C LYS L 26 -76.44 77.38 -36.03
N LEU L 27 -77.63 77.23 -35.45
CA LEU L 27 -78.74 76.62 -36.16
C LEU L 27 -79.11 77.49 -37.35
N LYS L 28 -79.09 78.81 -37.15
CA LYS L 28 -79.47 79.75 -38.18
C LYS L 28 -78.48 79.66 -39.35
N ALA L 29 -77.19 79.54 -38.99
CA ALA L 29 -76.15 79.40 -40.00
C ALA L 29 -76.44 78.20 -40.89
N TYR L 30 -76.81 77.07 -40.27
CA TYR L 30 -77.10 75.86 -41.02
C TYR L 30 -78.26 76.12 -41.98
N PHE L 31 -79.30 76.82 -41.51
CA PHE L 31 -80.51 76.98 -42.29
C PHE L 31 -80.24 77.71 -43.59
N THR L 32 -79.36 78.73 -43.55
CA THR L 32 -78.99 79.46 -44.75
C THR L 32 -78.25 78.56 -45.75
N THR L 33 -77.33 77.72 -45.23
CA THR L 33 -76.52 76.86 -46.08
C THR L 33 -77.40 75.79 -46.73
N GLY L 34 -78.49 75.41 -46.03
CA GLY L 34 -79.35 74.31 -46.43
C GLY L 34 -79.76 74.33 -47.91
N ALA L 35 -80.25 75.49 -48.37
CA ALA L 35 -80.79 75.57 -49.72
C ALA L 35 -79.74 75.18 -50.77
N VAL L 36 -78.50 75.70 -50.58
CA VAL L 36 -77.38 75.41 -51.46
C VAL L 36 -77.14 73.90 -51.48
N ARG L 37 -77.14 73.29 -50.29
CA ARG L 37 -76.82 71.88 -50.15
C ARG L 37 -77.83 71.04 -50.93
N VAL L 38 -79.12 71.38 -50.84
CA VAL L 38 -80.13 70.61 -51.52
C VAL L 38 -79.86 70.63 -53.03
N ARG L 39 -79.51 71.81 -53.56
CA ARG L 39 -79.25 71.93 -54.98
C ARG L 39 -78.06 71.04 -55.36
N ALA L 40 -77.00 71.08 -54.55
CA ALA L 40 -75.80 70.31 -54.81
C ALA L 40 -76.11 68.81 -54.84
N ALA L 41 -76.93 68.35 -53.88
CA ALA L 41 -77.25 66.95 -53.77
C ALA L 41 -77.94 66.44 -55.03
N ALA L 42 -78.87 67.25 -55.58
CA ALA L 42 -79.60 66.86 -56.77
C ALA L 42 -78.65 66.74 -57.97
N VAL L 43 -77.69 67.68 -58.05
CA VAL L 43 -76.70 67.65 -59.11
C VAL L 43 -75.91 66.35 -59.02
N ILE L 44 -75.45 66.01 -57.82
CA ILE L 44 -74.60 64.84 -57.66
C ILE L 44 -75.37 63.59 -58.04
N SER L 45 -76.62 63.46 -57.59
CA SER L 45 -77.39 62.26 -57.83
C SER L 45 -77.54 62.01 -59.35
N SER L 46 -77.83 63.08 -60.10
CA SER L 46 -78.05 62.96 -61.53
C SER L 46 -76.77 62.57 -62.26
N ASN L 47 -75.62 63.07 -61.80
CA ASN L 47 -74.36 62.87 -62.50
C ASN L 47 -73.49 61.79 -61.83
N ALA L 48 -74.10 60.99 -60.96
CA ALA L 48 -73.32 60.08 -60.14
C ALA L 48 -72.53 59.09 -60.99
N THR L 49 -73.19 58.46 -61.98
CA THR L 49 -72.53 57.47 -62.80
C THR L 49 -71.32 58.10 -63.49
N THR L 50 -71.48 59.31 -64.05
CA THR L 50 -70.42 59.98 -64.77
C THR L 50 -69.29 60.35 -63.80
N ILE L 51 -69.66 60.82 -62.60
CA ILE L 51 -68.65 61.23 -61.64
C ILE L 51 -67.72 60.06 -61.39
N ILE L 52 -68.31 58.88 -61.19
CA ILE L 52 -67.51 57.70 -60.88
C ILE L 52 -66.63 57.37 -62.08
N LYS L 53 -67.21 57.43 -63.28
CA LYS L 53 -66.48 57.12 -64.51
C LYS L 53 -65.25 58.02 -64.63
N GLU L 54 -65.46 59.33 -64.47
CA GLU L 54 -64.40 60.30 -64.64
C GLU L 54 -63.30 60.04 -63.61
N ALA L 55 -63.69 59.81 -62.36
CA ALA L 55 -62.74 59.62 -61.29
C ALA L 55 -61.92 58.36 -61.55
N ALA L 56 -62.57 57.30 -62.00
CA ALA L 56 -61.88 56.05 -62.29
C ALA L 56 -60.84 56.28 -63.39
N ALA L 57 -61.27 57.01 -64.43
CA ALA L 57 -60.41 57.35 -65.55
C ALA L 57 -59.17 58.12 -65.07
N LYS L 58 -59.39 59.05 -64.14
CA LYS L 58 -58.30 59.86 -63.61
C LYS L 58 -57.30 59.02 -62.84
N ALA L 59 -57.74 58.04 -62.03
CA ALA L 59 -56.83 57.34 -61.12
C ALA L 59 -56.78 55.82 -61.36
N LEU L 60 -57.93 55.16 -61.35
CA LEU L 60 -57.96 53.73 -61.23
C LEU L 60 -57.57 53.01 -62.53
N ILE L 61 -58.15 53.41 -63.66
CA ILE L 61 -57.98 52.60 -64.87
C ILE L 61 -56.67 52.99 -65.55
N TYR L 62 -56.31 52.24 -66.59
CA TYR L 62 -55.06 52.43 -67.34
C TYR L 62 -53.86 52.39 -66.39
N SER L 63 -53.94 51.51 -65.39
CA SER L 63 -52.98 51.49 -64.31
C SER L 63 -52.56 50.04 -64.06
N ASP L 64 -51.58 49.85 -63.21
CA ASP L 64 -51.18 48.52 -62.80
C ASP L 64 -52.34 47.77 -62.12
N LEU L 65 -53.18 48.51 -61.37
CA LEU L 65 -54.28 47.87 -60.67
C LEU L 65 -55.15 47.09 -61.65
N THR L 66 -55.49 47.71 -62.76
CA THR L 66 -56.33 47.03 -63.73
C THR L 66 -55.57 45.95 -64.47
N ARG L 67 -54.24 46.08 -64.57
CA ARG L 67 -53.44 45.09 -65.29
C ARG L 67 -53.37 43.81 -64.47
N PRO L 68 -53.14 42.62 -65.09
CA PRO L 68 -53.13 41.36 -64.34
C PRO L 68 -52.12 41.36 -63.21
N GLY L 69 -52.56 40.84 -62.06
CA GLY L 69 -51.77 40.89 -60.84
C GLY L 69 -52.06 42.13 -60.00
N GLY L 70 -52.93 43.01 -60.51
CA GLY L 70 -53.33 44.22 -59.79
C GLY L 70 -54.61 43.98 -59.01
N MET L 72 -57.41 45.47 -58.86
CA MET L 72 -58.67 45.67 -59.54
C MET L 72 -58.75 44.83 -60.82
N TYR L 73 -57.79 43.94 -61.00
CA TYR L 73 -57.82 42.98 -62.11
C TYR L 73 -58.92 41.95 -61.89
N THR L 74 -59.51 41.45 -62.99
CA THR L 74 -60.66 40.54 -63.04
C THR L 74 -61.94 41.37 -62.96
N THR L 75 -63.01 40.90 -63.61
CA THR L 75 -64.24 41.68 -63.65
C THR L 75 -64.80 41.84 -62.24
N ARG L 76 -64.75 40.77 -61.45
CA ARG L 76 -65.33 40.77 -60.13
C ARG L 76 -64.73 41.88 -59.27
N ARG L 77 -63.40 41.94 -59.25
CA ARG L 77 -62.71 42.96 -58.48
C ARG L 77 -63.00 44.36 -59.04
N TYR L 78 -63.02 44.51 -60.36
CA TYR L 78 -63.29 45.81 -60.95
C TYR L 78 -64.66 46.29 -60.49
N ALA L 79 -65.64 45.39 -60.55
CA ALA L 79 -67.00 45.75 -60.18
C ALA L 79 -67.07 46.14 -58.70
N ALA L 80 -66.35 45.41 -57.84
CA ALA L 80 -66.30 45.73 -56.43
C ALA L 80 -65.77 47.14 -56.20
N CYS L 81 -64.68 47.49 -56.89
CA CYS L 81 -64.07 48.79 -56.68
C CYS L 81 -65.02 49.91 -57.07
N ILE L 82 -65.75 49.76 -58.18
CA ILE L 82 -66.64 50.83 -58.59
C ILE L 82 -67.83 50.88 -57.65
N ARG L 83 -68.24 49.74 -57.09
CA ARG L 83 -69.31 49.72 -56.09
C ARG L 83 -68.87 50.50 -54.85
N ASP L 84 -67.63 50.32 -54.42
CA ASP L 84 -67.14 51.05 -53.27
C ASP L 84 -67.15 52.55 -53.55
N MET L 85 -66.77 52.92 -54.78
CA MET L 85 -66.70 54.31 -55.16
C MET L 85 -68.08 54.94 -55.03
N ASP L 86 -69.09 54.21 -55.52
CA ASP L 86 -70.47 54.67 -55.42
C ASP L 86 -70.88 54.88 -53.97
N TYR L 87 -70.51 53.95 -53.10
CA TYR L 87 -70.83 54.07 -51.68
C TYR L 87 -70.29 55.39 -51.16
N PHE L 88 -69.02 55.65 -51.41
CA PHE L 88 -68.39 56.84 -50.87
C PHE L 88 -69.17 58.07 -51.36
N LEU L 89 -69.54 58.08 -52.64
CA LEU L 89 -70.24 59.22 -53.19
C LEU L 89 -71.59 59.41 -52.50
N ARG L 90 -72.36 58.33 -52.37
CA ARG L 90 -73.69 58.42 -51.79
C ARG L 90 -73.63 58.93 -50.35
N TYR L 91 -72.67 58.41 -49.58
CA TYR L 91 -72.57 58.77 -48.18
C TYR L 91 -72.12 60.23 -48.05
N ALA L 92 -71.18 60.65 -48.90
CA ALA L 92 -70.74 62.03 -48.87
C ALA L 92 -71.91 62.96 -49.14
N THR L 93 -72.76 62.60 -50.10
CA THR L 93 -73.94 63.40 -50.41
C THR L 93 -74.84 63.47 -49.18
N TYR L 94 -75.04 62.34 -48.50
CA TYR L 94 -75.86 62.31 -47.29
C TYR L 94 -75.25 63.25 -46.25
N ALA L 95 -73.94 63.18 -46.08
CA ALA L 95 -73.26 63.99 -45.08
C ALA L 95 -73.42 65.47 -45.40
N MET L 96 -73.34 65.82 -46.68
CA MET L 96 -73.43 67.21 -47.08
C MET L 96 -74.81 67.76 -46.73
N LEU L 97 -75.87 67.00 -47.03
CA LEU L 97 -77.20 67.43 -46.65
C LEU L 97 -77.29 67.58 -45.13
N ALA L 98 -76.78 66.58 -44.41
CA ALA L 98 -76.88 66.56 -42.96
C ALA L 98 -76.12 67.73 -42.35
N GLY L 99 -74.98 68.08 -42.94
CA GLY L 99 -74.12 69.08 -42.35
C GLY L 99 -73.26 68.51 -41.22
N ASP L 100 -73.21 67.17 -41.11
CA ASP L 100 -72.46 66.53 -40.04
C ASP L 100 -71.65 65.38 -40.63
N PRO L 101 -70.39 65.19 -40.18
CA PRO L 101 -69.57 64.05 -40.61
C PRO L 101 -69.87 62.71 -39.94
N SER L 102 -70.76 62.70 -38.93
CA SER L 102 -70.95 61.52 -38.10
C SER L 102 -71.40 60.30 -38.91
N ILE L 103 -72.32 60.50 -39.86
CA ILE L 103 -72.84 59.36 -40.61
C ILE L 103 -71.69 58.63 -41.29
N LEU L 104 -70.68 59.38 -41.78
CA LEU L 104 -69.56 58.76 -42.44
C LEU L 104 -68.86 57.85 -41.45
N ASP L 105 -68.65 58.33 -40.21
CA ASP L 105 -67.99 57.52 -39.19
C ASP L 105 -68.80 56.27 -38.86
N GLU L 106 -70.11 56.42 -38.70
CA GLU L 106 -70.97 55.34 -38.24
C GLU L 106 -71.09 54.24 -39.30
N ARG L 107 -71.19 54.60 -40.58
CA ARG L 107 -71.41 53.59 -41.61
C ARG L 107 -70.13 53.29 -42.40
N VAL L 108 -69.54 54.29 -43.01
CA VAL L 108 -68.47 54.02 -43.97
C VAL L 108 -67.16 53.77 -43.21
N LEU L 109 -66.81 54.67 -42.31
CA LEU L 109 -65.45 54.70 -41.82
C LEU L 109 -65.16 53.57 -40.86
N ASN L 110 -66.18 53.06 -40.16
CA ASN L 110 -65.96 52.12 -39.08
C ASN L 110 -65.60 50.73 -39.60
N GLY L 111 -64.40 50.24 -39.24
CA GLY L 111 -63.92 48.96 -39.71
C GLY L 111 -63.42 48.91 -41.14
N LEU L 112 -63.43 50.00 -41.88
CA LEU L 112 -63.07 49.94 -43.29
C LEU L 112 -61.58 49.65 -43.43
N LYS L 113 -60.76 50.32 -42.62
CA LYS L 113 -59.31 50.16 -42.74
C LYS L 113 -58.95 48.69 -42.54
N GLU L 114 -59.51 48.10 -41.49
CA GLU L 114 -59.23 46.73 -41.13
C GLU L 114 -59.69 45.78 -42.24
N THR L 115 -60.90 46.01 -42.77
CA THR L 115 -61.43 45.21 -43.86
C THR L 115 -60.47 45.26 -45.05
N TYR L 116 -60.06 46.47 -45.41
CA TYR L 116 -59.21 46.65 -46.57
C TYR L 116 -57.88 45.95 -46.36
N ASN L 117 -57.31 46.05 -45.16
CA ASN L 117 -56.03 45.43 -44.89
C ASN L 117 -56.11 43.91 -45.03
N SER L 118 -57.17 43.30 -44.50
CA SER L 118 -57.35 41.87 -44.67
C SER L 118 -57.52 41.53 -46.15
N LEU L 119 -58.30 42.33 -46.88
CA LEU L 119 -58.55 42.05 -48.28
C LEU L 119 -57.28 42.25 -49.09
N GLY L 120 -56.41 43.17 -48.66
CA GLY L 120 -55.25 43.57 -49.44
C GLY L 120 -55.58 44.65 -50.47
N VAL L 121 -56.77 45.24 -50.38
CA VAL L 121 -57.09 46.44 -51.14
C VAL L 121 -56.12 47.55 -50.76
N PRO L 122 -55.53 48.30 -51.72
CA PRO L 122 -54.61 49.40 -51.39
C PRO L 122 -55.32 50.69 -50.98
N ILE L 123 -55.04 51.14 -49.74
CA ILE L 123 -55.77 52.26 -49.18
C ILE L 123 -55.42 53.54 -49.92
N ALA L 124 -54.14 53.74 -50.22
CA ALA L 124 -53.70 54.98 -50.84
C ALA L 124 -54.38 55.18 -52.20
N ALA L 125 -54.49 54.12 -52.99
CA ALA L 125 -55.17 54.19 -54.27
C ALA L 125 -56.65 54.57 -54.09
N THR L 126 -57.28 53.99 -53.05
CA THR L 126 -58.69 54.27 -52.77
C THR L 126 -58.83 55.75 -52.43
N VAL L 127 -57.90 56.23 -51.59
CA VAL L 127 -57.92 57.62 -51.18
C VAL L 127 -57.79 58.50 -52.42
N GLY L 128 -56.86 58.14 -53.31
CA GLY L 128 -56.67 58.83 -54.58
C GLY L 128 -57.97 58.96 -55.37
N GLY L 129 -58.71 57.84 -55.46
CA GLY L 129 -60.00 57.81 -56.12
C GLY L 129 -61.02 58.75 -55.48
N ILE L 130 -61.02 58.81 -54.14
CA ILE L 130 -61.95 59.67 -53.43
C ILE L 130 -61.63 61.13 -53.76
N GLN L 131 -60.33 61.46 -53.77
CA GLN L 131 -59.89 62.81 -54.08
C GLN L 131 -60.28 63.18 -55.51
N ALA L 132 -60.13 62.22 -56.43
CA ALA L 132 -60.52 62.44 -57.81
C ALA L 132 -62.02 62.72 -57.89
N MET L 133 -62.83 61.95 -57.16
CA MET L 133 -64.28 62.17 -57.20
C MET L 133 -64.57 63.58 -56.72
N LYS L 134 -63.85 64.01 -55.69
CA LYS L 134 -64.07 65.33 -55.10
C LYS L 134 -63.90 66.41 -56.16
N GLU L 135 -62.81 66.30 -56.92
CA GLU L 135 -62.48 67.27 -57.96
C GLU L 135 -63.59 67.33 -59.00
N VAL L 136 -64.05 66.17 -59.48
CA VAL L 136 -65.13 66.11 -60.46
C VAL L 136 -66.40 66.73 -59.86
N VAL L 137 -66.70 66.37 -58.60
CA VAL L 137 -67.92 66.83 -57.95
C VAL L 137 -67.87 68.35 -57.85
N GLY L 138 -66.69 68.88 -57.48
CA GLY L 138 -66.51 70.30 -57.28
C GLY L 138 -66.97 71.10 -58.49
N GLY L 139 -66.54 70.66 -59.68
CA GLY L 139 -66.93 71.27 -60.94
C GLY L 139 -68.45 71.34 -61.10
N LEU L 140 -69.13 70.19 -60.95
CA LEU L 140 -70.55 70.08 -61.22
C LEU L 140 -71.36 70.94 -60.24
N VAL L 141 -70.99 70.88 -58.95
CA VAL L 141 -71.80 71.50 -57.91
C VAL L 141 -71.68 73.01 -58.02
N GLY L 142 -70.50 73.49 -58.43
CA GLY L 142 -70.21 74.92 -58.45
C GLY L 142 -69.53 75.35 -57.16
N PRO L 143 -68.89 76.55 -57.13
CA PRO L 143 -67.96 76.92 -56.05
C PRO L 143 -68.48 76.96 -54.61
N ASP L 144 -69.63 77.59 -54.39
CA ASP L 144 -70.21 77.69 -53.05
C ASP L 144 -70.47 76.30 -52.48
N ALA L 145 -71.08 75.44 -53.31
CA ALA L 145 -71.39 74.08 -52.92
C ALA L 145 -70.11 73.26 -52.77
N ALA L 146 -69.10 73.54 -53.61
CA ALA L 146 -67.89 72.75 -53.65
C ALA L 146 -67.18 72.76 -52.28
N LYS L 147 -67.12 73.91 -51.64
CA LYS L 147 -66.42 74.03 -50.37
C LYS L 147 -67.04 73.05 -49.36
N GLU L 148 -68.37 73.07 -49.28
CA GLU L 148 -69.12 72.21 -48.39
C GLU L 148 -68.88 70.74 -48.75
N ALA L 149 -68.98 70.43 -50.05
CA ALA L 149 -68.79 69.07 -50.53
C ALA L 149 -67.39 68.57 -50.19
N SER L 150 -66.38 69.44 -50.35
CA SER L 150 -65.00 69.04 -50.21
C SER L 150 -64.71 68.50 -48.80
N ILE L 151 -65.28 69.13 -47.78
CA ILE L 151 -64.91 68.76 -46.40
C ILE L 151 -65.27 67.30 -46.14
N TYR L 152 -66.42 66.84 -46.63
CA TYR L 152 -66.87 65.47 -46.39
C TYR L 152 -65.98 64.49 -47.15
N PHE L 153 -65.61 64.83 -48.38
CA PHE L 153 -64.70 64.00 -49.15
C PHE L 153 -63.35 63.88 -48.43
N ASP L 154 -62.88 65.01 -47.89
CA ASP L 154 -61.60 65.02 -47.18
C ASP L 154 -61.70 64.18 -45.91
N TYR L 155 -62.87 64.24 -45.24
CA TYR L 155 -63.10 63.47 -44.03
C TYR L 155 -62.97 61.98 -44.32
N LEU L 156 -63.59 61.54 -45.41
CA LEU L 156 -63.51 60.14 -45.81
C LEU L 156 -62.05 59.77 -46.04
N SER L 157 -61.32 60.64 -46.76
CA SER L 157 -59.96 60.35 -47.14
C SER L 157 -59.09 60.20 -45.89
N SER L 158 -59.26 61.12 -44.93
CA SER L 158 -58.48 61.11 -43.70
C SER L 158 -58.77 59.85 -42.89
N GLY L 159 -60.04 59.43 -42.84
CA GLY L 159 -60.43 58.24 -42.11
C GLY L 159 -59.75 57.00 -42.67
N LEU L 160 -59.73 56.88 -44.00
CA LEU L 160 -59.21 55.69 -44.64
C LEU L 160 -57.70 55.64 -44.41
N SER L 161 -57.07 56.81 -44.53
CA SER L 161 -55.64 56.89 -44.33
C SER L 161 -55.36 57.18 -42.84
N SER M 2 -97.76 60.10 -54.39
CA SER M 2 -97.95 61.50 -53.92
C SER M 2 -97.30 61.68 -52.56
N VAL M 3 -97.12 62.94 -52.13
CA VAL M 3 -96.57 63.26 -50.81
C VAL M 3 -97.46 62.58 -49.76
N LEU M 4 -98.78 62.69 -49.93
CA LEU M 4 -99.68 62.24 -48.90
C LEU M 4 -99.54 60.73 -48.75
N THR M 5 -99.52 60.01 -49.89
CA THR M 5 -99.44 58.56 -49.86
C THR M 5 -98.17 58.15 -49.12
N LYS M 6 -97.06 58.83 -49.43
CA LYS M 6 -95.80 58.47 -48.82
C LYS M 6 -95.89 58.61 -47.30
N ALA M 7 -96.46 59.72 -46.83
CA ALA M 7 -96.56 59.98 -45.39
C ALA M 7 -97.41 58.92 -44.70
N ILE M 8 -98.55 58.59 -45.31
CA ILE M 8 -99.46 57.61 -44.73
C ILE M 8 -98.76 56.27 -44.62
N VAL M 9 -98.04 55.89 -45.68
CA VAL M 9 -97.39 54.60 -45.71
C VAL M 9 -96.36 54.50 -44.57
N ASN M 10 -95.59 55.56 -44.33
CA ASN M 10 -94.59 55.52 -43.27
C ASN M 10 -95.28 55.37 -41.92
N ALA M 11 -96.38 56.09 -41.73
CA ALA M 11 -97.12 56.03 -40.49
C ALA M 11 -97.66 54.62 -40.26
N ASP M 12 -98.21 54.00 -41.30
CA ASP M 12 -98.81 52.69 -41.16
C ASP M 12 -97.75 51.67 -40.77
N ALA M 13 -96.56 51.77 -41.36
CA ALA M 13 -95.47 50.88 -41.01
C ALA M 13 -95.14 51.00 -39.53
N GLU M 14 -95.08 52.25 -39.05
CA GLU M 14 -94.83 52.49 -37.65
C GLU M 14 -96.03 52.21 -36.78
N ALA M 15 -97.20 52.07 -37.42
CA ALA M 15 -98.45 51.78 -36.72
C ALA M 15 -98.83 52.94 -35.79
N ARG M 16 -98.58 54.17 -36.25
CA ARG M 16 -98.82 55.37 -35.45
C ARG M 16 -99.63 56.37 -36.27
N TYR M 17 -100.27 57.32 -35.58
CA TYR M 17 -100.91 58.47 -36.22
C TYR M 17 -99.82 59.36 -36.81
N LEU M 18 -100.18 60.20 -37.80
CA LEU M 18 -99.21 61.04 -38.47
C LEU M 18 -98.53 61.99 -37.48
N SER M 19 -97.20 62.05 -37.61
CA SER M 19 -96.36 62.88 -36.77
C SER M 19 -96.59 64.35 -37.13
N PRO M 20 -96.36 65.29 -36.20
CA PRO M 20 -96.54 66.72 -36.47
C PRO M 20 -95.73 67.19 -37.68
N GLY M 21 -94.46 66.75 -37.71
CA GLY M 21 -93.56 67.08 -38.81
C GLY M 21 -94.13 66.61 -40.16
N GLU M 22 -94.63 65.36 -40.17
CA GLU M 22 -95.25 64.80 -41.36
C GLU M 22 -96.47 65.63 -41.75
N LEU M 23 -97.27 66.02 -40.76
CA LEU M 23 -98.45 66.82 -41.00
C LEU M 23 -98.06 68.17 -41.60
N ASP M 24 -96.96 68.76 -41.11
CA ASP M 24 -96.50 70.05 -41.59
C ASP M 24 -96.15 69.97 -43.08
N ARG M 25 -95.47 68.88 -43.46
CA ARG M 25 -95.09 68.71 -44.85
C ARG M 25 -96.34 68.62 -45.72
N ILE M 26 -97.40 67.97 -45.21
CA ILE M 26 -98.64 67.86 -45.95
C ILE M 26 -99.23 69.26 -46.16
N LYS M 27 -99.18 70.08 -45.11
CA LYS M 27 -99.71 71.44 -45.18
C LYS M 27 -98.98 72.22 -46.25
N SER M 28 -97.63 72.10 -46.26
CA SER M 28 -96.83 72.84 -47.22
C SER M 28 -97.23 72.42 -48.64
N PHE M 29 -97.41 71.11 -48.83
CA PHE M 29 -97.71 70.55 -50.13
C PHE M 29 -99.04 71.09 -50.66
N VAL M 30 -100.06 71.19 -49.79
CA VAL M 30 -101.37 71.60 -50.26
C VAL M 30 -101.31 73.05 -50.72
N ALA M 31 -100.52 73.88 -50.01
CA ALA M 31 -100.31 75.27 -50.40
C ALA M 31 -99.60 75.34 -51.75
N SER M 32 -98.59 74.49 -51.94
CA SER M 32 -97.79 74.51 -53.16
C SER M 32 -98.61 74.05 -54.36
N GLY M 33 -99.62 73.20 -54.13
CA GLY M 33 -100.31 72.47 -55.19
C GLY M 33 -100.81 73.35 -56.33
N GLU M 34 -101.45 74.49 -55.98
CA GLU M 34 -102.02 75.36 -57.01
C GLU M 34 -100.95 75.87 -57.98
N ARG M 35 -99.81 76.30 -57.42
CA ARG M 35 -98.66 76.67 -58.24
C ARG M 35 -98.23 75.48 -59.10
N ARG M 36 -98.16 74.29 -58.49
CA ARG M 36 -97.72 73.10 -59.20
C ARG M 36 -98.65 72.82 -60.38
N LEU M 37 -99.95 73.00 -60.18
CA LEU M 37 -100.91 72.71 -61.23
C LEU M 37 -100.61 73.58 -62.47
N ARG M 38 -100.31 74.86 -62.23
CA ARG M 38 -100.00 75.78 -63.31
C ARG M 38 -98.74 75.33 -64.05
N ILE M 39 -97.70 74.92 -63.31
CA ILE M 39 -96.45 74.49 -63.93
C ILE M 39 -96.74 73.32 -64.86
N ALA M 40 -97.56 72.36 -64.39
CA ALA M 40 -97.89 71.18 -65.17
C ALA M 40 -98.66 71.59 -66.43
N GLN M 41 -99.58 72.55 -66.25
CA GLN M 41 -100.42 72.98 -67.35
C GLN M 41 -99.54 73.57 -68.46
N THR M 42 -98.56 74.40 -68.06
CA THR M 42 -97.68 75.05 -69.01
C THR M 42 -96.99 74.01 -69.88
N LEU M 43 -96.40 72.98 -69.26
CA LEU M 43 -95.67 71.96 -69.98
C LEU M 43 -96.59 71.18 -70.90
N THR M 44 -97.83 70.91 -70.46
CA THR M 44 -98.76 70.17 -71.27
C THR M 44 -99.03 70.92 -72.59
N GLU M 45 -99.21 72.23 -72.49
CA GLU M 45 -99.53 73.03 -73.66
C GLU M 45 -98.36 73.04 -74.63
N ALA M 46 -97.14 73.11 -74.08
CA ALA M 46 -95.93 73.19 -74.87
C ALA M 46 -95.39 71.80 -75.20
N ARG M 47 -96.17 70.75 -74.89
CA ARG M 47 -95.67 69.39 -74.93
C ARG M 47 -95.11 69.09 -76.33
N GLU M 48 -95.93 69.29 -77.36
CA GLU M 48 -95.61 68.91 -78.73
C GLU M 48 -94.27 69.56 -79.16
N ARG M 49 -94.09 70.83 -78.87
CA ARG M 49 -92.87 71.53 -79.25
C ARG M 49 -91.68 71.03 -78.40
N ILE M 50 -91.89 70.77 -77.11
CA ILE M 50 -90.79 70.33 -76.25
C ILE M 50 -90.22 69.04 -76.83
N VAL M 51 -91.11 68.11 -77.17
CA VAL M 51 -90.68 66.81 -77.66
C VAL M 51 -89.90 67.01 -78.96
N LYS M 52 -90.44 67.81 -79.87
CA LYS M 52 -89.83 68.01 -81.18
C LYS M 52 -88.42 68.59 -81.01
N GLN M 53 -88.32 69.67 -80.23
CA GLN M 53 -87.03 70.33 -80.04
C GLN M 53 -86.02 69.38 -79.40
N ALA M 54 -86.46 68.64 -78.38
CA ALA M 54 -85.57 67.74 -77.65
C ALA M 54 -85.07 66.65 -78.57
N GLY M 55 -85.98 66.11 -79.40
CA GLY M 55 -85.61 65.07 -80.35
C GLY M 55 -84.46 65.50 -81.25
N ASP M 56 -84.60 66.70 -81.83
CA ASP M 56 -83.62 67.26 -82.73
C ASP M 56 -82.27 67.38 -82.01
N GLN M 57 -82.31 67.92 -80.80
CA GLN M 57 -81.11 68.08 -80.00
C GLN M 57 -80.45 66.73 -79.76
N LEU M 58 -81.26 65.73 -79.41
CA LEU M 58 -80.75 64.40 -79.11
C LEU M 58 -80.07 63.83 -80.34
N PHE M 59 -80.71 63.97 -81.50
CA PHE M 59 -80.16 63.40 -82.73
C PHE M 59 -78.86 64.11 -83.10
N GLN M 60 -78.78 65.41 -82.85
CA GLN M 60 -77.53 66.13 -83.04
C GLN M 60 -76.50 65.64 -82.02
N LYS M 61 -76.90 65.45 -80.77
CA LYS M 61 -76.01 64.99 -79.70
C LYS M 61 -75.50 63.58 -80.06
N ARG M 62 -76.38 62.72 -80.57
CA ARG M 62 -76.04 61.33 -80.87
C ARG M 62 -76.37 61.04 -82.34
N PRO M 63 -75.45 61.26 -83.29
CA PRO M 63 -75.73 60.91 -84.69
C PRO M 63 -76.01 59.41 -84.84
N ASP M 64 -75.32 58.60 -84.03
CA ASP M 64 -75.32 57.15 -84.17
C ASP M 64 -76.73 56.57 -84.04
N VAL M 65 -77.52 57.07 -83.09
CA VAL M 65 -78.80 56.45 -82.81
C VAL M 65 -79.66 56.47 -84.07
N VAL M 66 -79.67 57.60 -84.80
CA VAL M 66 -80.34 57.69 -86.09
C VAL M 66 -79.30 57.46 -87.18
N SER M 67 -78.78 56.23 -87.24
CA SER M 67 -77.87 55.79 -88.28
C SER M 67 -78.22 54.35 -88.59
N PRO M 68 -77.84 53.80 -89.76
CA PRO M 68 -78.36 52.48 -90.17
C PRO M 68 -78.14 51.40 -89.10
N GLY M 69 -76.99 51.44 -88.44
CA GLY M 69 -76.74 50.56 -87.31
C GLY M 69 -77.68 50.84 -86.14
N GLY M 70 -77.92 52.14 -85.86
CA GLY M 70 -78.60 52.58 -84.65
C GLY M 70 -80.07 52.18 -84.60
N ASN M 71 -80.58 52.10 -83.36
CA ASN M 71 -81.93 51.60 -83.10
C ASN M 71 -82.97 52.59 -83.63
N ALA M 72 -82.68 53.87 -83.48
CA ALA M 72 -83.62 54.93 -83.79
C ALA M 72 -83.82 55.08 -85.30
N TYR M 73 -82.90 54.54 -86.11
CA TYR M 73 -82.87 54.80 -87.54
C TYR M 73 -84.12 54.27 -88.25
N GLY M 74 -84.59 55.04 -89.22
CA GLY M 74 -85.82 54.76 -89.95
C GLY M 74 -87.00 55.53 -89.36
N GLU M 75 -88.02 55.76 -90.17
CA GLU M 75 -89.16 56.59 -89.80
C GLU M 75 -89.92 55.94 -88.63
N LYS M 76 -90.23 54.65 -88.77
CA LYS M 76 -90.98 53.95 -87.75
C LYS M 76 -90.25 54.07 -86.42
N MET M 77 -88.95 53.76 -86.45
CA MET M 77 -88.13 53.75 -85.25
C MET M 77 -88.02 55.17 -84.67
N THR M 78 -87.85 56.17 -85.53
CA THR M 78 -87.70 57.53 -85.04
C THR M 78 -88.98 57.97 -84.34
N ALA M 79 -90.14 57.60 -84.91
CA ALA M 79 -91.41 57.92 -84.29
C ALA M 79 -91.50 57.32 -82.89
N LEU M 80 -91.10 56.04 -82.78
CA LEU M 80 -91.14 55.35 -81.50
C LEU M 80 -90.24 56.05 -80.49
N CYS M 81 -89.06 56.50 -80.91
CA CYS M 81 -88.17 57.21 -80.02
C CYS M 81 -88.83 58.50 -79.52
N LEU M 82 -89.53 59.19 -80.41
CA LEU M 82 -90.20 60.42 -80.03
C LEU M 82 -91.38 60.10 -79.12
N ARG M 83 -92.10 59.01 -79.40
CA ARG M 83 -93.21 58.59 -78.57
C ARG M 83 -92.71 58.35 -77.14
N ASP M 84 -91.53 57.72 -77.02
CA ASP M 84 -90.96 57.46 -75.71
C ASP M 84 -90.69 58.76 -74.99
N LEU M 85 -90.16 59.76 -75.70
CA LEU M 85 -89.89 61.04 -75.09
C LEU M 85 -91.18 61.67 -74.61
N ASP M 86 -92.24 61.54 -75.41
CA ASP M 86 -93.54 62.07 -75.03
C ASP M 86 -94.03 61.40 -73.76
N TYR M 87 -93.89 60.07 -73.67
CA TYR M 87 -94.29 59.31 -72.49
C TYR M 87 -93.62 59.86 -71.24
N TYR M 88 -92.30 60.08 -71.34
CA TYR M 88 -91.58 60.54 -70.18
C TYR M 88 -92.05 61.93 -69.78
N LEU M 89 -92.39 62.78 -70.76
CA LEU M 89 -92.85 64.12 -70.43
C LEU M 89 -94.18 64.03 -69.68
N ARG M 90 -95.08 63.16 -70.13
CA ARG M 90 -96.36 63.00 -69.48
C ARG M 90 -96.14 62.56 -68.03
N LEU M 91 -95.20 61.63 -67.83
CA LEU M 91 -94.88 61.16 -66.49
C LEU M 91 -94.39 62.32 -65.63
N VAL M 92 -93.53 63.17 -66.18
CA VAL M 92 -93.00 64.28 -65.40
C VAL M 92 -94.14 65.19 -64.95
N THR M 93 -95.11 65.47 -65.83
CA THR M 93 -96.21 66.35 -65.45
C THR M 93 -96.96 65.72 -64.28
N TYR M 94 -97.23 64.41 -64.36
CA TYR M 94 -97.91 63.70 -63.30
C TYR M 94 -97.15 63.87 -61.99
N GLY M 95 -95.83 63.77 -62.05
CA GLY M 95 -94.99 63.91 -60.88
C GLY M 95 -95.13 65.27 -60.23
N ILE M 96 -95.15 66.32 -61.03
CA ILE M 96 -95.18 67.68 -60.48
C ILE M 96 -96.46 67.85 -59.68
N VAL M 97 -97.61 67.40 -60.22
CA VAL M 97 -98.86 67.57 -59.51
C VAL M 97 -98.85 66.71 -58.24
N ALA M 98 -98.28 65.51 -58.32
CA ALA M 98 -98.23 64.61 -57.17
C ALA M 98 -97.29 65.13 -56.09
N GLY M 99 -96.23 65.83 -56.50
CA GLY M 99 -95.25 66.32 -55.56
C GLY M 99 -94.25 65.23 -55.14
N ASP M 100 -94.31 64.10 -55.83
CA ASP M 100 -93.47 62.96 -55.51
C ASP M 100 -93.19 62.18 -56.78
N VAL M 101 -92.09 61.41 -56.79
CA VAL M 101 -91.68 60.71 -57.98
C VAL M 101 -92.38 59.37 -58.08
N THR M 102 -93.06 58.96 -57.03
CA THR M 102 -93.66 57.63 -56.96
C THR M 102 -94.52 57.35 -58.20
N PRO M 103 -95.46 58.24 -58.60
CA PRO M 103 -96.27 57.98 -59.80
C PRO M 103 -95.39 57.75 -61.02
N ILE M 104 -94.38 58.62 -61.18
CA ILE M 104 -93.42 58.51 -62.26
C ILE M 104 -92.74 57.14 -62.18
N GLU M 105 -92.32 56.78 -60.98
CA GLU M 105 -91.46 55.63 -60.75
C GLU M 105 -92.15 54.33 -61.16
N GLU M 106 -93.41 54.15 -60.74
CA GLU M 106 -94.12 52.92 -61.05
C GLU M 106 -94.29 52.74 -62.55
N ILE M 107 -94.67 53.79 -63.27
CA ILE M 107 -94.98 53.66 -64.68
C ILE M 107 -93.71 53.53 -65.52
N GLY M 108 -92.63 54.22 -65.15
CA GLY M 108 -91.53 54.42 -66.06
C GLY M 108 -90.17 53.90 -65.60
N ILE M 109 -89.88 53.85 -64.28
CA ILE M 109 -88.49 53.67 -63.90
C ILE M 109 -88.22 52.24 -63.43
N ILE M 110 -89.25 51.41 -63.18
CA ILE M 110 -88.98 50.08 -62.68
C ILE M 110 -89.07 49.09 -63.83
N GLY M 111 -87.97 48.37 -64.07
CA GLY M 111 -87.88 47.45 -65.18
C GLY M 111 -87.47 48.16 -66.47
N VAL M 112 -87.17 49.46 -66.39
CA VAL M 112 -86.86 50.24 -67.59
C VAL M 112 -85.59 49.67 -68.24
N LYS M 113 -84.59 49.35 -67.41
CA LYS M 113 -83.32 48.83 -67.91
C LYS M 113 -83.59 47.57 -68.72
N GLU M 114 -84.38 46.66 -68.14
CA GLU M 114 -84.66 45.37 -68.75
C GLU M 114 -85.39 45.55 -70.08
N MET M 115 -86.39 46.44 -70.09
CA MET M 115 -87.17 46.67 -71.28
C MET M 115 -86.26 47.18 -72.40
N TYR M 116 -85.45 48.19 -72.09
CA TYR M 116 -84.61 48.80 -73.11
C TYR M 116 -83.54 47.82 -73.56
N ASN M 117 -83.02 46.99 -72.65
CA ASN M 117 -82.00 46.03 -73.04
C ASN M 117 -82.58 45.01 -74.04
N SER M 118 -83.83 44.57 -73.82
CA SER M 118 -84.44 43.69 -74.81
C SER M 118 -84.58 44.44 -76.14
N LEU M 119 -85.01 45.69 -76.09
CA LEU M 119 -85.17 46.49 -77.29
C LEU M 119 -83.81 46.75 -77.94
N GLN M 120 -82.78 46.83 -77.09
CA GLN M 120 -81.40 47.11 -77.50
C GLN M 120 -81.17 48.61 -77.65
N THR M 121 -82.17 49.41 -77.29
CA THR M 121 -82.03 50.85 -77.22
C THR M 121 -80.94 51.18 -76.20
N PRO M 122 -79.99 52.11 -76.51
CA PRO M 122 -79.02 52.56 -75.51
C PRO M 122 -79.64 53.43 -74.42
N ILE M 123 -79.40 53.08 -73.17
CA ILE M 123 -80.01 53.75 -72.03
C ILE M 123 -79.46 55.17 -71.93
N PRO M 124 -78.13 55.39 -72.09
CA PRO M 124 -77.56 56.74 -71.98
C PRO M 124 -78.16 57.76 -72.96
N ALA M 125 -78.45 57.31 -74.19
CA ALA M 125 -79.05 58.15 -75.20
C ALA M 125 -80.45 58.59 -74.73
N VAL M 126 -81.20 57.67 -74.13
CA VAL M 126 -82.53 57.97 -73.62
C VAL M 126 -82.40 59.06 -72.56
N ALA M 127 -81.39 58.92 -71.70
CA ALA M 127 -81.14 59.90 -70.64
C ALA M 127 -80.85 61.28 -71.24
N GLU M 128 -80.07 61.30 -72.32
CA GLU M 128 -79.73 62.54 -73.00
C GLU M 128 -80.99 63.22 -73.51
N GLY M 129 -81.89 62.43 -74.10
CA GLY M 129 -83.16 62.93 -74.59
C GLY M 129 -83.96 63.61 -73.49
N VAL M 130 -83.97 63.00 -72.29
CA VAL M 130 -84.69 63.55 -71.17
C VAL M 130 -84.01 64.85 -70.74
N ARG M 131 -82.68 64.87 -70.74
CA ARG M 131 -81.93 66.09 -70.42
C ARG M 131 -82.30 67.18 -71.40
N ALA M 132 -82.34 66.84 -72.68
CA ALA M 132 -82.71 67.78 -73.73
C ALA M 132 -84.10 68.35 -73.47
N MET M 133 -85.05 67.48 -73.12
CA MET M 133 -86.41 67.92 -72.85
C MET M 133 -86.41 68.90 -71.69
N LYS M 134 -85.58 68.63 -70.68
CA LYS M 134 -85.51 69.48 -69.52
C LYS M 134 -85.13 70.90 -69.93
N ASN M 135 -84.12 71.02 -70.81
CA ASN M 135 -83.60 72.32 -71.21
C ASN M 135 -84.69 73.12 -71.93
N VAL M 136 -85.42 72.46 -72.84
CA VAL M 136 -86.50 73.10 -73.55
C VAL M 136 -87.57 73.54 -72.55
N ALA M 137 -87.94 72.63 -71.64
CA ALA M 137 -88.99 72.91 -70.68
C ALA M 137 -88.60 74.07 -69.77
N THR M 138 -87.32 74.10 -69.36
CA THR M 138 -86.81 75.14 -68.48
C THR M 138 -87.01 76.51 -69.10
N SER M 139 -86.71 76.63 -70.39
CA SER M 139 -86.79 77.91 -71.09
C SER M 139 -88.22 78.48 -71.03
N LEU M 140 -89.22 77.62 -71.24
CA LEU M 140 -90.60 78.07 -71.25
C LEU M 140 -91.07 78.41 -69.82
N LEU M 141 -90.54 77.69 -68.83
CA LEU M 141 -90.96 77.90 -67.46
C LEU M 141 -90.24 79.12 -66.90
N SER M 142 -90.87 79.79 -65.93
CA SER M 142 -90.22 80.80 -65.11
C SER M 142 -89.18 80.11 -64.21
N GLY M 143 -88.17 80.87 -63.75
CA GLY M 143 -87.01 80.34 -63.07
C GLY M 143 -87.34 79.43 -61.87
N ASP M 144 -88.19 79.92 -60.97
CA ASP M 144 -88.60 79.16 -59.81
C ASP M 144 -89.39 77.92 -60.24
N ASP M 145 -90.28 78.10 -61.22
CA ASP M 145 -91.06 77.01 -61.77
C ASP M 145 -90.11 75.98 -62.39
N ALA M 146 -89.09 76.49 -63.10
CA ALA M 146 -88.12 75.63 -63.79
C ALA M 146 -87.38 74.75 -62.78
N ALA M 147 -87.01 75.34 -61.63
CA ALA M 147 -86.28 74.59 -60.60
C ALA M 147 -87.11 73.40 -60.12
N GLU M 148 -88.40 73.64 -59.86
CA GLU M 148 -89.31 72.58 -59.44
C GLU M 148 -89.35 71.49 -60.51
N ALA M 149 -89.56 71.91 -61.77
CA ALA M 149 -89.63 70.96 -62.87
C ALA M 149 -88.31 70.22 -63.03
N GLY M 150 -87.19 70.93 -62.82
CA GLY M 150 -85.87 70.35 -62.97
C GLY M 150 -85.68 69.12 -62.09
N PHE M 151 -86.15 69.19 -60.84
CA PHE M 151 -85.98 68.10 -59.90
C PHE M 151 -86.54 66.81 -60.48
N TYR M 152 -87.75 66.88 -61.02
CA TYR M 152 -88.40 65.71 -61.59
C TYR M 152 -87.63 65.22 -62.80
N PHE M 153 -87.18 66.16 -63.64
CA PHE M 153 -86.41 65.81 -64.83
C PHE M 153 -85.11 65.12 -64.40
N ASP M 154 -84.45 65.66 -63.37
CA ASP M 154 -83.20 65.10 -62.88
C ASP M 154 -83.40 63.68 -62.38
N TYR M 155 -84.50 63.45 -61.66
CA TYR M 155 -84.80 62.13 -61.13
C TYR M 155 -84.82 61.12 -62.27
N LEU M 156 -85.51 61.46 -63.36
CA LEU M 156 -85.66 60.58 -64.50
C LEU M 156 -84.27 60.24 -65.04
N VAL M 157 -83.44 61.28 -65.18
CA VAL M 157 -82.12 61.09 -65.73
C VAL M 157 -81.32 60.18 -64.81
N GLY M 158 -81.45 60.40 -63.49
CA GLY M 158 -80.78 59.56 -62.52
C GLY M 158 -81.24 58.11 -62.59
N ALA M 159 -82.56 57.92 -62.74
CA ALA M 159 -83.14 56.58 -62.76
C ALA M 159 -82.61 55.77 -63.94
N MET M 160 -82.54 56.41 -65.11
CA MET M 160 -81.97 55.71 -66.26
C MET M 160 -80.55 56.13 -66.49
N GLN M 161 -79.51 55.44 -65.99
CA GLN M 161 -78.16 55.97 -66.06
C GLN M 161 -77.14 54.82 -66.13
N MET N 1 -101.68 51.91 -51.33
CA MET N 1 -103.07 52.43 -51.37
C MET N 1 -103.16 53.51 -52.43
N GLN N 2 -104.32 54.19 -52.50
CA GLN N 2 -104.43 55.30 -53.44
C GLN N 2 -105.01 56.52 -52.71
N ASP N 3 -104.70 57.69 -53.26
CA ASP N 3 -105.19 58.95 -52.76
C ASP N 3 -105.89 59.66 -53.90
N ALA N 4 -106.58 60.77 -53.61
CA ALA N 4 -107.39 61.45 -54.61
C ALA N 4 -106.50 61.89 -55.79
N ILE N 5 -105.36 62.51 -55.47
CA ILE N 5 -104.47 62.98 -56.52
C ILE N 5 -104.04 61.82 -57.41
N THR N 6 -103.60 60.72 -56.79
CA THR N 6 -103.14 59.56 -57.55
C THR N 6 -104.30 58.94 -58.33
N ALA N 7 -105.51 58.95 -57.76
CA ALA N 7 -106.65 58.37 -58.44
C ALA N 7 -106.91 59.06 -59.77
N VAL N 8 -106.83 60.39 -59.77
CA VAL N 8 -107.01 61.17 -60.99
C VAL N 8 -105.91 60.78 -61.98
N ILE N 9 -104.67 60.76 -61.49
CA ILE N 9 -103.53 60.41 -62.34
C ILE N 9 -103.75 59.05 -62.95
N ASN N 10 -104.18 58.07 -62.15
CA ASN N 10 -104.31 56.68 -62.59
C ASN N 10 -105.34 56.62 -63.71
N ASN N 11 -106.46 57.33 -63.55
CA ASN N 11 -107.53 57.30 -64.52
C ASN N 11 -107.00 57.83 -65.86
N TYR N 12 -106.21 58.90 -65.80
CA TYR N 12 -105.63 59.50 -67.00
C TYR N 12 -104.60 58.56 -67.62
N ASP N 13 -103.81 57.90 -66.79
CA ASP N 13 -102.75 57.05 -67.28
C ASP N 13 -103.33 55.87 -68.07
N VAL N 14 -104.44 55.28 -67.62
CA VAL N 14 -105.01 54.16 -68.36
C VAL N 14 -105.52 54.66 -69.71
N GLN N 15 -106.05 55.89 -69.73
CA GLN N 15 -106.47 56.49 -70.99
C GLN N 15 -105.24 56.86 -71.81
N GLY N 16 -104.13 57.16 -71.14
CA GLY N 16 -102.92 57.60 -71.80
C GLY N 16 -102.94 59.10 -72.05
N LYS N 17 -104.01 59.75 -71.58
CA LYS N 17 -104.23 61.17 -71.79
C LYS N 17 -103.31 61.98 -70.88
N TYR N 18 -102.78 63.10 -71.41
CA TYR N 18 -102.15 64.11 -70.59
C TYR N 18 -103.20 64.76 -69.69
N LEU N 19 -102.75 65.32 -68.57
CA LEU N 19 -103.67 65.95 -67.62
C LEU N 19 -104.34 67.14 -68.30
N ASP N 20 -105.65 67.26 -68.09
CA ASP N 20 -106.46 68.29 -68.72
C ASP N 20 -107.12 69.13 -67.64
N GLY N 21 -107.72 70.27 -68.05
CA GLY N 21 -108.28 71.23 -67.13
C GLY N 21 -109.34 70.62 -66.22
N ALA N 22 -110.23 69.80 -66.79
CA ALA N 22 -111.26 69.12 -66.01
C ALA N 22 -110.62 68.29 -64.89
N ALA N 23 -109.58 67.53 -65.24
CA ALA N 23 -108.80 66.78 -64.26
C ALA N 23 -108.19 67.74 -63.24
N LEU N 24 -107.64 68.86 -63.74
CA LEU N 24 -106.99 69.83 -62.88
C LEU N 24 -107.98 70.37 -61.84
N ASP N 25 -109.23 70.59 -62.27
CA ASP N 25 -110.26 71.12 -61.40
C ASP N 25 -110.54 70.18 -60.23
N LYS N 26 -110.58 68.87 -60.51
CA LYS N 26 -110.77 67.89 -59.44
C LYS N 26 -109.62 67.98 -58.46
N LEU N 27 -108.39 68.10 -58.99
CA LEU N 27 -107.22 68.20 -58.14
C LEU N 27 -107.29 69.46 -57.30
N LYS N 28 -107.76 70.55 -57.93
CA LYS N 28 -107.83 71.85 -57.26
C LYS N 28 -108.83 71.76 -56.11
N ALA N 29 -109.96 71.08 -56.38
CA ALA N 29 -110.98 70.89 -55.36
C ALA N 29 -110.37 70.23 -54.13
N TYR N 30 -109.59 69.17 -54.35
CA TYR N 30 -108.97 68.45 -53.26
C TYR N 30 -108.07 69.39 -52.47
N PHE N 31 -107.30 70.24 -53.17
CA PHE N 31 -106.29 71.06 -52.51
C PHE N 31 -106.92 72.02 -51.51
N THR N 32 -108.09 72.58 -51.86
CA THR N 32 -108.82 73.47 -50.95
C THR N 32 -109.28 72.71 -49.70
N THR N 33 -109.79 71.49 -49.89
CA THR N 33 -110.32 70.70 -48.78
C THR N 33 -109.17 70.30 -47.84
N GLY N 34 -107.97 70.13 -48.42
CA GLY N 34 -106.81 69.61 -47.72
C GLY N 34 -106.55 70.26 -46.35
N ALA N 35 -106.54 71.60 -46.32
CA ALA N 35 -106.19 72.30 -45.10
C ALA N 35 -107.12 71.91 -43.94
N VAL N 36 -108.43 71.85 -44.22
CA VAL N 36 -109.43 71.45 -43.25
C VAL N 36 -109.11 70.04 -42.72
N ARG N 37 -108.79 69.14 -43.65
CA ARG N 37 -108.57 67.75 -43.32
C ARG N 37 -107.40 67.63 -42.35
N VAL N 38 -106.31 68.38 -42.61
CA VAL N 38 -105.14 68.29 -41.77
C VAL N 38 -105.51 68.67 -40.34
N ARG N 39 -106.30 69.75 -40.19
CA ARG N 39 -106.69 70.19 -38.87
C ARG N 39 -107.51 69.10 -38.17
N ALA N 40 -108.45 68.51 -38.91
CA ALA N 40 -109.30 67.46 -38.36
C ALA N 40 -108.46 66.28 -37.87
N ALA N 41 -107.48 65.87 -38.67
CA ALA N 41 -106.65 64.72 -38.34
C ALA N 41 -105.92 64.94 -37.01
N ALA N 42 -105.39 66.16 -36.80
CA ALA N 42 -104.66 66.46 -35.59
C ALA N 42 -105.58 66.38 -34.38
N VAL N 43 -106.81 66.87 -34.54
CA VAL N 43 -107.80 66.82 -33.47
C VAL N 43 -108.06 65.36 -33.11
N ILE N 44 -108.27 64.51 -34.12
CA ILE N 44 -108.62 63.13 -33.85
C ILE N 44 -107.47 62.43 -33.12
N SER N 45 -106.24 62.65 -33.59
CA SER N 45 -105.09 61.96 -33.00
C SER N 45 -104.97 62.28 -31.51
N SER N 46 -105.15 63.54 -31.14
CA SER N 46 -105.00 63.98 -29.77
C SER N 46 -106.10 63.38 -28.88
N ASN N 47 -107.32 63.25 -29.42
CA ASN N 47 -108.47 62.83 -28.62
C ASN N 47 -108.81 61.36 -28.87
N ALA N 48 -107.90 60.61 -29.47
CA ALA N 48 -108.22 59.26 -29.93
C ALA N 48 -108.65 58.36 -28.76
N THR N 49 -107.89 58.36 -27.70
CA THR N 49 -108.17 57.55 -26.53
C THR N 49 -109.58 57.84 -26.02
N THR N 50 -109.91 59.11 -25.88
CA THR N 50 -111.20 59.55 -25.35
C THR N 50 -112.31 59.13 -26.33
N ILE N 51 -112.06 59.31 -27.63
CA ILE N 51 -113.09 59.01 -28.61
C ILE N 51 -113.51 57.54 -28.44
N ILE N 52 -112.51 56.67 -28.28
CA ILE N 52 -112.77 55.25 -28.16
C ILE N 52 -113.55 55.01 -26.88
N LYS N 53 -113.12 55.64 -25.77
CA LYS N 53 -113.76 55.48 -24.49
C LYS N 53 -115.23 55.84 -24.57
N GLU N 54 -115.52 57.02 -25.15
CA GLU N 54 -116.88 57.50 -25.22
C GLU N 54 -117.75 56.54 -26.04
N ALA N 55 -117.20 56.11 -27.19
CA ALA N 55 -117.95 55.25 -28.09
C ALA N 55 -118.25 53.91 -27.40
N ALA N 56 -117.27 53.38 -26.68
CA ALA N 56 -117.46 52.11 -25.99
C ALA N 56 -118.56 52.25 -24.94
N ALA N 57 -118.51 53.38 -24.21
CA ALA N 57 -119.49 53.68 -23.19
C ALA N 57 -120.89 53.74 -23.78
N LYS N 58 -121.01 54.35 -24.97
CA LYS N 58 -122.28 54.46 -25.65
C LYS N 58 -122.84 53.10 -26.06
N ALA N 59 -122.00 52.18 -26.56
CA ALA N 59 -122.52 50.94 -27.14
C ALA N 59 -122.01 49.67 -26.46
N LEU N 60 -120.70 49.54 -26.32
CA LEU N 60 -120.10 48.26 -26.00
C LEU N 60 -120.30 47.89 -24.51
N ILE N 61 -119.96 48.82 -23.60
CA ILE N 61 -119.88 48.41 -22.21
C ILE N 61 -121.27 48.44 -21.57
N TYR N 62 -121.37 47.96 -20.32
CA TYR N 62 -122.61 47.89 -19.58
C TYR N 62 -123.66 47.10 -20.37
N SER N 63 -123.22 46.06 -21.08
CA SER N 63 -124.07 45.36 -22.01
C SER N 63 -123.92 43.85 -21.78
N ASP N 64 -124.71 43.06 -22.51
CA ASP N 64 -124.56 41.62 -22.47
C ASP N 64 -123.16 41.18 -22.94
N LEU N 65 -122.61 41.94 -23.94
CA LEU N 65 -121.31 41.61 -24.46
C LEU N 65 -120.27 41.52 -23.35
N THR N 66 -120.25 42.51 -22.48
CA THR N 66 -119.28 42.53 -21.42
C THR N 66 -119.64 41.50 -20.34
N ARG N 67 -120.92 41.14 -20.22
CA ARG N 67 -121.33 40.17 -19.20
C ARG N 67 -120.87 38.78 -19.61
N PRO N 68 -120.70 37.83 -18.67
CA PRO N 68 -120.18 36.49 -19.00
C PRO N 68 -121.04 35.79 -20.04
N GLY N 69 -120.36 35.16 -21.02
CA GLY N 69 -121.04 34.56 -22.16
C GLY N 69 -121.19 35.53 -23.33
N GLY N 70 -120.74 36.78 -23.14
CA GLY N 70 -120.78 37.77 -24.20
C GLY N 70 -119.45 37.82 -24.94
N MET N 72 -117.41 40.13 -25.68
CA MET N 72 -116.35 40.98 -25.15
C MET N 72 -116.05 40.64 -23.69
N TYR N 73 -116.62 39.53 -23.19
CA TYR N 73 -116.30 39.04 -21.86
C TYR N 73 -114.88 38.47 -21.82
N THR N 74 -114.21 38.57 -20.66
CA THR N 74 -112.81 38.24 -20.41
C THR N 74 -111.94 39.42 -20.80
N THR N 75 -110.81 39.60 -20.12
CA THR N 75 -109.97 40.75 -20.37
C THR N 75 -109.42 40.70 -21.79
N ARG N 76 -109.02 39.49 -22.22
CA ARG N 76 -108.40 39.33 -23.53
C ARG N 76 -109.33 39.82 -24.62
N ARG N 77 -110.58 39.37 -24.59
CA ARG N 77 -111.56 39.78 -25.59
C ARG N 77 -111.84 41.28 -25.49
N TYR N 78 -111.96 41.81 -24.27
CA TYR N 78 -112.24 43.23 -24.12
C TYR N 78 -111.12 44.02 -24.80
N ALA N 79 -109.88 43.63 -24.52
CA ALA N 79 -108.73 44.33 -25.07
C ALA N 79 -108.72 44.26 -26.60
N ALA N 80 -109.07 43.09 -27.14
CA ALA N 80 -109.15 42.92 -28.58
C ALA N 80 -110.15 43.87 -29.19
N CYS N 81 -111.32 43.99 -28.59
CA CYS N 81 -112.37 44.83 -29.15
C CYS N 81 -111.92 46.29 -29.18
N ILE N 82 -111.26 46.76 -28.11
CA ILE N 82 -110.86 48.16 -28.12
C ILE N 82 -109.71 48.36 -29.10
N ARG N 83 -108.88 47.34 -29.30
CA ARG N 83 -107.83 47.42 -30.30
C ARG N 83 -108.44 47.56 -31.69
N ASP N 84 -109.49 46.81 -31.96
CA ASP N 84 -110.15 46.90 -33.27
C ASP N 84 -110.72 48.31 -33.45
N MET N 85 -111.28 48.88 -32.38
CA MET N 85 -111.88 50.19 -32.45
C MET N 85 -110.83 51.21 -32.84
N ASP N 86 -109.65 51.11 -32.22
CA ASP N 86 -108.55 51.98 -32.53
C ASP N 86 -108.15 51.87 -34.00
N TYR N 87 -108.09 50.64 -34.51
CA TYR N 87 -107.76 50.44 -35.91
C TYR N 87 -108.71 51.23 -36.78
N PHE N 88 -110.01 51.06 -36.55
CA PHE N 88 -110.99 51.72 -37.39
C PHE N 88 -110.75 53.22 -37.37
N LEU N 89 -110.49 53.76 -36.17
CA LEU N 89 -110.30 55.20 -36.05
C LEU N 89 -109.06 55.65 -36.84
N ARG N 90 -107.94 54.94 -36.67
CA ARG N 90 -106.69 55.33 -37.31
C ARG N 90 -106.84 55.31 -38.83
N TYR N 91 -107.50 54.26 -39.34
CA TYR N 91 -107.61 54.11 -40.78
C TYR N 91 -108.56 55.15 -41.33
N ALA N 92 -109.64 55.45 -40.61
CA ALA N 92 -110.56 56.48 -41.06
C ALA N 92 -109.82 57.83 -41.16
N THR N 93 -108.96 58.11 -40.17
CA THR N 93 -108.18 59.33 -40.21
C THR N 93 -107.29 59.35 -41.45
N TYR N 94 -106.64 58.21 -41.74
CA TYR N 94 -105.79 58.11 -42.91
C TYR N 94 -106.62 58.38 -44.16
N ALA N 95 -107.79 57.78 -44.24
CA ALA N 95 -108.65 57.92 -45.41
C ALA N 95 -109.06 59.39 -45.59
N MET N 96 -109.36 60.06 -44.48
CA MET N 96 -109.80 61.44 -44.55
C MET N 96 -108.69 62.31 -45.12
N LEU N 97 -107.46 62.13 -44.65
CA LEU N 97 -106.33 62.87 -45.22
C LEU N 97 -106.20 62.55 -46.71
N ALA N 98 -106.26 61.26 -47.04
CA ALA N 98 -106.05 60.83 -48.41
C ALA N 98 -107.14 61.38 -49.33
N GLY N 99 -108.36 61.45 -48.83
CA GLY N 99 -109.49 61.83 -49.66
C GLY N 99 -110.00 60.67 -50.50
N ASP N 100 -109.56 59.44 -50.17
CA ASP N 100 -109.95 58.27 -50.95
C ASP N 100 -110.33 57.14 -49.99
N PRO N 101 -111.42 56.39 -50.29
CA PRO N 101 -111.81 55.24 -49.48
C PRO N 101 -111.00 53.96 -49.69
N SER N 102 -110.10 53.94 -50.69
CA SER N 102 -109.43 52.71 -51.10
C SER N 102 -108.63 52.08 -49.97
N ILE N 103 -107.91 52.89 -49.19
CA ILE N 103 -107.06 52.33 -48.13
C ILE N 103 -107.92 51.49 -47.20
N LEU N 104 -109.15 51.93 -46.92
CA LEU N 104 -110.02 51.18 -46.02
C LEU N 104 -110.27 49.80 -46.64
N ASP N 105 -110.55 49.76 -47.94
CA ASP N 105 -110.79 48.49 -48.62
C ASP N 105 -109.56 47.59 -48.57
N GLU N 106 -108.38 48.16 -48.84
CA GLU N 106 -107.16 47.38 -48.97
C GLU N 106 -106.72 46.80 -47.63
N ARG N 107 -106.86 47.56 -46.54
CA ARG N 107 -106.33 47.10 -45.25
C ARG N 107 -107.45 46.62 -44.33
N VAL N 108 -108.43 47.45 -44.05
CA VAL N 108 -109.40 47.11 -43.02
C VAL N 108 -110.46 46.16 -43.58
N LEU N 109 -111.06 46.54 -44.70
CA LEU N 109 -112.32 45.93 -45.09
C LEU N 109 -112.11 44.52 -45.63
N ASN N 110 -110.95 44.22 -46.19
CA ASN N 110 -110.83 42.98 -46.96
C ASN N 110 -110.70 41.76 -46.05
N GLY N 111 -111.64 40.82 -46.14
CA GLY N 111 -111.61 39.64 -45.29
C GLY N 111 -112.11 39.85 -43.86
N LEU N 112 -112.52 41.06 -43.48
CA LEU N 112 -112.90 41.30 -42.10
C LEU N 112 -114.21 40.57 -41.80
N LYS N 113 -115.17 40.64 -42.71
CA LYS N 113 -116.47 40.02 -42.48
C LYS N 113 -116.29 38.53 -42.19
N GLU N 114 -115.50 37.88 -43.04
CA GLU N 114 -115.25 36.45 -42.93
C GLU N 114 -114.55 36.13 -41.61
N THR N 115 -113.53 36.92 -41.25
CA THR N 115 -112.81 36.74 -40.00
C THR N 115 -113.80 36.82 -38.84
N TYR N 116 -114.63 37.85 -38.85
CA TYR N 116 -115.56 38.08 -37.75
C TYR N 116 -116.55 36.92 -37.65
N ASN N 117 -117.03 36.42 -38.79
CA ASN N 117 -118.00 35.34 -38.78
C ASN N 117 -117.38 34.07 -38.18
N SER N 118 -116.15 33.75 -38.56
CA SER N 118 -115.48 32.60 -37.96
C SER N 118 -115.29 32.82 -36.46
N LEU N 119 -114.89 34.03 -36.06
CA LEU N 119 -114.64 34.31 -34.67
C LEU N 119 -115.95 34.28 -33.88
N GLY N 120 -117.05 34.66 -34.53
CA GLY N 120 -118.33 34.83 -33.84
C GLY N 120 -118.46 36.21 -33.21
N VAL N 121 -117.56 37.14 -33.56
CA VAL N 121 -117.75 38.55 -33.26
C VAL N 121 -119.04 39.04 -33.88
N PRO N 122 -119.90 39.80 -33.16
CA PRO N 122 -121.15 40.32 -33.75
C PRO N 122 -120.94 41.58 -34.60
N ILE N 123 -121.29 41.47 -35.89
CA ILE N 123 -120.99 42.53 -36.84
C ILE N 123 -121.82 43.77 -36.52
N ALA N 124 -123.11 43.57 -36.21
CA ALA N 124 -124.00 44.70 -36.00
C ALA N 124 -123.53 45.55 -34.83
N ALA N 125 -123.08 44.92 -33.73
CA ALA N 125 -122.55 45.63 -32.59
C ALA N 125 -121.30 46.43 -32.98
N THR N 126 -120.44 45.83 -33.81
CA THR N 126 -119.22 46.49 -34.26
C THR N 126 -119.60 47.73 -35.05
N VAL N 127 -120.59 47.56 -35.94
CA VAL N 127 -121.05 48.66 -36.77
C VAL N 127 -121.56 49.78 -35.87
N GLY N 128 -122.35 49.40 -34.86
CA GLY N 128 -122.86 50.34 -33.86
C GLY N 128 -121.75 51.16 -33.22
N GLY N 129 -120.66 50.48 -32.83
CA GLY N 129 -119.49 51.13 -32.26
C GLY N 129 -118.85 52.12 -33.23
N ILE N 130 -118.78 51.76 -34.51
CA ILE N 130 -118.18 52.62 -35.51
C ILE N 130 -119.02 53.89 -35.63
N GLN N 131 -120.35 53.71 -35.67
CA GLN N 131 -121.28 54.83 -35.78
C GLN N 131 -121.15 55.74 -34.55
N ALA N 132 -121.00 55.14 -33.37
CA ALA N 132 -120.80 55.91 -32.16
C ALA N 132 -119.51 56.72 -32.25
N MET N 133 -118.43 56.12 -32.74
CA MET N 133 -117.18 56.84 -32.86
C MET N 133 -117.38 58.04 -33.78
N LYS N 134 -118.14 57.83 -34.86
CA LYS N 134 -118.37 58.88 -35.83
C LYS N 134 -119.01 60.09 -35.17
N GLU N 135 -120.03 59.83 -34.36
CA GLU N 135 -120.75 60.90 -33.67
C GLU N 135 -119.82 61.69 -32.76
N VAL N 136 -119.01 60.99 -31.96
CA VAL N 136 -118.05 61.66 -31.08
C VAL N 136 -117.07 62.47 -31.92
N VAL N 137 -116.57 61.87 -33.01
CA VAL N 137 -115.55 62.50 -33.84
C VAL N 137 -116.15 63.79 -34.42
N GLY N 138 -117.41 63.70 -34.88
CA GLY N 138 -118.08 64.82 -35.52
C GLY N 138 -118.05 66.07 -34.65
N GLY N 139 -118.37 65.90 -33.35
CA GLY N 139 -118.32 66.97 -32.39
C GLY N 139 -116.94 67.64 -32.35
N LEU N 140 -115.89 66.84 -32.16
CA LEU N 140 -114.55 67.37 -31.94
C LEU N 140 -114.04 68.09 -33.17
N VAL N 141 -114.26 67.50 -34.35
CA VAL N 141 -113.66 68.01 -35.58
C VAL N 141 -114.33 69.33 -35.96
N GLY N 142 -115.64 69.44 -35.66
CA GLY N 142 -116.43 70.59 -36.08
C GLY N 142 -117.13 70.32 -37.40
N PRO N 143 -118.15 71.12 -37.79
CA PRO N 143 -119.07 70.76 -38.88
C PRO N 143 -118.49 70.52 -40.29
N ASP N 144 -117.63 71.45 -40.74
CA ASP N 144 -117.03 71.32 -42.07
C ASP N 144 -116.24 70.02 -42.18
N ALA N 145 -115.43 69.75 -41.15
CA ALA N 145 -114.60 68.56 -41.09
C ALA N 145 -115.48 67.33 -40.92
N ALA N 146 -116.59 67.46 -40.16
CA ALA N 146 -117.44 66.34 -39.83
C ALA N 146 -117.99 65.65 -41.07
N LYS N 147 -118.42 66.43 -42.06
CA LYS N 147 -119.03 65.85 -43.28
C LYS N 147 -118.00 64.93 -43.93
N GLU N 148 -116.76 65.42 -44.06
CA GLU N 148 -115.69 64.65 -44.68
C GLU N 148 -115.41 63.40 -43.84
N ALA N 149 -115.29 63.57 -42.53
CA ALA N 149 -115.02 62.46 -41.63
C ALA N 149 -116.12 61.41 -41.72
N SER N 150 -117.38 61.85 -41.78
CA SER N 150 -118.52 60.95 -41.72
C SER N 150 -118.49 59.93 -42.86
N ILE N 151 -118.11 60.36 -44.07
CA ILE N 151 -118.24 59.48 -45.22
C ILE N 151 -117.35 58.24 -45.02
N TYR N 152 -116.15 58.41 -44.47
CA TYR N 152 -115.23 57.30 -44.30
C TYR N 152 -115.75 56.35 -43.22
N PHE N 153 -116.29 56.90 -42.13
CA PHE N 153 -116.90 56.10 -41.09
C PHE N 153 -118.06 55.27 -41.67
N ASP N 154 -118.87 55.91 -42.51
CA ASP N 154 -120.01 55.24 -43.11
C ASP N 154 -119.53 54.14 -44.06
N TYR N 155 -118.43 54.40 -44.75
CA TYR N 155 -117.85 53.43 -45.67
C TYR N 155 -117.45 52.17 -44.92
N LEU N 156 -116.78 52.34 -43.78
CA LEU N 156 -116.38 51.22 -42.95
C LEU N 156 -117.63 50.45 -42.53
N SER N 157 -118.66 51.17 -42.09
CA SER N 157 -119.87 50.54 -41.57
C SER N 157 -120.52 49.70 -42.65
N SER N 158 -120.63 50.26 -43.86
CA SER N 158 -121.26 49.58 -44.99
C SER N 158 -120.48 48.32 -45.36
N GLY N 159 -119.16 48.40 -45.34
CA GLY N 159 -118.30 47.27 -45.67
C GLY N 159 -118.54 46.11 -44.70
N LEU N 160 -118.61 46.42 -43.40
CA LEU N 160 -118.73 45.40 -42.39
C LEU N 160 -120.08 44.74 -42.49
N SER N 161 -121.09 45.56 -42.74
CA SER N 161 -122.45 45.06 -42.89
C SER N 161 -122.70 44.75 -44.36
N SER O 2 51.86 38.68 55.30
CA SER O 2 51.89 40.17 55.08
C SER O 2 52.46 40.83 56.34
N VAL O 3 52.83 42.11 56.24
CA VAL O 3 53.32 42.87 57.37
C VAL O 3 52.30 42.83 58.50
N LEU O 4 51.06 43.02 58.16
CA LEU O 4 50.02 43.19 59.16
C LEU O 4 49.88 41.86 59.91
N THR O 5 49.84 40.74 59.18
CA THR O 5 49.68 39.44 59.81
C THR O 5 50.81 39.22 60.82
N LYS O 6 52.04 39.55 60.39
CA LYS O 6 53.20 39.34 61.25
C LYS O 6 53.04 40.14 62.53
N ALA O 7 52.62 41.40 62.44
CA ALA O 7 52.48 42.26 63.61
C ALA O 7 51.45 41.72 64.56
N ILE O 8 50.30 41.30 64.02
CA ILE O 8 49.21 40.78 64.84
C ILE O 8 49.70 39.55 65.60
N VAL O 9 50.41 38.67 64.89
CA VAL O 9 50.86 37.43 65.48
C VAL O 9 51.79 37.71 66.67
N ASN O 10 52.70 38.67 66.52
CA ASN O 10 53.63 38.98 67.60
C ASN O 10 52.85 39.52 68.80
N ALA O 11 51.88 40.38 68.54
CA ALA O 11 51.06 40.95 69.59
C ALA O 11 50.30 39.87 70.33
N ASP O 12 49.71 38.92 69.60
CA ASP O 12 48.91 37.88 70.21
C ASP O 12 49.78 37.02 71.12
N ALA O 13 51.01 36.71 70.69
CA ALA O 13 51.93 35.94 71.51
C ALA O 13 52.20 36.67 72.82
N GLU O 14 52.41 37.98 72.74
CA GLU O 14 52.63 38.80 73.92
C GLU O 14 51.33 39.04 74.68
N ALA O 15 50.20 38.78 74.03
CA ALA O 15 48.88 38.97 74.63
C ALA O 15 48.62 40.45 74.92
N ARG O 16 49.08 41.32 74.01
CA ARG O 16 49.00 42.76 74.20
C ARG O 16 48.41 43.40 72.95
N TYR O 17 47.88 44.63 73.07
CA TYR O 17 47.49 45.45 71.94
C TYR O 17 48.75 45.88 71.19
N LEU O 18 48.61 46.25 69.92
CA LEU O 18 49.75 46.62 69.09
C LEU O 18 50.52 47.79 69.69
N SER O 19 51.84 47.61 69.75
CA SER O 19 52.76 48.62 70.25
C SER O 19 52.79 49.81 69.29
N PRO O 20 53.16 51.01 69.76
CA PRO O 20 53.26 52.18 68.89
C PRO O 20 54.24 51.95 67.74
N GLY O 21 55.40 51.35 68.07
CA GLY O 21 56.41 51.02 67.08
C GLY O 21 55.86 50.10 66.00
N GLU O 22 55.12 49.07 66.41
CA GLU O 22 54.47 48.15 65.50
C GLU O 22 53.48 48.89 64.63
N LEU O 23 52.71 49.80 65.24
CA LEU O 23 51.72 50.59 64.51
C LEU O 23 52.43 51.45 63.47
N ASP O 24 53.59 52.01 63.83
CA ASP O 24 54.34 52.87 62.92
C ASP O 24 54.77 52.10 61.69
N ARG O 25 55.23 50.86 61.88
CA ARG O 25 55.65 50.03 60.77
C ARG O 25 54.47 49.78 59.84
N ILE O 26 53.27 49.60 60.40
CA ILE O 26 52.09 49.39 59.59
C ILE O 26 51.83 50.62 58.74
N LYS O 27 51.97 51.81 59.35
CA LYS O 27 51.76 53.06 58.66
C LYS O 27 52.72 53.18 57.48
N SER O 28 54.00 52.84 57.72
CA SER O 28 55.01 52.95 56.69
C SER O 28 54.63 52.03 55.53
N PHE O 29 54.18 50.82 55.85
CA PHE O 29 53.85 49.81 54.86
C PHE O 29 52.72 50.31 53.95
N VAL O 30 51.69 50.94 54.53
CA VAL O 30 50.53 51.33 53.74
C VAL O 30 50.95 52.42 52.76
N ALA O 31 51.85 53.32 53.19
CA ALA O 31 52.39 54.34 52.31
C ALA O 31 53.18 53.71 51.16
N SER O 32 54.00 52.70 51.50
CA SER O 32 54.87 52.05 50.52
C SER O 32 54.05 51.28 49.47
N GLY O 33 52.85 50.81 49.87
CA GLY O 33 52.10 49.85 49.09
C GLY O 33 51.90 50.23 47.62
N GLU O 34 51.53 51.50 47.37
CA GLU O 34 51.26 51.92 46.00
C GLU O 34 52.48 51.77 45.10
N ARG O 35 53.65 52.18 45.61
CA ARG O 35 54.91 51.93 44.92
C ARG O 35 55.10 50.43 44.68
N ARG O 36 54.84 49.64 45.73
CA ARG O 36 55.03 48.20 45.66
C ARG O 36 54.14 47.61 44.55
N LEU O 37 52.91 48.10 44.44
CA LEU O 37 51.98 47.57 43.46
C LEU O 37 52.55 47.73 42.05
N ARG O 38 53.12 48.91 41.78
CA ARG O 38 53.70 49.19 40.48
C ARG O 38 54.87 48.25 40.20
N ILE O 39 55.74 48.01 41.19
CA ILE O 39 56.88 47.13 41.00
C ILE O 39 56.38 45.74 40.60
N ALA O 40 55.35 45.26 41.30
CA ALA O 40 54.79 43.95 41.03
C ALA O 40 54.21 43.90 39.60
N GLN O 41 53.54 44.99 39.22
CA GLN O 41 52.89 45.05 37.93
C GLN O 41 53.94 44.93 36.83
N THR O 42 55.06 45.64 37.00
CA THR O 42 56.13 45.64 36.01
C THR O 42 56.61 44.20 35.77
N LEU O 43 56.90 43.47 36.84
CA LEU O 43 57.43 42.12 36.73
C LEU O 43 56.41 41.19 36.08
N THR O 44 55.12 41.38 36.40
CA THR O 44 54.08 40.55 35.82
C THR O 44 54.08 40.68 34.29
N GLU O 45 54.20 41.92 33.81
CA GLU O 45 54.15 42.18 32.37
C GLU O 45 55.36 41.55 31.69
N ALA O 46 56.52 41.63 32.34
CA ALA O 46 57.77 41.13 31.78
C ALA O 46 57.99 39.66 32.15
N ARG O 47 56.95 39.02 32.73
CA ARG O 47 57.14 37.71 33.31
C ARG O 47 57.70 36.74 32.27
N GLU O 48 57.01 36.62 31.13
CA GLU O 48 57.33 35.64 30.10
C GLU O 48 58.81 35.75 29.69
N ARG O 49 59.28 36.98 29.44
CA ARG O 49 60.65 37.18 29.03
C ARG O 49 61.61 36.90 30.18
N ILE O 50 61.26 37.27 31.42
CA ILE O 50 62.16 37.05 32.53
C ILE O 50 62.46 35.57 32.64
N VAL O 51 61.40 34.76 32.58
CA VAL O 51 61.54 33.31 32.74
C VAL O 51 62.43 32.79 31.62
N LYS O 52 62.15 33.20 30.39
CA LYS O 52 62.88 32.70 29.24
C LYS O 52 64.37 33.02 29.37
N GLN O 53 64.67 34.28 29.63
CA GLN O 53 66.06 34.71 29.74
C GLN O 53 66.77 33.99 30.87
N ALA O 54 66.11 33.87 32.02
CA ALA O 54 66.72 33.23 33.19
C ALA O 54 67.02 31.78 32.89
N GLY O 55 66.08 31.10 32.22
CA GLY O 55 66.25 29.71 31.86
C GLY O 55 67.53 29.51 31.06
N ASP O 56 67.72 30.33 30.03
CA ASP O 56 68.86 30.25 29.15
C ASP O 56 70.15 30.44 29.96
N GLN O 57 70.16 31.46 30.82
CA GLN O 57 71.30 31.73 31.67
C GLN O 57 71.61 30.53 32.54
N LEU O 58 70.58 29.95 33.14
CA LEU O 58 70.74 28.80 34.04
C LEU O 58 71.36 27.65 33.26
N PHE O 59 70.85 27.37 32.06
CA PHE O 59 71.32 26.25 31.27
C PHE O 59 72.77 26.48 30.85
N GLN O 60 73.13 27.73 30.55
CA GLN O 60 74.53 28.04 30.26
C GLN O 60 75.37 27.80 31.51
N LYS O 61 74.88 28.29 32.67
CA LYS O 61 75.62 28.15 33.92
C LYS O 61 75.77 26.67 34.28
N ARG O 62 74.71 25.89 34.07
CA ARG O 62 74.72 24.46 34.42
C ARG O 62 74.40 23.62 33.18
N PRO O 63 75.41 23.24 32.36
CA PRO O 63 75.15 22.39 31.22
C PRO O 63 74.54 21.05 31.65
N ASP O 64 74.96 20.56 32.82
CA ASP O 64 74.64 19.22 33.29
C ASP O 64 73.13 19.04 33.41
N VAL O 65 72.42 20.03 33.94
CA VAL O 65 71.00 19.84 34.24
C VAL O 65 70.26 19.46 32.96
N VAL O 66 70.57 20.15 31.85
CA VAL O 66 70.02 19.78 30.55
C VAL O 66 71.05 18.91 29.82
N SER O 67 71.26 17.71 30.36
CA SER O 67 72.12 16.70 29.76
C SER O 67 71.46 15.36 30.03
N PRO O 68 71.79 14.28 29.28
CA PRO O 68 71.01 13.04 29.37
C PRO O 68 70.88 12.53 30.81
N GLY O 69 71.97 12.65 31.57
CA GLY O 69 71.93 12.33 32.98
C GLY O 69 71.00 13.26 33.77
N GLY O 70 71.06 14.56 33.44
CA GLY O 70 70.42 15.61 34.22
C GLY O 70 68.89 15.54 34.20
N ASN O 71 68.28 16.11 35.25
CA ASN O 71 66.85 16.04 35.47
C ASN O 71 66.10 16.86 34.42
N ALA O 72 66.68 18.00 34.07
CA ALA O 72 66.03 18.96 33.19
C ALA O 72 65.98 18.46 31.75
N TYR O 73 66.81 17.46 31.41
CA TYR O 73 66.99 17.06 30.03
C TYR O 73 65.70 16.51 29.40
N GLY O 74 65.50 16.86 28.12
CA GLY O 74 64.30 16.53 27.38
C GLY O 74 63.29 17.68 27.39
N GLU O 75 62.43 17.74 26.39
CA GLU O 75 61.50 18.87 26.22
C GLU O 75 60.52 18.92 27.40
N LYS O 76 59.93 17.78 27.74
CA LYS O 76 58.95 17.72 28.82
C LYS O 76 59.60 18.27 30.08
N MET O 77 60.77 17.74 30.40
CA MET O 77 61.48 18.12 31.61
C MET O 77 61.89 19.59 31.58
N THR O 78 62.35 20.07 30.43
CA THR O 78 62.79 21.46 30.34
C THR O 78 61.60 22.38 30.58
N ALA O 79 60.43 22.02 30.04
CA ALA O 79 59.23 22.80 30.25
C ALA O 79 58.91 22.88 31.75
N LEU O 80 58.99 21.74 32.43
CA LEU O 80 58.71 21.67 33.86
C LEU O 80 59.66 22.57 34.63
N CYS O 81 60.95 22.57 34.25
CA CYS O 81 61.93 23.42 34.90
C CYS O 81 61.55 24.89 34.73
N LEU O 82 61.08 25.24 33.54
CA LEU O 82 60.69 26.63 33.28
C LEU O 82 59.41 26.95 34.05
N ARG O 83 58.48 25.98 34.11
CA ARG O 83 57.25 26.16 34.87
C ARG O 83 57.59 26.47 36.34
N ASP O 84 58.58 25.76 36.88
CA ASP O 84 58.99 25.98 38.26
C ASP O 84 59.50 27.42 38.42
N LEU O 85 60.30 27.88 37.46
CA LEU O 85 60.82 29.24 37.52
C LEU O 85 59.66 30.22 37.50
N ASP O 86 58.67 29.96 36.66
CA ASP O 86 57.50 30.82 36.58
C ASP O 86 56.78 30.88 37.92
N TYR O 87 56.61 29.71 38.57
CA TYR O 87 55.96 29.63 39.85
C TYR O 87 56.66 30.53 40.86
N TYR O 88 57.99 30.45 40.90
CA TYR O 88 58.72 31.23 41.87
C TYR O 88 58.57 32.72 41.58
N LEU O 89 58.51 33.10 40.30
CA LEU O 89 58.35 34.50 39.97
C LEU O 89 57.00 35.00 40.47
N ARG O 90 55.95 34.20 40.27
CA ARG O 90 54.62 34.58 40.72
C ARG O 90 54.64 34.79 42.23
N LEU O 91 55.32 33.89 42.95
CA LEU O 91 55.42 33.99 44.38
C LEU O 91 56.12 35.29 44.76
N VAL O 92 57.20 35.65 44.06
CA VAL O 92 57.93 36.86 44.38
C VAL O 92 57.02 38.09 44.24
N THR O 93 56.20 38.13 43.18
CA THR O 93 55.32 39.27 43.00
C THR O 93 54.37 39.36 44.18
N TYR O 94 53.81 38.22 44.60
CA TYR O 94 52.91 38.18 45.74
C TYR O 94 53.60 38.77 46.96
N GLY O 95 54.86 38.39 47.16
CA GLY O 95 55.65 38.87 48.28
C GLY O 95 55.79 40.38 48.29
N ILE O 96 56.07 40.97 47.14
CA ILE O 96 56.31 42.40 47.06
C ILE O 96 55.06 43.15 47.51
N VAL O 97 53.88 42.72 47.03
CA VAL O 97 52.65 43.42 47.42
C VAL O 97 52.38 43.21 48.91
N ALA O 98 52.66 42.01 49.42
CA ALA O 98 52.43 41.70 50.83
C ALA O 98 53.38 42.44 51.72
N GLY O 99 54.61 42.71 51.24
CA GLY O 99 55.60 43.39 52.05
C GLY O 99 56.30 42.44 53.00
N ASP O 100 56.04 41.14 52.84
CA ASP O 100 56.65 40.14 53.69
C ASP O 100 56.78 38.86 52.92
N VAL O 101 57.67 37.96 53.38
CA VAL O 101 57.97 36.74 52.68
C VAL O 101 56.97 35.65 53.04
N THR O 102 56.14 35.89 54.03
CA THR O 102 55.22 34.87 54.54
C THR O 102 54.43 34.25 53.38
N PRO O 103 53.75 35.02 52.50
CA PRO O 103 52.99 34.43 51.40
C PRO O 103 53.86 33.51 50.56
N ILE O 104 55.07 34.00 50.23
CA ILE O 104 56.04 33.24 49.46
C ILE O 104 56.35 31.96 50.23
N GLU O 105 56.60 32.10 51.53
CA GLU O 105 57.15 31.03 52.35
C GLU O 105 56.18 29.84 52.42
N GLU O 106 54.88 30.11 52.67
CA GLU O 106 53.94 29.03 52.80
C GLU O 106 53.83 28.23 51.50
N ILE O 107 53.75 28.92 50.35
CA ILE O 107 53.49 28.23 49.10
C ILE O 107 54.74 27.49 48.61
N GLY O 108 55.94 28.07 48.82
CA GLY O 108 57.12 27.62 48.09
C GLY O 108 58.28 27.13 48.95
N ILE O 109 58.47 27.61 50.20
CA ILE O 109 59.73 27.35 50.84
C ILE O 109 59.62 26.26 51.90
N ILE O 110 58.42 25.84 52.29
CA ILE O 110 58.32 24.83 53.34
C ILE O 110 58.06 23.47 52.68
N GLY O 111 58.97 22.53 52.95
CA GLY O 111 58.90 21.22 52.33
C GLY O 111 59.55 21.21 50.95
N VAL O 112 60.16 22.33 50.54
CA VAL O 112 60.72 22.42 49.21
C VAL O 112 61.85 21.41 49.07
N LYS O 113 62.70 21.30 50.10
CA LYS O 113 63.83 20.38 50.07
C LYS O 113 63.32 18.97 49.82
N GLU O 114 62.30 18.57 50.59
CA GLU O 114 61.76 17.23 50.52
C GLU O 114 61.19 16.94 49.14
N MET O 115 60.43 17.90 48.60
CA MET O 115 59.81 17.73 47.30
C MET O 115 60.88 17.52 46.24
N TYR O 116 61.89 18.39 46.23
CA TYR O 116 62.92 18.33 45.20
C TYR O 116 63.75 17.07 45.38
N ASN O 117 64.01 16.65 46.62
CA ASN O 117 64.79 15.44 46.83
C ASN O 117 64.05 14.22 46.27
N SER O 118 62.73 14.15 46.44
CA SER O 118 62.00 13.06 45.81
C SER O 118 62.12 13.16 44.30
N LEU O 119 61.99 14.37 43.76
CA LEU O 119 62.11 14.56 42.32
C LEU O 119 63.53 14.26 41.86
N GLN O 120 64.50 14.52 42.75
CA GLN O 120 65.92 14.33 42.49
C GLN O 120 66.51 15.55 41.77
N THR O 121 65.69 16.59 41.60
CA THR O 121 66.17 17.87 41.09
C THR O 121 67.24 18.40 42.03
N PRO O 122 68.39 18.91 41.53
CA PRO O 122 69.38 19.55 42.39
C PRO O 122 68.93 20.92 42.91
N ILE O 123 69.00 21.10 44.21
CA ILE O 123 68.50 22.31 44.86
C ILE O 123 69.38 23.49 44.45
N PRO O 124 70.71 23.37 44.42
CA PRO O 124 71.57 24.50 44.05
C PRO O 124 71.29 25.09 42.67
N ALA O 125 70.98 24.21 41.71
CA ALA O 125 70.64 24.63 40.35
C ALA O 125 69.36 25.47 40.38
N VAL O 126 68.39 25.06 41.19
CA VAL O 126 67.14 25.80 41.30
C VAL O 126 67.46 27.20 41.82
N ALA O 127 68.35 27.26 42.81
CA ALA O 127 68.76 28.54 43.40
C ALA O 127 69.40 29.44 42.34
N GLU O 128 70.22 28.84 41.47
CA GLU O 128 70.90 29.57 40.41
C GLU O 128 69.86 30.18 39.47
N GLY O 129 68.82 29.40 39.14
CA GLY O 129 67.74 29.86 38.29
C GLY O 129 67.06 31.09 38.88
N VAL O 130 66.84 31.06 40.19
CA VAL O 130 66.21 32.19 40.87
C VAL O 130 67.14 33.39 40.82
N ARG O 131 68.43 33.16 41.02
CA ARG O 131 69.42 34.23 40.93
C ARG O 131 69.38 34.84 39.53
N ALA O 132 69.33 33.98 38.52
CA ALA O 132 69.25 34.42 37.15
C ALA O 132 68.03 35.29 36.92
N MET O 133 66.89 34.85 37.44
CA MET O 133 65.64 35.61 37.29
C MET O 133 65.80 36.98 37.93
N LYS O 134 66.49 37.03 39.07
CA LYS O 134 66.69 38.28 39.79
C LYS O 134 67.42 39.27 38.87
N ASN O 135 68.48 38.81 38.20
CA ASN O 135 69.30 39.68 37.38
C ASN O 135 68.48 40.27 36.24
N VAL O 136 67.68 39.43 35.58
CA VAL O 136 66.82 39.88 34.50
C VAL O 136 65.82 40.90 35.06
N ALA O 137 65.20 40.57 36.18
CA ALA O 137 64.18 41.43 36.78
C ALA O 137 64.79 42.77 37.17
N THR O 138 66.00 42.75 37.72
CA THR O 138 66.68 43.95 38.17
C THR O 138 66.85 44.92 37.01
N SER O 139 67.24 44.41 35.84
CA SER O 139 67.51 45.24 34.68
C SER O 139 66.27 46.02 34.27
N LEU O 140 65.10 45.37 34.29
CA LEU O 140 63.86 46.02 33.87
C LEU O 140 63.41 47.03 34.93
N LEU O 141 63.68 46.72 36.20
CA LEU O 141 63.25 47.59 37.28
C LEU O 141 64.20 48.78 37.40
N SER O 142 63.67 49.90 37.89
CA SER O 142 64.48 51.03 38.32
C SER O 142 65.28 50.63 39.57
N GLY O 143 66.38 51.33 39.83
CA GLY O 143 67.35 50.95 40.86
C GLY O 143 66.74 50.72 42.24
N ASP O 144 65.96 51.70 42.72
CA ASP O 144 65.29 51.61 44.02
C ASP O 144 64.29 50.45 43.99
N ASP O 145 63.52 50.35 42.89
CA ASP O 145 62.56 49.29 42.71
C ASP O 145 63.29 47.95 42.74
N ALA O 146 64.45 47.89 42.07
CA ALA O 146 65.24 46.68 41.96
C ALA O 146 65.69 46.21 43.35
N ALA O 147 66.10 47.15 44.20
CA ALA O 147 66.57 46.83 45.53
C ALA O 147 65.46 46.13 46.32
N GLU O 148 64.24 46.69 46.26
CA GLU O 148 63.09 46.11 46.93
C GLU O 148 62.87 44.68 46.41
N ALA O 149 62.84 44.54 45.08
CA ALA O 149 62.63 43.24 44.47
C ALA O 149 63.75 42.27 44.84
N GLY O 150 64.99 42.79 44.91
CA GLY O 150 66.14 41.96 45.22
C GLY O 150 65.99 41.23 46.55
N PHE O 151 65.46 41.93 47.56
CA PHE O 151 65.34 41.35 48.89
C PHE O 151 64.52 40.07 48.81
N TYR O 152 63.39 40.12 48.10
CA TYR O 152 62.51 38.96 47.99
C TYR O 152 63.23 37.85 47.22
N PHE O 153 63.93 38.23 46.15
CA PHE O 153 64.67 37.25 45.36
C PHE O 153 65.75 36.60 46.21
N ASP O 154 66.44 37.39 47.02
CA ASP O 154 67.51 36.90 47.87
C ASP O 154 66.96 35.90 48.88
N TYR O 155 65.79 36.21 49.46
CA TYR O 155 65.17 35.34 50.44
C TYR O 155 64.97 33.96 49.83
N LEU O 156 64.44 33.91 48.59
CA LEU O 156 64.16 32.66 47.93
C LEU O 156 65.46 31.87 47.80
N VAL O 157 66.51 32.56 47.36
CA VAL O 157 67.79 31.91 47.16
C VAL O 157 68.29 31.37 48.49
N GLY O 158 68.15 32.15 49.55
CA GLY O 158 68.55 31.73 50.88
C GLY O 158 67.76 30.53 51.36
N ALA O 159 66.45 30.53 51.11
CA ALA O 159 65.56 29.47 51.57
C ALA O 159 65.95 28.13 50.95
N MET O 160 66.20 28.15 49.63
CA MET O 160 66.53 26.91 48.94
C MET O 160 67.98 26.95 48.62
N GLN O 161 68.91 26.26 49.32
CA GLN O 161 70.27 26.22 48.80
C GLN O 161 70.94 24.84 48.98
N MET P 1 46.03 32.67 60.48
CA MET P 1 45.00 33.70 60.17
C MET P 1 45.25 34.22 58.76
N GLN P 2 44.37 35.12 58.34
CA GLN P 2 44.46 35.76 57.05
C GLN P 2 44.22 37.26 57.23
N ASP P 3 44.74 38.05 56.29
CA ASP P 3 44.51 39.47 56.22
C ASP P 3 43.98 39.77 54.82
N ALA P 4 43.53 41.01 54.58
CA ALA P 4 42.93 41.36 53.30
C ALA P 4 43.93 41.14 52.15
N ILE P 5 45.16 41.61 52.34
CA ILE P 5 46.17 41.48 51.30
C ILE P 5 46.37 39.99 50.99
N THR P 6 46.54 39.17 52.02
CA THR P 6 46.79 37.75 51.82
C THR P 6 45.55 37.07 51.22
N ALA P 7 44.35 37.52 51.59
CA ALA P 7 43.13 36.94 51.04
C ALA P 7 43.09 37.07 49.52
N VAL P 8 43.45 38.25 49.02
CA VAL P 8 43.49 38.50 47.59
C VAL P 8 44.53 37.55 46.98
N ILE P 9 45.72 37.52 47.58
CA ILE P 9 46.78 36.67 47.08
C ILE P 9 46.32 35.22 47.01
N ASN P 10 45.65 34.75 48.06
CA ASN P 10 45.29 33.34 48.14
C ASN P 10 44.30 33.02 47.05
N ASN P 11 43.35 33.92 46.79
CA ASN P 11 42.35 33.68 45.77
C ASN P 11 43.03 33.52 44.41
N TYR P 12 44.03 34.37 44.15
CA TYR P 12 44.77 34.32 42.90
C TYR P 12 45.62 33.05 42.83
N ASP P 13 46.22 32.65 43.95
CA ASP P 13 47.08 31.50 43.97
C ASP P 13 46.32 30.22 43.63
N VAL P 14 45.08 30.08 44.12
CA VAL P 14 44.32 28.87 43.82
C VAL P 14 43.99 28.86 42.32
N GLN P 15 43.73 30.04 41.76
CA GLN P 15 43.51 30.15 40.32
C GLN P 15 44.82 29.93 39.58
N GLY P 16 45.95 30.27 40.23
CA GLY P 16 47.25 30.19 39.60
C GLY P 16 47.57 31.43 38.79
N LYS P 17 46.63 32.40 38.83
CA LYS P 17 46.73 33.62 38.05
C LYS P 17 47.77 34.55 38.69
N TYR P 18 48.53 35.26 37.84
CA TYR P 18 49.34 36.38 38.28
C TYR P 18 48.40 37.51 38.71
N LEU P 19 48.92 38.39 39.56
CA LEU P 19 48.10 39.50 40.07
C LEU P 19 47.73 40.40 38.90
N ASP P 20 46.47 40.83 38.88
CA ASP P 20 45.94 41.65 37.80
C ASP P 20 45.41 42.96 38.37
N GLY P 21 45.09 43.91 37.48
CA GLY P 21 44.69 45.25 37.88
C GLY P 21 43.48 45.25 38.80
N ALA P 22 42.47 44.43 38.49
CA ALA P 22 41.29 44.30 39.33
C ALA P 22 41.68 43.91 40.75
N ALA P 23 42.56 42.90 40.86
CA ALA P 23 43.12 42.50 42.15
C ALA P 23 43.86 43.66 42.77
N LEU P 24 44.65 44.37 41.97
CA LEU P 24 45.46 45.47 42.47
C LEU P 24 44.55 46.54 43.07
N ASP P 25 43.40 46.79 42.44
CA ASP P 25 42.46 47.79 42.91
C ASP P 25 41.94 47.46 44.31
N LYS P 26 41.63 46.18 44.55
CA LYS P 26 41.19 45.75 45.87
C LYS P 26 42.30 46.03 46.89
N LEU P 27 43.55 45.72 46.51
CA LEU P 27 44.67 45.94 47.38
C LEU P 27 44.82 47.43 47.65
N LYS P 28 44.62 48.24 46.61
CA LYS P 28 44.79 49.69 46.72
C LYS P 28 43.73 50.23 47.66
N ALA P 29 42.51 49.71 47.56
CA ALA P 29 41.42 50.11 48.43
C ALA P 29 41.83 49.91 49.88
N TYR P 30 42.40 48.74 50.18
CA TYR P 30 42.81 48.43 51.54
C TYR P 30 43.84 49.45 52.01
N PHE P 31 44.80 49.80 51.12
CA PHE P 31 45.93 50.64 51.52
C PHE P 31 45.44 52.02 51.97
N THR P 32 44.43 52.57 51.30
CA THR P 32 43.86 53.86 51.68
C THR P 32 43.20 53.77 53.06
N THR P 33 42.46 52.67 53.31
CA THR P 33 41.75 52.50 54.58
C THR P 33 42.75 52.33 55.71
N GLY P 34 43.90 51.76 55.41
CA GLY P 34 44.92 51.37 56.39
C GLY P 34 45.26 52.47 57.39
N ALA P 35 45.54 53.67 56.89
CA ALA P 35 45.99 54.76 57.74
C ALA P 35 44.95 55.05 58.82
N VAL P 36 43.67 55.10 58.43
CA VAL P 36 42.56 55.33 59.35
C VAL P 36 42.56 54.25 60.43
N ARG P 37 42.72 53.00 60.00
CA ARG P 37 42.65 51.86 60.89
C ARG P 37 43.73 51.96 61.97
N VAL P 38 44.94 52.34 61.56
CA VAL P 38 46.04 52.42 62.50
C VAL P 38 45.69 53.45 63.59
N ARG P 39 45.13 54.60 63.19
CA ARG P 39 44.78 55.63 64.14
C ARG P 39 43.72 55.09 65.10
N ALA P 40 42.72 54.40 64.57
CA ALA P 40 41.64 53.85 65.38
C ALA P 40 42.19 52.87 66.41
N ALA P 41 43.11 52.01 66.00
CA ALA P 41 43.67 51.00 66.87
C ALA P 41 44.36 51.65 68.07
N ALA P 42 45.11 52.72 67.83
CA ALA P 42 45.83 53.40 68.90
C ALA P 42 44.85 54.00 69.90
N VAL P 43 43.76 54.57 69.39
CA VAL P 43 42.73 55.14 70.23
C VAL P 43 42.15 54.05 71.13
N ILE P 44 41.83 52.90 70.55
CA ILE P 44 41.18 51.84 71.31
C ILE P 44 42.12 51.35 72.41
N SER P 45 43.41 51.15 72.07
CA SER P 45 44.35 50.60 73.04
C SER P 45 44.45 51.51 74.27
N SER P 46 44.52 52.82 74.04
CA SER P 46 44.68 53.78 75.12
C SER P 46 43.43 53.82 76.01
N ASN P 47 42.25 53.66 75.41
CA ASN P 47 41.00 53.83 76.14
C ASN P 47 40.36 52.49 76.48
N ALA P 48 41.13 51.40 76.40
CA ALA P 48 40.55 50.06 76.50
C ALA P 48 39.87 49.86 77.85
N THR P 49 40.57 50.21 78.94
CA THR P 49 40.03 50.02 80.28
C THR P 49 38.69 50.76 80.41
N THR P 50 38.65 52.01 79.95
CA THR P 50 37.45 52.84 80.06
C THR P 50 36.34 52.24 79.20
N ILE P 51 36.69 51.77 78.00
CA ILE P 51 35.68 51.23 77.10
C ILE P 51 34.95 50.10 77.80
N ILE P 52 35.73 49.23 78.46
CA ILE P 52 35.15 48.09 79.12
C ILE P 52 34.25 48.57 80.27
N LYS P 53 34.76 49.55 81.04
CA LYS P 53 34.03 50.09 82.17
C LYS P 53 32.67 50.63 81.72
N GLU P 54 32.68 51.44 80.67
CA GLU P 54 31.47 52.08 80.17
C GLU P 54 30.49 51.01 79.70
N ALA P 55 30.98 50.03 78.95
CA ALA P 55 30.12 49.01 78.40
C ALA P 55 29.48 48.20 79.52
N ALA P 56 30.27 47.87 80.55
CA ALA P 56 29.74 47.12 81.68
C ALA P 56 28.63 47.90 82.35
N ALA P 57 28.88 49.21 82.54
CA ALA P 57 27.93 50.11 83.16
C ALA P 57 26.62 50.14 82.36
N LYS P 58 26.73 50.15 81.03
CA LYS P 58 25.57 50.17 80.16
C LYS P 58 24.75 48.90 80.27
N ALA P 59 25.39 47.71 80.37
CA ALA P 59 24.65 46.45 80.28
C ALA P 59 24.80 45.56 81.51
N LEU P 60 26.03 45.28 81.90
CA LEU P 60 26.30 44.20 82.83
C LEU P 60 25.93 44.58 84.27
N ILE P 61 26.37 45.74 84.75
CA ILE P 61 26.24 46.01 86.18
C ILE P 61 24.83 46.56 86.46
N TYR P 62 24.52 46.76 87.76
CA TYR P 62 23.23 47.23 88.21
C TYR P 62 22.12 46.32 87.68
N SER P 63 22.40 45.01 87.62
CA SER P 63 21.52 44.06 86.95
C SER P 63 21.38 42.84 87.85
N ASP P 64 20.49 41.94 87.46
CA ASP P 64 20.36 40.67 88.16
C ASP P 64 21.67 39.87 88.12
N LEU P 65 22.42 39.97 87.03
CA LEU P 65 23.67 39.23 86.90
C LEU P 65 24.58 39.53 88.07
N THR P 66 24.75 40.81 88.39
CA THR P 66 25.63 41.18 89.47
C THR P 66 25.01 40.84 90.82
N ARG P 67 23.66 40.78 90.90
CA ARG P 67 23.00 40.49 92.16
C ARG P 67 23.20 39.01 92.50
N PRO P 68 23.13 38.60 93.79
CA PRO P 68 23.38 37.21 94.18
C PRO P 68 22.47 36.23 93.45
N GLY P 69 23.08 35.13 92.99
CA GLY P 69 22.38 34.15 92.17
C GLY P 69 22.51 34.47 90.67
N GLY P 70 23.18 35.58 90.33
CA GLY P 70 23.40 35.95 88.94
C GLY P 70 24.76 35.44 88.47
N MET P 72 27.27 36.82 87.09
CA MET P 72 28.43 37.66 87.33
C MET P 72 28.57 38.01 88.81
N TYR P 73 27.75 37.36 89.66
CA TYR P 73 27.88 37.51 91.10
C TYR P 73 29.15 36.83 91.60
N THR P 74 29.73 37.38 92.68
CA THR P 74 31.02 36.99 93.27
C THR P 74 32.15 37.70 92.52
N THR P 75 33.23 38.02 93.23
CA THR P 75 34.31 38.77 92.61
C THR P 75 34.93 37.97 91.48
N ARG P 76 35.10 36.66 91.70
CA ARG P 76 35.76 35.80 90.74
C ARG P 76 35.03 35.85 89.40
N ARG P 77 33.72 35.66 89.43
CA ARG P 77 32.92 35.69 88.21
C ARG P 77 32.96 37.09 87.58
N TYR P 78 32.86 38.14 88.39
CA TYR P 78 32.90 39.48 87.84
C TYR P 78 34.20 39.68 87.07
N ALA P 79 35.31 39.28 87.69
CA ALA P 79 36.61 39.45 87.08
C ALA P 79 36.71 38.67 85.77
N ALA P 80 36.16 37.45 85.75
CA ALA P 80 36.16 36.63 84.56
C ALA P 80 35.44 37.34 83.41
N CYS P 81 34.27 37.91 83.72
CA CYS P 81 33.47 38.53 82.68
C CYS P 81 34.22 39.72 82.07
N ILE P 82 34.88 40.54 82.90
CA ILE P 82 35.56 41.69 82.36
C ILE P 82 36.81 41.23 81.58
N ARG P 83 37.42 40.11 81.99
CA ARG P 83 38.53 39.56 81.23
C ARG P 83 38.06 39.15 79.84
N ASP P 84 36.89 38.51 79.76
CA ASP P 84 36.37 38.10 78.48
C ASP P 84 36.11 39.33 77.60
N MET P 85 35.61 40.40 78.21
CA MET P 85 35.29 41.61 77.48
C MET P 85 36.57 42.16 76.84
N ASP P 86 37.65 42.17 77.61
CA ASP P 86 38.93 42.63 77.13
C ASP P 86 39.40 41.81 75.93
N TYR P 87 39.23 40.48 76.01
CA TYR P 87 39.62 39.60 74.92
C TYR P 87 38.90 40.07 73.64
N PHE P 88 37.58 40.23 73.73
CA PHE P 88 36.81 40.56 72.57
C PHE P 88 37.34 41.87 71.98
N LEU P 89 37.62 42.84 72.83
CA LEU P 89 38.09 44.14 72.38
C LEU P 89 39.42 44.01 71.65
N ARG P 90 40.37 43.28 72.25
CA ARG P 90 41.70 43.15 71.68
C ARG P 90 41.64 42.49 70.30
N TYR P 91 40.82 41.43 70.19
CA TYR P 91 40.75 40.68 68.96
C TYR P 91 40.06 41.51 67.88
N ALA P 92 39.02 42.25 68.27
CA ALA P 92 38.35 43.11 67.31
C ALA P 92 39.33 44.15 66.75
N THR P 93 40.17 44.70 67.62
CA THR P 93 41.17 45.65 67.18
C THR P 93 42.11 44.99 66.18
N TYR P 94 42.55 43.76 66.47
CA TYR P 94 43.41 43.02 65.57
C TYR P 94 42.73 42.85 64.21
N ALA P 95 41.45 42.46 64.25
CA ALA P 95 40.70 42.22 63.03
C ALA P 95 40.59 43.51 62.21
N MET P 96 40.38 44.63 62.88
CA MET P 96 40.21 45.90 62.20
C MET P 96 41.49 46.26 61.45
N LEU P 97 42.64 46.11 62.11
CA LEU P 97 43.91 46.35 61.43
C LEU P 97 44.05 45.40 60.23
N ALA P 98 43.75 44.12 60.45
CA ALA P 98 43.93 43.11 59.42
C ALA P 98 43.02 43.40 58.22
N GLY P 99 41.81 43.86 58.51
CA GLY P 99 40.82 44.02 57.46
C GLY P 99 40.13 42.70 57.13
N ASP P 100 40.30 41.67 57.98
CA ASP P 100 39.70 40.37 57.72
C ASP P 100 39.08 39.82 59.00
N PRO P 101 37.91 39.18 58.95
CA PRO P 101 37.29 38.56 60.11
C PRO P 101 37.84 37.20 60.57
N SER P 102 38.75 36.63 59.79
CA SER P 102 39.19 35.25 60.00
C SER P 102 39.80 35.03 61.40
N ILE P 103 40.63 35.99 61.86
CA ILE P 103 41.29 35.79 63.13
C ILE P 103 40.23 35.59 64.23
N LEU P 104 39.09 36.29 64.13
CA LEU P 104 38.06 36.15 65.13
C LEU P 104 37.57 34.71 65.14
N ASP P 105 37.36 34.14 63.94
CA ASP P 105 36.89 32.77 63.85
C ASP P 105 37.92 31.80 64.42
N GLU P 106 39.21 32.00 64.09
CA GLU P 106 40.23 31.07 64.49
C GLU P 106 40.49 31.08 66.00
N ARG P 107 40.48 32.25 66.63
CA ARG P 107 40.81 32.34 68.04
C ARG P 107 39.57 32.47 68.92
N VAL P 108 38.78 33.51 68.70
CA VAL P 108 37.75 33.85 69.65
C VAL P 108 36.54 32.94 69.44
N LEU P 109 36.08 32.83 68.18
CA LEU P 109 34.76 32.28 67.96
C LEU P 109 34.73 30.78 68.16
N ASN P 110 35.85 30.09 67.95
CA ASN P 110 35.87 28.64 67.86
C ASN P 110 35.70 27.97 69.24
N GLY P 111 34.61 27.22 69.42
CA GLY P 111 34.33 26.56 70.69
C GLY P 111 33.78 27.45 71.80
N LEU P 112 33.56 28.75 71.54
CA LEU P 112 33.16 29.63 72.62
C LEU P 112 31.72 29.32 73.03
N LYS P 113 30.85 29.09 72.05
CA LYS P 113 29.45 28.85 72.33
C LYS P 113 29.31 27.64 73.25
N GLU P 114 30.02 26.56 72.90
CA GLU P 114 29.96 25.32 73.65
C GLU P 114 30.50 25.54 75.06
N THR P 115 31.63 26.24 75.19
CA THR P 115 32.21 26.54 76.49
C THR P 115 31.18 27.27 77.35
N TYR P 116 30.57 28.32 76.77
CA TYR P 116 29.65 29.13 77.52
C TYR P 116 28.45 28.31 77.96
N ASN P 117 27.95 27.43 77.08
CA ASN P 117 26.78 26.64 77.43
C ASN P 117 27.09 25.70 78.59
N SER P 118 28.26 25.06 78.58
CA SER P 118 28.64 24.22 79.71
C SER P 118 28.77 25.06 80.97
N LEU P 119 29.38 26.24 80.86
CA LEU P 119 29.60 27.07 82.03
C LEU P 119 28.26 27.61 82.55
N GLY P 120 27.30 27.82 81.64
CA GLY P 120 26.05 28.47 82.00
C GLY P 120 26.15 29.99 81.95
N VAL P 121 27.22 30.51 81.37
CA VAL P 121 27.30 31.92 81.02
C VAL P 121 26.19 32.25 80.03
N PRO P 122 25.44 33.36 80.22
CA PRO P 122 24.36 33.73 79.28
C PRO P 122 24.87 34.42 78.01
N ILE P 123 24.60 33.80 76.86
CA ILE P 123 25.16 34.27 75.60
C ILE P 123 24.57 35.63 75.24
N ALA P 124 23.25 35.78 75.40
CA ALA P 124 22.58 37.00 74.97
C ALA P 124 23.14 38.21 75.72
N ALA P 125 23.36 38.07 77.04
CA ALA P 125 23.95 39.13 77.84
C ALA P 125 25.36 39.47 77.34
N THR P 126 26.14 38.46 76.98
CA THR P 126 27.50 38.66 76.48
C THR P 126 27.42 39.46 75.18
N VAL P 127 26.49 39.05 74.32
CA VAL P 127 26.31 39.72 73.04
C VAL P 127 25.96 41.18 73.30
N GLY P 128 25.05 41.42 74.24
CA GLY P 128 24.67 42.77 74.67
C GLY P 128 25.88 43.61 75.06
N GLY P 129 26.79 43.02 75.84
CA GLY P 129 28.03 43.67 76.25
C GLY P 129 28.91 44.01 75.05
N ILE P 130 28.99 43.12 74.07
CA ILE P 130 29.80 43.34 72.88
C ILE P 130 29.24 44.54 72.12
N GLN P 131 27.91 44.57 71.98
CA GLN P 131 27.23 45.66 71.28
C GLN P 131 27.47 46.98 72.01
N ALA P 132 27.42 46.94 73.34
CA ALA P 132 27.70 48.13 74.13
C ALA P 132 29.12 48.61 73.88
N MET P 133 30.09 47.69 73.86
CA MET P 133 31.47 48.09 73.62
C MET P 133 31.57 48.77 72.27
N LYS P 134 30.85 48.23 71.28
CA LYS P 134 30.88 48.76 69.93
C LYS P 134 30.48 50.23 69.93
N GLU P 135 29.38 50.53 70.63
CA GLU P 135 28.84 51.89 70.71
C GLU P 135 29.88 52.84 71.32
N VAL P 136 30.48 52.43 72.44
CA VAL P 136 31.49 53.25 73.09
C VAL P 136 32.68 53.44 72.14
N VAL P 137 33.10 52.36 71.48
CA VAL P 137 34.26 52.40 70.61
C VAL P 137 33.98 53.38 69.48
N GLY P 138 32.76 53.31 68.92
CA GLY P 138 32.34 54.14 67.81
C GLY P 138 32.59 55.62 68.07
N GLY P 139 32.18 56.07 69.25
CA GLY P 139 32.41 57.45 69.69
C GLY P 139 33.89 57.83 69.63
N LEU P 140 34.74 57.03 70.28
CA LEU P 140 36.15 57.37 70.44
C LEU P 140 36.85 57.39 69.09
N VAL P 141 36.57 56.40 68.25
CA VAL P 141 37.32 56.22 67.01
C VAL P 141 36.96 57.33 66.03
N GLY P 142 35.70 57.77 66.07
CA GLY P 142 35.17 58.73 65.11
C GLY P 142 34.50 58.02 63.95
N PRO P 143 33.68 58.72 63.14
CA PRO P 143 32.75 58.08 62.19
C PRO P 143 33.32 57.17 61.10
N ASP P 144 34.37 57.63 60.41
CA ASP P 144 34.99 56.85 59.33
C ASP P 144 35.51 55.53 59.90
N ALA P 145 36.21 55.61 61.03
CA ALA P 145 36.76 54.44 61.69
C ALA P 145 35.65 53.56 62.26
N ALA P 146 34.56 54.20 62.73
CA ALA P 146 33.49 53.49 63.41
C ALA P 146 32.87 52.42 62.50
N LYS P 147 32.64 52.77 61.23
CA LYS P 147 31.99 51.83 60.31
C LYS P 147 32.83 50.55 60.23
N GLU P 148 34.14 50.72 60.07
CA GLU P 148 35.08 49.60 59.98
C GLU P 148 35.07 48.81 61.28
N ALA P 149 35.15 49.52 62.41
CA ALA P 149 35.16 48.87 63.71
C ALA P 149 33.88 48.08 63.93
N SER P 150 32.73 48.64 63.52
CA SER P 150 31.44 48.03 63.80
C SER P 150 31.32 46.63 63.20
N ILE P 151 31.84 46.43 62.00
CA ILE P 151 31.61 45.15 61.31
C ILE P 151 32.22 44.00 62.12
N TYR P 152 33.41 44.22 62.71
CA TYR P 152 34.09 43.17 63.45
C TYR P 152 33.34 42.88 64.74
N PHE P 153 32.85 43.92 65.42
CA PHE P 153 32.04 43.75 66.62
C PHE P 153 30.78 42.96 66.29
N ASP P 154 30.15 43.28 65.16
CA ASP P 154 28.94 42.59 64.75
C ASP P 154 29.25 41.12 64.43
N TYR P 155 30.41 40.88 63.84
CA TYR P 155 30.84 39.54 63.49
C TYR P 155 30.96 38.68 64.76
N LEU P 156 31.58 39.25 65.79
CA LEU P 156 31.72 38.55 67.07
C LEU P 156 30.33 38.23 67.61
N SER P 157 29.43 39.22 67.56
CA SER P 157 28.10 39.07 68.14
C SER P 157 27.35 37.94 67.44
N SER P 158 27.42 37.94 66.10
CA SER P 158 26.73 36.93 65.31
C SER P 158 27.28 35.52 65.61
N GLY P 159 28.59 35.41 65.75
CA GLY P 159 29.23 34.14 66.06
C GLY P 159 28.73 33.56 67.38
N LEU P 160 28.66 34.43 68.41
CA LEU P 160 28.31 33.98 69.74
C LEU P 160 26.85 33.54 69.73
N SER P 161 26.02 34.32 69.04
CA SER P 161 24.61 34.03 68.95
C SER P 161 24.37 33.11 67.72
N SER Q 2 64.58 48.90 71.59
CA SER Q 2 64.62 49.65 70.30
C SER Q 2 63.98 48.76 69.20
N VAL Q 3 63.68 49.36 68.05
CA VAL Q 3 63.14 48.62 66.92
C VAL Q 3 64.10 47.49 66.55
N LEU Q 4 65.39 47.83 66.49
CA LEU Q 4 66.35 46.87 65.97
C LEU Q 4 66.42 45.69 66.93
N THR Q 5 66.47 45.96 68.25
CA THR Q 5 66.59 44.90 69.23
C THR Q 5 65.41 43.95 69.06
N LYS Q 6 64.20 44.51 68.91
CA LYS Q 6 63.01 43.69 68.81
C LYS Q 6 63.13 42.75 67.61
N ALA Q 7 63.57 43.29 66.45
CA ALA Q 7 63.66 42.49 65.24
C ALA Q 7 64.67 41.34 65.41
N ILE Q 8 65.83 41.67 65.98
CA ILE Q 8 66.88 40.69 66.17
C ILE Q 8 66.38 39.57 67.06
N VAL Q 9 65.69 39.94 68.15
CA VAL Q 9 65.23 38.97 69.12
C VAL Q 9 64.27 37.99 68.45
N ASN Q 10 63.35 38.48 67.60
CA ASN Q 10 62.39 37.61 66.96
C ASN Q 10 63.13 36.63 66.03
N ALA Q 11 64.13 37.15 65.30
CA ALA Q 11 64.90 36.33 64.39
C ALA Q 11 65.63 35.23 65.16
N ASP Q 12 66.25 35.59 66.29
CA ASP Q 12 67.06 34.58 66.97
C ASP Q 12 66.16 33.53 67.58
N ALA Q 13 64.96 33.86 68.02
CA ALA Q 13 64.01 32.85 68.50
C ALA Q 13 63.70 31.87 67.38
N GLU Q 14 63.48 32.39 66.18
CA GLU Q 14 63.20 31.56 65.02
C GLU Q 14 64.48 30.89 64.51
N ALA Q 15 65.64 31.38 64.96
CA ALA Q 15 66.93 30.86 64.56
C ALA Q 15 67.15 31.05 63.06
N ARG Q 16 66.72 32.21 62.54
CA ARG Q 16 66.81 32.50 61.13
C ARG Q 16 67.45 33.88 60.94
N TYR Q 17 67.96 34.14 59.73
CA TYR Q 17 68.42 35.47 59.35
C TYR Q 17 67.21 36.40 59.22
N LEU Q 18 67.44 37.71 59.31
CA LEU Q 18 66.35 38.67 59.32
C LEU Q 18 65.56 38.59 58.01
N SER Q 19 64.23 38.57 58.18
CA SER Q 19 63.30 38.51 57.07
C SER Q 19 63.34 39.83 56.31
N PRO Q 20 62.98 39.84 55.01
CA PRO Q 20 62.97 41.07 54.22
C PRO Q 20 62.09 42.16 54.84
N GLY Q 21 60.90 41.75 55.28
CA GLY Q 21 59.97 42.65 55.95
C GLY Q 21 60.59 43.30 57.19
N GLU Q 22 61.25 42.47 58.00
CA GLU Q 22 61.95 42.95 59.18
C GLU Q 22 63.03 43.93 58.79
N LEU Q 23 63.78 43.61 57.73
CA LEU Q 23 64.84 44.46 57.23
C LEU Q 23 64.26 45.81 56.79
N ASP Q 24 63.10 45.77 56.14
CA ASP Q 24 62.46 46.98 55.64
C ASP Q 24 62.11 47.92 56.80
N ARG Q 25 61.60 47.34 57.88
CA ARG Q 25 61.23 48.12 59.05
C ARG Q 25 62.49 48.80 59.62
N ILE Q 26 63.62 48.10 59.60
CA ILE Q 26 64.87 48.66 60.09
C ILE Q 26 65.23 49.87 59.22
N LYS Q 27 65.09 49.72 57.90
CA LYS Q 27 65.42 50.80 56.98
C LYS Q 27 64.56 52.02 57.29
N SER Q 28 63.26 51.79 57.49
CA SER Q 28 62.34 52.89 57.74
C SER Q 28 62.77 53.61 59.01
N PHE Q 29 63.12 52.84 60.04
CA PHE Q 29 63.46 53.39 61.34
C PHE Q 29 64.69 54.29 61.23
N VAL Q 30 65.71 53.87 60.48
CA VAL Q 30 66.94 54.64 60.42
C VAL Q 30 66.67 55.98 59.73
N ALA Q 31 65.79 55.98 58.72
CA ALA Q 31 65.40 57.20 58.04
C ALA Q 31 64.66 58.11 59.01
N SER Q 32 63.75 57.53 59.82
CA SER Q 32 62.93 58.30 60.74
C SER Q 32 63.77 58.92 61.84
N GLY Q 33 64.89 58.27 62.20
CA GLY Q 33 65.65 58.58 63.41
C GLY Q 33 66.00 60.06 63.56
N GLU Q 34 66.49 60.68 62.47
CA GLU Q 34 66.91 62.08 62.53
C GLU Q 34 65.76 62.99 62.94
N ARG Q 35 64.58 62.78 62.34
CA ARG Q 35 63.37 63.47 62.76
C ARG Q 35 63.08 63.19 64.23
N ARG Q 36 63.19 61.94 64.64
CA ARG Q 36 62.92 61.54 66.01
C ARG Q 36 63.84 62.29 66.96
N LEU Q 37 65.11 62.43 66.59
CA LEU Q 37 66.07 63.10 67.45
C LEU Q 37 65.63 64.53 67.73
N ARG Q 38 65.16 65.21 66.68
CA ARG Q 38 64.68 66.59 66.80
C ARG Q 38 63.49 66.66 67.75
N ILE Q 39 62.53 65.73 67.61
CA ILE Q 39 61.35 65.72 68.45
C ILE Q 39 61.79 65.61 69.91
N ALA Q 40 62.73 64.70 70.19
CA ALA Q 40 63.21 64.49 71.54
C ALA Q 40 63.89 65.75 72.07
N GLN Q 41 64.68 66.39 71.19
CA GLN Q 41 65.44 67.57 71.58
C GLN Q 41 64.46 68.67 71.99
N THR Q 42 63.38 68.85 71.22
CA THR Q 42 62.41 69.89 71.50
C THR Q 42 61.86 69.72 72.90
N LEU Q 43 61.43 68.49 73.25
CA LEU Q 43 60.81 68.24 74.53
C LEU Q 43 61.82 68.47 75.65
N THR Q 44 63.08 68.09 75.43
CA THR Q 44 64.10 68.26 76.45
C THR Q 44 64.25 69.74 76.80
N GLU Q 45 64.27 70.61 75.78
CA GLU Q 45 64.46 72.03 76.00
C GLU Q 45 63.29 72.60 76.77
N ALA Q 46 62.08 72.14 76.42
CA ALA Q 46 60.85 72.64 77.02
C ALA Q 46 60.49 71.85 78.27
N ARG Q 47 61.41 71.01 78.74
CA ARG Q 47 61.08 70.05 79.80
C ARG Q 47 60.50 70.76 81.01
N GLU Q 48 61.29 71.74 81.52
CA GLU Q 48 60.95 72.47 82.75
C GLU Q 48 59.54 73.05 82.70
N ARG Q 49 59.21 73.70 81.57
CA ARG Q 49 57.89 74.32 81.41
C ARG Q 49 56.82 73.24 81.28
N ILE Q 50 57.09 72.16 80.56
CA ILE Q 50 56.08 71.11 80.37
C ILE Q 50 55.65 70.59 81.72
N VAL Q 51 56.64 70.29 82.57
CA VAL Q 51 56.37 69.72 83.88
C VAL Q 51 55.54 70.72 84.67
N LYS Q 52 55.97 71.98 84.69
CA LYS Q 52 55.30 73.01 85.48
C LYS Q 52 53.87 73.14 85.05
N GLN Q 53 53.62 73.29 83.76
CA GLN Q 53 52.26 73.48 83.23
C GLN Q 53 51.41 72.27 83.55
N ALA Q 54 51.94 71.06 83.36
CA ALA Q 54 51.19 69.85 83.59
C ALA Q 54 50.78 69.75 85.07
N GLY Q 55 51.75 70.07 85.94
CA GLY Q 55 51.51 70.05 87.38
C GLY Q 55 50.35 70.92 87.76
N ASP Q 56 50.33 72.15 87.27
CA ASP Q 56 49.27 73.13 87.57
C ASP Q 56 47.94 72.57 87.11
N GLN Q 57 47.89 72.02 85.90
CA GLN Q 57 46.67 71.44 85.38
C GLN Q 57 46.19 70.33 86.31
N LEU Q 58 47.11 69.46 86.71
CA LEU Q 58 46.78 68.33 87.57
C LEU Q 58 46.19 68.84 88.90
N PHE Q 59 46.84 69.83 89.48
CA PHE Q 59 46.42 70.34 90.78
C PHE Q 59 45.05 71.01 90.66
N GLN Q 60 44.80 71.68 89.53
CA GLN Q 60 43.47 72.25 89.30
C GLN Q 60 42.47 71.10 89.16
N LYS Q 61 42.82 70.07 88.39
CA LYS Q 61 41.93 68.93 88.17
C LYS Q 61 41.66 68.21 89.49
N ARG Q 62 42.68 68.06 90.34
CA ARG Q 62 42.55 67.38 91.61
C ARG Q 62 42.97 68.29 92.75
N PRO Q 63 42.07 69.11 93.33
CA PRO Q 63 42.45 69.95 94.47
C PRO Q 63 42.90 69.07 95.65
N ASP Q 64 42.27 67.91 95.79
CA ASP Q 64 42.39 67.08 96.98
C ASP Q 64 43.84 66.65 97.19
N VAL Q 65 44.55 66.28 96.09
CA VAL Q 65 45.86 65.68 96.26
C VAL Q 65 46.76 66.68 97.00
N VAL Q 66 46.71 67.97 96.62
CA VAL Q 66 47.42 69.01 97.32
C VAL Q 66 46.46 69.67 98.31
N SER Q 67 46.06 68.90 99.33
CA SER Q 67 45.24 69.38 100.42
C SER Q 67 45.75 68.69 101.67
N PRO Q 68 45.48 69.20 102.90
CA PRO Q 68 46.13 68.67 104.09
C PRO Q 68 45.96 67.16 104.23
N GLY Q 69 44.77 66.66 103.89
CA GLY Q 69 44.55 65.23 103.84
C GLY Q 69 45.41 64.53 102.77
N GLY Q 70 45.53 65.17 101.60
CA GLY Q 70 46.10 64.56 100.40
C GLY Q 70 47.60 64.30 100.54
N ASN Q 71 48.07 63.31 99.74
CA ASN Q 71 49.45 62.83 99.80
C ASN Q 71 50.40 63.92 99.30
N ALA Q 72 49.97 64.61 98.25
CA ALA Q 72 50.82 65.55 97.54
C ALA Q 72 51.08 66.81 98.38
N TYR Q 73 50.26 67.04 99.42
CA TYR Q 73 50.28 68.28 100.16
C TYR Q 73 51.60 68.48 100.88
N GLY Q 74 52.04 69.75 100.90
CA GLY Q 74 53.29 70.19 101.48
C GLY Q 74 54.29 70.36 100.35
N GLU Q 75 55.30 71.23 100.58
CA GLU Q 75 56.30 71.55 99.56
C GLU Q 75 57.10 70.29 99.22
N LYS Q 76 57.58 69.58 100.23
CA LYS Q 76 58.39 68.39 99.99
C LYS Q 76 57.63 67.44 99.08
N MET Q 77 56.39 67.15 99.47
CA MET Q 77 55.57 66.19 98.75
C MET Q 77 55.26 66.69 97.33
N THR Q 78 54.96 67.99 97.20
CA THR Q 78 54.62 68.52 95.90
C THR Q 78 55.84 68.42 94.97
N ALA Q 79 57.03 68.69 95.50
CA ALA Q 79 58.25 68.56 94.72
C ALA Q 79 58.41 67.14 94.21
N LEU Q 80 58.18 66.16 95.08
CA LEU Q 80 58.34 64.75 94.73
C LEU Q 80 57.36 64.41 93.60
N CYS Q 81 56.12 64.93 93.69
CA CYS Q 81 55.15 64.66 92.65
C CYS Q 81 55.63 65.22 91.31
N LEU Q 82 56.23 66.41 91.34
CA LEU Q 82 56.73 67.04 90.13
C LEU Q 82 57.95 66.27 89.62
N ARG Q 83 58.81 65.81 90.54
CA ARG Q 83 59.97 65.02 90.17
C ARG Q 83 59.52 63.77 89.40
N ASP Q 84 58.44 63.13 89.88
CA ASP Q 84 57.93 61.96 89.22
C ASP Q 84 57.49 62.29 87.79
N LEU Q 85 56.82 63.43 87.62
CA LEU Q 85 56.38 63.84 86.30
C LEU Q 85 57.60 64.05 85.40
N ASP Q 86 58.66 64.65 85.95
CA ASP Q 86 59.87 64.87 85.20
C ASP Q 86 60.46 63.53 84.74
N TYR Q 87 60.49 62.55 85.65
CA TYR Q 87 61.01 61.23 85.35
C TYR Q 87 60.28 60.63 84.14
N TYR Q 88 58.95 60.71 84.16
CA TYR Q 88 58.18 60.13 83.09
C TYR Q 88 58.47 60.84 81.77
N LEU Q 89 58.69 62.16 81.82
CA LEU Q 89 58.98 62.88 80.59
C LEU Q 89 60.31 62.39 80.01
N ARG Q 90 61.32 62.23 80.88
CA ARG Q 90 62.61 61.76 80.43
C ARG Q 90 62.46 60.39 79.76
N LEU Q 91 61.65 59.53 80.36
CA LEU Q 91 61.42 58.21 79.80
C LEU Q 91 60.79 58.32 78.41
N VAL Q 92 59.83 59.23 78.26
CA VAL Q 92 59.17 59.37 76.97
C VAL Q 92 60.19 59.78 75.90
N THR Q 93 61.10 60.71 76.23
CA THR Q 93 62.07 61.14 75.25
C THR Q 93 62.92 59.94 74.82
N TYR Q 94 63.34 59.13 75.79
CA TYR Q 94 64.13 57.94 75.51
C TYR Q 94 63.39 57.04 74.52
N GLY Q 95 62.08 56.89 74.75
CA GLY Q 95 61.25 56.04 73.89
C GLY Q 95 61.24 56.53 72.44
N ILE Q 96 61.11 57.85 72.26
CA ILE Q 96 61.00 58.40 70.92
C ILE Q 96 62.27 58.09 70.13
N VAL Q 97 63.45 58.28 70.76
CA VAL Q 97 64.69 58.02 70.04
C VAL Q 97 64.81 56.53 69.75
N ALA Q 98 64.39 55.67 70.70
CA ALA Q 98 64.47 54.23 70.52
C ALA Q 98 63.51 53.74 69.44
N GLY Q 99 62.36 54.41 69.33
CA GLY Q 99 61.35 53.99 68.37
C GLY Q 99 60.51 52.83 68.92
N ASP Q 100 60.68 52.53 70.20
CA ASP Q 100 60.00 51.41 70.82
C ASP Q 100 59.80 51.72 72.30
N VAL Q 101 58.81 51.07 72.94
CA VAL Q 101 58.45 51.40 74.28
C VAL Q 101 59.31 50.65 75.29
N THR Q 102 60.08 49.67 74.80
CA THR Q 102 60.84 48.79 75.68
C THR Q 102 61.68 49.60 76.66
N PRO Q 103 62.50 50.60 76.23
CA PRO Q 103 63.31 51.36 77.20
C PRO Q 103 62.42 51.99 78.27
N ILE Q 104 61.30 52.58 77.85
CA ILE Q 104 60.35 53.18 78.77
C ILE Q 104 59.86 52.09 79.73
N GLU Q 105 59.51 50.93 79.17
CA GLU Q 105 58.80 49.90 79.89
C GLU Q 105 59.64 49.36 81.06
N GLU Q 106 60.92 49.04 80.78
CA GLU Q 106 61.76 48.47 81.81
C GLU Q 106 61.93 49.44 82.99
N ILE Q 107 62.17 50.73 82.71
CA ILE Q 107 62.50 51.67 83.76
C ILE Q 107 61.25 52.07 84.55
N GLY Q 108 60.09 52.19 83.89
CA GLY Q 108 58.96 52.87 84.49
C GLY Q 108 57.69 52.04 84.64
N ILE Q 109 57.42 51.05 83.77
CA ILE Q 109 56.06 50.52 83.78
C ILE Q 109 55.98 49.17 84.48
N ILE Q 110 57.10 48.52 84.80
CA ILE Q 110 57.00 47.20 85.43
C ILE Q 110 57.24 47.35 86.93
N GLY Q 111 56.24 46.94 87.70
CA GLY Q 111 56.28 47.10 89.15
C GLY Q 111 55.79 48.47 89.59
N VAL Q 112 55.32 49.30 88.62
CA VAL Q 112 54.92 50.66 88.95
C VAL Q 112 53.74 50.61 89.92
N LYS Q 113 52.78 49.71 89.66
CA LYS Q 113 51.59 49.59 90.50
C LYS Q 113 52.01 49.33 91.93
N GLU Q 114 52.91 48.35 92.11
CA GLU Q 114 53.34 47.91 93.41
C GLU Q 114 54.04 49.05 94.15
N MET Q 115 54.92 49.76 93.45
CA MET Q 115 55.67 50.84 94.06
C MET Q 115 54.71 51.91 94.56
N TYR Q 116 53.79 52.34 93.68
CA TYR Q 116 52.89 53.42 94.05
C TYR Q 116 51.94 52.97 95.15
N ASN Q 117 51.51 51.70 95.13
CA ASN Q 117 50.61 51.23 96.17
C ASN Q 117 51.31 51.28 97.53
N SER Q 118 52.59 50.91 97.61
CA SER Q 118 53.29 51.05 98.87
C SER Q 118 53.35 52.52 99.26
N LEU Q 119 53.65 53.40 98.30
CA LEU Q 119 53.72 54.82 98.59
C LEU Q 119 52.35 55.36 98.96
N GLN Q 120 51.30 54.74 98.38
CA GLN Q 120 49.90 55.13 98.59
C GLN Q 120 49.51 56.26 97.65
N THR Q 121 50.44 56.65 96.76
CA THR Q 121 50.15 57.62 95.71
C THR Q 121 49.02 57.08 94.83
N PRO Q 122 47.99 57.86 94.49
CA PRO Q 122 46.91 57.34 93.62
C PRO Q 122 47.32 57.22 92.17
N ILE Q 123 47.19 56.05 91.59
CA ILE Q 123 47.63 55.77 90.23
C ILE Q 123 46.69 56.54 89.26
N PRO Q 124 45.37 56.51 89.47
CA PRO Q 124 44.45 57.19 88.55
C PRO Q 124 44.65 58.70 88.44
N ALA Q 125 45.54 59.30 89.19
CA ALA Q 125 45.94 60.66 89.09
C ALA Q 125 47.32 60.87 88.47
N VAL Q 126 48.23 59.91 88.68
CA VAL Q 126 49.50 59.82 87.97
C VAL Q 126 49.21 59.80 86.47
N ALA Q 127 48.21 58.99 86.05
CA ALA Q 127 47.86 58.88 84.67
C ALA Q 127 47.43 60.25 84.10
N GLU Q 128 46.63 60.97 84.89
CA GLU Q 128 46.14 62.27 84.50
C GLU Q 128 47.30 63.23 84.28
N GLY Q 129 48.29 63.18 85.18
CA GLY Q 129 49.49 64.00 85.07
C GLY Q 129 50.21 63.77 83.75
N VAL Q 130 50.30 62.49 83.35
CA VAL Q 130 50.96 62.14 82.11
C VAL Q 130 50.13 62.68 80.94
N ARG Q 131 48.80 62.55 81.03
CA ARG Q 131 47.92 63.10 80.01
C ARG Q 131 48.14 64.61 79.89
N ALA Q 132 48.21 65.29 81.03
CA ALA Q 132 48.43 66.72 81.07
C ALA Q 132 49.75 67.07 80.36
N MET Q 133 50.81 66.31 80.67
CA MET Q 133 52.10 66.57 80.06
C MET Q 133 51.99 66.40 78.54
N LYS Q 134 51.21 65.41 78.10
CA LYS Q 134 51.05 65.16 76.69
C LYS Q 134 50.49 66.39 76.00
N ASN Q 135 49.46 67.00 76.60
CA ASN Q 135 48.78 68.13 75.98
C ASN Q 135 49.75 69.30 75.81
N VAL Q 136 50.54 69.58 76.86
CA VAL Q 136 51.52 70.64 76.80
C VAL Q 136 52.54 70.32 75.71
N ALA Q 137 53.04 69.09 75.70
CA ALA Q 137 54.07 68.68 74.75
C ALA Q 137 53.54 68.79 73.33
N THR Q 138 52.29 68.39 73.12
CA THR Q 138 51.67 68.40 71.79
C THR Q 138 51.69 69.83 71.23
N SER Q 139 51.36 70.80 72.08
CA SER Q 139 51.25 72.19 71.64
C SER Q 139 52.59 72.70 71.08
N LEU Q 140 53.69 72.35 71.76
CA LEU Q 140 55.01 72.81 71.33
C LEU Q 140 55.44 72.09 70.06
N LEU Q 141 55.04 70.82 69.92
CA LEU Q 141 55.44 70.03 68.77
C LEU Q 141 54.58 70.40 67.57
N SER Q 142 55.17 70.24 66.37
CA SER Q 142 54.40 70.32 65.13
C SER Q 142 53.50 69.08 65.04
N GLY Q 143 52.43 69.17 64.24
CA GLY Q 143 51.35 68.19 64.23
C GLY Q 143 51.83 66.75 64.01
N ASP Q 144 52.64 66.52 62.96
CA ASP Q 144 53.16 65.20 62.67
C ASP Q 144 54.07 64.74 63.82
N ASP Q 145 54.93 65.67 64.31
CA ASP Q 145 55.81 65.38 65.42
C ASP Q 145 54.97 65.01 66.64
N ALA Q 146 53.88 65.76 66.85
CA ALA Q 146 53.00 65.57 67.99
C ALA Q 146 52.39 64.17 67.98
N ALA Q 147 51.98 63.71 66.78
CA ALA Q 147 51.37 62.40 66.65
C ALA Q 147 52.34 61.32 67.12
N GLU Q 148 53.60 61.42 66.66
CA GLU Q 148 54.63 60.48 67.07
C GLU Q 148 54.78 60.49 68.59
N ALA Q 149 54.91 61.69 69.16
CA ALA Q 149 55.08 61.85 70.60
C ALA Q 149 53.85 61.32 71.34
N GLY Q 150 52.67 61.56 70.76
CA GLY Q 150 51.41 61.15 71.38
C GLY Q 150 51.38 59.65 71.67
N PHE Q 151 51.87 58.86 70.70
CA PHE Q 151 51.82 57.41 70.83
C PHE Q 151 52.53 56.99 72.11
N TYR Q 152 53.73 57.53 72.34
CA TYR Q 152 54.50 57.17 73.53
C TYR Q 152 53.78 57.63 74.79
N PHE Q 153 53.21 58.83 74.73
CA PHE Q 153 52.47 59.36 75.88
C PHE Q 153 51.26 58.46 76.16
N ASP Q 154 50.57 58.04 75.11
CA ASP Q 154 49.39 57.18 75.24
C ASP Q 154 49.77 55.85 75.87
N TYR Q 155 50.89 55.29 75.46
CA TYR Q 155 51.37 54.01 75.98
C TYR Q 155 51.50 54.13 77.50
N LEU Q 156 52.13 55.20 77.97
CA LEU Q 156 52.34 55.41 79.39
C LEU Q 156 50.99 55.41 80.11
N VAL Q 157 50.05 56.15 79.54
CA VAL Q 157 48.73 56.26 80.14
C VAL Q 157 48.07 54.90 80.18
N GLY Q 158 48.20 54.14 79.09
CA GLY Q 158 47.67 52.78 79.03
C GLY Q 158 48.31 51.87 80.07
N ALA Q 159 49.62 51.98 80.23
CA ALA Q 159 50.38 51.12 81.14
C ALA Q 159 49.91 51.30 82.57
N MET Q 160 49.62 52.52 83.00
CA MET Q 160 48.98 52.70 84.29
C MET Q 160 47.42 52.60 84.16
N MET R 1 69.22 41.67 74.98
CA MET R 1 70.47 42.21 74.35
C MET R 1 70.43 43.73 74.48
N GLN R 2 71.42 44.40 73.91
CA GLN R 2 71.43 45.86 73.83
C GLN R 2 71.88 46.24 72.42
N ASP R 3 71.48 47.43 71.99
CA ASP R 3 71.86 47.99 70.72
C ASP R 3 72.49 49.35 70.98
N ALA R 4 73.08 49.97 69.95
CA ALA R 4 73.80 51.22 70.13
C ALA R 4 72.88 52.30 70.70
N ILE R 5 71.68 52.42 70.12
CA ILE R 5 70.74 53.43 70.56
C ILE R 5 70.42 53.23 72.03
N THR R 6 70.10 51.98 72.42
CA THR R 6 69.73 51.69 73.80
C THR R 6 70.95 51.88 74.71
N ALA R 7 72.15 51.57 74.23
CA ALA R 7 73.35 51.74 75.04
C ALA R 7 73.52 53.20 75.47
N VAL R 8 73.31 54.12 74.53
CA VAL R 8 73.39 55.54 74.81
C VAL R 8 72.33 55.90 75.86
N ILE R 9 71.10 55.44 75.61
CA ILE R 9 70.00 55.72 76.52
C ILE R 9 70.34 55.22 77.91
N ASN R 10 70.89 54.01 78.02
CA ASN R 10 71.12 53.40 79.32
C ASN R 10 72.17 54.20 80.07
N ASN R 11 73.21 54.67 79.36
CA ASN R 11 74.28 55.42 80.00
C ASN R 11 73.69 56.70 80.59
N TYR R 12 72.78 57.34 79.85
CA TYR R 12 72.14 58.58 80.30
C TYR R 12 71.22 58.28 81.47
N ASP R 13 70.49 57.17 81.42
CA ASP R 13 69.53 56.83 82.46
C ASP R 13 70.23 56.62 83.80
N VAL R 14 71.40 55.98 83.82
CA VAL R 14 72.08 55.76 85.09
C VAL R 14 72.53 57.12 85.64
N GLN R 15 72.93 58.03 84.75
CA GLN R 15 73.28 59.38 85.19
C GLN R 15 72.02 60.13 85.58
N GLY R 16 70.88 59.77 84.97
CA GLY R 16 69.63 60.46 85.23
C GLY R 16 69.49 61.70 84.34
N LYS R 17 70.49 61.89 83.46
CA LYS R 17 70.55 63.05 82.59
C LYS R 17 69.56 62.89 81.45
N TYR R 18 68.92 64.00 81.06
CA TYR R 18 68.17 64.07 79.82
C TYR R 18 69.13 63.96 78.66
N LEU R 19 68.63 63.51 77.50
CA LEU R 19 69.48 63.34 76.33
C LEU R 19 70.01 64.70 75.90
N ASP R 20 71.30 64.74 75.57
CA ASP R 20 71.97 65.98 75.23
C ASP R 20 72.57 65.86 73.82
N GLY R 21 73.02 66.99 73.27
CA GLY R 21 73.50 67.06 71.89
C GLY R 21 74.63 66.07 71.63
N ALA R 22 75.59 65.99 72.56
CA ALA R 22 76.71 65.06 72.43
C ALA R 22 76.19 63.63 72.28
N ALA R 23 75.23 63.26 73.14
CA ALA R 23 74.55 61.97 73.03
C ALA R 23 73.86 61.85 71.69
N LEU R 24 73.18 62.93 71.27
CA LEU R 24 72.44 62.93 70.02
C LEU R 24 73.38 62.65 68.85
N ASP R 25 74.60 63.22 68.90
CA ASP R 25 75.59 63.06 67.85
C ASP R 25 75.98 61.59 67.68
N LYS R 26 76.17 60.88 68.81
CA LYS R 26 76.48 59.46 68.76
C LYS R 26 75.33 58.71 68.09
N LEU R 27 74.10 59.07 68.44
CA LEU R 27 72.93 58.42 67.86
C LEU R 27 72.90 58.71 66.37
N LYS R 28 73.23 59.95 66.00
CA LYS R 28 73.17 60.38 64.61
C LYS R 28 74.20 59.59 63.82
N ALA R 29 75.39 59.40 64.40
CA ALA R 29 76.45 58.63 63.77
C ALA R 29 75.94 57.25 63.42
N TYR R 30 75.26 56.60 64.38
CA TYR R 30 74.73 55.27 64.16
C TYR R 30 73.76 55.27 62.98
N PHE R 31 72.90 56.30 62.91
CA PHE R 31 71.82 56.31 61.93
C PHE R 31 72.39 56.32 60.51
N THR R 32 73.48 57.06 60.29
CA THR R 32 74.13 57.11 58.99
C THR R 32 74.71 55.74 58.62
N THR R 33 75.34 55.07 59.59
CA THR R 33 75.97 53.78 59.35
C THR R 33 74.91 52.72 59.04
N GLY R 34 73.71 52.90 59.62
CA GLY R 34 72.63 51.92 59.55
C GLY R 34 72.35 51.38 58.15
N ALA R 35 72.21 52.29 57.18
CA ALA R 35 71.83 51.90 55.83
C ALA R 35 72.84 50.90 55.24
N VAL R 36 74.14 51.18 55.43
CA VAL R 36 75.21 50.33 54.97
C VAL R 36 75.07 48.95 55.61
N ARG R 37 74.81 48.92 56.92
CA ARG R 37 74.73 47.69 57.68
C ARG R 37 73.61 46.80 57.13
N VAL R 38 72.46 47.41 56.83
CA VAL R 38 71.33 46.64 56.33
C VAL R 38 71.72 45.94 55.03
N ARG R 39 72.41 46.67 54.15
CA ARG R 39 72.81 46.11 52.87
C ARG R 39 73.77 44.93 53.11
N ALA R 40 74.73 45.12 54.02
CA ALA R 40 75.71 44.09 54.33
C ALA R 40 75.02 42.82 54.84
N ALA R 41 74.03 42.99 55.73
CA ALA R 41 73.34 41.88 56.32
C ALA R 41 72.65 41.03 55.25
N ALA R 42 72.03 41.68 54.28
CA ALA R 42 71.32 40.98 53.21
C ALA R 42 72.31 40.17 52.37
N VAL R 43 73.48 40.75 52.10
CA VAL R 43 74.52 40.07 51.35
C VAL R 43 74.92 38.80 52.11
N ILE R 44 75.17 38.92 53.41
CA ILE R 44 75.66 37.80 54.19
C ILE R 44 74.61 36.69 54.18
N SER R 45 73.34 37.03 54.40
CA SER R 45 72.30 36.03 54.51
C SER R 45 72.22 35.19 53.22
N SER R 46 72.30 35.86 52.06
CA SER R 46 72.18 35.18 50.78
C SER R 46 73.37 34.25 50.53
N ASN R 47 74.57 34.67 50.98
CA ASN R 47 75.79 33.93 50.66
C ASN R 47 76.27 33.10 51.86
N ALA R 48 75.40 32.88 52.85
CA ALA R 48 75.82 32.28 54.09
C ALA R 48 76.40 30.88 53.87
N THR R 49 75.68 30.05 53.11
CA THR R 49 76.13 28.68 52.87
C THR R 49 77.53 28.69 52.24
N THR R 50 77.72 29.54 51.24
CA THR R 50 78.99 29.61 50.52
C THR R 50 80.09 30.12 51.47
N ILE R 51 79.75 31.13 52.29
CA ILE R 51 80.75 31.70 53.18
C ILE R 51 81.32 30.58 54.05
N ILE R 52 80.42 29.75 54.58
CA ILE R 52 80.84 28.69 55.47
C ILE R 52 81.71 27.69 54.69
N LYS R 53 81.27 27.35 53.47
CA LYS R 53 81.99 26.41 52.63
C LYS R 53 83.42 26.89 52.39
N GLU R 54 83.55 28.15 51.99
CA GLU R 54 84.85 28.72 51.66
C GLU R 54 85.74 28.71 52.89
N ALA R 55 85.19 29.13 54.03
CA ALA R 55 85.99 29.23 55.25
C ALA R 55 86.46 27.85 55.67
N ALA R 56 85.58 26.84 55.55
CA ALA R 56 85.95 25.48 55.92
C ALA R 56 87.10 25.01 55.04
N ALA R 57 86.97 25.29 53.73
CA ALA R 57 87.97 24.93 52.75
C ALA R 57 89.32 25.55 53.10
N LYS R 58 89.29 26.81 53.52
CA LYS R 58 90.50 27.54 53.89
C LYS R 58 91.18 26.92 55.11
N ALA R 59 90.43 26.50 56.14
CA ALA R 59 91.04 26.10 57.40
C ALA R 59 90.70 24.66 57.82
N LEU R 60 89.42 24.33 57.86
CA LEU R 60 89.00 23.12 58.54
C LEU R 60 89.30 21.86 57.74
N ILE R 61 88.95 21.83 56.45
CA ILE R 61 89.02 20.57 55.73
C ILE R 61 90.45 20.35 55.23
N TYR R 62 90.69 19.15 54.65
CA TYR R 62 92.01 18.75 54.15
C TYR R 62 93.06 18.87 55.26
N SER R 63 92.65 18.55 56.50
CA SER R 63 93.47 18.80 57.66
C SER R 63 93.43 17.57 58.55
N ASP R 64 94.24 17.58 59.62
CA ASP R 64 94.21 16.50 60.58
C ASP R 64 92.82 16.38 61.24
N LEU R 65 92.15 17.50 61.45
CA LEU R 65 90.83 17.50 62.07
C LEU R 65 89.89 16.56 61.33
N THR R 66 89.85 16.69 60.02
CA THR R 66 88.96 15.86 59.24
C THR R 66 89.47 14.43 59.17
N ARG R 67 90.79 14.22 59.31
CA ARG R 67 91.35 12.87 59.22
C ARG R 67 90.98 12.09 60.48
N PRO R 68 90.94 10.75 60.44
CA PRO R 68 90.53 9.95 61.60
C PRO R 68 91.36 10.25 62.84
N GLY R 69 90.67 10.37 63.98
CA GLY R 69 91.32 10.78 65.22
C GLY R 69 91.29 12.30 65.41
N GLY R 70 90.76 13.04 64.43
CA GLY R 70 90.65 14.48 64.52
C GLY R 70 89.27 14.87 65.04
N MET R 72 86.99 16.82 64.00
CA MET R 72 85.91 16.96 63.03
C MET R 72 85.73 15.69 62.21
N TYR R 73 86.44 14.61 62.60
CA TYR R 73 86.25 13.31 61.97
C TYR R 73 84.89 12.72 62.34
N THR R 74 84.31 11.93 61.43
CA THR R 74 82.96 11.35 61.49
C THR R 74 81.95 12.37 60.98
N THR R 75 80.88 11.92 60.36
CA THR R 75 79.91 12.83 59.77
C THR R 75 79.27 13.69 60.86
N ARG R 76 78.95 13.07 61.99
CA ARG R 76 78.26 13.75 63.06
C ARG R 76 79.06 14.96 63.53
N ARG R 77 80.35 14.75 63.80
CA ARG R 77 81.20 15.85 64.24
C ARG R 77 81.36 16.89 63.14
N TYR R 78 81.51 16.46 61.88
CA TYR R 78 81.66 17.42 60.80
C TYR R 78 80.44 18.33 60.76
N ALA R 79 79.25 17.71 60.84
CA ALA R 79 78.02 18.47 60.77
C ALA R 79 77.91 19.45 61.95
N ALA R 80 78.32 19.02 63.13
CA ALA R 80 78.32 19.88 64.31
C ALA R 80 79.19 21.11 64.08
N CYS R 81 80.39 20.90 63.54
CA CYS R 81 81.31 22.01 63.36
C CYS R 81 80.73 23.03 62.39
N ILE R 82 80.11 22.58 61.30
CA ILE R 82 79.58 23.55 60.35
C ILE R 82 78.36 24.23 60.94
N ARG R 83 77.60 23.54 61.81
CA ARG R 83 76.49 24.17 62.50
C ARG R 83 77.00 25.30 63.40
N ASP R 84 78.10 25.06 64.11
CA ASP R 84 78.66 26.08 64.96
C ASP R 84 79.09 27.28 64.13
N MET R 85 79.67 27.01 62.97
CA MET R 85 80.16 28.08 62.10
C MET R 85 78.99 28.96 61.69
N ASP R 86 77.88 28.33 61.34
CA ASP R 86 76.68 29.07 60.97
C ASP R 86 76.20 29.96 62.11
N TYR R 87 76.22 29.43 63.34
CA TYR R 87 75.82 30.21 64.50
C TYR R 87 76.65 31.49 64.57
N PHE R 88 77.97 31.33 64.49
CA PHE R 88 78.84 32.47 64.63
C PHE R 88 78.49 33.50 63.56
N LEU R 89 78.25 33.04 62.33
CA LEU R 89 77.95 33.96 61.26
C LEU R 89 76.65 34.71 61.53
N ARG R 90 75.60 33.98 61.92
CA ARG R 90 74.29 34.59 62.13
C ARG R 90 74.36 35.64 63.25
N TYR R 91 75.07 35.32 64.33
CA TYR R 91 75.13 36.21 65.46
C TYR R 91 75.96 37.43 65.10
N ALA R 92 77.05 37.25 64.36
CA ALA R 92 77.85 38.38 63.94
C ALA R 92 77.00 39.33 63.09
N THR R 93 76.18 38.77 62.20
CA THR R 93 75.29 39.58 61.39
C THR R 93 74.33 40.38 62.29
N TYR R 94 73.77 39.72 63.31
CA TYR R 94 72.88 40.38 64.24
C TYR R 94 73.62 41.53 64.91
N ALA R 95 74.85 41.27 65.36
CA ALA R 95 75.63 42.27 66.07
C ALA R 95 75.91 43.46 65.17
N MET R 96 76.19 43.20 63.89
CA MET R 96 76.51 44.25 62.96
C MET R 96 75.31 45.18 62.78
N LEU R 97 74.11 44.61 62.62
CA LEU R 97 72.92 45.43 62.53
C LEU R 97 72.75 46.23 63.83
N ALA R 98 72.90 45.56 64.97
CA ALA R 98 72.67 46.19 66.25
C ALA R 98 73.67 47.33 66.47
N GLY R 99 74.91 47.15 66.03
CA GLY R 99 75.96 48.10 66.31
C GLY R 99 76.53 47.92 67.72
N ASP R 100 76.22 46.79 68.36
CA ASP R 100 76.69 46.55 69.71
C ASP R 100 77.18 45.11 69.82
N PRO R 101 78.32 44.88 70.53
CA PRO R 101 78.82 43.52 70.77
C PRO R 101 78.12 42.70 71.85
N SER R 102 77.18 43.32 72.59
CA SER R 102 76.60 42.69 73.76
C SER R 102 75.89 41.37 73.43
N ILE R 103 75.14 41.34 72.33
CA ILE R 103 74.38 40.14 71.99
C ILE R 103 75.34 38.95 71.89
N LEU R 104 76.55 39.17 71.34
CA LEU R 104 77.51 38.10 71.23
C LEU R 104 77.84 37.57 72.62
N ASP R 105 78.07 38.47 73.58
CA ASP R 105 78.38 38.07 74.93
C ASP R 105 77.22 37.30 75.57
N GLU R 106 75.99 37.79 75.39
CA GLU R 106 74.83 37.23 76.06
C GLU R 106 74.50 35.84 75.53
N ARG R 107 74.59 35.62 74.19
CA ARG R 107 74.20 34.34 73.63
C ARG R 107 75.41 33.47 73.31
N VAL R 108 76.31 33.94 72.47
CA VAL R 108 77.33 33.05 71.94
C VAL R 108 78.45 32.85 72.97
N LEU R 109 78.96 33.96 73.51
CA LEU R 109 80.22 33.90 74.21
C LEU R 109 80.07 33.25 75.58
N ASN R 110 78.89 33.34 76.19
CA ASN R 110 78.70 32.92 77.57
C ASN R 110 78.66 31.40 77.69
N GLY R 111 79.61 30.83 78.45
CA GLY R 111 79.67 29.38 78.62
C GLY R 111 80.27 28.60 77.45
N LEU R 112 80.70 29.27 76.38
CA LEU R 112 81.18 28.55 75.21
C LEU R 112 82.51 27.88 75.55
N LYS R 113 83.41 28.61 76.23
CA LYS R 113 84.73 28.10 76.52
C LYS R 113 84.60 26.80 77.31
N GLU R 114 83.76 26.83 78.34
CA GLU R 114 83.56 25.69 79.22
C GLU R 114 82.99 24.52 78.44
N THR R 115 81.98 24.78 77.60
CA THR R 115 81.37 23.75 76.78
C THR R 115 82.44 23.08 75.91
N TYR R 116 83.24 23.92 75.25
CA TYR R 116 84.23 23.41 74.33
C TYR R 116 85.26 22.58 75.07
N ASN R 117 85.67 23.02 76.26
CA ASN R 117 86.68 22.29 77.01
C ASN R 117 86.16 20.91 77.41
N SER R 118 84.91 20.83 77.86
CA SER R 118 84.33 19.54 78.19
C SER R 118 84.25 18.67 76.93
N LEU R 119 83.84 19.26 75.81
CA LEU R 119 83.69 18.49 74.59
C LEU R 119 85.05 18.05 74.06
N GLY R 120 86.08 18.85 74.31
CA GLY R 120 87.39 18.61 73.73
C GLY R 120 87.52 19.22 72.33
N VAL R 121 86.57 20.04 71.93
CA VAL R 121 86.69 20.84 70.73
C VAL R 121 87.90 21.77 70.86
N PRO R 122 88.76 21.90 69.84
CA PRO R 122 89.92 22.81 69.90
C PRO R 122 89.57 24.28 69.63
N ILE R 123 89.81 25.13 70.61
CA ILE R 123 89.41 26.53 70.52
C ILE R 123 90.18 27.24 69.42
N ALA R 124 91.49 27.00 69.34
CA ALA R 124 92.33 27.73 68.39
C ALA R 124 91.86 27.46 66.95
N ALA R 125 91.54 26.20 66.63
CA ALA R 125 91.02 25.86 65.31
C ALA R 125 89.71 26.59 65.03
N THR R 126 88.84 26.67 66.04
CA THR R 126 87.55 27.34 65.90
C THR R 126 87.80 28.81 65.59
N VAL R 127 88.74 29.40 66.33
CA VAL R 127 89.08 30.80 66.15
C VAL R 127 89.56 31.00 64.72
N GLY R 128 90.43 30.11 64.25
CA GLY R 128 90.92 30.11 62.88
C GLY R 128 89.79 30.14 61.85
N GLY R 129 88.77 29.29 62.07
CA GLY R 129 87.59 29.25 61.23
C GLY R 129 86.83 30.57 61.22
N ILE R 130 86.72 31.21 62.39
CA ILE R 130 86.00 32.47 62.51
C ILE R 130 86.74 33.53 61.70
N GLN R 131 88.07 33.54 61.82
CA GLN R 131 88.91 34.50 61.11
C GLN R 131 88.77 34.29 59.59
N ALA R 132 88.73 33.02 59.17
CA ALA R 132 88.53 32.70 57.78
C ALA R 132 87.19 33.23 57.28
N MET R 133 86.12 33.04 58.08
CA MET R 133 84.81 33.52 57.68
C MET R 133 84.87 35.03 57.49
N LYS R 134 85.59 35.71 58.40
CA LYS R 134 85.68 37.15 58.36
C LYS R 134 86.23 37.60 57.00
N GLU R 135 87.33 36.95 56.59
CA GLU R 135 87.98 37.29 55.33
C GLU R 135 87.02 37.13 54.15
N VAL R 136 86.31 36.00 54.09
CA VAL R 136 85.36 35.75 53.02
C VAL R 136 84.26 36.82 53.07
N VAL R 137 83.76 37.11 54.29
CA VAL R 137 82.66 38.04 54.45
C VAL R 137 83.10 39.40 53.95
N GLY R 138 84.33 39.78 54.31
CA GLY R 138 84.88 41.09 53.94
C GLY R 138 84.77 41.36 52.44
N GLY R 139 85.17 40.36 51.64
CA GLY R 139 85.06 40.44 50.19
C GLY R 139 83.63 40.75 49.73
N LEU R 140 82.66 39.94 50.20
CA LEU R 140 81.30 40.03 49.72
C LEU R 140 80.66 41.36 50.10
N VAL R 141 80.88 41.79 51.35
CA VAL R 141 80.19 42.95 51.88
C VAL R 141 80.71 44.21 51.20
N GLY R 142 82.00 44.21 50.87
CA GLY R 142 82.67 45.40 50.34
C GLY R 142 83.33 46.20 51.46
N PRO R 143 84.25 47.14 51.14
CA PRO R 143 85.15 47.74 52.13
C PRO R 143 84.54 48.50 53.31
N ASP R 144 83.58 49.38 53.03
CA ASP R 144 82.94 50.17 54.08
C ASP R 144 82.27 49.25 55.10
N ALA R 145 81.53 48.26 54.58
CA ALA R 145 80.82 47.29 55.41
C ALA R 145 81.83 46.38 56.12
N ALA R 146 82.95 46.06 55.44
CA ALA R 146 83.91 45.10 55.97
C ALA R 146 84.47 45.55 57.31
N LYS R 147 84.79 46.84 57.45
CA LYS R 147 85.38 47.33 58.68
C LYS R 147 84.43 47.04 59.85
N GLU R 148 83.15 47.36 59.65
CA GLU R 148 82.12 47.15 60.65
C GLU R 148 81.98 45.65 60.95
N ALA R 149 81.92 44.84 59.89
CA ALA R 149 81.77 43.40 60.04
C ALA R 149 82.96 42.82 60.82
N SER R 150 84.17 43.30 60.52
CA SER R 150 85.38 42.74 61.08
C SER R 150 85.39 42.81 62.61
N ILE R 151 84.92 43.93 63.17
CA ILE R 151 85.05 44.11 64.62
C ILE R 151 84.29 43.02 65.37
N TYR R 152 83.10 42.65 64.88
CA TYR R 152 82.28 41.65 65.55
C TYR R 152 82.93 40.27 65.45
N PHE R 153 83.48 39.96 64.27
CA PHE R 153 84.20 38.70 64.09
C PHE R 153 85.38 38.63 65.04
N ASP R 154 86.11 39.75 65.18
CA ASP R 154 87.26 39.80 66.06
C ASP R 154 86.83 39.64 67.51
N TYR R 155 85.68 40.22 67.85
CA TYR R 155 85.14 40.14 69.20
C TYR R 155 84.87 38.68 69.56
N LEU R 156 84.24 37.94 68.64
CA LEU R 156 83.97 36.53 68.85
C LEU R 156 85.28 35.80 69.08
N SER R 157 86.27 36.09 68.24
CA SER R 157 87.55 35.38 68.28
C SER R 157 88.22 35.60 69.64
N SER R 158 88.23 36.86 70.09
CA SER R 158 88.86 37.22 71.35
C SER R 158 88.16 36.53 72.53
N GLY R 159 86.83 36.47 72.48
CA GLY R 159 86.05 35.83 73.53
C GLY R 159 86.40 34.35 73.67
N LEU R 160 86.50 33.66 72.53
CA LEU R 160 86.72 32.23 72.53
C LEU R 160 88.13 31.97 73.06
N SER R 161 89.07 32.79 72.61
CA SER R 161 90.45 32.65 73.04
C SER R 161 90.66 33.48 74.32
N SER S 2 77.12 -2.53 68.84
CA SER S 2 77.16 -4.02 68.82
C SER S 2 75.83 -4.57 69.32
N VAL S 3 75.60 -5.88 69.08
CA VAL S 3 74.40 -6.55 69.58
C VAL S 3 74.34 -6.38 71.10
N LEU S 4 75.49 -6.58 71.76
CA LEU S 4 75.48 -6.62 73.20
C LEU S 4 75.11 -5.25 73.73
N THR S 5 75.71 -4.19 73.14
CA THR S 5 75.47 -2.84 73.60
C THR S 5 73.98 -2.54 73.49
N LYS S 6 73.38 -2.93 72.36
CA LYS S 6 71.99 -2.64 72.14
C LYS S 6 71.14 -3.28 73.23
N ALA S 7 71.41 -4.55 73.54
CA ALA S 7 70.63 -5.27 74.52
C ALA S 7 70.73 -4.63 75.91
N ILE S 8 71.97 -4.28 76.29
CA ILE S 8 72.20 -3.66 77.59
C ILE S 8 71.44 -2.35 77.70
N VAL S 9 71.49 -1.55 76.63
CA VAL S 9 70.86 -0.25 76.64
C VAL S 9 69.37 -0.39 76.84
N ASN S 10 68.73 -1.36 76.18
CA ASN S 10 67.29 -1.54 76.32
C ASN S 10 66.96 -1.91 77.76
N ALA S 11 67.78 -2.81 78.33
CA ALA S 11 67.56 -3.26 79.69
C ALA S 11 67.69 -2.09 80.67
N ASP S 12 68.70 -1.24 80.47
CA ASP S 12 68.96 -0.15 81.39
C ASP S 12 67.80 0.83 81.36
N ALA S 13 67.24 1.09 80.17
CA ALA S 13 66.09 1.98 80.06
C ALA S 13 64.92 1.43 80.85
N GLU S 14 64.71 0.11 80.74
CA GLU S 14 63.64 -0.55 81.48
C GLU S 14 64.01 -0.72 82.95
N ALA S 15 65.30 -0.55 83.28
CA ALA S 15 65.81 -0.70 84.62
C ALA S 15 65.61 -2.14 85.12
N ARG S 16 65.82 -3.11 84.22
CA ARG S 16 65.62 -4.51 84.51
C ARG S 16 66.88 -5.30 84.10
N TYR S 17 67.02 -6.51 84.66
CA TYR S 17 68.05 -7.45 84.21
C TYR S 17 67.69 -7.94 82.82
N LEU S 18 68.69 -8.45 82.08
CA LEU S 18 68.48 -8.89 80.71
C LEU S 18 67.44 -10.00 80.65
N SER S 19 66.51 -9.84 79.70
CA SER S 19 65.44 -10.80 79.46
C SER S 19 66.03 -12.08 78.89
N PRO S 20 65.36 -13.24 79.08
CA PRO S 20 65.85 -14.51 78.53
C PRO S 20 66.04 -14.45 77.02
N GLY S 21 65.04 -13.86 76.33
CA GLY S 21 65.07 -13.68 74.90
C GLY S 21 66.30 -12.87 74.46
N GLU S 22 66.56 -11.77 75.18
CA GLU S 22 67.72 -10.94 74.92
C GLU S 22 68.99 -11.74 75.13
N LEU S 23 69.03 -12.55 76.21
CA LEU S 23 70.18 -13.38 76.50
C LEU S 23 70.40 -14.38 75.37
N ASP S 24 69.31 -14.94 74.84
CA ASP S 24 69.41 -15.93 73.77
C ASP S 24 70.06 -15.32 72.53
N ARG S 25 69.66 -14.09 72.21
CA ARG S 25 70.21 -13.41 71.05
C ARG S 25 71.71 -13.20 71.24
N ILE S 26 72.14 -12.92 72.48
CA ILE S 26 73.55 -12.74 72.76
C ILE S 26 74.29 -14.05 72.50
N LYS S 27 73.68 -15.17 72.92
CA LYS S 27 74.27 -16.48 72.74
C LYS S 27 74.45 -16.76 71.24
N SER S 28 73.42 -16.45 70.47
CA SER S 28 73.45 -16.70 69.03
C SER S 28 74.60 -15.90 68.41
N PHE S 29 74.72 -14.64 68.84
CA PHE S 29 75.70 -13.72 68.29
C PHE S 29 77.12 -14.24 68.54
N VAL S 30 77.39 -14.76 69.75
CA VAL S 30 78.75 -15.18 70.08
C VAL S 30 79.12 -16.38 69.21
N ALA S 31 78.16 -17.27 68.95
CA ALA S 31 78.38 -18.41 68.06
C ALA S 31 78.68 -17.92 66.64
N SER S 32 77.92 -16.91 66.18
CA SER S 32 78.05 -16.40 64.82
C SER S 32 79.40 -15.70 64.63
N GLY S 33 79.95 -15.14 65.71
CA GLY S 33 81.08 -14.21 65.65
C GLY S 33 82.27 -14.73 64.85
N GLU S 34 82.65 -16.00 65.08
CA GLU S 34 83.82 -16.57 64.42
C GLU S 34 83.65 -16.56 62.90
N ARG S 35 82.47 -16.95 62.42
CA ARG S 35 82.13 -16.84 61.00
C ARG S 35 82.24 -15.38 60.57
N ARG S 36 81.68 -14.47 61.37
CA ARG S 36 81.68 -13.06 61.03
C ARG S 36 83.11 -12.55 60.88
N LEU S 37 84.01 -13.00 61.77
CA LEU S 37 85.38 -12.53 61.73
C LEU S 37 86.02 -12.87 60.38
N ARG S 38 85.76 -14.09 59.90
CA ARG S 38 86.31 -14.53 58.62
C ARG S 38 85.76 -13.67 57.49
N ILE S 39 84.45 -13.37 57.50
CA ILE S 39 83.85 -12.55 56.45
C ILE S 39 84.55 -11.20 56.41
N ALA S 40 84.77 -10.60 57.59
CA ALA S 40 85.41 -9.30 57.67
C ALA S 40 86.83 -9.38 57.15
N GLN S 41 87.53 -10.47 57.50
CA GLN S 41 88.92 -10.63 57.11
C GLN S 41 89.01 -10.66 55.57
N THR S 42 88.09 -11.40 54.94
CA THR S 42 88.09 -11.53 53.49
C THR S 42 88.00 -10.16 52.83
N LEU S 43 87.05 -9.32 53.28
CA LEU S 43 86.84 -8.01 52.70
C LEU S 43 88.04 -7.12 52.93
N THR S 44 88.68 -7.22 54.09
CA THR S 44 89.85 -6.40 54.39
C THR S 44 90.95 -6.69 53.37
N GLU S 45 91.17 -7.97 53.07
CA GLU S 45 92.25 -8.36 52.18
C GLU S 45 91.96 -7.83 50.76
N ALA S 46 90.69 -7.90 50.37
CA ALA S 46 90.27 -7.50 49.03
C ALA S 46 89.91 -6.03 48.99
N ARG S 47 90.21 -5.29 50.06
CA ARG S 47 89.70 -3.94 50.21
C ARG S 47 90.13 -3.09 49.00
N GLU S 48 91.44 -3.05 48.75
CA GLU S 48 92.02 -2.19 47.71
C GLU S 48 91.33 -2.42 46.35
N ARG S 49 91.15 -3.68 45.98
CA ARG S 49 90.53 -4.01 44.71
C ARG S 49 89.04 -3.66 44.72
N ILE S 50 88.34 -3.89 45.84
CA ILE S 50 86.92 -3.60 45.90
C ILE S 50 86.69 -2.12 45.60
N VAL S 51 87.50 -1.27 46.25
CA VAL S 51 87.33 0.16 46.11
C VAL S 51 87.57 0.53 44.65
N LYS S 52 88.67 0.01 44.07
CA LYS S 52 89.07 0.37 42.72
C LYS S 52 87.95 -0.02 41.75
N GLN S 53 87.49 -1.27 41.83
CA GLN S 53 86.48 -1.76 40.91
C GLN S 53 85.20 -0.96 41.05
N ALA S 54 84.78 -0.69 42.29
CA ALA S 54 83.53 0.02 42.56
C ALA S 54 83.61 1.43 41.97
N GLY S 55 84.76 2.08 42.16
CA GLY S 55 84.96 3.41 41.64
C GLY S 55 84.71 3.48 40.13
N ASP S 56 85.33 2.55 39.41
CA ASP S 56 85.23 2.47 37.97
C ASP S 56 83.77 2.28 37.56
N GLN S 57 83.09 1.36 38.24
CA GLN S 57 81.68 1.10 37.95
C GLN S 57 80.86 2.36 38.16
N LEU S 58 81.12 3.07 39.28
CA LEU S 58 80.37 4.27 39.60
C LEU S 58 80.57 5.30 38.51
N PHE S 59 81.82 5.49 38.08
CA PHE S 59 82.12 6.51 37.09
C PHE S 59 81.48 6.16 35.75
N GLN S 60 81.44 4.85 35.42
CA GLN S 60 80.76 4.43 34.20
C GLN S 60 79.26 4.72 34.35
N LYS S 61 78.69 4.36 35.51
CA LYS S 61 77.26 4.56 35.74
C LYS S 61 76.91 6.04 35.71
N ARG S 62 77.79 6.88 36.29
CA ARG S 62 77.54 8.32 36.37
C ARG S 62 78.70 9.07 35.71
N PRO S 63 78.66 9.31 34.39
CA PRO S 63 79.72 10.07 33.73
C PRO S 63 79.83 11.48 34.32
N ASP S 64 78.69 12.06 34.72
CA ASP S 64 78.60 13.45 35.13
C ASP S 64 79.52 13.75 36.30
N VAL S 65 79.59 12.86 37.29
CA VAL S 65 80.31 13.16 38.51
C VAL S 65 81.77 13.45 38.17
N VAL S 66 82.36 12.63 37.29
CA VAL S 66 83.71 12.89 36.78
C VAL S 66 83.59 13.62 35.45
N SER S 67 83.09 14.85 35.50
CA SER S 67 83.00 15.74 34.35
C SER S 67 83.30 17.14 34.87
N PRO S 68 83.68 18.11 34.01
CA PRO S 68 84.19 19.40 34.50
C PRO S 68 83.23 20.06 35.48
N GLY S 69 81.92 19.97 35.20
CA GLY S 69 80.91 20.44 36.14
C GLY S 69 80.92 19.64 37.45
N GLY S 70 81.08 18.32 37.34
CA GLY S 70 80.89 17.40 38.45
C GLY S 70 81.93 17.55 39.56
N ASN S 71 81.53 17.14 40.77
CA ASN S 71 82.33 17.31 41.97
C ASN S 71 83.59 16.44 41.92
N ALA S 72 83.40 15.22 41.39
CA ALA S 72 84.45 14.22 41.41
C ALA S 72 85.58 14.56 40.43
N TYR S 73 85.32 15.46 39.46
CA TYR S 73 86.24 15.71 38.37
C TYR S 73 87.58 16.25 38.84
N GLY S 74 88.65 15.77 38.19
CA GLY S 74 90.02 16.10 38.54
C GLY S 74 90.64 15.04 39.44
N GLU S 75 91.95 14.92 39.43
CA GLU S 75 92.68 13.88 40.12
C GLU S 75 92.45 14.00 41.64
N LYS S 76 92.64 15.22 42.17
CA LYS S 76 92.49 15.43 43.61
C LYS S 76 91.09 14.99 44.02
N MET S 77 90.09 15.47 43.30
CA MET S 77 88.70 15.20 43.63
C MET S 77 88.41 13.71 43.49
N THR S 78 88.93 13.06 42.44
CA THR S 78 88.66 11.66 42.24
C THR S 78 89.25 10.84 43.38
N ALA S 79 90.46 11.21 43.84
CA ALA S 79 91.08 10.55 44.96
C ALA S 79 90.19 10.64 46.20
N LEU S 80 89.65 11.85 46.46
CA LEU S 80 88.81 12.07 47.61
C LEU S 80 87.55 11.20 47.52
N CYS S 81 86.98 11.08 46.33
CA CYS S 81 85.80 10.24 46.14
C CYS S 81 86.14 8.78 46.46
N LEU S 82 87.32 8.33 46.05
CA LEU S 82 87.73 6.97 46.32
C LEU S 82 88.02 6.80 47.82
N ARG S 83 88.62 7.82 48.45
CA ARG S 83 88.88 7.78 49.87
C ARG S 83 87.56 7.60 50.63
N ASP S 84 86.52 8.30 50.18
CA ASP S 84 85.22 8.18 50.82
C ASP S 84 84.71 6.75 50.70
N LEU S 85 84.87 6.15 49.54
CA LEU S 85 84.43 4.77 49.34
C LEU S 85 85.19 3.86 50.27
N ASP S 86 86.49 4.09 50.42
CA ASP S 86 87.30 3.30 51.32
C ASP S 86 86.78 3.41 52.75
N TYR S 87 86.46 4.64 53.19
CA TYR S 87 85.94 4.89 54.51
C TYR S 87 84.69 4.04 54.76
N TYR S 88 83.77 4.05 53.80
CA TYR S 88 82.53 3.34 53.98
C TYR S 88 82.79 1.84 54.06
N LEU S 89 83.78 1.34 53.30
CA LEU S 89 84.07 -0.09 53.35
C LEU S 89 84.60 -0.46 54.73
N ARG S 90 85.48 0.37 55.28
CA ARG S 90 86.02 0.12 56.61
C ARG S 90 84.88 0.05 57.62
N LEU S 91 83.93 0.99 57.50
CA LEU S 91 82.79 1.01 58.39
C LEU S 91 82.00 -0.29 58.27
N VAL S 92 81.79 -0.77 57.05
CA VAL S 92 81.02 -1.99 56.86
C VAL S 92 81.70 -3.16 57.56
N THR S 93 83.03 -3.26 57.46
CA THR S 93 83.73 -4.35 58.10
C THR S 93 83.49 -4.29 59.61
N TYR S 94 83.60 -3.09 60.18
CA TYR S 94 83.36 -2.89 61.60
C TYR S 94 81.98 -3.41 61.97
N GLY S 95 80.98 -3.08 61.13
CA GLY S 95 79.61 -3.50 61.36
C GLY S 95 79.47 -5.02 61.42
N ILE S 96 80.12 -5.73 60.51
CA ILE S 96 79.97 -7.17 60.43
C ILE S 96 80.46 -7.80 61.73
N VAL S 97 81.62 -7.35 62.23
CA VAL S 97 82.16 -7.93 63.45
C VAL S 97 81.25 -7.57 64.62
N ALA S 98 80.72 -6.35 64.64
CA ALA S 98 79.84 -5.90 65.73
C ALA S 98 78.51 -6.62 65.70
N GLY S 99 78.04 -6.99 64.51
CA GLY S 99 76.74 -7.64 64.38
C GLY S 99 75.60 -6.63 64.42
N ASP S 100 75.93 -5.33 64.38
CA ASP S 100 74.94 -4.29 64.41
C ASP S 100 75.43 -3.10 63.62
N VAL S 101 74.53 -2.21 63.20
CA VAL S 101 74.88 -1.09 62.37
C VAL S 101 75.32 0.09 63.22
N THR S 102 75.14 0.00 64.52
CA THR S 102 75.43 1.11 65.42
C THR S 102 76.82 1.67 65.19
N PRO S 103 77.91 0.86 65.17
CA PRO S 103 79.25 1.39 64.94
C PRO S 103 79.30 2.16 63.63
N ILE S 104 78.73 1.58 62.57
CA ILE S 104 78.65 2.20 61.26
C ILE S 104 77.93 3.53 61.40
N GLU S 105 76.80 3.50 62.10
CA GLU S 105 75.86 4.61 62.14
C GLU S 105 76.51 5.86 62.75
N GLU S 106 77.19 5.69 63.90
CA GLU S 106 77.77 6.84 64.57
C GLU S 106 78.83 7.51 63.70
N ILE S 107 79.69 6.72 63.06
CA ILE S 107 80.82 7.29 62.34
C ILE S 107 80.37 7.89 61.00
N GLY S 108 79.38 7.28 60.33
CA GLY S 108 79.15 7.59 58.94
C GLY S 108 77.75 8.10 58.59
N ILE S 109 76.69 7.73 59.33
CA ILE S 109 75.36 7.97 58.79
C ILE S 109 74.69 9.16 59.46
N ILE S 110 75.22 9.71 60.55
CA ILE S 110 74.53 10.81 61.22
C ILE S 110 75.20 12.11 60.82
N GLY S 111 74.41 13.00 60.21
CA GLY S 111 74.91 14.26 59.70
C GLY S 111 75.51 14.11 58.30
N VAL S 112 75.39 12.92 57.71
CA VAL S 112 76.01 12.66 56.42
C VAL S 112 75.39 13.60 55.37
N LYS S 113 74.07 13.75 55.40
CA LYS S 113 73.37 14.59 54.44
C LYS S 113 73.94 16.00 54.51
N GLU S 114 74.06 16.53 55.73
CA GLU S 114 74.50 17.89 55.94
C GLU S 114 75.93 18.08 55.45
N MET S 115 76.80 17.11 55.75
CA MET S 115 78.20 17.19 55.34
C MET S 115 78.28 17.24 53.82
N TYR S 116 77.59 16.31 53.16
CA TYR S 116 77.68 16.23 51.71
C TYR S 116 77.05 17.45 51.06
N ASN S 117 75.96 17.98 51.65
CA ASN S 117 75.33 19.15 51.08
C ASN S 117 76.28 20.35 51.13
N SER S 118 77.03 20.52 52.22
CA SER S 118 78.02 21.58 52.25
C SER S 118 79.06 21.33 51.16
N LEU S 119 79.52 20.08 51.03
CA LEU S 119 80.52 19.74 50.03
C LEU S 119 79.92 19.93 48.63
N GLN S 120 78.60 19.69 48.51
CA GLN S 120 77.86 19.78 47.25
C GLN S 120 77.96 18.48 46.48
N THR S 121 78.59 17.47 47.09
CA THR S 121 78.61 16.13 46.52
C THR S 121 77.18 15.62 46.39
N PRO S 122 76.78 15.01 45.25
CA PRO S 122 75.45 14.40 45.15
C PRO S 122 75.32 13.11 45.97
N ILE S 123 74.29 13.05 46.80
CA ILE S 123 74.10 11.96 47.74
C ILE S 123 73.78 10.69 46.96
N PRO S 124 72.91 10.72 45.93
CA PRO S 124 72.56 9.51 45.18
C PRO S 124 73.76 8.81 44.54
N ALA S 125 74.71 9.60 44.02
CA ALA S 125 75.92 9.06 43.43
C ALA S 125 76.73 8.29 44.48
N VAL S 126 76.80 8.85 45.70
CA VAL S 126 77.52 8.20 46.79
C VAL S 126 76.87 6.85 47.05
N ALA S 127 75.54 6.84 47.06
CA ALA S 127 74.79 5.61 47.30
C ALA S 127 75.11 4.57 46.22
N GLU S 128 75.20 5.01 44.97
CA GLU S 128 75.53 4.14 43.86
C GLU S 128 76.90 3.50 44.06
N GLY S 129 77.85 4.30 44.51
CA GLY S 129 79.21 3.82 44.80
C GLY S 129 79.18 2.70 45.83
N VAL S 130 78.36 2.86 46.87
CA VAL S 130 78.23 1.86 47.90
C VAL S 130 77.60 0.61 47.32
N ARG S 131 76.58 0.79 46.47
CA ARG S 131 75.94 -0.33 45.79
C ARG S 131 76.98 -1.09 44.96
N ALA S 132 77.81 -0.34 44.23
CA ALA S 132 78.85 -0.92 43.41
C ALA S 132 79.81 -1.74 44.28
N MET S 133 80.21 -1.18 45.43
CA MET S 133 81.12 -1.88 46.33
C MET S 133 80.49 -3.18 46.79
N LYS S 134 79.18 -3.15 47.04
CA LYS S 134 78.46 -4.33 47.50
C LYS S 134 78.62 -5.45 46.47
N ASN S 135 78.42 -5.12 45.19
CA ASN S 135 78.45 -6.11 44.13
C ASN S 135 79.83 -6.77 44.04
N VAL S 136 80.87 -5.96 44.11
CA VAL S 136 82.24 -6.46 44.08
C VAL S 136 82.45 -7.37 45.30
N ALA S 137 82.05 -6.90 46.48
CA ALA S 137 82.26 -7.64 47.71
C ALA S 137 81.51 -8.98 47.67
N THR S 138 80.28 -8.95 47.12
CA THR S 138 79.45 -10.13 47.05
C THR S 138 80.15 -11.22 46.25
N SER S 139 80.77 -10.84 45.13
CA SER S 139 81.41 -11.81 44.25
C SER S 139 82.53 -12.57 44.97
N LEU S 140 83.31 -11.87 45.78
CA LEU S 140 84.43 -12.48 46.49
C LEU S 140 83.90 -13.36 47.63
N LEU S 141 82.79 -12.94 48.24
CA LEU S 141 82.25 -13.68 49.37
C LEU S 141 81.48 -14.89 48.87
N SER S 142 81.41 -15.93 49.69
CA SER S 142 80.50 -17.05 49.49
C SER S 142 79.07 -16.56 49.70
N GLY S 143 78.10 -17.27 49.12
CA GLY S 143 76.71 -16.84 49.05
C GLY S 143 76.10 -16.44 50.40
N ASP S 144 76.22 -17.34 51.38
CA ASP S 144 75.71 -17.09 52.72
C ASP S 144 76.46 -15.91 53.36
N ASP S 145 77.78 -15.88 53.17
CA ASP S 145 78.61 -14.80 53.68
C ASP S 145 78.16 -13.49 53.02
N ALA S 146 77.90 -13.56 51.70
CA ALA S 146 77.49 -12.40 50.93
C ALA S 146 76.19 -11.80 51.47
N ALA S 147 75.24 -12.69 51.82
CA ALA S 147 73.95 -12.23 52.33
C ALA S 147 74.15 -11.41 53.60
N GLU S 148 74.98 -11.92 54.52
CA GLU S 148 75.29 -11.22 55.76
C GLU S 148 75.89 -9.86 55.42
N ALA S 149 76.89 -9.83 54.54
CA ALA S 149 77.55 -8.60 54.17
C ALA S 149 76.56 -7.65 53.49
N GLY S 150 75.65 -8.21 52.68
CA GLY S 150 74.69 -7.43 51.93
C GLY S 150 73.83 -6.56 52.85
N PHE S 151 73.41 -7.12 53.98
CA PHE S 151 72.54 -6.42 54.91
C PHE S 151 73.20 -5.10 55.32
N TYR S 152 74.49 -5.15 55.69
CA TYR S 152 75.19 -3.97 56.13
C TYR S 152 75.33 -2.98 54.98
N PHE S 153 75.64 -3.50 53.79
CA PHE S 153 75.76 -2.67 52.60
C PHE S 153 74.43 -1.98 52.31
N ASP S 154 73.33 -2.73 52.41
CA ASP S 154 72.01 -2.20 52.13
C ASP S 154 71.67 -1.07 53.11
N TYR S 155 72.01 -1.26 54.38
CA TYR S 155 71.74 -0.26 55.40
C TYR S 155 72.39 1.06 54.99
N LEU S 156 73.66 1.00 54.56
CA LEU S 156 74.38 2.19 54.17
C LEU S 156 73.65 2.89 53.04
N VAL S 157 73.24 2.10 52.05
CA VAL S 157 72.56 2.64 50.88
C VAL S 157 71.27 3.30 51.34
N GLY S 158 70.53 2.64 52.25
CA GLY S 158 69.30 3.20 52.79
C GLY S 158 69.55 4.51 53.54
N ALA S 159 70.62 4.54 54.34
CA ALA S 159 70.94 5.69 55.16
C ALA S 159 71.21 6.93 54.31
N MET S 160 71.98 6.73 53.22
CA MET S 160 72.35 7.78 52.29
C MET S 160 71.32 7.79 51.15
N GLN S 161 70.16 8.33 51.46
CA GLN S 161 69.07 8.36 50.52
C GLN S 161 68.16 9.56 50.80
N MET T 1 77.99 4.18 76.09
CA MET T 1 78.94 3.23 76.76
C MET T 1 79.74 2.51 75.63
N GLN T 2 80.60 1.60 76.04
CA GLN T 2 81.24 0.76 75.08
C GLN T 2 81.26 -0.69 75.56
N ASP T 3 81.36 -1.62 74.60
CA ASP T 3 81.59 -3.01 74.82
C ASP T 3 82.93 -3.41 74.21
N ALA T 4 83.39 -4.63 74.45
CA ALA T 4 84.71 -5.05 74.02
C ALA T 4 84.83 -4.93 72.49
N ILE T 5 83.82 -5.43 71.78
CA ILE T 5 83.85 -5.40 70.33
C ILE T 5 83.96 -3.95 69.86
N THR T 6 83.12 -3.07 70.40
CA THR T 6 83.10 -1.68 69.98
C THR T 6 84.40 -0.99 70.40
N ALA T 7 84.97 -1.36 71.55
CA ALA T 7 86.20 -0.74 72.03
C ALA T 7 87.33 -0.97 71.00
N VAL T 8 87.42 -2.20 70.48
CA VAL T 8 88.43 -2.51 69.48
C VAL T 8 88.16 -1.66 68.25
N ILE T 9 86.91 -1.65 67.80
CA ILE T 9 86.53 -0.89 66.63
C ILE T 9 86.91 0.57 66.81
N ASN T 10 86.63 1.15 67.98
CA ASN T 10 86.82 2.57 68.17
C ASN T 10 88.31 2.89 68.11
N ASN T 11 89.14 2.01 68.69
CA ASN T 11 90.58 2.25 68.70
C ASN T 11 91.10 2.28 67.27
N TYR T 12 90.59 1.36 66.44
CA TYR T 12 91.00 1.28 65.04
C TYR T 12 90.48 2.48 64.27
N ASP T 13 89.26 2.91 64.57
CA ASP T 13 88.65 4.02 63.84
C ASP T 13 89.44 5.31 64.04
N VAL T 14 89.92 5.57 65.27
CA VAL T 14 90.67 6.80 65.49
C VAL T 14 91.98 6.72 64.71
N GLN T 15 92.56 5.53 64.63
CA GLN T 15 93.77 5.32 63.84
C GLN T 15 93.41 5.41 62.34
N GLY T 16 92.17 5.04 62.00
CA GLY T 16 91.74 5.00 60.62
C GLY T 16 92.12 3.67 59.96
N LYS T 17 92.71 2.78 60.75
CA LYS T 17 93.20 1.50 60.28
C LYS T 17 92.03 0.55 60.05
N TYR T 18 92.13 -0.26 58.98
CA TYR T 18 91.24 -1.41 58.81
C TYR T 18 91.56 -2.44 59.88
N LEU T 19 90.57 -3.28 60.20
CA LEU T 19 90.75 -4.29 61.24
C LEU T 19 91.83 -5.26 60.79
N ASP T 20 92.71 -5.63 61.73
CA ASP T 20 93.84 -6.49 61.47
C ASP T 20 93.76 -7.74 62.35
N GLY T 21 94.61 -8.73 62.07
CA GLY T 21 94.55 -10.02 62.73
C GLY T 21 94.68 -9.90 64.25
N ALA T 22 95.62 -9.06 64.71
CA ALA T 22 95.81 -8.84 66.13
C ALA T 22 94.51 -8.36 66.77
N ALA T 23 93.85 -7.38 66.11
CA ALA T 23 92.56 -6.91 66.55
C ALA T 23 91.55 -8.06 66.53
N LEU T 24 91.59 -8.85 65.45
CA LEU T 24 90.65 -9.95 65.28
C LEU T 24 90.78 -10.95 66.44
N ASP T 25 92.03 -11.19 66.87
CA ASP T 25 92.30 -12.13 67.95
C ASP T 25 91.62 -11.70 69.25
N LYS T 26 91.69 -10.39 69.54
CA LYS T 26 91.03 -9.87 70.73
C LYS T 26 89.53 -10.12 70.63
N LEU T 27 88.97 -9.87 69.44
CA LEU T 27 87.54 -10.06 69.22
C LEU T 27 87.21 -11.54 69.40
N LYS T 28 88.09 -12.42 68.88
CA LYS T 28 87.86 -13.84 68.92
C LYS T 28 87.83 -14.30 70.38
N ALA T 29 88.78 -13.75 71.17
CA ALA T 29 88.86 -14.09 72.59
C ALA T 29 87.52 -13.80 73.26
N TYR T 30 86.95 -12.61 72.97
CA TYR T 30 85.71 -12.21 73.57
C TYR T 30 84.62 -13.21 73.21
N PHE T 31 84.58 -13.64 71.94
CA PHE T 31 83.48 -14.45 71.46
C PHE T 31 83.40 -15.77 72.21
N THR T 32 84.55 -16.37 72.52
CA THR T 32 84.59 -17.62 73.29
C THR T 32 84.04 -17.41 74.70
N THR T 33 84.44 -16.30 75.33
CA THR T 33 84.05 -16.01 76.72
C THR T 33 82.54 -15.75 76.78
N GLY T 34 81.98 -15.21 75.69
CA GLY T 34 80.61 -14.77 75.64
C GLY T 34 79.58 -15.74 76.24
N ALA T 35 79.66 -17.02 75.79
CA ALA T 35 78.65 -17.99 76.18
C ALA T 35 78.59 -18.15 77.71
N VAL T 36 79.79 -18.22 78.34
CA VAL T 36 79.90 -18.34 79.78
C VAL T 36 79.21 -17.15 80.45
N ARG T 37 79.49 -15.95 79.92
CA ARG T 37 79.00 -14.73 80.51
C ARG T 37 77.48 -14.72 80.52
N VAL T 38 76.86 -15.14 79.40
CA VAL T 38 75.42 -15.13 79.31
C VAL T 38 74.83 -16.01 80.41
N ARG T 39 75.42 -17.20 80.61
CA ARG T 39 74.91 -18.10 81.63
C ARG T 39 75.02 -17.46 83.00
N ALA T 40 76.17 -16.82 83.28
CA ALA T 40 76.39 -16.17 84.56
C ALA T 40 75.36 -15.08 84.82
N ALA T 41 75.07 -14.28 83.79
CA ALA T 41 74.15 -13.17 83.93
C ALA T 41 72.76 -13.67 84.34
N ALA T 42 72.30 -14.77 83.73
CA ALA T 42 71.00 -15.32 84.04
C ALA T 42 70.94 -15.79 85.51
N VAL T 43 72.03 -16.40 85.96
CA VAL T 43 72.12 -16.85 87.34
C VAL T 43 71.98 -15.65 88.27
N ILE T 44 72.71 -14.57 87.98
CA ILE T 44 72.72 -13.43 88.87
C ILE T 44 71.31 -12.81 88.93
N SER T 45 70.66 -12.66 87.77
CA SER T 45 69.37 -12.01 87.72
C SER T 45 68.35 -12.76 88.60
N SER T 46 68.36 -14.09 88.52
CA SER T 46 67.42 -14.91 89.26
C SER T 46 67.66 -14.81 90.77
N ASN T 47 68.94 -14.72 91.18
CA ASN T 47 69.29 -14.77 92.58
C ASN T 47 69.60 -13.38 93.15
N ALA T 48 69.21 -12.33 92.42
CA ALA T 48 69.65 -10.98 92.77
C ALA T 48 69.18 -10.59 94.17
N THR T 49 67.89 -10.82 94.47
CA THR T 49 67.35 -10.42 95.76
C THR T 49 68.13 -11.10 96.89
N THR T 50 68.39 -12.42 96.73
CA THR T 50 69.10 -13.18 97.75
C THR T 50 70.54 -12.68 97.86
N ILE T 51 71.17 -12.39 96.72
CA ILE T 51 72.57 -11.96 96.76
C ILE T 51 72.66 -10.72 97.65
N ILE T 52 71.72 -9.80 97.47
CA ILE T 52 71.75 -8.55 98.21
C ILE T 52 71.54 -8.85 99.69
N LYS T 53 70.56 -9.74 99.98
CA LYS T 53 70.23 -10.10 101.35
C LYS T 53 71.47 -10.67 102.05
N GLU T 54 72.14 -11.63 101.39
CA GLU T 54 73.28 -12.30 101.98
C GLU T 54 74.40 -11.29 102.24
N ALA T 55 74.66 -10.42 101.27
CA ALA T 55 75.75 -9.48 101.37
C ALA T 55 75.48 -8.51 102.52
N ALA T 56 74.21 -8.05 102.65
CA ALA T 56 73.87 -7.13 103.71
C ALA T 56 74.10 -7.80 105.07
N ALA T 57 73.67 -9.07 105.16
CA ALA T 57 73.82 -9.86 106.37
C ALA T 57 75.30 -9.98 106.76
N LYS T 58 76.15 -10.19 105.75
CA LYS T 58 77.58 -10.33 105.98
C LYS T 58 78.20 -9.05 106.50
N ALA T 59 77.80 -7.87 105.98
CA ALA T 59 78.51 -6.63 106.31
C ALA T 59 77.62 -5.57 106.95
N LEU T 60 76.50 -5.25 106.31
CA LEU T 60 75.77 -4.04 106.67
C LEU T 60 74.98 -4.21 107.97
N ILE T 61 74.20 -5.28 108.10
CA ILE T 61 73.23 -5.34 109.18
C ILE T 61 73.93 -5.83 110.46
N TYR T 62 73.18 -5.81 111.58
CA TYR T 62 73.68 -6.20 112.90
C TYR T 62 74.93 -5.39 113.24
N SER T 63 74.96 -4.12 112.84
CA SER T 63 76.15 -3.30 112.94
C SER T 63 75.76 -1.94 113.51
N ASP T 64 76.77 -1.10 113.75
CA ASP T 64 76.51 0.27 114.19
C ASP T 64 75.68 1.04 113.17
N LEU T 65 75.92 0.75 111.85
CA LEU T 65 75.21 1.45 110.81
C LEU T 65 73.70 1.34 111.01
N THR T 66 73.24 0.12 111.27
CA THR T 66 71.81 -0.08 111.45
C THR T 66 71.34 0.49 112.79
N ARG T 67 72.25 0.57 113.79
CA ARG T 67 71.86 1.06 115.10
C ARG T 67 71.65 2.56 115.03
N PRO T 68 70.85 3.17 115.94
CA PRO T 68 70.55 4.61 115.88
C PRO T 68 71.81 5.46 115.89
N GLY T 69 71.83 6.47 115.02
CA GLY T 69 73.01 7.30 114.83
C GLY T 69 73.93 6.76 113.73
N GLY T 70 73.56 5.61 113.14
CA GLY T 70 74.33 5.01 112.05
C GLY T 70 73.75 5.44 110.71
N MET T 72 72.78 3.88 108.13
CA MET T 72 71.68 3.10 107.57
C MET T 72 70.52 2.97 108.54
N TYR T 73 70.59 3.73 109.64
CA TYR T 73 69.47 3.80 110.58
C TYR T 73 68.29 4.55 109.96
N THR T 74 67.07 4.18 110.37
CA THR T 74 65.77 4.64 109.85
C THR T 74 65.43 3.82 108.61
N THR T 75 64.13 3.60 108.38
CA THR T 75 63.72 2.73 107.27
C THR T 75 64.14 3.36 105.94
N ARG T 76 63.99 4.69 105.84
CA ARG T 76 64.27 5.39 104.60
C ARG T 76 65.72 5.16 104.18
N ARG T 77 66.66 5.36 105.10
CA ARG T 77 68.06 5.15 104.79
C ARG T 77 68.34 3.69 104.50
N TYR T 78 67.74 2.76 105.26
CA TYR T 78 67.98 1.35 105.01
C TYR T 78 67.56 1.02 103.57
N ALA T 79 66.39 1.49 103.18
CA ALA T 79 65.87 1.21 101.86
C ALA T 79 66.79 1.78 100.78
N ALA T 80 67.30 2.99 101.02
CA ALA T 80 68.21 3.63 100.08
C ALA T 80 69.46 2.77 99.87
N CYS T 81 70.02 2.27 100.98
CA CYS T 81 71.26 1.52 100.89
C CYS T 81 71.04 0.25 100.08
N ILE T 82 69.92 -0.46 100.30
CA ILE T 82 69.72 -1.70 99.57
C ILE T 82 69.42 -1.38 98.10
N ARG T 83 68.80 -0.23 97.82
CA ARG T 83 68.59 0.18 96.44
C ARG T 83 69.93 0.40 95.75
N ASP T 84 70.87 1.04 96.44
CA ASP T 84 72.18 1.26 95.86
C ASP T 84 72.86 -0.05 95.58
N MET T 85 72.71 -1.01 96.49
CA MET T 85 73.34 -2.32 96.34
C MET T 85 72.85 -2.98 95.07
N ASP T 86 71.52 -2.91 94.85
CA ASP T 86 70.93 -3.46 93.67
C ASP T 86 71.51 -2.82 92.40
N TYR T 87 71.69 -1.50 92.42
CA TYR T 87 72.27 -0.81 91.28
C TYR T 87 73.62 -1.39 90.96
N PHE T 88 74.47 -1.50 91.97
CA PHE T 88 75.82 -1.99 91.74
C PHE T 88 75.75 -3.36 91.10
N LEU T 89 74.87 -4.22 91.62
CA LEU T 89 74.77 -5.57 91.09
C LEU T 89 74.34 -5.55 89.62
N ARG T 90 73.29 -4.78 89.30
CA ARG T 90 72.76 -4.75 87.95
C ARG T 90 73.83 -4.27 86.97
N TYR T 91 74.55 -3.21 87.35
CA TYR T 91 75.53 -2.62 86.45
C TYR T 91 76.71 -3.57 86.28
N ALA T 92 77.12 -4.24 87.34
CA ALA T 92 78.21 -5.20 87.24
C ALA T 92 77.82 -6.32 86.27
N THR T 93 76.57 -6.77 86.34
CA THR T 93 76.10 -7.79 85.42
C THR T 93 76.17 -7.27 83.98
N TYR T 94 75.76 -6.01 83.77
CA TYR T 94 75.82 -5.40 82.45
C TYR T 94 77.27 -5.38 81.97
N ALA T 95 78.18 -4.99 82.85
CA ALA T 95 79.59 -4.88 82.50
C ALA T 95 80.14 -6.25 82.12
N MET T 96 79.73 -7.29 82.85
CA MET T 96 80.24 -8.61 82.60
C MET T 96 79.81 -9.08 81.21
N LEU T 97 78.54 -8.88 80.86
CA LEU T 97 78.09 -9.20 79.52
C LEU T 97 78.89 -8.42 78.49
N ALA T 98 79.05 -7.11 78.72
CA ALA T 98 79.71 -6.24 77.77
C ALA T 98 81.17 -6.63 77.60
N GLY T 99 81.82 -7.06 78.68
CA GLY T 99 83.24 -7.33 78.66
C GLY T 99 84.06 -6.06 78.77
N ASP T 100 83.42 -4.95 79.16
CA ASP T 100 84.10 -3.67 79.26
C ASP T 100 83.73 -2.98 80.55
N PRO T 101 84.70 -2.34 81.25
CA PRO T 101 84.40 -1.58 82.47
C PRO T 101 83.81 -0.18 82.27
N SER T 102 83.75 0.29 81.00
CA SER T 102 83.40 1.67 80.72
C SER T 102 82.01 2.03 81.22
N ILE T 103 81.03 1.12 81.04
CA ILE T 103 79.67 1.44 81.45
C ILE T 103 79.65 1.80 82.93
N LEU T 104 80.45 1.12 83.75
CA LEU T 104 80.50 1.41 85.17
C LEU T 104 80.94 2.86 85.38
N ASP T 105 81.98 3.27 84.64
CA ASP T 105 82.47 4.64 84.74
C ASP T 105 81.41 5.66 84.29
N GLU T 106 80.74 5.38 83.18
CA GLU T 106 79.79 6.32 82.59
C GLU T 106 78.55 6.49 83.45
N ARG T 107 78.02 5.41 84.02
CA ARG T 107 76.75 5.48 84.75
C ARG T 107 76.97 5.44 86.24
N VAL T 108 77.62 4.43 86.79
CA VAL T 108 77.66 4.29 88.23
C VAL T 108 78.70 5.25 88.81
N LEU T 109 79.93 5.21 88.28
CA LEU T 109 81.05 5.78 89.01
C LEU T 109 80.99 7.32 88.94
N ASN T 110 80.43 7.87 87.85
CA ASN T 110 80.49 9.30 87.62
C ASN T 110 79.49 10.05 88.49
N GLY T 111 79.98 10.96 89.33
CA GLY T 111 79.13 11.76 90.19
C GLY T 111 78.78 11.04 91.51
N LEU T 112 79.11 9.74 91.65
CA LEU T 112 78.71 9.03 92.84
C LEU T 112 79.53 9.53 94.02
N LYS T 113 80.84 9.74 93.82
CA LYS T 113 81.71 10.14 94.90
C LYS T 113 81.19 11.43 95.51
N GLU T 114 80.87 12.40 94.64
CA GLU T 114 80.42 13.71 95.09
C GLU T 114 79.10 13.58 95.83
N THR T 115 78.16 12.78 95.29
CA THR T 115 76.88 12.57 95.94
C THR T 115 77.10 12.02 97.35
N TYR T 116 77.94 10.98 97.43
CA TYR T 116 78.16 10.32 98.70
C TYR T 116 78.79 11.29 99.70
N ASN T 117 79.74 12.11 99.25
CA ASN T 117 80.39 13.02 100.16
C ASN T 117 79.40 14.04 100.71
N SER T 118 78.53 14.57 99.87
CA SER T 118 77.52 15.50 100.35
C SER T 118 76.60 14.79 101.34
N LEU T 119 76.19 13.56 101.01
CA LEU T 119 75.27 12.83 101.87
C LEU T 119 75.94 12.46 103.18
N GLY T 120 77.26 12.24 103.16
CA GLY T 120 77.98 11.73 104.32
C GLY T 120 77.89 10.18 104.42
N VAL T 121 77.44 9.54 103.34
CA VAL T 121 77.49 8.11 103.24
C VAL T 121 78.94 7.62 103.38
N PRO T 122 79.23 6.56 104.19
CA PRO T 122 80.58 6.06 104.34
C PRO T 122 81.05 5.14 103.21
N ILE T 123 82.13 5.56 102.55
CA ILE T 123 82.58 4.90 101.34
C ILE T 123 83.09 3.49 101.69
N ALA T 124 83.86 3.38 102.79
CA ALA T 124 84.48 2.11 103.11
C ALA T 124 83.42 1.03 103.35
N ALA T 125 82.33 1.37 104.06
CA ALA T 125 81.24 0.44 104.28
C ALA T 125 80.61 0.01 102.95
N THR T 126 80.44 0.97 102.03
CA THR T 126 79.84 0.69 100.74
C THR T 126 80.72 -0.31 100.00
N VAL T 127 82.04 -0.03 100.05
CA VAL T 127 82.99 -0.89 99.37
C VAL T 127 82.90 -2.29 99.95
N GLY T 128 82.84 -2.38 101.28
CA GLY T 128 82.68 -3.64 101.98
C GLY T 128 81.48 -4.44 101.48
N GLY T 129 80.34 -3.75 101.30
CA GLY T 129 79.14 -4.36 100.77
C GLY T 129 79.34 -4.90 99.36
N ILE T 130 80.06 -4.14 98.52
CA ILE T 130 80.30 -4.55 97.15
C ILE T 130 81.14 -5.83 97.15
N GLN T 131 82.16 -5.86 98.01
CA GLN T 131 83.05 -7.01 98.12
C GLN T 131 82.27 -8.23 98.59
N ALA T 132 81.36 -8.02 99.55
CA ALA T 132 80.52 -9.09 100.02
C ALA T 132 79.65 -9.64 98.89
N MET T 133 79.06 -8.74 98.08
CA MET T 133 78.23 -9.20 96.98
C MET T 133 79.06 -10.06 96.04
N LYS T 134 80.30 -9.63 95.81
CA LYS T 134 81.19 -10.34 94.90
C LYS T 134 81.36 -11.79 95.34
N GLU T 135 81.62 -11.97 96.64
CA GLU T 135 81.83 -13.29 97.21
C GLU T 135 80.61 -14.17 97.00
N VAL T 136 79.42 -13.65 97.31
CA VAL T 136 78.18 -14.39 97.13
C VAL T 136 78.01 -14.74 95.65
N VAL T 137 78.26 -13.75 94.78
CA VAL T 137 78.04 -13.93 93.35
C VAL T 137 78.97 -15.03 92.86
N GLY T 138 80.22 -15.00 93.33
CA GLY T 138 81.24 -15.95 92.89
C GLY T 138 80.76 -17.40 93.06
N GLY T 139 80.19 -17.69 94.23
CA GLY T 139 79.62 -19.00 94.51
C GLY T 139 78.59 -19.42 93.47
N LEU T 140 77.59 -18.56 93.24
CA LEU T 140 76.45 -18.90 92.40
C LEU T 140 76.90 -19.11 90.95
N VAL T 141 77.76 -18.21 90.46
CA VAL T 141 78.10 -18.20 89.04
C VAL T 141 78.98 -19.43 88.72
N GLY T 142 79.80 -19.82 89.69
CA GLY T 142 80.72 -20.91 89.49
C GLY T 142 82.10 -20.43 89.00
N PRO T 143 82.98 -21.45 88.77
CA PRO T 143 84.35 -21.18 88.30
C PRO T 143 84.57 -20.48 86.98
N ASP T 144 83.83 -20.88 85.92
CA ASP T 144 83.97 -20.28 84.61
C ASP T 144 83.72 -18.75 84.70
N ALA T 145 82.68 -18.34 85.45
CA ALA T 145 82.18 -17.05 85.49
C ALA T 145 82.80 -16.19 86.59
N ALA T 146 83.20 -16.79 87.72
CA ALA T 146 83.55 -15.99 88.90
C ALA T 146 84.69 -15.00 88.62
N LYS T 147 85.71 -15.49 87.90
CA LYS T 147 86.88 -14.67 87.64
C LYS T 147 86.45 -13.41 86.87
N GLU T 148 85.63 -13.61 85.84
CA GLU T 148 85.13 -12.54 85.01
C GLU T 148 84.27 -11.58 85.86
N ALA T 149 83.37 -12.15 86.66
CA ALA T 149 82.49 -11.35 87.50
C ALA T 149 83.31 -10.51 88.50
N SER T 150 84.37 -11.11 89.06
CA SER T 150 85.13 -10.47 90.11
C SER T 150 85.75 -9.15 89.65
N ILE T 151 86.25 -9.11 88.41
CA ILE T 151 87.00 -7.93 87.97
C ILE T 151 86.09 -6.70 87.99
N TYR T 152 84.84 -6.84 87.59
CA TYR T 152 83.92 -5.71 87.53
C TYR T 152 83.58 -5.23 88.93
N PHE T 153 83.36 -6.18 89.85
CA PHE T 153 83.10 -5.84 91.24
C PHE T 153 84.29 -5.07 91.81
N ASP T 154 85.50 -5.55 91.51
CA ASP T 154 86.70 -4.92 92.01
C ASP T 154 86.86 -3.52 91.42
N TYR T 155 86.47 -3.37 90.15
CA TYR T 155 86.54 -2.09 89.46
C TYR T 155 85.66 -1.06 90.18
N LEU T 156 84.43 -1.46 90.52
CA LEU T 156 83.53 -0.59 91.24
C LEU T 156 84.17 -0.18 92.57
N SER T 157 84.74 -1.18 93.28
CA SER T 157 85.28 -0.93 94.59
C SER T 157 86.44 0.05 94.52
N SER T 158 87.33 -0.13 93.54
CA SER T 158 88.50 0.72 93.37
C SER T 158 88.08 2.14 93.05
N GLY T 159 87.04 2.30 92.21
CA GLY T 159 86.54 3.62 91.84
C GLY T 159 86.05 4.40 93.07
N LEU T 160 85.29 3.70 93.92
CA LEU T 160 84.67 4.36 95.05
C LEU T 160 85.75 4.74 96.04
N SER T 161 86.73 3.85 96.22
CA SER T 161 87.83 4.11 97.12
C SER T 161 88.95 4.82 96.35
N SER U 2 56.48 -11.75 71.70
CA SER U 2 57.35 -12.57 70.81
C SER U 2 58.58 -11.75 70.40
N VAL U 3 59.61 -12.43 69.86
CA VAL U 3 60.80 -11.77 69.38
C VAL U 3 60.42 -10.71 68.34
N LEU U 4 59.55 -11.10 67.44
CA LEU U 4 59.26 -10.26 66.30
C LEU U 4 58.56 -8.99 66.80
N THR U 5 57.59 -9.16 67.72
CA THR U 5 56.85 -8.01 68.21
C THR U 5 57.83 -7.03 68.85
N LYS U 6 58.75 -7.56 69.65
CA LYS U 6 59.70 -6.71 70.36
C LYS U 6 60.50 -5.89 69.35
N ALA U 7 61.01 -6.54 68.29
CA ALA U 7 61.83 -5.87 67.31
C ALA U 7 61.06 -4.76 66.60
N ILE U 8 59.82 -5.06 66.20
CA ILE U 8 58.99 -4.09 65.51
C ILE U 8 58.76 -2.89 66.38
N VAL U 9 58.46 -3.14 67.66
CA VAL U 9 58.15 -2.06 68.58
C VAL U 9 59.35 -1.12 68.73
N ASN U 10 60.56 -1.67 68.81
CA ASN U 10 61.74 -0.83 68.96
C ASN U 10 61.91 0.03 67.71
N ALA U 11 61.70 -0.58 66.54
CA ALA U 11 61.82 0.12 65.28
C ALA U 11 60.81 1.26 65.20
N ASP U 12 59.57 1.00 65.60
CA ASP U 12 58.52 2.00 65.49
C ASP U 12 58.84 3.19 66.38
N ALA U 13 59.38 2.94 67.58
CA ALA U 13 59.77 4.01 68.48
C ALA U 13 60.83 4.89 67.82
N GLU U 14 61.80 4.24 67.17
CA GLU U 14 62.85 4.95 66.47
C GLU U 14 62.34 5.52 65.14
N ALA U 15 61.18 5.05 64.70
CA ALA U 15 60.58 5.50 63.45
C ALA U 15 61.46 5.14 62.26
N ARG U 16 62.05 3.95 62.31
CA ARG U 16 62.97 3.47 61.28
C ARG U 16 62.55 2.08 60.83
N TYR U 17 63.02 1.65 59.66
CA TYR U 17 62.88 0.26 59.21
C TYR U 17 63.76 -0.63 60.09
N LEU U 18 63.46 -1.93 60.13
CA LEU U 18 64.21 -2.86 60.96
C LEU U 18 65.69 -2.87 60.57
N SER U 19 66.53 -2.81 61.60
CA SER U 19 67.98 -2.81 61.45
C SER U 19 68.41 -4.21 60.99
N PRO U 20 69.57 -4.32 60.29
CA PRO U 20 70.08 -5.61 59.84
C PRO U 20 70.25 -6.59 60.99
N GLY U 21 70.82 -6.09 62.10
CA GLY U 21 71.01 -6.89 63.31
C GLY U 21 69.70 -7.45 63.83
N GLU U 22 68.68 -6.59 63.88
CA GLU U 22 67.34 -6.99 64.30
C GLU U 22 66.79 -8.05 63.36
N LEU U 23 67.00 -7.85 62.06
CA LEU U 23 66.54 -8.80 61.05
C LEU U 23 67.23 -10.15 61.26
N ASP U 24 68.52 -10.12 61.59
CA ASP U 24 69.29 -11.35 61.79
C ASP U 24 68.72 -12.15 62.94
N ARG U 25 68.36 -11.45 64.04
CA ARG U 25 67.80 -12.11 65.20
C ARG U 25 66.48 -12.78 64.82
N ILE U 26 65.70 -12.14 63.95
CA ILE U 26 64.44 -12.72 63.51
C ILE U 26 64.72 -14.02 62.76
N LYS U 27 65.75 -13.99 61.90
CA LYS U 27 66.11 -15.16 61.12
C LYS U 27 66.49 -16.32 62.06
N SER U 28 67.28 -15.99 63.08
CA SER U 28 67.75 -17.01 64.01
C SER U 28 66.54 -17.63 64.71
N PHE U 29 65.59 -16.78 65.12
CA PHE U 29 64.42 -17.19 65.85
C PHE U 29 63.59 -18.16 65.05
N VAL U 30 63.39 -17.89 63.75
CA VAL U 30 62.51 -18.73 62.94
C VAL U 30 63.14 -20.12 62.81
N ALA U 31 64.47 -20.18 62.69
CA ALA U 31 65.18 -21.45 62.65
C ALA U 31 65.01 -22.21 63.97
N SER U 32 65.12 -21.49 65.09
CA SER U 32 65.06 -22.09 66.41
C SER U 32 63.64 -22.63 66.70
N GLY U 33 62.62 -22.02 66.09
CA GLY U 33 61.24 -22.24 66.47
C GLY U 33 60.82 -23.72 66.55
N GLU U 34 61.21 -24.50 65.53
CA GLU U 34 60.80 -25.91 65.47
C GLU U 34 61.33 -26.68 66.68
N ARG U 35 62.60 -26.46 67.04
CA ARG U 35 63.17 -27.02 68.26
C ARG U 35 62.35 -26.55 69.47
N ARG U 36 62.04 -25.25 69.51
CA ARG U 36 61.31 -24.67 70.63
C ARG U 36 59.96 -25.35 70.78
N LEU U 37 59.29 -25.63 69.66
CA LEU U 37 57.96 -26.24 69.70
C LEU U 37 58.04 -27.59 70.43
N ARG U 38 59.07 -28.37 70.09
CA ARG U 38 59.25 -29.68 70.71
C ARG U 38 59.47 -29.54 72.21
N ILE U 39 60.30 -28.58 72.63
CA ILE U 39 60.58 -28.37 74.05
C ILE U 39 59.26 -28.10 74.79
N ALA U 40 58.44 -27.23 74.20
CA ALA U 40 57.17 -26.86 74.80
C ALA U 40 56.25 -28.10 74.89
N GLN U 41 56.26 -28.90 73.82
CA GLN U 41 55.40 -30.06 73.77
C GLN U 41 55.76 -31.02 74.90
N THR U 42 57.08 -31.23 75.11
CA THR U 42 57.56 -32.14 76.14
C THR U 42 57.00 -31.73 77.50
N LEU U 43 57.12 -30.45 77.85
CA LEU U 43 56.68 -29.96 79.15
C LEU U 43 55.18 -30.10 79.29
N THR U 44 54.42 -29.86 78.21
CA THR U 44 52.98 -29.97 78.27
C THR U 44 52.58 -31.40 78.66
N GLU U 45 53.23 -32.39 78.05
CA GLU U 45 52.88 -33.78 78.30
C GLU U 45 53.19 -34.14 79.75
N ALA U 46 54.31 -33.62 80.26
CA ALA U 46 54.77 -33.94 81.61
C ALA U 46 54.18 -32.96 82.63
N ARG U 47 53.24 -32.13 82.19
CA ARG U 47 52.79 -31.01 83.01
C ARG U 47 52.30 -31.52 84.37
N GLU U 48 51.35 -32.46 84.35
CA GLU U 48 50.67 -32.94 85.55
C GLU U 48 51.69 -33.42 86.58
N ARG U 49 52.69 -34.21 86.15
CA ARG U 49 53.68 -34.73 87.06
C ARG U 49 54.61 -33.61 87.54
N ILE U 50 54.98 -32.66 86.66
CA ILE U 50 55.89 -31.60 87.07
C ILE U 50 55.26 -30.84 88.23
N VAL U 51 53.97 -30.50 88.09
CA VAL U 51 53.29 -29.70 89.10
C VAL U 51 53.29 -30.49 90.41
N LYS U 52 52.91 -31.79 90.33
CA LYS U 52 52.77 -32.60 91.52
C LYS U 52 54.12 -32.69 92.25
N GLN U 53 55.18 -33.03 91.51
CA GLN U 53 56.49 -33.18 92.11
C GLN U 53 56.96 -31.87 92.74
N ALA U 54 56.76 -30.75 92.02
CA ALA U 54 57.22 -29.46 92.49
C ALA U 54 56.49 -29.08 93.77
N GLY U 55 55.17 -29.34 93.81
CA GLY U 55 54.37 -29.04 94.97
C GLY U 55 54.93 -29.70 96.23
N ASP U 56 55.21 -31.02 96.11
CA ASP U 56 55.72 -31.80 97.21
C ASP U 56 57.05 -31.21 97.70
N GLN U 57 57.94 -30.90 96.74
CA GLN U 57 59.23 -30.32 97.07
C GLN U 57 59.04 -29.00 97.81
N LEU U 58 58.12 -28.17 97.32
CA LEU U 58 57.88 -26.85 97.92
C LEU U 58 57.41 -27.05 99.36
N PHE U 59 56.48 -27.98 99.58
CA PHE U 59 55.92 -28.17 100.90
C PHE U 59 56.99 -28.71 101.85
N GLN U 60 57.90 -29.54 101.34
CA GLN U 60 59.03 -29.99 102.14
C GLN U 60 59.94 -28.79 102.42
N LYS U 61 60.21 -27.97 101.40
CA LYS U 61 61.08 -26.80 101.54
C LYS U 61 60.48 -25.82 102.55
N ARG U 62 59.15 -25.63 102.50
CA ARG U 62 58.47 -24.68 103.37
C ARG U 62 57.35 -25.40 104.13
N PRO U 63 57.62 -25.99 105.32
CA PRO U 63 56.54 -26.61 106.09
C PRO U 63 55.46 -25.58 106.45
N ASP U 64 55.87 -24.33 106.68
CA ASP U 64 55.01 -23.30 107.23
C ASP U 64 53.82 -23.04 106.31
N VAL U 65 54.04 -23.00 105.00
CA VAL U 65 52.98 -22.59 104.08
C VAL U 65 51.78 -23.53 104.27
N VAL U 66 52.05 -24.85 104.36
CA VAL U 66 51.00 -25.81 104.64
C VAL U 66 51.01 -26.10 106.15
N SER U 67 50.65 -25.09 106.94
CA SER U 67 50.51 -25.20 108.38
C SER U 67 49.32 -24.33 108.75
N PRO U 68 48.69 -24.53 109.93
CA PRO U 68 47.41 -23.85 110.22
C PRO U 68 47.50 -22.34 110.04
N GLY U 69 48.63 -21.76 110.45
CA GLY U 69 48.88 -20.34 110.19
C GLY U 69 48.99 -20.03 108.70
N GLY U 70 49.68 -20.91 107.96
CA GLY U 70 50.08 -20.67 106.58
C GLY U 70 48.90 -20.59 105.61
N ASN U 71 49.13 -19.89 104.51
CA ASN U 71 48.09 -19.59 103.53
C ASN U 71 47.66 -20.86 102.80
N ALA U 72 48.64 -21.72 102.52
CA ALA U 72 48.43 -22.91 101.70
C ALA U 72 47.62 -23.97 102.45
N TYR U 73 47.55 -23.86 103.78
CA TYR U 73 46.99 -24.92 104.62
C TYR U 73 45.51 -25.15 104.33
N GLY U 74 45.13 -26.45 104.34
CA GLY U 74 43.79 -26.89 104.01
C GLY U 74 43.72 -27.35 102.56
N GLU U 75 42.76 -28.23 102.26
CA GLU U 75 42.65 -28.85 100.94
C GLU U 75 42.34 -27.77 99.89
N LYS U 76 41.35 -26.91 100.17
CA LYS U 76 40.96 -25.89 99.21
C LYS U 76 42.20 -25.05 98.86
N MET U 77 42.89 -24.59 99.90
CA MET U 77 44.02 -23.71 99.73
C MET U 77 45.16 -24.43 99.01
N THR U 78 45.40 -25.70 99.35
CA THR U 78 46.49 -26.43 98.73
C THR U 78 46.21 -26.59 97.24
N ALA U 79 44.94 -26.86 96.88
CA ALA U 79 44.56 -26.98 95.49
C ALA U 79 44.87 -25.68 94.74
N LEU U 80 44.50 -24.54 95.35
CA LEU U 80 44.71 -23.25 94.74
C LEU U 80 46.21 -23.02 94.52
N CYS U 81 47.04 -23.40 95.50
CA CYS U 81 48.47 -23.25 95.35
C CYS U 81 48.99 -24.07 94.17
N LEU U 82 48.45 -25.28 94.01
CA LEU U 82 48.86 -26.13 92.89
C LEU U 82 48.35 -25.56 91.57
N ARG U 83 47.12 -25.01 91.59
CA ARG U 83 46.57 -24.39 90.40
C ARG U 83 47.49 -23.24 89.94
N ASP U 84 47.98 -22.47 90.91
CA ASP U 84 48.88 -21.37 90.59
C ASP U 84 50.13 -21.90 89.92
N LEU U 85 50.69 -22.99 90.45
CA LEU U 85 51.89 -23.57 89.86
C LEU U 85 51.60 -24.01 88.43
N ASP U 86 50.42 -24.59 88.21
CA ASP U 86 50.04 -25.02 86.88
C ASP U 86 49.98 -23.82 85.94
N TYR U 87 49.38 -22.71 86.41
CA TYR U 87 49.28 -21.50 85.61
C TYR U 87 50.65 -21.04 85.15
N TYR U 88 51.61 -21.01 86.09
CA TYR U 88 52.92 -20.51 85.75
C TYR U 88 53.57 -21.44 84.73
N LEU U 89 53.33 -22.76 84.84
CA LEU U 89 53.93 -23.67 83.88
C LEU U 89 53.38 -23.40 82.48
N ARG U 90 52.06 -23.19 82.39
CA ARG U 90 51.45 -22.90 81.11
C ARG U 90 52.08 -21.65 80.51
N LEU U 91 52.28 -20.64 81.35
CA LEU U 91 52.89 -19.39 80.88
C LEU U 91 54.30 -19.66 80.35
N VAL U 92 55.08 -20.50 81.05
CA VAL U 92 56.43 -20.77 80.61
C VAL U 92 56.41 -21.42 79.23
N THR U 93 55.49 -22.36 78.99
CA THR U 93 55.44 -23.00 77.69
C THR U 93 55.17 -21.95 76.61
N TYR U 94 54.23 -21.05 76.88
CA TYR U 94 53.90 -19.99 75.94
C TYR U 94 55.15 -19.18 75.63
N GLY U 95 55.94 -18.88 76.66
CA GLY U 95 57.17 -18.11 76.51
C GLY U 95 58.16 -18.79 75.58
N ILE U 96 58.34 -20.10 75.73
CA ILE U 96 59.33 -20.81 74.96
C ILE U 96 58.97 -20.70 73.47
N VAL U 97 57.70 -20.90 73.12
CA VAL U 97 57.32 -20.84 71.72
C VAL U 97 57.48 -19.40 71.21
N ALA U 98 57.15 -18.41 72.05
CA ALA U 98 57.26 -17.01 71.65
C ALA U 98 58.71 -16.58 71.51
N GLY U 99 59.60 -17.16 72.30
CA GLY U 99 61.00 -16.78 72.28
C GLY U 99 61.25 -15.51 73.09
N ASP U 100 60.24 -15.06 73.83
CA ASP U 100 60.34 -13.86 74.61
C ASP U 100 59.43 -13.96 75.81
N VAL U 101 59.73 -13.17 76.86
CA VAL U 101 59.00 -13.26 78.11
C VAL U 101 57.75 -12.41 78.07
N THR U 102 57.60 -11.59 77.04
CA THR U 102 56.50 -10.64 76.97
C THR U 102 55.16 -11.35 77.19
N PRO U 103 54.82 -12.45 76.48
CA PRO U 103 53.54 -13.13 76.70
C PRO U 103 53.37 -13.52 78.17
N ILE U 104 54.44 -14.08 78.74
CA ILE U 104 54.46 -14.48 80.14
C ILE U 104 54.19 -13.24 81.00
N GLU U 105 54.88 -12.15 80.68
CA GLU U 105 54.93 -10.96 81.51
C GLU U 105 53.52 -10.33 81.65
N GLU U 106 52.79 -10.18 80.54
CA GLU U 106 51.51 -9.54 80.63
C GLU U 106 50.52 -10.36 81.51
N ILE U 107 50.51 -11.69 81.33
CA ILE U 107 49.53 -12.50 82.01
C ILE U 107 49.89 -12.70 83.49
N GLY U 108 51.19 -12.79 83.83
CA GLY U 108 51.58 -13.28 85.13
C GLY U 108 52.42 -12.34 85.98
N ILE U 109 53.24 -11.44 85.38
CA ILE U 109 54.25 -10.81 86.21
C ILE U 109 53.88 -9.37 86.56
N ILE U 110 52.86 -8.77 85.94
CA ILE U 110 52.55 -7.38 86.24
C ILE U 110 51.38 -7.32 87.21
N GLY U 111 51.62 -6.71 88.36
CA GLY U 111 50.62 -6.66 89.42
C GLY U 111 50.65 -7.91 90.29
N VAL U 112 51.60 -8.81 90.05
CA VAL U 112 51.64 -10.07 90.77
C VAL U 112 51.86 -9.79 92.26
N LYS U 113 52.78 -8.87 92.57
CA LYS U 113 53.08 -8.53 93.95
C LYS U 113 51.81 -8.09 94.66
N GLU U 114 51.06 -7.18 94.01
CA GLU U 114 49.87 -6.60 94.59
C GLU U 114 48.82 -7.68 94.83
N MET U 115 48.63 -8.56 93.85
CA MET U 115 47.63 -9.61 93.96
C MET U 115 47.97 -10.51 95.14
N TYR U 116 49.22 -10.96 95.22
CA TYR U 116 49.61 -11.89 96.26
C TYR U 116 49.55 -11.20 97.63
N ASN U 117 49.91 -9.91 97.70
CA ASN U 117 49.86 -9.21 98.96
C ASN U 117 48.42 -9.14 99.47
N SER U 118 47.45 -8.89 98.60
CA SER U 118 46.07 -8.91 99.04
C SER U 118 45.72 -10.31 99.54
N LEU U 119 46.14 -11.35 98.79
CA LEU U 119 45.86 -12.72 99.18
C LEU U 119 46.59 -13.05 100.48
N GLN U 120 47.77 -12.42 100.68
CA GLN U 120 48.62 -12.63 101.83
C GLN U 120 49.52 -13.84 101.63
N THR U 121 49.48 -14.43 100.43
CA THR U 121 50.40 -15.48 100.03
C THR U 121 51.82 -14.92 100.10
N PRO U 122 52.81 -15.66 100.68
CA PRO U 122 54.20 -15.21 100.65
C PRO U 122 54.83 -15.35 99.25
N ILE U 123 55.41 -14.27 98.77
CA ILE U 123 55.95 -14.20 97.42
C ILE U 123 57.15 -15.13 97.31
N PRO U 124 58.08 -15.16 98.29
CA PRO U 124 59.27 -16.02 98.21
C PRO U 124 58.94 -17.51 98.07
N ALA U 125 57.88 -17.96 98.75
CA ALA U 125 57.45 -19.35 98.68
C ALA U 125 56.99 -19.65 97.25
N VAL U 126 56.28 -18.71 96.61
CA VAL U 126 55.81 -18.89 95.26
C VAL U 126 57.04 -19.07 94.36
N ALA U 127 58.06 -18.25 94.59
CA ALA U 127 59.30 -18.32 93.81
C ALA U 127 59.95 -19.69 93.97
N GLU U 128 59.95 -20.22 95.19
CA GLU U 128 60.54 -21.52 95.47
C GLU U 128 59.80 -22.60 94.66
N GLY U 129 58.47 -22.51 94.61
CA GLY U 129 57.65 -23.43 93.85
C GLY U 129 58.05 -23.44 92.38
N VAL U 130 58.30 -22.25 91.83
CA VAL U 130 58.70 -22.13 90.44
C VAL U 130 60.08 -22.74 90.26
N ARG U 131 60.98 -22.50 91.21
CA ARG U 131 62.31 -23.09 91.18
C ARG U 131 62.19 -24.61 91.17
N ALA U 132 61.33 -25.13 92.04
CA ALA U 132 61.10 -26.56 92.14
C ALA U 132 60.61 -27.11 90.79
N MET U 133 59.66 -26.40 90.16
CA MET U 133 59.14 -26.84 88.87
C MET U 133 60.26 -26.87 87.85
N LYS U 134 61.17 -25.90 87.92
CA LYS U 134 62.27 -25.83 86.98
C LYS U 134 63.11 -27.11 87.06
N ASN U 135 63.41 -27.54 88.29
CA ASN U 135 64.28 -28.69 88.52
C ASN U 135 63.65 -29.94 87.92
N VAL U 136 62.35 -30.12 88.17
CA VAL U 136 61.63 -31.27 87.62
C VAL U 136 61.67 -31.19 86.09
N ALA U 137 61.36 -30.01 85.54
CA ALA U 137 61.30 -29.84 84.11
C ALA U 137 62.67 -30.11 83.47
N THR U 138 63.73 -29.64 84.13
CA THR U 138 65.09 -29.79 83.63
C THR U 138 65.41 -31.27 83.45
N SER U 139 65.03 -32.09 84.43
CA SER U 139 65.35 -33.51 84.40
C SER U 139 64.75 -34.18 83.17
N LEU U 140 63.51 -33.85 82.82
CA LEU U 140 62.84 -34.46 81.69
C LEU U 140 63.44 -33.95 80.38
N LEU U 141 63.87 -32.68 80.37
CA LEU U 141 64.40 -32.09 79.15
C LEU U 141 65.83 -32.55 78.95
N SER U 142 66.26 -32.60 77.69
CA SER U 142 67.67 -32.76 77.34
C SER U 142 68.42 -31.48 77.74
N GLY U 143 69.74 -31.59 77.94
CA GLY U 143 70.56 -30.54 78.52
C GLY U 143 70.42 -29.17 77.84
N ASP U 144 70.58 -29.16 76.50
CA ASP U 144 70.46 -27.94 75.73
C ASP U 144 69.02 -27.40 75.82
N ASP U 145 68.04 -28.32 75.72
CA ASP U 145 66.64 -27.96 75.83
C ASP U 145 66.40 -27.37 77.23
N ALA U 146 67.00 -27.99 78.24
CA ALA U 146 66.83 -27.57 79.63
C ALA U 146 67.33 -26.14 79.82
N ALA U 147 68.48 -25.82 79.20
CA ALA U 147 69.06 -24.49 79.33
C ALA U 147 68.08 -23.43 78.80
N GLU U 148 67.49 -23.70 77.62
CA GLU U 148 66.51 -22.81 77.04
C GLU U 148 65.34 -22.63 78.02
N ALA U 149 64.80 -23.75 78.50
CA ALA U 149 63.67 -23.72 79.42
C ALA U 149 64.06 -22.99 80.71
N GLY U 150 65.30 -23.20 81.17
CA GLY U 150 65.76 -22.60 82.41
C GLY U 150 65.65 -21.08 82.39
N PHE U 151 65.99 -20.46 81.26
CA PHE U 151 65.99 -19.02 81.15
C PHE U 151 64.59 -18.49 81.48
N TYR U 152 63.56 -19.10 80.91
CA TYR U 152 62.19 -18.66 81.15
C TYR U 152 61.81 -18.88 82.60
N PHE U 153 62.22 -20.03 83.15
CA PHE U 153 61.94 -20.33 84.55
C PHE U 153 62.63 -19.30 85.46
N ASP U 154 63.87 -18.96 85.12
CA ASP U 154 64.64 -18.00 85.91
C ASP U 154 63.97 -16.64 85.90
N TYR U 155 63.46 -16.23 84.73
CA TYR U 155 62.79 -14.94 84.59
C TYR U 155 61.64 -14.87 85.59
N LEU U 156 60.84 -15.94 85.64
CA LEU U 156 59.68 -15.98 86.52
C LEU U 156 60.14 -15.80 87.96
N VAL U 157 61.19 -16.53 88.33
CA VAL U 157 61.70 -16.47 89.68
C VAL U 157 62.17 -15.04 89.97
N GLY U 158 62.86 -14.42 89.01
CA GLY U 158 63.31 -13.05 89.15
C GLY U 158 62.16 -12.08 89.31
N ALA U 159 61.10 -12.27 88.51
CA ALA U 159 59.95 -11.38 88.50
C ALA U 159 59.26 -11.37 89.86
N MET U 160 59.09 -12.58 90.44
CA MET U 160 58.47 -12.76 91.74
C MET U 160 59.55 -12.77 92.81
N GLN U 161 60.04 -11.58 93.10
CA GLN U 161 61.12 -11.41 94.06
C GLN U 161 61.10 -9.95 94.58
N MET V 1 50.77 -4.06 69.70
CA MET V 1 50.37 -4.75 68.44
C MET V 1 50.25 -6.25 68.71
N GLN V 2 49.94 -6.98 67.64
CA GLN V 2 49.94 -8.45 67.76
C GLN V 2 50.69 -8.99 66.53
N ASP V 3 51.29 -10.17 66.72
CA ASP V 3 51.91 -10.89 65.62
C ASP V 3 51.24 -12.26 65.55
N ALA V 4 51.58 -13.09 64.55
CA ALA V 4 50.92 -14.36 64.37
C ALA V 4 51.17 -15.27 65.59
N ILE V 5 52.43 -15.34 66.03
CA ILE V 5 52.76 -16.19 67.16
C ILE V 5 51.95 -15.78 68.37
N THR V 6 51.93 -14.47 68.68
CA THR V 6 51.21 -13.98 69.84
C THR V 6 49.71 -14.19 69.67
N ALA V 7 49.20 -14.05 68.44
CA ALA V 7 47.77 -14.20 68.21
C ALA V 7 47.32 -15.64 68.63
N VAL V 8 48.13 -16.65 68.25
CA VAL V 8 47.83 -18.01 68.61
C VAL V 8 47.85 -18.14 70.14
N ILE V 9 48.91 -17.61 70.75
CA ILE V 9 49.06 -17.67 72.19
C ILE V 9 47.85 -17.04 72.86
N ASN V 10 47.41 -15.88 72.37
CA ASN V 10 46.35 -15.15 73.05
C ASN V 10 45.06 -15.94 72.98
N ASN V 11 44.80 -16.58 71.83
CA ASN V 11 43.58 -17.33 71.67
C ASN V 11 43.55 -18.48 72.67
N TYR V 12 44.71 -19.14 72.86
CA TYR V 12 44.82 -20.25 73.79
C TYR V 12 44.68 -19.74 75.23
N ASP V 13 45.28 -18.58 75.52
CA ASP V 13 45.25 -18.06 76.87
C ASP V 13 43.83 -17.74 77.32
N VAL V 14 42.98 -17.20 76.44
CA VAL V 14 41.62 -16.89 76.84
C VAL V 14 40.88 -18.20 77.12
N GLN V 15 41.18 -19.24 76.34
CA GLN V 15 40.59 -20.55 76.59
C GLN V 15 41.21 -21.15 77.85
N GLY V 16 42.46 -20.77 78.16
CA GLY V 16 43.18 -21.32 79.30
C GLY V 16 43.86 -22.64 78.93
N LYS V 17 43.74 -23.02 77.66
CA LYS V 17 44.26 -24.27 77.16
C LYS V 17 45.78 -24.18 77.01
N TYR V 18 46.47 -25.28 77.32
CA TYR V 18 47.87 -25.45 76.98
C TYR V 18 47.98 -25.56 75.47
N LEU V 19 49.15 -25.21 74.93
CA LEU V 19 49.37 -25.25 73.49
C LEU V 19 49.23 -26.70 73.00
N ASP V 20 48.54 -26.86 71.87
CA ASP V 20 48.27 -28.18 71.32
C ASP V 20 48.84 -28.26 69.90
N GLY V 21 48.87 -29.48 69.35
CA GLY V 21 49.48 -29.75 68.06
C GLY V 21 48.90 -28.88 66.94
N ALA V 22 47.56 -28.76 66.91
CA ALA V 22 46.88 -27.92 65.93
C ALA V 22 47.42 -26.49 65.99
N ALA V 23 47.51 -25.96 67.22
CA ALA V 23 48.10 -24.65 67.44
C ALA V 23 49.55 -24.63 66.96
N LEU V 24 50.29 -25.70 67.28
CA LEU V 24 51.69 -25.80 66.92
C LEU V 24 51.85 -25.73 65.40
N ASP V 25 50.94 -26.37 64.67
CA ASP V 25 50.97 -26.41 63.22
C ASP V 25 50.87 -25.01 62.62
N LYS V 26 49.97 -24.18 63.19
CA LYS V 26 49.83 -22.81 62.74
C LYS V 26 51.14 -22.06 62.97
N LEU V 27 51.76 -22.29 64.14
CA LEU V 27 53.00 -21.63 64.46
C LEU V 27 54.08 -22.09 63.48
N LYS V 28 54.07 -23.39 63.16
CA LYS V 28 55.07 -23.97 62.28
C LYS V 28 54.94 -23.35 60.89
N ALA V 29 53.69 -23.18 60.44
CA ALA V 29 53.42 -22.58 59.15
C ALA V 29 54.09 -21.20 59.07
N TYR V 30 53.90 -20.41 60.13
CA TYR V 30 54.48 -19.07 60.16
C TYR V 30 55.99 -19.15 60.05
N PHE V 31 56.61 -20.11 60.75
CA PHE V 31 58.06 -20.17 60.85
C PHE V 31 58.68 -20.41 59.47
N THR V 32 58.07 -21.22 58.64
CA THR V 32 58.53 -21.46 57.28
C THR V 32 58.47 -20.18 56.45
N THR V 33 57.36 -19.44 56.58
CA THR V 33 57.16 -18.23 55.78
C THR V 33 58.17 -17.15 56.21
N GLY V 34 58.56 -17.19 57.49
CA GLY V 34 59.38 -16.17 58.11
C GLY V 34 60.62 -15.78 57.31
N ALA V 35 61.38 -16.78 56.85
CA ALA V 35 62.66 -16.51 56.18
C ALA V 35 62.44 -15.63 54.95
N VAL V 36 61.40 -15.96 54.15
CA VAL V 36 61.05 -15.21 52.96
C VAL V 36 60.75 -13.75 53.35
N ARG V 37 59.97 -13.59 54.42
CA ARG V 37 59.51 -12.28 54.84
C ARG V 37 60.71 -11.40 55.20
N VAL V 38 61.68 -11.97 55.92
CA VAL V 38 62.83 -11.20 56.34
C VAL V 38 63.56 -10.66 55.11
N ARG V 39 63.72 -11.50 54.10
CA ARG V 39 64.43 -11.09 52.88
C ARG V 39 63.66 -9.95 52.22
N ALA V 40 62.33 -10.08 52.14
CA ALA V 40 61.50 -9.07 51.50
C ALA V 40 61.64 -7.73 52.23
N ALA V 41 61.62 -7.77 53.56
CA ALA V 41 61.69 -6.55 54.35
C ALA V 41 62.96 -5.78 54.07
N ALA V 42 64.10 -6.50 53.96
CA ALA V 42 65.38 -5.86 53.71
C ALA V 42 65.38 -5.17 52.34
N VAL V 43 64.78 -5.85 51.35
CA VAL V 43 64.68 -5.29 50.02
C VAL V 43 63.89 -3.98 50.08
N ILE V 44 62.75 -4.00 50.77
CA ILE V 44 61.89 -2.83 50.79
C ILE V 44 62.61 -1.66 51.46
N SER V 45 63.28 -1.92 52.58
CA SER V 45 63.93 -0.86 53.33
C SER V 45 64.97 -0.15 52.47
N SER V 46 65.77 -0.92 51.71
CA SER V 46 66.83 -0.36 50.89
C SER V 46 66.26 0.47 49.75
N ASN V 47 65.12 0.04 49.18
CA ASN V 47 64.57 0.68 47.99
C ASN V 47 63.40 1.61 48.33
N ALA V 48 63.24 1.95 49.62
CA ALA V 48 62.04 2.65 50.05
C ALA V 48 61.87 3.99 49.33
N THR V 49 62.95 4.79 49.29
CA THR V 49 62.87 6.11 48.68
C THR V 49 62.42 5.98 47.22
N THR V 50 63.02 5.04 46.49
CA THR V 50 62.70 4.83 45.08
C THR V 50 61.27 4.36 44.93
N ILE V 51 60.82 3.44 45.82
CA ILE V 51 59.48 2.91 45.70
C ILE V 51 58.49 4.06 45.74
N ILE V 52 58.71 4.99 46.68
CA ILE V 52 57.81 6.11 46.85
C ILE V 52 57.85 6.98 45.58
N LYS V 53 59.07 7.24 45.09
CA LYS V 53 59.26 8.07 43.91
C LYS V 53 58.48 7.49 42.72
N GLU V 54 58.66 6.19 42.48
CA GLU V 54 58.04 5.54 41.35
C GLU V 54 56.51 5.60 41.48
N ALA V 55 56.00 5.32 42.68
CA ALA V 55 54.57 5.28 42.89
C ALA V 55 53.98 6.68 42.66
N ALA V 56 54.68 7.71 43.15
CA ALA V 56 54.19 9.07 42.97
C ALA V 56 54.12 9.41 41.48
N ALA V 57 55.19 9.02 40.77
CA ALA V 57 55.28 9.25 39.33
C ALA V 57 54.12 8.58 38.61
N LYS V 58 53.78 7.35 39.02
CA LYS V 58 52.69 6.60 38.41
C LYS V 58 51.35 7.29 38.63
N ALA V 59 51.07 7.84 39.83
CA ALA V 59 49.74 8.32 40.14
C ALA V 59 49.67 9.81 40.50
N LEU V 60 50.50 10.22 41.46
CA LEU V 60 50.29 11.51 42.11
C LEU V 60 50.74 12.68 41.21
N ILE V 61 51.95 12.61 40.66
CA ILE V 61 52.50 13.80 40.02
C ILE V 61 51.96 13.89 38.59
N TYR V 62 52.28 15.01 37.91
CA TYR V 62 51.82 15.30 36.56
C TYR V 62 50.30 15.21 36.48
N SER V 63 49.63 15.66 37.53
CA SER V 63 48.20 15.47 37.67
C SER V 63 47.57 16.77 38.13
N ASP V 64 46.26 16.81 38.19
CA ASP V 64 45.54 17.95 38.75
C ASP V 64 45.94 18.21 40.19
N LEU V 65 46.19 17.15 40.96
CA LEU V 65 46.56 17.31 42.37
C LEU V 65 47.75 18.24 42.51
N THR V 66 48.77 18.00 41.71
CA THR V 66 49.97 18.83 41.79
C THR V 66 49.72 20.21 41.20
N ARG V 67 48.77 20.33 40.27
CA ARG V 67 48.49 21.62 39.64
C ARG V 67 47.78 22.53 40.63
N PRO V 68 47.87 23.87 40.49
CA PRO V 68 47.28 24.79 41.47
C PRO V 68 45.79 24.55 41.68
N GLY V 69 45.38 24.56 42.96
CA GLY V 69 44.01 24.23 43.33
C GLY V 69 43.84 22.74 43.63
N GLY V 70 44.92 21.95 43.46
CA GLY V 70 44.89 20.53 43.77
C GLY V 70 45.40 20.29 45.19
N MET V 72 47.63 18.40 46.44
CA MET V 72 49.06 18.25 46.63
C MET V 72 49.84 19.44 46.09
N TYR V 73 49.11 20.51 45.71
CA TYR V 73 49.74 21.75 45.30
C TYR V 73 50.36 22.46 46.49
N THR V 74 51.46 23.20 46.25
CA THR V 74 52.31 23.86 47.24
C THR V 74 53.33 22.84 47.77
N THR V 75 54.52 23.32 48.14
CA THR V 75 55.57 22.41 48.57
C THR V 75 55.15 21.70 49.85
N ARG V 76 54.51 22.44 50.76
CA ARG V 76 54.14 21.90 52.05
C ARG V 76 53.24 20.68 51.88
N ARG V 77 52.20 20.82 51.05
CA ARG V 77 51.28 19.72 50.82
C ARG V 77 51.99 18.57 50.10
N TYR V 78 52.85 18.89 49.13
CA TYR V 78 53.55 17.83 48.41
C TYR V 78 54.35 17.00 49.42
N ALA V 79 55.08 17.69 50.29
CA ALA V 79 55.92 17.03 51.24
C ALA V 79 55.09 16.15 52.19
N ALA V 80 53.93 16.67 52.62
CA ALA V 80 53.04 15.92 53.48
C ALA V 80 52.61 14.61 52.82
N CYS V 81 52.24 14.69 51.54
CA CYS V 81 51.74 13.51 50.86
C CYS V 81 52.82 12.44 50.78
N ILE V 82 54.07 12.83 50.48
CA ILE V 82 55.10 11.81 50.35
C ILE V 82 55.45 11.26 51.74
N ARG V 83 55.32 12.09 52.80
CA ARG V 83 55.53 11.60 54.15
C ARG V 83 54.49 10.52 54.48
N ASP V 84 53.24 10.76 54.09
CA ASP V 84 52.21 9.78 54.36
C ASP V 84 52.51 8.48 53.64
N MET V 85 53.01 8.59 52.40
CA MET V 85 53.31 7.43 51.58
C MET V 85 54.36 6.58 52.29
N ASP V 86 55.39 7.25 52.82
CA ASP V 86 56.43 6.57 53.55
C ASP V 86 55.86 5.80 54.75
N TYR V 87 54.95 6.44 55.49
CA TYR V 87 54.33 5.80 56.62
C TYR V 87 53.70 4.48 56.20
N PHE V 88 52.89 4.55 55.15
CA PHE V 88 52.17 3.37 54.72
C PHE V 88 53.17 2.27 54.40
N LEU V 89 54.26 2.61 53.71
CA LEU V 89 55.24 1.62 53.33
C LEU V 89 55.87 0.98 54.57
N ARG V 90 56.30 1.81 55.53
CA ARG V 90 56.98 1.30 56.70
C ARG V 90 56.07 0.35 57.49
N TYR V 91 54.79 0.74 57.64
CA TYR V 91 53.88 -0.05 58.44
C TYR V 91 53.56 -1.36 57.72
N ALA V 92 53.40 -1.30 56.40
CA ALA V 92 53.16 -2.52 55.65
C ALA V 92 54.31 -3.50 55.83
N THR V 93 55.54 -2.98 55.80
CA THR V 93 56.71 -3.82 56.01
C THR V 93 56.65 -4.46 57.40
N TYR V 94 56.28 -3.67 58.42
CA TYR V 94 56.16 -4.18 59.77
C TYR V 94 55.13 -5.31 59.79
N ALA V 95 53.99 -5.08 59.15
CA ALA V 95 52.90 -6.06 59.14
C ALA V 95 53.37 -7.35 58.47
N MET V 96 54.13 -7.22 57.39
CA MET V 96 54.58 -8.38 56.65
C MET V 96 55.48 -9.24 57.54
N LEU V 97 56.42 -8.61 58.24
CA LEU V 97 57.26 -9.37 59.17
C LEU V 97 56.39 -10.02 60.24
N ALA V 98 55.46 -9.26 60.81
CA ALA V 98 54.64 -9.75 61.90
C ALA V 98 53.77 -10.92 61.45
N GLY V 99 53.28 -10.86 60.20
CA GLY V 99 52.34 -11.84 59.72
C GLY V 99 50.94 -11.58 60.20
N ASP V 100 50.70 -10.37 60.73
CA ASP V 100 49.38 -10.05 61.27
C ASP V 100 48.95 -8.67 60.77
N PRO V 101 47.68 -8.50 60.37
CA PRO V 101 47.18 -7.17 59.97
C PRO V 101 46.83 -6.21 61.10
N SER V 102 46.86 -6.68 62.35
CA SER V 102 46.43 -5.87 63.50
C SER V 102 47.20 -4.54 63.58
N ILE V 103 48.50 -4.57 63.31
CA ILE V 103 49.31 -3.37 63.40
C ILE V 103 48.73 -2.30 62.46
N LEU V 104 48.30 -2.69 61.29
CA LEU V 104 47.78 -1.70 60.32
C LEU V 104 46.56 -1.02 60.93
N ASP V 105 45.67 -1.81 61.56
CA ASP V 105 44.51 -1.20 62.24
C ASP V 105 44.96 -0.32 63.40
N GLU V 106 45.90 -0.78 64.19
CA GLU V 106 46.35 -0.08 65.42
C GLU V 106 47.02 1.23 65.07
N ARG V 107 47.88 1.25 64.05
CA ARG V 107 48.59 2.46 63.65
C ARG V 107 48.30 2.55 62.16
N VAL V 108 47.96 3.71 61.67
CA VAL V 108 47.55 3.96 60.30
C VAL V 108 46.03 3.97 60.27
N LEU V 109 45.34 2.86 60.12
CA LEU V 109 43.96 2.85 59.70
C LEU V 109 43.03 3.47 60.75
N ASN V 110 43.33 3.32 62.03
CA ASN V 110 42.48 3.89 63.07
C ASN V 110 42.61 5.41 63.08
N GLY V 111 41.48 6.10 63.04
CA GLY V 111 41.48 7.57 63.13
C GLY V 111 42.18 8.23 61.92
N LEU V 112 42.13 7.57 60.74
CA LEU V 112 42.73 8.15 59.56
C LEU V 112 41.62 8.71 58.68
N LYS V 113 40.55 7.94 58.44
CA LYS V 113 39.49 8.40 57.58
C LYS V 113 39.00 9.77 58.05
N GLU V 114 38.78 9.89 59.37
CA GLU V 114 38.29 11.11 59.97
C GLU V 114 39.29 12.24 59.77
N THR V 115 40.58 11.96 60.00
CA THR V 115 41.62 12.95 59.80
C THR V 115 41.60 13.46 58.37
N TYR V 116 41.54 12.53 57.43
CA TYR V 116 41.58 12.89 56.02
C TYR V 116 40.38 13.74 55.65
N ASN V 117 39.20 13.37 56.17
CA ASN V 117 37.99 14.11 55.83
C ASN V 117 38.08 15.55 56.36
N SER V 118 38.58 15.74 57.58
CA SER V 118 38.76 17.08 58.09
C SER V 118 39.78 17.84 57.23
N LEU V 119 40.88 17.18 56.86
CA LEU V 119 41.91 17.83 56.10
C LEU V 119 41.42 18.16 54.69
N GLY V 120 40.52 17.32 54.16
CA GLY V 120 40.09 17.44 52.78
C GLY V 120 41.02 16.70 51.82
N VAL V 121 41.94 15.89 52.36
CA VAL V 121 42.74 15.01 51.54
C VAL V 121 41.81 14.01 50.84
N PRO V 122 41.99 13.73 49.53
CA PRO V 122 41.16 12.77 48.81
C PRO V 122 41.56 11.31 49.05
N ILE V 123 40.63 10.53 49.60
CA ILE V 123 40.92 9.16 50.00
C ILE V 123 41.22 8.30 48.77
N ALA V 124 40.43 8.45 47.71
CA ALA V 124 40.58 7.59 46.55
C ALA V 124 41.98 7.75 45.93
N ALA V 125 42.46 8.98 45.83
CA ALA V 125 43.81 9.23 45.32
C ALA V 125 44.86 8.56 46.20
N THR V 126 44.67 8.63 47.53
CA THR V 126 45.61 8.04 48.47
C THR V 126 45.63 6.53 48.24
N VAL V 127 44.43 5.95 48.09
CA VAL V 127 44.32 4.52 47.88
C VAL V 127 45.07 4.16 46.60
N GLY V 128 44.87 4.96 45.54
CA GLY V 128 45.57 4.79 44.28
C GLY V 128 47.09 4.73 44.46
N GLY V 129 47.62 5.65 45.26
CA GLY V 129 49.03 5.69 45.60
C GLY V 129 49.50 4.42 46.31
N ILE V 130 48.68 3.91 47.24
CA ILE V 130 49.03 2.72 47.97
C ILE V 130 49.12 1.55 47.00
N GLN V 131 48.15 1.45 46.10
CA GLN V 131 48.11 0.38 45.11
C GLN V 131 49.33 0.47 44.20
N ALA V 132 49.70 1.69 43.81
CA ALA V 132 50.89 1.89 43.01
C ALA V 132 52.14 1.40 43.75
N MET V 133 52.24 1.72 45.04
CA MET V 133 53.40 1.29 45.80
C MET V 133 53.45 -0.23 45.81
N LYS V 134 52.28 -0.87 45.93
CA LYS V 134 52.20 -2.32 46.00
C LYS V 134 52.82 -2.93 44.74
N GLU V 135 52.44 -2.39 43.58
CA GLU V 135 52.92 -2.86 42.30
C GLU V 135 54.45 -2.76 42.22
N VAL V 136 55.00 -1.61 42.60
CA VAL V 136 56.44 -1.40 42.59
C VAL V 136 57.09 -2.40 43.55
N VAL V 137 56.52 -2.55 44.74
CA VAL V 137 57.09 -3.40 45.77
C VAL V 137 57.12 -4.83 45.26
N GLY V 138 56.02 -5.25 44.61
CA GLY V 138 55.88 -6.60 44.12
C GLY V 138 57.05 -7.01 43.23
N GLY V 139 57.43 -6.11 42.30
CA GLY V 139 58.58 -6.33 41.44
C GLY V 139 59.85 -6.59 42.23
N LEU V 140 60.18 -5.70 43.17
CA LEU V 140 61.45 -5.75 43.87
C LEU V 140 61.54 -7.01 44.74
N VAL V 141 60.44 -7.34 45.44
CA VAL V 141 60.47 -8.41 46.43
C VAL V 141 60.59 -9.75 45.72
N GLY V 142 59.96 -9.85 44.53
CA GLY V 142 59.88 -11.10 43.82
C GLY V 142 58.58 -11.84 44.15
N PRO V 143 58.17 -12.85 43.35
CA PRO V 143 56.80 -13.40 43.40
C PRO V 143 56.31 -14.01 44.72
N ASP V 144 57.13 -14.87 45.34
CA ASP V 144 56.75 -15.52 46.59
C ASP V 144 56.48 -14.46 47.67
N ALA V 145 57.41 -13.49 47.77
CA ALA V 145 57.29 -12.42 48.74
C ALA V 145 56.13 -11.50 48.38
N ALA V 146 55.88 -11.30 47.07
CA ALA V 146 54.88 -10.36 46.61
C ALA V 146 53.50 -10.71 47.14
N LYS V 147 53.14 -12.00 47.14
CA LYS V 147 51.81 -12.40 47.57
C LYS V 147 51.60 -11.95 49.02
N GLU V 148 52.60 -12.22 49.87
CA GLU V 148 52.53 -11.85 51.27
C GLU V 148 52.46 -10.32 51.41
N ALA V 149 53.31 -9.62 50.67
CA ALA V 149 53.35 -8.17 50.72
C ALA V 149 52.00 -7.58 50.28
N SER V 150 51.40 -8.16 49.24
CA SER V 150 50.21 -7.58 48.63
C SER V 150 49.06 -7.52 49.64
N ILE V 151 48.90 -8.56 50.49
CA ILE V 151 47.72 -8.61 51.34
C ILE V 151 47.71 -7.42 52.30
N TYR V 152 48.87 -7.03 52.82
CA TYR V 152 48.93 -5.92 53.77
C TYR V 152 48.62 -4.60 53.06
N PHE V 153 49.16 -4.43 51.84
CA PHE V 153 48.86 -3.24 51.05
C PHE V 153 47.36 -3.15 50.79
N ASP V 154 46.75 -4.29 50.45
CA ASP V 154 45.33 -4.33 50.15
C ASP V 154 44.52 -4.01 51.41
N TYR V 155 45.01 -4.49 52.56
CA TYR V 155 44.35 -4.24 53.83
C TYR V 155 44.30 -2.75 54.13
N LEU V 156 45.43 -2.07 53.92
CA LEU V 156 45.49 -0.62 54.10
C LEU V 156 44.48 0.05 53.19
N SER V 157 44.46 -0.38 51.93
CA SER V 157 43.61 0.25 50.93
C SER V 157 42.14 0.11 51.32
N SER V 158 41.75 -1.09 51.75
CA SER V 158 40.38 -1.37 52.14
C SER V 158 39.98 -0.53 53.35
N GLY V 159 40.88 -0.40 54.31
CA GLY V 159 40.62 0.39 55.51
C GLY V 159 40.34 1.86 55.17
N LEU V 160 41.15 2.42 54.28
CA LEU V 160 41.05 3.83 53.95
C LEU V 160 39.73 4.05 53.21
N SER V 161 39.43 3.13 52.30
CA SER V 161 38.20 3.22 51.53
C SER V 161 37.07 2.52 52.29
N SER W 2 35.90 25.22 104.25
CA SER W 2 35.76 24.76 105.67
C SER W 2 37.02 23.99 106.08
N VAL W 3 37.18 23.77 107.38
CA VAL W 3 38.31 23.00 107.89
C VAL W 3 38.30 21.62 107.25
N LEU W 4 37.10 21.01 107.20
CA LEU W 4 37.04 19.63 106.78
C LEU W 4 37.43 19.56 105.31
N THR W 5 36.91 20.49 104.49
CA THR W 5 37.19 20.47 103.06
C THR W 5 38.70 20.55 102.85
N LYS W 6 39.35 21.46 103.60
CA LYS W 6 40.77 21.67 103.42
C LYS W 6 41.52 20.36 103.70
N ALA W 7 41.16 19.68 104.80
CA ALA W 7 41.85 18.47 105.19
C ALA W 7 41.69 17.37 104.14
N ILE W 8 40.45 17.21 103.65
CA ILE W 8 40.16 16.19 102.66
C ILE W 8 40.97 16.44 101.41
N VAL W 9 41.02 17.71 100.99
CA VAL W 9 41.70 18.05 99.75
C VAL W 9 43.19 17.71 99.86
N ASN W 10 43.82 17.99 101.01
CA ASN W 10 45.23 17.69 101.16
C ASN W 10 45.45 16.18 101.07
N ALA W 11 44.56 15.42 101.72
CA ALA W 11 44.67 13.97 101.71
C ALA W 11 44.54 13.42 100.30
N ASP W 12 43.57 13.95 99.54
CA ASP W 12 43.30 13.44 98.21
C ASP W 12 44.51 13.69 97.30
N ALA W 13 45.16 14.86 97.44
CA ALA W 13 46.34 15.17 96.67
C ALA W 13 47.44 14.15 96.96
N GLU W 14 47.60 13.82 98.24
CA GLU W 14 48.59 12.85 98.65
C GLU W 14 48.12 11.43 98.34
N ALA W 15 46.82 11.28 98.06
CA ALA W 15 46.24 9.97 97.78
C ALA W 15 46.34 9.04 98.98
N ARG W 16 46.15 9.61 100.18
CA ARG W 16 46.27 8.87 101.43
C ARG W 16 45.00 9.10 102.27
N TYR W 17 44.77 8.20 103.23
CA TYR W 17 43.73 8.41 104.24
C TYR W 17 44.14 9.55 105.16
N LEU W 18 43.16 10.15 105.84
CA LEU W 18 43.43 11.30 106.70
C LEU W 18 44.42 10.92 107.80
N SER W 19 45.41 11.81 107.99
CA SER W 19 46.44 11.65 108.99
C SER W 19 45.82 11.83 110.38
N PRO W 20 46.42 11.23 111.43
CA PRO W 20 45.89 11.38 112.79
C PRO W 20 45.80 12.84 113.22
N GLY W 21 46.87 13.59 112.92
CA GLY W 21 46.93 15.02 113.21
C GLY W 21 45.78 15.78 112.54
N GLU W 22 45.53 15.48 111.26
CA GLU W 22 44.45 16.06 110.52
C GLU W 22 43.12 15.72 111.17
N LEU W 23 42.98 14.45 111.59
CA LEU W 23 41.75 13.99 112.24
C LEU W 23 41.54 14.75 113.55
N ASP W 24 42.63 14.99 114.28
CA ASP W 24 42.55 15.68 115.56
C ASP W 24 42.02 17.10 115.37
N ARG W 25 42.50 17.77 114.32
CA ARG W 25 42.05 19.13 114.03
C ARG W 25 40.56 19.12 113.74
N ILE W 26 40.07 18.08 113.04
CA ILE W 26 38.66 17.97 112.74
C ILE W 26 37.88 17.85 114.04
N LYS W 27 38.39 17.03 114.97
CA LYS W 27 37.74 16.83 116.25
C LYS W 27 37.62 18.16 117.00
N SER W 28 38.71 18.93 117.00
CA SER W 28 38.74 20.19 117.70
C SER W 28 37.68 21.13 117.11
N PHE W 29 37.61 21.14 115.78
CA PHE W 29 36.71 22.03 115.05
C PHE W 29 35.26 21.72 115.41
N VAL W 30 34.90 20.43 115.49
CA VAL W 30 33.50 20.08 115.73
C VAL W 30 33.10 20.54 117.13
N ALA W 31 34.03 20.43 118.10
CA ALA W 31 33.78 20.91 119.44
C ALA W 31 33.59 22.44 119.45
N SER W 32 34.44 23.14 118.67
CA SER W 32 34.40 24.59 118.64
C SER W 32 33.11 25.09 117.99
N GLY W 33 32.54 24.31 117.07
CA GLY W 33 31.48 24.75 116.17
C GLY W 33 30.31 25.43 116.87
N GLU W 34 29.83 24.81 117.97
CA GLU W 34 28.67 25.35 118.67
C GLU W 34 28.92 26.76 119.16
N ARG W 35 30.09 26.99 119.77
CA ARG W 35 30.52 28.33 120.14
C ARG W 35 30.53 29.24 118.91
N ARG W 36 31.11 28.74 117.81
CA ARG W 36 31.23 29.52 116.59
C ARG W 36 29.85 29.94 116.10
N LEU W 37 28.87 29.04 116.18
CA LEU W 37 27.54 29.33 115.68
C LEU W 37 26.95 30.53 116.43
N ARG W 38 27.14 30.56 117.75
CA ARG W 38 26.64 31.64 118.58
C ARG W 38 27.30 32.96 118.17
N ILE W 39 28.62 32.96 117.95
CA ILE W 39 29.33 34.17 117.57
C ILE W 39 28.73 34.72 116.28
N ALA W 40 28.49 33.83 115.31
CA ALA W 40 27.93 34.22 114.04
C ALA W 40 26.53 34.79 114.22
N GLN W 41 25.75 34.15 115.10
CA GLN W 41 24.37 34.56 115.33
C GLN W 41 24.36 35.99 115.88
N THR W 42 25.27 36.28 116.81
CA THR W 42 25.34 37.59 117.45
C THR W 42 25.54 38.66 116.38
N LEU W 43 26.51 38.46 115.49
CA LEU W 43 26.85 39.44 114.47
C LEU W 43 25.67 39.62 113.50
N THR W 44 24.97 38.53 113.17
CA THR W 44 23.85 38.62 112.26
C THR W 44 22.78 39.54 112.83
N GLU W 45 22.49 39.41 114.13
CA GLU W 45 21.45 40.19 114.76
C GLU W 45 21.85 41.67 114.77
N ALA W 46 23.12 41.93 115.02
CA ALA W 46 23.63 43.28 115.12
C ALA W 46 24.08 43.81 113.75
N ARG W 47 23.76 43.07 112.69
CA ARG W 47 24.34 43.35 111.38
C ARG W 47 24.02 44.79 110.97
N GLU W 48 22.74 45.14 110.98
CA GLU W 48 22.25 46.43 110.51
C GLU W 48 23.00 47.59 111.19
N ARG W 49 23.14 47.51 112.52
CA ARG W 49 23.81 48.55 113.26
C ARG W 49 25.31 48.55 112.97
N ILE W 50 25.93 47.37 112.83
CA ILE W 50 27.36 47.30 112.59
C ILE W 50 27.67 48.04 111.31
N VAL W 51 26.89 47.76 110.26
CA VAL W 51 27.13 48.38 108.97
C VAL W 51 26.98 49.88 109.09
N LYS W 52 25.90 50.33 109.73
CA LYS W 52 25.61 51.76 109.85
C LYS W 52 26.75 52.46 110.57
N GLN W 53 27.14 51.94 111.73
CA GLN W 53 28.20 52.57 112.52
C GLN W 53 29.50 52.61 111.74
N ALA W 54 29.86 51.49 111.08
CA ALA W 54 31.10 51.40 110.35
C ALA W 54 31.12 52.41 109.20
N GLY W 55 29.99 52.52 108.51
CA GLY W 55 29.85 53.46 107.40
C GLY W 55 30.19 54.87 107.84
N ASP W 56 29.58 55.30 108.95
CA ASP W 56 29.77 56.64 109.48
C ASP W 56 31.24 56.87 109.79
N GLN W 57 31.85 55.89 110.46
CA GLN W 57 33.27 55.98 110.81
C GLN W 57 34.10 56.13 109.54
N LEU W 58 33.80 55.32 108.53
CA LEU W 58 34.54 55.34 107.28
C LEU W 58 34.43 56.71 106.64
N PHE W 59 33.23 57.26 106.59
CA PHE W 59 33.00 58.55 105.94
C PHE W 59 33.72 59.65 106.68
N GLN W 60 33.76 59.55 108.02
CA GLN W 60 34.56 60.50 108.80
C GLN W 60 36.03 60.29 108.50
N LYS W 61 36.47 59.03 108.42
CA LYS W 61 37.88 58.70 108.14
C LYS W 61 38.26 59.22 106.76
N ARG W 62 37.37 59.06 105.78
CA ARG W 62 37.64 59.45 104.40
C ARG W 62 36.54 60.40 103.92
N PRO W 63 36.67 61.73 104.10
CA PRO W 63 35.67 62.66 103.57
C PRO W 63 35.57 62.53 102.05
N ASP W 64 36.70 62.26 101.39
CA ASP W 64 36.81 62.32 99.95
C ASP W 64 35.85 61.35 99.27
N VAL W 65 35.71 60.14 99.80
CA VAL W 65 34.94 59.11 99.12
C VAL W 65 33.51 59.62 98.91
N VAL W 66 32.92 60.24 99.95
CA VAL W 66 31.61 60.86 99.82
C VAL W 66 31.82 62.35 99.55
N SER W 67 32.36 62.67 98.38
CA SER W 67 32.55 64.02 97.92
C SER W 67 32.29 64.00 96.41
N PRO W 68 32.00 65.15 95.76
CA PRO W 68 31.54 65.11 94.37
C PRO W 68 32.48 64.35 93.45
N GLY W 69 33.79 64.51 93.67
CA GLY W 69 34.77 63.70 92.95
C GLY W 69 34.67 62.22 93.29
N GLY W 70 34.45 61.90 94.57
CA GLY W 70 34.56 60.55 95.10
C GLY W 70 33.48 59.61 94.57
N ASN W 71 33.80 58.32 94.60
CA ASN W 71 32.96 57.28 94.02
C ASN W 71 31.68 57.12 94.83
N ALA W 72 31.82 57.24 96.15
CA ALA W 72 30.73 56.96 97.07
C ALA W 72 29.67 58.07 97.01
N TYR W 73 30.01 59.24 96.48
CA TYR W 73 29.16 60.41 96.56
C TYR W 73 27.81 60.21 95.83
N GLY W 74 26.75 60.74 96.45
CA GLY W 74 25.39 60.57 95.97
C GLY W 74 24.69 59.43 96.71
N GLU W 75 23.37 59.48 96.77
CA GLU W 75 22.56 58.54 97.53
C GLU W 75 22.74 57.12 96.97
N LYS W 76 22.59 57.00 95.62
CA LYS W 76 22.68 55.68 95.01
C LYS W 76 24.04 55.07 95.36
N MET W 77 25.10 55.85 95.15
CA MET W 77 26.45 55.39 95.36
C MET W 77 26.69 55.06 96.83
N THR W 78 26.18 55.89 97.74
CA THR W 78 26.41 55.65 99.16
C THR W 78 25.73 54.35 99.57
N ALA W 79 24.53 54.09 99.04
CA ALA W 79 23.84 52.85 99.32
C ALA W 79 24.68 51.65 98.87
N LEU W 80 25.24 51.74 97.65
CA LEU W 80 26.06 50.68 97.11
C LEU W 80 27.27 50.43 98.00
N CYS W 81 27.90 51.49 98.49
CA CYS W 81 29.04 51.35 99.37
C CYS W 81 28.64 50.62 100.65
N LEU W 82 27.46 50.94 101.18
CA LEU W 82 26.98 50.27 102.39
C LEU W 82 26.62 48.82 102.08
N ARG W 83 26.03 48.58 100.90
CA ARG W 83 25.70 47.23 100.48
C ARG W 83 26.97 46.38 100.45
N ASP W 84 28.06 46.95 99.94
CA ASP W 84 29.33 46.24 99.87
C ASP W 84 29.79 45.87 101.28
N LEU W 85 29.66 46.81 102.23
CA LEU W 85 30.07 46.53 103.59
C LEU W 85 29.22 45.39 104.15
N ASP W 86 27.92 45.41 103.85
CA ASP W 86 27.03 44.35 104.30
C ASP W 86 27.48 43.00 103.73
N TYR W 87 27.82 42.98 102.44
CA TYR W 87 28.29 41.76 101.79
C TYR W 87 29.48 41.18 102.53
N TYR W 88 30.45 42.03 102.85
CA TYR W 88 31.65 41.55 103.51
C TYR W 88 31.30 41.01 104.89
N LEU W 89 30.34 41.62 105.58
CA LEU W 89 29.96 41.14 106.90
C LEU W 89 29.36 39.74 106.78
N ARG W 90 28.49 39.55 105.79
CA ARG W 90 27.87 38.26 105.56
C ARG W 90 28.95 37.20 105.32
N LEU W 91 29.95 37.56 104.52
CA LEU W 91 31.04 36.65 104.23
C LEU W 91 31.78 36.30 105.53
N VAL W 92 32.02 37.28 106.39
CA VAL W 92 32.73 37.01 107.63
C VAL W 92 31.95 36.01 108.48
N THR W 93 30.63 36.16 108.56
CA THR W 93 29.84 35.23 109.36
C THR W 93 30.01 33.83 108.81
N TYR W 94 29.94 33.69 107.48
CA TYR W 94 30.10 32.40 106.83
C TYR W 94 31.45 31.79 107.22
N GLY W 95 32.49 32.62 107.24
CA GLY W 95 33.83 32.17 107.60
C GLY W 95 33.89 31.61 109.01
N ILE W 96 33.24 32.29 109.96
CA ILE W 96 33.32 31.88 111.35
C ILE W 96 32.72 30.47 111.50
N VAL W 97 31.56 30.24 110.87
CA VAL W 97 30.93 28.93 110.99
C VAL W 97 31.79 27.87 110.30
N ALA W 98 32.39 28.23 109.16
CA ALA W 98 33.21 27.29 108.41
C ALA W 98 34.50 26.99 109.13
N GLY W 99 35.03 27.95 109.90
CA GLY W 99 36.28 27.75 110.60
C GLY W 99 37.49 27.96 109.67
N ASP W 100 37.22 28.47 108.46
CA ASP W 100 38.27 28.67 107.47
C ASP W 100 37.92 29.89 106.63
N VAL W 101 38.90 30.50 105.98
CA VAL W 101 38.65 31.69 105.19
C VAL W 101 38.23 31.31 103.76
N THR W 102 38.35 30.04 103.42
CA THR W 102 38.09 29.58 102.07
C THR W 102 36.73 30.08 101.57
N PRO W 103 35.61 29.88 102.30
CA PRO W 103 34.31 30.36 101.82
C PRO W 103 34.35 31.85 101.53
N ILE W 104 34.95 32.62 102.45
CA ILE W 104 35.10 34.05 102.29
C ILE W 104 35.90 34.32 101.03
N GLU W 105 37.00 33.58 100.86
CA GLU W 105 37.99 33.86 99.84
C GLU W 105 37.40 33.71 98.44
N GLU W 106 36.67 32.62 98.18
CA GLU W 106 36.12 32.39 96.87
C GLU W 106 35.13 33.50 96.48
N ILE W 107 34.25 33.89 97.40
CA ILE W 107 33.19 34.82 97.05
C ILE W 107 33.73 36.25 96.94
N GLY W 108 34.71 36.63 97.77
CA GLY W 108 35.02 38.03 97.96
C GLY W 108 36.46 38.44 97.65
N ILE W 109 37.47 37.55 97.78
CA ILE W 109 38.83 38.06 97.77
C ILE W 109 39.53 37.78 96.44
N ILE W 110 38.98 36.94 95.57
CA ILE W 110 39.69 36.64 94.34
C ILE W 110 39.07 37.46 93.21
N GLY W 111 39.93 38.28 92.57
CA GLY W 111 39.48 39.18 91.53
C GLY W 111 38.93 40.48 92.11
N VAL W 112 39.03 40.67 93.44
CA VAL W 112 38.46 41.84 94.08
C VAL W 112 39.16 43.09 93.55
N LYS W 113 40.49 43.03 93.43
CA LYS W 113 41.27 44.16 92.97
C LYS W 113 40.77 44.58 91.59
N GLU W 114 40.63 43.60 90.70
CA GLU W 114 40.24 43.86 89.32
C GLU W 114 38.84 44.49 89.26
N MET W 115 37.91 43.94 90.05
CA MET W 115 36.55 44.44 90.05
C MET W 115 36.53 45.89 90.50
N TYR W 116 37.20 46.18 91.62
CA TYR W 116 37.18 47.53 92.17
C TYR W 116 37.92 48.49 91.24
N ASN W 117 38.99 48.03 90.59
CA ASN W 117 39.71 48.92 89.68
C ASN W 117 38.82 49.32 88.51
N SER W 118 38.03 48.39 87.97
CA SER W 118 37.09 48.77 86.92
C SER W 118 36.09 49.78 87.49
N LEU W 119 35.58 49.52 88.69
CA LEU W 119 34.61 50.42 89.30
C LEU W 119 35.28 51.76 89.62
N GLN W 120 36.59 51.72 89.91
CA GLN W 120 37.39 52.89 90.27
C GLN W 120 37.25 53.20 91.76
N THR W 121 36.53 52.34 92.49
CA THR W 121 36.48 52.43 93.94
C THR W 121 37.89 52.29 94.50
N PRO W 122 38.32 53.14 95.47
CA PRO W 122 39.62 52.95 96.12
C PRO W 122 39.63 51.75 97.07
N ILE W 123 40.61 50.87 96.88
CA ILE W 123 40.69 49.62 97.63
C ILE W 123 41.00 49.98 99.10
N PRO W 124 41.94 50.90 99.40
CA PRO W 124 42.26 51.20 100.80
C PRO W 124 41.08 51.67 101.65
N ALA W 125 40.18 52.45 101.03
CA ALA W 125 38.99 52.92 101.70
C ALA W 125 38.10 51.73 102.07
N VAL W 126 37.98 50.75 101.16
CA VAL W 126 37.19 49.56 101.40
C VAL W 126 37.77 48.84 102.62
N ALA W 127 39.10 48.75 102.67
CA ALA W 127 39.78 48.09 103.77
C ALA W 127 39.47 48.80 105.09
N GLU W 128 39.46 50.12 105.06
CA GLU W 128 39.18 50.92 106.25
C GLU W 128 37.77 50.61 106.76
N GLY W 129 36.82 50.50 105.82
CA GLY W 129 35.44 50.16 106.16
C GLY W 129 35.36 48.82 106.89
N VAL W 130 36.14 47.84 106.42
CA VAL W 130 36.16 46.53 107.03
C VAL W 130 36.76 46.64 108.43
N ARG W 131 37.82 47.43 108.55
CA ARG W 131 38.45 47.65 109.86
C ARG W 131 37.42 48.26 110.81
N ALA W 132 36.68 49.26 110.31
CA ALA W 132 35.65 49.92 111.10
C ALA W 132 34.61 48.91 111.56
N MET W 133 34.18 48.04 110.66
CA MET W 133 33.17 47.03 111.00
C MET W 133 33.72 46.13 112.09
N LYS W 134 35.01 45.80 112.02
CA LYS W 134 35.63 44.93 113.00
C LYS W 134 35.50 45.54 114.39
N ASN W 135 35.78 46.85 114.51
CA ASN W 135 35.78 47.52 115.79
C ASN W 135 34.38 47.48 116.41
N VAL W 136 33.37 47.77 115.59
CA VAL W 136 31.99 47.73 116.05
C VAL W 136 31.66 46.31 116.50
N ALA W 137 32.01 45.32 115.67
CA ALA W 137 31.69 43.93 115.96
C ALA W 137 32.37 43.47 117.24
N THR W 138 33.62 43.89 117.43
CA THR W 138 34.40 43.50 118.60
C THR W 138 33.68 43.95 119.87
N SER W 139 33.16 45.17 119.87
CA SER W 139 32.52 45.74 121.05
C SER W 139 31.33 44.88 121.50
N LEU W 140 30.52 44.42 120.54
CA LEU W 140 29.33 43.63 120.85
C LEU W 140 29.74 42.23 121.31
N LEU W 141 30.83 41.70 120.75
CA LEU W 141 31.26 40.36 121.08
C LEU W 141 31.99 40.37 122.42
N SER W 142 31.93 39.24 123.13
CA SER W 142 32.78 38.99 124.27
C SER W 142 34.23 38.85 123.81
N GLY W 143 35.19 39.07 124.72
CA GLY W 143 36.60 39.19 124.38
C GLY W 143 37.15 37.99 123.58
N ASP W 144 36.92 36.78 124.09
CA ASP W 144 37.37 35.56 123.42
C ASP W 144 36.66 35.42 122.07
N ASP W 145 35.35 35.70 122.05
CA ASP W 145 34.55 35.65 120.84
C ASP W 145 35.12 36.67 119.85
N ALA W 146 35.46 37.86 120.35
CA ALA W 146 35.97 38.95 119.53
C ALA W 146 37.27 38.53 118.85
N ALA W 147 38.15 37.84 119.59
CA ALA W 147 39.43 37.42 119.05
C ALA W 147 39.21 36.50 117.84
N GLU W 148 38.29 35.54 117.99
CA GLU W 148 37.96 34.62 116.91
C GLU W 148 37.46 35.43 115.70
N ALA W 149 36.51 36.34 115.94
CA ALA W 149 35.95 37.15 114.88
C ALA W 149 37.03 38.03 114.25
N GLY W 150 37.94 38.54 115.08
CA GLY W 150 38.99 39.44 114.63
C GLY W 150 39.83 38.80 113.53
N PHE W 151 40.16 37.52 113.70
CA PHE W 151 41.03 36.83 112.76
C PHE W 151 40.43 36.92 111.36
N TYR W 152 39.12 36.64 111.25
CA TYR W 152 38.46 36.66 109.96
C TYR W 152 38.44 38.09 109.41
N PHE W 153 38.17 39.06 110.28
CA PHE W 153 38.14 40.45 109.87
C PHE W 153 39.52 40.87 109.37
N ASP W 154 40.58 40.45 110.09
CA ASP W 154 41.94 40.80 109.73
C ASP W 154 42.28 40.24 108.36
N TYR W 155 41.86 38.99 108.10
CA TYR W 155 42.14 38.35 106.82
C TYR W 155 41.59 39.20 105.69
N LEU W 156 40.34 39.67 105.85
CA LEU W 156 39.70 40.47 104.82
C LEU W 156 40.53 41.72 104.57
N VAL W 157 40.94 42.37 105.65
CA VAL W 157 41.71 43.61 105.54
C VAL W 157 43.03 43.31 104.82
N GLY W 158 43.66 42.19 105.17
CA GLY W 158 44.89 41.77 104.51
C GLY W 158 44.68 41.51 103.02
N ALA W 159 43.59 40.83 102.69
CA ALA W 159 43.29 40.46 101.33
C ALA W 159 43.13 41.68 100.43
N MET W 160 42.39 42.69 100.94
CA MET W 160 42.14 43.94 100.24
C MET W 160 43.23 44.94 100.64
N GLN W 161 44.38 44.73 100.03
CA GLN W 161 45.52 45.60 100.23
C GLN W 161 46.44 45.55 98.99
N MET X 1 35.29 20.03 95.89
CA MET X 1 34.25 19.32 96.62
C MET X 1 33.44 20.28 97.50
N GLN X 2 32.45 19.71 98.16
CA GLN X 2 31.77 20.44 99.20
C GLN X 2 31.52 19.56 100.40
N ASP X 3 31.33 20.19 101.56
CA ASP X 3 31.03 19.55 102.81
C ASP X 3 29.67 20.05 103.30
N ALA X 4 29.17 19.45 104.38
CA ALA X 4 27.85 19.80 104.88
C ALA X 4 27.81 21.28 105.28
N ILE X 5 28.82 21.73 106.01
CA ILE X 5 28.87 23.11 106.46
C ILE X 5 28.83 24.05 105.24
N THR X 6 29.69 23.77 104.24
CA THR X 6 29.74 24.63 103.06
C THR X 6 28.45 24.53 102.26
N ALA X 7 27.82 23.36 102.23
CA ALA X 7 26.58 23.18 101.49
C ALA X 7 25.49 24.13 102.02
N VAL X 8 25.39 24.22 103.35
CA VAL X 8 24.44 25.12 103.97
C VAL X 8 24.78 26.56 103.58
N ILE X 9 26.06 26.90 103.72
CA ILE X 9 26.52 28.24 103.38
C ILE X 9 26.16 28.57 101.95
N ASN X 10 26.40 27.63 101.02
CA ASN X 10 26.21 27.92 99.61
C ASN X 10 24.73 28.18 99.33
N ASN X 11 23.86 27.38 99.96
CA ASN X 11 22.43 27.54 99.74
C ASN X 11 22.00 28.94 100.18
N TYR X 12 22.53 29.39 101.32
CA TYR X 12 22.21 30.71 101.85
C TYR X 12 22.78 31.79 100.95
N ASP X 13 24.00 31.59 100.44
CA ASP X 13 24.66 32.59 99.63
C ASP X 13 23.87 32.85 98.33
N VAL X 14 23.33 31.81 97.69
CA VAL X 14 22.58 32.03 96.46
C VAL X 14 21.32 32.83 96.79
N GLN X 15 20.72 32.56 97.96
CA GLN X 15 19.57 33.33 98.39
C GLN X 15 20.02 34.74 98.79
N GLY X 16 21.27 34.86 99.25
CA GLY X 16 21.80 36.14 99.72
C GLY X 16 21.43 36.36 101.19
N LYS X 17 20.78 35.36 101.79
CA LYS X 17 20.30 35.44 103.16
C LYS X 17 21.46 35.28 104.12
N TYR X 18 21.44 36.04 105.23
CA TYR X 18 22.32 35.78 106.36
C TYR X 18 21.92 34.47 107.00
N LEU X 19 22.88 33.83 107.69
CA LEU X 19 22.62 32.55 108.33
C LEU X 19 21.55 32.72 109.39
N ASP X 20 20.59 31.78 109.42
CA ASP X 20 19.46 31.85 110.32
C ASP X 20 19.45 30.61 111.22
N GLY X 21 18.61 30.63 112.25
CA GLY X 21 18.57 29.58 113.26
C GLY X 21 18.33 28.19 112.66
N ALA X 22 17.38 28.11 111.72
CA ALA X 22 17.09 26.85 111.04
C ALA X 22 18.36 26.30 110.38
N ALA X 23 19.08 27.18 109.67
CA ALA X 23 20.35 26.82 109.07
C ALA X 23 21.33 26.39 110.17
N LEU X 24 21.35 27.15 111.28
CA LEU X 24 22.27 26.89 112.37
C LEU X 24 22.01 25.48 112.94
N ASP X 25 20.74 25.10 113.02
CA ASP X 25 20.35 23.80 113.56
C ASP X 25 20.94 22.65 112.71
N LYS X 26 20.90 22.81 111.39
CA LYS X 26 21.49 21.81 110.50
C LYS X 26 22.99 21.71 110.77
N LEU X 27 23.63 22.87 110.94
CA LEU X 27 25.06 22.89 111.21
C LEU X 27 25.33 22.21 112.54
N LYS X 28 24.46 22.47 113.53
CA LYS X 28 24.63 21.94 114.87
C LYS X 28 24.53 20.42 114.81
N ALA X 29 23.55 19.93 114.02
CA ALA X 29 23.36 18.51 113.85
C ALA X 29 24.66 17.86 113.36
N TYR X 30 25.28 18.48 112.35
CA TYR X 30 26.52 17.96 111.80
C TYR X 30 27.59 17.87 112.88
N PHE X 31 27.68 18.92 113.72
CA PHE X 31 28.77 19.03 114.68
C PHE X 31 28.73 17.86 115.67
N THR X 32 27.52 17.47 116.10
CA THR X 32 27.36 16.34 117.01
C THR X 32 27.82 15.03 116.34
N THR X 33 27.45 14.84 115.07
CA THR X 33 27.77 13.61 114.35
C THR X 33 29.28 13.52 114.13
N GLY X 34 29.94 14.69 114.01
CA GLY X 34 31.34 14.78 113.65
C GLY X 34 32.27 13.84 114.43
N ALA X 35 32.14 13.85 115.76
CA ALA X 35 33.05 13.07 116.60
C ALA X 35 33.01 11.59 116.24
N VAL X 36 31.79 11.06 116.05
CA VAL X 36 31.57 9.67 115.68
C VAL X 36 32.29 9.38 114.35
N ARG X 37 32.12 10.30 113.39
CA ARG X 37 32.66 10.12 112.06
C ARG X 37 34.18 10.01 112.12
N VAL X 38 34.82 10.85 112.92
CA VAL X 38 36.27 10.85 113.00
C VAL X 38 36.73 9.47 113.50
N ARG X 39 36.05 8.93 114.52
CA ARG X 39 36.43 7.65 115.07
C ARG X 39 36.29 6.58 113.97
N ALA X 40 35.18 6.62 113.22
CA ALA X 40 34.93 5.64 112.18
C ALA X 40 36.02 5.67 111.12
N ALA X 41 36.42 6.89 110.72
CA ALA X 41 37.41 7.06 109.67
C ALA X 41 38.73 6.40 110.07
N ALA X 42 39.14 6.57 111.34
CA ALA X 42 40.39 6.00 111.81
C ALA X 42 40.34 4.47 111.78
N VAL X 43 39.18 3.91 112.15
CA VAL X 43 38.99 2.48 112.12
C VAL X 43 39.15 1.99 110.68
N ILE X 44 38.51 2.67 109.73
CA ILE X 44 38.54 2.20 108.36
C ILE X 44 39.97 2.23 107.82
N SER X 45 40.69 3.33 108.08
CA SER X 45 42.03 3.49 107.55
C SER X 45 42.94 2.34 108.01
N SER X 46 42.85 1.99 109.30
CA SER X 46 43.70 0.95 109.86
C SER X 46 43.37 -0.42 109.27
N ASN X 47 42.08 -0.68 109.00
CA ASN X 47 41.64 -2.00 108.57
C ASN X 47 41.39 -2.05 107.06
N ALA X 48 41.89 -1.06 106.33
CA ALA X 48 41.52 -0.93 104.92
C ALA X 48 41.93 -2.17 104.12
N THR X 49 43.18 -2.61 104.28
CA THR X 49 43.67 -3.75 103.53
C THR X 49 42.78 -4.97 103.78
N THR X 50 42.44 -5.22 105.05
CA THR X 50 41.63 -6.38 105.42
C THR X 50 40.22 -6.22 104.84
N ILE X 51 39.67 -5.00 104.90
CA ILE X 51 38.32 -4.78 104.43
C ILE X 51 38.24 -5.22 102.98
N ILE X 52 39.25 -4.81 102.19
CA ILE X 52 39.26 -5.12 100.77
C ILE X 52 39.37 -6.63 100.60
N LYS X 53 40.27 -7.26 101.37
CA LYS X 53 40.49 -8.69 101.30
C LYS X 53 39.18 -9.44 101.54
N GLU X 54 38.48 -9.08 102.62
CA GLU X 54 37.27 -9.78 103.01
C GLU X 54 36.21 -9.60 101.93
N ALA X 55 36.07 -8.38 101.41
CA ALA X 55 35.05 -8.09 100.42
C ALA X 55 35.34 -8.88 99.14
N ALA X 56 36.60 -8.95 98.74
CA ALA X 56 36.97 -9.69 97.56
C ALA X 56 36.62 -11.17 97.72
N ALA X 57 36.93 -11.69 98.91
CA ALA X 57 36.65 -13.08 99.26
C ALA X 57 35.15 -13.35 99.16
N LYS X 58 34.34 -12.41 99.63
CA LYS X 58 32.89 -12.55 99.60
C LYS X 58 32.36 -12.57 98.18
N ALA X 59 32.88 -11.74 97.26
CA ALA X 59 32.27 -11.59 95.95
C ALA X 59 33.21 -11.94 94.78
N LEU X 60 34.38 -11.32 94.75
CA LEU X 60 35.19 -11.31 93.55
C LEU X 60 35.90 -12.65 93.32
N ILE X 61 36.57 -13.20 94.34
CA ILE X 61 37.44 -14.34 94.09
C ILE X 61 36.61 -15.62 94.10
N TYR X 62 37.25 -16.75 93.77
CA TYR X 62 36.59 -18.05 93.68
C TYR X 62 35.39 -17.98 92.72
N SER X 63 35.54 -17.20 91.66
CA SER X 63 34.42 -16.89 90.79
C SER X 63 34.87 -17.04 89.34
N ASP X 64 33.92 -16.96 88.42
CA ASP X 64 34.25 -16.96 87.01
C ASP X 64 35.18 -15.80 86.65
N LEU X 65 35.01 -14.63 87.29
CA LEU X 65 35.82 -13.47 86.99
C LEU X 65 37.31 -13.82 87.12
N THR X 66 37.66 -14.48 88.22
CA THR X 66 39.05 -14.81 88.43
C THR X 66 39.49 -15.95 87.51
N ARG X 67 38.54 -16.79 87.07
CA ARG X 67 38.90 -17.92 86.21
C ARG X 67 39.23 -17.40 84.82
N PRO X 68 40.03 -18.14 84.00
CA PRO X 68 40.44 -17.66 82.68
C PRO X 68 39.24 -17.31 81.79
N GLY X 69 39.35 -16.18 81.11
CA GLY X 69 38.25 -15.65 80.32
C GLY X 69 37.35 -14.70 81.13
N GLY X 70 37.66 -14.53 82.41
CA GLY X 70 36.91 -13.63 83.27
C GLY X 70 37.59 -12.27 83.33
N MET X 72 38.56 -10.38 85.69
CA MET X 72 39.61 -10.17 86.66
C MET X 72 40.71 -11.22 86.53
N TYR X 73 40.65 -12.01 85.47
CA TYR X 73 41.72 -12.95 85.15
C TYR X 73 42.98 -12.21 84.69
N THR X 74 44.15 -12.80 84.98
CA THR X 74 45.50 -12.25 84.76
C THR X 74 45.85 -11.36 85.95
N THR X 75 47.14 -11.29 86.29
CA THR X 75 47.55 -10.54 87.47
C THR X 75 47.22 -9.06 87.29
N ARG X 76 47.46 -8.54 86.09
CA ARG X 76 47.28 -7.14 85.81
C ARG X 76 45.85 -6.71 86.11
N ARG X 77 44.88 -7.47 85.58
CA ARG X 77 43.48 -7.17 85.80
C ARG X 77 43.11 -7.34 87.29
N TYR X 78 43.62 -8.38 87.94
CA TYR X 78 43.32 -8.59 89.34
C TYR X 78 43.76 -7.37 90.13
N ALA X 79 44.99 -6.92 89.87
CA ALA X 79 45.55 -5.79 90.59
C ALA X 79 44.71 -4.53 90.36
N ALA X 80 44.27 -4.33 89.12
CA ALA X 80 43.43 -3.19 88.80
C ALA X 80 42.14 -3.21 89.62
N CYS X 81 41.50 -4.37 89.70
CA CYS X 81 40.23 -4.46 90.39
C CYS X 81 40.41 -4.13 91.87
N ILE X 82 41.48 -4.61 92.50
CA ILE X 82 41.64 -4.33 93.92
C ILE X 82 42.03 -2.86 94.10
N ARG X 83 42.71 -2.27 93.14
CA ARG X 83 43.02 -0.84 93.19
C ARG X 83 41.71 -0.04 93.15
N ASP X 84 40.78 -0.43 92.29
CA ASP X 84 39.52 0.27 92.21
C ASP X 84 38.78 0.16 93.54
N MET X 85 38.85 -1.01 94.16
CA MET X 85 38.15 -1.24 95.42
C MET X 85 38.68 -0.29 96.48
N ASP X 86 40.01 -0.14 96.52
CA ASP X 86 40.64 0.77 97.45
C ASP X 86 40.16 2.21 97.22
N TYR X 87 40.06 2.62 95.96
CA TYR X 87 39.59 3.95 95.64
C TYR X 87 38.22 4.17 96.27
N PHE X 88 37.30 3.23 96.03
CA PHE X 88 35.95 3.40 96.51
C PHE X 88 35.98 3.56 98.03
N LEU X 89 36.79 2.74 98.70
CA LEU X 89 36.85 2.80 100.15
C LEU X 89 37.37 4.17 100.62
N ARG X 90 38.46 4.64 100.02
CA ARG X 90 39.07 5.89 100.45
C ARG X 90 38.09 7.05 100.26
N TYR X 91 37.40 7.07 99.13
CA TYR X 91 36.50 8.17 98.83
C TYR X 91 35.29 8.12 99.74
N ALA X 92 34.79 6.93 100.01
CA ALA X 92 33.66 6.80 100.93
C ALA X 92 34.04 7.34 102.31
N THR X 93 35.26 7.03 102.75
CA THR X 93 35.74 7.54 104.03
C THR X 93 35.76 9.06 104.00
N TYR X 94 36.26 9.65 102.89
CA TYR X 94 36.31 11.09 102.75
C TYR X 94 34.89 11.66 102.85
N ALA X 95 33.95 11.02 102.15
CA ALA X 95 32.58 11.49 102.11
C ALA X 95 31.96 11.45 103.51
N MET X 96 32.27 10.39 104.26
CA MET X 96 31.71 10.23 105.58
C MET X 96 32.18 11.36 106.49
N LEU X 97 33.47 11.68 106.46
CA LEU X 97 33.97 12.81 107.23
C LEU X 97 33.27 14.09 106.79
N ALA X 98 33.19 14.29 105.47
CA ALA X 98 32.64 15.53 104.94
C ALA X 98 31.17 15.67 105.31
N GLY X 99 30.43 14.55 105.32
CA GLY X 99 29.01 14.60 105.54
C GLY X 99 28.26 14.96 104.26
N ASP X 100 28.95 14.91 103.11
CA ASP X 100 28.34 15.28 101.84
C ASP X 100 28.71 14.26 100.78
N PRO X 101 27.75 13.85 99.91
CA PRO X 101 28.05 12.95 98.80
C PRO X 101 28.74 13.55 97.59
N SER X 102 28.91 14.88 97.56
CA SER X 102 29.37 15.57 96.36
C SER X 102 30.74 15.09 95.89
N ILE X 103 31.67 14.87 96.82
CA ILE X 103 33.01 14.48 96.42
C ILE X 103 32.94 13.19 95.60
N LEU X 104 32.04 12.27 95.97
CA LEU X 104 31.92 11.04 95.23
C LEU X 104 31.53 11.35 93.79
N ASP X 105 30.56 12.26 93.60
CA ASP X 105 30.13 12.64 92.27
C ASP X 105 31.26 13.28 91.47
N GLU X 106 32.02 14.19 92.11
CA GLU X 106 33.02 14.98 91.42
C GLU X 106 34.21 14.10 90.99
N ARG X 107 34.64 13.16 91.83
CA ARG X 107 35.82 12.37 91.52
C ARG X 107 35.47 10.97 91.03
N VAL X 108 34.75 10.21 91.83
CA VAL X 108 34.60 8.79 91.53
C VAL X 108 33.53 8.61 90.45
N LEU X 109 32.35 9.20 90.68
CA LEU X 109 31.19 8.80 89.92
C LEU X 109 31.23 9.32 88.50
N ASN X 110 31.92 10.44 88.25
CA ASN X 110 31.83 11.11 86.96
C ASN X 110 32.63 10.37 85.88
N GLY X 111 31.93 9.92 84.83
CA GLY X 111 32.55 9.16 83.77
C GLY X 111 32.87 7.71 84.08
N LEU X 112 32.56 7.20 85.26
CA LEU X 112 32.98 5.84 85.61
C LEU X 112 32.20 4.83 84.78
N LYS X 113 30.88 5.06 84.65
CA LYS X 113 30.04 4.10 83.95
C LYS X 113 30.55 3.93 82.52
N GLU X 114 30.82 5.06 81.87
CA GLU X 114 31.27 5.08 80.49
C GLU X 114 32.62 4.37 80.37
N THR X 115 33.55 4.68 81.29
CA THR X 115 34.86 4.04 81.29
C THR X 115 34.70 2.53 81.38
N TYR X 116 33.87 2.09 82.34
CA TYR X 116 33.70 0.67 82.58
C TYR X 116 33.10 0.00 81.35
N ASN X 117 32.13 0.66 80.70
CA ASN X 117 31.49 0.07 79.54
C ASN X 117 32.49 -0.12 78.40
N SER X 118 33.34 0.88 78.16
CA SER X 118 34.37 0.74 77.14
C SER X 118 35.34 -0.39 77.52
N LEU X 119 35.73 -0.45 78.80
CA LEU X 119 36.68 -1.45 79.23
C LEU X 119 36.04 -2.85 79.16
N GLY X 120 34.73 -2.93 79.37
CA GLY X 120 34.05 -4.20 79.49
C GLY X 120 34.10 -4.77 80.91
N VAL X 121 34.52 -3.94 81.88
CA VAL X 121 34.38 -4.26 83.28
C VAL X 121 32.91 -4.44 83.62
N PRO X 122 32.49 -5.50 84.35
CA PRO X 122 31.08 -5.69 84.71
C PRO X 122 30.63 -4.84 85.90
N ILE X 123 29.64 -3.96 85.65
CA ILE X 123 29.22 -2.99 86.65
C ILE X 123 28.58 -3.70 87.83
N ALA X 124 27.71 -4.68 87.56
CA ALA X 124 26.97 -5.34 88.61
C ALA X 124 27.91 -6.02 89.61
N ALA X 125 28.96 -6.68 89.11
CA ALA X 125 29.94 -7.30 89.97
C ALA X 125 30.65 -6.25 90.84
N THR X 126 30.97 -5.10 90.24
CA THR X 126 31.65 -4.03 90.96
C THR X 126 30.73 -3.55 92.08
N VAL X 127 29.45 -3.38 91.75
CA VAL X 127 28.47 -2.92 92.72
C VAL X 127 28.41 -3.93 93.87
N GLY X 128 28.37 -5.22 93.53
CA GLY X 128 28.40 -6.30 94.50
C GLY X 128 29.58 -6.18 95.47
N GLY X 129 30.77 -5.90 94.93
CA GLY X 129 31.97 -5.68 95.72
C GLY X 129 31.83 -4.49 96.67
N ILE X 130 31.21 -3.40 96.19
CA ILE X 130 31.02 -2.21 97.01
C ILE X 130 30.12 -2.56 98.19
N GLN X 131 29.03 -3.29 97.90
CA GLN X 131 28.07 -3.70 98.92
C GLN X 131 28.76 -4.60 99.94
N ALA X 132 29.61 -5.50 99.47
CA ALA X 132 30.37 -6.36 100.36
C ALA X 132 31.26 -5.53 101.28
N MET X 133 31.95 -4.52 100.72
CA MET X 133 32.82 -3.69 101.53
C MET X 133 31.99 -3.02 102.62
N LYS X 134 30.79 -2.57 102.25
CA LYS X 134 29.92 -1.87 103.17
C LYS X 134 29.64 -2.74 104.40
N GLU X 135 29.29 -3.99 104.13
CA GLU X 135 28.97 -4.95 105.19
C GLU X 135 30.15 -5.14 106.13
N VAL X 136 31.34 -5.35 105.58
CA VAL X 136 32.55 -5.51 106.38
C VAL X 136 32.78 -4.23 107.20
N VAL X 137 32.65 -3.07 106.54
CA VAL X 137 32.94 -1.80 107.18
C VAL X 137 31.98 -1.62 108.36
N GLY X 138 30.70 -1.97 108.13
CA GLY X 138 29.66 -1.80 109.12
C GLY X 138 30.04 -2.46 110.45
N GLY X 139 30.53 -3.70 110.38
CA GLY X 139 30.99 -4.43 111.54
C GLY X 139 32.06 -3.65 112.31
N LEU X 140 33.13 -3.24 111.61
CA LEU X 140 34.28 -2.64 112.26
C LEU X 140 33.91 -1.31 112.91
N VAL X 141 33.12 -0.49 112.19
CA VAL X 141 32.87 0.88 112.64
C VAL X 141 31.95 0.84 113.86
N GLY X 142 31.05 -0.14 113.89
CA GLY X 142 30.03 -0.21 114.94
C GLY X 142 28.74 0.46 114.48
N PRO X 143 27.59 0.22 115.16
CA PRO X 143 26.26 0.57 114.63
C PRO X 143 25.96 2.03 114.31
N ASP X 144 26.29 2.94 115.24
CA ASP X 144 26.03 4.36 115.04
C ASP X 144 26.78 4.86 113.81
N ALA X 145 28.05 4.48 113.69
CA ALA X 145 28.90 4.87 112.58
C ALA X 145 28.42 4.17 111.30
N ALA X 146 27.94 2.93 111.42
CA ALA X 146 27.58 2.13 110.27
C ALA X 146 26.49 2.81 109.43
N LYS X 147 25.49 3.39 110.09
CA LYS X 147 24.40 4.01 109.37
C LYS X 147 24.93 5.11 108.45
N GLU X 148 25.81 5.96 109.01
CA GLU X 148 26.43 7.05 108.29
C GLU X 148 27.29 6.49 107.14
N ALA X 149 28.10 5.48 107.44
CA ALA X 149 28.97 4.89 106.44
C ALA X 149 28.15 4.28 105.30
N SER X 150 27.03 3.64 105.63
CA SER X 150 26.25 2.91 104.65
C SER X 150 25.75 3.84 103.54
N ILE X 151 25.32 5.05 103.88
CA ILE X 151 24.68 5.90 102.89
C ILE X 151 25.66 6.21 101.75
N TYR X 152 26.93 6.45 102.08
CA TYR X 152 27.92 6.80 101.07
C TYR X 152 28.21 5.59 100.18
N PHE X 153 28.32 4.41 100.79
CA PHE X 153 28.50 3.18 100.02
C PHE X 153 27.34 2.98 99.06
N ASP X 154 26.12 3.22 99.55
CA ASP X 154 24.93 3.05 98.73
C ASP X 154 24.92 4.06 97.59
N TYR X 155 25.39 5.28 97.88
CA TYR X 155 25.46 6.34 96.89
C TYR X 155 26.38 5.91 95.74
N LEU X 156 27.54 5.37 96.07
CA LEU X 156 28.47 4.88 95.06
C LEU X 156 27.79 3.81 94.22
N SER X 157 27.10 2.88 94.89
CA SER X 157 26.50 1.74 94.22
C SER X 157 25.44 2.23 93.23
N SER X 158 24.60 3.18 93.68
CA SER X 158 23.54 3.71 92.84
C SER X 158 24.11 4.43 91.62
N GLY X 159 25.19 5.19 91.82
CA GLY X 159 25.83 5.91 90.73
C GLY X 159 26.33 4.96 89.64
N LEU X 160 26.98 3.86 90.06
CA LEU X 160 27.59 2.94 89.13
C LEU X 160 26.48 2.25 88.34
N SER X 161 25.43 1.87 89.06
CA SER X 161 24.31 1.20 88.43
C SER X 161 23.29 2.26 87.96
N SER Y 2 55.69 18.03 113.28
CA SER Y 2 54.81 18.63 114.31
C SER Y 2 53.66 19.36 113.63
N VAL Y 3 52.62 19.70 114.41
CA VAL Y 3 51.48 20.47 113.90
C VAL Y 3 52.01 21.78 113.33
N LEU Y 4 52.94 22.43 114.05
CA LEU Y 4 53.35 23.74 113.67
C LEU Y 4 54.08 23.67 112.32
N THR Y 5 54.97 22.68 112.18
CA THR Y 5 55.75 22.53 110.96
C THR Y 5 54.79 22.36 109.79
N LYS Y 6 53.77 21.51 109.98
CA LYS Y 6 52.85 21.24 108.90
C LYS Y 6 52.17 22.53 108.45
N ALA Y 7 51.69 23.33 109.41
CA ALA Y 7 50.99 24.56 109.10
C ALA Y 7 51.88 25.54 108.34
N ILE Y 8 53.12 25.70 108.80
CA ILE Y 8 54.06 26.61 108.18
C ILE Y 8 54.31 26.18 106.74
N VAL Y 9 54.50 24.88 106.54
CA VAL Y 9 54.81 24.37 105.23
C VAL Y 9 53.67 24.67 104.25
N ASN Y 10 52.42 24.50 104.69
CA ASN Y 10 51.30 24.76 103.81
C ASN Y 10 51.26 26.24 103.44
N ALA Y 11 51.50 27.10 104.43
CA ALA Y 11 51.51 28.53 104.22
C ALA Y 11 52.59 28.93 103.21
N ASP Y 12 53.79 28.36 103.36
CA ASP Y 12 54.90 28.72 102.51
C ASP Y 12 54.60 28.33 101.07
N ALA Y 13 53.98 27.17 100.86
CA ALA Y 13 53.60 26.74 99.53
C ALA Y 13 52.64 27.74 98.90
N GLU Y 14 51.67 28.21 99.69
CA GLU Y 14 50.73 29.20 99.22
C GLU Y 14 51.35 30.58 99.18
N ALA Y 15 52.51 30.74 99.82
CA ALA Y 15 53.22 32.02 99.86
C ALA Y 15 52.39 33.07 100.59
N ARG Y 16 51.72 32.66 101.66
CA ARG Y 16 50.83 33.54 102.41
C ARG Y 16 51.16 33.44 103.90
N TYR Y 17 50.74 34.43 104.68
CA TYR Y 17 50.80 34.38 106.13
C TYR Y 17 49.79 33.36 106.63
N LEU Y 18 49.99 32.83 107.84
CA LEU Y 18 49.13 31.79 108.38
C LEU Y 18 47.68 32.25 108.46
N SER Y 19 46.80 31.38 107.98
CA SER Y 19 45.36 31.62 107.95
C SER Y 19 44.83 31.59 109.39
N PRO Y 20 43.71 32.27 109.68
CA PRO Y 20 43.13 32.28 111.03
C PRO Y 20 42.83 30.87 111.53
N GLY Y 21 42.23 30.06 110.65
CA GLY Y 21 41.92 28.67 110.96
C GLY Y 21 43.16 27.89 111.34
N GLU Y 22 44.24 28.07 110.57
CA GLU Y 22 45.52 27.43 110.85
C GLU Y 22 46.04 27.89 112.21
N LEU Y 23 45.92 29.20 112.47
CA LEU Y 23 46.37 29.76 113.73
C LEU Y 23 45.58 29.15 114.89
N ASP Y 24 44.28 28.94 114.69
CA ASP Y 24 43.42 28.40 115.73
C ASP Y 24 43.88 26.99 116.10
N ARG Y 25 44.22 26.19 115.08
CA ARG Y 25 44.67 24.83 115.33
C ARG Y 25 45.97 24.85 116.14
N ILE Y 26 46.83 25.84 115.87
CA ILE Y 26 48.08 25.96 116.62
C ILE Y 26 47.76 26.24 118.08
N LYS Y 27 46.79 27.13 118.31
CA LYS Y 27 46.39 27.50 119.66
C LYS Y 27 45.90 26.27 120.41
N SER Y 28 45.07 25.45 119.73
CA SER Y 28 44.51 24.27 120.36
C SER Y 28 45.64 23.33 120.75
N PHE Y 29 46.61 23.18 119.84
CA PHE Y 29 47.72 22.26 120.03
C PHE Y 29 48.54 22.66 121.26
N VAL Y 30 48.81 23.96 121.44
CA VAL Y 30 49.68 24.38 122.53
C VAL Y 30 48.98 24.10 123.86
N ALA Y 31 47.65 24.27 123.91
CA ALA Y 31 46.88 23.94 125.09
C ALA Y 31 46.95 22.44 125.38
N SER Y 32 46.83 21.63 124.33
CA SER Y 32 46.81 20.19 124.47
C SER Y 32 48.17 19.66 124.94
N GLY Y 33 49.25 20.37 124.60
CA GLY Y 33 50.61 19.86 124.72
C GLY Y 33 50.95 19.29 126.10
N GLU Y 34 50.57 20.05 127.16
CA GLU Y 34 50.91 19.62 128.51
C GLU Y 34 50.30 18.26 128.85
N ARG Y 35 49.03 18.07 128.49
CA ARG Y 35 48.38 16.76 128.60
C ARG Y 35 49.16 15.73 127.80
N ARG Y 36 49.53 16.08 126.57
CA ARG Y 36 50.24 15.16 125.69
C ARG Y 36 51.55 14.72 126.32
N LEU Y 37 52.26 15.66 126.97
CA LEU Y 37 53.55 15.35 127.56
C LEU Y 37 53.38 14.25 128.63
N ARG Y 38 52.32 14.37 129.44
CA ARG Y 38 52.06 13.39 130.47
C ARG Y 38 51.77 12.02 129.86
N ILE Y 39 50.98 11.97 128.79
CA ILE Y 39 50.64 10.71 128.13
C ILE Y 39 51.94 10.04 127.68
N ALA Y 40 52.84 10.82 127.06
CA ALA Y 40 54.09 10.28 126.58
C ALA Y 40 54.94 9.76 127.74
N GLN Y 41 54.94 10.52 128.84
CA GLN Y 41 55.75 10.16 129.99
C GLN Y 41 55.29 8.80 130.52
N THR Y 42 53.96 8.61 130.61
CA THR Y 42 53.40 7.38 131.13
C THR Y 42 53.91 6.19 130.33
N LEU Y 43 53.84 6.27 128.99
CA LEU Y 43 54.25 5.17 128.13
C LEU Y 43 55.74 4.90 128.26
N THR Y 44 56.54 5.96 128.41
CA THR Y 44 57.98 5.80 128.53
C THR Y 44 58.30 4.95 129.78
N GLU Y 45 57.61 5.24 130.89
CA GLU Y 45 57.89 4.55 132.13
C GLU Y 45 57.50 3.08 132.01
N ALA Y 46 56.38 2.82 131.32
CA ALA Y 46 55.86 1.48 131.17
C ALA Y 46 56.44 0.78 129.94
N ARG Y 47 57.45 1.41 129.32
CA ARG Y 47 57.92 0.96 128.01
C ARG Y 47 58.33 -0.51 128.07
N GLU Y 48 59.22 -0.84 129.00
CA GLU Y 48 59.82 -2.16 129.10
C GLU Y 48 58.73 -3.24 129.20
N ARG Y 49 57.73 -3.01 130.04
CA ARG Y 49 56.66 -3.97 130.23
C ARG Y 49 55.76 -4.04 128.97
N ILE Y 50 55.49 -2.89 128.34
CA ILE Y 50 54.63 -2.88 127.18
C ILE Y 50 55.23 -3.78 126.11
N VAL Y 51 56.53 -3.60 125.87
CA VAL Y 51 57.20 -4.36 124.83
C VAL Y 51 57.13 -5.84 125.17
N LYS Y 52 57.43 -6.19 126.41
CA LYS Y 52 57.47 -7.59 126.83
C LYS Y 52 56.10 -8.24 126.62
N GLN Y 53 55.05 -7.59 127.13
CA GLN Y 53 53.72 -8.13 127.04
C GLN Y 53 53.29 -8.28 125.58
N ALA Y 54 53.56 -7.26 124.77
CA ALA Y 54 53.16 -7.26 123.37
C ALA Y 54 53.87 -8.39 122.63
N GLY Y 55 55.15 -8.57 122.91
CA GLY Y 55 55.93 -9.63 122.29
C GLY Y 55 55.28 -11.00 122.50
N ASP Y 56 54.94 -11.29 123.75
CA ASP Y 56 54.34 -12.55 124.13
C ASP Y 56 53.04 -12.75 123.36
N GLN Y 57 52.20 -11.70 123.34
CA GLN Y 57 50.94 -11.75 122.63
C GLN Y 57 51.18 -12.05 121.16
N LEU Y 58 52.14 -11.37 120.55
CA LEU Y 58 52.45 -11.53 119.14
C LEU Y 58 52.85 -12.97 118.88
N PHE Y 59 53.72 -13.52 119.72
CA PHE Y 59 54.22 -14.87 119.51
C PHE Y 59 53.08 -15.88 119.66
N GLN Y 60 52.15 -15.61 120.57
CA GLN Y 60 50.97 -16.46 120.70
C GLN Y 60 50.09 -16.28 119.45
N LYS Y 61 49.93 -15.05 118.99
CA LYS Y 61 49.12 -14.74 117.80
C LYS Y 61 49.73 -15.44 116.57
N ARG Y 62 51.08 -15.40 116.47
CA ARG Y 62 51.78 -15.96 115.32
C ARG Y 62 52.83 -16.97 115.79
N PRO Y 63 52.49 -18.26 115.96
CA PRO Y 63 53.50 -19.24 116.34
C PRO Y 63 54.63 -19.32 115.30
N ASP Y 64 54.27 -19.14 114.04
CA ASP Y 64 55.17 -19.37 112.92
C ASP Y 64 56.41 -18.49 113.01
N VAL Y 65 56.24 -17.22 113.38
CA VAL Y 65 57.36 -16.29 113.32
C VAL Y 65 58.49 -16.81 114.21
N VAL Y 66 58.16 -17.30 115.41
CA VAL Y 66 59.14 -17.93 116.28
C VAL Y 66 59.04 -19.44 116.08
N SER Y 67 59.43 -19.89 114.89
CA SER Y 67 59.51 -21.30 114.55
C SER Y 67 60.73 -21.45 113.65
N PRO Y 68 61.31 -22.66 113.50
CA PRO Y 68 62.60 -22.80 112.82
C PRO Y 68 62.61 -22.14 111.44
N GLY Y 69 61.50 -22.29 110.70
CA GLY Y 69 61.35 -21.59 109.44
C GLY Y 69 61.31 -20.07 109.61
N GLY Y 70 60.61 -19.61 110.65
CA GLY Y 70 60.28 -18.20 110.83
C GLY Y 70 61.50 -17.33 111.12
N ASN Y 71 61.35 -16.04 110.79
CA ASN Y 71 62.44 -15.08 110.87
C ASN Y 71 62.82 -14.81 112.33
N ALA Y 72 61.80 -14.76 113.18
CA ALA Y 72 61.97 -14.38 114.57
C ALA Y 72 62.69 -15.47 115.37
N TYR Y 73 62.72 -16.70 114.86
CA TYR Y 73 63.19 -17.85 115.62
C TYR Y 73 64.67 -17.73 116.00
N GLY Y 74 64.96 -18.18 117.23
CA GLY Y 74 66.29 -18.08 117.82
C GLY Y 74 66.39 -16.84 118.72
N GLU Y 75 67.31 -16.88 119.67
CA GLU Y 75 67.45 -15.84 120.69
C GLU Y 75 67.82 -14.51 120.03
N LYS Y 76 68.85 -14.54 119.17
CA LYS Y 76 69.32 -13.33 118.54
C LYS Y 76 68.16 -12.68 117.80
N MET Y 77 67.47 -13.48 116.99
CA MET Y 77 66.40 -13.00 116.15
C MET Y 77 65.24 -12.49 117.01
N THR Y 78 64.91 -13.20 118.10
CA THR Y 78 63.80 -12.79 118.93
C THR Y 78 64.12 -11.44 119.58
N ALA Y 79 65.37 -11.25 120.00
CA ALA Y 79 65.79 -9.98 120.57
C ALA Y 79 65.58 -8.85 119.56
N LEU Y 80 66.00 -9.09 118.31
CA LEU Y 80 65.87 -8.09 117.26
C LEU Y 80 64.40 -7.74 117.04
N CYS Y 81 63.53 -8.74 117.06
CA CYS Y 81 62.10 -8.50 116.90
C CYS Y 81 61.58 -7.60 118.03
N LEU Y 82 62.06 -7.85 119.25
CA LEU Y 82 61.63 -7.06 120.39
C LEU Y 82 62.22 -5.65 120.28
N ARG Y 83 63.48 -5.55 119.82
CA ARG Y 83 64.10 -4.26 119.63
C ARG Y 83 63.28 -3.42 118.64
N ASP Y 84 62.79 -4.06 117.57
CA ASP Y 84 61.97 -3.36 116.60
C ASP Y 84 60.71 -2.82 117.26
N LEU Y 85 60.08 -3.63 118.11
CA LEU Y 85 58.88 -3.20 118.81
C LEU Y 85 59.20 -2.00 119.68
N ASP Y 86 60.34 -2.05 120.35
CA ASP Y 86 60.76 -0.94 121.20
C ASP Y 86 60.93 0.33 120.36
N TYR Y 87 61.56 0.20 119.18
CA TYR Y 87 61.76 1.33 118.28
C TYR Y 87 60.43 1.99 117.95
N TYR Y 88 59.44 1.17 117.59
CA TYR Y 88 58.16 1.71 117.19
C TYR Y 88 57.50 2.41 118.37
N LEU Y 89 57.67 1.89 119.59
CA LEU Y 89 57.07 2.54 120.74
C LEU Y 89 57.70 3.91 120.95
N ARG Y 90 59.03 4.00 120.81
CA ARG Y 90 59.71 5.27 120.96
C ARG Y 90 59.17 6.27 119.95
N LEU Y 91 58.97 5.81 118.71
CA LEU Y 91 58.45 6.67 117.67
C LEU Y 91 57.06 7.16 118.05
N VAL Y 92 56.22 6.29 118.59
CA VAL Y 92 54.86 6.70 118.95
C VAL Y 92 54.91 7.80 120.01
N THR Y 93 55.81 7.67 121.00
CA THR Y 93 55.88 8.70 122.03
C THR Y 93 56.25 10.03 121.38
N TYR Y 94 57.22 10.01 120.47
CA TYR Y 94 57.64 11.22 119.78
C TYR Y 94 56.44 11.84 119.07
N GLY Y 95 55.62 11.01 118.43
CA GLY Y 95 54.45 11.47 117.72
C GLY Y 95 53.46 12.19 118.62
N ILE Y 96 53.22 11.63 119.81
CA ILE Y 96 52.22 12.20 120.70
C ILE Y 96 52.64 13.62 121.08
N VAL Y 97 53.92 13.81 121.43
CA VAL Y 97 54.37 15.14 121.83
C VAL Y 97 54.30 16.08 120.62
N ALA Y 98 54.65 15.60 119.43
CA ALA Y 98 54.63 16.42 118.24
C ALA Y 98 53.21 16.78 117.82
N GLY Y 99 52.25 15.89 118.09
CA GLY Y 99 50.88 16.11 117.69
C GLY Y 99 50.65 15.77 116.22
N ASP Y 100 51.65 15.15 115.59
CA ASP Y 100 51.60 14.83 114.17
C ASP Y 100 52.42 13.58 113.93
N VAL Y 101 52.12 12.88 112.83
CA VAL Y 101 52.77 11.61 112.55
C VAL Y 101 54.07 11.85 111.81
N THR Y 102 54.32 13.06 111.36
CA THR Y 102 55.46 13.36 110.52
C THR Y 102 56.75 12.84 111.15
N PRO Y 103 57.07 13.14 112.44
CA PRO Y 103 58.30 12.63 113.05
C PRO Y 103 58.36 11.11 112.97
N ILE Y 104 57.24 10.45 113.29
CA ILE Y 104 57.13 9.01 113.22
C ILE Y 104 57.43 8.57 111.78
N GLU Y 105 56.80 9.27 110.83
CA GLU Y 105 56.79 8.85 109.43
C GLU Y 105 58.20 8.83 108.85
N GLU Y 106 58.98 9.88 109.07
CA GLU Y 106 60.31 9.95 108.51
C GLU Y 106 61.20 8.83 109.03
N ILE Y 107 61.15 8.55 110.34
CA ILE Y 107 62.08 7.59 110.92
C ILE Y 107 61.66 6.16 110.60
N GLY Y 108 60.35 5.89 110.54
CA GLY Y 108 59.88 4.51 110.58
C GLY Y 108 59.05 4.05 109.39
N ILE Y 109 58.29 4.93 108.70
CA ILE Y 109 57.29 4.41 107.80
C ILE Y 109 57.72 4.53 106.34
N ILE Y 110 58.80 5.26 106.02
CA ILE Y 110 59.17 5.40 104.62
C ILE Y 110 60.31 4.45 104.31
N GLY Y 111 60.07 3.56 103.35
CA GLY Y 111 61.04 2.53 103.01
C GLY Y 111 60.92 1.31 103.92
N VAL Y 112 59.92 1.30 104.81
CA VAL Y 112 59.79 0.22 105.77
C VAL Y 112 59.53 -1.09 105.02
N LYS Y 113 58.68 -1.05 104.00
CA LYS Y 113 58.33 -2.23 103.23
C LYS Y 113 59.61 -2.83 102.64
N GLU Y 114 60.42 -1.97 102.02
CA GLU Y 114 61.63 -2.39 101.34
C GLU Y 114 62.61 -3.02 102.32
N MET Y 115 62.77 -2.38 103.49
CA MET Y 115 63.70 -2.87 104.49
C MET Y 115 63.27 -4.26 104.95
N TYR Y 116 62.00 -4.41 105.29
CA TYR Y 116 61.52 -5.67 105.82
C TYR Y 116 61.56 -6.74 104.73
N ASN Y 117 61.27 -6.38 103.48
CA ASN Y 117 61.32 -7.37 102.41
C ASN Y 117 62.74 -7.90 102.24
N SER Y 118 63.76 -7.05 102.33
CA SER Y 118 65.11 -7.55 102.28
C SER Y 118 65.37 -8.48 103.46
N LEU Y 119 64.91 -8.07 104.66
CA LEU Y 119 65.09 -8.90 105.84
C LEU Y 119 64.29 -10.18 105.71
N GLN Y 120 63.15 -10.12 104.99
CA GLN Y 120 62.24 -11.24 104.78
C GLN Y 120 61.27 -11.36 105.97
N THR Y 121 61.34 -10.42 106.90
CA THR Y 121 60.37 -10.33 107.98
C THR Y 121 58.98 -10.13 107.37
N PRO Y 122 57.93 -10.85 107.84
CA PRO Y 122 56.55 -10.58 107.38
C PRO Y 122 56.00 -9.27 107.93
N ILE Y 123 55.49 -8.44 107.05
CA ILE Y 123 55.02 -7.11 107.40
C ILE Y 123 53.77 -7.24 108.27
N PRO Y 124 52.81 -8.13 107.95
CA PRO Y 124 51.58 -8.26 108.75
C PRO Y 124 51.84 -8.63 110.21
N ALA Y 125 52.82 -9.47 110.45
CA ALA Y 125 53.19 -9.87 111.80
C ALA Y 125 53.69 -8.64 112.57
N VAL Y 126 54.48 -7.79 111.92
CA VAL Y 126 54.99 -6.58 112.54
C VAL Y 126 53.79 -5.72 112.95
N ALA Y 127 52.81 -5.62 112.07
CA ALA Y 127 51.61 -4.83 112.33
C ALA Y 127 50.87 -5.38 113.55
N GLU Y 128 50.79 -6.70 113.66
CA GLU Y 128 50.14 -7.35 114.78
C GLU Y 128 50.83 -6.98 116.09
N GLY Y 129 52.17 -6.97 116.07
CA GLY Y 129 52.97 -6.59 117.23
C GLY Y 129 52.62 -5.17 117.68
N VAL Y 130 52.46 -4.27 116.72
CA VAL Y 130 52.14 -2.88 117.03
C VAL Y 130 50.73 -2.84 117.63
N ARG Y 131 49.80 -3.61 117.06
CA ARG Y 131 48.45 -3.69 117.59
C ARG Y 131 48.49 -4.19 119.03
N ALA Y 132 49.29 -5.22 119.27
CA ALA Y 132 49.45 -5.78 120.61
C ALA Y 132 49.96 -4.71 121.57
N MET Y 133 50.97 -3.95 121.14
CA MET Y 133 51.52 -2.90 121.98
C MET Y 133 50.44 -1.88 122.31
N LYS Y 134 49.58 -1.57 121.33
CA LYS Y 134 48.53 -0.60 121.53
C LYS Y 134 47.63 -1.05 122.69
N ASN Y 135 47.25 -2.34 122.69
CA ASN Y 135 46.31 -2.86 123.67
C ASN Y 135 46.91 -2.74 125.08
N VAL Y 136 48.19 -3.10 125.22
CA VAL Y 136 48.88 -2.99 126.50
C VAL Y 136 48.91 -1.52 126.92
N ALA Y 137 49.30 -0.64 125.99
CA ALA Y 137 49.43 0.78 126.29
C ALA Y 137 48.08 1.37 126.70
N THR Y 138 47.01 0.95 126.01
CA THR Y 138 45.67 1.45 126.27
C THR Y 138 45.28 1.17 127.72
N SER Y 139 45.58 -0.04 128.19
CA SER Y 139 45.20 -0.45 129.54
C SER Y 139 45.82 0.48 130.59
N LEU Y 140 47.10 0.83 130.42
CA LEU Y 140 47.78 1.67 131.38
C LEU Y 140 47.27 3.11 131.30
N LEU Y 141 46.90 3.55 130.09
CA LEU Y 141 46.46 4.91 129.90
C LEU Y 141 45.00 5.04 130.36
N SER Y 142 44.62 6.24 130.79
CA SER Y 142 43.23 6.60 131.00
C SER Y 142 42.53 6.67 129.65
N GLY Y 143 41.19 6.52 129.65
CA GLY Y 143 40.40 6.33 128.43
C GLY Y 143 40.63 7.42 127.37
N ASP Y 144 40.53 8.68 127.78
CA ASP Y 144 40.75 9.81 126.88
C ASP Y 144 42.20 9.82 126.39
N ASP Y 145 43.14 9.57 127.31
CA ASP Y 145 44.55 9.49 126.99
C ASP Y 145 44.76 8.35 125.98
N ALA Y 146 44.08 7.22 126.22
CA ALA Y 146 44.21 6.04 125.39
C ALA Y 146 43.77 6.34 123.95
N ALA Y 147 42.67 7.10 123.82
CA ALA Y 147 42.16 7.44 122.49
C ALA Y 147 43.21 8.22 121.69
N GLU Y 148 43.83 9.21 122.34
CA GLU Y 148 44.88 10.00 121.72
C GLU Y 148 46.02 9.07 121.27
N ALA Y 149 46.48 8.21 122.19
CA ALA Y 149 47.55 7.29 121.90
C ALA Y 149 47.15 6.33 120.78
N GLY Y 150 45.89 5.90 120.79
CA GLY Y 150 45.39 4.95 119.81
C GLY Y 150 45.59 5.45 118.38
N PHE Y 151 45.32 6.74 118.16
CA PHE Y 151 45.41 7.30 116.82
C PHE Y 151 46.81 7.07 116.26
N TYR Y 152 47.82 7.35 117.06
CA TYR Y 152 49.21 7.18 116.60
C TYR Y 152 49.50 5.71 116.36
N PHE Y 153 49.02 4.85 117.25
CA PHE Y 153 49.21 3.42 117.10
C PHE Y 153 48.53 2.93 115.81
N ASP Y 154 47.32 3.43 115.55
CA ASP Y 154 46.57 3.04 114.36
C ASP Y 154 47.31 3.44 113.10
N TYR Y 155 47.88 4.65 113.11
CA TYR Y 155 48.62 5.15 111.96
C TYR Y 155 49.73 4.17 111.60
N LEU Y 156 50.48 3.73 112.62
CA LEU Y 156 51.59 2.82 112.40
C LEU Y 156 51.07 1.56 111.75
N VAL Y 157 49.98 1.03 112.29
CA VAL Y 157 49.41 -0.21 111.78
C VAL Y 157 49.00 -0.01 110.33
N GLY Y 158 48.38 1.14 110.04
CA GLY Y 158 47.97 1.48 108.68
C GLY Y 158 49.16 1.58 107.74
N ALA Y 159 50.25 2.21 108.21
CA ALA Y 159 51.42 2.44 107.40
C ALA Y 159 52.06 1.11 106.96
N MET Y 160 52.16 0.17 107.92
CA MET Y 160 52.67 -1.15 107.56
C MET Y 160 51.56 -2.13 107.37
N GLN Y 161 51.03 -2.38 106.17
CA GLN Y 161 49.83 -3.19 106.04
C GLN Y 161 49.82 -3.93 104.69
N MET Z 1 61.79 22.15 107.14
CA MET Z 1 62.47 22.96 108.17
C MET Z 1 62.37 22.26 109.51
N GLN Z 2 62.80 22.93 110.59
CA GLN Z 2 62.64 22.33 111.91
C GLN Z 2 62.01 23.34 112.86
N ASP Z 3 61.36 22.80 113.89
CA ASP Z 3 60.74 23.60 114.93
C ASP Z 3 61.33 23.14 116.27
N ALA Z 4 61.02 23.87 117.35
CA ALA Z 4 61.62 23.58 118.64
C ALA Z 4 61.28 22.13 119.07
N ILE Z 5 60.00 21.77 118.95
CA ILE Z 5 59.57 20.45 119.34
C ILE Z 5 60.34 19.39 118.58
N THR Z 6 60.42 19.54 117.25
CA THR Z 6 61.10 18.56 116.41
C THR Z 6 62.59 18.57 116.71
N ALA Z 7 63.17 19.73 117.02
CA ALA Z 7 64.60 19.80 117.32
C ALA Z 7 64.95 18.91 118.51
N VAL Z 8 64.13 18.97 119.56
CA VAL Z 8 64.33 18.16 120.74
C VAL Z 8 64.23 16.69 120.34
N ILE Z 9 63.16 16.35 119.59
CA ILE Z 9 62.94 14.99 119.19
C ILE Z 9 64.15 14.48 118.41
N ASN Z 10 64.68 15.32 117.46
CA ASN Z 10 65.71 14.73 116.64
C ASN Z 10 66.99 14.55 117.43
N ASN Z 11 67.26 15.42 118.39
CA ASN Z 11 68.46 15.26 119.22
C ASN Z 11 68.38 13.93 119.98
N TYR Z 12 67.18 13.61 120.49
CA TYR Z 12 66.97 12.37 121.21
C TYR Z 12 67.08 11.18 120.27
N ASP Z 13 66.54 11.31 119.06
CA ASP Z 13 66.54 10.22 118.11
C ASP Z 13 67.97 9.82 117.71
N VAL Z 14 68.87 10.79 117.53
CA VAL Z 14 70.23 10.44 117.16
C VAL Z 14 70.89 9.70 118.32
N GLN Z 15 70.57 10.11 119.56
CA GLN Z 15 71.06 9.40 120.73
C GLN Z 15 70.37 8.04 120.85
N GLY Z 16 69.13 7.96 120.34
CA GLY Z 16 68.34 6.74 120.44
C GLY Z 16 67.60 6.68 121.77
N LYS Z 17 67.74 7.75 122.57
CA LYS Z 17 67.16 7.84 123.90
C LYS Z 17 65.67 8.10 123.79
N TYR Z 18 64.89 7.47 124.69
CA TYR Z 18 63.50 7.83 124.90
C TYR Z 18 63.44 9.22 125.51
N LEU Z 19 62.32 9.90 125.32
CA LEU Z 19 62.16 11.26 125.84
C LEU Z 19 62.23 11.21 127.36
N ASP Z 20 62.98 12.18 127.94
CA ASP Z 20 63.20 12.21 129.36
C ASP Z 20 62.70 13.56 129.91
N GLY Z 21 62.63 13.66 131.25
CA GLY Z 21 62.04 14.81 131.91
C GLY Z 21 62.73 16.12 131.50
N ALA Z 22 64.07 16.11 131.45
CA ALA Z 22 64.82 17.29 131.03
C ALA Z 22 64.37 17.75 129.64
N ALA Z 23 64.26 16.79 128.72
CA ALA Z 23 63.73 17.06 127.39
C ALA Z 23 62.30 17.59 127.50
N LEU Z 24 61.50 16.97 128.35
CA LEU Z 24 60.11 17.35 128.51
C LEU Z 24 60.02 18.82 128.97
N ASP Z 25 60.92 19.23 129.86
CA ASP Z 25 60.95 20.57 130.39
C ASP Z 25 61.16 21.60 129.29
N LYS Z 26 62.08 21.31 128.35
CA LYS Z 26 62.31 22.19 127.22
C LYS Z 26 61.03 22.31 126.40
N LEU Z 27 60.35 21.18 126.18
CA LEU Z 27 59.13 21.18 125.41
C LEU Z 27 58.07 22.00 126.14
N LYS Z 28 58.03 21.86 127.48
CA LYS Z 28 57.04 22.54 128.29
C LYS Z 28 57.27 24.04 128.20
N ALA Z 29 58.55 24.45 128.24
CA ALA Z 29 58.91 25.84 128.14
C ALA Z 29 58.33 26.43 126.85
N TYR Z 30 58.51 25.70 125.74
CA TYR Z 30 58.02 26.16 124.45
C TYR Z 30 56.50 26.34 124.51
N PHE Z 31 55.80 25.40 125.14
CA PHE Z 31 54.35 25.39 125.10
C PHE Z 31 53.78 26.65 125.77
N THR Z 32 54.41 27.10 126.87
CA THR Z 32 53.98 28.32 127.55
C THR Z 32 54.19 29.54 126.64
N THR Z 33 55.33 29.60 125.95
CA THR Z 33 55.66 30.74 125.10
C THR Z 33 54.70 30.79 123.91
N GLY Z 34 54.23 29.62 123.48
CA GLY Z 34 53.43 29.46 122.26
C GLY Z 34 52.28 30.45 122.15
N ALA Z 35 51.48 30.59 123.21
CA ALA Z 35 50.29 31.42 123.15
C ALA Z 35 50.64 32.86 122.78
N VAL Z 36 51.70 33.39 123.40
CA VAL Z 36 52.19 34.74 123.14
C VAL Z 36 52.55 34.87 121.66
N ARG Z 37 53.27 33.86 121.15
CA ARG Z 37 53.78 33.88 119.80
C ARG Z 37 52.61 33.97 118.80
N VAL Z 38 51.56 33.19 119.04
CA VAL Z 38 50.44 33.17 118.13
C VAL Z 38 49.83 34.57 118.04
N ARG Z 39 49.69 35.24 119.20
CA ARG Z 39 49.11 36.58 119.20
C ARG Z 39 50.00 37.52 118.40
N ALA Z 40 51.32 37.43 118.62
CA ALA Z 40 52.26 38.29 117.92
C ALA Z 40 52.16 38.11 116.40
N ALA Z 41 52.07 36.84 115.97
CA ALA Z 41 52.03 36.54 114.54
C ALA Z 41 50.82 37.20 113.88
N ALA Z 42 49.65 37.15 114.55
CA ALA Z 42 48.45 37.72 114.00
C ALA Z 42 48.59 39.25 113.86
N VAL Z 43 49.22 39.87 114.86
CA VAL Z 43 49.46 41.30 114.83
C VAL Z 43 50.32 41.64 113.61
N ILE Z 44 51.40 40.88 113.41
CA ILE Z 44 52.32 41.19 112.34
C ILE Z 44 51.63 41.04 111.00
N SER Z 45 50.86 39.97 110.80
CA SER Z 45 50.23 39.72 109.52
C SER Z 45 49.30 40.87 109.14
N SER Z 46 48.53 41.38 110.10
CA SER Z 46 47.57 42.44 109.85
C SER Z 46 48.28 43.74 109.48
N ASN Z 47 49.43 44.01 110.13
CA ASN Z 47 50.09 45.29 109.97
C ASN Z 47 51.30 45.19 109.03
N ALA Z 48 51.38 44.10 108.25
CA ALA Z 48 52.58 43.81 107.49
C ALA Z 48 52.88 44.93 106.48
N THR Z 49 51.89 45.35 105.74
CA THR Z 49 52.05 46.39 104.73
C THR Z 49 52.62 47.66 105.38
N THR Z 50 52.03 48.06 106.50
CA THR Z 50 52.45 49.28 107.20
C THR Z 50 53.88 49.11 107.73
N ILE Z 51 54.17 47.93 108.29
CA ILE Z 51 55.48 47.71 108.86
C ILE Z 51 56.53 47.99 107.80
N ILE Z 52 56.29 47.44 106.60
CA ILE Z 52 57.25 47.59 105.52
C ILE Z 52 57.36 49.07 105.14
N LYS Z 53 56.20 49.74 105.04
CA LYS Z 53 56.17 51.15 104.67
C LYS Z 53 57.00 51.97 105.64
N GLU Z 54 56.79 51.76 106.95
CA GLU Z 54 57.46 52.55 107.96
C GLU Z 54 58.97 52.31 107.88
N ALA Z 55 59.35 51.03 107.74
CA ALA Z 55 60.75 50.68 107.73
C ALA Z 55 61.44 51.31 106.50
N ALA Z 56 60.76 51.27 105.36
CA ALA Z 56 61.32 51.83 104.14
C ALA Z 56 61.53 53.33 104.32
N ALA Z 57 60.52 53.98 104.92
CA ALA Z 57 60.57 55.42 105.19
C ALA Z 57 61.75 55.75 106.07
N LYS Z 58 62.01 54.92 107.09
CA LYS Z 58 63.11 55.13 108.01
C LYS Z 58 64.46 55.01 107.31
N ALA Z 59 64.64 54.04 106.40
CA ALA Z 59 65.97 53.77 105.84
C ALA Z 59 66.06 53.93 104.32
N LEU Z 60 65.17 53.25 103.60
CA LEU Z 60 65.38 53.07 102.17
C LEU Z 60 65.06 54.35 101.37
N ILE Z 61 63.90 54.97 101.61
CA ILE Z 61 63.46 56.00 100.70
C ILE Z 61 64.12 57.33 101.08
N TYR Z 62 63.91 58.36 100.24
CA TYR Z 62 64.48 59.69 100.41
C TYR Z 62 66.01 59.60 100.56
N SER Z 63 66.62 58.69 99.81
CA SER Z 63 68.02 58.37 99.96
C SER Z 63 68.70 58.35 98.58
N ASP Z 64 70.01 58.17 98.58
CA ASP Z 64 70.73 57.99 97.33
C ASP Z 64 70.24 56.76 96.55
N LEU Z 65 69.85 55.70 97.32
CA LEU Z 65 69.38 54.49 96.70
C LEU Z 65 68.24 54.76 95.74
N THR Z 66 67.27 55.53 96.20
CA THR Z 66 66.12 55.84 95.36
C THR Z 66 66.49 56.81 94.26
N ARG Z 67 67.53 57.64 94.47
CA ARG Z 67 67.92 58.63 93.48
C ARG Z 67 68.59 57.92 92.31
N PRO Z 68 68.61 58.50 91.09
CA PRO Z 68 69.18 57.83 89.91
C PRO Z 68 70.63 57.43 90.13
N GLY Z 69 70.96 56.20 89.70
CA GLY Z 69 72.28 55.63 89.95
C GLY Z 69 72.33 54.85 91.27
N GLY Z 70 71.22 54.82 92.01
CA GLY Z 70 71.13 54.08 93.27
C GLY Z 70 70.53 52.71 93.01
N MET Z 72 68.10 51.10 94.28
CA MET Z 72 66.66 50.98 94.31
C MET Z 72 65.99 51.95 93.33
N TYR Z 73 66.82 52.60 92.49
CA TYR Z 73 66.30 53.44 91.42
C TYR Z 73 65.64 52.60 90.33
N THR Z 74 64.61 53.16 89.66
CA THR Z 74 63.73 52.52 88.68
C THR Z 74 62.63 51.77 89.42
N THR Z 75 61.45 51.69 88.80
CA THR Z 75 60.32 51.07 89.47
C THR Z 75 60.60 49.60 89.76
N ARG Z 76 61.22 48.92 88.77
CA ARG Z 76 61.45 47.49 88.88
C ARG Z 76 62.29 47.20 90.13
N ARG Z 77 63.39 47.91 90.28
CA ARG Z 77 64.26 47.71 91.43
C ARG Z 77 63.54 48.09 92.73
N TYR Z 78 62.78 49.17 92.74
CA TYR Z 78 62.07 49.58 93.94
C TYR Z 78 61.15 48.44 94.36
N ALA Z 79 60.41 47.90 93.40
CA ALA Z 79 59.46 46.84 93.68
C ALA Z 79 60.16 45.60 94.23
N ALA Z 80 61.32 45.27 93.65
CA ALA Z 80 62.11 44.14 94.11
C ALA Z 80 62.51 44.32 95.57
N CYS Z 81 62.98 45.50 95.93
CA CYS Z 81 63.46 45.73 97.28
C CYS Z 81 62.31 45.56 98.27
N ILE Z 82 61.12 46.07 97.96
CA ILE Z 82 60.03 45.94 98.92
C ILE Z 82 59.56 44.48 98.97
N ARG Z 83 59.67 43.76 97.86
CA ARG Z 83 59.35 42.33 97.87
C ARG Z 83 60.30 41.59 98.80
N ASP Z 84 61.58 41.93 98.76
CA ASP Z 84 62.54 41.27 99.63
C ASP Z 84 62.20 41.56 101.09
N MET Z 85 61.78 42.80 101.36
CA MET Z 85 61.46 43.21 102.71
C MET Z 85 60.32 42.36 103.24
N ASP Z 86 59.30 42.16 102.39
CA ASP Z 86 58.17 41.33 102.75
C ASP Z 86 58.61 39.91 103.08
N TYR Z 87 59.51 39.35 102.26
CA TYR Z 87 60.02 38.01 102.50
C TYR Z 87 60.59 37.93 103.90
N PHE Z 88 61.48 38.87 104.24
CA PHE Z 88 62.14 38.82 105.52
C PHE Z 88 61.09 38.82 106.63
N LEU Z 89 60.07 39.67 106.48
CA LEU Z 89 59.06 39.77 107.50
C LEU Z 89 58.30 38.45 107.65
N ARG Z 90 57.86 37.87 106.52
CA ARG Z 90 57.06 36.65 106.55
C ARG Z 90 57.85 35.52 107.19
N TYR Z 91 59.14 35.39 106.84
CA TYR Z 91 59.93 34.30 107.33
C TYR Z 91 60.22 34.49 108.81
N ALA Z 92 60.46 35.72 109.23
CA ALA Z 92 60.69 35.98 110.65
C ALA Z 92 59.45 35.58 111.44
N THR Z 93 58.26 35.90 110.92
CA THR Z 93 57.04 35.51 111.58
C THR Z 93 56.95 33.99 111.69
N TYR Z 94 57.31 33.27 110.61
CA TYR Z 94 57.30 31.82 110.63
C TYR Z 94 58.25 31.32 111.70
N ALA Z 95 59.44 31.91 111.76
CA ALA Z 95 60.46 31.48 112.70
C ALA Z 95 59.97 31.68 114.13
N MET Z 96 59.29 32.81 114.37
CA MET Z 96 58.83 33.12 115.71
C MET Z 96 57.81 32.08 116.16
N LEU Z 97 56.86 31.71 115.29
CA LEU Z 97 55.93 30.66 115.62
C LEU Z 97 56.68 29.36 115.89
N ALA Z 98 57.62 29.01 115.01
CA ALA Z 98 58.33 27.74 115.10
C ALA Z 98 59.15 27.69 116.39
N GLY Z 99 59.73 28.83 116.78
CA GLY Z 99 60.64 28.85 117.90
C GLY Z 99 62.04 28.38 117.52
N ASP Z 100 62.30 28.29 116.21
CA ASP Z 100 63.58 27.81 115.72
C ASP Z 100 64.09 28.71 114.61
N PRO Z 101 65.39 29.04 114.59
CA PRO Z 101 65.98 29.84 113.50
C PRO Z 101 66.26 29.09 112.19
N SER Z 102 66.09 27.76 112.19
CA SER Z 102 66.53 26.94 111.06
C SER Z 102 65.85 27.33 109.75
N ILE Z 103 64.55 27.59 109.79
CA ILE Z 103 63.82 27.91 108.56
C ILE Z 103 64.49 29.10 107.87
N LEU Z 104 64.95 30.08 108.65
CA LEU Z 104 65.59 31.25 108.08
C LEU Z 104 66.83 30.80 107.31
N ASP Z 105 67.62 29.90 107.91
CA ASP Z 105 68.82 29.40 107.25
C ASP Z 105 68.48 28.64 105.97
N GLU Z 106 67.46 27.78 106.03
CA GLU Z 106 67.14 26.89 104.92
C GLU Z 106 66.58 27.67 103.73
N ARG Z 107 65.75 28.68 103.97
CA ARG Z 107 65.09 29.38 102.86
C ARG Z 107 65.72 30.75 102.60
N VAL Z 108 65.81 31.61 103.59
CA VAL Z 108 66.20 32.99 103.32
C VAL Z 108 67.73 33.07 103.23
N LEU Z 109 68.41 32.56 104.24
CA LEU Z 109 69.80 32.93 104.45
C LEU Z 109 70.71 32.27 103.43
N ASN Z 110 70.34 31.11 102.90
CA ASN Z 110 71.31 30.32 102.15
C ASN Z 110 71.52 30.87 100.74
N GLY Z 111 72.77 31.28 100.42
CA GLY Z 111 73.06 31.86 99.12
C GLY Z 111 72.65 33.32 98.95
N LEU Z 112 72.05 33.96 99.95
CA LEU Z 112 71.58 35.32 99.77
C LEU Z 112 72.77 36.27 99.63
N LYS Z 113 73.78 36.09 100.46
CA LYS Z 113 74.93 37.00 100.44
C LYS Z 113 75.54 37.00 99.04
N GLU Z 114 75.75 35.80 98.49
CA GLU Z 114 76.37 35.63 97.19
C GLU Z 114 75.50 36.26 96.11
N THR Z 115 74.19 36.02 96.16
CA THR Z 115 73.25 36.61 95.22
C THR Z 115 73.37 38.11 95.24
N TYR Z 116 73.33 38.68 96.45
CA TYR Z 116 73.35 40.13 96.60
C TYR Z 116 74.67 40.69 96.05
N ASN Z 117 75.78 40.02 96.31
CA ASN Z 117 77.07 40.51 95.85
C ASN Z 117 77.13 40.53 94.32
N SER Z 118 76.63 39.48 93.67
CA SER Z 118 76.58 39.48 92.22
C SER Z 118 75.67 40.60 91.72
N LEU Z 119 74.52 40.77 92.36
CA LEU Z 119 73.57 41.78 91.93
C LEU Z 119 74.12 43.17 92.17
N GLY Z 120 74.95 43.33 93.21
CA GLY Z 120 75.42 44.64 93.62
C GLY Z 120 74.43 45.34 94.55
N VAL Z 121 73.43 44.60 95.05
CA VAL Z 121 72.61 45.07 96.15
C VAL Z 121 73.46 45.36 97.36
N PRO Z 122 73.30 46.51 98.06
CA PRO Z 122 74.11 46.81 99.26
C PRO Z 122 73.61 46.10 100.52
N ILE Z 123 74.48 45.24 101.09
CA ILE Z 123 74.07 44.39 102.19
C ILE Z 123 73.78 45.23 103.42
N ALA Z 124 74.64 46.20 103.71
CA ALA Z 124 74.51 47.00 104.93
C ALA Z 124 73.18 47.74 104.95
N ALA Z 125 72.76 48.32 103.81
CA ALA Z 125 71.47 48.98 103.71
C ALA Z 125 70.34 48.00 103.97
N THR Z 126 70.44 46.77 103.44
CA THR Z 126 69.42 45.76 103.62
C THR Z 126 69.32 45.44 105.10
N VAL Z 127 70.48 45.28 105.74
CA VAL Z 127 70.53 44.96 107.16
C VAL Z 127 69.84 46.09 107.93
N GLY Z 128 70.15 47.33 107.58
CA GLY Z 128 69.51 48.50 108.16
C GLY Z 128 68.00 48.44 108.08
N GLY Z 129 67.48 48.07 106.91
CA GLY Z 129 66.04 47.89 106.71
C GLY Z 129 65.45 46.82 107.61
N ILE Z 130 66.18 45.70 107.79
CA ILE Z 130 65.72 44.61 108.63
C ILE Z 130 65.60 45.12 110.07
N GLN Z 131 66.63 45.86 110.52
CA GLN Z 131 66.67 46.40 111.86
C GLN Z 131 65.50 47.37 112.06
N ALA Z 132 65.25 48.19 111.05
CA ALA Z 132 64.12 49.12 111.10
C ALA Z 132 62.81 48.35 111.24
N MET Z 133 62.63 47.28 110.47
CA MET Z 133 61.40 46.51 110.56
C MET Z 133 61.25 45.98 111.99
N LYS Z 134 62.37 45.54 112.58
CA LYS Z 134 62.35 44.96 113.91
C LYS Z 134 61.78 45.98 114.90
N GLU Z 135 62.28 47.21 114.83
CA GLU Z 135 61.85 48.27 115.72
C GLU Z 135 60.35 48.52 115.60
N VAL Z 136 59.85 48.63 114.37
CA VAL Z 136 58.43 48.83 114.14
C VAL Z 136 57.65 47.64 114.71
N VAL Z 137 58.13 46.42 114.44
CA VAL Z 137 57.44 45.21 114.84
C VAL Z 137 57.35 45.20 116.36
N GLY Z 138 58.47 45.55 117.02
CA GLY Z 138 58.56 45.52 118.47
C GLY Z 138 57.42 46.30 119.13
N GLY Z 139 57.18 47.53 118.61
CA GLY Z 139 56.09 48.36 119.08
C GLY Z 139 54.74 47.63 119.01
N LEU Z 140 54.40 47.11 117.82
CA LEU Z 140 53.08 46.55 117.59
C LEU Z 140 52.86 45.30 118.44
N VAL Z 141 53.88 44.44 118.53
CA VAL Z 141 53.71 43.14 119.17
C VAL Z 141 53.57 43.33 120.67
N GLY Z 142 54.26 44.34 121.20
CA GLY Z 142 54.31 44.56 122.64
C GLY Z 142 55.54 43.88 123.25
N PRO Z 143 55.94 44.23 124.49
CA PRO Z 143 57.25 43.86 125.04
C PRO Z 143 57.62 42.37 125.15
N ASP Z 144 56.71 41.57 125.70
CA ASP Z 144 56.94 40.14 125.87
C ASP Z 144 57.20 39.49 124.52
N ALA Z 145 56.35 39.82 123.54
CA ALA Z 145 56.46 39.29 122.19
C ALA Z 145 57.70 39.84 121.50
N ALA Z 146 58.05 41.11 121.80
CA ALA Z 146 59.14 41.79 121.12
C ALA Z 146 60.46 41.05 121.30
N LYS Z 147 60.73 40.57 122.51
CA LYS Z 147 62.02 39.91 122.78
C LYS Z 147 62.14 38.71 121.84
N GLU Z 148 61.07 37.91 121.75
CA GLU Z 148 61.06 36.73 120.92
C GLU Z 148 61.22 37.13 119.44
N ALA Z 149 60.46 38.14 119.02
CA ALA Z 149 60.53 38.61 117.65
C ALA Z 149 61.93 39.12 117.30
N SER Z 150 62.56 39.83 118.23
CA SER Z 150 63.84 40.48 117.97
C SER Z 150 64.91 39.46 117.58
N ILE Z 151 64.93 38.30 118.24
CA ILE Z 151 66.04 37.37 118.03
C ILE Z 151 66.07 36.91 116.57
N TYR Z 152 64.90 36.66 115.97
CA TYR Z 152 64.83 36.18 114.61
C TYR Z 152 65.28 37.28 113.64
N PHE Z 153 64.84 38.52 113.89
CA PHE Z 153 65.27 39.65 113.09
C PHE Z 153 66.79 39.80 113.15
N ASP Z 154 67.35 39.65 114.36
CA ASP Z 154 68.79 39.78 114.54
C ASP Z 154 69.51 38.65 113.82
N TYR Z 155 68.92 37.46 113.83
CA TYR Z 155 69.49 36.30 113.16
C TYR Z 155 69.62 36.57 111.66
N LEU Z 156 68.55 37.11 111.06
CA LEU Z 156 68.57 37.46 109.66
C LEU Z 156 69.69 38.46 109.39
N SER Z 157 69.78 39.48 110.25
CA SER Z 157 70.74 40.56 110.06
C SER Z 157 72.16 40.00 110.10
N SER Z 158 72.43 39.14 111.08
CA SER Z 158 73.76 38.55 111.24
C SER Z 158 74.12 37.69 110.02
N GLY Z 159 73.16 36.93 109.52
CA GLY Z 159 73.38 36.08 108.36
C GLY Z 159 73.79 36.90 107.13
N LEU Z 160 73.08 38.01 106.90
CA LEU Z 160 73.31 38.82 105.72
C LEU Z 160 74.65 39.46 105.82
N SER Z 161 74.99 39.93 107.03
CA SER Z 161 76.27 40.57 107.27
C SER Z 161 77.28 39.50 107.70
N SER AA 2 101.08 -10.03 -18.75
CA SER AA 2 102.11 -10.32 -17.71
C SER AA 2 101.41 -10.58 -16.39
N VAL AA 3 102.16 -11.13 -15.43
CA VAL AA 3 101.67 -11.32 -14.05
C VAL AA 3 101.24 -9.96 -13.51
N LEU AA 4 102.06 -8.92 -13.74
CA LEU AA 4 101.80 -7.63 -13.19
C LEU AA 4 100.46 -7.08 -13.69
N THR AA 5 100.27 -7.19 -15.00
CA THR AA 5 99.04 -6.68 -15.62
C THR AA 5 97.85 -7.38 -14.99
N LYS AA 6 97.94 -8.70 -14.84
CA LYS AA 6 96.85 -9.48 -14.29
C LYS AA 6 96.51 -8.97 -12.89
N ALA AA 7 97.52 -8.75 -12.05
CA ALA AA 7 97.31 -8.30 -10.67
C ALA AA 7 96.62 -6.94 -10.64
N ILE AA 8 97.10 -6.01 -11.47
CA ILE AA 8 96.55 -4.68 -11.52
C ILE AA 8 95.08 -4.75 -11.92
N VAL AA 9 94.79 -5.56 -12.93
CA VAL AA 9 93.44 -5.66 -13.44
C VAL AA 9 92.49 -6.16 -12.36
N ASN AA 10 92.90 -7.15 -11.57
CA ASN AA 10 92.04 -7.68 -10.52
C ASN AA 10 91.78 -6.59 -9.48
N ALA AA 11 92.82 -5.83 -9.13
CA ALA AA 11 92.70 -4.77 -8.16
C ALA AA 11 91.72 -3.70 -8.65
N ASP AA 12 91.83 -3.33 -9.94
CA ASP AA 12 91.01 -2.28 -10.48
C ASP AA 12 89.54 -2.70 -10.47
N ALA AA 13 89.26 -3.97 -10.78
CA ALA AA 13 87.90 -4.49 -10.73
C ALA AA 13 87.33 -4.35 -9.33
N GLU AA 14 88.15 -4.70 -8.33
CA GLU AA 14 87.73 -4.59 -6.95
C GLU AA 14 87.77 -3.13 -6.48
N ALA AA 15 88.42 -2.26 -7.26
CA ALA AA 15 88.53 -0.85 -6.93
C ALA AA 15 89.32 -0.65 -5.63
N ARG AA 16 90.36 -1.47 -5.44
CA ARG AA 16 91.15 -1.45 -4.21
C ARG AA 16 92.63 -1.38 -4.57
N TYR AA 17 93.46 -0.97 -3.60
CA TYR AA 17 94.90 -1.06 -3.71
C TYR AA 17 95.32 -2.53 -3.68
N LEU AA 18 96.52 -2.82 -4.20
CA LEU AA 18 96.95 -4.20 -4.38
C LEU AA 18 97.05 -4.89 -3.01
N SER AA 19 96.50 -6.12 -2.99
CA SER AA 19 96.47 -6.93 -1.78
C SER AA 19 97.89 -7.39 -1.44
N PRO AA 20 98.17 -7.69 -0.16
CA PRO AA 20 99.51 -8.12 0.25
C PRO AA 20 99.99 -9.35 -0.51
N GLY AA 21 99.08 -10.33 -0.61
CA GLY AA 21 99.34 -11.57 -1.32
C GLY AA 21 99.69 -11.30 -2.78
N GLU AA 22 98.93 -10.41 -3.43
CA GLU AA 22 99.19 -10.03 -4.80
C GLU AA 22 100.56 -9.38 -4.91
N LEU AA 23 100.88 -8.51 -3.93
CA LEU AA 23 102.16 -7.84 -3.93
C LEU AA 23 103.29 -8.85 -3.78
N ASP AA 24 103.08 -9.88 -2.95
CA ASP AA 24 104.10 -10.88 -2.71
C ASP AA 24 104.42 -11.63 -4.00
N ARG AA 25 103.37 -11.95 -4.77
CA ARG AA 25 103.58 -12.67 -6.01
C ARG AA 25 104.39 -11.80 -6.97
N ILE AA 26 104.16 -10.49 -6.95
CA ILE AA 26 104.93 -9.58 -7.81
C ILE AA 26 106.39 -9.63 -7.39
N LYS AA 27 106.64 -9.63 -6.09
CA LYS AA 27 108.01 -9.66 -5.56
C LYS AA 27 108.72 -10.92 -6.04
N SER AA 28 108.01 -12.06 -5.96
CA SER AA 28 108.60 -13.33 -6.35
C SER AA 28 108.97 -13.27 -7.83
N PHE AA 29 108.05 -12.71 -8.64
CA PHE AA 29 108.21 -12.64 -10.08
C PHE AA 29 109.45 -11.83 -10.44
N VAL AA 30 109.67 -10.70 -9.77
CA VAL AA 30 110.77 -9.82 -10.16
C VAL AA 30 112.09 -10.54 -9.87
N ALA AA 31 112.15 -11.31 -8.77
CA ALA AA 31 113.33 -12.10 -8.46
C ALA AA 31 113.56 -13.17 -9.53
N SER AA 32 112.47 -13.83 -9.96
CA SER AA 32 112.55 -14.90 -10.94
C SER AA 32 112.99 -14.38 -12.31
N GLY AA 33 112.67 -13.12 -12.61
CA GLY AA 33 112.75 -12.56 -13.96
C GLY AA 33 114.08 -12.77 -14.64
N GLU AA 34 115.17 -12.51 -13.92
CA GLU AA 34 116.51 -12.61 -14.51
C GLU AA 34 116.78 -14.04 -15.03
N ARG AA 35 116.44 -15.03 -14.20
CA ARG AA 35 116.50 -16.42 -14.63
C ARG AA 35 115.61 -16.65 -15.84
N ARG AA 36 114.41 -16.10 -15.82
CA ARG AA 36 113.45 -16.26 -16.92
C ARG AA 36 114.06 -15.71 -18.21
N LEU AA 37 114.73 -14.57 -18.12
CA LEU AA 37 115.29 -13.93 -19.30
C LEU AA 37 116.29 -14.88 -19.98
N ARG AA 38 117.12 -15.53 -19.16
CA ARG AA 38 118.12 -16.46 -19.67
C ARG AA 38 117.43 -17.63 -20.37
N ILE AA 39 116.38 -18.19 -19.76
CA ILE AA 39 115.65 -19.31 -20.35
C ILE AA 39 115.15 -18.92 -21.74
N ALA AA 40 114.57 -17.71 -21.83
CA ALA AA 40 114.02 -17.23 -23.09
C ALA AA 40 115.14 -17.08 -24.12
N GLN AA 41 116.29 -16.56 -23.66
CA GLN AA 41 117.40 -16.31 -24.57
C GLN AA 41 117.87 -17.63 -25.17
N THR AA 42 117.95 -18.68 -24.33
CA THR AA 42 118.42 -19.98 -24.78
C THR AA 42 117.55 -20.48 -25.92
N LEU AA 43 116.22 -20.43 -25.73
CA LEU AA 43 115.29 -20.95 -26.72
C LEU AA 43 115.37 -20.14 -28.01
N THR AA 44 115.56 -18.82 -27.90
CA THR AA 44 115.63 -17.99 -29.07
C THR AA 44 116.81 -18.43 -29.95
N GLU AA 45 117.96 -18.69 -29.32
CA GLU AA 45 119.15 -19.04 -30.05
C GLU AA 45 118.96 -20.38 -30.76
N ALA AA 46 118.28 -21.32 -30.07
CA ALA AA 46 118.08 -22.66 -30.58
C ALA AA 46 116.80 -22.74 -31.42
N ARG AA 47 116.17 -21.59 -31.68
CA ARG AA 47 114.84 -21.58 -32.25
C ARG AA 47 114.80 -22.36 -33.56
N GLU AA 48 115.68 -22.03 -34.50
CA GLU AA 48 115.70 -22.58 -35.83
C GLU AA 48 115.74 -24.11 -35.79
N ARG AA 49 116.65 -24.66 -34.95
CA ARG AA 49 116.79 -26.10 -34.84
C ARG AA 49 115.58 -26.71 -34.15
N ILE AA 50 115.02 -26.04 -33.13
CA ILE AA 50 113.88 -26.60 -32.41
C ILE AA 50 112.75 -26.83 -33.41
N VAL AA 51 112.47 -25.81 -34.23
CA VAL AA 51 111.37 -25.87 -35.17
C VAL AA 51 111.61 -27.03 -36.14
N LYS AA 52 112.84 -27.10 -36.68
CA LYS AA 52 113.16 -28.10 -37.68
C LYS AA 52 112.96 -29.50 -37.10
N GLN AA 53 113.54 -29.76 -35.92
CA GLN AA 53 113.46 -31.06 -35.31
C GLN AA 53 112.00 -31.43 -35.02
N ALA AA 54 111.24 -30.47 -34.47
CA ALA AA 54 109.86 -30.72 -34.08
C ALA AA 54 109.03 -31.06 -35.32
N GLY AA 55 109.27 -30.34 -36.41
CA GLY AA 55 108.54 -30.56 -37.64
C GLY AA 55 108.69 -32.05 -38.09
N ASP AA 56 109.94 -32.55 -38.13
CA ASP AA 56 109.92 -33.93 -38.69
C ASP AA 56 109.48 -34.90 -37.64
N GLN AA 57 109.57 -34.66 -36.33
CA GLN AA 57 108.91 -35.51 -35.36
C GLN AA 57 107.42 -35.56 -35.63
N LEU AA 58 106.83 -34.37 -35.85
CA LEU AA 58 105.38 -34.26 -36.07
C LEU AA 58 104.99 -35.07 -37.30
N PHE AA 59 105.78 -34.91 -38.38
CA PHE AA 59 105.43 -35.57 -39.63
C PHE AA 59 105.56 -37.08 -39.49
N GLN AA 60 106.55 -37.55 -38.71
CA GLN AA 60 106.65 -38.96 -38.45
C GLN AA 60 105.47 -39.42 -37.61
N LYS AA 61 105.09 -38.64 -36.59
CA LYS AA 61 104.00 -39.01 -35.71
C LYS AA 61 102.68 -39.04 -36.49
N ARG AA 62 102.51 -38.08 -37.41
CA ARG AA 62 101.29 -37.97 -38.21
C ARG AA 62 101.64 -38.00 -39.69
N PRO AA 63 101.71 -39.19 -40.32
CA PRO AA 63 101.99 -39.27 -41.75
C PRO AA 63 100.92 -38.55 -42.56
N ASP AA 64 99.66 -38.60 -42.07
CA ASP AA 64 98.50 -38.13 -42.82
C ASP AA 64 98.64 -36.64 -43.15
N VAL AA 65 99.10 -35.83 -42.21
CA VAL AA 65 99.11 -34.38 -42.40
C VAL AA 65 99.93 -34.05 -43.64
N VAL AA 66 101.09 -34.68 -43.81
CA VAL AA 66 101.88 -34.53 -45.03
C VAL AA 66 101.55 -35.71 -45.96
N SER AA 67 100.31 -35.72 -46.45
CA SER AA 67 99.85 -36.68 -47.43
C SER AA 67 98.92 -35.93 -48.36
N PRO AA 68 98.64 -36.42 -49.59
CA PRO AA 68 97.93 -35.61 -50.58
C PRO AA 68 96.60 -35.05 -50.05
N GLY AA 69 95.89 -35.87 -49.28
CA GLY AA 69 94.69 -35.40 -48.60
C GLY AA 69 95.01 -34.32 -47.56
N GLY AA 70 96.10 -34.51 -46.81
CA GLY AA 70 96.40 -33.70 -45.63
C GLY AA 70 96.73 -32.24 -45.96
N ASN AA 71 96.53 -31.39 -44.96
CA ASN AA 71 96.65 -29.95 -45.10
C ASN AA 71 98.12 -29.56 -45.34
N ALA AA 72 99.01 -30.26 -44.62
CA ALA AA 72 100.41 -29.90 -44.61
C ALA AA 72 101.10 -30.26 -45.92
N TYR AA 73 100.48 -31.14 -46.73
CA TYR AA 73 101.13 -31.70 -47.90
C TYR AA 73 101.49 -30.65 -48.93
N GLY AA 74 102.69 -30.83 -49.54
CA GLY AA 74 103.23 -29.88 -50.50
C GLY AA 74 104.22 -28.95 -49.83
N GLU AA 75 105.19 -28.41 -50.61
CA GLU AA 75 106.25 -27.57 -50.06
C GLU AA 75 105.65 -26.29 -49.47
N LYS AA 76 104.75 -25.62 -50.22
CA LYS AA 76 104.18 -24.37 -49.74
C LYS AA 76 103.53 -24.63 -48.38
N MET AA 77 102.69 -25.67 -48.33
CA MET AA 77 101.93 -25.98 -47.14
C MET AA 77 102.87 -26.38 -46.00
N THR AA 78 103.91 -27.16 -46.29
CA THR AA 78 104.82 -27.61 -45.25
C THR AA 78 105.53 -26.39 -44.65
N ALA AA 79 105.92 -25.43 -45.50
CA ALA AA 79 106.56 -24.23 -45.02
C ALA AA 79 105.63 -23.48 -44.06
N LEU AA 80 104.36 -23.36 -44.43
CA LEU AA 80 103.38 -22.67 -43.61
C LEU AA 80 103.24 -23.36 -42.27
N CYS AA 81 103.23 -24.70 -42.27
CA CYS AA 81 103.13 -25.45 -41.02
C CYS AA 81 104.31 -25.15 -40.13
N LEU AA 82 105.51 -25.05 -40.72
CA LEU AA 82 106.70 -24.75 -39.95
C LEU AA 82 106.65 -23.30 -39.48
N ARG AA 83 106.15 -22.41 -40.34
CA ARG AA 83 105.99 -21.00 -39.95
C ARG AA 83 105.13 -20.92 -38.68
N ASP AA 84 104.03 -21.68 -38.67
CA ASP AA 84 103.14 -21.68 -37.53
C ASP AA 84 103.86 -22.16 -36.27
N LEU AA 85 104.68 -23.20 -36.40
CA LEU AA 85 105.42 -23.71 -35.26
C LEU AA 85 106.36 -22.63 -34.74
N ASP AA 86 106.99 -21.91 -35.66
CA ASP AA 86 107.89 -20.84 -35.27
C ASP AA 86 107.13 -19.76 -34.49
N TYR AA 87 105.94 -19.39 -34.98
CA TYR AA 87 105.10 -18.40 -34.32
C TYR AA 87 104.83 -18.80 -32.88
N TYR AA 88 104.45 -20.06 -32.68
CA TYR AA 88 104.11 -20.52 -31.34
C TYR AA 88 105.33 -20.48 -30.45
N LEU AA 89 106.52 -20.78 -30.99
CA LEU AA 89 107.72 -20.74 -30.18
C LEU AA 89 107.99 -19.30 -29.73
N ARG AA 90 107.84 -18.34 -30.64
CA ARG AA 90 108.05 -16.95 -30.30
C ARG AA 90 107.10 -16.54 -29.18
N LEU AA 91 105.84 -16.98 -29.28
CA LEU AA 91 104.86 -16.67 -28.26
C LEU AA 91 105.29 -17.25 -26.91
N VAL AA 92 105.80 -18.48 -26.91
CA VAL AA 92 106.22 -19.11 -25.67
C VAL AA 92 107.32 -18.29 -25.02
N THR AA 93 108.29 -17.81 -25.80
CA THR AA 93 109.37 -17.03 -25.22
C THR AA 93 108.80 -15.79 -24.56
N TYR AA 94 107.86 -15.11 -25.25
CA TYR AA 94 107.23 -13.92 -24.71
C TYR AA 94 106.59 -14.24 -23.37
N GLY AA 95 105.91 -15.39 -23.30
CA GLY AA 95 105.23 -15.81 -22.09
C GLY AA 95 106.19 -15.97 -20.93
N ILE AA 96 107.34 -16.60 -21.17
CA ILE AA 96 108.27 -16.87 -20.09
C ILE AA 96 108.73 -15.56 -19.46
N VAL AA 97 109.07 -14.57 -20.29
CA VAL AA 97 109.55 -13.30 -19.75
C VAL AA 97 108.40 -12.61 -19.03
N ALA AA 98 107.18 -12.69 -19.55
CA ALA AA 98 106.02 -12.05 -18.94
C ALA AA 98 105.63 -12.72 -17.63
N GLY AA 99 105.86 -14.02 -17.53
CA GLY AA 99 105.49 -14.77 -16.33
C GLY AA 99 104.02 -15.12 -16.33
N ASP AA 100 103.33 -14.88 -17.45
CA ASP AA 100 101.91 -15.18 -17.52
C ASP AA 100 101.58 -15.45 -18.98
N VAL AA 101 100.46 -16.15 -19.22
CA VAL AA 101 100.11 -16.59 -20.56
C VAL AA 101 99.36 -15.51 -21.28
N THR AA 102 98.98 -14.44 -20.62
CA THR AA 102 98.16 -13.40 -21.23
C THR AA 102 98.75 -12.92 -22.55
N PRO AA 103 100.04 -12.55 -22.64
CA PRO AA 103 100.62 -12.12 -23.92
C PRO AA 103 100.43 -13.18 -25.00
N ILE AA 104 100.72 -14.43 -24.63
CA ILE AA 104 100.54 -15.57 -25.52
C ILE AA 104 99.09 -15.63 -25.95
N GLU AA 105 98.19 -15.49 -24.99
CA GLU AA 105 96.77 -15.73 -25.18
C GLU AA 105 96.16 -14.77 -26.20
N GLU AA 106 96.45 -13.48 -26.07
CA GLU AA 106 95.91 -12.52 -27.01
C GLU AA 106 96.35 -12.78 -28.45
N ILE AA 107 97.62 -13.08 -28.65
CA ILE AA 107 98.15 -13.24 -30.01
C ILE AA 107 97.72 -14.58 -30.62
N GLY AA 108 97.65 -15.64 -29.83
CA GLY AA 108 97.60 -16.99 -30.37
C GLY AA 108 96.43 -17.85 -29.93
N ILE AA 109 95.76 -17.62 -28.82
CA ILE AA 109 94.83 -18.63 -28.33
C ILE AA 109 93.39 -18.18 -28.56
N ILE AA 110 93.12 -16.91 -28.88
CA ILE AA 110 91.74 -16.47 -29.03
C ILE AA 110 91.42 -16.42 -30.53
N GLY AA 111 90.40 -17.19 -30.90
CA GLY AA 111 90.03 -17.31 -32.31
C GLY AA 111 90.86 -18.37 -33.02
N VAL AA 112 91.72 -19.08 -32.31
CA VAL AA 112 92.62 -20.05 -32.93
C VAL AA 112 91.80 -21.14 -33.61
N LYS AA 113 90.75 -21.62 -32.90
CA LYS AA 113 89.92 -22.69 -33.43
C LYS AA 113 89.31 -22.24 -34.75
N GLU AA 114 88.76 -21.03 -34.77
CA GLU AA 114 88.07 -20.49 -35.93
C GLU AA 114 89.04 -20.35 -37.10
N MET AA 115 90.24 -19.84 -36.83
CA MET AA 115 91.22 -19.64 -37.88
C MET AA 115 91.57 -20.98 -38.51
N TYR AA 116 91.89 -21.97 -37.67
CA TYR AA 116 92.31 -23.26 -38.19
C TYR AA 116 91.16 -23.95 -38.90
N ASN AA 117 89.93 -23.80 -38.40
CA ASN AA 117 88.79 -24.42 -39.06
C ASN AA 117 88.60 -23.85 -40.47
N SER AA 118 88.78 -22.54 -40.65
CA SER AA 118 88.71 -21.99 -42.00
C SER AA 118 89.83 -22.60 -42.84
N LEU AA 119 91.04 -22.68 -42.28
CA LEU AA 119 92.17 -23.24 -43.01
C LEU AA 119 91.93 -24.73 -43.28
N GLN AA 120 91.21 -25.38 -42.36
CA GLN AA 120 90.90 -26.81 -42.43
C GLN AA 120 92.05 -27.63 -41.82
N THR AA 121 93.06 -26.96 -41.29
CA THR AA 121 94.14 -27.61 -40.58
C THR AA 121 93.56 -28.34 -39.38
N PRO AA 122 93.96 -29.61 -39.10
CA PRO AA 122 93.55 -30.28 -37.87
C PRO AA 122 94.24 -29.71 -36.63
N ILE AA 123 93.43 -29.36 -35.63
CA ILE AA 123 93.90 -28.71 -34.43
C ILE AA 123 94.77 -29.69 -33.64
N PRO AA 124 94.39 -30.97 -33.48
CA PRO AA 124 95.20 -31.92 -32.70
C PRO AA 124 96.64 -32.08 -33.21
N ALA AA 125 96.80 -32.07 -34.54
CA ALA AA 125 98.11 -32.19 -35.16
C ALA AA 125 98.97 -30.98 -34.77
N VAL AA 126 98.36 -29.78 -34.76
CA VAL AA 126 99.07 -28.57 -34.39
C VAL AA 126 99.56 -28.74 -32.95
N ALA AA 127 98.70 -29.27 -32.08
CA ALA AA 127 99.04 -29.50 -30.68
C ALA AA 127 100.23 -30.45 -30.57
N GLU AA 128 100.24 -31.50 -31.39
CA GLU AA 128 101.31 -32.48 -31.39
C GLU AA 128 102.64 -31.80 -31.75
N GLY AA 129 102.60 -30.91 -32.74
CA GLY AA 129 103.77 -30.16 -33.15
C GLY AA 129 104.34 -29.34 -31.99
N VAL AA 130 103.44 -28.71 -31.22
CA VAL AA 130 103.86 -27.91 -30.08
C VAL AA 130 104.47 -28.84 -29.02
N ARG AA 131 103.86 -30.00 -28.81
CA ARG AA 131 104.40 -30.98 -27.89
C ARG AA 131 105.80 -31.39 -28.32
N ALA AA 132 105.96 -31.64 -29.61
CA ALA AA 132 107.25 -32.00 -30.17
C ALA AA 132 108.28 -30.91 -29.90
N MET AA 133 107.89 -29.65 -30.11
CA MET AA 133 108.78 -28.53 -29.88
C MET AA 133 109.19 -28.51 -28.42
N LYS AA 134 108.26 -28.82 -27.53
CA LYS AA 134 108.53 -28.80 -26.09
C LYS AA 134 109.66 -29.79 -25.80
N ASN AA 135 109.59 -31.00 -26.36
CA ASN AA 135 110.55 -32.05 -26.08
C ASN AA 135 111.95 -31.61 -26.52
N VAL AA 136 112.05 -31.03 -27.72
CA VAL AA 136 113.32 -30.54 -28.23
C VAL AA 136 113.83 -29.45 -27.30
N ALA AA 137 112.96 -28.51 -26.95
CA ALA AA 137 113.34 -27.37 -26.12
C ALA AA 137 113.80 -27.85 -24.74
N THR AA 138 113.12 -28.84 -24.19
CA THR AA 138 113.43 -29.37 -22.88
C THR AA 138 114.86 -29.90 -22.85
N SER AA 139 115.26 -30.61 -23.91
CA SER AA 139 116.58 -31.22 -23.96
C SER AA 139 117.68 -30.15 -23.86
N LEU AA 140 117.51 -29.03 -24.55
CA LEU AA 140 118.52 -27.98 -24.56
C LEU AA 140 118.52 -27.25 -23.21
N LEU AA 141 117.35 -27.13 -22.58
CA LEU AA 141 117.22 -26.40 -21.34
C LEU AA 141 117.71 -27.27 -20.19
N SER AA 142 118.21 -26.65 -19.13
CA SER AA 142 118.46 -27.32 -17.87
C SER AA 142 117.12 -27.70 -17.23
N GLY AA 143 117.14 -28.69 -16.33
CA GLY AA 143 115.92 -29.33 -15.82
C GLY AA 143 114.91 -28.34 -15.22
N ASP AA 144 115.38 -27.49 -14.31
CA ASP AA 144 114.52 -26.48 -13.69
C ASP AA 144 114.05 -25.47 -14.73
N ASP AA 145 114.94 -25.07 -15.63
CA ASP AA 145 114.58 -24.18 -16.73
C ASP AA 145 113.52 -24.84 -17.60
N ALA AA 146 113.71 -26.14 -17.86
CA ALA AA 146 112.81 -26.91 -18.71
C ALA AA 146 111.41 -26.92 -18.13
N ALA AA 147 111.32 -27.10 -16.80
CA ALA AA 147 110.03 -27.16 -16.13
C ALA AA 147 109.26 -25.86 -16.35
N GLU AA 148 109.95 -24.73 -16.17
CA GLU AA 148 109.36 -23.42 -16.40
C GLU AA 148 108.84 -23.32 -17.83
N ALA AA 149 109.71 -23.67 -18.78
CA ALA AA 149 109.34 -23.60 -20.20
C ALA AA 149 108.17 -24.55 -20.48
N GLY AA 150 108.19 -25.72 -19.84
CA GLY AA 150 107.17 -26.74 -20.06
C GLY AA 150 105.76 -26.21 -19.79
N PHE AA 151 105.62 -25.43 -18.72
CA PHE AA 151 104.32 -24.92 -18.32
C PHE AA 151 103.71 -24.15 -19.47
N TYR AA 152 104.50 -23.26 -20.08
CA TYR AA 152 104.01 -22.42 -21.18
C TYR AA 152 103.69 -23.29 -22.38
N PHE AA 153 104.53 -24.26 -22.66
CA PHE AA 153 104.32 -25.20 -23.76
C PHE AA 153 103.01 -25.96 -23.54
N ASP AA 154 102.78 -26.42 -22.29
CA ASP AA 154 101.61 -27.18 -21.95
C ASP AA 154 100.34 -26.33 -22.15
N TYR AA 155 100.41 -25.06 -21.75
CA TYR AA 155 99.29 -24.15 -21.89
C TYR AA 155 98.87 -24.09 -23.35
N LEU AA 156 99.84 -23.94 -24.25
CA LEU AA 156 99.57 -23.85 -25.67
C LEU AA 156 98.85 -25.10 -26.13
N VAL AA 157 99.35 -26.26 -25.70
CA VAL AA 157 98.77 -27.52 -26.11
C VAL AA 157 97.35 -27.60 -25.59
N GLY AA 158 97.13 -27.16 -24.34
CA GLY AA 158 95.80 -27.14 -23.76
C GLY AA 158 94.85 -26.22 -24.53
N ALA AA 159 95.35 -25.04 -24.90
CA ALA AA 159 94.56 -24.02 -25.57
C ALA AA 159 94.03 -24.52 -26.90
N MET AA 160 94.87 -25.24 -27.67
CA MET AA 160 94.42 -25.77 -28.94
C MET AA 160 93.94 -27.22 -28.71
N GLN BA 2 98.74 -0.89 -19.94
CA GLN BA 2 99.57 -2.08 -20.03
C GLN BA 2 100.86 -1.91 -19.22
N ASP BA 3 101.86 -2.75 -19.50
CA ASP BA 3 102.98 -2.70 -18.56
C ASP BA 3 104.26 -2.65 -19.37
N ALA BA 4 105.39 -2.38 -18.70
CA ALA BA 4 106.65 -2.24 -19.40
C ALA BA 4 107.00 -3.51 -20.16
N ILE BA 5 106.86 -4.64 -19.48
CA ILE BA 5 107.19 -5.93 -20.07
C ILE BA 5 106.36 -6.13 -21.33
N THR BA 6 105.05 -5.91 -21.23
CA THR BA 6 104.16 -6.13 -22.36
C THR BA 6 104.45 -5.12 -23.45
N ALA BA 7 104.82 -3.88 -23.09
CA ALA BA 7 105.14 -2.88 -24.10
C ALA BA 7 106.27 -3.31 -25.01
N VAL BA 8 107.31 -3.87 -24.40
CA VAL BA 8 108.45 -4.38 -25.15
C VAL BA 8 107.97 -5.50 -26.06
N ILE BA 9 107.21 -6.45 -25.48
CA ILE BA 9 106.71 -7.57 -26.24
C ILE BA 9 105.91 -7.08 -27.43
N ASN BA 10 105.04 -6.10 -27.23
CA ASN BA 10 104.13 -5.69 -28.28
C ASN BA 10 104.93 -5.08 -29.43
N ASN BA 11 105.97 -4.29 -29.09
CA ASN BA 11 106.73 -3.66 -30.14
C ASN BA 11 107.45 -4.72 -30.97
N TYR BA 12 107.94 -5.77 -30.33
CA TYR BA 12 108.60 -6.88 -31.03
C TYR BA 12 107.59 -7.66 -31.87
N ASP BA 13 106.39 -7.86 -31.32
CA ASP BA 13 105.38 -8.65 -32.01
C ASP BA 13 104.97 -7.99 -33.33
N VAL BA 14 104.83 -6.66 -33.36
CA VAL BA 14 104.44 -6.00 -34.59
C VAL BA 14 105.56 -6.16 -35.61
N GLN BA 15 106.81 -6.12 -35.15
CA GLN BA 15 107.95 -6.35 -36.02
C GLN BA 15 107.99 -7.84 -36.41
N GLY BA 16 107.49 -8.71 -35.53
CA GLY BA 16 107.52 -10.15 -35.75
C GLY BA 16 108.85 -10.73 -35.28
N LYS BA 17 109.70 -9.87 -34.71
CA LYS BA 17 111.02 -10.26 -34.26
C LYS BA 17 110.92 -11.07 -32.97
N TYR BA 18 111.78 -12.09 -32.84
CA TYR BA 18 111.98 -12.77 -31.57
C TYR BA 18 112.66 -11.80 -30.61
N LEU BA 19 112.47 -12.03 -29.31
CA LEU BA 19 113.07 -11.15 -28.31
C LEU BA 19 114.59 -11.24 -28.41
N ASP BA 20 115.25 -10.08 -28.33
CA ASP BA 20 116.69 -9.99 -28.52
C ASP BA 20 117.32 -9.38 -27.26
N GLY BA 21 118.65 -9.43 -27.18
CA GLY BA 21 119.38 -9.03 -26.00
C GLY BA 21 119.08 -7.58 -25.60
N ALA BA 22 119.05 -6.66 -26.60
CA ALA BA 22 118.74 -5.28 -26.35
C ALA BA 22 117.37 -5.15 -25.66
N ALA BA 23 116.38 -5.87 -26.20
CA ALA BA 23 115.07 -5.94 -25.57
C ALA BA 23 115.18 -6.51 -24.16
N LEU BA 24 115.98 -7.58 -24.02
CA LEU BA 24 116.13 -8.25 -22.74
C LEU BA 24 116.69 -7.28 -21.71
N ASP BA 25 117.63 -6.41 -22.13
CA ASP BA 25 118.26 -5.45 -21.24
C ASP BA 25 117.23 -4.49 -20.65
N LYS BA 26 116.30 -4.02 -21.50
CA LYS BA 26 115.23 -3.14 -21.04
C LYS BA 26 114.39 -3.87 -20.00
N LEU BA 27 114.09 -5.13 -20.28
CA LEU BA 27 113.28 -5.94 -19.36
C LEU BA 27 114.05 -6.10 -18.04
N LYS BA 28 115.37 -6.31 -18.15
CA LYS BA 28 116.20 -6.53 -16.98
C LYS BA 28 116.21 -5.28 -16.12
N ALA BA 29 116.29 -4.12 -16.78
CA ALA BA 29 116.26 -2.84 -16.08
C ALA BA 29 114.99 -2.75 -15.23
N TYR BA 30 113.85 -3.10 -15.84
CA TYR BA 30 112.58 -3.04 -15.13
C TYR BA 30 112.62 -3.96 -13.91
N PHE BA 31 113.20 -5.16 -14.06
CA PHE BA 31 113.15 -6.16 -13.00
C PHE BA 31 113.87 -5.67 -11.75
N THR BA 32 114.99 -4.96 -11.92
CA THR BA 32 115.72 -4.39 -10.79
C THR BA 32 114.87 -3.34 -10.07
N THR BA 33 114.19 -2.47 -10.85
CA THR BA 33 113.39 -1.40 -10.27
C THR BA 33 112.19 -1.98 -9.52
N GLY BA 34 111.71 -3.13 -9.99
CA GLY BA 34 110.48 -3.76 -9.52
C GLY BA 34 110.37 -3.86 -8.00
N ALA BA 35 111.44 -4.37 -7.35
CA ALA BA 35 111.38 -4.61 -5.91
C ALA BA 35 111.08 -3.32 -5.15
N VAL BA 36 111.74 -2.23 -5.54
CA VAL BA 36 111.54 -0.92 -4.95
C VAL BA 36 110.08 -0.50 -5.09
N ARG BA 37 109.55 -0.69 -6.31
CA ARG BA 37 108.20 -0.26 -6.63
C ARG BA 37 107.19 -0.97 -5.72
N VAL BA 38 107.38 -2.28 -5.52
CA VAL BA 38 106.44 -3.04 -4.72
C VAL BA 38 106.41 -2.46 -3.30
N ARG BA 39 107.59 -2.14 -2.75
CA ARG BA 39 107.65 -1.60 -1.40
C ARG BA 39 106.90 -0.26 -1.36
N ALA BA 40 107.13 0.59 -2.37
CA ALA BA 40 106.49 1.89 -2.42
C ALA BA 40 104.97 1.76 -2.45
N ALA BA 41 104.47 0.82 -3.26
CA ALA BA 41 103.05 0.64 -3.43
C ALA BA 41 102.38 0.30 -2.10
N ALA BA 42 103.03 -0.59 -1.32
CA ALA BA 42 102.46 -1.00 -0.04
C ALA BA 42 102.39 0.18 0.93
N VAL BA 43 103.43 1.03 0.91
CA VAL BA 43 103.46 2.21 1.74
C VAL BA 43 102.28 3.10 1.37
N ILE BA 44 102.08 3.34 0.08
CA ILE BA 44 101.05 4.27 -0.36
C ILE BA 44 99.68 3.73 0.05
N SER BA 45 99.43 2.44 -0.16
CA SER BA 45 98.11 1.88 0.13
C SER BA 45 97.75 2.07 1.60
N SER BA 46 98.72 1.83 2.50
CA SER BA 46 98.48 1.93 3.93
C SER BA 46 98.20 3.38 4.35
N ASN BA 47 98.88 4.34 3.71
CA ASN BA 47 98.81 5.73 4.12
C ASN BA 47 97.89 6.55 3.21
N ALA BA 48 97.07 5.88 2.40
CA ALA BA 48 96.33 6.57 1.35
C ALA BA 48 95.41 7.64 1.93
N THR BA 49 94.63 7.27 2.96
CA THR BA 49 93.68 8.20 3.55
C THR BA 49 94.41 9.45 4.04
N THR BA 50 95.54 9.25 4.74
CA THR BA 50 96.31 10.36 5.29
C THR BA 50 96.89 11.20 4.16
N ILE BA 51 97.39 10.55 3.10
CA ILE BA 51 98.00 11.28 2.01
C ILE BA 51 96.99 12.28 1.47
N ILE BA 52 95.75 11.82 1.29
CA ILE BA 52 94.71 12.66 0.72
C ILE BA 52 94.43 13.80 1.69
N LYS BA 53 94.32 13.47 2.99
CA LYS BA 53 94.04 14.46 4.02
C LYS BA 53 95.09 15.57 4.00
N GLU BA 54 96.36 15.18 3.99
CA GLU BA 54 97.45 16.13 4.04
C GLU BA 54 97.43 17.03 2.80
N ALA BA 55 97.22 16.42 1.63
CA ALA BA 55 97.23 17.17 0.38
C ALA BA 55 96.08 18.17 0.37
N ALA BA 56 94.91 17.75 0.85
CA ALA BA 56 93.75 18.63 0.90
C ALA BA 56 94.04 19.82 1.80
N ALA BA 57 94.65 19.53 2.96
CA ALA BA 57 95.03 20.54 3.93
C ALA BA 57 95.98 21.56 3.30
N LYS BA 58 96.93 21.06 2.50
CA LYS BA 58 97.90 21.92 1.84
C LYS BA 58 97.23 22.85 0.82
N ALA BA 59 96.25 22.36 0.03
CA ALA BA 59 95.72 23.14 -1.08
C ALA BA 59 94.22 23.43 -0.99
N LEU BA 60 93.43 22.38 -0.82
CA LEU BA 60 92.00 22.47 -1.06
C LEU BA 60 91.27 23.20 0.08
N ILE BA 61 91.53 22.82 1.34
CA ILE BA 61 90.68 23.34 2.40
C ILE BA 61 91.19 24.73 2.83
N TYR BA 62 90.44 25.39 3.73
CA TYR BA 62 90.74 26.73 4.20
C TYR BA 62 90.89 27.69 3.03
N SER BA 63 90.06 27.51 2.00
CA SER BA 63 90.26 28.23 0.74
C SER BA 63 88.92 28.74 0.26
N ASP BA 64 88.97 29.56 -0.79
CA ASP BA 64 87.74 30.02 -1.42
C ASP BA 64 86.90 28.86 -1.94
N LEU BA 65 87.55 27.79 -2.42
CA LEU BA 65 86.85 26.63 -2.96
C LEU BA 65 85.86 26.10 -1.94
N THR BA 66 86.31 25.93 -0.71
CA THR BA 66 85.44 25.39 0.32
C THR BA 66 84.42 26.43 0.76
N ARG BA 67 84.73 27.73 0.62
CA ARG BA 67 83.81 28.77 1.05
C ARG BA 67 82.63 28.83 0.08
N PRO BA 68 81.44 29.33 0.49
CA PRO BA 68 80.26 29.36 -0.37
C PRO BA 68 80.51 30.08 -1.68
N GLY BA 69 80.04 29.48 -2.77
CA GLY BA 69 80.31 30.00 -4.11
C GLY BA 69 81.59 29.39 -4.72
N GLY BA 70 82.27 28.54 -3.96
CA GLY BA 70 83.47 27.87 -4.43
C GLY BA 70 83.11 26.50 -4.98
N MET BA 72 84.19 23.55 -4.42
CA MET BA 72 84.13 22.44 -3.49
C MET BA 72 83.18 22.73 -2.34
N TYR BA 73 82.43 23.81 -2.43
CA TYR BA 73 81.38 24.13 -1.47
C TYR BA 73 80.21 23.15 -1.59
N THR BA 74 79.54 22.86 -0.47
CA THR BA 74 78.48 21.87 -0.30
C THR BA 74 79.13 20.50 -0.03
N THR BA 75 78.46 19.66 0.75
CA THR BA 75 79.05 18.38 1.12
C THR BA 75 79.25 17.52 -0.13
N ARG BA 76 78.28 17.54 -1.03
CA ARG BA 76 78.30 16.69 -2.20
C ARG BA 76 79.55 16.98 -3.03
N ARG BA 77 79.81 18.27 -3.31
CA ARG BA 77 80.98 18.64 -4.06
C ARG BA 77 82.26 18.31 -3.32
N TYR BA 78 82.29 18.54 -2.00
CA TYR BA 78 83.49 18.25 -1.23
C TYR BA 78 83.81 16.76 -1.37
N ALA BA 79 82.79 15.94 -1.21
CA ALA BA 79 82.98 14.49 -1.28
C ALA BA 79 83.48 14.08 -2.65
N ALA BA 80 82.93 14.68 -3.71
CA ALA BA 80 83.36 14.39 -5.06
C ALA BA 80 84.85 14.70 -5.24
N CYS BA 81 85.28 15.85 -4.75
CA CYS BA 81 86.66 16.26 -4.94
C CYS BA 81 87.61 15.27 -4.25
N ILE BA 82 87.27 14.82 -3.03
CA ILE BA 82 88.18 13.91 -2.36
C ILE BA 82 88.13 12.55 -3.03
N ARG BA 83 86.98 12.17 -3.61
CA ARG BA 83 86.91 10.93 -4.37
C ARG BA 83 87.83 11.00 -5.58
N ASP BA 84 87.85 12.13 -6.27
CA ASP BA 84 88.72 12.27 -7.43
C ASP BA 84 90.17 12.15 -6.99
N MET BA 85 90.50 12.72 -5.84
CA MET BA 85 91.87 12.69 -5.34
C MET BA 85 92.30 11.25 -5.12
N ASP BA 86 91.40 10.47 -4.52
CA ASP BA 86 91.65 9.05 -4.29
C ASP BA 86 91.93 8.32 -5.60
N TYR BA 87 91.12 8.61 -6.62
CA TYR BA 87 91.29 7.99 -7.92
C TYR BA 87 92.71 8.22 -8.41
N PHE BA 88 93.12 9.51 -8.40
CA PHE BA 88 94.42 9.82 -8.93
C PHE BA 88 95.48 9.03 -8.19
N LEU BA 89 95.37 8.95 -6.86
CA LEU BA 89 96.36 8.26 -6.09
C LEU BA 89 96.41 6.76 -6.45
N ARG BA 90 95.24 6.12 -6.52
CA ARG BA 90 95.19 4.69 -6.78
C ARG BA 90 95.79 4.38 -8.15
N TYR BA 91 95.44 5.20 -9.15
CA TYR BA 91 95.90 4.92 -10.50
C TYR BA 91 97.39 5.19 -10.61
N ALA BA 92 97.88 6.21 -9.93
CA ALA BA 92 99.32 6.49 -9.95
C ALA BA 92 100.07 5.31 -9.36
N THR BA 93 99.54 4.74 -8.28
CA THR BA 93 100.17 3.57 -7.67
C THR BA 93 100.18 2.43 -8.67
N TYR BA 94 99.08 2.21 -9.39
CA TYR BA 94 99.01 1.17 -10.39
C TYR BA 94 100.07 1.41 -11.46
N ALA BA 95 100.19 2.65 -11.91
CA ALA BA 95 101.14 3.00 -12.96
C ALA BA 95 102.56 2.74 -12.49
N MET BA 96 102.84 3.06 -11.23
CA MET BA 96 104.18 2.90 -10.70
C MET BA 96 104.56 1.43 -10.70
N LEU BA 97 103.66 0.55 -10.25
CA LEU BA 97 103.93 -0.87 -10.32
C LEU BA 97 104.15 -1.30 -11.76
N ALA BA 98 103.26 -0.84 -12.66
CA ALA BA 98 103.31 -1.27 -14.04
C ALA BA 98 104.61 -0.80 -14.71
N GLY BA 99 105.07 0.39 -14.34
CA GLY BA 99 106.20 0.99 -15.01
C GLY BA 99 105.83 1.63 -16.33
N ASP BA 100 104.53 1.82 -16.56
CA ASP BA 100 104.04 2.34 -17.83
C ASP BA 100 102.99 3.42 -17.55
N PRO BA 101 103.01 4.52 -18.32
CA PRO BA 101 101.99 5.57 -18.16
C PRO BA 101 100.62 5.29 -18.80
N SER BA 102 100.51 4.20 -19.58
CA SER BA 102 99.35 4.01 -20.43
C SER BA 102 98.06 3.88 -19.62
N ILE BA 103 98.10 3.15 -18.51
CA ILE BA 103 96.87 2.93 -17.74
C ILE BA 103 96.30 4.28 -17.32
N LEU BA 104 97.17 5.26 -16.98
CA LEU BA 104 96.67 6.56 -16.63
C LEU BA 104 95.87 7.16 -17.78
N ASP BA 105 96.42 7.06 -18.99
CA ASP BA 105 95.73 7.55 -20.18
C ASP BA 105 94.41 6.86 -20.40
N GLU BA 106 94.38 5.54 -20.27
CA GLU BA 106 93.21 4.72 -20.60
C GLU BA 106 92.08 4.99 -19.61
N ARG BA 107 92.39 5.11 -18.30
CA ARG BA 107 91.34 5.30 -17.33
C ARG BA 107 91.16 6.75 -16.88
N VAL BA 108 92.20 7.36 -16.33
CA VAL BA 108 91.98 8.65 -15.71
C VAL BA 108 91.97 9.74 -16.78
N LEU BA 109 92.99 9.76 -17.61
CA LEU BA 109 93.26 10.96 -18.37
C LEU BA 109 92.27 11.20 -19.50
N ASN BA 110 91.66 10.15 -20.03
CA ASN BA 110 90.88 10.29 -21.26
C ASN BA 110 89.53 10.90 -20.98
N GLY BA 111 89.26 12.06 -21.60
CA GLY BA 111 87.99 12.75 -21.39
C GLY BA 111 87.91 13.55 -20.10
N LEU BA 112 88.94 13.56 -19.26
CA LEU BA 112 88.83 14.24 -17.98
C LEU BA 112 88.77 15.74 -18.20
N LYS BA 113 89.61 16.27 -19.10
CA LYS BA 113 89.67 17.70 -19.32
C LYS BA 113 88.30 18.21 -19.73
N GLU BA 114 87.68 17.50 -20.67
CA GLU BA 114 86.38 17.88 -21.21
C GLU BA 114 85.33 17.82 -20.11
N THR BA 115 85.33 16.75 -19.31
CA THR BA 115 84.41 16.61 -18.21
C THR BA 115 84.54 17.79 -17.27
N TYR BA 116 85.77 18.11 -16.90
CA TYR BA 116 86.01 19.16 -15.94
C TYR BA 116 85.54 20.49 -16.49
N ASN BA 117 85.79 20.75 -17.78
CA ASN BA 117 85.39 22.01 -18.37
C ASN BA 117 83.87 22.16 -18.36
N SER BA 118 83.14 21.10 -18.70
CA SER BA 118 81.68 21.16 -18.63
C SER BA 118 81.24 21.38 -17.19
N LEU BA 119 81.86 20.69 -16.24
CA LEU BA 119 81.46 20.80 -14.86
C LEU BA 119 81.79 22.18 -14.31
N GLY BA 120 82.87 22.80 -14.83
CA GLY BA 120 83.37 24.04 -14.28
C GLY BA 120 84.31 23.81 -13.09
N VAL BA 121 84.73 22.56 -12.88
CA VAL BA 121 85.81 22.26 -11.95
C VAL BA 121 87.06 22.98 -12.41
N PRO BA 122 87.83 23.66 -11.50
CA PRO BA 122 89.05 24.35 -11.89
C PRO BA 122 90.26 23.42 -12.03
N ILE BA 123 90.82 23.37 -13.26
CA ILE BA 123 91.86 22.40 -13.56
C ILE BA 123 93.13 22.72 -12.77
N ALA BA 124 93.50 23.99 -12.72
CA ALA BA 124 94.74 24.39 -12.07
C ALA BA 124 94.74 24.00 -10.59
N ALA BA 125 93.63 24.20 -9.90
CA ALA BA 125 93.50 23.79 -8.51
C ALA BA 125 93.66 22.27 -8.37
N THR BA 126 93.07 21.52 -9.30
CA THR BA 126 93.15 20.07 -9.27
C THR BA 126 94.61 19.66 -9.43
N VAL BA 127 95.29 20.32 -10.38
CA VAL BA 127 96.69 20.02 -10.64
C VAL BA 127 97.50 20.30 -9.37
N GLY BA 128 97.21 21.43 -8.72
CA GLY BA 128 97.83 21.78 -7.45
C GLY BA 128 97.69 20.68 -6.41
N GLY BA 129 96.48 20.13 -6.29
CA GLY BA 129 96.20 19.02 -5.38
C GLY BA 129 97.03 17.78 -5.73
N ILE BA 130 97.17 17.49 -7.01
CA ILE BA 130 97.94 16.32 -7.45
C ILE BA 130 99.39 16.51 -7.05
N GLN BA 131 99.92 17.72 -7.27
CA GLN BA 131 101.30 18.05 -6.94
C GLN BA 131 101.49 17.93 -5.43
N ALA BA 132 100.52 18.38 -4.65
CA ALA BA 132 100.58 18.25 -3.20
C ALA BA 132 100.63 16.79 -2.79
N MET BA 133 99.80 15.94 -3.41
CA MET BA 133 99.82 14.53 -3.09
C MET BA 133 101.20 13.96 -3.36
N LYS BA 134 101.80 14.39 -4.48
CA LYS BA 134 103.10 13.90 -4.90
C LYS BA 134 104.13 14.16 -3.80
N GLU BA 135 104.13 15.38 -3.27
CA GLU BA 135 105.06 15.79 -2.23
C GLU BA 135 104.91 14.92 -0.99
N VAL BA 136 103.67 14.72 -0.54
CA VAL BA 136 103.40 13.88 0.62
C VAL BA 136 103.88 12.46 0.33
N VAL BA 137 103.56 11.95 -0.86
CA VAL BA 137 103.89 10.58 -1.22
C VAL BA 137 105.41 10.42 -1.20
N GLY BA 138 106.11 11.42 -1.75
CA GLY BA 138 107.56 11.39 -1.86
C GLY BA 138 108.22 11.12 -0.51
N GLY BA 139 107.76 11.83 0.52
CA GLY BA 139 108.24 11.63 1.89
C GLY BA 139 108.10 10.18 2.34
N LEU BA 140 106.88 9.63 2.22
CA LEU BA 140 106.58 8.32 2.77
C LEU BA 140 107.36 7.23 2.04
N VAL BA 141 107.44 7.33 0.72
CA VAL BA 141 108.01 6.26 -0.10
C VAL BA 141 109.52 6.22 0.11
N GLY BA 142 110.12 7.39 0.32
CA GLY BA 142 111.57 7.51 0.40
C GLY BA 142 112.17 7.87 -0.97
N PRO BA 143 113.43 8.35 -1.02
CA PRO BA 143 113.98 8.99 -2.23
C PRO BA 143 114.03 8.18 -3.53
N ASP BA 144 114.53 6.95 -3.46
CA ASP BA 144 114.64 6.10 -4.64
C ASP BA 144 113.26 5.88 -5.26
N ALA BA 145 112.29 5.55 -4.40
CA ALA BA 145 110.91 5.32 -4.83
C ALA BA 145 110.28 6.61 -5.31
N ALA BA 146 110.63 7.74 -4.67
CA ALA BA 146 110.01 9.02 -4.95
C ALA BA 146 110.19 9.41 -6.42
N LYS BA 147 111.38 9.21 -6.98
CA LYS BA 147 111.65 9.61 -8.34
C LYS BA 147 110.66 8.90 -9.28
N GLU BA 148 110.52 7.59 -9.08
CA GLU BA 148 109.61 6.77 -9.88
C GLU BA 148 108.17 7.24 -9.69
N ALA BA 149 107.78 7.46 -8.43
CA ALA BA 149 106.43 7.90 -8.12
C ALA BA 149 106.15 9.26 -8.77
N SER BA 150 107.12 10.17 -8.74
CA SER BA 150 106.93 11.54 -9.20
C SER BA 150 106.52 11.58 -10.67
N ILE BA 151 107.12 10.73 -11.52
CA ILE BA 151 106.89 10.84 -12.95
C ILE BA 151 105.41 10.61 -13.25
N TYR BA 152 104.77 9.66 -12.58
CA TYR BA 152 103.37 9.33 -12.84
C TYR BA 152 102.47 10.48 -12.36
N PHE BA 153 102.78 11.06 -11.20
CA PHE BA 153 102.06 12.22 -10.71
C PHE BA 153 102.18 13.37 -11.70
N ASP BA 154 103.37 13.59 -12.23
CA ASP BA 154 103.61 14.66 -13.19
C ASP BA 154 102.84 14.39 -14.48
N TYR BA 155 102.76 13.12 -14.87
CA TYR BA 155 102.03 12.71 -16.06
C TYR BA 155 100.54 13.08 -15.92
N LEU BA 156 99.96 12.78 -14.76
CA LEU BA 156 98.58 13.15 -14.49
C LEU BA 156 98.43 14.66 -14.59
N SER BA 157 99.36 15.40 -13.99
CA SER BA 157 99.27 16.86 -13.96
C SER BA 157 99.28 17.41 -15.39
N SER BA 158 100.21 16.91 -16.21
CA SER BA 158 100.37 17.37 -17.58
C SER BA 158 99.10 17.08 -18.40
N GLY BA 159 98.50 15.89 -18.15
CA GLY BA 159 97.20 15.53 -18.73
C GLY BA 159 96.07 16.41 -18.19
N SER CA 2 93.37 -18.51 1.22
CA SER CA 2 94.78 -18.91 0.92
C SER CA 2 95.10 -18.63 -0.53
N VAL CA 3 96.40 -18.70 -0.88
CA VAL CA 3 96.85 -18.47 -2.24
C VAL CA 3 96.13 -19.43 -3.17
N LEU CA 4 96.08 -20.71 -2.74
CA LEU CA 4 95.58 -21.73 -3.64
C LEU CA 4 94.10 -21.49 -3.88
N THR CA 5 93.35 -21.19 -2.84
CA THR CA 5 91.91 -20.95 -2.96
C THR CA 5 91.68 -19.83 -3.96
N LYS CA 6 92.45 -18.75 -3.84
CA LYS CA 6 92.27 -17.60 -4.70
C LYS CA 6 92.46 -18.03 -6.15
N ALA CA 7 93.53 -18.78 -6.43
CA ALA CA 7 93.84 -19.19 -7.78
C ALA CA 7 92.74 -20.06 -8.37
N ILE CA 8 92.26 -21.02 -7.58
CA ILE CA 8 91.21 -21.94 -8.02
C ILE CA 8 89.97 -21.14 -8.37
N VAL CA 9 89.61 -20.20 -7.51
CA VAL CA 9 88.39 -19.43 -7.70
C VAL CA 9 88.45 -18.66 -9.02
N ASN CA 10 89.61 -18.06 -9.34
CA ASN CA 10 89.72 -17.30 -10.56
C ASN CA 10 89.57 -18.23 -11.76
N ALA CA 11 90.19 -19.41 -11.67
CA ALA CA 11 90.13 -20.39 -12.74
C ALA CA 11 88.70 -20.84 -12.97
N ASP CA 12 87.95 -21.10 -11.88
CA ASP CA 12 86.60 -21.61 -12.00
C ASP CA 12 85.71 -20.57 -12.67
N ALA CA 13 85.90 -19.29 -12.34
CA ALA CA 13 85.15 -18.23 -12.97
C ALA CA 13 85.39 -18.22 -14.47
N GLU CA 14 86.66 -18.39 -14.86
CA GLU CA 14 87.04 -18.44 -16.26
C GLU CA 14 86.68 -19.78 -16.88
N ALA CA 15 86.38 -20.78 -16.03
CA ALA CA 15 86.03 -22.12 -16.49
C ALA CA 15 87.21 -22.77 -17.22
N ARG CA 16 88.43 -22.53 -16.73
CA ARG CA 16 89.65 -23.03 -17.33
C ARG CA 16 90.49 -23.75 -16.28
N TYR CA 17 91.43 -24.60 -16.73
CA TYR CA 17 92.45 -25.14 -15.84
C TYR CA 17 93.40 -24.05 -15.39
N LEU CA 18 94.11 -24.28 -14.28
CA LEU CA 18 95.02 -23.28 -13.74
C LEU CA 18 96.10 -22.93 -14.76
N SER CA 19 96.32 -21.62 -14.89
CA SER CA 19 97.30 -21.06 -15.81
C SER CA 19 98.70 -21.38 -15.26
N PRO CA 20 99.73 -21.45 -16.14
CA PRO CA 20 101.10 -21.72 -15.72
C PRO CA 20 101.58 -20.73 -14.66
N GLY CA 21 101.29 -19.43 -14.90
CA GLY CA 21 101.66 -18.38 -13.97
C GLY CA 21 101.05 -18.61 -12.59
N GLU CA 22 99.75 -18.97 -12.57
CA GLU CA 22 99.04 -19.28 -11.35
C GLU CA 22 99.70 -20.46 -10.65
N LEU CA 23 100.07 -21.49 -11.44
CA LEU CA 23 100.71 -22.67 -10.91
C LEU CA 23 102.05 -22.31 -10.29
N ASP CA 24 102.79 -21.39 -10.94
CA ASP CA 24 104.10 -21.00 -10.46
C ASP CA 24 103.99 -20.34 -9.08
N ARG CA 25 102.96 -19.48 -8.92
CA ARG CA 25 102.75 -18.81 -7.66
C ARG CA 25 102.47 -19.83 -6.57
N ILE CA 26 101.73 -20.90 -6.90
CA ILE CA 26 101.44 -21.94 -5.94
C ILE CA 26 102.73 -22.60 -5.50
N LYS CA 27 103.62 -22.87 -6.46
CA LYS CA 27 104.89 -23.52 -6.17
C LYS CA 27 105.70 -22.65 -5.21
N SER CA 28 105.74 -21.32 -5.49
CA SER CA 28 106.52 -20.43 -4.67
C SER CA 28 105.98 -20.45 -3.24
N PHE CA 29 104.65 -20.44 -3.12
CA PHE CA 29 103.97 -20.39 -1.84
C PHE CA 29 104.31 -21.60 -1.00
N VAL CA 30 104.34 -22.79 -1.60
CA VAL CA 30 104.54 -24.01 -0.82
C VAL CA 30 105.97 -23.99 -0.27
N ALA CA 31 106.94 -23.48 -1.06
CA ALA CA 31 108.29 -23.34 -0.59
C ALA CA 31 108.38 -22.35 0.59
N SER CA 32 107.65 -21.24 0.46
CA SER CA 32 107.70 -20.18 1.45
C SER CA 32 107.07 -20.63 2.78
N GLY CA 33 106.11 -21.58 2.70
CA GLY CA 33 105.25 -21.90 3.83
C GLY CA 33 105.98 -22.16 5.17
N GLU CA 34 107.06 -22.97 5.09
CA GLU CA 34 107.76 -23.35 6.32
C GLU CA 34 108.33 -22.11 7.04
N ARG CA 35 108.94 -21.20 6.27
CA ARG CA 35 109.39 -19.93 6.81
C ARG CA 35 108.19 -19.16 7.40
N ARG CA 36 107.07 -19.14 6.68
CA ARG CA 36 105.90 -18.43 7.13
C ARG CA 36 105.42 -18.98 8.47
N LEU CA 37 105.45 -20.31 8.62
CA LEU CA 37 104.97 -20.93 9.85
C LEU CA 37 105.76 -20.41 11.06
N ARG CA 38 107.08 -20.31 10.88
CA ARG CA 38 107.96 -19.83 11.95
C ARG CA 38 107.60 -18.39 12.32
N ILE CA 39 107.38 -17.53 11.31
CA ILE CA 39 107.05 -16.14 11.56
C ILE CA 39 105.77 -16.07 12.41
N ALA CA 40 104.77 -16.87 12.02
CA ALA CA 40 103.50 -16.89 12.74
C ALA CA 40 103.70 -17.36 14.18
N GLN CA 41 104.56 -18.37 14.34
CA GLN CA 41 104.79 -18.95 15.65
C GLN CA 41 105.38 -17.88 16.57
N THR CA 42 106.34 -17.12 16.05
CA THR CA 42 107.01 -16.09 16.83
C THR CA 42 105.98 -15.10 17.38
N LEU CA 43 105.09 -14.61 16.52
CA LEU CA 43 104.10 -13.61 16.91
C LEU CA 43 103.13 -14.19 17.94
N THR CA 44 102.77 -15.46 17.77
CA THR CA 44 101.85 -16.09 18.70
C THR CA 44 102.44 -16.08 20.11
N GLU CA 45 103.73 -16.42 20.23
CA GLU CA 45 104.38 -16.50 21.53
C GLU CA 45 104.43 -15.11 22.17
N ALA CA 46 104.69 -14.09 21.35
CA ALA CA 46 104.84 -12.73 21.84
C ALA CA 46 103.48 -12.00 21.87
N ARG CA 47 102.40 -12.75 21.64
CA ARG CA 47 101.10 -12.13 21.41
C ARG CA 47 100.72 -11.24 22.60
N GLU CA 48 100.76 -11.79 23.80
CA GLU CA 48 100.32 -11.12 25.02
C GLU CA 48 101.02 -9.77 25.19
N ARG CA 49 102.34 -9.77 25.00
CA ARG CA 49 103.13 -8.55 25.15
C ARG CA 49 102.82 -7.56 24.01
N ILE CA 50 102.65 -8.08 22.78
CA ILE CA 50 102.40 -7.20 21.65
C ILE CA 50 101.13 -6.40 21.92
N VAL CA 51 100.08 -7.10 22.36
CA VAL CA 51 98.80 -6.47 22.58
C VAL CA 51 98.96 -5.40 23.66
N LYS CA 52 99.62 -5.77 24.77
CA LYS CA 52 99.75 -4.87 25.91
C LYS CA 52 100.49 -3.59 25.47
N GLN CA 53 101.63 -3.76 24.82
CA GLN CA 53 102.43 -2.62 24.41
C GLN CA 53 101.65 -1.73 23.44
N ALA CA 54 100.97 -2.35 22.47
CA ALA CA 54 100.25 -1.60 21.46
C ALA CA 54 99.12 -0.81 22.10
N GLY CA 55 98.42 -1.43 23.06
CA GLY CA 55 97.34 -0.77 23.77
C GLY CA 55 97.81 0.53 24.40
N ASP CA 56 98.93 0.46 25.13
CA ASP CA 56 99.49 1.59 25.83
C ASP CA 56 99.82 2.70 24.83
N GLN CA 57 100.47 2.33 23.73
CA GLN CA 57 100.83 3.27 22.69
C GLN CA 57 99.57 3.96 22.15
N LEU CA 58 98.53 3.16 21.89
CA LEU CA 58 97.29 3.68 21.32
C LEU CA 58 96.69 4.70 22.30
N PHE CA 59 96.65 4.35 23.58
CA PHE CA 59 96.03 5.21 24.57
C PHE CA 59 96.82 6.50 24.71
N GLN CA 60 98.14 6.43 24.61
CA GLN CA 60 98.97 7.63 24.62
C GLN CA 60 98.65 8.47 23.37
N LYS CA 61 98.55 7.81 22.20
CA LYS CA 61 98.30 8.51 20.96
C LYS CA 61 96.92 9.16 20.97
N ARG CA 62 95.93 8.46 21.55
CA ARG CA 62 94.56 8.93 21.61
C ARG CA 62 94.08 8.96 23.05
N PRO CA 63 94.31 10.06 23.79
CA PRO CA 63 93.80 10.14 25.17
C PRO CA 63 92.28 10.03 25.21
N ASP CA 64 91.63 10.58 24.16
CA ASP CA 64 90.19 10.76 24.14
C ASP CA 64 89.48 9.42 24.25
N VAL CA 65 89.97 8.38 23.57
CA VAL CA 65 89.24 7.13 23.52
C VAL CA 65 89.02 6.60 24.93
N VAL CA 66 90.07 6.67 25.78
CA VAL CA 66 89.94 6.32 27.19
C VAL CA 66 89.73 7.60 27.98
N SER CA 67 88.58 8.24 27.77
CA SER CA 67 88.15 9.42 28.50
C SER CA 67 86.65 9.27 28.70
N PRO CA 68 86.02 9.99 29.66
CA PRO CA 68 84.63 9.71 30.01
C PRO CA 68 83.69 9.75 28.80
N GLY CA 69 83.94 10.70 27.90
CA GLY CA 69 83.21 10.74 26.64
C GLY CA 69 83.50 9.52 25.76
N GLY CA 70 84.77 9.10 25.71
CA GLY CA 70 85.26 8.12 24.76
C GLY CA 70 84.68 6.72 25.01
N ASN CA 71 84.66 5.92 23.93
CA ASN CA 71 84.06 4.60 23.92
C ASN CA 71 84.85 3.64 24.80
N ALA CA 72 86.18 3.78 24.74
CA ALA CA 72 87.08 2.84 25.39
C ALA CA 72 87.05 3.01 26.92
N TYR CA 73 86.55 4.15 27.41
CA TYR CA 73 86.65 4.50 28.81
C TYR CA 73 85.92 3.51 29.72
N GLY CA 74 86.55 3.23 30.87
CA GLY CA 74 86.07 2.25 31.84
C GLY CA 74 86.80 0.93 31.64
N GLU CA 75 86.89 0.12 32.72
CA GLU CA 75 87.62 -1.14 32.69
C GLU CA 75 86.98 -2.10 31.69
N LYS CA 76 85.65 -2.26 31.75
CA LYS CA 76 84.97 -3.19 30.87
C LYS CA 76 85.30 -2.83 29.43
N MET CA 77 85.11 -1.55 29.10
CA MET CA 77 85.33 -1.07 27.73
C MET CA 77 86.79 -1.23 27.32
N THR CA 78 87.71 -0.91 28.23
CA THR CA 78 89.12 -0.99 27.89
C THR CA 78 89.50 -2.44 27.59
N ALA CA 79 88.96 -3.38 28.37
CA ALA CA 79 89.20 -4.79 28.13
C ALA CA 79 88.73 -5.19 26.74
N LEU CA 80 87.52 -4.74 26.37
CA LEU CA 80 86.96 -5.05 25.06
C LEU CA 80 87.84 -4.51 23.96
N CYS CA 81 88.38 -3.30 24.14
CA CYS CA 81 89.26 -2.71 23.15
C CYS CA 81 90.52 -3.57 22.99
N LEU CA 82 91.05 -4.08 24.11
CA LEU CA 82 92.23 -4.92 24.04
C LEU CA 82 91.88 -6.26 23.42
N ARG CA 83 90.70 -6.80 23.74
CA ARG CA 83 90.25 -8.04 23.14
C ARG CA 83 90.20 -7.90 21.62
N ASP CA 84 89.71 -6.76 21.15
CA ASP CA 84 89.64 -6.51 19.71
C ASP CA 84 91.04 -6.54 19.11
N LEU CA 85 92.00 -5.92 19.78
CA LEU CA 85 93.36 -5.90 19.29
C LEU CA 85 93.90 -7.32 19.21
N ASP CA 86 93.60 -8.13 20.23
CA ASP CA 86 94.02 -9.51 20.23
C ASP CA 86 93.42 -10.26 19.03
N TYR CA 87 92.13 -10.04 18.76
CA TYR CA 87 91.45 -10.66 17.64
C TYR CA 87 92.17 -10.36 16.34
N TYR CA 88 92.51 -9.09 16.13
CA TYR CA 88 93.16 -8.71 14.90
C TYR CA 88 94.52 -9.37 14.79
N LEU CA 89 95.24 -9.52 15.90
CA LEU CA 89 96.54 -10.15 15.85
C LEU CA 89 96.40 -11.61 15.43
N ARG CA 90 95.40 -12.30 15.99
CA ARG CA 90 95.16 -13.69 15.65
C ARG CA 90 94.89 -13.80 14.15
N LEU CA 91 94.08 -12.88 13.63
CA LEU CA 91 93.76 -12.87 12.21
C LEU CA 91 95.02 -12.69 11.39
N VAL CA 92 95.92 -11.80 11.81
CA VAL CA 92 97.14 -11.56 11.05
C VAL CA 92 97.96 -12.85 10.99
N THR CA 93 98.06 -13.58 12.10
CA THR CA 93 98.85 -14.80 12.10
C THR CA 93 98.25 -15.77 11.08
N TYR CA 94 96.92 -15.90 11.09
CA TYR CA 94 96.23 -16.77 10.15
C TYR CA 94 96.60 -16.39 8.72
N GLY CA 95 96.63 -15.08 8.45
CA GLY CA 95 96.95 -14.57 7.13
C GLY CA 95 98.34 -14.98 6.68
N ILE CA 96 99.32 -14.89 7.58
CA ILE CA 96 100.70 -15.17 7.21
C ILE CA 96 100.80 -16.62 6.76
N VAL CA 97 100.19 -17.55 7.50
CA VAL CA 97 100.27 -18.96 7.14
C VAL CA 97 99.53 -19.18 5.82
N ALA CA 98 98.39 -18.51 5.63
CA ALA CA 98 97.60 -18.68 4.42
C ALA CA 98 98.29 -18.08 3.22
N GLY CA 99 99.09 -17.01 3.42
CA GLY CA 99 99.76 -16.36 2.31
C GLY CA 99 98.86 -15.40 1.58
N ASP CA 100 97.65 -15.18 2.12
CA ASP CA 100 96.68 -14.30 1.49
C ASP CA 100 95.83 -13.70 2.59
N VAL CA 101 95.19 -12.57 2.27
CA VAL CA 101 94.39 -11.83 3.23
C VAL CA 101 92.99 -12.38 3.25
N THR CA 102 92.62 -13.26 2.34
CA THR CA 102 91.27 -13.75 2.24
C THR CA 102 90.75 -14.26 3.60
N PRO CA 103 91.49 -15.16 4.30
CA PRO CA 103 91.03 -15.64 5.61
C PRO CA 103 90.79 -14.48 6.57
N ILE CA 104 91.72 -13.53 6.60
CA ILE CA 104 91.61 -12.34 7.43
C ILE CA 104 90.34 -11.60 7.03
N GLU CA 105 90.14 -11.43 5.72
CA GLU CA 105 89.11 -10.58 5.17
C GLU CA 105 87.72 -11.06 5.57
N GLU CA 106 87.45 -12.33 5.44
CA GLU CA 106 86.15 -12.89 5.77
C GLU CA 106 85.79 -12.67 7.24
N ILE CA 107 86.74 -12.94 8.12
CA ILE CA 107 86.46 -12.90 9.56
C ILE CA 107 86.38 -11.45 10.06
N GLY CA 108 87.19 -10.55 9.52
CA GLY CA 108 87.43 -9.26 10.17
C GLY CA 108 87.09 -8.04 9.33
N ILE CA 109 87.19 -8.07 8.00
CA ILE CA 109 87.19 -6.82 7.26
C ILE CA 109 85.86 -6.56 6.56
N ILE CA 110 84.96 -7.55 6.47
CA ILE CA 110 83.72 -7.32 5.76
C ILE CA 110 82.62 -7.06 6.79
N GLY CA 111 82.00 -5.88 6.66
CA GLY CA 111 81.00 -5.46 7.63
C GLY CA 111 81.63 -4.81 8.84
N VAL CA 112 82.96 -4.63 8.85
CA VAL CA 112 83.63 -4.09 10.01
C VAL CA 112 83.13 -2.67 10.26
N LYS CA 113 83.00 -1.87 9.19
CA LYS CA 113 82.57 -0.49 9.31
C LYS CA 113 81.21 -0.46 9.99
N GLU CA 114 80.29 -1.29 9.52
CA GLU CA 114 78.92 -1.33 10.02
C GLU CA 114 78.89 -1.72 11.49
N MET CA 115 79.67 -2.73 11.85
CA MET CA 115 79.70 -3.21 13.22
C MET CA 115 80.18 -2.09 14.13
N TYR CA 116 81.30 -1.46 13.76
CA TYR CA 116 81.88 -0.44 14.62
C TYR CA 116 80.97 0.78 14.67
N ASN CA 117 80.31 1.12 13.57
CA ASN CA 117 79.41 2.26 13.57
C ASN CA 117 78.25 2.03 14.54
N SER CA 118 77.70 0.81 14.59
CA SER CA 118 76.67 0.54 15.58
C SER CA 118 77.26 0.70 16.98
N LEU CA 119 78.47 0.15 17.20
CA LEU CA 119 79.11 0.26 18.49
C LEU CA 119 79.45 1.71 18.79
N GLN CA 120 79.73 2.49 17.75
CA GLN CA 120 80.11 3.91 17.83
C GLN CA 120 81.61 4.04 18.09
N THR CA 121 82.33 2.91 18.09
CA THR CA 121 83.78 2.92 18.17
C THR CA 121 84.33 3.69 16.99
N PRO CA 122 85.32 4.61 17.18
CA PRO CA 122 85.97 5.27 16.04
C PRO CA 122 86.91 4.33 15.27
N ILE CA 123 86.70 4.25 13.95
CA ILE CA 123 87.46 3.34 13.11
C ILE CA 123 88.90 3.77 13.07
N PRO CA 124 89.24 5.08 12.94
CA PRO CA 124 90.64 5.50 12.85
C PRO CA 124 91.49 5.09 14.06
N ALA CA 125 90.88 5.15 15.26
CA ALA CA 125 91.56 4.75 16.47
C ALA CA 125 91.92 3.27 16.41
N VAL CA 126 90.98 2.45 15.89
CA VAL CA 126 91.22 1.02 15.76
C VAL CA 126 92.41 0.81 14.84
N ALA CA 127 92.46 1.58 13.75
CA ALA CA 127 93.55 1.48 12.79
C ALA CA 127 94.87 1.82 13.46
N GLU CA 128 94.88 2.84 14.31
CA GLU CA 128 96.09 3.26 15.01
C GLU CA 128 96.59 2.12 15.90
N GLY CA 129 95.65 1.44 16.58
CA GLY CA 129 95.99 0.30 17.42
C GLY CA 129 96.69 -0.80 16.62
N VAL CA 130 96.19 -1.05 15.41
CA VAL CA 130 96.77 -2.07 14.55
C VAL CA 130 98.17 -1.61 14.13
N ARG CA 131 98.31 -0.32 13.80
CA ARG CA 131 99.61 0.22 13.44
C ARG CA 131 100.58 0.03 14.60
N ALA CA 132 100.11 0.34 15.81
CA ALA CA 132 100.93 0.17 17.01
C ALA CA 132 101.37 -1.28 17.15
N MET CA 133 100.45 -2.23 16.96
CA MET CA 133 100.77 -3.63 17.07
C MET CA 133 101.84 -4.00 16.06
N LYS CA 134 101.75 -3.42 14.86
CA LYS CA 134 102.71 -3.71 13.80
C LYS CA 134 104.12 -3.35 14.27
N ASN CA 135 104.25 -2.17 14.88
CA ASN CA 135 105.56 -1.67 15.29
C ASN CA 135 106.19 -2.60 16.33
N VAL CA 136 105.38 -3.01 17.31
CA VAL CA 136 105.85 -3.93 18.33
C VAL CA 136 106.27 -5.25 17.67
N ALA CA 137 105.41 -5.76 16.79
CA ALA CA 137 105.65 -7.04 16.15
C ALA CA 137 106.93 -6.98 15.31
N THR CA 138 107.12 -5.86 14.61
CA THR CA 138 108.26 -5.69 13.72
C THR CA 138 109.56 -5.82 14.53
N SER CA 139 109.60 -5.20 15.71
CA SER CA 139 110.80 -5.19 16.53
C SER CA 139 111.24 -6.61 16.88
N LEU CA 140 110.27 -7.47 17.26
CA LEU CA 140 110.59 -8.83 17.66
C LEU CA 140 110.99 -9.67 16.45
N LEU CA 141 110.40 -9.38 15.29
CA LEU CA 141 110.67 -10.15 14.09
C LEU CA 141 112.01 -9.70 13.50
N SER CA 142 112.68 -10.63 12.80
CA SER CA 142 113.82 -10.29 11.98
C SER CA 142 113.33 -9.50 10.76
N GLY CA 143 114.24 -8.71 10.14
CA GLY CA 143 113.88 -7.72 9.12
C GLY CA 143 113.05 -8.28 7.98
N ASP CA 144 113.52 -9.38 7.36
CA ASP CA 144 112.81 -10.02 6.27
C ASP CA 144 111.46 -10.55 6.76
N ASP CA 145 111.47 -11.18 7.95
CA ASP CA 145 110.25 -11.67 8.56
C ASP CA 145 109.29 -10.51 8.79
N ALA CA 146 109.84 -9.39 9.28
CA ALA CA 146 109.05 -8.21 9.59
C ALA CA 146 108.35 -7.68 8.35
N ALA CA 147 109.05 -7.67 7.21
CA ALA CA 147 108.49 -7.17 5.97
C ALA CA 147 107.26 -7.99 5.59
N GLU CA 148 107.38 -9.33 5.67
CA GLU CA 148 106.27 -10.21 5.37
C GLU CA 148 105.09 -9.88 6.29
N ALA CA 149 105.37 -9.81 7.60
CA ALA CA 149 104.33 -9.52 8.57
C ALA CA 149 103.73 -8.13 8.32
N GLY CA 150 104.57 -7.17 7.92
CA GLY CA 150 104.12 -5.81 7.69
C GLY CA 150 103.00 -5.73 6.66
N PHE CA 151 103.14 -6.51 5.57
CA PHE CA 151 102.16 -6.47 4.50
C PHE CA 151 100.76 -6.77 5.06
N TYR CA 152 100.66 -7.81 5.88
CA TYR CA 152 99.37 -8.20 6.45
C TYR CA 152 98.86 -7.12 7.38
N PHE CA 153 99.77 -6.56 8.19
CA PHE CA 153 99.40 -5.49 9.10
C PHE CA 153 98.89 -4.28 8.32
N ASP CA 154 99.58 -3.95 7.23
CA ASP CA 154 99.23 -2.80 6.40
C ASP CA 154 97.84 -3.00 5.80
N TYR CA 155 97.55 -4.23 5.34
CA TYR CA 155 96.26 -4.53 4.74
C TYR CA 155 95.16 -4.20 5.73
N LEU CA 156 95.33 -4.64 6.99
CA LEU CA 156 94.33 -4.42 8.01
C LEU CA 156 94.08 -2.93 8.18
N VAL CA 157 95.19 -2.17 8.24
CA VAL CA 157 95.08 -0.74 8.44
C VAL CA 157 94.34 -0.12 7.25
N GLY CA 158 94.67 -0.59 6.04
CA GLY CA 158 94.00 -0.11 4.84
C GLY CA 158 92.51 -0.44 4.86
N ALA CA 159 92.17 -1.65 5.28
CA ALA CA 159 90.79 -2.14 5.27
C ALA CA 159 89.91 -1.28 6.18
N MET CA 160 90.41 -0.88 7.35
CA MET CA 160 89.61 -0.02 8.20
C MET CA 160 90.00 1.43 7.96
N GLN DA 2 86.57 -24.93 0.45
CA GLN DA 2 87.78 -24.50 1.14
C GLN DA 2 88.98 -25.33 0.68
N ASP DA 3 90.09 -25.01 1.31
CA ASP DA 3 91.33 -25.72 1.06
C ASP DA 3 91.87 -26.20 2.39
N ALA DA 4 92.90 -27.04 2.37
CA ALA DA 4 93.44 -27.64 3.58
C ALA DA 4 93.91 -26.54 4.54
N ILE DA 5 94.66 -25.58 4.02
CA ILE DA 5 95.18 -24.51 4.86
C ILE DA 5 94.02 -23.77 5.53
N THR DA 6 93.02 -23.39 4.74
CA THR DA 6 91.88 -22.65 5.28
C THR DA 6 91.09 -23.52 6.24
N ALA DA 7 90.99 -24.81 5.98
CA ALA DA 7 90.23 -25.70 6.85
C ALA DA 7 90.81 -25.69 8.26
N VAL DA 8 92.15 -25.76 8.35
CA VAL DA 8 92.83 -25.71 9.63
C VAL DA 8 92.51 -24.38 10.30
N ILE DA 9 92.68 -23.28 9.55
CA ILE DA 9 92.43 -21.96 10.07
C ILE DA 9 91.00 -21.87 10.60
N ASN DA 10 90.03 -22.38 9.85
CA ASN DA 10 88.64 -22.21 10.22
C ASN DA 10 88.36 -22.97 11.51
N ASN DA 11 88.95 -24.16 11.67
CA ASN DA 11 88.72 -24.95 12.85
C ASN DA 11 89.24 -24.19 14.08
N TYR DA 12 90.40 -23.55 13.93
CA TYR DA 12 91.00 -22.77 15.01
C TYR DA 12 90.16 -21.53 15.29
N ASP DA 13 89.65 -20.89 14.23
CA ASP DA 13 88.90 -19.66 14.40
C ASP DA 13 87.61 -19.90 15.20
N VAL DA 14 86.92 -21.02 14.97
CA VAL DA 14 85.69 -21.27 15.71
C VAL DA 14 86.06 -21.50 17.18
N GLN DA 15 87.20 -22.15 17.44
CA GLN DA 15 87.66 -22.31 18.80
C GLN DA 15 88.14 -20.98 19.35
N GLY DA 16 88.61 -20.09 18.47
CA GLY DA 16 89.16 -18.81 18.88
C GLY DA 16 90.64 -18.93 19.26
N LYS DA 17 91.17 -20.15 19.11
CA LYS DA 17 92.54 -20.47 19.48
C LYS DA 17 93.51 -19.89 18.46
N TYR DA 18 94.64 -19.38 18.95
CA TYR DA 18 95.78 -19.04 18.11
C TYR DA 18 96.35 -20.34 17.53
N LEU DA 19 97.02 -20.23 16.38
CA LEU DA 19 97.58 -21.41 15.74
C LEU DA 19 98.63 -22.02 16.63
N ASP DA 20 98.61 -23.36 16.74
CA ASP DA 20 99.50 -24.09 17.63
C ASP DA 20 100.32 -25.09 16.80
N GLY DA 21 101.34 -25.68 17.43
CA GLY DA 21 102.29 -26.55 16.76
C GLY DA 21 101.61 -27.73 16.06
N ALA DA 22 100.64 -28.36 16.74
CA ALA DA 22 99.88 -29.46 16.17
C ALA DA 22 99.21 -29.02 14.87
N ALA DA 23 98.56 -27.85 14.90
CA ALA DA 23 97.98 -27.26 13.72
C ALA DA 23 99.07 -27.01 12.67
N LEU DA 24 100.21 -26.48 13.12
CA LEU DA 24 101.30 -26.16 12.22
C LEU DA 24 101.78 -27.41 11.49
N ASP DA 25 101.82 -28.54 12.21
CA ASP DA 25 102.27 -29.80 11.65
C ASP DA 25 101.39 -30.25 10.48
N LYS DA 26 100.06 -30.09 10.64
CA LYS DA 26 99.13 -30.42 9.57
C LYS DA 26 99.42 -29.53 8.36
N LEU DA 27 99.66 -28.24 8.62
CA LEU DA 27 99.95 -27.31 7.54
C LEU DA 27 101.25 -27.71 6.86
N LYS DA 28 102.23 -28.14 7.66
CA LYS DA 28 103.54 -28.49 7.15
C LYS DA 28 103.41 -29.71 6.24
N ALA DA 29 102.57 -30.67 6.67
CA ALA DA 29 102.33 -31.87 5.89
C ALA DA 29 101.82 -31.48 4.50
N TYR DA 30 100.86 -30.55 4.46
CA TYR DA 30 100.29 -30.12 3.20
C TYR DA 30 101.38 -29.52 2.32
N PHE DA 31 102.27 -28.71 2.91
CA PHE DA 31 103.24 -27.96 2.13
C PHE DA 31 104.19 -28.89 1.38
N THR DA 32 104.58 -30.02 2.02
CA THR DA 32 105.43 -31.00 1.36
C THR DA 32 104.70 -31.65 0.17
N THR DA 33 103.42 -31.97 0.34
CA THR DA 33 102.64 -32.63 -0.70
C THR DA 33 102.43 -31.67 -1.88
N GLY DA 34 102.38 -30.38 -1.58
CA GLY DA 34 102.01 -29.33 -2.53
C GLY DA 34 102.76 -29.40 -3.86
N ALA DA 35 104.10 -29.54 -3.78
CA ALA DA 35 104.90 -29.49 -5.01
C ALA DA 35 104.47 -30.58 -5.98
N VAL DA 36 104.27 -31.79 -5.45
CA VAL DA 36 103.83 -32.94 -6.23
C VAL DA 36 102.50 -32.61 -6.93
N ARG DA 37 101.58 -32.04 -6.15
CA ARG DA 37 100.24 -31.76 -6.63
C ARG DA 37 100.29 -30.80 -7.81
N VAL DA 38 101.13 -29.77 -7.71
CA VAL DA 38 101.21 -28.78 -8.77
C VAL DA 38 101.65 -29.46 -10.06
N ARG DA 39 102.63 -30.36 -9.96
CA ARG DA 39 103.12 -31.04 -11.15
C ARG DA 39 101.99 -31.89 -11.75
N ALA DA 40 101.25 -32.60 -10.89
CA ALA DA 40 100.17 -33.46 -11.36
C ALA DA 40 99.11 -32.64 -12.09
N ALA DA 41 98.76 -31.48 -11.54
CA ALA DA 41 97.71 -30.64 -12.10
C ALA DA 41 98.07 -30.22 -13.53
N ALA DA 42 99.35 -29.84 -13.74
CA ALA DA 42 99.79 -29.41 -15.05
C ALA DA 42 99.69 -30.55 -16.06
N VAL DA 43 100.05 -31.76 -15.62
CA VAL DA 43 99.96 -32.93 -16.47
C VAL DA 43 98.51 -33.13 -16.89
N ILE DA 44 97.58 -33.07 -15.93
CA ILE DA 44 96.19 -33.35 -16.22
C ILE DA 44 95.65 -32.31 -17.20
N SER DA 45 95.96 -31.04 -16.99
CA SER DA 45 95.42 -29.98 -17.84
C SER DA 45 95.83 -30.19 -19.29
N SER DA 46 97.10 -30.54 -19.51
CA SER DA 46 97.61 -30.73 -20.86
C SER DA 46 96.97 -31.93 -21.55
N ASN DA 47 96.69 -32.99 -20.79
CA ASN DA 47 96.22 -34.24 -21.36
C ASN DA 47 94.72 -34.42 -21.16
N ALA DA 48 94.00 -33.35 -20.82
CA ALA DA 48 92.61 -33.48 -20.41
C ALA DA 48 91.75 -34.10 -21.52
N THR DA 49 91.88 -33.57 -22.74
CA THR DA 49 91.08 -34.05 -23.86
C THR DA 49 91.31 -35.56 -24.05
N THR DA 50 92.58 -35.98 -24.02
CA THR DA 50 92.94 -37.37 -24.24
C THR DA 50 92.41 -38.22 -23.08
N ILE DA 51 92.52 -37.71 -21.85
CA ILE DA 51 92.07 -38.48 -20.69
C ILE DA 51 90.62 -38.84 -20.90
N ILE DA 52 89.82 -37.86 -21.32
CA ILE DA 52 88.40 -38.07 -21.50
C ILE DA 52 88.18 -39.11 -22.60
N LYS DA 53 88.92 -38.95 -23.71
CA LYS DA 53 88.82 -39.86 -24.85
C LYS DA 53 89.08 -41.29 -24.42
N GLU DA 54 90.19 -41.50 -23.70
CA GLU DA 54 90.60 -42.83 -23.27
C GLU DA 54 89.57 -43.41 -22.33
N ALA DA 55 89.08 -42.63 -21.41
CA ALA DA 55 88.12 -43.13 -20.41
C ALA DA 55 86.83 -43.53 -21.12
N ALA DA 56 86.38 -42.72 -22.10
CA ALA DA 56 85.18 -43.05 -22.83
C ALA DA 56 85.37 -44.38 -23.56
N ALA DA 57 86.54 -44.53 -24.19
CA ALA DA 57 86.90 -45.74 -24.91
C ALA DA 57 86.84 -46.96 -23.99
N LYS DA 58 87.35 -46.79 -22.77
CA LYS DA 58 87.38 -47.87 -21.79
C LYS DA 58 85.97 -48.28 -21.38
N ALA DA 59 85.03 -47.34 -21.17
CA ALA DA 59 83.75 -47.68 -20.58
C ALA DA 59 82.55 -47.31 -21.47
N LEU DA 60 82.49 -46.06 -21.92
CA LEU DA 60 81.26 -45.54 -22.48
C LEU DA 60 81.01 -46.04 -23.89
N ILE DA 61 81.99 -45.98 -24.78
CA ILE DA 61 81.74 -46.27 -26.19
C ILE DA 61 81.79 -47.77 -26.41
N TYR DA 62 81.44 -48.20 -27.63
CA TYR DA 62 81.38 -49.61 -28.02
C TYR DA 62 80.47 -50.37 -27.06
N SER DA 63 79.38 -49.72 -26.62
CA SER DA 63 78.54 -50.23 -25.56
C SER DA 63 77.09 -50.03 -25.98
N ASP DA 64 76.17 -50.59 -25.19
CA ASP DA 64 74.75 -50.35 -25.41
C ASP DA 64 74.42 -48.87 -25.33
N LEU DA 65 75.08 -48.13 -24.43
CA LEU DA 65 74.80 -46.72 -24.26
C LEU DA 65 74.90 -45.98 -25.59
N THR DA 66 76.00 -46.23 -26.31
CA THR DA 66 76.18 -45.55 -27.57
C THR DA 66 75.24 -46.11 -28.64
N ARG DA 67 74.80 -47.36 -28.50
CA ARG DA 67 73.94 -47.97 -29.50
C ARG DA 67 72.55 -47.36 -29.39
N PRO DA 68 71.72 -47.37 -30.47
CA PRO DA 68 70.39 -46.74 -30.43
C PRO DA 68 69.53 -47.29 -29.31
N GLY DA 69 68.84 -46.38 -28.61
CA GLY DA 69 68.07 -46.73 -27.43
C GLY DA 69 68.90 -46.64 -26.14
N GLY DA 70 70.18 -46.29 -26.26
CA GLY DA 70 71.05 -46.11 -25.11
C GLY DA 70 71.11 -44.66 -24.70
N MET DA 72 73.45 -42.58 -24.18
CA MET DA 72 74.40 -41.70 -24.84
C MET DA 72 74.24 -41.74 -26.36
N TYR DA 73 73.19 -42.39 -26.84
CA TYR DA 73 72.86 -42.39 -28.27
C TYR DA 73 72.38 -40.99 -28.70
N THR DA 74 72.64 -40.62 -29.97
CA THR DA 74 72.40 -39.31 -30.57
C THR DA 74 73.57 -38.39 -30.25
N THR DA 75 73.88 -37.46 -31.14
CA THR DA 75 75.03 -36.60 -30.95
C THR DA 75 74.84 -35.73 -29.71
N ARG DA 76 73.62 -35.22 -29.53
CA ARG DA 76 73.34 -34.30 -28.44
C ARG DA 76 73.65 -34.95 -27.10
N ARG DA 77 73.15 -36.19 -26.89
CA ARG DA 77 73.40 -36.89 -25.67
C ARG DA 77 74.89 -37.22 -25.51
N TYR DA 78 75.54 -37.63 -26.60
CA TYR DA 78 76.95 -37.96 -26.51
C TYR DA 78 77.73 -36.74 -26.03
N ALA DA 79 77.43 -35.59 -26.63
CA ALA DA 79 78.13 -34.37 -26.29
C ALA DA 79 77.89 -33.99 -24.83
N ALA DA 80 76.66 -34.17 -24.34
CA ALA DA 80 76.33 -33.91 -22.95
C ALA DA 80 77.21 -34.75 -22.01
N CYS DA 81 77.30 -36.04 -22.34
CA CYS DA 81 78.05 -36.93 -21.47
C CYS DA 81 79.53 -36.54 -21.41
N ILE DA 82 80.12 -36.17 -22.52
CA ILE DA 82 81.53 -35.82 -22.51
C ILE DA 82 81.70 -34.47 -21.79
N ARG DA 83 80.70 -33.57 -21.87
CA ARG DA 83 80.77 -32.33 -21.13
C ARG DA 83 80.79 -32.61 -19.63
N ASP DA 84 79.94 -33.56 -19.19
CA ASP DA 84 79.91 -33.88 -17.78
C ASP DA 84 81.26 -34.45 -17.34
N MET DA 85 81.86 -35.26 -18.19
CA MET DA 85 83.13 -35.90 -17.88
C MET DA 85 84.19 -34.85 -17.66
N ASP DA 86 84.20 -33.83 -18.53
CA ASP DA 86 85.13 -32.74 -18.40
C ASP DA 86 84.96 -32.01 -17.06
N TYR DA 87 83.70 -31.77 -16.67
CA TYR DA 87 83.43 -31.13 -15.40
C TYR DA 87 84.11 -31.90 -14.27
N PHE DA 88 83.85 -33.22 -14.24
CA PHE DA 88 84.37 -34.02 -13.16
C PHE DA 88 85.89 -33.90 -13.13
N LEU DA 89 86.53 -33.94 -14.30
CA LEU DA 89 87.98 -33.89 -14.36
C LEU DA 89 88.48 -32.55 -13.83
N ARG DA 90 87.88 -31.44 -14.27
CA ARG DA 90 88.34 -30.12 -13.87
C ARG DA 90 88.23 -29.95 -12.35
N TYR DA 91 87.10 -30.40 -11.80
CA TYR DA 91 86.86 -30.20 -10.38
C TYR DA 91 87.80 -31.08 -9.57
N ALA DA 92 88.02 -32.31 -10.02
CA ALA DA 92 88.94 -33.19 -9.33
C ALA DA 92 90.33 -32.58 -9.29
N THR DA 93 90.76 -31.97 -10.40
CA THR DA 93 92.05 -31.31 -10.44
C THR DA 93 92.08 -30.18 -9.42
N TYR DA 94 91.01 -29.39 -9.34
CA TYR DA 94 90.92 -28.31 -8.37
C TYR DA 94 91.05 -28.88 -6.96
N ALA DA 95 90.34 -29.97 -6.69
CA ALA DA 95 90.33 -30.57 -5.38
C ALA DA 95 91.73 -31.05 -5.00
N MET DA 96 92.43 -31.63 -5.97
CA MET DA 96 93.75 -32.17 -5.71
C MET DA 96 94.70 -31.05 -5.32
N LEU DA 97 94.68 -29.93 -6.04
CA LEU DA 97 95.49 -28.80 -5.66
C LEU DA 97 95.11 -28.32 -4.27
N ALA DA 98 93.81 -28.20 -4.02
CA ALA DA 98 93.33 -27.65 -2.76
C ALA DA 98 93.71 -28.55 -1.60
N GLY DA 99 93.68 -29.87 -1.83
CA GLY DA 99 93.89 -30.82 -0.75
C GLY DA 99 92.63 -31.02 0.08
N ASP DA 100 91.48 -30.56 -0.43
CA ASP DA 100 90.23 -30.68 0.29
C ASP DA 100 89.13 -31.16 -0.66
N PRO DA 101 88.26 -32.09 -0.21
CA PRO DA 101 87.13 -32.54 -1.02
C PRO DA 101 85.91 -31.63 -1.07
N SER DA 102 85.93 -30.54 -0.29
CA SER DA 102 84.76 -29.70 -0.10
C SER DA 102 84.25 -29.10 -1.40
N ILE DA 103 85.14 -28.64 -2.28
CA ILE DA 103 84.72 -28.00 -3.51
C ILE DA 103 83.83 -28.97 -4.29
N LEU DA 104 84.18 -30.27 -4.27
CA LEU DA 104 83.40 -31.24 -5.01
C LEU DA 104 81.98 -31.24 -4.45
N ASP DA 105 81.84 -31.24 -3.11
CA ASP DA 105 80.54 -31.24 -2.49
C ASP DA 105 79.75 -29.97 -2.83
N GLU DA 106 80.41 -28.81 -2.79
CA GLU DA 106 79.74 -27.55 -2.94
C GLU DA 106 79.26 -27.35 -4.37
N ARG DA 107 80.04 -27.77 -5.39
CA ARG DA 107 79.65 -27.52 -6.76
C ARG DA 107 79.08 -28.79 -7.41
N VAL DA 108 79.87 -29.84 -7.47
CA VAL DA 108 79.53 -30.95 -8.33
C VAL DA 108 78.51 -31.84 -7.64
N LEU DA 109 78.77 -32.23 -6.38
CA LEU DA 109 78.03 -33.31 -5.79
C LEU DA 109 76.63 -32.90 -5.41
N ASN DA 110 76.41 -31.62 -5.12
CA ASN DA 110 75.13 -31.22 -4.53
C ASN DA 110 74.04 -31.14 -5.60
N GLY DA 111 72.98 -31.92 -5.48
CA GLY DA 111 71.91 -31.94 -6.46
C GLY DA 111 72.20 -32.79 -7.70
N LEU DA 112 73.36 -33.41 -7.83
CA LEU DA 112 73.66 -34.16 -9.04
C LEU DA 112 72.76 -35.41 -9.13
N LYS DA 113 72.60 -36.11 -8.01
CA LYS DA 113 71.82 -37.34 -8.01
C LYS DA 113 70.41 -37.05 -8.50
N GLU DA 114 69.81 -35.99 -7.96
CA GLU DA 114 68.45 -35.60 -8.28
C GLU DA 114 68.35 -35.22 -9.75
N THR DA 115 69.32 -34.44 -10.25
CA THR DA 115 69.36 -34.04 -11.65
C THR DA 115 69.38 -35.28 -12.53
N TYR DA 116 70.26 -36.21 -12.20
CA TYR DA 116 70.43 -37.40 -13.01
C TYR DA 116 69.16 -38.24 -13.01
N ASN DA 117 68.51 -38.35 -11.85
CA ASN DA 117 67.30 -39.15 -11.76
C ASN DA 117 66.19 -38.56 -12.63
N SER DA 118 66.03 -37.22 -12.59
CA SER DA 118 65.04 -36.60 -13.45
C SER DA 118 65.40 -36.82 -14.92
N LEU DA 119 66.68 -36.69 -15.26
CA LEU DA 119 67.10 -36.82 -16.64
C LEU DA 119 66.95 -38.27 -17.10
N GLY DA 120 67.12 -39.22 -16.17
CA GLY DA 120 67.16 -40.63 -16.52
C GLY DA 120 68.56 -41.09 -16.94
N VAL DA 121 69.56 -40.24 -16.72
CA VAL DA 121 70.95 -40.64 -16.90
C VAL DA 121 71.26 -41.77 -15.91
N PRO DA 122 71.95 -42.86 -16.33
CA PRO DA 122 72.33 -43.95 -15.43
C PRO DA 122 73.55 -43.66 -14.55
N ILE DA 123 73.33 -43.68 -13.23
CA ILE DA 123 74.36 -43.29 -12.29
C ILE DA 123 75.54 -44.27 -12.34
N ALA DA 124 75.24 -45.56 -12.37
CA ALA DA 124 76.28 -46.58 -12.31
C ALA DA 124 77.26 -46.43 -13.48
N ALA DA 125 76.73 -46.20 -14.68
CA ALA DA 125 77.56 -45.98 -15.86
C ALA DA 125 78.45 -44.75 -15.67
N THR DA 126 77.88 -43.67 -15.10
CA THR DA 126 78.63 -42.44 -14.87
C THR DA 126 79.78 -42.74 -13.91
N VAL DA 127 79.46 -43.49 -12.85
CA VAL DA 127 80.46 -43.85 -11.86
C VAL DA 127 81.59 -44.62 -12.55
N GLY DA 128 81.20 -45.58 -13.39
CA GLY DA 128 82.15 -46.35 -14.18
C GLY DA 128 83.11 -45.45 -14.98
N GLY DA 129 82.55 -44.44 -15.63
CA GLY DA 129 83.33 -43.46 -16.39
C GLY DA 129 84.32 -42.70 -15.49
N ILE DA 130 83.88 -42.33 -14.29
CA ILE DA 130 84.73 -41.59 -13.37
C ILE DA 130 85.91 -42.47 -12.98
N GLN DA 131 85.62 -43.75 -12.68
CA GLN DA 131 86.65 -44.71 -12.30
C GLN DA 131 87.64 -44.90 -13.45
N ALA DA 132 87.12 -44.96 -14.67
CA ALA DA 132 87.98 -45.06 -15.84
C ALA DA 132 88.89 -43.86 -15.95
N MET DA 133 88.35 -42.65 -15.74
CA MET DA 133 89.18 -41.44 -15.81
C MET DA 133 90.30 -41.54 -14.81
N LYS DA 134 89.96 -42.04 -13.61
CA LYS DA 134 90.94 -42.16 -12.54
C LYS DA 134 92.13 -43.00 -12.98
N GLU DA 135 91.83 -44.14 -13.58
CA GLU DA 135 92.86 -45.07 -14.05
C GLU DA 135 93.76 -44.40 -15.06
N VAL DA 136 93.19 -43.72 -16.06
CA VAL DA 136 93.97 -43.03 -17.07
C VAL DA 136 94.83 -41.96 -16.39
N VAL DA 137 94.21 -41.19 -15.46
CA VAL DA 137 94.90 -40.09 -14.82
C VAL DA 137 96.09 -40.65 -14.04
N GLY DA 138 95.86 -41.76 -13.35
CA GLY DA 138 96.88 -42.39 -12.52
C GLY DA 138 98.17 -42.63 -13.28
N GLY DA 139 98.05 -43.20 -14.48
CA GLY DA 139 99.17 -43.43 -15.37
C GLY DA 139 99.96 -42.16 -15.64
N LEU DA 140 99.27 -41.10 -16.09
CA LEU DA 140 99.92 -39.88 -16.57
C LEU DA 140 100.63 -39.18 -15.39
N VAL DA 141 99.96 -39.12 -14.24
CA VAL DA 141 100.46 -38.32 -13.12
C VAL DA 141 101.68 -38.99 -12.53
N GLY DA 142 101.70 -40.33 -12.54
CA GLY DA 142 102.74 -41.11 -11.89
C GLY DA 142 102.32 -41.50 -10.47
N PRO DA 143 103.00 -42.48 -9.84
CA PRO DA 143 102.49 -43.13 -8.61
C PRO DA 143 102.23 -42.26 -7.38
N ASP DA 144 103.20 -41.41 -7.02
CA ASP DA 144 103.06 -40.54 -5.85
C ASP DA 144 101.84 -39.64 -6.01
N ALA DA 145 101.71 -39.04 -7.20
CA ALA DA 145 100.60 -38.15 -7.50
C ALA DA 145 99.30 -38.94 -7.59
N ALA DA 146 99.37 -40.18 -8.09
CA ALA DA 146 98.19 -40.99 -8.33
C ALA DA 146 97.40 -41.21 -7.05
N LYS DA 147 98.07 -41.49 -5.94
CA LYS DA 147 97.40 -41.78 -4.69
C LYS DA 147 96.51 -40.58 -4.32
N GLU DA 148 97.10 -39.37 -4.40
CA GLU DA 148 96.40 -38.15 -4.08
C GLU DA 148 95.23 -37.94 -5.05
N ALA DA 149 95.49 -38.13 -6.34
CA ALA DA 149 94.47 -37.95 -7.36
C ALA DA 149 93.30 -38.94 -7.13
N SER DA 150 93.63 -40.18 -6.76
CA SER DA 150 92.62 -41.22 -6.65
C SER DA 150 91.55 -40.87 -5.63
N ILE DA 151 91.93 -40.28 -4.49
CA ILE DA 151 90.97 -40.07 -3.42
C ILE DA 151 89.84 -39.15 -3.90
N TYR DA 152 90.16 -38.12 -4.67
CA TYR DA 152 89.15 -37.17 -5.13
C TYR DA 152 88.22 -37.84 -6.14
N PHE DA 153 88.78 -38.66 -7.03
CA PHE DA 153 87.98 -39.41 -7.98
C PHE DA 153 87.03 -40.34 -7.25
N ASP DA 154 87.54 -41.01 -6.20
CA ASP DA 154 86.74 -41.93 -5.43
C ASP DA 154 85.63 -41.17 -4.69
N TYR DA 155 85.94 -39.96 -4.23
CA TYR DA 155 84.98 -39.13 -3.53
C TYR DA 155 83.81 -38.79 -4.44
N LEU DA 156 84.11 -38.41 -5.69
CA LEU DA 156 83.08 -38.13 -6.67
C LEU DA 156 82.21 -39.37 -6.86
N SER DA 157 82.86 -40.53 -7.01
CA SER DA 157 82.16 -41.77 -7.31
C SER DA 157 81.21 -42.11 -6.17
N SER DA 158 81.69 -41.99 -4.94
CA SER DA 158 80.90 -42.31 -3.75
C SER DA 158 79.69 -41.38 -3.65
N GLY DA 159 79.88 -40.09 -3.95
CA GLY DA 159 78.81 -39.12 -3.90
C GLY DA 159 77.69 -39.47 -4.87
N LEU DA 160 78.06 -39.85 -6.09
CA LEU DA 160 77.09 -40.11 -7.12
C LEU DA 160 76.30 -41.37 -6.75
N SER DA 161 77.01 -42.30 -6.14
CA SER DA 161 76.39 -43.51 -5.61
C SER DA 161 75.90 -43.26 -4.19
N SER EA 2 58.36 -32.88 -37.74
CA SER EA 2 57.61 -32.86 -38.98
C SER EA 2 57.11 -31.46 -39.29
N VAL EA 3 56.53 -31.29 -40.50
CA VAL EA 3 55.94 -30.01 -40.92
C VAL EA 3 54.90 -29.62 -39.89
N LEU EA 4 54.06 -30.56 -39.43
CA LEU EA 4 52.96 -30.14 -38.59
C LEU EA 4 53.50 -29.61 -37.26
N THR EA 5 54.49 -30.31 -36.69
CA THR EA 5 55.07 -29.89 -35.42
C THR EA 5 55.62 -28.47 -35.57
N LYS EA 6 56.34 -28.23 -36.68
CA LYS EA 6 56.94 -26.93 -36.90
C LYS EA 6 55.87 -25.85 -36.92
N ALA EA 7 54.78 -26.09 -37.62
CA ALA EA 7 53.68 -25.11 -37.75
C ALA EA 7 53.07 -24.80 -36.39
N ILE EA 8 52.79 -25.85 -35.62
CA ILE EA 8 52.20 -25.70 -34.30
C ILE EA 8 53.11 -24.85 -33.42
N VAL EA 9 54.41 -25.15 -33.46
CA VAL EA 9 55.37 -24.47 -32.62
C VAL EA 9 55.39 -22.97 -32.94
N ASN EA 10 55.35 -22.61 -34.22
CA ASN EA 10 55.37 -21.20 -34.60
C ASN EA 10 54.11 -20.51 -34.08
N ALA EA 11 52.98 -21.20 -34.21
CA ALA EA 11 51.70 -20.65 -33.76
C ALA EA 11 51.74 -20.42 -32.25
N ASP EA 12 52.27 -21.39 -31.50
CA ASP EA 12 52.29 -21.30 -30.05
C ASP EA 12 53.15 -20.11 -29.60
N ALA EA 13 54.27 -19.90 -30.29
CA ALA EA 13 55.13 -18.76 -29.98
C ALA EA 13 54.36 -17.45 -30.18
N GLU EA 14 53.61 -17.38 -31.26
CA GLU EA 14 52.79 -16.21 -31.57
C GLU EA 14 51.53 -16.19 -30.71
N ALA EA 15 51.22 -17.31 -30.06
CA ALA EA 15 50.06 -17.42 -29.20
C ALA EA 15 48.77 -17.24 -30.00
N ARG EA 16 48.74 -17.78 -31.21
CA ARG EA 16 47.61 -17.66 -32.11
C ARG EA 16 47.21 -19.03 -32.64
N TYR EA 17 45.99 -19.16 -33.17
CA TYR EA 17 45.55 -20.35 -33.90
C TYR EA 17 46.32 -20.42 -35.22
N LEU EA 18 46.41 -21.61 -35.82
CA LEU EA 18 47.11 -21.76 -37.08
C LEU EA 18 46.51 -20.88 -38.16
N SER EA 19 47.41 -20.15 -38.87
CA SER EA 19 47.02 -19.25 -39.93
C SER EA 19 46.51 -20.06 -41.12
N PRO EA 20 45.64 -19.48 -41.98
CA PRO EA 20 45.12 -20.20 -43.15
C PRO EA 20 46.26 -20.69 -44.05
N GLY EA 21 47.24 -19.81 -44.29
CA GLY EA 21 48.40 -20.13 -45.09
C GLY EA 21 49.15 -21.34 -44.52
N GLU EA 22 49.36 -21.34 -43.21
CA GLU EA 22 50.01 -22.45 -42.50
C GLU EA 22 49.19 -23.72 -42.68
N LEU EA 23 47.87 -23.59 -42.57
CA LEU EA 23 46.97 -24.73 -42.73
C LEU EA 23 47.07 -25.28 -44.15
N ASP EA 24 47.20 -24.39 -45.13
CA ASP EA 24 47.30 -24.80 -46.53
C ASP EA 24 48.55 -25.63 -46.74
N ARG EA 25 49.66 -25.21 -46.14
CA ARG EA 25 50.91 -25.94 -46.25
C ARG EA 25 50.77 -27.33 -45.66
N ILE EA 26 50.02 -27.46 -44.57
CA ILE EA 26 49.77 -28.75 -43.95
C ILE EA 26 49.01 -29.64 -44.93
N LYS EA 27 48.00 -29.06 -45.60
CA LYS EA 27 47.23 -29.82 -46.56
C LYS EA 27 48.09 -30.32 -47.70
N SER EA 28 48.98 -29.46 -48.19
CA SER EA 28 49.87 -29.83 -49.29
C SER EA 28 50.75 -30.99 -48.84
N PHE EA 29 51.26 -30.91 -47.62
CA PHE EA 29 52.18 -31.90 -47.06
C PHE EA 29 51.49 -33.26 -47.01
N VAL EA 30 50.24 -33.33 -46.58
CA VAL EA 30 49.57 -34.61 -46.39
C VAL EA 30 49.39 -35.27 -47.78
N ALA EA 31 49.09 -34.46 -48.80
CA ALA EA 31 48.99 -34.96 -50.16
C ALA EA 31 50.34 -35.50 -50.65
N SER EA 32 51.42 -34.77 -50.35
CA SER EA 32 52.76 -35.13 -50.80
C SER EA 32 53.24 -36.40 -50.13
N GLY EA 33 52.76 -36.69 -48.91
CA GLY EA 33 53.30 -37.72 -48.06
C GLY EA 33 53.46 -39.09 -48.75
N GLU EA 34 52.42 -39.52 -49.47
CA GLU EA 34 52.44 -40.82 -50.12
C GLU EA 34 53.61 -40.94 -51.12
N ARG EA 35 53.79 -39.90 -51.93
CA ARG EA 35 54.96 -39.81 -52.81
C ARG EA 35 56.24 -39.86 -51.99
N ARG EA 36 56.29 -39.12 -50.89
CA ARG EA 36 57.47 -39.08 -50.03
C ARG EA 36 57.79 -40.47 -49.51
N LEU EA 37 56.75 -41.22 -49.13
CA LEU EA 37 56.97 -42.56 -48.58
C LEU EA 37 57.68 -43.44 -49.59
N ARG EA 38 57.27 -43.35 -50.86
CA ARG EA 38 57.88 -44.12 -51.93
C ARG EA 38 59.36 -43.75 -52.09
N ILE EA 39 59.67 -42.45 -52.07
CA ILE EA 39 61.04 -41.98 -52.21
C ILE EA 39 61.88 -42.60 -51.10
N ALA EA 40 61.37 -42.57 -49.87
CA ALA EA 40 62.09 -43.11 -48.72
C ALA EA 40 62.30 -44.61 -48.90
N GLN EA 41 61.26 -45.30 -49.41
CA GLN EA 41 61.32 -46.74 -49.57
C GLN EA 41 62.44 -47.09 -50.54
N THR EA 42 62.54 -46.33 -51.65
CA THR EA 42 63.54 -46.58 -52.67
C THR EA 42 64.93 -46.54 -52.05
N LEU EA 43 65.22 -45.49 -51.27
CA LEU EA 43 66.54 -45.31 -50.67
C LEU EA 43 66.82 -46.42 -49.67
N THR EA 44 65.82 -46.85 -48.92
CA THR EA 44 65.99 -47.91 -47.95
C THR EA 44 66.46 -49.19 -48.63
N GLU EA 45 65.84 -49.52 -49.78
CA GLU EA 45 66.18 -50.75 -50.48
C GLU EA 45 67.60 -50.69 -51.01
N ALA EA 46 67.99 -49.51 -51.49
CA ALA EA 46 69.31 -49.31 -52.07
C ALA EA 46 70.35 -48.92 -51.02
N ARG EA 47 69.95 -48.99 -49.73
CA ARG EA 47 70.75 -48.42 -48.67
C ARG EA 47 72.15 -49.04 -48.68
N GLU EA 48 72.23 -50.37 -48.66
CA GLU EA 48 73.49 -51.11 -48.54
C GLU EA 48 74.47 -50.68 -49.63
N ARG EA 49 73.99 -50.60 -50.87
CA ARG EA 49 74.84 -50.23 -51.99
C ARG EA 49 75.23 -48.75 -51.90
N ILE EA 50 74.30 -47.88 -51.48
CA ILE EA 50 74.60 -46.46 -51.41
C ILE EA 50 75.79 -46.25 -50.47
N VAL EA 51 75.72 -46.89 -49.30
CA VAL EA 51 76.73 -46.72 -48.28
C VAL EA 51 78.07 -47.20 -48.85
N LYS EA 52 78.06 -48.40 -49.46
CA LYS EA 52 79.28 -49.00 -49.95
C LYS EA 52 79.93 -48.09 -50.99
N GLN EA 53 79.14 -47.65 -51.98
CA GLN EA 53 79.67 -46.83 -53.06
C GLN EA 53 80.23 -45.51 -52.50
N ALA EA 54 79.47 -44.89 -51.59
CA ALA EA 54 79.86 -43.61 -51.04
C ALA EA 54 81.19 -43.74 -50.27
N GLY EA 55 81.30 -44.83 -49.49
CA GLY EA 55 82.50 -45.08 -48.73
C GLY EA 55 83.74 -45.10 -49.62
N ASP EA 56 83.65 -45.87 -50.71
CA ASP EA 56 84.75 -46.02 -51.65
C ASP EA 56 85.13 -44.66 -52.23
N GLN EA 57 84.12 -43.89 -52.64
CA GLN EA 57 84.36 -42.57 -53.19
C GLN EA 57 85.09 -41.70 -52.17
N LEU EA 58 84.62 -41.74 -50.92
CA LEU EA 58 85.21 -40.92 -49.88
C LEU EA 58 86.68 -41.28 -49.69
N PHE EA 59 86.96 -42.58 -49.63
CA PHE EA 59 88.31 -43.04 -49.37
C PHE EA 59 89.22 -42.67 -50.53
N GLN EA 60 88.70 -42.72 -51.77
CA GLN EA 60 89.48 -42.28 -52.90
C GLN EA 60 89.71 -40.79 -52.81
N LYS EA 61 88.69 -40.01 -52.45
CA LYS EA 61 88.81 -38.56 -52.36
C LYS EA 61 89.81 -38.19 -51.27
N ARG EA 62 89.77 -38.90 -50.14
CA ARG EA 62 90.63 -38.63 -49.00
C ARG EA 62 91.45 -39.88 -48.65
N PRO EA 63 92.63 -40.09 -49.27
CA PRO EA 63 93.47 -41.21 -48.91
C PRO EA 63 93.87 -41.17 -47.43
N ASP EA 64 94.04 -39.96 -46.89
CA ASP EA 64 94.60 -39.75 -45.57
C ASP EA 64 93.75 -40.44 -44.49
N VAL EA 65 92.43 -40.34 -44.60
CA VAL EA 65 91.57 -40.83 -43.53
C VAL EA 65 91.82 -42.32 -43.32
N VAL EA 66 91.95 -43.08 -44.41
CA VAL EA 66 92.33 -44.49 -44.33
C VAL EA 66 93.83 -44.59 -44.58
N SER EA 67 94.61 -44.06 -43.63
CA SER EA 67 96.06 -44.16 -43.63
C SER EA 67 96.48 -44.33 -42.17
N PRO EA 68 97.68 -44.84 -41.87
CA PRO EA 68 98.02 -45.22 -40.49
C PRO EA 68 97.80 -44.08 -39.50
N GLY EA 69 98.13 -42.86 -39.91
CA GLY EA 69 97.82 -41.68 -39.11
C GLY EA 69 96.31 -41.46 -38.95
N GLY EA 70 95.56 -41.67 -40.06
CA GLY EA 70 94.15 -41.29 -40.15
C GLY EA 70 93.26 -42.11 -39.22
N ASN EA 71 92.11 -41.50 -38.88
CA ASN EA 71 91.17 -42.07 -37.92
C ASN EA 71 90.51 -43.32 -38.48
N ALA EA 72 90.21 -43.28 -39.77
CA ALA EA 72 89.44 -44.33 -40.42
C ALA EA 72 90.26 -45.62 -40.58
N TYR EA 73 91.60 -45.51 -40.48
CA TYR EA 73 92.49 -46.61 -40.82
C TYR EA 73 92.28 -47.82 -39.91
N GLY EA 74 92.36 -49.01 -40.54
CA GLY EA 74 92.12 -50.27 -39.85
C GLY EA 74 90.68 -50.74 -40.08
N GLU EA 75 90.46 -52.07 -40.01
CA GLU EA 75 89.17 -52.65 -40.32
C GLU EA 75 88.11 -52.15 -39.32
N LYS EA 76 88.43 -52.18 -38.01
CA LYS EA 76 87.46 -51.77 -37.01
C LYS EA 76 87.03 -50.35 -37.31
N MET EA 77 88.01 -49.47 -37.51
CA MET EA 77 87.75 -48.06 -37.73
C MET EA 77 86.98 -47.85 -39.03
N THR EA 78 87.34 -48.58 -40.09
CA THR EA 78 86.68 -48.40 -41.36
C THR EA 78 85.21 -48.81 -41.24
N ALA EA 79 84.94 -49.89 -40.50
CA ALA EA 79 83.57 -50.32 -40.27
C ALA EA 79 82.77 -49.22 -39.57
N LEU EA 80 83.37 -48.60 -38.55
CA LEU EA 80 82.71 -47.55 -37.79
C LEU EA 80 82.40 -46.37 -38.71
N CYS EA 81 83.33 -46.02 -39.61
CA CYS EA 81 83.10 -44.92 -40.54
C CYS EA 81 81.91 -45.26 -41.45
N LEU EA 82 81.82 -46.51 -41.89
CA LEU EA 82 80.70 -46.90 -42.73
C LEU EA 82 79.41 -46.93 -41.93
N ARG EA 83 79.48 -47.37 -40.67
CA ARG EA 83 78.32 -47.38 -39.81
C ARG EA 83 77.77 -45.94 -39.68
N ASP EA 84 78.68 -44.97 -39.53
CA ASP EA 84 78.27 -43.59 -39.41
C ASP EA 84 77.53 -43.15 -40.68
N LEU EA 85 78.05 -43.53 -41.84
CA LEU EA 85 77.42 -43.17 -43.09
C LEU EA 85 76.02 -43.78 -43.14
N ASP EA 86 75.90 -45.02 -42.69
CA ASP EA 86 74.61 -45.68 -42.66
C ASP EA 86 73.63 -44.92 -41.77
N TYR EA 87 74.10 -44.49 -40.58
CA TYR EA 87 73.29 -43.73 -39.64
C TYR EA 87 72.72 -42.49 -40.33
N TYR EA 88 73.59 -41.76 -41.03
CA TYR EA 88 73.14 -40.53 -41.64
C TYR EA 88 72.11 -40.83 -42.72
N LEU EA 89 72.27 -41.94 -43.44
CA LEU EA 89 71.30 -42.27 -44.47
C LEU EA 89 69.94 -42.55 -43.84
N ARG EA 90 69.93 -43.29 -42.73
CA ARG EA 90 68.69 -43.60 -42.04
C ARG EA 90 68.01 -42.31 -41.62
N LEU EA 91 68.80 -41.36 -41.11
CA LEU EA 91 68.26 -40.08 -40.70
C LEU EA 91 67.63 -39.36 -41.89
N VAL EA 92 68.29 -39.40 -43.05
CA VAL EA 92 67.76 -38.73 -44.23
C VAL EA 92 66.41 -39.31 -44.61
N THR EA 93 66.27 -40.63 -44.55
CA THR EA 93 64.99 -41.25 -44.91
C THR EA 93 63.91 -40.74 -43.95
N TYR EA 94 64.23 -40.68 -42.66
CA TYR EA 94 63.28 -40.19 -41.66
C TYR EA 94 62.84 -38.77 -42.03
N GLY EA 95 63.81 -37.95 -42.44
CA GLY EA 95 63.53 -36.57 -42.82
C GLY EA 95 62.55 -36.47 -43.97
N ILE EA 96 62.72 -37.31 -45.00
CA ILE EA 96 61.89 -37.23 -46.18
C ILE EA 96 60.44 -37.50 -45.79
N VAL EA 97 60.20 -38.53 -44.97
CA VAL EA 97 58.83 -38.85 -44.58
C VAL EA 97 58.27 -37.72 -43.72
N ALA EA 98 59.10 -37.15 -42.84
CA ALA EA 98 58.65 -36.08 -41.95
C ALA EA 98 58.38 -34.80 -42.72
N GLY EA 99 59.12 -34.57 -43.81
CA GLY EA 99 58.96 -33.35 -44.58
C GLY EA 99 59.71 -32.18 -43.95
N ASP EA 100 60.52 -32.47 -42.92
CA ASP EA 100 61.29 -31.46 -42.24
C ASP EA 100 62.63 -32.01 -41.81
N VAL EA 101 63.58 -31.15 -41.53
CA VAL EA 101 64.92 -31.58 -41.13
C VAL EA 101 64.97 -31.79 -39.63
N THR EA 102 63.94 -31.35 -38.90
CA THR EA 102 63.96 -31.39 -37.46
C THR EA 102 64.30 -32.79 -36.96
N PRO EA 103 63.63 -33.88 -37.42
CA PRO EA 103 63.97 -35.22 -36.96
C PRO EA 103 65.45 -35.53 -37.15
N ILE EA 104 65.95 -35.20 -38.34
CA ILE EA 104 67.36 -35.38 -38.67
C ILE EA 104 68.19 -34.60 -37.67
N GLU EA 105 67.80 -33.34 -37.45
CA GLU EA 105 68.62 -32.39 -36.71
C GLU EA 105 68.82 -32.84 -35.26
N GLU EA 106 67.76 -33.26 -34.59
CA GLU EA 106 67.85 -33.67 -33.20
C GLU EA 106 68.78 -34.86 -33.04
N ILE EA 107 68.66 -35.86 -33.90
CA ILE EA 107 69.41 -37.11 -33.73
C ILE EA 107 70.88 -36.92 -34.13
N GLY EA 108 71.16 -36.10 -35.16
CA GLY EA 108 72.46 -36.14 -35.80
C GLY EA 108 73.24 -34.82 -35.79
N ILE EA 109 72.59 -33.65 -35.80
CA ILE EA 109 73.35 -32.45 -36.09
C ILE EA 109 73.66 -31.62 -34.84
N ILE EA 110 73.04 -31.91 -33.69
CA ILE EA 110 73.32 -31.08 -32.51
C ILE EA 110 74.32 -31.80 -31.62
N GLY EA 111 75.45 -31.15 -31.38
CA GLY EA 111 76.53 -31.72 -30.61
C GLY EA 111 77.45 -32.59 -31.47
N VAL EA 112 77.20 -32.59 -32.80
CA VAL EA 112 77.97 -33.45 -33.69
C VAL EA 112 79.42 -33.02 -33.66
N LYS EA 113 79.66 -31.70 -33.70
CA LYS EA 113 81.02 -31.17 -33.71
C LYS EA 113 81.77 -31.69 -32.48
N GLU EA 114 81.14 -31.58 -31.32
CA GLU EA 114 81.76 -31.95 -30.05
C GLU EA 114 82.08 -33.43 -30.03
N MET EA 115 81.13 -34.25 -30.50
CA MET EA 115 81.32 -35.70 -30.49
C MET EA 115 82.51 -36.05 -31.37
N TYR EA 116 82.54 -35.52 -32.59
CA TYR EA 116 83.59 -35.88 -33.52
C TYR EA 116 84.92 -35.32 -33.05
N ASN EA 117 84.94 -34.14 -32.42
CA ASN EA 117 86.19 -33.59 -31.93
C ASN EA 117 86.78 -34.49 -30.85
N SER EA 118 85.95 -35.04 -29.95
CA SER EA 118 86.47 -35.98 -28.97
C SER EA 118 87.03 -37.20 -29.71
N LEU EA 119 86.28 -37.70 -30.71
CA LEU EA 119 86.73 -38.86 -31.45
C LEU EA 119 87.99 -38.51 -32.25
N GLN EA 120 88.10 -37.25 -32.67
CA GLN EA 120 89.21 -36.74 -33.47
C GLN EA 120 88.97 -37.01 -34.96
N THR EA 121 87.79 -37.55 -35.28
CA THR EA 121 87.37 -37.68 -36.67
C THR EA 121 87.33 -36.30 -37.32
N PRO EA 122 87.87 -36.11 -38.54
CA PRO EA 122 87.73 -34.84 -39.26
C PRO EA 122 86.30 -34.61 -39.77
N ILE EA 123 85.73 -33.44 -39.42
CA ILE EA 123 84.37 -33.12 -39.81
C ILE EA 123 84.26 -32.99 -41.31
N PRO EA 124 85.21 -32.32 -42.02
CA PRO EA 124 85.06 -32.15 -43.47
C PRO EA 124 84.97 -33.46 -44.25
N ALA EA 125 85.72 -34.48 -43.79
CA ALA EA 125 85.69 -35.78 -44.42
C ALA EA 125 84.30 -36.39 -44.28
N VAL EA 126 83.69 -36.23 -43.10
CA VAL EA 126 82.35 -36.75 -42.85
C VAL EA 126 81.40 -36.09 -43.84
N ALA EA 127 81.56 -34.77 -44.03
CA ALA EA 127 80.70 -34.03 -44.93
C ALA EA 127 80.84 -34.57 -46.36
N GLU EA 128 82.08 -34.88 -46.76
CA GLU EA 128 82.34 -35.41 -48.09
C GLU EA 128 81.62 -36.73 -48.29
N GLY EA 129 81.65 -37.59 -47.25
CA GLY EA 129 80.96 -38.86 -47.29
C GLY EA 129 79.46 -38.69 -47.52
N VAL EA 130 78.88 -37.69 -46.86
CA VAL EA 130 77.46 -37.42 -47.02
C VAL EA 130 77.20 -36.95 -48.45
N ARG EA 131 78.10 -36.09 -48.97
CA ARG EA 131 77.97 -35.61 -50.33
C ARG EA 131 78.02 -36.80 -51.29
N ALA EA 132 78.97 -37.71 -51.05
CA ALA EA 132 79.12 -38.89 -51.87
C ALA EA 132 77.84 -39.71 -51.85
N MET EA 133 77.25 -39.90 -50.66
CA MET EA 133 76.02 -40.66 -50.55
C MET EA 133 74.92 -40.00 -51.36
N LYS EA 134 74.89 -38.66 -51.34
CA LYS EA 134 73.87 -37.93 -52.07
C LYS EA 134 73.95 -38.28 -53.55
N ASN EA 135 75.17 -38.30 -54.11
CA ASN EA 135 75.35 -38.51 -55.53
C ASN EA 135 74.85 -39.89 -55.92
N VAL EA 136 75.20 -40.90 -55.12
CA VAL EA 136 74.75 -42.26 -55.37
C VAL EA 136 73.23 -42.30 -55.29
N ALA EA 137 72.66 -41.70 -54.25
CA ALA EA 137 71.23 -41.74 -54.03
C ALA EA 137 70.49 -41.04 -55.18
N THR EA 138 71.04 -39.92 -55.65
CA THR EA 138 70.43 -39.14 -56.71
C THR EA 138 70.27 -40.01 -57.96
N SER EA 139 71.31 -40.79 -58.29
CA SER EA 139 71.32 -41.59 -59.50
C SER EA 139 70.16 -42.59 -59.49
N LEU EA 140 69.92 -43.23 -58.35
CA LEU EA 140 68.87 -44.24 -58.24
C LEU EA 140 67.49 -43.58 -58.27
N LEU EA 141 67.40 -42.37 -57.71
CA LEU EA 141 66.11 -41.68 -57.63
C LEU EA 141 65.81 -41.05 -59.00
N SER EA 142 64.50 -40.92 -59.28
CA SER EA 142 64.05 -40.12 -60.41
C SER EA 142 64.31 -38.64 -60.11
N GLY EA 143 64.39 -37.82 -61.17
CA GLY EA 143 64.88 -36.44 -61.07
C GLY EA 143 64.15 -35.60 -60.01
N ASP EA 144 62.82 -35.58 -60.06
CA ASP EA 144 62.02 -34.84 -59.11
C ASP EA 144 62.19 -35.43 -57.71
N ASP EA 145 62.21 -36.77 -57.61
CA ASP EA 145 62.45 -37.43 -56.34
C ASP EA 145 63.83 -37.04 -55.82
N ALA EA 146 64.82 -37.01 -56.72
CA ALA EA 146 66.19 -36.70 -56.37
C ALA EA 146 66.29 -35.30 -55.78
N ALA EA 147 65.56 -34.34 -56.37
CA ALA EA 147 65.61 -32.96 -55.90
C ALA EA 147 65.14 -32.89 -54.44
N GLU EA 148 64.02 -33.58 -54.15
CA GLU EA 148 63.48 -33.63 -52.80
C GLU EA 148 64.54 -34.21 -51.86
N ALA EA 149 65.12 -35.35 -52.24
CA ALA EA 149 66.12 -36.02 -51.42
C ALA EA 149 67.35 -35.13 -51.25
N GLY EA 150 67.71 -34.41 -52.33
CA GLY EA 150 68.89 -33.56 -52.32
C GLY EA 150 68.84 -32.52 -51.21
N PHE EA 151 67.67 -31.92 -51.00
CA PHE EA 151 67.51 -30.88 -50.02
C PHE EA 151 67.95 -31.38 -48.65
N TYR EA 152 67.47 -32.58 -48.29
CA TYR EA 152 67.79 -33.14 -46.99
C TYR EA 152 69.29 -33.45 -46.91
N PHE EA 153 69.84 -34.00 -48.01
CA PHE EA 153 71.26 -34.31 -48.04
C PHE EA 153 72.09 -33.03 -47.90
N ASP EA 154 71.67 -31.96 -48.59
CA ASP EA 154 72.39 -30.70 -48.54
C ASP EA 154 72.42 -30.15 -47.12
N TYR EA 155 71.25 -30.25 -46.44
CA TYR EA 155 71.16 -29.75 -45.08
C TYR EA 155 72.21 -30.40 -44.20
N LEU EA 156 72.32 -31.73 -44.32
CA LEU EA 156 73.28 -32.50 -43.52
C LEU EA 156 74.67 -31.98 -43.78
N VAL EA 157 75.00 -31.79 -45.05
CA VAL EA 157 76.33 -31.34 -45.42
C VAL EA 157 76.57 -29.95 -44.82
N GLY EA 158 75.55 -29.09 -44.89
CA GLY EA 158 75.65 -27.76 -44.31
C GLY EA 158 75.86 -27.82 -42.79
N ALA EA 159 75.11 -28.71 -42.12
CA ALA EA 159 75.15 -28.84 -40.67
C ALA EA 159 76.55 -29.24 -40.19
N MET EA 160 77.22 -30.14 -40.88
CA MET EA 160 78.56 -30.58 -40.53
C MET EA 160 79.58 -29.67 -41.27
N MET FA 1 57.04 -31.26 -28.27
CA MET FA 1 55.82 -32.09 -28.32
C MET FA 1 56.04 -33.24 -29.30
N GLN FA 2 55.02 -34.07 -29.47
CA GLN FA 2 55.11 -35.15 -30.45
C GLN FA 2 53.85 -35.18 -31.30
N ASP FA 3 54.03 -35.63 -32.55
CA ASP FA 3 52.94 -35.85 -33.46
C ASP FA 3 52.99 -37.29 -33.92
N ALA FA 4 51.94 -37.76 -34.64
CA ALA FA 4 51.87 -39.14 -35.04
C ALA FA 4 53.05 -39.52 -35.93
N ILE FA 5 53.36 -38.67 -36.90
CA ILE FA 5 54.47 -38.94 -37.80
C ILE FA 5 55.77 -39.09 -36.99
N THR FA 6 56.03 -38.14 -36.10
CA THR FA 6 57.25 -38.17 -35.32
C THR FA 6 57.24 -39.36 -34.37
N ALA FA 7 56.08 -39.73 -33.83
CA ALA FA 7 55.98 -40.87 -32.92
C ALA FA 7 56.48 -42.14 -33.59
N VAL FA 8 56.05 -42.36 -34.84
CA VAL FA 8 56.47 -43.53 -35.60
C VAL FA 8 57.99 -43.46 -35.78
N ILE FA 9 58.47 -42.29 -36.22
CA ILE FA 9 59.89 -42.11 -36.45
C ILE FA 9 60.67 -42.43 -35.18
N ASN FA 10 60.20 -41.92 -34.03
CA ASN FA 10 60.98 -42.06 -32.81
C ASN FA 10 61.05 -43.53 -32.42
N ASN FA 11 59.94 -44.26 -32.59
CA ASN FA 11 59.92 -45.66 -32.23
C ASN FA 11 60.94 -46.43 -33.06
N TYR FA 12 61.04 -46.10 -34.34
CA TYR FA 12 61.98 -46.75 -35.24
C TYR FA 12 63.40 -46.35 -34.88
N ASP FA 13 63.61 -45.08 -34.53
CA ASP FA 13 64.94 -44.59 -34.23
C ASP FA 13 65.53 -45.30 -33.00
N VAL FA 14 64.72 -45.55 -31.97
CA VAL FA 14 65.26 -46.22 -30.79
C VAL FA 14 65.63 -47.65 -31.17
N GLN FA 15 64.86 -48.28 -32.06
CA GLN FA 15 65.20 -49.59 -32.55
C GLN FA 15 66.40 -49.51 -33.48
N GLY FA 16 66.57 -48.36 -34.14
CA GLY FA 16 67.65 -48.17 -35.10
C GLY FA 16 67.24 -48.69 -36.48
N LYS FA 17 66.00 -49.16 -36.58
CA LYS FA 17 65.48 -49.75 -37.80
C LYS FA 17 65.18 -48.67 -38.82
N TYR FA 18 65.45 -48.98 -40.10
CA TYR FA 18 64.97 -48.17 -41.21
C TYR FA 18 63.46 -48.30 -41.28
N LEU FA 19 62.79 -47.28 -41.86
CA LEU FA 19 61.34 -47.31 -41.95
C LEU FA 19 60.91 -48.47 -42.82
N ASP FA 20 59.87 -49.18 -42.37
CA ASP FA 20 59.39 -50.37 -43.06
C ASP FA 20 57.91 -50.18 -43.44
N GLY FA 21 57.39 -51.09 -44.26
CA GLY FA 21 56.05 -50.99 -44.80
C GLY FA 21 54.98 -50.89 -43.71
N ALA FA 22 55.11 -51.71 -42.67
CA ALA FA 22 54.19 -51.68 -41.53
C ALA FA 22 54.15 -50.27 -40.92
N ALA FA 23 55.33 -49.70 -40.70
CA ALA FA 23 55.46 -48.32 -40.24
C ALA FA 23 54.81 -47.38 -41.24
N LEU FA 24 55.07 -47.61 -42.53
CA LEU FA 24 54.54 -46.75 -43.58
C LEU FA 24 53.00 -46.75 -43.53
N ASP FA 25 52.41 -47.91 -43.27
CA ASP FA 25 50.97 -48.07 -43.22
C ASP FA 25 50.36 -47.18 -42.11
N LYS FA 26 51.02 -47.15 -40.95
CA LYS FA 26 50.58 -46.31 -39.85
C LYS FA 26 50.63 -44.85 -40.28
N LEU FA 27 51.72 -44.46 -40.97
CA LEU FA 27 51.85 -43.10 -41.45
C LEU FA 27 50.75 -42.81 -42.45
N LYS FA 28 50.45 -43.77 -43.31
CA LYS FA 28 49.45 -43.61 -44.36
C LYS FA 28 48.09 -43.40 -43.71
N ALA FA 29 47.80 -44.17 -42.66
CA ALA FA 29 46.56 -44.05 -41.92
C ALA FA 29 46.39 -42.61 -41.44
N TYR FA 30 47.45 -42.04 -40.86
CA TYR FA 30 47.39 -40.68 -40.36
C TYR FA 30 47.09 -39.72 -41.51
N PHE FA 31 47.71 -39.92 -42.66
CA PHE FA 31 47.59 -38.99 -43.78
C PHE FA 31 46.16 -38.88 -44.27
N THR FA 32 45.42 -39.99 -44.29
CA THR FA 32 44.01 -40.00 -44.67
C THR FA 32 43.19 -39.18 -43.67
N THR FA 33 43.45 -39.35 -42.36
CA THR FA 33 42.71 -38.67 -41.32
C THR FA 33 42.99 -37.16 -41.39
N GLY FA 34 44.20 -36.81 -41.82
CA GLY FA 34 44.74 -35.45 -41.80
C GLY FA 34 43.83 -34.46 -42.45
N ALA FA 35 43.29 -34.73 -43.62
CA ALA FA 35 42.47 -33.78 -44.36
C ALA FA 35 41.28 -33.35 -43.51
N VAL FA 36 40.60 -34.32 -42.88
CA VAL FA 36 39.46 -34.05 -42.01
C VAL FA 36 39.89 -33.12 -40.88
N ARG FA 37 41.04 -33.43 -40.28
CA ARG FA 37 41.53 -32.69 -39.12
C ARG FA 37 41.74 -31.23 -39.50
N VAL FA 38 42.35 -30.99 -40.66
CA VAL FA 38 42.66 -29.63 -41.07
C VAL FA 38 41.36 -28.85 -41.21
N ARG FA 39 40.32 -29.45 -41.78
CA ARG FA 39 39.03 -28.79 -41.95
C ARG FA 39 38.48 -28.44 -40.58
N ALA FA 40 38.54 -29.38 -39.63
CA ALA FA 40 38.02 -29.16 -38.29
C ALA FA 40 38.73 -27.96 -37.62
N ALA FA 41 40.05 -27.94 -37.76
CA ALA FA 41 40.86 -26.90 -37.13
C ALA FA 41 40.46 -25.52 -37.64
N ALA FA 42 40.22 -25.39 -38.94
CA ALA FA 42 39.85 -24.11 -39.53
C ALA FA 42 38.50 -23.66 -38.99
N VAL FA 43 37.57 -24.60 -38.83
CA VAL FA 43 36.25 -24.29 -38.28
C VAL FA 43 36.43 -23.74 -36.88
N ILE FA 44 37.24 -24.42 -36.07
CA ILE FA 44 37.39 -24.02 -34.67
C ILE FA 44 38.00 -22.63 -34.60
N SER FA 45 39.04 -22.36 -35.39
CA SER FA 45 39.73 -21.08 -35.32
C SER FA 45 38.78 -19.93 -35.61
N SER FA 46 37.93 -20.10 -36.64
CA SER FA 46 37.01 -19.04 -37.06
C SER FA 46 35.95 -18.79 -35.98
N ASN FA 47 35.51 -19.85 -35.30
CA ASN FA 47 34.40 -19.75 -34.37
C ASN FA 47 34.89 -19.72 -32.93
N ALA FA 48 36.17 -19.48 -32.70
CA ALA FA 48 36.75 -19.62 -31.38
C ALA FA 48 36.08 -18.70 -30.37
N THR FA 49 35.94 -17.42 -30.72
CA THR FA 49 35.34 -16.44 -29.82
C THR FA 49 33.95 -16.90 -29.43
N THR FA 50 33.13 -17.33 -30.41
CA THR FA 50 31.77 -17.75 -30.16
C THR FA 50 31.76 -19.01 -29.30
N ILE FA 51 32.67 -19.94 -29.57
CA ILE FA 51 32.68 -21.20 -28.83
C ILE FA 51 32.83 -20.87 -27.36
N ILE FA 52 33.75 -19.95 -27.06
CA ILE FA 52 34.02 -19.59 -25.67
C ILE FA 52 32.79 -18.94 -25.08
N LYS FA 53 32.17 -18.02 -25.84
CA LYS FA 53 30.99 -17.30 -25.40
C LYS FA 53 29.89 -18.29 -25.01
N GLU FA 54 29.60 -19.24 -25.92
CA GLU FA 54 28.52 -20.16 -25.71
C GLU FA 54 28.79 -21.01 -24.48
N ALA FA 55 30.04 -21.50 -24.36
CA ALA FA 55 30.38 -22.39 -23.27
C ALA FA 55 30.25 -21.65 -21.95
N ALA FA 56 30.71 -20.40 -21.91
CA ALA FA 56 30.62 -19.62 -20.68
C ALA FA 56 29.18 -19.43 -20.29
N ALA FA 57 28.34 -19.13 -21.29
CA ALA FA 57 26.91 -18.91 -21.07
C ALA FA 57 26.27 -20.18 -20.50
N LYS FA 58 26.67 -21.34 -21.01
CA LYS FA 58 26.14 -22.61 -20.55
C LYS FA 58 26.52 -22.89 -19.10
N ALA FA 59 27.77 -22.60 -18.69
CA ALA FA 59 28.22 -23.02 -17.36
C ALA FA 59 28.64 -21.86 -16.44
N LEU FA 60 29.52 -20.99 -16.92
CA LEU FA 60 30.18 -20.06 -16.03
C LEU FA 60 29.25 -18.90 -15.61
N ILE FA 61 28.64 -18.23 -16.57
CA ILE FA 61 28.09 -16.89 -16.29
C ILE FA 61 26.68 -17.07 -15.72
N TYR FA 62 26.06 -15.95 -15.31
CA TYR FA 62 24.73 -15.93 -14.73
C TYR FA 62 24.69 -16.84 -13.50
N SER FA 63 25.77 -16.91 -12.75
CA SER FA 63 25.94 -17.88 -11.69
C SER FA 63 26.56 -17.19 -10.48
N ASP FA 64 26.71 -17.94 -9.37
CA ASP FA 64 27.41 -17.46 -8.21
C ASP FA 64 28.86 -17.04 -8.54
N LEU FA 65 29.51 -17.74 -9.43
CA LEU FA 65 30.91 -17.43 -9.81
C LEU FA 65 31.02 -15.95 -10.22
N THR FA 66 30.10 -15.53 -11.10
CA THR FA 66 30.14 -14.16 -11.56
C THR FA 66 29.67 -13.19 -10.47
N ARG FA 67 28.84 -13.65 -9.55
CA ARG FA 67 28.32 -12.79 -8.48
C ARG FA 67 29.44 -12.50 -7.49
N PRO FA 68 29.36 -11.40 -6.72
CA PRO FA 68 30.44 -11.02 -5.77
C PRO FA 68 30.73 -12.15 -4.78
N GLY FA 69 32.02 -12.39 -4.55
CA GLY FA 69 32.43 -13.53 -3.72
C GLY FA 69 32.70 -14.78 -4.55
N GLY FA 70 32.44 -14.70 -5.87
CA GLY FA 70 32.68 -15.84 -6.75
C GLY FA 70 34.03 -15.67 -7.42
N MET FA 72 34.98 -15.78 -10.46
CA MET FA 72 35.04 -15.02 -11.69
C MET FA 72 34.49 -13.61 -11.54
N TYR FA 73 34.21 -13.21 -10.27
CA TYR FA 73 33.84 -11.86 -9.96
C TYR FA 73 35.02 -10.89 -10.16
N THR FA 74 34.72 -9.64 -10.53
CA THR FA 74 35.68 -8.58 -10.93
C THR FA 74 36.09 -8.76 -12.38
N THR FA 75 36.37 -7.66 -13.07
CA THR FA 75 36.68 -7.73 -14.49
C THR FA 75 37.95 -8.54 -14.71
N ARG FA 76 38.95 -8.30 -13.85
CA ARG FA 76 40.25 -8.94 -14.03
C ARG FA 76 40.10 -10.46 -14.01
N ARG FA 77 39.39 -10.97 -13.01
CA ARG FA 77 39.16 -12.40 -12.92
C ARG FA 77 38.33 -12.92 -14.10
N TYR FA 78 37.30 -12.18 -14.51
CA TYR FA 78 36.48 -12.62 -15.62
C TYR FA 78 37.37 -12.79 -16.85
N ALA FA 79 38.20 -11.77 -17.10
CA ALA FA 79 39.05 -11.81 -18.28
C ALA FA 79 40.03 -12.98 -18.22
N ALA FA 80 40.57 -13.25 -17.03
CA ALA FA 80 41.48 -14.37 -16.84
C ALA FA 80 40.81 -15.69 -17.18
N CYS FA 81 39.58 -15.87 -16.72
CA CYS FA 81 38.88 -17.13 -16.93
C CYS FA 81 38.66 -17.36 -18.42
N ILE FA 82 38.27 -16.32 -19.17
CA ILE FA 82 38.02 -16.53 -20.58
C ILE FA 82 39.35 -16.74 -21.32
N ARG FA 83 40.43 -16.14 -20.82
CA ARG FA 83 41.75 -16.38 -21.40
C ARG FA 83 42.12 -17.87 -21.21
N ASP FA 84 41.86 -18.41 -20.04
CA ASP FA 84 42.16 -19.80 -19.78
C ASP FA 84 41.37 -20.69 -20.72
N MET FA 85 40.11 -20.33 -20.95
CA MET FA 85 39.23 -21.12 -21.80
C MET FA 85 39.82 -21.16 -23.21
N ASP FA 86 40.29 -20.02 -23.69
CA ASP FA 86 40.91 -19.91 -24.99
C ASP FA 86 42.13 -20.82 -25.08
N TYR FA 87 42.97 -20.83 -24.03
CA TYR FA 87 44.14 -21.70 -24.01
C TYR FA 87 43.70 -23.14 -24.26
N PHE FA 88 42.73 -23.61 -23.49
CA PHE FA 88 42.32 -24.98 -23.60
C PHE FA 88 41.89 -25.27 -25.03
N LEU FA 89 41.12 -24.36 -25.61
CA LEU FA 89 40.63 -24.56 -26.96
C LEU FA 89 41.79 -24.64 -27.95
N ARG FA 90 42.72 -23.71 -27.88
CA ARG FA 90 43.84 -23.63 -28.82
C ARG FA 90 44.68 -24.90 -28.73
N TYR FA 91 44.95 -25.37 -27.52
CA TYR FA 91 45.81 -26.51 -27.34
C TYR FA 91 45.10 -27.76 -27.84
N ALA FA 92 43.80 -27.87 -27.57
CA ALA FA 92 43.06 -29.02 -28.06
C ALA FA 92 43.10 -29.06 -29.59
N THR FA 93 42.97 -27.90 -30.23
CA THR FA 93 43.06 -27.82 -31.67
C THR FA 93 44.43 -28.30 -32.14
N TYR FA 94 45.48 -27.87 -31.45
CA TYR FA 94 46.84 -28.30 -31.79
C TYR FA 94 46.92 -29.82 -31.68
N ALA FA 95 46.38 -30.37 -30.60
CA ALA FA 95 46.45 -31.80 -30.36
C ALA FA 95 45.72 -32.55 -31.47
N MET FA 96 44.57 -32.03 -31.89
CA MET FA 96 43.75 -32.70 -32.88
C MET FA 96 44.53 -32.79 -34.21
N LEU FA 97 45.18 -31.67 -34.61
CA LEU FA 97 45.99 -31.70 -35.81
C LEU FA 97 47.12 -32.70 -35.62
N ALA FA 98 47.79 -32.69 -34.48
CA ALA FA 98 48.94 -33.54 -34.24
C ALA FA 98 48.51 -35.02 -34.25
N GLY FA 99 47.35 -35.30 -33.70
CA GLY FA 99 46.90 -36.68 -33.51
C GLY FA 99 47.54 -37.30 -32.27
N ASP FA 100 48.14 -36.47 -31.39
CA ASP FA 100 48.78 -36.98 -30.20
C ASP FA 100 48.37 -36.15 -28.98
N PRO FA 101 48.08 -36.77 -27.83
CA PRO FA 101 47.77 -36.03 -26.61
C PRO FA 101 48.96 -35.46 -25.84
N SER FA 102 50.19 -35.75 -26.28
CA SER FA 102 51.39 -35.40 -25.55
C SER FA 102 51.52 -33.90 -25.33
N ILE FA 103 51.21 -33.09 -26.35
CA ILE FA 103 51.37 -31.65 -26.22
C ILE FA 103 50.56 -31.16 -25.03
N LEU FA 104 49.37 -31.73 -24.82
CA LEU FA 104 48.52 -31.30 -23.72
C LEU FA 104 49.26 -31.57 -22.40
N ASP FA 105 49.88 -32.73 -22.28
CA ASP FA 105 50.63 -33.07 -21.08
C ASP FA 105 51.81 -32.12 -20.86
N GLU FA 106 52.55 -31.84 -21.95
CA GLU FA 106 53.76 -31.05 -21.83
C GLU FA 106 53.47 -29.58 -21.51
N ARG FA 107 52.43 -29.00 -22.09
CA ARG FA 107 52.17 -27.57 -21.91
C ARG FA 107 51.02 -27.34 -20.92
N VAL FA 108 49.83 -27.86 -21.19
CA VAL FA 108 48.69 -27.47 -20.41
C VAL FA 108 48.68 -28.22 -19.08
N LEU FA 109 48.82 -29.54 -19.13
CA LEU FA 109 48.45 -30.35 -17.98
C LEU FA 109 49.48 -30.21 -16.85
N ASN FA 110 50.75 -29.94 -17.19
CA ASN FA 110 51.82 -30.01 -16.23
C ASN FA 110 51.78 -28.83 -15.23
N GLY FA 111 51.63 -29.13 -13.95
CA GLY FA 111 51.53 -28.17 -12.87
C GLY FA 111 50.24 -27.35 -12.79
N LEU FA 112 49.21 -27.73 -13.58
CA LEU FA 112 48.02 -26.90 -13.62
C LEU FA 112 47.28 -27.01 -12.27
N LYS FA 113 47.17 -28.22 -11.74
CA LYS FA 113 46.45 -28.44 -10.50
C LYS FA 113 47.01 -27.55 -9.39
N GLU FA 114 48.33 -27.59 -9.27
CA GLU FA 114 49.02 -26.84 -8.24
C GLU FA 114 48.82 -25.33 -8.43
N THR FA 115 48.94 -24.86 -9.67
CA THR FA 115 48.73 -23.46 -9.97
C THR FA 115 47.33 -23.04 -9.54
N TYR FA 116 46.34 -23.85 -9.93
CA TYR FA 116 44.97 -23.52 -9.64
C TYR FA 116 44.72 -23.49 -8.16
N ASN FA 117 45.29 -24.45 -7.43
CA ASN FA 117 45.07 -24.51 -5.98
C ASN FA 117 45.65 -23.27 -5.30
N SER FA 118 46.84 -22.84 -5.70
CA SER FA 118 47.40 -21.61 -5.15
C SER FA 118 46.51 -20.42 -5.50
N LEU FA 119 46.03 -20.37 -6.73
CA LEU FA 119 45.22 -19.24 -7.17
C LEU FA 119 43.86 -19.27 -6.46
N GLY FA 120 43.37 -20.46 -6.13
CA GLY FA 120 42.03 -20.62 -5.58
C GLY FA 120 40.97 -20.76 -6.66
N VAL FA 121 41.39 -20.88 -7.92
CA VAL FA 121 40.49 -21.19 -9.02
C VAL FA 121 39.82 -22.56 -8.76
N PRO FA 122 38.50 -22.71 -8.94
CA PRO FA 122 37.82 -23.99 -8.79
C PRO FA 122 37.96 -24.96 -9.96
N ILE FA 123 38.58 -26.10 -9.73
CA ILE FA 123 38.94 -27.01 -10.80
C ILE FA 123 37.69 -27.60 -11.45
N ALA FA 124 36.74 -28.02 -10.64
CA ALA FA 124 35.54 -28.68 -11.14
C ALA FA 124 34.75 -27.77 -12.09
N ALA FA 125 34.63 -26.49 -11.73
CA ALA FA 125 33.98 -25.52 -12.60
C ALA FA 125 34.73 -25.39 -13.94
N THR FA 126 36.06 -25.38 -13.88
CA THR FA 126 36.89 -25.26 -15.07
C THR FA 126 36.64 -26.47 -15.96
N VAL FA 127 36.59 -27.65 -15.33
CA VAL FA 127 36.36 -28.88 -16.07
C VAL FA 127 34.99 -28.79 -16.76
N GLY FA 128 33.99 -28.32 -16.02
CA GLY FA 128 32.66 -28.08 -16.56
C GLY FA 128 32.69 -27.22 -17.83
N GLY FA 129 33.45 -26.13 -17.78
CA GLY FA 129 33.64 -25.24 -18.92
C GLY FA 129 34.28 -25.95 -20.12
N ILE FA 130 35.26 -26.83 -19.85
CA ILE FA 130 35.94 -27.55 -20.91
C ILE FA 130 34.93 -28.48 -21.59
N GLN FA 131 34.11 -29.17 -20.78
CA GLN FA 131 33.10 -30.07 -21.29
C GLN FA 131 32.09 -29.33 -22.14
N ALA FA 132 31.70 -28.13 -21.67
CA ALA FA 132 30.79 -27.30 -22.43
C ALA FA 132 31.40 -26.93 -23.78
N MET FA 133 32.68 -26.55 -23.79
CA MET FA 133 33.32 -26.17 -25.04
C MET FA 133 33.28 -27.36 -25.99
N LYS FA 134 33.50 -28.57 -25.45
CA LYS FA 134 33.55 -29.77 -26.26
C LYS FA 134 32.23 -29.93 -27.01
N GLU FA 135 31.11 -29.78 -26.27
CA GLU FA 135 29.79 -29.92 -26.84
C GLU FA 135 29.57 -28.93 -27.99
N VAL FA 136 29.90 -27.66 -27.76
CA VAL FA 136 29.77 -26.65 -28.80
C VAL FA 136 30.64 -27.01 -29.99
N VAL FA 137 31.88 -27.43 -29.73
CA VAL FA 137 32.84 -27.71 -30.78
C VAL FA 137 32.31 -28.86 -31.62
N GLY FA 138 31.76 -29.88 -30.95
CA GLY FA 138 31.25 -31.06 -31.62
C GLY FA 138 30.26 -30.71 -32.72
N GLY FA 139 29.31 -29.83 -32.40
CA GLY FA 139 28.34 -29.32 -33.35
C GLY FA 139 29.00 -28.72 -34.59
N LEU FA 140 29.92 -27.77 -34.39
CA LEU FA 140 30.50 -27.01 -35.48
C LEU FA 140 31.33 -27.90 -36.39
N VAL FA 141 32.12 -28.80 -35.79
CA VAL FA 141 33.09 -29.58 -36.55
C VAL FA 141 32.35 -30.61 -37.40
N GLY FA 142 31.23 -31.12 -36.87
CA GLY FA 142 30.50 -32.21 -37.51
C GLY FA 142 30.94 -33.56 -36.96
N PRO FA 143 30.16 -34.64 -37.19
CA PRO FA 143 30.33 -35.91 -36.47
C PRO FA 143 31.68 -36.64 -36.56
N ASP FA 144 32.20 -36.79 -37.78
CA ASP FA 144 33.47 -37.48 -37.99
C ASP FA 144 34.59 -36.75 -37.24
N ALA FA 145 34.62 -35.44 -37.37
CA ALA FA 145 35.61 -34.60 -36.70
C ALA FA 145 35.38 -34.60 -35.19
N ALA FA 146 34.11 -34.65 -34.77
CA ALA FA 146 33.74 -34.53 -33.36
C ALA FA 146 34.39 -35.63 -32.54
N LYS FA 147 34.41 -36.87 -33.04
CA LYS FA 147 34.95 -37.98 -32.28
C LYS FA 147 36.41 -37.69 -31.95
N GLU FA 148 37.16 -37.25 -32.97
CA GLU FA 148 38.59 -36.93 -32.83
C GLU FA 148 38.74 -35.76 -31.84
N ALA FA 149 37.93 -34.71 -32.01
CA ALA FA 149 38.01 -33.55 -31.16
C ALA FA 149 37.71 -33.92 -29.71
N SER FA 150 36.71 -34.78 -29.50
CA SER FA 150 36.22 -35.07 -28.16
C SER FA 150 37.33 -35.69 -27.30
N ILE FA 151 38.17 -36.57 -27.88
CA ILE FA 151 39.13 -37.29 -27.08
C ILE FA 151 40.10 -36.31 -26.41
N TYR FA 152 40.53 -35.27 -27.12
CA TYR FA 152 41.50 -34.32 -26.57
C TYR FA 152 40.84 -33.50 -25.45
N PHE FA 153 39.59 -33.08 -25.67
CA PHE FA 153 38.86 -32.37 -24.64
C PHE FA 153 38.72 -33.22 -23.39
N ASP FA 154 38.42 -34.51 -23.58
CA ASP FA 154 38.25 -35.42 -22.46
C ASP FA 154 39.57 -35.63 -21.74
N TYR FA 155 40.66 -35.66 -22.50
CA TYR FA 155 41.99 -35.84 -21.94
C TYR FA 155 42.31 -34.69 -21.00
N LEU FA 156 42.02 -33.45 -21.44
CA LEU FA 156 42.24 -32.28 -20.62
C LEU FA 156 41.43 -32.41 -19.34
N SER FA 157 40.16 -32.80 -19.48
CA SER FA 157 39.25 -32.85 -18.35
C SER FA 157 39.74 -33.86 -17.32
N SER FA 158 40.17 -35.03 -17.79
CA SER FA 158 40.66 -36.09 -16.91
C SER FA 158 41.91 -35.65 -16.17
N GLY FA 159 42.81 -34.94 -16.87
CA GLY FA 159 44.04 -34.45 -16.27
C GLY FA 159 43.75 -33.51 -15.10
N LEU FA 160 42.81 -32.58 -15.32
CA LEU FA 160 42.54 -31.54 -14.35
C LEU FA 160 41.87 -32.16 -13.14
N SER FA 161 40.99 -33.13 -13.40
CA SER FA 161 40.31 -33.84 -12.33
C SER FA 161 41.14 -35.07 -11.93
N VAL GA 3 55.58 -11.23 -46.79
CA VAL GA 3 55.84 -12.63 -46.35
C VAL GA 3 57.32 -12.91 -46.41
N LEU GA 4 57.96 -12.50 -47.49
CA LEU GA 4 59.39 -12.70 -47.61
C LEU GA 4 60.11 -11.90 -46.53
N THR GA 5 59.69 -10.64 -46.34
CA THR GA 5 60.29 -9.77 -45.34
C THR GA 5 60.18 -10.43 -43.97
N LYS GA 6 59.01 -10.97 -43.67
CA LYS GA 6 58.79 -11.58 -42.37
C LYS GA 6 59.77 -12.73 -42.16
N ALA GA 7 59.94 -13.58 -43.18
CA ALA GA 7 60.82 -14.75 -43.08
C ALA GA 7 62.26 -14.32 -42.84
N ILE GA 8 62.71 -13.32 -43.60
CA ILE GA 8 64.07 -12.82 -43.50
C ILE GA 8 64.32 -12.30 -42.08
N VAL GA 9 63.35 -11.53 -41.58
CA VAL GA 9 63.49 -10.91 -40.28
C VAL GA 9 63.63 -11.98 -39.19
N ASN GA 10 62.86 -13.07 -39.27
CA ASN GA 10 62.96 -14.11 -38.26
C ASN GA 10 64.33 -14.76 -38.32
N ALA GA 11 64.82 -14.99 -39.55
CA ALA GA 11 66.13 -15.60 -39.74
C ALA GA 11 67.22 -14.70 -39.14
N ASP GA 12 67.14 -13.40 -39.39
CA ASP GA 12 68.16 -12.47 -38.94
C ASP GA 12 68.21 -12.45 -37.41
N ALA GA 13 67.03 -12.49 -36.77
CA ALA GA 13 66.97 -12.54 -35.31
C ALA GA 13 67.69 -13.77 -34.79
N GLU GA 14 67.45 -14.91 -35.45
CA GLU GA 14 68.09 -16.15 -35.08
C GLU GA 14 69.55 -16.18 -35.55
N ALA GA 15 69.91 -15.26 -36.44
CA ALA GA 15 71.26 -15.18 -36.97
C ALA GA 15 71.61 -16.43 -37.76
N ARG GA 16 70.64 -16.95 -38.51
CA ARG GA 16 70.81 -18.18 -39.28
C ARG GA 16 70.36 -17.94 -40.72
N TYR GA 17 70.81 -18.80 -41.64
CA TYR GA 17 70.29 -18.81 -43.01
C TYR GA 17 68.85 -19.32 -42.98
N LEU GA 18 68.08 -18.99 -44.03
CA LEU GA 18 66.67 -19.33 -44.04
C LEU GA 18 66.50 -20.84 -44.02
N SER GA 19 65.56 -21.30 -43.20
CA SER GA 19 65.23 -22.70 -43.09
C SER GA 19 64.53 -23.16 -44.36
N PRO GA 20 64.60 -24.47 -44.71
CA PRO GA 20 63.93 -25.00 -45.89
C PRO GA 20 62.43 -24.70 -45.87
N GLY GA 21 61.80 -24.92 -44.71
CA GLY GA 21 60.38 -24.64 -44.53
C GLY GA 21 60.05 -23.18 -44.82
N GLU GA 22 60.87 -22.27 -44.30
CA GLU GA 22 60.72 -20.84 -44.55
C GLU GA 22 60.85 -20.56 -46.04
N LEU GA 23 61.84 -21.20 -46.68
CA LEU GA 23 62.07 -21.04 -48.10
C LEU GA 23 60.84 -21.51 -48.88
N ASP GA 24 60.24 -22.61 -48.45
CA ASP GA 24 59.08 -23.18 -49.14
C ASP GA 24 57.91 -22.19 -49.10
N ARG GA 25 57.71 -21.54 -47.95
CA ARG GA 25 56.63 -20.59 -47.82
C ARG GA 25 56.85 -19.43 -48.78
N ILE GA 26 58.12 -19.02 -48.97
CA ILE GA 26 58.44 -17.96 -49.90
C ILE GA 26 58.05 -18.39 -51.31
N LYS GA 27 58.38 -19.64 -51.66
CA LYS GA 27 58.07 -20.17 -52.97
C LYS GA 27 56.56 -20.13 -53.21
N SER GA 28 55.79 -20.55 -52.21
CA SER GA 28 54.35 -20.61 -52.34
C SER GA 28 53.82 -19.19 -52.61
N PHE GA 29 54.36 -18.22 -51.86
CA PHE GA 29 53.90 -16.85 -51.95
C PHE GA 29 54.13 -16.28 -53.37
N VAL GA 30 55.30 -16.56 -53.95
CA VAL GA 30 55.63 -16.00 -55.25
C VAL GA 30 54.69 -16.57 -56.31
N ALA GA 31 54.33 -17.85 -56.18
CA ALA GA 31 53.36 -18.48 -57.08
C ALA GA 31 51.99 -17.83 -56.92
N SER GA 32 51.58 -17.56 -55.67
CA SER GA 32 50.28 -16.97 -55.40
C SER GA 32 50.18 -15.54 -55.93
N GLY GA 33 51.33 -14.85 -55.99
CA GLY GA 33 51.39 -13.40 -56.24
C GLY GA 33 50.65 -12.99 -57.48
N GLU GA 34 50.83 -13.70 -58.59
CA GLU GA 34 50.20 -13.35 -59.87
C GLU GA 34 48.67 -13.32 -59.73
N ARG GA 35 48.09 -14.32 -59.08
CA ARG GA 35 46.67 -14.32 -58.78
C ARG GA 35 46.32 -13.10 -57.93
N ARG GA 36 47.16 -12.83 -56.91
CA ARG GA 36 46.91 -11.72 -56.02
C ARG GA 36 46.89 -10.41 -56.80
N LEU GA 37 47.82 -10.26 -57.75
CA LEU GA 37 47.93 -9.03 -58.52
C LEU GA 37 46.64 -8.76 -59.27
N ARG GA 38 46.05 -9.81 -59.86
CA ARG GA 38 44.81 -9.68 -60.61
C ARG GA 38 43.68 -9.19 -59.69
N ILE GA 39 43.59 -9.78 -58.48
CA ILE GA 39 42.55 -9.39 -57.55
C ILE GA 39 42.67 -7.90 -57.24
N ALA GA 40 43.91 -7.46 -56.98
CA ALA GA 40 44.17 -6.06 -56.67
C ALA GA 40 43.80 -5.17 -57.85
N GLN GA 41 44.13 -5.63 -59.05
CA GLN GA 41 43.88 -4.85 -60.26
C GLN GA 41 42.38 -4.62 -60.41
N THR GA 42 41.60 -5.66 -60.17
CA THR GA 42 40.15 -5.58 -60.30
C THR GA 42 39.61 -4.47 -59.41
N LEU GA 43 40.01 -4.46 -58.13
CA LEU GA 43 39.53 -3.47 -57.18
C LEU GA 43 39.96 -2.06 -57.58
N THR GA 44 41.19 -1.94 -58.09
CA THR GA 44 41.68 -0.63 -58.50
C THR GA 44 40.79 -0.04 -59.59
N GLU GA 45 40.40 -0.86 -60.56
CA GLU GA 45 39.60 -0.38 -61.67
C GLU GA 45 38.22 0.05 -61.18
N ALA GA 46 37.67 -0.70 -60.23
CA ALA GA 46 36.34 -0.44 -59.71
C ALA GA 46 36.40 0.55 -58.53
N ARG GA 47 37.58 1.12 -58.27
CA ARG GA 47 37.79 1.87 -57.05
C ARG GA 47 36.77 3.00 -56.92
N GLU GA 48 36.66 3.84 -57.94
CA GLU GA 48 35.83 5.04 -57.94
C GLU GA 48 34.39 4.69 -57.57
N ARG GA 49 33.85 3.64 -58.21
CA ARG GA 49 32.47 3.23 -57.95
C ARG GA 49 32.34 2.64 -56.54
N ILE GA 50 33.33 1.86 -56.09
CA ILE GA 50 33.25 1.22 -54.78
C ILE GA 50 33.10 2.32 -53.73
N VAL GA 51 33.94 3.35 -53.83
CA VAL GA 51 33.94 4.41 -52.84
C VAL GA 51 32.59 5.10 -52.86
N LYS GA 52 32.10 5.43 -54.06
CA LYS GA 52 30.85 6.17 -54.20
C LYS GA 52 29.70 5.37 -53.57
N GLN GA 53 29.58 4.11 -53.96
CA GLN GA 53 28.50 3.26 -53.46
C GLN GA 53 28.58 3.13 -51.94
N ALA GA 54 29.78 2.89 -51.42
CA ALA GA 54 29.96 2.69 -49.99
C ALA GA 54 29.57 3.95 -49.23
N GLY GA 55 29.98 5.10 -49.75
CA GLY GA 55 29.66 6.38 -49.14
C GLY GA 55 28.15 6.54 -48.95
N ASP GA 56 27.39 6.28 -50.02
CA ASP GA 56 25.95 6.41 -50.01
C ASP GA 56 25.36 5.48 -48.95
N GLN GA 57 25.83 4.23 -48.92
CA GLN GA 57 25.36 3.26 -47.95
C GLN GA 57 25.62 3.78 -46.54
N LEU GA 58 26.83 4.29 -46.31
CA LEU GA 58 27.23 4.78 -45.00
C LEU GA 58 26.29 5.91 -44.57
N PHE GA 59 26.03 6.85 -45.48
CA PHE GA 59 25.21 8.00 -45.16
C PHE GA 59 23.79 7.57 -44.88
N GLN GA 60 23.29 6.56 -45.58
CA GLN GA 60 21.98 6.01 -45.29
C GLN GA 60 22.00 5.36 -43.91
N LYS GA 61 23.05 4.57 -43.62
CA LYS GA 61 23.16 3.86 -42.35
C LYS GA 61 23.25 4.87 -41.19
N ARG GA 62 24.00 5.96 -41.41
CA ARG GA 62 24.21 6.98 -40.40
C ARG GA 62 23.78 8.34 -40.92
N PRO GA 63 22.49 8.73 -40.79
CA PRO GA 63 22.07 10.06 -41.23
C PRO GA 63 22.84 11.15 -40.48
N ASP GA 64 23.15 10.89 -39.20
CA ASP GA 64 23.67 11.89 -38.29
C ASP GA 64 24.99 12.46 -38.80
N VAL GA 65 25.88 11.60 -39.33
CA VAL GA 65 27.22 12.06 -39.67
C VAL GA 65 27.11 13.19 -40.67
N VAL GA 66 26.24 13.05 -41.69
CA VAL GA 66 25.98 14.13 -42.64
C VAL GA 66 24.71 14.86 -42.19
N SER GA 67 24.82 15.55 -41.05
CA SER GA 67 23.78 16.39 -40.52
C SER GA 67 24.47 17.60 -39.91
N PRO GA 68 23.78 18.74 -39.69
CA PRO GA 68 24.47 19.97 -39.30
C PRO GA 68 25.36 19.78 -38.07
N GLY GA 69 24.87 19.01 -37.10
CA GLY GA 69 25.69 18.63 -35.95
C GLY GA 69 26.90 17.78 -36.34
N GLY GA 70 26.69 16.83 -37.26
CA GLY GA 70 27.65 15.79 -37.58
C GLY GA 70 28.91 16.32 -38.26
N ASN GA 71 29.98 15.53 -38.10
CA ASN GA 71 31.32 15.91 -38.56
C ASN GA 71 31.37 15.95 -40.09
N ALA GA 72 30.70 15.00 -40.70
CA ALA GA 72 30.77 14.79 -42.14
C ALA GA 72 30.03 15.90 -42.90
N TYR GA 73 29.14 16.62 -42.22
CA TYR GA 73 28.22 17.56 -42.87
C TYR GA 73 28.98 18.71 -43.54
N GLY GA 74 28.48 19.11 -44.72
CA GLY GA 74 29.08 20.13 -45.55
C GLY GA 74 29.94 19.48 -46.64
N GLU GA 75 30.13 20.21 -47.74
CA GLU GA 75 30.81 19.69 -48.92
C GLU GA 75 32.26 19.34 -48.58
N LYS GA 76 32.97 20.28 -47.94
CA LYS GA 76 34.38 20.07 -47.62
C LYS GA 76 34.49 18.79 -46.80
N MET GA 77 33.69 18.71 -45.75
CA MET GA 77 33.74 17.60 -44.82
C MET GA 77 33.37 16.28 -45.52
N THR GA 78 32.34 16.32 -46.37
CA THR GA 78 31.90 15.11 -47.03
C THR GA 78 33.00 14.60 -47.96
N ALA GA 79 33.68 15.51 -48.64
CA ALA GA 79 34.80 15.15 -49.50
C ALA GA 79 35.88 14.44 -48.69
N LEU GA 80 36.22 15.00 -47.52
CA LEU GA 80 37.24 14.42 -46.68
C LEU GA 80 36.85 13.02 -46.24
N CYS GA 81 35.57 12.82 -45.91
CA CYS GA 81 35.11 11.50 -45.50
C CYS GA 81 35.28 10.51 -46.66
N LEU GA 82 34.99 10.96 -47.89
CA LEU GA 82 35.14 10.08 -49.03
C LEU GA 82 36.62 9.83 -49.32
N ARG GA 83 37.45 10.87 -49.14
CA ARG GA 83 38.88 10.72 -49.33
C ARG GA 83 39.41 9.64 -48.38
N ASP GA 84 38.92 9.65 -47.13
CA ASP GA 84 39.35 8.66 -46.16
C ASP GA 84 38.99 7.26 -46.63
N LEU GA 85 37.78 7.10 -47.17
CA LEU GA 85 37.34 5.80 -47.66
C LEU GA 85 38.25 5.37 -48.79
N ASP GA 86 38.59 6.30 -49.68
CA ASP GA 86 39.50 6.00 -50.77
C ASP GA 86 40.85 5.52 -50.25
N TYR GA 87 41.39 6.22 -49.24
CA TYR GA 87 42.66 5.85 -48.63
C TYR GA 87 42.63 4.42 -48.16
N TYR GA 88 41.57 4.05 -47.45
CA TYR GA 88 41.50 2.71 -46.90
C TYR GA 88 41.44 1.68 -48.02
N LEU GA 89 40.76 2.01 -49.13
CA LEU GA 89 40.69 1.06 -50.23
C LEU GA 89 42.08 0.87 -50.83
N ARG GA 90 42.83 1.95 -51.00
CA ARG GA 90 44.17 1.87 -51.55
C ARG GA 90 45.02 0.98 -50.66
N LEU GA 91 44.89 1.14 -49.34
CA LEU GA 91 45.64 0.33 -48.39
C LEU GA 91 45.28 -1.13 -48.58
N VAL GA 92 43.99 -1.44 -48.74
CA VAL GA 92 43.58 -2.83 -48.90
C VAL GA 92 44.24 -3.44 -50.13
N THR GA 93 44.29 -2.70 -51.24
CA THR GA 93 44.89 -3.24 -52.44
C THR GA 93 46.36 -3.58 -52.17
N TYR GA 94 47.06 -2.66 -51.49
CA TYR GA 94 48.46 -2.87 -51.15
C TYR GA 94 48.60 -4.16 -50.35
N GLY GA 95 47.68 -4.37 -49.41
CA GLY GA 95 47.71 -5.55 -48.56
C GLY GA 95 47.58 -6.84 -49.37
N ILE GA 96 46.69 -6.87 -50.35
CA ILE GA 96 46.43 -8.07 -51.12
C ILE GA 96 47.71 -8.47 -51.85
N VAL GA 97 48.39 -7.51 -52.47
CA VAL GA 97 49.61 -7.84 -53.21
C VAL GA 97 50.70 -8.30 -52.24
N ALA GA 98 50.78 -7.65 -51.07
CA ALA GA 98 51.78 -8.01 -50.08
C ALA GA 98 51.51 -9.39 -49.47
N GLY GA 99 50.24 -9.74 -49.34
CA GLY GA 99 49.89 -11.01 -48.73
C GLY GA 99 49.88 -10.93 -47.22
N ASP GA 100 50.02 -9.70 -46.68
CA ASP GA 100 50.08 -9.50 -45.23
C ASP GA 100 49.37 -8.16 -44.92
N VAL GA 101 48.96 -8.00 -43.68
CA VAL GA 101 48.29 -6.76 -43.29
C VAL GA 101 49.31 -5.71 -42.87
N THR GA 102 50.57 -6.11 -42.72
CA THR GA 102 51.59 -5.21 -42.21
C THR GA 102 51.61 -3.90 -43.00
N PRO GA 103 51.68 -3.89 -44.34
CA PRO GA 103 51.68 -2.64 -45.10
C PRO GA 103 50.47 -1.77 -44.73
N ILE GA 104 49.30 -2.40 -44.68
CA ILE GA 104 48.07 -1.72 -44.29
C ILE GA 104 48.25 -1.14 -42.90
N GLU GA 105 48.77 -1.96 -42.00
CA GLU GA 105 48.81 -1.65 -40.58
C GLU GA 105 49.65 -0.41 -40.30
N GLU GA 106 50.85 -0.34 -40.88
CA GLU GA 106 51.73 0.79 -40.64
C GLU GA 106 51.10 2.10 -41.11
N ILE GA 107 50.49 2.11 -42.29
CA ILE GA 107 50.00 3.36 -42.85
C ILE GA 107 48.70 3.80 -42.18
N GLY GA 108 47.84 2.85 -41.79
CA GLY GA 108 46.46 3.19 -41.45
C GLY GA 108 46.02 2.82 -40.03
N ILE GA 109 46.56 1.78 -39.40
CA ILE GA 109 45.89 1.25 -38.22
C ILE GA 109 46.61 1.65 -36.94
N ILE GA 110 47.83 2.19 -37.00
CA ILE GA 110 48.52 2.51 -35.76
C ILE GA 110 48.38 4.00 -35.48
N GLY GA 111 47.80 4.32 -34.33
CA GLY GA 111 47.50 5.68 -33.95
C GLY GA 111 46.19 6.18 -34.58
N VAL GA 112 45.45 5.30 -35.23
CA VAL GA 112 44.23 5.69 -35.92
C VAL GA 112 43.24 6.26 -34.91
N LYS GA 113 43.10 5.59 -33.76
CA LYS GA 113 42.17 6.03 -32.73
C LYS GA 113 42.48 7.47 -32.34
N GLU GA 114 43.77 7.72 -32.06
CA GLU GA 114 44.22 9.02 -31.59
C GLU GA 114 43.96 10.10 -32.64
N MET GA 115 44.26 9.79 -33.90
CA MET GA 115 44.09 10.74 -34.98
C MET GA 115 42.62 11.12 -35.08
N TYR GA 116 41.75 10.11 -35.11
CA TYR GA 116 40.32 10.38 -35.30
C TYR GA 116 39.76 11.09 -34.08
N ASN GA 117 40.23 10.75 -32.87
CA ASN GA 117 39.74 11.43 -31.69
C ASN GA 117 40.07 12.91 -31.73
N SER GA 118 41.28 13.28 -32.18
CA SER GA 118 41.59 14.69 -32.33
C SER GA 118 40.65 15.31 -33.36
N LEU GA 119 40.43 14.61 -34.48
CA LEU GA 119 39.55 15.12 -35.52
C LEU GA 119 38.11 15.18 -35.01
N GLN GA 120 37.77 14.25 -34.10
CA GLN GA 120 36.44 14.13 -33.51
C GLN GA 120 35.53 13.30 -34.40
N THR GA 121 36.09 12.76 -35.49
CA THR GA 121 35.38 11.82 -36.33
C THR GA 121 34.98 10.61 -35.51
N PRO GA 122 33.73 10.08 -35.59
CA PRO GA 122 33.38 8.84 -34.90
C PRO GA 122 34.01 7.61 -35.55
N ILE GA 123 34.74 6.81 -34.73
CA ILE GA 123 35.46 5.66 -35.25
C ILE GA 123 34.45 4.61 -35.76
N PRO GA 124 33.34 4.34 -35.05
CA PRO GA 124 32.40 3.32 -35.51
C PRO GA 124 31.82 3.57 -36.90
N ALA GA 125 31.55 4.84 -37.20
CA ALA GA 125 31.03 5.23 -38.51
C ALA GA 125 32.07 4.90 -39.59
N VAL GA 126 33.35 5.16 -39.30
CA VAL GA 126 34.43 4.87 -40.24
C VAL GA 126 34.42 3.37 -40.51
N ALA GA 127 34.26 2.57 -39.45
CA ALA GA 127 34.25 1.13 -39.57
C ALA GA 127 33.10 0.68 -40.47
N GLU GA 128 31.94 1.32 -40.31
CA GLU GA 128 30.77 0.98 -41.11
C GLU GA 128 31.07 1.23 -42.59
N GLY GA 129 31.72 2.37 -42.87
CA GLY GA 129 32.11 2.72 -44.23
C GLY GA 129 33.00 1.65 -44.85
N VAL GA 130 33.94 1.13 -44.07
CA VAL GA 130 34.84 0.09 -44.55
C VAL GA 130 34.03 -1.17 -44.81
N ARG GA 131 33.10 -1.49 -43.92
CA ARG GA 131 32.23 -2.64 -44.11
C ARG GA 131 31.45 -2.50 -45.41
N ALA GA 132 30.91 -1.30 -45.62
CA ALA GA 132 30.15 -1.00 -46.83
C ALA GA 132 31.02 -1.22 -48.07
N MET GA 133 32.26 -0.72 -48.02
CA MET GA 133 33.17 -0.88 -49.14
C MET GA 133 33.40 -2.35 -49.41
N LYS GA 134 33.51 -3.15 -48.35
CA LYS GA 134 33.75 -4.58 -48.49
C LYS GA 134 32.64 -5.21 -49.30
N ASN GA 135 31.38 -4.86 -48.98
CA ASN GA 135 30.22 -5.48 -49.62
C ASN GA 135 30.23 -5.17 -51.11
N VAL GA 136 30.50 -3.90 -51.46
CA VAL GA 136 30.56 -3.51 -52.86
C VAL GA 136 31.69 -4.27 -53.55
N ALA GA 137 32.86 -4.32 -52.91
CA ALA GA 137 34.03 -4.95 -53.49
C ALA GA 137 33.78 -6.44 -53.71
N THR GA 138 33.10 -7.08 -52.73
CA THR GA 138 32.84 -8.51 -52.79
C THR GA 138 32.01 -8.82 -54.04
N SER GA 139 31.00 -7.99 -54.32
CA SER GA 139 30.10 -8.24 -55.44
C SER GA 139 30.87 -8.28 -56.76
N LEU GA 140 31.83 -7.35 -56.96
CA LEU GA 140 32.58 -7.28 -58.19
C LEU GA 140 33.56 -8.44 -58.28
N LEU GA 141 34.09 -8.88 -57.14
CA LEU GA 141 35.08 -9.94 -57.13
C LEU GA 141 34.38 -11.29 -57.28
N SER GA 142 35.11 -12.25 -57.86
CA SER GA 142 34.66 -13.63 -57.86
C SER GA 142 34.80 -14.18 -56.44
N GLY GA 143 34.04 -15.25 -56.13
CA GLY GA 143 33.86 -15.74 -54.77
C GLY GA 143 35.18 -16.00 -54.01
N ASP GA 144 36.08 -16.76 -54.64
CA ASP GA 144 37.37 -17.08 -54.04
C ASP GA 144 38.19 -15.79 -53.89
N ASP GA 145 38.17 -14.94 -54.92
CA ASP GA 145 38.86 -13.66 -54.87
C ASP GA 145 38.27 -12.83 -53.74
N ALA GA 146 36.95 -12.84 -53.60
CA ALA GA 146 36.25 -12.06 -52.60
C ALA GA 146 36.68 -12.48 -51.20
N ALA GA 147 36.84 -13.79 -50.98
CA ALA GA 147 37.23 -14.29 -49.67
C ALA GA 147 38.59 -13.73 -49.28
N GLU GA 148 39.54 -13.76 -50.22
CA GLU GA 148 40.88 -13.20 -50.01
C GLU GA 148 40.75 -11.72 -49.64
N ALA GA 149 40.01 -10.96 -50.44
CA ALA GA 149 39.82 -9.54 -50.21
C ALA GA 149 39.13 -9.30 -48.87
N GLY GA 150 38.18 -10.16 -48.53
CA GLY GA 150 37.40 -10.02 -47.31
C GLY GA 150 38.30 -9.99 -46.08
N PHE GA 151 39.32 -10.86 -46.05
CA PHE GA 151 40.20 -10.96 -44.90
C PHE GA 151 40.81 -9.60 -44.60
N TYR GA 152 41.32 -8.93 -45.65
CA TYR GA 152 41.97 -7.64 -45.47
C TYR GA 152 40.94 -6.61 -45.01
N PHE GA 153 39.74 -6.65 -45.60
CA PHE GA 153 38.69 -5.74 -45.22
C PHE GA 153 38.30 -5.95 -43.76
N ASP GA 154 38.20 -7.22 -43.34
CA ASP GA 154 37.82 -7.56 -41.99
C ASP GA 154 38.85 -7.02 -40.99
N TYR GA 155 40.13 -7.16 -41.35
CA TYR GA 155 41.20 -6.70 -40.47
C TYR GA 155 41.01 -5.21 -40.19
N LEU GA 156 40.75 -4.43 -41.24
CA LEU GA 156 40.57 -2.99 -41.10
C LEU GA 156 39.43 -2.72 -40.13
N VAL GA 157 38.32 -3.44 -40.32
CA VAL GA 157 37.15 -3.24 -39.49
C VAL GA 157 37.49 -3.58 -38.05
N GLY GA 158 38.24 -4.67 -37.86
CA GLY GA 158 38.67 -5.07 -36.52
C GLY GA 158 39.57 -4.02 -35.88
N ALA GA 159 40.50 -3.45 -36.68
CA ALA GA 159 41.44 -2.47 -36.18
C ALA GA 159 40.71 -1.22 -35.66
N MET GA 160 39.74 -0.71 -36.43
CA MET GA 160 39.03 0.51 -36.08
C MET GA 160 37.73 0.17 -35.34
N GLN HA 2 63.85 -4.01 -46.48
CA GLN HA 2 62.47 -4.43 -46.89
C GLN HA 2 62.54 -5.12 -48.25
N ASP HA 3 61.48 -5.13 -49.01
CA ASP HA 3 61.39 -6.18 -50.08
C ASP HA 3 61.02 -5.47 -51.37
N ALA HA 4 61.17 -6.13 -52.49
CA ALA HA 4 60.87 -5.49 -53.78
C ALA HA 4 59.39 -5.11 -53.84
N ILE HA 5 58.54 -6.07 -53.43
CA ILE HA 5 57.12 -5.86 -53.41
C ILE HA 5 56.77 -4.65 -52.56
N THR HA 6 57.31 -4.60 -51.35
CA THR HA 6 57.00 -3.50 -50.43
C THR HA 6 57.60 -2.20 -50.97
N ALA HA 7 58.76 -2.25 -51.61
CA ALA HA 7 59.38 -1.05 -52.18
C ALA HA 7 58.48 -0.39 -53.18
N VAL HA 8 57.87 -1.18 -54.06
CA VAL HA 8 56.93 -0.67 -55.06
C VAL HA 8 55.76 -0.02 -54.32
N ILE HA 9 55.20 -0.75 -53.36
CA ILE HA 9 54.06 -0.26 -52.59
C ILE HA 9 54.43 1.09 -51.95
N ASN HA 10 55.60 1.18 -51.35
CA ASN HA 10 55.98 2.37 -50.61
C ASN HA 10 56.10 3.56 -51.56
N ASN HA 11 56.65 3.33 -52.75
CA ASN HA 11 56.83 4.39 -53.72
C ASN HA 11 55.45 4.92 -54.13
N TYR HA 12 54.48 4.03 -54.31
CA TYR HA 12 53.13 4.42 -54.67
C TYR HA 12 52.47 5.15 -53.51
N ASP HA 13 52.69 4.68 -52.29
CA ASP HA 13 52.05 5.28 -51.13
C ASP HA 13 52.49 6.73 -50.93
N VAL HA 14 53.77 7.06 -51.16
CA VAL HA 14 54.21 8.43 -50.99
C VAL HA 14 53.54 9.29 -52.08
N GLN HA 15 53.36 8.73 -53.27
CA GLN HA 15 52.65 9.44 -54.32
C GLN HA 15 51.16 9.50 -53.98
N GLY HA 16 50.67 8.50 -53.24
CA GLY HA 16 49.26 8.41 -52.91
C GLY HA 16 48.48 7.72 -54.01
N LYS HA 17 49.20 7.26 -55.04
CA LYS HA 17 48.61 6.61 -56.19
C LYS HA 17 48.18 5.20 -55.83
N TYR HA 18 47.04 4.77 -56.37
CA TYR HA 18 46.63 3.37 -56.34
C TYR HA 18 47.60 2.57 -57.22
N LEU HA 19 47.75 1.27 -56.91
CA LEU HA 19 48.66 0.44 -57.68
C LEU HA 19 48.19 0.35 -59.11
N ASP HA 20 49.09 0.46 -60.07
CA ASP HA 20 48.74 0.51 -61.49
C ASP HA 20 49.47 -0.62 -62.23
N GLY HA 21 49.07 -0.83 -63.49
CA GLY HA 21 49.58 -1.92 -64.31
C GLY HA 21 51.10 -1.91 -64.42
N ALA HA 22 51.67 -0.73 -64.67
CA ALA HA 22 53.12 -0.58 -64.76
C ALA HA 22 53.78 -1.09 -63.47
N ALA HA 23 53.24 -0.68 -62.33
CA ALA HA 23 53.69 -1.18 -61.03
C ALA HA 23 53.51 -2.69 -60.96
N LEU HA 24 52.35 -3.17 -61.44
CA LEU HA 24 52.04 -4.59 -61.39
C LEU HA 24 53.08 -5.39 -62.19
N ASP HA 25 53.50 -4.83 -63.33
CA ASP HA 25 54.48 -5.48 -64.19
C ASP HA 25 55.81 -5.69 -63.46
N LYS HA 26 56.25 -4.68 -62.70
CA LYS HA 26 57.46 -4.79 -61.91
C LYS HA 26 57.30 -5.91 -60.89
N LEU HA 27 56.14 -5.97 -60.25
CA LEU HA 27 55.86 -7.01 -59.26
C LEU HA 27 55.89 -8.38 -59.96
N LYS HA 28 55.33 -8.45 -61.16
CA LYS HA 28 55.25 -9.68 -61.90
C LYS HA 28 56.65 -10.16 -62.25
N ALA HA 29 57.51 -9.20 -62.64
CA ALA HA 29 58.90 -9.51 -62.95
C ALA HA 29 59.56 -10.18 -61.76
N TYR HA 30 59.35 -9.62 -60.57
CA TYR HA 30 59.93 -10.16 -59.35
C TYR HA 30 59.46 -11.61 -59.17
N PHE HA 31 58.18 -11.86 -59.40
CA PHE HA 31 57.60 -13.16 -59.08
C PHE HA 31 58.27 -14.27 -59.90
N THR HA 32 58.56 -13.99 -61.17
CA THR HA 32 59.24 -14.95 -62.03
C THR HA 32 60.66 -15.23 -61.52
N THR HA 33 61.37 -14.17 -61.11
CA THR HA 33 62.76 -14.29 -60.65
C THR HA 33 62.81 -15.10 -59.35
N GLY HA 34 61.73 -15.00 -58.55
CA GLY HA 34 61.67 -15.56 -57.21
C GLY HA 34 62.18 -17.02 -57.11
N ALA HA 35 61.66 -17.88 -57.99
CA ALA HA 35 61.96 -19.30 -57.91
C ALA HA 35 63.46 -19.55 -58.02
N VAL HA 36 64.11 -18.87 -58.97
CA VAL HA 36 65.56 -18.96 -59.18
C VAL HA 36 66.28 -18.56 -57.89
N ARG HA 37 65.83 -17.45 -57.29
CA ARG HA 37 66.49 -16.90 -56.11
C ARG HA 37 66.46 -17.91 -54.98
N VAL HA 38 65.31 -18.58 -54.78
CA VAL HA 38 65.18 -19.53 -53.69
C VAL HA 38 66.22 -20.65 -53.87
N ARG HA 39 66.37 -21.14 -55.11
CA ARG HA 39 67.32 -22.20 -55.37
C ARG HA 39 68.73 -21.72 -55.06
N ALA HA 40 69.07 -20.49 -55.49
CA ALA HA 40 70.39 -19.92 -55.26
C ALA HA 40 70.69 -19.83 -53.77
N ALA HA 41 69.70 -19.37 -52.99
CA ALA HA 41 69.89 -19.18 -51.56
C ALA HA 41 70.26 -20.49 -50.88
N ALA HA 42 69.58 -21.58 -51.26
CA ALA HA 42 69.84 -22.88 -50.67
C ALA HA 42 71.28 -23.34 -50.97
N VAL HA 43 71.71 -23.09 -52.21
CA VAL HA 43 73.06 -23.43 -52.62
C VAL HA 43 74.06 -22.68 -51.74
N ILE HA 44 73.83 -21.37 -51.55
CA ILE HA 44 74.78 -20.55 -50.82
C ILE HA 44 74.86 -21.03 -49.37
N SER HA 45 73.72 -21.30 -48.76
CA SER HA 45 73.69 -21.69 -47.35
C SER HA 45 74.51 -22.95 -47.13
N SER HA 46 74.36 -23.94 -48.01
CA SER HA 46 75.05 -25.21 -47.88
C SER HA 46 76.56 -25.05 -48.04
N ASN HA 47 76.99 -24.14 -48.94
CA ASN HA 47 78.39 -24.01 -49.29
C ASN HA 47 79.03 -22.80 -48.61
N ALA HA 48 78.37 -22.24 -47.60
CA ALA HA 48 78.79 -20.97 -47.04
C ALA HA 48 80.22 -21.05 -46.48
N THR HA 49 80.50 -22.08 -45.69
CA THR HA 49 81.81 -22.22 -45.07
C THR HA 49 82.89 -22.25 -46.16
N THR HA 50 82.67 -23.04 -47.21
CA THR HA 50 83.64 -23.19 -48.28
C THR HA 50 83.79 -21.87 -49.03
N ILE HA 51 82.67 -21.18 -49.27
CA ILE HA 51 82.73 -19.93 -50.01
C ILE HA 51 83.69 -18.98 -49.29
N ILE HA 52 83.56 -18.91 -47.97
CA ILE HA 52 84.37 -18.00 -47.19
C ILE HA 52 85.84 -18.45 -47.30
N LYS HA 53 86.07 -19.75 -47.16
CA LYS HA 53 87.41 -20.32 -47.23
C LYS HA 53 88.09 -19.93 -48.55
N GLU HA 54 87.38 -20.16 -49.65
CA GLU HA 54 87.91 -19.91 -50.97
C GLU HA 54 88.21 -18.43 -51.15
N ALA HA 55 87.30 -17.58 -50.71
CA ALA HA 55 87.46 -16.13 -50.86
C ALA HA 55 88.66 -15.67 -50.05
N ALA HA 56 88.83 -16.19 -48.85
CA ALA HA 56 89.96 -15.82 -48.01
C ALA HA 56 91.28 -16.19 -48.72
N ALA HA 57 91.28 -17.42 -49.27
CA ALA HA 57 92.43 -17.92 -50.00
C ALA HA 57 92.77 -17.01 -51.19
N LYS HA 58 91.74 -16.54 -51.89
CA LYS HA 58 91.90 -15.66 -53.04
C LYS HA 58 92.51 -14.31 -52.64
N ALA HA 59 92.09 -13.72 -51.51
CA ALA HA 59 92.46 -12.34 -51.20
C ALA HA 59 93.16 -12.19 -49.86
N LEU HA 60 92.59 -12.71 -48.79
CA LEU HA 60 93.02 -12.35 -47.45
C LEU HA 60 94.34 -13.03 -47.07
N ILE HA 61 94.46 -14.35 -47.29
CA ILE HA 61 95.65 -15.04 -46.81
C ILE HA 61 96.79 -14.86 -47.81
N TYR HA 62 97.98 -15.34 -47.45
CA TYR HA 62 99.21 -15.21 -48.24
C TYR HA 62 99.45 -13.75 -48.59
N SER HA 63 99.14 -12.84 -47.67
CA SER HA 63 99.15 -11.41 -47.95
C SER HA 63 99.83 -10.72 -46.77
N ASP HA 64 100.10 -9.42 -46.96
CA ASP HA 64 100.68 -8.64 -45.89
C ASP HA 64 99.74 -8.59 -44.68
N LEU HA 65 98.41 -8.57 -44.93
CA LEU HA 65 97.45 -8.50 -43.85
C LEU HA 65 97.70 -9.61 -42.84
N THR HA 66 97.86 -10.81 -43.32
CA THR HA 66 98.05 -11.96 -42.46
C THR HA 66 99.46 -11.94 -41.85
N ARG HA 67 100.44 -11.30 -42.53
CA ARG HA 67 101.79 -11.27 -42.00
C ARG HA 67 101.85 -10.33 -40.81
N PRO HA 68 102.83 -10.48 -39.88
CA PRO HA 68 102.89 -9.64 -38.69
C PRO HA 68 102.96 -8.16 -39.02
N GLY HA 69 102.18 -7.37 -38.27
CA GLY HA 69 102.03 -5.95 -38.56
C GLY HA 69 100.86 -5.66 -39.50
N GLY HA 70 100.19 -6.71 -39.99
CA GLY HA 70 99.04 -6.57 -40.87
C GLY HA 70 97.75 -6.60 -40.06
N MET HA 72 95.06 -8.31 -40.24
CA MET HA 72 94.47 -9.62 -39.95
C MET HA 72 95.46 -10.53 -39.25
N TYR HA 73 96.61 -9.96 -38.84
CA TYR HA 73 97.58 -10.71 -38.04
C TYR HA 73 97.05 -10.95 -36.63
N THR HA 74 97.45 -12.08 -36.02
CA THR HA 74 96.99 -12.60 -34.73
C THR HA 74 95.71 -13.40 -34.95
N THR HA 75 95.49 -14.43 -34.14
CA THR HA 75 94.34 -15.30 -34.35
C THR HA 75 93.06 -14.51 -34.15
N ARG HA 76 93.04 -13.63 -33.13
CA ARG HA 76 91.84 -12.89 -32.79
C ARG HA 76 91.36 -12.08 -33.99
N ARG HA 77 92.28 -11.32 -34.60
CA ARG HA 77 91.93 -10.51 -35.75
C ARG HA 77 91.51 -11.38 -36.93
N TYR HA 78 92.23 -12.49 -37.16
CA TYR HA 78 91.89 -13.36 -38.27
C TYR HA 78 90.44 -13.84 -38.10
N ALA HA 79 90.11 -14.27 -36.88
CA ALA HA 79 88.80 -14.80 -36.61
C ALA HA 79 87.72 -13.74 -36.83
N ALA HA 80 88.02 -12.50 -36.39
CA ALA HA 80 87.09 -11.40 -36.58
C ALA HA 80 86.80 -11.19 -38.07
N CYS HA 81 87.85 -11.19 -38.89
CA CYS HA 81 87.68 -10.91 -40.30
C CYS HA 81 86.82 -11.98 -40.96
N ILE HA 82 87.02 -13.25 -40.61
CA ILE HA 82 86.22 -14.29 -41.26
C ILE HA 82 84.77 -14.22 -40.75
N ARG HA 83 84.58 -13.78 -39.49
CA ARG HA 83 83.24 -13.59 -38.99
C ARG HA 83 82.52 -12.50 -39.80
N ASP HA 84 83.24 -11.41 -40.09
CA ASP HA 84 82.63 -10.34 -40.85
C ASP HA 84 82.27 -10.84 -42.25
N MET HA 85 83.12 -11.69 -42.83
CA MET HA 85 82.88 -12.21 -44.16
C MET HA 85 81.59 -13.00 -44.18
N ASP HA 86 81.40 -13.81 -43.15
CA ASP HA 86 80.17 -14.58 -43.01
C ASP HA 86 78.95 -13.65 -42.99
N TYR HA 87 79.04 -12.58 -42.20
CA TYR HA 87 77.95 -11.63 -42.11
C TYR HA 87 77.57 -11.13 -43.51
N PHE HA 88 78.58 -10.68 -44.24
CA PHE HA 88 78.32 -10.11 -45.55
C PHE HA 88 77.61 -11.16 -46.41
N LEU HA 89 78.06 -12.40 -46.37
CA LEU HA 89 77.46 -13.44 -47.17
C LEU HA 89 76.01 -13.66 -46.79
N ARG HA 90 75.72 -13.77 -45.48
CA ARG HA 90 74.37 -14.05 -45.02
C ARG HA 90 73.42 -12.93 -45.47
N TYR HA 91 73.87 -11.67 -45.32
CA TYR HA 91 73.02 -10.55 -45.64
C TYR HA 91 72.80 -10.46 -47.15
N ALA HA 92 73.84 -10.74 -47.93
CA ALA HA 92 73.70 -10.73 -49.37
C ALA HA 92 72.66 -11.77 -49.80
N THR HA 93 72.69 -12.94 -49.17
CA THR HA 93 71.71 -13.98 -49.46
C THR HA 93 70.31 -13.46 -49.14
N TYR HA 94 70.16 -12.80 -47.99
CA TYR HA 94 68.88 -12.23 -47.61
C TYR HA 94 68.42 -11.23 -48.67
N ALA HA 95 69.32 -10.38 -49.11
CA ALA HA 95 69.00 -9.34 -50.09
C ALA HA 95 68.55 -9.98 -51.39
N MET HA 96 69.23 -11.06 -51.79
CA MET HA 96 68.89 -11.71 -53.04
C MET HA 96 67.47 -12.26 -52.99
N LEU HA 97 67.11 -12.93 -51.90
CA LEU HA 97 65.75 -13.41 -51.74
C LEU HA 97 64.77 -12.23 -51.78
N ALA HA 98 65.09 -11.18 -51.02
CA ALA HA 98 64.20 -10.05 -50.90
C ALA HA 98 64.02 -9.34 -52.22
N GLY HA 99 65.07 -9.29 -53.05
CA GLY HA 99 65.03 -8.54 -54.28
C GLY HA 99 65.22 -7.05 -54.07
N ASP HA 100 65.69 -6.67 -52.87
CA ASP HA 100 65.86 -5.27 -52.54
C ASP HA 100 67.22 -5.05 -51.89
N PRO HA 101 67.94 -3.97 -52.26
CA PRO HA 101 69.18 -3.61 -51.57
C PRO HA 101 69.05 -2.95 -50.20
N SER HA 102 67.85 -2.61 -49.79
CA SER HA 102 67.59 -1.79 -48.60
C SER HA 102 68.10 -2.49 -47.35
N ILE HA 103 67.86 -3.80 -47.22
CA ILE HA 103 68.26 -4.50 -46.02
C ILE HA 103 69.77 -4.32 -45.80
N LEU HA 104 70.54 -4.34 -46.89
CA LEU HA 104 71.99 -4.13 -46.78
C LEU HA 104 72.27 -2.76 -46.17
N ASP HA 105 71.56 -1.74 -46.62
CA ASP HA 105 71.72 -0.40 -46.06
C ASP HA 105 71.35 -0.35 -44.58
N GLU HA 106 70.23 -0.97 -44.22
CA GLU HA 106 69.70 -0.89 -42.86
C GLU HA 106 70.59 -1.63 -41.87
N ARG HA 107 71.14 -2.80 -42.24
CA ARG HA 107 71.96 -3.56 -41.31
C ARG HA 107 73.47 -3.39 -41.57
N VAL HA 108 73.90 -3.79 -42.74
CA VAL HA 108 75.31 -3.99 -43.01
C VAL HA 108 75.99 -2.69 -43.29
N LEU HA 109 75.40 -1.85 -44.13
CA LEU HA 109 76.05 -0.61 -44.57
C LEU HA 109 76.00 0.40 -43.42
N ASN HA 110 75.04 0.30 -42.50
CA ASN HA 110 74.86 1.25 -41.43
C ASN HA 110 75.85 0.99 -40.33
N GLY HA 111 76.72 1.96 -40.04
CA GLY HA 111 77.64 1.91 -38.92
C GLY HA 111 78.90 1.11 -39.20
N LEU HA 112 78.97 0.23 -40.21
CA LEU HA 112 80.16 -0.58 -40.36
C LEU HA 112 81.30 0.30 -40.86
N LYS HA 113 81.04 1.18 -41.79
CA LYS HA 113 82.09 2.04 -42.36
C LYS HA 113 82.77 2.82 -41.24
N GLU HA 114 81.95 3.42 -40.38
CA GLU HA 114 82.44 4.23 -39.27
C GLU HA 114 83.27 3.36 -38.31
N THR HA 115 82.76 2.18 -37.98
CA THR HA 115 83.47 1.23 -37.11
C THR HA 115 84.83 0.92 -37.71
N TYR HA 116 84.85 0.58 -38.99
CA TYR HA 116 86.08 0.20 -39.66
C TYR HA 116 87.07 1.37 -39.64
N ASN HA 117 86.60 2.59 -39.87
CA ASN HA 117 87.50 3.72 -39.89
C ASN HA 117 88.15 3.93 -38.52
N SER HA 118 87.36 3.82 -37.45
CA SER HA 118 87.92 3.93 -36.12
C SER HA 118 88.92 2.80 -35.86
N LEU HA 119 88.59 1.58 -36.29
CA LEU HA 119 89.44 0.44 -36.04
C LEU HA 119 90.73 0.57 -36.87
N GLY HA 120 90.63 1.19 -38.05
CA GLY HA 120 91.74 1.23 -38.98
C GLY HA 120 91.80 -0.02 -39.87
N VAL HA 121 90.71 -0.79 -39.88
CA VAL HA 121 90.55 -1.85 -40.86
C VAL HA 121 90.53 -1.22 -42.25
N PRO HA 122 91.25 -1.80 -43.25
CA PRO HA 122 91.27 -1.24 -44.61
C PRO HA 122 90.04 -1.61 -45.42
N ILE HA 123 89.33 -0.58 -45.90
CA ILE HA 123 88.11 -0.76 -46.65
C ILE HA 123 88.40 -1.49 -47.97
N ALA HA 124 89.49 -1.11 -48.67
CA ALA HA 124 89.77 -1.69 -49.97
C ALA HA 124 89.97 -3.20 -49.86
N ALA HA 125 90.69 -3.66 -48.85
CA ALA HA 125 90.89 -5.09 -48.63
C ALA HA 125 89.56 -5.79 -48.37
N THR HA 126 88.66 -5.15 -47.60
CA THR HA 126 87.37 -5.72 -47.30
C THR HA 126 86.60 -5.87 -48.60
N VAL HA 127 86.64 -4.81 -49.43
CA VAL HA 127 85.94 -4.81 -50.69
C VAL HA 127 86.47 -5.95 -51.54
N GLY HA 128 87.81 -6.11 -51.57
CA GLY HA 128 88.45 -7.20 -52.30
C GLY HA 128 87.90 -8.56 -51.89
N GLY HA 129 87.76 -8.78 -50.57
CA GLY HA 129 87.19 -10.00 -50.05
C GLY HA 129 85.76 -10.23 -50.52
N ILE HA 130 84.96 -9.16 -50.53
CA ILE HA 130 83.56 -9.24 -50.94
C ILE HA 130 83.51 -9.65 -52.40
N GLN HA 131 84.36 -9.04 -53.23
CA GLN HA 131 84.41 -9.33 -54.66
C GLN HA 131 84.82 -10.77 -54.87
N ALA HA 132 85.78 -11.25 -54.08
CA ALA HA 132 86.19 -12.64 -54.17
C ALA HA 132 85.03 -13.57 -53.83
N MET HA 133 84.26 -13.25 -52.78
CA MET HA 133 83.13 -14.09 -52.42
C MET HA 133 82.16 -14.14 -53.58
N LYS HA 134 81.95 -13.00 -54.23
CA LYS HA 134 81.02 -12.90 -55.33
C LYS HA 134 81.38 -13.90 -56.43
N GLU HA 135 82.67 -13.91 -56.78
CA GLU HA 135 83.17 -14.78 -57.83
C GLU HA 135 82.91 -16.25 -57.49
N VAL HA 136 83.24 -16.65 -56.26
CA VAL HA 136 83.01 -18.02 -55.81
C VAL HA 136 81.51 -18.32 -55.87
N VAL HA 137 80.70 -17.39 -55.37
CA VAL HA 137 79.25 -17.59 -55.29
C VAL HA 137 78.71 -17.78 -56.70
N GLY HA 138 79.19 -16.95 -57.63
CA GLY HA 138 78.74 -16.98 -59.02
C GLY HA 138 78.81 -18.38 -59.62
N GLY HA 139 79.97 -19.04 -59.41
CA GLY HA 139 80.17 -20.41 -59.86
C GLY HA 139 79.10 -21.36 -59.33
N LEU HA 140 78.90 -21.36 -58.00
CA LEU HA 140 78.03 -22.33 -57.36
C LEU HA 140 76.57 -22.12 -57.79
N VAL HA 141 76.14 -20.86 -57.83
CA VAL HA 141 74.73 -20.55 -58.05
C VAL HA 141 74.35 -20.87 -59.49
N GLY HA 142 75.31 -20.68 -60.41
CA GLY HA 142 75.05 -20.84 -61.83
C GLY HA 142 74.68 -19.49 -62.46
N PRO HA 143 74.72 -19.36 -63.81
CA PRO HA 143 74.69 -18.06 -64.49
C PRO HA 143 73.48 -17.14 -64.26
N ASP HA 144 72.27 -17.70 -64.37
CA ASP HA 144 71.05 -16.91 -64.20
C ASP HA 144 71.02 -16.31 -62.80
N ALA HA 145 71.32 -17.15 -61.79
CA ALA HA 145 71.33 -16.72 -60.41
C ALA HA 145 72.49 -15.76 -60.16
N ALA HA 146 73.62 -15.97 -60.85
CA ALA HA 146 74.84 -15.20 -60.61
C ALA HA 146 74.60 -13.71 -60.84
N LYS HA 147 73.88 -13.36 -61.92
CA LYS HA 147 73.67 -11.97 -62.24
C LYS HA 147 72.95 -11.28 -61.06
N GLU HA 148 71.91 -11.92 -60.56
CA GLU HA 148 71.13 -11.43 -59.44
C GLU HA 148 72.01 -11.32 -58.19
N ALA HA 149 72.78 -12.37 -57.91
CA ALA HA 149 73.65 -12.39 -56.75
C ALA HA 149 74.69 -11.27 -56.84
N SER HA 150 75.23 -11.04 -58.04
CA SER HA 150 76.31 -10.09 -58.21
C SER HA 150 75.91 -8.68 -57.78
N ILE HA 151 74.69 -8.25 -58.09
CA ILE HA 151 74.31 -6.87 -57.85
C ILE HA 151 74.39 -6.56 -56.35
N TYR HA 152 73.96 -7.49 -55.49
CA TYR HA 152 73.96 -7.25 -54.06
C TYR HA 152 75.39 -7.19 -53.53
N PHE HA 153 76.26 -8.09 -54.03
CA PHE HA 153 77.66 -8.07 -53.66
C PHE HA 153 78.29 -6.74 -54.06
N ASP HA 154 77.96 -6.26 -55.26
CA ASP HA 154 78.51 -5.00 -55.75
C ASP HA 154 78.00 -3.84 -54.89
N TYR HA 155 76.75 -3.93 -54.47
CA TYR HA 155 76.15 -2.91 -53.63
C TYR HA 155 76.91 -2.78 -52.31
N LEU HA 156 77.21 -3.92 -51.69
CA LEU HA 156 77.98 -3.95 -50.46
C LEU HA 156 79.33 -3.29 -50.70
N SER HA 157 79.98 -3.67 -51.80
CA SER HA 157 81.33 -3.18 -52.09
C SER HA 157 81.32 -1.67 -52.24
N SER HA 158 80.34 -1.15 -52.99
CA SER HA 158 80.23 0.28 -53.24
C SER HA 158 80.00 1.04 -51.93
N GLY HA 159 79.17 0.46 -51.04
CA GLY HA 159 78.96 0.99 -49.70
C GLY HA 159 80.21 0.87 -48.84
N VAL IA 3 57.89 21.63 -2.41
CA VAL IA 3 56.54 20.99 -2.46
C VAL IA 3 55.99 21.07 -3.87
N LEU IA 4 56.10 22.24 -4.51
CA LEU IA 4 55.57 22.35 -5.86
C LEU IA 4 56.39 21.47 -6.80
N THR IA 5 57.71 21.53 -6.65
CA THR IA 5 58.63 20.75 -7.46
C THR IA 5 58.28 19.28 -7.32
N LYS IA 6 58.05 18.83 -6.09
CA LYS IA 6 57.74 17.43 -5.84
C LYS IA 6 56.49 17.03 -6.62
N ALA IA 7 55.44 17.86 -6.55
CA ALA IA 7 54.17 17.56 -7.22
C ALA IA 7 54.37 17.46 -8.74
N ILE IA 8 55.10 18.41 -9.31
CA ILE IA 8 55.34 18.44 -10.73
C ILE IA 8 56.07 17.17 -11.16
N VAL IA 9 57.09 16.79 -10.38
CA VAL IA 9 57.90 15.64 -10.71
C VAL IA 9 57.05 14.37 -10.73
N ASN IA 10 56.14 14.22 -9.77
CA ASN IA 10 55.29 13.03 -9.74
C ASN IA 10 54.39 13.01 -10.97
N ALA IA 11 53.85 14.16 -11.34
CA ALA IA 11 52.99 14.28 -12.51
C ALA IA 11 53.76 13.88 -13.77
N ASP IA 12 54.99 14.38 -13.90
CA ASP IA 12 55.78 14.13 -15.10
C ASP IA 12 56.07 12.63 -15.23
N ALA IA 13 56.36 11.97 -14.11
CA ALA IA 13 56.59 10.54 -14.13
C ALA IA 13 55.36 9.80 -14.64
N GLU IA 14 54.20 10.23 -14.17
CA GLU IA 14 52.93 9.65 -14.60
C GLU IA 14 52.56 10.13 -16.00
N ALA IA 15 53.22 11.20 -16.47
CA ALA IA 15 52.96 11.75 -17.78
C ALA IA 15 51.54 12.31 -17.86
N ARG IA 16 51.08 12.93 -16.78
CA ARG IA 16 49.73 13.46 -16.69
C ARG IA 16 49.77 14.89 -16.21
N TYR IA 17 48.69 15.64 -16.43
CA TYR IA 17 48.52 16.97 -15.85
C TYR IA 17 48.31 16.81 -14.34
N LEU IA 18 48.58 17.89 -13.58
CA LEU IA 18 48.54 17.83 -12.13
C LEU IA 18 47.12 17.51 -11.68
N SER IA 19 47.03 16.56 -10.74
CA SER IA 19 45.77 16.09 -10.20
C SER IA 19 45.16 17.20 -9.34
N PRO IA 20 43.81 17.23 -9.17
CA PRO IA 20 43.17 18.25 -8.35
C PRO IA 20 43.72 18.29 -6.93
N GLY IA 21 43.86 17.07 -6.34
CA GLY IA 21 44.41 16.92 -5.01
C GLY IA 21 45.81 17.51 -4.91
N GLU IA 22 46.66 17.23 -5.89
CA GLU IA 22 48.00 17.78 -5.96
C GLU IA 22 47.94 19.29 -6.04
N LEU IA 23 47.02 19.81 -6.87
CA LEU IA 23 46.85 21.25 -7.02
C LEU IA 23 46.45 21.87 -5.69
N ASP IA 24 45.57 21.17 -4.94
CA ASP IA 24 45.07 21.69 -3.67
C ASP IA 24 46.22 21.83 -2.69
N ARG IA 25 47.12 20.83 -2.66
CA ARG IA 25 48.25 20.86 -1.75
C ARG IA 25 49.14 22.04 -2.09
N ILE IA 26 49.28 22.38 -3.38
CA ILE IA 26 50.08 23.52 -3.78
C ILE IA 26 49.46 24.78 -3.23
N LYS IA 27 48.12 24.88 -3.34
CA LYS IA 27 47.42 26.05 -2.84
C LYS IA 27 47.65 26.21 -1.34
N SER IA 28 47.56 25.10 -0.61
CA SER IA 28 47.70 25.13 0.84
C SER IA 28 49.10 25.61 1.17
N PHE IA 29 50.10 25.13 0.43
CA PHE IA 29 51.50 25.44 0.69
C PHE IA 29 51.74 26.94 0.54
N VAL IA 30 51.18 27.55 -0.51
CA VAL IA 30 51.45 28.95 -0.77
C VAL IA 30 50.85 29.80 0.36
N ALA IA 31 49.67 29.40 0.86
CA ALA IA 31 49.06 30.07 2.00
C ALA IA 31 49.92 29.93 3.25
N SER IA 32 50.46 28.73 3.48
CA SER IA 32 51.24 28.44 4.67
C SER IA 32 52.56 29.19 4.64
N GLY IA 33 53.08 29.51 3.45
CA GLY IA 33 54.43 30.02 3.29
C GLY IA 33 54.74 31.24 4.18
N GLU IA 34 53.82 32.21 4.23
CA GLU IA 34 54.01 33.41 5.03
C GLU IA 34 54.23 33.10 6.51
N ARG IA 35 53.44 32.21 7.07
CA ARG IA 35 53.64 31.71 8.42
C ARG IA 35 55.01 31.04 8.52
N ARG IA 36 55.37 30.23 7.52
CA ARG IA 36 56.65 29.53 7.53
C ARG IA 36 57.79 30.56 7.57
N LEU IA 37 57.65 31.64 6.79
CA LEU IA 37 58.70 32.65 6.74
C LEU IA 37 58.94 33.24 8.10
N ARG IA 38 57.89 33.52 8.85
CA ARG IA 38 57.98 34.09 10.19
C ARG IA 38 58.75 33.13 11.11
N ILE IA 39 58.42 31.82 11.05
CA ILE IA 39 59.09 30.85 11.89
C ILE IA 39 60.59 30.87 11.60
N ALA IA 40 60.93 30.90 10.32
CA ALA IA 40 62.33 30.92 9.89
C ALA IA 40 63.00 32.20 10.38
N GLN IA 41 62.30 33.31 10.30
CA GLN IA 41 62.84 34.61 10.69
C GLN IA 41 63.20 34.58 12.17
N THR IA 42 62.32 34.01 12.99
CA THR IA 42 62.54 33.93 14.43
C THR IA 42 63.87 33.22 14.71
N LEU IA 43 64.07 32.04 14.08
CA LEU IA 43 65.27 31.25 14.32
C LEU IA 43 66.51 31.99 13.81
N THR IA 44 66.40 32.71 12.71
CA THR IA 44 67.51 33.48 12.15
C THR IA 44 67.99 34.50 13.17
N GLU IA 45 67.06 35.20 13.81
CA GLU IA 45 67.41 36.24 14.77
C GLU IA 45 68.13 35.63 15.98
N ALA IA 46 67.65 34.45 16.41
CA ALA IA 46 68.18 33.79 17.57
C ALA IA 46 69.37 32.87 17.20
N ARG IA 47 69.80 32.95 15.94
CA ARG IA 47 70.71 31.95 15.40
C ARG IA 47 71.96 31.88 16.23
N GLU IA 48 72.63 33.02 16.45
CA GLU IA 48 73.93 33.09 17.11
C GLU IA 48 73.88 32.40 18.47
N ARG IA 49 72.83 32.71 19.26
CA ARG IA 49 72.71 32.13 20.58
C ARG IA 49 72.38 30.63 20.49
N ILE IA 50 71.52 30.22 19.53
CA ILE IA 50 71.13 28.83 19.45
C ILE IA 50 72.40 27.99 19.23
N VAL IA 51 73.25 28.45 18.28
CA VAL IA 51 74.42 27.68 17.91
C VAL IA 51 75.34 27.59 19.13
N LYS IA 52 75.55 28.73 19.80
CA LYS IA 52 76.49 28.78 20.92
C LYS IA 52 76.03 27.84 22.01
N GLN IA 53 74.76 27.95 22.41
CA GLN IA 53 74.24 27.11 23.48
C GLN IA 53 74.33 25.64 23.13
N ALA IA 54 73.94 25.30 21.89
CA ALA IA 54 73.92 23.90 21.46
C ALA IA 54 75.34 23.33 21.47
N GLY IA 55 76.31 24.13 21.02
CA GLY IA 55 77.69 23.69 20.98
C GLY IA 55 78.17 23.25 22.39
N ASP IA 56 77.96 24.23 23.28
CA ASP IA 56 78.38 24.14 24.68
C ASP IA 56 77.63 23.00 25.31
N GLN IA 57 76.30 22.88 25.05
CA GLN IA 57 75.51 21.82 25.60
C GLN IA 57 76.10 20.47 25.21
N LEU IA 58 76.42 20.33 23.91
CA LEU IA 58 76.92 19.06 23.39
C LEU IA 58 78.22 18.70 24.07
N PHE IA 59 79.13 19.70 24.21
CA PHE IA 59 80.41 19.43 24.80
C PHE IA 59 80.35 18.84 26.23
N GLN IA 60 79.29 19.24 26.96
CA GLN IA 60 79.15 18.75 28.32
C GLN IA 60 78.97 17.22 28.34
N LYS IA 61 78.13 16.71 27.45
CA LYS IA 61 77.85 15.31 27.29
C LYS IA 61 79.13 14.51 27.00
N ARG IA 62 79.91 15.04 26.06
CA ARG IA 62 81.08 14.38 25.50
C ARG IA 62 82.32 15.29 25.71
N PRO IA 63 83.05 15.10 26.80
CA PRO IA 63 84.30 15.80 27.02
C PRO IA 63 85.31 15.45 25.92
N ASP IA 64 85.25 14.18 25.45
CA ASP IA 64 86.28 13.62 24.59
C ASP IA 64 86.41 14.42 23.29
N VAL IA 65 85.28 14.83 22.70
CA VAL IA 65 85.33 15.47 21.41
C VAL IA 65 86.28 16.70 21.43
N VAL IA 66 86.17 17.51 22.49
CA VAL IA 66 87.08 18.63 22.66
C VAL IA 66 88.10 18.17 23.70
N SER IA 67 89.01 17.27 23.25
CA SER IA 67 90.10 16.82 24.12
C SER IA 67 91.37 16.76 23.27
N PRO IA 68 92.58 16.71 23.84
CA PRO IA 68 93.80 16.88 23.05
C PRO IA 68 93.88 15.92 21.86
N GLY IA 69 93.45 14.68 22.09
CA GLY IA 69 93.34 13.71 21.01
C GLY IA 69 92.28 14.12 19.98
N GLY IA 70 91.14 14.62 20.48
CA GLY IA 70 89.93 14.82 19.69
C GLY IA 70 90.09 15.93 18.64
N ASN IA 71 89.21 15.81 17.63
CA ASN IA 71 89.24 16.67 16.45
C ASN IA 71 88.86 18.09 16.83
N ALA IA 72 87.89 18.23 17.75
CA ALA IA 72 87.35 19.55 18.04
C ALA IA 72 88.33 20.43 18.84
N TYR IA 73 89.33 19.75 19.47
CA TYR IA 73 90.17 20.42 20.44
C TYR IA 73 91.01 21.52 19.83
N GLY IA 74 91.16 22.62 20.60
CA GLY IA 74 91.87 23.81 20.15
C GLY IA 74 90.89 24.85 19.62
N GLU IA 75 91.29 26.14 19.67
CA GLU IA 75 90.40 27.24 19.32
C GLU IA 75 90.00 27.14 17.85
N LYS IA 76 90.99 26.95 16.95
CA LYS IA 76 90.70 26.92 15.53
C LYS IA 76 89.66 25.82 15.28
N MET IA 77 89.93 24.63 15.83
CA MET IA 77 89.08 23.48 15.60
C MET IA 77 87.69 23.71 16.21
N THR IA 78 87.63 24.29 17.41
CA THR IA 78 86.35 24.51 18.05
C THR IA 78 85.52 25.48 17.23
N ALA IA 79 86.15 26.51 16.68
CA ALA IA 79 85.46 27.47 15.83
C ALA IA 79 84.84 26.75 14.63
N LEU IA 80 85.63 25.87 13.99
CA LEU IA 80 85.17 25.13 12.83
C LEU IA 80 83.97 24.27 13.19
N CYS IA 81 84.00 23.63 14.37
CA CYS IA 81 82.89 22.81 14.81
C CYS IA 81 81.63 23.67 14.97
N LEU IA 82 81.80 24.87 15.51
CA LEU IA 82 80.66 25.77 15.69
C LEU IA 82 80.18 26.27 14.34
N ARG IA 83 81.11 26.55 13.43
CA ARG IA 83 80.75 26.98 12.09
C ARG IA 83 79.87 25.91 11.42
N ASP IA 84 80.23 24.65 11.61
CA ASP IA 84 79.46 23.56 11.05
C ASP IA 84 78.04 23.57 11.60
N LEU IA 85 77.92 23.78 12.91
CA LEU IA 85 76.60 23.83 13.53
C LEU IA 85 75.80 24.97 12.93
N ASP IA 86 76.45 26.11 12.73
CA ASP IA 86 75.79 27.26 12.14
C ASP IA 86 75.30 26.92 10.73
N TYR IA 87 76.13 26.24 9.93
CA TYR IA 87 75.77 25.84 8.59
C TYR IA 87 74.48 25.01 8.61
N TYR IA 88 74.42 24.04 9.51
CA TYR IA 88 73.26 23.17 9.55
C TYR IA 88 72.03 23.97 9.95
N LEU IA 89 72.18 24.96 10.83
CA LEU IA 89 71.03 25.75 11.23
C LEU IA 89 70.51 26.55 10.04
N ARG IA 90 71.42 27.13 9.26
CA ARG IA 90 71.04 27.89 8.08
C ARG IA 90 70.26 26.98 7.13
N LEU IA 91 70.73 25.75 6.96
CA LEU IA 91 70.06 24.80 6.09
C LEU IA 91 68.66 24.53 6.61
N VAL IA 92 68.50 24.37 7.92
CA VAL IA 92 67.19 24.09 8.49
C VAL IA 92 66.23 25.23 8.16
N THR IA 93 66.69 26.47 8.30
CA THR IA 93 65.81 27.60 8.02
C THR IA 93 65.36 27.54 6.57
N TYR IA 94 66.29 27.26 5.65
CA TYR IA 94 65.98 27.14 4.24
C TYR IA 94 64.90 26.09 4.03
N GLY IA 95 65.01 24.97 4.74
CA GLY IA 95 64.05 23.89 4.65
C GLY IA 95 62.63 24.33 5.03
N ILE IA 96 62.53 25.09 6.12
CA ILE IA 96 61.23 25.48 6.63
C ILE IA 96 60.53 26.34 5.58
N VAL IA 97 61.24 27.30 4.97
CA VAL IA 97 60.61 28.16 3.99
C VAL IA 97 60.24 27.33 2.75
N ALA IA 98 61.09 26.37 2.36
CA ALA IA 98 60.83 25.55 1.19
C ALA IA 98 59.66 24.61 1.44
N GLY IA 99 59.50 24.16 2.68
CA GLY IA 99 58.44 23.21 2.98
C GLY IA 99 58.85 21.77 2.63
N ASP IA 100 60.14 21.59 2.29
CA ASP IA 100 60.65 20.30 1.88
C ASP IA 100 62.09 20.16 2.41
N VAL IA 101 62.58 18.94 2.51
CA VAL IA 101 63.94 18.71 3.01
C VAL IA 101 64.94 18.79 1.87
N THR IA 102 64.43 18.81 0.61
CA THR IA 102 65.32 18.73 -0.54
C THR IA 102 66.41 19.78 -0.46
N PRO IA 103 66.11 21.09 -0.22
CA PRO IA 103 67.17 22.09 -0.15
C PRO IA 103 68.22 21.72 0.88
N ILE IA 104 67.76 21.29 2.06
CA ILE IA 104 68.64 20.85 3.12
C ILE IA 104 69.50 19.70 2.62
N GLU IA 105 68.83 18.74 1.96
CA GLU IA 105 69.45 17.46 1.62
C GLU IA 105 70.61 17.66 0.64
N GLU IA 106 70.42 18.46 -0.41
CA GLU IA 106 71.47 18.59 -1.40
C GLU IA 106 72.69 19.28 -0.80
N ILE IA 107 72.51 20.31 0.04
CA ILE IA 107 73.65 21.05 0.53
C ILE IA 107 74.38 20.30 1.62
N GLY IA 108 73.66 19.53 2.47
CA GLY IA 108 74.24 19.02 3.70
C GLY IA 108 74.28 17.50 3.85
N ILE IA 109 73.35 16.75 3.25
CA ILE IA 109 73.24 15.34 3.65
C ILE IA 109 73.86 14.42 2.61
N ILE IA 110 74.18 14.89 1.37
CA ILE IA 110 74.75 13.99 0.41
C ILE IA 110 76.27 14.12 0.39
N GLY IA 111 76.94 12.99 0.63
CA GLY IA 111 78.38 12.91 0.75
C GLY IA 111 78.88 13.34 2.12
N VAL IA 112 77.96 13.56 3.07
CA VAL IA 112 78.34 14.06 4.38
C VAL IA 112 79.25 13.06 5.07
N LYS IA 113 78.91 11.78 4.98
CA LYS IA 113 79.68 10.72 5.62
C LYS IA 113 81.12 10.78 5.10
N GLU IA 114 81.26 10.86 3.77
CA GLU IA 114 82.56 10.85 3.13
C GLU IA 114 83.39 12.05 3.55
N MET IA 115 82.76 13.23 3.58
CA MET IA 115 83.45 14.45 3.93
C MET IA 115 83.97 14.34 5.35
N TYR IA 116 83.11 13.93 6.27
CA TYR IA 116 83.50 13.88 7.67
C TYR IA 116 84.54 12.80 7.89
N ASN IA 117 84.45 11.67 7.18
CA ASN IA 117 85.45 10.63 7.33
C ASN IA 117 86.82 11.12 6.91
N SER IA 118 86.91 11.89 5.82
CA SER IA 118 88.20 12.46 5.46
C SER IA 118 88.67 13.39 6.57
N LEU IA 119 87.76 14.23 7.09
CA LEU IA 119 88.12 15.16 8.15
C LEU IA 119 88.48 14.38 9.42
N GLN IA 120 87.84 13.22 9.61
CA GLN IA 120 88.02 12.36 10.76
C GLN IA 120 87.12 12.81 11.92
N THR IA 121 86.28 13.81 11.67
CA THR IA 121 85.27 14.22 12.62
C THR IA 121 84.33 13.05 12.90
N PRO IA 122 83.96 12.74 14.16
CA PRO IA 122 82.95 11.72 14.44
C PRO IA 122 81.55 12.15 14.05
N ILE IA 123 80.87 11.32 13.23
CA ILE IA 123 79.56 11.65 12.71
C ILE IA 123 78.54 11.67 13.87
N PRO IA 124 78.57 10.72 14.83
CA PRO IA 124 77.60 10.72 15.91
C PRO IA 124 77.59 12.00 16.75
N ALA IA 125 78.77 12.56 16.99
CA ALA IA 125 78.90 13.81 17.73
C ALA IA 125 78.20 14.94 16.98
N VAL IA 126 78.36 14.97 15.65
CA VAL IA 126 77.73 15.98 14.83
C VAL IA 126 76.22 15.85 15.00
N ALA IA 127 75.72 14.62 14.99
CA ALA IA 127 74.30 14.35 15.13
C ALA IA 127 73.79 14.88 16.48
N GLU IA 128 74.60 14.67 17.55
CA GLU IA 128 74.24 15.14 18.85
C GLU IA 128 74.10 16.65 18.87
N GLY IA 129 75.04 17.34 18.20
CA GLY IA 129 75.01 18.79 18.09
C GLY IA 129 73.72 19.28 17.43
N VAL IA 130 73.27 18.57 16.39
CA VAL IA 130 72.05 18.94 15.71
C VAL IA 130 70.87 18.72 16.66
N ARG IA 131 70.90 17.61 17.41
CA ARG IA 131 69.85 17.35 18.38
C ARG IA 131 69.81 18.47 19.42
N ALA IA 132 70.99 18.87 19.89
CA ALA IA 132 71.11 19.95 20.85
C ALA IA 132 70.50 21.22 20.30
N MET IA 133 70.81 21.54 19.04
CA MET IA 133 70.29 22.76 18.42
C MET IA 133 68.77 22.70 18.39
N LYS IA 134 68.23 21.50 18.12
CA LYS IA 134 66.80 21.33 18.05
C LYS IA 134 66.16 21.74 19.38
N ASN IA 135 66.74 21.27 20.48
CA ASN IA 135 66.17 21.51 21.80
C ASN IA 135 66.14 22.99 22.11
N VAL IA 136 67.25 23.70 21.82
CA VAL IA 136 67.32 25.13 22.03
C VAL IA 136 66.26 25.82 21.17
N ALA IA 137 66.19 25.43 19.89
CA ALA IA 137 65.28 26.07 18.95
C ALA IA 137 63.84 25.85 19.39
N THR IA 138 63.54 24.63 19.86
CA THR IA 138 62.18 24.28 20.27
C THR IA 138 61.72 25.22 21.39
N SER IA 139 62.60 25.49 22.36
CA SER IA 139 62.24 26.30 23.50
C SER IA 139 61.81 27.70 23.07
N LEU IA 140 62.53 28.30 22.11
CA LEU IA 140 62.22 29.65 21.67
C LEU IA 140 60.94 29.65 20.85
N LEU IA 141 60.70 28.57 20.10
CA LEU IA 141 59.54 28.51 19.22
C LEU IA 141 58.30 28.19 20.07
N SER IA 142 57.15 28.67 19.57
CA SER IA 142 55.86 28.23 20.11
C SER IA 142 55.63 26.78 19.71
N GLY IA 143 54.77 26.07 20.46
CA GLY IA 143 54.61 24.62 20.38
C GLY IA 143 54.36 24.11 18.96
N ASP IA 144 53.37 24.67 18.30
CA ASP IA 144 53.00 24.30 16.93
C ASP IA 144 54.16 24.66 15.98
N ASP IA 145 54.76 25.83 16.17
CA ASP IA 145 55.91 26.24 15.38
C ASP IA 145 57.05 25.24 15.60
N ALA IA 146 57.25 24.85 16.86
CA ALA IA 146 58.32 23.95 17.24
C ALA IA 146 58.16 22.60 16.54
N ALA IA 147 56.92 22.10 16.45
CA ALA IA 147 56.66 20.82 15.82
C ALA IA 147 57.11 20.86 14.36
N GLU IA 148 56.74 21.94 13.66
CA GLU IA 148 57.13 22.11 12.27
C GLU IA 148 58.67 22.11 12.18
N ALA IA 149 59.32 22.91 13.02
CA ALA IA 149 60.77 23.00 13.01
C ALA IA 149 61.40 21.65 13.36
N GLY IA 150 60.77 20.93 14.29
CA GLY IA 150 61.29 19.65 14.77
C GLY IA 150 61.46 18.66 13.62
N PHE IA 151 60.48 18.62 12.71
CA PHE IA 151 60.49 17.67 11.62
C PHE IA 151 61.79 17.82 10.83
N TYR IA 152 62.15 19.08 10.49
CA TYR IA 152 63.33 19.32 9.71
C TYR IA 152 64.58 18.92 10.51
N PHE IA 153 64.59 19.26 11.81
CA PHE IA 153 65.69 18.93 12.66
C PHE IA 153 65.86 17.41 12.75
N ASP IA 154 64.73 16.70 12.89
CA ASP IA 154 64.76 15.25 13.02
C ASP IA 154 65.34 14.63 11.74
N TYR IA 155 64.94 15.16 10.58
CA TYR IA 155 65.42 14.64 9.32
C TYR IA 155 66.93 14.68 9.28
N LEU IA 156 67.51 15.83 9.68
CA LEU IA 156 68.95 16.00 9.67
C LEU IA 156 69.60 14.93 10.54
N VAL IA 157 69.03 14.74 11.74
CA VAL IA 157 69.59 13.78 12.67
C VAL IA 157 69.52 12.39 12.05
N GLY IA 158 68.38 12.08 11.41
CA GLY IA 158 68.23 10.80 10.75
C GLY IA 158 69.23 10.61 9.62
N ALA IA 159 69.45 11.67 8.83
CA ALA IA 159 70.35 11.61 7.69
C ALA IA 159 71.77 11.28 8.13
N MET IA 160 72.28 11.94 9.17
CA MET IA 160 73.65 11.61 9.56
C MET IA 160 73.64 10.71 10.81
N GLN JA 2 63.70 23.74 -11.60
CA GLN JA 2 63.54 24.24 -10.25
C GLN JA 2 62.43 25.24 -10.17
N ASP JA 3 62.38 26.00 -9.11
CA ASP JA 3 61.12 26.71 -8.74
C ASP JA 3 61.61 28.13 -8.42
N ALA JA 4 60.64 29.07 -8.38
CA ALA JA 4 60.98 30.43 -7.96
C ALA JA 4 61.53 30.45 -6.53
N ILE JA 5 60.85 29.76 -5.65
CA ILE JA 5 61.23 29.67 -4.25
C ILE JA 5 62.64 29.12 -4.15
N THR JA 6 62.93 28.02 -4.83
CA THR JA 6 64.25 27.40 -4.76
C THR JA 6 65.29 28.32 -5.38
N ALA JA 7 64.92 29.06 -6.46
CA ALA JA 7 65.86 29.97 -7.09
C ALA JA 7 66.36 31.03 -6.11
N VAL JA 8 65.45 31.59 -5.33
CA VAL JA 8 65.80 32.58 -4.32
C VAL JA 8 66.75 31.93 -3.31
N ILE JA 9 66.36 30.75 -2.83
CA ILE JA 9 67.17 30.03 -1.86
C ILE JA 9 68.58 29.81 -2.42
N ASN JA 10 68.68 29.39 -3.67
CA ASN JA 10 69.97 29.03 -4.23
C ASN JA 10 70.85 30.28 -4.32
N ASN JA 11 70.27 31.40 -4.69
CA ASN JA 11 71.02 32.64 -4.83
C ASN JA 11 71.61 33.02 -3.46
N TYR JA 12 70.82 32.85 -2.39
CA TYR JA 12 71.27 33.15 -1.05
C TYR JA 12 72.34 32.16 -0.60
N ASP JA 13 72.16 30.88 -0.96
CA ASP JA 13 73.09 29.86 -0.54
C ASP JA 13 74.49 30.11 -1.12
N VAL JA 14 74.59 30.55 -2.38
CA VAL JA 14 75.90 30.79 -2.97
C VAL JA 14 76.55 31.97 -2.24
N GLN JA 15 75.74 32.96 -1.85
CA GLN JA 15 76.26 34.08 -1.07
C GLN JA 15 76.58 33.61 0.35
N GLY JA 16 75.86 32.58 0.82
CA GLY JA 16 76.03 32.08 2.17
C GLY JA 16 75.19 32.88 3.15
N LYS JA 17 74.41 33.83 2.63
CA LYS JA 17 73.60 34.73 3.42
C LYS JA 17 72.37 33.98 3.94
N TYR JA 18 71.97 34.29 5.18
CA TYR JA 18 70.67 33.89 5.71
C TYR JA 18 69.59 34.66 4.96
N LEU JA 19 68.38 34.11 4.91
CA LEU JA 19 67.28 34.75 4.19
C LEU JA 19 66.97 36.10 4.81
N ASP JA 20 66.78 37.10 3.96
CA ASP JA 20 66.56 38.47 4.40
C ASP JA 20 65.24 38.99 3.84
N GLY JA 21 64.78 40.13 4.35
CA GLY JA 21 63.50 40.71 3.99
C GLY JA 21 63.35 40.92 2.49
N ALA JA 22 64.40 41.44 1.84
CA ALA JA 22 64.39 41.64 0.40
C ALA JA 22 64.11 40.34 -0.33
N ALA JA 23 64.80 39.28 0.10
CA ALA JA 23 64.57 37.92 -0.41
C ALA JA 23 63.14 37.51 -0.12
N LEU JA 24 62.68 37.79 1.10
CA LEU JA 24 61.33 37.41 1.53
C LEU JA 24 60.30 38.05 0.60
N ASP JA 25 60.54 39.32 0.22
CA ASP JA 25 59.64 40.06 -0.65
C ASP JA 25 59.48 39.37 -2.02
N LYS JA 26 60.59 38.89 -2.57
CA LYS JA 26 60.57 38.17 -3.84
C LYS JA 26 59.72 36.91 -3.67
N LEU JA 27 59.90 36.21 -2.55
CA LEU JA 27 59.13 35.01 -2.28
C LEU JA 27 57.66 35.36 -2.17
N LYS JA 28 57.38 36.49 -1.51
CA LYS JA 28 56.01 36.92 -1.28
C LYS JA 28 55.35 37.24 -2.62
N ALA JA 29 56.11 37.88 -3.50
CA ALA JA 29 55.64 38.21 -4.84
C ALA JA 29 55.16 36.95 -5.54
N TYR JA 30 55.97 35.89 -5.47
CA TYR JA 30 55.62 34.64 -6.13
C TYR JA 30 54.30 34.10 -5.53
N PHE JA 31 54.17 34.19 -4.21
CA PHE JA 31 53.02 33.58 -3.53
C PHE JA 31 51.71 34.21 -3.97
N THR JA 32 51.69 35.53 -4.20
CA THR JA 32 50.52 36.23 -4.70
C THR JA 32 50.16 35.74 -6.11
N THR JA 33 51.18 35.57 -6.98
CA THR JA 33 50.95 35.16 -8.35
C THR JA 33 50.42 33.72 -8.37
N GLY JA 34 50.83 32.93 -7.39
CA GLY JA 34 50.53 31.50 -7.32
C GLY JA 34 49.06 31.17 -7.53
N ALA JA 35 48.17 31.83 -6.85
CA ALA JA 35 46.74 31.55 -6.91
C ALA JA 35 46.23 31.65 -8.34
N VAL JA 36 46.62 32.70 -9.06
CA VAL JA 36 46.26 32.91 -10.46
C VAL JA 36 46.74 31.73 -11.28
N ARG JA 37 47.99 31.32 -11.05
CA ARG JA 37 48.63 30.27 -11.83
C ARG JA 37 47.84 28.97 -11.66
N VAL JA 38 47.43 28.66 -10.44
CA VAL JA 38 46.72 27.41 -10.18
C VAL JA 38 45.42 27.41 -10.99
N ARG JA 39 44.71 28.54 -11.01
CA ARG JA 39 43.46 28.62 -11.76
C ARG JA 39 43.74 28.39 -13.25
N ALA JA 40 44.79 29.02 -13.77
CA ALA JA 40 45.13 28.89 -15.18
C ALA JA 40 45.42 27.42 -15.52
N ALA JA 41 46.18 26.75 -14.66
CA ALA JA 41 46.57 25.37 -14.90
C ALA JA 41 45.34 24.47 -15.01
N ALA JA 42 44.36 24.67 -14.14
CA ALA JA 42 43.15 23.86 -14.16
C ALA JA 42 42.38 24.07 -15.46
N VAL JA 43 42.32 25.32 -15.92
CA VAL JA 43 41.66 25.63 -17.18
C VAL JA 43 42.34 24.87 -18.30
N ILE JA 44 43.68 24.92 -18.35
CA ILE JA 44 44.41 24.31 -19.44
C ILE JA 44 44.17 22.81 -19.44
N SER JA 45 44.24 22.16 -18.27
CA SER JA 45 44.11 20.73 -18.19
C SER JA 45 42.76 20.27 -18.74
N SER JA 46 41.69 20.98 -18.39
CA SER JA 46 40.35 20.61 -18.81
C SER JA 46 40.18 20.77 -20.31
N ASN JA 47 40.82 21.80 -20.90
CA ASN JA 47 40.61 22.13 -22.31
C ASN JA 47 41.76 21.66 -23.18
N ALA JA 48 42.61 20.76 -22.64
CA ALA JA 48 43.85 20.42 -23.32
C ALA JA 48 43.58 19.82 -24.70
N THR JA 49 42.66 18.85 -24.76
CA THR JA 49 42.36 18.17 -26.00
C THR JA 49 41.92 19.19 -27.05
N THR JA 50 41.03 20.12 -26.67
CA THR JA 50 40.50 21.11 -27.58
C THR JA 50 41.62 22.06 -28.01
N ILE JA 51 42.48 22.45 -27.07
CA ILE JA 51 43.53 23.40 -27.38
C ILE JA 51 44.37 22.81 -28.52
N ILE JA 52 44.70 21.52 -28.40
CA ILE JA 52 45.53 20.87 -29.38
C ILE JA 52 44.79 20.83 -30.72
N LYS JA 53 43.50 20.48 -30.67
CA LYS JA 53 42.67 20.39 -31.87
C LYS JA 53 42.67 21.73 -32.61
N GLU JA 54 42.41 22.81 -31.88
CA GLU JA 54 42.31 24.12 -32.49
C GLU JA 54 43.64 24.51 -33.13
N ALA JA 55 44.74 24.26 -32.39
CA ALA JA 55 46.05 24.64 -32.87
C ALA JA 55 46.39 23.87 -34.15
N ALA JA 56 46.07 22.57 -34.15
CA ALA JA 56 46.34 21.74 -35.31
C ALA JA 56 45.56 22.25 -36.51
N ALA JA 57 44.30 22.60 -36.28
CA ALA JA 57 43.42 23.14 -37.31
C ALA JA 57 44.02 24.41 -37.90
N LYS JA 58 44.57 25.26 -37.03
CA LYS JA 58 45.17 26.52 -37.46
C LYS JA 58 46.40 26.28 -38.35
N ALA JA 59 47.26 25.30 -38.02
CA ALA JA 59 48.54 25.16 -38.71
C ALA JA 59 48.72 23.80 -39.41
N LEU JA 60 48.56 22.72 -38.67
CA LEU JA 60 49.04 21.42 -39.09
C LEU JA 60 48.13 20.81 -40.18
N ILE JA 61 46.81 20.78 -39.96
CA ILE JA 61 45.97 20.01 -40.84
C ILE JA 61 45.65 20.81 -42.11
N TYR JA 62 44.98 20.15 -43.08
CA TYR JA 62 44.63 20.76 -44.35
C TYR JA 62 45.87 21.31 -45.05
N SER JA 63 46.99 20.60 -44.91
CA SER JA 63 48.28 21.12 -45.34
C SER JA 63 49.01 20.02 -46.10
N ASP JA 64 50.14 20.39 -46.68
CA ASP JA 64 50.97 19.40 -47.37
C ASP JA 64 51.44 18.33 -46.36
N LEU JA 65 51.68 18.70 -45.10
CA LEU JA 65 52.16 17.77 -44.11
C LEU JA 65 51.22 16.58 -44.00
N THR JA 66 49.93 16.85 -43.92
CA THR JA 66 48.97 15.77 -43.80
C THR JA 66 48.82 15.02 -45.11
N ARG JA 67 49.08 15.69 -46.25
CA ARG JA 67 48.92 15.05 -47.55
C ARG JA 67 50.03 14.03 -47.75
N PRO JA 68 49.86 12.99 -48.60
CA PRO JA 68 50.88 11.95 -48.78
C PRO JA 68 52.22 12.53 -49.19
N GLY JA 69 53.28 12.01 -48.57
CA GLY JA 69 54.63 12.54 -48.77
C GLY JA 69 54.97 13.64 -47.75
N GLY JA 70 54.02 14.00 -46.89
CA GLY JA 70 54.24 15.01 -45.87
C GLY JA 70 54.65 14.36 -44.56
N MET JA 72 53.54 14.54 -41.59
CA MET JA 72 52.49 14.08 -40.69
C MET JA 72 51.53 13.14 -41.39
N TYR JA 73 51.90 12.72 -42.61
CA TYR JA 73 51.14 11.71 -43.34
C TYR JA 73 51.30 10.34 -42.68
N THR JA 74 50.26 9.49 -42.76
CA THR JA 74 50.12 8.19 -42.11
C THR JA 74 49.60 8.40 -40.70
N THR JA 75 48.82 7.44 -40.18
CA THR JA 75 48.21 7.61 -38.87
C THR JA 75 49.30 7.70 -37.81
N ARG JA 76 50.33 6.87 -37.93
CA ARG JA 76 51.38 6.80 -36.94
C ARG JA 76 52.03 8.16 -36.75
N ARG JA 77 52.43 8.79 -37.86
CA ARG JA 77 53.04 10.10 -37.80
C ARG JA 77 52.07 11.16 -37.29
N TYR JA 78 50.80 11.11 -37.70
CA TYR JA 78 49.84 12.08 -37.23
C TYR JA 78 49.75 12.00 -35.72
N ALA JA 79 49.64 10.77 -35.21
CA ALA JA 79 49.51 10.57 -33.78
C ALA JA 79 50.74 11.08 -33.04
N ALA JA 80 51.92 10.85 -33.59
CA ALA JA 80 53.16 11.32 -33.00
C ALA JA 80 53.15 12.85 -32.89
N CYS JA 81 52.72 13.53 -33.95
CA CYS JA 81 52.75 14.99 -33.94
C CYS JA 81 51.83 15.52 -32.85
N ILE JA 82 50.63 14.93 -32.70
CA ILE JA 82 49.73 15.47 -31.69
C ILE JA 82 50.24 15.10 -30.31
N ARG JA 83 50.94 13.98 -30.16
CA ARG JA 83 51.56 13.62 -28.89
C ARG JA 83 52.62 14.66 -28.53
N ASP JA 84 53.41 15.10 -29.50
CA ASP JA 84 54.41 16.11 -29.22
C ASP JA 84 53.75 17.39 -28.75
N MET JA 85 52.63 17.74 -29.40
CA MET JA 85 51.92 18.97 -29.08
C MET JA 85 51.47 18.93 -27.62
N ASP JA 86 50.94 17.77 -27.22
CA ASP JA 86 50.50 17.57 -25.86
C ASP JA 86 51.65 17.74 -24.88
N TYR JA 87 52.82 17.19 -25.21
CA TYR JA 87 54.00 17.35 -24.35
C TYR JA 87 54.26 18.82 -24.12
N PHE JA 88 54.32 19.59 -25.19
CA PHE JA 88 54.65 21.00 -25.06
C PHE JA 88 53.65 21.65 -24.11
N LEU JA 89 52.37 21.34 -24.30
CA LEU JA 89 51.34 21.95 -23.48
C LEU JA 89 51.53 21.59 -21.99
N ARG JA 90 51.73 20.30 -21.71
CA ARG JA 90 51.85 19.82 -20.34
C ARG JA 90 53.04 20.47 -19.65
N TYR JA 91 54.17 20.56 -20.36
CA TYR JA 91 55.38 21.10 -19.77
C TYR JA 91 55.22 22.59 -19.53
N ALA JA 92 54.60 23.29 -20.47
CA ALA JA 92 54.37 24.71 -20.29
C ALA JA 92 53.51 24.94 -19.04
N THR JA 93 52.49 24.11 -18.84
CA THR JA 93 51.66 24.22 -17.67
C THR JA 93 52.50 24.00 -16.41
N TYR JA 94 53.39 23.01 -16.42
CA TYR JA 94 54.26 22.73 -15.30
C TYR JA 94 55.12 23.98 -15.02
N ALA JA 95 55.68 24.55 -16.09
CA ALA JA 95 56.56 25.70 -15.94
C ALA JA 95 55.80 26.88 -15.34
N MET JA 96 54.56 27.06 -15.77
CA MET JA 96 53.75 28.18 -15.31
C MET JA 96 53.53 28.06 -13.80
N LEU JA 97 53.17 26.87 -13.32
CA LEU JA 97 53.02 26.66 -11.89
C LEU JA 97 54.34 26.93 -11.19
N ALA JA 98 55.44 26.40 -11.73
CA ALA JA 98 56.73 26.52 -11.09
C ALA JA 98 57.18 27.98 -11.03
N GLY JA 99 56.87 28.74 -12.08
CA GLY JA 99 57.34 30.11 -12.18
C GLY JA 99 58.78 30.15 -12.70
N ASP JA 100 59.29 29.03 -13.22
CA ASP JA 100 60.65 28.99 -13.71
C ASP JA 100 60.70 28.29 -15.06
N PRO JA 101 61.50 28.79 -16.03
CA PRO JA 101 61.67 28.12 -17.31
C PRO JA 101 62.60 26.90 -17.35
N SER JA 102 63.27 26.62 -16.23
CA SER JA 102 64.32 25.61 -16.18
C SER JA 102 63.81 24.22 -16.57
N ILE JA 103 62.63 23.84 -16.09
CA ILE JA 103 62.12 22.50 -16.37
C ILE JA 103 62.03 22.31 -17.88
N LEU JA 104 61.64 23.36 -18.62
CA LEU JA 104 61.53 23.26 -20.06
C LEU JA 104 62.91 22.91 -20.64
N ASP JA 105 63.96 23.58 -20.15
CA ASP JA 105 65.30 23.32 -20.63
C ASP JA 105 65.74 21.90 -20.31
N GLU JA 106 65.46 21.44 -19.08
CA GLU JA 106 65.94 20.15 -18.63
C GLU JA 106 65.26 19.00 -19.37
N ARG JA 107 63.94 19.09 -19.60
CA ARG JA 107 63.22 17.98 -20.21
C ARG JA 107 62.98 18.22 -21.72
N VAL JA 108 62.26 19.28 -22.06
CA VAL JA 108 61.78 19.41 -23.41
C VAL JA 108 62.91 19.89 -24.32
N LEU JA 109 63.59 20.97 -23.92
CA LEU JA 109 64.40 21.69 -24.88
C LEU JA 109 65.68 20.94 -25.22
N ASN JA 110 66.19 20.12 -24.29
CA ASN JA 110 67.52 19.57 -24.46
C ASN JA 110 67.52 18.41 -25.46
N GLY JA 111 68.30 18.55 -26.55
CA GLY JA 111 68.37 17.49 -27.54
C GLY JA 111 67.20 17.43 -28.53
N LEU JA 112 66.23 18.37 -28.41
CA LEU JA 112 65.07 18.25 -29.28
C LEU JA 112 65.44 18.56 -30.72
N LYS JA 113 66.25 19.60 -30.91
CA LYS JA 113 66.62 20.03 -32.26
C LYS JA 113 67.29 18.87 -32.99
N GLU JA 114 68.24 18.23 -32.32
CA GLU JA 114 69.00 17.14 -32.90
C GLU JA 114 68.07 15.97 -33.23
N THR JA 115 67.18 15.62 -32.31
CA THR JA 115 66.22 14.54 -32.53
C THR JA 115 65.39 14.84 -33.78
N TYR JA 116 64.87 16.07 -33.85
CA TYR JA 116 64.01 16.44 -34.95
C TYR JA 116 64.77 16.39 -36.27
N ASN JA 117 66.02 16.84 -36.28
CA ASN JA 117 66.79 16.84 -37.51
C ASN JA 117 67.03 15.42 -38.00
N SER JA 118 67.36 14.49 -37.10
CA SER JA 118 67.50 13.10 -37.50
C SER JA 118 66.17 12.56 -38.02
N LEU JA 119 65.09 12.88 -37.34
CA LEU JA 119 63.78 12.36 -37.73
C LEU JA 119 63.35 12.97 -39.08
N GLY JA 120 63.77 14.21 -39.33
CA GLY JA 120 63.29 14.96 -40.49
C GLY JA 120 61.98 15.69 -40.21
N VAL JA 121 61.56 15.75 -38.94
CA VAL JA 121 60.45 16.57 -38.54
C VAL JA 121 60.78 18.04 -38.82
N PRO JA 122 59.87 18.85 -39.40
CA PRO JA 122 60.14 20.27 -39.66
C PRO JA 122 59.99 21.17 -38.43
N ILE JA 123 61.08 21.82 -38.03
CA ILE JA 123 61.12 22.55 -36.78
C ILE JA 123 60.21 23.78 -36.88
N ALA JA 124 60.26 24.49 -38.00
CA ALA JA 124 59.51 25.73 -38.14
C ALA JA 124 58.00 25.48 -38.01
N ALA JA 125 57.51 24.39 -38.63
CA ALA JA 125 56.11 24.02 -38.50
C ALA JA 125 55.75 23.74 -37.04
N THR JA 126 56.64 23.05 -36.33
CA THR JA 126 56.42 22.70 -34.92
C THR JA 126 56.31 24.00 -34.12
N VAL JA 127 57.23 24.93 -34.40
CA VAL JA 127 57.25 26.19 -33.71
C VAL JA 127 55.91 26.90 -33.95
N GLY JA 128 55.48 26.91 -35.21
CA GLY JA 128 54.19 27.47 -35.60
C GLY JA 128 53.03 26.91 -34.77
N GLY JA 129 53.02 25.59 -34.59
CA GLY JA 129 52.04 24.90 -33.76
C GLY JA 129 52.08 25.36 -32.31
N ILE JA 130 53.29 25.56 -31.77
CA ILE JA 130 53.43 25.99 -30.39
C ILE JA 130 52.81 27.38 -30.24
N GLN JA 131 53.12 28.27 -31.21
CA GLN JA 131 52.59 29.62 -31.20
C GLN JA 131 51.08 29.60 -31.28
N ALA JA 132 50.54 28.72 -32.13
CA ALA JA 132 49.10 28.57 -32.25
C ALA JA 132 48.49 28.15 -30.91
N MET JA 133 49.12 27.18 -30.24
CA MET JA 133 48.59 26.73 -28.97
C MET JA 133 48.57 27.89 -27.99
N LYS JA 134 49.61 28.73 -28.03
CA LYS JA 134 49.73 29.84 -27.11
C LYS JA 134 48.51 30.76 -27.25
N GLU JA 135 48.17 31.08 -28.51
CA GLU JA 135 47.07 31.97 -28.80
C GLU JA 135 45.75 31.40 -28.24
N VAL JA 136 45.49 30.11 -28.50
CA VAL JA 136 44.30 29.46 -27.99
C VAL JA 136 44.31 29.50 -26.46
N VAL JA 137 45.46 29.18 -25.85
CA VAL JA 137 45.57 29.10 -24.41
C VAL JA 137 45.26 30.47 -23.82
N GLY JA 138 45.81 31.52 -24.45
CA GLY JA 138 45.65 32.89 -23.97
C GLY JA 138 44.19 33.25 -23.76
N GLY JA 139 43.35 32.91 -24.75
CA GLY JA 139 41.92 33.11 -24.68
C GLY JA 139 41.30 32.46 -23.44
N LEU JA 140 41.56 31.16 -23.27
CA LEU JA 140 40.90 30.38 -22.23
C LEU JA 140 41.31 30.86 -20.84
N VAL JA 141 42.62 31.14 -20.66
CA VAL JA 141 43.15 31.43 -19.34
C VAL JA 141 42.65 32.80 -18.90
N GLY JA 142 42.50 33.72 -19.86
CA GLY JA 142 42.17 35.11 -19.56
C GLY JA 142 43.42 35.95 -19.45
N PRO JA 143 43.32 37.31 -19.51
CA PRO JA 143 44.48 38.20 -19.71
C PRO JA 143 45.62 38.15 -18.69
N ASP JA 144 45.28 38.20 -17.39
CA ASP JA 144 46.29 38.18 -16.34
C ASP JA 144 47.11 36.89 -16.43
N ALA JA 145 46.42 35.77 -16.59
CA ALA JA 145 47.05 34.46 -16.69
C ALA JA 145 47.82 34.36 -18.01
N ALA JA 146 47.29 34.98 -19.07
CA ALA JA 146 47.86 34.84 -20.40
C ALA JA 146 49.29 35.33 -20.44
N LYS JA 147 49.60 36.45 -19.79
CA LYS JA 147 50.94 37.01 -19.83
C LYS JA 147 51.93 35.97 -19.30
N GLU JA 148 51.57 35.38 -18.14
CA GLU JA 148 52.42 34.38 -17.50
C GLU JA 148 52.56 33.15 -18.42
N ALA JA 149 51.43 32.69 -18.97
CA ALA JA 149 51.43 31.53 -19.83
C ALA JA 149 52.29 31.78 -21.08
N SER JA 150 52.20 32.98 -21.64
CA SER JA 150 52.82 33.28 -22.93
C SER JA 150 54.34 33.12 -22.84
N ILE JA 151 54.95 33.54 -21.71
CA ILE JA 151 56.39 33.56 -21.63
C ILE JA 151 56.96 32.14 -21.81
N TYR JA 152 56.30 31.15 -21.20
CA TYR JA 152 56.79 29.78 -21.26
C TYR JA 152 56.63 29.24 -22.68
N PHE JA 153 55.51 29.53 -23.33
CA PHE JA 153 55.29 29.13 -24.72
C PHE JA 153 56.36 29.75 -25.61
N ASP JA 154 56.68 31.02 -25.38
CA ASP JA 154 57.68 31.70 -26.18
C ASP JA 154 59.06 31.09 -25.94
N TYR JA 155 59.31 30.68 -24.70
CA TYR JA 155 60.58 30.07 -24.34
C TYR JA 155 60.77 28.77 -25.12
N LEU JA 156 59.72 27.95 -25.18
CA LEU JA 156 59.77 26.71 -25.94
C LEU JA 156 60.07 27.02 -27.40
N SER JA 157 59.37 28.01 -27.94
CA SER JA 157 59.48 28.34 -29.36
C SER JA 157 60.90 28.76 -29.68
N SER JA 158 61.47 29.62 -28.83
CA SER JA 158 62.82 30.12 -29.04
C SER JA 158 63.85 28.98 -28.98
N GLY JA 159 63.65 28.04 -28.05
CA GLY JA 159 64.54 26.91 -27.93
C GLY JA 159 64.56 26.05 -29.19
N LEU JA 160 63.35 25.75 -29.69
CA LEU JA 160 63.16 24.87 -30.84
C LEU JA 160 63.72 25.58 -32.08
N SER KA 2 45.27 2.69 -1.84
CA SER KA 2 45.08 3.93 -1.04
C SER KA 2 46.35 4.77 -1.09
N VAL KA 3 46.28 6.01 -0.63
CA VAL KA 3 47.45 6.90 -0.57
C VAL KA 3 48.53 6.21 0.29
N LEU KA 4 48.11 5.64 1.42
CA LEU KA 4 49.07 5.12 2.35
C LEU KA 4 49.85 3.96 1.69
N THR KA 5 49.09 3.05 1.03
CA THR KA 5 49.69 1.89 0.42
C THR KA 5 50.74 2.35 -0.60
N LYS KA 6 50.38 3.35 -1.40
CA LYS KA 6 51.27 3.83 -2.44
C LYS KA 6 52.58 4.30 -1.81
N ALA KA 7 52.49 5.10 -0.74
CA ALA KA 7 53.67 5.66 -0.10
C ALA KA 7 54.58 4.55 0.45
N ILE KA 8 53.96 3.58 1.13
CA ILE KA 8 54.72 2.48 1.72
C ILE KA 8 55.45 1.72 0.63
N VAL KA 9 54.75 1.45 -0.47
CA VAL KA 9 55.32 0.66 -1.53
C VAL KA 9 56.55 1.35 -2.12
N ASN KA 10 56.49 2.68 -2.30
CA ASN KA 10 57.63 3.39 -2.86
C ASN KA 10 58.81 3.29 -1.91
N ALA KA 11 58.54 3.44 -0.60
CA ALA KA 11 59.58 3.36 0.40
C ALA KA 11 60.24 1.98 0.38
N ASP KA 12 59.43 0.92 0.32
CA ASP KA 12 60.01 -0.43 0.39
C ASP KA 12 60.87 -0.70 -0.84
N ALA KA 13 60.46 -0.21 -2.01
CA ALA KA 13 61.27 -0.37 -3.21
C ALA KA 13 62.63 0.27 -3.00
N GLU KA 14 62.64 1.46 -2.41
CA GLU KA 14 63.87 2.17 -2.12
C GLU KA 14 64.57 1.58 -0.91
N ALA KA 15 63.87 0.75 -0.15
CA ALA KA 15 64.41 0.12 1.05
C ALA KA 15 64.78 1.16 2.11
N ARG KA 16 63.95 2.19 2.22
CA ARG KA 16 64.19 3.30 3.15
C ARG KA 16 62.94 3.54 3.99
N TYR KA 17 63.10 4.23 5.13
CA TYR KA 17 61.98 4.72 5.92
C TYR KA 17 61.25 5.81 5.14
N LEU KA 18 59.98 6.05 5.47
CA LEU KA 18 59.20 7.04 4.77
C LEU KA 18 59.83 8.42 4.86
N SER KA 19 59.90 9.09 3.70
CA SER KA 19 60.46 10.42 3.58
C SER KA 19 59.51 11.41 4.26
N PRO KA 20 60.01 12.57 4.73
CA PRO KA 20 59.17 13.59 5.35
C PRO KA 20 58.01 14.03 4.44
N GLY KA 21 58.35 14.26 3.16
CA GLY KA 21 57.36 14.63 2.16
C GLY KA 21 56.24 13.60 2.05
N GLU KA 22 56.63 12.31 2.00
CA GLU KA 22 55.69 11.22 1.96
C GLU KA 22 54.84 11.20 3.21
N LEU KA 23 55.46 11.44 4.36
CA LEU KA 23 54.76 11.48 5.64
C LEU KA 23 53.74 12.60 5.62
N ASP KA 24 54.11 13.75 5.04
CA ASP KA 24 53.21 14.90 5.00
C ASP KA 24 51.96 14.58 4.20
N ARG KA 25 52.13 13.88 3.08
CA ARG KA 25 51.01 13.50 2.24
C ARG KA 25 50.07 12.58 3.03
N ILE KA 26 50.64 11.70 3.86
CA ILE KA 26 49.83 10.81 4.67
C ILE KA 26 49.01 11.63 5.65
N LYS KA 27 49.64 12.64 6.25
CA LYS KA 27 48.97 13.51 7.21
C LYS KA 27 47.79 14.20 6.55
N SER KA 28 48.01 14.72 5.35
CA SER KA 28 46.99 15.45 4.62
C SER KA 28 45.80 14.51 4.38
N PHE KA 29 46.11 13.27 3.97
CA PHE KA 29 45.08 12.31 3.63
C PHE KA 29 44.21 11.99 4.83
N VAL KA 30 44.81 11.82 6.01
CA VAL KA 30 44.03 11.43 7.18
C VAL KA 30 43.10 12.56 7.57
N ALA KA 31 43.54 13.81 7.41
CA ALA KA 31 42.69 14.97 7.66
C ALA KA 31 41.54 15.02 6.68
N SER KA 32 41.81 14.72 5.40
CA SER KA 32 40.80 14.78 4.36
C SER KA 32 39.76 13.68 4.55
N GLY KA 33 40.15 12.56 5.16
CA GLY KA 33 39.34 11.35 5.19
C GLY KA 33 37.91 11.56 5.67
N GLU KA 34 37.74 12.31 6.76
CA GLU KA 34 36.41 12.53 7.33
C GLU KA 34 35.48 13.20 6.32
N ARG KA 35 35.97 14.23 5.63
CA ARG KA 35 35.22 14.85 4.54
C ARG KA 35 34.92 13.81 3.47
N ARG KA 36 35.92 12.98 3.11
CA ARG KA 36 35.76 11.98 2.08
C ARG KA 36 34.65 11.02 2.48
N LEU KA 37 34.61 10.63 3.75
CA LEU KA 37 33.63 9.65 4.21
C LEU KA 37 32.23 10.17 3.99
N ARG KA 38 32.01 11.47 4.29
CA ARG KA 38 30.71 12.08 4.11
C ARG KA 38 30.31 12.06 2.64
N ILE KA 39 31.23 12.39 1.73
CA ILE KA 39 30.93 12.40 0.31
C ILE KA 39 30.48 11.02 -0.12
N ALA KA 40 31.19 10.00 0.32
CA ALA KA 40 30.87 8.61 -0.02
C ALA KA 40 29.49 8.24 0.52
N GLN KA 41 29.22 8.68 1.75
CA GLN KA 41 27.98 8.35 2.41
C GLN KA 41 26.81 8.92 1.62
N THR KA 42 26.96 10.16 1.17
CA THR KA 42 25.90 10.85 0.41
C THR KA 42 25.53 10.03 -0.81
N LEU KA 43 26.54 9.60 -1.59
CA LEU KA 43 26.30 8.88 -2.82
C LEU KA 43 25.65 7.53 -2.52
N THR KA 44 26.06 6.87 -1.44
CA THR KA 44 25.49 5.59 -1.09
C THR KA 44 23.99 5.72 -0.85
N GLU KA 45 23.59 6.77 -0.13
CA GLU KA 45 22.18 6.96 0.21
C GLU KA 45 21.37 7.24 -1.04
N ALA KA 46 21.96 8.00 -1.97
CA ALA KA 46 21.28 8.40 -3.19
C ALA KA 46 21.50 7.39 -4.30
N ARG KA 47 22.10 6.23 -3.95
CA ARG KA 47 22.54 5.29 -4.96
C ARG KA 47 21.36 4.89 -5.84
N GLU KA 48 20.24 4.44 -5.22
CA GLU KA 48 19.12 3.89 -5.97
C GLU KA 48 18.61 4.88 -7.01
N ARG KA 49 18.46 6.15 -6.61
CA ARG KA 49 17.97 7.19 -7.51
C ARG KA 49 19.00 7.50 -8.59
N ILE KA 50 20.29 7.54 -8.22
CA ILE KA 50 21.32 7.88 -9.20
C ILE KA 50 21.26 6.89 -10.35
N VAL KA 51 21.20 5.60 -10.00
CA VAL KA 51 21.22 4.55 -10.99
C VAL KA 51 19.99 4.69 -11.88
N LYS KA 52 18.83 4.87 -11.26
CA LYS KA 52 17.56 4.95 -12.00
C LYS KA 52 17.61 6.10 -13.00
N GLN KA 53 17.98 7.30 -12.51
CA GLN KA 53 18.00 8.47 -13.36
C GLN KA 53 19.00 8.29 -14.51
N ALA KA 54 20.19 7.76 -14.19
CA ALA KA 54 21.23 7.59 -15.18
C ALA KA 54 20.79 6.62 -16.27
N GLY KA 55 20.15 5.53 -15.83
CA GLY KA 55 19.64 4.51 -16.75
C GLY KA 55 18.72 5.12 -17.79
N ASP KA 56 17.76 5.91 -17.32
CA ASP KA 56 16.76 6.55 -18.18
C ASP KA 56 17.46 7.45 -19.19
N GLN KA 57 18.42 8.25 -18.71
CA GLN KA 57 19.17 9.14 -19.57
C GLN KA 57 19.88 8.34 -20.65
N LEU KA 58 20.53 7.24 -20.23
CA LEU KA 58 21.30 6.42 -21.15
C LEU KA 58 20.38 5.85 -22.23
N PHE KA 59 19.22 5.34 -21.81
CA PHE KA 59 18.30 4.70 -22.74
C PHE KA 59 17.76 5.73 -23.72
N GLN KA 60 17.53 6.96 -23.25
CA GLN KA 60 17.11 8.03 -24.14
C GLN KA 60 18.25 8.33 -25.13
N LYS KA 61 19.48 8.43 -24.62
CA LYS KA 61 20.64 8.76 -25.45
C LYS KA 61 20.87 7.66 -26.49
N ARG KA 62 20.70 6.39 -26.07
CA ARG KA 62 20.91 5.23 -26.94
C ARG KA 62 19.65 4.39 -27.00
N PRO KA 63 18.72 4.67 -27.92
CA PRO KA 63 17.51 3.84 -28.04
C PRO KA 63 17.86 2.40 -28.36
N ASP KA 64 18.93 2.24 -29.19
CA ASP KA 64 19.27 0.97 -29.81
C ASP KA 64 19.55 -0.09 -28.75
N VAL KA 65 20.27 0.27 -27.65
CA VAL KA 65 20.71 -0.75 -26.73
C VAL KA 65 19.49 -1.47 -26.18
N VAL KA 66 18.42 -0.74 -25.82
CA VAL KA 66 17.17 -1.33 -25.39
C VAL KA 66 16.23 -1.38 -26.60
N SER KA 67 16.59 -2.21 -27.58
CA SER KA 67 15.78 -2.46 -28.75
C SER KA 67 15.96 -3.94 -29.08
N PRO KA 68 15.04 -4.57 -29.87
CA PRO KA 68 15.08 -6.02 -30.02
C PRO KA 68 16.45 -6.55 -30.47
N GLY KA 69 17.09 -5.80 -31.38
CA GLY KA 69 18.46 -6.12 -31.76
C GLY KA 69 19.45 -5.97 -30.59
N GLY KA 70 19.27 -4.91 -29.80
CA GLY KA 70 20.24 -4.48 -28.80
C GLY KA 70 20.40 -5.47 -27.64
N ASN KA 71 21.58 -5.39 -27.00
CA ASN KA 71 21.98 -6.29 -25.95
C ASN KA 71 21.11 -6.09 -24.71
N ALA KA 72 20.81 -4.82 -24.42
CA ALA KA 72 20.14 -4.44 -23.19
C ALA KA 72 18.66 -4.85 -23.23
N TYR KA 73 18.11 -5.14 -24.41
CA TYR KA 73 16.68 -5.33 -24.58
C TYR KA 73 16.19 -6.56 -23.82
N GLY KA 74 14.98 -6.42 -23.25
CA GLY KA 74 14.35 -7.42 -22.42
C GLY KA 74 14.56 -7.06 -20.95
N GLU KA 75 13.64 -7.53 -20.07
CA GLU KA 75 13.70 -7.20 -18.66
C GLU KA 75 14.98 -7.76 -18.04
N LYS KA 76 15.28 -9.05 -18.31
CA LYS KA 76 16.45 -9.67 -17.71
C LYS KA 76 17.69 -8.83 -18.07
N MET KA 77 17.83 -8.54 -19.36
CA MET KA 77 18.98 -7.82 -19.85
C MET KA 77 19.03 -6.41 -19.29
N THR KA 78 17.88 -5.74 -19.22
CA THR KA 78 17.86 -4.37 -18.72
C THR KA 78 18.28 -4.35 -17.27
N ALA KA 79 17.84 -5.32 -16.49
CA ALA KA 79 18.24 -5.43 -15.09
C ALA KA 79 19.76 -5.56 -14.99
N LEU KA 80 20.35 -6.41 -15.81
CA LEU KA 80 21.78 -6.63 -15.80
C LEU KA 80 22.52 -5.34 -16.13
N CYS KA 81 22.00 -4.57 -17.10
CA CYS KA 81 22.62 -3.31 -17.46
C CYS KA 81 22.59 -2.35 -16.27
N LEU KA 82 21.48 -2.33 -15.53
CA LEU KA 82 21.35 -1.46 -14.39
C LEU KA 82 22.25 -1.96 -13.27
N ARG KA 83 22.34 -3.28 -13.10
CA ARG KA 83 23.23 -3.86 -12.10
C ARG KA 83 24.66 -3.41 -12.35
N ASP KA 84 25.07 -3.39 -13.63
CA ASP KA 84 26.40 -2.97 -13.97
C ASP KA 84 26.62 -1.52 -13.54
N LEU KA 85 25.63 -0.65 -13.80
CA LEU KA 85 25.75 0.73 -13.43
C LEU KA 85 25.90 0.85 -11.91
N ASP KA 86 25.12 0.04 -11.18
CA ASP KA 86 25.21 0.04 -9.74
C ASP KA 86 26.61 -0.37 -9.28
N TYR KA 87 27.18 -1.41 -9.89
CA TYR KA 87 28.52 -1.88 -9.59
C TYR KA 87 29.52 -0.74 -9.70
N TYR KA 88 29.45 -0.01 -10.82
CA TYR KA 88 30.41 1.06 -11.04
C TYR KA 88 30.25 2.15 -9.98
N LEU KA 89 29.01 2.42 -9.56
CA LEU KA 89 28.81 3.44 -8.55
C LEU KA 89 29.45 3.00 -7.24
N ARG KA 90 29.27 1.74 -6.87
CA ARG KA 90 29.86 1.21 -5.65
C ARG KA 90 31.38 1.37 -5.70
N LEU KA 91 31.96 1.08 -6.86
CA LEU KA 91 33.40 1.22 -7.04
C LEU KA 91 33.81 2.67 -6.83
N VAL KA 92 33.05 3.61 -7.37
CA VAL KA 92 33.39 5.02 -7.23
C VAL KA 92 33.43 5.41 -5.75
N THR KA 93 32.45 4.95 -4.98
CA THR KA 93 32.42 5.28 -3.56
C THR KA 93 33.70 4.77 -2.89
N TYR KA 94 34.07 3.53 -3.20
CA TYR KA 94 35.27 2.92 -2.67
C TYR KA 94 36.48 3.79 -2.97
N GLY KA 95 36.55 4.30 -4.21
CA GLY KA 95 37.62 5.16 -4.65
C GLY KA 95 37.75 6.42 -3.78
N ILE KA 96 36.61 7.06 -3.51
CA ILE KA 96 36.63 8.33 -2.81
C ILE KA 96 37.23 8.11 -1.40
N VAL KA 97 36.82 7.04 -0.71
CA VAL KA 97 37.34 6.81 0.62
C VAL KA 97 38.83 6.48 0.55
N ALA KA 98 39.24 5.72 -0.46
CA ALA KA 98 40.64 5.32 -0.62
C ALA KA 98 41.52 6.54 -0.97
N GLY KA 99 40.95 7.48 -1.73
CA GLY KA 99 41.72 8.62 -2.17
C GLY KA 99 42.56 8.31 -3.39
N ASP KA 100 42.33 7.12 -3.99
CA ASP KA 100 43.06 6.70 -5.18
C ASP KA 100 42.10 5.92 -6.09
N VAL KA 101 42.45 5.77 -7.34
CA VAL KA 101 41.61 5.01 -8.28
C VAL KA 101 41.94 3.54 -8.22
N THR KA 102 43.03 3.17 -7.53
CA THR KA 102 43.50 1.81 -7.49
C THR KA 102 42.37 0.85 -7.11
N PRO KA 103 41.59 1.07 -6.02
CA PRO KA 103 40.51 0.14 -5.68
C PRO KA 103 39.56 -0.05 -6.85
N ILE KA 104 39.17 1.08 -7.47
CA ILE KA 104 38.29 1.07 -8.64
C ILE KA 104 38.93 0.26 -9.72
N GLU KA 105 40.22 0.52 -9.97
CA GLU KA 105 40.94 -0.01 -11.12
C GLU KA 105 41.00 -1.53 -11.09
N GLU KA 106 41.37 -2.10 -9.93
CA GLU KA 106 41.53 -3.54 -9.87
C GLU KA 106 40.20 -4.24 -10.10
N ILE KA 107 39.11 -3.74 -9.51
CA ILE KA 107 37.84 -4.44 -9.58
C ILE KA 107 37.18 -4.26 -10.94
N GLY KA 108 37.33 -3.10 -11.56
CA GLY KA 108 36.46 -2.73 -12.69
C GLY KA 108 37.18 -2.39 -13.99
N ILE KA 109 38.43 -1.92 -13.99
CA ILE KA 109 38.94 -1.35 -15.22
C ILE KA 109 39.92 -2.30 -15.91
N ILE KA 110 40.39 -3.36 -15.26
CA ILE KA 110 41.39 -4.21 -15.91
C ILE KA 110 40.68 -5.44 -16.46
N GLY KA 111 40.80 -5.64 -17.77
CA GLY KA 111 40.12 -6.72 -18.46
C GLY KA 111 38.69 -6.34 -18.81
N VAL KA 112 38.28 -5.10 -18.56
CA VAL KA 112 36.91 -4.69 -18.80
C VAL KA 112 36.58 -4.83 -20.27
N LYS KA 113 37.51 -4.38 -21.13
CA LYS KA 113 37.31 -4.44 -22.57
C LYS KA 113 37.03 -5.88 -22.99
N GLU KA 114 37.87 -6.79 -22.52
CA GLU KA 114 37.80 -8.19 -22.89
C GLU KA 114 36.48 -8.79 -22.44
N MET KA 115 36.08 -8.50 -21.20
CA MET KA 115 34.84 -9.04 -20.65
C MET KA 115 33.67 -8.59 -21.50
N TYR KA 116 33.59 -7.27 -21.76
CA TYR KA 116 32.45 -6.74 -22.48
C TYR KA 116 32.46 -7.24 -23.92
N ASN KA 117 33.63 -7.38 -24.54
CA ASN KA 117 33.69 -7.88 -25.90
C ASN KA 117 33.15 -9.30 -25.99
N SER KA 118 33.46 -10.15 -25.02
CA SER KA 118 32.87 -11.48 -25.02
C SER KA 118 31.35 -11.36 -24.87
N LEU KA 119 30.90 -10.49 -23.97
CA LEU KA 119 29.47 -10.30 -23.75
C LEU KA 119 28.84 -9.68 -25.00
N GLN KA 120 29.62 -8.87 -25.73
CA GLN KA 120 29.18 -8.17 -26.92
C GLN KA 120 28.49 -6.85 -26.56
N THR KA 121 28.48 -6.51 -25.26
CA THR KA 121 28.01 -5.22 -24.81
C THR KA 121 28.84 -4.12 -25.45
N PRO KA 122 28.26 -3.03 -25.99
CA PRO KA 122 29.04 -1.90 -26.48
C PRO KA 122 29.68 -1.08 -25.36
N ILE KA 123 31.01 -0.90 -25.44
CA ILE KA 123 31.75 -0.22 -24.40
C ILE KA 123 31.35 1.24 -24.35
N PRO KA 124 31.20 1.95 -25.50
CA PRO KA 124 30.86 3.37 -25.46
C PRO KA 124 29.54 3.68 -24.73
N ALA KA 125 28.55 2.80 -24.90
CA ALA KA 125 27.28 2.95 -24.22
C ALA KA 125 27.47 2.88 -22.70
N VAL KA 126 28.32 1.94 -22.26
CA VAL KA 126 28.61 1.79 -20.84
C VAL KA 126 29.22 3.10 -20.33
N ALA KA 127 30.13 3.66 -21.12
CA ALA KA 127 30.79 4.92 -20.75
C ALA KA 127 29.77 6.04 -20.60
N GLU KA 128 28.78 6.07 -21.52
CA GLU KA 128 27.75 7.10 -21.49
C GLU KA 128 26.95 6.97 -20.17
N GLY KA 129 26.63 5.73 -19.79
CA GLY KA 129 25.92 5.48 -18.56
C GLY KA 129 26.67 6.02 -17.34
N VAL KA 130 28.00 5.86 -17.33
CA VAL KA 130 28.81 6.34 -16.25
C VAL KA 130 28.78 7.86 -16.26
N ARG KA 131 28.86 8.47 -17.45
CA ARG KA 131 28.78 9.91 -17.56
C ARG KA 131 27.45 10.41 -16.99
N ALA KA 132 26.37 9.70 -17.36
CA ALA KA 132 25.05 10.04 -16.88
C ALA KA 132 25.00 9.99 -15.36
N MET KA 133 25.57 8.93 -14.77
CA MET KA 133 25.59 8.78 -13.33
C MET KA 133 26.33 9.95 -12.70
N LYS KA 134 27.41 10.40 -13.34
CA LYS KA 134 28.21 11.49 -12.82
C LYS KA 134 27.33 12.73 -12.68
N ASN KA 135 26.55 13.02 -13.72
CA ASN KA 135 25.74 14.24 -13.76
C ASN KA 135 24.73 14.23 -12.61
N VAL KA 136 24.06 13.09 -12.42
CA VAL KA 136 23.10 12.93 -11.35
C VAL KA 136 23.81 13.13 -10.01
N ALA KA 137 24.95 12.46 -9.84
CA ALA KA 137 25.69 12.49 -8.58
C ALA KA 137 26.14 13.92 -8.28
N THR KA 138 26.59 14.63 -9.32
CA THR KA 138 27.09 15.99 -9.15
C THR KA 138 26.00 16.89 -8.56
N SER KA 139 24.77 16.74 -9.07
CA SER KA 139 23.66 17.58 -8.64
C SER KA 139 23.41 17.44 -7.14
N LEU KA 140 23.45 16.21 -6.63
CA LEU KA 140 23.17 15.96 -5.21
C LEU KA 140 24.34 16.47 -4.36
N LEU KA 141 25.57 16.38 -4.89
CA LEU KA 141 26.73 16.77 -4.12
C LEU KA 141 26.87 18.29 -4.15
N SER KA 142 27.47 18.84 -3.09
CA SER KA 142 27.88 20.24 -3.09
C SER KA 142 29.07 20.39 -4.04
N GLY KA 143 29.30 21.63 -4.53
CA GLY KA 143 30.22 21.91 -5.62
C GLY KA 143 31.62 21.34 -5.42
N ASP KA 144 32.23 21.63 -4.26
CA ASP KA 144 33.56 21.13 -3.93
C ASP KA 144 33.54 19.60 -3.83
N ASP KA 145 32.49 19.07 -3.17
CA ASP KA 145 32.33 17.62 -3.06
C ASP KA 145 32.19 17.03 -4.45
N ALA KA 146 31.42 17.70 -5.32
CA ALA KA 146 31.16 17.23 -6.66
C ALA KA 146 32.45 17.11 -7.46
N ALA KA 147 33.35 18.11 -7.30
CA ALA KA 147 34.61 18.11 -8.02
C ALA KA 147 35.42 16.88 -7.66
N GLU KA 148 35.50 16.57 -6.36
CA GLU KA 148 36.20 15.38 -5.88
C GLU KA 148 35.59 14.14 -6.51
N ALA KA 149 34.26 14.02 -6.43
CA ALA KA 149 33.57 12.87 -6.99
C ALA KA 149 33.78 12.80 -8.50
N GLY KA 150 33.80 13.95 -9.16
CA GLY KA 150 33.94 14.01 -10.60
C GLY KA 150 35.22 13.33 -11.08
N PHE KA 151 36.31 13.55 -10.35
CA PHE KA 151 37.61 13.00 -10.76
C PHE KA 151 37.50 11.48 -10.91
N TYR KA 152 36.87 10.83 -9.91
CA TYR KA 152 36.76 9.39 -9.93
C TYR KA 152 35.84 8.96 -11.08
N PHE KA 153 34.76 9.70 -11.28
CA PHE KA 153 33.83 9.41 -12.37
C PHE KA 153 34.53 9.56 -13.71
N ASP KA 154 35.34 10.61 -13.85
CA ASP KA 154 36.05 10.88 -15.09
C ASP KA 154 37.01 9.75 -15.41
N TYR KA 155 37.71 9.26 -14.37
CA TYR KA 155 38.67 8.18 -14.55
C TYR KA 155 37.97 6.99 -15.18
N LEU KA 156 36.79 6.62 -14.64
CA LEU KA 156 36.05 5.48 -15.14
C LEU KA 156 35.76 5.69 -16.63
N VAL KA 157 35.29 6.89 -16.96
CA VAL KA 157 34.92 7.20 -18.33
C VAL KA 157 36.15 7.08 -19.22
N GLY KA 158 37.28 7.59 -18.73
CA GLY KA 158 38.54 7.50 -19.46
C GLY KA 158 38.96 6.05 -19.67
N ALA KA 159 38.82 5.22 -18.63
CA ALA KA 159 39.23 3.83 -18.68
C ALA KA 159 38.44 3.07 -19.76
N MET KA 160 37.13 3.28 -19.79
CA MET KA 160 36.22 2.60 -20.69
C MET KA 160 36.00 3.44 -21.93
N GLN KA 161 36.50 2.96 -23.11
CA GLN KA 161 36.10 3.62 -24.34
C GLN KA 161 35.82 2.61 -25.49
N MET LA 1 50.57 -4.88 -0.91
CA MET LA 1 50.16 -5.23 0.49
C MET LA 1 48.74 -4.73 0.71
N GLN LA 2 48.26 -4.70 1.95
CA GLN LA 2 46.96 -4.11 2.24
C GLN LA 2 47.10 -3.18 3.45
N ASP LA 3 46.18 -2.22 3.52
CA ASP LA 3 46.11 -1.28 4.62
C ASP LA 3 44.72 -1.36 5.22
N ALA LA 4 44.50 -0.71 6.35
CA ALA LA 4 43.22 -0.80 7.06
C ALA LA 4 42.08 -0.34 6.16
N ILE LA 5 42.26 0.79 5.51
CA ILE LA 5 41.20 1.33 4.64
C ILE LA 5 40.87 0.31 3.56
N THR LA 6 41.90 -0.21 2.88
CA THR LA 6 41.67 -1.15 1.81
C THR LA 6 41.08 -2.46 2.33
N ALA LA 7 41.49 -2.87 3.54
CA ALA LA 7 40.97 -4.10 4.12
C ALA LA 7 39.45 -4.04 4.29
N VAL LA 8 38.96 -2.89 4.78
CA VAL LA 8 37.53 -2.70 4.94
C VAL LA 8 36.87 -2.78 3.57
N ILE LA 9 37.43 -2.03 2.61
CA ILE LA 9 36.88 -2.01 1.27
C ILE LA 9 36.79 -3.43 0.72
N ASN LA 10 37.87 -4.22 0.89
CA ASN LA 10 37.93 -5.51 0.26
C ASN LA 10 36.86 -6.42 0.86
N ASN LA 11 36.67 -6.33 2.18
CA ASN LA 11 35.71 -7.19 2.85
C ASN LA 11 34.32 -6.88 2.31
N TYR LA 12 34.01 -5.60 2.11
CA TYR LA 12 32.73 -5.19 1.59
C TYR LA 12 32.57 -5.61 0.14
N ASP LA 13 33.65 -5.51 -0.65
CA ASP LA 13 33.58 -5.85 -2.05
C ASP LA 13 33.24 -7.32 -2.26
N VAL LA 14 33.81 -8.22 -1.45
CA VAL LA 14 33.51 -9.63 -1.62
C VAL LA 14 32.04 -9.87 -1.27
N GLN LA 15 31.52 -9.15 -0.27
CA GLN LA 15 30.10 -9.24 0.04
C GLN LA 15 29.28 -8.57 -1.04
N GLY LA 16 29.87 -7.58 -1.72
CA GLY LA 16 29.17 -6.82 -2.75
C GLY LA 16 28.37 -5.68 -2.14
N LYS LA 17 28.50 -5.54 -0.81
CA LYS LA 17 27.75 -4.54 -0.06
C LYS LA 17 28.37 -3.16 -0.29
N TYR LA 18 27.51 -2.15 -0.37
CA TYR LA 18 27.91 -0.75 -0.28
C TYR LA 18 28.40 -0.48 1.13
N LEU LA 19 29.24 0.52 1.32
CA LEU LA 19 29.80 0.84 2.63
C LEU LA 19 28.66 1.24 3.54
N ASP LA 20 28.67 0.72 4.78
CA ASP LA 20 27.64 0.92 5.77
C ASP LA 20 28.23 1.57 7.01
N GLY LA 21 27.39 2.04 7.93
CA GLY LA 21 27.84 2.81 9.08
C GLY LA 21 28.87 2.06 9.92
N ALA LA 22 28.62 0.76 10.17
CA ALA LA 22 29.56 -0.06 10.92
C ALA LA 22 30.94 -0.04 10.26
N ALA LA 23 30.95 -0.22 8.93
CA ALA LA 23 32.18 -0.12 8.16
C ALA LA 23 32.77 1.27 8.30
N LEU LA 24 31.91 2.30 8.23
CA LEU LA 24 32.36 3.68 8.31
C LEU LA 24 33.05 3.92 9.63
N ASP LA 25 32.52 3.34 10.70
CA ASP LA 25 33.07 3.51 12.04
C ASP LA 25 34.50 2.99 12.12
N LYS LA 26 34.76 1.83 11.50
CA LYS LA 26 36.10 1.27 11.47
C LYS LA 26 37.02 2.23 10.74
N LEU LA 27 36.54 2.78 9.61
CA LEU LA 27 37.35 3.70 8.84
C LEU LA 27 37.63 4.95 9.67
N LYS LA 28 36.60 5.41 10.41
CA LYS LA 28 36.72 6.63 11.18
C LYS LA 28 37.74 6.40 12.28
N ALA LA 29 37.70 5.21 12.91
CA ALA LA 29 38.65 4.87 13.96
C ALA LA 29 40.05 5.01 13.45
N TYR LA 30 40.32 4.48 12.25
CA TYR LA 30 41.64 4.53 11.68
C TYR LA 30 42.07 5.98 11.52
N PHE LA 31 41.16 6.84 11.03
CA PHE LA 31 41.52 8.19 10.67
C PHE LA 31 42.00 8.98 11.88
N THR LA 32 41.37 8.76 13.04
CA THR LA 32 41.77 9.42 14.28
C THR LA 32 43.18 8.96 14.69
N THR LA 33 43.44 7.65 14.60
CA THR LA 33 44.71 7.08 15.02
C THR LA 33 45.83 7.57 14.10
N GLY LA 34 45.49 7.84 12.83
CA GLY LA 34 46.46 8.17 11.80
C GLY LA 34 47.51 9.20 12.20
N ALA LA 35 47.04 10.33 12.76
CA ALA LA 35 47.95 11.43 13.05
C ALA LA 35 49.04 10.99 14.02
N VAL LA 36 48.65 10.25 15.06
CA VAL LA 36 49.56 9.70 16.07
C VAL LA 36 50.60 8.83 15.37
N ARG LA 37 50.13 7.95 14.47
CA ARG LA 37 50.99 6.99 13.81
C ARG LA 37 52.07 7.71 13.02
N VAL LA 38 51.69 8.78 12.29
CA VAL LA 38 52.65 9.49 11.48
C VAL LA 38 53.76 10.03 12.38
N ARG LA 39 53.39 10.60 13.53
CA ARG LA 39 54.38 11.16 14.44
C ARG LA 39 55.31 10.05 14.93
N ALA LA 40 54.75 8.91 15.28
CA ALA LA 40 55.52 7.76 15.78
C ALA LA 40 56.53 7.31 14.74
N ALA LA 41 56.09 7.23 13.48
CA ALA LA 41 56.95 6.76 12.40
C ALA LA 41 58.18 7.65 12.26
N ALA LA 42 57.98 8.97 12.33
CA ALA LA 42 59.06 9.92 12.20
C ALA LA 42 60.07 9.75 13.34
N VAL LA 43 59.56 9.53 14.55
CA VAL LA 43 60.41 9.30 15.70
C VAL LA 43 61.27 8.07 15.45
N ILE LA 44 60.67 6.98 15.00
CA ILE LA 44 61.38 5.74 14.83
C ILE LA 44 62.48 5.92 13.77
N SER LA 45 62.15 6.56 12.66
CA SER LA 45 63.11 6.71 11.56
C SER LA 45 64.36 7.45 12.04
N SER LA 46 64.16 8.52 12.82
CA SER LA 46 65.27 9.35 13.29
C SER LA 46 66.15 8.57 14.26
N ASN LA 47 65.55 7.73 15.10
CA ASN LA 47 66.26 7.05 16.17
C ASN LA 47 66.57 5.61 15.83
N ALA LA 48 66.45 5.24 14.54
CA ALA LA 48 66.53 3.83 14.15
C ALA LA 48 67.88 3.24 14.53
N THR LA 49 68.98 3.93 14.20
CA THR LA 49 70.31 3.42 14.48
C THR LA 49 70.45 3.14 15.98
N THR LA 50 70.02 4.09 16.82
CA THR LA 50 70.15 3.97 18.26
C THR LA 50 69.26 2.83 18.76
N ILE LA 51 68.05 2.71 18.20
CA ILE LA 51 67.13 1.68 18.67
C ILE LA 51 67.81 0.33 18.51
N ILE LA 52 68.44 0.13 17.36
CA ILE LA 52 69.08 -1.15 17.07
C ILE LA 52 70.23 -1.35 18.05
N LYS LA 53 71.02 -0.29 18.26
CA LYS LA 53 72.17 -0.36 19.15
C LYS LA 53 71.73 -0.78 20.55
N GLU LA 54 70.71 -0.12 21.08
CA GLU LA 54 70.24 -0.37 22.42
C GLU LA 54 69.75 -1.81 22.54
N ALA LA 55 68.97 -2.25 21.54
CA ALA LA 55 68.37 -3.57 21.59
C ALA LA 55 69.47 -4.63 21.55
N ALA LA 56 70.48 -4.41 20.70
CA ALA LA 56 71.59 -5.35 20.59
C ALA LA 56 72.31 -5.44 21.93
N ALA LA 57 72.54 -4.28 22.55
CA ALA LA 57 73.20 -4.20 23.84
C ALA LA 57 72.43 -5.00 24.89
N LYS LA 58 71.10 -4.88 24.85
CA LYS LA 58 70.26 -5.58 25.80
C LYS LA 58 70.33 -7.10 25.63
N ALA LA 59 70.37 -7.61 24.39
CA ALA LA 59 70.26 -9.04 24.17
C ALA LA 59 71.47 -9.67 23.45
N LEU LA 60 71.83 -9.11 22.30
CA LEU LA 60 72.71 -9.80 21.39
C LEU LA 60 74.17 -9.74 21.86
N ILE LA 61 74.69 -8.57 22.20
CA ILE LA 61 76.12 -8.43 22.41
C ILE LA 61 76.46 -8.87 23.83
N TYR LA 62 77.78 -8.92 24.12
CA TYR LA 62 78.30 -9.35 25.42
C TYR LA 62 77.77 -10.74 25.76
N SER LA 63 77.63 -11.60 24.74
CA SER LA 63 76.97 -12.88 24.90
C SER LA 63 77.78 -13.94 24.19
N ASP LA 64 77.36 -15.21 24.32
CA ASP LA 64 78.00 -16.28 23.60
C ASP LA 64 77.92 -16.07 22.08
N LEU LA 65 76.82 -15.50 21.60
CA LEU LA 65 76.63 -15.27 20.18
C LEU LA 65 77.80 -14.50 19.60
N THR LA 66 78.17 -13.42 20.28
CA THR LA 66 79.26 -12.59 19.78
C THR LA 66 80.60 -13.29 20.00
N ARG LA 67 80.70 -14.17 21.00
CA ARG LA 67 81.96 -14.85 21.28
C ARG LA 67 82.24 -15.88 20.20
N PRO LA 68 83.50 -16.28 19.97
CA PRO LA 68 83.83 -17.22 18.89
C PRO LA 68 83.07 -18.52 19.01
N GLY LA 69 82.56 -19.00 17.86
CA GLY LA 69 81.70 -20.17 17.84
C GLY LA 69 80.21 -19.81 17.97
N GLY LA 70 79.92 -18.52 18.15
CA GLY LA 70 78.55 -18.04 18.24
C GLY LA 70 78.04 -17.58 16.88
N MET LA 72 76.72 -14.90 15.82
CA MET LA 72 76.99 -13.54 15.41
C MET LA 72 78.48 -13.21 15.49
N TYR LA 73 79.30 -14.24 15.71
CA TYR LA 73 80.74 -14.08 15.66
C TYR LA 73 81.23 -13.82 14.24
N THR LA 74 82.32 -13.05 14.10
CA THR LA 74 82.91 -12.56 12.86
C THR LA 74 82.19 -11.28 12.44
N THR LA 75 82.90 -10.37 11.78
CA THR LA 75 82.30 -9.09 11.43
C THR LA 75 81.14 -9.30 10.46
N ARG LA 76 81.32 -10.20 9.51
CA ARG LA 76 80.34 -10.43 8.47
C ARG LA 76 79.01 -10.84 9.09
N ARG LA 77 79.04 -11.82 9.99
CA ARG LA 77 77.83 -12.25 10.65
C ARG LA 77 77.24 -11.16 11.53
N TYR LA 78 78.08 -10.41 12.25
CA TYR LA 78 77.58 -9.34 13.09
C TYR LA 78 76.80 -8.35 12.23
N ALA LA 79 77.39 -7.98 11.09
CA ALA LA 79 76.76 -7.01 10.21
C ALA LA 79 75.43 -7.54 9.69
N ALA LA 80 75.39 -8.82 9.34
CA ALA LA 80 74.17 -9.46 8.86
C ALA LA 80 73.07 -9.35 9.91
N CYS LA 81 73.40 -9.65 11.17
CA CYS LA 81 72.40 -9.66 12.21
C CYS LA 81 71.82 -8.27 12.39
N ILE LA 82 72.66 -7.22 12.37
CA ILE LA 82 72.12 -5.89 12.59
C ILE LA 82 71.33 -5.46 11.38
N ARG LA 83 71.68 -5.94 10.18
CA ARG LA 83 70.89 -5.66 8.98
C ARG LA 83 69.50 -6.26 9.13
N ASP LA 84 69.42 -7.49 9.64
CA ASP LA 84 68.14 -8.12 9.80
C ASP LA 84 67.29 -7.33 10.80
N MET LA 85 67.94 -6.84 11.87
CA MET LA 85 67.25 -6.09 12.90
C MET LA 85 66.62 -4.85 12.30
N ASP LA 86 67.39 -4.16 11.45
CA ASP LA 86 66.90 -2.98 10.78
C ASP LA 86 65.69 -3.30 9.91
N TYR LA 87 65.72 -4.42 9.20
CA TYR LA 87 64.59 -4.83 8.39
C TYR LA 87 63.34 -4.91 9.24
N PHE LA 88 63.45 -5.63 10.36
CA PHE LA 88 62.29 -5.83 11.21
C PHE LA 88 61.75 -4.48 11.64
N LEU LA 89 62.64 -3.57 12.03
CA LEU LA 89 62.21 -2.27 12.50
C LEU LA 89 61.48 -1.51 11.39
N ARG LA 90 62.06 -1.47 10.19
CA ARG LA 90 61.49 -0.72 9.08
C ARG LA 90 60.12 -1.26 8.73
N TYR LA 91 59.97 -2.56 8.69
CA TYR LA 91 58.72 -3.19 8.29
C TYR LA 91 57.66 -2.94 9.35
N ALA LA 92 58.05 -3.04 10.62
CA ALA LA 92 57.11 -2.77 11.69
C ALA LA 92 56.59 -1.33 11.58
N THR LA 93 57.48 -0.39 11.27
CA THR LA 93 57.09 0.99 11.09
C THR LA 93 56.09 1.10 9.94
N TYR LA 94 56.35 0.40 8.82
CA TYR LA 94 55.45 0.41 7.69
C TYR LA 94 54.08 -0.11 8.13
N ALA LA 95 54.09 -1.22 8.88
CA ALA LA 95 52.85 -1.83 9.32
C ALA LA 95 52.05 -0.88 10.20
N MET LA 96 52.76 -0.16 11.07
CA MET LA 96 52.11 0.74 12.01
C MET LA 96 51.41 1.85 11.24
N LEU LA 97 52.08 2.44 10.24
CA LEU LA 97 51.42 3.44 9.42
C LEU LA 97 50.21 2.84 8.72
N ALA LA 98 50.39 1.65 8.14
CA ALA LA 98 49.32 1.01 7.37
C ALA LA 98 48.13 0.70 8.26
N GLY LA 99 48.40 0.28 9.50
CA GLY LA 99 47.35 -0.18 10.38
C GLY LA 99 46.96 -1.65 10.07
N ASP LA 100 47.79 -2.35 9.28
CA ASP LA 100 47.50 -3.72 8.91
C ASP LA 100 48.78 -4.55 9.03
N PRO LA 101 48.70 -5.80 9.56
CA PRO LA 101 49.84 -6.69 9.63
C PRO LA 101 50.24 -7.42 8.34
N SER LA 102 49.46 -7.27 7.28
CA SER LA 102 49.62 -8.05 6.06
C SER LA 102 50.99 -7.86 5.43
N ILE LA 103 51.49 -6.62 5.38
CA ILE LA 103 52.77 -6.37 4.74
C ILE LA 103 53.85 -7.22 5.40
N LEU LA 104 53.78 -7.40 6.73
CA LEU LA 104 54.75 -8.21 7.42
C LEU LA 104 54.71 -9.63 6.86
N ASP LA 105 53.51 -10.17 6.69
CA ASP LA 105 53.35 -11.52 6.16
C ASP LA 105 53.89 -11.63 4.74
N GLU LA 106 53.58 -10.64 3.90
CA GLU LA 106 53.95 -10.70 2.50
C GLU LA 106 55.46 -10.60 2.29
N ARG LA 107 56.12 -9.72 3.04
CA ARG LA 107 57.55 -9.46 2.80
C ARG LA 107 58.41 -10.17 3.84
N VAL LA 108 58.24 -9.88 5.13
CA VAL LA 108 59.17 -10.40 6.10
C VAL LA 108 58.88 -11.88 6.39
N LEU LA 109 57.64 -12.16 6.77
CA LEU LA 109 57.36 -13.38 7.51
C LEU LA 109 57.43 -14.60 6.61
N ASN LA 110 57.20 -14.48 5.30
CA ASN LA 110 57.07 -15.61 4.42
C ASN LA 110 58.42 -16.30 4.16
N GLY LA 111 58.55 -17.59 4.58
CA GLY LA 111 59.81 -18.28 4.42
C GLY LA 111 60.91 -17.91 5.40
N LEU LA 112 60.69 -17.05 6.37
CA LEU LA 112 61.77 -16.63 7.26
C LEU LA 112 62.23 -17.80 8.13
N LYS LA 113 61.28 -18.54 8.68
CA LYS LA 113 61.60 -19.63 9.59
C LYS LA 113 62.52 -20.63 8.87
N GLU LA 114 62.12 -20.99 7.65
CA GLU LA 114 62.85 -21.96 6.85
C GLU LA 114 64.25 -21.44 6.53
N THR LA 115 64.34 -20.17 6.13
CA THR LA 115 65.63 -19.54 5.85
C THR LA 115 66.53 -19.64 7.05
N TYR LA 116 65.99 -19.26 8.21
CA TYR LA 116 66.78 -19.24 9.42
C TYR LA 116 67.26 -20.63 9.78
N ASN LA 117 66.39 -21.63 9.63
CA ASN LA 117 66.76 -22.99 9.97
C ASN LA 117 67.90 -23.49 9.08
N SER LA 118 67.83 -23.21 7.78
CA SER LA 118 68.93 -23.58 6.89
C SER LA 118 70.20 -22.85 7.30
N LEU LA 119 70.09 -21.56 7.61
CA LEU LA 119 71.26 -20.77 7.94
C LEU LA 119 71.84 -21.23 9.28
N GLY LA 120 70.98 -21.71 10.18
CA GLY LA 120 71.39 -22.03 11.53
C GLY LA 120 71.36 -20.82 12.46
N VAL LA 121 70.76 -19.71 11.99
CA VAL LA 121 70.47 -18.58 12.85
C VAL LA 121 69.50 -19.03 13.94
N PRO LA 122 69.73 -18.65 15.22
CA PRO LA 122 68.83 -19.03 16.32
C PRO LA 122 67.57 -18.16 16.42
N ILE LA 123 66.40 -18.79 16.26
CA ILE LA 123 65.15 -18.06 16.19
C ILE LA 123 64.85 -17.38 17.52
N ALA LA 124 65.05 -18.09 18.62
CA ALA LA 124 64.68 -17.55 19.94
C ALA LA 124 65.47 -16.27 20.24
N ALA LA 125 66.76 -16.26 19.92
CA ALA LA 125 67.57 -15.06 20.10
C ALA LA 125 67.06 -13.92 19.25
N THR LA 126 66.65 -14.21 18.00
CA THR LA 126 66.14 -13.18 17.11
C THR LA 126 64.86 -12.61 17.71
N VAL LA 127 64.00 -13.50 18.21
CA VAL LA 127 62.75 -13.06 18.81
C VAL LA 127 63.05 -12.15 19.98
N GLY LA 128 64.02 -12.56 20.82
CA GLY LA 128 64.48 -11.74 21.94
C GLY LA 128 64.88 -10.34 21.52
N GLY LA 129 65.64 -10.24 20.44
CA GLY LA 129 66.05 -8.96 19.87
C GLY LA 129 64.87 -8.12 19.43
N ILE LA 130 63.86 -8.74 18.83
CA ILE LA 130 62.68 -8.03 18.35
C ILE LA 130 61.96 -7.43 19.56
N GLN LA 131 61.82 -8.25 20.62
CA GLN LA 131 61.14 -7.83 21.83
C GLN LA 131 61.91 -6.66 22.47
N ALA LA 132 63.23 -6.75 22.47
CA ALA LA 132 64.05 -5.67 22.98
C ALA LA 132 63.82 -4.39 22.18
N MET LA 133 63.77 -4.49 20.85
CA MET LA 133 63.55 -3.31 20.04
C MET LA 133 62.22 -2.69 20.41
N LYS LA 134 61.22 -3.54 20.65
CA LYS LA 134 59.87 -3.08 20.97
C LYS LA 134 59.91 -2.19 22.21
N GLU LA 135 60.61 -2.67 23.24
CA GLU LA 135 60.72 -1.96 24.50
C GLU LA 135 61.36 -0.58 24.30
N VAL LA 136 62.47 -0.53 23.57
CA VAL LA 136 63.15 0.72 23.28
C VAL LA 136 62.21 1.64 22.50
N VAL LA 137 61.52 1.08 21.49
CA VAL LA 137 60.66 1.87 20.62
C VAL LA 137 59.56 2.47 21.47
N GLY LA 138 58.99 1.66 22.37
CA GLY LA 138 57.88 2.08 23.23
C GLY LA 138 58.20 3.39 23.95
N GLY LA 139 59.38 3.46 24.55
CA GLY LA 139 59.86 4.66 25.22
C GLY LA 139 59.82 5.89 24.31
N LEU LA 140 60.46 5.78 23.14
CA LEU LA 140 60.64 6.91 22.25
C LEU LA 140 59.30 7.42 21.72
N VAL LA 141 58.43 6.48 21.33
CA VAL LA 141 57.19 6.85 20.64
C VAL LA 141 56.24 7.51 21.63
N GLY LA 142 56.28 7.06 22.89
CA GLY LA 142 55.34 7.50 23.90
C GLY LA 142 54.14 6.56 24.00
N PRO LA 143 53.34 6.62 25.08
CA PRO LA 143 52.36 5.56 25.41
C PRO LA 143 51.27 5.23 24.39
N ASP LA 144 50.59 6.26 23.88
CA ASP LA 144 49.51 6.07 22.91
C ASP LA 144 50.05 5.35 21.66
N ALA LA 145 51.20 5.83 21.17
CA ALA LA 145 51.83 5.25 20.00
C ALA LA 145 52.36 3.84 20.33
N ALA LA 146 52.84 3.65 21.55
CA ALA LA 146 53.49 2.41 21.95
C ALA LA 146 52.55 1.21 21.79
N LYS LA 147 51.29 1.36 22.18
CA LYS LA 147 50.35 0.25 22.10
C LYS LA 147 50.25 -0.22 20.65
N GLU LA 148 50.09 0.74 19.74
CA GLU LA 148 49.98 0.46 18.32
C GLU LA 148 51.26 -0.19 17.81
N ALA LA 149 52.40 0.38 18.18
CA ALA LA 149 53.70 -0.14 17.74
C ALA LA 149 53.88 -1.58 18.25
N SER LA 150 53.47 -1.84 19.49
CA SER LA 150 53.74 -3.13 20.11
C SER LA 150 53.10 -4.28 19.32
N ILE LA 151 51.87 -4.08 18.81
CA ILE LA 151 51.16 -5.20 18.19
C ILE LA 151 51.95 -5.74 17.00
N TYR LA 152 52.56 -4.83 16.20
CA TYR LA 152 53.27 -5.25 15.00
C TYR LA 152 54.56 -5.99 15.39
N PHE LA 153 55.25 -5.48 16.42
CA PHE LA 153 56.43 -6.16 16.92
C PHE LA 153 56.07 -7.56 17.40
N ASP LA 154 54.95 -7.68 18.10
CA ASP LA 154 54.51 -8.96 18.62
C ASP LA 154 54.14 -9.89 17.47
N TYR LA 155 53.55 -9.34 16.41
CA TYR LA 155 53.18 -10.11 15.24
C TYR LA 155 54.41 -10.75 14.61
N LEU LA 156 55.47 -9.95 14.46
CA LEU LA 156 56.72 -10.47 13.91
C LEU LA 156 57.25 -11.59 14.80
N SER LA 157 57.21 -11.36 16.11
CA SER LA 157 57.77 -12.32 17.06
C SER LA 157 57.02 -13.64 16.96
N SER LA 158 55.67 -13.57 16.92
CA SER LA 158 54.84 -14.76 16.83
C SER LA 158 55.10 -15.53 15.56
N GLY LA 159 55.28 -14.82 14.44
CA GLY LA 159 55.56 -15.44 13.15
C GLY LA 159 56.85 -16.27 13.21
N LEU LA 160 57.90 -15.67 13.79
CA LEU LA 160 59.21 -16.28 13.81
C LEU LA 160 59.17 -17.51 14.71
N SER LA 161 58.48 -17.37 15.83
CA SER LA 161 58.34 -18.46 16.78
C SER LA 161 57.09 -19.28 16.42
N SER MA 2 58.47 -34.11 31.11
CA SER MA 2 57.50 -33.56 32.08
C SER MA 2 56.28 -34.46 32.21
N VAL MA 3 55.48 -34.25 33.25
CA VAL MA 3 54.23 -35.00 33.43
C VAL MA 3 53.35 -34.80 32.20
N LEU MA 4 53.25 -33.54 31.78
CA LEU MA 4 52.30 -33.20 30.73
C LEU MA 4 52.75 -33.88 29.43
N THR MA 5 54.05 -33.81 29.14
CA THR MA 5 54.58 -34.40 27.92
C THR MA 5 54.24 -35.88 27.90
N LYS MA 6 54.45 -36.55 29.03
CA LYS MA 6 54.20 -37.99 29.10
C LYS MA 6 52.74 -38.27 28.76
N ALA MA 7 51.80 -37.51 29.34
CA ALA MA 7 50.39 -37.73 29.12
C ALA MA 7 50.02 -37.55 27.63
N ILE MA 8 50.53 -36.47 27.04
CA ILE MA 8 50.25 -36.17 25.64
C ILE MA 8 50.75 -37.32 24.75
N VAL MA 9 51.96 -37.78 25.05
CA VAL MA 9 52.58 -38.82 24.24
C VAL MA 9 51.75 -40.09 24.28
N ASN MA 10 51.23 -40.47 25.46
CA ASN MA 10 50.41 -41.68 25.56
C ASN MA 10 49.15 -41.52 24.73
N ALA MA 11 48.53 -40.34 24.80
CA ALA MA 11 47.32 -40.06 24.06
C ALA MA 11 47.59 -40.18 22.55
N ASP MA 12 48.71 -39.61 22.09
CA ASP MA 12 49.00 -39.60 20.67
C ASP MA 12 49.20 -41.02 20.16
N ALA MA 13 49.87 -41.86 20.96
CA ALA MA 13 50.06 -43.26 20.59
C ALA MA 13 48.71 -43.96 20.41
N GLU MA 14 47.79 -43.68 21.34
CA GLU MA 14 46.47 -44.25 21.29
C GLU MA 14 45.62 -43.55 20.24
N ALA MA 15 46.07 -42.37 19.77
CA ALA MA 15 45.36 -41.61 18.76
C ALA MA 15 44.02 -41.13 19.29
N ARG MA 16 43.99 -40.73 20.57
CA ARG MA 16 42.77 -40.30 21.23
C ARG MA 16 43.03 -38.96 21.91
N TYR MA 17 41.95 -38.23 22.24
CA TYR MA 17 42.05 -37.03 23.07
C TYR MA 17 42.42 -37.44 24.49
N LEU MA 18 42.98 -36.51 25.27
CA LEU MA 18 43.42 -36.83 26.61
C LEU MA 18 42.23 -37.25 27.46
N SER MA 19 42.45 -38.36 28.20
CA SER MA 19 41.44 -38.93 29.08
C SER MA 19 41.22 -37.99 30.26
N PRO MA 20 40.03 -38.03 30.89
CA PRO MA 20 39.74 -37.17 32.05
C PRO MA 20 40.76 -37.40 33.18
N GLY MA 21 41.06 -38.67 33.45
CA GLY MA 21 42.03 -39.04 34.45
C GLY MA 21 43.40 -38.43 34.17
N GLU MA 22 43.84 -38.51 32.91
CA GLU MA 22 45.08 -37.91 32.48
C GLU MA 22 45.05 -36.40 32.69
N LEU MA 23 43.92 -35.78 32.34
CA LEU MA 23 43.74 -34.35 32.51
C LEU MA 23 43.84 -33.98 33.99
N ASP MA 24 43.26 -34.81 34.86
CA ASP MA 24 43.27 -34.55 36.29
C ASP MA 24 44.70 -34.53 36.82
N ARG MA 25 45.52 -35.48 36.35
CA ARG MA 25 46.90 -35.54 36.78
C ARG MA 25 47.64 -34.28 36.36
N ILE MA 26 47.31 -33.74 35.18
CA ILE MA 26 47.93 -32.52 34.71
C ILE MA 26 47.56 -31.38 35.65
N LYS MA 27 46.28 -31.33 36.05
CA LYS MA 27 45.80 -30.30 36.96
C LYS MA 27 46.57 -30.35 38.27
N SER MA 28 46.74 -31.56 38.80
CA SER MA 28 47.42 -31.73 40.08
C SER MA 28 48.86 -31.20 39.94
N PHE MA 29 49.51 -31.54 38.83
CA PHE MA 29 50.89 -31.19 38.60
C PHE MA 29 51.06 -29.66 38.57
N VAL MA 30 50.15 -28.95 37.92
CA VAL MA 30 50.31 -27.51 37.77
C VAL MA 30 50.17 -26.85 39.15
N ALA MA 31 49.29 -27.38 40.00
CA ALA MA 31 49.16 -26.89 41.36
C ALA MA 31 50.44 -27.15 42.16
N SER MA 32 51.02 -28.34 41.99
CA SER MA 32 52.22 -28.72 42.73
C SER MA 32 53.43 -27.88 42.31
N GLY MA 33 53.43 -27.40 41.05
CA GLY MA 33 54.61 -26.82 40.42
C GLY MA 33 55.26 -25.71 41.24
N GLU MA 34 54.46 -24.80 41.79
CA GLU MA 34 54.99 -23.66 42.54
C GLU MA 34 55.81 -24.13 43.73
N ARG MA 35 55.29 -25.11 44.48
CA ARG MA 35 56.04 -25.72 45.57
C ARG MA 35 57.31 -26.37 45.02
N ARG MA 36 57.20 -27.06 43.88
CA ARG MA 36 58.35 -27.73 43.30
C ARG MA 36 59.42 -26.71 42.96
N LEU MA 37 59.02 -25.55 42.43
CA LEU MA 37 59.99 -24.54 42.02
C LEU MA 37 60.83 -24.10 43.22
N ARG MA 38 60.17 -23.92 44.38
CA ARG MA 38 60.87 -23.50 45.58
C ARG MA 38 61.89 -24.57 46.00
N ILE MA 39 61.49 -25.85 45.96
CA ILE MA 39 62.38 -26.93 46.34
C ILE MA 39 63.63 -26.89 45.47
N ALA MA 40 63.44 -26.71 44.16
CA ALA MA 40 64.54 -26.66 43.22
C ALA MA 40 65.44 -25.47 43.53
N GLN MA 41 64.82 -24.33 43.85
CA GLN MA 41 65.55 -23.11 44.10
C GLN MA 41 66.48 -23.33 45.30
N THR MA 42 65.96 -23.97 46.35
CA THR MA 42 66.72 -24.21 47.57
C THR MA 42 68.00 -24.97 47.24
N LEU MA 43 67.87 -26.06 46.48
CA LEU MA 43 68.99 -26.91 46.15
C LEU MA 43 70.01 -26.16 45.29
N THR MA 44 69.51 -25.32 44.37
CA THR MA 44 70.40 -24.56 43.52
C THR MA 44 71.31 -23.65 44.35
N GLU MA 45 70.72 -22.99 45.36
CA GLU MA 45 71.47 -22.05 46.17
C GLU MA 45 72.54 -22.80 46.98
N ALA MA 46 72.18 -23.99 47.47
CA ALA MA 46 73.07 -24.78 48.30
C ALA MA 46 73.96 -25.69 47.44
N ARG MA 47 73.91 -25.52 46.13
CA ARG MA 47 74.52 -26.48 45.22
C ARG MA 47 76.01 -26.66 45.54
N GLU MA 48 76.76 -25.56 45.60
CA GLU MA 48 78.20 -25.55 45.77
C GLU MA 48 78.60 -26.35 47.02
N ARG MA 49 77.91 -26.10 48.14
CA ARG MA 49 78.21 -26.78 49.39
C ARG MA 49 77.81 -28.26 49.30
N ILE MA 50 76.67 -28.56 48.66
CA ILE MA 50 76.22 -29.95 48.58
C ILE MA 50 77.29 -30.78 47.89
N VAL MA 51 77.79 -30.26 46.76
CA VAL MA 51 78.76 -31.00 45.97
C VAL MA 51 80.01 -31.22 46.82
N LYS MA 52 80.49 -30.16 47.47
CA LYS MA 52 81.72 -30.22 48.24
C LYS MA 52 81.59 -31.27 49.35
N GLN MA 53 80.52 -31.18 50.13
CA GLN MA 53 80.32 -32.09 51.24
C GLN MA 53 80.23 -33.53 50.75
N ALA MA 54 79.45 -33.75 49.68
CA ALA MA 54 79.25 -35.09 49.15
C ALA MA 54 80.57 -35.69 48.68
N GLY MA 55 81.38 -34.86 48.01
CA GLY MA 55 82.66 -35.31 47.51
C GLY MA 55 83.53 -35.89 48.64
N ASP MA 56 83.62 -35.11 49.73
CA ASP MA 56 84.43 -35.48 50.88
C ASP MA 56 83.93 -36.81 51.46
N GLN MA 57 82.60 -36.92 51.61
CA GLN MA 57 81.99 -38.13 52.13
C GLN MA 57 82.35 -39.31 51.25
N LEU MA 58 82.24 -39.12 49.93
CA LEU MA 58 82.51 -40.19 48.97
C LEU MA 58 83.95 -40.65 49.12
N PHE MA 59 84.88 -39.70 49.21
CA PHE MA 59 86.29 -40.05 49.28
C PHE MA 59 86.59 -40.78 50.59
N GLN MA 60 85.93 -40.38 51.68
CA GLN MA 60 86.08 -41.10 52.93
C GLN MA 60 85.50 -42.51 52.79
N LYS MA 61 84.32 -42.63 52.16
CA LYS MA 61 83.66 -43.92 52.00
C LYS MA 61 84.51 -44.84 51.12
N ARG MA 62 85.11 -44.27 50.07
CA ARG MA 62 85.91 -45.03 49.12
C ARG MA 62 87.30 -44.43 49.03
N PRO MA 63 88.26 -44.88 49.86
CA PRO MA 63 89.64 -44.39 49.75
C PRO MA 63 90.22 -44.74 48.39
N ASP MA 64 89.81 -45.89 47.81
CA ASP MA 64 90.43 -46.42 46.60
C ASP MA 64 90.30 -45.43 45.44
N VAL MA 65 89.15 -44.80 45.28
CA VAL MA 65 88.89 -43.99 44.11
C VAL MA 65 89.96 -42.88 44.03
N VAL MA 66 90.25 -42.24 45.17
CA VAL MA 66 91.35 -41.27 45.22
C VAL MA 66 92.59 -42.00 45.76
N SER MA 67 93.11 -42.91 44.95
CA SER MA 67 94.35 -43.62 45.22
C SER MA 67 95.05 -43.79 43.88
N PRO MA 68 96.37 -44.04 43.84
CA PRO MA 68 97.10 -43.99 42.57
C PRO MA 68 96.48 -44.87 41.48
N GLY MA 69 96.01 -46.05 41.89
CA GLY MA 69 95.26 -46.91 40.98
C GLY MA 69 93.94 -46.29 40.55
N GLY MA 70 93.23 -45.64 41.49
CA GLY MA 70 91.86 -45.19 41.30
C GLY MA 70 91.74 -44.07 40.27
N ASN MA 71 90.52 -43.98 39.69
CA ASN MA 71 90.23 -43.07 38.60
C ASN MA 71 90.29 -41.61 39.09
N ALA MA 72 89.80 -41.40 40.31
CA ALA MA 72 89.63 -40.07 40.84
C ALA MA 72 90.97 -39.43 41.20
N TYR MA 73 92.02 -40.25 41.36
CA TYR MA 73 93.28 -39.80 41.92
C TYR MA 73 93.95 -38.73 41.06
N GLY MA 74 94.53 -37.72 41.75
CA GLY MA 74 95.13 -36.57 41.08
C GLY MA 74 94.18 -35.39 41.05
N GLU MA 75 94.72 -34.16 41.00
CA GLU MA 75 93.90 -32.95 41.06
C GLU MA 75 92.95 -32.88 39.86
N LYS MA 76 93.50 -33.10 38.65
CA LYS MA 76 92.70 -33.00 37.44
C LYS MA 76 91.53 -33.96 37.58
N MET MA 77 91.83 -35.21 37.92
CA MET MA 77 90.81 -36.24 38.02
C MET MA 77 89.82 -35.93 39.12
N THR MA 78 90.29 -35.43 40.26
CA THR MA 78 89.38 -35.13 41.37
C THR MA 78 88.41 -34.04 40.96
N ALA MA 79 88.90 -33.02 40.22
CA ALA MA 79 88.05 -31.96 39.73
C ALA MA 79 86.94 -32.53 38.85
N LEU MA 80 87.33 -33.44 37.93
CA LEU MA 80 86.38 -34.04 37.02
C LEU MA 80 85.32 -34.83 37.79
N CYS MA 81 85.73 -35.54 38.83
CA CYS MA 81 84.78 -36.29 39.65
C CYS MA 81 83.79 -35.34 40.30
N LEU MA 82 84.27 -34.20 40.78
CA LEU MA 82 83.37 -33.22 41.39
C LEU MA 82 82.47 -32.60 40.34
N ARG MA 83 83.02 -32.34 39.15
CA ARG MA 83 82.23 -31.79 38.07
C ARG MA 83 81.06 -32.74 37.75
N ASP MA 84 81.35 -34.05 37.74
CA ASP MA 84 80.32 -35.03 37.47
C ASP MA 84 79.22 -34.95 38.53
N LEU MA 85 79.61 -34.81 39.79
CA LEU MA 85 78.63 -34.70 40.86
C LEU MA 85 77.77 -33.47 40.65
N ASP MA 86 78.40 -32.37 40.25
CA ASP MA 86 77.67 -31.14 39.98
C ASP MA 86 76.65 -31.36 38.86
N TYR MA 87 77.06 -32.04 37.79
CA TYR MA 87 76.20 -32.33 36.66
C TYR MA 87 74.94 -33.07 37.14
N TYR MA 88 75.15 -34.10 37.97
CA TYR MA 88 74.02 -34.89 38.42
C TYR MA 88 73.09 -34.04 39.26
N LEU MA 89 73.63 -33.11 40.07
CA LEU MA 89 72.78 -32.28 40.88
C LEU MA 89 71.92 -31.38 40.01
N ARG MA 90 72.53 -30.81 38.96
CA ARG MA 90 71.78 -29.95 38.05
C ARG MA 90 70.63 -30.74 37.43
N LEU MA 91 70.91 -31.99 37.04
CA LEU MA 91 69.90 -32.83 36.46
C LEU MA 91 68.76 -33.06 37.45
N VAL MA 92 69.09 -33.30 38.71
CA VAL MA 92 68.06 -33.55 39.71
C VAL MA 92 67.14 -32.32 39.83
N THR MA 93 67.72 -31.12 39.83
CA THR MA 93 66.89 -29.93 39.95
C THR MA 93 65.92 -29.88 38.78
N TYR MA 94 66.43 -30.14 37.57
CA TYR MA 94 65.60 -30.14 36.37
C TYR MA 94 64.43 -31.10 36.55
N GLY MA 95 64.72 -32.28 37.10
CA GLY MA 95 63.71 -33.30 37.31
C GLY MA 95 62.59 -32.82 38.24
N ILE MA 96 62.96 -32.14 39.33
CA ILE MA 96 61.98 -31.73 40.31
C ILE MA 96 60.98 -30.77 39.65
N VAL MA 97 61.48 -29.81 38.87
CA VAL MA 97 60.58 -28.84 38.25
C VAL MA 97 59.72 -29.57 37.21
N ALA MA 98 60.30 -30.51 36.47
CA ALA MA 98 59.57 -31.24 35.44
C ALA MA 98 58.52 -32.16 36.05
N GLY MA 99 58.78 -32.69 37.25
CA GLY MA 99 57.86 -33.61 37.88
C GLY MA 99 58.00 -35.02 37.33
N ASP MA 100 59.05 -35.25 36.52
CA ASP MA 100 59.25 -36.53 35.85
C ASP MA 100 60.77 -36.78 35.80
N VAL MA 101 61.17 -38.04 35.67
CA VAL MA 101 62.59 -38.35 35.59
C VAL MA 101 63.08 -38.25 34.15
N THR MA 102 62.15 -38.13 33.20
CA THR MA 102 62.50 -38.17 31.80
C THR MA 102 63.60 -37.16 31.49
N PRO MA 103 63.51 -35.87 31.87
CA PRO MA 103 64.58 -34.92 31.58
C PRO MA 103 65.92 -35.41 32.10
N ILE MA 104 65.92 -35.91 33.35
CA ILE MA 104 67.11 -36.46 33.97
C ILE MA 104 67.62 -37.62 33.09
N GLU MA 105 66.69 -38.49 32.71
CA GLU MA 105 67.03 -39.75 32.09
C GLU MA 105 67.75 -39.55 30.75
N GLU MA 106 67.22 -38.65 29.89
CA GLU MA 106 67.81 -38.45 28.59
C GLU MA 106 69.24 -37.92 28.71
N ILE MA 107 69.47 -36.95 29.62
CA ILE MA 107 70.77 -36.31 29.68
C ILE MA 107 71.80 -37.20 30.36
N GLY MA 108 71.39 -37.98 31.38
CA GLY MA 108 72.35 -38.59 32.27
C GLY MA 108 72.31 -40.12 32.35
N ILE MA 109 71.17 -40.77 32.13
CA ILE MA 109 71.09 -42.17 32.55
C ILE MA 109 71.18 -43.12 31.35
N ILE MA 110 71.09 -42.63 30.10
CA ILE MA 110 71.12 -43.56 28.98
C ILE MA 110 72.52 -43.54 28.38
N GLY MA 111 73.15 -44.73 28.36
CA GLY MA 111 74.51 -44.88 27.89
C GLY MA 111 75.52 -44.55 28.99
N VAL MA 112 75.05 -44.30 30.21
CA VAL MA 112 75.93 -43.89 31.30
C VAL MA 112 76.93 -45.01 31.57
N LYS MA 113 76.43 -46.26 31.61
CA LYS MA 113 77.28 -47.41 31.90
C LYS MA 113 78.41 -47.46 30.88
N GLU MA 114 78.07 -47.33 29.61
CA GLU MA 114 79.02 -47.44 28.52
C GLU MA 114 80.07 -46.34 28.61
N MET MA 115 79.63 -45.12 28.89
CA MET MA 115 80.54 -43.98 28.98
C MET MA 115 81.53 -44.23 30.11
N TYR MA 116 81.03 -44.60 31.29
CA TYR MA 116 81.90 -44.78 32.44
C TYR MA 116 82.82 -45.98 32.22
N ASN MA 117 82.34 -47.04 31.57
CA ASN MA 117 83.19 -48.19 31.32
C ASN MA 117 84.36 -47.81 30.42
N SER MA 118 84.13 -46.99 29.40
CA SER MA 118 85.24 -46.53 28.59
C SER MA 118 86.20 -45.71 29.47
N LEU MA 119 85.66 -44.83 30.31
CA LEU MA 119 86.48 -44.02 31.18
C LEU MA 119 87.20 -44.91 32.21
N GLN MA 120 86.54 -46.01 32.58
CA GLN MA 120 87.03 -46.98 33.56
C GLN MA 120 86.68 -46.54 34.98
N THR MA 121 85.93 -45.43 35.09
CA THR MA 121 85.40 -44.98 36.37
C THR MA 121 84.50 -46.10 36.93
N PRO MA 122 84.59 -46.44 38.23
CA PRO MA 122 83.66 -47.41 38.84
C PRO MA 122 82.26 -46.83 39.01
N ILE MA 123 81.25 -47.54 38.49
CA ILE MA 123 79.89 -47.07 38.52
C ILE MA 123 79.39 -47.05 39.96
N PRO MA 124 79.65 -48.07 40.80
CA PRO MA 124 79.13 -48.06 42.17
C PRO MA 124 79.58 -46.86 43.01
N ALA MA 125 80.84 -46.42 42.80
CA ALA MA 125 81.36 -45.26 43.49
C ALA MA 125 80.57 -44.01 43.09
N VAL MA 126 80.24 -43.89 41.80
CA VAL MA 126 79.47 -42.76 41.31
C VAL MA 126 78.13 -42.76 42.03
N ALA MA 127 77.52 -43.95 42.16
CA ALA MA 127 76.24 -44.08 42.83
C ALA MA 127 76.33 -43.62 44.28
N GLU MA 128 77.44 -43.97 44.95
CA GLU MA 128 77.66 -43.60 46.33
C GLU MA 128 77.72 -42.07 46.46
N GLY MA 129 78.40 -41.42 45.50
CA GLY MA 129 78.50 -39.97 45.46
C GLY MA 129 77.11 -39.33 45.38
N VAL MA 130 76.24 -39.91 44.56
CA VAL MA 130 74.89 -39.39 44.40
C VAL MA 130 74.13 -39.59 45.71
N ARG MA 131 74.32 -40.74 46.34
CA ARG MA 131 73.69 -41.01 47.63
C ARG MA 131 74.16 -39.99 48.65
N ALA MA 132 75.45 -39.72 48.66
CA ALA MA 132 76.03 -38.72 49.56
C ALA MA 132 75.39 -37.37 49.32
N MET MA 133 75.24 -36.97 48.06
CA MET MA 133 74.62 -35.69 47.72
C MET MA 133 73.21 -35.65 48.26
N LYS MA 134 72.50 -36.77 48.16
CA LYS MA 134 71.12 -36.84 48.62
C LYS MA 134 71.06 -36.50 50.10
N ASN MA 135 71.97 -37.08 50.90
CA ASN MA 135 71.94 -36.91 52.34
C ASN MA 135 72.16 -35.44 52.70
N VAL MA 136 73.13 -34.80 52.04
CA VAL MA 136 73.39 -33.40 52.27
C VAL MA 136 72.15 -32.59 51.90
N ALA MA 137 71.59 -32.88 50.71
CA ALA MA 137 70.45 -32.13 50.21
C ALA MA 137 69.25 -32.29 51.14
N THR MA 138 69.06 -33.51 51.65
CA THR MA 138 67.92 -33.81 52.52
C THR MA 138 67.98 -32.91 53.77
N SER MA 139 69.18 -32.76 54.34
CA SER MA 139 69.33 -31.99 55.57
C SER MA 139 68.87 -30.55 55.38
N LEU MA 140 69.22 -29.93 54.25
CA LEU MA 140 68.88 -28.55 53.99
C LEU MA 140 67.38 -28.42 53.70
N LEU MA 141 66.81 -29.44 53.06
CA LEU MA 141 65.41 -29.39 52.68
C LEU MA 141 64.55 -29.70 53.91
N SER MA 142 63.32 -29.15 53.92
CA SER MA 142 62.32 -29.56 54.89
C SER MA 142 61.85 -30.97 54.55
N GLY MA 143 61.29 -31.69 55.54
CA GLY MA 143 61.02 -33.12 55.45
C GLY MA 143 60.20 -33.52 54.21
N ASP MA 144 59.06 -32.85 54.00
CA ASP MA 144 58.21 -33.14 52.85
C ASP MA 144 58.94 -32.78 51.56
N ASP MA 145 59.64 -31.65 51.56
CA ASP MA 145 60.44 -31.25 50.41
C ASP MA 145 61.52 -32.30 50.14
N ALA MA 146 62.14 -32.79 51.22
CA ALA MA 146 63.21 -33.77 51.13
C ALA MA 146 62.71 -35.05 50.48
N ALA MA 147 61.49 -35.48 50.84
CA ALA MA 147 60.93 -36.71 50.30
C ALA MA 147 60.80 -36.59 48.77
N GLU MA 148 60.27 -35.46 48.32
CA GLU MA 148 60.14 -35.19 46.89
C GLU MA 148 61.50 -35.27 46.22
N ALA MA 149 62.49 -34.56 46.78
CA ALA MA 149 63.82 -34.54 46.23
C ALA MA 149 64.44 -35.95 46.26
N GLY MA 150 64.16 -36.69 47.33
CA GLY MA 150 64.71 -38.03 47.51
C GLY MA 150 64.36 -38.94 46.35
N PHE MA 151 63.12 -38.87 45.88
CA PHE MA 151 62.66 -39.76 44.82
C PHE MA 151 63.58 -39.61 43.60
N TYR MA 152 63.87 -38.36 43.21
CA TYR MA 152 64.70 -38.11 42.06
C TYR MA 152 66.12 -38.61 42.32
N PHE MA 153 66.62 -38.36 43.52
CA PHE MA 153 67.95 -38.82 43.89
C PHE MA 153 68.02 -40.35 43.83
N ASP MA 154 66.98 -41.01 44.34
CA ASP MA 154 66.93 -42.46 44.38
C ASP MA 154 66.96 -43.03 42.95
N TYR MA 155 66.19 -42.38 42.06
CA TYR MA 155 66.14 -42.84 40.67
C TYR MA 155 67.54 -42.86 40.08
N LEU MA 156 68.30 -41.78 40.30
CA LEU MA 156 69.65 -41.69 39.76
C LEU MA 156 70.48 -42.85 40.29
N VAL MA 157 70.38 -43.10 41.59
CA VAL MA 157 71.16 -44.15 42.21
C VAL MA 157 70.76 -45.49 41.61
N GLY MA 158 69.46 -45.70 41.40
CA GLY MA 158 68.97 -46.91 40.80
C GLY MA 158 69.49 -47.08 39.37
N ALA MA 159 69.48 -45.98 38.60
CA ALA MA 159 69.88 -46.01 37.21
C ALA MA 159 71.33 -46.44 37.05
N MET MA 160 72.23 -45.95 37.92
CA MET MA 160 73.63 -46.35 37.83
C MET MA 160 73.85 -47.52 38.79
N MET NA 1 58.14 -35.30 22.12
CA MET NA 1 57.89 -33.86 21.73
C MET NA 1 58.49 -32.95 22.77
N GLN NA 2 58.16 -31.67 22.77
CA GLN NA 2 58.62 -30.80 23.85
C GLN NA 2 57.40 -30.01 24.37
N ASP NA 3 57.50 -29.63 25.64
CA ASP NA 3 56.53 -28.82 26.31
C ASP NA 3 57.22 -27.59 26.86
N ALA NA 4 56.47 -26.61 27.37
CA ALA NA 4 57.04 -25.36 27.84
C ALA NA 4 58.06 -25.62 28.95
N ILE NA 5 57.69 -26.44 29.92
CA ILE NA 5 58.58 -26.74 31.03
C ILE NA 5 59.89 -27.32 30.51
N THR NA 6 59.78 -28.33 29.63
CA THR NA 6 60.96 -28.99 29.09
C THR NA 6 61.75 -28.03 28.22
N ALA NA 7 61.09 -27.14 27.50
CA ALA NA 7 61.77 -26.17 26.64
C ALA NA 7 62.72 -25.30 27.46
N VAL NA 8 62.24 -24.83 28.60
CA VAL NA 8 63.06 -24.01 29.49
C VAL NA 8 64.24 -24.86 29.95
N ILE NA 9 63.95 -26.08 30.42
CA ILE NA 9 65.00 -26.96 30.90
C ILE NA 9 66.05 -27.16 29.80
N ASN NA 10 65.62 -27.40 28.57
CA ASN NA 10 66.55 -27.74 27.51
C ASN NA 10 67.45 -26.56 27.22
N ASN NA 11 66.88 -25.34 27.23
CA ASN NA 11 67.66 -24.15 26.94
C ASN NA 11 68.76 -24.01 28.00
N TYR NA 12 68.42 -24.27 29.26
CA TYR NA 12 69.38 -24.18 30.34
C TYR NA 12 70.43 -25.29 30.22
N ASP NA 13 70.00 -26.49 29.83
CA ASP NA 13 70.91 -27.61 29.74
C ASP NA 13 71.99 -27.37 28.69
N VAL NA 14 71.65 -26.77 27.54
CA VAL NA 14 72.65 -26.53 26.53
C VAL NA 14 73.65 -25.50 27.06
N GLN NA 15 73.16 -24.52 27.83
CA GLN NA 15 74.04 -23.55 28.46
C GLN NA 15 74.82 -24.23 29.59
N GLY NA 16 74.24 -25.27 30.19
CA GLY NA 16 74.85 -25.95 31.32
C GLY NA 16 74.54 -25.24 32.63
N LYS NA 17 73.73 -24.19 32.53
CA LYS NA 17 73.37 -23.36 33.68
C LYS NA 17 72.36 -24.10 34.55
N TYR NA 18 72.49 -23.94 35.87
CA TYR NA 18 71.46 -24.34 36.82
C TYR NA 18 70.25 -23.43 36.62
N LEU NA 19 69.07 -23.93 36.99
CA LEU NA 19 67.85 -23.15 36.82
C LEU NA 19 67.93 -21.90 37.69
N ASP NA 20 67.52 -20.77 37.12
CA ASP NA 20 67.62 -19.48 37.79
C ASP NA 20 66.23 -18.86 37.89
N GLY NA 21 66.11 -17.79 38.69
CA GLY NA 21 64.84 -17.16 38.99
C GLY NA 21 64.09 -16.72 37.73
N ALA NA 22 64.81 -16.12 36.78
CA ALA NA 22 64.23 -15.70 35.51
C ALA NA 22 63.58 -16.89 34.81
N ALA NA 23 64.31 -18.00 34.75
CA ALA NA 23 63.79 -19.25 34.21
C ALA NA 23 62.57 -19.69 35.02
N LEU NA 24 62.68 -19.60 36.36
CA LEU NA 24 61.61 -20.03 37.23
C LEU NA 24 60.33 -19.23 36.95
N ASP NA 25 60.48 -17.93 36.68
CA ASP NA 25 59.36 -17.06 36.39
C ASP NA 25 58.59 -17.52 35.15
N LYS NA 26 59.33 -17.91 34.10
CA LYS NA 26 58.69 -18.44 32.89
C LYS NA 26 57.91 -19.70 33.23
N LEU NA 27 58.51 -20.57 34.06
CA LEU NA 27 57.83 -21.79 34.47
C LEU NA 27 56.58 -21.45 35.25
N LYS NA 28 56.68 -20.43 36.12
CA LYS NA 28 55.59 -20.05 36.98
C LYS NA 28 54.43 -19.53 36.11
N ALA NA 29 54.79 -18.74 35.09
CA ALA NA 29 53.81 -18.20 34.16
C ALA NA 29 53.00 -19.35 33.55
N TYR NA 30 53.71 -20.39 33.10
CA TYR NA 30 53.04 -21.52 32.48
C TYR NA 30 52.07 -22.16 33.46
N PHE NA 31 52.48 -22.29 34.74
CA PHE NA 31 51.69 -23.03 35.71
C PHE NA 31 50.33 -22.37 35.93
N THR NA 32 50.30 -21.02 35.95
CA THR NA 32 49.05 -20.28 36.10
C THR NA 32 48.14 -20.53 34.90
N THR NA 33 48.70 -20.51 33.68
CA THR NA 33 47.92 -20.67 32.46
C THR NA 33 47.35 -22.09 32.40
N GLY NA 34 48.08 -23.06 32.99
CA GLY NA 34 47.78 -24.48 32.89
C GLY NA 34 46.32 -24.82 33.18
N ALA NA 35 45.78 -24.30 34.29
CA ALA NA 35 44.43 -24.66 34.70
C ALA NA 35 43.41 -24.33 33.61
N VAL NA 36 43.54 -23.13 33.02
CA VAL NA 36 42.67 -22.67 31.95
C VAL NA 36 42.76 -23.65 30.78
N ARG NA 37 43.99 -24.04 30.43
CA ARG NA 37 44.23 -24.89 29.28
C ARG NA 37 43.52 -26.22 29.46
N VAL NA 38 43.61 -26.80 30.67
CA VAL NA 38 43.00 -28.09 30.91
C VAL NA 38 41.49 -27.99 30.67
N ARG NA 39 40.86 -26.92 31.15
CA ARG NA 39 39.43 -26.75 30.97
C ARG NA 39 39.11 -26.65 29.48
N ALA NA 40 39.91 -25.88 28.73
CA ALA NA 40 39.69 -25.71 27.30
C ALA NA 40 39.76 -27.04 26.58
N ALA NA 41 40.77 -27.86 26.94
CA ALA NA 41 40.98 -29.13 26.27
C ALA NA 41 39.76 -30.04 26.43
N ALA NA 42 39.18 -30.06 27.64
CA ALA NA 42 38.01 -30.89 27.90
C ALA NA 42 36.82 -30.43 27.06
N VAL NA 43 36.66 -29.11 26.93
CA VAL NA 43 35.59 -28.55 26.12
C VAL NA 43 35.76 -29.03 24.69
N ILE NA 44 36.98 -28.93 24.15
CA ILE NA 44 37.21 -29.26 22.76
C ILE NA 44 36.92 -30.75 22.52
N SER NA 45 37.39 -31.61 23.42
CA SER NA 45 37.23 -33.05 23.23
C SER NA 45 35.73 -33.41 23.14
N SER NA 46 34.92 -32.82 24.01
CA SER NA 46 33.50 -33.13 24.07
C SER NA 46 32.78 -32.65 22.80
N ASN NA 47 33.21 -31.50 22.26
CA ASN NA 47 32.51 -30.87 21.15
C ASN NA 47 33.23 -31.11 19.82
N ALA NA 48 34.15 -32.07 19.79
CA ALA NA 48 35.02 -32.22 18.63
C ALA NA 48 34.22 -32.50 17.36
N THR NA 49 33.29 -33.46 17.44
CA THR NA 49 32.50 -33.84 16.28
C THR NA 49 31.76 -32.61 15.73
N THR NA 50 31.14 -31.83 16.62
CA THR NA 50 30.36 -30.66 16.22
C THR NA 50 31.29 -29.62 15.62
N ILE NA 51 32.47 -29.43 16.24
CA ILE NA 51 33.39 -28.40 15.76
C ILE NA 51 33.70 -28.68 14.30
N ILE NA 52 33.97 -29.95 14.00
CA ILE NA 52 34.33 -30.33 12.64
C ILE NA 52 33.15 -30.08 11.72
N LYS NA 53 31.95 -30.48 12.17
CA LYS NA 53 30.73 -30.31 11.39
C LYS NA 53 30.54 -28.85 11.01
N GLU NA 54 30.63 -27.97 12.01
CA GLU NA 54 30.39 -26.55 11.81
C GLU NA 54 31.42 -25.98 10.83
N ALA NA 55 32.69 -26.35 11.03
CA ALA NA 55 33.76 -25.81 10.21
C ALA NA 55 33.58 -26.27 8.77
N ALA NA 56 33.20 -27.52 8.57
CA ALA NA 56 33.00 -28.05 7.23
C ALA NA 56 31.89 -27.27 6.54
N ALA NA 57 30.79 -27.05 7.30
CA ALA NA 57 29.65 -26.31 6.79
C ALA NA 57 30.05 -24.90 6.38
N LYS NA 58 30.91 -24.27 7.17
CA LYS NA 58 31.39 -22.91 6.90
C LYS NA 58 32.22 -22.86 5.62
N ALA NA 59 33.10 -23.84 5.37
CA ALA NA 59 34.06 -23.74 4.27
C ALA NA 59 33.95 -24.87 3.24
N LEU NA 60 33.99 -26.12 3.70
CA LEU NA 60 34.23 -27.21 2.79
C LEU NA 60 33.00 -27.58 1.96
N ILE NA 61 31.85 -27.75 2.61
CA ILE NA 61 30.72 -28.36 1.92
C ILE NA 61 29.98 -27.30 1.10
N TYR NA 62 28.98 -27.72 0.33
CA TYR NA 62 28.20 -26.86 -0.54
C TYR NA 62 29.12 -26.10 -1.50
N SER NA 63 30.19 -26.73 -1.95
CA SER NA 63 31.25 -26.09 -2.69
C SER NA 63 31.66 -26.90 -3.91
N ASP NA 64 32.58 -26.36 -4.71
CA ASP NA 64 33.21 -27.05 -5.80
C ASP NA 64 33.77 -28.44 -5.36
N LEU NA 65 34.43 -28.44 -4.22
CA LEU NA 65 35.09 -29.62 -3.70
C LEU NA 65 34.14 -30.80 -3.59
N THR NA 66 32.98 -30.56 -3.00
CA THR NA 66 32.02 -31.62 -2.81
C THR NA 66 31.37 -32.01 -4.14
N ARG NA 67 31.31 -31.09 -5.11
CA ARG NA 67 30.68 -31.39 -6.38
C ARG NA 67 31.55 -32.36 -7.17
N PRO NA 68 31.00 -33.17 -8.11
CA PRO NA 68 31.79 -34.16 -8.85
C PRO NA 68 32.97 -33.53 -9.57
N GLY NA 69 34.12 -34.18 -9.49
CA GLY NA 69 35.37 -33.65 -10.00
C GLY NA 69 36.13 -32.80 -8.98
N GLY NA 70 35.55 -32.62 -7.78
CA GLY NA 70 36.18 -31.88 -6.70
C GLY NA 70 36.94 -32.85 -5.79
N MET NA 72 36.96 -33.40 -2.67
CA MET NA 72 36.24 -34.04 -1.59
C MET NA 72 35.02 -34.80 -2.10
N TYR NA 73 34.89 -34.90 -3.42
CA TYR NA 73 33.83 -35.70 -4.03
C TYR NA 73 34.08 -37.20 -3.80
N THR NA 74 33.00 -37.99 -3.70
CA THR NA 74 32.98 -39.41 -3.35
C THR NA 74 33.03 -39.59 -1.83
N THR NA 75 32.41 -40.62 -1.30
CA THR NA 75 32.34 -40.80 0.14
C THR NA 75 33.74 -40.98 0.72
N ARG NA 76 34.56 -41.75 0.03
CA ARG NA 76 35.89 -42.07 0.52
C ARG NA 76 36.69 -40.79 0.75
N ARG NA 77 36.71 -39.91 -0.25
CA ARG NA 77 37.43 -38.65 -0.11
C ARG NA 77 36.80 -37.76 0.94
N TYR NA 78 35.48 -37.71 1.02
CA TYR NA 78 34.83 -36.89 2.04
C TYR NA 78 35.29 -37.34 3.41
N ALA NA 79 35.28 -38.66 3.62
CA ALA NA 79 35.66 -39.22 4.91
C ALA NA 79 37.13 -38.87 5.23
N ALA NA 80 37.99 -38.96 4.23
CA ALA NA 80 39.39 -38.62 4.40
C ALA NA 80 39.56 -37.18 4.86
N CYS NA 81 38.84 -36.26 4.22
CA CYS NA 81 38.98 -34.86 4.55
C CYS NA 81 38.56 -34.60 5.98
N ILE NA 82 37.46 -35.22 6.44
CA ILE NA 82 37.03 -34.95 7.81
C ILE NA 82 37.99 -35.62 8.78
N ARG NA 83 38.62 -36.74 8.40
CA ARG NA 83 39.64 -37.37 9.23
C ARG NA 83 40.83 -36.42 9.39
N ASP NA 84 41.23 -35.78 8.32
CA ASP NA 84 42.34 -34.84 8.41
C ASP NA 84 41.99 -33.69 9.34
N MET NA 85 40.74 -33.23 9.26
CA MET NA 85 40.30 -32.13 10.09
C MET NA 85 40.41 -32.50 11.56
N ASP NA 86 39.99 -33.71 11.88
CA ASP NA 86 40.07 -34.23 13.23
C ASP NA 86 41.52 -34.27 13.71
N TYR NA 87 42.44 -34.71 12.85
CA TYR NA 87 43.86 -34.73 13.20
C TYR NA 87 44.28 -33.32 13.65
N PHE NA 88 43.99 -32.34 12.82
CA PHE NA 88 44.42 -30.99 13.11
C PHE NA 88 43.89 -30.56 14.46
N LEU NA 89 42.61 -30.86 14.72
CA LEU NA 89 41.99 -30.47 15.96
C LEU NA 89 42.69 -31.13 17.15
N ARG NA 90 42.92 -32.45 17.07
CA ARG NA 90 43.51 -33.19 18.16
C ARG NA 90 44.90 -32.67 18.48
N TYR NA 91 45.69 -32.41 17.43
CA TYR NA 91 47.06 -31.98 17.63
C TYR NA 91 47.10 -30.59 18.21
N ALA NA 92 46.21 -29.71 17.73
CA ALA NA 92 46.15 -28.37 18.27
C ALA NA 92 45.82 -28.42 19.77
N THR NA 93 44.90 -29.30 20.15
CA THR NA 93 44.55 -29.46 21.55
C THR NA 93 45.78 -29.91 22.34
N TYR NA 94 46.55 -30.87 21.79
CA TYR NA 94 47.75 -31.34 22.44
C TYR NA 94 48.71 -30.18 22.64
N ALA NA 95 48.88 -29.37 21.59
CA ALA NA 95 49.82 -28.27 21.62
C ALA NA 95 49.40 -27.26 22.69
N MET NA 96 48.09 -27.01 22.79
CA MET NA 96 47.58 -26.03 23.74
C MET NA 96 47.90 -26.47 25.17
N LEU NA 97 47.66 -27.75 25.48
CA LEU NA 97 48.02 -28.26 26.79
C LEU NA 97 49.51 -28.12 27.01
N ALA NA 98 50.31 -28.51 26.02
CA ALA NA 98 51.76 -28.50 26.16
C ALA NA 98 52.28 -27.08 26.35
N GLY NA 99 51.67 -26.12 25.67
CA GLY NA 99 52.17 -24.76 25.68
C GLY NA 99 53.34 -24.59 24.70
N ASP NA 100 53.55 -25.57 23.80
CA ASP NA 100 54.65 -25.51 22.87
C ASP NA 100 54.16 -25.94 21.50
N PRO NA 101 54.60 -25.27 20.40
CA PRO NA 101 54.25 -25.66 19.04
C PRO NA 101 54.99 -26.85 18.44
N SER NA 102 56.00 -27.37 19.16
CA SER NA 102 56.92 -28.35 18.58
C SER NA 102 56.21 -29.61 18.08
N ILE NA 103 55.24 -30.12 18.87
CA ILE NA 103 54.59 -31.37 18.51
C ILE NA 103 53.95 -31.20 17.13
N LEU NA 104 53.41 -30.02 16.82
CA LEU NA 104 52.79 -29.79 15.53
C LEU NA 104 53.85 -29.98 14.44
N ASP NA 105 55.04 -29.42 14.65
CA ASP NA 105 56.12 -29.55 13.68
C ASP NA 105 56.53 -31.01 13.51
N GLU NA 106 56.67 -31.73 14.62
CA GLU NA 106 57.19 -33.08 14.58
C GLU NA 106 56.22 -34.05 13.93
N ARG NA 107 54.92 -33.92 14.20
CA ARG NA 107 53.95 -34.88 13.68
C ARG NA 107 53.19 -34.34 12.50
N VAL NA 108 52.48 -33.21 12.64
CA VAL NA 108 51.59 -32.78 11.59
C VAL NA 108 52.38 -32.12 10.47
N LEU NA 109 53.22 -31.16 10.80
CA LEU NA 109 53.69 -30.21 9.79
C LEU NA 109 54.70 -30.84 8.86
N ASN NA 110 55.47 -31.80 9.33
CA ASN NA 110 56.69 -32.16 8.55
C ASN NA 110 56.35 -33.08 7.39
N GLY NA 111 56.55 -32.73 6.17
CA GLY NA 111 56.21 -33.53 4.99
C GLY NA 111 54.74 -33.45 4.59
N LEU NA 112 53.89 -32.71 5.31
CA LEU NA 112 52.47 -32.68 4.93
C LEU NA 112 52.30 -31.93 3.60
N LYS NA 113 53.02 -30.82 3.42
CA LYS NA 113 52.86 -30.02 2.23
C LYS NA 113 53.16 -30.86 1.00
N GLU NA 114 54.26 -31.60 1.06
CA GLU NA 114 54.71 -32.44 -0.04
C GLU NA 114 53.70 -33.55 -0.31
N THR NA 115 53.20 -34.19 0.74
CA THR NA 115 52.19 -35.22 0.62
C THR NA 115 50.97 -34.66 -0.11
N TYR NA 116 50.51 -33.50 0.35
CA TYR NA 116 49.31 -32.90 -0.20
C TYR NA 116 49.52 -32.56 -1.67
N ASN NA 117 50.69 -32.03 -2.02
CA ASN NA 117 50.96 -31.67 -3.39
C ASN NA 117 50.92 -32.88 -4.30
N SER NA 118 51.53 -33.99 -3.87
CA SER NA 118 51.47 -35.21 -4.65
C SER NA 118 50.02 -35.69 -4.77
N LEU NA 119 49.27 -35.63 -3.68
CA LEU NA 119 47.90 -36.11 -3.70
C LEU NA 119 47.03 -35.21 -4.56
N GLY NA 120 47.37 -33.91 -4.62
CA GLY NA 120 46.53 -32.93 -5.29
C GLY NA 120 45.42 -32.40 -4.39
N VAL NA 121 45.51 -32.67 -3.09
CA VAL NA 121 44.67 -32.00 -2.11
C VAL NA 121 44.98 -30.51 -2.16
N PRO NA 122 43.96 -29.61 -2.15
CA PRO NA 122 44.20 -28.17 -2.16
C PRO NA 122 44.58 -27.58 -0.79
N ILE NA 123 45.77 -27.02 -0.68
CA ILE NA 123 46.30 -26.63 0.62
C ILE NA 123 45.51 -25.44 1.15
N ALA NA 124 45.23 -24.46 0.30
CA ALA NA 124 44.55 -23.24 0.72
C ALA NA 124 43.17 -23.56 1.29
N ALA NA 125 42.43 -24.45 0.66
CA ALA NA 125 41.14 -24.89 1.17
C ALA NA 125 41.27 -25.53 2.55
N THR NA 126 42.31 -26.35 2.73
CA THR NA 126 42.55 -27.02 3.99
C THR NA 126 42.83 -25.96 5.06
N VAL NA 127 43.65 -24.97 4.70
CA VAL NA 127 43.98 -23.89 5.61
C VAL NA 127 42.70 -23.17 6.01
N GLY NA 128 41.85 -22.89 5.03
CA GLY NA 128 40.54 -22.29 5.26
C GLY NA 128 39.73 -23.05 6.31
N GLY NA 129 39.70 -24.38 6.18
CA GLY NA 129 39.03 -25.25 7.13
C GLY NA 129 39.63 -25.13 8.54
N ILE NA 130 40.96 -25.03 8.64
CA ILE NA 130 41.63 -24.92 9.92
C ILE NA 130 41.20 -23.61 10.58
N GLN NA 131 41.17 -22.52 9.79
CA GLN NA 131 40.79 -21.22 10.28
C GLN NA 131 39.33 -21.25 10.77
N ALA NA 132 38.47 -21.94 10.01
CA ALA NA 132 37.08 -22.09 10.41
C ALA NA 132 36.99 -22.82 11.74
N MET NA 133 37.77 -23.90 11.91
CA MET NA 133 37.73 -24.65 13.16
C MET NA 133 38.12 -23.72 14.30
N LYS NA 134 39.12 -22.87 14.06
CA LYS NA 134 39.63 -21.97 15.09
C LYS NA 134 38.50 -21.09 15.60
N GLU NA 135 37.74 -20.52 14.66
CA GLU NA 135 36.64 -19.62 15.00
C GLU NA 135 35.60 -20.34 15.87
N VAL NA 136 35.19 -21.54 15.46
CA VAL NA 136 34.23 -22.33 16.22
C VAL NA 136 34.80 -22.63 17.61
N VAL NA 137 36.08 -23.03 17.65
CA VAL NA 137 36.71 -23.43 18.90
C VAL NA 137 36.72 -22.23 19.83
N GLY NA 138 37.05 -21.05 19.29
CA GLY NA 138 37.15 -19.83 20.08
C GLY NA 138 35.89 -19.58 20.90
N GLY NA 139 34.73 -19.71 20.24
CA GLY NA 139 33.44 -19.57 20.90
C GLY NA 139 33.30 -20.52 22.10
N LEU NA 140 33.53 -21.81 21.88
CA LEU NA 140 33.27 -22.83 22.89
C LEU NA 140 34.20 -22.66 24.08
N VAL NA 141 35.49 -22.38 23.82
CA VAL NA 141 36.49 -22.38 24.87
C VAL NA 141 36.29 -21.15 25.76
N GLY NA 142 35.84 -20.05 25.14
CA GLY NA 142 35.72 -18.77 25.85
C GLY NA 142 36.97 -17.93 25.65
N PRO NA 143 36.92 -16.61 25.93
CA PRO NA 143 37.97 -15.66 25.50
C PRO NA 143 39.41 -15.88 25.95
N ASP NA 144 39.60 -16.13 27.26
CA ASP NA 144 40.94 -16.34 27.80
C ASP NA 144 41.60 -17.55 27.12
N ALA NA 145 40.82 -18.64 27.02
CA ALA NA 145 41.31 -19.86 26.39
C ALA NA 145 41.49 -19.65 24.88
N ALA NA 146 40.63 -18.84 24.27
CA ALA NA 146 40.62 -18.65 22.84
C ALA NA 146 41.96 -18.12 22.33
N LYS NA 147 42.55 -17.16 23.04
CA LYS NA 147 43.80 -16.56 22.60
C LYS NA 147 44.87 -17.65 22.49
N GLU NA 148 44.96 -18.48 23.54
CA GLU NA 148 45.91 -19.57 23.59
C GLU NA 148 45.64 -20.57 22.47
N ALA NA 149 44.37 -20.94 22.30
CA ALA NA 149 43.98 -21.89 21.27
C ALA NA 149 44.33 -21.35 19.88
N SER NA 150 44.11 -20.05 19.66
CA SER NA 150 44.26 -19.46 18.34
C SER NA 150 45.70 -19.60 17.83
N ILE NA 151 46.70 -19.44 18.71
CA ILE NA 151 48.07 -19.39 18.25
C ILE NA 151 48.45 -20.73 17.59
N TYR NA 152 47.99 -21.85 18.16
CA TYR NA 152 48.34 -23.17 17.64
C TYR NA 152 47.65 -23.39 16.29
N PHE NA 153 46.38 -22.98 16.19
CA PHE NA 153 45.68 -23.07 14.92
C PHE NA 153 46.40 -22.27 13.85
N ASP NA 154 46.85 -21.06 14.21
CA ASP NA 154 47.54 -20.20 13.28
C ASP NA 154 48.87 -20.81 12.87
N TYR NA 155 49.54 -21.47 13.82
CA TYR NA 155 50.82 -22.11 13.57
C TYR NA 155 50.64 -23.20 12.51
N LEU NA 156 49.59 -24.02 12.65
CA LEU NA 156 49.31 -25.05 11.68
C LEU NA 156 49.09 -24.42 10.32
N SER NA 157 48.29 -23.34 10.28
CA SER NA 157 47.92 -22.70 9.04
C SER NA 157 49.16 -22.19 8.32
N SER NA 158 50.04 -21.53 9.07
CA SER NA 158 51.25 -20.96 8.50
C SER NA 158 52.17 -22.05 7.96
N GLY NA 159 52.27 -23.17 8.68
CA GLY NA 159 53.11 -24.28 8.25
C GLY NA 159 52.65 -24.85 6.92
N LEU NA 160 51.33 -25.03 6.78
CA LEU NA 160 50.77 -25.68 5.61
C LEU NA 160 50.96 -24.76 4.44
N SER NA 161 50.75 -23.46 4.66
CA SER NA 161 50.92 -22.47 3.62
C SER NA 161 52.37 -21.97 3.63
N MET OA 1 79.77 -58.09 -0.63
CA MET OA 1 80.77 -57.04 -0.98
C MET OA 1 81.71 -57.62 -2.02
N GLN OA 2 82.95 -57.14 -2.19
CA GLN OA 2 83.92 -57.80 -3.03
C GLN OA 2 85.24 -57.98 -2.27
N ASP OA 3 86.03 -58.97 -2.69
CA ASP OA 3 87.31 -59.20 -2.06
C ASP OA 3 88.35 -59.16 -3.17
N ALA OA 4 89.65 -59.18 -2.74
CA ALA OA 4 90.71 -59.05 -3.72
C ALA OA 4 90.66 -60.17 -4.75
N ILE OA 5 90.49 -61.39 -4.24
CA ILE OA 5 90.49 -62.55 -5.10
C ILE OA 5 89.36 -62.41 -6.12
N THR OA 6 88.15 -62.08 -5.67
CA THR OA 6 87.02 -61.98 -6.56
C THR OA 6 87.20 -60.83 -7.54
N ALA OA 7 87.82 -59.71 -7.09
CA ALA OA 7 87.99 -58.57 -7.95
C ALA OA 7 88.82 -58.97 -9.20
N VAL OA 8 89.91 -59.74 -8.97
CA VAL OA 8 90.74 -60.17 -10.04
C VAL OA 8 89.94 -61.08 -10.96
N ILE OA 9 89.23 -62.05 -10.36
CA ILE OA 9 88.43 -62.99 -11.13
C ILE OA 9 87.45 -62.23 -11.99
N ASN OA 10 86.77 -61.21 -11.44
CA ASN OA 10 85.71 -60.57 -12.18
C ASN OA 10 86.29 -59.87 -13.40
N ASN OA 11 87.47 -59.22 -13.22
CA ASN OA 11 88.07 -58.50 -14.31
C ASN OA 11 88.40 -59.47 -15.46
N TYR OA 12 88.91 -60.64 -15.09
CA TYR OA 12 89.26 -61.66 -16.07
C TYR OA 12 88.02 -62.23 -16.74
N ASP OA 13 86.97 -62.43 -15.94
CA ASP OA 13 85.74 -63.03 -16.47
C ASP OA 13 85.12 -62.14 -17.55
N VAL OA 14 85.12 -60.82 -17.36
CA VAL OA 14 84.52 -59.94 -18.37
C VAL OA 14 85.36 -60.03 -19.65
N GLN OA 15 86.69 -60.16 -19.50
CA GLN OA 15 87.55 -60.34 -20.65
C GLN OA 15 87.33 -61.75 -21.24
N GLY OA 16 86.95 -62.71 -20.37
CA GLY OA 16 86.78 -64.09 -20.79
C GLY OA 16 88.10 -64.85 -20.72
N LYS OA 17 89.14 -64.14 -20.30
CA LYS OA 17 90.49 -64.65 -20.32
C LYS OA 17 90.72 -65.60 -19.16
N TYR OA 18 91.45 -66.70 -19.39
CA TYR OA 18 91.97 -67.51 -18.31
C TYR OA 18 93.05 -66.69 -17.56
N LEU OA 19 93.24 -66.99 -16.26
CA LEU OA 19 93.96 -66.05 -15.41
C LEU OA 19 95.42 -65.94 -15.89
N ASP OA 20 95.91 -64.70 -15.97
CA ASP OA 20 97.29 -64.59 -16.47
C ASP OA 20 98.17 -64.88 -15.27
N GLY OA 21 99.43 -65.31 -15.52
CA GLY OA 21 100.40 -65.50 -14.45
C GLY OA 21 100.61 -64.23 -13.64
N ALA OA 22 100.72 -63.08 -14.30
CA ALA OA 22 100.87 -61.80 -13.63
C ALA OA 22 99.71 -61.57 -12.65
N ALA OA 23 98.50 -61.82 -13.09
CA ALA OA 23 97.31 -61.78 -12.24
C ALA OA 23 97.46 -62.78 -11.10
N LEU OA 24 97.92 -63.98 -11.43
CA LEU OA 24 98.08 -65.05 -10.45
C LEU OA 24 99.04 -64.60 -9.35
N ASP OA 25 100.11 -63.91 -9.74
CA ASP OA 25 101.13 -63.42 -8.82
C ASP OA 25 100.53 -62.45 -7.82
N LYS OA 26 99.66 -61.56 -8.27
CA LYS OA 26 98.96 -60.62 -7.39
C LYS OA 26 98.12 -61.40 -6.40
N LEU OA 27 97.43 -62.44 -6.86
CA LEU OA 27 96.62 -63.27 -5.99
C LEU OA 27 97.52 -63.96 -4.96
N LYS OA 28 98.68 -64.43 -5.43
CA LYS OA 28 99.63 -65.13 -4.58
C LYS OA 28 100.13 -64.19 -3.50
N ALA OA 29 100.42 -62.97 -3.89
CA ALA OA 29 100.86 -61.90 -2.98
C ALA OA 29 99.85 -61.75 -1.87
N TYR OA 30 98.57 -61.68 -2.21
CA TYR OA 30 97.50 -61.53 -1.23
C TYR OA 30 97.55 -62.71 -0.27
N PHE OA 31 97.77 -63.93 -0.77
CA PHE OA 31 97.66 -65.12 0.06
C PHE OA 31 98.72 -65.10 1.16
N THR OA 32 99.92 -64.63 0.85
CA THR OA 32 100.99 -64.51 1.84
C THR OA 32 100.63 -63.47 2.90
N THR OA 33 100.06 -62.33 2.47
CA THR OA 33 99.72 -61.24 3.38
C THR OA 33 98.60 -61.69 4.29
N GLY OA 34 97.73 -62.61 3.82
CA GLY OA 34 96.57 -63.10 4.54
C GLY OA 34 97.00 -63.67 5.89
N ALA OA 35 98.08 -64.42 6.05
CA ALA OA 35 98.42 -64.95 7.35
C ALA OA 35 98.64 -63.83 8.38
N VAL OA 36 99.40 -62.85 7.97
CA VAL OA 36 99.73 -61.63 8.78
C VAL OA 36 98.42 -60.94 9.08
N ARG OA 37 97.52 -60.79 8.09
CA ARG OA 37 96.26 -60.10 8.31
C ARG OA 37 95.45 -60.77 9.42
N VAL OA 38 95.38 -62.08 9.40
CA VAL OA 38 94.59 -62.81 10.40
C VAL OA 38 95.16 -62.52 11.78
N ARG OA 39 96.49 -62.51 11.92
CA ARG OA 39 97.11 -62.22 13.21
C ARG OA 39 96.73 -60.81 13.65
N ALA OA 40 96.79 -59.85 12.74
CA ALA OA 40 96.46 -58.46 13.05
C ALA OA 40 95.01 -58.35 13.53
N ALA OA 41 94.11 -59.03 12.85
CA ALA OA 41 92.68 -58.98 13.17
C ALA OA 41 92.45 -59.45 14.60
N ALA OA 42 93.11 -60.54 15.00
CA ALA OA 42 92.94 -61.09 16.34
C ALA OA 42 93.43 -60.10 17.39
N VAL OA 43 94.55 -59.43 17.10
CA VAL OA 43 95.08 -58.42 18.01
C VAL OA 43 94.06 -57.33 18.18
N ILE OA 44 93.48 -56.84 17.07
CA ILE OA 44 92.56 -55.72 17.14
C ILE OA 44 91.34 -56.12 17.94
N SER OA 45 90.78 -57.31 17.70
CA SER OA 45 89.55 -57.71 18.37
C SER OA 45 89.75 -57.73 19.88
N SER OA 46 90.89 -58.25 20.34
CA SER OA 46 91.16 -58.37 21.77
C SER OA 46 91.31 -57.00 22.41
N ASN OA 47 91.92 -56.05 21.68
CA ASN OA 47 92.25 -54.75 22.25
C ASN OA 47 91.28 -53.67 21.82
N ALA OA 48 90.12 -54.07 21.28
CA ALA OA 48 89.23 -53.11 20.64
C ALA OA 48 88.76 -52.05 21.63
N THR OA 49 88.31 -52.47 22.81
CA THR OA 49 87.79 -51.54 23.80
C THR OA 49 88.87 -50.51 24.14
N THR OA 50 90.11 -50.98 24.37
CA THR OA 50 91.21 -50.10 24.74
C THR OA 50 91.53 -49.15 23.58
N ILE OA 51 91.52 -49.68 22.35
CA ILE OA 51 91.87 -48.86 21.21
C ILE OA 51 90.94 -47.66 21.17
N ILE OA 52 89.65 -47.92 21.38
CA ILE OA 52 88.66 -46.86 21.32
C ILE OA 52 88.92 -45.88 22.45
N LYS OA 53 89.19 -46.39 23.65
CA LYS OA 53 89.44 -45.57 24.82
C LYS OA 53 90.62 -44.62 24.55
N GLU OA 54 91.72 -45.17 24.06
CA GLU OA 54 92.92 -44.39 23.83
C GLU OA 54 92.64 -43.31 22.79
N ALA OA 55 91.96 -43.68 21.70
CA ALA OA 55 91.70 -42.75 20.63
C ALA OA 55 90.80 -41.62 21.13
N ALA OA 56 89.81 -41.95 21.93
CA ALA OA 56 88.91 -40.94 22.49
C ALA OA 56 89.70 -39.96 23.35
N ALA OA 57 90.59 -40.52 24.18
CA ALA OA 57 91.44 -39.74 25.06
C ALA OA 57 92.29 -38.76 24.24
N LYS OA 58 92.82 -39.25 23.11
CA LYS OA 58 93.65 -38.43 22.24
C LYS OA 58 92.86 -37.26 21.63
N ALA OA 59 91.61 -37.49 21.20
CA ALA OA 59 90.89 -36.47 20.43
C ALA OA 59 89.56 -36.02 21.07
N LEU OA 60 88.71 -36.96 21.40
CA LEU OA 60 87.32 -36.64 21.72
C LEU OA 60 87.18 -36.02 23.11
N ILE OA 61 87.78 -36.62 24.15
CA ILE OA 61 87.45 -36.17 25.49
C ILE OA 61 88.33 -34.96 25.84
N TYR OA 62 88.05 -34.36 27.02
CA TYR OA 62 88.75 -33.16 27.49
C TYR OA 62 88.67 -32.05 26.45
N SER OA 63 87.52 -31.96 25.78
CA SER OA 63 87.38 -31.09 24.63
C SER OA 63 86.06 -30.35 24.74
N ASP OA 64 85.84 -29.40 23.83
CA ASP OA 64 84.56 -28.72 23.77
C ASP OA 64 83.41 -29.71 23.49
N LEU OA 65 83.67 -30.76 22.69
CA LEU OA 65 82.66 -31.73 22.35
C LEU OA 65 82.03 -32.31 23.61
N THR OA 66 82.87 -32.71 24.55
CA THR OA 66 82.36 -33.29 25.77
C THR OA 66 81.73 -32.23 26.67
N ARG OA 67 82.17 -30.97 26.54
CA ARG OA 67 81.63 -29.92 27.40
C ARG OA 67 80.21 -29.59 26.95
N PRO OA 68 79.34 -29.03 27.83
CA PRO OA 68 77.94 -28.77 27.48
C PRO OA 68 77.82 -27.87 26.25
N GLY OA 69 76.89 -28.25 25.37
CA GLY OA 69 76.73 -27.58 24.08
C GLY OA 69 77.58 -28.22 22.99
N GLY OA 70 78.38 -29.24 23.34
CA GLY OA 70 79.21 -29.95 22.38
C GLY OA 70 78.48 -31.18 21.88
N MET OA 72 79.22 -34.27 21.70
CA MET OA 72 79.35 -35.50 22.45
C MET OA 72 78.92 -35.29 23.91
N TYR OA 73 78.34 -34.12 24.21
CA TYR OA 73 77.78 -33.86 25.53
C TYR OA 73 76.51 -34.67 25.74
N THR OA 74 76.23 -35.06 27.00
CA THR OA 74 75.17 -35.95 27.43
C THR OA 74 75.63 -37.40 27.28
N THR OA 75 75.15 -38.29 28.14
CA THR OA 75 75.60 -39.67 28.12
C THR OA 75 75.19 -40.32 26.80
N ARG OA 76 73.98 -40.04 26.35
CA ARG OA 76 73.44 -40.67 25.15
C ARG OA 76 74.34 -40.39 23.96
N ARG OA 77 74.70 -39.12 23.76
CA ARG OA 77 75.58 -38.76 22.67
C ARG OA 77 76.97 -39.35 22.84
N TYR OA 78 77.50 -39.36 24.05
CA TYR OA 78 78.82 -39.93 24.28
C TYR OA 78 78.81 -41.38 23.84
N ALA OA 79 77.78 -42.11 24.28
CA ALA OA 79 77.68 -43.52 23.96
C ALA OA 79 77.58 -43.75 22.44
N ALA OA 80 76.81 -42.89 21.77
CA ALA OA 80 76.66 -42.97 20.33
C ALA OA 80 78.02 -42.82 19.64
N CYS OA 81 78.80 -41.83 20.07
CA CYS OA 81 80.07 -41.56 19.43
C CYS OA 81 81.00 -42.76 19.57
N ILE OA 82 81.05 -43.38 20.75
CA ILE OA 82 81.95 -44.51 20.91
C ILE OA 82 81.42 -45.71 20.14
N ARG OA 83 80.11 -45.83 19.98
CA ARG OA 83 79.53 -46.89 19.15
C ARG OA 83 79.98 -46.71 17.71
N ASP OA 84 79.96 -45.47 17.21
CA ASP OA 84 80.40 -45.22 15.86
C ASP OA 84 81.86 -45.58 15.69
N MET OA 85 82.66 -45.28 16.71
CA MET OA 85 84.09 -45.55 16.65
C MET OA 85 84.30 -47.05 16.51
N ASP OA 86 83.55 -47.83 17.28
CA ASP OA 86 83.62 -49.28 17.21
C ASP OA 86 83.26 -49.77 15.82
N TYR OA 87 82.23 -49.20 15.20
CA TYR OA 87 81.86 -49.58 13.85
C TYR OA 87 83.04 -49.41 12.93
N PHE OA 88 83.65 -48.24 12.96
CA PHE OA 88 84.75 -47.96 12.04
C PHE OA 88 85.83 -49.01 12.24
N LEU OA 89 86.14 -49.32 13.49
CA LEU OA 89 87.19 -50.29 13.79
C LEU OA 89 86.83 -51.67 13.21
N ARG OA 90 85.61 -52.13 13.47
CA ARG OA 90 85.17 -53.46 13.05
C ARG OA 90 85.23 -53.55 11.53
N TYR OA 91 84.77 -52.53 10.83
CA TYR OA 91 84.70 -52.56 9.37
C TYR OA 91 86.10 -52.51 8.79
N ALA OA 92 86.98 -51.71 9.39
CA ALA OA 92 88.34 -51.65 8.91
C ALA OA 92 89.00 -53.04 9.04
N THR OA 93 88.74 -53.72 10.15
CA THR OA 93 89.25 -55.07 10.34
C THR OA 93 88.71 -55.99 9.25
N TYR OA 94 87.43 -55.88 8.94
CA TYR OA 94 86.79 -56.69 7.89
C TYR OA 94 87.51 -56.39 6.56
N ALA OA 95 87.74 -55.12 6.27
CA ALA OA 95 88.38 -54.71 5.03
C ALA OA 95 89.79 -55.27 4.95
N MET OA 96 90.50 -55.28 6.06
CA MET OA 96 91.87 -55.78 6.09
C MET OA 96 91.87 -57.26 5.75
N LEU OA 97 90.99 -58.04 6.31
CA LEU OA 97 90.88 -59.46 5.98
C LEU OA 97 90.54 -59.59 4.48
N ALA OA 98 89.58 -58.82 4.00
CA ALA OA 98 89.12 -58.91 2.64
C ALA OA 98 90.21 -58.53 1.66
N GLY OA 99 91.05 -57.56 2.04
CA GLY OA 99 92.04 -57.02 1.13
C GLY OA 99 91.44 -56.04 0.12
N ASP OA 100 90.22 -55.60 0.37
CA ASP OA 100 89.47 -54.75 -0.56
C ASP OA 100 88.80 -53.63 0.21
N PRO OA 101 88.84 -52.38 -0.31
CA PRO OA 101 88.10 -51.27 0.29
C PRO OA 101 86.60 -51.22 0.06
N SER OA 102 86.07 -52.10 -0.80
CA SER OA 102 84.69 -52.00 -1.26
C SER OA 102 83.70 -52.11 -0.12
N ILE OA 103 83.93 -53.03 0.82
CA ILE OA 103 82.98 -53.22 1.92
C ILE OA 103 82.79 -51.90 2.65
N LEU OA 104 83.85 -51.13 2.82
CA LEU OA 104 83.74 -49.84 3.51
C LEU OA 104 82.76 -48.95 2.74
N ASP OA 105 82.90 -48.92 1.42
CA ASP OA 105 82.01 -48.11 0.59
C ASP OA 105 80.56 -48.59 0.70
N GLU OA 106 80.35 -49.90 0.64
CA GLU OA 106 79.01 -50.48 0.60
C GLU OA 106 78.28 -50.26 1.92
N ARG OA 107 78.97 -50.44 3.06
CA ARG OA 107 78.29 -50.37 4.36
C ARG OA 107 78.55 -49.05 5.05
N VAL OA 108 79.81 -48.72 5.33
CA VAL OA 108 80.06 -47.56 6.17
C VAL OA 108 79.89 -46.27 5.40
N LEU OA 109 80.53 -46.17 4.24
CA LEU OA 109 80.71 -44.87 3.60
C LEU OA 109 79.38 -44.39 2.98
N ASN OA 110 78.52 -45.32 2.58
CA ASN OA 110 77.29 -44.99 1.88
C ASN OA 110 76.24 -44.46 2.86
N GLY OA 111 75.78 -43.26 2.68
CA GLY OA 111 74.76 -42.65 3.55
C GLY OA 111 75.36 -42.03 4.81
N LEU OA 112 76.66 -42.16 5.07
CA LEU OA 112 77.21 -41.64 6.29
C LEU OA 112 77.18 -40.11 6.29
N LYS OA 113 77.57 -39.52 5.13
CA LYS OA 113 77.65 -38.08 5.06
C LYS OA 113 76.30 -37.48 5.38
N GLU OA 114 75.25 -38.02 4.76
CA GLU OA 114 73.90 -37.52 4.93
C GLU OA 114 73.44 -37.67 6.37
N THR OA 115 73.70 -38.84 6.97
CA THR OA 115 73.34 -39.07 8.35
C THR OA 115 73.97 -38.02 9.25
N TYR OA 116 75.28 -37.83 9.04
CA TYR OA 116 76.02 -36.93 9.90
C TYR OA 116 75.51 -35.52 9.76
N ASN OA 117 75.22 -35.10 8.51
CA ASN OA 117 74.78 -33.73 8.30
C ASN OA 117 73.44 -33.49 8.97
N SER OA 118 72.51 -34.45 8.87
CA SER OA 118 71.24 -34.28 9.56
C SER OA 118 71.46 -34.23 11.05
N LEU OA 119 72.33 -35.10 11.58
CA LEU OA 119 72.53 -35.15 13.02
C LEU OA 119 73.23 -33.89 13.49
N GLY OA 120 74.07 -33.30 12.64
CA GLY OA 120 74.94 -32.21 13.04
C GLY OA 120 76.24 -32.69 13.71
N VAL OA 121 76.52 -33.99 13.58
CA VAL OA 121 77.81 -34.53 13.98
C VAL OA 121 78.91 -33.87 13.16
N PRO OA 122 80.04 -33.43 13.77
CA PRO OA 122 81.14 -32.84 13.01
C PRO OA 122 82.06 -33.86 12.34
N ILE OA 123 82.15 -33.80 11.02
CA ILE OA 123 82.90 -34.77 10.25
C ILE OA 123 84.39 -34.69 10.57
N ALA OA 124 84.94 -33.49 10.67
CA ALA OA 124 86.38 -33.33 10.86
C ALA OA 124 86.83 -33.98 12.17
N ALA OA 125 86.04 -33.78 13.24
CA ALA OA 125 86.34 -34.41 14.52
C ALA OA 125 86.31 -35.93 14.40
N THR OA 126 85.34 -36.45 13.67
CA THR OA 126 85.20 -37.89 13.48
C THR OA 126 86.44 -38.41 12.76
N VAL OA 127 86.85 -37.68 11.73
CA VAL OA 127 88.02 -38.06 10.94
C VAL OA 127 89.23 -38.10 11.88
N GLY OA 128 89.37 -37.06 12.72
CA GLY OA 128 90.43 -37.00 13.71
C GLY OA 128 90.47 -38.26 14.60
N GLY OA 129 89.30 -38.68 15.06
CA GLY OA 129 89.16 -39.90 15.86
C GLY OA 129 89.61 -41.14 15.10
N ILE OA 130 89.27 -41.23 13.81
CA ILE OA 130 89.63 -42.38 13.01
C ILE OA 130 91.16 -42.44 12.90
N GLN OA 131 91.78 -41.27 12.65
CA GLN OA 131 93.22 -41.18 12.52
C GLN OA 131 93.89 -41.58 13.84
N ALA OA 132 93.31 -41.15 14.96
CA ALA OA 132 93.82 -41.53 16.26
C ALA OA 132 93.75 -43.03 16.44
N MET OA 133 92.62 -43.66 16.05
CA MET OA 133 92.49 -45.10 16.20
C MET OA 133 93.59 -45.78 15.39
N LYS OA 134 93.86 -45.24 14.19
CA LYS OA 134 94.84 -45.84 13.31
C LYS OA 134 96.20 -45.90 14.01
N GLU OA 135 96.59 -44.79 14.63
CA GLU OA 135 97.87 -44.69 15.32
C GLU OA 135 97.97 -45.73 16.43
N VAL OA 136 96.93 -45.84 17.26
CA VAL OA 136 96.90 -46.82 18.34
C VAL OA 136 96.98 -48.23 17.74
N VAL OA 137 96.21 -48.48 16.69
CA VAL OA 137 96.15 -49.81 16.09
C VAL OA 137 97.54 -50.17 15.56
N GLY OA 138 98.19 -49.20 14.92
CA GLY OA 138 99.50 -49.41 14.34
C GLY OA 138 100.49 -50.00 15.33
N GLY OA 139 100.53 -49.43 16.54
CA GLY OA 139 101.36 -49.91 17.62
C GLY OA 139 101.10 -51.38 17.93
N LEU OA 140 99.84 -51.73 18.18
CA LEU OA 140 99.47 -53.06 18.65
C LEU OA 140 99.77 -54.11 17.58
N VAL OA 141 99.44 -53.80 16.31
CA VAL OA 141 99.50 -54.79 15.25
C VAL OA 141 100.97 -55.09 14.94
N GLY OA 142 101.82 -54.06 15.06
CA GLY OA 142 103.22 -54.16 14.65
C GLY OA 142 103.41 -53.68 13.22
N PRO OA 143 104.65 -53.39 12.78
CA PRO OA 143 104.91 -52.64 11.54
C PRO OA 143 104.39 -53.22 10.22
N ASP OA 144 104.63 -54.52 9.99
CA ASP OA 144 104.20 -55.16 8.75
C ASP OA 144 102.67 -55.06 8.61
N ALA OA 145 101.98 -55.38 9.72
CA ALA OA 145 100.53 -55.34 9.76
C ALA OA 145 100.04 -53.89 9.67
N ALA OA 146 100.79 -52.96 10.27
CA ALA OA 146 100.37 -51.58 10.37
C ALA OA 146 100.14 -50.97 8.98
N LYS OA 147 101.04 -51.24 8.04
CA LYS OA 147 100.93 -50.65 6.70
C LYS OA 147 99.58 -51.05 6.09
N GLU OA 148 99.25 -52.34 6.18
CA GLU OA 148 98.00 -52.86 5.67
C GLU OA 148 96.81 -52.24 6.38
N ALA OA 149 96.89 -52.19 7.71
CA ALA OA 149 95.82 -51.61 8.51
C ALA OA 149 95.60 -50.14 8.15
N SER OA 150 96.70 -49.40 7.94
CA SER OA 150 96.62 -47.97 7.75
C SER OA 150 95.80 -47.62 6.51
N ILE OA 151 95.92 -48.38 5.42
CA ILE OA 151 95.30 -47.99 4.18
C ILE OA 151 93.78 -47.94 4.35
N TYR OA 152 93.20 -48.91 5.08
CA TYR OA 152 91.76 -48.98 5.25
C TYR OA 152 91.29 -47.81 6.14
N PHE OA 153 92.05 -47.52 7.20
CA PHE OA 153 91.73 -46.38 8.05
C PHE OA 153 91.76 -45.09 7.23
N ASP OA 154 92.75 -44.95 6.36
CA ASP OA 154 92.88 -43.75 5.54
C ASP OA 154 91.72 -43.67 4.56
N TYR OA 155 91.28 -44.82 4.05
CA TYR OA 155 90.18 -44.86 3.11
C TYR OA 155 88.91 -44.34 3.78
N LEU OA 156 88.65 -44.79 5.01
CA LEU OA 156 87.50 -44.32 5.77
C LEU OA 156 87.59 -42.81 5.94
N SER OA 157 88.78 -42.32 6.31
CA SER OA 157 88.95 -40.91 6.61
C SER OA 157 88.67 -40.08 5.37
N SER OA 158 89.21 -40.51 4.22
CA SER OA 158 89.03 -39.79 2.97
C SER OA 158 87.55 -39.75 2.57
N GLY OA 159 86.84 -40.87 2.76
CA GLY OA 159 85.43 -40.95 2.44
C GLY OA 159 84.61 -39.93 3.24
N LEU OA 160 84.90 -39.85 4.55
CA LEU OA 160 84.12 -39.02 5.44
C LEU OA 160 84.39 -37.56 5.10
N SER OA 161 85.65 -37.26 4.81
CA SER OA 161 86.05 -35.91 4.45
C SER OA 161 85.92 -35.75 2.93
N SER PA 2 34.94 -54.55 -11.93
CA SER PA 2 34.22 -55.36 -12.95
C SER PA 2 34.69 -56.82 -12.86
N VAL PA 3 33.95 -57.71 -13.49
CA VAL PA 3 34.24 -59.14 -13.48
C VAL PA 3 35.66 -59.36 -14.01
N LEU PA 4 35.99 -58.70 -15.09
CA LEU PA 4 37.26 -58.96 -15.74
C LEU PA 4 38.41 -58.57 -14.82
N THR PA 5 38.28 -57.38 -14.18
CA THR PA 5 39.32 -56.90 -13.31
C THR PA 5 39.55 -57.92 -12.20
N LYS PA 6 38.46 -58.42 -11.62
CA LYS PA 6 38.55 -59.35 -10.52
C LYS PA 6 39.33 -60.59 -10.95
N ALA PA 7 39.01 -61.14 -12.13
CA ALA PA 7 39.65 -62.35 -12.61
C ALA PA 7 41.15 -62.14 -12.80
N ILE PA 8 41.51 -61.01 -13.43
CA ILE PA 8 42.90 -60.70 -13.68
C ILE PA 8 43.67 -60.61 -12.37
N VAL PA 9 43.06 -59.92 -11.40
CA VAL PA 9 43.71 -59.70 -10.12
C VAL PA 9 43.98 -61.03 -9.42
N ASN PA 10 43.05 -61.99 -9.47
CA ASN PA 10 43.26 -63.28 -8.82
C ASN PA 10 44.42 -64.00 -9.50
N ALA PA 11 44.47 -63.93 -10.83
CA ALA PA 11 45.54 -64.57 -11.58
C ALA PA 11 46.89 -63.97 -11.19
N ASP PA 12 46.95 -62.64 -11.11
CA ASP PA 12 48.20 -61.96 -10.83
C ASP PA 12 48.71 -62.34 -9.43
N ALA PA 13 47.80 -62.45 -8.46
CA ALA PA 13 48.17 -62.86 -7.12
C ALA PA 13 48.80 -64.25 -7.15
N GLU PA 14 48.20 -65.15 -7.92
CA GLU PA 14 48.73 -66.50 -8.07
C GLU PA 14 49.94 -66.52 -9.00
N ALA PA 15 50.15 -65.42 -9.73
CA ALA PA 15 51.29 -65.30 -10.65
C ALA PA 15 51.18 -66.31 -11.78
N ARG PA 16 49.97 -66.54 -12.26
CA ARG PA 16 49.72 -67.54 -13.29
C ARG PA 16 48.87 -66.93 -14.40
N TYR PA 17 48.87 -67.55 -15.58
CA TYR PA 17 47.97 -67.18 -16.66
C TYR PA 17 46.54 -67.58 -16.25
N LEU PA 18 45.56 -66.96 -16.88
CA LEU PA 18 44.17 -67.07 -16.42
C LEU PA 18 43.72 -68.51 -16.63
N SER PA 19 43.07 -69.08 -15.58
CA SER PA 19 42.60 -70.43 -15.59
C SER PA 19 41.44 -70.58 -16.56
N PRO PA 20 41.19 -71.79 -17.11
CA PRO PA 20 40.10 -72.01 -18.06
C PRO PA 20 38.75 -71.60 -17.48
N GLY PA 21 38.52 -72.00 -16.23
CA GLY PA 21 37.30 -71.66 -15.50
C GLY PA 21 37.11 -70.14 -15.42
N GLU PA 22 38.20 -69.43 -15.07
CA GLU PA 22 38.18 -67.98 -15.01
C GLU PA 22 37.85 -67.40 -16.37
N LEU PA 23 38.46 -67.97 -17.42
CA LEU PA 23 38.22 -67.52 -18.78
C LEU PA 23 36.77 -67.72 -19.15
N ASP PA 24 36.17 -68.85 -18.73
CA ASP PA 24 34.79 -69.15 -19.05
C ASP PA 24 33.86 -68.11 -18.45
N ARG PA 25 34.15 -67.70 -17.20
CA ARG PA 25 33.33 -66.71 -16.54
C ARG PA 25 33.40 -65.38 -17.30
N ILE PA 26 34.58 -65.06 -17.85
CA ILE PA 26 34.73 -63.85 -18.64
C ILE PA 26 33.85 -63.94 -19.88
N LYS PA 27 33.84 -65.11 -20.52
CA LYS PA 27 33.05 -65.33 -21.72
C LYS PA 27 31.58 -65.12 -21.41
N SER PA 28 31.12 -65.67 -20.28
CA SER PA 28 29.71 -65.56 -19.90
C SER PA 28 29.37 -64.09 -19.71
N PHE PA 29 30.27 -63.34 -19.06
CA PHE PA 29 30.02 -61.94 -18.75
C PHE PA 29 29.86 -61.13 -20.04
N VAL PA 30 30.71 -61.38 -21.04
CA VAL PA 30 30.67 -60.57 -22.26
C VAL PA 30 29.36 -60.83 -22.99
N ALA PA 31 28.87 -62.07 -22.96
CA ALA PA 31 27.57 -62.41 -23.53
C ALA PA 31 26.45 -61.69 -22.80
N SER PA 32 26.53 -61.66 -21.46
CA SER PA 32 25.49 -61.04 -20.64
C SER PA 32 25.46 -59.54 -20.85
N GLY PA 33 26.60 -58.93 -21.20
CA GLY PA 33 26.80 -57.49 -21.20
C GLY PA 33 25.74 -56.73 -21.97
N GLU PA 34 25.41 -57.19 -23.18
CA GLU PA 34 24.44 -56.53 -24.03
C GLU PA 34 23.09 -56.40 -23.34
N ARG PA 35 22.61 -57.49 -22.72
CA ARG PA 35 21.40 -57.46 -21.92
C ARG PA 35 21.57 -56.46 -20.77
N ARG PA 36 22.74 -56.48 -20.11
CA ARG PA 36 22.98 -55.60 -18.99
C ARG PA 36 22.89 -54.14 -19.44
N LEU PA 37 23.43 -53.85 -20.62
CA LEU PA 37 23.45 -52.47 -21.11
C LEU PA 37 22.04 -51.95 -21.25
N ARG PA 38 21.14 -52.79 -21.78
CA ARG PA 38 19.74 -52.41 -21.99
C ARG PA 38 19.09 -52.12 -20.64
N ILE PA 39 19.33 -52.97 -19.64
CA ILE PA 39 18.74 -52.76 -18.32
C ILE PA 39 19.17 -51.41 -17.77
N ALA PA 40 20.45 -51.11 -17.90
CA ALA PA 40 21.00 -49.84 -17.40
C ALA PA 40 20.37 -48.67 -18.15
N GLN PA 41 20.21 -48.84 -19.46
CA GLN PA 41 19.67 -47.78 -20.29
C GLN PA 41 18.25 -47.45 -19.84
N THR PA 42 17.46 -48.49 -19.58
CA THR PA 42 16.07 -48.32 -19.17
C THR PA 42 16.00 -47.44 -17.92
N LEU PA 43 16.81 -47.78 -16.90
CA LEU PA 43 16.78 -47.05 -15.64
C LEU PA 43 17.23 -45.62 -15.84
N THR PA 44 18.23 -45.39 -16.71
CA THR PA 44 18.71 -44.04 -16.95
C THR PA 44 17.58 -43.17 -17.50
N GLU PA 45 16.81 -43.71 -18.44
CA GLU PA 45 15.73 -42.94 -19.07
C GLU PA 45 14.65 -42.61 -18.05
N ALA PA 46 14.37 -43.57 -17.17
CA ALA PA 46 13.31 -43.42 -16.17
C ALA PA 46 13.86 -42.80 -14.90
N ARG PA 47 15.10 -42.31 -14.94
CA ARG PA 47 15.78 -41.89 -13.72
C ARG PA 47 14.97 -40.82 -13.01
N GLU PA 48 14.60 -39.76 -13.71
CA GLU PA 48 13.90 -38.61 -13.16
C GLU PA 48 12.64 -39.03 -12.41
N ARG PA 49 11.84 -39.89 -13.02
CA ARG PA 49 10.60 -40.37 -12.42
C ARG PA 49 10.89 -41.28 -11.24
N ILE PA 50 11.91 -42.14 -11.34
CA ILE PA 50 12.21 -43.07 -10.26
C ILE PA 50 12.52 -42.26 -9.00
N VAL PA 51 13.36 -41.25 -9.16
CA VAL PA 51 13.78 -40.45 -8.02
C VAL PA 51 12.56 -39.77 -7.42
N LYS PA 52 11.74 -39.16 -8.26
CA LYS PA 52 10.57 -38.40 -7.79
C LYS PA 52 9.65 -39.33 -7.01
N GLN PA 53 9.29 -40.47 -7.59
CA GLN PA 53 8.37 -41.39 -6.95
C GLN PA 53 8.95 -41.89 -5.62
N ALA PA 54 10.23 -42.26 -5.61
CA ALA PA 54 10.86 -42.80 -4.43
C ALA PA 54 10.88 -41.76 -3.32
N GLY PA 55 11.18 -40.51 -3.68
CA GLY PA 55 11.22 -39.42 -2.74
C GLY PA 55 9.90 -39.29 -2.00
N ASP PA 56 8.80 -39.27 -2.76
CA ASP PA 56 7.47 -39.11 -2.21
C ASP PA 56 7.18 -40.25 -1.25
N GLN PA 57 7.50 -41.48 -1.66
CA GLN PA 57 7.28 -42.64 -0.82
C GLN PA 57 8.05 -42.49 0.48
N LEU PA 58 9.33 -42.08 0.37
CA LEU PA 58 10.18 -41.95 1.54
C LEU PA 58 9.58 -40.94 2.50
N PHE PA 59 9.15 -39.78 1.97
CA PHE PA 59 8.64 -38.71 2.80
C PHE PA 59 7.35 -39.14 3.46
N GLN PA 60 6.52 -39.91 2.77
CA GLN PA 60 5.31 -40.45 3.39
C GLN PA 60 5.72 -41.42 4.50
N LYS PA 61 6.70 -42.30 4.24
CA LYS PA 61 7.12 -43.29 5.21
C LYS PA 61 7.72 -42.60 6.43
N ARG PA 62 8.50 -41.54 6.20
CA ARG PA 62 9.17 -40.81 7.27
C ARG PA 62 8.78 -39.34 7.21
N PRO PA 63 7.68 -38.92 7.88
CA PRO PA 63 7.30 -37.52 7.89
C PRO PA 63 8.40 -36.66 8.53
N ASP PA 64 9.06 -37.26 9.56
CA ASP PA 64 9.97 -36.54 10.43
C ASP PA 64 11.11 -35.92 9.64
N VAL PA 65 11.68 -36.64 8.66
CA VAL PA 65 12.88 -36.15 8.01
C VAL PA 65 12.60 -34.80 7.38
N VAL PA 66 11.44 -34.63 6.74
CA VAL PA 66 11.01 -33.34 6.20
C VAL PA 66 10.07 -32.70 7.21
N SER PA 67 10.61 -32.34 8.38
CA SER PA 67 9.88 -31.65 9.43
C SER PA 67 10.88 -30.69 10.07
N PRO PA 68 10.44 -29.64 10.81
CA PRO PA 68 11.35 -28.60 11.24
C PRO PA 68 12.56 -29.13 12.00
N GLY PA 69 12.34 -30.15 12.83
CA GLY PA 69 13.45 -30.83 13.48
C GLY PA 69 14.37 -31.55 12.48
N GLY PA 70 13.75 -32.20 11.48
CA GLY PA 70 14.44 -33.12 10.59
C GLY PA 70 15.46 -32.45 9.67
N ASN PA 71 16.43 -33.24 9.22
CA ASN PA 71 17.56 -32.79 8.43
C ASN PA 71 17.08 -32.34 7.05
N ALA PA 72 16.13 -33.09 6.50
CA ALA PA 72 15.68 -32.90 5.14
C ALA PA 72 14.85 -31.64 5.01
N TYR PA 73 14.35 -31.08 6.11
CA TYR PA 73 13.38 -30.00 6.09
C TYR PA 73 13.94 -28.73 5.44
N GLY PA 74 13.07 -28.07 4.66
CA GLY PA 74 13.39 -26.90 3.87
C GLY PA 74 13.66 -27.33 2.44
N GLU PA 75 13.43 -26.39 1.48
CA GLU PA 75 13.58 -26.66 0.07
C GLU PA 75 15.02 -27.06 -0.26
N LYS PA 76 15.97 -26.29 0.20
CA LYS PA 76 17.38 -26.53 -0.08
C LYS PA 76 17.72 -27.96 0.37
N MET PA 77 17.37 -28.27 1.61
CA MET PA 77 17.68 -29.56 2.19
C MET PA 77 16.96 -30.69 1.45
N THR PA 78 15.70 -30.47 1.09
CA THR PA 78 14.93 -31.50 0.42
C THR PA 78 15.56 -31.81 -0.95
N ALA PA 79 16.02 -30.76 -1.64
CA ALA PA 79 16.70 -30.93 -2.91
C ALA PA 79 17.94 -31.80 -2.74
N LEU PA 80 18.73 -31.52 -1.71
CA LEU PA 80 19.95 -32.26 -1.44
C LEU PA 80 19.62 -33.72 -1.18
N CYS PA 81 18.55 -33.99 -0.44
CA CYS PA 81 18.14 -35.36 -0.18
C CYS PA 81 17.79 -36.08 -1.50
N LEU PA 82 17.12 -35.37 -2.40
CA LEU PA 82 16.78 -35.96 -3.68
C LEU PA 82 18.02 -36.15 -4.54
N ARG PA 83 18.94 -35.18 -4.47
CA ARG PA 83 20.21 -35.30 -5.19
C ARG PA 83 20.94 -36.56 -4.75
N ASP PA 84 20.93 -36.84 -3.44
CA ASP PA 84 21.58 -38.03 -2.93
C ASP PA 84 20.95 -39.28 -3.53
N LEU PA 85 19.63 -39.30 -3.60
CA LEU PA 85 18.93 -40.44 -4.17
C LEU PA 85 19.35 -40.62 -5.62
N ASP PA 86 19.43 -39.51 -6.35
CA ASP PA 86 19.86 -39.56 -7.73
C ASP PA 86 21.27 -40.16 -7.85
N TYR PA 87 22.18 -39.72 -6.98
CA TYR PA 87 23.55 -40.23 -6.96
C TYR PA 87 23.56 -41.74 -6.83
N TYR PA 88 22.77 -42.26 -5.88
CA TYR PA 88 22.76 -43.68 -5.65
C TYR PA 88 22.22 -44.42 -6.87
N LEU PA 89 21.24 -43.83 -7.57
CA LEU PA 89 20.69 -44.48 -8.73
C LEU PA 89 21.76 -44.57 -9.82
N ARG PA 90 22.50 -43.48 -10.01
CA ARG PA 90 23.56 -43.47 -11.00
C ARG PA 90 24.57 -44.57 -10.69
N LEU PA 91 24.91 -44.72 -9.42
CA LEU PA 91 25.85 -45.74 -8.99
C LEU PA 91 25.31 -47.12 -9.33
N VAL PA 92 24.02 -47.34 -9.10
CA VAL PA 92 23.43 -48.65 -9.39
C VAL PA 92 23.57 -48.98 -10.88
N THR PA 93 23.32 -48.00 -11.75
CA THR PA 93 23.42 -48.25 -13.17
C THR PA 93 24.85 -48.66 -13.51
N TYR PA 94 25.83 -47.96 -12.95
CA TYR PA 94 27.23 -48.27 -13.18
C TYR PA 94 27.51 -49.73 -12.79
N GLY PA 95 26.95 -50.14 -11.64
CA GLY PA 95 27.11 -51.49 -11.15
C GLY PA 95 26.61 -52.54 -12.15
N ILE PA 96 25.42 -52.30 -12.71
CA ILE PA 96 24.81 -53.27 -13.58
C ILE PA 96 25.71 -53.52 -14.80
N VAL PA 97 26.25 -52.44 -15.39
CA VAL PA 97 27.10 -52.61 -16.56
C VAL PA 97 28.39 -53.33 -16.16
N ALA PA 98 28.93 -52.99 -14.98
CA ALA PA 98 30.18 -53.59 -14.52
C ALA PA 98 29.99 -55.07 -14.19
N GLY PA 99 28.79 -55.42 -13.70
CA GLY PA 99 28.54 -56.80 -13.31
C GLY PA 99 29.06 -57.07 -11.90
N ASP PA 100 29.49 -56.02 -11.20
CA ASP PA 100 30.09 -56.15 -9.87
C ASP PA 100 29.67 -54.92 -9.05
N VAL PA 101 29.75 -55.05 -7.73
CA VAL PA 101 29.37 -53.94 -6.86
C VAL PA 101 30.56 -53.01 -6.62
N THR PA 102 31.75 -53.46 -7.04
CA THR PA 102 32.97 -52.72 -6.74
C THR PA 102 32.84 -51.26 -7.19
N PRO PA 103 32.43 -50.94 -8.43
CA PRO PA 103 32.28 -49.54 -8.85
C PRO PA 103 31.38 -48.77 -7.90
N ILE PA 104 30.24 -49.38 -7.55
CA ILE PA 104 29.30 -48.79 -6.61
C ILE PA 104 30.02 -48.54 -5.29
N GLU PA 105 30.74 -49.57 -4.83
CA GLU PA 105 31.30 -49.59 -3.49
C GLU PA 105 32.31 -48.46 -3.28
N GLU PA 106 33.23 -48.28 -4.24
CA GLU PA 106 34.25 -47.26 -4.10
C GLU PA 106 33.64 -45.86 -4.01
N ILE PA 107 32.66 -45.57 -4.87
CA ILE PA 107 32.13 -44.22 -4.96
C ILE PA 107 31.20 -43.92 -3.79
N GLY PA 108 30.43 -44.91 -3.31
CA GLY PA 108 29.31 -44.63 -2.43
C GLY PA 108 29.34 -45.30 -1.07
N ILE PA 109 29.96 -46.47 -0.91
CA ILE PA 109 29.70 -47.23 0.30
C ILE PA 109 30.85 -47.15 1.30
N ILE PA 110 32.01 -46.63 0.91
CA ILE PA 110 33.14 -46.60 1.85
C ILE PA 110 33.25 -45.19 2.43
N GLY PA 111 33.14 -45.10 3.74
CA GLY PA 111 33.14 -43.81 4.43
C GLY PA 111 31.75 -43.20 4.47
N VAL PA 112 30.74 -43.92 3.97
CA VAL PA 112 29.40 -43.37 3.89
C VAL PA 112 28.91 -43.07 5.31
N LYS PA 113 29.13 -44.02 6.24
CA LYS PA 113 28.69 -43.85 7.61
C LYS PA 113 29.26 -42.57 8.19
N GLU PA 114 30.56 -42.37 8.01
CA GLU PA 114 31.26 -41.24 8.57
C GLU PA 114 30.73 -39.94 8.00
N MET PA 115 30.52 -39.90 6.67
CA MET PA 115 30.05 -38.71 6.02
C MET PA 115 28.67 -38.34 6.56
N TYR PA 116 27.77 -39.32 6.60
CA TYR PA 116 26.40 -39.02 7.02
C TYR PA 116 26.37 -38.67 8.50
N ASN PA 117 27.23 -39.29 9.32
CA ASN PA 117 27.25 -38.96 10.74
C ASN PA 117 27.67 -37.51 10.95
N SER PA 118 28.65 -37.02 10.18
CA SER PA 118 29.01 -35.62 10.29
C SER PA 118 27.82 -34.77 9.87
N LEU PA 119 27.16 -35.15 8.77
CA LEU PA 119 26.01 -34.39 8.30
C LEU PA 119 24.87 -34.49 9.29
N GLN PA 120 24.79 -35.63 10.01
CA GLN PA 120 23.76 -35.91 11.00
C GLN PA 120 22.51 -36.49 10.30
N THR PA 121 22.60 -36.73 8.99
CA THR PA 121 21.56 -37.41 8.26
C THR PA 121 21.35 -38.79 8.85
N PRO PA 122 20.09 -39.25 9.09
CA PRO PA 122 19.86 -40.62 9.56
C PRO PA 122 20.08 -41.65 8.45
N ILE PA 123 20.95 -42.65 8.74
CA ILE PA 123 21.34 -43.63 7.74
C ILE PA 123 20.12 -44.49 7.39
N PRO PA 124 19.29 -44.93 8.35
CA PRO PA 124 18.15 -45.79 8.02
C PRO PA 124 17.16 -45.17 7.03
N ALA PA 125 16.94 -43.86 7.15
CA ALA PA 125 16.07 -43.15 6.23
C ALA PA 125 16.63 -43.22 4.80
N VAL PA 126 17.96 -43.05 4.68
CA VAL PA 126 18.61 -43.12 3.38
C VAL PA 126 18.37 -44.50 2.80
N ALA PA 127 18.49 -45.53 3.63
CA ALA PA 127 18.30 -46.91 3.20
C ALA PA 127 16.87 -47.10 2.68
N GLU PA 128 15.91 -46.51 3.38
CA GLU PA 128 14.50 -46.62 2.99
C GLU PA 128 14.31 -46.01 1.61
N GLY PA 129 14.93 -44.85 1.37
CA GLY PA 129 14.87 -44.20 0.08
C GLY PA 129 15.38 -45.09 -1.05
N VAL PA 130 16.47 -45.81 -0.78
CA VAL PA 130 17.04 -46.71 -1.76
C VAL PA 130 16.06 -47.87 -2.00
N ARG PA 131 15.46 -48.37 -0.92
CA ARG PA 131 14.46 -49.42 -1.04
C ARG PA 131 13.31 -48.95 -1.91
N ALA PA 132 12.85 -47.72 -1.66
CA ALA PA 132 11.77 -47.12 -2.41
C ALA PA 132 12.14 -47.05 -3.90
N MET PA 133 13.36 -46.61 -4.19
CA MET PA 133 13.82 -46.51 -5.56
C MET PA 133 13.78 -47.89 -6.23
N LYS PA 134 14.16 -48.91 -5.46
CA LYS PA 134 14.19 -50.26 -5.99
C LYS PA 134 12.79 -50.66 -6.47
N ASN PA 135 11.77 -50.37 -5.65
CA ASN PA 135 10.41 -50.77 -5.96
C ASN PA 135 9.93 -50.12 -7.25
N VAL PA 136 10.20 -48.82 -7.40
CA VAL PA 136 9.85 -48.08 -8.60
C VAL PA 136 10.58 -48.70 -9.79
N ALA PA 137 11.88 -48.94 -9.64
CA ALA PA 137 12.70 -49.46 -10.72
C ALA PA 137 12.21 -50.84 -11.14
N THR PA 138 11.84 -51.66 -10.16
CA THR PA 138 11.39 -53.03 -10.41
C THR PA 138 10.16 -53.00 -11.32
N SER PA 139 9.23 -52.09 -11.05
CA SER PA 139 7.97 -52.03 -11.79
C SER PA 139 8.24 -51.77 -13.28
N LEU PA 140 9.18 -50.86 -13.59
CA LEU PA 140 9.47 -50.53 -14.97
C LEU PA 140 10.20 -51.67 -15.66
N LEU PA 141 11.03 -52.39 -14.90
CA LEU PA 141 11.85 -53.45 -15.47
C LEU PA 141 10.98 -54.69 -15.63
N SER PA 142 11.32 -55.52 -16.62
CA SER PA 142 10.76 -56.87 -16.72
C SER PA 142 11.32 -57.73 -15.58
N GLY PA 143 10.61 -58.81 -15.24
CA GLY PA 143 10.89 -59.62 -14.05
C GLY PA 143 12.34 -60.06 -13.91
N ASP PA 144 12.89 -60.69 -14.97
CA ASP PA 144 14.27 -61.15 -14.97
C ASP PA 144 15.21 -59.95 -14.85
N ASP PA 145 14.91 -58.88 -15.60
CA ASP PA 145 15.71 -57.66 -15.54
C ASP PA 145 15.65 -57.11 -14.13
N ALA PA 146 14.46 -57.13 -13.53
CA ALA PA 146 14.25 -56.59 -12.19
C ALA PA 146 15.11 -57.34 -11.17
N ALA PA 147 15.19 -58.67 -11.31
CA ALA PA 147 15.97 -59.48 -10.38
C ALA PA 147 17.44 -59.05 -10.40
N GLU PA 148 17.98 -58.87 -11.61
CA GLU PA 148 19.35 -58.42 -11.78
C GLU PA 148 19.52 -57.06 -11.08
N ALA PA 149 18.62 -56.12 -11.38
CA ALA PA 149 18.68 -54.80 -10.79
C ALA PA 149 18.54 -54.86 -9.27
N GLY PA 150 17.67 -55.77 -8.80
CA GLY PA 150 17.41 -55.90 -7.38
C GLY PA 150 18.67 -56.19 -6.59
N PHE PA 151 19.53 -57.06 -7.12
CA PHE PA 151 20.75 -57.46 -6.43
C PHE PA 151 21.56 -56.23 -6.06
N TYR PA 152 21.75 -55.33 -7.05
CA TYR PA 152 22.55 -54.14 -6.85
C TYR PA 152 21.85 -53.23 -5.82
N PHE PA 153 20.54 -53.10 -5.95
CA PHE PA 153 19.77 -52.29 -5.02
C PHE PA 153 19.90 -52.85 -3.60
N ASP PA 154 19.81 -54.17 -3.46
CA ASP PA 154 19.89 -54.82 -2.17
C ASP PA 154 21.25 -54.56 -1.53
N TYR PA 155 22.31 -54.64 -2.34
CA TYR PA 155 23.65 -54.42 -1.84
C TYR PA 155 23.74 -53.05 -1.19
N LEU PA 156 23.20 -52.02 -1.87
CA LEU PA 156 23.24 -50.67 -1.36
C LEU PA 156 22.54 -50.62 -0.01
N VAL PA 157 21.37 -51.24 0.06
CA VAL PA 157 20.59 -51.22 1.28
C VAL PA 157 21.37 -51.92 2.40
N GLY PA 158 22.02 -53.03 2.06
CA GLY PA 158 22.85 -53.75 3.00
C GLY PA 158 24.02 -52.90 3.50
N ALA PA 159 24.67 -52.20 2.56
CA ALA PA 159 25.84 -51.39 2.88
C ALA PA 159 25.49 -50.29 3.87
N MET PA 160 24.36 -49.61 3.64
CA MET PA 160 23.86 -48.53 4.48
C MET PA 160 22.93 -49.10 5.53
N GLN PA 161 23.38 -49.08 6.79
CA GLN PA 161 22.57 -49.39 7.92
C GLN PA 161 23.06 -48.58 9.15
N MET QA 1 44.73 -51.24 -11.40
CA MET QA 1 44.33 -51.69 -12.75
C MET QA 1 42.92 -51.17 -13.07
N LYS QA 2 42.73 -50.75 -14.32
CA LYS QA 2 41.41 -50.47 -14.85
C LYS QA 2 41.30 -51.19 -16.19
N ASP QA 3 40.07 -51.50 -16.59
CA ASP QA 3 39.78 -52.20 -17.84
C ASP QA 3 38.74 -51.39 -18.61
N ALA QA 4 38.41 -51.82 -19.82
CA ALA QA 4 37.68 -50.94 -20.72
C ALA QA 4 36.32 -50.59 -20.16
N ILE QA 5 35.65 -51.55 -19.50
CA ILE QA 5 34.36 -51.25 -18.89
C ILE QA 5 34.56 -50.17 -17.84
N SER QA 6 35.44 -50.43 -16.86
CA SER QA 6 35.58 -49.55 -15.71
C SER QA 6 36.15 -48.19 -16.13
N THR QA 7 36.97 -48.12 -17.16
CA THR QA 7 37.45 -46.83 -17.62
C THR QA 7 36.32 -45.93 -18.07
N VAL QA 8 35.34 -46.47 -18.79
CA VAL QA 8 34.23 -45.66 -19.26
C VAL QA 8 33.48 -45.21 -18.02
N ILE QA 9 33.23 -46.13 -17.08
CA ILE QA 9 32.54 -45.75 -15.86
C ILE QA 9 33.27 -44.59 -15.20
N ALA QA 10 34.57 -44.77 -14.96
CA ALA QA 10 35.36 -43.79 -14.21
C ALA QA 10 35.32 -42.42 -14.88
N LYS QA 11 35.30 -42.32 -16.21
CA LYS QA 11 35.24 -41.00 -16.83
C LYS QA 11 33.88 -40.35 -16.58
N TYR QA 12 32.84 -41.15 -16.54
CA TYR QA 12 31.50 -40.65 -16.34
C TYR QA 12 31.28 -40.21 -14.90
N ASP QA 13 31.82 -40.91 -13.89
CA ASP QA 13 31.54 -40.48 -12.53
C ASP QA 13 32.19 -39.14 -12.23
N SER QA 14 33.39 -38.90 -12.76
CA SER QA 14 34.05 -37.64 -12.51
C SER QA 14 33.23 -36.50 -13.12
N GLN QA 15 32.50 -36.75 -14.20
CA GLN QA 15 31.68 -35.69 -14.78
C GLN QA 15 30.34 -35.68 -14.06
N GLY QA 16 30.02 -36.77 -13.35
CA GLY QA 16 28.75 -36.91 -12.68
C GLY QA 16 27.63 -37.30 -13.64
N LYS QA 17 28.00 -37.69 -14.86
CA LYS QA 17 27.04 -38.02 -15.90
C LYS QA 17 26.53 -39.45 -15.72
N TYR QA 18 25.25 -39.66 -16.00
CA TYR QA 18 24.76 -41.01 -16.25
C TYR QA 18 25.25 -41.44 -17.61
N PHE QA 19 25.22 -42.74 -17.85
CA PHE QA 19 25.76 -43.28 -19.07
C PHE QA 19 24.97 -42.89 -20.30
N ASP QA 20 25.68 -42.33 -21.29
CA ASP QA 20 25.08 -41.84 -22.52
C ASP QA 20 25.23 -42.90 -23.59
N ASN QA 21 24.62 -42.67 -24.77
CA ASN QA 21 24.73 -43.63 -25.85
C ASN QA 21 26.19 -43.69 -26.35
N ALA QA 22 26.82 -42.52 -26.50
CA ALA QA 22 28.23 -42.45 -26.83
C ALA QA 22 29.07 -43.38 -25.96
N ALA QA 23 28.81 -43.36 -24.65
CA ALA QA 23 29.47 -44.26 -23.73
C ALA QA 23 29.01 -45.69 -23.98
N VAL QA 24 27.72 -45.86 -24.24
CA VAL QA 24 27.16 -47.19 -24.43
C VAL QA 24 27.74 -47.79 -25.70
N ASP QA 25 28.11 -46.96 -26.68
CA ASP QA 25 28.74 -47.46 -27.89
C ASP QA 25 30.11 -48.07 -27.61
N GLN QA 26 30.96 -47.35 -26.86
CA GLN QA 26 32.27 -47.86 -26.49
C GLN QA 26 32.13 -49.17 -25.72
N LEU QA 27 31.09 -49.28 -24.90
CA LEU QA 27 30.92 -50.45 -24.08
C LEU QA 27 30.51 -51.62 -24.96
N LYS QA 28 29.66 -51.36 -25.96
CA LYS QA 28 29.21 -52.41 -26.87
C LYS QA 28 30.42 -52.98 -27.59
N ALA QA 29 31.25 -52.08 -28.15
CA ALA QA 29 32.45 -52.46 -28.85
C ALA QA 29 33.29 -53.47 -28.07
N TYR QA 30 33.49 -53.24 -26.76
CA TYR QA 30 34.32 -54.13 -25.99
C TYR QA 30 33.68 -55.52 -25.95
N PHE QA 31 32.36 -55.55 -25.87
CA PHE QA 31 31.65 -56.80 -25.67
C PHE QA 31 31.69 -57.65 -26.94
N ALA QA 32 31.64 -56.99 -28.09
CA ALA QA 32 31.82 -57.66 -29.37
C ALA QA 32 33.19 -58.33 -29.45
N THR QA 33 34.25 -57.54 -29.28
CA THR QA 33 35.62 -58.03 -29.32
C THR QA 33 35.84 -59.15 -28.28
N GLY QA 34 35.20 -59.04 -27.11
CA GLY QA 34 35.59 -59.81 -25.94
C GLY QA 34 35.68 -61.30 -26.22
N GLU QA 35 34.71 -61.81 -26.98
CA GLU QA 35 34.57 -63.25 -27.18
C GLU QA 35 35.84 -63.86 -27.76
N LEU QA 36 36.42 -63.20 -28.77
CA LEU QA 36 37.61 -63.69 -29.42
C LEU QA 36 38.87 -63.38 -28.60
N ARG QA 37 38.85 -62.28 -27.84
CA ARG QA 37 39.98 -61.96 -26.99
C ARG QA 37 40.16 -63.09 -25.99
N VAL QA 38 39.05 -63.69 -25.56
CA VAL QA 38 39.16 -64.80 -24.64
C VAL QA 38 39.84 -65.95 -25.37
N ARG QA 39 39.48 -66.16 -26.64
CA ARG QA 39 40.07 -67.24 -27.43
C ARG QA 39 41.56 -66.99 -27.62
N SER QA 40 41.91 -65.77 -28.01
CA SER QA 40 43.30 -65.42 -28.28
C SER QA 40 44.17 -65.58 -27.03
N ALA QA 41 43.62 -65.27 -25.86
CA ALA QA 41 44.38 -65.38 -24.62
C ALA QA 41 44.77 -66.83 -24.34
N ALA QA 42 43.83 -67.74 -24.57
CA ALA QA 42 44.05 -69.16 -24.32
C ALA QA 42 45.16 -69.69 -25.24
N ALA QA 43 45.14 -69.27 -26.52
CA ALA QA 43 46.19 -69.62 -27.47
C ALA QA 43 47.56 -69.21 -26.95
N ILE QA 44 47.65 -67.99 -26.40
CA ILE QA 44 48.93 -67.43 -25.96
C ILE QA 44 49.44 -68.15 -24.73
N SER QA 45 48.53 -68.58 -23.85
CA SER QA 45 48.92 -69.28 -22.63
C SER QA 45 49.52 -70.64 -22.94
N ALA QA 46 48.89 -71.37 -23.86
CA ALA QA 46 49.32 -72.72 -24.23
C ALA QA 46 50.72 -72.68 -24.84
N ASN QA 47 50.95 -71.72 -25.75
CA ASN QA 47 52.16 -71.65 -26.54
C ASN QA 47 53.19 -70.70 -25.92
N ALA QA 48 52.93 -70.23 -24.69
CA ALA QA 48 53.76 -69.19 -24.08
C ALA QA 48 55.23 -69.60 -24.09
N GLN QA 49 55.49 -70.75 -23.46
CA GLN QA 49 56.85 -71.26 -23.31
C GLN QA 49 57.54 -71.27 -24.67
N SER QA 50 56.84 -71.76 -25.70
CA SER QA 50 57.39 -71.80 -27.04
C SER QA 50 57.62 -70.38 -27.56
N ILE QA 51 56.65 -69.47 -27.30
CA ILE QA 51 56.71 -68.11 -27.83
C ILE QA 51 57.97 -67.43 -27.34
N ILE QA 52 58.26 -67.58 -26.05
CA ILE QA 52 59.41 -66.92 -25.47
C ILE QA 52 60.67 -67.44 -26.17
N LYS QA 53 60.79 -68.77 -26.27
CA LYS QA 53 61.98 -69.41 -26.81
C LYS QA 53 62.26 -68.94 -28.24
N GLU QA 54 61.20 -68.82 -29.03
CA GLU QA 54 61.35 -68.37 -30.40
C GLU QA 54 61.85 -66.93 -30.42
N ALA QA 55 61.29 -66.11 -29.53
CA ALA QA 55 61.60 -64.69 -29.49
C ALA QA 55 63.06 -64.48 -29.09
N THR QA 56 63.50 -65.20 -28.06
CA THR QA 56 64.88 -65.10 -27.60
C THR QA 56 65.81 -65.40 -28.76
N ALA QA 57 65.49 -66.46 -29.51
CA ALA QA 57 66.30 -66.91 -30.62
C ALA QA 57 66.46 -65.80 -31.66
N LYS QA 58 65.37 -65.08 -31.94
CA LYS QA 58 65.39 -64.08 -33.00
C LYS QA 58 66.30 -62.91 -32.62
N ALA QA 59 66.34 -62.53 -31.34
CA ALA QA 59 67.03 -61.32 -30.94
C ALA QA 59 68.02 -61.56 -29.80
N LEU QA 60 67.51 -62.05 -28.66
CA LEU QA 60 68.32 -62.15 -27.46
C LEU QA 60 69.52 -63.06 -27.67
N LEU QA 61 69.29 -64.25 -28.22
CA LEU QA 61 70.35 -65.22 -28.48
C LEU QA 61 71.20 -64.75 -29.65
N TYR QA 62 72.41 -65.31 -29.79
CA TYR QA 62 73.29 -64.95 -30.88
C TYR QA 62 73.48 -63.43 -30.94
N SER QA 63 73.59 -62.82 -29.77
CA SER QA 63 73.90 -61.40 -29.67
C SER QA 63 75.17 -61.22 -28.83
N SER QA 64 75.66 -59.99 -28.77
CA SER QA 64 76.80 -59.66 -27.94
C SER QA 64 76.54 -60.04 -26.48
N LEU QA 65 75.27 -60.01 -26.07
CA LEU QA 65 74.88 -60.27 -24.69
C LEU QA 65 75.26 -61.68 -24.28
N THR QA 66 75.08 -62.63 -25.20
CA THR QA 66 75.38 -64.03 -24.93
C THR QA 66 76.89 -64.17 -24.72
N ARG QA 67 77.67 -63.46 -25.56
CA ARG QA 67 79.12 -63.46 -25.46
C ARG QA 67 79.55 -62.86 -24.13
N THR QA 68 80.71 -63.30 -23.66
CA THR QA 68 81.23 -62.84 -22.38
C THR QA 68 81.46 -61.33 -22.43
N GLY QA 69 81.16 -60.66 -21.30
CA GLY QA 69 81.14 -59.22 -21.20
C GLY QA 69 79.83 -58.61 -21.71
N GLY QA 70 78.77 -59.43 -21.79
CA GLY QA 70 77.42 -59.00 -22.15
C GLY QA 70 76.46 -59.42 -21.04
N ASN QA 71 75.25 -58.84 -21.02
CA ASN QA 71 74.38 -59.04 -19.86
C ASN QA 71 73.83 -60.46 -19.84
N MET QA 72 73.56 -61.05 -21.02
CA MET QA 72 72.93 -62.35 -21.07
C MET QA 72 73.87 -63.46 -20.62
N TYR QA 73 75.17 -63.29 -20.91
CA TYR QA 73 76.26 -64.19 -20.53
C TYR QA 73 76.06 -64.82 -19.16
N TYR QA 74 76.35 -66.13 -19.04
CA TYR QA 74 76.11 -66.94 -17.85
C TYR QA 74 74.74 -67.60 -17.97
N ALA QA 75 74.54 -68.71 -17.28
CA ALA QA 75 73.23 -69.36 -17.24
C ALA QA 75 72.29 -68.58 -16.31
N ARG QA 76 72.84 -68.15 -15.17
CA ARG QA 76 72.07 -67.39 -14.20
C ARG QA 76 71.48 -66.14 -14.83
N ARG QA 77 72.31 -65.38 -15.54
CA ARG QA 77 71.84 -64.18 -16.20
C ARG QA 77 70.82 -64.54 -17.26
N PHE QA 78 71.08 -65.59 -18.04
CA PHE QA 78 70.19 -65.98 -19.12
C PHE QA 78 68.81 -66.30 -18.54
N ALA QA 79 68.76 -67.00 -17.41
CA ALA QA 79 67.50 -67.35 -16.75
C ALA QA 79 66.69 -66.12 -16.35
N ALA QA 80 67.39 -65.13 -15.77
CA ALA QA 80 66.77 -63.88 -15.38
C ALA QA 80 66.13 -63.21 -16.59
N CYS QA 81 66.84 -63.10 -17.72
CA CYS QA 81 66.25 -62.51 -18.90
C CYS QA 81 64.96 -63.23 -19.29
N ILE QA 82 64.95 -64.56 -19.17
CA ILE QA 82 63.79 -65.31 -19.60
C ILE QA 82 62.63 -64.96 -18.70
N ARG QA 83 62.83 -64.85 -17.39
CA ARG QA 83 61.69 -64.56 -16.52
C ARG QA 83 61.09 -63.21 -16.88
N ASP QA 84 61.95 -62.24 -17.23
CA ASP QA 84 61.52 -60.92 -17.65
C ASP QA 84 60.67 -61.00 -18.92
N MET QA 85 61.08 -61.86 -19.86
CA MET QA 85 60.32 -62.08 -21.07
C MET QA 85 58.99 -62.76 -20.76
N GLU QA 86 58.95 -63.61 -19.74
CA GLU QA 86 57.70 -64.24 -19.33
C GLU QA 86 56.80 -63.20 -18.67
N TYR QA 87 57.39 -62.29 -17.90
CA TYR QA 87 56.64 -61.21 -17.28
C TYR QA 87 55.95 -60.42 -18.38
N PHE QA 88 56.71 -59.98 -19.37
CA PHE QA 88 56.15 -59.14 -20.41
C PHE QA 88 54.95 -59.82 -21.05
N LEU QA 89 55.04 -61.13 -21.31
CA LEU QA 89 53.98 -61.85 -21.97
C LEU QA 89 52.72 -61.92 -21.10
N ARG QA 90 52.86 -62.32 -19.83
CA ARG QA 90 51.68 -62.52 -19.00
C ARG QA 90 50.87 -61.22 -18.91
N TYR QA 91 51.55 -60.09 -18.70
CA TYR QA 91 50.88 -58.82 -18.56
C TYR QA 91 50.23 -58.45 -19.88
N ALA QA 92 50.97 -58.57 -20.98
CA ALA QA 92 50.38 -58.27 -22.28
C ALA QA 92 49.09 -59.07 -22.47
N THR QA 93 49.05 -60.35 -22.04
CA THR QA 93 47.83 -61.12 -22.17
C THR QA 93 46.77 -60.52 -21.26
N PHE QA 94 47.16 -60.19 -20.02
CA PHE QA 94 46.22 -59.59 -19.09
C PHE QA 94 45.66 -58.31 -19.71
N ALA QA 95 46.51 -57.53 -20.37
CA ALA QA 95 46.10 -56.30 -21.04
C ALA QA 95 45.18 -56.57 -22.23
N MET QA 96 45.44 -57.66 -22.98
CA MET QA 96 44.61 -58.03 -24.11
C MET QA 96 43.18 -58.28 -23.63
N VAL QA 97 43.01 -59.10 -22.59
CA VAL QA 97 41.75 -59.23 -21.90
C VAL QA 97 41.59 -57.92 -21.13
N ALA QA 98 40.40 -57.45 -20.78
CA ALA QA 98 40.28 -56.11 -20.18
C ALA QA 98 40.29 -55.03 -21.25
N GLY QA 99 41.35 -54.99 -22.06
CA GLY QA 99 41.37 -54.11 -23.20
C GLY QA 99 41.81 -52.68 -22.85
N ASP QA 100 42.39 -52.50 -21.65
CA ASP QA 100 42.95 -51.22 -21.26
C ASP QA 100 44.43 -51.41 -20.97
N THR QA 101 45.25 -50.51 -21.51
CA THR QA 101 46.69 -50.58 -21.36
C THR QA 101 47.14 -50.38 -19.91
N SER QA 102 46.41 -49.54 -19.17
CA SER QA 102 46.71 -49.16 -17.79
C SER QA 102 47.52 -50.20 -17.01
N LEU QA 103 47.06 -51.44 -16.99
CA LEU QA 103 47.74 -52.46 -16.19
C LEU QA 103 49.23 -52.45 -16.50
N LEU QA 104 49.58 -52.24 -17.77
CA LEU QA 104 50.97 -52.26 -18.16
C LEU QA 104 51.72 -51.19 -17.36
N ASP QA 105 51.19 -49.96 -17.36
CA ASP QA 105 51.76 -48.88 -16.55
C ASP QA 105 51.90 -49.30 -15.10
N GLU QA 106 50.79 -49.67 -14.46
CA GLU QA 106 50.78 -49.93 -13.03
C GLU QA 106 51.97 -50.80 -12.64
N TYR QA 107 52.05 -52.01 -13.19
CA TYR QA 107 53.06 -52.96 -12.75
C TYR QA 107 54.28 -53.01 -13.65
N VAL QA 108 54.05 -53.14 -14.94
CA VAL QA 108 55.16 -53.46 -15.82
C VAL QA 108 56.05 -52.25 -16.07
N LEU QA 109 55.50 -51.04 -16.25
CA LEU QA 109 56.25 -49.96 -16.88
C LEU QA 109 56.77 -48.94 -15.86
N ASN QA 110 55.98 -48.65 -14.82
CA ASN QA 110 56.39 -47.75 -13.76
C ASN QA 110 57.63 -48.27 -13.05
N GLY QA 111 58.77 -47.59 -13.21
CA GLY QA 111 59.97 -47.96 -12.47
C GLY QA 111 60.96 -48.79 -13.29
N LEU QA 112 60.54 -49.35 -14.41
CA LEU QA 112 61.35 -50.36 -15.06
C LEU QA 112 62.68 -49.75 -15.52
N LYS QA 113 62.63 -48.60 -16.16
CA LYS QA 113 63.85 -48.01 -16.69
C LYS QA 113 64.87 -47.78 -15.58
N GLU QA 114 64.37 -47.41 -14.40
CA GLU QA 114 65.24 -47.13 -13.27
C GLU QA 114 65.83 -48.42 -12.72
N THR QA 115 65.06 -49.51 -12.64
CA THR QA 115 65.65 -50.76 -12.21
C THR QA 115 66.70 -51.16 -13.24
N TYR QA 116 66.33 -51.16 -14.52
CA TYR QA 116 67.22 -51.69 -15.53
C TYR QA 116 68.51 -50.90 -15.54
N THR QA 117 68.45 -49.57 -15.43
CA THR QA 117 69.66 -48.78 -15.40
C THR QA 117 70.50 -49.14 -14.17
N SER QA 118 69.83 -49.44 -13.05
CA SER QA 118 70.54 -49.80 -11.83
C SER QA 118 71.20 -51.17 -11.96
N LEU QA 119 70.47 -52.14 -12.55
CA LEU QA 119 70.99 -53.47 -12.79
C LEU QA 119 72.09 -53.42 -13.86
N GLY QA 120 71.96 -52.54 -14.85
CA GLY QA 120 72.87 -52.52 -15.98
C GLY QA 120 72.29 -53.24 -17.20
N VAL QA 121 71.09 -53.82 -17.04
CA VAL QA 121 70.35 -54.45 -18.14
C VAL QA 121 70.19 -53.45 -19.28
N PRO QA 122 70.41 -53.83 -20.56
CA PRO QA 122 70.13 -52.93 -21.69
C PRO QA 122 68.66 -52.78 -22.07
N ILE QA 123 68.16 -51.54 -22.05
CA ILE QA 123 66.77 -51.25 -22.40
C ILE QA 123 66.51 -51.66 -23.85
N ASP QA 124 67.41 -51.32 -24.75
CA ASP QA 124 67.17 -51.51 -26.18
C ASP QA 124 66.91 -52.98 -26.50
N ALA QA 125 67.70 -53.87 -25.91
CA ALA QA 125 67.59 -55.29 -26.19
C ALA QA 125 66.21 -55.78 -25.80
N THR QA 126 65.74 -55.35 -24.62
CA THR QA 126 64.46 -55.81 -24.10
C THR QA 126 63.38 -55.35 -25.08
N VAL QA 127 63.53 -54.13 -25.59
CA VAL QA 127 62.57 -53.58 -26.53
C VAL QA 127 62.47 -54.52 -27.73
N LYS QA 128 63.63 -54.93 -28.24
CA LYS QA 128 63.67 -55.84 -29.38
C LYS QA 128 63.07 -57.21 -29.05
N GLY QA 129 63.35 -57.72 -27.85
CA GLY QA 129 62.77 -58.97 -27.40
C GLY QA 129 61.25 -58.93 -27.35
N ILE QA 130 60.71 -57.76 -26.98
CA ILE QA 130 59.28 -57.57 -26.88
C ILE QA 130 58.68 -57.57 -28.28
N ASN QA 131 59.37 -56.90 -29.21
CA ASN QA 131 58.91 -56.83 -30.60
C ASN QA 131 58.91 -58.22 -31.23
N ALA QA 132 59.90 -59.04 -30.86
CA ALA QA 132 59.95 -60.42 -31.29
C ALA QA 132 58.76 -61.20 -30.74
N LEU QA 133 58.51 -61.09 -29.44
CA LEU QA 133 57.35 -61.74 -28.83
C LEU QA 133 56.09 -61.37 -29.60
N ARG QA 134 56.05 -60.16 -30.17
CA ARG QA 134 54.86 -59.64 -30.84
C ARG QA 134 54.58 -60.44 -32.11
N GLU QA 135 55.63 -60.72 -32.89
CA GLU QA 135 55.48 -61.38 -34.18
C GLU QA 135 55.07 -62.83 -33.97
N VAL QA 136 55.73 -63.52 -33.04
CA VAL QA 136 55.42 -64.90 -32.73
C VAL QA 136 53.97 -64.98 -32.25
N VAL QA 137 53.59 -64.05 -31.38
CA VAL QA 137 52.27 -64.09 -30.77
C VAL QA 137 51.24 -63.97 -31.88
N ALA QA 138 51.51 -63.06 -32.84
CA ALA QA 138 50.54 -62.73 -33.86
C ALA QA 138 50.17 -63.96 -34.70
N SER QA 139 51.18 -64.77 -35.02
CA SER QA 139 50.96 -65.97 -35.83
C SER QA 139 50.05 -66.95 -35.08
N VAL QA 140 50.43 -67.30 -33.85
CA VAL QA 140 49.64 -68.20 -33.02
C VAL QA 140 48.21 -67.66 -32.87
N VAL QA 141 48.09 -66.34 -32.63
CA VAL QA 141 46.81 -65.71 -32.32
C VAL QA 141 45.90 -65.79 -33.53
N GLY QA 142 46.46 -65.54 -34.73
CA GLY QA 142 45.67 -65.44 -35.94
C GLY QA 142 45.35 -63.98 -36.26
N PRO QA 143 45.00 -63.64 -37.52
CA PRO QA 143 44.96 -62.24 -37.98
C PRO QA 143 43.97 -61.28 -37.33
N GLU QA 144 42.77 -61.77 -36.98
CA GLU QA 144 41.69 -60.95 -36.44
C GLU QA 144 42.09 -60.37 -35.09
N ALA QA 145 42.64 -61.22 -34.21
CA ALA QA 145 42.99 -60.84 -32.86
C ALA QA 145 44.41 -60.28 -32.80
N ALA QA 146 45.12 -60.32 -33.93
CA ALA QA 146 46.51 -59.88 -33.95
C ALA QA 146 46.60 -58.38 -33.73
N GLY QA 147 45.75 -57.63 -34.45
CA GLY QA 147 45.67 -56.18 -34.31
C GLY QA 147 45.49 -55.79 -32.85
N GLU QA 148 44.54 -56.46 -32.19
CA GLU QA 148 44.30 -56.27 -30.75
C GLU QA 148 45.58 -56.56 -29.98
N ALA QA 149 46.14 -57.76 -30.14
CA ALA QA 149 47.28 -58.20 -29.36
C ALA QA 149 48.52 -57.33 -29.61
N SER QA 150 48.68 -56.79 -30.83
CA SER QA 150 49.86 -56.01 -31.17
C SER QA 150 49.90 -54.71 -30.36
N LYS QA 151 48.73 -54.15 -30.03
CA LYS QA 151 48.65 -52.85 -29.39
C LYS QA 151 49.34 -52.89 -28.04
N TYR QA 152 49.04 -53.92 -27.25
CA TYR QA 152 49.56 -53.99 -25.91
C TYR QA 152 51.06 -54.22 -25.95
N PHE QA 153 51.54 -54.99 -26.93
CA PHE QA 153 52.97 -55.18 -27.09
C PHE QA 153 53.63 -53.85 -27.41
N ASP QA 154 53.02 -53.03 -28.27
CA ASP QA 154 53.63 -51.78 -28.69
C ASP QA 154 53.71 -50.80 -27.52
N HIS QA 155 52.67 -50.77 -26.69
CA HIS QA 155 52.65 -49.92 -25.51
C HIS QA 155 53.87 -50.25 -24.67
N LEU QA 156 54.08 -51.53 -24.34
CA LEU QA 156 55.24 -51.96 -23.56
C LEU QA 156 56.54 -51.51 -24.22
N ALA QA 157 56.62 -51.55 -25.55
CA ALA QA 157 57.86 -51.24 -26.23
C ALA QA 157 58.20 -49.76 -26.08
N LYS QA 158 57.20 -48.89 -26.24
CA LYS QA 158 57.41 -47.45 -26.17
C LYS QA 158 57.57 -46.97 -24.73
N GLY QA 159 56.98 -47.72 -23.80
CA GLY QA 159 57.18 -47.44 -22.40
C GLY QA 159 58.64 -47.58 -22.01
N LEU QA 160 59.26 -48.68 -22.45
CA LEU QA 160 60.64 -48.93 -22.12
C LEU QA 160 61.53 -47.95 -22.87
N GLN QA 161 61.09 -47.55 -24.06
CA GLN QA 161 61.84 -46.61 -24.87
C GLN QA 161 61.93 -45.25 -24.17
N SER RA 2 13.26 -34.12 -54.87
CA SER RA 2 14.72 -34.51 -54.79
C SER RA 2 15.24 -34.80 -56.21
N VAL RA 3 16.52 -34.93 -56.36
CA VAL RA 3 17.17 -35.19 -57.65
C VAL RA 3 16.58 -36.45 -58.26
N LEU RA 4 16.45 -37.49 -57.44
CA LEU RA 4 16.04 -38.77 -57.97
C LEU RA 4 14.62 -38.67 -58.51
N THR RA 5 13.73 -38.04 -57.73
CA THR RA 5 12.33 -37.92 -58.17
C THR RA 5 12.30 -37.21 -59.51
N LYS RA 6 13.06 -36.12 -59.63
CA LYS RA 6 13.02 -35.34 -60.85
C LYS RA 6 13.41 -36.22 -62.04
N ALA RA 7 14.48 -37.02 -61.90
CA ALA RA 7 14.96 -37.86 -62.98
C ALA RA 7 13.90 -38.88 -63.40
N ILE RA 8 13.30 -39.53 -62.39
CA ILE RA 8 12.28 -40.53 -62.65
C ILE RA 8 11.10 -39.92 -63.41
N VAL RA 9 10.69 -38.75 -62.96
CA VAL RA 9 9.54 -38.08 -63.55
C VAL RA 9 9.80 -37.77 -65.02
N ASN RA 10 11.00 -37.32 -65.36
CA ASN RA 10 11.31 -37.00 -66.75
C ASN RA 10 11.26 -38.27 -67.59
N ALA RA 11 11.80 -39.35 -67.05
CA ALA RA 11 11.77 -40.64 -67.74
C ALA RA 11 10.34 -41.10 -68.01
N ASP RA 12 9.49 -40.98 -66.99
CA ASP RA 12 8.12 -41.45 -67.09
C ASP RA 12 7.37 -40.65 -68.16
N ALA RA 13 7.61 -39.35 -68.23
CA ALA RA 13 7.00 -38.51 -69.24
C ALA RA 13 7.39 -38.99 -70.64
N GLU RA 14 8.67 -39.31 -70.80
CA GLU RA 14 9.19 -39.80 -72.06
C GLU RA 14 8.78 -41.28 -72.26
N ALA RA 15 8.33 -41.92 -71.19
CA ALA RA 15 7.91 -43.32 -71.24
C ALA RA 15 9.08 -44.24 -71.58
N ARG RA 16 10.26 -43.92 -71.04
CA ARG RA 16 11.48 -44.65 -71.34
C ARG RA 16 12.17 -45.01 -70.04
N TYR RA 17 13.08 -46.01 -70.09
CA TYR RA 17 13.95 -46.32 -68.95
C TYR RA 17 14.96 -45.17 -68.79
N LEU RA 18 15.53 -45.08 -67.61
CA LEU RA 18 16.38 -43.94 -67.26
C LEU RA 18 17.62 -43.96 -68.13
N SER RA 19 17.94 -42.78 -68.71
CA SER RA 19 19.07 -42.62 -69.61
C SER RA 19 20.37 -42.77 -68.83
N PRO RA 20 21.48 -43.16 -69.48
CA PRO RA 20 22.76 -43.32 -68.80
C PRO RA 20 23.20 -42.03 -68.11
N GLY RA 21 23.06 -40.91 -68.83
CA GLY RA 21 23.38 -39.60 -68.31
C GLY RA 21 22.58 -39.29 -67.03
N GLU RA 22 21.28 -39.58 -67.08
CA GLU RA 22 20.41 -39.40 -65.92
C GLU RA 22 20.87 -40.27 -64.77
N LEU RA 23 21.24 -41.52 -65.08
CA LEU RA 23 21.72 -42.45 -64.08
C LEU RA 23 23.00 -41.91 -63.44
N ASP RA 24 23.87 -41.32 -64.26
CA ASP RA 24 25.14 -40.78 -63.77
C ASP RA 24 24.89 -39.66 -62.76
N ARG RA 25 23.93 -38.79 -63.05
CA ARG RA 25 23.60 -37.71 -62.15
C ARG RA 25 23.10 -38.26 -60.82
N ILE RA 26 22.35 -39.37 -60.87
CA ILE RA 26 21.87 -40.00 -59.64
C ILE RA 26 23.06 -40.49 -58.84
N LYS RA 27 24.04 -41.09 -59.51
CA LYS RA 27 25.23 -41.61 -58.87
C LYS RA 27 25.97 -40.48 -58.17
N SER RA 28 26.12 -39.34 -58.85
CA SER RA 28 26.84 -38.21 -58.30
C SER RA 28 26.13 -37.74 -57.03
N PHE RA 29 24.79 -37.69 -57.09
CA PHE RA 29 23.99 -37.18 -55.99
C PHE RA 29 24.19 -38.07 -54.74
N VAL RA 30 24.20 -39.39 -54.92
CA VAL RA 30 24.28 -40.28 -53.78
C VAL RA 30 25.65 -40.13 -53.12
N ALA RA 31 26.70 -39.91 -53.91
CA ALA RA 31 28.04 -39.65 -53.39
C ALA RA 31 28.06 -38.34 -52.61
N SER RA 32 27.39 -37.30 -53.15
CA SER RA 32 27.38 -35.99 -52.52
C SER RA 32 26.61 -36.03 -51.20
N GLY RA 33 25.65 -36.93 -51.08
CA GLY RA 33 24.67 -36.94 -49.99
C GLY RA 33 25.29 -36.89 -48.62
N GLU RA 34 26.32 -37.71 -48.37
CA GLU RA 34 26.97 -37.75 -47.06
C GLU RA 34 27.52 -36.40 -46.65
N ARG RA 35 28.20 -35.71 -47.57
CA ARG RA 35 28.64 -34.34 -47.34
C ARG RA 35 27.44 -33.45 -47.03
N ARG RA 36 26.36 -33.60 -47.83
CA ARG RA 36 25.19 -32.78 -47.66
C ARG RA 36 24.61 -32.99 -46.27
N LEU RA 37 24.59 -34.24 -45.79
CA LEU RA 37 24.00 -34.55 -44.50
C LEU RA 37 24.73 -33.80 -43.40
N ARG RA 38 26.06 -33.75 -43.48
CA ARG RA 38 26.87 -33.07 -42.49
C ARG RA 38 26.52 -31.58 -42.49
N ILE RA 39 26.42 -30.97 -43.67
CA ILE RA 39 26.12 -29.55 -43.77
C ILE RA 39 24.79 -29.27 -43.07
N ALA RA 40 23.79 -30.10 -43.33
CA ALA RA 40 22.47 -29.94 -42.75
C ALA RA 40 22.54 -30.09 -41.23
N GLN RA 41 23.33 -31.06 -40.78
CA GLN RA 41 23.45 -31.35 -39.36
C GLN RA 41 24.01 -30.13 -38.66
N THR RA 42 25.04 -29.52 -39.24
CA THR RA 42 25.70 -28.36 -38.65
C THR RA 42 24.69 -27.26 -38.40
N LEU RA 43 23.88 -26.94 -39.42
CA LEU RA 43 22.92 -25.85 -39.33
C LEU RA 43 21.86 -26.17 -38.28
N THR RA 44 21.44 -27.44 -38.20
CA THR RA 44 20.44 -27.82 -37.23
C THR RA 44 20.93 -27.53 -35.80
N GLU RA 45 22.20 -27.88 -35.53
CA GLU RA 45 22.75 -27.71 -34.20
C GLU RA 45 22.85 -26.23 -33.85
N ALA RA 46 23.21 -25.42 -34.85
CA ALA RA 46 23.40 -23.99 -34.66
C ALA RA 46 22.11 -23.23 -34.89
N ARG RA 47 21.00 -23.95 -35.03
CA ARG RA 47 19.75 -23.33 -35.47
C ARG RA 47 19.37 -22.21 -34.51
N GLU RA 48 19.31 -22.49 -33.21
CA GLU RA 48 18.86 -21.56 -32.20
C GLU RA 48 19.62 -20.23 -32.29
N ARG RA 49 20.95 -20.31 -32.39
CA ARG RA 49 21.80 -19.13 -32.46
C ARG RA 49 21.61 -18.42 -33.80
N ILE RA 50 21.47 -19.17 -34.89
CA ILE RA 50 21.33 -18.54 -36.21
C ILE RA 50 20.10 -17.65 -36.19
N VAL RA 51 19.00 -18.19 -35.68
CA VAL RA 51 17.74 -17.46 -35.67
C VAL RA 51 17.91 -16.22 -34.83
N LYS RA 52 18.48 -16.36 -33.64
CA LYS RA 52 18.63 -15.25 -32.70
C LYS RA 52 19.45 -14.15 -33.35
N GLN RA 53 20.62 -14.49 -33.89
CA GLN RA 53 21.50 -13.50 -34.46
C GLN RA 53 20.82 -12.80 -35.64
N ALA RA 54 20.16 -13.58 -36.50
CA ALA RA 54 19.52 -13.03 -37.68
C ALA RA 54 18.42 -12.07 -37.29
N GLY RA 55 17.64 -12.46 -36.28
CA GLY RA 55 16.55 -11.62 -35.79
C GLY RA 55 17.04 -10.25 -35.38
N ASP RA 56 18.12 -10.23 -34.58
CA ASP RA 56 18.69 -8.99 -34.08
C ASP RA 56 19.13 -8.12 -35.25
N GLN RA 57 19.81 -8.72 -36.22
CA GLN RA 57 20.28 -8.00 -37.39
C GLN RA 57 19.09 -7.39 -38.12
N LEU RA 58 18.03 -8.19 -38.31
CA LEU RA 58 16.86 -7.75 -39.04
C LEU RA 58 16.25 -6.55 -38.34
N PHE RA 59 16.10 -6.64 -37.01
CA PHE RA 59 15.45 -5.60 -36.24
C PHE RA 59 16.29 -4.34 -36.28
N GLN RA 60 17.61 -4.46 -36.26
CA GLN RA 60 18.48 -3.30 -36.41
C GLN RA 60 18.27 -2.70 -37.81
N LYS RA 61 18.26 -3.56 -38.84
CA LYS RA 61 18.11 -3.09 -40.21
C LYS RA 61 16.76 -2.41 -40.40
N ARG RA 62 15.71 -2.97 -39.79
CA ARG RA 62 14.35 -2.44 -39.92
C ARG RA 62 13.78 -2.16 -38.54
N PRO RA 63 13.99 -0.95 -37.98
CA PRO RA 63 13.42 -0.61 -36.69
C PRO RA 63 11.89 -0.68 -36.74
N ASP RA 64 11.34 -0.29 -37.91
CA ASP RA 64 9.91 -0.05 -38.08
C ASP RA 64 9.12 -1.31 -37.76
N VAL RA 65 9.59 -2.49 -38.21
CA VAL RA 65 8.77 -3.69 -38.10
C VAL RA 65 8.45 -3.93 -36.62
N VAL RA 66 9.42 -3.76 -35.73
CA VAL RA 66 9.21 -3.85 -34.30
C VAL RA 66 9.01 -2.43 -33.76
N SER RA 67 7.93 -1.78 -34.16
CA SER RA 67 7.55 -0.45 -33.70
C SER RA 67 6.02 -0.45 -33.61
N PRO RA 68 5.39 0.48 -32.87
CA PRO RA 68 3.96 0.37 -32.59
C PRO RA 68 3.11 0.22 -33.85
N GLY RA 69 3.50 0.96 -34.90
CA GLY RA 69 2.85 0.77 -36.20
C GLY RA 69 3.10 -0.62 -36.78
N GLY RA 70 4.33 -1.12 -36.65
CA GLY RA 70 4.80 -2.30 -37.34
C GLY RA 70 4.12 -3.60 -36.88
N ASN RA 71 4.12 -4.59 -37.78
CA ASN RA 71 3.45 -5.85 -37.58
C ASN RA 71 4.11 -6.66 -36.47
N ALA RA 72 5.45 -6.59 -36.44
CA ALA RA 72 6.24 -7.41 -35.56
C ALA RA 72 6.13 -6.92 -34.11
N TYR RA 73 5.65 -5.71 -33.89
CA TYR RA 73 5.68 -5.07 -32.58
C TYR RA 73 4.85 -5.83 -31.55
N GLY RA 74 5.38 -5.91 -30.32
CA GLY RA 74 4.84 -6.67 -29.22
C GLY RA 74 5.56 -8.00 -29.11
N GLU RA 75 5.60 -8.56 -27.87
CA GLU RA 75 6.27 -9.82 -27.62
C GLU RA 75 5.66 -10.95 -28.44
N LYS RA 76 4.34 -11.07 -28.41
CA LYS RA 76 3.66 -12.14 -29.14
C LYS RA 76 4.07 -12.08 -30.60
N MET RA 77 3.95 -10.90 -31.19
CA MET RA 77 4.24 -10.71 -32.60
C MET RA 77 5.71 -10.96 -32.89
N THR RA 78 6.60 -10.50 -32.02
CA THR RA 78 8.02 -10.68 -32.26
C THR RA 78 8.37 -12.17 -32.24
N ALA RA 79 7.75 -12.91 -31.33
CA ALA RA 79 7.94 -14.36 -31.26
C ALA RA 79 7.53 -15.01 -32.58
N LEU RA 80 6.37 -14.61 -33.11
CA LEU RA 80 5.85 -15.15 -34.35
C LEU RA 80 6.83 -14.87 -35.49
N CYS RA 81 7.39 -13.66 -35.52
CA CYS RA 81 8.35 -13.31 -36.55
C CYS RA 81 9.58 -14.23 -36.47
N LEU RA 82 10.02 -14.52 -35.24
CA LEU RA 82 11.17 -15.39 -35.07
C LEU RA 82 10.81 -16.83 -35.43
N ARG RA 83 9.58 -17.24 -35.08
CA ARG RA 83 9.11 -18.57 -35.45
C ARG RA 83 9.16 -18.74 -36.97
N ASP RA 84 8.74 -17.69 -37.70
CA ASP RA 84 8.77 -17.74 -39.14
C ASP RA 84 10.20 -17.95 -39.64
N LEU RA 85 11.15 -17.23 -39.04
CA LEU RA 85 12.54 -17.37 -39.44
C LEU RA 85 13.01 -18.80 -39.20
N ASP RA 86 12.61 -19.36 -38.06
CA ASP RA 86 12.97 -20.72 -37.74
C ASP RA 86 12.41 -21.69 -38.80
N TYR RA 87 11.14 -21.49 -39.19
CA TYR RA 87 10.51 -22.31 -40.21
C TYR RA 87 11.33 -22.31 -41.49
N TYR RA 88 11.74 -21.13 -41.93
CA TYR RA 88 12.48 -21.04 -43.17
C TYR RA 88 13.82 -21.77 -43.04
N LEU RA 89 14.45 -21.71 -41.87
CA LEU RA 89 15.72 -22.38 -41.69
C LEU RA 89 15.52 -23.89 -41.80
N ARG RA 90 14.46 -24.40 -41.18
CA ARG RA 90 14.17 -25.82 -41.25
C ARG RA 90 13.99 -26.24 -42.71
N LEU RA 91 13.28 -25.42 -43.47
CA LEU RA 91 13.07 -25.70 -44.87
C LEU RA 91 14.39 -25.76 -45.61
N VAL RA 92 15.30 -24.83 -45.32
CA VAL RA 92 16.58 -24.82 -46.01
C VAL RA 92 17.34 -26.12 -45.74
N THR RA 93 17.32 -26.61 -44.50
CA THR RA 93 18.03 -27.83 -44.20
C THR RA 93 17.44 -28.97 -45.03
N TYR RA 94 16.11 -29.04 -45.11
CA TYR RA 94 15.43 -30.07 -45.89
C TYR RA 94 15.93 -30.03 -47.33
N GLY RA 95 16.05 -28.79 -47.87
CA GLY RA 95 16.52 -28.60 -49.23
C GLY RA 95 17.91 -29.18 -49.47
N ILE RA 96 18.82 -28.93 -48.53
CA ILE RA 96 20.20 -29.35 -48.71
C ILE RA 96 20.26 -30.87 -48.83
N VAL RA 97 19.53 -31.58 -47.96
CA VAL RA 97 19.56 -33.04 -48.01
C VAL RA 97 18.93 -33.53 -49.31
N ALA RA 98 17.84 -32.87 -49.74
CA ALA RA 98 17.14 -33.27 -50.95
C ALA RA 98 17.99 -33.00 -52.20
N GLY RA 99 18.79 -31.93 -52.15
CA GLY RA 99 19.59 -31.58 -53.30
C GLY RA 99 18.77 -30.78 -54.31
N ASP RA 100 17.55 -30.37 -53.92
CA ASP RA 100 16.63 -29.66 -54.80
C ASP RA 100 15.85 -28.65 -53.96
N VAL RA 101 15.28 -27.65 -54.61
CA VAL RA 101 14.51 -26.64 -53.88
C VAL RA 101 13.06 -27.08 -53.75
N THR RA 102 12.68 -28.13 -54.47
CA THR RA 102 11.30 -28.56 -54.52
C THR RA 102 10.73 -28.74 -53.11
N PRO RA 103 11.37 -29.48 -52.19
CA PRO RA 103 10.84 -29.61 -50.83
C PRO RA 103 10.58 -28.26 -50.19
N ILE RA 104 11.55 -27.36 -50.31
CA ILE RA 104 11.44 -26.01 -49.79
C ILE RA 104 10.23 -25.34 -50.43
N GLU RA 105 10.13 -25.49 -51.75
CA GLU RA 105 9.17 -24.73 -52.54
C GLU RA 105 7.74 -25.07 -52.16
N GLU RA 106 7.41 -26.36 -52.03
CA GLU RA 106 6.06 -26.77 -51.72
C GLU RA 106 5.63 -26.24 -50.37
N ILE RA 107 6.50 -26.34 -49.36
CA ILE RA 107 6.10 -26.00 -48.00
C ILE RA 107 6.05 -24.49 -47.81
N GLY RA 108 6.94 -23.73 -48.45
CA GLY RA 108 7.15 -22.34 -48.07
C GLY RA 108 6.93 -21.31 -49.17
N ILE RA 109 7.11 -21.63 -50.46
CA ILE RA 109 7.20 -20.55 -51.43
C ILE RA 109 5.92 -20.43 -52.26
N ILE RA 110 5.00 -21.38 -52.20
CA ILE RA 110 3.80 -21.28 -53.02
C ILE RA 110 2.65 -20.78 -52.16
N GLY RA 111 2.09 -19.65 -52.56
CA GLY RA 111 1.03 -19.00 -51.79
C GLY RA 111 1.61 -18.11 -50.70
N VAL RA 112 2.93 -17.96 -50.64
CA VAL RA 112 3.56 -17.20 -49.58
C VAL RA 112 3.10 -15.74 -49.67
N LYS RA 113 3.08 -15.20 -50.90
CA LYS RA 113 2.69 -13.82 -51.11
C LYS RA 113 1.30 -13.60 -50.54
N GLU RA 114 0.37 -14.49 -50.89
CA GLU RA 114 -1.01 -14.36 -50.50
C GLU RA 114 -1.15 -14.42 -48.98
N MET RA 115 -0.45 -15.36 -48.35
CA MET RA 115 -0.53 -15.53 -46.91
C MET RA 115 -0.06 -14.25 -46.23
N TYR RA 116 1.12 -13.76 -46.63
CA TYR RA 116 1.69 -12.60 -45.97
C TYR RA 116 0.86 -11.37 -46.24
N ASN RA 117 0.27 -11.25 -47.44
CA ASN RA 117 -0.56 -10.09 -47.74
C ASN RA 117 -1.78 -10.07 -46.83
N SER RA 118 -2.40 -11.22 -46.57
CA SER RA 118 -3.51 -11.24 -45.64
C SER RA 118 -3.01 -10.82 -44.26
N LEU RA 119 -1.85 -11.35 -43.84
CA LEU RA 119 -1.30 -11.01 -42.55
C LEU RA 119 -0.89 -9.54 -42.52
N GLN RA 120 -0.50 -9.00 -43.68
CA GLN RA 120 -0.06 -7.63 -43.84
C GLN RA 120 1.43 -7.49 -43.50
N THR RA 121 2.09 -8.63 -43.22
CA THR RA 121 3.52 -8.65 -43.04
C THR RA 121 4.21 -8.16 -44.29
N PRO RA 122 5.22 -7.27 -44.21
CA PRO RA 122 5.97 -6.86 -45.40
C PRO RA 122 6.91 -7.96 -45.89
N ILE RA 123 6.79 -8.32 -47.19
CA ILE RA 123 7.55 -9.40 -47.77
C ILE RA 123 9.03 -9.03 -47.78
N PRO RA 124 9.43 -7.79 -48.14
CA PRO RA 124 10.85 -7.44 -48.19
C PRO RA 124 11.60 -7.63 -46.87
N ALA RA 125 10.92 -7.31 -45.76
CA ALA RA 125 11.50 -7.49 -44.44
C ALA RA 125 11.80 -8.98 -44.19
N VAL RA 126 10.84 -9.85 -44.60
CA VAL RA 126 11.01 -11.27 -44.43
C VAL RA 126 12.25 -11.71 -45.21
N ALA RA 127 12.41 -11.17 -46.42
CA ALA RA 127 13.54 -11.51 -47.27
C ALA RA 127 14.84 -11.11 -46.60
N GLU RA 128 14.85 -9.93 -45.96
CA GLU RA 128 16.03 -9.44 -45.27
C GLU RA 128 16.42 -10.40 -44.14
N GLY RA 129 15.41 -10.88 -43.40
CA GLY RA 129 15.64 -11.84 -42.34
C GLY RA 129 16.31 -13.11 -42.86
N VAL RA 130 15.87 -13.59 -44.02
CA VAL RA 130 16.44 -14.77 -44.63
C VAL RA 130 17.89 -14.48 -45.02
N ARG RA 131 18.13 -13.28 -45.58
CA ARG RA 131 19.48 -12.89 -45.94
C ARG RA 131 20.37 -12.87 -44.71
N ALA RA 132 19.84 -12.32 -43.62
CA ALA RA 132 20.56 -12.26 -42.36
C ALA RA 132 20.92 -13.65 -41.89
N MET RA 133 19.96 -14.58 -41.95
CA MET RA 133 20.19 -15.95 -41.54
C MET RA 133 21.32 -16.56 -42.37
N LYS RA 134 21.33 -16.24 -43.67
CA LYS RA 134 22.33 -16.78 -44.57
C LYS RA 134 23.73 -16.39 -44.08
N ASN RA 135 23.89 -15.11 -43.72
CA ASN RA 135 25.20 -14.58 -43.33
C ASN RA 135 25.70 -15.30 -42.07
N VAL RA 136 24.81 -15.48 -41.09
CA VAL RA 136 25.15 -16.19 -39.87
C VAL RA 136 25.54 -17.62 -40.22
N ALA RA 137 24.73 -18.28 -41.04
CA ALA RA 137 24.95 -19.67 -41.41
C ALA RA 137 26.29 -19.83 -42.14
N THR RA 138 26.58 -18.87 -43.03
CA THR RA 138 27.80 -18.92 -43.82
C THR RA 138 29.02 -18.93 -42.90
N SER RA 139 29.00 -18.10 -41.87
CA SER RA 139 30.14 -17.96 -40.97
C SER RA 139 30.47 -19.30 -40.29
N LEU RA 140 29.44 -20.03 -39.85
CA LEU RA 140 29.64 -21.30 -39.16
C LEU RA 140 30.12 -22.37 -40.14
N LEU RA 141 29.63 -22.29 -41.39
CA LEU RA 141 29.95 -23.30 -42.37
C LEU RA 141 31.34 -23.02 -42.94
N SER RA 142 32.02 -24.09 -43.37
CA SER RA 142 33.24 -23.96 -44.16
C SER RA 142 32.86 -23.42 -45.54
N GLY RA 143 33.83 -22.81 -46.25
CA GLY RA 143 33.60 -22.07 -47.48
C GLY RA 143 32.81 -22.84 -48.54
N ASP RA 144 33.27 -24.06 -48.87
CA ASP RA 144 32.60 -24.90 -49.85
C ASP RA 144 31.21 -25.27 -49.35
N ASP RA 145 31.11 -25.62 -48.05
CA ASP RA 145 29.84 -25.95 -47.44
C ASP RA 145 28.92 -24.74 -47.53
N ALA RA 146 29.48 -23.55 -47.27
CA ALA RA 146 28.73 -22.31 -47.27
C ALA RA 146 28.13 -22.04 -48.65
N ALA RA 147 28.90 -22.30 -49.70
CA ALA RA 147 28.45 -22.08 -51.06
C ALA RA 147 27.21 -22.93 -51.35
N GLU RA 148 27.26 -24.20 -50.96
CA GLU RA 148 26.13 -25.11 -51.13
C GLU RA 148 24.91 -24.54 -50.40
N ALA RA 149 25.11 -24.18 -49.13
CA ALA RA 149 24.03 -23.65 -48.32
C ALA RA 149 23.50 -22.34 -48.92
N GLY RA 150 24.41 -21.51 -49.45
CA GLY RA 150 24.06 -20.22 -49.99
C GLY RA 150 23.02 -20.34 -51.09
N PHE RA 151 23.17 -21.35 -51.97
CA PHE RA 151 22.27 -21.51 -53.09
C PHE RA 151 20.83 -21.60 -52.60
N TYR RA 152 20.62 -22.45 -51.58
CA TYR RA 152 19.28 -22.65 -51.06
C TYR RA 152 18.78 -21.36 -50.41
N PHE RA 153 19.65 -20.68 -49.68
CA PHE RA 153 19.29 -19.42 -49.05
C PHE RA 153 18.90 -18.39 -50.10
N ASP RA 154 19.69 -18.32 -51.18
CA ASP RA 154 19.43 -17.37 -52.25
C ASP RA 154 18.08 -17.62 -52.90
N TYR RA 155 17.75 -18.91 -53.10
CA TYR RA 155 16.49 -19.27 -53.72
C TYR RA 155 15.34 -18.69 -52.90
N LEU RA 156 15.41 -18.86 -51.57
CA LEU RA 156 14.37 -18.37 -50.69
C LEU RA 156 14.22 -16.86 -50.86
N VAL RA 157 15.35 -16.17 -50.87
CA VAL RA 157 15.34 -14.72 -50.99
C VAL RA 157 14.71 -14.34 -52.33
N GLY RA 158 15.06 -15.06 -53.39
CA GLY RA 158 14.49 -14.82 -54.70
C GLY RA 158 12.98 -15.05 -54.71
N ALA RA 159 12.55 -16.14 -54.07
CA ALA RA 159 11.14 -16.52 -54.04
C ALA RA 159 10.28 -15.45 -53.39
N MET RA 160 10.74 -14.85 -52.30
CA MET RA 160 10.03 -13.80 -51.58
C MET RA 160 10.44 -12.43 -52.20
N MET SA 1 6.50 -37.42 -57.15
CA MET SA 1 6.13 -38.61 -56.35
C MET SA 1 6.84 -38.57 -55.00
N LYS SA 2 7.01 -39.74 -54.36
CA LYS SA 2 7.75 -39.83 -53.11
C LYS SA 2 8.84 -40.88 -53.22
N ASP SA 3 10.06 -40.53 -52.81
CA ASP SA 3 11.20 -41.43 -52.78
C ASP SA 3 11.79 -41.40 -51.38
N ALA SA 4 12.80 -42.22 -51.10
CA ALA SA 4 13.18 -42.46 -49.72
C ALA SA 4 13.66 -41.19 -49.05
N ILE SA 5 14.39 -40.34 -49.78
CA ILE SA 5 14.84 -39.09 -49.20
C ILE SA 5 13.62 -38.25 -48.84
N SER SA 6 12.75 -37.99 -49.81
CA SER SA 6 11.65 -37.07 -49.61
C SER SA 6 10.63 -37.63 -48.62
N THR SA 7 10.49 -38.95 -48.52
CA THR SA 7 9.63 -39.55 -47.53
C THR SA 7 10.05 -39.16 -46.11
N VAL SA 8 11.34 -39.21 -45.83
CA VAL SA 8 11.81 -38.89 -44.51
C VAL SA 8 11.52 -37.41 -44.28
N ILE SA 9 11.82 -36.57 -45.27
CA ILE SA 9 11.52 -35.15 -45.14
C ILE SA 9 10.06 -34.98 -44.79
N ALA SA 10 9.17 -35.55 -45.61
CA ALA SA 10 7.74 -35.34 -45.45
C ALA SA 10 7.25 -35.76 -44.07
N LYS SA 11 7.79 -36.82 -43.45
CA LYS SA 11 7.34 -37.19 -42.13
C LYS SA 11 7.77 -36.15 -41.10
N TYR SA 12 8.93 -35.56 -41.31
CA TYR SA 12 9.47 -34.58 -40.39
C TYR SA 12 8.71 -33.25 -40.49
N ASP SA 13 8.32 -32.79 -41.69
CA ASP SA 13 7.66 -31.50 -41.75
C ASP SA 13 6.30 -31.54 -41.08
N SER SA 14 5.57 -32.66 -41.20
CA SER SA 14 4.28 -32.75 -40.57
C SER SA 14 4.44 -32.68 -39.05
N GLN SA 15 5.56 -33.15 -38.51
CA GLN SA 15 5.76 -33.05 -37.08
C GLN SA 15 6.34 -31.69 -36.75
N GLY SA 16 6.89 -31.01 -37.76
CA GLY SA 16 7.54 -29.73 -37.59
C GLY SA 16 8.95 -29.88 -37.03
N LYS SA 17 9.47 -31.11 -37.03
CA LYS SA 17 10.77 -31.41 -36.47
C LYS SA 17 11.87 -31.07 -37.46
N TYR SA 18 13.00 -30.57 -36.96
CA TYR SA 18 14.22 -30.58 -37.74
C TYR SA 18 14.74 -32.00 -37.77
N PHE SA 19 15.64 -32.26 -38.71
CA PHE SA 19 16.12 -33.60 -38.91
C PHE SA 19 16.97 -34.10 -37.76
N ASP SA 20 16.60 -35.26 -37.23
CA ASP SA 20 17.25 -35.87 -36.09
C ASP SA 20 18.25 -36.90 -36.59
N ASN SA 21 19.03 -37.49 -35.67
CA ASN SA 21 20.01 -38.49 -36.07
C ASN SA 21 19.29 -39.75 -36.56
N ALA SA 22 18.24 -40.17 -35.84
CA ALA SA 22 17.37 -41.25 -36.28
C ALA SA 22 16.98 -41.11 -37.74
N ALA SA 23 16.56 -39.91 -38.11
CA ALA SA 23 16.22 -39.62 -39.50
C ALA SA 23 17.47 -39.64 -40.36
N VAL SA 24 18.57 -39.11 -39.82
CA VAL SA 24 19.81 -39.03 -40.57
C VAL SA 24 20.33 -40.43 -40.83
N ASP SA 25 20.04 -41.38 -39.93
CA ASP SA 25 20.44 -42.76 -40.12
C ASP SA 25 19.73 -43.39 -41.32
N GLN SA 26 18.41 -43.24 -41.39
CA GLN SA 26 17.64 -43.74 -42.53
C GLN SA 26 18.16 -43.14 -43.84
N LEU SA 27 18.56 -41.87 -43.79
CA LEU SA 27 19.00 -41.21 -44.99
C LEU SA 27 20.36 -41.75 -45.42
N LYS SA 28 21.23 -42.05 -44.44
CA LYS SA 28 22.55 -42.60 -44.73
C LYS SA 28 22.38 -43.93 -45.44
N ALA SA 29 21.53 -44.79 -44.85
CA ALA SA 29 21.24 -46.10 -45.41
C ALA SA 29 20.92 -46.03 -46.90
N TYR SA 30 20.07 -45.08 -47.31
CA TYR SA 30 19.68 -45.00 -48.70
C TYR SA 30 20.92 -44.73 -49.55
N PHE SA 31 21.82 -43.89 -49.03
CA PHE SA 31 22.94 -43.41 -49.83
C PHE SA 31 23.96 -44.54 -50.01
N ALA SA 32 24.11 -45.38 -49.00
CA ALA SA 32 24.95 -46.57 -49.11
C ALA SA 32 24.43 -47.50 -50.22
N THR SA 33 23.17 -47.91 -50.12
CA THR SA 33 22.54 -48.78 -51.10
C THR SA 33 22.58 -48.16 -52.50
N GLY SA 34 22.44 -46.84 -52.60
CA GLY SA 34 22.08 -46.18 -53.84
C GLY SA 34 23.03 -46.53 -54.98
N GLU SA 35 24.32 -46.62 -54.67
CA GLU SA 35 25.33 -46.76 -55.71
C GLU SA 35 25.10 -48.03 -56.53
N LEU SA 36 24.77 -49.14 -55.86
CA LEU SA 36 24.55 -50.40 -56.54
C LEU SA 36 23.16 -50.46 -57.17
N ARG SA 37 22.19 -49.76 -56.56
CA ARG SA 37 20.86 -49.70 -57.14
C ARG SA 37 20.95 -49.07 -58.52
N VAL SA 38 21.86 -48.12 -58.68
CA VAL SA 38 22.04 -47.51 -59.99
C VAL SA 38 22.57 -48.58 -60.94
N ARG SA 39 23.50 -49.41 -60.46
CA ARG SA 39 24.08 -50.45 -61.27
C ARG SA 39 23.01 -51.47 -61.66
N SER SA 40 22.22 -51.92 -60.68
CA SER SA 40 21.21 -52.92 -60.91
C SER SA 40 20.15 -52.42 -61.90
N ALA SA 41 19.83 -51.14 -61.87
CA ALA SA 41 18.82 -50.59 -62.77
C ALA SA 41 19.27 -50.69 -64.21
N ALA SA 42 20.56 -50.38 -64.46
CA ALA SA 42 21.11 -50.41 -65.80
C ALA SA 42 21.08 -51.83 -66.37
N ALA SA 43 21.42 -52.82 -65.53
CA ALA SA 43 21.34 -54.23 -65.92
C ALA SA 43 19.93 -54.58 -66.38
N ILE SA 44 18.91 -54.12 -65.65
CA ILE SA 44 17.53 -54.49 -65.93
C ILE SA 44 17.04 -53.83 -67.22
N SER SA 45 17.53 -52.61 -67.50
CA SER SA 45 17.12 -51.88 -68.70
C SER SA 45 17.64 -52.58 -69.95
N ALA SA 46 18.91 -53.00 -69.90
CA ALA SA 46 19.55 -53.62 -71.05
C ALA SA 46 18.85 -54.93 -71.42
N ASN SA 47 18.54 -55.74 -70.40
CA ASN SA 47 18.05 -57.09 -70.59
C ASN SA 47 16.53 -57.15 -70.49
N ALA SA 48 15.87 -55.98 -70.47
CA ALA SA 48 14.44 -55.91 -70.23
C ALA SA 48 13.70 -56.82 -71.21
N GLN SA 49 13.91 -56.55 -72.51
CA GLN SA 49 13.22 -57.28 -73.57
C GLN SA 49 13.36 -58.78 -73.35
N SER SA 50 14.58 -59.23 -73.04
CA SER SA 50 14.82 -60.64 -72.78
C SER SA 50 14.06 -61.07 -71.52
N ILE SA 51 14.09 -60.24 -70.47
CA ILE SA 51 13.50 -60.60 -69.18
C ILE SA 51 12.01 -60.89 -69.36
N ILE SA 52 11.33 -60.03 -70.11
CA ILE SA 52 9.90 -60.19 -70.31
C ILE SA 52 9.65 -61.53 -71.00
N LYS SA 53 10.40 -61.79 -72.08
CA LYS SA 53 10.18 -62.96 -72.93
C LYS SA 53 10.35 -64.24 -72.11
N GLU SA 54 11.36 -64.26 -71.24
CA GLU SA 54 11.61 -65.41 -70.41
C GLU SA 54 10.43 -65.62 -69.46
N ALA SA 55 9.94 -64.51 -68.88
CA ALA SA 55 8.89 -64.55 -67.89
C ALA SA 55 7.58 -65.07 -68.50
N THR SA 56 7.25 -64.55 -69.69
CA THR SA 56 6.04 -64.96 -70.38
C THR SA 56 6.07 -66.48 -70.56
N ALA SA 57 7.23 -66.98 -70.99
CA ALA SA 57 7.44 -68.38 -71.29
C ALA SA 57 7.15 -69.24 -70.07
N LYS SA 58 7.62 -68.78 -68.90
CA LYS SA 58 7.52 -69.58 -67.69
C LYS SA 58 6.07 -69.75 -67.25
N ALA SA 59 5.24 -68.71 -67.42
CA ALA SA 59 3.89 -68.73 -66.89
C ALA SA 59 2.83 -68.51 -67.97
N LEU SA 60 2.88 -67.33 -68.60
CA LEU SA 60 1.82 -66.91 -69.50
C LEU SA 60 1.72 -67.85 -70.69
N LEU SA 61 2.86 -68.16 -71.32
CA LEU SA 61 2.90 -69.02 -72.50
C LEU SA 61 2.50 -70.43 -72.08
N TYR SA 62 1.96 -71.20 -73.04
CA TYR SA 62 1.59 -72.59 -72.78
C TYR SA 62 0.61 -72.65 -71.59
N SER SA 63 -0.32 -71.69 -71.56
CA SER SA 63 -1.41 -71.71 -70.59
C SER SA 63 -2.75 -71.76 -71.33
N SER SA 64 -3.84 -71.90 -70.57
CA SER SA 64 -5.18 -71.86 -71.13
C SER SA 64 -5.42 -70.56 -71.89
N LEU SA 65 -4.75 -69.48 -71.48
CA LEU SA 65 -4.96 -68.17 -72.07
C LEU SA 65 -4.55 -68.18 -73.55
N THR SA 66 -3.46 -68.89 -73.84
CA THR SA 66 -2.96 -68.98 -75.21
C THR SA 66 -3.99 -69.72 -76.07
N ARG SA 67 -4.60 -70.76 -75.50
CA ARG SA 67 -5.65 -71.51 -76.18
C ARG SA 67 -6.85 -70.60 -76.43
N THR SA 68 -7.59 -70.86 -77.51
CA THR SA 68 -8.70 -70.01 -77.88
C THR SA 68 -9.76 -70.03 -76.78
N GLY SA 69 -10.39 -68.86 -76.55
CA GLY SA 69 -11.26 -68.65 -75.39
C GLY SA 69 -10.48 -68.28 -74.13
N GLY SA 70 -9.23 -67.82 -74.30
CA GLY SA 70 -8.41 -67.27 -73.24
C GLY SA 70 -7.92 -65.89 -73.63
N ASN SA 71 -7.38 -65.11 -72.70
CA ASN SA 71 -7.06 -63.72 -73.00
C ASN SA 71 -5.83 -63.62 -73.90
N MET SA 72 -4.85 -64.52 -73.73
CA MET SA 72 -3.61 -64.47 -74.49
C MET SA 72 -3.86 -64.69 -75.98
N TYR SA 73 -4.85 -65.53 -76.28
CA TYR SA 73 -5.26 -65.90 -77.63
C TYR SA 73 -5.40 -64.69 -78.54
N TYR SA 74 -4.93 -64.83 -79.80
CA TYR SA 74 -4.86 -63.75 -80.80
C TYR SA 74 -3.50 -63.09 -80.69
N ALA SA 75 -3.01 -62.48 -81.77
CA ALA SA 75 -1.81 -61.68 -81.71
C ALA SA 75 -2.09 -60.39 -80.97
N ARG SA 76 -3.27 -59.80 -81.23
CA ARG SA 76 -3.65 -58.53 -80.61
C ARG SA 76 -3.61 -58.65 -79.08
N ARG SA 77 -4.27 -59.68 -78.57
CA ARG SA 77 -4.30 -59.92 -77.13
C ARG SA 77 -2.88 -60.18 -76.62
N PHE SA 78 -2.12 -60.99 -77.35
CA PHE SA 78 -0.77 -61.35 -76.91
C PHE SA 78 0.07 -60.08 -76.75
N ALA SA 79 -0.03 -59.16 -77.70
CA ALA SA 79 0.76 -57.93 -77.70
C ALA SA 79 0.48 -57.09 -76.47
N ALA SA 80 -0.82 -56.88 -76.20
CA ALA SA 80 -1.28 -56.15 -75.04
C ALA SA 80 -0.64 -56.71 -73.77
N CYS SA 81 -0.75 -58.03 -73.54
CA CYS SA 81 -0.19 -58.58 -72.31
C CYS SA 81 1.29 -58.27 -72.18
N ILE SA 82 2.01 -58.27 -73.30
CA ILE SA 82 3.43 -58.01 -73.22
C ILE SA 82 3.61 -56.56 -72.78
N ARG SA 83 2.81 -55.64 -73.32
CA ARG SA 83 2.93 -54.23 -72.94
C ARG SA 83 2.78 -54.08 -71.43
N ASP SA 84 1.81 -54.79 -70.86
CA ASP SA 84 1.53 -54.77 -69.44
C ASP SA 84 2.73 -55.27 -68.64
N MET SA 85 3.40 -56.31 -69.16
CA MET SA 85 4.59 -56.83 -68.52
C MET SA 85 5.74 -55.82 -68.62
N GLU SA 86 5.78 -55.04 -69.70
CA GLU SA 86 6.79 -53.99 -69.84
C GLU SA 86 6.51 -52.86 -68.85
N TYR SA 87 5.21 -52.56 -68.67
CA TYR SA 87 4.80 -51.56 -67.70
C TYR SA 87 5.32 -51.96 -66.32
N PHE SA 88 4.98 -53.19 -65.92
CA PHE SA 88 5.35 -53.63 -64.58
C PHE SA 88 6.85 -53.48 -64.36
N LEU SA 89 7.66 -53.77 -65.39
CA LEU SA 89 9.10 -53.68 -65.26
C LEU SA 89 9.58 -52.24 -65.09
N ARG SA 90 9.18 -51.31 -65.98
CA ARG SA 90 9.71 -49.96 -65.84
C ARG SA 90 9.45 -49.43 -64.44
N TYR SA 91 8.22 -49.63 -63.92
CA TYR SA 91 7.85 -49.06 -62.65
C TYR SA 91 8.71 -49.70 -61.58
N ALA SA 92 8.74 -51.04 -61.55
CA ALA SA 92 9.57 -51.70 -60.56
C ALA SA 92 11.00 -51.16 -60.58
N THR SA 93 11.55 -50.85 -61.77
CA THR SA 93 12.90 -50.31 -61.83
C THR SA 93 12.88 -48.90 -61.24
N PHE SA 94 11.90 -48.09 -61.63
CA PHE SA 94 11.77 -46.75 -61.11
C PHE SA 94 11.68 -46.83 -59.59
N ALA SA 95 10.92 -47.80 -59.07
CA ALA SA 95 10.78 -48.02 -57.64
C ALA SA 95 12.08 -48.47 -56.98
N MET SA 96 12.89 -49.28 -57.68
CA MET SA 96 14.16 -49.72 -57.17
C MET SA 96 15.06 -48.51 -56.92
N VAL SA 97 15.19 -47.64 -57.92
CA VAL SA 97 15.82 -46.34 -57.73
C VAL SA 97 14.80 -45.54 -56.91
N ALA SA 98 15.18 -44.53 -56.14
CA ALA SA 98 14.20 -43.89 -55.24
C ALA SA 98 14.01 -44.71 -53.97
N GLY SA 99 13.66 -45.97 -54.09
CA GLY SA 99 13.62 -46.84 -52.93
C GLY SA 99 12.32 -46.72 -52.13
N ASP SA 100 11.28 -46.12 -52.75
CA ASP SA 100 9.99 -46.01 -52.11
C ASP SA 100 8.95 -46.72 -52.96
N THR SA 101 8.14 -47.53 -52.29
CA THR SA 101 7.11 -48.34 -52.93
C THR SA 101 6.05 -47.48 -53.62
N SER SA 102 5.72 -46.31 -53.07
CA SER SA 102 4.56 -45.52 -53.46
C SER SA 102 4.51 -45.20 -54.94
N LEU SA 103 5.63 -44.82 -55.55
CA LEU SA 103 5.66 -44.63 -56.98
C LEU SA 103 4.86 -45.73 -57.68
N LEU SA 104 4.98 -46.96 -57.16
CA LEU SA 104 4.29 -48.09 -57.74
C LEU SA 104 2.79 -47.80 -57.73
N ASP SA 105 2.20 -47.61 -56.56
CA ASP SA 105 0.75 -47.63 -56.47
C ASP SA 105 0.09 -46.39 -57.07
N GLU SA 106 0.69 -45.22 -56.98
CA GLU SA 106 0.16 -44.08 -57.70
C GLU SA 106 0.01 -44.33 -59.19
N TYR SA 107 1.00 -44.99 -59.79
CA TYR SA 107 1.07 -45.13 -61.23
C TYR SA 107 0.53 -46.48 -61.69
N VAL SA 108 0.61 -47.49 -60.84
CA VAL SA 108 0.20 -48.80 -61.26
C VAL SA 108 -1.02 -49.24 -60.45
N LEU SA 109 -0.84 -49.45 -59.14
CA LEU SA 109 -1.78 -50.25 -58.36
C LEU SA 109 -3.18 -49.63 -58.27
N ASN SA 110 -3.24 -48.30 -58.21
CA ASN SA 110 -4.52 -47.61 -58.07
C ASN SA 110 -5.37 -47.80 -59.32
N GLY SA 111 -6.46 -48.54 -59.21
CA GLY SA 111 -7.38 -48.70 -60.33
C GLY SA 111 -7.17 -49.97 -61.14
N LEU SA 112 -6.06 -50.67 -60.93
CA LEU SA 112 -5.72 -51.75 -61.84
C LEU SA 112 -6.78 -52.84 -61.76
N LYS SA 113 -7.16 -53.27 -60.55
CA LYS SA 113 -8.12 -54.35 -60.46
C LYS SA 113 -9.43 -53.99 -61.14
N GLU SA 114 -9.78 -52.71 -61.11
CA GLU SA 114 -11.02 -52.25 -61.70
C GLU SA 114 -10.91 -52.29 -63.23
N THR SA 115 -9.79 -51.87 -63.81
CA THR SA 115 -9.66 -52.01 -65.25
C THR SA 115 -9.70 -53.49 -65.61
N TYR SA 116 -8.88 -54.29 -64.92
CA TYR SA 116 -8.75 -55.66 -65.34
C TYR SA 116 -10.10 -56.36 -65.27
N THR SA 117 -10.88 -56.10 -64.22
CA THR SA 117 -12.19 -56.71 -64.12
C THR SA 117 -13.08 -56.24 -65.27
N SER SA 118 -12.92 -54.98 -65.70
CA SER SA 118 -13.75 -54.45 -66.76
C SER SA 118 -13.36 -55.06 -68.11
N LEU SA 119 -12.05 -55.14 -68.37
CA LEU SA 119 -11.55 -55.70 -69.62
C LEU SA 119 -11.80 -57.22 -69.64
N GLY SA 120 -11.74 -57.87 -68.48
CA GLY SA 120 -11.91 -59.31 -68.41
C GLY SA 120 -10.59 -60.03 -68.20
N VAL SA 121 -9.48 -59.26 -68.23
CA VAL SA 121 -8.14 -59.76 -67.95
C VAL SA 121 -8.13 -60.52 -66.64
N PRO SA 122 -7.51 -61.73 -66.56
CA PRO SA 122 -7.39 -62.45 -65.29
C PRO SA 122 -6.28 -61.98 -64.35
N ILE SA 123 -6.65 -61.57 -63.14
CA ILE SA 123 -5.72 -60.95 -62.20
C ILE SA 123 -4.64 -61.96 -61.82
N ASP SA 124 -5.03 -63.20 -61.55
CA ASP SA 124 -4.10 -64.19 -61.04
C ASP SA 124 -2.91 -64.39 -61.98
N ALA SA 125 -3.19 -64.48 -63.28
CA ALA SA 125 -2.17 -64.71 -64.28
C ALA SA 125 -1.14 -63.60 -64.23
N THR SA 126 -1.60 -62.36 -64.13
CA THR SA 126 -0.72 -61.21 -64.14
C THR SA 126 0.21 -61.33 -62.93
N VAL SA 127 -0.37 -61.76 -61.81
CA VAL SA 127 0.41 -61.91 -60.59
C VAL SA 127 1.53 -62.91 -60.82
N LYS SA 128 1.20 -64.02 -61.48
CA LYS SA 128 2.17 -65.05 -61.82
C LYS SA 128 3.27 -64.50 -62.74
N GLY SA 129 2.87 -63.72 -63.74
CA GLY SA 129 3.81 -63.11 -64.66
C GLY SA 129 4.78 -62.17 -63.94
N ILE SA 130 4.29 -61.48 -62.92
CA ILE SA 130 5.09 -60.54 -62.17
C ILE SA 130 6.12 -61.31 -61.36
N ASN SA 131 5.68 -62.42 -60.75
CA ASN SA 131 6.56 -63.26 -59.96
C ASN SA 131 7.65 -63.86 -60.83
N ALA SA 132 7.30 -64.20 -62.07
CA ALA SA 132 8.27 -64.70 -63.03
C ALA SA 132 9.29 -63.61 -63.35
N LEU SA 133 8.82 -62.40 -63.67
CA LEU SA 133 9.72 -61.29 -63.93
C LEU SA 133 10.71 -61.15 -62.78
N ARG SA 134 10.27 -61.47 -61.56
CA ARG SA 134 11.08 -61.27 -60.37
C ARG SA 134 12.27 -62.21 -60.36
N GLU SA 135 12.05 -63.48 -60.73
CA GLU SA 135 13.09 -64.48 -60.69
C GLU SA 135 14.16 -64.20 -61.75
N VAL SA 136 13.71 -63.89 -62.97
CA VAL SA 136 14.60 -63.56 -64.06
C VAL SA 136 15.42 -62.36 -63.67
N VAL SA 137 14.76 -61.34 -63.11
CA VAL SA 137 15.42 -60.08 -62.79
C VAL SA 137 16.53 -60.38 -61.79
N ALA SA 138 16.22 -61.23 -60.80
CA ALA SA 138 17.12 -61.49 -59.70
C ALA SA 138 18.46 -62.04 -60.19
N SER SA 139 18.40 -62.97 -61.16
CA SER SA 139 19.59 -63.58 -61.71
C SER SA 139 20.47 -62.53 -62.38
N VAL SA 140 19.88 -61.78 -63.34
CA VAL SA 140 20.58 -60.73 -64.04
C VAL SA 140 21.19 -59.74 -63.02
N VAL SA 141 20.40 -59.36 -62.01
CA VAL SA 141 20.77 -58.31 -61.07
C VAL SA 141 21.98 -58.77 -60.24
N GLY SA 142 21.94 -60.04 -59.82
CA GLY SA 142 22.95 -60.56 -58.91
C GLY SA 142 22.45 -60.51 -57.47
N PRO SA 143 23.04 -61.31 -56.54
CA PRO SA 143 22.44 -61.58 -55.23
C PRO SA 143 22.24 -60.42 -54.26
N GLU SA 144 23.20 -59.47 -54.22
CA GLU SA 144 23.17 -58.39 -53.24
C GLU SA 144 21.99 -57.45 -53.52
N ALA SA 145 21.81 -57.10 -54.80
CA ALA SA 145 20.77 -56.16 -55.22
C ALA SA 145 19.45 -56.88 -55.44
N ALA SA 146 19.45 -58.22 -55.35
CA ALA SA 146 18.25 -59.00 -55.62
C ALA SA 146 17.22 -58.76 -54.52
N GLY SA 147 17.67 -58.79 -53.27
CA GLY SA 147 16.82 -58.52 -52.12
C GLY SA 147 16.09 -57.19 -52.30
N GLU SA 148 16.84 -56.16 -52.68
CA GLU SA 148 16.29 -54.85 -52.98
C GLU SA 148 15.24 -54.98 -54.08
N ALA SA 149 15.63 -55.54 -55.24
CA ALA SA 149 14.76 -55.59 -56.41
C ALA SA 149 13.51 -56.44 -56.15
N SER SA 150 13.63 -57.47 -55.31
CA SER SA 150 12.51 -58.37 -55.06
C SER SA 150 11.37 -57.66 -54.34
N LYS SA 151 11.71 -56.67 -53.50
CA LYS SA 151 10.71 -55.99 -52.67
C LYS SA 151 9.66 -55.33 -53.55
N TYR SA 152 10.12 -54.59 -54.56
CA TYR SA 152 9.20 -53.83 -55.37
C TYR SA 152 8.34 -54.77 -56.19
N PHE SA 153 8.90 -55.89 -56.64
CA PHE SA 153 8.11 -56.87 -57.36
C PHE SA 153 7.02 -57.43 -56.46
N ASP SA 154 7.35 -57.71 -55.19
CA ASP SA 154 6.40 -58.33 -54.28
C ASP SA 154 5.24 -57.37 -53.98
N HIS SA 155 5.56 -56.09 -53.82
CA HIS SA 155 4.55 -55.07 -53.59
C HIS SA 155 3.54 -55.13 -54.72
N LEU SA 156 4.00 -55.07 -55.98
CA LEU SA 156 3.12 -55.18 -57.14
C LEU SA 156 2.25 -56.43 -57.08
N ALA SA 157 2.81 -57.54 -56.62
CA ALA SA 157 2.09 -58.81 -56.65
C ALA SA 157 0.93 -58.79 -55.66
N LYS SA 158 1.17 -58.25 -54.46
CA LYS SA 158 0.17 -58.23 -53.40
C LYS SA 158 -0.86 -57.12 -53.64
N GLY SA 159 -0.44 -56.08 -54.36
CA GLY SA 159 -1.36 -55.04 -54.76
C GLY SA 159 -2.46 -55.61 -55.64
N LEU SA 160 -2.05 -56.43 -56.62
CA LEU SA 160 -3.00 -57.09 -57.50
C LEU SA 160 -3.64 -58.27 -56.73
N MET TA 1 -20.10 -51.40 -81.91
CA MET TA 1 -21.24 -52.21 -81.36
C MET TA 1 -21.09 -53.63 -81.85
N GLN TA 2 -22.14 -54.46 -81.94
CA GLN TA 2 -22.05 -55.75 -82.56
C GLN TA 2 -23.18 -55.92 -83.58
N ASP TA 3 -22.96 -56.81 -84.56
CA ASP TA 3 -23.98 -57.08 -85.56
C ASP TA 3 -24.22 -58.58 -85.52
N ALA TA 4 -25.30 -58.99 -86.28
CA ALA TA 4 -25.68 -60.39 -86.22
C ALA TA 4 -24.54 -61.29 -86.69
N ILE TA 5 -23.93 -60.88 -87.84
CA ILE TA 5 -22.88 -61.68 -88.41
C ILE TA 5 -21.74 -61.82 -87.42
N THR TA 6 -21.31 -60.71 -86.81
CA THR TA 6 -20.19 -60.75 -85.89
C THR TA 6 -20.55 -61.55 -84.65
N ALA TA 7 -21.82 -61.46 -84.19
CA ALA TA 7 -22.21 -62.17 -82.99
C ALA TA 7 -21.98 -63.70 -83.18
N VAL TA 8 -22.40 -64.21 -84.37
CA VAL TA 8 -22.24 -65.60 -84.67
C VAL TA 8 -20.75 -65.95 -84.70
N ILE TA 9 -19.98 -65.11 -85.41
CA ILE TA 9 -18.55 -65.32 -85.54
C ILE TA 9 -17.92 -65.39 -84.17
N ASN TA 10 -18.30 -64.47 -83.26
CA ASN TA 10 -17.60 -64.40 -81.99
C ASN TA 10 -17.87 -65.67 -81.18
N ASN TA 11 -19.12 -66.17 -81.25
CA ASN TA 11 -19.48 -67.35 -80.50
C ASN TA 11 -18.63 -68.54 -80.99
N TYR TA 12 -18.46 -68.63 -82.30
CA TYR TA 12 -17.67 -69.70 -82.89
C TYR TA 12 -16.19 -69.55 -82.57
N ASP TA 13 -15.71 -68.31 -82.57
CA ASP TA 13 -14.30 -68.06 -82.31
C ASP TA 13 -13.91 -68.48 -80.91
N VAL TA 14 -14.76 -68.26 -79.90
CA VAL TA 14 -14.42 -68.65 -78.54
C VAL TA 14 -14.37 -70.18 -78.48
N GLN TA 15 -15.26 -70.84 -79.22
CA GLN TA 15 -15.23 -72.30 -79.30
C GLN TA 15 -14.00 -72.74 -80.13
N GLY TA 16 -13.58 -71.88 -81.06
CA GLY TA 16 -12.47 -72.22 -81.94
C GLY TA 16 -12.97 -72.99 -83.17
N LYS TA 17 -14.27 -73.21 -83.22
CA LYS TA 17 -14.88 -74.06 -84.21
C LYS TA 17 -14.99 -73.33 -85.54
N TYR TA 18 -14.75 -74.01 -86.66
CA TYR TA 18 -15.13 -73.50 -87.97
C TYR TA 18 -16.66 -73.47 -88.07
N LEU TA 19 -17.20 -72.55 -88.89
CA LEU TA 19 -18.62 -72.24 -88.79
C LEU TA 19 -19.46 -73.48 -89.15
N ASP TA 20 -20.48 -73.75 -88.33
CA ASP TA 20 -21.26 -74.95 -88.66
C ASP TA 20 -22.23 -74.52 -89.73
N GLY TA 21 -22.74 -75.49 -90.53
CA GLY TA 21 -23.77 -75.21 -91.52
C GLY TA 21 -25.00 -74.57 -90.90
N ALA TA 22 -25.45 -75.09 -89.75
CA ALA TA 22 -26.59 -74.53 -89.03
C ALA TA 22 -26.35 -73.05 -88.74
N ALA TA 23 -25.17 -72.71 -88.24
CA ALA TA 23 -24.78 -71.33 -88.03
C ALA TA 23 -24.79 -70.57 -89.35
N LEU TA 24 -24.28 -71.20 -90.41
CA LEU TA 24 -24.21 -70.58 -91.72
C LEU TA 24 -25.61 -70.22 -92.21
N ASP TA 25 -26.56 -71.12 -91.94
CA ASP TA 25 -27.97 -70.93 -92.33
C ASP TA 25 -28.56 -69.69 -91.69
N LYS TA 26 -28.27 -69.48 -90.41
CA LYS TA 26 -28.71 -68.27 -89.70
C LYS TA 26 -28.12 -67.05 -90.37
N LEU TA 27 -26.85 -67.11 -90.73
CA LEU TA 27 -26.19 -65.99 -91.41
C LEU TA 27 -26.85 -65.76 -92.76
N LYS TA 28 -27.18 -66.84 -93.45
CA LYS TA 28 -27.80 -66.80 -94.77
C LYS TA 28 -29.17 -66.12 -94.64
N ALA TA 29 -29.91 -66.50 -93.62
CA ALA TA 29 -31.21 -65.94 -93.32
C ALA TA 29 -31.10 -64.44 -93.21
N TYR TA 30 -30.11 -63.96 -92.45
CA TYR TA 30 -29.89 -62.53 -92.25
C TYR TA 30 -29.66 -61.88 -93.60
N PHE TA 31 -28.88 -62.50 -94.48
CA PHE TA 31 -28.48 -61.85 -95.72
C PHE TA 31 -29.68 -61.57 -96.61
N THR TA 32 -30.65 -62.49 -96.64
CA THR TA 32 -31.89 -62.31 -97.40
C THR TA 32 -32.70 -61.15 -96.80
N THR TA 33 -32.80 -61.09 -95.47
CA THR TA 33 -33.59 -60.07 -94.79
C THR TA 33 -32.99 -58.72 -95.01
N GLY TA 34 -31.64 -58.67 -95.20
CA GLY TA 34 -30.89 -57.43 -95.36
C GLY TA 34 -31.44 -56.63 -96.54
N ALA TA 35 -31.82 -57.19 -97.69
CA ALA TA 35 -32.31 -56.37 -98.77
C ALA TA 35 -33.56 -55.58 -98.37
N VAL TA 36 -34.48 -56.30 -97.74
CA VAL TA 36 -35.76 -55.76 -97.23
C VAL TA 36 -35.41 -54.70 -96.19
N ARG TA 37 -34.45 -54.95 -95.31
CA ARG TA 37 -34.09 -53.99 -94.27
C ARG TA 37 -33.64 -52.67 -94.88
N VAL TA 38 -32.82 -52.74 -95.92
CA VAL TA 38 -32.30 -51.52 -96.56
C VAL TA 38 -33.47 -50.72 -97.11
N ARG TA 39 -34.44 -51.38 -97.73
CA ARG TA 39 -35.60 -50.68 -98.29
C ARG TA 39 -36.36 -50.01 -97.15
N ALA TA 40 -36.56 -50.71 -96.04
CA ALA TA 40 -37.27 -50.16 -94.89
C ALA TA 40 -36.57 -48.91 -94.36
N ALA TA 41 -35.25 -48.98 -94.25
CA ALA TA 41 -34.46 -47.88 -93.70
C ALA TA 41 -34.65 -46.62 -94.55
N ALA TA 42 -34.65 -46.78 -95.87
CA ALA TA 42 -34.80 -45.63 -96.78
C ALA TA 42 -36.17 -45.00 -96.60
N VAL TA 43 -37.20 -45.84 -96.43
CA VAL TA 43 -38.55 -45.35 -96.21
C VAL TA 43 -38.57 -44.52 -94.93
N ILE TA 44 -37.98 -45.05 -93.87
CA ILE TA 44 -38.03 -44.38 -92.57
C ILE TA 44 -37.32 -43.03 -92.66
N SER TA 45 -36.14 -42.99 -93.30
CA SER TA 45 -35.36 -41.77 -93.35
C SER TA 45 -36.15 -40.66 -94.03
N SER TA 46 -36.83 -40.99 -95.14
CA SER TA 46 -37.56 -40.00 -95.91
C SER TA 46 -38.76 -39.48 -95.12
N ASN TA 47 -39.40 -40.35 -94.34
CA ASN TA 47 -40.65 -39.99 -93.67
C ASN TA 47 -40.41 -39.70 -92.19
N ALA TA 48 -39.16 -39.48 -91.79
CA ALA TA 48 -38.83 -39.39 -90.37
C ALA TA 48 -39.57 -38.26 -89.69
N THR TA 49 -39.54 -37.06 -90.30
CA THR TA 49 -40.16 -35.90 -89.71
C THR TA 49 -41.66 -36.18 -89.49
N THR TA 50 -42.32 -36.75 -90.49
CA THR TA 50 -43.75 -37.03 -90.42
C THR TA 50 -44.01 -38.09 -89.35
N ILE TA 51 -43.16 -39.11 -89.29
CA ILE TA 51 -43.37 -40.18 -88.34
C ILE TA 51 -43.43 -39.58 -86.94
N ILE TA 52 -42.49 -38.68 -86.67
CA ILE TA 52 -42.41 -38.08 -85.34
C ILE TA 52 -43.67 -37.24 -85.11
N LYS TA 53 -44.07 -36.46 -86.11
CA LYS TA 53 -45.24 -35.62 -86.01
C LYS TA 53 -46.48 -36.43 -85.67
N GLU TA 54 -46.69 -37.52 -86.41
CA GLU TA 54 -47.86 -38.35 -86.22
C GLU TA 54 -47.85 -38.96 -84.82
N ALA TA 55 -46.69 -39.46 -84.40
CA ALA TA 55 -46.59 -40.11 -83.10
C ALA TA 55 -46.87 -39.10 -81.98
N ALA TA 56 -46.35 -37.89 -82.13
CA ALA TA 56 -46.58 -36.86 -81.13
C ALA TA 56 -48.06 -36.55 -81.04
N ALA TA 57 -48.71 -36.44 -82.20
CA ALA TA 57 -50.13 -36.17 -82.29
C ALA TA 57 -50.92 -37.26 -81.57
N LYS TA 58 -50.51 -38.51 -81.76
CA LYS TA 58 -51.18 -39.65 -81.13
C LYS TA 58 -51.06 -39.61 -79.60
N ALA TA 59 -49.89 -39.23 -79.05
CA ALA TA 59 -49.67 -39.38 -77.61
C ALA TA 59 -49.32 -38.06 -76.91
N LEU TA 60 -48.32 -37.35 -77.41
CA LEU TA 60 -47.69 -36.29 -76.65
C LEU TA 60 -48.55 -35.02 -76.63
N ILE TA 61 -49.05 -34.56 -77.77
CA ILE TA 61 -49.69 -33.26 -77.80
C ILE TA 61 -51.14 -33.38 -77.33
N TYR TA 62 -51.81 -32.23 -77.18
CA TYR TA 62 -53.19 -32.15 -76.70
C TYR TA 62 -53.33 -32.87 -75.36
N SER TA 63 -52.31 -32.74 -74.52
CA SER TA 63 -52.21 -33.53 -73.30
C SER TA 63 -51.78 -32.61 -72.18
N ASP TA 64 -51.80 -33.14 -70.95
CA ASP TA 64 -51.28 -32.39 -69.82
C ASP TA 64 -49.81 -32.02 -70.00
N LEU TA 65 -49.03 -32.90 -70.64
CA LEU TA 65 -47.62 -32.65 -70.85
C LEU TA 65 -47.40 -31.31 -71.53
N THR TA 66 -48.15 -31.08 -72.59
CA THR TA 66 -47.99 -29.83 -73.33
C THR TA 66 -48.58 -28.66 -72.55
N ARG TA 67 -49.56 -28.92 -71.67
CA ARG TA 67 -50.20 -27.84 -70.92
C ARG TA 67 -49.22 -27.34 -69.87
N PRO TA 68 -49.35 -26.08 -69.37
CA PRO TA 68 -48.41 -25.52 -68.40
C PRO TA 68 -48.31 -26.38 -67.14
N GLY TA 69 -47.07 -26.58 -66.68
CA GLY TA 69 -46.80 -27.47 -65.57
C GLY TA 69 -46.52 -28.91 -66.02
N GLY TA 70 -46.61 -29.16 -67.34
CA GLY TA 70 -46.34 -30.47 -67.89
C GLY TA 70 -44.89 -30.53 -68.37
N MET TA 72 -43.49 -31.34 -71.11
CA MET TA 72 -43.17 -30.88 -72.44
C MET TA 72 -43.65 -29.45 -72.67
N TYR TA 73 -44.09 -28.80 -71.60
CA TYR TA 73 -44.45 -27.38 -71.66
C TYR TA 73 -43.19 -26.51 -71.85
N THR TA 74 -43.34 -25.37 -72.53
CA THR TA 74 -42.29 -24.44 -72.97
C THR TA 74 -41.69 -24.95 -74.27
N THR TA 75 -41.23 -24.03 -75.12
CA THR TA 75 -40.72 -24.42 -76.43
C THR TA 75 -39.48 -25.29 -76.26
N ARG TA 76 -38.62 -24.92 -75.32
CA ARG TA 76 -37.36 -25.61 -75.13
C ARG TA 76 -37.61 -27.09 -74.84
N ARG TA 77 -38.49 -27.36 -73.88
CA ARG TA 77 -38.81 -28.74 -73.55
C ARG TA 77 -39.50 -29.45 -74.70
N TYR TA 78 -40.39 -28.79 -75.41
CA TYR TA 78 -41.06 -29.43 -76.54
C TYR TA 78 -40.01 -29.88 -77.55
N ALA TA 79 -39.09 -28.97 -77.85
CA ALA TA 79 -38.05 -29.26 -78.83
C ALA TA 79 -37.18 -30.44 -78.38
N ALA TA 80 -36.85 -30.47 -77.08
CA ALA TA 80 -36.07 -31.56 -76.52
C ALA TA 80 -36.77 -32.90 -76.72
N CYS TA 81 -38.07 -32.94 -76.45
CA CYS TA 81 -38.81 -34.19 -76.54
C CYS TA 81 -38.80 -34.69 -77.97
N ILE TA 82 -38.99 -33.81 -78.96
CA ILE TA 82 -39.03 -34.28 -80.33
C ILE TA 82 -37.63 -34.69 -80.76
N ARG TA 83 -36.58 -34.05 -80.23
CA ARG TA 83 -35.22 -34.46 -80.50
C ARG TA 83 -34.98 -35.89 -79.98
N ASP TA 84 -35.48 -36.18 -78.79
CA ASP TA 84 -35.32 -37.51 -78.25
C ASP TA 84 -36.04 -38.54 -79.11
N MET TA 85 -37.21 -38.16 -79.63
CA MET TA 85 -38.00 -39.06 -80.45
C MET TA 85 -37.20 -39.41 -81.70
N ASP TA 86 -36.57 -38.41 -82.30
CA ASP TA 86 -35.74 -38.60 -83.47
C ASP TA 86 -34.60 -39.56 -83.16
N TYR TA 87 -33.95 -39.40 -82.02
CA TYR TA 87 -32.88 -40.31 -81.62
C TYR TA 87 -33.37 -41.74 -81.64
N PHE TA 88 -34.49 -41.98 -80.98
CA PHE TA 88 -35.00 -43.34 -80.89
C PHE TA 88 -35.21 -43.89 -82.28
N LEU TA 89 -35.79 -43.08 -83.17
CA LEU TA 89 -36.06 -43.53 -84.52
C LEU TA 89 -34.77 -43.89 -85.25
N ARG TA 90 -33.78 -43.01 -85.18
CA ARG TA 90 -32.52 -43.19 -85.90
C ARG TA 90 -31.83 -44.46 -85.41
N TYR TA 91 -31.80 -44.67 -84.09
CA TYR TA 91 -31.10 -45.81 -83.52
C TYR TA 91 -31.83 -47.08 -83.87
N ALA TA 92 -33.16 -47.07 -83.84
CA ALA TA 92 -33.91 -48.25 -84.21
C ALA TA 92 -33.61 -48.63 -85.66
N THR TA 93 -33.52 -47.63 -86.54
CA THR TA 93 -33.16 -47.87 -87.93
C THR TA 93 -31.77 -48.51 -88.01
N TYR TA 94 -30.82 -48.00 -87.23
CA TYR TA 94 -29.46 -48.54 -87.19
C TYR TA 94 -29.53 -50.01 -86.75
N ALA TA 95 -30.31 -50.28 -85.72
CA ALA TA 95 -30.44 -51.64 -85.17
C ALA TA 95 -31.03 -52.56 -86.21
N MET TA 96 -32.01 -52.08 -86.97
CA MET TA 96 -32.66 -52.89 -87.98
C MET TA 96 -31.64 -53.28 -89.05
N LEU TA 97 -30.84 -52.37 -89.51
CA LEU TA 97 -29.79 -52.67 -90.48
C LEU TA 97 -28.82 -53.71 -89.84
N ALA TA 98 -28.40 -53.47 -88.61
CA ALA TA 98 -27.43 -54.31 -87.95
C ALA TA 98 -27.98 -55.72 -87.74
N GLY TA 99 -29.28 -55.82 -87.46
CA GLY TA 99 -29.87 -57.09 -87.11
C GLY TA 99 -29.59 -57.49 -85.65
N ASP TA 100 -29.12 -56.54 -84.86
CA ASP TA 100 -28.70 -56.79 -83.48
C ASP TA 100 -29.24 -55.68 -82.59
N PRO TA 101 -29.77 -56.03 -81.39
CA PRO TA 101 -30.18 -55.03 -80.41
C PRO TA 101 -29.08 -54.33 -79.62
N SER TA 102 -27.82 -54.79 -79.76
CA SER TA 102 -26.74 -54.35 -78.89
C SER TA 102 -26.50 -52.85 -79.00
N ILE TA 103 -26.54 -52.30 -80.21
CA ILE TA 103 -26.26 -50.89 -80.38
C ILE TA 103 -27.21 -50.07 -79.51
N LEU TA 104 -28.47 -50.49 -79.42
CA LEU TA 104 -29.45 -49.78 -78.61
C LEU TA 104 -28.97 -49.77 -77.16
N ASP TA 105 -28.50 -50.91 -76.66
CA ASP TA 105 -28.00 -51.00 -75.29
C ASP TA 105 -26.78 -50.10 -75.09
N GLU TA 106 -25.84 -50.12 -76.03
CA GLU TA 106 -24.57 -49.42 -75.89
C GLU TA 106 -24.77 -47.92 -75.91
N ARG TA 107 -25.63 -47.40 -76.81
CA ARG TA 107 -25.78 -45.96 -76.97
C ARG TA 107 -27.04 -45.45 -76.27
N VAL TA 108 -28.19 -45.92 -76.66
CA VAL TA 108 -29.43 -45.31 -76.21
C VAL TA 108 -29.75 -45.72 -74.78
N LEU TA 109 -29.73 -47.03 -74.52
CA LEU TA 109 -30.34 -47.55 -73.30
C LEU TA 109 -29.44 -47.23 -72.09
N ASN TA 110 -28.13 -47.13 -72.29
CA ASN TA 110 -27.19 -46.95 -71.21
C ASN TA 110 -27.19 -45.52 -70.73
N GLY TA 111 -27.52 -45.27 -69.47
CA GLY TA 111 -27.55 -43.95 -68.87
C GLY TA 111 -28.87 -43.25 -69.15
N LEU TA 112 -29.80 -43.79 -69.93
CA LEU TA 112 -31.01 -43.08 -70.22
C LEU TA 112 -31.88 -42.94 -68.98
N LYS TA 113 -32.00 -44.07 -68.22
CA LYS TA 113 -32.87 -44.09 -67.07
C LYS TA 113 -32.44 -43.00 -66.10
N GLU TA 114 -31.13 -42.93 -65.84
CA GLU TA 114 -30.59 -41.99 -64.89
C GLU TA 114 -30.83 -40.57 -65.35
N THR TA 115 -30.58 -40.29 -66.64
CA THR TA 115 -30.80 -38.97 -67.19
C THR TA 115 -32.25 -38.57 -66.98
N TYR TA 116 -33.17 -39.48 -67.33
CA TYR TA 116 -34.57 -39.16 -67.27
C TYR TA 116 -34.99 -38.88 -65.84
N ASN TA 117 -34.49 -39.70 -64.90
CA ASN TA 117 -34.89 -39.53 -63.52
C ASN TA 117 -34.43 -38.19 -62.98
N SER TA 118 -33.19 -37.79 -63.29
CA SER TA 118 -32.73 -36.48 -62.85
C SER TA 118 -33.56 -35.39 -63.49
N LEU TA 119 -33.88 -35.53 -64.78
CA LEU TA 119 -34.61 -34.50 -65.48
C LEU TA 119 -36.05 -34.44 -64.96
N GLY TA 120 -36.59 -35.58 -64.53
CA GLY TA 120 -38.00 -35.69 -64.18
C GLY TA 120 -38.88 -35.93 -65.41
N VAL TA 121 -38.26 -36.28 -66.54
CA VAL TA 121 -38.98 -36.75 -67.70
C VAL TA 121 -39.77 -38.01 -67.34
N PRO TA 122 -41.06 -38.14 -67.72
CA PRO TA 122 -41.83 -39.35 -67.44
C PRO TA 122 -41.55 -40.51 -68.41
N ILE TA 123 -41.07 -41.63 -67.88
CA ILE TA 123 -40.68 -42.75 -68.70
C ILE TA 123 -41.88 -43.36 -69.42
N ALA TA 124 -43.00 -43.52 -68.72
CA ALA TA 124 -44.15 -44.19 -69.31
C ALA TA 124 -44.67 -43.43 -70.54
N ALA TA 125 -44.71 -42.09 -70.45
CA ALA TA 125 -45.11 -41.28 -71.59
C ALA TA 125 -44.15 -41.47 -72.76
N THR TA 126 -42.85 -41.53 -72.47
CA THR TA 126 -41.83 -41.71 -73.50
C THR TA 126 -42.06 -43.06 -74.17
N VAL TA 127 -42.32 -44.08 -73.36
CA VAL TA 127 -42.55 -45.42 -73.89
C VAL TA 127 -43.76 -45.38 -74.82
N GLY TA 128 -44.82 -44.71 -74.37
CA GLY TA 128 -46.01 -44.52 -75.17
C GLY TA 128 -45.71 -43.92 -76.56
N GLY TA 129 -44.86 -42.88 -76.56
CA GLY TA 129 -44.41 -42.25 -77.80
C GLY TA 129 -43.65 -43.22 -78.71
N ILE TA 130 -42.80 -44.06 -78.11
CA ILE TA 130 -42.02 -45.02 -78.89
C ILE TA 130 -42.98 -46.01 -79.56
N GLN TA 131 -43.97 -46.48 -78.80
CA GLN TA 131 -44.96 -47.42 -79.31
C GLN TA 131 -45.75 -46.78 -80.44
N ALA TA 132 -46.10 -45.51 -80.27
CA ALA TA 132 -46.80 -44.78 -81.32
C ALA TA 132 -45.95 -44.70 -82.59
N MET TA 133 -44.66 -44.40 -82.44
CA MET TA 133 -43.79 -44.32 -83.60
C MET TA 133 -43.77 -45.66 -84.31
N LYS TA 134 -43.75 -46.74 -83.53
CA LYS TA 134 -43.68 -48.08 -84.09
C LYS TA 134 -44.87 -48.32 -85.02
N GLU TA 135 -46.07 -47.96 -84.53
CA GLU TA 135 -47.29 -48.14 -85.29
C GLU TA 135 -47.24 -47.37 -86.61
N VAL TA 136 -46.84 -46.11 -86.57
CA VAL TA 136 -46.72 -45.29 -87.76
C VAL TA 136 -45.70 -45.93 -88.71
N VAL TA 137 -44.56 -46.34 -88.16
CA VAL TA 137 -43.47 -46.89 -88.97
C VAL TA 137 -43.97 -48.15 -89.66
N GLY TA 138 -44.70 -48.98 -88.92
CA GLY TA 138 -45.21 -50.25 -89.43
C GLY TA 138 -45.97 -50.06 -90.74
N GLY TA 139 -46.88 -49.07 -90.76
CA GLY TA 139 -47.64 -48.72 -91.95
C GLY TA 139 -46.73 -48.42 -93.14
N LEU TA 140 -45.77 -47.50 -92.96
CA LEU TA 140 -44.95 -47.01 -94.06
C LEU TA 140 -44.07 -48.13 -94.62
N VAL TA 141 -43.48 -48.92 -93.72
CA VAL TA 141 -42.47 -49.89 -94.14
C VAL TA 141 -43.15 -51.02 -94.89
N GLY TA 142 -44.38 -51.36 -94.49
CA GLY TA 142 -45.10 -52.50 -95.03
C GLY TA 142 -44.88 -53.74 -94.16
N PRO TA 143 -45.70 -54.79 -94.31
CA PRO TA 143 -45.76 -55.90 -93.33
C PRO TA 143 -44.49 -56.70 -93.05
N ASP TA 144 -43.79 -57.13 -94.11
CA ASP TA 144 -42.58 -57.92 -93.95
C ASP TA 144 -41.54 -57.13 -93.14
N ALA TA 145 -41.36 -55.85 -93.53
CA ALA TA 145 -40.42 -54.97 -92.88
C ALA TA 145 -40.90 -54.64 -91.46
N ALA TA 146 -42.22 -54.54 -91.27
CA ALA TA 146 -42.79 -54.11 -90.00
C ALA TA 146 -42.37 -55.05 -88.87
N LYS TA 147 -42.41 -56.36 -89.11
CA LYS TA 147 -42.09 -57.32 -88.07
C LYS TA 147 -40.68 -57.05 -87.55
N GLU TA 148 -39.74 -56.88 -88.49
CA GLU TA 148 -38.35 -56.61 -88.16
C GLU TA 148 -38.22 -55.29 -87.40
N ALA TA 149 -38.89 -54.26 -87.92
CA ALA TA 149 -38.84 -52.93 -87.31
C ALA TA 149 -39.40 -52.99 -85.88
N SER TA 150 -40.49 -53.75 -85.68
CA SER TA 150 -41.19 -53.76 -84.41
C SER TA 150 -40.29 -54.24 -83.28
N ILE TA 151 -39.46 -55.26 -83.52
CA ILE TA 151 -38.70 -55.87 -82.44
C ILE TA 151 -37.77 -54.83 -81.80
N TYR TA 152 -37.14 -53.98 -82.62
CA TYR TA 152 -36.20 -53.00 -82.11
C TYR TA 152 -36.94 -51.92 -81.31
N PHE TA 153 -38.10 -51.49 -81.82
CA PHE TA 153 -38.92 -50.53 -81.09
C PHE TA 153 -39.33 -51.11 -79.74
N ASP TA 154 -39.72 -52.39 -79.72
CA ASP TA 154 -40.14 -53.04 -78.49
C ASP TA 154 -38.96 -53.14 -77.53
N TYR TA 155 -37.76 -53.39 -78.07
CA TYR TA 155 -36.57 -53.50 -77.26
C TYR TA 155 -36.31 -52.18 -76.52
N LEU TA 156 -36.41 -51.06 -77.26
CA LEU TA 156 -36.24 -49.75 -76.67
C LEU TA 156 -37.26 -49.55 -75.55
N SER TA 157 -38.52 -49.91 -75.83
CA SER TA 157 -39.59 -49.68 -74.88
C SER TA 157 -39.34 -50.46 -73.60
N SER TA 158 -38.94 -51.72 -73.74
CA SER TA 158 -38.69 -52.59 -72.59
C SER TA 158 -37.54 -52.05 -71.75
N GLY TA 159 -36.48 -51.55 -72.41
CA GLY TA 159 -35.33 -51.00 -71.73
C GLY TA 159 -35.72 -49.81 -70.86
N LEU TA 160 -36.53 -48.91 -71.42
CA LEU TA 160 -36.88 -47.68 -70.74
C LEU TA 160 -37.76 -48.01 -69.56
N SER TA 161 -38.68 -48.96 -69.76
CA SER TA 161 -39.58 -49.38 -68.71
C SER TA 161 -38.92 -50.54 -67.93
N SER UA 2 -33.64 -11.58 -65.59
CA SER UA 2 -33.74 -10.19 -65.09
C SER UA 2 -32.43 -9.44 -65.32
N VAL UA 3 -32.46 -8.12 -65.22
CA VAL UA 3 -31.25 -7.31 -65.36
C VAL UA 3 -30.24 -7.76 -64.30
N LEU UA 4 -30.72 -7.95 -63.07
CA LEU UA 4 -29.82 -8.22 -61.98
C LEU UA 4 -29.15 -9.57 -62.21
N THR UA 5 -29.94 -10.56 -62.61
CA THR UA 5 -29.42 -11.90 -62.84
C THR UA 5 -28.31 -11.83 -63.88
N LYS UA 6 -28.55 -11.09 -64.95
CA LYS UA 6 -27.58 -10.99 -66.03
C LYS UA 6 -26.27 -10.43 -65.48
N ALA UA 7 -26.34 -9.36 -64.68
CA ALA UA 7 -25.15 -8.72 -64.14
C ALA UA 7 -24.34 -9.68 -63.26
N ILE UA 8 -25.06 -10.39 -62.38
CA ILE UA 8 -24.43 -11.32 -61.47
C ILE UA 8 -23.70 -12.42 -62.27
N VAL UA 9 -24.38 -12.92 -63.29
CA VAL UA 9 -23.84 -14.01 -64.08
C VAL UA 9 -22.54 -13.58 -64.76
N ASN UA 10 -22.50 -12.36 -65.30
CA ASN UA 10 -21.28 -11.88 -65.96
C ASN UA 10 -20.15 -11.79 -64.95
N ALA UA 11 -20.45 -11.28 -63.75
CA ALA UA 11 -19.45 -11.16 -62.71
C ALA UA 11 -18.90 -12.54 -62.33
N ASP UA 12 -19.79 -13.52 -62.17
CA ASP UA 12 -19.37 -14.84 -61.74
C ASP UA 12 -18.44 -15.47 -62.78
N ALA UA 13 -18.75 -15.28 -64.07
CA ALA UA 13 -17.91 -15.78 -65.14
C ALA UA 13 -16.51 -15.18 -65.03
N GLU UA 14 -16.46 -13.88 -64.78
CA GLU UA 14 -15.19 -13.18 -64.63
C GLU UA 14 -14.57 -13.48 -63.27
N ALA UA 15 -15.36 -14.05 -62.34
CA ALA UA 15 -14.88 -14.40 -61.02
C ALA UA 15 -14.48 -13.15 -60.24
N ARG UA 16 -15.26 -12.08 -60.40
CA ARG UA 16 -14.97 -10.80 -59.77
C ARG UA 16 -16.24 -10.31 -59.06
N TYR UA 17 -16.07 -9.38 -58.11
CA TYR UA 17 -17.20 -8.67 -57.50
C TYR UA 17 -17.82 -7.75 -58.55
N LEU UA 18 -19.10 -7.38 -58.35
CA LEU UA 18 -19.81 -6.60 -59.36
C LEU UA 18 -19.12 -5.25 -59.53
N SER UA 19 -18.95 -4.87 -60.80
CA SER UA 19 -18.32 -3.61 -61.17
C SER UA 19 -19.24 -2.45 -60.79
N PRO UA 20 -18.67 -1.24 -60.55
CA PRO UA 20 -19.48 -0.08 -60.18
C PRO UA 20 -20.54 0.23 -61.23
N GLY UA 21 -20.13 0.19 -62.50
CA GLY UA 21 -21.02 0.41 -63.63
C GLY UA 21 -22.19 -0.57 -63.61
N GLU UA 22 -21.89 -1.84 -63.39
CA GLU UA 22 -22.90 -2.89 -63.29
C GLU UA 22 -23.84 -2.59 -62.14
N LEU UA 23 -23.27 -2.17 -61.01
CA LEU UA 23 -24.05 -1.84 -59.83
C LEU UA 23 -25.00 -0.67 -60.14
N ASP UA 24 -24.51 0.31 -60.90
CA ASP UA 24 -25.29 1.48 -61.24
C ASP UA 24 -26.52 1.08 -62.06
N ARG UA 25 -26.32 0.15 -63.01
CA ARG UA 25 -27.40 -0.30 -63.84
C ARG UA 25 -28.46 -1.00 -62.98
N ILE UA 26 -28.02 -1.73 -61.95
CA ILE UA 26 -28.95 -2.39 -61.05
C ILE UA 26 -29.79 -1.34 -60.32
N LYS UA 27 -29.12 -0.27 -59.88
CA LYS UA 27 -29.80 0.81 -59.17
C LYS UA 27 -30.88 1.42 -60.06
N SER UA 28 -30.52 1.68 -61.32
CA SER UA 28 -31.45 2.30 -62.25
C SER UA 28 -32.67 1.40 -62.42
N PHE UA 29 -32.42 0.09 -62.54
CA PHE UA 29 -33.48 -0.88 -62.79
C PHE UA 29 -34.47 -0.89 -61.62
N VAL UA 30 -33.98 -0.84 -60.38
CA VAL UA 30 -34.86 -0.95 -59.23
C VAL UA 30 -35.76 0.28 -59.18
N ALA UA 31 -35.22 1.44 -59.53
CA ALA UA 31 -36.02 2.67 -59.61
C ALA UA 31 -37.10 2.54 -60.70
N SER UA 32 -36.72 1.98 -61.86
CA SER UA 32 -37.63 1.85 -62.98
C SER UA 32 -38.77 0.88 -62.67
N GLY UA 33 -38.50 -0.11 -61.81
CA GLY UA 33 -39.37 -1.25 -61.60
C GLY UA 33 -40.84 -0.89 -61.34
N GLU UA 34 -41.06 0.09 -60.44
CA GLU UA 34 -42.43 0.46 -60.08
C GLU UA 34 -43.23 0.93 -61.30
N ARG UA 35 -42.61 1.78 -62.14
CA ARG UA 35 -43.22 2.18 -63.40
C ARG UA 35 -43.48 0.94 -64.26
N ARG UA 36 -42.50 0.02 -64.33
CA ARG UA 36 -42.64 -1.17 -65.14
C ARG UA 36 -43.82 -2.00 -64.66
N LEU UA 37 -44.01 -2.10 -63.34
CA LEU UA 37 -45.09 -2.90 -62.79
C LEU UA 37 -46.44 -2.40 -63.28
N ARG UA 38 -46.60 -1.07 -63.30
CA ARG UA 38 -47.84 -0.46 -63.74
C ARG UA 38 -48.09 -0.80 -65.21
N ILE UA 39 -47.05 -0.70 -66.05
CA ILE UA 39 -47.19 -1.00 -67.48
C ILE UA 39 -47.69 -2.43 -67.65
N ALA UA 40 -47.09 -3.36 -66.90
CA ALA UA 40 -47.47 -4.76 -66.97
C ALA UA 40 -48.91 -4.95 -66.53
N GLN UA 41 -49.29 -4.23 -65.45
CA GLN UA 41 -50.62 -4.37 -64.90
C GLN UA 41 -51.65 -3.96 -65.95
N THR UA 42 -51.37 -2.84 -66.67
CA THR UA 42 -52.29 -2.33 -67.66
C THR UA 42 -52.57 -3.42 -68.71
N LEU UA 43 -51.51 -4.03 -69.23
CA LEU UA 43 -51.63 -5.02 -70.29
C LEU UA 43 -52.39 -6.25 -69.79
N THR UA 44 -52.15 -6.64 -68.53
CA THR UA 44 -52.82 -7.79 -67.96
C THR UA 44 -54.33 -7.58 -67.96
N GLU UA 45 -54.77 -6.38 -67.57
CA GLU UA 45 -56.19 -6.08 -67.47
C GLU UA 45 -56.83 -6.12 -68.86
N ALA UA 46 -56.10 -5.60 -69.85
CA ALA UA 46 -56.59 -5.52 -71.21
C ALA UA 46 -56.30 -6.81 -72.00
N ARG UA 47 -55.78 -7.83 -71.32
CA ARG UA 47 -55.24 -8.98 -72.00
C ARG UA 47 -56.29 -9.61 -72.92
N GLU UA 48 -57.47 -9.92 -72.38
CA GLU UA 48 -58.53 -10.63 -73.08
C GLU UA 48 -58.88 -9.92 -74.38
N ARG UA 49 -59.05 -8.60 -74.31
CA ARG UA 49 -59.41 -7.82 -75.49
C ARG UA 49 -58.24 -7.76 -76.47
N ILE UA 50 -57.00 -7.62 -75.97
CA ILE UA 50 -55.85 -7.51 -76.86
C ILE UA 50 -55.80 -8.77 -77.73
N VAL UA 51 -55.94 -9.94 -77.10
CA VAL UA 51 -55.83 -11.20 -77.81
C VAL UA 51 -56.93 -11.25 -78.88
N LYS UA 52 -58.16 -10.92 -78.47
CA LYS UA 52 -59.30 -11.02 -79.37
C LYS UA 52 -59.09 -10.11 -80.59
N GLN UA 53 -58.75 -8.85 -80.34
CA GLN UA 53 -58.57 -7.90 -81.42
C GLN UA 53 -57.45 -8.34 -82.36
N ALA UA 54 -56.33 -8.79 -81.78
CA ALA UA 54 -55.18 -9.19 -82.56
C ALA UA 54 -55.52 -10.39 -83.44
N GLY UA 55 -56.26 -11.34 -82.88
CA GLY UA 55 -56.67 -12.52 -83.60
C GLY UA 55 -57.42 -12.15 -84.89
N ASP UA 56 -58.41 -11.26 -84.73
CA ASP UA 56 -59.24 -10.82 -85.83
C ASP UA 56 -58.37 -10.16 -86.92
N GLN UA 57 -57.46 -9.29 -86.48
CA GLN UA 57 -56.56 -8.61 -87.40
C GLN UA 57 -55.73 -9.63 -88.16
N LEU UA 58 -55.20 -10.62 -87.43
CA LEU UA 58 -54.34 -11.64 -88.04
C LEU UA 58 -55.14 -12.39 -89.10
N PHE UA 59 -56.37 -12.78 -88.77
CA PHE UA 59 -57.17 -13.57 -89.70
C PHE UA 59 -57.51 -12.73 -90.93
N GLN UA 60 -57.75 -11.44 -90.76
CA GLN UA 60 -57.97 -10.56 -91.90
C GLN UA 60 -56.69 -10.48 -92.73
N LYS UA 61 -55.54 -10.32 -92.07
CA LYS UA 61 -54.26 -10.18 -92.75
C LYS UA 61 -53.94 -11.47 -93.51
N ARG UA 62 -54.23 -12.63 -92.89
CA ARG UA 62 -53.95 -13.92 -93.48
C ARG UA 62 -55.22 -14.75 -93.58
N PRO UA 63 -56.01 -14.63 -94.66
CA PRO UA 63 -57.20 -15.46 -94.82
C PRO UA 63 -56.84 -16.95 -94.81
N ASP UA 64 -55.68 -17.28 -95.37
CA ASP UA 64 -55.28 -18.65 -95.64
C ASP UA 64 -55.24 -19.47 -94.34
N VAL UA 65 -54.71 -18.90 -93.27
CA VAL UA 65 -54.47 -19.68 -92.05
C VAL UA 65 -55.81 -20.25 -91.58
N VAL UA 66 -56.88 -19.43 -91.58
CA VAL UA 66 -58.21 -19.92 -91.27
C VAL UA 66 -58.93 -20.23 -92.58
N SER UA 67 -58.45 -21.26 -93.27
CA SER UA 67 -59.05 -21.77 -94.48
C SER UA 67 -58.89 -23.29 -94.44
N PRO UA 68 -59.68 -24.08 -95.20
CA PRO UA 68 -59.69 -25.53 -95.01
C PRO UA 68 -58.29 -26.14 -95.10
N GLY UA 69 -57.48 -25.62 -96.02
CA GLY UA 69 -56.08 -26.02 -96.10
C GLY UA 69 -55.29 -25.61 -94.86
N GLY UA 70 -55.54 -24.39 -94.35
CA GLY UA 70 -54.73 -23.76 -93.32
C GLY UA 70 -54.81 -24.46 -91.98
N ASN UA 71 -53.76 -24.25 -91.18
CA ASN UA 71 -53.59 -24.93 -89.90
C ASN UA 71 -54.63 -24.44 -88.89
N ALA UA 72 -54.90 -23.15 -88.94
CA ALA UA 72 -55.75 -22.49 -87.96
C ALA UA 72 -57.22 -22.89 -88.14
N TYR UA 73 -57.59 -23.42 -89.31
CA TYR UA 73 -58.99 -23.63 -89.66
C TYR UA 73 -59.66 -24.64 -88.75
N GLY UA 74 -60.92 -24.35 -88.42
CA GLY UA 74 -61.72 -25.15 -87.49
C GLY UA 74 -61.68 -24.52 -86.10
N GLU UA 75 -62.74 -24.79 -85.29
CA GLU UA 75 -62.88 -24.16 -83.98
C GLU UA 75 -61.73 -24.59 -83.07
N LYS UA 76 -61.44 -25.91 -83.01
CA LYS UA 76 -60.40 -26.39 -82.13
C LYS UA 76 -59.10 -25.67 -82.46
N MET UA 77 -58.76 -25.66 -83.76
CA MET UA 77 -57.52 -25.09 -84.21
C MET UA 77 -57.48 -23.59 -83.95
N THR UA 78 -58.60 -22.90 -84.19
CA THR UA 78 -58.62 -21.46 -84.00
C THR UA 78 -58.41 -21.13 -82.52
N ALA UA 79 -59.01 -21.92 -81.63
CA ALA UA 79 -58.81 -21.74 -80.20
C ALA UA 79 -57.33 -21.86 -79.86
N LEU UA 80 -56.67 -22.89 -80.39
CA LEU UA 80 -55.26 -23.13 -80.11
C LEU UA 80 -54.43 -21.95 -80.59
N CYS UA 81 -54.76 -21.39 -81.77
CA CYS UA 81 -54.04 -20.24 -82.27
C CYS UA 81 -54.19 -19.06 -81.32
N LEU UA 82 -55.39 -18.87 -80.78
CA LEU UA 82 -55.63 -17.78 -79.86
C LEU UA 82 -54.91 -18.04 -78.53
N ARG UA 83 -54.90 -19.31 -78.09
CA ARG UA 83 -54.21 -19.68 -76.88
C ARG UA 83 -52.72 -19.33 -77.02
N ASP UA 84 -52.15 -19.59 -78.19
CA ASP UA 84 -50.75 -19.28 -78.43
C ASP UA 84 -50.53 -17.78 -78.28
N LEU UA 85 -51.43 -16.97 -78.85
CA LEU UA 85 -51.29 -15.54 -78.75
C LEU UA 85 -51.34 -15.11 -77.28
N ASP UA 86 -52.24 -15.72 -76.52
CA ASP UA 86 -52.35 -15.43 -75.11
C ASP UA 86 -51.04 -15.74 -74.39
N TYR UA 87 -50.45 -16.91 -74.70
CA TYR UA 87 -49.19 -17.31 -74.10
C TYR UA 87 -48.11 -16.26 -74.33
N TYR UA 88 -48.01 -15.78 -75.57
CA TYR UA 88 -46.97 -14.83 -75.89
C TYR UA 88 -47.21 -13.52 -75.13
N LEU UA 89 -48.48 -13.14 -74.95
CA LEU UA 89 -48.76 -11.91 -74.22
C LEU UA 89 -48.31 -12.04 -72.77
N ARG UA 90 -48.60 -13.20 -72.16
CA ARG UA 90 -48.20 -13.43 -70.79
C ARG UA 90 -46.68 -13.31 -70.67
N LEU UA 91 -45.97 -13.89 -71.65
CA LEU UA 91 -44.52 -13.83 -71.65
C LEU UA 91 -44.05 -12.37 -71.72
N VAL UA 92 -44.69 -11.56 -72.57
CA VAL UA 92 -44.29 -10.18 -72.71
C VAL UA 92 -44.42 -9.46 -71.37
N THR UA 93 -45.52 -9.70 -70.64
CA THR UA 93 -45.71 -9.02 -69.37
C THR UA 93 -44.58 -9.40 -68.43
N TYR UA 94 -44.23 -10.69 -68.39
CA TYR UA 94 -43.14 -11.16 -67.55
C TYR UA 94 -41.86 -10.42 -67.89
N GLY UA 95 -41.61 -10.23 -69.19
CA GLY UA 95 -40.42 -9.55 -69.65
C GLY UA 95 -40.34 -8.10 -69.13
N ILE UA 96 -41.47 -7.39 -69.17
CA ILE UA 96 -41.47 -6.00 -68.80
C ILE UA 96 -41.06 -5.87 -67.33
N VAL UA 97 -41.63 -6.72 -66.46
CA VAL UA 97 -41.30 -6.62 -65.05
C VAL UA 97 -39.83 -7.01 -64.84
N ALA UA 98 -39.34 -8.01 -65.57
CA ALA UA 98 -37.97 -8.47 -65.44
C ALA UA 98 -36.98 -7.45 -65.96
N GLY UA 99 -37.38 -6.67 -66.97
CA GLY UA 99 -36.49 -5.68 -67.55
C GLY UA 99 -35.53 -6.31 -68.55
N ASP UA 100 -35.75 -7.60 -68.87
CA ASP UA 100 -34.85 -8.35 -69.74
C ASP UA 100 -35.73 -9.29 -70.60
N VAL UA 101 -35.20 -9.72 -71.73
CA VAL UA 101 -35.95 -10.64 -72.57
C VAL UA 101 -35.70 -12.09 -72.15
N THR UA 102 -34.70 -12.29 -71.27
CA THR UA 102 -34.28 -13.63 -70.92
C THR UA 102 -35.47 -14.47 -70.46
N PRO UA 103 -36.33 -14.01 -69.52
CA PRO UA 103 -37.49 -14.80 -69.09
C PRO UA 103 -38.36 -15.21 -70.29
N ILE UA 104 -38.63 -14.24 -71.16
CA ILE UA 104 -39.40 -14.47 -72.38
C ILE UA 104 -38.69 -15.55 -73.19
N GLU UA 105 -37.38 -15.38 -73.35
CA GLU UA 105 -36.60 -16.18 -74.28
C GLU UA 105 -36.61 -17.66 -73.91
N GLU UA 106 -36.38 -17.97 -72.63
CA GLU UA 106 -36.33 -19.35 -72.20
C GLU UA 106 -37.68 -20.06 -72.44
N ILE UA 107 -38.79 -19.40 -72.11
CA ILE UA 107 -40.08 -20.06 -72.18
C ILE UA 107 -40.57 -20.18 -73.63
N GLY UA 108 -40.28 -19.18 -74.47
CA GLY UA 108 -40.97 -19.06 -75.74
C GLY UA 108 -40.10 -19.09 -77.00
N ILE UA 109 -38.84 -18.64 -76.94
CA ILE UA 109 -38.15 -18.35 -78.18
C ILE UA 109 -37.13 -19.44 -78.52
N ILE UA 110 -36.80 -20.36 -77.62
CA ILE UA 110 -35.78 -21.34 -77.94
C ILE UA 110 -36.45 -22.64 -78.32
N GLY UA 111 -36.16 -23.10 -79.54
CA GLY UA 111 -36.79 -24.28 -80.09
C GLY UA 111 -38.16 -23.98 -80.70
N VAL UA 112 -38.54 -22.69 -80.77
CA VAL UA 112 -39.85 -22.32 -81.25
C VAL UA 112 -39.99 -22.75 -82.70
N LYS UA 113 -38.94 -22.52 -83.51
CA LYS UA 113 -38.98 -22.85 -84.93
C LYS UA 113 -39.26 -24.33 -85.08
N GLU UA 114 -38.53 -25.15 -84.33
CA GLU UA 114 -38.63 -26.60 -84.41
C GLU UA 114 -40.03 -27.07 -84.03
N MET UA 115 -40.56 -26.50 -82.94
CA MET UA 115 -41.88 -26.89 -82.47
C MET UA 115 -42.92 -26.58 -83.55
N TYR UA 116 -42.89 -25.36 -84.07
CA TYR UA 116 -43.89 -24.96 -85.04
C TYR UA 116 -43.72 -25.75 -86.34
N ASN UA 117 -42.48 -26.06 -86.73
CA ASN UA 117 -42.27 -26.82 -87.95
C ASN UA 117 -42.88 -28.21 -87.81
N SER UA 118 -42.75 -28.86 -86.66
CA SER UA 118 -43.40 -30.14 -86.47
C SER UA 118 -44.92 -29.94 -86.57
N LEU UA 119 -45.45 -28.89 -85.93
CA LEU UA 119 -46.87 -28.62 -85.98
C LEU UA 119 -47.30 -28.27 -87.40
N GLN UA 120 -46.38 -27.64 -88.16
CA GLN UA 120 -46.60 -27.21 -89.53
C GLN UA 120 -47.26 -25.84 -89.55
N THR UA 121 -47.43 -25.23 -88.38
CA THR UA 121 -47.89 -23.85 -88.27
C THR UA 121 -46.90 -22.95 -89.00
N PRO UA 122 -47.34 -21.98 -89.83
CA PRO UA 122 -46.42 -21.01 -90.44
C PRO UA 122 -45.89 -20.00 -89.43
N ILE UA 123 -44.56 -19.87 -89.37
CA ILE UA 123 -43.90 -19.03 -88.40
C ILE UA 123 -44.24 -17.56 -88.72
N PRO UA 124 -44.20 -17.12 -89.99
CA PRO UA 124 -44.49 -15.72 -90.31
C PRO UA 124 -45.86 -15.23 -89.85
N ALA UA 125 -46.87 -16.10 -89.95
CA ALA UA 125 -48.21 -15.79 -89.50
C ALA UA 125 -48.21 -15.55 -87.99
N VAL UA 126 -47.47 -16.37 -87.25
CA VAL UA 126 -47.37 -16.22 -85.81
C VAL UA 126 -46.78 -14.85 -85.51
N ALA UA 127 -45.75 -14.47 -86.26
CA ALA UA 127 -45.09 -13.18 -86.09
C ALA UA 127 -46.09 -12.05 -86.32
N GLU UA 128 -46.94 -12.19 -87.35
CA GLU UA 128 -47.92 -11.17 -87.67
C GLU UA 128 -48.89 -11.00 -86.49
N GLY UA 129 -49.30 -12.13 -85.89
CA GLY UA 129 -50.18 -12.10 -84.74
C GLY UA 129 -49.57 -11.31 -83.59
N VAL UA 130 -48.27 -11.51 -83.36
CA VAL UA 130 -47.59 -10.81 -82.29
C VAL UA 130 -47.53 -9.31 -82.64
N ARG UA 131 -47.27 -8.99 -83.91
CA ARG UA 131 -47.27 -7.61 -84.35
C ARG UA 131 -48.63 -6.98 -84.11
N ALA UA 132 -49.68 -7.72 -84.45
CA ALA UA 132 -51.05 -7.26 -84.25
C ALA UA 132 -51.29 -6.96 -82.77
N MET UA 133 -50.86 -7.88 -81.89
CA MET UA 133 -51.03 -7.69 -80.47
C MET UA 133 -50.32 -6.42 -80.01
N LYS UA 134 -49.15 -6.17 -80.59
CA LYS UA 134 -48.37 -5.01 -80.22
C LYS UA 134 -49.17 -3.74 -80.49
N ASN UA 135 -49.81 -3.67 -81.66
CA ASN UA 135 -50.53 -2.48 -82.08
C ASN UA 135 -51.69 -2.21 -81.12
N VAL UA 136 -52.44 -3.26 -80.77
CA VAL UA 136 -53.53 -3.12 -79.83
C VAL UA 136 -52.99 -2.65 -78.49
N ALA UA 137 -51.92 -3.29 -78.02
CA ALA UA 137 -51.35 -2.98 -76.72
C ALA UA 137 -50.85 -1.54 -76.68
N THR UA 138 -50.23 -1.10 -77.79
CA THR UA 138 -49.67 0.24 -77.88
C THR UA 138 -50.77 1.28 -77.66
N SER UA 139 -51.93 1.06 -78.28
CA SER UA 139 -53.02 2.02 -78.22
C SER UA 139 -53.47 2.25 -76.79
N LEU UA 140 -53.58 1.16 -75.98
CA LEU UA 140 -54.03 1.28 -74.62
C LEU UA 140 -52.97 1.93 -73.74
N LEU UA 141 -51.70 1.67 -74.06
CA LEU UA 141 -50.60 2.19 -73.26
C LEU UA 141 -50.36 3.65 -73.62
N SER UA 142 -49.86 4.42 -72.65
CA SER UA 142 -49.36 5.76 -72.91
C SER UA 142 -48.06 5.65 -73.71
N GLY UA 143 -47.70 6.73 -74.43
CA GLY UA 143 -46.63 6.71 -75.43
C GLY UA 143 -45.31 6.16 -74.91
N ASP UA 144 -44.82 6.69 -73.79
CA ASP UA 144 -43.58 6.24 -73.18
C ASP UA 144 -43.72 4.79 -72.71
N ASP UA 145 -44.86 4.47 -72.11
CA ASP UA 145 -45.14 3.10 -71.69
C ASP UA 145 -45.13 2.18 -72.91
N ALA UA 146 -45.75 2.65 -74.00
CA ALA UA 146 -45.87 1.89 -75.23
C ALA UA 146 -44.48 1.56 -75.79
N ALA UA 147 -43.56 2.53 -75.74
CA ALA UA 147 -42.22 2.33 -76.26
C ALA UA 147 -41.52 1.19 -75.52
N GLU UA 148 -41.64 1.20 -74.18
CA GLU UA 148 -41.08 0.14 -73.35
C GLU UA 148 -41.66 -1.20 -73.76
N ALA UA 149 -42.99 -1.26 -73.85
CA ALA UA 149 -43.68 -2.49 -74.22
C ALA UA 149 -43.28 -2.92 -75.62
N GLY UA 150 -43.12 -1.95 -76.53
CA GLY UA 150 -42.79 -2.21 -77.92
C GLY UA 150 -41.51 -3.02 -78.05
N PHE UA 151 -40.50 -2.68 -77.25
CA PHE UA 151 -39.20 -3.32 -77.34
C PHE UA 151 -39.38 -4.84 -77.16
N TYR UA 152 -40.15 -5.23 -76.13
CA TYR UA 152 -40.35 -6.64 -75.84
C TYR UA 152 -41.14 -7.29 -76.98
N PHE UA 153 -42.16 -6.58 -77.48
CA PHE UA 153 -42.94 -7.10 -78.58
C PHE UA 153 -42.08 -7.29 -79.82
N ASP UA 154 -41.20 -6.32 -80.09
CA ASP UA 154 -40.33 -6.38 -81.25
C ASP UA 154 -39.39 -7.58 -81.17
N TYR UA 155 -38.86 -7.83 -79.96
CA TYR UA 155 -37.95 -8.93 -79.76
C TYR UA 155 -38.64 -10.24 -80.17
N LEU UA 156 -39.88 -10.42 -79.72
CA LEU UA 156 -40.64 -11.62 -80.03
C LEU UA 156 -40.76 -11.76 -81.54
N VAL UA 157 -41.11 -10.68 -82.20
CA VAL UA 157 -41.30 -10.70 -83.64
C VAL UA 157 -39.97 -11.07 -84.31
N GLY UA 158 -38.87 -10.50 -83.81
CA GLY UA 158 -37.56 -10.82 -84.33
C GLY UA 158 -37.21 -12.30 -84.14
N ALA UA 159 -37.52 -12.82 -82.95
CA ALA UA 159 -37.21 -14.19 -82.61
C ALA UA 159 -37.90 -15.19 -83.54
N MET UA 160 -39.15 -14.95 -83.90
CA MET UA 160 -39.92 -15.81 -84.78
C MET UA 160 -39.71 -15.29 -86.22
N MET VA 1 -28.68 -18.66 -62.84
CA MET VA 1 -29.20 -18.73 -61.44
C MET VA 1 -30.61 -18.20 -61.41
N GLN VA 2 -31.16 -17.94 -60.20
CA GLN VA 2 -32.44 -17.27 -60.14
C GLN VA 2 -32.33 -16.08 -59.17
N ASP VA 3 -33.19 -15.10 -59.40
CA ASP VA 3 -33.29 -13.93 -58.57
C ASP VA 3 -34.73 -13.80 -58.10
N ALA VA 4 -35.01 -12.89 -57.18
CA ALA VA 4 -36.33 -12.76 -56.60
C ALA VA 4 -37.37 -12.47 -57.69
N ILE VA 5 -37.06 -11.52 -58.57
CA ILE VA 5 -37.99 -11.17 -59.63
C ILE VA 5 -38.29 -12.39 -60.48
N THR VA 6 -37.26 -13.11 -60.91
CA THR VA 6 -37.44 -14.27 -61.76
C THR VA 6 -38.15 -15.38 -61.00
N ALA VA 7 -37.90 -15.51 -59.70
CA ALA VA 7 -38.55 -16.55 -58.90
C ALA VA 7 -40.06 -16.38 -58.92
N VAL VA 8 -40.52 -15.13 -58.77
CA VAL VA 8 -41.95 -14.82 -58.82
C VAL VA 8 -42.47 -15.21 -60.21
N ILE VA 9 -41.76 -14.76 -61.24
CA ILE VA 9 -42.17 -15.04 -62.60
C ILE VA 9 -42.29 -16.55 -62.81
N ASN VA 10 -41.31 -17.30 -62.33
CA ASN VA 10 -41.27 -18.73 -62.60
C ASN VA 10 -42.45 -19.42 -61.93
N ASN VA 11 -42.78 -18.98 -60.71
CA ASN VA 11 -43.88 -19.58 -59.97
C ASN VA 11 -45.17 -19.37 -60.75
N TYR VA 12 -45.34 -18.17 -61.31
CA TYR VA 12 -46.53 -17.84 -62.08
C TYR VA 12 -46.55 -18.63 -63.38
N ASP VA 13 -45.38 -18.78 -64.02
CA ASP VA 13 -45.31 -19.47 -65.29
C ASP VA 13 -45.72 -20.92 -65.16
N VAL VA 14 -45.33 -21.62 -64.08
CA VAL VA 14 -45.70 -23.02 -63.93
C VAL VA 14 -47.23 -23.09 -63.75
N GLN VA 15 -47.80 -22.10 -63.04
CA GLN VA 15 -49.25 -22.05 -62.89
C GLN VA 15 -49.89 -21.65 -64.22
N GLY VA 16 -49.15 -20.88 -65.04
CA GLY VA 16 -49.66 -20.39 -66.30
C GLY VA 16 -50.44 -19.08 -66.09
N LYS VA 17 -50.47 -18.62 -64.85
CA LYS VA 17 -51.20 -17.42 -64.47
C LYS VA 17 -50.48 -16.18 -64.96
N TYR VA 18 -51.24 -15.18 -65.40
CA TYR VA 18 -50.72 -13.85 -65.64
C TYR VA 18 -50.35 -13.23 -64.30
N LEU VA 19 -49.41 -12.27 -64.32
CA LEU VA 19 -48.97 -11.64 -63.09
C LEU VA 19 -50.13 -10.90 -62.45
N ASP VA 20 -50.26 -11.04 -61.12
CA ASP VA 20 -51.38 -10.47 -60.39
C ASP VA 20 -50.83 -9.53 -59.31
N GLY VA 21 -51.73 -8.75 -58.70
CA GLY VA 21 -51.36 -7.72 -57.74
C GLY VA 21 -50.54 -8.27 -56.57
N ALA VA 22 -50.98 -9.42 -56.04
CA ALA VA 22 -50.25 -10.07 -54.95
C ALA VA 22 -48.80 -10.34 -55.35
N ALA VA 23 -48.63 -10.90 -56.56
CA ALA VA 23 -47.31 -11.10 -57.12
C ALA VA 23 -46.58 -9.77 -57.26
N LEU VA 24 -47.29 -8.75 -57.75
CA LEU VA 24 -46.71 -7.44 -57.96
C LEU VA 24 -46.18 -6.88 -56.65
N ASP VA 25 -46.92 -7.10 -55.55
CA ASP VA 25 -46.54 -6.61 -54.24
C ASP VA 25 -45.20 -7.20 -53.80
N LYS VA 26 -45.00 -8.50 -54.03
CA LYS VA 26 -43.74 -9.14 -53.71
C LYS VA 26 -42.61 -8.49 -54.52
N LEU VA 27 -42.87 -8.23 -55.80
CA LEU VA 27 -41.88 -7.60 -56.65
C LEU VA 27 -41.57 -6.20 -56.12
N LYS VA 28 -42.63 -5.49 -55.69
CA LYS VA 28 -42.48 -4.13 -55.22
C LYS VA 28 -41.62 -4.12 -53.95
N ALA VA 29 -41.88 -5.11 -53.08
CA ALA VA 29 -41.10 -5.25 -51.86
C ALA VA 29 -39.62 -5.35 -52.18
N TYR VA 30 -39.28 -6.19 -53.17
CA TYR VA 30 -37.89 -6.38 -53.55
C TYR VA 30 -37.30 -5.04 -54.00
N PHE VA 31 -38.07 -4.28 -54.79
CA PHE VA 31 -37.54 -3.08 -55.42
C PHE VA 31 -37.10 -2.06 -54.36
N THR VA 32 -37.88 -1.93 -53.27
CA THR VA 32 -37.53 -1.03 -52.18
C THR VA 32 -36.22 -1.49 -51.50
N THR VA 33 -36.07 -2.80 -51.27
CA THR VA 33 -34.91 -3.34 -50.58
C THR VA 33 -33.67 -3.15 -51.46
N GLY VA 34 -33.85 -3.16 -52.77
CA GLY VA 34 -32.78 -3.16 -53.76
C GLY VA 34 -31.71 -2.09 -53.50
N ALA VA 35 -32.15 -0.85 -53.27
CA ALA VA 35 -31.20 0.26 -53.12
C ALA VA 35 -30.22 -0.01 -51.98
N VAL VA 36 -30.74 -0.49 -50.84
CA VAL VA 36 -29.94 -0.82 -49.67
C VAL VA 36 -28.91 -1.88 -50.05
N ARG VA 37 -29.37 -2.91 -50.78
CA ARG VA 37 -28.53 -4.03 -51.12
C ARG VA 37 -27.35 -3.57 -51.96
N VAL VA 38 -27.60 -2.68 -52.93
CA VAL VA 38 -26.54 -2.21 -53.80
C VAL VA 38 -25.46 -1.53 -52.96
N ARG VA 39 -25.88 -0.70 -52.00
CA ARG VA 39 -24.92 0.01 -51.16
C ARG VA 39 -24.11 -1.00 -50.37
N ALA VA 40 -24.76 -2.02 -49.81
CA ALA VA 40 -24.09 -3.04 -49.01
C ALA VA 40 -23.03 -3.76 -49.84
N ALA VA 41 -23.40 -4.12 -51.08
CA ALA VA 41 -22.50 -4.85 -51.95
C ALA VA 41 -21.21 -4.07 -52.20
N ALA VA 42 -21.34 -2.76 -52.43
CA ALA VA 42 -20.18 -1.92 -52.70
C ALA VA 42 -19.26 -1.88 -51.48
N VAL VA 43 -19.86 -1.79 -50.29
CA VAL VA 43 -19.11 -1.79 -49.05
C VAL VA 43 -18.31 -3.08 -48.94
N ILE VA 44 -18.96 -4.22 -49.19
CA ILE VA 44 -18.31 -5.50 -49.03
C ILE VA 44 -17.14 -5.62 -50.00
N SER VA 45 -17.35 -5.23 -51.26
CA SER VA 45 -16.31 -5.40 -52.27
C SER VA 45 -15.05 -4.63 -51.87
N SER VA 46 -15.22 -3.40 -51.38
CA SER VA 46 -14.09 -2.55 -51.02
C SER VA 46 -13.34 -3.12 -49.82
N ASN VA 47 -14.06 -3.73 -48.86
CA ASN VA 47 -13.47 -4.17 -47.61
C ASN VA 47 -13.23 -5.67 -47.60
N ALA VA 48 -13.28 -6.32 -48.78
CA ALA VA 48 -13.28 -7.77 -48.83
C ALA VA 48 -12.00 -8.35 -48.20
N THR VA 49 -10.84 -7.81 -48.58
CA THR VA 49 -9.57 -8.31 -48.08
C THR VA 49 -9.55 -8.23 -46.56
N THR VA 50 -9.97 -7.09 -46.00
CA THR VA 50 -9.96 -6.89 -44.56
C THR VA 50 -10.95 -7.83 -43.90
N ILE VA 51 -12.13 -8.01 -44.50
CA ILE VA 51 -13.14 -8.86 -43.90
C ILE VA 51 -12.54 -10.24 -43.69
N ILE VA 52 -11.85 -10.73 -44.71
CA ILE VA 52 -11.28 -12.06 -44.64
C ILE VA 52 -10.21 -12.10 -43.56
N LYS VA 53 -9.36 -11.06 -43.52
CA LYS VA 53 -8.29 -10.97 -42.54
C LYS VA 53 -8.86 -11.05 -41.12
N GLU VA 54 -9.89 -10.23 -40.85
CA GLU VA 54 -10.47 -10.15 -39.52
C GLU VA 54 -11.08 -11.50 -39.14
N ALA VA 55 -11.80 -12.11 -40.08
CA ALA VA 55 -12.48 -13.36 -39.80
C ALA VA 55 -11.47 -14.45 -39.51
N ALA VA 56 -10.37 -14.48 -40.27
CA ALA VA 56 -9.33 -15.49 -40.07
C ALA VA 56 -8.74 -15.32 -38.67
N ALA VA 57 -8.48 -14.04 -38.31
CA ALA VA 57 -7.93 -13.71 -37.00
C ALA VA 57 -8.85 -14.19 -35.89
N LYS VA 58 -10.16 -14.02 -36.08
CA LYS VA 58 -11.16 -14.44 -35.11
C LYS VA 58 -11.18 -15.95 -34.93
N ALA VA 59 -11.07 -16.73 -36.01
CA ALA VA 59 -11.29 -18.19 -35.92
C ALA VA 59 -10.07 -19.02 -36.37
N LEU VA 60 -9.61 -18.80 -37.58
CA LEU VA 60 -8.62 -19.72 -38.18
C LEU VA 60 -7.20 -19.57 -37.63
N ILE VA 61 -6.59 -18.39 -37.76
CA ILE VA 61 -5.15 -18.25 -37.42
C ILE VA 61 -4.96 -18.30 -35.91
N TYR VA 62 -3.76 -18.69 -35.46
CA TYR VA 62 -3.44 -18.84 -34.03
C TYR VA 62 -4.23 -20.04 -33.52
N SER VA 63 -4.10 -21.16 -34.18
CA SER VA 63 -4.88 -22.35 -33.85
C SER VA 63 -4.09 -23.58 -34.24
N ASP VA 64 -4.61 -24.76 -33.89
CA ASP VA 64 -4.06 -26.02 -34.31
C ASP VA 64 -3.97 -26.11 -35.84
N LEU VA 65 -4.95 -25.57 -36.54
CA LEU VA 65 -5.01 -25.65 -38.00
C LEU VA 65 -3.72 -25.09 -38.59
N THR VA 66 -3.32 -23.91 -38.11
CA THR VA 66 -2.14 -23.29 -38.64
C THR VA 66 -0.88 -24.00 -38.14
N ARG VA 67 -0.94 -24.68 -37.00
CA ARG VA 67 0.23 -25.35 -36.45
C ARG VA 67 0.53 -26.58 -37.29
N PRO VA 68 1.79 -27.08 -37.34
CA PRO VA 68 2.16 -28.21 -38.18
C PRO VA 68 1.30 -29.44 -37.92
N GLY VA 69 0.86 -30.09 -38.98
CA GLY VA 69 -0.08 -31.20 -38.90
C GLY VA 69 -1.54 -30.76 -38.95
N GLY VA 70 -1.77 -29.44 -39.02
CA GLY VA 70 -3.11 -28.88 -39.14
C GLY VA 70 -3.46 -28.66 -40.60
N MET VA 72 -4.53 -26.20 -42.29
CA MET VA 72 -4.13 -24.94 -42.92
C MET VA 72 -2.64 -24.70 -42.78
N TYR VA 73 -1.91 -25.69 -42.30
CA TYR VA 73 -0.45 -25.63 -42.23
C TYR VA 73 0.16 -25.70 -43.64
N THR VA 74 1.31 -25.04 -43.84
CA THR VA 74 2.01 -24.85 -45.12
C THR VA 74 1.41 -23.67 -45.86
N THR VA 75 2.21 -22.96 -46.65
CA THR VA 75 1.73 -21.76 -47.33
C THR VA 75 0.62 -22.13 -48.32
N ARG VA 76 0.81 -23.22 -49.03
CA ARG VA 76 -0.12 -23.62 -50.06
C ARG VA 76 -1.52 -23.81 -49.48
N ARG VA 77 -1.61 -24.57 -48.38
CA ARG VA 77 -2.88 -24.78 -47.73
C ARG VA 77 -3.45 -23.51 -47.15
N TYR VA 78 -2.61 -22.66 -46.56
CA TYR VA 78 -3.10 -21.40 -46.01
C TYR VA 78 -3.75 -20.60 -47.12
N ALA VA 79 -3.07 -20.51 -48.25
CA ALA VA 79 -3.57 -19.73 -49.38
C ALA VA 79 -4.91 -20.31 -49.88
N ALA VA 80 -5.00 -21.63 -49.94
CA ALA VA 80 -6.23 -22.29 -50.35
C ALA VA 80 -7.40 -21.91 -49.43
N CYS VA 81 -7.16 -21.93 -48.13
CA CYS VA 81 -8.21 -21.65 -47.18
C CYS VA 81 -8.72 -20.22 -47.36
N ILE VA 82 -7.82 -19.25 -47.55
CA ILE VA 82 -8.28 -17.89 -47.68
C ILE VA 82 -8.97 -17.71 -49.03
N ARG VA 83 -8.57 -18.47 -50.05
CA ARG VA 83 -9.26 -18.44 -51.34
C ARG VA 83 -10.69 -18.92 -51.16
N ASP VA 84 -10.88 -19.99 -50.39
CA ASP VA 84 -12.22 -20.51 -50.16
C ASP VA 84 -13.05 -19.46 -49.44
N MET VA 85 -12.45 -18.75 -48.49
CA MET VA 85 -13.16 -17.75 -47.73
C MET VA 85 -13.66 -16.66 -48.66
N ASP VA 86 -12.81 -16.25 -49.58
CA ASP VA 86 -13.15 -15.24 -50.56
C ASP VA 86 -14.33 -15.70 -51.42
N TYR VA 87 -14.33 -16.97 -51.84
CA TYR VA 87 -15.43 -17.52 -52.62
C TYR VA 87 -16.73 -17.30 -51.85
N PHE VA 88 -16.75 -17.72 -50.59
CA PHE VA 88 -17.96 -17.65 -49.81
C PHE VA 88 -18.45 -16.20 -49.76
N LEU VA 89 -17.52 -15.28 -49.54
CA LEU VA 89 -17.88 -13.88 -49.43
C LEU VA 89 -18.48 -13.38 -50.75
N ARG VA 90 -17.83 -13.68 -51.88
CA ARG VA 90 -18.28 -13.19 -53.17
C ARG VA 90 -19.67 -13.72 -53.48
N TYR VA 91 -19.91 -15.01 -53.21
CA TYR VA 91 -21.17 -15.61 -53.55
C TYR VA 91 -22.27 -15.06 -52.66
N ALA VA 92 -21.96 -14.86 -51.37
CA ALA VA 92 -22.95 -14.30 -50.48
C ALA VA 92 -23.35 -12.90 -50.96
N THR VA 93 -22.38 -12.11 -51.41
CA THR VA 93 -22.67 -10.79 -51.95
C THR VA 93 -23.59 -10.91 -53.16
N TYR VA 94 -23.30 -11.86 -54.05
CA TYR VA 94 -24.14 -12.08 -55.23
C TYR VA 94 -25.56 -12.40 -54.78
N ALA VA 95 -25.68 -13.29 -53.79
CA ALA VA 95 -26.98 -13.73 -53.34
C ALA VA 95 -27.76 -12.55 -52.76
N MET VA 96 -27.06 -11.68 -52.02
CA MET VA 96 -27.70 -10.55 -51.37
C MET VA 96 -28.28 -9.61 -52.42
N LEU VA 97 -27.51 -9.31 -53.48
CA LEU VA 97 -28.04 -8.50 -54.56
C LEU VA 97 -29.23 -9.19 -55.18
N ALA VA 98 -29.11 -10.49 -55.47
CA ALA VA 98 -30.16 -11.22 -56.16
C ALA VA 98 -31.43 -11.27 -55.32
N GLY VA 99 -31.27 -11.39 -54.01
CA GLY VA 99 -32.42 -11.58 -53.13
C GLY VA 99 -32.88 -13.06 -53.13
N ASP VA 100 -32.06 -13.96 -53.66
CA ASP VA 100 -32.41 -15.36 -53.72
C ASP VA 100 -31.21 -16.21 -53.31
N PRO VA 101 -31.43 -17.29 -52.52
CA PRO VA 101 -30.36 -18.21 -52.14
C PRO VA 101 -29.92 -19.23 -53.19
N SER VA 102 -30.60 -19.29 -54.33
CA SER VA 102 -30.42 -20.35 -55.31
C SER VA 102 -29.00 -20.42 -55.84
N ILE VA 103 -28.40 -19.28 -56.14
CA ILE VA 103 -27.06 -19.26 -56.72
C ILE VA 103 -26.12 -19.99 -55.75
N LEU VA 104 -26.29 -19.83 -54.44
CA LEU VA 104 -25.43 -20.49 -53.48
C LEU VA 104 -25.56 -22.00 -53.67
N ASP VA 105 -26.79 -22.50 -53.82
CA ASP VA 105 -27.01 -23.92 -54.02
C ASP VA 105 -26.37 -24.41 -55.32
N GLU VA 106 -26.54 -23.65 -56.39
CA GLU VA 106 -26.10 -24.10 -57.70
C GLU VA 106 -24.59 -24.11 -57.81
N ARG VA 107 -23.89 -23.12 -57.24
CA ARG VA 107 -22.44 -23.04 -57.39
C ARG VA 107 -21.71 -23.52 -56.15
N VAL VA 108 -21.96 -22.92 -55.01
CA VAL VA 108 -21.13 -23.19 -53.85
C VAL VA 108 -21.55 -24.52 -53.22
N LEU VA 109 -22.83 -24.67 -52.91
CA LEU VA 109 -23.26 -25.68 -51.97
C LEU VA 109 -23.19 -27.08 -52.54
N ASN VA 110 -23.36 -27.21 -53.85
CA ASN VA 110 -23.59 -28.57 -54.41
C ASN VA 110 -22.25 -29.30 -54.55
N GLY VA 111 -22.09 -30.43 -53.90
CA GLY VA 111 -20.88 -31.21 -53.92
C GLY VA 111 -19.76 -30.71 -53.01
N LEU VA 112 -19.95 -29.59 -52.30
CA LEU VA 112 -18.84 -29.07 -51.51
C LEU VA 112 -18.58 -29.99 -50.32
N LYS VA 113 -19.64 -30.47 -49.67
CA LYS VA 113 -19.48 -31.29 -48.48
C LYS VA 113 -18.65 -32.52 -48.83
N GLU VA 114 -19.00 -33.17 -49.94
CA GLU VA 114 -18.32 -34.38 -50.38
C GLU VA 114 -16.87 -34.09 -50.71
N THR VA 115 -16.61 -32.99 -51.42
CA THR VA 115 -15.25 -32.58 -51.76
C THR VA 115 -14.44 -32.41 -50.48
N TYR VA 116 -15.01 -31.68 -49.52
CA TYR VA 116 -14.30 -31.39 -48.29
C TYR VA 116 -14.00 -32.68 -47.53
N ASN VA 117 -14.95 -33.61 -47.50
CA ASN VA 117 -14.76 -34.84 -46.77
C ASN VA 117 -13.62 -35.65 -47.39
N SER VA 118 -13.57 -35.74 -48.72
CA SER VA 118 -12.47 -36.41 -49.37
C SER VA 118 -11.14 -35.71 -49.05
N LEU VA 119 -11.14 -34.38 -49.11
CA LEU VA 119 -9.93 -33.62 -48.89
C LEU VA 119 -9.48 -33.76 -47.43
N GLY VA 120 -10.44 -33.91 -46.51
CA GLY VA 120 -10.15 -33.88 -45.10
C GLY VA 120 -10.10 -32.47 -44.53
N VAL VA 121 -10.58 -31.49 -45.30
CA VAL VA 121 -10.83 -30.15 -44.78
C VAL VA 121 -11.89 -30.28 -43.68
N PRO VA 122 -11.72 -29.61 -42.50
CA PRO VA 122 -12.73 -29.65 -41.44
C PRO VA 122 -13.93 -28.72 -41.68
N ILE VA 123 -15.13 -29.28 -41.79
CA ILE VA 123 -16.29 -28.52 -42.22
C ILE VA 123 -16.68 -27.54 -41.12
N ALA VA 124 -16.69 -27.99 -39.87
CA ALA VA 124 -17.12 -27.17 -38.76
C ALA VA 124 -16.25 -25.92 -38.62
N ALA VA 125 -14.94 -26.06 -38.78
CA ALA VA 125 -14.03 -24.93 -38.75
C ALA VA 125 -14.36 -23.93 -39.88
N THR VA 126 -14.66 -24.46 -41.06
CA THR VA 126 -15.00 -23.62 -42.20
C THR VA 126 -16.28 -22.85 -41.89
N VAL VA 127 -17.25 -23.54 -41.31
CA VAL VA 127 -18.51 -22.93 -40.95
C VAL VA 127 -18.24 -21.81 -39.96
N GLY VA 128 -17.39 -22.08 -38.96
CA GLY VA 128 -16.95 -21.08 -38.00
C GLY VA 128 -16.41 -19.81 -38.66
N GLY VA 129 -15.56 -20.00 -39.67
CA GLY VA 129 -15.02 -18.91 -40.46
C GLY VA 129 -16.11 -18.10 -41.18
N ILE VA 130 -17.12 -18.80 -41.72
CA ILE VA 130 -18.21 -18.15 -42.43
C ILE VA 130 -18.98 -17.27 -41.44
N GLN VA 131 -19.25 -17.82 -40.24
CA GLN VA 131 -19.96 -17.10 -39.20
C GLN VA 131 -19.17 -15.86 -38.78
N ALA VA 132 -17.85 -16.01 -38.66
CA ALA VA 132 -16.99 -14.89 -38.34
C ALA VA 132 -17.08 -13.81 -39.41
N MET VA 133 -17.06 -14.20 -40.68
CA MET VA 133 -17.15 -13.23 -41.76
C MET VA 133 -18.46 -12.47 -41.64
N LYS VA 134 -19.53 -13.19 -41.30
CA LYS VA 134 -20.85 -12.60 -41.18
C LYS VA 134 -20.82 -11.45 -40.18
N GLU VA 135 -20.23 -11.71 -39.01
CA GLU VA 135 -20.16 -10.75 -37.94
C GLU VA 135 -19.41 -9.49 -38.40
N VAL VA 136 -18.25 -9.67 -39.04
CA VAL VA 136 -17.47 -8.55 -39.54
C VAL VA 136 -18.29 -7.79 -40.57
N VAL VA 137 -18.95 -8.52 -41.49
CA VAL VA 137 -19.69 -7.91 -42.58
C VAL VA 137 -20.81 -7.07 -41.98
N GLY VA 138 -21.49 -7.63 -40.96
CA GLY VA 138 -22.61 -6.96 -40.33
C GLY VA 138 -22.26 -5.54 -39.89
N GLY VA 139 -21.10 -5.40 -39.22
CA GLY VA 139 -20.60 -4.10 -38.81
C GLY VA 139 -20.48 -3.11 -39.97
N LEU VA 140 -19.78 -3.52 -41.04
CA LEU VA 140 -19.45 -2.63 -42.14
C LEU VA 140 -20.72 -2.19 -42.87
N VAL VA 141 -21.63 -3.14 -43.10
CA VAL VA 141 -22.78 -2.88 -43.96
C VAL VA 141 -23.76 -1.96 -43.22
N GLY VA 142 -23.82 -2.11 -41.89
CA GLY VA 142 -24.79 -1.39 -41.09
C GLY VA 142 -26.06 -2.22 -40.89
N PRO VA 143 -26.93 -1.86 -39.91
CA PRO VA 143 -28.00 -2.75 -39.43
C PRO VA 143 -29.05 -3.25 -40.43
N ASP VA 144 -29.60 -2.33 -41.22
CA ASP VA 144 -30.63 -2.69 -42.20
C ASP VA 144 -30.08 -3.70 -43.19
N ALA VA 145 -28.86 -3.42 -43.70
CA ALA VA 145 -28.20 -4.29 -44.65
C ALA VA 145 -27.79 -5.60 -43.98
N ALA VA 146 -27.41 -5.53 -42.69
CA ALA VA 146 -26.88 -6.68 -41.98
C ALA VA 146 -27.89 -7.83 -41.95
N LYS VA 147 -29.16 -7.52 -41.71
CA LYS VA 147 -30.17 -8.57 -41.60
C LYS VA 147 -30.21 -9.35 -42.90
N GLU VA 148 -30.24 -8.62 -44.02
CA GLU VA 148 -30.28 -9.22 -45.35
C GLU VA 148 -29.01 -10.04 -45.60
N ALA VA 149 -27.86 -9.47 -45.27
CA ALA VA 149 -26.58 -10.14 -45.47
C ALA VA 149 -26.53 -11.43 -44.64
N SER VA 150 -27.04 -11.38 -43.40
CA SER VA 150 -26.91 -12.50 -42.48
C SER VA 150 -27.57 -13.76 -43.03
N ILE VA 151 -28.74 -13.62 -43.68
CA ILE VA 151 -29.50 -14.79 -44.07
C ILE VA 151 -28.68 -15.64 -45.05
N TYR VA 152 -27.96 -15.00 -45.98
CA TYR VA 152 -27.20 -15.72 -47.00
C TYR VA 152 -26.02 -16.42 -46.35
N PHE VA 153 -25.35 -15.74 -45.41
CA PHE VA 153 -24.24 -16.34 -44.68
C PHE VA 153 -24.74 -17.57 -43.92
N ASP VA 154 -25.92 -17.45 -43.29
CA ASP VA 154 -26.47 -18.55 -42.54
C ASP VA 154 -26.84 -19.70 -43.46
N TYR VA 155 -27.32 -19.38 -44.66
CA TYR VA 155 -27.70 -20.37 -45.64
C TYR VA 155 -26.49 -21.21 -46.02
N LEU VA 156 -25.35 -20.53 -46.28
CA LEU VA 156 -24.13 -21.23 -46.61
C LEU VA 156 -23.74 -22.15 -45.46
N SER VA 157 -23.82 -21.64 -44.23
CA SER VA 157 -23.39 -22.38 -43.06
C SER VA 157 -24.22 -23.65 -42.91
N SER VA 158 -25.54 -23.51 -43.06
CA SER VA 158 -26.45 -24.64 -42.91
C SER VA 158 -26.20 -25.69 -43.98
N GLY VA 159 -25.93 -25.25 -45.22
CA GLY VA 159 -25.66 -26.17 -46.31
C GLY VA 159 -24.42 -27.01 -46.05
N LEU VA 160 -23.36 -26.37 -45.56
CA LEU VA 160 -22.08 -27.03 -45.38
C LEU VA 160 -22.23 -28.03 -44.26
N SER VA 161 -22.95 -27.63 -43.21
CA SER VA 161 -23.19 -28.49 -42.07
C SER VA 161 -24.46 -29.31 -42.31
N SER WA 2 -4.03 -67.08 -37.55
CA SER WA 2 -2.89 -67.57 -36.74
C SER WA 2 -3.21 -67.43 -35.25
N VAL WA 3 -2.36 -68.04 -34.40
CA VAL WA 3 -2.51 -67.95 -32.96
C VAL WA 3 -2.53 -66.49 -32.53
N LEU WA 4 -1.61 -65.70 -33.09
CA LEU WA 4 -1.46 -64.34 -32.60
C LEU WA 4 -2.72 -63.55 -32.96
N THR WA 5 -3.23 -63.72 -34.18
CA THR WA 5 -4.42 -63.00 -34.60
C THR WA 5 -5.57 -63.33 -33.65
N LYS WA 6 -5.72 -64.62 -33.33
CA LYS WA 6 -6.79 -65.05 -32.47
C LYS WA 6 -6.70 -64.35 -31.11
N ALA WA 7 -5.50 -64.31 -30.54
CA ALA WA 7 -5.28 -63.70 -29.22
C ALA WA 7 -5.62 -62.23 -29.24
N ILE WA 8 -5.16 -61.52 -30.26
CA ILE WA 8 -5.43 -60.10 -30.40
C ILE WA 8 -6.94 -59.86 -30.46
N VAL WA 9 -7.61 -60.66 -31.25
CA VAL WA 9 -9.04 -60.49 -31.46
C VAL WA 9 -9.79 -60.66 -30.14
N ASN WA 10 -9.41 -61.64 -29.32
CA ASN WA 10 -10.09 -61.86 -28.05
C ASN WA 10 -9.85 -60.66 -27.14
N ALA WA 11 -8.62 -60.14 -27.13
CA ALA WA 11 -8.27 -58.99 -26.32
C ALA WA 11 -9.11 -57.79 -26.75
N ASP WA 12 -9.23 -57.55 -28.05
CA ASP WA 12 -9.93 -56.38 -28.56
C ASP WA 12 -11.40 -56.45 -28.16
N ALA WA 13 -12.01 -57.64 -28.21
CA ALA WA 13 -13.39 -57.81 -27.78
C ALA WA 13 -13.54 -57.42 -26.31
N GLU WA 14 -12.59 -57.86 -25.50
CA GLU WA 14 -12.58 -57.54 -24.07
C GLU WA 14 -12.13 -56.10 -23.85
N ALA WA 15 -11.54 -55.48 -24.87
CA ALA WA 15 -11.06 -54.10 -24.78
C ALA WA 15 -9.94 -53.98 -23.75
N ARG WA 16 -9.06 -54.99 -23.70
CA ARG WA 16 -7.97 -55.04 -22.75
C ARG WA 16 -6.67 -55.33 -23.47
N TYR WA 17 -5.54 -55.04 -22.83
CA TYR WA 17 -4.22 -55.45 -23.32
C TYR WA 17 -4.11 -56.97 -23.21
N LEU WA 18 -3.19 -57.58 -23.97
CA LEU WA 18 -3.03 -59.02 -23.93
C LEU WA 18 -2.64 -59.47 -22.52
N SER WA 19 -3.34 -60.52 -22.06
CA SER WA 19 -3.12 -61.08 -20.74
C SER WA 19 -1.78 -61.78 -20.69
N PRO WA 20 -1.15 -61.91 -19.51
CA PRO WA 20 0.16 -62.58 -19.39
C PRO WA 20 0.09 -64.02 -19.91
N GLY WA 21 -0.99 -64.73 -19.53
CA GLY WA 21 -1.24 -66.08 -19.98
C GLY WA 21 -1.31 -66.17 -21.51
N GLU WA 22 -2.04 -65.24 -22.11
CA GLU WA 22 -2.17 -65.15 -23.57
C GLU WA 22 -0.79 -64.91 -24.17
N LEU WA 23 -0.01 -64.02 -23.56
CA LEU WA 23 1.33 -63.71 -24.03
C LEU WA 23 2.21 -64.95 -23.98
N ASP WA 24 2.06 -65.74 -22.91
CA ASP WA 24 2.86 -66.95 -22.74
C ASP WA 24 2.58 -67.93 -23.86
N ARG WA 25 1.31 -68.07 -24.22
CA ARG WA 25 0.91 -68.97 -25.30
C ARG WA 25 1.55 -68.52 -26.61
N ILE WA 26 1.65 -67.21 -26.82
CA ILE WA 26 2.29 -66.67 -28.01
C ILE WA 26 3.76 -67.08 -28.02
N LYS WA 27 4.41 -66.97 -26.86
CA LYS WA 27 5.82 -67.34 -26.73
C LYS WA 27 6.00 -68.80 -27.10
N SER WA 28 5.12 -69.66 -26.58
CA SER WA 28 5.22 -71.09 -26.83
C SER WA 28 5.09 -71.35 -28.33
N PHE WA 29 4.15 -70.65 -28.97
CA PHE WA 29 3.85 -70.82 -30.38
C PHE WA 29 5.08 -70.48 -31.22
N VAL WA 30 5.79 -69.40 -30.89
CA VAL WA 30 6.90 -68.95 -31.72
C VAL WA 30 8.02 -70.00 -31.64
N ALA WA 31 8.21 -70.59 -30.45
CA ALA WA 31 9.18 -71.67 -30.28
C ALA WA 31 8.78 -72.90 -31.11
N SER WA 32 7.49 -73.23 -31.10
CA SER WA 32 6.98 -74.42 -31.79
C SER WA 32 7.09 -74.25 -33.30
N GLY WA 33 7.05 -73.01 -33.79
CA GLY WA 33 6.89 -72.71 -35.21
C GLY WA 33 7.88 -73.46 -36.11
N GLU WA 34 9.16 -73.46 -35.73
CA GLU WA 34 10.20 -74.09 -36.55
C GLU WA 34 9.91 -75.58 -36.75
N ARG WA 35 9.55 -76.27 -35.68
CA ARG WA 35 9.09 -77.66 -35.77
C ARG WA 35 7.88 -77.77 -36.68
N ARG WA 36 6.93 -76.85 -36.54
CA ARG WA 36 5.72 -76.85 -37.35
C ARG WA 36 6.08 -76.72 -38.82
N LEU WA 37 7.06 -75.86 -39.14
CA LEU WA 37 7.45 -75.64 -40.53
C LEU WA 37 7.93 -76.95 -41.15
N ARG WA 38 8.71 -77.71 -40.40
CA ARG WA 38 9.22 -79.01 -40.86
C ARG WA 38 8.06 -79.96 -41.14
N ILE WA 39 7.09 -80.03 -40.24
CA ILE WA 39 5.93 -80.91 -40.42
C ILE WA 39 5.22 -80.56 -41.72
N ALA WA 40 5.03 -79.27 -41.96
CA ALA WA 40 4.37 -78.79 -43.16
C ALA WA 40 5.18 -79.17 -44.40
N GLN WA 41 6.49 -79.02 -44.30
CA GLN WA 41 7.38 -79.30 -45.42
C GLN WA 41 7.25 -80.77 -45.81
N THR WA 42 7.22 -81.65 -44.81
CA THR WA 42 7.12 -83.09 -45.04
C THR WA 42 5.88 -83.39 -45.88
N LEU WA 43 4.73 -82.86 -45.46
CA LEU WA 43 3.46 -83.13 -46.12
C LEU WA 43 3.49 -82.58 -47.55
N THR WA 44 4.09 -81.41 -47.75
CA THR WA 44 4.15 -80.80 -49.06
C THR WA 44 4.90 -81.73 -50.03
N GLU WA 45 6.01 -82.31 -49.58
CA GLU WA 45 6.82 -83.17 -50.43
C GLU WA 45 6.05 -84.42 -50.81
N ALA WA 46 5.28 -84.96 -49.83
CA ALA WA 46 4.54 -86.18 -50.03
C ALA WA 46 3.14 -85.90 -50.59
N ARG WA 47 2.89 -84.65 -50.97
CA ARG WA 47 1.54 -84.21 -51.29
C ARG WA 47 0.96 -85.09 -52.40
N GLU WA 48 1.68 -85.22 -53.53
CA GLU WA 48 1.20 -85.91 -54.72
C GLU WA 48 0.76 -87.32 -54.38
N ARG WA 49 1.58 -88.05 -53.60
CA ARG WA 49 1.29 -89.42 -53.24
C ARG WA 49 0.11 -89.48 -52.26
N ILE WA 50 0.04 -88.52 -51.31
CA ILE WA 50 -1.02 -88.55 -50.32
C ILE WA 50 -2.36 -88.46 -51.04
N VAL WA 51 -2.45 -87.52 -51.99
CA VAL WA 51 -3.69 -87.29 -52.70
C VAL WA 51 -4.06 -88.56 -53.46
N LYS WA 52 -3.09 -89.13 -54.18
CA LYS WA 52 -3.35 -90.29 -55.01
C LYS WA 52 -3.86 -91.45 -54.16
N GLN WA 53 -3.14 -91.75 -53.08
CA GLN WA 53 -3.51 -92.87 -52.22
C GLN WA 53 -4.90 -92.65 -51.63
N ALA WA 54 -5.17 -91.43 -51.15
CA ALA WA 54 -6.42 -91.13 -50.50
C ALA WA 54 -7.58 -91.29 -51.49
N GLY WA 55 -7.37 -90.81 -52.72
CA GLY WA 55 -8.36 -90.91 -53.76
C GLY WA 55 -8.81 -92.36 -53.97
N ASP WA 56 -7.82 -93.24 -54.12
CA ASP WA 56 -8.06 -94.65 -54.37
C ASP WA 56 -8.87 -95.24 -53.22
N GLN WA 57 -8.46 -94.93 -51.99
CA GLN WA 57 -9.13 -95.42 -50.81
C GLN WA 57 -10.59 -94.97 -50.83
N LEU WA 58 -10.81 -93.68 -51.15
CA LEU WA 58 -12.14 -93.11 -51.14
C LEU WA 58 -13.02 -93.84 -52.17
N PHE WA 59 -12.47 -94.05 -53.36
CA PHE WA 59 -13.24 -94.66 -54.43
C PHE WA 59 -13.58 -96.11 -54.07
N GLN WA 60 -12.65 -96.81 -53.41
CA GLN WA 60 -12.94 -98.15 -52.92
C GLN WA 60 -14.04 -98.09 -51.86
N LYS WA 61 -13.92 -97.14 -50.93
CA LYS WA 61 -14.89 -97.01 -49.84
C LYS WA 61 -16.27 -96.66 -50.39
N ARG WA 62 -16.31 -95.79 -51.42
CA ARG WA 62 -17.56 -95.35 -52.02
C ARG WA 62 -17.54 -95.65 -53.52
N PRO WA 63 -17.98 -96.84 -53.94
CA PRO WA 63 -18.05 -97.15 -55.37
C PRO WA 63 -18.99 -96.20 -56.09
N ASP WA 64 -20.07 -95.76 -55.39
CA ASP WA 64 -21.16 -95.03 -56.01
C ASP WA 64 -20.65 -93.70 -56.59
N VAL WA 65 -19.75 -93.01 -55.89
CA VAL WA 65 -19.37 -91.67 -56.32
C VAL WA 65 -18.77 -91.76 -57.73
N VAL WA 66 -17.93 -92.75 -57.99
CA VAL WA 66 -17.41 -93.00 -59.33
C VAL WA 66 -18.28 -94.09 -59.97
N SER WA 67 -19.53 -93.75 -60.24
CA SER WA 67 -20.46 -94.60 -60.95
C SER WA 67 -21.31 -93.68 -61.82
N PRO WA 68 -21.99 -94.18 -62.88
CA PRO WA 68 -22.62 -93.28 -63.86
C PRO WA 68 -23.55 -92.26 -63.22
N GLY WA 69 -24.30 -92.71 -62.20
CA GLY WA 69 -25.12 -91.80 -61.42
C GLY WA 69 -24.28 -90.78 -60.64
N GLY WA 70 -23.16 -91.24 -60.07
CA GLY WA 70 -22.37 -90.47 -59.12
C GLY WA 70 -21.69 -89.25 -59.75
N ASN WA 71 -21.40 -88.26 -58.89
CA ASN WA 71 -20.87 -86.98 -59.32
C ASN WA 71 -19.44 -87.14 -59.85
N ALA WA 72 -18.69 -88.01 -59.17
CA ALA WA 72 -17.26 -88.16 -59.44
C ALA WA 72 -17.02 -88.86 -60.77
N TYR WA 73 -18.04 -89.55 -61.31
CA TYR WA 73 -17.87 -90.41 -62.47
C TYR WA 73 -17.42 -89.66 -63.71
N GLY WA 74 -16.51 -90.29 -64.47
CA GLY WA 74 -15.90 -89.69 -65.64
C GLY WA 74 -14.54 -89.10 -65.30
N GLU WA 75 -13.64 -89.00 -66.31
CA GLU WA 75 -12.28 -88.54 -66.09
C GLU WA 75 -12.29 -87.10 -65.61
N LYS WA 76 -13.05 -86.22 -66.29
CA LYS WA 76 -13.06 -84.81 -65.92
C LYS WA 76 -13.46 -84.70 -64.45
N MET WA 77 -14.56 -85.36 -64.11
CA MET WA 77 -15.12 -85.28 -62.76
C MET WA 77 -14.14 -85.88 -61.74
N THR WA 78 -13.50 -87.00 -62.08
CA THR WA 78 -12.59 -87.64 -61.15
C THR WA 78 -11.40 -86.70 -60.88
N ALA WA 79 -10.91 -86.03 -61.92
CA ALA WA 79 -9.83 -85.08 -61.76
C ALA WA 79 -10.22 -83.97 -60.79
N LEU WA 80 -11.44 -83.45 -60.95
CA LEU WA 80 -11.93 -82.38 -60.10
C LEU WA 80 -12.01 -82.85 -58.66
N CYS WA 81 -12.45 -84.09 -58.44
CA CYS WA 81 -12.52 -84.63 -57.09
C CYS WA 81 -11.12 -84.69 -56.47
N LEU WA 82 -10.13 -85.09 -57.28
CA LEU WA 82 -8.77 -85.16 -56.78
C LEU WA 82 -8.22 -83.74 -56.54
N ARG WA 83 -8.57 -82.80 -57.42
CA ARG WA 83 -8.15 -81.43 -57.24
C ARG WA 83 -8.68 -80.89 -55.90
N ASP WA 84 -9.92 -81.23 -55.57
CA ASP WA 84 -10.50 -80.80 -54.31
C ASP WA 84 -9.70 -81.35 -53.15
N LEU WA 85 -9.31 -82.62 -53.23
CA LEU WA 85 -8.54 -83.25 -52.16
C LEU WA 85 -7.21 -82.51 -52.02
N ASP WA 86 -6.60 -82.17 -53.16
CA ASP WA 86 -5.35 -81.43 -53.14
C ASP WA 86 -5.52 -80.08 -52.43
N TYR WA 87 -6.61 -79.37 -52.76
CA TYR WA 87 -6.92 -78.09 -52.15
C TYR WA 87 -6.96 -78.21 -50.64
N TYR WA 88 -7.67 -79.23 -50.14
CA TYR WA 88 -7.82 -79.39 -48.72
C TYR WA 88 -6.46 -79.67 -48.09
N LEU WA 89 -5.59 -80.42 -48.77
CA LEU WA 89 -4.29 -80.71 -48.21
C LEU WA 89 -3.47 -79.42 -48.08
N ARG WA 90 -3.52 -78.58 -49.11
CA ARG WA 90 -2.80 -77.32 -49.08
C ARG WA 90 -3.28 -76.48 -47.91
N LEU WA 91 -4.60 -76.47 -47.68
CA LEU WA 91 -5.16 -75.72 -46.57
C LEU WA 91 -4.63 -76.26 -45.26
N VAL WA 92 -4.55 -77.58 -45.11
CA VAL WA 92 -4.06 -78.18 -43.89
C VAL WA 92 -2.64 -77.73 -43.61
N THR WA 93 -1.78 -77.71 -44.64
CA THR WA 93 -0.40 -77.30 -44.43
C THR WA 93 -0.38 -75.87 -43.91
N TYR WA 94 -1.19 -74.99 -44.52
CA TYR WA 94 -1.27 -73.60 -44.10
C TYR WA 94 -1.65 -73.52 -42.62
N GLY WA 95 -2.60 -74.37 -42.21
CA GLY WA 95 -3.06 -74.41 -40.84
C GLY WA 95 -1.94 -74.76 -39.86
N ILE WA 96 -1.12 -75.75 -40.21
CA ILE WA 96 -0.09 -76.23 -39.32
C ILE WA 96 0.89 -75.08 -39.04
N VAL WA 97 1.30 -74.35 -40.10
CA VAL WA 97 2.25 -73.27 -39.90
C VAL WA 97 1.59 -72.16 -39.08
N ALA WA 98 0.32 -71.88 -39.34
CA ALA WA 98 -0.39 -70.82 -38.63
C ALA WA 98 -0.62 -71.19 -37.16
N GLY WA 99 -0.79 -72.48 -36.87
CA GLY WA 99 -1.07 -72.93 -35.53
C GLY WA 99 -2.53 -72.76 -35.16
N ASP WA 100 -3.37 -72.42 -36.16
CA ASP WA 100 -4.79 -72.22 -35.93
C ASP WA 100 -5.56 -72.75 -37.15
N VAL WA 101 -6.83 -73.03 -36.96
CA VAL WA 101 -7.66 -73.51 -38.07
C VAL WA 101 -8.26 -72.34 -38.83
N THR WA 102 -8.14 -71.13 -38.28
CA THR WA 102 -8.78 -69.98 -38.86
C THR WA 102 -8.40 -69.83 -40.34
N PRO WA 103 -7.12 -69.87 -40.74
CA PRO WA 103 -6.75 -69.78 -42.16
C PRO WA 103 -7.48 -70.83 -42.99
N ILE WA 104 -7.48 -72.06 -42.50
CA ILE WA 104 -8.18 -73.17 -43.15
C ILE WA 104 -9.65 -72.81 -43.27
N GLU WA 105 -10.22 -72.32 -42.18
CA GLU WA 105 -11.66 -72.13 -42.05
C GLU WA 105 -12.18 -71.12 -43.06
N GLU WA 106 -11.52 -69.98 -43.19
CA GLU WA 106 -12.03 -68.93 -44.08
C GLU WA 106 -11.97 -69.42 -45.54
N ILE WA 107 -10.91 -70.11 -45.96
CA ILE WA 107 -10.78 -70.49 -47.34
C ILE WA 107 -11.68 -71.66 -47.71
N GLY WA 108 -11.88 -72.60 -46.78
CA GLY WA 108 -12.49 -73.88 -47.13
C GLY WA 108 -13.79 -74.26 -46.42
N ILE WA 109 -14.04 -73.77 -45.21
CA ILE WA 109 -15.12 -74.37 -44.44
C ILE WA 109 -16.35 -73.47 -44.41
N ILE WA 110 -16.26 -72.17 -44.83
CA ILE WA 110 -17.44 -71.35 -44.79
C ILE WA 110 -18.09 -71.31 -46.18
N GLY WA 111 -19.36 -71.71 -46.21
CA GLY WA 111 -20.12 -71.80 -47.43
C GLY WA 111 -19.86 -73.11 -48.18
N VAL WA 112 -19.09 -74.02 -47.55
CA VAL WA 112 -18.72 -75.26 -48.22
C VAL WA 112 -19.97 -76.07 -48.52
N LYS WA 113 -20.89 -76.14 -47.56
CA LYS WA 113 -22.12 -76.91 -47.71
C LYS WA 113 -22.87 -76.40 -48.93
N GLU WA 114 -23.02 -75.08 -49.02
CA GLU WA 114 -23.79 -74.46 -50.08
C GLU WA 114 -23.15 -74.74 -51.44
N MET WA 115 -21.83 -74.60 -51.51
CA MET WA 115 -21.12 -74.82 -52.76
C MET WA 115 -21.34 -76.26 -53.23
N TYR WA 116 -21.13 -77.21 -52.32
CA TYR WA 116 -21.22 -78.62 -52.70
C TYR WA 116 -22.67 -78.97 -53.03
N ASN WA 117 -23.64 -78.39 -52.33
CA ASN WA 117 -25.03 -78.68 -52.62
C ASN WA 117 -25.39 -78.22 -54.03
N SER WA 118 -24.90 -77.05 -54.46
CA SER WA 118 -25.14 -76.64 -55.84
C SER WA 118 -24.48 -77.63 -56.79
N LEU WA 119 -23.25 -78.05 -56.47
CA LEU WA 119 -22.54 -78.99 -57.31
C LEU WA 119 -23.24 -80.36 -57.28
N GLN WA 120 -23.87 -80.67 -56.15
CA GLN WA 120 -24.58 -81.92 -55.90
C GLN WA 120 -23.60 -83.00 -55.43
N THR WA 121 -22.34 -82.62 -55.21
CA THR WA 121 -21.37 -83.51 -54.61
C THR WA 121 -21.86 -83.90 -53.21
N PRO WA 122 -21.79 -85.20 -52.81
CA PRO WA 122 -22.12 -85.59 -51.44
C PRO WA 122 -21.06 -85.16 -50.43
N ILE WA 123 -21.50 -84.46 -49.38
CA ILE WA 123 -20.59 -83.94 -48.38
C ILE WA 123 -19.92 -85.07 -47.62
N PRO WA 124 -20.64 -86.15 -47.22
CA PRO WA 124 -20.01 -87.23 -46.45
C PRO WA 124 -18.84 -87.89 -47.17
N ALA WA 125 -18.97 -88.06 -48.50
CA ALA WA 125 -17.92 -88.64 -49.29
C ALA WA 125 -16.67 -87.76 -49.25
N VAL WA 126 -16.87 -86.44 -49.32
CA VAL WA 126 -15.76 -85.49 -49.26
C VAL WA 126 -15.05 -85.68 -47.92
N ALA WA 127 -15.84 -85.82 -46.85
CA ALA WA 127 -15.28 -86.01 -45.51
C ALA WA 127 -14.44 -87.28 -45.46
N GLU WA 128 -14.93 -88.36 -46.09
CA GLU WA 128 -14.23 -89.62 -46.11
C GLU WA 128 -12.86 -89.45 -46.80
N GLY WA 129 -12.85 -88.70 -47.91
CA GLY WA 129 -11.62 -88.42 -48.62
C GLY WA 129 -10.59 -87.72 -47.73
N VAL WA 130 -11.06 -86.77 -46.93
CA VAL WA 130 -10.18 -86.04 -46.02
C VAL WA 130 -9.67 -87.01 -44.96
N ARG WA 131 -10.54 -87.89 -44.46
CA ARG WA 131 -10.13 -88.88 -43.48
C ARG WA 131 -9.05 -89.77 -44.08
N ALA WA 132 -9.27 -90.20 -45.33
CA ALA WA 132 -8.31 -91.02 -46.03
C ALA WA 132 -6.97 -90.32 -46.14
N MET WA 133 -6.99 -89.03 -46.50
CA MET WA 133 -5.75 -88.27 -46.61
C MET WA 133 -5.04 -88.22 -45.27
N LYS WA 134 -5.80 -88.10 -44.19
CA LYS WA 134 -5.23 -88.04 -42.86
C LYS WA 134 -4.41 -89.30 -42.59
N ASN WA 135 -4.99 -90.47 -42.92
CA ASN WA 135 -4.35 -91.74 -42.62
C ASN WA 135 -3.03 -91.85 -43.36
N VAL WA 136 -3.03 -91.49 -44.65
CA VAL WA 136 -1.82 -91.52 -45.45
C VAL WA 136 -0.80 -90.57 -44.83
N ALA WA 137 -1.23 -89.34 -44.52
CA ALA WA 137 -0.33 -88.33 -44.00
C ALA WA 137 0.26 -88.77 -42.66
N THR WA 138 -0.56 -89.39 -41.81
CA THR WA 138 -0.13 -89.85 -40.50
C THR WA 138 1.03 -90.82 -40.63
N SER WA 139 0.94 -91.75 -41.59
CA SER WA 139 1.95 -92.79 -41.76
C SER WA 139 3.31 -92.16 -42.06
N LEU WA 140 3.35 -91.14 -42.92
CA LEU WA 140 4.60 -90.51 -43.30
C LEU WA 140 5.15 -89.68 -42.15
N LEU WA 141 4.26 -89.09 -41.35
CA LEU WA 141 4.68 -88.24 -40.25
C LEU WA 141 5.13 -89.10 -39.08
N SER WA 142 6.05 -88.56 -38.28
CA SER WA 142 6.38 -89.15 -36.99
C SER WA 142 5.20 -88.96 -36.04
N GLY WA 143 5.12 -89.80 -35.00
CA GLY WA 143 3.93 -89.91 -34.15
C GLY WA 143 3.45 -88.58 -33.56
N ASP WA 144 4.37 -87.85 -32.93
CA ASP WA 144 4.03 -86.55 -32.34
C ASP WA 144 3.67 -85.56 -33.44
N ASP WA 145 4.41 -85.58 -34.55
CA ASP WA 145 4.09 -84.72 -35.70
C ASP WA 145 2.70 -85.09 -36.22
N ALA WA 146 2.41 -86.39 -36.28
CA ALA WA 146 1.14 -86.89 -36.80
C ALA WA 146 -0.02 -86.37 -35.95
N ALA WA 147 0.15 -86.36 -34.62
CA ALA WA 147 -0.89 -85.91 -33.72
C ALA WA 147 -1.24 -84.46 -34.01
N GLU WA 148 -0.21 -83.62 -34.18
CA GLU WA 148 -0.40 -82.22 -34.54
C GLU WA 148 -1.18 -82.11 -35.83
N ALA WA 149 -0.73 -82.84 -36.86
CA ALA WA 149 -1.38 -82.81 -38.17
C ALA WA 149 -2.81 -83.33 -38.05
N GLY WA 150 -3.01 -84.36 -37.22
CA GLY WA 150 -4.31 -84.98 -37.06
C GLY WA 150 -5.38 -83.97 -36.64
N PHE WA 151 -5.02 -83.07 -35.72
CA PHE WA 151 -5.97 -82.12 -35.19
C PHE WA 151 -6.57 -81.31 -36.34
N TYR WA 152 -5.70 -80.81 -37.24
CA TYR WA 152 -6.16 -80.01 -38.35
C TYR WA 152 -7.04 -80.85 -39.28
N PHE WA 153 -6.60 -82.09 -39.53
CA PHE WA 153 -7.37 -82.98 -40.39
C PHE WA 153 -8.74 -83.26 -39.78
N ASP WA 154 -8.78 -83.48 -38.47
CA ASP WA 154 -10.02 -83.79 -37.78
C ASP WA 154 -10.99 -82.61 -37.89
N TYR WA 155 -10.46 -81.39 -37.74
CA TYR WA 155 -11.28 -80.19 -37.82
C TYR WA 155 -12.00 -80.16 -39.17
N LEU WA 156 -11.25 -80.43 -40.25
CA LEU WA 156 -11.82 -80.40 -41.59
C LEU WA 156 -12.96 -81.40 -41.67
N VAL WA 157 -12.72 -82.60 -41.15
CA VAL WA 157 -13.72 -83.65 -41.21
C VAL WA 157 -14.95 -83.21 -40.42
N GLY WA 158 -14.73 -82.60 -39.26
CA GLY WA 158 -15.82 -82.08 -38.44
C GLY WA 158 -16.62 -81.01 -39.18
N ALA WA 159 -15.89 -80.09 -39.85
CA ALA WA 159 -16.51 -78.97 -40.54
C ALA WA 159 -17.46 -79.45 -41.64
N MET WA 160 -17.08 -80.46 -42.39
CA MET WA 160 -17.96 -80.98 -43.44
C MET WA 160 -18.79 -82.14 -42.87
N MET XA 1 -8.14 -58.38 -39.36
CA MET XA 1 -6.77 -57.84 -39.43
C MET XA 1 -5.86 -58.85 -40.11
N GLN XA 2 -4.61 -58.46 -40.26
CA GLN XA 2 -3.61 -59.39 -40.79
C GLN XA 2 -2.35 -59.35 -39.93
N ASP XA 3 -1.66 -60.49 -39.88
CA ASP XA 3 -0.40 -60.59 -39.23
C ASP XA 3 0.62 -61.11 -40.22
N ALA XA 4 1.92 -61.10 -39.87
CA ALA XA 4 2.96 -61.47 -40.79
C ALA XA 4 2.76 -62.91 -41.28
N ILE XA 5 2.49 -63.82 -40.35
CA ILE XA 5 2.30 -65.22 -40.71
C ILE XA 5 1.15 -65.34 -41.72
N THR XA 6 0.01 -64.70 -41.41
CA THR XA 6 -1.14 -64.78 -42.28
C THR XA 6 -0.86 -64.09 -43.61
N ALA XA 7 -0.09 -63.01 -43.60
CA ALA XA 7 0.23 -62.30 -44.83
C ALA XA 7 0.94 -63.22 -45.82
N VAL XA 8 1.91 -63.99 -45.32
CA VAL XA 8 2.65 -64.92 -46.15
C VAL XA 8 1.66 -65.95 -46.69
N ILE XA 9 0.84 -66.51 -45.80
CA ILE XA 9 -0.13 -67.52 -46.20
C ILE XA 9 -1.04 -66.97 -47.29
N ASN XA 10 -1.52 -65.73 -47.12
CA ASN XA 10 -2.50 -65.20 -48.04
C ASN XA 10 -1.87 -65.03 -49.42
N ASN XA 11 -0.61 -64.58 -49.45
CA ASN XA 11 0.07 -64.35 -50.72
C ASN XA 11 0.18 -65.68 -51.46
N TYR XA 12 0.50 -66.76 -50.74
CA TYR XA 12 0.63 -68.07 -51.34
C TYR XA 12 -0.73 -68.59 -51.79
N ASP XA 13 -1.77 -68.34 -50.99
CA ASP XA 13 -3.09 -68.83 -51.32
C ASP XA 13 -3.61 -68.23 -52.62
N VAL XA 14 -3.37 -66.94 -52.87
CA VAL XA 14 -3.86 -66.33 -54.10
C VAL XA 14 -3.11 -66.95 -55.27
N GLN XA 15 -1.82 -67.27 -55.09
CA GLN XA 15 -1.06 -67.94 -56.12
C GLN XA 15 -1.52 -69.39 -56.23
N GLY XA 16 -2.01 -69.96 -55.11
CA GLY XA 16 -2.45 -71.35 -55.07
C GLY XA 16 -1.26 -72.27 -54.78
N LYS XA 17 -0.08 -71.65 -54.56
CA LYS XA 17 1.15 -72.37 -54.35
C LYS XA 17 1.18 -72.96 -52.94
N TYR XA 18 1.72 -74.17 -52.81
CA TYR XA 18 2.06 -74.73 -51.52
C TYR XA 18 3.21 -73.92 -50.92
N LEU XA 19 3.33 -73.93 -49.59
CA LEU XA 19 4.36 -73.17 -48.91
C LEU XA 19 5.72 -73.68 -49.33
N ASP XA 20 6.65 -72.77 -49.60
CA ASP XA 20 7.97 -73.12 -50.10
C ASP XA 20 9.03 -72.54 -49.14
N GLY XA 21 10.27 -72.96 -49.32
CA GLY XA 21 11.38 -72.61 -48.45
C GLY XA 21 11.56 -71.09 -48.31
N ALA XA 22 11.48 -70.38 -49.43
CA ALA XA 22 11.58 -68.92 -49.43
C ALA XA 22 10.52 -68.32 -48.51
N ALA XA 23 9.29 -68.80 -48.66
CA ALA XA 23 8.19 -68.41 -47.78
C ALA XA 23 8.52 -68.78 -46.34
N LEU XA 24 9.06 -69.99 -46.14
CA LEU XA 24 9.39 -70.47 -44.81
C LEU XA 24 10.40 -69.54 -44.15
N ASP XA 25 11.36 -69.06 -44.93
CA ASP XA 25 12.41 -68.16 -44.44
C ASP XA 25 11.82 -66.87 -43.88
N LYS XA 26 10.83 -66.30 -44.60
CA LYS XA 26 10.14 -65.11 -44.14
C LYS XA 26 9.45 -65.39 -42.82
N LEU XA 27 8.80 -66.56 -42.72
CA LEU XA 27 8.13 -66.94 -41.49
C LEU XA 27 9.14 -67.08 -40.37
N LYS XA 28 10.29 -67.66 -40.69
CA LYS XA 28 11.34 -67.92 -39.72
C LYS XA 28 11.85 -66.57 -39.19
N ALA XA 29 12.03 -65.61 -40.10
CA ALA XA 29 12.47 -64.28 -39.73
C ALA XA 29 11.54 -63.69 -38.68
N TYR XA 30 10.23 -63.81 -38.92
CA TYR XA 30 9.25 -63.27 -37.98
C TYR XA 30 9.41 -63.95 -36.63
N PHE XA 31 9.61 -65.26 -36.62
CA PHE XA 31 9.63 -66.03 -35.38
C PHE XA 31 10.77 -65.57 -34.47
N THR XA 32 11.92 -65.24 -35.03
CA THR XA 32 13.05 -64.72 -34.26
C THR XA 32 12.69 -63.38 -33.63
N THR XA 33 12.03 -62.49 -34.39
CA THR XA 33 11.68 -61.17 -33.92
C THR XA 33 10.64 -61.28 -32.80
N GLY XA 34 9.80 -62.31 -32.90
CA GLY XA 34 8.63 -62.52 -32.04
C GLY XA 34 8.96 -62.43 -30.58
N ALA XA 35 9.99 -63.08 -30.10
CA ALA XA 35 10.32 -63.12 -28.68
C ALA XA 35 10.51 -61.71 -28.13
N VAL XA 36 11.25 -60.88 -28.87
CA VAL XA 36 11.50 -59.50 -28.50
C VAL XA 36 10.16 -58.76 -28.37
N ARG XA 37 9.29 -58.96 -29.37
CA ARG XA 37 8.03 -58.27 -29.44
C ARG XA 37 7.19 -58.58 -28.21
N VAL XA 38 7.15 -59.86 -27.82
CA VAL XA 38 6.32 -60.27 -26.70
C VAL XA 38 6.80 -59.56 -25.45
N ARG XA 39 8.12 -59.47 -25.25
CA ARG XA 39 8.67 -58.81 -24.07
C ARG XA 39 8.25 -57.35 -24.09
N ALA XA 40 8.35 -56.68 -25.25
CA ALA XA 40 7.98 -55.28 -25.36
C ALA XA 40 6.51 -55.07 -24.97
N ALA XA 41 5.65 -55.95 -25.49
CA ALA XA 41 4.21 -55.84 -25.25
C ALA XA 41 3.90 -55.91 -23.77
N ALA XA 42 4.55 -56.82 -23.05
CA ALA XA 42 4.32 -56.99 -21.61
C ALA XA 42 4.73 -55.73 -20.86
N VAL XA 43 5.86 -55.12 -21.27
CA VAL XA 43 6.33 -53.89 -20.66
C VAL XA 43 5.27 -52.82 -20.84
N ILE XA 44 4.75 -52.68 -22.07
CA ILE XA 44 3.81 -51.61 -22.36
C ILE XA 44 2.54 -51.81 -21.53
N SER XA 45 2.03 -53.04 -21.46
CA SER XA 45 0.77 -53.29 -20.76
C SER XA 45 0.88 -52.89 -19.30
N SER XA 46 2.00 -53.24 -18.66
CA SER XA 46 2.20 -52.96 -17.24
C SER XA 46 2.30 -51.46 -16.99
N ASN XA 47 2.93 -50.72 -17.91
CA ASN XA 47 3.21 -49.31 -17.71
C ASN XA 47 2.22 -48.43 -18.47
N ALA XA 48 1.11 -48.98 -18.92
CA ALA XA 48 0.21 -48.26 -19.82
C ALA XA 48 -0.32 -46.99 -19.18
N THR XA 49 -0.82 -47.10 -17.94
CA THR XA 49 -1.38 -45.96 -17.25
C THR XA 49 -0.34 -44.84 -17.14
N THR XA 50 0.90 -45.20 -16.75
CA THR XA 50 1.96 -44.23 -16.58
C THR XA 50 2.32 -43.62 -17.93
N ILE XA 51 2.38 -44.45 -18.98
CA ILE XA 51 2.79 -43.94 -20.28
C ILE XA 51 1.84 -42.82 -20.67
N ILE XA 52 0.53 -43.05 -20.45
CA ILE XA 52 -0.46 -42.06 -20.83
C ILE XA 52 -0.26 -40.81 -19.98
N LYS XA 53 -0.05 -40.99 -18.68
CA LYS XA 53 0.13 -39.89 -17.74
C LYS XA 53 1.29 -39.02 -18.21
N GLU XA 54 2.45 -39.65 -18.48
CA GLU XA 54 3.63 -38.91 -18.84
C GLU XA 54 3.41 -38.13 -20.13
N ALA XA 55 2.78 -38.80 -21.12
CA ALA XA 55 2.61 -38.19 -22.42
C ALA XA 55 1.68 -36.99 -22.29
N ALA XA 56 0.61 -37.13 -21.49
CA ALA XA 56 -0.33 -36.04 -21.31
C ALA XA 56 0.37 -34.86 -20.67
N ALA XA 57 1.20 -35.15 -19.66
CA ALA XA 57 1.95 -34.13 -18.94
C ALA XA 57 2.88 -33.39 -19.90
N LYS XA 58 3.50 -34.12 -20.82
CA LYS XA 58 4.42 -33.53 -21.80
C LYS XA 58 3.68 -32.61 -22.75
N ALA XA 59 2.48 -32.97 -23.23
CA ALA XA 59 1.83 -32.20 -24.30
C ALA XA 59 0.46 -31.62 -23.89
N LEU XA 60 -0.43 -32.46 -23.39
CA LEU XA 60 -1.83 -32.06 -23.29
C LEU XA 60 -2.05 -31.09 -22.11
N ILE XA 61 -1.61 -31.46 -20.92
CA ILE XA 61 -2.13 -30.80 -19.71
C ILE XA 61 -1.33 -29.53 -19.46
N TYR XA 62 -1.74 -28.76 -18.44
CA TYR XA 62 -1.10 -27.51 -18.06
C TYR XA 62 -1.07 -26.56 -19.27
N SER XA 63 -2.11 -26.60 -20.09
CA SER XA 63 -2.12 -25.91 -21.36
C SER XA 63 -3.47 -25.23 -21.55
N ASP XA 64 -3.63 -24.50 -22.65
CA ASP XA 64 -4.89 -23.93 -23.03
C ASP XA 64 -5.98 -25.01 -23.20
N LEU XA 65 -5.63 -26.17 -23.70
CA LEU XA 65 -6.58 -27.26 -23.92
C LEU XA 65 -7.36 -27.55 -22.62
N THR XA 66 -6.59 -27.69 -21.53
CA THR XA 66 -7.22 -27.99 -20.26
C THR XA 66 -7.94 -26.77 -19.70
N ARG XA 67 -7.52 -25.57 -20.07
CA ARG XA 67 -8.14 -24.34 -19.56
C ARG XA 67 -9.50 -24.17 -20.21
N PRO XA 68 -10.43 -23.42 -19.59
CA PRO XA 68 -11.81 -23.27 -20.12
C PRO XA 68 -11.77 -22.70 -21.56
N GLY XA 69 -12.62 -23.29 -22.40
CA GLY XA 69 -12.59 -22.95 -23.83
C GLY XA 69 -11.68 -23.87 -24.63
N GLY XA 70 -10.97 -24.77 -23.94
CA GLY XA 70 -10.08 -25.71 -24.62
C GLY XA 70 -10.80 -27.04 -24.81
N MET XA 72 -10.05 -30.05 -24.13
CA MET XA 72 -10.00 -31.03 -23.06
C MET XA 72 -10.52 -30.47 -21.74
N TYR XA 73 -11.11 -29.26 -21.79
CA TYR XA 73 -11.79 -28.70 -20.66
C TYR XA 73 -13.07 -29.47 -20.31
N THR XA 74 -13.43 -29.52 -19.02
CA THR XA 74 -14.53 -30.31 -18.44
C THR XA 74 -14.07 -31.74 -18.20
N THR XA 75 -14.59 -32.38 -17.16
CA THR XA 75 -14.14 -33.72 -16.80
C THR XA 75 -14.44 -34.70 -17.92
N ARG XA 76 -15.64 -34.57 -18.51
CA ARG XA 76 -16.07 -35.52 -19.52
C ARG XA 76 -15.08 -35.52 -20.69
N ARG XA 77 -14.75 -34.35 -21.19
CA ARG XA 77 -13.79 -34.25 -22.27
C ARG XA 77 -12.41 -34.75 -21.87
N TYR XA 78 -11.95 -34.42 -20.66
CA TYR XA 78 -10.65 -34.87 -20.22
C TYR XA 78 -10.61 -36.40 -20.26
N ALA XA 79 -11.66 -37.01 -19.72
CA ALA XA 79 -11.69 -38.46 -19.65
C ALA XA 79 -11.70 -39.07 -21.05
N ALA XA 80 -12.44 -38.45 -21.98
CA ALA XA 80 -12.48 -38.91 -23.36
C ALA XA 80 -11.11 -38.88 -23.99
N CYS XA 81 -10.36 -37.81 -23.78
CA CYS XA 81 -9.06 -37.66 -24.41
C CYS XA 81 -8.12 -38.75 -23.91
N ILE XA 82 -8.14 -39.05 -22.60
CA ILE XA 82 -7.22 -40.06 -22.11
C ILE XA 82 -7.68 -41.45 -22.58
N ARG XA 83 -8.98 -41.64 -22.76
CA ARG XA 83 -9.48 -42.89 -23.32
C ARG XA 83 -8.95 -43.06 -24.75
N ASP XA 84 -8.97 -42.01 -25.53
CA ASP XA 84 -8.48 -42.08 -26.89
C ASP XA 84 -7.00 -42.43 -26.90
N MET XA 85 -6.25 -41.86 -25.96
CA MET XA 85 -4.82 -42.10 -25.87
C MET XA 85 -4.58 -43.57 -25.62
N ASP XA 86 -5.35 -44.15 -24.71
CA ASP XA 86 -5.26 -45.56 -24.39
C ASP XA 86 -5.53 -46.41 -25.62
N TYR XA 87 -6.55 -46.06 -26.42
CA TYR XA 87 -6.84 -46.78 -27.64
C TYR XA 87 -5.60 -46.84 -28.51
N PHE XA 88 -5.00 -45.68 -28.76
CA PHE XA 88 -3.87 -45.63 -29.65
C PHE XA 88 -2.78 -46.55 -29.14
N LEU XA 89 -2.54 -46.50 -27.83
CA LEU XA 89 -1.49 -47.32 -27.25
C LEU XA 89 -1.79 -48.81 -27.44
N ARG XA 90 -3.01 -49.22 -27.11
CA ARG XA 90 -3.39 -50.64 -27.18
C ARG XA 90 -3.26 -51.15 -28.61
N TYR XA 91 -3.71 -50.37 -29.58
CA TYR XA 91 -3.70 -50.80 -30.96
C TYR XA 91 -2.26 -50.88 -31.46
N ALA XA 92 -1.44 -49.91 -31.08
CA ALA XA 92 -0.04 -49.95 -31.49
C ALA XA 92 0.63 -51.21 -30.94
N THR XA 93 0.32 -51.57 -29.69
CA THR XA 93 0.85 -52.78 -29.10
C THR XA 93 0.41 -53.99 -29.91
N TYR XA 94 -0.87 -54.03 -30.30
CA TYR XA 94 -1.40 -55.13 -31.10
C TYR XA 94 -0.61 -55.21 -32.41
N ALA XA 95 -0.40 -54.06 -33.04
CA ALA XA 95 0.29 -54.00 -34.32
C ALA XA 95 1.72 -54.52 -34.17
N MET XA 96 2.38 -54.15 -33.08
CA MET XA 96 3.76 -54.52 -32.87
C MET XA 96 3.86 -56.05 -32.76
N LEU XA 97 2.96 -56.67 -31.98
CA LEU XA 97 2.95 -58.12 -31.91
C LEU XA 97 2.69 -58.70 -33.28
N ALA XA 98 1.73 -58.18 -34.01
CA ALA XA 98 1.33 -58.71 -35.31
C ALA XA 98 2.48 -58.59 -36.31
N GLY XA 99 3.21 -57.48 -36.24
CA GLY XA 99 4.22 -57.16 -37.23
C GLY XA 99 3.60 -56.57 -38.50
N ASP XA 100 2.33 -56.17 -38.43
CA ASP XA 100 1.66 -55.62 -39.60
C ASP XA 100 0.92 -54.33 -39.21
N PRO XA 101 0.97 -53.27 -40.05
CA PRO XA 101 0.21 -52.05 -39.80
C PRO XA 101 -1.27 -52.09 -40.15
N SER XA 102 -1.73 -53.18 -40.76
CA SER XA 102 -3.08 -53.27 -41.29
C SER XA 102 -4.14 -53.05 -40.23
N ILE XA 103 -3.95 -53.64 -39.03
CA ILE XA 103 -4.97 -53.53 -38.00
C ILE XA 103 -5.22 -52.05 -37.71
N LEU XA 104 -4.17 -51.22 -37.73
CA LEU XA 104 -4.33 -49.82 -37.44
C LEU XA 104 -5.26 -49.20 -38.50
N ASP XA 105 -5.05 -49.55 -39.76
CA ASP XA 105 -5.89 -49.02 -40.83
C ASP XA 105 -7.35 -49.48 -40.66
N GLU XA 106 -7.55 -50.78 -40.34
CA GLU XA 106 -8.88 -51.32 -40.30
C GLU XA 106 -9.67 -50.82 -39.10
N ARG XA 107 -9.07 -50.63 -37.95
CA ARG XA 107 -9.80 -50.22 -36.75
C ARG XA 107 -9.60 -48.74 -36.46
N VAL XA 108 -8.36 -48.30 -36.23
CA VAL XA 108 -8.16 -46.96 -35.72
C VAL XA 108 -8.31 -45.94 -36.83
N LEU XA 109 -7.60 -46.15 -37.94
CA LEU XA 109 -7.38 -45.06 -38.88
C LEU XA 109 -8.65 -44.75 -39.67
N ASN XA 110 -9.53 -45.74 -39.87
CA ASN XA 110 -10.65 -45.59 -40.78
C ASN XA 110 -11.75 -44.68 -40.21
N GLY XA 111 -12.03 -43.58 -40.88
CA GLY XA 111 -13.01 -42.59 -40.49
C GLY XA 111 -12.64 -41.71 -39.29
N LEU XA 112 -11.38 -41.77 -38.83
CA LEU XA 112 -11.03 -41.03 -37.62
C LEU XA 112 -11.05 -39.53 -37.91
N LYS XA 113 -10.51 -39.13 -39.05
CA LYS XA 113 -10.43 -37.71 -39.40
C LYS XA 113 -11.82 -37.09 -39.36
N GLU XA 114 -12.75 -37.76 -40.02
CA GLU XA 114 -14.11 -37.28 -40.12
C GLU XA 114 -14.77 -37.21 -38.74
N THR XA 115 -14.58 -38.25 -37.93
CA THR XA 115 -15.13 -38.26 -36.58
C THR XA 115 -14.60 -37.06 -35.79
N TYR XA 116 -13.29 -36.86 -35.86
CA TYR XA 116 -12.68 -35.80 -35.10
C TYR XA 116 -13.17 -34.45 -35.55
N ASN XA 117 -13.33 -34.27 -36.86
CA ASN XA 117 -13.78 -32.98 -37.38
C ASN XA 117 -15.19 -32.67 -36.90
N SER XA 118 -16.08 -33.66 -36.92
CA SER XA 118 -17.42 -33.46 -36.39
C SER XA 118 -17.36 -33.13 -34.90
N LEU XA 119 -16.53 -33.84 -34.17
CA LEU XA 119 -16.44 -33.64 -32.72
C LEU XA 119 -15.82 -32.27 -32.43
N GLY XA 120 -14.93 -31.80 -33.30
CA GLY XA 120 -14.16 -30.59 -33.06
C GLY XA 120 -12.88 -30.85 -32.28
N VAL XA 121 -12.54 -32.12 -32.07
CA VAL XA 121 -11.26 -32.49 -31.49
C VAL XA 121 -10.12 -32.00 -32.40
N PRO XA 122 -9.06 -31.38 -31.87
CA PRO XA 122 -7.92 -30.95 -32.67
C PRO XA 122 -6.92 -32.06 -33.05
N ILE XA 123 -6.77 -32.31 -34.33
CA ILE XA 123 -6.02 -33.46 -34.82
C ILE XA 123 -4.53 -33.29 -34.49
N ALA XA 124 -4.00 -32.11 -34.72
CA ALA XA 124 -2.57 -31.87 -34.54
C ALA XA 124 -2.16 -32.11 -33.07
N ALA XA 125 -2.98 -31.65 -32.13
CA ALA XA 125 -2.73 -31.91 -30.72
C ALA XA 125 -2.72 -33.40 -30.41
N THR XA 126 -3.66 -34.13 -31.02
CA THR XA 126 -3.76 -35.58 -30.82
C THR XA 126 -2.50 -36.24 -31.35
N VAL XA 127 -2.05 -35.79 -32.52
CA VAL XA 127 -0.85 -36.33 -33.13
C VAL XA 127 0.33 -36.09 -32.18
N GLY XA 128 0.42 -34.88 -31.65
CA GLY XA 128 1.42 -34.51 -30.66
C GLY XA 128 1.46 -35.50 -29.47
N GLY XA 129 0.28 -35.82 -28.95
CA GLY XA 129 0.13 -36.79 -27.87
C GLY XA 129 0.64 -38.18 -28.26
N ILE XA 130 0.37 -38.61 -29.50
CA ILE XA 130 0.79 -39.91 -29.97
C ILE XA 130 2.32 -39.94 -30.00
N GLN XA 131 2.93 -38.85 -30.52
CA GLN XA 131 4.37 -38.74 -30.62
C GLN XA 131 4.99 -38.78 -29.22
N ALA XA 132 4.36 -38.09 -28.27
CA ALA XA 132 4.82 -38.11 -26.90
C ALA XA 132 4.78 -39.52 -26.34
N MET XA 133 3.69 -40.26 -26.59
CA MET XA 133 3.59 -41.61 -26.08
C MET XA 133 4.73 -42.44 -26.65
N LYS XA 134 5.05 -42.22 -27.93
CA LYS XA 134 6.07 -42.99 -28.60
C LYS XA 134 7.40 -42.83 -27.86
N GLU XA 135 7.75 -41.58 -27.54
CA GLU XA 135 8.98 -41.27 -26.85
C GLU XA 135 9.06 -42.00 -25.51
N VAL XA 136 7.98 -41.91 -24.71
CA VAL XA 136 7.94 -42.60 -23.43
C VAL XA 136 8.09 -44.10 -23.64
N VAL XA 137 7.37 -44.65 -24.62
CA VAL XA 137 7.34 -46.08 -24.86
C VAL XA 137 8.75 -46.52 -25.23
N GLY XA 138 9.42 -45.73 -26.08
CA GLY XA 138 10.76 -46.06 -26.55
C GLY XA 138 11.71 -46.36 -25.39
N GLY XA 139 11.70 -45.47 -24.38
CA GLY XA 139 12.49 -45.65 -23.17
C GLY XA 139 12.23 -46.98 -22.49
N LEU XA 140 10.96 -47.29 -22.21
CA LEU XA 140 10.60 -48.45 -21.42
C LEU XA 140 10.96 -49.74 -22.16
N VAL XA 141 10.68 -49.78 -23.47
CA VAL XA 141 10.82 -51.02 -24.23
C VAL XA 141 12.30 -51.34 -24.40
N GLY XA 142 13.12 -50.31 -24.52
CA GLY XA 142 14.53 -50.47 -24.83
C GLY XA 142 14.79 -50.39 -26.33
N PRO XA 143 16.06 -50.18 -26.77
CA PRO XA 143 16.37 -49.79 -28.16
C PRO XA 143 15.91 -50.70 -29.30
N ASP XA 144 16.18 -52.00 -29.17
CA ASP XA 144 15.82 -52.97 -30.21
C ASP XA 144 14.30 -52.95 -30.42
N ALA XA 145 13.56 -52.99 -29.30
CA ALA XA 145 12.11 -52.98 -29.33
C ALA XA 145 11.60 -51.62 -29.81
N ALA XA 146 12.30 -50.55 -29.46
CA ALA XA 146 11.87 -49.18 -29.75
C ALA XA 146 11.71 -48.97 -31.25
N LYS XA 147 12.64 -49.47 -32.06
CA LYS XA 147 12.57 -49.26 -33.51
C LYS XA 147 11.27 -49.83 -34.04
N GLU XA 148 10.95 -51.07 -33.62
CA GLU XA 148 9.74 -51.76 -34.04
C GLU XA 148 8.52 -50.97 -33.55
N ALA XA 149 8.53 -50.56 -32.27
CA ALA XA 149 7.41 -49.83 -31.70
C ALA XA 149 7.19 -48.51 -32.44
N SER XA 150 8.28 -47.82 -32.78
CA SER XA 150 8.19 -46.47 -33.33
C SER XA 150 7.42 -46.48 -34.65
N ILE XA 151 7.62 -47.50 -35.50
CA ILE XA 151 7.03 -47.47 -36.83
C ILE XA 151 5.51 -47.41 -36.73
N TYR XA 152 4.91 -48.17 -35.80
CA TYR XA 152 3.47 -48.22 -35.67
C TYR XA 152 2.94 -46.88 -35.15
N PHE XA 153 3.64 -46.28 -34.18
CA PHE XA 153 3.27 -44.97 -33.67
C PHE XA 153 3.31 -43.95 -34.80
N ASP XA 154 4.35 -44.01 -35.62
CA ASP XA 154 4.50 -43.07 -36.73
C ASP XA 154 3.41 -43.29 -37.76
N TYR XA 155 3.02 -44.54 -37.97
CA TYR XA 155 1.97 -44.88 -38.92
C TYR XA 155 0.67 -44.23 -38.50
N LEU XA 156 0.34 -44.32 -37.20
CA LEU XA 156 -0.87 -43.70 -36.68
C LEU XA 156 -0.80 -42.20 -36.92
N SER XA 157 0.35 -41.61 -36.63
CA SER XA 157 0.51 -40.16 -36.70
C SER XA 157 0.31 -39.70 -38.14
N SER XA 158 0.92 -40.41 -39.09
CA SER XA 158 0.82 -40.05 -40.50
C SER XA 158 -0.62 -40.15 -40.99
N GLY XA 159 -1.34 -41.19 -40.54
CA GLY XA 159 -2.73 -41.38 -40.93
C GLY XA 159 -3.60 -40.21 -40.50
N LEU XA 160 -3.41 -39.77 -39.25
CA LEU XA 160 -4.26 -38.75 -38.67
C LEU XA 160 -3.97 -37.43 -39.36
N SER XA 161 -2.69 -37.19 -39.64
CA SER XA 161 -2.28 -35.99 -40.32
C SER XA 161 -2.31 -36.23 -41.84
N VAL YA 3 -10.74 -71.06 -15.29
CA VAL YA 3 -10.28 -70.94 -16.71
C VAL YA 3 -11.06 -71.90 -17.58
N LEU YA 4 -11.25 -73.12 -17.09
CA LEU YA 4 -12.06 -74.08 -17.85
C LEU YA 4 -13.49 -73.57 -17.94
N THR YA 5 -14.03 -73.08 -16.82
CA THR YA 5 -15.39 -72.56 -16.77
C THR YA 5 -15.53 -71.45 -17.81
N LYS YA 6 -14.56 -70.55 -17.85
CA LYS YA 6 -14.61 -69.42 -18.76
C LYS YA 6 -14.70 -69.93 -20.20
N ALA YA 7 -13.86 -70.90 -20.55
CA ALA YA 7 -13.81 -71.43 -21.92
C ALA YA 7 -15.16 -72.06 -22.30
N ILE YA 8 -15.72 -72.86 -21.39
CA ILE YA 8 -16.98 -73.52 -21.63
C ILE YA 8 -18.07 -72.48 -21.87
N VAL YA 9 -18.09 -71.46 -21.03
CA VAL YA 9 -19.11 -70.43 -21.11
C VAL YA 9 -19.07 -69.74 -22.46
N ASN YA 10 -17.86 -69.42 -22.97
CA ASN YA 10 -17.75 -68.76 -24.26
C ASN YA 10 -18.28 -69.66 -25.36
N ALA YA 11 -17.96 -70.95 -25.28
CA ALA YA 11 -18.42 -71.92 -26.26
C ALA YA 11 -19.94 -72.01 -26.25
N ASP YA 12 -20.53 -72.05 -25.07
CA ASP YA 12 -21.98 -72.22 -24.94
C ASP YA 12 -22.68 -71.00 -25.54
N ALA YA 13 -22.14 -69.79 -25.33
CA ALA YA 13 -22.70 -68.59 -25.91
C ALA YA 13 -22.70 -68.69 -27.43
N GLU YA 14 -21.58 -69.18 -27.99
CA GLU YA 14 -21.47 -69.35 -29.42
C GLU YA 14 -22.24 -70.58 -29.88
N ALA YA 15 -22.64 -71.45 -28.94
CA ALA YA 15 -23.38 -72.66 -29.25
C ALA YA 15 -22.54 -73.60 -30.11
N ARG YA 16 -21.24 -73.68 -29.81
CA ARG YA 16 -20.31 -74.48 -30.57
C ARG YA 16 -19.51 -75.37 -29.61
N TYR YA 17 -18.91 -76.45 -30.15
CA TYR YA 17 -17.96 -77.25 -29.40
C TYR YA 17 -16.68 -76.43 -29.18
N LEU YA 18 -15.90 -76.83 -28.16
CA LEU YA 18 -14.73 -76.03 -27.78
C LEU YA 18 -13.74 -76.02 -28.94
N SER YA 19 -13.20 -74.84 -29.20
CA SER YA 19 -12.22 -74.62 -30.25
C SER YA 19 -10.90 -75.28 -29.85
N PRO YA 20 -10.06 -75.67 -30.82
CA PRO YA 20 -8.76 -76.31 -30.51
C PRO YA 20 -7.90 -75.42 -29.62
N GLY YA 21 -7.84 -74.14 -29.98
CA GLY YA 21 -7.10 -73.14 -29.20
C GLY YA 21 -7.59 -73.07 -27.77
N GLU YA 22 -8.91 -73.05 -27.59
CA GLU YA 22 -9.52 -73.04 -26.27
C GLU YA 22 -9.13 -74.30 -25.51
N LEU YA 23 -9.17 -75.45 -26.20
CA LEU YA 23 -8.80 -76.71 -25.60
C LEU YA 23 -7.34 -76.68 -25.15
N ASP YA 24 -6.47 -76.07 -25.96
CA ASP YA 24 -5.05 -76.00 -25.65
C ASP YA 24 -4.82 -75.22 -24.36
N ARG YA 25 -5.56 -74.11 -24.21
CA ARG YA 25 -5.43 -73.29 -23.01
C ARG YA 25 -5.86 -74.10 -21.79
N ILE YA 26 -6.87 -74.95 -21.94
CA ILE YA 26 -7.31 -75.79 -20.83
C ILE YA 26 -6.18 -76.74 -20.45
N LYS YA 27 -5.53 -77.33 -21.47
CA LYS YA 27 -4.44 -78.26 -21.22
C LYS YA 27 -3.32 -77.57 -20.45
N SER YA 28 -2.98 -76.34 -20.85
CA SER YA 28 -1.90 -75.62 -20.22
C SER YA 28 -2.25 -75.38 -18.74
N PHE YA 29 -3.52 -75.01 -18.50
CA PHE YA 29 -3.98 -74.68 -17.17
C PHE YA 29 -3.85 -75.89 -16.25
N VAL YA 30 -4.23 -77.09 -16.73
CA VAL YA 30 -4.24 -78.26 -15.87
C VAL YA 30 -2.79 -78.61 -15.48
N ALA YA 31 -1.85 -78.42 -16.41
CA ALA YA 31 -0.43 -78.61 -16.11
C ALA YA 31 0.05 -77.61 -15.06
N SER YA 32 -0.38 -76.35 -15.18
CA SER YA 32 0.05 -75.29 -14.28
C SER YA 32 -0.50 -75.51 -12.87
N GLY YA 33 -1.67 -76.16 -12.78
CA GLY YA 33 -2.45 -76.22 -11.55
C GLY YA 33 -1.65 -76.81 -10.39
N GLU YA 34 -0.93 -77.85 -10.60
CA GLU YA 34 -0.13 -78.56 -9.64
C GLU YA 34 0.87 -77.60 -8.94
N ARG YA 35 1.59 -76.79 -9.73
CA ARG YA 35 2.43 -75.77 -9.21
C ARG YA 35 1.62 -74.80 -8.35
N ARG YA 36 0.45 -74.37 -8.89
CA ARG YA 36 -0.38 -73.43 -8.18
C ARG YA 36 -0.83 -74.01 -6.84
N LEU YA 37 -1.15 -75.29 -6.80
CA LEU YA 37 -1.63 -75.93 -5.56
C LEU YA 37 -0.57 -75.79 -4.47
N ARG YA 38 0.69 -76.00 -4.83
CA ARG YA 38 1.78 -75.89 -3.86
C ARG YA 38 1.88 -74.47 -3.32
N ILE YA 39 1.77 -73.47 -4.22
CA ILE YA 39 1.84 -72.08 -3.80
C ILE YA 39 0.75 -71.79 -2.78
N ALA YA 40 -0.46 -72.26 -3.07
CA ALA YA 40 -1.61 -72.07 -2.19
C ALA YA 40 -1.37 -72.75 -0.85
N GLN YA 41 -0.81 -73.95 -0.89
CA GLN YA 41 -0.56 -74.72 0.31
C GLN YA 41 0.38 -73.96 1.23
N THR YA 42 1.44 -73.38 0.64
CA THR YA 42 2.43 -72.63 1.40
C THR YA 42 1.75 -71.51 2.19
N LEU YA 43 0.92 -70.71 1.51
CA LEU YA 43 0.25 -69.58 2.14
C LEU YA 43 -0.70 -70.06 3.24
N THR YA 44 -1.39 -71.17 3.01
CA THR YA 44 -2.31 -71.69 3.99
C THR YA 44 -1.58 -72.01 5.29
N GLU YA 45 -0.40 -72.63 5.19
CA GLU YA 45 0.35 -73.02 6.37
C GLU YA 45 0.81 -71.79 7.14
N ALA YA 46 1.21 -70.75 6.39
CA ALA YA 46 1.73 -69.53 6.99
C ALA YA 46 0.61 -68.54 7.28
N ARG YA 47 -0.65 -68.98 7.13
CA ARG YA 47 -1.77 -68.06 7.14
C ARG YA 47 -1.80 -67.28 8.46
N GLU YA 48 -1.77 -67.98 9.59
CA GLU YA 48 -1.91 -67.39 10.92
C GLU YA 48 -0.89 -66.28 11.13
N ARG YA 49 0.38 -66.55 10.77
CA ARG YA 49 1.43 -65.57 10.95
C ARG YA 49 1.25 -64.41 9.98
N ILE YA 50 0.84 -64.68 8.74
CA ILE YA 50 0.70 -63.62 7.75
C ILE YA 50 -0.30 -62.60 8.28
N VAL YA 51 -1.44 -63.10 8.77
CA VAL YA 51 -2.51 -62.23 9.23
C VAL YA 51 -1.98 -61.40 10.40
N LYS YA 52 -1.32 -62.06 11.36
CA LYS YA 52 -0.84 -61.39 12.56
C LYS YA 52 0.13 -60.27 12.19
N GLN YA 53 1.13 -60.59 11.37
CA GLN YA 53 2.14 -59.62 10.98
C GLN YA 53 1.50 -58.45 10.24
N ALA YA 54 0.59 -58.75 9.30
CA ALA YA 54 -0.03 -57.72 8.50
C ALA YA 54 -0.85 -56.77 9.39
N GLY YA 55 -1.57 -57.36 10.34
CA GLY YA 55 -2.39 -56.58 11.27
C GLY YA 55 -1.54 -55.53 12.00
N ASP YA 56 -0.41 -55.98 12.54
CA ASP YA 56 0.49 -55.13 13.29
C ASP YA 56 0.98 -53.99 12.40
N GLN YA 57 1.39 -54.33 11.18
CA GLN YA 57 1.87 -53.34 10.23
C GLN YA 57 0.77 -52.31 9.97
N LEU YA 58 -0.46 -52.80 9.75
CA LEU YA 58 -1.57 -51.92 9.44
C LEU YA 58 -1.81 -50.95 10.60
N PHE YA 59 -1.79 -51.48 11.83
CA PHE YA 59 -2.07 -50.66 12.99
C PHE YA 59 -0.97 -49.63 13.18
N GLN YA 60 0.28 -49.98 12.89
CA GLN YA 60 1.37 -49.02 12.93
C GLN YA 60 1.14 -47.96 11.86
N LYS YA 61 0.77 -48.39 10.64
CA LYS YA 61 0.58 -47.47 9.53
C LYS YA 61 -0.57 -46.52 9.83
N ARG YA 62 -1.64 -47.05 10.44
CA ARG YA 62 -2.84 -46.28 10.75
C ARG YA 62 -3.14 -46.36 12.24
N PRO YA 63 -2.57 -45.48 13.08
CA PRO YA 63 -2.87 -45.49 14.51
C PRO YA 63 -4.36 -45.25 14.75
N ASP YA 64 -4.97 -44.40 13.88
CA ASP YA 64 -6.31 -43.90 14.10
C ASP YA 64 -7.32 -45.05 14.15
N VAL YA 65 -7.19 -46.06 13.27
CA VAL YA 65 -8.21 -47.07 13.17
C VAL YA 65 -8.38 -47.74 14.52
N VAL YA 66 -7.28 -48.06 15.21
CA VAL YA 66 -7.33 -48.60 16.57
C VAL YA 66 -7.11 -47.44 17.54
N SER YA 67 -8.08 -46.53 17.58
CA SER YA 67 -8.11 -45.42 18.52
C SER YA 67 -9.57 -45.23 18.91
N PRO YA 68 -9.88 -44.55 20.04
CA PRO YA 68 -11.26 -44.54 20.55
C PRO YA 68 -12.28 -44.10 19.51
N GLY YA 69 -11.90 -43.09 18.71
CA GLY YA 69 -12.72 -42.68 17.58
C GLY YA 69 -12.86 -43.77 16.52
N GLY YA 70 -11.75 -44.47 16.24
CA GLY YA 70 -11.63 -45.37 15.11
C GLY YA 70 -12.51 -46.61 15.23
N ASN YA 71 -12.85 -47.19 14.07
CA ASN YA 71 -13.77 -48.32 13.97
C ASN YA 71 -13.17 -49.56 14.60
N ALA YA 72 -11.86 -49.74 14.38
CA ALA YA 72 -11.17 -50.96 14.78
C ALA YA 72 -11.00 -51.03 16.29
N TYR YA 73 -11.14 -49.91 16.99
CA TYR YA 73 -10.80 -49.82 18.42
C TYR YA 73 -11.69 -50.72 19.26
N GLY YA 74 -11.07 -51.33 20.28
CA GLY YA 74 -11.71 -52.28 21.17
C GLY YA 74 -11.40 -53.71 20.71
N GLU YA 75 -11.45 -54.66 21.66
CA GLU YA 75 -11.08 -56.04 21.38
C GLU YA 75 -12.01 -56.65 20.34
N LYS YA 76 -13.33 -56.49 20.54
CA LYS YA 76 -14.31 -57.08 19.62
C LYS YA 76 -13.99 -56.59 18.21
N MET YA 77 -13.86 -55.27 18.08
CA MET YA 77 -13.67 -54.64 16.79
C MET YA 77 -12.32 -55.08 16.18
N THR YA 78 -11.27 -55.15 17.00
CA THR YA 78 -9.97 -55.51 16.48
C THR YA 78 -10.01 -56.94 15.95
N ALA YA 79 -10.70 -57.82 16.67
CA ALA YA 79 -10.86 -59.21 16.22
C ALA YA 79 -11.52 -59.25 14.85
N LEU YA 80 -12.61 -58.46 14.69
CA LEU YA 80 -13.34 -58.43 13.44
C LEU YA 80 -12.44 -57.95 12.31
N CYS YA 81 -11.61 -56.94 12.57
CA CYS YA 81 -10.70 -56.43 11.56
C CYS YA 81 -9.73 -57.53 11.13
N LEU YA 82 -9.24 -58.32 12.11
CA LEU YA 82 -8.31 -59.39 11.80
C LEU YA 82 -9.04 -60.50 11.06
N ARG YA 83 -10.28 -60.78 11.46
CA ARG YA 83 -11.08 -61.79 10.77
C ARG YA 83 -11.23 -61.41 9.30
N ASP YA 84 -11.46 -60.13 9.03
CA ASP YA 84 -11.60 -59.67 7.66
C ASP YA 84 -10.32 -59.94 6.88
N LEU YA 85 -9.17 -59.66 7.50
CA LEU YA 85 -7.90 -59.90 6.84
C LEU YA 85 -7.76 -61.38 6.53
N ASP YA 86 -8.15 -62.23 7.48
CA ASP YA 86 -8.10 -63.67 7.28
C ASP YA 86 -8.97 -64.07 6.10
N TYR YA 87 -10.19 -63.51 6.01
CA TYR YA 87 -11.11 -63.80 4.92
C TYR YA 87 -10.47 -63.51 3.59
N TYR YA 88 -9.83 -62.34 3.48
CA TYR YA 88 -9.24 -61.95 2.21
C TYR YA 88 -8.11 -62.91 1.85
N LEU YA 89 -7.35 -63.37 2.86
CA LEU YA 89 -6.27 -64.29 2.55
C LEU YA 89 -6.84 -65.60 2.02
N ARG YA 90 -7.90 -66.10 2.63
CA ARG YA 90 -8.52 -67.33 2.19
C ARG YA 90 -8.98 -67.18 0.74
N LEU YA 91 -9.56 -66.02 0.42
CA LEU YA 91 -10.01 -65.76 -0.94
C LEU YA 91 -8.83 -65.81 -1.89
N VAL YA 92 -7.70 -65.21 -1.51
CA VAL YA 92 -6.53 -65.20 -2.38
C VAL YA 92 -6.09 -66.62 -2.69
N THR YA 93 -6.07 -67.49 -1.67
CA THR YA 93 -5.63 -68.87 -1.89
C THR YA 93 -6.56 -69.52 -2.92
N TYR YA 94 -7.87 -69.32 -2.75
CA TYR YA 94 -8.85 -69.87 -3.67
C TYR YA 94 -8.54 -69.41 -5.10
N GLY YA 95 -8.21 -68.12 -5.24
CA GLY YA 95 -7.89 -67.55 -6.54
C GLY YA 95 -6.70 -68.23 -7.20
N ILE YA 96 -5.65 -68.49 -6.42
CA ILE YA 96 -4.43 -69.05 -6.98
C ILE YA 96 -4.75 -70.42 -7.58
N VAL YA 97 -5.50 -71.26 -6.85
CA VAL YA 97 -5.80 -72.58 -7.36
C VAL YA 97 -6.70 -72.47 -8.60
N ALA YA 98 -7.65 -71.53 -8.58
CA ALA YA 98 -8.56 -71.34 -9.70
C ALA YA 98 -7.82 -70.82 -10.96
N GLY YA 99 -6.81 -69.99 -10.71
CA GLY YA 99 -6.09 -69.38 -11.83
C GLY YA 99 -6.82 -68.15 -12.36
N ASP YA 100 -7.87 -67.71 -11.63
CA ASP YA 100 -8.65 -66.57 -12.07
C ASP YA 100 -9.09 -65.79 -10.81
N VAL YA 101 -9.46 -64.53 -10.99
CA VAL YA 101 -9.89 -63.73 -9.85
C VAL YA 101 -11.38 -63.90 -9.60
N THR YA 102 -12.08 -64.56 -10.54
CA THR YA 102 -13.52 -64.66 -10.48
C THR YA 102 -13.96 -65.21 -9.12
N PRO YA 103 -13.42 -66.34 -8.61
CA PRO YA 103 -13.83 -66.85 -7.30
C PRO YA 103 -13.68 -65.79 -6.21
N ILE YA 104 -12.53 -65.11 -6.22
CA ILE YA 104 -12.26 -64.03 -5.28
C ILE YA 104 -13.33 -62.96 -5.45
N GLU YA 105 -13.60 -62.60 -6.69
CA GLU YA 105 -14.43 -61.46 -7.01
C GLU YA 105 -15.86 -61.63 -6.50
N GLU YA 106 -16.46 -62.79 -6.73
CA GLU YA 106 -17.84 -63.02 -6.32
C GLU YA 106 -17.97 -62.93 -4.80
N ILE YA 107 -17.04 -63.54 -4.05
CA ILE YA 107 -17.18 -63.61 -2.61
C ILE YA 107 -16.86 -62.27 -1.95
N GLY YA 108 -15.88 -61.52 -2.48
CA GLY YA 108 -15.29 -60.42 -1.74
C GLY YA 108 -15.38 -59.05 -2.39
N ILE YA 109 -15.43 -58.93 -3.73
CA ILE YA 109 -15.17 -57.63 -4.31
C ILE YA 109 -16.46 -56.97 -4.81
N ILE YA 110 -17.59 -57.70 -4.89
CA ILE YA 110 -18.79 -57.06 -5.43
C ILE YA 110 -19.68 -56.65 -4.28
N GLY YA 111 -19.98 -55.35 -4.22
CA GLY YA 111 -20.74 -54.76 -3.13
C GLY YA 111 -19.87 -54.48 -1.91
N VAL YA 112 -18.56 -54.64 -2.03
CA VAL YA 112 -17.66 -54.46 -0.90
C VAL YA 112 -17.75 -53.02 -0.40
N LYS YA 113 -17.77 -52.06 -1.33
CA LYS YA 113 -17.83 -50.65 -0.97
C LYS YA 113 -19.07 -50.41 -0.11
N GLU YA 114 -20.20 -50.91 -0.59
CA GLU YA 114 -21.49 -50.70 0.07
C GLU YA 114 -21.49 -51.30 1.47
N MET YA 115 -20.97 -52.52 1.58
CA MET YA 115 -20.94 -53.22 2.85
C MET YA 115 -20.11 -52.42 3.84
N TYR YA 116 -18.90 -52.02 3.44
CA TYR YA 116 -18.02 -51.32 4.35
C TYR YA 116 -18.58 -49.95 4.70
N ASN YA 117 -19.24 -49.28 3.75
CA ASN YA 117 -19.82 -47.98 4.05
C ASN YA 117 -20.91 -48.11 5.11
N SER YA 118 -21.74 -49.15 5.05
CA SER YA 118 -22.71 -49.35 6.11
C SER YA 118 -21.98 -49.59 7.43
N LEU YA 119 -20.94 -50.41 7.41
CA LEU YA 119 -20.18 -50.70 8.61
C LEU YA 119 -19.47 -49.44 9.09
N GLN YA 120 -19.09 -48.57 8.15
CA GLN YA 120 -18.39 -47.33 8.42
C GLN YA 120 -16.88 -47.58 8.49
N THR YA 121 -16.45 -48.82 8.24
CA THR YA 121 -15.04 -49.15 8.12
C THR YA 121 -14.44 -48.35 7.00
N PRO YA 122 -13.24 -47.73 7.15
CA PRO YA 122 -12.57 -47.06 6.04
C PRO YA 122 -11.99 -48.04 5.03
N ILE YA 123 -12.38 -47.88 3.74
CA ILE YA 123 -11.99 -48.80 2.70
C ILE YA 123 -10.46 -48.69 2.49
N PRO YA 124 -9.85 -47.50 2.47
CA PRO YA 124 -8.42 -47.39 2.22
C PRO YA 124 -7.56 -48.16 3.23
N ALA YA 125 -7.97 -48.14 4.49
CA ALA YA 125 -7.28 -48.86 5.55
C ALA YA 125 -7.31 -50.36 5.26
N VAL YA 126 -8.47 -50.85 4.80
CA VAL YA 126 -8.62 -52.27 4.47
C VAL YA 126 -7.63 -52.60 3.37
N ALA YA 127 -7.52 -51.71 2.37
CA ALA YA 127 -6.62 -51.91 1.25
C ALA YA 127 -5.17 -52.00 1.74
N GLU YA 128 -4.82 -51.14 2.70
CA GLU YA 128 -3.48 -51.13 3.26
C GLU YA 128 -3.18 -52.48 3.92
N GLY YA 129 -4.16 -53.00 4.67
CA GLY YA 129 -4.03 -54.30 5.31
C GLY YA 129 -3.74 -55.41 4.30
N VAL YA 130 -4.42 -55.36 3.15
CA VAL YA 130 -4.22 -56.35 2.12
C VAL YA 130 -2.81 -56.19 1.55
N ARG YA 131 -2.37 -54.94 1.35
CA ARG YA 131 -1.02 -54.67 0.87
C ARG YA 131 -0.01 -55.26 1.86
N ALA YA 132 -0.25 -55.03 3.15
CA ALA YA 132 0.61 -55.53 4.20
C ALA YA 132 0.70 -57.05 4.12
N MET YA 133 -0.45 -57.71 3.96
CA MET YA 133 -0.49 -59.16 3.87
C MET YA 133 0.33 -59.62 2.68
N LYS YA 134 0.27 -58.88 1.58
CA LYS YA 134 0.99 -59.24 0.37
C LYS YA 134 2.49 -59.29 0.68
N ASN YA 135 2.99 -58.27 1.38
CA ASN YA 135 4.42 -58.16 1.65
C ASN YA 135 4.89 -59.34 2.49
N VAL YA 136 4.12 -59.69 3.52
CA VAL YA 136 4.45 -60.83 4.36
C VAL YA 136 4.44 -62.10 3.52
N ALA YA 137 3.39 -62.27 2.72
CA ALA YA 137 3.23 -63.48 1.92
C ALA YA 137 4.36 -63.60 0.91
N THR YA 138 4.76 -62.48 0.31
CA THR YA 138 5.81 -62.47 -0.70
C THR YA 138 7.11 -63.02 -0.10
N SER YA 139 7.43 -62.60 1.13
CA SER YA 139 8.68 -62.99 1.76
C SER YA 139 8.76 -64.51 1.91
N LEU YA 140 7.65 -65.15 2.32
CA LEU YA 140 7.66 -66.59 2.53
C LEU YA 140 7.70 -67.32 1.20
N LEU YA 141 7.09 -66.74 0.17
CA LEU YA 141 7.03 -67.40 -1.13
C LEU YA 141 8.37 -67.20 -1.85
N SER YA 142 8.70 -68.18 -2.72
CA SER YA 142 9.81 -68.01 -3.64
C SER YA 142 9.41 -66.99 -4.70
N GLY YA 143 10.42 -66.36 -5.35
CA GLY YA 143 10.22 -65.20 -6.21
C GLY YA 143 9.15 -65.39 -7.29
N ASP YA 144 9.27 -66.47 -8.07
CA ASP YA 144 8.30 -66.77 -9.11
C ASP YA 144 6.92 -67.03 -8.51
N ASP YA 145 6.90 -67.79 -7.40
CA ASP YA 145 5.65 -68.07 -6.69
C ASP YA 145 5.06 -66.75 -6.20
N ALA YA 146 5.92 -65.87 -5.68
CA ALA YA 146 5.49 -64.59 -5.14
C ALA YA 146 4.83 -63.74 -6.22
N ALA YA 147 5.39 -63.74 -7.43
CA ALA YA 147 4.84 -62.96 -8.52
C ALA YA 147 3.41 -63.40 -8.82
N GLU YA 148 3.20 -64.72 -8.89
CA GLU YA 148 1.87 -65.27 -9.12
C GLU YA 148 0.93 -64.80 -8.02
N ALA YA 149 1.35 -64.96 -6.75
CA ALA YA 149 0.53 -64.57 -5.62
C ALA YA 149 0.27 -63.07 -5.65
N GLY YA 150 1.29 -62.29 -6.05
CA GLY YA 150 1.18 -60.84 -6.07
C GLY YA 150 0.01 -60.37 -6.93
N PHE YA 151 -0.18 -61.01 -8.09
CA PHE YA 151 -1.22 -60.59 -9.02
C PHE YA 151 -2.57 -60.61 -8.31
N TYR YA 152 -2.85 -61.71 -7.59
CA TYR YA 152 -4.13 -61.85 -6.91
C TYR YA 152 -4.24 -60.80 -5.80
N PHE YA 153 -3.15 -60.59 -5.07
CA PHE YA 153 -3.13 -59.59 -4.01
C PHE YA 153 -3.38 -58.20 -4.58
N ASP YA 154 -2.75 -57.90 -5.73
CA ASP YA 154 -2.88 -56.60 -6.36
C ASP YA 154 -4.33 -56.36 -6.79
N TYR YA 155 -4.96 -57.41 -7.33
CA TYR YA 155 -6.34 -57.29 -7.78
C TYR YA 155 -7.23 -56.85 -6.62
N LEU YA 156 -7.04 -57.49 -5.46
CA LEU YA 156 -7.83 -57.16 -4.29
C LEU YA 156 -7.65 -55.69 -3.94
N VAL YA 157 -6.40 -55.25 -3.94
CA VAL YA 157 -6.08 -53.88 -3.59
C VAL YA 157 -6.75 -52.94 -4.60
N GLY YA 158 -6.70 -53.30 -5.88
CA GLY YA 158 -7.33 -52.52 -6.92
C GLY YA 158 -8.84 -52.44 -6.74
N ALA YA 159 -9.45 -53.59 -6.38
CA ALA YA 159 -10.89 -53.66 -6.21
C ALA YA 159 -11.37 -52.72 -5.08
N MET YA 160 -10.68 -52.73 -3.93
CA MET YA 160 -11.08 -51.94 -2.78
C MET YA 160 -10.33 -50.60 -2.77
N GLN ZA 2 -20.75 -75.16 -13.23
CA GLN ZA 2 -19.37 -74.73 -12.85
C GLN ZA 2 -18.45 -75.95 -12.86
N ASP ZA 3 -17.39 -75.95 -12.12
CA ASP ZA 3 -16.25 -76.84 -12.49
C ASP ZA 3 -15.88 -77.65 -11.25
N ALA ZA 4 -15.13 -78.71 -11.41
CA ALA ZA 4 -14.70 -79.52 -10.26
C ALA ZA 4 -13.87 -78.69 -9.29
N ILE ZA 5 -12.93 -77.93 -9.85
CA ILE ZA 5 -12.07 -77.07 -9.06
C ILE ZA 5 -12.92 -76.09 -8.25
N THR ZA 6 -13.86 -75.42 -8.91
CA THR ZA 6 -14.69 -74.42 -8.24
C THR ZA 6 -15.62 -75.11 -7.25
N ALA ZA 7 -16.09 -76.32 -7.56
CA ALA ZA 7 -16.98 -77.04 -6.66
C ALA ZA 7 -16.30 -77.30 -5.32
N VAL ZA 8 -15.05 -77.71 -5.35
CA VAL ZA 8 -14.26 -77.93 -4.13
C VAL ZA 8 -14.15 -76.61 -3.39
N ILE ZA 9 -13.78 -75.55 -4.10
CA ILE ZA 9 -13.64 -74.24 -3.50
C ILE ZA 9 -14.95 -73.84 -2.82
N ASN ZA 10 -16.07 -74.04 -3.49
CA ASN ZA 10 -17.35 -73.57 -2.98
C ASN ZA 10 -17.70 -74.33 -1.70
N ASN ZA 11 -17.42 -75.62 -1.68
CA ASN ZA 11 -17.71 -76.44 -0.51
C ASN ZA 11 -16.90 -75.92 0.69
N TYR ZA 12 -15.65 -75.57 0.45
CA TYR ZA 12 -14.79 -75.03 1.50
C TYR ZA 12 -15.28 -73.65 1.93
N ASP ZA 13 -15.71 -72.83 0.98
CA ASP ZA 13 -16.14 -71.48 1.27
C ASP ZA 13 -17.37 -71.48 2.19
N VAL ZA 14 -18.33 -72.39 1.98
CA VAL ZA 14 -19.50 -72.43 2.84
C VAL ZA 14 -19.06 -72.83 4.25
N GLN ZA 15 -18.08 -73.74 4.35
CA GLN ZA 15 -17.53 -74.11 5.64
C GLN ZA 15 -16.71 -72.95 6.20
N GLY ZA 16 -16.14 -72.13 5.31
CA GLY ZA 16 -15.28 -71.03 5.73
C GLY ZA 16 -13.85 -71.51 5.94
N LYS ZA 17 -13.62 -72.80 5.66
CA LYS ZA 17 -12.31 -73.42 5.84
C LYS ZA 17 -11.36 -72.97 4.74
N TYR ZA 18 -10.09 -72.74 5.08
CA TYR ZA 18 -9.02 -72.58 4.11
C TYR ZA 18 -8.82 -73.91 3.40
N LEU ZA 19 -8.31 -73.85 2.14
CA LEU ZA 19 -8.07 -75.06 1.39
C LEU ZA 19 -7.04 -75.92 2.12
N ASP ZA 20 -7.31 -77.23 2.15
CA ASP ZA 20 -6.47 -78.15 2.91
C ASP ZA 20 -5.95 -79.23 1.98
N GLY ZA 21 -4.98 -80.02 2.47
CA GLY ZA 21 -4.30 -81.01 1.66
C GLY ZA 21 -5.26 -82.03 1.05
N ALA ZA 22 -6.23 -82.50 1.87
CA ALA ZA 22 -7.23 -83.44 1.39
C ALA ZA 22 -7.98 -82.86 0.20
N ALA ZA 23 -8.40 -81.59 0.32
CA ALA ZA 23 -9.02 -80.88 -0.79
C ALA ZA 23 -8.05 -80.80 -1.97
N LEU ZA 24 -6.79 -80.49 -1.67
CA LEU ZA 24 -5.78 -80.34 -2.71
C LEU ZA 24 -5.64 -81.65 -3.50
N ASP ZA 25 -5.70 -82.77 -2.80
CA ASP ZA 25 -5.58 -84.09 -3.41
C ASP ZA 25 -6.68 -84.34 -4.43
N LYS ZA 26 -7.91 -83.95 -4.10
CA LYS ZA 26 -9.03 -84.05 -5.03
C LYS ZA 26 -8.75 -83.20 -6.25
N LEU ZA 27 -8.24 -82.01 -6.05
CA LEU ZA 27 -7.92 -81.10 -7.15
C LEU ZA 27 -6.82 -81.74 -8.02
N LYS ZA 28 -5.84 -82.37 -7.35
CA LYS ZA 28 -4.73 -83.00 -8.04
C LYS ZA 28 -5.24 -84.14 -8.91
N ALA ZA 29 -6.17 -84.91 -8.34
CA ALA ZA 29 -6.81 -86.02 -9.06
C ALA ZA 29 -7.41 -85.50 -10.37
N TYR ZA 30 -8.14 -84.39 -10.28
CA TYR ZA 30 -8.78 -83.80 -11.44
C TYR ZA 30 -7.72 -83.47 -12.49
N PHE ZA 31 -6.59 -82.90 -12.05
CA PHE ZA 31 -5.60 -82.38 -12.98
C PHE ZA 31 -5.03 -83.50 -13.85
N THR ZA 32 -4.81 -84.68 -13.25
CA THR ZA 32 -4.32 -85.84 -14.00
C THR ZA 32 -5.35 -86.29 -15.03
N THR ZA 33 -6.64 -86.32 -14.65
CA THR ZA 33 -7.71 -86.79 -15.53
C THR ZA 33 -7.86 -85.81 -16.71
N GLY ZA 34 -7.56 -84.54 -16.47
CA GLY ZA 34 -7.79 -83.45 -17.42
C GLY ZA 34 -7.30 -83.75 -18.85
N ALA ZA 35 -6.05 -84.21 -18.96
CA ALA ZA 35 -5.46 -84.42 -20.28
C ALA ZA 35 -6.28 -85.41 -21.11
N VAL ZA 36 -6.71 -86.52 -20.47
CA VAL ZA 36 -7.54 -87.53 -21.11
C VAL ZA 36 -8.83 -86.89 -21.61
N ARG ZA 37 -9.44 -86.08 -20.75
CA ARG ZA 37 -10.73 -85.47 -21.05
C ARG ZA 37 -10.61 -84.59 -22.29
N VAL ZA 38 -9.54 -83.82 -22.39
CA VAL ZA 38 -9.37 -82.93 -23.54
C VAL ZA 38 -9.35 -83.75 -24.83
N ARG ZA 39 -8.62 -84.87 -24.80
CA ARG ZA 39 -8.54 -85.72 -25.99
C ARG ZA 39 -9.92 -86.25 -26.34
N ALA ZA 40 -10.65 -86.70 -25.33
CA ALA ZA 40 -11.99 -87.26 -25.55
C ALA ZA 40 -12.91 -86.23 -26.17
N ALA ZA 41 -12.86 -84.99 -25.68
CA ALA ZA 41 -13.72 -83.92 -26.15
C ALA ZA 41 -13.51 -83.68 -27.65
N ALA ZA 42 -12.23 -83.68 -28.09
CA ALA ZA 42 -11.92 -83.44 -29.48
C ALA ZA 42 -12.49 -84.56 -30.36
N VAL ZA 43 -12.40 -85.80 -29.87
CA VAL ZA 43 -12.94 -86.94 -30.57
C VAL ZA 43 -14.44 -86.76 -30.74
N ILE ZA 44 -15.13 -86.39 -29.66
CA ILE ZA 44 -16.57 -86.29 -29.72
C ILE ZA 44 -16.99 -85.20 -30.71
N SER ZA 45 -16.33 -84.04 -30.65
CA SER ZA 45 -16.71 -82.93 -31.51
C SER ZA 45 -16.63 -83.32 -32.98
N SER ZA 46 -15.55 -84.02 -33.36
CA SER ZA 46 -15.33 -84.41 -34.75
C SER ZA 46 -16.39 -85.41 -35.21
N ASN ZA 47 -16.80 -86.32 -34.32
CA ASN ZA 47 -17.68 -87.42 -34.69
C ASN ZA 47 -19.13 -87.16 -34.26
N ALA ZA 48 -19.45 -85.91 -33.92
CA ALA ZA 48 -20.73 -85.62 -33.30
C ALA ZA 48 -21.90 -86.01 -34.21
N THR ZA 49 -21.83 -85.60 -35.48
CA THR ZA 49 -22.91 -85.88 -36.42
C THR ZA 49 -23.15 -87.39 -36.49
N THR ZA 50 -22.07 -88.17 -36.61
CA THR ZA 50 -22.17 -89.62 -36.74
C THR ZA 50 -22.72 -90.21 -35.45
N ILE ZA 51 -22.26 -89.69 -34.30
CA ILE ZA 51 -22.71 -90.24 -33.03
C ILE ZA 51 -24.23 -90.16 -32.97
N ILE ZA 52 -24.76 -89.01 -33.36
CA ILE ZA 52 -26.20 -88.80 -33.31
C ILE ZA 52 -26.88 -89.76 -34.27
N LYS ZA 53 -26.34 -89.89 -35.48
CA LYS ZA 53 -26.89 -90.76 -36.51
C LYS ZA 53 -26.98 -92.20 -35.97
N GLU ZA 54 -25.88 -92.69 -35.41
CA GLU ZA 54 -25.81 -94.06 -34.92
C GLU ZA 54 -26.80 -94.26 -33.79
N ALA ZA 55 -26.88 -93.32 -32.88
CA ALA ZA 55 -27.78 -93.43 -31.73
C ALA ZA 55 -29.22 -93.45 -32.20
N ALA ZA 56 -29.56 -92.62 -33.18
CA ALA ZA 56 -30.91 -92.58 -33.72
C ALA ZA 56 -31.27 -93.94 -34.32
N ALA ZA 57 -30.30 -94.49 -35.08
CA ALA ZA 57 -30.45 -95.79 -35.71
C ALA ZA 57 -30.71 -96.88 -34.65
N LYS ZA 58 -29.97 -96.80 -33.55
CA LYS ZA 58 -30.10 -97.76 -32.45
C LYS ZA 58 -31.49 -97.69 -31.80
N ALA ZA 59 -32.05 -96.50 -31.58
CA ALA ZA 59 -33.24 -96.35 -30.75
C ALA ZA 59 -34.39 -95.68 -31.45
N LEU ZA 60 -34.17 -94.51 -32.05
CA LEU ZA 60 -35.28 -93.69 -32.52
C LEU ZA 60 -35.93 -94.26 -33.80
N ILE ZA 61 -35.14 -94.63 -34.81
CA ILE ZA 61 -35.75 -94.99 -36.06
C ILE ZA 61 -36.22 -96.45 -36.02
N TYR ZA 62 -36.92 -96.89 -37.08
CA TYR ZA 62 -37.50 -98.22 -37.19
C TYR ZA 62 -38.39 -98.51 -35.99
N SER ZA 63 -39.11 -97.49 -35.50
CA SER ZA 63 -39.82 -97.60 -34.24
C SER ZA 63 -41.21 -97.01 -34.42
N ASP ZA 64 -42.04 -97.23 -33.41
CA ASP ZA 64 -43.38 -96.64 -33.44
C ASP ZA 64 -43.28 -95.11 -33.44
N LEU ZA 65 -42.28 -94.54 -32.76
CA LEU ZA 65 -42.15 -93.11 -32.67
C LEU ZA 65 -42.11 -92.50 -34.08
N THR ZA 66 -41.28 -93.08 -34.96
CA THR ZA 66 -41.17 -92.55 -36.28
C THR ZA 66 -42.42 -92.87 -37.12
N ARG ZA 67 -43.15 -93.94 -36.77
CA ARG ZA 67 -44.34 -94.31 -37.53
C ARG ZA 67 -45.45 -93.31 -37.24
N PRO ZA 68 -46.44 -93.14 -38.13
CA PRO ZA 68 -47.50 -92.14 -37.94
C PRO ZA 68 -48.24 -92.35 -36.63
N GLY ZA 69 -48.49 -91.23 -35.94
CA GLY ZA 69 -49.08 -91.27 -34.60
C GLY ZA 69 -48.02 -91.35 -33.49
N GLY ZA 70 -46.74 -91.42 -33.88
CA GLY ZA 70 -45.65 -91.45 -32.92
C GLY ZA 70 -45.10 -90.05 -32.68
N MET ZA 72 -42.19 -88.76 -32.85
CA MET ZA 72 -41.16 -88.27 -33.75
C MET ZA 72 -41.64 -88.34 -35.20
N TYR ZA 73 -42.92 -88.64 -35.40
CA TYR ZA 73 -43.50 -88.62 -36.74
C TYR ZA 73 -43.62 -87.19 -37.25
N THR ZA 74 -43.50 -87.02 -38.59
CA THR ZA 74 -43.44 -85.74 -39.31
C THR ZA 74 -42.02 -85.24 -39.31
N THR ZA 75 -41.61 -84.53 -40.37
CA THR ZA 75 -40.23 -84.09 -40.46
C THR ZA 75 -39.90 -83.12 -39.34
N ARG ZA 76 -40.85 -82.21 -39.03
CA ARG ZA 76 -40.63 -81.19 -38.04
C ARG ZA 76 -40.26 -81.82 -36.70
N ARG ZA 77 -41.06 -82.79 -36.24
CA ARG ZA 77 -40.79 -83.45 -34.98
C ARG ZA 77 -39.47 -84.22 -35.04
N TYR ZA 78 -39.21 -84.91 -36.16
CA TYR ZA 78 -37.98 -85.68 -36.27
C TYR ZA 78 -36.79 -84.71 -36.09
N ALA ZA 79 -36.84 -83.58 -36.77
CA ALA ZA 79 -35.76 -82.62 -36.73
C ALA ZA 79 -35.56 -82.08 -35.32
N ALA ZA 80 -36.68 -81.82 -34.61
CA ALA ZA 80 -36.61 -81.34 -33.24
C ALA ZA 80 -35.87 -82.35 -32.36
N CYS ZA 81 -36.22 -83.63 -32.51
CA CYS ZA 81 -35.62 -84.64 -31.66
C CYS ZA 81 -34.12 -84.73 -31.90
N ILE ZA 82 -33.68 -84.66 -33.14
CA ILE ZA 82 -32.24 -84.77 -33.41
C ILE ZA 82 -31.54 -83.51 -32.90
N ARG ZA 83 -32.22 -82.35 -32.94
CA ARG ZA 83 -31.64 -81.13 -32.40
C ARG ZA 83 -31.42 -81.30 -30.89
N ASP ZA 84 -32.41 -81.89 -30.21
CA ASP ZA 84 -32.27 -82.07 -28.77
C ASP ZA 84 -31.12 -83.03 -28.48
N MET ZA 85 -30.95 -84.06 -29.32
CA MET ZA 85 -29.89 -85.03 -29.14
C MET ZA 85 -28.55 -84.36 -29.20
N ASP ZA 86 -28.39 -83.46 -30.18
CA ASP ZA 86 -27.17 -82.69 -30.31
C ASP ZA 86 -26.89 -81.89 -29.01
N TYR ZA 87 -27.92 -81.24 -28.49
CA TYR ZA 87 -27.76 -80.49 -27.26
C TYR ZA 87 -27.19 -81.35 -26.16
N PHE ZA 88 -27.81 -82.49 -25.96
CA PHE ZA 88 -27.38 -83.38 -24.88
C PHE ZA 88 -25.92 -83.72 -25.09
N LEU ZA 89 -25.52 -84.03 -26.31
CA LEU ZA 89 -24.15 -84.41 -26.58
C LEU ZA 89 -23.20 -83.26 -26.25
N ARG ZA 90 -23.52 -82.04 -26.72
CA ARG ZA 90 -22.64 -80.90 -26.51
C ARG ZA 90 -22.47 -80.63 -25.01
N TYR ZA 91 -23.56 -80.69 -24.27
CA TYR ZA 91 -23.51 -80.37 -22.86
C TYR ZA 91 -22.75 -81.45 -22.09
N ALA ZA 92 -22.94 -82.70 -22.47
CA ALA ZA 92 -22.21 -83.78 -21.83
C ALA ZA 92 -20.71 -83.59 -22.06
N THR ZA 93 -20.32 -83.18 -23.27
CA THR ZA 93 -18.92 -82.91 -23.55
C THR ZA 93 -18.42 -81.80 -22.66
N TYR ZA 94 -19.22 -80.74 -22.49
CA TYR ZA 94 -18.84 -79.63 -21.62
C TYR ZA 94 -18.64 -80.15 -20.20
N ALA ZA 95 -19.57 -80.97 -19.73
CA ALA ZA 95 -19.51 -81.50 -18.37
C ALA ZA 95 -18.26 -82.34 -18.19
N MET ZA 96 -17.91 -83.12 -19.19
CA MET ZA 96 -16.76 -83.99 -19.10
C MET ZA 96 -15.48 -83.16 -18.94
N LEU ZA 97 -15.34 -82.11 -19.74
CA LEU ZA 97 -14.20 -81.23 -19.59
C LEU ZA 97 -14.20 -80.60 -18.20
N ALA ZA 98 -15.37 -80.11 -17.78
CA ALA ZA 98 -15.47 -79.40 -16.51
C ALA ZA 98 -15.17 -80.31 -15.36
N GLY ZA 99 -15.55 -81.58 -15.46
CA GLY ZA 99 -15.41 -82.50 -14.36
C GLY ZA 99 -16.50 -82.34 -13.31
N ASP ZA 100 -17.57 -81.61 -13.68
CA ASP ZA 100 -18.66 -81.38 -12.74
C ASP ZA 100 -20.00 -81.60 -13.42
N PRO ZA 101 -20.96 -82.25 -12.74
CA PRO ZA 101 -22.32 -82.39 -13.28
C PRO ZA 101 -23.23 -81.16 -13.21
N SER ZA 102 -22.77 -80.10 -12.54
CA SER ZA 102 -23.59 -78.94 -12.23
C SER ZA 102 -24.10 -78.27 -13.52
N ILE ZA 103 -23.23 -78.12 -14.52
CA ILE ZA 103 -23.64 -77.43 -15.73
C ILE ZA 103 -24.87 -78.13 -16.34
N LEU ZA 104 -24.91 -79.45 -16.26
CA LEU ZA 104 -26.05 -80.20 -16.77
C LEU ZA 104 -27.31 -79.76 -16.02
N ASP ZA 105 -27.23 -79.64 -14.71
CA ASP ZA 105 -28.36 -79.19 -13.90
C ASP ZA 105 -28.78 -77.77 -14.27
N GLU ZA 106 -27.82 -76.88 -14.43
CA GLU ZA 106 -28.09 -75.46 -14.64
C GLU ZA 106 -28.71 -75.22 -16.02
N ARG ZA 107 -28.26 -75.93 -17.07
CA ARG ZA 107 -28.81 -75.72 -18.39
C ARG ZA 107 -29.84 -76.75 -18.79
N VAL ZA 108 -29.38 -78.03 -18.90
CA VAL ZA 108 -30.24 -79.03 -19.51
C VAL ZA 108 -31.32 -79.49 -18.57
N LEU ZA 109 -30.93 -79.86 -17.37
CA LEU ZA 109 -31.86 -80.54 -16.45
C LEU ZA 109 -32.90 -79.52 -15.93
N ASN ZA 110 -32.62 -78.22 -16.11
CA ASN ZA 110 -33.52 -77.15 -15.73
C ASN ZA 110 -34.54 -76.90 -16.82
N GLY ZA 111 -35.81 -77.10 -16.52
CA GLY ZA 111 -36.92 -76.75 -17.39
C GLY ZA 111 -37.21 -77.75 -18.49
N LEU ZA 112 -36.30 -78.64 -18.87
CA LEU ZA 112 -36.55 -79.53 -19.99
C LEU ZA 112 -37.59 -80.55 -19.58
N LYS ZA 113 -37.49 -81.11 -18.39
CA LYS ZA 113 -38.40 -82.14 -17.95
C LYS ZA 113 -39.83 -81.62 -18.01
N GLU ZA 114 -40.04 -80.42 -17.49
CA GLU ZA 114 -41.34 -79.79 -17.45
C GLU ZA 114 -41.86 -79.54 -18.87
N THR ZA 115 -41.00 -79.04 -19.75
CA THR ZA 115 -41.36 -78.81 -21.14
C THR ZA 115 -41.81 -80.11 -21.77
N TYR ZA 116 -41.03 -81.17 -21.58
CA TYR ZA 116 -41.32 -82.46 -22.18
C TYR ZA 116 -42.66 -82.98 -21.68
N ASN ZA 117 -42.93 -82.83 -20.35
CA ASN ZA 117 -44.15 -83.35 -19.80
C ASN ZA 117 -45.36 -82.61 -20.42
N SER ZA 118 -45.28 -81.29 -20.57
CA SER ZA 118 -46.35 -80.56 -21.21
C SER ZA 118 -46.50 -81.00 -22.66
N LEU ZA 119 -45.38 -81.19 -23.37
CA LEU ZA 119 -45.42 -81.54 -24.78
C LEU ZA 119 -45.97 -82.95 -24.93
N GLY ZA 120 -45.73 -83.84 -23.93
CA GLY ZA 120 -46.08 -85.22 -24.05
C GLY ZA 120 -45.01 -86.03 -24.80
N VAL ZA 121 -43.83 -85.45 -24.94
CA VAL ZA 121 -42.65 -86.19 -25.39
C VAL ZA 121 -42.37 -87.27 -24.37
N PRO ZA 122 -42.08 -88.54 -24.79
CA PRO ZA 122 -41.80 -89.61 -23.83
C PRO ZA 122 -40.41 -89.48 -23.24
N ILE ZA 123 -40.34 -89.42 -21.89
CA ILE ZA 123 -39.06 -89.26 -21.23
C ILE ZA 123 -38.23 -90.54 -21.41
N ALA ZA 124 -38.88 -91.72 -21.28
CA ALA ZA 124 -38.16 -92.97 -21.37
C ALA ZA 124 -37.47 -93.13 -22.72
N ALA ZA 125 -38.15 -92.78 -23.80
CA ALA ZA 125 -37.56 -92.83 -25.14
C ALA ZA 125 -36.35 -91.89 -25.24
N THR ZA 126 -36.47 -90.69 -24.65
CA THR ZA 126 -35.38 -89.73 -24.67
C THR ZA 126 -34.19 -90.32 -23.93
N VAL ZA 127 -34.47 -90.93 -22.78
CA VAL ZA 127 -33.43 -91.53 -21.97
C VAL ZA 127 -32.75 -92.62 -22.79
N GLY ZA 128 -33.55 -93.45 -23.48
CA GLY ZA 128 -33.03 -94.49 -24.35
C GLY ZA 128 -32.05 -93.95 -25.38
N GLY ZA 129 -32.41 -92.81 -26.00
CA GLY ZA 129 -31.55 -92.14 -26.96
C GLY ZA 129 -30.22 -91.71 -26.34
N ILE ZA 130 -30.30 -91.17 -25.11
CA ILE ZA 130 -29.11 -90.69 -24.42
C ILE ZA 130 -28.19 -91.87 -24.14
N GLN ZA 131 -28.76 -92.98 -23.69
CA GLN ZA 131 -28.01 -94.20 -23.39
C GLN ZA 131 -27.35 -94.72 -24.66
N ALA ZA 132 -28.07 -94.67 -25.78
CA ALA ZA 132 -27.51 -95.09 -27.05
C ALA ZA 132 -26.31 -94.21 -27.42
N MET ZA 133 -26.45 -92.88 -27.23
CA MET ZA 133 -25.34 -91.99 -27.56
C MET ZA 133 -24.13 -92.37 -26.71
N LYS ZA 134 -24.39 -92.69 -25.45
CA LYS ZA 134 -23.32 -93.01 -24.51
C LYS ZA 134 -22.50 -94.20 -25.04
N GLU ZA 135 -23.20 -95.24 -25.48
CA GLU ZA 135 -22.57 -96.44 -26.00
C GLU ZA 135 -21.69 -96.12 -27.21
N VAL ZA 136 -22.22 -95.35 -28.16
CA VAL ZA 136 -21.45 -94.95 -29.33
C VAL ZA 136 -20.24 -94.14 -28.89
N VAL ZA 137 -20.45 -93.20 -27.97
CA VAL ZA 137 -19.38 -92.30 -27.54
C VAL ZA 137 -18.29 -93.14 -26.91
N GLY ZA 138 -18.68 -94.11 -26.08
CA GLY ZA 138 -17.75 -94.96 -25.36
C GLY ZA 138 -16.72 -95.60 -26.29
N GLY ZA 139 -17.20 -96.16 -27.41
CA GLY ZA 139 -16.35 -96.73 -28.43
C GLY ZA 139 -15.29 -95.75 -28.93
N LEU ZA 140 -15.74 -94.57 -29.37
CA LEU ZA 140 -14.86 -93.60 -30.02
C LEU ZA 140 -13.82 -93.08 -29.04
N VAL ZA 141 -14.23 -92.78 -27.81
CA VAL ZA 141 -13.36 -92.10 -26.85
C VAL ZA 141 -12.28 -93.06 -26.39
N GLY ZA 142 -12.64 -94.36 -26.29
CA GLY ZA 142 -11.74 -95.36 -25.74
C GLY ZA 142 -11.99 -95.56 -24.25
N PRO ZA 143 -11.51 -96.67 -23.64
CA PRO ZA 143 -11.96 -97.10 -22.30
C PRO ZA 143 -11.77 -96.15 -21.12
N ASP ZA 144 -10.57 -95.57 -20.98
CA ASP ZA 144 -10.27 -94.66 -19.89
C ASP ZA 144 -11.21 -93.46 -19.93
N ALA ZA 145 -11.37 -92.89 -21.14
CA ALA ZA 145 -12.24 -91.75 -21.34
C ALA ZA 145 -13.70 -92.15 -21.17
N ALA ZA 146 -14.04 -93.38 -21.57
CA ALA ZA 146 -15.43 -93.84 -21.58
C ALA ZA 146 -16.03 -93.79 -20.18
N LYS ZA 147 -15.27 -94.21 -19.16
CA LYS ZA 147 -15.81 -94.24 -17.81
C LYS ZA 147 -16.24 -92.83 -17.40
N GLU ZA 148 -15.37 -91.86 -17.66
CA GLU ZA 148 -15.63 -90.47 -17.36
C GLU ZA 148 -16.83 -89.96 -18.14
N ALA ZA 149 -16.87 -90.26 -19.44
CA ALA ZA 149 -17.96 -89.83 -20.31
C ALA ZA 149 -19.29 -90.42 -19.81
N SER ZA 150 -19.27 -91.69 -19.40
CA SER ZA 150 -20.48 -92.39 -19.05
C SER ZA 150 -21.22 -91.71 -17.89
N ILE ZA 151 -20.49 -91.21 -16.90
CA ILE ZA 151 -21.15 -90.70 -15.70
C ILE ZA 151 -22.05 -89.52 -16.06
N TYR ZA 152 -21.59 -88.63 -16.97
CA TYR ZA 152 -22.37 -87.46 -17.33
C TYR ZA 152 -23.61 -87.87 -18.12
N PHE ZA 153 -23.46 -88.84 -19.03
CA PHE ZA 153 -24.59 -89.37 -19.78
C PHE ZA 153 -25.61 -89.95 -18.81
N ASP ZA 154 -25.14 -90.69 -17.82
CA ASP ZA 154 -26.02 -91.32 -16.84
C ASP ZA 154 -26.73 -90.25 -16.01
N TYR ZA 155 -26.01 -89.17 -15.70
CA TYR ZA 155 -26.57 -88.07 -14.94
C TYR ZA 155 -27.74 -87.45 -15.69
N LEU ZA 156 -27.56 -87.22 -16.99
CA LEU ZA 156 -28.62 -86.67 -17.83
C LEU ZA 156 -29.82 -87.62 -17.78
N SER ZA 157 -29.55 -88.93 -17.94
CA SER ZA 157 -30.63 -89.90 -17.99
C SER ZA 157 -31.44 -89.90 -16.69
N SER ZA 158 -30.72 -89.88 -15.57
CA SER ZA 158 -31.36 -89.91 -14.25
C SER ZA 158 -32.22 -88.66 -14.05
N GLY ZA 159 -31.73 -87.51 -14.51
CA GLY ZA 159 -32.50 -86.27 -14.52
C GLY ZA 159 -33.67 -86.33 -15.50
N SER AB 2 -55.04 -74.98 -45.38
CA SER AB 2 -56.09 -74.79 -46.42
C SER AB 2 -56.16 -73.33 -46.84
N VAL AB 3 -56.86 -73.05 -47.95
CA VAL AB 3 -57.02 -71.69 -48.43
C VAL AB 3 -57.65 -70.84 -47.33
N LEU AB 4 -58.69 -71.40 -46.70
CA LEU AB 4 -59.46 -70.60 -45.76
C LEU AB 4 -58.58 -70.27 -44.56
N THR AB 5 -57.83 -71.25 -44.06
CA THR AB 5 -56.97 -71.03 -42.91
C THR AB 5 -55.99 -69.91 -43.22
N LYS AB 6 -55.40 -69.95 -44.40
CA LYS AB 6 -54.41 -68.97 -44.78
C LYS AB 6 -55.03 -67.58 -44.73
N ALA AB 7 -56.23 -67.43 -45.31
CA ALA AB 7 -56.89 -66.14 -45.37
C ALA AB 7 -57.20 -65.60 -43.98
N ILE AB 8 -57.72 -66.47 -43.11
CA ILE AB 8 -58.07 -66.09 -41.75
C ILE AB 8 -56.84 -65.61 -41.02
N VAL AB 9 -55.74 -66.34 -41.18
CA VAL AB 9 -54.51 -66.02 -40.47
C VAL AB 9 -54.02 -64.63 -40.86
N ASN AB 10 -54.08 -64.30 -42.16
CA ASN AB 10 -53.63 -62.99 -42.62
C ASN AB 10 -54.51 -61.90 -42.02
N ALA AB 11 -55.82 -62.15 -42.00
CA ALA AB 11 -56.77 -61.20 -41.44
C ALA AB 11 -56.51 -60.97 -39.96
N ASP AB 12 -56.25 -62.04 -39.20
CA ASP AB 12 -56.04 -61.94 -37.77
C ASP AB 12 -54.79 -61.12 -37.49
N ALA AB 13 -53.73 -61.31 -38.28
CA ALA AB 13 -52.52 -60.51 -38.13
C ALA AB 13 -52.82 -59.03 -38.32
N GLU AB 14 -53.64 -58.72 -39.35
CA GLU AB 14 -54.01 -57.36 -39.60
C GLU AB 14 -55.08 -56.89 -38.59
N ALA AB 15 -55.70 -57.83 -37.87
CA ALA AB 15 -56.77 -57.53 -36.93
C ALA AB 15 -57.97 -56.90 -37.65
N ARG AB 16 -58.27 -57.40 -38.86
CA ARG AB 16 -59.30 -56.86 -39.72
C ARG AB 16 -60.20 -57.97 -40.20
N TYR AB 17 -61.42 -57.65 -40.66
CA TYR AB 17 -62.30 -58.59 -41.33
C TYR AB 17 -61.69 -59.01 -42.66
N LEU AB 18 -62.12 -60.13 -43.20
CA LEU AB 18 -61.62 -60.63 -44.48
C LEU AB 18 -61.87 -59.61 -45.60
N SER AB 19 -60.81 -59.37 -46.37
CA SER AB 19 -60.84 -58.44 -47.49
C SER AB 19 -61.72 -59.02 -48.61
N PRO AB 20 -62.31 -58.18 -49.47
CA PRO AB 20 -63.15 -58.66 -50.58
C PRO AB 20 -62.40 -59.64 -51.48
N GLY AB 21 -61.16 -59.26 -51.82
CA GLY AB 21 -60.28 -60.09 -52.65
C GLY AB 21 -60.06 -61.46 -52.02
N GLU AB 22 -59.79 -61.48 -50.71
CA GLU AB 22 -59.61 -62.71 -49.97
C GLU AB 22 -60.89 -63.53 -50.02
N LEU AB 23 -62.04 -62.87 -49.85
CA LEU AB 23 -63.33 -63.54 -49.89
C LEU AB 23 -63.56 -64.15 -51.26
N ASP AB 24 -63.15 -63.44 -52.32
CA ASP AB 24 -63.35 -63.92 -53.68
C ASP AB 24 -62.58 -65.22 -53.90
N ARG AB 25 -61.34 -65.27 -53.38
CA ARG AB 25 -60.52 -66.45 -53.54
C ARG AB 25 -61.19 -67.63 -52.83
N ILE AB 26 -61.82 -67.37 -51.69
CA ILE AB 26 -62.52 -68.41 -50.95
C ILE AB 26 -63.67 -68.95 -51.80
N LYS AB 27 -64.40 -68.04 -52.45
CA LYS AB 27 -65.53 -68.41 -53.30
C LYS AB 27 -65.05 -69.33 -54.42
N SER AB 28 -63.92 -68.94 -55.06
CA SER AB 28 -63.40 -69.70 -56.17
C SER AB 28 -63.04 -71.12 -55.68
N PHE AB 29 -62.42 -71.18 -54.50
CA PHE AB 29 -61.96 -72.43 -53.93
C PHE AB 29 -63.12 -73.38 -53.68
N VAL AB 30 -64.24 -72.87 -53.15
CA VAL AB 30 -65.33 -73.76 -52.79
C VAL AB 30 -65.94 -74.36 -54.06
N ALA AB 31 -65.99 -73.57 -55.15
CA ALA AB 31 -66.44 -74.08 -56.43
C ALA AB 31 -65.50 -75.17 -56.95
N SER AB 32 -64.19 -74.93 -56.82
CA SER AB 32 -63.20 -75.86 -57.33
C SER AB 32 -63.21 -77.19 -56.54
N GLY AB 33 -63.61 -77.13 -55.28
CA GLY AB 33 -63.40 -78.22 -54.32
C GLY AB 33 -63.87 -79.60 -54.81
N GLU AB 34 -65.09 -79.62 -55.37
CA GLU AB 34 -65.68 -80.88 -55.82
C GLU AB 34 -64.80 -81.58 -56.87
N ARG AB 35 -64.36 -80.77 -57.85
CA ARG AB 35 -63.39 -81.25 -58.83
C ARG AB 35 -62.12 -81.74 -58.15
N ARG AB 36 -61.63 -80.98 -57.18
CA ARG AB 36 -60.41 -81.32 -56.46
C ARG AB 36 -60.57 -82.67 -55.78
N LEU AB 37 -61.73 -82.91 -55.19
CA LEU AB 37 -61.96 -84.16 -54.46
C LEU AB 37 -61.77 -85.36 -55.40
N ARG AB 38 -62.33 -85.24 -56.62
CA ARG AB 38 -62.22 -86.29 -57.61
C ARG AB 38 -60.76 -86.53 -58.00
N ILE AB 39 -59.99 -85.45 -58.21
CA ILE AB 39 -58.59 -85.58 -58.57
C ILE AB 39 -57.86 -86.37 -57.50
N ALA AB 40 -58.12 -86.03 -56.23
CA ALA AB 40 -57.47 -86.70 -55.11
C ALA AB 40 -57.85 -88.18 -55.09
N GLN AB 41 -59.14 -88.45 -55.35
CA GLN AB 41 -59.63 -89.81 -55.30
C GLN AB 41 -58.90 -90.66 -56.34
N THR AB 42 -58.74 -90.10 -57.56
CA THR AB 42 -58.10 -90.80 -58.64
C THR AB 42 -56.69 -91.25 -58.23
N LEU AB 43 -55.91 -90.32 -57.68
CA LEU AB 43 -54.53 -90.60 -57.30
C LEU AB 43 -54.48 -91.64 -56.19
N THR AB 44 -55.43 -91.58 -55.25
CA THR AB 44 -55.44 -92.53 -54.16
C THR AB 44 -55.58 -93.95 -54.70
N GLU AB 45 -56.49 -94.13 -55.68
CA GLU AB 45 -56.76 -95.44 -56.22
C GLU AB 45 -55.52 -95.98 -56.95
N ALA AB 46 -54.84 -95.08 -57.67
CA ALA AB 46 -53.69 -95.45 -58.47
C ALA AB 46 -52.39 -95.39 -57.64
N ARG AB 47 -52.53 -95.17 -56.33
CA ARG AB 47 -51.37 -94.86 -55.50
C ARG AB 47 -50.31 -95.95 -55.62
N GLU AB 48 -50.69 -97.20 -55.39
CA GLU AB 48 -49.78 -98.34 -55.35
C GLU AB 48 -48.93 -98.42 -56.63
N ARG AB 49 -49.60 -98.28 -57.79
CA ARG AB 49 -48.92 -98.37 -59.06
C ARG AB 49 -48.02 -97.14 -59.28
N ILE AB 50 -48.49 -95.95 -58.87
CA ILE AB 50 -47.71 -94.73 -59.07
C ILE AB 50 -46.37 -94.90 -58.37
N VAL AB 51 -46.41 -95.35 -57.13
CA VAL AB 51 -45.22 -95.47 -56.32
C VAL AB 51 -44.27 -96.47 -57.00
N LYS AB 52 -44.81 -97.62 -57.40
CA LYS AB 52 -44.01 -98.69 -57.98
C LYS AB 52 -43.30 -98.17 -59.24
N GLN AB 53 -44.07 -97.57 -60.16
CA GLN AB 53 -43.52 -97.11 -61.40
C GLN AB 53 -42.44 -96.04 -61.16
N ALA AB 54 -42.73 -95.10 -60.24
CA ALA AB 54 -41.82 -94.00 -59.97
C ALA AB 54 -40.51 -94.55 -59.41
N GLY AB 55 -40.61 -95.55 -58.51
CA GLY AB 55 -39.45 -96.13 -57.90
C GLY AB 55 -38.47 -96.66 -59.01
N ASP AB 56 -39.02 -97.44 -59.96
CA ASP AB 56 -37.94 -97.95 -60.85
C ASP AB 56 -37.52 -96.90 -61.83
N GLN AB 57 -38.31 -95.89 -62.17
CA GLN AB 57 -37.79 -94.77 -62.93
C GLN AB 57 -36.63 -94.10 -62.19
N LEU AB 58 -36.83 -93.89 -60.88
CA LEU AB 58 -35.82 -93.22 -60.06
C LEU AB 58 -34.54 -94.05 -60.07
N PHE AB 59 -34.68 -95.37 -59.89
CA PHE AB 59 -33.51 -96.22 -59.82
C PHE AB 59 -32.78 -96.24 -61.16
N GLN AB 60 -33.52 -96.20 -62.26
CA GLN AB 60 -32.90 -96.09 -63.56
C GLN AB 60 -32.17 -94.75 -63.67
N LYS AB 61 -32.83 -93.67 -63.26
CA LYS AB 61 -32.26 -92.33 -63.36
C LYS AB 61 -30.99 -92.24 -62.50
N ARG AB 62 -31.03 -92.85 -61.30
CA ARG AB 62 -29.92 -92.81 -60.37
C ARG AB 62 -29.49 -94.22 -60.00
N PRO AB 63 -28.57 -94.85 -60.78
CA PRO AB 63 -28.08 -96.17 -60.42
C PRO AB 63 -27.42 -96.17 -59.04
N ASP AB 64 -26.75 -95.07 -58.71
CA ASP AB 64 -25.89 -94.97 -57.54
C ASP AB 64 -26.70 -95.23 -56.26
N VAL AB 65 -27.90 -94.68 -56.16
CA VAL AB 65 -28.64 -94.74 -54.91
C VAL AB 65 -28.85 -96.21 -54.53
N VAL AB 66 -29.22 -97.06 -55.50
CA VAL AB 66 -29.31 -98.50 -55.27
C VAL AB 66 -28.01 -99.14 -55.74
N SER AB 67 -26.93 -98.84 -55.02
CA SER AB 67 -25.62 -99.44 -55.23
C SER AB 67 -25.02 -99.63 -53.85
N PRO AB 68 -24.01 -100.50 -53.68
CA PRO AB 68 -23.55 -100.86 -52.33
C PRO AB 68 -23.18 -99.63 -51.49
N GLY AB 69 -22.54 -98.65 -52.13
CA GLY AB 69 -22.28 -97.38 -51.48
C GLY AB 69 -23.56 -96.63 -51.12
N GLY AB 70 -24.55 -96.64 -52.03
CA GLY AB 70 -25.73 -95.80 -51.96
C GLY AB 70 -26.65 -96.17 -50.79
N ASN AB 71 -27.43 -95.17 -50.37
CA ASN AB 71 -28.29 -95.28 -49.19
C ASN AB 71 -29.43 -96.27 -49.45
N ALA AB 72 -29.95 -96.22 -50.65
CA ALA AB 72 -31.14 -96.98 -51.02
C ALA AB 72 -30.85 -98.48 -51.11
N TYR AB 73 -29.56 -98.85 -51.25
CA TYR AB 73 -29.18 -100.21 -51.56
C TYR AB 73 -29.59 -101.19 -50.46
N GLY AB 74 -30.04 -102.38 -50.91
CA GLY AB 74 -30.54 -103.42 -50.02
C GLY AB 74 -32.06 -103.36 -49.95
N GLU AB 75 -32.69 -104.52 -49.64
CA GLU AB 75 -34.15 -104.64 -49.64
C GLU AB 75 -34.75 -103.72 -48.57
N LYS AB 76 -34.20 -103.76 -47.35
CA LYS AB 76 -34.75 -102.96 -46.27
C LYS AB 76 -34.74 -101.50 -46.70
N MET AB 77 -33.59 -101.03 -47.18
CA MET AB 77 -33.42 -99.64 -47.57
C MET AB 77 -34.32 -99.29 -48.74
N THR AB 78 -34.44 -100.19 -49.73
CA THR AB 78 -35.25 -99.89 -50.89
C THR AB 78 -36.72 -99.75 -50.47
N ALA AB 79 -37.17 -100.60 -49.54
CA ALA AB 79 -38.52 -100.51 -49.04
C ALA AB 79 -38.76 -99.15 -48.39
N LEU AB 80 -37.81 -98.70 -47.57
CA LEU AB 80 -37.92 -97.43 -46.88
C LEU AB 80 -38.02 -96.29 -47.89
N CYS AB 81 -37.21 -96.37 -48.98
CA CYS AB 81 -37.26 -95.34 -50.00
C CYS AB 81 -38.64 -95.31 -50.66
N LEU AB 82 -39.23 -96.48 -50.89
CA LEU AB 82 -40.55 -96.53 -51.49
C LEU AB 82 -41.60 -96.03 -50.49
N ARG AB 83 -41.43 -96.37 -49.21
CA ARG AB 83 -42.34 -95.89 -48.19
C ARG AB 83 -42.35 -94.34 -48.18
N ASP AB 84 -41.15 -93.76 -48.31
CA ASP AB 84 -41.05 -92.31 -48.34
C ASP AB 84 -41.82 -91.74 -49.53
N LEU AB 85 -41.69 -92.39 -50.69
CA LEU AB 85 -42.40 -91.93 -51.87
C LEU AB 85 -43.91 -91.99 -51.62
N ASP AB 86 -44.35 -93.07 -50.96
CA ASP AB 86 -45.76 -93.22 -50.64
C ASP AB 86 -46.23 -92.08 -49.74
N TYR AB 87 -45.41 -91.75 -48.71
CA TYR AB 87 -45.72 -90.67 -47.79
C TYR AB 87 -45.95 -89.37 -48.55
N TYR AB 88 -45.04 -89.07 -49.47
CA TYR AB 88 -45.15 -87.81 -50.20
C TYR AB 88 -46.40 -87.81 -51.05
N LEU AB 89 -46.79 -88.95 -51.61
CA LEU AB 89 -47.99 -89.00 -52.43
C LEU AB 89 -49.21 -88.71 -51.56
N ARG AB 90 -49.26 -89.29 -50.36
CA ARG AB 90 -50.37 -89.06 -49.46
C ARG AB 90 -50.46 -87.57 -49.14
N LEU AB 91 -49.30 -86.93 -48.90
CA LEU AB 91 -49.27 -85.52 -48.60
C LEU AB 91 -49.83 -84.72 -49.78
N VAL AB 92 -49.46 -85.10 -51.01
CA VAL AB 92 -49.92 -84.36 -52.17
C VAL AB 92 -51.44 -84.44 -52.25
N THR AB 93 -52.04 -85.61 -51.99
CA THR AB 93 -53.48 -85.72 -52.06
C THR AB 93 -54.11 -84.77 -51.06
N TYR AB 94 -53.57 -84.75 -49.83
CA TYR AB 94 -54.08 -83.87 -48.80
C TYR AB 94 -54.05 -82.42 -49.30
N GLY AB 95 -52.95 -82.05 -49.96
CA GLY AB 95 -52.78 -80.70 -50.47
C GLY AB 95 -53.83 -80.32 -51.47
N ILE AB 96 -54.16 -81.24 -52.39
CA ILE AB 96 -55.11 -80.95 -53.46
C ILE AB 96 -56.46 -80.61 -52.83
N VAL AB 97 -56.90 -81.41 -51.85
CA VAL AB 97 -58.21 -81.17 -51.26
C VAL AB 97 -58.16 -79.85 -50.48
N ALA AB 98 -57.05 -79.56 -49.81
CA ALA AB 98 -56.91 -78.35 -49.02
C ALA AB 98 -56.83 -77.11 -49.92
N GLY AB 99 -56.26 -77.26 -51.12
CA GLY AB 99 -56.08 -76.13 -52.01
C GLY AB 99 -54.88 -75.28 -51.65
N ASP AB 100 -54.07 -75.79 -50.72
CA ASP AB 100 -52.92 -75.03 -50.21
C ASP AB 100 -51.89 -76.03 -49.76
N VAL AB 101 -50.61 -75.60 -49.74
CA VAL AB 101 -49.51 -76.50 -49.44
C VAL AB 101 -49.32 -76.60 -47.95
N THR AB 102 -49.99 -75.77 -47.17
CA THR AB 102 -49.78 -75.71 -45.73
C THR AB 102 -49.86 -77.10 -45.10
N PRO AB 103 -50.93 -77.91 -45.34
CA PRO AB 103 -51.00 -79.25 -44.75
C PRO AB 103 -49.77 -80.08 -45.12
N ILE AB 104 -49.39 -80.03 -46.40
CA ILE AB 104 -48.22 -80.72 -46.90
C ILE AB 104 -47.00 -80.22 -46.12
N GLU AB 105 -46.89 -78.91 -45.98
CA GLU AB 105 -45.70 -78.25 -45.47
C GLU AB 105 -45.41 -78.65 -44.04
N GLU AB 106 -46.41 -78.65 -43.18
CA GLU AB 106 -46.20 -78.99 -41.78
C GLU AB 106 -45.71 -80.44 -41.63
N ILE AB 107 -46.31 -81.37 -42.36
CA ILE AB 107 -45.98 -82.79 -42.17
C ILE AB 107 -44.64 -83.13 -42.81
N GLY AB 108 -44.31 -82.51 -43.95
CA GLY AB 108 -43.24 -83.02 -44.80
C GLY AB 108 -42.10 -82.05 -45.10
N ILE AB 109 -42.31 -80.74 -45.11
CA ILE AB 109 -41.31 -79.87 -45.72
C ILE AB 109 -40.49 -79.14 -44.65
N ILE AB 110 -40.91 -79.14 -43.38
CA ILE AB 110 -40.16 -78.41 -42.36
C ILE AB 110 -39.29 -79.40 -41.60
N GLY AB 111 -37.97 -79.15 -41.64
CA GLY AB 111 -37.00 -80.05 -41.03
C GLY AB 111 -36.64 -81.20 -41.95
N VAL AB 112 -37.13 -81.19 -43.19
CA VAL AB 112 -36.90 -82.30 -44.11
C VAL AB 112 -35.41 -82.43 -44.37
N LYS AB 113 -34.73 -81.29 -44.60
CA LYS AB 113 -33.31 -81.30 -44.90
C LYS AB 113 -32.57 -81.97 -43.75
N GLU AB 114 -32.89 -81.56 -42.53
CA GLU AB 114 -32.21 -82.04 -41.34
C GLU AB 114 -32.42 -83.54 -41.17
N MET AB 115 -33.65 -84.00 -41.38
CA MET AB 115 -33.97 -85.40 -41.22
C MET AB 115 -33.16 -86.23 -42.22
N TYR AB 116 -33.18 -85.81 -43.49
CA TYR AB 116 -32.49 -86.58 -44.52
C TYR AB 116 -30.98 -86.52 -44.30
N ASN AB 117 -30.45 -85.39 -43.84
CA ASN AB 117 -29.02 -85.28 -43.60
C ASN AB 117 -28.60 -86.27 -42.50
N SER AB 118 -29.40 -86.42 -41.44
CA SER AB 118 -29.07 -87.42 -40.45
C SER AB 118 -29.11 -88.81 -41.08
N LEU AB 119 -30.13 -89.07 -41.89
CA LEU AB 119 -30.26 -90.36 -42.55
C LEU AB 119 -29.12 -90.55 -43.54
N GLN AB 120 -28.65 -89.44 -44.13
CA GLN AB 120 -27.60 -89.41 -45.13
C GLN AB 120 -28.16 -89.67 -46.52
N THR AB 121 -29.49 -89.77 -46.62
CA THR AB 121 -30.16 -89.87 -47.90
C THR AB 121 -29.85 -88.62 -48.71
N PRO AB 122 -29.51 -88.72 -50.02
CA PRO AB 122 -29.37 -87.55 -50.88
C PRO AB 122 -30.70 -86.89 -51.21
N ILE AB 123 -30.78 -85.57 -50.96
CA ILE AB 123 -32.01 -84.83 -51.13
C ILE AB 123 -32.37 -84.78 -52.62
N PRO AB 124 -31.41 -84.54 -53.55
CA PRO AB 124 -31.76 -84.45 -54.97
C PRO AB 124 -32.42 -85.71 -55.53
N ALA AB 125 -31.95 -86.88 -55.08
CA ALA AB 125 -32.53 -88.15 -55.49
C ALA AB 125 -33.98 -88.24 -55.05
N VAL AB 126 -34.28 -87.77 -53.82
CA VAL AB 126 -35.64 -87.79 -53.31
C VAL AB 126 -36.50 -86.93 -54.23
N ALA AB 127 -35.96 -85.77 -54.63
CA ALA AB 127 -36.68 -84.86 -55.51
C ALA AB 127 -36.99 -85.53 -56.85
N GLU AB 128 -36.01 -86.28 -57.36
CA GLU AB 128 -36.18 -86.98 -58.63
C GLU AB 128 -37.32 -87.99 -58.53
N GLY AB 129 -37.38 -88.71 -57.40
CA GLY AB 129 -38.44 -89.66 -57.16
C GLY AB 129 -39.81 -88.99 -57.19
N VAL AB 130 -39.91 -87.80 -56.61
CA VAL AB 130 -41.16 -87.05 -56.60
C VAL AB 130 -41.49 -86.63 -58.02
N ARG AB 131 -40.49 -86.19 -58.78
CA ARG AB 131 -40.68 -85.83 -60.17
C ARG AB 131 -41.22 -87.03 -60.95
N ALA AB 132 -40.61 -88.20 -60.71
CA ALA AB 132 -41.04 -89.43 -61.36
C ALA AB 132 -42.50 -89.72 -61.03
N MET AB 133 -42.87 -89.58 -59.75
CA MET AB 133 -44.24 -89.84 -59.35
C MET AB 133 -45.18 -88.89 -60.06
N LYS AB 134 -44.75 -87.65 -60.25
CA LYS AB 134 -45.58 -86.65 -60.92
C LYS AB 134 -45.91 -87.13 -62.33
N ASN AB 135 -44.90 -87.64 -63.05
CA ASN AB 135 -45.08 -88.04 -64.44
C ASN AB 135 -46.09 -89.18 -64.53
N VAL AB 136 -45.97 -90.16 -63.64
CA VAL AB 136 -46.89 -91.28 -63.61
C VAL AB 136 -48.30 -90.76 -63.31
N ALA AB 137 -48.40 -89.90 -62.29
CA ALA AB 137 -49.68 -89.37 -61.86
C ALA AB 137 -50.34 -88.57 -62.99
N THR AB 138 -49.54 -87.78 -63.70
CA THR AB 138 -50.03 -86.95 -64.78
C THR AB 138 -50.71 -87.79 -65.84
N SER AB 139 -50.09 -88.93 -66.19
CA SER AB 139 -50.60 -89.78 -67.25
C SER AB 139 -52.01 -90.27 -66.93
N LEU AB 140 -52.24 -90.67 -65.65
CA LEU AB 140 -53.54 -91.20 -65.25
C LEU AB 140 -54.57 -90.06 -65.19
N LEU AB 141 -54.12 -88.87 -64.81
CA LEU AB 141 -55.03 -87.75 -64.66
C LEU AB 141 -55.35 -87.15 -66.03
N SER AB 142 -56.54 -86.56 -66.15
CA SER AB 142 -56.89 -85.74 -67.30
C SER AB 142 -56.04 -84.46 -67.26
N GLY AB 143 -55.87 -83.81 -68.42
CA GLY AB 143 -54.91 -82.72 -68.60
C GLY AB 143 -55.07 -81.58 -67.58
N ASP AB 144 -56.30 -81.07 -67.45
CA ASP AB 144 -56.60 -80.00 -66.51
C ASP AB 144 -56.37 -80.49 -65.08
N ASP AB 145 -56.82 -81.72 -64.79
CA ASP AB 145 -56.59 -82.34 -63.49
C ASP AB 145 -55.10 -82.44 -63.22
N ALA AB 146 -54.36 -82.86 -64.25
CA ALA AB 146 -52.92 -83.07 -64.15
C ALA AB 146 -52.22 -81.76 -63.78
N ALA AB 147 -52.65 -80.65 -64.39
CA ALA AB 147 -52.04 -79.36 -64.14
C ALA AB 147 -52.18 -78.99 -62.65
N GLU AB 148 -53.38 -79.18 -62.11
CA GLU AB 148 -53.64 -78.92 -60.71
C GLU AB 148 -52.72 -79.78 -59.84
N ALA AB 149 -52.67 -81.07 -60.14
CA ALA AB 149 -51.83 -82.00 -59.38
C ALA AB 149 -50.36 -81.61 -59.53
N GLY AB 150 -49.96 -81.17 -60.73
CA GLY AB 150 -48.58 -80.82 -61.01
C GLY AB 150 -48.06 -79.75 -60.06
N PHE AB 151 -48.90 -78.74 -59.77
CA PHE AB 151 -48.49 -77.63 -58.92
C PHE AB 151 -48.03 -78.16 -57.58
N TYR AB 152 -48.80 -79.06 -56.98
CA TYR AB 152 -48.46 -79.62 -55.67
C TYR AB 152 -47.20 -80.45 -55.77
N PHE AB 153 -47.07 -81.23 -56.84
CA PHE AB 153 -45.89 -82.03 -57.05
C PHE AB 153 -44.66 -81.13 -57.19
N ASP AB 154 -44.80 -80.03 -57.92
CA ASP AB 154 -43.72 -79.10 -58.16
C ASP AB 154 -43.26 -78.47 -56.84
N TYR AB 155 -44.24 -78.11 -55.99
CA TYR AB 155 -43.95 -77.51 -54.69
C TYR AB 155 -43.03 -78.44 -53.91
N LEU AB 156 -43.37 -79.73 -53.88
CA LEU AB 156 -42.60 -80.70 -53.13
C LEU AB 156 -41.17 -80.72 -53.65
N VAL AB 157 -41.04 -80.75 -54.98
CA VAL AB 157 -39.73 -80.80 -55.59
C VAL AB 157 -38.95 -79.55 -55.23
N GLY AB 158 -39.62 -78.40 -55.25
CA GLY AB 158 -39.00 -77.14 -54.85
C GLY AB 158 -38.56 -77.16 -53.39
N ALA AB 159 -39.40 -77.68 -52.52
CA ALA AB 159 -39.16 -77.69 -51.08
C ALA AB 159 -37.90 -78.49 -50.76
N MET AB 160 -37.69 -79.64 -51.41
CA MET AB 160 -36.48 -80.39 -51.16
C MET AB 160 -35.45 -80.03 -52.22
N GLN BB 2 -57.36 -74.11 -36.90
CA GLN BB 2 -57.76 -75.28 -37.70
C GLN BB 2 -59.07 -74.96 -38.41
N ASP BB 3 -59.25 -75.60 -39.57
CA ASP BB 3 -60.50 -75.49 -40.28
C ASP BB 3 -61.06 -76.88 -40.48
N ALA BB 4 -62.22 -76.96 -41.13
CA ALA BB 4 -62.87 -78.24 -41.31
C ALA BB 4 -62.01 -79.15 -42.18
N ILE BB 5 -61.56 -78.60 -43.31
CA ILE BB 5 -60.77 -79.37 -44.25
C ILE BB 5 -59.52 -79.90 -43.57
N THR BB 6 -58.81 -79.01 -42.86
CA THR BB 6 -57.57 -79.42 -42.20
C THR BB 6 -57.86 -80.41 -41.08
N ALA BB 7 -58.99 -80.25 -40.38
CA ALA BB 7 -59.32 -81.17 -39.30
C ALA BB 7 -59.44 -82.60 -39.80
N VAL BB 8 -60.10 -82.76 -40.95
CA VAL BB 8 -60.25 -84.08 -41.56
C VAL BB 8 -58.85 -84.60 -41.90
N ILE BB 9 -58.05 -83.77 -42.56
CA ILE BB 9 -56.70 -84.15 -42.94
C ILE BB 9 -55.92 -84.60 -41.72
N ASN BB 10 -56.01 -83.85 -40.63
CA ASN BB 10 -55.30 -84.06 -39.40
C ASN BB 10 -55.59 -85.49 -38.87
N ASN BB 11 -56.90 -85.79 -38.84
CA ASN BB 11 -57.24 -87.09 -38.23
C ASN BB 11 -56.78 -88.20 -39.12
N TYR BB 12 -56.78 -88.05 -40.43
CA TYR BB 12 -56.26 -89.06 -41.35
C TYR BB 12 -54.75 -89.20 -41.19
N ASP BB 13 -54.05 -88.07 -41.02
CA ASP BB 13 -52.61 -88.10 -40.95
C ASP BB 13 -52.13 -88.87 -39.71
N VAL BB 14 -52.83 -88.72 -38.57
CA VAL BB 14 -52.40 -89.44 -37.38
C VAL BB 14 -52.63 -90.93 -37.60
N GLN BB 15 -53.71 -91.28 -38.32
CA GLN BB 15 -53.95 -92.67 -38.66
C GLN BB 15 -52.93 -93.12 -39.72
N GLY BB 16 -52.46 -92.18 -40.54
CA GLY BB 16 -51.53 -92.49 -41.61
C GLY BB 16 -52.29 -92.93 -42.86
N LYS BB 17 -53.62 -92.90 -42.78
CA LYS BB 17 -54.50 -93.34 -43.86
C LYS BB 17 -54.52 -92.30 -44.97
N TYR BB 18 -54.55 -92.78 -46.23
CA TYR BB 18 -54.85 -91.94 -47.37
C TYR BB 18 -56.31 -91.49 -47.27
N LEU BB 19 -56.62 -90.34 -47.89
CA LEU BB 19 -57.98 -89.83 -47.84
C LEU BB 19 -58.91 -90.81 -48.53
N ASP BB 20 -60.08 -91.04 -47.92
CA ASP BB 20 -61.03 -92.02 -48.39
C ASP BB 20 -62.36 -91.34 -48.67
N GLY BB 21 -63.28 -92.06 -49.33
CA GLY BB 21 -64.54 -91.51 -49.79
C GLY BB 21 -65.36 -90.91 -48.65
N ALA BB 22 -65.42 -91.63 -47.50
CA ALA BB 22 -66.14 -91.14 -46.34
C ALA BB 22 -65.60 -89.78 -45.91
N ALA BB 23 -64.25 -89.67 -45.85
CA ALA BB 23 -63.60 -88.41 -45.57
C ALA BB 23 -63.97 -87.38 -46.64
N LEU BB 24 -63.96 -87.81 -47.90
CA LEU BB 24 -64.23 -86.92 -49.01
C LEU BB 24 -65.65 -86.35 -48.88
N ASP BB 25 -66.59 -87.18 -48.43
CA ASP BB 25 -67.98 -86.76 -48.28
C ASP BB 25 -68.12 -85.61 -47.27
N LYS BB 26 -67.38 -85.72 -46.16
CA LYS BB 26 -67.38 -84.66 -45.16
C LYS BB 26 -66.84 -83.37 -45.79
N LEU BB 27 -65.77 -83.51 -46.57
CA LEU BB 27 -65.16 -82.35 -47.22
C LEU BB 27 -66.18 -81.75 -48.20
N LYS BB 28 -66.89 -82.63 -48.92
CA LYS BB 28 -67.86 -82.20 -49.92
C LYS BB 28 -68.97 -81.41 -49.24
N ALA BB 29 -69.42 -81.92 -48.08
CA ALA BB 29 -70.45 -81.25 -47.32
C ALA BB 29 -70.03 -79.81 -47.01
N TYR BB 30 -68.79 -79.66 -46.57
CA TYR BB 30 -68.27 -78.34 -46.22
C TYR BB 30 -68.31 -77.43 -47.47
N PHE BB 31 -67.92 -77.97 -48.63
CA PHE BB 31 -67.77 -77.16 -49.83
C PHE BB 31 -69.11 -76.53 -50.24
N THR BB 32 -70.21 -77.29 -50.09
CA THR BB 32 -71.54 -76.77 -50.40
C THR BB 32 -71.89 -75.62 -49.45
N THR BB 33 -71.59 -75.79 -48.16
CA THR BB 33 -71.94 -74.78 -47.15
C THR BB 33 -71.12 -73.51 -47.39
N GLY BB 34 -69.91 -73.68 -47.92
CA GLY BB 34 -68.91 -72.61 -48.07
C GLY BB 34 -69.46 -71.34 -48.70
N ALA BB 35 -70.18 -71.47 -49.83
CA ALA BB 35 -70.63 -70.31 -50.57
C ALA BB 35 -71.51 -69.42 -49.68
N VAL BB 36 -72.43 -70.04 -48.94
CA VAL BB 36 -73.33 -69.35 -48.02
C VAL BB 36 -72.50 -68.58 -46.99
N ARG BB 37 -71.50 -69.26 -46.43
CA ARG BB 37 -70.68 -68.70 -45.37
C ARG BB 37 -69.98 -67.44 -45.85
N VAL BB 38 -69.44 -67.48 -47.06
CA VAL BB 38 -68.71 -66.34 -47.59
C VAL BB 38 -69.64 -65.13 -47.65
N ARG BB 39 -70.88 -65.35 -48.13
CA ARG BB 39 -71.82 -64.26 -48.25
C ARG BB 39 -72.12 -63.68 -46.85
N ALA BB 40 -72.32 -64.58 -45.87
CA ALA BB 40 -72.63 -64.15 -44.52
C ALA BB 40 -71.50 -63.29 -43.94
N ALA BB 41 -70.25 -63.73 -44.17
CA ALA BB 41 -69.10 -63.04 -43.62
C ALA BB 41 -69.03 -61.61 -44.13
N ALA BB 42 -69.30 -61.41 -45.43
CA ALA BB 42 -69.23 -60.08 -46.02
C ALA BB 42 -70.29 -59.18 -45.40
N VAL BB 43 -71.49 -59.74 -45.18
CA VAL BB 43 -72.56 -58.99 -44.56
C VAL BB 43 -72.13 -58.53 -43.17
N ILE BB 44 -71.56 -59.45 -42.39
CA ILE BB 44 -71.20 -59.12 -41.02
C ILE BB 44 -70.14 -58.04 -41.00
N SER BB 45 -69.12 -58.15 -41.85
CA SER BB 45 -68.02 -57.20 -41.85
C SER BB 45 -68.53 -55.78 -42.11
N SER BB 46 -69.44 -55.63 -43.07
CA SER BB 46 -69.96 -54.33 -43.46
C SER BB 46 -70.80 -53.72 -42.32
N ASN BB 47 -71.55 -54.56 -41.60
CA ASN BB 47 -72.49 -54.09 -40.60
C ASN BB 47 -71.94 -54.23 -39.18
N ALA BB 48 -70.64 -54.46 -39.05
CA ALA BB 48 -70.07 -54.82 -37.75
C ALA BB 48 -70.32 -53.73 -36.70
N THR BB 49 -70.03 -52.48 -37.06
CA THR BB 49 -70.18 -51.38 -36.13
C THR BB 49 -71.63 -51.31 -35.64
N THR BB 50 -72.59 -51.42 -36.57
CA THR BB 50 -74.00 -51.34 -36.23
C THR BB 50 -74.40 -52.53 -35.36
N ILE BB 51 -73.89 -53.72 -35.69
CA ILE BB 51 -74.27 -54.91 -34.93
C ILE BB 51 -73.92 -54.68 -33.48
N ILE BB 52 -72.72 -54.14 -33.24
CA ILE BB 52 -72.27 -53.93 -31.88
C ILE BB 52 -73.16 -52.89 -31.21
N LYS BB 53 -73.47 -51.81 -31.94
CA LYS BB 53 -74.30 -50.73 -31.42
C LYS BB 53 -75.65 -51.28 -30.98
N GLU BB 54 -76.29 -52.05 -31.85
CA GLU BB 54 -77.63 -52.58 -31.59
C GLU BB 54 -77.59 -53.50 -30.36
N ALA BB 55 -76.57 -54.37 -30.30
CA ALA BB 55 -76.49 -55.32 -29.21
C ALA BB 55 -76.28 -54.58 -27.88
N ALA BB 56 -75.43 -53.55 -27.90
CA ALA BB 56 -75.18 -52.77 -26.70
C ALA BB 56 -76.48 -52.11 -26.23
N ALA BB 57 -77.23 -51.55 -27.19
CA ALA BB 57 -78.50 -50.90 -26.92
C ALA BB 57 -79.47 -51.88 -26.27
N LYS BB 58 -79.49 -53.12 -26.78
CA LYS BB 58 -80.37 -54.14 -26.24
C LYS BB 58 -80.01 -54.51 -24.80
N ALA BB 59 -78.71 -54.61 -24.45
CA ALA BB 59 -78.33 -55.14 -23.15
C ALA BB 59 -77.51 -54.15 -22.29
N LEU BB 60 -76.42 -53.64 -22.85
CA LEU BB 60 -75.40 -53.00 -22.06
C LEU BB 60 -75.83 -51.59 -21.61
N ILE BB 61 -76.32 -50.75 -22.53
CA ILE BB 61 -76.49 -49.36 -22.19
C ILE BB 61 -77.85 -49.18 -21.48
N TYR BB 62 -78.10 -47.95 -20.98
CA TYR BB 62 -79.31 -47.62 -20.24
C TYR BB 62 -79.50 -48.57 -19.07
N SER BB 63 -78.38 -48.95 -18.43
CA SER BB 63 -78.41 -50.00 -17.43
C SER BB 63 -77.59 -49.55 -16.23
N ASP BB 64 -77.64 -50.34 -15.17
CA ASP BB 64 -76.80 -50.07 -14.01
C ASP BB 64 -75.31 -50.10 -14.38
N LEU BB 65 -74.92 -50.98 -15.31
CA LEU BB 65 -73.53 -51.11 -15.70
C LEU BB 65 -72.99 -49.75 -16.14
N THR BB 66 -73.72 -49.06 -16.98
CA THR BB 66 -73.26 -47.78 -17.47
C THR BB 66 -73.37 -46.71 -16.39
N ARG BB 67 -74.27 -46.88 -15.42
CA ARG BB 67 -74.45 -45.89 -14.37
C ARG BB 67 -73.27 -45.96 -13.41
N PRO BB 68 -72.93 -44.88 -12.67
CA PRO BB 68 -71.77 -44.87 -11.78
C PRO BB 68 -71.82 -46.00 -10.76
N GLY BB 69 -70.67 -46.65 -10.57
CA GLY BB 69 -70.57 -47.83 -9.73
C GLY BB 69 -70.82 -49.13 -10.51
N GLY BB 70 -71.11 -49.01 -11.80
CA GLY BB 70 -71.31 -50.17 -12.66
C GLY BB 70 -70.04 -50.54 -13.38
N MET BB 72 -69.27 -51.01 -16.42
CA MET BB 72 -68.97 -50.34 -17.68
C MET BB 72 -68.99 -48.82 -17.52
N TYR BB 73 -69.07 -48.35 -16.28
CA TYR BB 73 -68.96 -46.93 -15.97
C TYR BB 73 -67.53 -46.44 -16.19
N THR BB 74 -67.37 -45.17 -16.60
CA THR BB 74 -66.14 -44.50 -16.98
C THR BB 74 -65.89 -44.78 -18.46
N THR BB 75 -65.26 -43.83 -19.17
CA THR BB 75 -65.07 -44.00 -20.59
C THR BB 75 -64.16 -45.19 -20.86
N ARG BB 76 -63.13 -45.35 -20.06
CA ARG BB 76 -62.14 -46.39 -20.27
C ARG BB 76 -62.81 -47.76 -20.26
N ARG BB 77 -63.63 -48.03 -19.24
CA ARG BB 77 -64.33 -49.30 -19.14
C ARG BB 77 -65.33 -49.45 -20.29
N TYR BB 78 -66.05 -48.39 -20.63
CA TYR BB 78 -67.02 -48.49 -21.72
C TYR BB 78 -66.31 -48.91 -22.98
N ALA BB 79 -65.18 -48.26 -23.26
CA ALA BB 79 -64.44 -48.54 -24.48
C ALA BB 79 -63.94 -49.98 -24.48
N ALA BB 80 -63.48 -50.47 -23.33
CA ALA BB 80 -63.02 -51.83 -23.21
C ALA BB 80 -64.12 -52.82 -23.55
N CYS BB 81 -65.32 -52.58 -23.02
CA CYS BB 81 -66.42 -53.51 -23.23
C CYS BB 81 -66.77 -53.58 -24.71
N ILE BB 82 -66.80 -52.43 -25.41
CA ILE BB 82 -67.19 -52.49 -26.81
C ILE BB 82 -66.05 -53.12 -27.62
N ARG BB 83 -64.80 -52.95 -27.19
CA ARG BB 83 -63.69 -53.61 -27.85
C ARG BB 83 -63.83 -55.11 -27.73
N ASP BB 84 -64.21 -55.59 -26.55
CA ASP BB 84 -64.38 -57.03 -26.37
C ASP BB 84 -65.50 -57.54 -27.28
N MET BB 85 -66.56 -56.76 -27.42
CA MET BB 85 -67.69 -57.15 -28.22
C MET BB 85 -67.24 -57.34 -29.67
N ASP BB 86 -66.43 -56.39 -30.15
CA ASP BB 86 -65.89 -56.47 -31.49
C ASP BB 86 -65.07 -57.73 -31.68
N TYR BB 87 -64.23 -58.06 -30.68
CA TYR BB 87 -63.42 -59.26 -30.76
C TYR BB 87 -64.31 -60.46 -30.99
N PHE BB 88 -65.34 -60.61 -30.14
CA PHE BB 88 -66.18 -61.77 -30.24
C PHE BB 88 -66.76 -61.86 -31.64
N LEU BB 89 -67.22 -60.72 -32.18
CA LEU BB 89 -67.83 -60.74 -33.48
C LEU BB 89 -66.84 -61.17 -34.56
N ARG BB 90 -65.62 -60.59 -34.54
CA ARG BB 90 -64.64 -60.86 -35.57
C ARG BB 90 -64.27 -62.34 -35.56
N TYR BB 91 -64.07 -62.89 -34.35
CA TYR BB 91 -63.60 -64.26 -34.24
C TYR BB 91 -64.73 -65.21 -34.63
N ALA BB 92 -65.97 -64.88 -34.29
CA ALA BB 92 -67.09 -65.72 -34.69
C ALA BB 92 -67.19 -65.76 -36.21
N THR BB 93 -66.97 -64.62 -36.86
CA THR BB 93 -66.99 -64.57 -38.32
C THR BB 93 -65.89 -65.48 -38.87
N TYR BB 94 -64.70 -65.43 -38.26
CA TYR BB 94 -63.59 -66.28 -38.70
C TYR BB 94 -63.99 -67.74 -38.55
N ALA BB 95 -64.60 -68.08 -37.42
CA ALA BB 95 -64.99 -69.46 -37.14
C ALA BB 95 -66.02 -69.93 -38.16
N MET BB 96 -66.95 -69.05 -38.52
CA MET BB 96 -68.00 -69.41 -39.45
C MET BB 96 -67.40 -69.74 -40.81
N LEU BB 97 -66.46 -68.92 -41.28
CA LEU BB 97 -65.79 -69.23 -42.53
C LEU BB 97 -65.05 -70.55 -42.41
N ALA BB 98 -64.32 -70.73 -41.30
CA ALA BB 98 -63.50 -71.92 -41.13
C ALA BB 98 -64.36 -73.17 -41.06
N GLY BB 99 -65.53 -73.06 -40.44
CA GLY BB 99 -66.37 -74.22 -40.19
C GLY BB 99 -65.90 -75.02 -38.99
N ASP BB 100 -65.02 -74.43 -38.17
CA ASP BB 100 -64.42 -75.12 -37.04
C ASP BB 100 -64.48 -74.21 -35.81
N PRO BB 101 -64.79 -74.76 -34.63
CA PRO BB 101 -64.79 -73.95 -33.40
C PRO BB 101 -63.42 -73.69 -32.77
N SER BB 102 -62.36 -74.33 -33.28
CA SER BB 102 -61.08 -74.34 -32.59
C SER BB 102 -60.49 -72.93 -32.45
N ILE BB 103 -60.58 -72.13 -33.49
CA ILE BB 103 -59.97 -70.80 -33.46
C ILE BB 103 -60.56 -70.02 -32.28
N LEU BB 104 -61.87 -70.19 -32.01
CA LEU BB 104 -62.46 -69.51 -30.88
C LEU BB 104 -61.77 -69.90 -29.59
N ASP BB 105 -61.53 -71.21 -29.43
CA ASP BB 105 -60.83 -71.72 -28.26
C ASP BB 105 -59.42 -71.16 -28.14
N GLU BB 106 -58.70 -71.15 -29.25
CA GLU BB 106 -57.29 -70.78 -29.24
C GLU BB 106 -57.11 -69.29 -28.95
N ARG BB 107 -57.97 -68.41 -29.50
CA ARG BB 107 -57.81 -67.00 -29.27
C ARG BB 107 -58.74 -66.43 -28.20
N VAL BB 108 -60.04 -66.56 -28.37
CA VAL BB 108 -60.92 -65.84 -27.47
C VAL BB 108 -61.05 -66.61 -26.15
N LEU BB 109 -61.39 -67.87 -26.26
CA LEU BB 109 -61.95 -68.56 -25.12
C LEU BB 109 -60.93 -68.87 -24.04
N ASN BB 110 -59.66 -69.03 -24.40
CA ASN BB 110 -58.67 -69.57 -23.46
C ASN BB 110 -58.24 -68.50 -22.46
N GLY BB 111 -58.48 -68.76 -21.16
CA GLY BB 111 -58.08 -67.80 -20.13
C GLY BB 111 -59.07 -66.64 -19.96
N LEU BB 112 -60.15 -66.57 -20.73
CA LEU BB 112 -61.02 -65.42 -20.64
C LEU BB 112 -61.77 -65.44 -19.31
N LYS BB 113 -62.26 -66.62 -18.91
CA LYS BB 113 -63.05 -66.72 -17.68
C LYS BB 113 -62.22 -66.20 -16.51
N GLU BB 114 -60.97 -66.67 -16.43
CA GLU BB 114 -60.07 -66.31 -15.34
C GLU BB 114 -59.79 -64.81 -15.37
N THR BB 115 -59.52 -64.25 -16.55
CA THR BB 115 -59.28 -62.82 -16.70
C THR BB 115 -60.48 -62.05 -16.18
N TYR BB 116 -61.67 -62.45 -16.61
CA TYR BB 116 -62.87 -61.74 -16.25
C TYR BB 116 -63.08 -61.80 -14.74
N ASN BB 117 -62.84 -62.97 -14.13
CA ASN BB 117 -63.05 -63.10 -12.71
C ASN BB 117 -62.11 -62.18 -11.92
N SER BB 118 -60.84 -62.12 -12.33
CA SER BB 118 -59.91 -61.21 -11.68
C SER BB 118 -60.37 -59.76 -11.87
N LEU BB 119 -60.80 -59.43 -13.08
CA LEU BB 119 -61.20 -58.05 -13.36
C LEU BB 119 -62.47 -57.70 -12.60
N GLY BB 120 -63.34 -58.71 -12.38
CA GLY BB 120 -64.65 -58.46 -11.80
C GLY BB 120 -65.68 -58.06 -12.87
N VAL BB 121 -65.33 -58.24 -14.14
CA VAL BB 121 -66.30 -58.14 -15.22
C VAL BB 121 -67.38 -59.18 -15.01
N PRO BB 122 -68.69 -58.85 -15.16
CA PRO BB 122 -69.76 -59.84 -14.99
C PRO BB 122 -69.97 -60.73 -16.21
N ILE BB 123 -69.79 -62.06 -16.01
CA ILE BB 123 -69.79 -62.99 -17.13
C ILE BB 123 -71.17 -63.08 -17.73
N ALA BB 124 -72.20 -63.16 -16.89
CA ALA BB 124 -73.57 -63.34 -17.37
C ALA BB 124 -73.99 -62.18 -18.28
N ALA BB 125 -73.65 -60.96 -17.91
CA ALA BB 125 -73.95 -59.79 -18.75
C ALA BB 125 -73.22 -59.89 -20.09
N THR BB 126 -71.96 -60.35 -20.07
CA THR BB 126 -71.18 -60.49 -21.29
C THR BB 126 -71.87 -61.52 -22.18
N VAL BB 127 -72.29 -62.63 -21.58
CA VAL BB 127 -72.96 -63.69 -22.32
C VAL BB 127 -74.21 -63.11 -22.96
N GLY BB 128 -74.98 -62.35 -22.18
CA GLY BB 128 -76.16 -61.66 -22.68
C GLY BB 128 -75.88 -60.82 -23.92
N GLY BB 129 -74.79 -60.06 -23.88
CA GLY BB 129 -74.35 -59.25 -25.00
C GLY BB 129 -74.02 -60.10 -26.23
N ILE BB 130 -73.38 -61.25 -26.02
CA ILE BB 130 -73.03 -62.13 -27.12
C ILE BB 130 -74.31 -62.64 -27.77
N GLN BB 131 -75.28 -63.03 -26.94
CA GLN BB 131 -76.55 -63.56 -27.42
C GLN BB 131 -77.28 -62.46 -28.20
N ALA BB 132 -77.23 -61.23 -27.71
CA ALA BB 132 -77.83 -60.10 -28.40
C ALA BB 132 -77.18 -59.92 -29.77
N MET BB 133 -75.85 -60.00 -29.84
CA MET BB 133 -75.18 -59.84 -31.12
C MET BB 133 -75.67 -60.92 -32.07
N LYS BB 134 -75.84 -62.13 -31.55
CA LYS BB 134 -76.25 -63.27 -32.37
C LYS BB 134 -77.59 -62.96 -33.04
N GLU BB 135 -78.53 -62.46 -32.25
CA GLU BB 135 -79.87 -62.12 -32.74
C GLU BB 135 -79.79 -61.09 -33.86
N VAL BB 136 -79.03 -60.02 -33.66
CA VAL BB 136 -78.86 -58.99 -34.67
C VAL BB 136 -78.23 -59.60 -35.92
N VAL BB 137 -77.19 -60.43 -35.72
CA VAL BB 137 -76.46 -61.01 -36.83
C VAL BB 137 -77.41 -61.89 -37.64
N GLY BB 138 -78.23 -62.67 -36.93
CA GLY BB 138 -79.16 -63.61 -37.53
C GLY BB 138 -80.03 -62.92 -38.58
N GLY BB 139 -80.59 -61.76 -38.21
CA GLY BB 139 -81.40 -60.96 -39.12
C GLY BB 139 -80.65 -60.62 -40.40
N LEU BB 140 -79.45 -60.04 -40.27
CA LEU BB 140 -78.71 -59.52 -41.40
C LEU BB 140 -78.30 -60.65 -42.34
N VAL BB 141 -77.82 -61.76 -41.78
CA VAL BB 141 -77.23 -62.83 -42.57
C VAL BB 141 -78.33 -63.55 -43.36
N GLY BB 142 -79.52 -63.64 -42.75
CA GLY BB 142 -80.61 -64.41 -43.32
C GLY BB 142 -80.63 -65.84 -42.76
N PRO BB 143 -81.74 -66.59 -42.90
CA PRO BB 143 -81.97 -67.83 -42.15
C PRO BB 143 -80.96 -68.98 -42.31
N ASP BB 144 -80.61 -69.30 -43.56
CA ASP BB 144 -79.66 -70.38 -43.84
C ASP BB 144 -78.32 -70.09 -43.17
N ALA BB 145 -77.85 -68.86 -43.34
CA ALA BB 145 -76.59 -68.41 -42.76
C ALA BB 145 -76.70 -68.34 -41.24
N ALA BB 146 -77.88 -67.95 -40.74
CA ALA BB 146 -78.07 -67.71 -39.32
C ALA BB 146 -77.79 -68.98 -38.50
N LYS BB 147 -78.23 -70.14 -38.98
CA LYS BB 147 -78.05 -71.37 -38.23
C LYS BB 147 -76.55 -71.61 -38.01
N GLU BB 148 -75.77 -71.46 -39.09
CA GLU BB 148 -74.33 -71.64 -39.03
C GLU BB 148 -73.70 -70.60 -38.09
N ALA BB 149 -74.11 -69.34 -38.24
CA ALA BB 149 -73.59 -68.27 -37.40
C ALA BB 149 -73.91 -68.53 -35.93
N SER BB 150 -75.11 -69.01 -35.63
CA SER BB 150 -75.57 -69.16 -34.27
C SER BB 150 -74.68 -70.11 -33.47
N ILE BB 151 -74.23 -71.20 -34.10
CA ILE BB 151 -73.50 -72.22 -33.33
C ILE BB 151 -72.22 -71.61 -32.75
N TYR BB 152 -71.52 -70.77 -33.51
CA TYR BB 152 -70.27 -70.18 -33.04
C TYR BB 152 -70.55 -69.19 -31.91
N PHE BB 153 -71.61 -68.40 -32.05
CA PHE BB 153 -72.02 -67.48 -30.98
C PHE BB 153 -72.32 -68.26 -29.71
N ASP BB 154 -73.04 -69.37 -29.86
CA ASP BB 154 -73.40 -70.21 -28.72
C ASP BB 154 -72.15 -70.82 -28.09
N TYR BB 155 -71.19 -71.18 -28.93
CA TYR BB 155 -69.92 -71.73 -28.46
C TYR BB 155 -69.18 -70.73 -27.57
N LEU BB 156 -69.14 -69.48 -28.00
CA LEU BB 156 -68.54 -68.41 -27.20
C LEU BB 156 -69.27 -68.30 -25.87
N SER BB 157 -70.60 -68.31 -25.92
CA SER BB 157 -71.41 -68.14 -24.72
C SER BB 157 -71.12 -69.25 -23.72
N SER BB 158 -71.09 -70.49 -24.21
CA SER BB 158 -70.85 -71.65 -23.37
C SER BB 158 -69.46 -71.59 -22.73
N GLY BB 159 -68.47 -71.12 -23.50
CA GLY BB 159 -67.12 -70.85 -23.02
C GLY BB 159 -67.11 -69.69 -22.03
N SER CB 2 -53.39 -55.04 -56.61
CA SER CB 2 -53.94 -56.11 -57.46
C SER CB 2 -53.70 -57.46 -56.80
N VAL CB 3 -54.39 -58.52 -57.32
CA VAL CB 3 -54.21 -59.86 -56.81
C VAL CB 3 -52.74 -60.24 -56.89
N LEU CB 4 -52.14 -59.95 -58.06
CA LEU CB 4 -50.80 -60.44 -58.31
C LEU CB 4 -49.84 -59.76 -57.36
N THR CB 5 -49.99 -58.44 -57.19
CA THR CB 5 -49.10 -57.68 -56.32
C THR CB 5 -49.15 -58.28 -54.92
N LYS CB 6 -50.36 -58.57 -54.44
CA LYS CB 6 -50.52 -59.07 -53.09
C LYS CB 6 -49.75 -60.39 -52.94
N ALA CB 7 -49.91 -61.29 -53.93
CA ALA CB 7 -49.27 -62.58 -53.86
C ALA CB 7 -47.75 -62.47 -53.84
N ILE CB 8 -47.22 -61.61 -54.72
CA ILE CB 8 -45.79 -61.41 -54.83
C ILE CB 8 -45.24 -60.90 -53.52
N VAL CB 9 -45.95 -59.94 -52.92
CA VAL CB 9 -45.47 -59.31 -51.70
C VAL CB 9 -45.37 -60.36 -50.59
N ASN CB 10 -46.38 -61.24 -50.48
CA ASN CB 10 -46.34 -62.24 -49.43
C ASN CB 10 -45.16 -63.19 -49.65
N ALA CB 11 -44.94 -63.57 -50.91
CA ALA CB 11 -43.85 -64.46 -51.25
C ALA CB 11 -42.51 -63.84 -50.91
N ASP CB 12 -42.34 -62.55 -51.23
CA ASP CB 12 -41.06 -61.89 -51.01
C ASP CB 12 -40.76 -61.84 -49.52
N ALA CB 13 -41.78 -61.58 -48.69
CA ALA CB 13 -41.60 -61.55 -47.26
C ALA CB 13 -41.10 -62.91 -46.77
N GLU CB 14 -41.70 -63.98 -47.29
CA GLU CB 14 -41.32 -65.33 -46.94
C GLU CB 14 -40.02 -65.72 -47.64
N ALA CB 15 -39.62 -64.96 -48.65
CA ALA CB 15 -38.41 -65.24 -49.41
C ALA CB 15 -38.53 -66.59 -50.14
N ARG CB 16 -39.72 -66.88 -50.66
CA ARG CB 16 -40.02 -68.11 -51.34
C ARG CB 16 -40.64 -67.82 -52.72
N TYR CB 17 -40.60 -68.81 -53.62
CA TYR CB 17 -41.36 -68.75 -54.85
C TYR CB 17 -42.85 -68.81 -54.57
N LEU CB 18 -43.66 -68.37 -55.52
CA LEU CB 18 -45.12 -68.36 -55.35
C LEU CB 18 -45.62 -69.78 -55.14
N SER CB 19 -46.50 -69.92 -54.15
CA SER CB 19 -47.09 -71.19 -53.78
C SER CB 19 -48.07 -71.62 -54.87
N PRO CB 20 -48.32 -72.95 -55.03
CA PRO CB 20 -49.26 -73.43 -56.05
C PRO CB 20 -50.64 -72.81 -55.89
N GLY CB 21 -51.12 -72.78 -54.63
CA GLY CB 21 -52.41 -72.19 -54.29
C GLY CB 21 -52.49 -70.74 -54.74
N GLU CB 22 -51.43 -69.98 -54.44
CA GLU CB 22 -51.33 -68.58 -54.83
C GLU CB 22 -51.37 -68.47 -56.35
N LEU CB 23 -50.65 -69.36 -57.03
CA LEU CB 23 -50.61 -69.37 -58.49
C LEU CB 23 -52.00 -69.65 -59.05
N ASP CB 24 -52.74 -70.56 -58.40
CA ASP CB 24 -54.07 -70.92 -58.85
C ASP CB 24 -55.00 -69.72 -58.81
N ARG CB 25 -54.90 -68.94 -57.72
CA ARG CB 25 -55.74 -67.77 -57.57
C ARG CB 25 -55.43 -66.77 -58.66
N ILE CB 26 -54.16 -66.67 -59.06
CA ILE CB 26 -53.77 -65.76 -60.14
C ILE CB 26 -54.43 -66.22 -61.43
N LYS CB 27 -54.43 -67.52 -61.68
CA LYS CB 27 -55.03 -68.08 -62.88
C LYS CB 27 -56.52 -67.72 -62.92
N SER CB 28 -57.20 -67.89 -61.78
CA SER CB 28 -58.62 -67.62 -61.71
C SER CB 28 -58.87 -66.15 -62.04
N PHE CB 29 -58.03 -65.28 -61.48
CA PHE CB 29 -58.16 -63.84 -61.63
C PHE CB 29 -58.05 -63.45 -63.09
N VAL CB 30 -57.10 -64.02 -63.83
CA VAL CB 30 -56.87 -63.59 -65.20
C VAL CB 30 -58.09 -63.98 -66.04
N ALA CB 31 -58.70 -65.14 -65.76
CA ALA CB 31 -59.92 -65.54 -66.43
C ALA CB 31 -61.07 -64.58 -66.11
N SER CB 32 -61.18 -64.17 -64.84
CA SER CB 32 -62.26 -63.32 -64.39
C SER CB 32 -62.14 -61.91 -64.99
N GLY CB 33 -60.91 -61.48 -65.30
CA GLY CB 33 -60.63 -60.10 -65.63
C GLY CB 33 -61.57 -59.47 -66.69
N GLU CB 34 -61.81 -60.22 -67.79
CA GLU CB 34 -62.60 -59.69 -68.88
C GLU CB 34 -64.02 -59.34 -68.41
N ARG CB 35 -64.64 -60.25 -67.62
CA ARG CB 35 -65.92 -59.96 -67.01
C ARG CB 35 -65.81 -58.73 -66.11
N ARG CB 36 -64.73 -58.65 -65.32
CA ARG CB 36 -64.54 -57.55 -64.40
C ARG CB 36 -64.48 -56.23 -65.18
N LEU CB 37 -63.80 -56.23 -66.33
CA LEU CB 37 -63.65 -55.01 -67.10
C LEU CB 37 -65.02 -54.45 -67.50
N ARG CB 38 -65.92 -55.36 -67.94
CA ARG CB 38 -67.25 -54.97 -68.34
C ARG CB 38 -68.01 -54.36 -67.16
N ILE CB 39 -67.92 -54.98 -65.98
CA ILE CB 39 -68.61 -54.48 -64.80
C ILE CB 39 -68.15 -53.05 -64.52
N ALA CB 40 -66.84 -52.83 -64.58
CA ALA CB 40 -66.28 -51.51 -64.32
C ALA CB 40 -66.77 -50.51 -65.34
N GLN CB 41 -66.83 -50.95 -66.61
CA GLN CB 41 -67.23 -50.06 -67.69
C GLN CB 41 -68.67 -49.59 -67.45
N THR CB 42 -69.54 -50.52 -67.04
CA THR CB 42 -70.94 -50.20 -66.81
C THR CB 42 -71.06 -49.08 -65.77
N LEU CB 43 -70.37 -49.22 -64.65
CA LEU CB 43 -70.44 -48.25 -63.56
C LEU CB 43 -69.89 -46.90 -64.01
N THR CB 44 -68.83 -46.90 -64.81
CA THR CB 44 -68.25 -45.66 -65.28
C THR CB 44 -69.27 -44.88 -66.09
N GLU CB 45 -70.02 -45.57 -66.96
CA GLU CB 45 -70.98 -44.90 -67.82
C GLU CB 45 -72.11 -44.31 -66.99
N ALA CB 46 -72.52 -45.05 -65.95
CA ALA CB 46 -73.63 -44.63 -65.10
C ALA CB 46 -73.14 -43.77 -63.94
N ARG CB 47 -71.86 -43.37 -63.97
CA ARG CB 47 -71.25 -42.76 -62.81
C ARG CB 47 -72.02 -41.51 -62.40
N GLU CB 48 -72.26 -40.59 -63.32
CA GLU CB 48 -72.90 -39.31 -63.07
C GLU CB 48 -74.23 -39.48 -62.35
N ARG CB 49 -75.06 -40.40 -62.85
CA ARG CB 49 -76.37 -40.66 -62.27
C ARG CB 49 -76.23 -41.32 -60.90
N ILE CB 50 -75.28 -42.26 -60.75
CA ILE CB 50 -75.12 -42.96 -59.49
C ILE CB 50 -74.83 -41.94 -58.39
N VAL CB 51 -73.91 -41.02 -58.66
CA VAL CB 51 -73.50 -40.04 -57.67
C VAL CB 51 -74.71 -39.18 -57.31
N LYS CB 52 -75.43 -38.70 -58.32
CA LYS CB 52 -76.55 -37.81 -58.11
C LYS CB 52 -77.60 -38.49 -57.23
N GLN CB 53 -78.01 -39.70 -57.62
CA GLN CB 53 -79.04 -40.42 -56.88
C GLN CB 53 -78.60 -40.68 -55.45
N ALA CB 54 -77.35 -41.11 -55.26
CA ALA CB 54 -76.83 -41.45 -53.95
C ALA CB 54 -76.82 -40.21 -53.05
N GLY CB 55 -76.40 -39.07 -53.63
CA GLY CB 55 -76.36 -37.82 -52.90
C GLY CB 55 -77.73 -37.49 -52.30
N ASP CB 56 -78.76 -37.57 -53.13
CA ASP CB 56 -80.13 -37.25 -52.75
C ASP CB 56 -80.56 -38.17 -51.60
N GLN CB 57 -80.28 -39.46 -51.75
CA GLN CB 57 -80.63 -40.44 -50.73
C GLN CB 57 -79.93 -40.08 -49.42
N LEU CB 58 -78.65 -39.75 -49.51
CA LEU CB 58 -77.86 -39.44 -48.32
C LEU CB 58 -78.47 -38.23 -47.62
N PHE CB 59 -78.80 -37.20 -48.39
CA PHE CB 59 -79.32 -35.97 -47.81
C PHE CB 59 -80.68 -36.23 -47.15
N GLN CB 60 -81.50 -37.10 -47.77
CA GLN CB 60 -82.76 -37.49 -47.16
C GLN CB 60 -82.47 -38.24 -45.85
N LYS CB 61 -81.51 -39.18 -45.89
CA LYS CB 61 -81.19 -39.99 -44.72
C LYS CB 61 -80.65 -39.12 -43.60
N ARG CB 62 -79.81 -38.12 -43.96
CA ARG CB 62 -79.20 -37.24 -42.98
C ARG CB 62 -79.53 -35.79 -43.33
N PRO CB 63 -80.65 -35.24 -42.82
CA PRO CB 63 -80.97 -33.83 -43.08
C PRO CB 63 -79.88 -32.92 -42.52
N ASP CB 64 -79.29 -33.34 -41.37
CA ASP CB 64 -78.41 -32.50 -40.58
C ASP CB 64 -77.19 -32.08 -41.39
N VAL CB 65 -76.62 -33.00 -42.18
CA VAL CB 65 -75.36 -32.71 -42.84
C VAL CB 65 -75.54 -31.48 -43.74
N VAL CB 66 -76.65 -31.40 -44.46
CA VAL CB 66 -76.98 -30.22 -45.25
C VAL CB 66 -77.94 -29.36 -44.43
N SER CB 67 -77.43 -28.81 -43.32
CA SER CB 67 -78.16 -27.88 -42.49
C SER CB 67 -77.14 -26.86 -42.00
N PRO CB 68 -77.55 -25.66 -41.53
CA PRO CB 68 -76.59 -24.58 -41.28
C PRO CB 68 -75.46 -25.01 -40.36
N GLY CB 69 -75.78 -25.81 -39.34
CA GLY CB 69 -74.75 -26.40 -38.50
C GLY CB 69 -73.84 -27.36 -39.27
N GLY CB 70 -74.45 -28.18 -40.15
CA GLY CB 70 -73.77 -29.31 -40.79
C GLY CB 70 -72.67 -28.87 -41.76
N ASN CB 71 -71.72 -29.79 -41.97
CA ASN CB 71 -70.53 -29.53 -42.77
C ASN CB 71 -70.89 -29.36 -44.24
N ALA CB 72 -71.85 -30.17 -44.69
CA ALA CB 72 -72.22 -30.24 -46.09
C ALA CB 72 -72.97 -28.99 -46.54
N TYR CB 73 -73.50 -28.20 -45.60
CA TYR CB 73 -74.40 -27.11 -45.90
C TYR CB 73 -73.72 -26.03 -46.74
N GLY CB 74 -74.49 -25.48 -47.70
CA GLY CB 74 -74.01 -24.50 -48.65
C GLY CB 74 -73.65 -25.17 -49.96
N GLU CB 75 -73.73 -24.42 -51.08
CA GLU CB 75 -73.46 -24.95 -52.40
C GLU CB 75 -72.02 -25.46 -52.50
N LYS CB 76 -71.06 -24.65 -52.08
CA LYS CB 76 -69.65 -25.02 -52.18
C LYS CB 76 -69.46 -26.36 -51.47
N MET CB 77 -69.94 -26.43 -50.23
CA MET CB 77 -69.76 -27.60 -49.40
C MET CB 77 -70.48 -28.80 -50.00
N THR CB 78 -71.70 -28.59 -50.51
CA THR CB 78 -72.46 -29.70 -51.07
C THR CB 78 -71.73 -30.26 -52.29
N ALA CB 79 -71.16 -29.39 -53.12
CA ALA CB 79 -70.39 -29.82 -54.27
C ALA CB 79 -69.23 -30.70 -53.84
N LEU CB 80 -68.51 -30.26 -52.80
CA LEU CB 80 -67.37 -31.01 -52.30
C LEU CB 80 -67.80 -32.38 -51.82
N CYS CB 81 -68.94 -32.46 -51.13
CA CYS CB 81 -69.45 -33.74 -50.66
C CYS CB 81 -69.74 -34.66 -51.85
N LEU CB 82 -70.29 -34.11 -52.93
CA LEU CB 82 -70.58 -34.90 -54.11
C LEU CB 82 -69.28 -35.30 -54.79
N ARG CB 83 -68.30 -34.39 -54.83
CA ARG CB 83 -67.01 -34.71 -55.41
C ARG CB 83 -66.39 -35.90 -54.68
N ASP CB 84 -66.51 -35.90 -53.35
CA ASP CB 84 -65.98 -37.01 -52.56
C ASP CB 84 -66.65 -38.32 -52.95
N LEU CB 85 -67.97 -38.29 -53.15
CA LEU CB 85 -68.69 -39.49 -53.54
C LEU CB 85 -68.18 -39.97 -54.89
N ASP CB 86 -67.96 -39.02 -55.81
CA ASP CB 86 -67.43 -39.36 -57.11
C ASP CB 86 -66.06 -40.03 -56.99
N TYR CB 87 -65.19 -39.48 -56.13
CA TYR CB 87 -63.86 -40.04 -55.89
C TYR CB 87 -63.97 -41.50 -55.47
N TYR CB 88 -64.85 -41.77 -54.51
CA TYR CB 88 -64.97 -43.11 -54.00
C TYR CB 88 -65.46 -44.05 -55.09
N LEU CB 89 -66.35 -43.57 -55.96
CA LEU CB 89 -66.84 -44.43 -57.03
C LEU CB 89 -65.70 -44.79 -57.98
N ARG CB 90 -64.88 -43.80 -58.31
CA ARG CB 90 -63.74 -44.04 -59.20
C ARG CB 90 -62.83 -45.09 -58.57
N LEU CB 91 -62.59 -44.99 -57.28
CA LEU CB 91 -61.75 -45.93 -56.57
C LEU CB 91 -62.35 -47.32 -56.66
N VAL CB 92 -63.67 -47.44 -56.50
CA VAL CB 92 -64.30 -48.76 -56.55
C VAL CB 92 -64.10 -49.38 -57.93
N THR CB 93 -64.22 -48.60 -59.00
CA THR CB 93 -64.03 -49.16 -60.32
C THR CB 93 -62.61 -49.69 -60.45
N TYR CB 94 -61.63 -48.92 -59.96
CA TYR CB 94 -60.24 -49.34 -60.00
C TYR CB 94 -60.09 -50.68 -59.29
N GLY CB 95 -60.75 -50.82 -58.15
CA GLY CB 95 -60.69 -52.03 -57.36
C GLY CB 95 -61.20 -53.24 -58.11
N ILE CB 96 -62.32 -53.08 -58.82
CA ILE CB 96 -62.92 -54.20 -59.53
C ILE CB 96 -61.95 -54.73 -60.56
N VAL CB 97 -61.32 -53.84 -61.33
CA VAL CB 97 -60.39 -54.29 -62.36
C VAL CB 97 -59.17 -54.94 -61.71
N ALA CB 98 -58.70 -54.37 -60.59
CA ALA CB 98 -57.53 -54.91 -59.89
C ALA CB 98 -57.83 -56.24 -59.24
N GLY CB 99 -59.08 -56.46 -58.81
CA GLY CB 99 -59.44 -57.70 -58.14
C GLY CB 99 -59.05 -57.69 -56.68
N ASP CB 100 -58.60 -56.53 -56.19
CA ASP CB 100 -58.17 -56.40 -54.81
C ASP CB 100 -58.43 -54.98 -54.39
N VAL CB 101 -58.50 -54.78 -53.06
CA VAL CB 101 -58.82 -53.48 -52.49
C VAL CB 101 -57.56 -52.68 -52.33
N THR CB 102 -56.39 -53.26 -52.52
CA THR CB 102 -55.13 -52.57 -52.28
C THR CB 102 -55.09 -51.21 -53.01
N PRO CB 103 -55.37 -51.14 -54.33
CA PRO CB 103 -55.37 -49.85 -55.03
C PRO CB 103 -56.31 -48.85 -54.36
N ILE CB 104 -57.51 -49.31 -54.01
CA ILE CB 104 -58.49 -48.50 -53.32
C ILE CB 104 -57.89 -48.02 -52.01
N GLU CB 105 -57.27 -48.95 -51.29
CA GLU CB 105 -56.82 -48.73 -49.92
C GLU CB 105 -55.77 -47.62 -49.85
N GLU CB 106 -54.78 -47.66 -50.71
CA GLU CB 106 -53.72 -46.67 -50.71
C GLU CB 106 -54.26 -45.27 -50.95
N ILE CB 107 -55.14 -45.12 -51.95
CA ILE CB 107 -55.60 -43.79 -52.34
C ILE CB 107 -56.61 -43.24 -51.33
N GLY CB 108 -57.46 -44.08 -50.75
CA GLY CB 108 -58.65 -43.60 -50.07
C GLY CB 108 -58.77 -44.00 -48.59
N ILE CB 109 -58.23 -45.14 -48.15
CA ILE CB 109 -58.64 -45.65 -46.85
C ILE CB 109 -57.57 -45.41 -45.78
N ILE CB 110 -56.35 -45.03 -46.15
CA ILE CB 110 -55.31 -44.85 -45.14
C ILE CB 110 -55.17 -43.36 -44.84
N GLY CB 111 -55.39 -43.02 -43.56
CA GLY CB 111 -55.38 -41.63 -43.16
C GLY CB 111 -56.73 -40.96 -43.39
N VAL CB 112 -57.73 -41.72 -43.82
CA VAL CB 112 -59.03 -41.15 -44.14
C VAL CB 112 -59.63 -40.54 -42.88
N LYS CB 113 -59.53 -41.28 -41.76
CA LYS CB 113 -60.10 -40.83 -40.49
C LYS CB 113 -59.49 -39.46 -40.14
N GLU CB 114 -58.17 -39.38 -40.23
CA GLU CB 114 -57.44 -38.18 -39.85
C GLU CB 114 -57.83 -37.00 -40.72
N MET CB 115 -57.94 -37.24 -42.03
CA MET CB 115 -58.28 -36.19 -42.97
C MET CB 115 -59.67 -35.65 -42.63
N TYR CB 116 -60.63 -36.56 -42.47
CA TYR CB 116 -62.00 -36.13 -42.24
C TYR CB 116 -62.12 -35.47 -40.88
N ASN CB 117 -61.37 -35.94 -39.87
CA ASN CB 117 -61.43 -35.32 -38.55
C ASN CB 117 -60.94 -33.88 -38.62
N SER CB 118 -59.87 -33.61 -39.38
CA SER CB 118 -59.45 -32.23 -39.54
C SER CB 118 -60.56 -31.44 -40.22
N LEU CB 119 -61.16 -32.01 -41.26
CA LEU CB 119 -62.23 -31.33 -41.98
C LEU CB 119 -63.45 -31.18 -41.07
N GLN CB 120 -63.63 -32.13 -40.15
CA GLN CB 120 -64.75 -32.18 -39.21
C GLN CB 120 -65.96 -32.84 -39.86
N THR CB 121 -65.80 -33.34 -41.09
CA THR CB 121 -66.82 -34.13 -41.75
C THR CB 121 -67.13 -35.35 -40.91
N PRO CB 122 -68.41 -35.72 -40.68
CA PRO CB 122 -68.75 -36.97 -40.00
C PRO CB 122 -68.49 -38.20 -40.85
N ILE CB 123 -67.72 -39.15 -40.31
CA ILE CB 123 -67.34 -40.33 -41.05
C ILE CB 123 -68.56 -41.20 -41.33
N PRO CB 124 -69.49 -41.40 -40.36
CA PRO CB 124 -70.65 -42.26 -40.61
C PRO CB 124 -71.52 -41.80 -41.78
N ALA CB 125 -71.68 -40.48 -41.94
CA ALA CB 125 -72.44 -39.93 -43.04
C ALA CB 125 -71.79 -40.29 -44.37
N VAL CB 126 -70.45 -40.22 -44.42
CA VAL CB 126 -69.71 -40.56 -45.62
C VAL CB 126 -70.00 -42.02 -45.96
N ALA CB 127 -70.00 -42.88 -44.93
CA ALA CB 127 -70.25 -44.30 -45.10
C ALA CB 127 -71.65 -44.52 -45.68
N GLU CB 128 -72.63 -43.75 -45.19
CA GLU CB 128 -74.00 -43.86 -45.65
C GLU CB 128 -74.07 -43.52 -47.15
N GLY CB 129 -73.34 -42.47 -47.55
CA GLY CB 129 -73.28 -42.08 -48.95
C GLY CB 129 -72.75 -43.22 -49.83
N VAL CB 130 -71.73 -43.91 -49.35
CA VAL CB 130 -71.15 -45.02 -50.08
C VAL CB 130 -72.17 -46.15 -50.16
N ARG CB 131 -72.89 -46.41 -49.06
CA ARG CB 131 -73.93 -47.41 -49.05
C ARG CB 131 -74.99 -47.07 -50.09
N ALA CB 132 -75.39 -45.79 -50.12
CA ALA CB 132 -76.38 -45.31 -51.07
C ALA CB 132 -75.89 -45.56 -52.49
N MET CB 133 -74.63 -45.25 -52.77
CA MET CB 133 -74.06 -45.45 -54.09
C MET CB 133 -74.14 -46.91 -54.47
N LYS CB 134 -73.89 -47.79 -53.48
CA LYS CB 134 -73.90 -49.22 -53.73
C LYS CB 134 -75.28 -49.64 -54.24
N ASN CB 135 -76.34 -49.15 -53.59
CA ASN CB 135 -77.70 -49.54 -53.92
C ASN CB 135 -78.04 -49.14 -55.35
N VAL CB 136 -77.68 -47.90 -55.72
CA VAL CB 136 -77.92 -47.43 -57.06
C VAL CB 136 -77.14 -48.30 -58.05
N ALA CB 137 -75.85 -48.55 -57.75
CA ALA CB 137 -75.00 -49.30 -58.64
C ALA CB 137 -75.53 -50.72 -58.82
N THR CB 138 -76.01 -51.32 -57.72
CA THR CB 138 -76.50 -52.69 -57.74
C THR CB 138 -77.65 -52.81 -58.73
N SER CB 139 -78.57 -51.83 -58.72
CA SER CB 139 -79.76 -51.87 -59.55
C SER CB 139 -79.38 -51.94 -61.04
N LEU CB 140 -78.38 -51.14 -61.44
CA LEU CB 140 -77.98 -51.10 -62.85
C LEU CB 140 -77.23 -52.37 -63.22
N LEU CB 141 -76.49 -52.93 -62.27
CA LEU CB 141 -75.70 -54.13 -62.56
C LEU CB 141 -76.60 -55.36 -62.54
N SER CB 142 -76.21 -56.38 -63.31
CA SER CB 142 -76.84 -57.69 -63.21
C SER CB 142 -76.43 -58.32 -61.88
N GLY CB 143 -77.22 -59.30 -61.40
CA GLY CB 143 -77.11 -59.84 -60.05
C GLY CB 143 -75.70 -60.32 -59.69
N ASP CB 144 -75.11 -61.17 -60.54
CA ASP CB 144 -73.76 -61.68 -60.32
C ASP CB 144 -72.75 -60.53 -60.35
N ASP CB 145 -72.92 -59.62 -61.32
CA ASP CB 145 -72.07 -58.46 -61.43
C ASP CB 145 -72.20 -57.61 -60.16
N ALA CB 146 -73.45 -57.46 -59.69
CA ALA CB 146 -73.73 -56.66 -58.51
C ALA CB 146 -73.01 -57.22 -57.28
N ALA CB 147 -73.00 -58.55 -57.14
CA ALA CB 147 -72.36 -59.18 -56.00
C ALA CB 147 -70.87 -58.83 -55.96
N GLU CB 148 -70.21 -58.93 -57.14
CA GLU CB 148 -68.81 -58.58 -57.25
C GLU CB 148 -68.60 -57.12 -56.83
N ALA CB 149 -69.41 -56.23 -57.39
CA ALA CB 149 -69.32 -54.82 -57.09
C ALA CB 149 -69.59 -54.57 -55.60
N GLY CB 150 -70.55 -55.31 -55.05
CA GLY CB 150 -70.95 -55.14 -53.66
C GLY CB 150 -69.78 -55.30 -52.70
N PHE CB 151 -68.93 -56.31 -52.97
CA PHE CB 151 -67.82 -56.60 -52.09
C PHE CB 151 -66.94 -55.36 -51.92
N TYR CB 152 -66.62 -54.71 -53.04
CA TYR CB 152 -65.76 -53.53 -53.01
C TYR CB 152 -66.46 -52.40 -52.28
N PHE CB 153 -67.76 -52.24 -52.55
CA PHE CB 153 -68.53 -51.21 -51.87
C PHE CB 153 -68.56 -51.46 -50.36
N ASP CB 154 -68.74 -52.72 -49.98
CA ASP CB 154 -68.80 -53.09 -48.56
C ASP CB 154 -67.47 -52.77 -47.88
N TYR CB 155 -66.36 -53.07 -48.56
CA TYR CB 155 -65.04 -52.83 -48.02
C TYR CB 155 -64.91 -51.35 -47.64
N LEU CB 156 -65.33 -50.47 -48.57
CA LEU CB 156 -65.22 -49.04 -48.34
C LEU CB 156 -66.01 -48.66 -47.11
N VAL CB 157 -67.23 -49.19 -47.00
CA VAL CB 157 -68.08 -48.87 -45.88
C VAL CB 157 -67.41 -49.35 -44.59
N GLY CB 158 -66.83 -50.56 -44.64
CA GLY CB 158 -66.13 -51.10 -43.48
C GLY CB 158 -64.92 -50.24 -43.09
N ALA CB 159 -64.17 -49.79 -44.10
CA ALA CB 159 -62.95 -49.03 -43.88
C ALA CB 159 -63.24 -47.72 -43.14
N MET CB 160 -64.33 -47.04 -43.50
CA MET CB 160 -64.65 -45.81 -42.79
C MET CB 160 -65.68 -46.13 -41.70
N MET DB 1 -44.14 -52.53 -54.56
CA MET DB 1 -43.79 -52.71 -55.99
C MET DB 1 -44.99 -52.28 -56.83
N GLN DB 2 -44.84 -52.41 -58.17
CA GLN DB 2 -45.99 -52.14 -59.03
C GLN DB 2 -46.11 -53.29 -60.03
N ASP DB 3 -47.32 -53.47 -60.55
CA ASP DB 3 -47.54 -54.40 -61.63
C ASP DB 3 -48.12 -53.66 -62.82
N ALA DB 4 -48.53 -54.41 -63.83
CA ALA DB 4 -49.11 -53.81 -65.03
C ALA DB 4 -50.49 -53.21 -64.71
N ILE DB 5 -51.34 -54.01 -64.06
CA ILE DB 5 -52.69 -53.54 -63.74
C ILE DB 5 -52.61 -52.28 -62.89
N THR DB 6 -51.80 -52.30 -61.84
CA THR DB 6 -51.70 -51.16 -60.94
C THR DB 6 -51.07 -49.97 -61.67
N ALA DB 7 -50.13 -50.22 -62.58
CA ALA DB 7 -49.49 -49.14 -63.31
C ALA DB 7 -50.51 -48.34 -64.11
N VAL DB 8 -51.43 -49.05 -64.77
CA VAL DB 8 -52.49 -48.40 -65.53
C VAL DB 8 -53.34 -47.58 -64.58
N ILE DB 9 -53.75 -48.21 -63.47
CA ILE DB 9 -54.58 -47.55 -62.49
C ILE DB 9 -53.89 -46.28 -62.00
N ASN DB 10 -52.60 -46.36 -61.70
CA ASN DB 10 -51.91 -45.22 -61.10
C ASN DB 10 -51.85 -44.08 -62.09
N ASN DB 11 -51.63 -44.38 -63.37
CA ASN DB 11 -51.53 -43.34 -64.38
C ASN DB 11 -52.87 -42.60 -64.46
N TYR DB 12 -53.98 -43.35 -64.39
CA TYR DB 12 -55.31 -42.78 -64.45
C TYR DB 12 -55.60 -41.97 -63.19
N ASP DB 13 -55.16 -42.48 -62.04
CA ASP DB 13 -55.43 -41.82 -60.78
C ASP DB 13 -54.77 -40.43 -60.72
N VAL DB 14 -53.54 -40.29 -61.22
CA VAL DB 14 -52.89 -39.00 -61.18
C VAL DB 14 -53.64 -38.05 -62.09
N GLN DB 15 -54.17 -38.55 -63.22
CA GLN DB 15 -54.99 -37.73 -64.10
C GLN DB 15 -56.34 -37.47 -63.44
N GLY DB 16 -56.78 -38.40 -62.59
CA GLY DB 16 -58.08 -38.30 -61.95
C GLY DB 16 -59.18 -38.86 -62.85
N LYS DB 17 -58.77 -39.38 -64.01
CA LYS DB 17 -59.67 -39.90 -65.02
C LYS DB 17 -60.23 -41.25 -64.57
N TYR DB 18 -61.51 -41.48 -64.87
CA TYR DB 18 -62.11 -42.80 -64.77
C TYR DB 18 -61.49 -43.69 -65.83
N LEU DB 19 -61.51 -45.01 -65.60
CA LEU DB 19 -60.91 -45.94 -66.54
C LEU DB 19 -61.67 -45.88 -67.86
N ASP DB 20 -60.92 -45.88 -68.96
CA ASP DB 20 -61.49 -45.73 -70.30
C ASP DB 20 -61.10 -46.95 -71.13
N GLY DB 21 -61.72 -47.08 -72.31
CA GLY DB 21 -61.56 -48.24 -73.16
C GLY DB 21 -60.10 -48.49 -73.54
N ALA DB 22 -59.37 -47.41 -73.90
CA ALA DB 22 -57.96 -47.52 -74.24
C ALA DB 22 -57.19 -48.16 -73.07
N ALA DB 23 -57.45 -47.66 -71.85
CA ALA DB 23 -56.87 -48.23 -70.65
C ALA DB 23 -57.29 -49.69 -70.52
N LEU DB 24 -58.58 -49.96 -70.78
CA LEU DB 24 -59.11 -51.31 -70.64
C LEU DB 24 -58.39 -52.26 -71.59
N ASP DB 25 -58.06 -51.79 -72.79
CA ASP DB 25 -57.39 -52.60 -73.79
C ASP DB 25 -56.02 -53.06 -73.29
N LYS DB 26 -55.28 -52.14 -72.65
CA LYS DB 26 -53.99 -52.48 -72.08
C LYS DB 26 -54.16 -53.56 -71.02
N LEU DB 27 -55.20 -53.40 -70.18
CA LEU DB 27 -55.47 -54.37 -69.14
C LEU DB 27 -55.81 -55.72 -69.77
N LYS DB 28 -56.59 -55.68 -70.85
CA LYS DB 28 -57.05 -56.88 -71.52
C LYS DB 28 -55.83 -57.62 -72.08
N ALA DB 29 -54.90 -56.85 -72.67
CA ALA DB 29 -53.69 -57.43 -73.22
C ALA DB 29 -52.96 -58.23 -72.13
N TYR DB 30 -52.82 -57.63 -70.95
CA TYR DB 30 -52.14 -58.28 -69.85
C TYR DB 30 -52.84 -59.60 -69.51
N PHE DB 31 -54.18 -59.57 -69.48
CA PHE DB 31 -54.93 -60.72 -68.99
C PHE DB 31 -54.70 -61.94 -69.86
N THR DB 32 -54.59 -61.74 -71.19
CA THR DB 32 -54.30 -62.84 -72.10
C THR DB 32 -52.91 -63.43 -71.83
N THR DB 33 -51.92 -62.55 -71.60
CA THR DB 33 -50.55 -62.99 -71.38
C THR DB 33 -50.44 -63.75 -70.05
N GLY DB 34 -51.29 -63.38 -69.10
CA GLY DB 34 -51.25 -63.86 -67.72
C GLY DB 34 -51.13 -65.36 -67.59
N ALA DB 35 -51.99 -66.10 -68.31
CA ALA DB 35 -52.03 -67.55 -68.14
C ALA DB 35 -50.67 -68.18 -68.45
N VAL DB 36 -50.05 -67.72 -69.55
CA VAL DB 36 -48.74 -68.18 -69.97
C VAL DB 36 -47.73 -67.93 -68.86
N ARG DB 37 -47.77 -66.71 -68.29
CA ARG DB 37 -46.81 -66.31 -67.29
C ARG DB 37 -46.90 -67.21 -66.08
N VAL DB 38 -48.11 -67.54 -65.64
CA VAL DB 38 -48.28 -68.37 -64.46
C VAL DB 38 -47.61 -69.72 -64.70
N ARG DB 39 -47.80 -70.31 -65.90
CA ARG DB 39 -47.19 -71.58 -66.19
C ARG DB 39 -45.68 -71.48 -66.15
N ALA DB 40 -45.13 -70.41 -66.74
CA ALA DB 40 -43.69 -70.20 -66.77
C ALA DB 40 -43.12 -70.11 -65.36
N ALA DB 41 -43.81 -69.38 -64.48
CA ALA DB 41 -43.33 -69.16 -63.13
C ALA DB 41 -43.21 -70.49 -62.40
N ALA DB 42 -44.20 -71.38 -62.56
CA ALA DB 42 -44.18 -72.67 -61.88
C ALA DB 42 -43.00 -73.51 -62.38
N VAL DB 43 -42.73 -73.45 -63.68
CA VAL DB 43 -41.61 -74.17 -64.26
C VAL DB 43 -40.32 -73.67 -63.61
N ILE DB 44 -40.15 -72.35 -63.53
CA ILE DB 44 -38.91 -71.80 -63.03
C ILE DB 44 -38.71 -72.20 -61.57
N SER DB 45 -39.77 -72.11 -60.75
CA SER DB 45 -39.64 -72.40 -59.33
C SER DB 45 -39.16 -73.83 -59.11
N SER DB 46 -39.72 -74.79 -59.88
CA SER DB 46 -39.38 -76.19 -59.71
C SER DB 46 -37.92 -76.45 -60.14
N ASN DB 47 -37.46 -75.76 -61.18
CA ASN DB 47 -36.15 -76.04 -61.74
C ASN DB 47 -35.12 -75.00 -61.30
N ALA DB 48 -35.40 -74.24 -60.25
CA ALA DB 48 -34.55 -73.09 -59.91
C ALA DB 48 -33.13 -73.53 -59.60
N THR DB 49 -32.98 -74.56 -58.75
CA THR DB 49 -31.67 -75.03 -58.35
C THR DB 49 -30.86 -75.42 -59.58
N THR DB 50 -31.48 -76.18 -60.49
CA THR DB 50 -30.82 -76.66 -61.69
C THR DB 50 -30.47 -75.48 -62.59
N ILE DB 51 -31.38 -74.51 -62.71
CA ILE DB 51 -31.13 -73.38 -63.60
C ILE DB 51 -29.84 -72.72 -63.17
N ILE DB 52 -29.69 -72.52 -61.86
CA ILE DB 52 -28.52 -71.84 -61.34
C ILE DB 52 -27.29 -72.68 -61.64
N LYS DB 53 -27.39 -73.99 -61.40
CA LYS DB 53 -26.29 -74.91 -61.64
C LYS DB 53 -25.81 -74.82 -63.08
N GLU DB 54 -26.76 -74.93 -64.01
CA GLU DB 54 -26.45 -74.92 -65.44
C GLU DB 54 -25.82 -73.60 -65.83
N ALA DB 55 -26.35 -72.50 -65.35
CA ALA DB 55 -25.84 -71.18 -65.72
C ALA DB 55 -24.43 -71.02 -65.20
N ALA DB 56 -24.17 -71.49 -63.97
CA ALA DB 56 -22.84 -71.38 -63.40
C ALA DB 56 -21.86 -72.19 -64.26
N ALA DB 57 -22.29 -73.39 -64.64
CA ALA DB 57 -21.49 -74.28 -65.48
C ALA DB 57 -21.14 -73.60 -66.80
N LYS DB 58 -22.12 -72.91 -67.39
CA LYS DB 58 -21.93 -72.23 -68.65
C LYS DB 58 -20.91 -71.09 -68.53
N ALA DB 59 -20.94 -70.30 -67.44
CA ALA DB 59 -20.11 -69.10 -67.38
C ALA DB 59 -19.14 -69.08 -66.20
N LEU DB 60 -19.64 -69.31 -64.99
CA LEU DB 60 -18.86 -68.99 -63.81
C LEU DB 60 -17.79 -70.03 -63.53
N ILE DB 61 -18.11 -71.31 -63.54
CA ILE DB 61 -17.16 -72.33 -63.10
C ILE DB 61 -16.22 -72.66 -64.25
N TYR DB 62 -15.20 -73.49 -63.95
CA TYR DB 62 -14.17 -73.89 -64.91
C TYR DB 62 -13.52 -72.66 -65.52
N SER DB 63 -13.35 -71.60 -64.72
CA SER DB 63 -12.93 -70.30 -65.20
C SER DB 63 -11.88 -69.77 -64.25
N ASP DB 64 -11.26 -68.64 -64.62
CA ASP DB 64 -10.33 -67.97 -63.73
C ASP DB 64 -11.00 -67.56 -62.42
N LEU DB 65 -12.29 -67.18 -62.46
CA LEU DB 65 -12.98 -66.75 -61.27
C LEU DB 65 -12.91 -67.81 -60.18
N THR DB 66 -13.18 -69.06 -60.57
CA THR DB 66 -13.16 -70.12 -59.59
C THR DB 66 -11.72 -70.47 -59.21
N ARG DB 67 -10.76 -70.22 -60.10
CA ARG DB 67 -9.37 -70.57 -59.82
C ARG DB 67 -8.82 -69.62 -58.77
N PRO DB 68 -7.77 -69.99 -57.99
CA PRO DB 68 -7.24 -69.14 -56.93
C PRO DB 68 -6.83 -67.76 -57.43
N GLY DB 69 -7.20 -66.73 -56.68
CA GLY DB 69 -6.99 -65.36 -57.10
C GLY DB 69 -8.17 -64.79 -57.89
N GLY DB 70 -9.19 -65.62 -58.12
CA GLY DB 70 -10.41 -65.19 -58.81
C GLY DB 70 -11.46 -64.76 -57.82
N MET DB 72 -14.49 -65.56 -57.35
CA MET DB 72 -15.37 -66.58 -56.80
C MET DB 72 -14.58 -67.71 -56.17
N TYR DB 73 -13.27 -67.53 -56.05
CA TYR DB 73 -12.42 -68.48 -55.33
C TYR DB 73 -12.72 -68.45 -53.82
N THR DB 74 -12.55 -69.60 -53.15
CA THR DB 74 -12.88 -69.85 -51.75
C THR DB 74 -14.35 -70.21 -51.64
N THR DB 75 -14.70 -71.06 -50.66
CA THR DB 75 -16.08 -71.52 -50.56
C THR DB 75 -17.00 -70.34 -50.25
N ARG DB 76 -16.56 -69.45 -49.38
CA ARG DB 76 -17.38 -68.33 -48.94
C ARG DB 76 -17.81 -67.49 -50.13
N ARG DB 77 -16.85 -67.12 -50.98
CA ARG DB 77 -17.16 -66.33 -52.16
C ARG DB 77 -18.04 -67.10 -53.13
N TYR DB 78 -17.77 -68.40 -53.32
CA TYR DB 78 -18.57 -69.18 -54.23
C TYR DB 78 -20.02 -69.17 -53.77
N ALA DB 79 -20.22 -69.38 -52.47
CA ALA DB 79 -21.56 -69.42 -51.92
C ALA DB 79 -22.27 -68.09 -52.11
N ALA DB 80 -21.54 -66.98 -51.90
CA ALA DB 80 -22.09 -65.66 -52.08
C ALA DB 80 -22.61 -65.48 -53.52
N CYS DB 81 -21.78 -65.89 -54.49
CA CYS DB 81 -22.13 -65.68 -55.88
C CYS DB 81 -23.40 -66.46 -56.23
N ILE DB 82 -23.53 -67.69 -55.76
CA ILE DB 82 -24.71 -68.47 -56.11
C ILE DB 82 -25.93 -67.90 -55.39
N ARG DB 83 -25.74 -67.33 -54.18
CA ARG DB 83 -26.84 -66.67 -53.49
C ARG DB 83 -27.34 -65.49 -54.32
N ASP DB 84 -26.40 -64.71 -54.88
CA ASP DB 84 -26.82 -63.58 -55.68
C ASP DB 84 -27.60 -64.05 -56.91
N MET DB 85 -27.15 -65.15 -57.50
CA MET DB 85 -27.79 -65.70 -58.68
C MET DB 85 -29.23 -66.05 -58.39
N ASP DB 86 -29.44 -66.69 -57.24
CA ASP DB 86 -30.78 -67.04 -56.81
C ASP DB 86 -31.66 -65.81 -56.68
N TYR DB 87 -31.12 -64.74 -56.08
CA TYR DB 87 -31.87 -63.51 -55.94
C TYR DB 87 -32.38 -63.06 -57.31
N PHE DB 88 -31.45 -62.97 -58.26
CA PHE DB 88 -31.80 -62.47 -59.56
C PHE DB 88 -32.93 -63.32 -60.14
N LEU DB 89 -32.82 -64.63 -60.01
CA LEU DB 89 -33.82 -65.53 -60.57
C LEU DB 89 -35.18 -65.30 -59.93
N ARG DB 90 -35.22 -65.22 -58.59
CA ARG DB 90 -36.48 -65.07 -57.88
C ARG DB 90 -37.17 -63.76 -58.30
N TYR DB 91 -36.39 -62.69 -58.38
CA TYR DB 91 -36.95 -61.39 -58.67
C TYR DB 91 -37.43 -61.34 -60.11
N ALA DB 92 -36.68 -61.94 -61.02
CA ALA DB 92 -37.09 -61.98 -62.42
C ALA DB 92 -38.41 -62.71 -62.55
N THR DB 93 -38.57 -63.82 -61.81
CA THR DB 93 -39.82 -64.55 -61.83
C THR DB 93 -40.95 -63.66 -61.34
N TYR DB 94 -40.71 -62.91 -60.25
CA TYR DB 94 -41.71 -62.00 -59.72
C TYR DB 94 -42.09 -60.97 -60.79
N ALA DB 95 -41.08 -60.42 -61.47
CA ALA DB 95 -41.31 -59.40 -62.46
C ALA DB 95 -42.15 -59.96 -63.61
N MET DB 96 -41.86 -61.20 -64.01
CA MET DB 96 -42.55 -61.80 -65.12
C MET DB 96 -44.03 -61.95 -64.80
N LEU DB 97 -44.35 -62.44 -63.60
CA LEU DB 97 -45.74 -62.52 -63.20
C LEU DB 97 -46.37 -61.15 -63.19
N ALA DB 98 -45.67 -60.17 -62.61
CA ALA DB 98 -46.22 -58.83 -62.45
C ALA DB 98 -46.46 -58.19 -63.82
N GLY DB 99 -45.56 -58.45 -64.76
CA GLY DB 99 -45.63 -57.77 -66.04
C GLY DB 99 -45.01 -56.37 -65.98
N ASP DB 100 -44.28 -56.07 -64.90
CA ASP DB 100 -43.68 -54.77 -64.73
C ASP DB 100 -42.23 -54.92 -64.27
N PRO DB 101 -41.29 -54.13 -64.81
CA PRO DB 101 -39.91 -54.15 -64.36
C PRO DB 101 -39.58 -53.42 -63.06
N SER DB 102 -40.56 -52.72 -62.49
CA SER DB 102 -40.36 -51.82 -61.37
C SER DB 102 -39.79 -52.54 -60.16
N ILE DB 103 -40.28 -53.74 -59.84
CA ILE DB 103 -39.82 -54.42 -58.65
C ILE DB 103 -38.32 -54.62 -58.75
N LEU DB 104 -37.79 -54.91 -59.94
CA LEU DB 104 -36.37 -55.11 -60.11
C LEU DB 104 -35.65 -53.83 -59.70
N ASP DB 105 -36.14 -52.68 -60.16
CA ASP DB 105 -35.53 -51.40 -59.81
C ASP DB 105 -35.57 -51.14 -58.30
N GLU DB 106 -36.72 -51.40 -57.68
CA GLU DB 106 -36.92 -51.07 -56.29
C GLU DB 106 -36.10 -51.97 -55.38
N ARG DB 107 -36.00 -53.27 -55.69
CA ARG DB 107 -35.30 -54.21 -54.83
C ARG DB 107 -33.87 -54.47 -55.31
N VAL DB 108 -33.72 -55.04 -56.49
CA VAL DB 108 -32.43 -55.56 -56.90
C VAL DB 108 -31.54 -54.42 -57.38
N LEU DB 109 -32.04 -53.59 -58.29
CA LEU DB 109 -31.16 -52.76 -59.08
C LEU DB 109 -30.59 -51.60 -58.28
N ASN DB 110 -31.32 -51.14 -57.27
CA ASN DB 110 -30.95 -49.88 -56.60
C ASN DB 110 -29.76 -50.10 -55.65
N GLY DB 111 -28.64 -49.46 -55.86
CA GLY DB 111 -27.47 -49.63 -55.02
C GLY DB 111 -26.62 -50.86 -55.35
N LEU DB 112 -27.00 -51.68 -56.31
CA LEU DB 112 -26.22 -52.89 -56.56
C LEU DB 112 -24.85 -52.54 -57.15
N LYS DB 113 -24.81 -51.59 -58.08
CA LYS DB 113 -23.57 -51.23 -58.73
C LYS DB 113 -22.55 -50.79 -57.68
N GLU DB 114 -23.00 -49.91 -56.78
CA GLU DB 114 -22.16 -49.36 -55.74
C GLU DB 114 -21.67 -50.46 -54.81
N THR DB 115 -22.57 -51.36 -54.41
CA THR DB 115 -22.21 -52.49 -53.56
C THR DB 115 -21.12 -53.31 -54.23
N TYR DB 116 -21.32 -53.63 -55.50
CA TYR DB 116 -20.39 -54.46 -56.22
C TYR DB 116 -19.03 -53.79 -56.33
N ASN DB 117 -19.02 -52.48 -56.59
CA ASN DB 117 -17.77 -51.77 -56.73
C ASN DB 117 -16.98 -51.79 -55.43
N SER DB 118 -17.66 -51.55 -54.30
CA SER DB 118 -16.98 -51.64 -53.02
C SER DB 118 -16.45 -53.06 -52.78
N LEU DB 119 -17.26 -54.06 -53.10
CA LEU DB 119 -16.87 -55.44 -52.86
C LEU DB 119 -15.72 -55.84 -53.79
N GLY DB 120 -15.68 -55.25 -54.99
CA GLY DB 120 -14.73 -55.66 -56.00
C GLY DB 120 -15.23 -56.84 -56.84
N VAL DB 121 -16.50 -57.18 -56.68
CA VAL DB 121 -17.15 -58.15 -57.55
C VAL DB 121 -17.14 -57.60 -58.98
N PRO DB 122 -16.79 -58.42 -60.01
CA PRO DB 122 -16.80 -57.97 -61.40
C PRO DB 122 -18.19 -57.96 -62.05
N ILE DB 123 -18.61 -56.77 -62.48
CA ILE DB 123 -19.96 -56.59 -62.99
C ILE DB 123 -20.17 -57.37 -64.28
N ALA DB 124 -19.20 -57.31 -65.18
CA ALA DB 124 -19.34 -57.94 -66.48
C ALA DB 124 -19.57 -59.46 -66.35
N ALA DB 125 -18.82 -60.10 -65.45
CA ALA DB 125 -18.99 -61.52 -65.18
C ALA DB 125 -20.40 -61.80 -64.65
N THR DB 126 -20.90 -60.93 -63.76
CA THR DB 126 -22.22 -61.09 -63.18
C THR DB 126 -23.25 -61.01 -64.30
N VAL DB 127 -23.06 -60.03 -65.18
CA VAL DB 127 -23.98 -59.83 -66.29
C VAL DB 127 -23.99 -61.10 -67.15
N GLY DB 128 -22.79 -61.63 -67.43
CA GLY DB 128 -22.64 -62.88 -68.16
C GLY DB 128 -23.46 -64.02 -67.54
N GLY DB 129 -23.39 -64.15 -66.22
CA GLY DB 129 -24.16 -65.14 -65.47
C GLY DB 129 -25.66 -64.95 -65.64
N ILE DB 130 -26.11 -63.70 -65.62
CA ILE DB 130 -27.54 -63.40 -65.76
C ILE DB 130 -27.99 -63.83 -67.15
N GLN DB 131 -27.18 -63.51 -68.16
CA GLN DB 131 -27.49 -63.88 -69.55
C GLN DB 131 -27.55 -65.40 -69.68
N ALA DB 132 -26.62 -66.09 -69.03
CA ALA DB 132 -26.62 -67.54 -69.03
C ALA DB 132 -27.90 -68.08 -68.41
N MET DB 133 -28.34 -67.50 -67.28
CA MET DB 133 -29.56 -67.95 -66.64
C MET DB 133 -30.71 -67.81 -67.61
N LYS DB 134 -30.72 -66.68 -68.33
CA LYS DB 134 -31.79 -66.39 -69.27
C LYS DB 134 -31.92 -67.50 -70.30
N GLU DB 135 -30.78 -67.91 -70.86
CA GLU DB 135 -30.72 -68.95 -71.89
C GLU DB 135 -31.29 -70.26 -71.34
N VAL DB 136 -30.86 -70.67 -70.15
CA VAL DB 136 -31.36 -71.89 -69.54
C VAL DB 136 -32.86 -71.77 -69.31
N VAL DB 137 -33.30 -70.61 -68.80
CA VAL DB 137 -34.69 -70.41 -68.46
C VAL DB 137 -35.52 -70.52 -69.73
N GLY DB 138 -35.03 -69.90 -70.81
CA GLY DB 138 -35.72 -69.87 -72.09
C GLY DB 138 -36.12 -71.27 -72.55
N GLY DB 139 -35.17 -72.20 -72.48
CA GLY DB 139 -35.41 -73.59 -72.81
C GLY DB 139 -36.57 -74.18 -72.02
N LEU DB 140 -36.52 -74.07 -70.70
CA LEU DB 140 -37.47 -74.73 -69.82
C LEU DB 140 -38.88 -74.15 -70.02
N VAL DB 141 -38.97 -72.82 -70.13
CA VAL DB 141 -40.26 -72.15 -70.14
C VAL DB 141 -40.97 -72.44 -71.45
N GLY DB 142 -40.18 -72.55 -72.54
CA GLY DB 142 -40.72 -72.69 -73.88
C GLY DB 142 -40.84 -71.33 -74.57
N PRO DB 143 -41.00 -71.28 -75.91
CA PRO DB 143 -40.82 -70.05 -76.69
C PRO DB 143 -41.69 -68.84 -76.36
N ASP DB 144 -43.01 -69.04 -76.24
CA ASP DB 144 -43.94 -67.97 -75.93
C ASP DB 144 -43.56 -67.30 -74.60
N ALA DB 145 -43.30 -68.15 -73.60
CA ALA DB 145 -42.93 -67.68 -72.26
C ALA DB 145 -41.54 -67.05 -72.30
N ALA DB 146 -40.65 -67.59 -73.14
CA ALA DB 146 -39.26 -67.16 -73.18
C ALA DB 146 -39.16 -65.67 -73.51
N LYS DB 147 -39.94 -65.19 -74.47
CA LYS DB 147 -39.87 -63.81 -74.90
C LYS DB 147 -40.13 -62.90 -73.68
N GLU DB 148 -41.20 -63.22 -72.94
CA GLU DB 148 -41.57 -62.46 -71.76
C GLU DB 148 -40.48 -62.54 -70.69
N ALA DB 149 -39.98 -63.76 -70.45
CA ALA DB 149 -38.93 -63.97 -69.47
C ALA DB 149 -37.67 -63.17 -69.83
N SER DB 150 -37.32 -63.15 -71.12
CA SER DB 150 -36.08 -62.55 -71.57
C SER DB 150 -36.00 -61.08 -71.21
N ILE DB 151 -37.11 -60.35 -71.34
CA ILE DB 151 -37.04 -58.89 -71.18
C ILE DB 151 -36.60 -58.55 -69.75
N TYR DB 152 -37.08 -59.29 -68.76
CA TYR DB 152 -36.75 -59.00 -67.36
C TYR DB 152 -35.28 -59.32 -67.10
N PHE DB 153 -34.80 -60.43 -67.65
CA PHE DB 153 -33.39 -60.79 -67.54
C PHE DB 153 -32.52 -59.70 -68.16
N ASP DB 154 -32.94 -59.21 -69.32
CA ASP DB 154 -32.19 -58.16 -70.03
C ASP DB 154 -32.21 -56.88 -69.21
N TYR DB 155 -33.34 -56.59 -68.56
CA TYR DB 155 -33.48 -55.41 -67.72
C TYR DB 155 -32.47 -55.45 -66.59
N LEU DB 156 -32.34 -56.60 -65.92
CA LEU DB 156 -31.38 -56.77 -64.84
C LEU DB 156 -29.98 -56.50 -65.39
N SER DB 157 -29.68 -57.09 -66.56
CA SER DB 157 -28.35 -57.00 -67.13
C SER DB 157 -28.00 -55.55 -67.44
N SER DB 158 -28.94 -54.83 -68.04
CA SER DB 158 -28.73 -53.43 -68.40
C SER DB 158 -28.51 -52.57 -67.17
N GLY DB 159 -29.27 -52.84 -66.09
CA GLY DB 159 -29.12 -52.09 -64.85
C GLY DB 159 -27.73 -52.24 -64.27
N LEU DB 160 -27.22 -53.48 -64.25
CA LEU DB 160 -25.94 -53.77 -63.63
C LEU DB 160 -24.85 -53.10 -64.43
N SER DB 161 -24.99 -53.19 -65.76
CA SER DB 161 -24.01 -52.60 -66.65
C SER DB 161 -24.42 -51.14 -66.95
N SER EB 2 -31.57 -27.96 -17.02
CA SER EB 2 -32.50 -27.06 -16.27
C SER EB 2 -33.87 -27.74 -16.15
N VAL EB 3 -34.72 -27.24 -15.29
CA VAL EB 3 -36.06 -27.76 -15.09
C VAL EB 3 -36.80 -27.77 -16.42
N LEU EB 4 -36.70 -26.64 -17.14
CA LEU EB 4 -37.50 -26.48 -18.33
C LEU EB 4 -37.04 -27.48 -19.37
N THR EB 5 -35.72 -27.64 -19.53
CA THR EB 5 -35.19 -28.57 -20.52
C THR EB 5 -35.72 -29.96 -20.23
N LYS EB 6 -35.70 -30.35 -18.96
CA LYS EB 6 -36.13 -31.69 -18.58
C LYS EB 6 -37.58 -31.90 -19.01
N ALA EB 7 -38.46 -30.92 -18.74
CA ALA EB 7 -39.87 -31.06 -19.04
C ALA EB 7 -40.09 -31.21 -20.55
N ILE EB 8 -39.40 -30.37 -21.33
CA ILE EB 8 -39.53 -30.39 -22.77
C ILE EB 8 -39.10 -31.76 -23.31
N VAL EB 9 -37.98 -32.26 -22.79
CA VAL EB 9 -37.44 -33.51 -23.26
C VAL EB 9 -38.41 -34.65 -23.03
N ASN EB 10 -39.07 -34.67 -21.86
CA ASN EB 10 -40.02 -35.74 -21.57
C ASN EB 10 -41.19 -35.68 -22.54
N ALA EB 11 -41.66 -34.46 -22.81
CA ALA EB 11 -42.77 -34.26 -23.74
C ALA EB 11 -42.39 -34.76 -25.13
N ASP EB 12 -41.19 -34.41 -25.58
CA ASP EB 12 -40.75 -34.76 -26.93
C ASP EB 12 -40.69 -36.29 -27.06
N ALA EB 13 -40.19 -36.98 -26.04
CA ALA EB 13 -40.12 -38.42 -26.07
C ALA EB 13 -41.52 -39.01 -26.24
N GLU EB 14 -42.48 -38.46 -25.51
CA GLU EB 14 -43.86 -38.90 -25.59
C GLU EB 14 -44.52 -38.37 -26.87
N ALA EB 15 -43.88 -37.39 -27.52
CA ALA EB 15 -44.41 -36.81 -28.75
C ALA EB 15 -45.73 -36.10 -28.49
N ARG EB 16 -45.83 -35.43 -27.34
CA ARG EB 16 -47.05 -34.76 -26.93
C ARG EB 16 -46.73 -33.32 -26.52
N TYR EB 17 -47.75 -32.46 -26.47
CA TYR EB 17 -47.63 -31.12 -25.90
C TYR EB 17 -47.44 -31.26 -24.39
N LEU EB 18 -46.87 -30.22 -23.75
CA LEU EB 18 -46.60 -30.28 -22.33
C LEU EB 18 -47.88 -30.47 -21.53
N SER EB 19 -47.80 -31.39 -20.58
CA SER EB 19 -48.90 -31.73 -19.69
C SER EB 19 -49.13 -30.57 -18.74
N PRO EB 20 -50.36 -30.40 -18.21
CA PRO EB 20 -50.67 -29.32 -17.27
C PRO EB 20 -49.74 -29.33 -16.05
N GLY EB 21 -49.53 -30.53 -15.50
CA GLY EB 21 -48.65 -30.73 -14.36
C GLY EB 21 -47.23 -30.25 -14.67
N GLU EB 22 -46.73 -30.61 -15.85
CA GLU EB 22 -45.41 -30.19 -16.30
C GLU EB 22 -45.37 -28.69 -16.44
N LEU EB 23 -46.45 -28.10 -16.99
CA LEU EB 23 -46.53 -26.66 -17.15
C LEU EB 23 -46.49 -25.98 -15.78
N ASP EB 24 -47.16 -26.58 -14.79
CA ASP EB 24 -47.22 -26.00 -13.46
C ASP EB 24 -45.83 -25.95 -12.85
N ARG EB 25 -45.04 -27.00 -13.04
CA ARG EB 25 -43.69 -27.05 -12.52
C ARG EB 25 -42.86 -25.94 -13.16
N ILE EB 26 -43.08 -25.67 -14.44
CA ILE EB 26 -42.36 -24.61 -15.12
C ILE EB 26 -42.72 -23.27 -14.48
N LYS EB 27 -44.00 -23.08 -14.20
CA LYS EB 27 -44.49 -21.85 -13.57
C LYS EB 27 -43.81 -21.65 -12.24
N SER EB 28 -43.73 -22.71 -11.44
CA SER EB 28 -43.15 -22.62 -10.11
C SER EB 28 -41.68 -22.20 -10.25
N PHE EB 29 -40.99 -22.81 -11.21
CA PHE EB 29 -39.57 -22.56 -11.40
C PHE EB 29 -39.30 -21.10 -11.75
N VAL EB 30 -40.13 -20.52 -12.63
CA VAL EB 30 -39.88 -19.15 -13.07
C VAL EB 30 -40.08 -18.20 -11.89
N ALA EB 31 -41.05 -18.49 -11.03
CA ALA EB 31 -41.27 -17.69 -9.82
C ALA EB 31 -40.08 -17.80 -8.89
N SER EB 32 -39.54 -19.02 -8.73
CA SER EB 32 -38.42 -19.27 -7.83
C SER EB 32 -37.16 -18.58 -8.32
N GLY EB 33 -37.03 -18.40 -9.64
CA GLY EB 33 -35.79 -18.00 -10.28
C GLY EB 33 -35.15 -16.75 -9.68
N GLU EB 34 -35.95 -15.72 -9.42
CA GLU EB 34 -35.43 -14.46 -8.88
C GLU EB 34 -34.74 -14.68 -7.54
N ARG EB 35 -35.37 -15.45 -6.64
CA ARG EB 35 -34.74 -15.85 -5.40
C ARG EB 35 -33.45 -16.61 -5.67
N ARG EB 36 -33.50 -17.55 -6.64
CA ARG EB 36 -32.34 -18.36 -6.96
C ARG EB 36 -31.20 -17.46 -7.41
N LEU EB 37 -31.51 -16.44 -8.22
CA LEU EB 37 -30.47 -15.56 -8.75
C LEU EB 37 -29.73 -14.89 -7.62
N ARG EB 38 -30.46 -14.42 -6.60
CA ARG EB 38 -29.86 -13.76 -5.46
C ARG EB 38 -28.92 -14.72 -4.73
N ILE EB 39 -29.36 -15.96 -4.51
CA ILE EB 39 -28.53 -16.93 -3.81
C ILE EB 39 -27.21 -17.11 -4.56
N ALA EB 40 -27.30 -17.26 -5.88
CA ALA EB 40 -26.13 -17.43 -6.71
C ALA EB 40 -25.21 -16.22 -6.62
N GLN EB 41 -25.82 -15.05 -6.63
CA GLN EB 41 -25.07 -13.79 -6.61
C GLN EB 41 -24.27 -13.73 -5.31
N THR EB 42 -24.90 -14.08 -4.20
CA THR EB 42 -24.25 -14.02 -2.89
C THR EB 42 -22.97 -14.86 -2.91
N LEU EB 43 -23.07 -16.11 -3.39
CA LEU EB 43 -21.93 -17.02 -3.39
C LEU EB 43 -20.84 -16.49 -4.31
N THR EB 44 -21.21 -15.90 -5.44
CA THR EB 44 -20.22 -15.38 -6.36
C THR EB 44 -19.38 -14.30 -5.68
N GLU EB 45 -20.04 -13.41 -4.95
CA GLU EB 45 -19.34 -12.30 -4.30
C GLU EB 45 -18.40 -12.82 -3.24
N ALA EB 46 -18.85 -13.85 -2.51
CA ALA EB 46 -18.07 -14.41 -1.41
C ALA EB 46 -17.15 -15.51 -1.89
N ARG EB 47 -17.02 -15.67 -3.22
CA ARG EB 47 -16.34 -16.81 -3.78
C ARG EB 47 -14.92 -16.89 -3.25
N GLU EB 48 -14.16 -15.81 -3.38
CA GLU EB 48 -12.75 -15.74 -3.02
C GLU EB 48 -12.52 -16.20 -1.59
N ARG EB 49 -13.34 -15.70 -0.65
CA ARG EB 49 -13.22 -16.05 0.75
C ARG EB 49 -13.61 -17.50 0.98
N ILE EB 50 -14.68 -17.96 0.31
CA ILE EB 50 -15.15 -19.33 0.52
C ILE EB 50 -14.03 -20.29 0.18
N VAL EB 51 -13.39 -20.06 -0.97
CA VAL EB 51 -12.34 -20.95 -1.44
C VAL EB 51 -11.21 -20.94 -0.44
N LYS EB 52 -10.79 -19.75 -0.02
CA LYS EB 52 -9.65 -19.60 0.89
C LYS EB 52 -9.92 -20.35 2.19
N GLN EB 53 -11.07 -20.09 2.81
CA GLN EB 53 -11.41 -20.70 4.07
C GLN EB 53 -11.47 -22.23 3.93
N ALA EB 54 -12.11 -22.70 2.86
CA ALA EB 54 -12.29 -24.13 2.65
C ALA EB 54 -10.94 -24.81 2.49
N GLY EB 55 -10.05 -24.17 1.73
CA GLY EB 55 -8.71 -24.69 1.49
C GLY EB 55 -7.99 -24.94 2.79
N ASP EB 56 -7.99 -23.94 3.67
CA ASP EB 56 -7.32 -24.01 4.96
C ASP EB 56 -7.88 -25.18 5.76
N GLN EB 57 -9.20 -25.28 5.80
CA GLN EB 57 -9.86 -26.36 6.54
C GLN EB 57 -9.39 -27.71 5.99
N LEU EB 58 -9.38 -27.82 4.65
CA LEU EB 58 -9.02 -29.06 4.02
C LEU EB 58 -7.58 -29.44 4.38
N PHE EB 59 -6.68 -28.46 4.31
CA PHE EB 59 -5.28 -28.73 4.56
C PHE EB 59 -5.07 -29.12 6.02
N GLN EB 60 -5.84 -28.52 6.94
CA GLN EB 60 -5.79 -28.93 8.33
C GLN EB 60 -6.30 -30.36 8.46
N LYS EB 61 -7.42 -30.66 7.80
CA LYS EB 61 -8.04 -31.98 7.88
C LYS EB 61 -7.10 -33.04 7.30
N ARG EB 62 -6.42 -32.69 6.19
CA ARG EB 62 -5.51 -33.61 5.50
C ARG EB 62 -4.13 -32.99 5.39
N PRO EB 63 -3.25 -33.15 6.39
CA PRO EB 63 -1.89 -32.61 6.30
C PRO EB 63 -1.14 -33.18 5.12
N ASP EB 64 -1.42 -34.47 4.83
CA ASP EB 64 -0.63 -35.27 3.90
C ASP EB 64 -0.67 -34.66 2.51
N VAL EB 65 -1.85 -34.17 2.06
CA VAL EB 65 -1.96 -33.75 0.68
C VAL EB 65 -0.96 -32.64 0.41
N VAL EB 66 -0.81 -31.68 1.34
CA VAL EB 66 0.20 -30.63 1.24
C VAL EB 66 1.40 -31.07 2.08
N SER EB 67 2.07 -32.13 1.64
CA SER EB 67 3.30 -32.61 2.25
C SER EB 67 4.18 -33.09 1.12
N PRO EB 68 5.52 -33.23 1.31
CA PRO EB 68 6.41 -33.48 0.19
C PRO EB 68 5.99 -34.68 -0.67
N GLY EB 69 5.52 -35.72 0.00
CA GLY EB 69 4.95 -36.86 -0.71
C GLY EB 69 3.67 -36.50 -1.49
N GLY EB 70 2.81 -35.68 -0.85
CA GLY EB 70 1.46 -35.42 -1.32
C GLY EB 70 1.42 -34.64 -2.64
N ASN EB 71 0.29 -34.81 -3.35
CA ASN EB 71 0.08 -34.26 -4.67
C ASN EB 71 0.01 -32.73 -4.61
N ALA EB 72 -0.65 -32.23 -3.56
CA ALA EB 72 -0.97 -30.83 -3.44
C ALA EB 72 0.29 -30.02 -3.12
N TYR EB 73 1.35 -30.67 -2.64
CA TYR EB 73 2.51 -29.99 -2.09
C TYR EB 73 3.24 -29.17 -3.16
N GLY EB 74 3.72 -27.99 -2.75
CA GLY EB 74 4.37 -27.02 -3.59
C GLY EB 74 3.38 -25.93 -3.98
N GLU EB 75 3.89 -24.75 -4.33
CA GLU EB 75 3.08 -23.60 -4.63
C GLU EB 75 2.22 -23.88 -5.88
N LYS EB 76 2.88 -24.36 -6.96
CA LYS EB 76 2.18 -24.61 -8.20
C LYS EB 76 1.01 -25.57 -7.93
N MET EB 77 1.32 -26.67 -7.25
CA MET EB 77 0.33 -27.69 -6.98
C MET EB 77 -0.79 -27.16 -6.08
N THR EB 78 -0.42 -26.39 -5.07
CA THR EB 78 -1.43 -25.87 -4.13
C THR EB 78 -2.37 -24.95 -4.87
N ALA EB 79 -1.84 -24.13 -5.77
CA ALA EB 79 -2.67 -23.24 -6.59
C ALA EB 79 -3.67 -24.05 -7.40
N LEU EB 80 -3.21 -25.13 -8.02
CA LEU EB 80 -4.07 -25.98 -8.83
C LEU EB 80 -5.18 -26.58 -7.98
N CYS EB 81 -4.85 -27.01 -6.76
CA CYS EB 81 -5.85 -27.56 -5.87
C CYS EB 81 -6.91 -26.52 -5.55
N LEU EB 82 -6.49 -25.27 -5.33
CA LEU EB 82 -7.42 -24.21 -5.03
C LEU EB 82 -8.23 -23.86 -6.26
N ARG EB 83 -7.60 -23.88 -7.43
CA ARG EB 83 -8.30 -23.63 -8.69
C ARG EB 83 -9.43 -24.64 -8.85
N ASP EB 84 -9.15 -25.91 -8.52
CA ASP EB 84 -10.16 -26.94 -8.63
C ASP EB 84 -11.35 -26.62 -7.72
N LEU EB 85 -11.05 -26.18 -6.49
CA LEU EB 85 -12.12 -25.85 -5.56
C LEU EB 85 -12.96 -24.71 -6.13
N ASP EB 86 -12.27 -23.72 -6.73
CA ASP EB 86 -12.97 -22.61 -7.34
C ASP EB 86 -13.90 -23.08 -8.46
N TYR EB 87 -13.40 -23.99 -9.30
CA TYR EB 87 -14.17 -24.56 -10.40
C TYR EB 87 -15.47 -25.17 -9.88
N TYR EB 88 -15.36 -25.96 -8.82
CA TYR EB 88 -16.53 -26.63 -8.29
C TYR EB 88 -17.53 -25.60 -7.75
N LEU EB 89 -17.03 -24.51 -7.15
CA LEU EB 89 -17.93 -23.51 -6.63
C LEU EB 89 -18.70 -22.85 -7.79
N ARG EB 90 -17.99 -22.55 -8.88
CA ARG EB 90 -18.63 -21.94 -10.04
C ARG EB 90 -19.73 -22.86 -10.56
N LEU EB 91 -19.44 -24.15 -10.61
CA LEU EB 91 -20.42 -25.12 -11.06
C LEU EB 91 -21.65 -25.10 -10.15
N VAL EB 92 -21.44 -25.02 -8.83
CA VAL EB 92 -22.55 -25.00 -7.91
C VAL EB 92 -23.46 -23.80 -8.18
N THR EB 93 -22.86 -22.63 -8.43
CA THR EB 93 -23.67 -21.45 -8.70
C THR EB 93 -24.52 -21.69 -9.94
N TYR EB 94 -23.91 -22.25 -10.98
CA TYR EB 94 -24.62 -22.56 -12.21
C TYR EB 94 -25.82 -23.45 -11.92
N GLY EB 95 -25.61 -24.45 -11.05
CA GLY EB 95 -26.65 -25.38 -10.66
C GLY EB 95 -27.86 -24.66 -10.03
N ILE EB 96 -27.58 -23.72 -9.13
CA ILE EB 96 -28.65 -23.07 -8.39
C ILE EB 96 -29.54 -22.30 -9.37
N VAL EB 97 -28.94 -21.58 -10.33
CA VAL EB 97 -29.75 -20.82 -11.27
C VAL EB 97 -30.54 -21.78 -12.16
N ALA EB 98 -29.92 -22.89 -12.56
CA ALA EB 98 -30.57 -23.87 -13.43
C ALA EB 98 -31.71 -24.58 -12.71
N GLY EB 99 -31.56 -24.78 -11.39
CA GLY EB 99 -32.57 -25.49 -10.65
C GLY EB 99 -32.42 -27.01 -10.77
N ASP EB 100 -31.30 -27.44 -11.39
CA ASP EB 100 -31.04 -28.86 -11.64
C ASP EB 100 -29.53 -29.10 -11.49
N VAL EB 101 -29.14 -30.34 -11.29
CA VAL EB 101 -27.72 -30.66 -11.14
C VAL EB 101 -27.08 -30.90 -12.51
N THR EB 102 -27.93 -31.00 -13.55
CA THR EB 102 -27.45 -31.34 -14.88
C THR EB 102 -26.28 -30.45 -15.28
N PRO EB 103 -26.35 -29.10 -15.19
CA PRO EB 103 -25.22 -28.25 -15.58
C PRO EB 103 -23.96 -28.66 -14.86
N ILE EB 104 -24.09 -28.86 -13.54
CA ILE EB 104 -22.97 -29.29 -12.70
C ILE EB 104 -22.46 -30.61 -13.22
N GLU EB 105 -23.37 -31.53 -13.49
CA GLU EB 105 -23.05 -32.92 -13.76
C GLU EB 105 -22.21 -33.05 -15.03
N GLU EB 106 -22.63 -32.37 -16.12
CA GLU EB 106 -21.93 -32.51 -17.38
C GLU EB 106 -20.51 -31.98 -17.26
N ILE EB 107 -20.32 -30.82 -16.61
CA ILE EB 107 -19.02 -30.19 -16.58
C ILE EB 107 -18.08 -30.89 -15.62
N GLY EB 108 -18.59 -31.40 -14.49
CA GLY EB 108 -17.72 -31.78 -13.38
C GLY EB 108 -17.83 -33.21 -12.90
N ILE EB 109 -18.95 -33.91 -13.08
CA ILE EB 109 -19.09 -35.17 -12.37
C ILE EB 109 -18.90 -36.37 -13.29
N ILE EB 110 -18.89 -36.19 -14.61
CA ILE EB 110 -18.78 -37.36 -15.49
C ILE EB 110 -17.34 -37.48 -15.96
N GLY EB 111 -16.73 -38.62 -15.65
CA GLY EB 111 -15.32 -38.86 -15.95
C GLY EB 111 -14.41 -38.28 -14.88
N VAL EB 112 -14.97 -37.75 -13.79
CA VAL EB 112 -14.18 -37.10 -12.76
C VAL EB 112 -13.22 -38.12 -12.15
N LYS EB 113 -13.74 -39.32 -11.86
CA LYS EB 113 -12.93 -40.37 -11.25
C LYS EB 113 -11.72 -40.64 -12.13
N GLU EB 114 -11.96 -40.83 -13.42
CA GLU EB 114 -10.93 -41.19 -14.37
C GLU EB 114 -9.88 -40.10 -14.46
N MET EB 115 -10.32 -38.84 -14.52
CA MET EB 115 -9.40 -37.72 -14.64
C MET EB 115 -8.50 -37.68 -13.43
N TYR EB 116 -9.10 -37.76 -12.22
CA TYR EB 116 -8.31 -37.62 -11.02
C TYR EB 116 -7.41 -38.84 -10.85
N ASN EB 117 -7.85 -40.02 -11.25
CA ASN EB 117 -7.00 -41.20 -11.14
C ASN EB 117 -5.76 -41.06 -12.01
N SER EB 118 -5.90 -40.52 -13.22
CA SER EB 118 -4.72 -40.27 -14.03
C SER EB 118 -3.82 -39.27 -13.32
N LEU EB 119 -4.41 -38.20 -12.78
CA LEU EB 119 -3.64 -37.19 -12.07
C LEU EB 119 -3.02 -37.78 -10.80
N GLN EB 120 -3.72 -38.75 -10.21
CA GLN EB 120 -3.31 -39.42 -8.97
C GLN EB 120 -3.77 -38.61 -7.75
N THR EB 121 -4.52 -37.54 -7.99
CA THR EB 121 -5.16 -36.80 -6.91
C THR EB 121 -6.08 -37.72 -6.14
N PRO EB 122 -6.09 -37.74 -4.79
CA PRO EB 122 -7.07 -38.52 -4.03
C PRO EB 122 -8.47 -37.93 -4.09
N ILE EB 123 -9.45 -38.76 -4.49
CA ILE EB 123 -10.80 -38.30 -4.69
C ILE EB 123 -11.41 -37.92 -3.35
N PRO EB 124 -11.22 -38.69 -2.25
CA PRO EB 124 -11.84 -38.36 -0.97
C PRO EB 124 -11.43 -36.98 -0.44
N ALA EB 125 -10.17 -36.60 -0.65
CA ALA EB 125 -9.70 -35.30 -0.22
C ALA EB 125 -10.46 -34.19 -0.96
N VAL EB 126 -10.69 -34.40 -2.27
CA VAL EB 126 -11.41 -33.43 -3.08
C VAL EB 126 -12.81 -33.28 -2.49
N ALA EB 127 -13.43 -34.40 -2.13
CA ALA EB 127 -14.77 -34.41 -1.57
C ALA EB 127 -14.80 -33.60 -0.27
N GLU EB 128 -13.75 -33.77 0.56
CA GLU EB 128 -13.67 -33.06 1.81
C GLU EB 128 -13.63 -31.57 1.58
N GLY EB 129 -12.85 -31.14 0.57
CA GLY EB 129 -12.75 -29.75 0.20
C GLY EB 129 -14.12 -29.17 -0.17
N VAL EB 130 -14.92 -29.94 -0.91
CA VAL EB 130 -16.24 -29.51 -1.30
C VAL EB 130 -17.11 -29.38 -0.07
N ARG EB 131 -17.00 -30.36 0.86
CA ARG EB 131 -17.75 -30.31 2.09
C ARG EB 131 -17.38 -29.04 2.87
N ALA EB 132 -16.07 -28.75 2.93
CA ALA EB 132 -15.58 -27.57 3.61
C ALA EB 132 -16.18 -26.31 2.99
N MET EB 133 -16.21 -26.25 1.65
CA MET EB 133 -16.76 -25.10 0.96
C MET EB 133 -18.23 -24.94 1.32
N LYS EB 134 -18.94 -26.06 1.46
CA LYS EB 134 -20.36 -26.02 1.78
C LYS EB 134 -20.56 -25.32 3.12
N ASN EB 135 -19.73 -25.67 4.12
CA ASN EB 135 -19.89 -25.15 5.46
C ASN EB 135 -19.69 -23.63 5.46
N VAL EB 136 -18.65 -23.16 4.76
CA VAL EB 136 -18.39 -21.75 4.65
C VAL EB 136 -19.57 -21.07 3.96
N ALA EB 137 -20.02 -21.64 2.85
CA ALA EB 137 -21.10 -21.06 2.05
C ALA EB 137 -22.38 -20.98 2.89
N THR EB 138 -22.66 -22.03 3.67
CA THR EB 138 -23.87 -22.10 4.48
C THR EB 138 -23.90 -20.91 5.45
N SER EB 139 -22.76 -20.61 6.08
CA SER EB 139 -22.69 -19.56 7.08
C SER EB 139 -23.09 -18.21 6.49
N LEU EB 140 -22.63 -17.90 5.28
CA LEU EB 140 -22.91 -16.62 4.65
C LEU EB 140 -24.38 -16.57 4.20
N LEU EB 141 -24.93 -17.72 3.79
CA LEU EB 141 -26.28 -17.76 3.30
C LEU EB 141 -27.26 -17.75 4.47
N SER EB 142 -28.46 -17.21 4.23
CA SER EB 142 -29.56 -17.35 5.18
C SER EB 142 -30.04 -18.80 5.15
N GLY EB 143 -30.71 -19.24 6.23
CA GLY EB 143 -31.03 -20.63 6.47
C GLY EB 143 -31.74 -21.33 5.30
N ASP EB 144 -32.83 -20.72 4.82
CA ASP EB 144 -33.59 -21.27 3.70
C ASP EB 144 -32.71 -21.28 2.44
N ASP EB 145 -31.97 -20.19 2.22
CA ASP EB 145 -31.06 -20.09 1.08
C ASP EB 145 -30.01 -21.19 1.20
N ALA EB 146 -29.50 -21.39 2.44
CA ALA EB 146 -28.46 -22.37 2.69
C ALA EB 146 -28.94 -23.78 2.34
N ALA EB 147 -30.19 -24.09 2.69
CA ALA EB 147 -30.74 -25.41 2.41
C ALA EB 147 -30.72 -25.68 0.90
N GLU EB 148 -31.16 -24.69 0.12
CA GLU EB 148 -31.16 -24.80 -1.33
C GLU EB 148 -29.72 -25.06 -1.82
N ALA EB 149 -28.79 -24.23 -1.35
CA ALA EB 149 -27.40 -24.36 -1.75
C ALA EB 149 -26.83 -25.70 -1.31
N GLY EB 150 -27.24 -26.17 -0.12
CA GLY EB 150 -26.75 -27.42 0.43
C GLY EB 150 -26.99 -28.59 -0.50
N PHE EB 151 -28.19 -28.63 -1.11
CA PHE EB 151 -28.57 -29.75 -1.97
C PHE EB 151 -27.53 -29.91 -3.07
N TYR EB 152 -27.17 -28.79 -3.72
CA TYR EB 152 -26.22 -28.84 -4.82
C TYR EB 152 -24.85 -29.27 -4.29
N PHE EB 153 -24.45 -28.74 -3.13
CA PHE EB 153 -23.19 -29.10 -2.54
C PHE EB 153 -23.15 -30.59 -2.21
N ASP EB 154 -24.27 -31.11 -1.65
CA ASP EB 154 -24.36 -32.50 -1.29
C ASP EB 154 -24.21 -33.40 -2.50
N TYR EB 155 -24.85 -32.99 -3.62
CA TYR EB 155 -24.79 -33.78 -4.83
C TYR EB 155 -23.33 -33.97 -5.25
N LEU EB 156 -22.55 -32.86 -5.23
CA LEU EB 156 -21.16 -32.92 -5.62
C LEU EB 156 -20.44 -33.93 -4.74
N VAL EB 157 -20.67 -33.84 -3.43
CA VAL EB 157 -19.99 -34.71 -2.48
C VAL EB 157 -20.38 -36.16 -2.77
N GLY EB 158 -21.66 -36.39 -3.05
CA GLY EB 158 -22.13 -37.72 -3.40
C GLY EB 158 -21.48 -38.25 -4.67
N ALA EB 159 -21.37 -37.37 -5.69
CA ALA EB 159 -20.79 -37.76 -6.97
C ALA EB 159 -19.34 -38.22 -6.81
N MET EB 160 -18.56 -37.47 -6.05
CA MET EB 160 -17.14 -37.70 -5.83
C MET EB 160 -16.93 -38.52 -4.57
N GLN EB 161 -16.48 -39.80 -4.71
CA GLN EB 161 -16.04 -40.51 -3.52
C GLN EB 161 -14.76 -41.34 -3.75
N MET FB 1 -31.26 -30.66 -25.90
CA MET FB 1 -31.37 -29.32 -26.57
C MET FB 1 -30.81 -28.28 -25.63
N GLN FB 2 -31.03 -27.00 -25.89
CA GLN FB 2 -30.62 -25.95 -24.97
C GLN FB 2 -31.79 -25.00 -24.75
N ASP FB 3 -31.76 -24.33 -23.60
CA ASP FB 3 -32.75 -23.34 -23.24
C ASP FB 3 -32.02 -22.04 -22.92
N ALA FB 4 -32.75 -20.94 -22.74
CA ALA FB 4 -32.14 -19.64 -22.53
C ALA FB 4 -31.23 -19.66 -21.31
N ILE FB 5 -31.73 -20.22 -20.20
CA ILE FB 5 -30.95 -20.24 -18.97
C ILE FB 5 -29.64 -21.01 -19.22
N THR FB 6 -29.74 -22.19 -19.84
CA THR FB 6 -28.56 -23.00 -20.08
C THR FB 6 -27.63 -22.31 -21.07
N ALA FB 7 -28.20 -21.60 -22.06
CA ALA FB 7 -27.38 -20.92 -23.05
C ALA FB 7 -26.46 -19.90 -22.38
N VAL FB 8 -27.00 -19.13 -21.45
CA VAL FB 8 -26.22 -18.15 -20.71
C VAL FB 8 -25.12 -18.88 -19.94
N ILE FB 9 -25.51 -19.94 -19.22
CA ILE FB 9 -24.57 -20.70 -18.44
C ILE FB 9 -23.43 -21.19 -19.33
N ASN FB 10 -23.78 -21.73 -20.51
CA ASN FB 10 -22.78 -22.37 -21.34
C ASN FB 10 -21.79 -21.32 -21.84
N ASN FB 11 -22.29 -20.14 -22.20
CA ASN FB 11 -21.44 -19.09 -22.71
C ASN FB 11 -20.43 -18.70 -21.64
N TYR FB 12 -20.88 -18.60 -20.39
CA TYR FB 12 -20.01 -18.24 -19.29
C TYR FB 12 -19.02 -19.35 -19.00
N ASP FB 13 -19.47 -20.61 -19.09
CA ASP FB 13 -18.60 -21.72 -18.78
C ASP FB 13 -17.42 -21.80 -19.74
N VAL FB 14 -17.63 -21.54 -21.03
CA VAL FB 14 -16.53 -21.61 -21.98
C VAL FB 14 -15.54 -20.49 -21.66
N GLN FB 15 -16.05 -19.33 -21.23
CA GLN FB 15 -15.17 -18.24 -20.80
C GLN FB 15 -14.53 -18.59 -19.48
N GLY FB 16 -15.22 -19.41 -18.67
CA GLY FB 16 -14.72 -19.78 -17.34
C GLY FB 16 -15.12 -18.74 -16.31
N LYS FB 17 -15.87 -17.73 -16.76
CA LYS FB 17 -16.28 -16.61 -15.93
C LYS FB 17 -17.41 -17.06 -15.00
N TYR FB 18 -17.38 -16.55 -13.77
CA TYR FB 18 -18.52 -16.62 -12.85
C TYR FB 18 -19.62 -15.73 -13.41
N LEU FB 19 -20.86 -16.00 -13.05
CA LEU FB 19 -22.01 -15.24 -13.54
C LEU FB 19 -21.88 -13.81 -13.07
N ASP FB 20 -22.12 -12.85 -13.99
CA ASP FB 20 -21.97 -11.43 -13.75
C ASP FB 20 -23.31 -10.74 -13.98
N GLY FB 21 -23.41 -9.47 -13.60
CA GLY FB 21 -24.66 -8.74 -13.64
C GLY FB 21 -25.31 -8.72 -15.02
N ALA FB 22 -24.48 -8.48 -16.06
CA ALA FB 22 -24.96 -8.49 -17.43
C ALA FB 22 -25.62 -9.82 -17.76
N ALA FB 23 -24.94 -10.92 -17.39
CA ALA FB 23 -25.50 -12.25 -17.53
C ALA FB 23 -26.77 -12.37 -16.73
N LEU FB 24 -26.76 -11.85 -15.49
CA LEU FB 24 -27.91 -11.94 -14.61
C LEU FB 24 -29.11 -11.27 -15.24
N ASP FB 25 -28.88 -10.13 -15.91
CA ASP FB 25 -29.94 -9.36 -16.54
C ASP FB 25 -30.64 -10.18 -17.61
N LYS FB 26 -29.86 -10.91 -18.43
CA LYS FB 26 -30.43 -11.77 -19.45
C LYS FB 26 -31.31 -12.82 -18.80
N LEU FB 27 -30.80 -13.42 -17.69
CA LEU FB 27 -31.57 -14.43 -16.99
C LEU FB 27 -32.85 -13.83 -16.45
N LYS FB 28 -32.73 -12.60 -15.92
CA LYS FB 28 -33.88 -11.96 -15.29
C LYS FB 28 -34.92 -11.68 -16.35
N ALA FB 29 -34.47 -11.24 -17.55
CA ALA FB 29 -35.38 -10.98 -18.65
C ALA FB 29 -36.19 -12.21 -18.95
N TYR FB 30 -35.53 -13.37 -19.03
CA TYR FB 30 -36.22 -14.61 -19.33
C TYR FB 30 -37.29 -14.87 -18.29
N PHE FB 31 -36.95 -14.66 -17.02
CA PHE FB 31 -37.83 -15.07 -15.93
C PHE FB 31 -39.16 -14.32 -16.00
N THR FB 32 -39.12 -13.03 -16.34
CA THR FB 32 -40.31 -12.21 -16.47
C THR FB 32 -41.19 -12.74 -17.62
N THR FB 33 -40.55 -13.07 -18.76
CA THR FB 33 -41.27 -13.51 -19.94
C THR FB 33 -41.91 -14.87 -19.68
N GLY FB 34 -41.29 -15.68 -18.81
CA GLY FB 34 -41.68 -17.06 -18.57
C GLY FB 34 -43.18 -17.27 -18.36
N ALA FB 35 -43.76 -16.46 -17.46
CA ALA FB 35 -45.16 -16.68 -17.08
C ALA FB 35 -46.08 -16.56 -18.31
N VAL FB 36 -45.82 -15.54 -19.14
CA VAL FB 36 -46.58 -15.31 -20.37
C VAL FB 36 -46.46 -16.54 -21.27
N ARG FB 37 -45.23 -17.06 -21.41
CA ARG FB 37 -44.97 -18.17 -22.31
C ARG FB 37 -45.77 -19.39 -21.89
N VAL FB 38 -45.81 -19.67 -20.58
CA VAL FB 38 -46.53 -20.84 -20.11
C VAL FB 38 -48.00 -20.72 -20.51
N ARG FB 39 -48.59 -19.54 -20.35
CA ARG FB 39 -49.99 -19.33 -20.69
C ARG FB 39 -50.18 -19.56 -22.18
N ALA FB 40 -49.29 -19.03 -23.00
CA ALA FB 40 -49.37 -19.17 -24.45
C ALA FB 40 -49.33 -20.64 -24.86
N ALA FB 41 -48.43 -21.40 -24.24
CA ALA FB 41 -48.26 -22.81 -24.57
C ALA FB 41 -49.56 -23.57 -24.34
N ALA FB 42 -50.22 -23.30 -23.20
CA ALA FB 42 -51.47 -23.98 -22.87
C ALA FB 42 -52.55 -23.66 -23.89
N VAL FB 43 -52.61 -22.40 -24.32
CA VAL FB 43 -53.56 -21.98 -25.34
C VAL FB 43 -53.32 -22.77 -26.61
N ILE FB 44 -52.06 -22.87 -27.04
CA ILE FB 44 -51.75 -23.52 -28.30
C ILE FB 44 -52.14 -24.99 -28.22
N SER FB 45 -51.80 -25.66 -27.12
CA SER FB 45 -52.07 -27.08 -27.00
C SER FB 45 -53.56 -27.38 -27.14
N SER FB 46 -54.39 -26.57 -26.49
CA SER FB 46 -55.83 -26.77 -26.50
C SER FB 46 -56.41 -26.55 -27.89
N ASN FB 47 -55.86 -25.58 -28.64
CA ASN FB 47 -56.43 -25.18 -29.91
C ASN FB 47 -55.64 -25.76 -31.08
N ALA FB 48 -54.79 -26.75 -30.82
CA ALA FB 48 -53.85 -27.21 -31.84
C ALA FB 48 -54.59 -27.74 -33.07
N THR FB 49 -55.60 -28.60 -32.86
CA THR FB 49 -56.32 -29.19 -33.98
C THR FB 49 -56.92 -28.08 -34.85
N THR FB 50 -57.55 -27.08 -34.22
CA THR FB 50 -58.19 -25.99 -34.94
C THR FB 50 -57.14 -25.16 -35.67
N ILE FB 51 -56.00 -24.91 -35.01
CA ILE FB 51 -54.98 -24.07 -35.61
C ILE FB 51 -54.59 -24.69 -36.95
N ILE FB 52 -54.39 -26.01 -36.92
CA ILE FB 52 -53.95 -26.71 -38.13
C ILE FB 52 -55.05 -26.61 -39.18
N LYS FB 53 -56.30 -26.83 -38.77
CA LYS FB 53 -57.44 -26.78 -39.68
C LYS FB 53 -57.51 -25.42 -40.37
N GLU FB 54 -57.43 -24.35 -39.58
CA GLU FB 54 -57.55 -23.01 -40.12
C GLU FB 54 -56.42 -22.73 -41.10
N ALA FB 55 -55.19 -23.11 -40.72
CA ALA FB 55 -54.04 -22.83 -41.55
C ALA FB 55 -54.15 -23.58 -42.87
N ALA FB 56 -54.60 -24.84 -42.80
CA ALA FB 56 -54.75 -25.64 -44.01
C ALA FB 56 -55.77 -24.99 -44.94
N ALA FB 57 -56.87 -24.54 -44.34
CA ALA FB 57 -57.95 -23.87 -45.07
C ALA FB 57 -57.42 -22.64 -45.78
N LYS FB 58 -56.56 -21.87 -45.09
CA LYS FB 58 -56.00 -20.67 -45.66
C LYS FB 58 -55.08 -20.97 -46.85
N ALA FB 59 -54.26 -22.03 -46.78
CA ALA FB 59 -53.25 -22.24 -47.81
C ALA FB 59 -53.39 -23.58 -48.57
N LEU FB 60 -53.46 -24.68 -47.82
CA LEU FB 60 -53.26 -25.99 -48.41
C LEU FB 60 -54.49 -26.45 -49.19
N ILE FB 61 -55.68 -26.40 -48.61
CA ILE FB 61 -56.83 -27.04 -49.20
C ILE FB 61 -57.43 -26.14 -50.28
N TYR FB 62 -58.43 -26.66 -51.01
CA TYR FB 62 -59.10 -25.96 -52.10
C TYR FB 62 -58.07 -25.48 -53.12
N SER FB 63 -57.03 -26.28 -53.35
CA SER FB 63 -55.90 -25.86 -54.15
C SER FB 63 -55.51 -26.99 -55.08
N ASP FB 64 -54.55 -26.72 -55.97
CA ASP FB 64 -54.05 -27.76 -56.84
C ASP FB 64 -53.44 -28.92 -56.04
N LEU FB 65 -52.81 -28.62 -54.90
CA LEU FB 65 -52.19 -29.66 -54.08
C LEU FB 65 -53.19 -30.75 -53.74
N THR FB 66 -54.36 -30.33 -53.29
CA THR FB 66 -55.37 -31.31 -52.92
C THR FB 66 -55.97 -31.98 -54.16
N ARG FB 67 -55.96 -31.30 -55.30
CA ARG FB 67 -56.56 -31.84 -56.52
C ARG FB 67 -55.67 -32.95 -57.05
N PRO FB 68 -56.19 -33.92 -57.85
CA PRO FB 68 -55.39 -35.05 -58.33
C PRO FB 68 -54.16 -34.61 -59.09
N GLY FB 69 -53.03 -35.26 -58.80
CA GLY FB 69 -51.75 -34.86 -59.35
C GLY FB 69 -51.00 -33.87 -58.46
N GLY FB 70 -51.64 -33.46 -57.35
CA GLY FB 70 -51.02 -32.54 -56.41
C GLY FB 70 -50.35 -33.31 -55.28
N MET FB 72 -50.54 -33.19 -52.11
CA MET FB 72 -51.34 -33.59 -50.97
C MET FB 72 -52.58 -34.37 -51.40
N TYR FB 73 -52.65 -34.74 -52.67
CA TYR FB 73 -53.70 -35.62 -53.17
C TYR FB 73 -53.56 -37.03 -52.61
N THR FB 74 -54.68 -37.73 -52.42
CA THR FB 74 -54.82 -39.05 -51.79
C THR FB 74 -54.90 -38.87 -50.27
N THR FB 75 -55.62 -39.75 -49.58
CA THR FB 75 -55.82 -39.58 -48.16
C THR FB 75 -54.47 -39.70 -47.44
N ARG FB 76 -53.65 -40.65 -47.87
CA ARG FB 76 -52.39 -40.94 -47.21
C ARG FB 76 -51.51 -39.68 -47.20
N ARG FB 77 -51.36 -39.05 -48.36
CA ARG FB 77 -50.57 -37.82 -48.43
C ARG FB 77 -51.20 -36.70 -47.64
N TYR FB 78 -52.52 -36.56 -47.68
CA TYR FB 78 -53.18 -35.50 -46.92
C TYR FB 78 -52.85 -35.67 -45.45
N ALA FB 79 -52.97 -36.90 -44.96
CA ALA FB 79 -52.74 -37.17 -43.56
C ALA FB 79 -51.29 -36.86 -43.19
N ALA FB 80 -50.35 -37.22 -44.06
CA ALA FB 80 -48.95 -36.92 -43.84
C ALA FB 80 -48.71 -35.43 -43.70
N CYS FB 81 -49.31 -34.63 -44.58
CA CYS FB 81 -49.09 -33.20 -44.56
C CYS FB 81 -49.61 -32.60 -43.26
N ILE FB 82 -50.77 -33.04 -42.78
CA ILE FB 82 -51.28 -32.45 -41.55
C ILE FB 82 -50.45 -32.93 -40.37
N ARG FB 83 -49.90 -34.15 -40.44
CA ARG FB 83 -49.00 -34.62 -39.40
C ARG FB 83 -47.76 -33.74 -39.34
N ASP FB 84 -47.21 -33.37 -40.50
CA ASP FB 84 -46.04 -32.53 -40.52
C ASP FB 84 -46.37 -31.17 -39.89
N MET FB 85 -47.57 -30.66 -40.19
CA MET FB 85 -47.98 -29.37 -39.68
C MET FB 85 -48.02 -29.40 -38.17
N ASP FB 86 -48.56 -30.48 -37.62
CA ASP FB 86 -48.63 -30.67 -36.18
C ASP FB 86 -47.24 -30.67 -35.57
N TYR FB 87 -46.29 -31.36 -36.21
CA TYR FB 87 -44.92 -31.39 -35.73
C TYR FB 87 -44.41 -29.95 -35.57
N PHE FB 88 -44.55 -29.18 -36.63
CA PHE FB 88 -44.01 -27.83 -36.62
C PHE FB 88 -44.62 -27.06 -35.46
N LEU FB 89 -45.93 -27.20 -35.27
CA LEU FB 89 -46.60 -26.48 -34.21
C LEU FB 89 -46.06 -26.89 -32.84
N ARG FB 90 -45.95 -28.20 -32.60
CA ARG FB 90 -45.52 -28.70 -31.30
C ARG FB 90 -44.11 -28.23 -30.99
N TYR FB 91 -43.23 -28.26 -31.98
CA TYR FB 91 -41.84 -27.90 -31.76
C TYR FB 91 -41.74 -26.41 -31.52
N ALA FB 92 -42.50 -25.62 -32.26
CA ALA FB 92 -42.49 -24.18 -32.05
C ALA FB 92 -42.93 -23.86 -30.62
N THR FB 93 -43.95 -24.56 -30.14
CA THR FB 93 -44.40 -24.38 -28.77
C THR FB 93 -43.28 -24.71 -27.79
N TYR FB 94 -42.57 -25.81 -28.04
CA TYR FB 94 -41.44 -26.21 -27.19
C TYR FB 94 -40.41 -25.09 -27.18
N ALA FB 95 -40.10 -24.56 -28.37
CA ALA FB 95 -39.09 -23.54 -28.49
C ALA FB 95 -39.50 -22.28 -27.72
N MET FB 96 -40.78 -21.94 -27.79
CA MET FB 96 -41.27 -20.74 -27.15
C MET FB 96 -41.11 -20.87 -25.63
N LEU FB 97 -41.47 -22.02 -25.06
CA LEU FB 97 -41.24 -22.24 -23.64
C LEU FB 97 -39.76 -22.13 -23.32
N ALA FB 98 -38.93 -22.79 -24.13
CA ALA FB 98 -37.49 -22.83 -23.87
C ALA FB 98 -36.88 -21.43 -23.96
N GLY FB 99 -37.38 -20.63 -24.89
CA GLY FB 99 -36.78 -19.33 -25.15
C GLY FB 99 -35.53 -19.47 -26.03
N ASP FB 100 -35.31 -20.63 -26.65
CA ASP FB 100 -34.17 -20.86 -27.50
C ASP FB 100 -34.60 -21.57 -28.78
N PRO FB 101 -34.05 -21.19 -29.96
CA PRO FB 101 -34.34 -21.87 -31.22
C PRO FB 101 -33.63 -23.20 -31.47
N SER FB 102 -32.70 -23.58 -30.59
CA SER FB 102 -31.82 -24.71 -30.80
C SER FB 102 -32.59 -26.02 -31.02
N ILE FB 103 -33.64 -26.25 -30.23
CA ILE FB 103 -34.37 -27.51 -30.34
C ILE FB 103 -34.88 -27.67 -31.77
N LEU FB 104 -35.32 -26.57 -32.39
CA LEU FB 104 -35.82 -26.63 -33.76
C LEU FB 104 -34.70 -27.14 -34.67
N ASP FB 105 -33.49 -26.62 -34.50
CA ASP FB 105 -32.35 -27.05 -35.30
C ASP FB 105 -32.03 -28.52 -35.09
N GLU FB 106 -32.03 -28.95 -33.83
CA GLU FB 106 -31.62 -30.30 -33.49
C GLU FB 106 -32.62 -31.35 -33.99
N ARG FB 107 -33.92 -31.08 -33.88
CA ARG FB 107 -34.93 -32.08 -34.25
C ARG FB 107 -35.53 -31.78 -35.62
N VAL FB 108 -36.17 -30.62 -35.79
CA VAL FB 108 -36.96 -30.40 -36.98
C VAL FB 108 -36.05 -30.07 -38.16
N LEU FB 109 -35.18 -29.08 -37.98
CA LEU FB 109 -34.58 -28.43 -39.13
C LEU FB 109 -33.53 -29.30 -39.78
N ASN FB 110 -32.90 -30.20 -39.04
CA ASN FB 110 -31.77 -30.97 -39.56
C ASN FB 110 -32.21 -31.98 -40.62
N GLY FB 111 -31.68 -31.84 -41.87
CA GLY FB 111 -32.05 -32.77 -42.91
C GLY FB 111 -33.44 -32.59 -43.49
N LEU FB 112 -34.22 -31.61 -43.08
CA LEU FB 112 -35.58 -31.50 -43.57
C LEU FB 112 -35.60 -31.13 -45.05
N LYS FB 113 -34.76 -30.19 -45.44
CA LYS FB 113 -34.74 -29.73 -46.83
C LYS FB 113 -34.46 -30.92 -47.75
N GLU FB 114 -33.44 -31.70 -47.40
CA GLU FB 114 -33.01 -32.84 -48.19
C GLU FB 114 -34.13 -33.88 -48.25
N THR FB 115 -34.77 -34.16 -47.12
CA THR FB 115 -35.89 -35.10 -47.07
C THR FB 115 -36.99 -34.65 -48.02
N TYR FB 116 -37.34 -33.37 -47.93
CA TYR FB 116 -38.43 -32.85 -48.73
C TYR FB 116 -38.09 -32.94 -50.21
N ASN FB 117 -36.84 -32.63 -50.57
CA ASN FB 117 -36.46 -32.66 -51.96
C ASN FB 117 -36.55 -34.08 -52.52
N SER FB 118 -36.09 -35.07 -51.76
CA SER FB 118 -36.22 -36.46 -52.20
C SER FB 118 -37.69 -36.83 -52.32
N LEU FB 119 -38.52 -36.42 -51.36
CA LEU FB 119 -39.92 -36.78 -51.36
C LEU FB 119 -40.63 -36.07 -52.51
N GLY FB 120 -40.17 -34.88 -52.87
CA GLY FB 120 -40.86 -34.04 -53.85
C GLY FB 120 -41.95 -33.19 -53.21
N VAL FB 121 -41.99 -33.14 -51.87
CA VAL FB 121 -42.83 -32.20 -51.16
C VAL FB 121 -42.40 -30.78 -51.53
N PRO FB 122 -43.35 -29.86 -51.83
CA PRO FB 122 -42.99 -28.48 -52.17
C PRO FB 122 -42.68 -27.59 -50.96
N ILE FB 123 -41.47 -27.06 -50.91
CA ILE FB 123 -40.99 -26.35 -49.74
C ILE FB 123 -41.76 -25.05 -49.56
N ALA FB 124 -41.98 -24.31 -50.67
CA ALA FB 124 -42.62 -23.02 -50.56
C ALA FB 124 -44.03 -23.14 -49.99
N ALA FB 125 -44.79 -24.15 -50.43
CA ALA FB 125 -46.11 -24.40 -49.90
C ALA FB 125 -46.06 -24.69 -48.40
N THR FB 126 -45.07 -25.48 -47.98
CA THR FB 126 -44.91 -25.84 -46.57
C THR FB 126 -44.66 -24.56 -45.78
N VAL FB 127 -43.76 -23.71 -46.32
CA VAL FB 127 -43.42 -22.47 -45.65
C VAL FB 127 -44.69 -21.64 -45.50
N GLY FB 128 -45.47 -21.55 -46.58
CA GLY FB 128 -46.75 -20.86 -46.57
C GLY FB 128 -47.67 -21.32 -45.44
N GLY FB 129 -47.76 -22.64 -45.28
CA GLY FB 129 -48.55 -23.25 -44.21
C GLY FB 129 -48.05 -22.85 -42.83
N ILE FB 130 -46.72 -22.80 -42.66
CA ILE FB 130 -46.14 -22.43 -41.37
C ILE FB 130 -46.51 -21.00 -41.05
N GLN FB 131 -46.40 -20.12 -42.06
CA GLN FB 131 -46.73 -18.71 -41.89
C GLN FB 131 -48.21 -18.55 -41.54
N ALA FB 132 -49.06 -19.34 -42.19
CA ALA FB 132 -50.49 -19.33 -41.88
C ALA FB 132 -50.73 -19.74 -40.44
N MET FB 133 -50.05 -20.79 -39.98
CA MET FB 133 -50.22 -21.24 -38.60
C MET FB 133 -49.85 -20.11 -37.66
N LYS FB 134 -48.77 -19.39 -38.00
CA LYS FB 134 -48.27 -18.32 -37.16
C LYS FB 134 -49.36 -17.27 -36.95
N GLU FB 135 -50.01 -16.88 -38.05
CA GLU FB 135 -51.05 -15.87 -38.01
C GLU FB 135 -52.20 -16.31 -37.11
N VAL FB 136 -52.67 -17.55 -37.28
CA VAL FB 136 -53.74 -18.09 -36.44
C VAL FB 136 -53.29 -18.10 -34.99
N VAL FB 137 -52.06 -18.56 -34.74
CA VAL FB 137 -51.55 -18.70 -33.39
C VAL FB 137 -51.52 -17.32 -32.73
N GLY FB 138 -51.06 -16.31 -33.50
CA GLY FB 138 -50.93 -14.96 -33.01
C GLY FB 138 -52.22 -14.45 -32.37
N GLY FB 139 -53.34 -14.66 -33.08
CA GLY FB 139 -54.66 -14.30 -32.58
C GLY FB 139 -54.95 -14.93 -31.22
N LEU FB 140 -54.81 -16.26 -31.12
CA LEU FB 140 -55.21 -17.00 -29.93
C LEU FB 140 -54.35 -16.61 -28.73
N VAL FB 141 -53.04 -16.48 -28.94
CA VAL FB 141 -52.11 -16.29 -27.84
C VAL FB 141 -52.28 -14.88 -27.27
N GLY FB 142 -52.61 -13.92 -28.15
CA GLY FB 142 -52.67 -12.52 -27.77
C GLY FB 142 -51.34 -11.81 -28.03
N PRO FB 143 -51.31 -10.47 -28.06
CA PRO FB 143 -50.17 -9.71 -28.61
C PRO FB 143 -48.78 -9.91 -28.00
N ASP FB 144 -48.69 -9.86 -26.67
CA ASP FB 144 -47.42 -10.01 -25.97
C ASP FB 144 -46.82 -11.39 -26.31
N ALA FB 145 -47.66 -12.42 -26.23
CA ALA FB 145 -47.24 -13.78 -26.51
C ALA FB 145 -46.93 -13.94 -28.01
N ALA FB 146 -47.68 -13.24 -28.86
CA ALA FB 146 -47.56 -13.38 -30.31
C ALA FB 146 -46.15 -13.06 -30.79
N LYS FB 147 -45.55 -11.99 -30.26
CA LYS FB 147 -44.23 -11.59 -30.72
C LYS FB 147 -43.25 -12.73 -30.48
N GLU FB 148 -43.30 -13.31 -29.29
CA GLU FB 148 -42.44 -14.41 -28.90
C GLU FB 148 -42.70 -15.62 -29.79
N ALA FB 149 -43.98 -15.95 -29.99
CA ALA FB 149 -44.37 -17.09 -30.80
C ALA FB 149 -43.87 -16.90 -32.24
N SER FB 150 -43.98 -15.68 -32.77
CA SER FB 150 -43.68 -15.42 -34.17
C SER FB 150 -42.23 -15.77 -34.50
N ILE FB 151 -41.29 -15.45 -33.60
CA ILE FB 151 -39.88 -15.61 -33.94
C ILE FB 151 -39.58 -17.08 -34.26
N TYR FB 152 -40.16 -18.02 -33.49
CA TYR FB 152 -39.88 -19.43 -33.66
C TYR FB 152 -40.50 -19.92 -34.98
N PHE FB 153 -41.71 -19.47 -35.29
CA PHE FB 153 -42.34 -19.80 -36.55
C PHE FB 153 -41.49 -19.30 -37.71
N ASP FB 154 -40.96 -18.08 -37.59
CA ASP FB 154 -40.13 -17.50 -38.63
C ASP FB 154 -38.83 -18.28 -38.77
N TYR FB 155 -38.30 -18.75 -37.65
CA TYR FB 155 -37.07 -19.53 -37.64
C TYR FB 155 -37.26 -20.81 -38.46
N LEU FB 156 -38.39 -21.50 -38.23
CA LEU FB 156 -38.70 -22.71 -38.97
C LEU FB 156 -38.78 -22.37 -40.46
N SER FB 157 -39.47 -21.27 -40.78
CA SER FB 157 -39.70 -20.91 -42.16
C SER FB 157 -38.38 -20.64 -42.87
N SER FB 158 -37.49 -19.88 -42.20
CA SER FB 158 -36.20 -19.54 -42.76
C SER FB 158 -35.36 -20.79 -43.00
N GLY FB 159 -35.39 -21.74 -42.07
CA GLY FB 159 -34.66 -22.99 -42.20
C GLY FB 159 -35.08 -23.77 -43.45
N LEU FB 160 -36.39 -23.86 -43.65
CA LEU FB 160 -36.94 -24.67 -44.72
C LEU FB 160 -36.59 -24.01 -46.05
N SER FB 161 -36.69 -22.69 -46.07
CA SER FB 161 -36.38 -21.92 -47.26
C SER FB 161 -34.89 -21.55 -47.24
N VAL GB 3 -51.07 -34.21 -7.26
CA VAL GB 3 -49.74 -33.54 -7.20
C VAL GB 3 -48.79 -34.34 -6.32
N LEU GB 4 -49.26 -34.80 -5.18
CA LEU GB 4 -48.37 -35.56 -4.30
C LEU GB 4 -48.00 -36.88 -5.00
N THR GB 5 -49.00 -37.54 -5.58
CA THR GB 5 -48.81 -38.80 -6.28
C THR GB 5 -47.78 -38.59 -7.38
N LYS GB 6 -47.91 -37.50 -8.14
CA LYS GB 6 -47.01 -37.23 -9.24
C LYS GB 6 -45.57 -37.13 -8.72
N ALA GB 7 -45.37 -36.39 -7.64
CA ALA GB 7 -44.02 -36.19 -7.08
C ALA GB 7 -43.42 -37.52 -6.63
N ILE GB 8 -44.21 -38.34 -5.94
CA ILE GB 8 -43.75 -39.63 -5.45
C ILE GB 8 -43.32 -40.50 -6.64
N VAL GB 9 -44.15 -40.51 -7.67
CA VAL GB 9 -43.89 -41.35 -8.83
C VAL GB 9 -42.57 -40.95 -9.49
N ASN GB 10 -42.29 -39.66 -9.61
CA ASN GB 10 -41.04 -39.21 -10.23
C ASN GB 10 -39.86 -39.67 -9.38
N ALA GB 11 -40.00 -39.56 -8.05
CA ALA GB 11 -38.95 -39.98 -7.14
C ALA GB 11 -38.69 -41.47 -7.28
N ASP GB 12 -39.75 -42.27 -7.35
CA ASP GB 12 -39.61 -43.72 -7.42
C ASP GB 12 -38.87 -44.11 -8.70
N ALA GB 13 -39.19 -43.44 -9.81
CA ALA GB 13 -38.50 -43.69 -11.07
C ALA GB 13 -37.01 -43.43 -10.92
N GLU GB 14 -36.68 -42.32 -10.27
CA GLU GB 14 -35.29 -41.96 -10.02
C GLU GB 14 -34.70 -42.82 -8.91
N ALA GB 15 -35.55 -43.52 -8.15
CA ALA GB 15 -35.11 -44.38 -7.06
C ALA GB 15 -34.44 -43.57 -5.97
N ARG GB 16 -34.97 -42.38 -5.69
CA ARG GB 16 -34.41 -41.48 -4.69
C ARG GB 16 -35.51 -41.02 -3.74
N TYR GB 17 -35.14 -40.52 -2.56
CA TYR GB 17 -36.08 -39.86 -1.65
C TYR GB 17 -36.49 -38.54 -2.28
N LEU GB 18 -37.66 -37.99 -1.87
CA LEU GB 18 -38.12 -36.73 -2.45
C LEU GB 18 -37.12 -35.63 -2.12
N SER GB 19 -36.83 -34.80 -3.11
CA SER GB 19 -35.95 -33.66 -2.97
C SER GB 19 -36.63 -32.60 -2.11
N PRO GB 20 -35.86 -31.73 -1.41
CA PRO GB 20 -36.45 -30.66 -0.59
C PRO GB 20 -37.36 -29.76 -1.42
N GLY GB 21 -36.92 -29.39 -2.62
CA GLY GB 21 -37.70 -28.59 -3.54
C GLY GB 21 -39.05 -29.24 -3.86
N GLU GB 22 -39.01 -30.54 -4.16
CA GLU GB 22 -40.22 -31.32 -4.42
C GLU GB 22 -41.13 -31.30 -3.19
N LEU GB 23 -40.53 -31.47 -2.02
CA LEU GB 23 -41.26 -31.45 -0.77
C LEU GB 23 -41.93 -30.09 -0.56
N ASP GB 24 -41.23 -29.02 -0.91
CA ASP GB 24 -41.75 -27.66 -0.76
C ASP GB 24 -43.00 -27.48 -1.62
N ARG GB 25 -42.96 -27.99 -2.83
CA ARG GB 25 -44.10 -27.90 -3.74
C ARG GB 25 -45.31 -28.63 -3.13
N ILE GB 26 -45.06 -29.76 -2.47
CA ILE GB 26 -46.12 -30.49 -1.80
C ILE GB 26 -46.73 -29.62 -0.71
N LYS GB 27 -45.87 -28.94 0.06
CA LYS GB 27 -46.32 -28.08 1.14
C LYS GB 27 -47.20 -26.97 0.59
N SER GB 28 -46.78 -26.36 -0.53
CA SER GB 28 -47.53 -25.27 -1.12
C SER GB 28 -48.89 -25.79 -1.54
N PHE GB 29 -48.95 -26.98 -2.13
CA PHE GB 29 -50.18 -27.56 -2.64
C PHE GB 29 -51.18 -27.75 -1.48
N VAL GB 30 -50.72 -28.24 -0.33
CA VAL GB 30 -51.63 -28.54 0.76
C VAL GB 30 -52.23 -27.24 1.29
N ALA GB 31 -51.43 -26.17 1.32
CA ALA GB 31 -51.91 -24.84 1.71
C ALA GB 31 -52.96 -24.33 0.71
N SER GB 32 -52.69 -24.54 -0.58
CA SER GB 32 -53.57 -24.04 -1.64
C SER GB 32 -54.89 -24.78 -1.63
N GLY GB 33 -54.92 -26.04 -1.14
CA GLY GB 33 -56.06 -26.91 -1.25
C GLY GB 33 -57.39 -26.26 -0.75
N GLU GB 34 -57.36 -25.62 0.40
CA GLU GB 34 -58.52 -24.98 0.98
C GLU GB 34 -59.15 -23.94 0.04
N ARG GB 35 -58.32 -23.09 -0.55
CA ARG GB 35 -58.75 -22.16 -1.58
C ARG GB 35 -59.36 -22.93 -2.76
N ARG GB 36 -58.69 -24.02 -3.17
CA ARG GB 36 -59.15 -24.82 -4.29
C ARG GB 36 -60.56 -25.38 -3.97
N LEU GB 37 -60.77 -25.82 -2.73
CA LEU GB 37 -62.04 -26.39 -2.35
C LEU GB 37 -63.16 -25.39 -2.52
N ARG GB 38 -62.92 -24.14 -2.15
CA ARG GB 38 -63.88 -23.06 -2.29
C ARG GB 38 -64.25 -22.86 -3.77
N ILE GB 39 -63.23 -22.84 -4.64
CA ILE GB 39 -63.47 -22.66 -6.06
C ILE GB 39 -64.39 -23.77 -6.58
N ALA GB 40 -64.09 -25.00 -6.17
CA ALA GB 40 -64.89 -26.16 -6.57
C ALA GB 40 -66.31 -26.03 -6.04
N GLN GB 41 -66.45 -25.57 -4.81
CA GLN GB 41 -67.74 -25.43 -4.15
C GLN GB 41 -68.61 -24.47 -4.95
N THR GB 42 -68.01 -23.35 -5.37
CA THR GB 42 -68.72 -22.33 -6.14
C THR GB 42 -69.35 -22.95 -7.39
N LEU GB 43 -68.54 -23.70 -8.16
CA LEU GB 43 -69.00 -24.30 -9.40
C LEU GB 43 -70.08 -25.34 -9.13
N THR GB 44 -69.95 -26.10 -8.05
CA THR GB 44 -70.94 -27.10 -7.68
C THR GB 44 -72.30 -26.45 -7.48
N GLU GB 45 -72.33 -25.31 -6.78
CA GLU GB 45 -73.59 -24.64 -6.49
C GLU GB 45 -74.22 -24.14 -7.78
N ALA GB 46 -73.39 -23.63 -8.70
CA ALA GB 46 -73.87 -23.07 -9.95
C ALA GB 46 -74.00 -24.16 -11.03
N ARG GB 47 -73.82 -25.42 -10.64
CA ARG GB 47 -73.66 -26.49 -11.61
C ARG GB 47 -74.86 -26.54 -12.54
N GLU GB 48 -76.07 -26.60 -11.99
CA GLU GB 48 -77.32 -26.79 -12.73
C GLU GB 48 -77.45 -25.71 -13.81
N ARG GB 49 -77.21 -24.46 -13.43
CA ARG GB 49 -77.32 -23.34 -14.36
C ARG GB 49 -76.21 -23.39 -15.41
N ILE GB 50 -74.98 -23.75 -15.00
CA ILE GB 50 -73.87 -23.78 -15.95
C ILE GB 50 -74.22 -24.75 -17.08
N VAL GB 51 -74.70 -25.94 -16.70
CA VAL GB 51 -75.00 -26.97 -17.68
C VAL GB 51 -76.08 -26.45 -18.62
N LYS GB 52 -77.15 -25.88 -18.05
CA LYS GB 52 -78.28 -25.42 -18.82
C LYS GB 52 -77.83 -24.37 -19.83
N GLN GB 53 -77.13 -23.36 -19.36
CA GLN GB 53 -76.66 -22.27 -20.22
C GLN GB 53 -75.75 -22.80 -21.33
N ALA GB 54 -74.82 -23.68 -20.97
CA ALA GB 54 -73.88 -24.22 -21.92
C ALA GB 54 -74.61 -25.01 -23.01
N GLY GB 55 -75.59 -25.80 -22.59
CA GLY GB 55 -76.37 -26.60 -23.51
C GLY GB 55 -77.03 -25.72 -24.58
N ASP GB 56 -77.67 -24.64 -24.15
CA ASP GB 56 -78.36 -23.72 -25.03
C ASP GB 56 -77.37 -23.13 -26.02
N GLN GB 57 -76.21 -22.70 -25.52
CA GLN GB 57 -75.17 -22.12 -26.37
C GLN GB 57 -74.76 -23.15 -27.43
N LEU GB 58 -74.54 -24.40 -26.99
CA LEU GB 58 -74.10 -25.44 -27.88
C LEU GB 58 -75.13 -25.67 -28.98
N PHE GB 59 -76.40 -25.73 -28.60
CA PHE GB 59 -77.47 -26.00 -29.55
C PHE GB 59 -77.59 -24.85 -30.55
N GLN GB 60 -77.38 -23.62 -30.08
CA GLN GB 60 -77.37 -22.49 -30.99
C GLN GB 60 -76.18 -22.60 -31.94
N LYS GB 61 -75.00 -22.96 -31.40
CA LYS GB 61 -73.79 -23.07 -32.20
C LYS GB 61 -73.94 -24.18 -33.23
N ARG GB 62 -74.56 -25.30 -32.83
CA ARG GB 62 -74.74 -26.45 -33.69
C ARG GB 62 -76.22 -26.82 -33.79
N PRO GB 63 -76.97 -26.22 -34.73
CA PRO GB 63 -78.37 -26.58 -34.90
C PRO GB 63 -78.51 -28.07 -35.24
N ASP GB 64 -77.55 -28.61 -36.00
CA ASP GB 64 -77.64 -29.94 -36.57
C ASP GB 64 -77.79 -31.01 -35.48
N VAL GB 65 -77.05 -30.87 -34.37
CA VAL GB 65 -77.03 -31.95 -33.38
C VAL GB 65 -78.45 -32.18 -32.87
N VAL GB 66 -79.19 -31.10 -32.60
CA VAL GB 66 -80.60 -31.21 -32.23
C VAL GB 66 -81.44 -30.98 -33.49
N SER GB 67 -81.35 -31.93 -34.43
CA SER GB 67 -82.14 -31.94 -35.64
C SER GB 67 -82.47 -33.41 -35.92
N PRO GB 68 -83.51 -33.73 -36.71
CA PRO GB 68 -83.97 -35.12 -36.82
C PRO GB 68 -82.85 -36.10 -37.17
N GLY GB 69 -81.96 -35.67 -38.07
CA GLY GB 69 -80.78 -36.44 -38.38
C GLY GB 69 -79.84 -36.58 -37.17
N GLY GB 70 -79.67 -35.48 -36.42
CA GLY GB 70 -78.64 -35.36 -35.39
C GLY GB 70 -78.89 -36.29 -34.19
N ASN GB 71 -77.79 -36.61 -33.50
CA ASN GB 71 -77.79 -37.56 -32.40
C ASN GB 71 -78.59 -37.01 -31.21
N ALA GB 72 -78.42 -35.71 -30.97
CA ALA GB 72 -78.97 -35.07 -29.79
C ALA GB 72 -80.50 -34.95 -29.88
N TYR GB 73 -81.06 -35.07 -31.09
CA TYR GB 73 -82.46 -34.75 -31.32
C TYR GB 73 -83.39 -35.68 -30.55
N GLY GB 74 -84.49 -35.09 -30.04
CA GLY GB 74 -85.45 -35.79 -29.20
C GLY GB 74 -85.16 -35.55 -27.72
N GLU GB 75 -86.19 -35.67 -26.88
CA GLU GB 75 -86.11 -35.36 -25.47
C GLU GB 75 -85.09 -36.29 -24.78
N LYS GB 76 -85.24 -37.60 -25.01
CA LYS GB 76 -84.38 -38.58 -24.37
C LYS GB 76 -82.93 -38.23 -24.71
N MET GB 77 -82.66 -38.04 -26.01
CA MET GB 77 -81.32 -37.79 -26.47
C MET GB 77 -80.79 -36.47 -25.92
N THR GB 78 -81.63 -35.43 -25.89
CA THR GB 78 -81.17 -34.14 -25.41
C THR GB 78 -80.80 -34.24 -23.93
N ALA GB 79 -81.59 -34.98 -23.16
CA ALA GB 79 -81.28 -35.20 -21.76
C ALA GB 79 -79.92 -35.84 -21.60
N LEU GB 80 -79.65 -36.88 -22.41
CA LEU GB 80 -78.39 -37.60 -22.34
C LEU GB 80 -77.23 -36.66 -22.66
N CYS GB 81 -77.42 -35.79 -23.65
CA CYS GB 81 -76.38 -34.83 -24.00
C CYS GB 81 -76.08 -33.90 -22.83
N LEU GB 82 -77.15 -33.48 -22.12
CA LEU GB 82 -76.96 -32.61 -20.98
C LEU GB 82 -76.32 -33.39 -19.82
N ARG GB 83 -76.72 -34.64 -19.65
CA ARG GB 83 -76.13 -35.48 -18.63
C ARG GB 83 -74.62 -35.59 -18.85
N ASP GB 84 -74.21 -35.75 -20.11
CA ASP GB 84 -72.80 -35.83 -20.42
C ASP GB 84 -72.09 -34.54 -20.01
N LEU GB 85 -72.71 -33.40 -20.29
CA LEU GB 85 -72.10 -32.13 -19.93
C LEU GB 85 -71.97 -32.05 -18.41
N ASP GB 86 -72.99 -32.52 -17.69
CA ASP GB 86 -72.94 -32.53 -16.24
C ASP GB 86 -71.79 -33.40 -15.75
N TYR GB 87 -71.61 -34.58 -16.35
CA TYR GB 87 -70.52 -35.49 -15.99
C TYR GB 87 -69.18 -34.77 -16.11
N TYR GB 88 -68.97 -34.08 -17.22
CA TYR GB 88 -67.70 -33.42 -17.43
C TYR GB 88 -67.50 -32.33 -16.39
N LEU GB 89 -68.57 -31.63 -16.00
CA LEU GB 89 -68.43 -30.58 -15.01
C LEU GB 89 -68.01 -31.19 -13.67
N ARG GB 90 -68.63 -32.32 -13.30
CA ARG GB 90 -68.28 -32.99 -12.06
C ARG GB 90 -66.80 -33.36 -12.07
N LEU GB 91 -66.34 -33.87 -13.21
CA LEU GB 91 -64.94 -34.25 -13.35
C LEU GB 91 -64.05 -33.03 -13.15
N VAL GB 92 -64.43 -31.89 -13.73
CA VAL GB 92 -63.62 -30.69 -13.61
C VAL GB 92 -63.49 -30.30 -12.14
N THR GB 93 -64.58 -30.36 -11.38
CA THR GB 93 -64.52 -29.99 -9.97
C THR GB 93 -63.53 -30.90 -9.26
N TYR GB 94 -63.61 -32.20 -9.54
CA TYR GB 94 -62.70 -33.17 -8.93
C TYR GB 94 -61.26 -32.78 -9.23
N GLY GB 95 -61.00 -32.37 -10.47
CA GLY GB 95 -59.67 -31.96 -10.89
C GLY GB 95 -59.14 -30.79 -10.06
N ILE GB 96 -59.99 -29.79 -9.83
CA ILE GB 96 -59.55 -28.58 -9.16
C ILE GB 96 -59.11 -28.95 -7.73
N VAL GB 97 -59.88 -29.78 -7.03
CA VAL GB 97 -59.52 -30.15 -5.67
C VAL GB 97 -58.24 -30.98 -5.70
N ALA GB 98 -58.09 -31.88 -6.68
CA ALA GB 98 -56.91 -32.72 -6.77
C ALA GB 98 -55.66 -31.90 -7.12
N GLY GB 99 -55.84 -30.86 -7.91
CA GLY GB 99 -54.71 -30.06 -8.35
C GLY GB 99 -54.00 -30.70 -9.56
N ASP GB 100 -54.63 -31.74 -10.12
CA ASP GB 100 -54.05 -32.49 -11.23
C ASP GB 100 -55.19 -32.92 -12.17
N VAL GB 101 -54.86 -33.22 -13.40
CA VAL GB 101 -55.87 -33.62 -14.38
C VAL GB 101 -56.10 -35.14 -14.31
N THR GB 102 -55.21 -35.84 -13.58
CA THR GB 102 -55.26 -37.30 -13.59
C THR GB 102 -56.66 -37.80 -13.22
N PRO GB 103 -57.32 -37.33 -12.14
CA PRO GB 103 -58.66 -37.79 -11.80
C PRO GB 103 -59.62 -37.61 -12.97
N ILE GB 104 -59.56 -36.43 -13.60
CA ILE GB 104 -60.38 -36.13 -14.76
C ILE GB 104 -60.07 -37.13 -15.85
N GLU GB 105 -58.77 -37.34 -16.07
CA GLU GB 105 -58.30 -38.10 -17.23
C GLU GB 105 -58.78 -39.55 -17.20
N GLU GB 106 -58.66 -40.21 -16.05
CA GLU GB 106 -59.05 -41.60 -15.93
C GLU GB 106 -60.52 -41.79 -16.21
N ILE GB 107 -61.38 -40.91 -15.64
CA ILE GB 107 -62.81 -41.11 -15.73
C ILE GB 107 -63.34 -40.73 -17.12
N GLY GB 108 -62.76 -39.69 -17.75
CA GLY GB 108 -63.39 -39.07 -18.90
C GLY GB 108 -62.60 -39.09 -20.20
N ILE GB 109 -61.25 -39.07 -20.16
CA ILE GB 109 -60.56 -38.78 -21.41
C ILE GB 109 -59.94 -40.03 -22.04
N ILE GB 110 -59.89 -41.16 -21.36
CA ILE GB 110 -59.28 -42.34 -21.97
C ILE GB 110 -60.36 -43.26 -22.50
N GLY GB 111 -60.30 -43.51 -23.82
CA GLY GB 111 -61.30 -44.30 -24.51
C GLY GB 111 -62.51 -43.47 -24.90
N VAL GB 112 -62.44 -42.15 -24.70
CA VAL GB 112 -63.57 -41.28 -24.97
C VAL GB 112 -63.90 -41.33 -26.46
N LYS GB 113 -62.88 -41.30 -27.31
CA LYS GB 113 -63.07 -41.32 -28.76
C LYS GB 113 -63.87 -42.57 -29.13
N GLU GB 114 -63.43 -43.72 -28.61
CA GLU GB 114 -64.02 -45.00 -28.93
C GLU GB 114 -65.48 -45.05 -28.49
N MET GB 115 -65.74 -44.58 -27.27
CA MET GB 115 -67.08 -44.61 -26.72
C MET GB 115 -68.00 -43.77 -27.60
N TYR GB 116 -67.58 -42.55 -27.91
CA TYR GB 116 -68.43 -41.64 -28.68
C TYR GB 116 -68.61 -42.16 -30.10
N ASN GB 117 -67.58 -42.77 -30.68
CA ASN GB 117 -67.71 -43.30 -32.03
C ASN GB 117 -68.76 -44.41 -32.06
N SER GB 118 -68.79 -45.28 -31.05
CA SER GB 118 -69.84 -46.28 -31.01
C SER GB 118 -71.20 -45.58 -30.89
N LEU GB 119 -71.29 -44.58 -30.03
CA LEU GB 119 -72.54 -43.85 -29.85
C LEU GB 119 -72.90 -43.09 -31.13
N GLN GB 120 -71.86 -42.66 -31.87
CA GLN GB 120 -72.00 -41.90 -33.10
C GLN GB 120 -72.14 -40.41 -32.81
N THR GB 121 -72.04 -40.04 -31.52
CA THR GB 121 -72.00 -38.64 -31.11
C THR GB 121 -70.81 -37.96 -31.77
N PRO GB 122 -70.95 -36.76 -32.35
CA PRO GB 122 -69.81 -36.01 -32.88
C PRO GB 122 -68.91 -35.45 -31.75
N ILE GB 123 -67.62 -35.75 -31.86
CA ILE GB 123 -66.66 -35.37 -30.83
C ILE GB 123 -66.52 -33.85 -30.81
N PRO GB 124 -66.42 -33.15 -31.95
CA PRO GB 124 -66.23 -31.70 -31.95
C PRO GB 124 -67.35 -30.93 -31.21
N ALA GB 125 -68.59 -31.41 -31.38
CA ALA GB 125 -69.72 -30.80 -30.70
C ALA GB 125 -69.55 -30.92 -29.18
N VAL GB 126 -69.08 -32.09 -28.73
CA VAL GB 126 -68.88 -32.31 -27.30
C VAL GB 126 -67.85 -31.30 -26.80
N ALA GB 127 -66.80 -31.10 -27.59
CA ALA GB 127 -65.74 -30.16 -27.23
C ALA GB 127 -66.31 -28.75 -27.09
N GLU GB 128 -67.20 -28.38 -28.03
CA GLU GB 128 -67.81 -27.07 -28.01
C GLU GB 128 -68.62 -26.87 -26.74
N GLY GB 129 -69.36 -27.91 -26.34
CA GLY GB 129 -70.14 -27.89 -25.12
C GLY GB 129 -69.27 -27.63 -23.89
N VAL GB 130 -68.09 -28.25 -23.86
CA VAL GB 130 -67.17 -28.05 -22.75
C VAL GB 130 -66.67 -26.61 -22.77
N ARG GB 131 -66.36 -26.10 -23.97
CA ARG GB 131 -65.92 -24.72 -24.11
C ARG GB 131 -67.01 -23.79 -23.58
N ALA GB 132 -68.26 -24.07 -23.97
CA ALA GB 132 -69.40 -23.28 -23.53
C ALA GB 132 -69.49 -23.29 -22.02
N MET GB 133 -69.34 -24.46 -21.40
CA MET GB 133 -69.42 -24.56 -19.96
C MET GB 133 -68.33 -23.72 -19.32
N LYS GB 134 -67.15 -23.70 -19.93
CA LYS GB 134 -66.04 -22.93 -19.41
C LYS GB 134 -66.42 -21.45 -19.32
N ASN GB 135 -67.04 -20.93 -20.39
CA ASN GB 135 -67.35 -19.52 -20.46
C ASN GB 135 -68.34 -19.14 -19.36
N VAL GB 136 -69.37 -19.97 -19.17
CA VAL GB 136 -70.35 -19.73 -18.12
C VAL GB 136 -69.64 -19.77 -16.77
N ALA GB 137 -68.82 -20.80 -16.55
CA ALA GB 137 -68.15 -20.98 -15.27
C ALA GB 137 -67.22 -19.81 -14.98
N THR GB 138 -66.52 -19.33 -16.01
CA THR GB 138 -65.57 -18.24 -15.85
C THR GB 138 -66.29 -16.99 -15.31
N SER GB 139 -67.48 -16.71 -15.86
CA SER GB 139 -68.22 -15.51 -15.48
C SER GB 139 -68.55 -15.51 -13.99
N LEU GB 140 -68.96 -16.67 -13.45
CA LEU GB 140 -69.34 -16.77 -12.05
C LEU GB 140 -68.10 -16.69 -11.16
N LEU GB 141 -66.97 -17.22 -11.65
CA LEU GB 141 -65.76 -17.27 -10.84
C LEU GB 141 -65.10 -15.88 -10.89
N SER GB 142 -64.37 -15.57 -9.80
CA SER GB 142 -63.49 -14.41 -9.80
C SER GB 142 -62.30 -14.69 -10.72
N GLY GB 143 -61.64 -13.62 -11.21
CA GLY GB 143 -60.65 -13.71 -12.28
C GLY GB 143 -59.54 -14.73 -12.03
N ASP GB 144 -58.90 -14.65 -10.87
CA ASP GB 144 -57.84 -15.57 -10.49
C ASP GB 144 -58.40 -16.98 -10.36
N ASP GB 145 -59.59 -17.11 -9.74
CA ASP GB 145 -60.25 -18.40 -9.62
C ASP GB 145 -60.54 -18.94 -11.02
N ALA GB 146 -61.01 -18.07 -11.90
CA ALA GB 146 -61.39 -18.44 -13.26
C ALA GB 146 -60.18 -19.00 -14.01
N ALA GB 147 -59.01 -18.38 -13.83
CA ALA GB 147 -57.81 -18.83 -14.52
C ALA GB 147 -57.48 -20.27 -14.11
N GLU GB 148 -57.56 -20.55 -12.81
CA GLU GB 148 -57.32 -21.90 -12.30
C GLU GB 148 -58.31 -22.87 -12.94
N ALA GB 149 -59.60 -22.52 -12.91
CA ALA GB 149 -60.63 -23.36 -13.47
C ALA GB 149 -60.43 -23.53 -14.98
N GLY GB 150 -59.99 -22.47 -15.64
CA GLY GB 150 -59.81 -22.48 -17.09
C GLY GB 150 -58.84 -23.58 -17.52
N PHE GB 151 -57.75 -23.75 -16.76
CA PHE GB 151 -56.73 -24.71 -17.11
C PHE GB 151 -57.36 -26.09 -17.25
N TYR GB 152 -58.18 -26.48 -16.25
CA TYR GB 152 -58.80 -27.79 -16.26
C TYR GB 152 -59.77 -27.89 -17.43
N PHE GB 153 -60.55 -26.82 -17.67
CA PHE GB 153 -61.49 -26.81 -18.77
C PHE GB 153 -60.75 -26.95 -20.11
N ASP GB 154 -59.62 -26.24 -20.24
CA ASP GB 154 -58.85 -26.29 -21.47
C ASP GB 154 -58.33 -27.70 -21.73
N TYR GB 155 -57.86 -28.36 -20.65
CA TYR GB 155 -57.34 -29.70 -20.78
C TYR GB 155 -58.39 -30.61 -21.39
N LEU GB 156 -59.63 -30.52 -20.87
CA LEU GB 156 -60.71 -31.35 -21.35
C LEU GB 156 -60.92 -31.11 -22.83
N VAL GB 157 -60.93 -29.84 -23.23
CA VAL GB 157 -61.17 -29.49 -24.62
C VAL GB 157 -60.04 -30.07 -25.47
N GLY GB 158 -58.81 -29.96 -24.98
CA GLY GB 158 -57.67 -30.53 -25.68
C GLY GB 158 -57.77 -32.05 -25.82
N ALA GB 159 -58.20 -32.71 -24.73
CA ALA GB 159 -58.30 -34.16 -24.70
C ALA GB 159 -59.31 -34.66 -25.73
N MET GB 160 -60.49 -34.02 -25.76
CA MET GB 160 -61.61 -34.32 -26.65
C MET GB 160 -61.28 -33.75 -28.07
N GLN HB 2 -52.29 -44.98 -4.42
CA GLN HB 2 -52.99 -43.73 -4.49
C GLN HB 2 -52.85 -42.93 -3.20
N ASP HB 3 -53.71 -41.94 -3.02
CA ASP HB 3 -53.42 -41.02 -1.91
C ASP HB 3 -54.71 -40.74 -1.22
N ALA HB 4 -54.65 -40.09 -0.03
CA ALA HB 4 -55.84 -39.83 0.74
C ALA HB 4 -56.83 -38.98 -0.05
N ILE HB 5 -56.34 -37.94 -0.68
CA ILE HB 5 -57.19 -37.01 -1.45
C ILE HB 5 -57.88 -37.81 -2.55
N THR HB 6 -57.15 -38.62 -3.30
CA THR HB 6 -57.74 -39.39 -4.39
C THR HB 6 -58.70 -40.43 -3.85
N ALA HB 7 -58.40 -41.01 -2.68
CA ALA HB 7 -59.30 -42.00 -2.08
C ALA HB 7 -60.68 -41.42 -1.83
N VAL HB 8 -60.72 -40.20 -1.30
CA VAL HB 8 -61.98 -39.51 -1.05
C VAL HB 8 -62.69 -39.31 -2.39
N ILE HB 9 -61.95 -38.79 -3.37
CA ILE HB 9 -62.51 -38.53 -4.69
C ILE HB 9 -63.11 -39.83 -5.26
N ASN HB 10 -62.38 -40.93 -5.14
CA ASN HB 10 -62.82 -42.17 -5.75
C ASN HB 10 -64.11 -42.66 -5.10
N ASN HB 11 -64.20 -42.51 -3.78
CA ASN HB 11 -65.39 -42.95 -3.06
C ASN HB 11 -66.60 -42.16 -3.56
N TYR HB 12 -66.42 -40.87 -3.77
CA TYR HB 12 -67.49 -40.01 -4.26
C TYR HB 12 -67.85 -40.37 -5.70
N ASP HB 13 -66.82 -40.66 -6.52
CA ASP HB 13 -67.05 -40.96 -7.91
C ASP HB 13 -67.91 -42.23 -8.08
N VAL HB 14 -67.68 -43.26 -7.27
CA VAL HB 14 -68.47 -44.48 -7.40
C VAL HB 14 -69.91 -44.17 -7.01
N GLN HB 15 -70.10 -43.30 -6.01
CA GLN HB 15 -71.44 -42.88 -5.65
C GLN HB 15 -72.01 -41.97 -6.74
N GLY HB 16 -71.12 -41.25 -7.45
CA GLY HB 16 -71.55 -40.30 -8.47
C GLY HB 16 -71.87 -38.95 -7.85
N LYS HB 17 -71.65 -38.84 -6.54
CA LYS HB 17 -71.95 -37.64 -5.77
C LYS HB 17 -70.91 -36.56 -6.06
N TYR HB 18 -71.36 -35.32 -6.14
CA TYR HB 18 -70.46 -34.16 -6.15
C TYR HB 18 -69.82 -34.05 -4.77
N LEU HB 19 -68.63 -33.44 -4.68
CA LEU HB 19 -67.93 -33.32 -3.41
C LEU HB 19 -68.76 -32.49 -2.44
N ASP HB 20 -68.84 -32.94 -1.20
CA ASP HB 20 -69.69 -32.29 -0.20
C ASP HB 20 -68.84 -31.93 1.02
N GLY HB 21 -69.41 -31.14 1.93
CA GLY HB 21 -68.73 -30.63 3.11
C GLY HB 21 -68.10 -31.73 3.96
N ALA HB 22 -68.87 -32.79 4.19
CA ALA HB 22 -68.38 -33.95 4.94
C ALA HB 22 -67.12 -34.51 4.30
N ALA HB 23 -67.15 -34.67 2.98
CA ALA HB 23 -65.98 -35.08 2.20
C ALA HB 23 -64.87 -34.07 2.38
N LEU HB 24 -65.22 -32.79 2.31
CA LEU HB 24 -64.24 -31.72 2.43
C LEU HB 24 -63.53 -31.81 3.79
N ASP HB 25 -64.27 -32.14 4.84
CA ASP HB 25 -63.74 -32.27 6.18
C ASP HB 25 -62.67 -33.37 6.26
N LYS HB 26 -62.90 -34.50 5.61
CA LYS HB 26 -61.92 -35.56 5.54
C LYS HB 26 -60.66 -35.07 4.84
N LEU HB 27 -60.85 -34.32 3.75
CA LEU HB 27 -59.71 -33.76 3.03
C LEU HB 27 -58.96 -32.80 3.92
N LYS HB 28 -59.71 -32.00 4.68
CA LYS HB 28 -59.14 -30.99 5.57
C LYS HB 28 -58.32 -31.68 6.64
N ALA HB 29 -58.84 -32.77 7.17
CA ALA HB 29 -58.15 -33.58 8.18
C ALA HB 29 -56.77 -33.98 7.65
N TYR HB 30 -56.74 -34.47 6.41
CA TYR HB 30 -55.46 -34.90 5.82
C TYR HB 30 -54.51 -33.69 5.75
N PHE HB 31 -55.03 -32.54 5.36
CA PHE HB 31 -54.19 -31.37 5.12
C PHE HB 31 -53.47 -30.93 6.40
N THR HB 32 -54.13 -31.02 7.54
CA THR HB 32 -53.53 -30.69 8.84
C THR HB 32 -52.41 -31.67 9.15
N THR HB 33 -52.63 -32.98 8.90
CA THR HB 33 -51.63 -34.00 9.19
C THR HB 33 -50.41 -33.80 8.30
N GLY HB 34 -50.65 -33.29 7.09
CA GLY HB 34 -49.65 -33.17 6.03
C GLY HB 34 -48.37 -32.50 6.50
N ALA HB 35 -48.44 -31.40 7.18
CA ALA HB 35 -47.29 -30.62 7.61
C ALA HB 35 -46.36 -31.48 8.46
N VAL HB 36 -46.93 -32.23 9.42
CA VAL HB 36 -46.18 -33.13 10.28
C VAL HB 36 -45.45 -34.16 9.42
N ARG HB 37 -46.18 -34.72 8.45
CA ARG HB 37 -45.65 -35.79 7.61
C ARG HB 37 -44.42 -35.29 6.85
N VAL HB 38 -44.52 -34.08 6.30
CA VAL HB 38 -43.42 -33.55 5.52
C VAL HB 38 -42.18 -33.44 6.39
N ARG HB 39 -42.33 -32.97 7.63
CA ARG HB 39 -41.21 -32.83 8.54
C ARG HB 39 -40.59 -34.21 8.80
N ALA HB 40 -41.45 -35.20 9.06
CA ALA HB 40 -40.98 -36.56 9.33
C ALA HB 40 -40.17 -37.10 8.15
N ALA HB 41 -40.67 -36.89 6.94
CA ALA HB 41 -40.03 -37.41 5.74
C ALA HB 41 -38.62 -36.85 5.60
N ALA HB 42 -38.46 -35.55 5.86
CA ALA HB 42 -37.15 -34.91 5.74
C ALA HB 42 -36.17 -35.50 6.75
N VAL HB 43 -36.66 -35.75 7.98
CA VAL HB 43 -35.84 -36.36 9.01
C VAL HB 43 -35.36 -37.72 8.52
N ILE HB 44 -36.28 -38.54 8.00
CA ILE HB 44 -35.94 -39.89 7.61
C ILE HB 44 -34.90 -39.85 6.49
N SER HB 45 -35.09 -39.00 5.49
CA SER HB 45 -34.20 -38.96 4.35
C SER HB 45 -32.77 -38.65 4.79
N SER HB 46 -32.61 -37.70 5.71
CA SER HB 46 -31.30 -37.26 6.16
C SER HB 46 -30.60 -38.38 6.95
N ASN HB 47 -31.38 -39.15 7.74
CA ASN HB 47 -30.81 -40.13 8.64
C ASN HB 47 -30.95 -41.55 8.09
N ALA HB 48 -31.23 -41.68 6.80
CA ALA HB 48 -31.58 -42.98 6.24
C ALA HB 48 -30.44 -43.97 6.40
N THR HB 49 -29.21 -43.56 6.04
CA THR HB 49 -28.07 -44.44 6.12
C THR HB 49 -27.90 -44.95 7.55
N THR HB 50 -27.99 -44.05 8.53
CA THR HB 50 -27.82 -44.40 9.94
C THR HB 50 -28.95 -45.33 10.38
N ILE HB 51 -30.17 -45.04 9.95
CA ILE HB 51 -31.31 -45.85 10.37
C ILE HB 51 -31.03 -47.31 9.99
N ILE HB 52 -30.56 -47.49 8.76
CA ILE HB 52 -30.31 -48.83 8.25
C ILE HB 52 -29.18 -49.47 9.07
N LYS HB 53 -28.12 -48.70 9.32
CA LYS HB 53 -26.98 -49.17 10.09
C LYS HB 53 -27.43 -49.67 11.46
N GLU HB 54 -28.20 -48.85 12.17
CA GLU HB 54 -28.64 -49.19 13.51
C GLU HB 54 -29.49 -50.46 13.48
N ALA HB 55 -30.41 -50.53 12.52
CA ALA HB 55 -31.31 -51.66 12.45
C ALA HB 55 -30.52 -52.95 12.16
N ALA HB 56 -29.54 -52.86 11.27
CA ALA HB 56 -28.72 -53.99 10.93
C ALA HB 56 -27.97 -54.48 12.16
N ALA HB 57 -27.42 -53.52 12.90
CA ALA HB 57 -26.68 -53.80 14.13
C ALA HB 57 -27.58 -54.53 15.12
N LYS HB 58 -28.83 -54.10 15.23
CA LYS HB 58 -29.79 -54.71 16.15
C LYS HB 58 -30.10 -56.16 15.74
N ALA HB 59 -30.25 -56.46 14.45
CA ALA HB 59 -30.73 -57.78 14.04
C ALA HB 59 -29.75 -58.56 13.13
N LEU HB 60 -29.33 -57.94 12.05
CA LEU HB 60 -28.69 -58.65 10.95
C LEU HB 60 -27.25 -59.04 11.29
N ILE HB 61 -26.43 -58.10 11.79
CA ILE HB 61 -25.02 -58.39 11.93
C ILE HB 61 -24.77 -59.19 13.22
N TYR HB 62 -23.52 -59.64 13.40
CA TYR HB 62 -23.10 -60.44 14.54
C TYR HB 62 -23.99 -61.68 14.67
N SER HB 63 -24.38 -62.25 13.53
CA SER HB 63 -25.39 -63.31 13.51
C SER HB 63 -24.90 -64.40 12.58
N ASP HB 64 -25.61 -65.54 12.61
CA ASP HB 64 -25.33 -66.62 11.70
C ASP HB 64 -25.45 -66.17 10.25
N LEU HB 65 -26.39 -65.27 9.95
CA LEU HB 65 -26.62 -64.82 8.59
C LEU HB 65 -25.32 -64.29 7.99
N THR HB 66 -24.63 -63.43 8.76
CA THR HB 66 -23.40 -62.85 8.25
C THR HB 66 -22.29 -63.88 8.24
N ARG HB 67 -22.35 -64.90 9.11
CA ARG HB 67 -21.29 -65.91 9.18
C ARG HB 67 -21.37 -66.80 7.94
N PRO HB 68 -20.27 -67.46 7.52
CA PRO HB 68 -20.27 -68.28 6.31
C PRO HB 68 -21.34 -69.36 6.35
N GLY HB 69 -22.04 -69.53 5.22
CA GLY HB 69 -23.17 -70.43 5.13
C GLY HB 69 -24.49 -69.74 5.47
N GLY HB 70 -24.44 -68.45 5.84
CA GLY HB 70 -25.62 -67.68 6.15
C GLY HB 70 -26.11 -66.91 4.92
N MET HB 72 -26.77 -63.85 4.36
CA MET HB 72 -26.18 -62.55 4.11
C MET HB 72 -24.65 -62.63 4.05
N TYR HB 73 -24.12 -63.85 4.03
CA TYR HB 73 -22.69 -64.07 3.84
C TYR HB 73 -22.29 -63.74 2.40
N THR HB 74 -21.05 -63.26 2.21
CA THR HB 74 -20.47 -62.75 0.96
C THR HB 74 -20.86 -61.29 0.79
N THR HB 75 -19.99 -60.50 0.16
CA THR HB 75 -20.26 -59.08 0.04
C THR HB 75 -21.52 -58.85 -0.78
N ARG HB 76 -21.69 -59.61 -1.85
CA ARG HB 76 -22.80 -59.42 -2.76
C ARG HB 76 -24.13 -59.54 -2.02
N ARG HB 77 -24.27 -60.63 -1.24
CA ARG HB 77 -25.48 -60.83 -0.48
C ARG HB 77 -25.65 -59.77 0.60
N TYR HB 78 -24.58 -59.37 1.27
CA TYR HB 78 -24.67 -58.35 2.30
C TYR HB 78 -25.23 -57.08 1.68
N ALA HB 79 -24.67 -56.70 0.53
CA ALA HB 79 -25.09 -55.49 -0.14
C ALA HB 79 -26.57 -55.56 -0.55
N ALA HB 80 -27.00 -56.73 -1.03
CA ALA HB 80 -28.38 -56.94 -1.41
C ALA HB 80 -29.31 -56.73 -0.21
N CYS HB 81 -28.95 -57.28 0.94
CA CYS HB 81 -29.81 -57.18 2.10
C CYS HB 81 -29.97 -55.72 2.52
N ILE HB 82 -28.88 -54.94 2.51
CA ILE HB 82 -29.00 -53.56 2.94
C ILE HB 82 -29.77 -52.77 1.88
N ARG HB 83 -29.66 -53.15 0.60
CA ARG HB 83 -30.44 -52.51 -0.45
C ARG HB 83 -31.92 -52.76 -0.21
N ASP HB 84 -32.29 -53.97 0.16
CA ASP HB 84 -33.69 -54.27 0.44
C ASP HB 84 -34.18 -53.40 1.60
N MET HB 85 -33.34 -53.24 2.62
CA MET HB 85 -33.72 -52.48 3.79
C MET HB 85 -34.03 -51.04 3.38
N ASP HB 86 -33.17 -50.49 2.53
CA ASP HB 86 -33.35 -49.14 2.03
C ASP HB 86 -34.66 -49.01 1.27
N TYR HB 87 -34.99 -50.01 0.44
CA TYR HB 87 -36.26 -49.99 -0.29
C TYR HB 87 -37.40 -49.84 0.69
N PHE HB 88 -37.43 -50.69 1.72
CA PHE HB 88 -38.53 -50.67 2.65
C PHE HB 88 -38.65 -49.28 3.26
N LEU HB 89 -37.51 -48.69 3.63
CA LEU HB 89 -37.53 -47.39 4.26
C LEU HB 89 -38.09 -46.33 3.30
N ARG HB 90 -37.61 -46.31 2.06
CA ARG HB 90 -38.01 -45.31 1.10
C ARG HB 90 -39.50 -45.40 0.81
N TYR HB 91 -40.02 -46.63 0.67
CA TYR HB 91 -41.42 -46.81 0.32
C TYR HB 91 -42.28 -46.43 1.51
N ALA HB 92 -41.85 -46.77 2.72
CA ALA HB 92 -42.62 -46.39 3.89
C ALA HB 92 -42.72 -44.87 3.97
N THR HB 93 -41.62 -44.17 3.68
CA THR HB 93 -41.64 -42.72 3.66
C THR HB 93 -42.64 -42.21 2.63
N TYR HB 94 -42.65 -42.81 1.44
CA TYR HB 94 -43.58 -42.43 0.40
C TYR HB 94 -45.01 -42.62 0.90
N ALA HB 95 -45.26 -43.77 1.54
CA ALA HB 95 -46.61 -44.08 2.02
C ALA HB 95 -47.03 -43.06 3.07
N MET HB 96 -46.11 -42.66 3.94
CA MET HB 96 -46.42 -41.74 5.01
C MET HB 96 -46.85 -40.40 4.43
N LEU HB 97 -46.12 -39.89 3.43
CA LEU HB 97 -46.51 -38.66 2.77
C LEU HB 97 -47.89 -38.85 2.14
N ALA HB 98 -48.09 -39.96 1.44
CA ALA HB 98 -49.32 -40.19 0.71
C ALA HB 98 -50.51 -40.29 1.68
N GLY HB 99 -50.28 -40.90 2.83
CA GLY HB 99 -51.36 -41.16 3.77
C GLY HB 99 -52.13 -42.41 3.39
N ASP HB 100 -51.61 -43.22 2.45
CA ASP HB 100 -52.30 -44.41 2.02
C ASP HB 100 -51.33 -45.59 1.98
N PRO HB 101 -51.75 -46.79 2.41
CA PRO HB 101 -50.91 -47.98 2.32
C PRO HB 101 -50.84 -48.66 0.95
N SER HB 102 -51.62 -48.18 -0.02
CA SER HB 102 -51.79 -48.85 -1.30
C SER HB 102 -50.46 -48.98 -2.05
N ILE HB 103 -49.65 -47.92 -2.05
CA ILE HB 103 -48.40 -47.96 -2.80
C ILE HB 103 -47.55 -49.14 -2.32
N LEU HB 104 -47.56 -49.41 -1.01
CA LEU HB 104 -46.79 -50.51 -0.48
C LEU HB 104 -47.28 -51.81 -1.12
N ASP HB 105 -48.61 -52.00 -1.20
CA ASP HB 105 -49.16 -53.19 -1.79
C ASP HB 105 -48.79 -53.31 -3.27
N GLU HB 106 -48.88 -52.20 -4.01
CA GLU HB 106 -48.69 -52.24 -5.45
C GLU HB 106 -47.24 -52.52 -5.81
N ARG HB 107 -46.26 -51.92 -5.08
CA ARG HB 107 -44.87 -52.06 -5.46
C ARG HB 107 -44.15 -53.08 -4.57
N VAL HB 108 -44.12 -52.85 -3.26
CA VAL HB 108 -43.26 -53.65 -2.42
C VAL HB 108 -43.89 -55.01 -2.16
N LEU HB 109 -45.16 -55.01 -1.72
CA LEU HB 109 -45.68 -56.19 -1.09
C LEU HB 109 -46.00 -57.29 -2.10
N ASN HB 110 -46.31 -56.91 -3.34
CA ASN HB 110 -46.84 -57.88 -4.29
C ASN HB 110 -45.74 -58.76 -4.87
N GLY HB 111 -45.82 -60.08 -4.65
CA GLY HB 111 -44.82 -60.98 -5.20
C GLY HB 111 -43.55 -61.08 -4.36
N LEU HB 112 -43.47 -60.35 -3.21
CA LEU HB 112 -42.22 -60.37 -2.47
C LEU HB 112 -42.01 -61.75 -1.84
N LYS HB 113 -43.09 -62.31 -1.26
CA LYS HB 113 -42.99 -63.58 -0.56
C LYS HB 113 -42.45 -64.64 -1.49
N GLU HB 114 -43.02 -64.69 -2.70
CA GLU HB 114 -42.64 -65.69 -3.70
C GLU HB 114 -41.19 -65.50 -4.11
N THR HB 115 -40.78 -64.25 -4.35
CA THR HB 115 -39.41 -63.94 -4.71
C THR HB 115 -38.47 -64.45 -3.63
N TYR HB 116 -38.80 -64.13 -2.38
CA TYR HB 116 -37.95 -64.47 -1.26
C TYR HB 116 -37.84 -65.98 -1.14
N ASN HB 117 -38.95 -66.69 -1.32
CA ASN HB 117 -38.93 -68.14 -1.19
C ASN HB 117 -38.03 -68.77 -2.25
N SER HB 118 -38.12 -68.30 -3.49
CA SER HB 118 -37.23 -68.81 -4.53
C SER HB 118 -35.78 -68.49 -4.17
N LEU HB 119 -35.53 -67.27 -3.70
CA LEU HB 119 -34.16 -66.87 -3.38
C LEU HB 119 -33.63 -67.65 -2.18
N GLY HB 120 -34.53 -68.02 -1.26
CA GLY HB 120 -34.13 -68.62 0.00
C GLY HB 120 -33.79 -67.59 1.06
N VAL HB 121 -34.10 -66.31 0.79
CA VAL HB 121 -34.00 -65.27 1.80
C VAL HB 121 -34.95 -65.59 2.94
N PRO HB 122 -34.55 -65.47 4.23
CA PRO HB 122 -35.45 -65.72 5.36
C PRO HB 122 -36.40 -64.56 5.67
N ILE HB 123 -37.71 -64.83 5.57
CA ILE HB 123 -38.70 -63.79 5.70
C ILE HB 123 -38.73 -63.25 7.12
N ALA HB 124 -38.68 -64.14 8.10
CA ALA HB 124 -38.80 -63.72 9.49
C ALA HB 124 -37.68 -62.75 9.88
N ALA HB 125 -36.45 -63.04 9.44
CA ALA HB 125 -35.33 -62.14 9.70
C ALA HB 125 -35.57 -60.77 9.06
N THR HB 126 -36.11 -60.77 7.84
CA THR HB 126 -36.37 -59.54 7.11
C THR HB 126 -37.40 -58.73 7.90
N VAL HB 127 -38.44 -59.42 8.37
CA VAL HB 127 -39.50 -58.78 9.12
C VAL HB 127 -38.89 -58.14 10.38
N GLY HB 128 -38.03 -58.91 11.05
CA GLY HB 128 -37.30 -58.42 12.22
C GLY HB 128 -36.56 -57.11 11.95
N GLY HB 129 -35.87 -57.06 10.81
CA GLY HB 129 -35.15 -55.87 10.36
C GLY HB 129 -36.09 -54.68 10.15
N ILE HB 130 -37.28 -54.93 9.57
CA ILE HB 130 -38.23 -53.88 9.31
C ILE HB 130 -38.69 -53.30 10.65
N GLN HB 131 -38.98 -54.19 11.61
CA GLN HB 131 -39.41 -53.77 12.93
C GLN HB 131 -38.34 -52.95 13.62
N ALA HB 132 -37.09 -53.39 13.48
CA ALA HB 132 -35.97 -52.65 14.03
C ALA HB 132 -35.89 -51.25 13.43
N MET HB 133 -36.06 -51.14 12.11
CA MET HB 133 -35.98 -49.84 11.47
C MET HB 133 -37.09 -48.95 12.04
N LYS HB 134 -38.27 -49.53 12.28
CA LYS HB 134 -39.40 -48.78 12.77
C LYS HB 134 -39.05 -48.13 14.10
N GLU HB 135 -38.44 -48.92 15.00
CA GLU HB 135 -38.08 -48.44 16.32
C GLU HB 135 -37.11 -47.25 16.22
N VAL HB 136 -36.06 -47.40 15.39
CA VAL HB 136 -35.10 -46.33 15.19
C VAL HB 136 -35.80 -45.10 14.62
N VAL HB 137 -36.67 -45.31 13.63
CA VAL HB 137 -37.34 -44.22 12.94
C VAL HB 137 -38.19 -43.46 13.95
N GLY HB 138 -38.89 -44.22 14.81
CA GLY HB 138 -39.81 -43.64 15.79
C GLY HB 138 -39.10 -42.58 16.64
N GLY HB 139 -37.90 -42.91 17.13
CA GLY HB 139 -37.09 -42.00 17.89
C GLY HB 139 -36.82 -40.69 17.14
N LEU HB 140 -36.31 -40.80 15.91
CA LEU HB 140 -35.86 -39.63 15.16
C LEU HB 140 -37.04 -38.72 14.82
N VAL HB 141 -38.17 -39.32 14.40
CA VAL HB 141 -39.27 -38.54 13.89
C VAL HB 141 -39.93 -37.79 15.03
N GLY HB 142 -39.95 -38.40 16.22
CA GLY HB 142 -40.66 -37.86 17.37
C GLY HB 142 -42.07 -38.43 17.46
N PRO HB 143 -42.77 -38.30 18.61
CA PRO HB 143 -44.00 -39.05 18.89
C PRO HB 143 -45.19 -38.89 17.95
N ASP HB 144 -45.54 -37.64 17.61
CA ASP HB 144 -46.68 -37.38 16.73
C ASP HB 144 -46.45 -38.06 15.38
N ALA HB 145 -45.24 -37.87 14.84
CA ALA HB 145 -44.88 -38.44 13.55
C ALA HB 145 -44.77 -39.96 13.66
N ALA HB 146 -44.30 -40.46 14.82
CA ALA HB 146 -44.03 -41.88 14.99
C ALA HB 146 -45.28 -42.71 14.77
N LYS HB 147 -46.44 -42.26 15.28
CA LYS HB 147 -47.65 -43.06 15.16
C LYS HB 147 -47.95 -43.29 13.67
N GLU HB 148 -47.87 -42.19 12.90
CA GLU HB 148 -48.14 -42.25 11.46
C GLU HB 148 -47.10 -43.16 10.77
N ALA HB 149 -45.83 -42.97 11.11
CA ALA HB 149 -44.76 -43.76 10.53
C ALA HB 149 -44.93 -45.25 10.84
N SER HB 150 -45.32 -45.55 12.06
CA SER HB 150 -45.37 -46.94 12.55
C SER HB 150 -46.34 -47.77 11.73
N ILE HB 151 -47.50 -47.18 11.34
CA ILE HB 151 -48.53 -47.98 10.71
C ILE HB 151 -48.02 -48.55 9.39
N TYR HB 152 -47.25 -47.75 8.63
CA TYR HB 152 -46.76 -48.20 7.33
C TYR HB 152 -45.71 -49.29 7.52
N PHE HB 153 -44.83 -49.12 8.52
CA PHE HB 153 -43.85 -50.14 8.82
C PHE HB 153 -44.54 -51.46 9.20
N ASP HB 154 -45.59 -51.35 10.02
CA ASP HB 154 -46.31 -52.53 10.44
C ASP HB 154 -47.01 -53.20 9.25
N TYR HB 155 -47.50 -52.38 8.32
CA TYR HB 155 -48.17 -52.88 7.14
C TYR HB 155 -47.21 -53.72 6.31
N LEU HB 156 -45.99 -53.21 6.12
CA LEU HB 156 -44.97 -53.94 5.38
C LEU HB 156 -44.70 -55.27 6.08
N SER HB 157 -44.56 -55.22 7.40
CA SER HB 157 -44.19 -56.40 8.18
C SER HB 157 -45.28 -57.47 8.03
N SER HB 158 -46.55 -57.05 8.15
CA SER HB 158 -47.66 -57.98 8.05
C SER HB 158 -47.73 -58.62 6.67
N GLY HB 159 -47.47 -57.82 5.62
CA GLY HB 159 -47.49 -58.32 4.26
C GLY HB 159 -46.44 -59.41 4.04
N LEU HB 160 -45.22 -59.13 4.52
CA LEU HB 160 -44.07 -60.01 4.34
C LEU HB 160 -44.31 -61.29 5.15
N SER IB 2 -23.03 25.14 -16.25
CA SER IB 2 -23.90 25.15 -17.46
C SER IB 2 -24.29 26.59 -17.81
N VAL IB 3 -24.87 26.80 -18.99
CA VAL IB 3 -25.39 28.07 -19.44
C VAL IB 3 -26.32 28.64 -18.38
N LEU IB 4 -27.19 27.80 -17.80
CA LEU IB 4 -28.15 28.31 -16.86
C LEU IB 4 -27.44 28.86 -15.62
N THR IB 5 -26.46 28.09 -15.12
CA THR IB 5 -25.70 28.49 -13.96
C THR IB 5 -25.06 29.84 -14.20
N LYS IB 6 -24.45 29.99 -15.38
CA LYS IB 6 -23.75 31.22 -15.71
C LYS IB 6 -24.73 32.40 -15.64
N ALA IB 7 -25.92 32.25 -16.23
CA ALA IB 7 -26.89 33.32 -16.25
C ALA IB 7 -27.34 33.71 -14.85
N ILE IB 8 -27.62 32.71 -14.03
CA ILE IB 8 -28.07 32.94 -12.66
C ILE IB 8 -26.99 33.70 -11.90
N VAL IB 9 -25.75 33.28 -12.05
CA VAL IB 9 -24.65 33.88 -11.33
C VAL IB 9 -24.53 35.36 -11.68
N ASN IB 10 -24.67 35.72 -12.96
CA ASN IB 10 -24.55 37.10 -13.36
C ASN IB 10 -25.68 37.91 -12.73
N ALA IB 11 -26.89 37.34 -12.74
CA ALA IB 11 -28.04 38.01 -12.18
C ALA IB 11 -27.84 38.25 -10.68
N ASP IB 12 -27.34 37.24 -9.97
CA ASP IB 12 -27.18 37.36 -8.53
C ASP IB 12 -26.17 38.45 -8.18
N ALA IB 13 -25.09 38.55 -8.97
CA ALA IB 13 -24.10 39.60 -8.76
C ALA IB 13 -24.76 40.97 -8.91
N GLU IB 14 -25.59 41.11 -9.94
CA GLU IB 14 -26.31 42.35 -10.18
C GLU IB 14 -27.47 42.51 -9.20
N ALA IB 15 -27.85 41.43 -8.52
CA ALA IB 15 -28.94 41.45 -7.56
C ALA IB 15 -30.27 41.76 -8.25
N ARG IB 16 -30.45 41.22 -9.47
CA ARG IB 16 -31.63 41.45 -10.27
C ARG IB 16 -32.22 40.13 -10.73
N TYR IB 17 -33.48 40.13 -11.14
CA TYR IB 17 -34.12 38.99 -11.79
C TYR IB 17 -33.48 38.78 -13.18
N LEU IB 18 -33.59 37.58 -13.72
CA LEU IB 18 -32.98 37.28 -15.01
C LEU IB 18 -33.57 38.18 -16.10
N SER IB 19 -32.66 38.72 -16.91
CA SER IB 19 -33.01 39.61 -18.01
C SER IB 19 -33.68 38.78 -19.10
N PRO IB 20 -34.54 39.41 -19.95
CA PRO IB 20 -35.18 38.71 -21.06
C PRO IB 20 -34.16 38.06 -21.99
N GLY IB 21 -33.08 38.78 -22.30
CA GLY IB 21 -32.01 38.26 -23.11
C GLY IB 21 -31.41 36.97 -22.54
N GLU IB 22 -31.14 37.00 -21.24
CA GLU IB 22 -30.64 35.83 -20.53
C GLU IB 22 -31.64 34.69 -20.61
N LEU IB 23 -32.92 35.02 -20.43
CA LEU IB 23 -33.99 34.03 -20.51
C LEU IB 23 -34.04 33.41 -21.90
N ASP IB 24 -33.83 34.22 -22.93
CA ASP IB 24 -33.87 33.76 -24.32
C ASP IB 24 -32.76 32.72 -24.55
N ARG IB 25 -31.57 33.00 -24.01
CA ARG IB 25 -30.46 32.09 -24.16
C ARG IB 25 -30.80 30.74 -23.51
N ILE IB 26 -31.50 30.79 -22.37
CA ILE IB 26 -31.89 29.57 -21.68
C ILE IB 26 -32.84 28.78 -22.58
N LYS IB 27 -33.78 29.48 -23.22
CA LYS IB 27 -34.74 28.83 -24.09
C LYS IB 27 -34.03 28.13 -25.23
N SER IB 28 -33.03 28.81 -25.83
CA SER IB 28 -32.31 28.24 -26.95
C SER IB 28 -31.61 26.96 -26.50
N PHE IB 29 -31.01 27.03 -25.30
CA PHE IB 29 -30.23 25.91 -24.78
C PHE IB 29 -31.11 24.68 -24.56
N VAL IB 30 -32.34 24.88 -24.04
CA VAL IB 30 -33.18 23.73 -23.73
C VAL IB 30 -33.59 23.05 -25.02
N ALA IB 31 -33.83 23.83 -26.09
CA ALA IB 31 -34.14 23.27 -27.40
C ALA IB 31 -32.95 22.48 -27.93
N SER IB 32 -31.73 23.02 -27.77
CA SER IB 32 -30.53 22.38 -28.28
C SER IB 32 -30.25 21.06 -27.55
N GLY IB 33 -30.65 20.98 -26.28
CA GLY IB 33 -30.18 19.94 -25.36
C GLY IB 33 -30.42 18.54 -25.88
N GLU IB 34 -31.62 18.28 -26.43
CA GLU IB 34 -31.97 16.95 -26.90
C GLU IB 34 -31.00 16.47 -27.97
N ARG IB 35 -30.68 17.35 -28.95
CA ARG IB 35 -29.68 17.04 -29.94
C ARG IB 35 -28.34 16.76 -29.26
N ARG IB 36 -27.98 17.61 -28.28
CA ARG IB 36 -26.70 17.47 -27.60
C ARG IB 36 -26.64 16.11 -26.90
N LEU IB 37 -27.75 15.68 -26.29
CA LEU IB 37 -27.76 14.43 -25.55
C LEU IB 37 -27.42 13.28 -26.46
N ARG IB 38 -27.98 13.28 -27.68
CA ARG IB 38 -27.71 12.22 -28.64
C ARG IB 38 -26.23 12.20 -29.00
N ILE IB 39 -25.62 13.37 -29.24
CA ILE IB 39 -24.22 13.44 -29.61
C ILE IB 39 -23.38 12.81 -28.49
N ALA IB 40 -23.70 13.16 -27.24
CA ALA IB 40 -22.97 12.64 -26.10
C ALA IB 40 -23.14 11.13 -26.01
N GLN IB 41 -24.36 10.66 -26.25
CA GLN IB 41 -24.66 9.23 -26.14
C GLN IB 41 -23.82 8.46 -27.14
N THR IB 42 -23.71 8.99 -28.37
CA THR IB 42 -22.95 8.32 -29.42
C THR IB 42 -21.52 8.09 -28.96
N LEU IB 43 -20.87 9.14 -28.44
CA LEU IB 43 -19.48 9.07 -28.04
C LEU IB 43 -19.32 8.10 -26.87
N THR IB 44 -20.28 8.08 -25.95
CA THR IB 44 -20.20 7.18 -24.80
C THR IB 44 -20.17 5.74 -25.28
N GLU IB 45 -21.01 5.40 -26.25
CA GLU IB 45 -21.09 4.02 -26.73
C GLU IB 45 -19.80 3.63 -27.41
N ALA IB 46 -19.21 4.57 -28.16
CA ALA IB 46 -17.99 4.31 -28.92
C ALA IB 46 -16.77 4.61 -28.08
N ARG IB 47 -16.94 4.83 -26.78
CA ARG IB 47 -15.86 5.33 -25.94
C ARG IB 47 -14.66 4.39 -26.02
N GLU IB 48 -14.89 3.12 -25.73
CA GLU IB 48 -13.83 2.10 -25.66
C GLU IB 48 -12.98 2.09 -26.93
N ARG IB 49 -13.63 2.10 -28.09
CA ARG IB 49 -12.94 2.07 -29.37
C ARG IB 49 -12.20 3.40 -29.62
N ILE IB 50 -12.82 4.53 -29.25
CA ILE IB 50 -12.19 5.82 -29.49
C ILE IB 50 -10.85 5.85 -28.76
N VAL IB 51 -10.86 5.44 -27.49
CA VAL IB 51 -9.66 5.48 -26.68
C VAL IB 51 -8.60 4.60 -27.31
N LYS IB 52 -8.99 3.37 -27.67
CA LYS IB 52 -8.04 2.40 -28.21
C LYS IB 52 -7.40 2.95 -29.48
N GLN IB 53 -8.23 3.42 -30.43
CA GLN IB 53 -7.73 3.91 -31.69
C GLN IB 53 -6.81 5.10 -31.49
N ALA IB 54 -7.22 6.04 -30.62
CA ALA IB 54 -6.45 7.24 -30.39
C ALA IB 54 -5.09 6.89 -29.80
N GLY IB 55 -5.10 5.96 -28.84
CA GLY IB 55 -3.86 5.51 -28.21
C GLY IB 55 -2.85 5.04 -29.23
N ASP IB 56 -3.29 4.16 -30.14
CA ASP IB 56 -2.44 3.58 -31.17
C ASP IB 56 -1.86 4.70 -32.03
N GLN IB 57 -2.71 5.64 -32.44
CA GLN IB 57 -2.27 6.75 -33.27
C GLN IB 57 -1.19 7.54 -32.53
N LEU IB 58 -1.45 7.82 -31.24
CA LEU IB 58 -0.53 8.60 -30.44
C LEU IB 58 0.82 7.90 -30.37
N PHE IB 59 0.79 6.59 -30.11
CA PHE IB 59 2.02 5.83 -29.94
C PHE IB 59 2.79 5.78 -31.25
N GLN IB 60 2.08 5.71 -32.38
CA GLN IB 60 2.73 5.77 -33.68
C GLN IB 60 3.36 7.16 -33.85
N LYS IB 61 2.62 8.22 -33.50
CA LYS IB 61 3.10 9.58 -33.65
C LYS IB 61 4.32 9.82 -32.76
N ARG IB 62 4.28 9.29 -31.53
CA ARG IB 62 5.35 9.45 -30.56
C ARG IB 62 5.86 8.09 -30.09
N PRO IB 63 6.84 7.50 -30.78
CA PRO IB 63 7.39 6.21 -30.34
C PRO IB 63 8.01 6.31 -28.96
N ASP IB 64 8.61 7.49 -28.69
CA ASP IB 64 9.46 7.72 -27.53
C ASP IB 64 8.67 7.50 -26.25
N VAL IB 65 7.40 7.98 -26.19
CA VAL IB 65 6.69 7.95 -24.93
C VAL IB 65 6.58 6.51 -24.45
N VAL IB 66 6.29 5.56 -25.35
CA VAL IB 66 6.28 4.14 -25.01
C VAL IB 66 7.63 3.56 -25.43
N SER IB 67 8.69 3.98 -24.76
CA SER IB 67 10.04 3.46 -24.95
C SER IB 67 10.69 3.43 -23.57
N PRO IB 68 11.77 2.65 -23.35
CA PRO IB 68 12.27 2.44 -21.99
C PRO IB 68 12.54 3.75 -21.24
N GLY IB 69 13.08 4.73 -21.97
CA GLY IB 69 13.24 6.07 -21.40
C GLY IB 69 11.90 6.73 -21.06
N GLY IB 70 10.92 6.57 -21.96
CA GLY IB 70 9.66 7.31 -21.92
C GLY IB 70 8.78 6.96 -20.72
N ASN IB 71 7.91 7.91 -20.37
CA ASN IB 71 7.05 7.85 -19.20
C ASN IB 71 6.02 6.74 -19.37
N ALA IB 72 5.49 6.63 -20.60
CA ALA IB 72 4.38 5.75 -20.89
C ALA IB 72 4.83 4.29 -20.88
N TYR IB 73 6.12 4.02 -20.98
CA TYR IB 73 6.63 2.68 -21.19
C TYR IB 73 6.30 1.74 -20.03
N GLY IB 74 5.97 0.49 -20.39
CA GLY IB 74 5.52 -0.54 -19.49
C GLY IB 74 4.01 -0.63 -19.52
N GLU IB 75 3.46 -1.83 -19.18
CA GLU IB 75 2.03 -2.05 -19.22
C GLU IB 75 1.32 -1.13 -18.22
N LYS IB 76 1.81 -1.06 -16.99
CA LYS IB 76 1.18 -0.25 -15.96
C LYS IB 76 1.07 1.18 -16.48
N MET IB 77 2.20 1.72 -16.95
CA MET IB 77 2.26 3.08 -17.40
C MET IB 77 1.38 3.31 -18.62
N THR IB 78 1.38 2.35 -19.55
CA THR IB 78 0.59 2.52 -20.76
C THR IB 78 -0.89 2.56 -20.40
N ALA IB 79 -1.30 1.72 -19.45
CA ALA IB 79 -2.69 1.73 -18.99
C ALA IB 79 -3.05 3.12 -18.44
N LEU IB 80 -2.17 3.68 -17.61
CA LEU IB 80 -2.40 4.99 -17.02
C LEU IB 80 -2.55 6.05 -18.09
N CYS IB 81 -1.71 5.98 -19.13
CA CYS IB 81 -1.80 6.93 -20.23
C CYS IB 81 -3.16 6.81 -20.92
N LEU IB 82 -3.63 5.59 -21.10
CA LEU IB 82 -4.93 5.37 -21.73
C LEU IB 82 -6.04 5.82 -20.80
N ARG IB 83 -5.89 5.58 -19.51
CA ARG IB 83 -6.87 6.03 -18.51
C ARG IB 83 -7.01 7.54 -18.61
N ASP IB 84 -5.89 8.25 -18.76
CA ASP IB 84 -5.94 9.70 -18.88
C ASP IB 84 -6.75 10.11 -20.10
N LEU IB 85 -6.52 9.41 -21.22
CA LEU IB 85 -7.27 9.71 -22.43
C LEU IB 85 -8.75 9.48 -22.20
N ASP IB 86 -9.08 8.41 -21.51
CA ASP IB 86 -10.47 8.08 -21.20
C ASP IB 86 -11.08 9.20 -20.36
N TYR IB 87 -10.35 9.69 -19.35
CA TYR IB 87 -10.81 10.79 -18.51
C TYR IB 87 -11.18 12.00 -19.35
N TYR IB 88 -10.30 12.36 -20.28
CA TYR IB 88 -10.55 13.54 -21.09
C TYR IB 88 -11.78 13.32 -21.96
N LEU IB 89 -12.00 12.11 -22.45
CA LEU IB 89 -13.16 11.84 -23.27
C LEU IB 89 -14.43 12.02 -22.44
N ARG IB 90 -14.43 11.50 -21.22
CA ARG IB 90 -15.57 11.63 -20.34
C ARG IB 90 -15.87 13.10 -20.10
N LEU IB 91 -14.83 13.90 -19.89
CA LEU IB 91 -14.99 15.34 -19.69
C LEU IB 91 -15.62 15.95 -20.93
N VAL IB 92 -15.20 15.57 -22.11
CA VAL IB 92 -15.75 16.14 -23.33
C VAL IB 92 -17.24 15.86 -23.41
N THR IB 93 -17.67 14.63 -23.09
CA THR IB 93 -19.08 14.31 -23.15
C THR IB 93 -19.85 15.22 -22.19
N TYR IB 94 -19.32 15.41 -20.98
CA TYR IB 94 -19.94 16.28 -19.99
C TYR IB 94 -20.11 17.68 -20.56
N GLY IB 95 -19.08 18.16 -21.25
CA GLY IB 95 -19.10 19.48 -21.87
C GLY IB 95 -20.24 19.63 -22.87
N ILE IB 96 -20.42 18.63 -23.72
CA ILE IB 96 -21.41 18.70 -24.78
C ILE IB 96 -22.80 18.86 -24.15
N VAL IB 97 -23.11 18.07 -23.12
CA VAL IB 97 -24.42 18.14 -22.51
C VAL IB 97 -24.58 19.50 -21.81
N ALA IB 98 -23.52 20.00 -21.18
CA ALA IB 98 -23.56 21.27 -20.47
C ALA IB 98 -23.72 22.44 -21.45
N GLY IB 99 -23.12 22.30 -22.63
CA GLY IB 99 -23.16 23.38 -23.60
C GLY IB 99 -22.08 24.43 -23.31
N ASP IB 100 -21.18 24.13 -22.37
CA ASP IB 100 -20.08 25.05 -22.09
C ASP IB 100 -18.85 24.25 -21.67
N VAL IB 101 -17.68 24.88 -21.71
CA VAL IB 101 -16.45 24.20 -21.40
C VAL IB 101 -16.19 24.22 -19.88
N THR IB 102 -16.97 24.99 -19.14
CA THR IB 102 -16.75 25.16 -17.72
C THR IB 102 -16.62 23.81 -17.02
N PRO IB 103 -17.55 22.85 -17.18
CA PRO IB 103 -17.43 21.56 -16.51
C PRO IB 103 -16.09 20.90 -16.83
N ILE IB 104 -15.73 20.91 -18.11
CA ILE IB 104 -14.46 20.37 -18.57
C ILE IB 104 -13.33 21.09 -17.86
N GLU IB 105 -13.42 22.42 -17.84
CA GLU IB 105 -12.32 23.28 -17.40
C GLU IB 105 -11.98 23.03 -15.94
N GLU IB 106 -13.00 22.96 -15.05
CA GLU IB 106 -12.72 22.80 -13.65
C GLU IB 106 -12.02 21.46 -13.38
N ILE IB 107 -12.51 20.38 -14.02
CA ILE IB 107 -12.00 19.06 -13.70
C ILE IB 107 -10.63 18.82 -14.33
N GLY IB 108 -10.37 19.37 -15.52
CA GLY IB 108 -9.24 18.92 -16.32
C GLY IB 108 -8.23 20.01 -16.69
N ILE IB 109 -8.61 21.28 -16.81
CA ILE IB 109 -7.69 22.21 -17.46
C ILE IB 109 -7.00 23.13 -16.45
N ILE IB 110 -7.44 23.19 -15.19
CA ILE IB 110 -6.80 24.13 -14.27
C ILE IB 110 -5.83 23.37 -13.39
N GLY IB 111 -4.57 23.79 -13.44
CA GLY IB 111 -3.49 23.12 -12.75
C GLY IB 111 -2.96 21.92 -13.51
N VAL IB 112 -3.44 21.71 -14.74
CA VAL IB 112 -3.06 20.54 -15.52
C VAL IB 112 -1.55 20.58 -15.78
N LYS IB 113 -1.03 21.76 -16.13
CA LYS IB 113 0.39 21.92 -16.41
C LYS IB 113 1.19 21.47 -15.21
N GLU IB 114 0.82 21.97 -14.05
CA GLU IB 114 1.53 21.70 -12.80
C GLU IB 114 1.53 20.21 -12.48
N MET IB 115 0.36 19.59 -12.62
CA MET IB 115 0.21 18.18 -12.31
C MET IB 115 1.13 17.37 -13.21
N TYR IB 116 1.07 17.63 -14.53
CA TYR IB 116 1.84 16.84 -15.46
C TYR IB 116 3.32 17.12 -15.28
N ASN IB 117 3.71 18.35 -14.95
CA ASN IB 117 5.12 18.65 -14.74
C ASN IB 117 5.66 17.86 -13.56
N SER IB 118 4.89 17.74 -12.48
CA SER IB 118 5.35 16.90 -11.37
C SER IB 118 5.48 15.47 -11.85
N LEU IB 119 4.51 14.98 -12.62
CA LEU IB 119 4.55 13.62 -13.12
C LEU IB 119 5.70 13.47 -14.11
N GLN IB 120 6.02 14.55 -14.82
CA GLN IB 120 7.07 14.60 -15.84
C GLN IB 120 6.52 14.11 -17.18
N THR IB 121 5.22 13.84 -17.25
CA THR IB 121 4.56 13.55 -18.52
C THR IB 121 4.72 14.73 -19.45
N PRO IB 122 5.07 14.54 -20.75
CA PRO IB 122 5.12 15.65 -21.71
C PRO IB 122 3.72 16.13 -22.10
N ILE IB 123 3.49 17.45 -21.96
CA ILE IB 123 2.19 18.02 -22.22
C ILE IB 123 1.86 17.91 -23.69
N PRO IB 124 2.79 18.19 -24.63
CA PRO IB 124 2.47 18.12 -26.06
C PRO IB 124 1.96 16.75 -26.51
N ALA IB 125 2.53 15.69 -25.96
CA ALA IB 125 2.10 14.33 -26.28
C ALA IB 125 0.63 14.14 -25.86
N VAL IB 126 0.28 14.65 -24.67
CA VAL IB 126 -1.07 14.55 -24.17
C VAL IB 126 -2.00 15.24 -25.15
N ALA IB 127 -1.58 16.42 -25.63
CA ALA IB 127 -2.37 17.19 -26.58
C ALA IB 127 -2.60 16.40 -27.86
N GLU IB 128 -1.56 15.70 -28.32
CA GLU IB 128 -1.65 14.91 -29.54
C GLU IB 128 -2.70 13.81 -29.35
N GLY IB 129 -2.68 13.16 -28.18
CA GLY IB 129 -3.64 12.13 -27.86
C GLY IB 129 -5.08 12.65 -27.96
N VAL IB 130 -5.30 13.86 -27.45
CA VAL IB 130 -6.62 14.46 -27.49
C VAL IB 130 -7.00 14.73 -28.94
N ARG IB 131 -6.03 15.23 -29.73
CA ARG IB 131 -6.28 15.47 -31.14
C ARG IB 131 -6.67 14.16 -31.83
N ALA IB 132 -5.93 13.10 -31.52
CA ALA IB 132 -6.21 11.79 -32.07
C ALA IB 132 -7.62 11.35 -31.74
N MET IB 133 -8.02 11.53 -30.48
CA MET IB 133 -9.36 11.14 -30.06
C MET IB 133 -10.40 11.92 -30.85
N LYS IB 134 -10.11 13.20 -31.11
CA LYS IB 134 -11.04 14.04 -31.85
C LYS IB 134 -11.30 13.44 -33.22
N ASN IB 135 -10.23 13.01 -33.90
CA ASN IB 135 -10.34 12.50 -35.27
C ASN IB 135 -11.21 11.26 -35.29
N VAL IB 136 -10.99 10.35 -34.34
CA VAL IB 136 -11.78 9.13 -34.24
C VAL IB 136 -13.24 9.51 -33.99
N ALA IB 137 -13.46 10.41 -33.02
CA ALA IB 137 -14.80 10.81 -32.64
C ALA IB 137 -15.53 11.46 -33.80
N THR IB 138 -14.82 12.29 -34.57
CA THR IB 138 -15.41 13.01 -35.69
C THR IB 138 -15.95 12.00 -36.71
N SER IB 139 -15.20 10.94 -36.98
CA SER IB 139 -15.59 9.96 -37.98
C SER IB 139 -16.94 9.32 -37.63
N LEU IB 140 -17.13 8.97 -36.35
CA LEU IB 140 -18.34 8.31 -35.91
C LEU IB 140 -19.51 9.30 -35.93
N LEU IB 141 -19.23 10.57 -35.64
CA LEU IB 141 -20.29 11.55 -35.57
C LEU IB 141 -20.66 12.01 -36.98
N SER IB 142 -21.93 12.41 -37.14
CA SER IB 142 -22.35 13.09 -38.36
C SER IB 142 -21.73 14.49 -38.38
N GLY IB 143 -21.63 15.09 -39.59
CA GLY IB 143 -20.85 16.30 -39.82
C GLY IB 143 -21.18 17.46 -38.87
N ASP IB 144 -22.48 17.79 -38.76
CA ASP IB 144 -22.92 18.87 -37.89
C ASP IB 144 -22.65 18.49 -36.43
N ASP IB 145 -22.92 17.23 -36.07
CA ASP IB 145 -22.63 16.74 -34.72
C ASP IB 145 -21.13 16.83 -34.47
N ALA IB 146 -20.33 16.48 -35.47
CA ALA IB 146 -18.88 16.48 -35.36
C ALA IB 146 -18.37 17.89 -35.07
N ALA IB 147 -18.95 18.89 -35.74
CA ALA IB 147 -18.53 20.27 -35.55
C ALA IB 147 -18.73 20.69 -34.10
N GLU IB 148 -19.90 20.36 -33.54
CA GLU IB 148 -20.20 20.64 -32.14
C GLU IB 148 -19.16 19.98 -31.25
N ALA IB 149 -18.93 18.68 -31.47
CA ALA IB 149 -17.98 17.93 -30.67
C ALA IB 149 -16.58 18.50 -30.83
N GLY IB 150 -16.25 18.92 -32.06
CA GLY IB 150 -14.92 19.45 -32.36
C GLY IB 150 -14.57 20.62 -31.47
N PHE IB 151 -15.52 21.53 -31.24
CA PHE IB 151 -15.27 22.72 -30.46
C PHE IB 151 -14.72 22.34 -29.09
N TYR IB 152 -15.39 21.37 -28.44
CA TYR IB 152 -14.98 20.96 -27.11
C TYR IB 152 -13.58 20.31 -27.17
N PHE IB 153 -13.37 19.48 -28.19
CA PHE IB 153 -12.08 18.84 -28.36
C PHE IB 153 -10.99 19.87 -28.58
N ASP IB 154 -11.28 20.89 -29.40
CA ASP IB 154 -10.32 21.92 -29.72
C ASP IB 154 -9.94 22.69 -28.46
N TYR IB 155 -10.94 22.98 -27.61
CA TYR IB 155 -10.69 23.72 -26.38
C TYR IB 155 -9.65 22.98 -25.56
N LEU IB 156 -9.83 21.65 -25.40
CA LEU IB 156 -8.92 20.85 -24.62
C LEU IB 156 -7.50 21.00 -25.18
N VAL IB 157 -7.39 20.88 -26.50
CA VAL IB 157 -6.11 20.94 -27.16
C VAL IB 157 -5.49 22.32 -26.92
N GLY IB 158 -6.31 23.36 -27.01
CA GLY IB 158 -5.85 24.72 -26.75
C GLY IB 158 -5.37 24.89 -25.32
N ALA IB 159 -6.12 24.32 -24.36
CA ALA IB 159 -5.78 24.44 -22.95
C ALA IB 159 -4.41 23.83 -22.66
N MET IB 160 -4.16 22.64 -23.20
CA MET IB 160 -2.95 21.86 -22.99
C MET IB 160 -1.95 22.15 -24.09
N GLN IB 161 -0.82 22.83 -23.77
CA GLN IB 161 0.26 22.88 -24.75
C GLN IB 161 1.67 22.70 -24.13
N MET JB 1 -23.03 27.39 -6.87
CA MET JB 1 -24.32 26.65 -6.81
C MET JB 1 -24.27 25.55 -7.90
N GLN JB 2 -25.38 24.83 -8.02
CA GLN JB 2 -25.53 23.91 -9.09
C GLN JB 2 -26.90 24.01 -9.71
N ASP JB 3 -27.00 23.60 -11.01
CA ASP JB 3 -28.25 23.38 -11.67
C ASP JB 3 -28.46 21.91 -11.96
N ALA JB 4 -29.61 21.51 -12.42
CA ALA JB 4 -29.97 20.10 -12.57
C ALA JB 4 -28.99 19.43 -13.50
N ILE JB 5 -28.69 20.04 -14.65
CA ILE JB 5 -27.77 19.44 -15.60
C ILE JB 5 -26.42 19.21 -14.93
N THR JB 6 -25.90 20.25 -14.27
CA THR JB 6 -24.60 20.14 -13.65
C THR JB 6 -24.64 19.15 -12.48
N ALA JB 7 -25.74 19.08 -11.77
CA ALA JB 7 -25.87 18.18 -10.63
C ALA JB 7 -25.72 16.75 -11.08
N VAL JB 8 -26.35 16.39 -12.20
CA VAL JB 8 -26.23 15.03 -12.74
C VAL JB 8 -24.77 14.80 -13.10
N ILE JB 9 -24.17 15.75 -13.81
CA ILE JB 9 -22.80 15.62 -14.23
C ILE JB 9 -21.90 15.40 -13.01
N ASN JB 10 -22.12 16.18 -11.94
CA ASN JB 10 -21.22 16.14 -10.81
C ASN JB 10 -21.33 14.78 -10.14
N ASN JB 11 -22.56 14.26 -10.03
CA ASN JB 11 -22.76 12.98 -9.37
C ASN JB 11 -22.03 11.89 -10.13
N TYR JB 12 -22.08 11.95 -11.47
CA TYR JB 12 -21.39 10.98 -12.31
C TYR JB 12 -19.90 11.14 -12.19
N ASP JB 13 -19.42 12.38 -12.14
CA ASP JB 13 -17.99 12.62 -12.10
C ASP JB 13 -17.36 12.04 -10.83
N VAL JB 14 -18.04 12.15 -9.67
CA VAL JB 14 -17.47 11.62 -8.44
C VAL JB 14 -17.42 10.10 -8.56
N GLN JB 15 -18.42 9.51 -9.20
CA GLN JB 15 -18.43 8.06 -9.44
C GLN JB 15 -17.38 7.72 -10.50
N GLY JB 16 -17.10 8.67 -11.39
CA GLY JB 16 -16.16 8.45 -12.48
C GLY JB 16 -16.84 7.80 -13.67
N LYS JB 17 -18.17 7.58 -13.54
CA LYS JB 17 -18.93 6.94 -14.59
C LYS JB 17 -19.18 7.87 -15.75
N TYR JB 18 -19.14 7.35 -16.97
CA TYR JB 18 -19.65 8.02 -18.17
C TYR JB 18 -21.16 8.13 -18.03
N LEU JB 19 -21.75 9.11 -18.70
CA LEU JB 19 -23.20 9.34 -18.62
C LEU JB 19 -23.91 8.11 -19.19
N ASP JB 20 -24.96 7.67 -18.48
CA ASP JB 20 -25.70 6.47 -18.81
C ASP JB 20 -27.16 6.83 -19.06
N GLY JB 21 -27.94 5.88 -19.60
CA GLY JB 21 -29.29 6.15 -20.03
C GLY JB 21 -30.17 6.68 -18.89
N ALA JB 22 -30.04 6.07 -17.69
CA ALA JB 22 -30.79 6.53 -16.53
C ALA JB 22 -30.51 8.01 -16.26
N ALA JB 23 -29.21 8.37 -16.28
CA ALA JB 23 -28.81 9.75 -16.15
C ALA JB 23 -29.40 10.59 -17.28
N LEU JB 24 -29.35 10.05 -18.51
CA LEU JB 24 -29.85 10.76 -19.67
C LEU JB 24 -31.31 11.08 -19.51
N ASP JB 25 -32.08 10.13 -18.94
CA ASP JB 25 -33.52 10.30 -18.75
C ASP JB 25 -33.81 11.47 -17.84
N LYS JB 26 -33.03 11.61 -16.76
CA LYS JB 26 -33.20 12.73 -15.85
C LYS JB 26 -32.94 14.03 -16.59
N LEU JB 27 -31.89 14.05 -17.42
CA LEU JB 27 -31.55 15.24 -18.18
C LEU JB 27 -32.69 15.55 -19.14
N LYS JB 28 -33.24 14.49 -19.77
CA LYS JB 28 -34.27 14.67 -20.77
C LYS JB 28 -35.52 15.25 -20.10
N ALA JB 29 -35.83 14.74 -18.89
CA ALA JB 29 -36.97 15.24 -18.15
C ALA JB 29 -36.83 16.73 -17.95
N TYR JB 30 -35.65 17.17 -17.53
CA TYR JB 30 -35.41 18.58 -17.28
C TYR JB 30 -35.67 19.38 -18.54
N PHE JB 31 -35.20 18.89 -19.69
CA PHE JB 31 -35.24 19.67 -20.91
C PHE JB 31 -36.69 20.00 -21.30
N THR JB 32 -37.60 19.03 -21.12
CA THR JB 32 -39.01 19.26 -21.41
C THR JB 32 -39.60 20.31 -20.48
N THR JB 33 -39.26 20.23 -19.19
CA THR JB 33 -39.81 21.14 -18.18
C THR JB 33 -39.30 22.56 -18.43
N GLY JB 34 -38.10 22.67 -18.99
CA GLY JB 34 -37.38 23.94 -19.16
C GLY JB 34 -38.23 25.07 -19.74
N ALA JB 35 -38.92 24.77 -20.86
CA ALA JB 35 -39.64 25.83 -21.55
C ALA JB 35 -40.70 26.46 -20.63
N VAL JB 36 -41.43 25.61 -19.90
CA VAL JB 36 -42.45 26.04 -18.95
C VAL JB 36 -41.82 26.96 -17.91
N ARG JB 37 -40.65 26.54 -17.39
CA ARG JB 37 -40.00 27.27 -16.32
C ARG JB 37 -39.64 28.67 -16.77
N VAL JB 38 -39.12 28.80 -18.00
CA VAL JB 38 -38.72 30.10 -18.50
C VAL JB 38 -39.94 31.02 -18.51
N ARG JB 39 -41.08 30.51 -18.98
CA ARG JB 39 -42.29 31.32 -19.03
C ARG JB 39 -42.69 31.74 -17.63
N ALA JB 40 -42.64 30.83 -16.69
CA ALA JB 40 -43.01 31.11 -15.29
C ALA JB 40 -42.14 32.21 -14.72
N ALA JB 41 -40.83 32.13 -14.98
CA ALA JB 41 -39.88 33.09 -14.43
C ALA JB 41 -40.22 34.50 -14.91
N ALA JB 42 -40.56 34.64 -16.20
CA ALA JB 42 -40.89 35.95 -16.75
C ALA JB 42 -42.15 36.50 -16.10
N VAL JB 43 -43.14 35.64 -15.86
CA VAL JB 43 -44.36 36.03 -15.19
C VAL JB 43 -44.02 36.58 -13.81
N ILE JB 44 -43.20 35.85 -13.07
CA ILE JB 44 -42.91 36.24 -11.69
C ILE JB 44 -42.19 37.58 -11.69
N SER JB 45 -41.21 37.77 -12.57
CA SER JB 45 -40.43 39.00 -12.56
C SER JB 45 -41.33 40.21 -12.78
N SER JB 46 -42.26 40.11 -13.72
CA SER JB 46 -43.15 41.21 -14.06
C SER JB 46 -44.09 41.54 -12.91
N ASN JB 47 -44.54 40.52 -12.18
CA ASN JB 47 -45.56 40.70 -11.15
C ASN JB 47 -44.95 40.68 -9.75
N ALA JB 48 -43.63 40.84 -9.65
CA ALA JB 48 -42.95 40.64 -8.37
C ALA JB 48 -43.47 41.59 -7.31
N THR JB 49 -43.55 42.88 -7.66
CA THR JB 49 -43.98 43.90 -6.70
C THR JB 49 -45.36 43.54 -6.17
N THR JB 50 -46.30 43.17 -7.07
CA THR JB 50 -47.66 42.85 -6.69
C THR JB 50 -47.67 41.59 -5.82
N ILE JB 51 -46.86 40.59 -6.19
CA ILE JB 51 -46.86 39.34 -5.46
C ILE JB 51 -46.55 39.64 -4.00
N ILE JB 52 -45.54 40.50 -3.79
CA ILE JB 52 -45.11 40.82 -2.44
C ILE JB 52 -46.23 41.56 -1.72
N LYS JB 53 -46.84 42.52 -2.42
CA LYS JB 53 -47.93 43.31 -1.86
C LYS JB 53 -49.06 42.41 -1.37
N GLU JB 54 -49.49 41.49 -2.24
CA GLU JB 54 -50.61 40.61 -1.93
C GLU JB 54 -50.27 39.74 -0.73
N ALA JB 55 -49.05 39.19 -0.73
CA ALA JB 55 -48.65 38.28 0.33
C ALA JB 55 -48.59 39.03 1.66
N ALA JB 56 -48.08 40.25 1.64
CA ALA JB 56 -48.00 41.05 2.85
C ALA JB 56 -49.40 41.31 3.39
N ALA JB 57 -50.31 41.66 2.47
CA ALA JB 57 -51.70 41.92 2.82
C ALA JB 57 -52.34 40.70 3.48
N LYS JB 58 -52.04 39.51 2.94
CA LYS JB 58 -52.57 38.27 3.47
C LYS JB 58 -52.06 37.99 4.88
N ALA JB 59 -50.77 38.24 5.19
CA ALA JB 59 -50.20 37.81 6.45
C ALA JB 59 -49.64 38.96 7.31
N LEU JB 60 -48.76 39.76 6.72
CA LEU JB 60 -47.93 40.65 7.51
C LEU JB 60 -48.70 41.87 8.01
N ILE JB 61 -49.44 42.56 7.14
CA ILE JB 61 -49.99 43.85 7.54
C ILE JB 61 -51.29 43.63 8.32
N TYR JB 62 -51.84 44.73 8.86
CA TYR JB 62 -53.06 44.70 9.68
C TYR JB 62 -52.91 43.72 10.84
N SER JB 63 -51.70 43.67 11.40
CA SER JB 63 -51.35 42.64 12.38
C SER JB 63 -50.62 43.32 13.53
N ASP JB 64 -50.37 42.55 14.58
CA ASP JB 64 -49.57 43.03 15.69
C ASP JB 64 -48.16 43.44 15.23
N LEU JB 65 -47.60 42.72 14.25
CA LEU JB 65 -46.27 43.02 13.76
C LEU JB 65 -46.17 44.47 13.33
N THR JB 66 -47.14 44.92 12.56
CA THR JB 66 -47.10 46.29 12.07
C THR JB 66 -47.43 47.27 13.19
N ARG JB 67 -48.19 46.83 14.21
CA ARG JB 67 -48.57 47.72 15.30
C ARG JB 67 -47.35 47.99 16.17
N PRO JB 68 -47.30 49.12 16.93
CA PRO JB 68 -46.12 49.47 17.74
C PRO JB 68 -45.75 48.37 18.72
N GLY JB 69 -44.44 48.09 18.80
CA GLY JB 69 -43.95 46.98 19.60
C GLY JB 69 -43.85 45.68 18.81
N GLY JB 70 -44.27 45.71 17.54
CA GLY JB 70 -44.19 44.55 16.67
C GLY JB 70 -42.91 44.59 15.85
N MET JB 72 -42.27 44.40 12.73
CA MET JB 72 -42.29 45.12 11.48
C MET JB 72 -42.75 46.56 11.69
N TYR JB 73 -42.87 46.99 12.96
CA TYR JB 73 -43.16 48.38 13.28
C TYR JB 73 -41.97 49.27 12.95
N THR JB 74 -42.25 50.53 12.58
CA THR JB 74 -41.29 51.54 12.09
C THR JB 74 -41.07 51.34 10.61
N THR JB 75 -40.81 52.41 9.87
CA THR JB 75 -40.66 52.31 8.43
C THR JB 75 -39.45 51.44 8.09
N ARG JB 76 -38.37 51.62 8.83
CA ARG JB 76 -37.12 50.93 8.55
C ARG JB 76 -37.34 49.41 8.61
N ARG JB 77 -37.97 48.93 9.66
CA ARG JB 77 -38.26 47.51 9.78
C ARG JB 77 -39.24 47.05 8.72
N TYR JB 78 -40.25 47.83 8.42
CA TYR JB 78 -41.21 47.44 7.39
C TYR JB 78 -40.48 47.23 6.08
N ALA JB 79 -39.61 48.18 5.74
CA ALA JB 79 -38.89 48.11 4.49
C ALA JB 79 -37.98 46.88 4.46
N ALA JB 80 -37.33 46.57 5.59
CA ALA JB 80 -36.48 45.40 5.69
C ALA JB 80 -37.27 44.13 5.41
N CYS JB 81 -38.45 44.02 6.00
CA CYS JB 81 -39.25 42.81 5.86
C CYS JB 81 -39.64 42.60 4.40
N ILE JB 82 -40.03 43.68 3.70
CA ILE JB 82 -40.44 43.49 2.31
C ILE JB 82 -39.21 43.21 1.45
N ARG JB 83 -38.05 43.73 1.83
CA ARG JB 83 -36.81 43.40 1.13
C ARG JB 83 -36.51 41.92 1.26
N ASP JB 84 -36.69 41.38 2.46
CA ASP JB 84 -36.45 39.96 2.66
C ASP JB 84 -37.41 39.14 1.81
N MET JB 85 -38.66 39.58 1.70
CA MET JB 85 -39.65 38.86 0.94
C MET JB 85 -39.23 38.82 -0.52
N ASP JB 86 -38.73 39.93 -1.02
CA ASP JB 86 -38.24 40.01 -2.39
C ASP JB 86 -37.08 39.04 -2.60
N TYR JB 87 -36.16 38.95 -1.65
CA TYR JB 87 -35.06 38.01 -1.74
C TYR JB 87 -35.60 36.62 -1.94
N PHE JB 88 -36.51 36.21 -1.09
CA PHE JB 88 -37.03 34.86 -1.16
C PHE JB 88 -37.62 34.62 -2.54
N LEU JB 89 -38.36 35.58 -3.06
CA LEU JB 89 -38.99 35.44 -4.36
C LEU JB 89 -37.93 35.29 -5.45
N ARG JB 90 -36.92 36.16 -5.45
CA ARG JB 90 -35.89 36.15 -6.49
C ARG JB 90 -35.15 34.83 -6.48
N TYR JB 91 -34.80 34.33 -5.29
CA TYR JB 91 -34.01 33.12 -5.18
C TYR JB 91 -34.85 31.94 -5.60
N ALA JB 92 -36.12 31.91 -5.22
CA ALA JB 92 -36.99 30.82 -5.61
C ALA JB 92 -37.11 30.79 -7.13
N THR JB 93 -37.20 31.95 -7.78
CA THR JB 93 -37.25 32.01 -9.22
C THR JB 93 -35.98 31.44 -9.81
N TYR JB 94 -34.81 31.79 -9.23
CA TYR JB 94 -33.54 31.26 -9.70
C TYR JB 94 -33.56 29.75 -9.59
N ALA JB 95 -34.03 29.24 -8.44
CA ALA JB 95 -34.05 27.81 -8.21
C ALA JB 95 -34.95 27.11 -9.22
N MET JB 96 -36.08 27.72 -9.53
CA MET JB 96 -37.04 27.13 -10.44
C MET JB 96 -36.42 27.00 -11.83
N LEU JB 97 -35.75 28.05 -12.31
CA LEU JB 97 -35.06 27.94 -13.58
C LEU JB 97 -34.01 26.86 -13.52
N ALA JB 98 -33.22 26.85 -12.45
CA ALA JB 98 -32.12 25.90 -12.33
C ALA JB 98 -32.64 24.48 -12.27
N GLY JB 99 -33.77 24.27 -11.61
CA GLY JB 99 -34.27 22.92 -11.37
C GLY JB 99 -33.55 22.26 -10.19
N ASP JB 100 -32.83 23.04 -9.39
CA ASP JB 100 -32.09 22.52 -8.26
C ASP JB 100 -32.32 23.37 -7.03
N PRO JB 101 -32.51 22.76 -5.84
CA PRO JB 101 -32.64 23.52 -4.60
C PRO JB 101 -31.35 24.04 -3.97
N SER JB 102 -30.19 23.66 -4.54
CA SER JB 102 -28.90 23.90 -3.93
C SER JB 102 -28.64 25.40 -3.73
N ILE JB 103 -29.00 26.24 -4.74
CA ILE JB 103 -28.70 27.65 -4.62
C ILE JB 103 -29.34 28.20 -3.36
N LEU JB 104 -30.55 27.73 -3.03
CA LEU JB 104 -31.24 28.22 -1.86
C LEU JB 104 -30.39 27.89 -0.63
N ASP JB 105 -29.87 26.68 -0.56
CA ASP JB 105 -29.03 26.27 0.57
C ASP JB 105 -27.76 27.11 0.66
N GLU JB 106 -27.11 27.34 -0.47
CA GLU JB 106 -25.82 28.01 -0.49
C GLU JB 106 -25.96 29.49 -0.10
N ARG JB 107 -27.00 30.18 -0.60
CA ARG JB 107 -27.12 31.61 -0.38
C ARG JB 107 -28.15 31.92 0.70
N VAL JB 108 -29.40 31.53 0.52
CA VAL JB 108 -30.43 31.99 1.41
C VAL JB 108 -30.40 31.23 2.73
N LEU JB 109 -30.37 29.91 2.68
CA LEU JB 109 -30.68 29.10 3.85
C LEU JB 109 -29.55 29.12 4.84
N ASN JB 110 -28.30 29.32 4.38
CA ASN JB 110 -27.14 29.19 5.24
C ASN JB 110 -27.00 30.43 6.14
N GLY JB 111 -27.04 30.23 7.46
CA GLY JB 111 -26.95 31.32 8.41
C GLY JB 111 -28.23 32.12 8.59
N LEU JB 112 -29.33 31.82 7.91
CA LEU JB 112 -30.52 32.64 8.04
C LEU JB 112 -31.12 32.51 9.43
N LYS JB 113 -31.19 31.26 9.93
CA LYS JB 113 -31.80 31.03 11.23
C LYS JB 113 -31.09 31.84 12.29
N GLU JB 114 -29.76 31.78 12.27
CA GLU JB 114 -28.93 32.46 13.25
C GLU JB 114 -29.11 33.97 13.14
N THR JB 115 -29.12 34.49 11.91
CA THR JB 115 -29.34 35.92 11.69
C THR JB 115 -30.66 36.34 12.29
N TYR JB 116 -31.70 35.57 12.00
CA TYR JB 116 -33.03 35.92 12.46
C TYR JB 116 -33.10 35.90 13.98
N ASN JB 117 -32.47 34.90 14.59
CA ASN JB 117 -32.51 34.79 16.04
C ASN JB 117 -31.82 35.98 16.70
N SER JB 118 -30.66 36.40 16.17
CA SER JB 118 -30.00 37.57 16.71
C SER JB 118 -30.87 38.80 16.51
N LEU JB 119 -31.49 38.93 15.34
CA LEU JB 119 -32.31 40.10 15.05
C LEU JB 119 -33.56 40.10 15.91
N GLY JB 120 -34.07 38.91 16.24
CA GLY JB 120 -35.36 38.78 16.91
C GLY JB 120 -36.53 38.77 15.93
N VAL JB 121 -36.23 38.66 14.63
CA VAL JB 121 -37.26 38.46 13.63
C VAL JB 121 -37.97 37.13 13.92
N PRO JB 122 -39.33 37.08 13.86
CA PRO JB 122 -40.07 35.84 14.09
C PRO JB 122 -40.11 34.91 12.88
N ILE JB 123 -39.57 33.70 13.04
CA ILE JB 123 -39.42 32.77 11.94
C ILE JB 123 -40.79 32.33 11.43
N ALA JB 124 -41.71 32.01 12.35
CA ALA JB 124 -43.00 31.46 11.94
C ALA JB 124 -43.76 32.44 11.05
N ALA JB 125 -43.73 33.74 11.41
CA ALA JB 125 -44.37 34.76 10.61
C ALA JB 125 -43.73 34.84 9.22
N THR JB 126 -42.41 34.73 9.16
CA THR JB 126 -41.68 34.79 7.90
C THR JB 126 -42.13 33.61 7.03
N VAL JB 127 -42.21 32.43 7.65
CA VAL JB 127 -42.61 31.23 6.94
C VAL JB 127 -44.01 31.45 6.37
N GLY JB 128 -44.91 31.99 7.21
CA GLY JB 128 -46.26 32.33 6.78
C GLY JB 128 -46.28 33.20 5.53
N GLY JB 129 -45.43 34.23 5.51
CA GLY JB 129 -45.28 35.11 4.37
C GLY JB 129 -44.82 34.38 3.12
N ILE JB 130 -43.88 33.44 3.28
CA ILE JB 130 -43.34 32.68 2.16
C ILE JB 130 -44.48 31.84 1.56
N GLN JB 131 -45.26 31.21 2.44
CA GLN JB 131 -46.37 30.36 2.01
C GLN JB 131 -47.41 31.21 1.27
N ALA JB 132 -47.66 32.41 1.78
CA ALA JB 132 -48.57 33.33 1.12
C ALA JB 132 -48.07 33.68 -0.27
N MET JB 133 -46.76 33.97 -0.40
CA MET JB 133 -46.21 34.32 -1.71
C MET JB 133 -46.43 33.15 -2.66
N LYS JB 134 -46.24 31.93 -2.15
CA LYS JB 134 -46.36 30.74 -2.96
C LYS JB 134 -47.76 30.67 -3.60
N GLU JB 135 -48.78 30.91 -2.76
CA GLU JB 135 -50.16 30.85 -3.20
C GLU JB 135 -50.41 31.88 -4.31
N VAL JB 136 -49.96 33.12 -4.11
CA VAL JB 136 -50.13 34.16 -5.11
C VAL JB 136 -49.40 33.76 -6.38
N VAL JB 137 -48.17 33.25 -6.23
CA VAL JB 137 -47.34 32.91 -7.38
C VAL JB 137 -48.05 31.82 -8.18
N GLY JB 138 -48.60 30.83 -7.46
CA GLY JB 138 -49.27 29.70 -8.08
C GLY JB 138 -50.32 30.14 -9.08
N GLY JB 139 -51.16 31.09 -8.67
CA GLY JB 139 -52.19 31.68 -9.54
C GLY JB 139 -51.60 32.23 -10.83
N LEU JB 140 -50.59 33.10 -10.71
CA LEU JB 140 -50.06 33.83 -11.85
C LEU JB 140 -49.39 32.87 -12.83
N VAL JB 141 -48.61 31.92 -12.30
CA VAL JB 141 -47.78 31.07 -13.15
C VAL JB 141 -48.66 30.10 -13.92
N GLY JB 142 -49.77 29.68 -13.29
CA GLY JB 142 -50.63 28.65 -13.86
C GLY JB 142 -50.24 27.27 -13.35
N PRO JB 143 -51.13 26.25 -13.49
CA PRO JB 143 -50.99 24.97 -12.77
C PRO JB 143 -49.71 24.14 -12.98
N ASP JB 144 -49.31 23.94 -14.24
CA ASP JB 144 -48.12 23.16 -14.56
C ASP JB 144 -46.89 23.79 -13.90
N ALA JB 145 -46.77 25.12 -14.05
CA ALA JB 145 -45.66 25.87 -13.49
C ALA JB 145 -45.75 25.89 -11.96
N ALA JB 146 -46.98 25.93 -11.43
CA ALA JB 146 -47.21 26.09 -10.00
C ALA JB 146 -46.57 24.94 -9.22
N LYS JB 147 -46.71 23.71 -9.71
CA LYS JB 147 -46.19 22.56 -8.99
C LYS JB 147 -44.67 22.73 -8.80
N GLU JB 148 -44.00 23.10 -9.89
CA GLU JB 148 -42.56 23.31 -9.88
C GLU JB 148 -42.19 24.45 -8.94
N ALA JB 149 -42.93 25.57 -9.04
CA ALA JB 149 -42.67 26.72 -8.21
C ALA JB 149 -42.86 26.37 -6.73
N SER JB 150 -43.89 25.58 -6.41
CA SER JB 150 -44.25 25.29 -5.03
C SER JB 150 -43.10 24.61 -4.29
N ILE JB 151 -42.39 23.68 -4.95
CA ILE JB 151 -41.40 22.88 -4.23
C ILE JB 151 -40.30 23.78 -3.67
N TYR JB 152 -39.88 24.79 -4.44
CA TYR JB 152 -38.80 25.68 -4.00
C TYR JB 152 -39.28 26.55 -2.84
N PHE JB 153 -40.51 27.05 -2.92
CA PHE JB 153 -41.09 27.82 -1.83
C PHE JB 153 -41.14 26.97 -0.56
N ASP JB 154 -41.55 25.71 -0.71
CA ASP JB 154 -41.66 24.81 0.43
C ASP JB 154 -40.27 24.54 1.00
N TYR JB 155 -39.28 24.43 0.13
CA TYR JB 155 -37.90 24.18 0.54
C TYR JB 155 -37.40 25.31 1.43
N LEU JB 156 -37.67 26.55 1.02
CA LEU JB 156 -37.30 27.72 1.80
C LEU JB 156 -37.98 27.65 3.16
N SER JB 157 -39.27 27.33 3.15
CA SER JB 157 -40.06 27.33 4.37
C SER JB 157 -39.51 26.31 5.36
N SER JB 158 -39.20 25.11 4.85
CA SER JB 158 -38.69 24.02 5.68
C SER JB 158 -37.34 24.39 6.28
N GLY JB 159 -36.48 25.04 5.49
CA GLY JB 159 -35.17 25.47 5.96
C GLY JB 159 -35.28 26.44 7.14
N LEU JB 160 -36.18 27.41 7.01
CA LEU JB 160 -36.31 28.46 8.00
C LEU JB 160 -36.86 27.86 9.27
N SER JB 161 -37.82 26.96 9.12
CA SER JB 161 -38.40 26.24 10.25
C SER JB 161 -37.34 25.54 11.13
N SER KB 2 -30.08 45.15 -30.93
CA SER KB 2 -30.80 43.88 -31.16
C SER KB 2 -30.04 42.67 -30.65
N VAL KB 3 -30.66 41.52 -30.56
CA VAL KB 3 -30.02 40.26 -30.17
C VAL KB 3 -28.54 40.09 -30.50
N LEU KB 4 -28.15 40.38 -31.71
CA LEU KB 4 -26.77 40.25 -32.14
C LEU KB 4 -25.84 41.10 -31.28
N THR KB 5 -26.24 42.31 -30.97
CA THR KB 5 -25.50 43.17 -30.05
C THR KB 5 -25.31 42.44 -28.72
N LYS KB 6 -26.33 41.83 -28.20
CA LYS KB 6 -26.26 41.11 -26.95
C LYS KB 6 -25.15 40.03 -27.01
N ALA KB 7 -25.17 39.25 -28.09
CA ALA KB 7 -24.22 38.16 -28.27
C ALA KB 7 -22.77 38.70 -28.31
N ILE KB 8 -22.57 39.76 -29.08
CA ILE KB 8 -21.27 40.37 -29.23
C ILE KB 8 -20.76 40.86 -27.86
N VAL KB 9 -21.64 41.50 -27.12
CA VAL KB 9 -21.28 42.06 -25.83
C VAL KB 9 -20.83 40.95 -24.88
N ASN KB 10 -21.51 39.81 -24.87
CA ASN KB 10 -21.12 38.72 -23.99
C ASN KB 10 -19.73 38.20 -24.39
N ALA KB 11 -19.50 38.10 -25.70
CA ALA KB 11 -18.22 37.64 -26.21
C ALA KB 11 -17.11 38.60 -25.79
N ASP KB 12 -17.35 39.90 -25.91
CA ASP KB 12 -16.34 40.90 -25.62
C ASP KB 12 -15.97 40.84 -24.13
N ALA KB 13 -16.96 40.64 -23.26
CA ALA KB 13 -16.72 40.50 -21.84
C ALA KB 13 -15.79 39.30 -21.58
N GLU KB 14 -16.07 38.19 -22.26
CA GLU KB 14 -15.25 37.00 -22.13
C GLU KB 14 -13.94 37.15 -22.90
N ALA KB 15 -13.85 38.16 -23.78
CA ALA KB 15 -12.67 38.43 -24.57
C ALA KB 15 -12.39 37.26 -25.52
N ARG KB 16 -13.44 36.69 -26.09
CA ARG KB 16 -13.34 35.53 -26.96
C ARG KB 16 -14.12 35.80 -28.25
N TYR KB 17 -13.81 35.03 -29.30
CA TYR KB 17 -14.61 35.02 -30.52
C TYR KB 17 -15.95 34.35 -30.23
N LEU KB 18 -16.96 34.66 -31.06
CA LEU KB 18 -18.32 34.20 -30.78
C LEU KB 18 -18.36 32.69 -30.81
N SER KB 19 -19.04 32.11 -29.83
CA SER KB 19 -19.18 30.67 -29.71
C SER KB 19 -20.08 30.14 -30.82
N PRO KB 20 -19.95 28.86 -31.24
CA PRO KB 20 -20.77 28.33 -32.33
C PRO KB 20 -22.26 28.40 -31.99
N GLY KB 21 -22.58 28.03 -30.74
CA GLY KB 21 -23.94 28.08 -30.22
C GLY KB 21 -24.50 29.50 -30.30
N GLU KB 22 -23.71 30.48 -29.90
CA GLU KB 22 -24.10 31.88 -29.97
C GLU KB 22 -24.34 32.28 -31.41
N LEU KB 23 -23.47 31.82 -32.31
CA LEU KB 23 -23.60 32.11 -33.74
C LEU KB 23 -24.90 31.52 -34.27
N ASP KB 24 -25.23 30.31 -33.81
CA ASP KB 24 -26.44 29.63 -34.26
C ASP KB 24 -27.68 30.44 -33.87
N ARG KB 25 -27.68 30.96 -32.67
CA ARG KB 25 -28.80 31.77 -32.17
C ARG KB 25 -28.95 33.02 -33.05
N ILE KB 26 -27.83 33.59 -33.49
CA ILE KB 26 -27.88 34.75 -34.37
C ILE KB 26 -28.54 34.36 -35.68
N LYS KB 27 -28.18 33.19 -36.20
CA LYS KB 27 -28.73 32.70 -37.46
C LYS KB 27 -30.25 32.56 -37.33
N SER KB 28 -30.70 31.98 -36.20
CA SER KB 28 -32.11 31.75 -35.98
C SER KB 28 -32.84 33.10 -35.98
N PHE KB 29 -32.23 34.08 -35.30
CA PHE KB 29 -32.84 35.41 -35.14
C PHE KB 29 -33.04 36.07 -36.51
N VAL KB 30 -32.04 35.96 -37.40
CA VAL KB 30 -32.13 36.65 -38.68
C VAL KB 30 -33.27 36.03 -39.51
N ALA KB 31 -33.44 34.72 -39.41
CA ALA KB 31 -34.55 34.03 -40.07
C ALA KB 31 -35.89 34.49 -39.49
N SER KB 32 -35.97 34.63 -38.17
CA SER KB 32 -37.21 35.01 -37.49
C SER KB 32 -37.59 36.45 -37.83
N GLY KB 33 -36.60 37.30 -38.15
CA GLY KB 33 -36.81 38.72 -38.29
C GLY KB 33 -37.97 39.09 -39.25
N GLU KB 34 -38.04 38.47 -40.40
CA GLU KB 34 -39.07 38.72 -41.39
C GLU KB 34 -40.48 38.53 -40.82
N ARG KB 35 -40.70 37.44 -40.11
CA ARG KB 35 -41.94 37.20 -39.38
C ARG KB 35 -42.16 38.33 -38.38
N ARG KB 36 -41.10 38.70 -37.63
CA ARG KB 36 -41.21 39.73 -36.63
C ARG KB 36 -41.64 41.05 -37.29
N LEU KB 37 -41.09 41.36 -38.47
CA LEU KB 37 -41.41 42.61 -39.15
C LEU KB 37 -42.90 42.68 -39.44
N ARG KB 38 -43.49 41.58 -39.88
CA ARG KB 38 -44.91 41.50 -40.18
C ARG KB 38 -45.75 41.79 -38.91
N ILE KB 39 -45.35 41.18 -37.79
CA ILE KB 39 -46.06 41.39 -36.53
C ILE KB 39 -46.05 42.89 -36.19
N ALA KB 40 -44.90 43.51 -36.32
CA ALA KB 40 -44.72 44.93 -36.03
C ALA KB 40 -45.59 45.76 -36.97
N GLN KB 41 -45.63 45.37 -38.24
CA GLN KB 41 -46.38 46.10 -39.25
C GLN KB 41 -47.87 46.10 -38.87
N THR KB 42 -48.37 44.94 -38.44
CA THR KB 42 -49.77 44.80 -38.06
C THR KB 42 -50.13 45.82 -36.98
N LEU KB 43 -49.32 45.87 -35.92
CA LEU KB 43 -49.58 46.77 -34.80
C LEU KB 43 -49.50 48.23 -35.23
N THR KB 44 -48.57 48.55 -36.12
CA THR KB 44 -48.42 49.91 -36.60
C THR KB 44 -49.70 50.37 -37.29
N GLU KB 45 -50.29 49.50 -38.12
CA GLU KB 45 -51.49 49.86 -38.86
C GLU KB 45 -52.65 50.08 -37.90
N ALA KB 46 -52.73 49.25 -36.86
CA ALA KB 46 -53.81 49.31 -35.90
C ALA KB 46 -53.51 50.30 -34.77
N ARG KB 47 -52.39 51.04 -34.90
CA ARG KB 47 -51.88 51.81 -33.78
C ARG KB 47 -52.94 52.79 -33.28
N GLU KB 48 -53.50 53.60 -34.17
CA GLU KB 48 -54.44 54.66 -33.82
C GLU KB 48 -55.61 54.12 -33.00
N ARG KB 49 -56.18 53.00 -33.45
CA ARG KB 49 -57.31 52.41 -32.76
C ARG KB 49 -56.88 51.81 -31.42
N ILE KB 50 -55.69 51.17 -31.37
CA ILE KB 50 -55.24 50.54 -30.14
C ILE KB 50 -55.15 51.62 -29.06
N VAL KB 51 -54.53 52.76 -29.40
CA VAL KB 51 -54.33 53.82 -28.43
C VAL KB 51 -55.68 54.31 -27.94
N LYS KB 52 -56.60 54.57 -28.89
CA LYS KB 52 -57.90 55.12 -28.55
C LYS KB 52 -58.63 54.18 -27.60
N GLN KB 53 -58.73 52.90 -27.97
CA GLN KB 53 -59.44 51.93 -27.16
C GLN KB 53 -58.82 51.82 -25.77
N ALA KB 54 -57.48 51.75 -25.70
CA ALA KB 54 -56.79 51.59 -24.44
C ALA KB 54 -57.04 52.79 -23.53
N GLY KB 55 -57.00 53.98 -24.12
CA GLY KB 55 -57.25 55.21 -23.38
C GLY KB 55 -58.60 55.17 -22.67
N ASP KB 56 -59.64 54.80 -23.43
CA ASP KB 56 -61.00 54.74 -22.92
C ASP KB 56 -61.06 53.76 -21.75
N GLN KB 57 -60.46 52.58 -21.94
CA GLN KB 57 -60.45 51.56 -20.91
C GLN KB 57 -59.78 52.12 -19.64
N LEU KB 58 -58.63 52.78 -19.84
CA LEU KB 58 -57.88 53.32 -18.72
C LEU KB 58 -58.72 54.33 -17.95
N PHE KB 59 -59.38 55.23 -18.68
CA PHE KB 59 -60.16 56.28 -18.05
C PHE KB 59 -61.34 55.68 -17.29
N GLN KB 60 -61.94 54.62 -17.83
CA GLN KB 60 -62.99 53.92 -17.12
C GLN KB 60 -62.42 53.28 -15.86
N LYS KB 61 -61.25 52.63 -15.98
CA LYS KB 61 -60.63 51.93 -14.86
C LYS KB 61 -60.25 52.95 -13.78
N ARG KB 62 -59.74 54.13 -14.19
CA ARG KB 62 -59.30 55.15 -13.27
C ARG KB 62 -60.03 56.46 -13.56
N PRO KB 63 -61.20 56.69 -12.94
CA PRO KB 63 -61.89 57.97 -13.12
C PRO KB 63 -61.03 59.13 -12.61
N ASP KB 64 -60.23 58.87 -11.56
CA ASP KB 64 -59.51 59.92 -10.84
C ASP KB 64 -58.54 60.65 -11.77
N VAL KB 65 -57.84 59.90 -12.65
CA VAL KB 65 -56.79 60.53 -13.44
C VAL KB 65 -57.40 61.66 -14.27
N VAL KB 66 -58.57 61.44 -14.87
CA VAL KB 66 -59.30 62.49 -15.58
C VAL KB 66 -60.34 63.07 -14.62
N SER KB 67 -59.87 63.74 -13.57
CA SER KB 67 -60.71 64.44 -12.63
C SER KB 67 -59.95 65.70 -12.25
N PRO KB 68 -60.60 66.75 -11.70
CA PRO KB 68 -59.94 68.05 -11.54
C PRO KB 68 -58.62 67.95 -10.77
N GLY KB 69 -58.59 67.10 -9.73
CA GLY KB 69 -57.36 66.80 -9.03
C GLY KB 69 -56.32 66.11 -9.92
N GLY KB 70 -56.79 65.16 -10.75
CA GLY KB 70 -55.94 64.24 -11.48
C GLY KB 70 -55.11 64.94 -12.57
N ASN KB 71 -53.97 64.30 -12.91
CA ASN KB 71 -53.00 64.85 -13.83
C ASN KB 71 -53.57 64.92 -15.24
N ALA KB 72 -54.34 63.89 -15.61
CA ALA KB 72 -54.82 63.73 -16.96
C ALA KB 72 -55.91 64.74 -17.28
N TYR KB 73 -56.53 65.34 -16.26
CA TYR KB 73 -57.71 66.17 -16.45
C TYR KB 73 -57.46 67.38 -17.32
N GLY KB 74 -58.44 67.69 -18.18
CA GLY KB 74 -58.34 68.75 -19.18
C GLY KB 74 -57.92 68.21 -20.53
N GLU KB 75 -58.31 68.90 -21.62
CA GLU KB 75 -58.02 68.44 -22.97
C GLU KB 75 -56.54 68.35 -23.22
N LYS KB 76 -55.79 69.40 -22.87
CA LYS KB 76 -54.35 69.42 -23.11
C LYS KB 76 -53.73 68.19 -22.45
N MET KB 77 -54.05 68.01 -21.16
CA MET KB 77 -53.50 66.93 -20.38
C MET KB 77 -53.92 65.58 -20.92
N THR KB 78 -55.19 65.44 -21.33
CA THR KB 78 -55.67 64.16 -21.83
C THR KB 78 -54.93 63.80 -23.11
N ALA KB 79 -54.69 64.79 -23.97
CA ALA KB 79 -53.92 64.57 -25.19
C ALA KB 79 -52.53 64.04 -24.85
N LEU KB 80 -51.88 64.67 -23.88
CA LEU KB 80 -50.54 64.27 -23.46
C LEU KB 80 -50.54 62.84 -22.96
N CYS KB 81 -51.56 62.46 -22.19
CA CYS KB 81 -51.66 61.10 -21.69
C CYS KB 81 -51.77 60.12 -22.86
N LEU KB 82 -52.55 60.49 -23.88
CA LEU KB 82 -52.70 59.63 -25.04
C LEU KB 82 -51.39 59.59 -25.84
N ARG KB 83 -50.71 60.73 -25.94
CA ARG KB 83 -49.43 60.79 -26.62
C ARG KB 83 -48.45 59.83 -25.96
N ASP KB 84 -48.45 59.79 -24.63
CA ASP KB 84 -47.58 58.89 -23.89
C ASP KB 84 -47.89 57.45 -24.27
N LEU KB 85 -49.18 57.10 -24.34
CA LEU KB 85 -49.55 55.75 -24.70
C LEU KB 85 -49.05 55.42 -26.10
N ASP KB 86 -49.17 56.39 -27.01
CA ASP KB 86 -48.69 56.21 -28.37
C ASP KB 86 -47.18 55.95 -28.37
N TYR KB 87 -46.43 56.72 -27.58
CA TYR KB 87 -44.99 56.57 -27.47
C TYR KB 87 -44.64 55.15 -27.06
N TYR KB 88 -45.32 54.64 -26.05
CA TYR KB 88 -45.00 53.31 -25.57
C TYR KB 88 -45.31 52.27 -26.64
N LEU KB 89 -46.37 52.48 -27.42
CA LEU KB 89 -46.69 51.53 -28.47
C LEU KB 89 -45.59 51.52 -29.52
N ARG KB 90 -45.11 52.71 -29.90
CA ARG KB 90 -44.03 52.81 -30.87
C ARG KB 90 -42.81 52.06 -30.37
N LEU KB 91 -42.50 52.21 -29.08
CA LEU KB 91 -41.36 51.53 -28.50
C LEU KB 91 -41.56 50.02 -28.59
N VAL KB 92 -42.77 49.54 -28.32
CA VAL KB 92 -43.02 48.10 -28.37
C VAL KB 92 -42.75 47.58 -29.78
N THR KB 93 -43.19 48.30 -30.80
CA THR KB 93 -42.97 47.84 -32.16
C THR KB 93 -41.48 47.74 -32.43
N TYR KB 94 -40.72 48.75 -32.00
CA TYR KB 94 -39.27 48.74 -32.17
C TYR KB 94 -38.68 47.50 -31.52
N GLY KB 95 -39.17 47.15 -30.33
CA GLY KB 95 -38.71 45.99 -29.60
C GLY KB 95 -38.91 44.69 -30.38
N ILE KB 96 -40.08 44.54 -30.99
CA ILE KB 96 -40.41 43.31 -31.67
C ILE KB 96 -39.43 43.10 -32.83
N VAL KB 97 -39.15 44.14 -33.60
CA VAL KB 97 -38.24 44.00 -34.73
C VAL KB 97 -36.83 43.72 -34.22
N ALA KB 98 -36.43 44.36 -33.12
CA ALA KB 98 -35.10 44.17 -32.55
C ALA KB 98 -34.94 42.76 -31.96
N GLY KB 99 -36.03 42.23 -31.42
CA GLY KB 99 -35.95 40.93 -30.77
C GLY KB 99 -35.43 41.02 -29.35
N ASP KB 100 -35.30 42.26 -28.85
CA ASP KB 100 -34.76 42.50 -27.51
C ASP KB 100 -35.51 43.70 -26.91
N VAL KB 101 -35.48 43.80 -25.59
CA VAL KB 101 -36.15 44.92 -24.93
C VAL KB 101 -35.22 46.13 -24.84
N THR KB 102 -33.94 45.93 -25.16
CA THR KB 102 -32.95 46.97 -24.99
C THR KB 102 -33.39 48.27 -25.67
N PRO KB 103 -33.80 48.27 -26.95
CA PRO KB 103 -34.25 49.51 -27.60
C PRO KB 103 -35.35 50.19 -26.80
N ILE KB 104 -36.34 49.39 -26.37
CA ILE KB 104 -37.44 49.87 -25.56
C ILE KB 104 -36.87 50.49 -24.29
N GLU KB 105 -35.96 49.75 -23.66
CA GLU KB 105 -35.47 50.08 -22.32
C GLU KB 105 -34.77 51.42 -22.29
N GLU KB 106 -33.89 51.68 -23.23
CA GLU KB 106 -33.11 52.92 -23.25
C GLU KB 106 -34.04 54.11 -23.42
N ILE KB 107 -35.03 54.03 -24.32
CA ILE KB 107 -35.85 55.19 -24.62
C ILE KB 107 -36.89 55.43 -23.52
N GLY KB 108 -37.42 54.37 -22.92
CA GLY KB 108 -38.63 54.50 -22.12
C GLY KB 108 -38.53 54.06 -20.68
N ILE KB 109 -37.66 53.12 -20.31
CA ILE KB 109 -37.80 52.53 -18.98
C ILE KB 109 -36.75 53.06 -18.00
N ILE KB 110 -35.73 53.78 -18.45
CA ILE KB 110 -34.72 54.24 -17.51
C ILE KB 110 -34.98 55.70 -17.18
N GLY KB 111 -35.18 55.98 -15.90
CA GLY KB 111 -35.53 57.30 -15.45
C GLY KB 111 -37.03 57.57 -15.55
N VAL KB 112 -37.80 56.56 -15.92
CA VAL KB 112 -39.24 56.74 -16.12
C VAL KB 112 -39.89 57.15 -14.79
N LYS KB 113 -39.48 56.48 -13.70
CA LYS KB 113 -40.04 56.75 -12.39
C LYS KB 113 -39.83 58.24 -12.06
N GLU KB 114 -38.60 58.70 -12.26
CA GLU KB 114 -38.21 60.06 -11.91
C GLU KB 114 -39.00 61.06 -12.72
N MET KB 115 -39.13 60.80 -14.03
CA MET KB 115 -39.82 61.71 -14.91
C MET KB 115 -41.27 61.85 -14.46
N TYR KB 116 -41.94 60.70 -14.24
CA TYR KB 116 -43.34 60.75 -13.88
C TYR KB 116 -43.53 61.37 -12.49
N ASN KB 117 -42.60 61.12 -11.57
CA ASN KB 117 -42.72 61.70 -10.25
C ASN KB 117 -42.65 63.23 -10.32
N SER KB 118 -41.76 63.77 -11.17
CA SER KB 118 -41.75 65.22 -11.33
C SER KB 118 -43.09 65.67 -11.91
N LEU KB 119 -43.59 64.95 -12.91
CA LEU KB 119 -44.86 65.31 -13.52
C LEU KB 119 -45.99 65.13 -12.52
N GLN KB 120 -45.83 64.17 -11.60
CA GLN KB 120 -46.81 63.84 -10.58
C GLN KB 120 -47.86 62.86 -11.11
N THR KB 121 -47.66 62.42 -12.37
CA THR KB 121 -48.50 61.37 -12.94
C THR KB 121 -48.34 60.11 -12.08
N PRO KB 122 -49.42 59.38 -11.73
CA PRO KB 122 -49.32 58.09 -11.05
C PRO KB 122 -48.77 56.98 -11.96
N ILE KB 123 -47.73 56.30 -11.49
CA ILE KB 123 -47.06 55.28 -12.28
C ILE KB 123 -47.98 54.10 -12.48
N PRO KB 124 -48.74 53.63 -11.47
CA PRO KB 124 -49.63 52.47 -11.65
C PRO KB 124 -50.66 52.65 -12.75
N ALA KB 125 -51.21 53.85 -12.85
CA ALA KB 125 -52.17 54.18 -13.91
C ALA KB 125 -51.53 54.04 -15.28
N VAL KB 126 -50.29 54.49 -15.41
CA VAL KB 126 -49.56 54.38 -16.67
C VAL KB 126 -49.45 52.90 -17.02
N ALA KB 127 -49.12 52.08 -16.01
CA ALA KB 127 -48.99 50.64 -16.21
C ALA KB 127 -50.30 50.04 -16.70
N GLU KB 128 -51.42 50.49 -16.12
CA GLU KB 128 -52.74 49.99 -16.50
C GLU KB 128 -52.98 50.31 -17.97
N GLY KB 129 -52.63 51.53 -18.41
CA GLY KB 129 -52.78 51.93 -19.78
C GLY KB 129 -52.03 51.00 -20.74
N VAL KB 130 -50.81 50.61 -20.34
CA VAL KB 130 -50.01 49.73 -21.15
C VAL KB 130 -50.68 48.35 -21.19
N ARG KB 131 -51.20 47.90 -20.04
CA ARG KB 131 -51.91 46.63 -19.98
C ARG KB 131 -53.11 46.67 -20.92
N ALA KB 132 -53.85 47.78 -20.87
CA ALA KB 132 -55.01 47.96 -21.73
C ALA KB 132 -54.61 47.86 -23.19
N MET KB 133 -53.50 48.53 -23.56
CA MET KB 133 -53.04 48.50 -24.93
C MET KB 133 -52.71 47.07 -25.34
N LYS KB 134 -52.13 46.30 -24.42
CA LYS KB 134 -51.75 44.93 -24.69
C LYS KB 134 -53.00 44.13 -25.10
N ASN KB 135 -54.09 44.29 -24.35
CA ASN KB 135 -55.29 43.51 -24.57
C ASN KB 135 -55.86 43.80 -25.96
N VAL KB 136 -55.91 45.08 -26.32
CA VAL KB 136 -56.40 45.49 -27.62
C VAL KB 136 -55.49 44.90 -28.70
N ALA KB 137 -54.18 45.03 -28.51
CA ALA KB 137 -53.21 44.58 -29.49
C ALA KB 137 -53.31 43.07 -29.69
N THR KB 138 -53.49 42.34 -28.57
CA THR KB 138 -53.54 40.89 -28.61
C THR KB 138 -54.71 40.44 -29.51
N SER KB 139 -55.86 41.10 -29.38
CA SER KB 139 -57.05 40.71 -30.12
C SER KB 139 -56.81 40.79 -31.62
N LEU KB 140 -56.13 41.85 -32.09
CA LEU KB 140 -55.89 42.04 -33.51
C LEU KB 140 -54.85 41.05 -34.01
N LEU KB 141 -53.89 40.72 -33.14
CA LEU KB 141 -52.81 39.82 -33.54
C LEU KB 141 -53.30 38.38 -33.52
N SER KB 142 -52.68 37.56 -34.38
CA SER KB 142 -52.89 36.12 -34.32
C SER KB 142 -52.20 35.58 -33.06
N GLY KB 143 -52.64 34.40 -32.59
CA GLY KB 143 -52.29 33.90 -31.25
C GLY KB 143 -50.78 33.84 -31.00
N ASP KB 144 -50.05 33.21 -31.91
CA ASP KB 144 -48.60 33.09 -31.81
C ASP KB 144 -47.96 34.47 -31.89
N ASP KB 145 -48.44 35.31 -32.80
CA ASP KB 145 -47.96 36.68 -32.94
C ASP KB 145 -48.23 37.43 -31.63
N ALA KB 146 -49.42 37.22 -31.06
CA ALA KB 146 -49.84 37.88 -29.83
C ALA KB 146 -48.90 37.54 -28.69
N ALA KB 147 -48.49 36.26 -28.59
CA ALA KB 147 -47.61 35.82 -27.53
C ALA KB 147 -46.29 36.57 -27.59
N GLU KB 148 -45.73 36.68 -28.80
CA GLU KB 148 -44.50 37.42 -29.01
C GLU KB 148 -44.68 38.86 -28.56
N ALA KB 149 -45.74 39.51 -29.02
CA ALA KB 149 -46.01 40.89 -28.68
C ALA KB 149 -46.25 41.04 -27.18
N GLY KB 150 -46.91 40.04 -26.57
CA GLY KB 150 -47.23 40.08 -25.15
C GLY KB 150 -45.98 40.23 -24.30
N PHE KB 151 -44.91 39.52 -24.67
CA PHE KB 151 -43.69 39.53 -23.87
C PHE KB 151 -43.19 40.97 -23.74
N TYR KB 152 -43.15 41.70 -24.86
CA TYR KB 152 -42.66 43.06 -24.84
C TYR KB 152 -43.60 43.95 -24.01
N PHE KB 153 -44.91 43.74 -24.18
CA PHE KB 153 -45.88 44.50 -23.40
C PHE KB 153 -45.71 44.23 -21.91
N ASP KB 154 -45.51 42.95 -21.56
CA ASP KB 154 -45.36 42.56 -20.17
C ASP KB 154 -44.13 43.23 -19.56
N TYR KB 155 -43.04 43.27 -20.33
CA TYR KB 155 -41.81 43.87 -19.86
C TYR KB 155 -42.07 45.32 -19.45
N LEU KB 156 -42.78 46.05 -20.29
CA LEU KB 156 -43.09 47.45 -20.03
C LEU KB 156 -43.85 47.57 -18.72
N VAL KB 157 -44.84 46.71 -18.56
CA VAL KB 157 -45.68 46.74 -17.37
C VAL KB 157 -44.81 46.44 -16.15
N GLY KB 158 -43.90 45.47 -16.28
CA GLY KB 158 -43.00 45.14 -15.20
C GLY KB 158 -42.07 46.30 -14.86
N ALA KB 159 -41.56 46.98 -15.89
CA ALA KB 159 -40.63 48.08 -15.71
C ALA KB 159 -41.26 49.23 -14.91
N MET KB 160 -42.52 49.56 -15.27
CA MET KB 160 -43.28 50.62 -14.64
C MET KB 160 -44.11 50.03 -13.49
N GLN KB 161 -43.43 49.70 -12.41
CA GLN KB 161 -44.01 48.87 -11.36
C GLN KB 161 -42.92 48.76 -10.25
N GLN LB 2 -23.02 49.50 -31.75
CA GLN LB 2 -24.43 49.07 -31.97
C GLN LB 2 -24.51 48.30 -33.29
N ASP LB 3 -25.69 48.20 -33.83
CA ASP LB 3 -25.90 47.16 -34.87
C ASP LB 3 -26.65 47.85 -36.01
N ALA LB 4 -26.70 47.20 -37.16
CA ALA LB 4 -27.44 47.76 -38.30
C ALA LB 4 -28.93 47.91 -37.94
N ILE LB 5 -29.48 46.86 -37.35
CA ILE LB 5 -30.89 46.87 -36.94
C ILE LB 5 -31.15 48.02 -35.99
N THR LB 6 -30.31 48.16 -34.97
CA THR LB 6 -30.51 49.23 -33.99
C THR LB 6 -30.28 50.60 -34.64
N ALA LB 7 -29.36 50.69 -35.57
CA ALA LB 7 -29.09 51.95 -36.26
C ALA LB 7 -30.32 52.46 -36.98
N VAL LB 8 -31.02 51.57 -37.66
CA VAL LB 8 -32.27 51.92 -38.35
C VAL LB 8 -33.27 52.40 -37.32
N ILE LB 9 -33.42 51.63 -36.24
CA ILE LB 9 -34.36 51.98 -35.19
C ILE LB 9 -34.03 53.38 -34.65
N ASN LB 10 -32.76 53.65 -34.41
CA ASN LB 10 -32.36 54.90 -33.78
C ASN LB 10 -32.69 56.07 -34.72
N ASN LB 11 -32.46 55.89 -36.01
CA ASN LB 11 -32.73 56.94 -36.98
C ASN LB 11 -34.21 57.28 -36.97
N TYR LB 12 -35.06 56.25 -36.88
CA TYR LB 12 -36.50 56.45 -36.82
C TYR LB 12 -36.89 57.12 -35.50
N ASP LB 13 -36.26 56.71 -34.41
CA ASP LB 13 -36.61 57.23 -33.10
C ASP LB 13 -36.34 58.73 -33.02
N VAL LB 14 -35.23 59.22 -33.59
CA VAL LB 14 -34.94 60.64 -33.53
C VAL LB 14 -35.99 61.39 -34.34
N GLN LB 15 -36.44 60.80 -35.46
CA GLN LB 15 -37.51 61.39 -36.25
C GLN LB 15 -38.84 61.26 -35.48
N GLY LB 16 -38.95 60.22 -34.66
CA GLY LB 16 -40.17 59.96 -33.92
C GLY LB 16 -41.15 59.15 -34.76
N LYS LB 17 -40.71 58.78 -35.97
CA LYS LB 17 -41.53 58.05 -36.91
C LYS LB 17 -41.67 56.59 -36.49
N TYR LB 18 -42.87 56.04 -36.69
CA TYR LB 18 -43.08 54.60 -36.60
C TYR LB 18 -42.35 53.92 -37.76
N LEU LB 19 -41.98 52.65 -37.58
CA LEU LB 19 -41.24 51.91 -38.56
C LEU LB 19 -42.03 51.82 -39.86
N ASP LB 20 -41.31 52.06 -40.98
CA ASP LB 20 -41.99 52.10 -42.29
C ASP LB 20 -41.37 51.01 -43.18
N GLY LB 21 -42.05 50.72 -44.28
CA GLY LB 21 -41.63 49.72 -45.24
C GLY LB 21 -40.23 49.98 -45.78
N ALA LB 22 -39.93 51.24 -46.11
CA ALA LB 22 -38.61 51.63 -46.58
C ALA LB 22 -37.55 51.24 -45.55
N ALA LB 23 -37.80 51.56 -44.28
CA ALA LB 23 -36.96 51.16 -43.19
C ALA LB 23 -36.85 49.63 -43.14
N LEU LB 24 -38.00 48.96 -43.30
CA LEU LB 24 -38.06 47.51 -43.23
C LEU LB 24 -37.15 46.90 -44.30
N ASP LB 25 -37.16 47.51 -45.49
CA ASP LB 25 -36.37 47.04 -46.62
C ASP LB 25 -34.87 47.05 -46.29
N LYS LB 26 -34.42 48.12 -45.65
CA LYS LB 26 -33.01 48.23 -45.22
C LYS LB 26 -32.70 47.10 -44.24
N LEU LB 27 -33.64 46.84 -43.31
CA LEU LB 27 -33.43 45.78 -42.34
C LEU LB 27 -33.40 44.44 -43.06
N LYS LB 28 -34.24 44.28 -44.06
CA LYS LB 28 -34.34 43.04 -44.84
C LYS LB 28 -33.02 42.80 -45.55
N ALA LB 29 -32.46 43.87 -46.12
CA ALA LB 29 -31.17 43.82 -46.81
C ALA LB 29 -30.12 43.24 -45.86
N TYR LB 30 -30.08 43.75 -44.64
CA TYR LB 30 -29.12 43.29 -43.65
C TYR LB 30 -29.32 41.79 -43.40
N PHE LB 31 -30.57 41.35 -43.30
CA PHE LB 31 -30.87 39.98 -42.91
C PHE LB 31 -30.32 38.98 -43.94
N THR LB 32 -30.40 39.32 -45.23
CA THR LB 32 -29.85 38.49 -46.29
C THR LB 32 -28.33 38.40 -46.16
N THR LB 33 -27.67 39.53 -45.88
CA THR LB 33 -26.21 39.56 -45.78
C THR LB 33 -25.76 38.75 -44.57
N GLY LB 34 -26.59 38.70 -43.53
CA GLY LB 34 -26.27 38.09 -42.25
C GLY LB 34 -25.68 36.69 -42.36
N ALA LB 35 -26.29 35.82 -43.13
CA ALA LB 35 -25.88 34.43 -43.24
C ALA LB 35 -24.43 34.33 -43.71
N VAL LB 36 -24.07 35.12 -44.73
CA VAL LB 36 -22.71 35.19 -45.25
C VAL LB 36 -21.75 35.60 -44.13
N ARG LB 37 -22.14 36.62 -43.38
CA ARG LB 37 -21.30 37.19 -42.35
C ARG LB 37 -20.98 36.13 -41.30
N VAL LB 38 -22.00 35.36 -40.89
CA VAL LB 38 -21.80 34.34 -39.87
C VAL LB 38 -20.75 33.34 -40.35
N ARG LB 39 -20.83 32.93 -41.61
CA ARG LB 39 -19.88 31.97 -42.15
C ARG LB 39 -18.47 32.57 -42.11
N ALA LB 40 -18.35 33.84 -42.51
CA ALA LB 40 -17.06 34.52 -42.53
C ALA LB 40 -16.45 34.56 -41.13
N ALA LB 41 -17.29 34.89 -40.14
CA ALA LB 41 -16.82 35.02 -38.76
C ALA LB 41 -16.24 33.70 -38.26
N ALA LB 42 -16.89 32.58 -38.57
CA ALA LB 42 -16.43 31.27 -38.14
C ALA LB 42 -15.07 30.96 -38.76
N VAL LB 43 -14.91 31.31 -40.03
CA VAL LB 43 -13.64 31.11 -40.72
C VAL LB 43 -12.55 31.89 -39.99
N ILE LB 44 -12.82 33.15 -39.67
CA ILE LB 44 -11.80 34.00 -39.08
C ILE LB 44 -11.41 33.44 -37.71
N SER LB 45 -12.40 33.04 -36.90
CA SER LB 45 -12.12 32.57 -35.55
C SER LB 45 -11.18 31.36 -35.58
N SER LB 46 -11.44 30.42 -36.50
CA SER LB 46 -10.66 29.19 -36.59
C SER LB 46 -9.22 29.49 -37.02
N ASN LB 47 -9.05 30.47 -37.92
CA ASN LB 47 -7.75 30.73 -38.52
C ASN LB 47 -7.08 31.96 -37.88
N ALA LB 48 -7.56 32.40 -36.73
CA ALA LB 48 -7.12 33.67 -36.16
C ALA LB 48 -5.62 33.66 -35.89
N THR LB 49 -5.13 32.59 -35.23
CA THR LB 49 -3.72 32.51 -34.87
C THR LB 49 -2.87 32.61 -36.14
N THR LB 50 -3.24 31.88 -37.19
CA THR LB 50 -2.49 31.86 -38.43
C THR LB 50 -2.56 33.24 -39.10
N ILE LB 51 -3.73 33.87 -39.07
CA ILE LB 51 -3.88 35.16 -39.72
C ILE LB 51 -2.86 36.12 -39.13
N ILE LB 52 -2.75 36.10 -37.81
CA ILE LB 52 -1.85 37.01 -37.12
C ILE LB 52 -0.42 36.68 -37.51
N LYS LB 53 -0.09 35.39 -37.52
CA LYS LB 53 1.25 34.92 -37.87
C LYS LB 53 1.64 35.42 -39.26
N GLU LB 54 0.76 35.21 -40.23
CA GLU LB 54 1.04 35.59 -41.61
C GLU LB 54 1.25 37.09 -41.71
N ALA LB 55 0.36 37.85 -41.06
CA ALA LB 55 0.43 39.30 -41.14
C ALA LB 55 1.73 39.80 -40.51
N ALA LB 56 2.12 39.22 -39.39
CA ALA LB 56 3.35 39.59 -38.72
C ALA LB 56 4.54 39.33 -39.64
N ALA LB 57 4.52 38.17 -40.28
CA ALA LB 57 5.57 37.76 -41.21
C ALA LB 57 5.68 38.78 -42.36
N LYS LB 58 4.52 39.23 -42.86
CA LYS LB 58 4.50 40.20 -43.94
C LYS LB 58 5.09 41.54 -43.53
N ALA LB 59 4.82 42.03 -42.31
CA ALA LB 59 5.19 43.40 -41.94
C ALA LB 59 6.11 43.48 -40.72
N LEU LB 60 5.71 42.87 -39.62
CA LEU LB 60 6.32 43.14 -38.33
C LEU LB 60 7.69 42.49 -38.18
N ILE LB 61 7.82 41.21 -38.50
CA ILE LB 61 9.08 40.52 -38.22
C ILE LB 61 10.06 40.80 -39.36
N TYR LB 62 11.31 40.34 -39.21
CA TYR LB 62 12.39 40.56 -40.14
C TYR LB 62 12.55 42.04 -40.44
N SER LB 63 12.35 42.89 -39.42
CA SER LB 63 12.29 44.32 -39.61
C SER LB 63 13.13 44.96 -38.49
N ASP LB 64 13.34 46.27 -38.63
CA ASP LB 64 14.03 47.03 -37.60
C ASP LB 64 13.29 46.95 -36.27
N LEU LB 65 11.94 46.91 -36.30
CA LEU LB 65 11.16 46.87 -35.08
C LEU LB 65 11.61 45.71 -34.21
N THR LB 66 11.73 44.54 -34.80
CA THR LB 66 12.10 43.36 -34.06
C THR LB 66 13.56 43.41 -33.67
N ARG LB 67 14.41 44.12 -34.45
CA ARG LB 67 15.83 44.19 -34.15
C ARG LB 67 16.03 45.06 -32.92
N PRO LB 68 17.16 44.90 -32.15
CA PRO LB 68 17.38 45.68 -30.94
C PRO LB 68 17.34 47.18 -31.19
N GLY LB 69 16.67 47.89 -30.28
CA GLY LB 69 16.42 49.31 -30.45
C GLY LB 69 15.10 49.60 -31.17
N GLY LB 70 14.41 48.55 -31.60
CA GLY LB 70 13.12 48.69 -32.27
C GLY LB 70 11.97 48.57 -31.28
N MET LB 72 9.37 46.76 -31.15
CA MET LB 72 8.87 45.42 -30.87
C MET LB 72 10.00 44.51 -30.36
N TYR LB 73 11.17 45.09 -30.11
CA TYR LB 73 12.29 44.36 -29.53
C TYR LB 73 11.99 44.03 -28.06
N THR LB 74 12.52 42.89 -27.57
CA THR LB 74 12.28 42.29 -26.26
C THR LB 74 11.02 41.46 -26.32
N THR LB 75 10.95 40.37 -25.55
CA THR LB 75 9.82 39.47 -25.64
C THR LB 75 8.54 40.19 -25.22
N ARG LB 76 8.63 41.01 -24.17
CA ARG LB 76 7.47 41.67 -23.63
C ARG LB 76 6.80 42.54 -24.69
N ARG LB 77 7.60 43.37 -25.37
CA ARG LB 77 7.07 44.21 -26.42
C ARG LB 77 6.53 43.38 -27.58
N TYR LB 78 7.22 42.32 -27.97
CA TYR LB 78 6.76 41.50 -29.06
C TYR LB 78 5.38 40.95 -28.74
N ALA LB 79 5.25 40.44 -27.52
CA ALA LB 79 3.98 39.85 -27.09
C ALA LB 79 2.88 40.88 -27.09
N ALA LB 80 3.18 42.11 -26.64
CA ALA LB 80 2.20 43.19 -26.63
C ALA LB 80 1.70 43.46 -28.04
N CYS LB 81 2.62 43.53 -29.01
CA CYS LB 81 2.23 43.85 -30.37
C CYS LB 81 1.30 42.78 -30.94
N ILE LB 82 1.59 41.51 -30.68
CA ILE LB 82 0.73 40.47 -31.23
C ILE LB 82 -0.61 40.47 -30.50
N ARG LB 83 -0.63 40.85 -29.21
CA ARG LB 83 -1.88 40.99 -28.48
C ARG LB 83 -2.74 42.08 -29.12
N ASP LB 84 -2.12 43.20 -29.49
CA ASP LB 84 -2.86 44.28 -30.11
C ASP LB 84 -3.45 43.80 -31.43
N MET LB 85 -2.67 43.02 -32.19
CA MET LB 85 -3.10 42.53 -33.48
C MET LB 85 -4.36 41.68 -33.31
N ASP LB 86 -4.34 40.81 -32.30
CA ASP LB 86 -5.48 39.98 -32.00
C ASP LB 86 -6.71 40.83 -31.70
N TYR LB 87 -6.54 41.89 -30.89
CA TYR LB 87 -7.65 42.76 -30.57
C TYR LB 87 -8.30 43.27 -31.85
N PHE LB 88 -7.47 43.81 -32.75
CA PHE LB 88 -7.99 44.39 -33.96
C PHE LB 88 -8.80 43.33 -34.70
N LEU LB 89 -8.28 42.12 -34.79
CA LEU LB 89 -8.95 41.06 -35.52
C LEU LB 89 -10.29 40.75 -34.89
N ARG LB 90 -10.32 40.57 -33.57
CA ARG LB 90 -11.54 40.18 -32.88
C ARG LB 90 -12.62 41.24 -33.06
N TYR LB 91 -12.23 42.52 -32.94
CA TYR LB 91 -13.20 43.59 -33.01
C TYR LB 91 -13.71 43.72 -34.44
N ALA LB 92 -12.83 43.56 -35.43
CA ALA LB 92 -13.26 43.63 -36.80
C ALA LB 92 -14.29 42.54 -37.08
N THR LB 93 -14.06 41.33 -36.55
CA THR LB 93 -15.01 40.25 -36.70
C THR LB 93 -16.35 40.63 -36.08
N TYR LB 94 -16.32 41.24 -34.89
CA TYR LB 94 -17.54 41.68 -34.22
C TYR LB 94 -18.26 42.68 -35.11
N ALA LB 95 -17.51 43.63 -35.66
CA ALA LB 95 -18.10 44.68 -36.49
C ALA LB 95 -18.75 44.08 -37.72
N MET LB 96 -18.10 43.08 -38.31
CA MET LB 96 -18.61 42.47 -39.53
C MET LB 96 -19.96 41.81 -39.24
N LEU LB 97 -20.05 41.06 -38.14
CA LEU LB 97 -21.32 40.47 -37.77
C LEU LB 97 -22.35 41.57 -37.54
N ALA LB 98 -21.98 42.61 -36.80
CA ALA LB 98 -22.90 43.67 -36.44
C ALA LB 98 -23.39 44.41 -37.68
N GLY LB 99 -22.51 44.59 -38.66
CA GLY LB 99 -22.82 45.38 -39.83
C GLY LB 99 -22.69 46.88 -39.54
N ASP LB 100 -22.04 47.23 -38.42
CA ASP LB 100 -21.90 48.63 -38.04
C ASP LB 100 -20.46 48.90 -37.60
N PRO LB 101 -19.87 50.03 -38.01
CA PRO LB 101 -18.53 50.42 -37.54
C PRO LB 101 -18.43 51.01 -36.13
N SER LB 102 -19.57 51.25 -35.48
CA SER LB 102 -19.62 51.98 -34.23
C SER LB 102 -18.82 51.29 -33.13
N ILE LB 103 -18.93 49.96 -33.03
CA ILE LB 103 -18.25 49.25 -31.98
C ILE LB 103 -16.75 49.53 -32.05
N LEU LB 104 -16.21 49.62 -33.26
CA LEU LB 104 -14.79 49.90 -33.42
C LEU LB 104 -14.47 51.26 -32.78
N ASP LB 105 -15.31 52.26 -33.06
CA ASP LB 105 -15.11 53.59 -32.49
C ASP LB 105 -15.20 53.56 -30.96
N GLU LB 106 -16.19 52.86 -30.42
CA GLU LB 106 -16.46 52.88 -28.99
C GLU LB 106 -15.35 52.17 -28.22
N ARG LB 107 -14.84 51.04 -28.71
CA ARG LB 107 -13.84 50.28 -27.96
C ARG LB 107 -12.43 50.52 -28.49
N VAL LB 108 -12.18 50.22 -29.74
CA VAL LB 108 -10.82 50.13 -30.23
C VAL LB 108 -10.29 51.53 -30.53
N LEU LB 109 -11.07 52.31 -31.29
CA LEU LB 109 -10.51 53.52 -31.85
C LEU LB 109 -10.33 54.61 -30.80
N ASN LB 110 -11.15 54.60 -29.75
CA ASN LB 110 -11.19 55.71 -28.83
C ASN LB 110 -9.99 55.73 -27.89
N GLY LB 111 -9.19 56.82 -27.96
CA GLY LB 111 -8.02 56.94 -27.12
C GLY LB 111 -6.81 56.14 -27.59
N LEU LB 112 -6.89 55.41 -28.70
CA LEU LB 112 -5.78 54.57 -29.08
C LEU LB 112 -4.60 55.43 -29.54
N LYS LB 113 -4.87 56.46 -30.31
CA LYS LB 113 -3.83 57.31 -30.87
C LYS LB 113 -3.00 57.89 -29.72
N GLU LB 114 -3.71 58.43 -28.72
CA GLU LB 114 -3.09 59.07 -27.58
C GLU LB 114 -2.25 58.05 -26.80
N THR LB 115 -2.81 56.86 -26.56
CA THR LB 115 -2.10 55.80 -25.86
C THR LB 115 -0.82 55.48 -26.60
N TYR LB 116 -0.92 55.30 -27.91
CA TYR LB 116 0.23 54.92 -28.71
C TYR LB 116 1.29 56.01 -28.67
N ASN LB 117 0.88 57.27 -28.73
CA ASN LB 117 1.85 58.36 -28.70
C ASN LB 117 2.61 58.38 -27.38
N SER LB 118 1.90 58.19 -26.26
CA SER LB 118 2.58 58.12 -24.98
C SER LB 118 3.53 56.92 -24.95
N LEU LB 119 3.08 55.77 -25.46
CA LEU LB 119 3.89 54.58 -25.43
C LEU LB 119 5.10 54.73 -26.36
N GLY LB 120 4.94 55.49 -27.44
CA GLY LB 120 5.96 55.57 -28.48
C GLY LB 120 5.83 54.47 -29.52
N VAL LB 121 4.74 53.70 -29.47
CA VAL LB 121 4.42 52.75 -30.50
C VAL LB 121 4.24 53.48 -31.83
N PRO LB 122 4.81 53.01 -32.96
CA PRO LB 122 4.60 53.64 -34.26
C PRO LB 122 3.27 53.31 -34.94
N ILE LB 123 2.46 54.35 -35.16
CA ILE LB 123 1.12 54.16 -35.68
C ILE LB 123 1.15 53.61 -37.10
N ALA LB 124 2.03 54.15 -37.94
CA ALA LB 124 2.05 53.75 -39.33
C ALA LB 124 2.36 52.26 -39.48
N ALA LB 125 3.31 51.74 -38.70
CA ALA LB 125 3.63 50.32 -38.70
C ALA LB 125 2.41 49.49 -38.27
N THR LB 126 1.68 49.97 -37.27
CA THR LB 126 0.50 49.27 -36.77
C THR LB 126 -0.53 49.22 -37.89
N VAL LB 127 -0.71 50.35 -38.58
CA VAL LB 127 -1.66 50.43 -39.67
C VAL LB 127 -1.27 49.41 -40.75
N GLY LB 128 0.03 49.37 -41.07
CA GLY LB 128 0.58 48.40 -42.00
C GLY LB 128 0.18 46.96 -41.64
N GLY LB 129 0.32 46.62 -40.36
CA GLY LB 129 -0.06 45.32 -39.84
C GLY LB 129 -1.56 45.03 -40.03
N ILE LB 130 -2.40 46.05 -39.80
CA ILE LB 130 -3.83 45.89 -39.95
C ILE LB 130 -4.15 45.58 -41.41
N GLN LB 131 -3.51 46.32 -42.33
CA GLN LB 131 -3.71 46.14 -43.75
C GLN LB 131 -3.28 44.73 -44.17
N ALA LB 132 -2.15 44.27 -43.61
CA ALA LB 132 -1.69 42.93 -43.88
C ALA LB 132 -2.72 41.89 -43.42
N MET LB 133 -3.28 42.09 -42.22
CA MET LB 133 -4.27 41.14 -41.73
C MET LB 133 -5.45 41.10 -42.68
N LYS LB 134 -5.84 42.27 -43.19
CA LYS LB 134 -6.98 42.37 -44.08
C LYS LB 134 -6.78 41.48 -45.30
N GLU LB 135 -5.58 41.58 -45.89
CA GLU LB 135 -5.24 40.82 -47.08
C GLU LB 135 -5.36 39.30 -46.80
N VAL LB 136 -4.77 38.85 -45.69
CA VAL LB 136 -4.83 37.45 -45.32
C VAL LB 136 -6.29 37.04 -45.12
N VAL LB 137 -7.05 37.89 -44.41
CA VAL LB 137 -8.43 37.58 -44.06
C VAL LB 137 -9.23 37.42 -45.36
N GLY LB 138 -8.99 38.35 -46.30
CA GLY LB 138 -9.71 38.37 -47.56
C GLY LB 138 -9.65 37.02 -48.27
N GLY LB 139 -8.45 36.44 -48.35
CA GLY LB 139 -8.24 35.12 -48.92
C GLY LB 139 -9.14 34.06 -48.26
N LEU LB 140 -9.07 33.96 -46.94
CA LEU LB 140 -9.74 32.89 -46.21
C LEU LB 140 -11.25 33.01 -46.34
N VAL LB 141 -11.77 34.24 -46.22
CA VAL LB 141 -13.21 34.44 -46.14
C VAL LB 141 -13.82 34.16 -47.51
N GLY LB 142 -13.08 34.49 -48.57
CA GLY LB 142 -13.60 34.40 -49.94
C GLY LB 142 -14.17 35.74 -50.39
N PRO LB 143 -14.39 35.96 -51.70
CA PRO LB 143 -14.65 37.29 -52.26
C PRO LB 143 -15.85 38.08 -51.75
N ASP LB 144 -17.02 37.44 -51.69
CA ASP LB 144 -18.24 38.09 -51.23
C ASP LB 144 -18.06 38.60 -49.80
N ALA LB 145 -17.51 37.73 -48.95
CA ALA LB 145 -17.26 38.06 -47.55
C ALA LB 145 -16.16 39.12 -47.44
N ALA LB 146 -15.17 39.04 -48.34
CA ALA LB 146 -13.99 39.90 -48.27
C ALA LB 146 -14.38 41.37 -48.35
N LYS LB 147 -15.32 41.73 -49.23
CA LYS LB 147 -15.69 43.13 -49.40
C LYS LB 147 -16.21 43.67 -48.06
N GLU LB 148 -17.09 42.89 -47.41
CA GLU LB 148 -17.66 43.28 -46.13
C GLU LB 148 -16.55 43.38 -45.08
N ALA LB 149 -15.68 42.37 -45.03
CA ALA LB 149 -14.60 42.36 -44.06
C ALA LB 149 -13.66 43.55 -44.26
N SER LB 150 -13.38 43.90 -45.52
CA SER LB 150 -12.39 44.91 -45.82
C SER LB 150 -12.78 46.27 -45.24
N ILE LB 151 -14.08 46.61 -45.28
CA ILE LB 151 -14.47 47.95 -44.88
C ILE LB 151 -14.13 48.20 -43.41
N TYR LB 152 -14.33 47.18 -42.56
CA TYR LB 152 -14.07 47.34 -41.13
C TYR LB 152 -12.57 47.47 -40.89
N PHE LB 153 -11.76 46.67 -41.59
CA PHE LB 153 -10.32 46.77 -41.48
C PHE LB 153 -9.85 48.17 -41.90
N ASP LB 154 -10.43 48.68 -42.99
CA ASP LB 154 -10.06 49.99 -43.48
C ASP LB 154 -10.46 51.08 -42.47
N TYR LB 155 -11.61 50.87 -41.84
CA TYR LB 155 -12.11 51.82 -40.85
C TYR LB 155 -11.13 51.93 -39.68
N LEU LB 156 -10.64 50.76 -39.20
CA LEU LB 156 -9.67 50.74 -38.12
C LEU LB 156 -8.42 51.51 -38.56
N SER LB 157 -7.97 51.23 -39.79
CA SER LB 157 -6.72 51.82 -40.28
C SER LB 157 -6.85 53.34 -40.34
N SER LB 158 -7.98 53.82 -40.86
CA SER LB 158 -8.22 55.25 -41.01
C SER LB 158 -8.27 55.93 -39.63
N GLY LB 159 -8.90 55.28 -38.65
CA GLY LB 159 -8.99 55.82 -37.31
C GLY LB 159 -7.60 56.00 -36.68
N LEU LB 160 -6.78 54.95 -36.79
CA LEU LB 160 -5.45 54.91 -36.21
C LEU LB 160 -4.59 55.99 -36.88
N SER MB 2 20.13 45.62 -10.62
CA SER MB 2 21.13 45.00 -9.73
C SER MB 2 20.71 45.04 -8.27
N VAL MB 3 21.39 44.36 -7.39
CA VAL MB 3 21.21 44.32 -5.96
C VAL MB 3 21.00 45.70 -5.37
N LEU MB 4 21.75 46.67 -5.79
CA LEU MB 4 21.67 48.02 -5.25
C LEU MB 4 20.29 48.60 -5.55
N THR MB 5 19.84 48.45 -6.79
CA THR MB 5 18.53 48.95 -7.21
C THR MB 5 17.45 48.34 -6.31
N LYS MB 6 17.56 47.02 -6.09
CA LYS MB 6 16.59 46.31 -5.27
C LYS MB 6 16.53 46.93 -3.88
N ALA MB 7 17.69 47.18 -3.27
CA ALA MB 7 17.78 47.74 -1.91
C ALA MB 7 17.12 49.12 -1.86
N ILE MB 8 17.43 49.97 -2.83
CA ILE MB 8 16.90 51.31 -2.90
C ILE MB 8 15.37 51.24 -3.00
N VAL MB 9 14.87 50.36 -3.85
CA VAL MB 9 13.45 50.23 -4.09
C VAL MB 9 12.73 49.82 -2.80
N ASN MB 10 13.29 48.90 -2.02
CA ASN MB 10 12.66 48.50 -0.78
C ASN MB 10 12.60 49.67 0.19
N ALA MB 11 13.68 50.45 0.25
CA ALA MB 11 13.75 51.60 1.12
C ALA MB 11 12.68 52.62 0.72
N ASP MB 12 12.56 52.88 -0.58
CA ASP MB 12 11.62 53.88 -1.08
C ASP MB 12 10.19 53.48 -0.73
N ALA MB 13 9.87 52.19 -0.86
CA ALA MB 13 8.54 51.70 -0.50
C ALA MB 13 8.26 51.98 0.96
N GLU MB 14 9.26 51.72 1.83
CA GLU MB 14 9.12 51.98 3.23
C GLU MB 14 9.22 53.47 3.54
N ALA MB 15 9.72 54.25 2.57
CA ALA MB 15 9.91 55.68 2.74
C ALA MB 15 10.92 55.98 3.85
N ARG MB 16 11.98 55.15 3.92
CA ARG MB 16 12.97 55.23 4.97
C ARG MB 16 14.35 55.23 4.37
N TYR MB 17 15.35 55.78 5.09
CA TYR MB 17 16.75 55.70 4.65
C TYR MB 17 17.22 54.25 4.72
N LEU MB 18 18.27 53.92 3.96
CA LEU MB 18 18.72 52.53 3.89
C LEU MB 18 19.19 52.09 5.26
N SER MB 19 18.74 50.88 5.65
CA SER MB 19 19.14 50.25 6.90
C SER MB 19 20.61 49.86 6.84
N PRO MB 20 21.29 49.76 8.00
CA PRO MB 20 22.72 49.38 8.04
C PRO MB 20 22.96 48.04 7.36
N GLY MB 21 22.10 47.06 7.66
CA GLY MB 21 22.15 45.74 7.06
C GLY MB 21 22.06 45.81 5.53
N GLU MB 22 21.12 46.61 5.04
CA GLU MB 22 20.94 46.83 3.61
C GLU MB 22 22.22 47.45 3.03
N LEU MB 23 22.78 48.43 3.74
CA LEU MB 23 23.99 49.09 3.30
C LEU MB 23 25.14 48.08 3.22
N ASP MB 24 25.21 47.17 4.20
CA ASP MB 24 26.26 46.16 4.23
C ASP MB 24 26.19 45.26 3.00
N ARG MB 25 24.98 44.88 2.61
CA ARG MB 25 24.78 44.03 1.46
C ARG MB 25 25.26 44.76 0.20
N ILE MB 26 25.04 46.08 0.14
CA ILE MB 26 25.52 46.86 -0.99
C ILE MB 26 27.04 46.81 -1.04
N LYS MB 27 27.67 46.94 0.13
CA LYS MB 27 29.12 46.93 0.22
C LYS MB 27 29.66 45.59 -0.30
N SER MB 28 29.02 44.49 0.11
CA SER MB 28 29.46 43.17 -0.27
C SER MB 28 29.39 43.05 -1.79
N PHE MB 29 28.28 43.56 -2.37
CA PHE MB 29 28.04 43.43 -3.80
C PHE MB 29 29.13 44.16 -4.59
N VAL MB 30 29.51 45.36 -4.15
CA VAL MB 30 30.47 46.15 -4.89
C VAL MB 30 31.83 45.45 -4.88
N ALA MB 31 32.18 44.81 -3.76
CA ALA MB 31 33.40 44.01 -3.67
C ALA MB 31 33.35 42.83 -4.61
N SER MB 32 32.19 42.16 -4.68
CA SER MB 32 32.04 40.98 -5.52
C SER MB 32 32.11 41.33 -7.00
N GLY MB 33 31.72 42.56 -7.34
CA GLY MB 33 31.52 42.99 -8.72
C GLY MB 33 32.72 42.73 -9.60
N GLU MB 34 33.91 43.07 -9.15
CA GLU MB 34 35.14 42.89 -9.90
C GLU MB 34 35.34 41.44 -10.33
N ARG MB 35 35.15 40.50 -9.42
CA ARG MB 35 35.16 39.08 -9.73
C ARG MB 35 34.10 38.78 -10.77
N ARG MB 36 32.88 39.34 -10.59
CA ARG MB 36 31.79 39.09 -11.50
C ARG MB 36 32.17 39.57 -12.90
N LEU MB 37 32.82 40.73 -12.98
CA LEU MB 37 33.17 41.31 -14.28
C LEU MB 37 34.08 40.36 -15.03
N ARG MB 38 35.03 39.76 -14.36
CA ARG MB 38 35.98 38.83 -14.97
C ARG MB 38 35.22 37.63 -15.54
N ILE MB 39 34.27 37.07 -14.76
CA ILE MB 39 33.51 35.93 -15.23
C ILE MB 39 32.78 36.28 -16.51
N ALA MB 40 32.15 37.46 -16.53
CA ALA MB 40 31.42 37.92 -17.69
C ALA MB 40 32.36 38.10 -18.88
N GLN MB 41 33.54 38.64 -18.62
CA GLN MB 41 34.51 38.92 -19.67
C GLN MB 41 34.90 37.62 -20.35
N THR MB 42 35.13 36.58 -19.54
CA THR MB 42 35.55 35.28 -20.06
C THR MB 42 34.52 34.78 -21.07
N LEU MB 43 33.24 34.79 -20.68
CA LEU MB 43 32.17 34.28 -21.53
C LEU MB 43 32.05 35.12 -22.81
N THR MB 44 32.23 36.43 -22.70
CA THR MB 44 32.13 37.31 -23.85
C THR MB 44 33.17 36.92 -24.89
N GLU MB 45 34.41 36.64 -24.45
CA GLU MB 45 35.48 36.32 -25.37
C GLU MB 45 35.20 35.00 -26.06
N ALA MB 46 34.64 34.04 -25.31
CA ALA MB 46 34.37 32.72 -25.83
C ALA MB 46 32.98 32.65 -26.47
N ARG MB 47 32.32 33.80 -26.62
CA ARG MB 47 30.91 33.82 -26.99
C ARG MB 47 30.70 33.09 -28.31
N GLU MB 48 31.47 33.46 -29.35
CA GLU MB 48 31.29 32.94 -30.69
C GLU MB 48 31.34 31.41 -30.70
N ARG MB 49 32.35 30.84 -30.01
CA ARG MB 49 32.52 29.41 -29.96
C ARG MB 49 31.41 28.76 -29.14
N ILE MB 50 31.00 29.39 -28.02
CA ILE MB 50 29.97 28.80 -27.18
C ILE MB 50 28.71 28.60 -28.01
N VAL MB 51 28.33 29.64 -28.76
CA VAL MB 51 27.10 29.59 -29.52
C VAL MB 51 27.22 28.47 -30.56
N LYS MB 52 28.34 28.43 -31.27
CA LYS MB 52 28.54 27.46 -32.34
C LYS MB 52 28.44 26.04 -31.78
N GLN MB 53 29.19 25.75 -30.71
CA GLN MB 53 29.19 24.43 -30.12
C GLN MB 53 27.80 24.03 -29.65
N ALA MB 54 27.12 24.97 -28.97
CA ALA MB 54 25.80 24.68 -28.41
C ALA MB 54 24.80 24.37 -29.54
N GLY MB 55 24.89 25.15 -30.62
CA GLY MB 55 24.02 24.96 -31.77
C GLY MB 55 24.12 23.53 -32.30
N ASP MB 56 25.35 23.07 -32.50
CA ASP MB 56 25.63 21.76 -33.04
C ASP MB 56 25.03 20.69 -32.12
N GLN MB 57 25.27 20.85 -30.81
CA GLN MB 57 24.76 19.91 -29.83
C GLN MB 57 23.23 19.86 -29.92
N LEU MB 58 22.60 21.05 -30.00
CA LEU MB 58 21.15 21.13 -30.05
C LEU MB 58 20.63 20.39 -31.28
N PHE MB 59 21.26 20.63 -32.43
CA PHE MB 59 20.81 20.04 -33.67
C PHE MB 59 20.98 18.53 -33.63
N GLN MB 60 22.05 18.05 -33.00
CA GLN MB 60 22.23 16.61 -32.81
C GLN MB 60 21.12 16.08 -31.89
N LYS MB 61 20.85 16.80 -30.79
CA LYS MB 61 19.85 16.36 -29.82
C LYS MB 61 18.47 16.34 -30.47
N ARG MB 62 18.18 17.35 -31.31
CA ARG MB 62 16.90 17.47 -31.97
C ARG MB 62 17.08 17.53 -33.48
N PRO MB 63 17.13 16.39 -34.19
CA PRO MB 63 17.22 16.43 -35.65
C PRO MB 63 16.02 17.15 -36.26
N ASP MB 64 14.86 17.01 -35.63
CA ASP MB 64 13.58 17.46 -36.16
C ASP MB 64 13.60 18.97 -36.44
N VAL MB 65 14.17 19.76 -35.52
CA VAL MB 65 14.06 21.20 -35.64
C VAL MB 65 14.69 21.64 -36.96
N VAL MB 66 15.84 21.06 -37.33
CA VAL MB 66 16.45 21.31 -38.63
C VAL MB 66 16.06 20.17 -39.55
N SER MB 67 14.77 20.10 -39.89
CA SER MB 67 14.23 19.15 -40.84
C SER MB 67 13.15 19.89 -41.61
N PRO MB 68 12.74 19.42 -42.82
CA PRO MB 68 11.86 20.24 -43.67
C PRO MB 68 10.60 20.68 -42.94
N GLY MB 69 10.03 19.80 -42.13
CA GLY MB 69 8.91 20.17 -41.27
C GLY MB 69 9.29 21.23 -40.23
N GLY MB 70 10.48 21.08 -39.64
CA GLY MB 70 10.90 21.85 -38.47
C GLY MB 70 11.11 23.33 -38.78
N ASN MB 71 10.99 24.14 -37.72
CA ASN MB 71 11.04 25.60 -37.82
C ASN MB 71 12.43 26.06 -38.20
N ALA MB 72 13.44 25.39 -37.65
CA ALA MB 72 14.82 25.80 -37.80
C ALA MB 72 15.34 25.54 -39.21
N TYR MB 73 14.66 24.69 -39.96
CA TYR MB 73 15.17 24.21 -41.25
C TYR MB 73 15.33 25.33 -42.27
N GLY MB 74 16.42 25.25 -43.05
CA GLY MB 74 16.80 26.26 -44.01
C GLY MB 74 17.84 27.22 -43.42
N GLU MB 75 18.63 27.85 -44.28
CA GLU MB 75 19.74 28.69 -43.87
C GLU MB 75 19.24 29.88 -43.06
N LYS MB 76 18.23 30.58 -43.61
CA LYS MB 76 17.70 31.78 -42.96
C LYS MB 76 17.26 31.39 -41.55
N MET MB 77 16.46 30.32 -41.47
CA MET MB 77 15.89 29.89 -40.21
C MET MB 77 16.98 29.45 -39.24
N THR MB 78 17.99 28.73 -39.75
CA THR MB 78 19.04 28.24 -38.86
C THR MB 78 19.81 29.41 -38.28
N ALA MB 79 20.05 30.43 -39.10
CA ALA MB 79 20.73 31.64 -38.63
C ALA MB 79 19.94 32.28 -37.50
N LEU MB 80 18.62 32.39 -37.68
CA LEU MB 80 17.76 33.01 -36.67
C LEU MB 80 17.82 32.21 -35.37
N CYS MB 81 17.83 30.88 -35.47
CA CYS MB 81 17.92 30.05 -34.28
C CYS MB 81 19.24 30.32 -33.55
N LEU MB 82 20.33 30.48 -34.30
CA LEU MB 82 21.61 30.75 -33.70
C LEU MB 82 21.64 32.15 -33.11
N ARG MB 83 21.01 33.10 -33.81
CA ARG MB 83 20.91 34.47 -33.32
C ARG MB 83 20.21 34.48 -31.97
N ASP MB 84 19.16 33.67 -31.83
CA ASP MB 84 18.43 33.60 -30.57
C ASP MB 84 19.34 33.09 -29.47
N LEU MB 85 20.15 32.07 -29.78
CA LEU MB 85 21.07 31.54 -28.79
C LEU MB 85 22.06 32.61 -28.37
N ASP MB 86 22.54 33.38 -29.35
CA ASP MB 86 23.46 34.46 -29.05
C ASP MB 86 22.81 35.48 -28.13
N TYR MB 87 21.55 35.85 -28.40
CA TYR MB 87 20.81 36.80 -27.58
C TYR MB 87 20.78 36.33 -26.14
N TYR MB 88 20.45 35.06 -25.94
CA TYR MB 88 20.33 34.56 -24.58
C TYR MB 88 21.69 34.61 -23.88
N LEU MB 89 22.77 34.34 -24.62
CA LEU MB 89 24.08 34.39 -24.01
C LEU MB 89 24.41 35.81 -23.56
N ARG MB 90 24.10 36.79 -24.41
CA ARG MB 90 24.34 38.19 -24.08
C ARG MB 90 23.58 38.55 -22.81
N LEU MB 91 22.33 38.08 -22.71
CA LEU MB 91 21.53 38.36 -21.54
C LEU MB 91 22.19 37.76 -20.30
N VAL MB 92 22.70 36.53 -20.41
CA VAL MB 92 23.32 35.89 -19.27
C VAL MB 92 24.52 36.71 -18.78
N THR MB 93 25.34 37.22 -19.70
CA THR MB 93 26.50 38.01 -19.31
C THR MB 93 26.02 39.23 -18.52
N TYR MB 94 24.98 39.90 -19.03
CA TYR MB 94 24.42 41.08 -18.37
C TYR MB 94 24.02 40.71 -16.95
N GLY MB 95 23.39 39.55 -16.78
CA GLY MB 95 22.96 39.07 -15.48
C GLY MB 95 24.11 38.93 -14.49
N ILE MB 96 25.21 38.35 -14.95
CA ILE MB 96 26.33 38.06 -14.08
C ILE MB 96 26.88 39.38 -13.52
N VAL MB 97 27.04 40.39 -14.38
CA VAL MB 97 27.58 41.66 -13.91
C VAL MB 97 26.57 42.32 -12.95
N ALA MB 98 25.28 42.21 -13.25
CA ALA MB 98 24.25 42.82 -12.41
C ALA MB 98 24.17 42.11 -11.02
N GLY MB 99 24.39 40.80 -11.05
CA GLY MB 99 24.26 40.04 -9.82
C GLY MB 99 22.81 39.64 -9.56
N ASP MB 100 21.94 39.89 -10.54
CA ASP MB 100 20.51 39.58 -10.40
C ASP MB 100 19.97 39.10 -11.75
N VAL MB 101 18.85 38.43 -11.74
CA VAL MB 101 18.27 37.92 -12.99
C VAL MB 101 17.36 38.98 -13.62
N THR MB 102 17.07 40.05 -12.86
CA THR MB 102 16.10 41.04 -13.31
C THR MB 102 16.46 41.55 -14.70
N PRO MB 103 17.70 41.98 -15.00
CA PRO MB 103 18.05 42.45 -16.34
C PRO MB 103 17.71 41.41 -17.40
N ILE MB 104 18.09 40.16 -17.12
CA ILE MB 104 17.80 39.03 -18.01
C ILE MB 104 16.28 38.94 -18.19
N GLU MB 105 15.57 39.01 -17.07
CA GLU MB 105 14.15 38.72 -17.04
C GLU MB 105 13.35 39.69 -17.90
N GLU MB 106 13.62 40.99 -17.76
CA GLU MB 106 12.85 41.99 -18.51
C GLU MB 106 13.07 41.81 -20.02
N ILE MB 107 14.30 41.57 -20.47
CA ILE MB 107 14.58 41.55 -21.88
C ILE MB 107 14.10 40.24 -22.51
N GLY MB 108 14.18 39.11 -21.79
CA GLY MB 108 14.06 37.81 -22.43
C GLY MB 108 12.95 36.91 -21.90
N ILE MB 109 12.50 37.05 -20.65
CA ILE MB 109 11.68 35.97 -20.10
C ILE MB 109 10.21 36.38 -20.03
N ILE MB 110 9.85 37.66 -20.24
CA ILE MB 110 8.44 38.00 -20.10
C ILE MB 110 7.80 38.08 -21.48
N GLY MB 111 6.76 37.27 -21.66
CA GLY MB 111 6.06 37.12 -22.92
C GLY MB 111 6.79 36.19 -23.89
N VAL MB 112 7.82 35.51 -23.40
CA VAL MB 112 8.64 34.65 -24.25
C VAL MB 112 7.77 33.53 -24.82
N LYS MB 113 6.94 32.93 -23.97
CA LYS MB 113 6.07 31.84 -24.39
C LYS MB 113 5.20 32.29 -25.56
N GLU MB 114 4.58 33.46 -25.39
CA GLU MB 114 3.65 34.00 -26.38
C GLU MB 114 4.37 34.28 -27.70
N MET MB 115 5.56 34.87 -27.62
CA MET MB 115 6.32 35.21 -28.81
C MET MB 115 6.64 33.93 -29.58
N TYR MB 116 7.17 32.93 -28.88
CA TYR MB 116 7.60 31.70 -29.54
C TYR MB 116 6.38 30.96 -30.08
N ASN MB 117 5.25 30.99 -29.37
CA ASN MB 117 4.07 30.31 -29.86
C ASN MB 117 3.58 30.93 -31.17
N SER MB 118 3.63 32.26 -31.29
CA SER MB 118 3.28 32.87 -32.56
C SER MB 118 4.27 32.41 -33.63
N LEU MB 119 5.56 32.39 -33.29
CA LEU MB 119 6.58 31.97 -34.24
C LEU MB 119 6.41 30.48 -34.57
N GLN MB 120 5.91 29.72 -33.58
CA GLN MB 120 5.69 28.29 -33.69
C GLN MB 120 6.97 27.52 -33.36
N THR MB 121 8.01 28.24 -32.95
CA THR MB 121 9.23 27.63 -32.45
C THR MB 121 8.88 26.79 -31.23
N PRO MB 122 9.40 25.54 -31.11
CA PRO MB 122 9.19 24.74 -29.89
C PRO MB 122 10.01 25.27 -28.70
N ILE MB 123 9.31 25.51 -27.58
CA ILE MB 123 9.94 26.09 -26.42
C ILE MB 123 10.94 25.11 -25.83
N PRO MB 124 10.63 23.79 -25.73
CA PRO MB 124 11.58 22.84 -25.13
C PRO MB 124 12.94 22.78 -25.86
N ALA MB 125 12.91 22.88 -27.17
CA ALA MB 125 14.13 22.88 -27.98
C ALA MB 125 14.99 24.11 -27.60
N VAL MB 126 14.33 25.26 -27.42
CA VAL MB 126 15.04 26.48 -27.06
C VAL MB 126 15.73 26.25 -25.72
N ALA MB 127 15.01 25.61 -24.78
CA ALA MB 127 15.55 25.32 -23.46
C ALA MB 127 16.79 24.43 -23.56
N GLU MB 128 16.72 23.43 -24.45
CA GLU MB 128 17.83 22.51 -24.64
C GLU MB 128 19.06 23.28 -25.13
N GLY MB 129 18.85 24.21 -26.07
CA GLY MB 129 19.92 25.03 -26.58
C GLY MB 129 20.62 25.83 -25.47
N VAL MB 130 19.82 26.36 -24.54
CA VAL MB 130 20.37 27.12 -23.44
C VAL MB 130 21.16 26.18 -22.54
N ARG MB 131 20.62 24.98 -22.30
CA ARG MB 131 21.33 23.98 -21.50
C ARG MB 131 22.67 23.66 -22.15
N ALA MB 132 22.64 23.46 -23.47
CA ALA MB 132 23.84 23.17 -24.23
C ALA MB 132 24.87 24.29 -24.04
N MET MB 133 24.41 25.54 -24.15
CA MET MB 133 25.31 26.68 -23.99
C MET MB 133 25.94 26.65 -22.60
N LYS MB 134 25.14 26.27 -21.61
CA LYS MB 134 25.62 26.24 -20.23
C LYS MB 134 26.81 25.29 -20.13
N ASN MB 135 26.68 24.10 -20.74
CA ASN MB 135 27.70 23.07 -20.63
C ASN MB 135 29.00 23.56 -21.25
N VAL MB 136 28.92 24.18 -22.43
CA VAL MB 136 30.08 24.72 -23.09
C VAL MB 136 30.71 25.79 -22.20
N ALA MB 137 29.87 26.71 -21.69
CA ALA MB 137 30.35 27.82 -20.90
C ALA MB 137 31.03 27.32 -19.63
N THR MB 138 30.44 26.28 -19.00
CA THR MB 138 30.96 25.74 -17.76
C THR MB 138 32.39 25.24 -17.97
N SER MB 139 32.64 24.56 -19.10
CA SER MB 139 33.95 23.98 -19.37
C SER MB 139 35.03 25.06 -19.41
N LEU MB 140 34.74 26.20 -20.04
CA LEU MB 140 35.72 27.27 -20.17
C LEU MB 140 35.92 27.96 -18.83
N LEU MB 141 34.86 28.04 -18.02
CA LEU MB 141 34.95 28.73 -16.74
C LEU MB 141 35.62 27.82 -15.72
N SER MB 142 36.29 28.44 -14.74
CA SER MB 142 36.77 27.71 -13.57
C SER MB 142 35.56 27.32 -12.71
N GLY MB 143 35.73 26.28 -11.87
CA GLY MB 143 34.64 25.63 -11.16
C GLY MB 143 33.74 26.59 -10.39
N ASP MB 144 34.34 27.43 -9.54
CA ASP MB 144 33.59 28.40 -8.75
C ASP MB 144 32.92 29.42 -9.68
N ASP MB 145 33.66 29.88 -10.71
CA ASP MB 145 33.08 30.78 -11.69
C ASP MB 145 31.91 30.12 -12.39
N ALA MB 146 32.08 28.83 -12.72
CA ALA MB 146 31.07 28.07 -13.44
C ALA MB 146 29.78 28.00 -12.62
N ALA MB 147 29.92 27.79 -11.30
CA ALA MB 147 28.75 27.67 -10.44
C ALA MB 147 27.93 28.96 -10.49
N GLU MB 148 28.62 30.11 -10.40
CA GLU MB 148 27.97 31.41 -10.49
C GLU MB 148 27.24 31.53 -11.82
N ALA MB 149 27.94 31.22 -12.92
CA ALA MB 149 27.36 31.31 -14.24
C ALA MB 149 26.19 30.34 -14.39
N GLY MB 150 26.31 29.16 -13.78
CA GLY MB 150 25.29 28.13 -13.87
C GLY MB 150 23.93 28.63 -13.39
N PHE MB 151 23.94 29.38 -12.27
CA PHE MB 151 22.71 29.85 -11.68
C PHE MB 151 21.92 30.65 -12.71
N TYR MB 152 22.59 31.57 -13.40
CA TYR MB 152 21.93 32.41 -14.38
C TYR MB 152 21.43 31.55 -15.55
N PHE MB 153 22.25 30.59 -15.98
CA PHE MB 153 21.86 29.70 -17.05
C PHE MB 153 20.63 28.88 -16.66
N ASP MB 154 20.62 28.40 -15.42
CA ASP MB 154 19.52 27.58 -14.92
C ASP MB 154 18.23 28.39 -14.91
N TYR MB 155 18.33 29.66 -14.49
CA TYR MB 155 17.16 30.52 -14.44
C TYR MB 155 16.52 30.61 -15.82
N LEU MB 156 17.35 30.82 -16.84
CA LEU MB 156 16.86 30.94 -18.21
C LEU MB 156 16.11 29.67 -18.58
N VAL MB 157 16.71 28.52 -18.27
CA VAL MB 157 16.12 27.24 -18.61
C VAL MB 157 14.78 27.10 -17.89
N GLY MB 158 14.74 27.51 -16.62
CA GLY MB 158 13.51 27.47 -15.84
C GLY MB 158 12.44 28.37 -16.45
N ALA MB 159 12.84 29.58 -16.87
CA ALA MB 159 11.92 30.56 -17.40
C ALA MB 159 11.25 30.05 -18.68
N MET MB 160 12.05 29.44 -19.57
CA MET MB 160 11.58 28.88 -20.82
C MET MB 160 11.26 27.42 -20.61
N GLN MB 161 10.10 27.21 -20.00
CA GLN MB 161 9.66 25.85 -19.70
C GLN MB 161 8.14 25.72 -19.87
N GLN NB 2 16.98 53.77 -11.63
CA GLN NB 2 17.84 52.54 -11.74
C GLN NB 2 19.28 52.89 -11.40
N ASP NB 3 20.24 52.20 -11.88
CA ASP NB 3 21.56 52.17 -11.18
C ASP NB 3 22.63 52.44 -12.25
N ALA NB 4 23.82 52.78 -11.85
CA ALA NB 4 24.91 52.99 -12.81
C ALA NB 4 25.19 51.71 -13.60
N ILE NB 5 25.28 50.59 -12.85
CA ILE NB 5 25.53 49.31 -13.47
C ILE NB 5 24.46 49.00 -14.51
N THR NB 6 23.21 49.16 -14.13
CA THR NB 6 22.09 48.84 -15.02
C THR NB 6 22.06 49.82 -16.18
N ALA NB 7 22.42 51.09 -15.94
CA ALA NB 7 22.43 52.09 -17.01
C ALA NB 7 23.38 51.68 -18.12
N VAL NB 8 24.57 51.21 -17.76
CA VAL NB 8 25.55 50.73 -18.74
C VAL NB 8 24.95 49.57 -19.49
N ILE NB 9 24.40 48.61 -18.76
CA ILE NB 9 23.79 47.43 -19.37
C ILE NB 9 22.71 47.87 -20.38
N ASN NB 10 21.87 48.81 -19.99
CA ASN NB 10 20.75 49.19 -20.83
C ASN NB 10 21.26 49.83 -22.12
N ASN NB 11 22.29 50.65 -22.00
CA ASN NB 11 22.85 51.33 -23.17
C ASN NB 11 23.40 50.28 -24.14
N TYR NB 12 24.04 49.25 -23.62
CA TYR NB 12 24.57 48.17 -24.45
C TYR NB 12 23.43 47.37 -25.07
N ASP NB 13 22.38 47.11 -24.30
CA ASP NB 13 21.28 46.31 -24.78
C ASP NB 13 20.57 46.96 -25.97
N VAL NB 14 20.40 48.29 -25.95
CA VAL NB 14 19.75 48.95 -27.07
C VAL NB 14 20.64 48.83 -28.31
N GLN NB 15 21.96 48.91 -28.11
CA GLN NB 15 22.90 48.71 -29.19
C GLN NB 15 22.91 47.24 -29.61
N GLY NB 16 22.61 46.34 -28.65
CA GLY NB 16 22.65 44.92 -28.91
C GLY NB 16 24.06 44.36 -28.73
N LYS NB 17 24.98 45.24 -28.33
CA LYS NB 17 26.38 44.89 -28.15
C LYS NB 17 26.55 44.07 -26.88
N TYR NB 18 27.45 43.08 -26.93
CA TYR NB 18 27.92 42.38 -25.73
C TYR NB 18 28.73 43.37 -24.91
N LEU NB 19 28.80 43.13 -23.57
CA LEU NB 19 29.56 44.01 -22.71
C LEU NB 19 31.04 43.95 -23.11
N ASP NB 20 31.68 45.13 -23.14
CA ASP NB 20 33.05 45.24 -23.61
C ASP NB 20 33.91 45.86 -22.51
N GLY NB 21 35.22 45.81 -22.71
CA GLY NB 21 36.19 46.26 -21.71
C GLY NB 21 35.97 47.71 -21.30
N ALA NB 22 35.71 48.59 -22.27
CA ALA NB 22 35.43 49.99 -21.98
C ALA NB 22 34.25 50.12 -21.03
N ALA NB 23 33.17 49.37 -21.32
CA ALA NB 23 32.02 49.30 -20.44
C ALA NB 23 32.43 48.76 -19.07
N LEU NB 24 33.26 47.71 -19.09
CA LEU NB 24 33.70 47.08 -17.86
C LEU NB 24 34.45 48.08 -16.97
N ASP NB 25 35.26 48.93 -17.61
CA ASP NB 25 36.05 49.93 -16.90
C ASP NB 25 35.16 50.91 -16.14
N LYS NB 26 34.06 51.34 -16.78
CA LYS NB 26 33.10 52.21 -16.14
C LYS NB 26 32.51 51.50 -14.92
N LEU NB 27 32.18 50.24 -15.07
CA LEU NB 27 31.60 49.46 -13.99
C LEU NB 27 32.64 49.36 -12.84
N LYS NB 28 33.92 49.15 -13.22
CA LYS NB 28 34.98 49.01 -12.27
C LYS NB 28 35.14 50.30 -11.47
N ALA NB 29 35.07 51.42 -12.19
CA ALA NB 29 35.16 52.74 -11.57
C ALA NB 29 34.09 52.88 -10.48
N TYR NB 30 32.86 52.48 -10.80
CA TYR NB 30 31.77 52.56 -9.86
C TYR NB 30 32.09 51.75 -8.61
N PHE NB 31 32.66 50.55 -8.80
CA PHE NB 31 32.84 49.62 -7.69
C PHE NB 31 33.78 50.23 -6.64
N THR NB 32 34.84 50.92 -7.10
CA THR NB 32 35.77 51.58 -6.20
C THR NB 32 35.07 52.70 -5.40
N THR NB 33 34.24 53.49 -6.09
CA THR NB 33 33.57 54.63 -5.48
C THR NB 33 32.57 54.14 -4.43
N GLY NB 34 32.01 52.92 -4.65
CA GLY NB 34 30.97 52.37 -3.82
C GLY NB 34 31.18 52.52 -2.29
N ALA NB 35 32.36 52.11 -1.83
CA ALA NB 35 32.64 52.07 -0.40
C ALA NB 35 32.47 53.46 0.23
N VAL NB 36 33.00 54.49 -0.45
CA VAL NB 36 32.89 55.87 -0.01
C VAL NB 36 31.41 56.25 0.12
N ARG NB 37 30.63 55.88 -0.91
CA ARG NB 37 29.24 56.27 -0.98
C ARG NB 37 28.47 55.68 0.21
N VAL NB 38 28.75 54.42 0.54
CA VAL NB 38 28.04 53.77 1.63
C VAL NB 38 28.28 54.55 2.93
N ARG NB 39 29.53 54.95 3.16
CA ARG NB 39 29.86 55.69 4.37
C ARG NB 39 29.09 57.01 4.39
N ALA NB 40 29.07 57.70 3.25
CA ALA NB 40 28.39 58.98 3.16
C ALA NB 40 26.90 58.84 3.48
N ALA NB 41 26.28 57.79 2.94
CA ALA NB 41 24.85 57.58 3.11
C ALA NB 41 24.51 57.42 4.60
N ALA NB 42 25.34 56.67 5.33
CA ALA NB 42 25.09 56.44 6.74
C ALA NB 42 25.17 57.75 7.52
N VAL NB 43 26.15 58.59 7.15
CA VAL NB 43 26.31 59.90 7.78
C VAL NB 43 25.03 60.71 7.57
N ILE NB 44 24.54 60.75 6.32
CA ILE NB 44 23.41 61.58 6.00
C ILE NB 44 22.18 61.11 6.78
N SER NB 45 21.95 59.79 6.82
CA SER NB 45 20.76 59.26 7.47
C SER NB 45 20.72 59.67 8.93
N SER NB 46 21.87 59.58 9.62
CA SER NB 46 21.94 59.89 11.05
C SER NB 46 21.69 61.38 11.30
N ASN NB 47 22.17 62.24 10.40
CA ASN NB 47 22.12 63.67 10.61
C ASN NB 47 21.00 64.34 9.82
N ALA NB 48 20.05 63.54 9.31
CA ALA NB 48 19.07 64.05 8.37
C ALA NB 48 18.23 65.18 8.99
N THR NB 49 17.73 64.96 10.20
CA THR NB 49 16.88 65.95 10.85
C THR NB 49 17.64 67.28 10.97
N THR NB 50 18.90 67.21 11.42
CA THR NB 50 19.71 68.40 11.62
C THR NB 50 19.99 69.07 10.27
N ILE NB 51 20.28 68.27 9.25
CA ILE NB 51 20.60 68.83 7.96
C ILE NB 51 19.45 69.71 7.51
N ILE NB 52 18.22 69.21 7.67
CA ILE NB 52 17.05 69.94 7.24
C ILE NB 52 16.92 71.22 8.07
N LYS NB 53 17.11 71.09 9.38
CA LYS NB 53 17.02 72.22 10.29
C LYS NB 53 17.97 73.33 9.87
N GLU NB 54 19.24 72.96 9.64
CA GLU NB 54 20.27 73.93 9.29
C GLU NB 54 19.93 74.61 7.97
N ALA NB 55 19.50 73.82 6.99
CA ALA NB 55 19.20 74.36 5.67
C ALA NB 55 18.03 75.33 5.76
N ALA NB 56 17.01 74.98 6.55
CA ALA NB 56 15.86 75.85 6.71
C ALA NB 56 16.29 77.18 7.33
N ALA NB 57 17.15 77.08 8.35
CA ALA NB 57 17.67 78.24 9.04
C ALA NB 57 18.43 79.14 8.07
N LYS NB 58 19.22 78.54 7.17
CA LYS NB 58 19.99 79.28 6.19
C LYS NB 58 19.09 80.03 5.20
N ALA NB 59 17.99 79.41 4.74
CA ALA NB 59 17.22 79.99 3.63
C ALA NB 59 15.76 80.26 3.98
N LEU NB 60 15.06 79.26 4.49
CA LEU NB 60 13.61 79.33 4.56
C LEU NB 60 13.12 80.24 5.69
N ILE NB 61 13.65 80.07 6.90
CA ILE NB 61 13.06 80.79 8.03
C ILE NB 61 13.63 82.21 8.08
N TYR NB 62 13.09 83.03 8.99
CA TYR NB 62 13.47 84.43 9.15
C TYR NB 62 13.33 85.17 7.83
N SER NB 63 12.32 84.83 7.05
CA SER NB 63 12.20 85.31 5.68
C SER NB 63 10.77 85.76 5.46
N ASP NB 64 10.53 86.39 4.32
CA ASP NB 64 9.18 86.75 3.92
C ASP NB 64 8.28 85.54 3.81
N LEU NB 65 8.83 84.41 3.35
CA LEU NB 65 8.03 83.20 3.16
C LEU NB 65 7.33 82.84 4.45
N THR NB 66 8.09 82.83 5.56
CA THR NB 66 7.50 82.46 6.82
C THR NB 66 6.58 83.56 7.34
N ARG NB 67 6.80 84.82 6.94
CA ARG NB 67 5.98 85.92 7.43
C ARG NB 67 4.61 85.84 6.78
N PRO NB 68 3.53 86.39 7.39
CA PRO NB 68 2.18 86.29 6.85
C PRO NB 68 2.09 86.83 5.43
N GLY NB 69 1.38 86.08 4.57
CA GLY NB 69 1.31 86.39 3.16
C GLY NB 69 2.42 85.69 2.35
N GLY NB 70 3.30 84.96 3.03
CA GLY NB 70 4.37 84.22 2.38
C GLY NB 70 3.94 82.78 2.13
N MET NB 72 5.20 79.95 2.83
CA MET NB 72 5.42 79.00 3.90
C MET NB 72 4.77 79.44 5.21
N TYR NB 73 3.97 80.51 5.13
CA TYR NB 73 3.18 80.96 6.27
C TYR NB 73 2.05 79.97 6.57
N THR NB 74 1.68 79.86 7.86
CA THR NB 74 0.72 78.91 8.43
C THR NB 74 1.46 77.62 8.74
N THR NB 75 1.02 76.90 9.78
CA THR NB 75 1.73 75.70 10.19
C THR NB 75 1.67 74.65 9.09
N ARG NB 76 0.50 74.52 8.45
CA ARG NB 76 0.29 73.50 7.44
C ARG NB 76 1.30 73.65 6.31
N ARG NB 77 1.45 74.86 5.78
CA ARG NB 77 2.40 75.12 4.71
C ARG NB 77 3.84 74.89 5.19
N TYR NB 78 4.16 75.34 6.41
CA TYR NB 78 5.50 75.17 6.92
C TYR NB 78 5.83 73.68 6.94
N ALA NB 79 4.90 72.88 7.47
CA ALA NB 79 5.12 71.46 7.60
C ALA NB 79 5.31 70.82 6.23
N ALA NB 80 4.51 71.25 5.24
CA ALA NB 80 4.63 70.73 3.89
C ALA NB 80 6.04 70.99 3.33
N CYS NB 81 6.53 72.21 3.53
CA CYS NB 81 7.82 72.56 2.96
C CYS NB 81 8.93 71.70 3.57
N ILE NB 82 8.89 71.47 4.88
CA ILE NB 82 9.96 70.68 5.48
C ILE NB 82 9.81 69.22 5.06
N ARG NB 83 8.58 68.75 4.81
CA ARG NB 83 8.38 67.41 4.31
C ARG NB 83 9.02 67.27 2.93
N ASP NB 84 8.84 68.27 2.08
CA ASP NB 84 9.44 68.23 0.77
C ASP NB 84 10.95 68.19 0.87
N MET NB 85 11.50 68.94 1.82
CA MET NB 85 12.94 69.01 2.01
C MET NB 85 13.49 67.63 2.35
N ASP NB 86 12.78 66.94 3.24
CA ASP NB 86 13.13 65.58 3.61
C ASP NB 86 13.18 64.66 2.38
N TYR NB 87 12.16 64.77 1.54
CA TYR NB 87 12.15 63.89 0.37
C TYR NB 87 13.33 64.16 -0.48
N PHE NB 88 13.67 65.41 -0.74
CA PHE NB 88 14.81 65.70 -1.60
C PHE NB 88 16.04 65.05 -1.00
N LEU NB 89 16.22 65.16 0.31
CA LEU NB 89 17.40 64.60 0.93
C LEU NB 89 17.43 63.08 0.78
N ARG NB 90 16.31 62.41 1.05
CA ARG NB 90 16.26 60.96 1.00
C ARG NB 90 16.57 60.46 -0.42
N TYR NB 91 15.99 61.13 -1.42
CA TYR NB 91 16.16 60.67 -2.79
C TYR NB 91 17.60 60.93 -3.24
N ALA NB 92 18.18 62.06 -2.84
CA ALA NB 92 19.55 62.35 -3.18
C ALA NB 92 20.47 61.28 -2.60
N THR NB 93 20.20 60.85 -1.36
CA THR NB 93 20.98 59.80 -0.74
C THR NB 93 20.85 58.52 -1.56
N TYR NB 94 19.63 58.20 -2.00
CA TYR NB 94 19.40 57.01 -2.81
C TYR NB 94 20.22 57.12 -4.10
N ALA NB 95 20.18 58.29 -4.73
CA ALA NB 95 20.88 58.50 -5.99
C ALA NB 95 22.36 58.33 -5.81
N MET NB 96 22.90 58.82 -4.69
CA MET NB 96 24.32 58.75 -4.45
C MET NB 96 24.75 57.28 -4.33
N LEU NB 97 24.01 56.48 -3.59
CA LEU NB 97 24.31 55.06 -3.52
C LEU NB 97 24.22 54.43 -4.90
N ALA NB 98 23.15 54.75 -5.64
CA ALA NB 98 22.92 54.13 -6.92
C ALA NB 98 23.99 54.51 -7.91
N GLY NB 99 24.51 55.75 -7.82
CA GLY NB 99 25.45 56.25 -8.79
C GLY NB 99 24.78 56.70 -10.08
N ASP NB 100 23.46 56.87 -10.03
CA ASP NB 100 22.69 57.18 -11.24
C ASP NB 100 21.70 58.31 -10.90
N PRO NB 101 21.55 59.30 -11.81
CA PRO NB 101 20.53 60.35 -11.62
C PRO NB 101 19.08 59.96 -11.93
N SER NB 102 18.87 58.78 -12.51
CA SER NB 102 17.59 58.39 -13.07
C SER NB 102 16.51 58.35 -11.99
N ILE NB 103 16.83 57.80 -10.81
CA ILE NB 103 15.83 57.67 -9.77
C ILE NB 103 15.24 59.05 -9.45
N LEU NB 104 16.08 60.09 -9.46
CA LEU NB 104 15.59 61.44 -9.19
C LEU NB 104 14.56 61.82 -10.25
N ASP NB 105 14.84 61.52 -11.50
CA ASP NB 105 13.88 61.81 -12.58
C ASP NB 105 12.59 61.03 -12.39
N GLU NB 106 12.69 59.75 -12.07
CA GLU NB 106 11.52 58.88 -11.97
C GLU NB 106 10.68 59.24 -10.74
N ARG NB 107 11.28 59.53 -9.62
CA ARG NB 107 10.61 59.79 -8.36
C ARG NB 107 10.37 61.26 -8.06
N VAL NB 108 11.43 62.03 -7.90
CA VAL NB 108 11.30 63.40 -7.45
C VAL NB 108 10.89 64.31 -8.58
N LEU NB 109 11.58 64.23 -9.71
CA LEU NB 109 11.51 65.30 -10.71
C LEU NB 109 10.17 65.23 -11.46
N ASN NB 110 9.59 64.02 -11.57
CA ASN NB 110 8.43 63.78 -12.40
C ASN NB 110 7.16 64.35 -11.77
N GLY NB 111 6.53 65.27 -12.51
CA GLY NB 111 5.32 65.94 -12.01
C GLY NB 111 5.53 67.03 -10.92
N LEU NB 112 6.76 67.32 -10.58
CA LEU NB 112 7.00 68.24 -9.50
C LEU NB 112 6.70 69.65 -9.98
N LYS NB 113 7.24 69.98 -11.19
CA LYS NB 113 7.17 71.35 -11.67
C LYS NB 113 5.71 71.75 -11.79
N GLU NB 114 4.89 70.87 -12.37
CA GLU NB 114 3.48 71.14 -12.61
C GLU NB 114 2.77 71.32 -11.28
N THR NB 115 3.04 70.44 -10.31
CA THR NB 115 2.43 70.54 -9.00
C THR NB 115 2.76 71.89 -8.38
N TYR NB 116 4.03 72.26 -8.43
CA TYR NB 116 4.46 73.49 -7.79
C TYR NB 116 3.79 74.70 -8.46
N ASN NB 117 3.69 74.67 -9.80
CA ASN NB 117 3.09 75.79 -10.49
C ASN NB 117 1.62 75.96 -10.11
N SER NB 118 0.88 74.86 -10.03
CA SER NB 118 -0.51 74.94 -9.62
C SER NB 118 -0.59 75.46 -8.18
N LEU NB 119 0.30 74.96 -7.30
CA LEU NB 119 0.24 75.37 -5.91
C LEU NB 119 0.63 76.84 -5.76
N GLY NB 120 1.52 77.30 -6.65
CA GLY NB 120 2.10 78.64 -6.50
C GLY NB 120 3.31 78.62 -5.54
N VAL NB 121 3.81 77.44 -5.22
CA VAL NB 121 5.08 77.32 -4.52
C VAL NB 121 6.19 77.96 -5.37
N PRO NB 122 7.09 78.79 -4.79
CA PRO NB 122 8.17 79.40 -5.56
C PRO NB 122 9.37 78.47 -5.80
N ILE NB 123 9.67 78.23 -7.08
CA ILE NB 123 10.68 77.27 -7.46
C ILE NB 123 12.06 77.75 -6.99
N ALA NB 124 12.36 79.05 -7.20
CA ALA NB 124 13.69 79.54 -6.90
C ALA NB 124 14.03 79.37 -5.42
N ALA NB 125 13.05 79.66 -4.54
CA ALA NB 125 13.25 79.46 -3.11
C ALA NB 125 13.51 77.99 -2.78
N THR NB 126 12.79 77.09 -3.45
CA THR NB 126 12.95 75.66 -3.23
C THR NB 126 14.37 75.27 -3.63
N VAL NB 127 14.81 75.79 -4.78
CA VAL NB 127 16.13 75.50 -5.29
C VAL NB 127 17.17 75.97 -4.25
N GLY NB 128 16.96 77.19 -3.73
CA GLY NB 128 17.81 77.74 -2.69
C GLY NB 128 17.95 76.81 -1.50
N GLY NB 129 16.82 76.25 -1.04
CA GLY NB 129 16.79 75.29 0.04
C GLY NB 129 17.62 74.03 -0.27
N ILE NB 130 17.49 73.54 -1.52
CA ILE NB 130 18.21 72.35 -1.93
C ILE NB 130 19.71 72.62 -1.88
N GLN NB 131 20.12 73.80 -2.38
CA GLN NB 131 21.51 74.20 -2.41
C GLN NB 131 22.03 74.32 -0.98
N ALA NB 132 21.22 74.87 -0.08
CA ALA NB 132 21.60 74.96 1.32
C ALA NB 132 21.82 73.58 1.91
N MET NB 133 20.92 72.63 1.61
CA MET NB 133 21.09 71.28 2.13
C MET NB 133 22.41 70.71 1.64
N LYS NB 134 22.73 70.97 0.38
CA LYS NB 134 23.94 70.44 -0.23
C LYS NB 134 25.16 70.89 0.57
N GLU NB 135 25.21 72.18 0.89
CA GLU NB 135 26.33 72.77 1.62
C GLU NB 135 26.48 72.09 2.99
N VAL NB 136 25.38 71.94 3.73
CA VAL NB 136 25.41 71.28 5.03
C VAL NB 136 25.89 69.85 4.85
N VAL NB 137 25.36 69.15 3.84
CA VAL NB 137 25.66 67.74 3.62
C VAL NB 137 27.15 67.62 3.34
N GLY NB 138 27.68 68.53 2.51
CA GLY NB 138 29.07 68.52 2.10
C GLY NB 138 30.02 68.46 3.30
N GLY NB 139 29.75 69.32 4.30
CA GLY NB 139 30.51 69.33 5.53
C GLY NB 139 30.54 67.96 6.21
N LEU NB 140 29.35 67.38 6.45
CA LEU NB 140 29.24 66.17 7.23
C LEU NB 140 29.91 65.00 6.51
N VAL NB 141 29.70 64.89 5.20
CA VAL NB 141 30.13 63.72 4.46
C VAL NB 141 31.65 63.73 4.34
N GLY NB 142 32.23 64.93 4.24
CA GLY NB 142 33.66 65.09 4.00
C GLY NB 142 33.94 65.23 2.51
N PRO NB 143 35.15 65.71 2.11
CA PRO NB 143 35.40 66.17 0.74
C PRO NB 143 35.22 65.18 -0.41
N ASP NB 144 35.78 63.97 -0.27
CA ASP NB 144 35.67 62.96 -1.33
C ASP NB 144 34.20 62.64 -1.60
N ALA NB 145 33.45 62.43 -0.51
CA ALA NB 145 32.03 62.12 -0.60
C ALA NB 145 31.25 63.33 -1.11
N ALA NB 146 31.68 64.54 -0.73
CA ALA NB 146 30.96 65.76 -1.05
C ALA NB 146 30.81 65.94 -2.55
N LYS NB 147 31.86 65.67 -3.32
CA LYS NB 147 31.82 65.87 -4.76
C LYS NB 147 30.70 65.01 -5.35
N GLU NB 148 30.65 63.74 -4.93
CA GLU NB 148 29.64 62.81 -5.40
C GLU NB 148 28.26 63.27 -4.97
N ALA NB 149 28.12 63.66 -3.70
CA ALA NB 149 26.84 64.13 -3.18
C ALA NB 149 26.35 65.36 -3.94
N SER NB 150 27.28 66.28 -4.25
CA SER NB 150 26.91 67.55 -4.85
C SER NB 150 26.21 67.37 -6.18
N ILE NB 151 26.66 66.40 -7.01
CA ILE NB 151 26.13 66.30 -8.36
C ILE NB 151 24.62 65.99 -8.32
N TYR NB 152 24.20 65.13 -7.39
CA TYR NB 152 22.80 64.75 -7.29
C TYR NB 152 21.97 65.92 -6.81
N PHE NB 153 22.48 66.67 -5.82
CA PHE NB 153 21.80 67.87 -5.35
C PHE NB 153 21.63 68.86 -6.49
N ASP NB 154 22.68 69.04 -7.29
CA ASP NB 154 22.63 69.97 -8.41
C ASP NB 154 21.62 69.50 -9.45
N TYR NB 155 21.55 68.17 -9.65
CA TYR NB 155 20.62 67.60 -10.60
C TYR NB 155 19.18 67.91 -10.19
N LEU NB 156 18.87 67.75 -8.91
CA LEU NB 156 17.55 68.07 -8.38
C LEU NB 156 17.25 69.54 -8.63
N SER NB 157 18.23 70.40 -8.34
CA SER NB 157 18.02 71.84 -8.44
C SER NB 157 17.72 72.22 -9.89
N SER NB 158 18.49 71.66 -10.83
CA SER NB 158 18.31 71.96 -12.24
C SER NB 158 16.93 71.49 -12.73
N GLY NB 159 16.50 70.32 -12.27
CA GLY NB 159 15.19 69.80 -12.64
C GLY NB 159 14.06 70.71 -12.21
N LEU NB 160 14.13 71.20 -10.97
CA LEU NB 160 13.06 71.99 -10.39
C LEU NB 160 13.02 73.32 -11.13
N SER NB 161 14.21 73.81 -11.51
CA SER NB 161 14.33 75.00 -12.32
C SER NB 161 14.26 74.62 -13.81
N SER OB 2 17.66 39.60 13.55
CA SER OB 2 19.00 39.15 13.09
C SER OB 2 19.11 39.25 11.56
N VAL OB 3 20.32 39.17 11.04
CA VAL OB 3 20.55 39.15 9.60
C VAL OB 3 19.79 37.99 8.98
N LEU OB 4 19.85 36.83 9.62
CA LEU OB 4 19.27 35.64 9.01
C LEU OB 4 17.75 35.81 8.96
N THR OB 5 17.16 36.31 10.03
CA THR OB 5 15.72 36.52 10.08
C THR OB 5 15.30 37.45 8.94
N LYS OB 6 16.06 38.52 8.75
CA LYS OB 6 15.76 39.49 7.71
C LYS OB 6 15.75 38.80 6.34
N ALA OB 7 16.75 37.99 6.07
CA ALA OB 7 16.88 37.28 4.78
C ALA OB 7 15.68 36.35 4.56
N ILE OB 8 15.33 35.59 5.58
CA ILE OB 8 14.22 34.66 5.50
C ILE OB 8 12.92 35.42 5.20
N VAL OB 9 12.72 36.53 5.89
CA VAL OB 9 11.51 37.31 5.73
C VAL OB 9 11.39 37.82 4.30
N ASN OB 10 12.48 38.28 3.70
CA ASN OB 10 12.44 38.76 2.32
C ASN OB 10 12.07 37.61 1.38
N ALA OB 11 12.64 36.45 1.62
CA ALA OB 11 12.37 35.26 0.80
C ALA OB 11 10.88 34.90 0.92
N ASP OB 12 10.34 34.92 2.13
CA ASP OB 12 8.96 34.52 2.35
C ASP OB 12 8.01 35.47 1.62
N ALA OB 13 8.32 36.76 1.64
CA ALA OB 13 7.52 37.75 0.91
C ALA OB 13 7.51 37.42 -0.58
N GLU OB 14 8.68 37.08 -1.11
CA GLU OB 14 8.81 36.71 -2.50
C GLU OB 14 8.26 35.30 -2.74
N ALA OB 15 8.06 34.53 -1.67
CA ALA OB 15 7.55 33.17 -1.76
C ALA OB 15 8.53 32.27 -2.51
N ARG OB 16 9.83 32.48 -2.26
CA ARG OB 16 10.87 31.73 -2.94
C ARG OB 16 11.85 31.18 -1.91
N TYR OB 17 12.63 30.16 -2.30
CA TYR OB 17 13.72 29.64 -1.51
C TYR OB 17 14.83 30.69 -1.50
N LEU OB 18 15.72 30.63 -0.48
CA LEU OB 18 16.77 31.63 -0.36
C LEU OB 18 17.69 31.57 -1.58
N SER OB 19 17.99 32.75 -2.13
CA SER OB 19 18.90 32.87 -3.26
C SER OB 19 20.33 32.50 -2.85
N PRO OB 20 21.19 32.05 -3.77
CA PRO OB 20 22.58 31.71 -3.44
C PRO OB 20 23.33 32.90 -2.82
N GLY OB 21 23.13 34.08 -3.42
CA GLY OB 21 23.70 35.31 -2.94
C GLY OB 21 23.30 35.60 -1.50
N GLU OB 22 22.00 35.43 -1.20
CA GLU OB 22 21.47 35.61 0.15
C GLU OB 22 22.12 34.59 1.08
N LEU OB 23 22.25 33.36 0.62
CA LEU OB 23 22.87 32.30 1.41
C LEU OB 23 24.32 32.66 1.72
N ASP OB 24 25.02 33.25 0.75
CA ASP OB 24 26.42 33.63 0.93
C ASP OB 24 26.54 34.69 2.04
N ARG OB 25 25.63 35.64 2.04
CA ARG OB 25 25.62 36.69 3.05
C ARG OB 25 25.41 36.06 4.44
N ILE OB 26 24.59 35.03 4.53
CA ILE OB 26 24.36 34.34 5.78
C ILE OB 26 25.67 33.70 6.25
N LYS OB 27 26.39 33.09 5.30
CA LYS OB 27 27.66 32.45 5.60
C LYS OB 27 28.65 33.48 6.17
N SER OB 28 28.70 34.65 5.53
CA SER OB 28 29.62 35.70 5.95
C SER OB 28 29.28 36.11 7.38
N PHE OB 29 27.98 36.25 7.66
CA PHE OB 29 27.50 36.72 8.96
C PHE OB 29 27.94 35.74 10.05
N VAL OB 30 27.82 34.43 9.80
CA VAL OB 30 28.11 33.45 10.84
C VAL OB 30 29.62 33.49 11.16
N ALA OB 31 30.45 33.71 10.14
CA ALA OB 31 31.88 33.88 10.34
C ALA OB 31 32.18 35.13 11.18
N SER OB 32 31.47 36.22 10.88
CA SER OB 32 31.69 37.50 11.56
C SER OB 32 31.26 37.43 13.03
N GLY OB 33 30.29 36.55 13.33
CA GLY OB 33 29.64 36.49 14.63
C GLY OB 33 30.61 36.41 15.81
N GLU OB 34 31.62 35.56 15.73
CA GLU OB 34 32.59 35.38 16.78
C GLU OB 34 33.29 36.69 17.14
N ARG OB 35 33.74 37.45 16.12
CA ARG OB 35 34.29 38.77 16.32
C ARG OB 35 33.24 39.66 16.99
N ARG OB 36 31.98 39.60 16.51
CA ARG OB 36 30.93 40.44 17.05
C ARG OB 36 30.74 40.12 18.54
N LEU OB 37 30.80 38.84 18.91
CA LEU OB 37 30.58 38.43 20.29
C LEU OB 37 31.60 39.08 21.20
N ARG OB 38 32.86 39.12 20.76
CA ARG OB 38 33.93 39.74 21.53
C ARG OB 38 33.65 41.23 21.74
N ILE OB 39 33.22 41.93 20.68
CA ILE OB 39 32.94 43.35 20.78
C ILE OB 39 31.86 43.58 21.84
N ALA OB 40 30.81 42.75 21.79
CA ALA OB 40 29.71 42.85 22.75
C ALA OB 40 30.20 42.59 24.16
N GLN OB 41 31.08 41.60 24.30
CA GLN OB 41 31.59 41.20 25.61
C GLN OB 41 32.35 42.37 26.22
N THR OB 42 33.17 43.06 25.40
CA THR OB 42 33.97 44.18 25.88
C THR OB 42 33.05 45.24 26.50
N LEU OB 43 32.00 45.62 25.78
CA LEU OB 43 31.09 46.67 26.22
C LEU OB 43 30.37 46.23 27.49
N THR OB 44 30.00 44.96 27.59
CA THR OB 44 29.30 44.46 28.76
C THR OB 44 30.16 44.65 30.01
N GLU OB 45 31.45 44.33 29.88
CA GLU OB 45 32.35 44.42 31.03
C GLU OB 45 32.51 45.87 31.47
N ALA OB 46 32.58 46.77 30.49
CA ALA OB 46 32.80 48.18 30.74
C ALA OB 46 31.47 48.91 30.96
N ARG OB 47 30.37 48.16 31.05
CA ARG OB 47 29.04 48.75 31.01
C ARG OB 47 28.89 49.79 32.11
N GLU OB 48 29.18 49.41 33.35
CA GLU OB 48 28.98 50.23 34.54
C GLU OB 48 29.69 51.58 34.38
N ARG OB 49 30.94 51.55 33.94
CA ARG OB 49 31.72 52.77 33.76
C ARG OB 49 31.17 53.59 32.59
N ILE OB 50 30.77 52.93 31.49
CA ILE OB 50 30.29 53.67 30.33
C ILE OB 50 29.09 54.50 30.75
N VAL OB 51 28.16 53.88 31.48
CA VAL OB 51 26.94 54.55 31.88
C VAL OB 51 27.30 55.74 32.75
N LYS OB 52 28.17 55.52 33.74
CA LYS OB 52 28.54 56.55 34.69
C LYS OB 52 29.14 57.75 33.96
N GLN OB 53 30.14 57.48 33.12
CA GLN OB 53 30.83 58.55 32.40
C GLN OB 53 29.86 59.31 31.51
N ALA OB 54 29.00 58.58 30.79
CA ALA OB 54 28.07 59.20 29.86
C ALA OB 54 27.10 60.10 30.61
N GLY OB 55 26.62 59.62 31.75
CA GLY OB 55 25.70 60.38 32.58
C GLY OB 55 26.27 61.75 32.93
N ASP OB 56 27.52 61.74 33.43
CA ASP OB 56 28.21 62.94 33.84
C ASP OB 56 28.31 63.92 32.66
N GLN OB 57 28.73 63.39 31.50
CA GLN OB 57 28.85 64.20 30.30
C GLN OB 57 27.52 64.82 29.95
N LEU OB 58 26.45 64.02 30.01
CA LEU OB 58 25.12 64.49 29.65
C LEU OB 58 24.72 65.64 30.58
N PHE OB 59 24.95 65.46 31.88
CA PHE OB 59 24.54 66.45 32.85
C PHE OB 59 25.33 67.74 32.66
N GLN OB 60 26.62 67.62 32.29
CA GLN OB 60 27.41 68.80 31.98
C GLN OB 60 26.84 69.47 30.72
N LYS OB 61 26.53 68.66 29.69
CA LYS OB 61 26.03 69.20 28.43
C LYS OB 61 24.68 69.88 28.63
N ARG OB 62 23.83 69.28 29.49
CA ARG OB 62 22.51 69.80 29.77
C ARG OB 62 22.33 70.04 31.26
N PRO OB 63 22.71 71.23 31.79
CA PRO OB 63 22.49 71.51 33.20
C PRO OB 63 21.01 71.44 33.55
N ASP OB 64 20.14 71.84 32.61
CA ASP OB 64 18.72 72.01 32.85
C ASP OB 64 18.07 70.70 33.32
N VAL OB 65 18.43 69.59 32.71
CA VAL OB 65 17.73 68.33 33.00
C VAL OB 65 17.87 68.02 34.49
N VAL OB 66 19.06 68.19 35.06
CA VAL OB 66 19.26 68.06 36.50
C VAL OB 66 19.23 69.46 37.10
N SER OB 67 18.02 70.06 37.06
CA SER OB 67 17.76 71.33 37.72
C SER OB 67 16.36 71.17 38.34
N PRO OB 68 15.96 72.00 39.33
CA PRO OB 68 14.71 71.72 40.05
C PRO OB 68 13.51 71.62 39.10
N GLY OB 69 13.49 72.47 38.07
CA GLY OB 69 12.51 72.38 37.01
C GLY OB 69 12.61 71.06 36.23
N GLY OB 70 13.85 70.64 35.93
CA GLY OB 70 14.12 69.55 35.01
C GLY OB 70 13.65 68.19 35.53
N ASN OB 71 13.42 67.28 34.57
CA ASN OB 71 12.84 65.97 34.85
C ASN OB 71 13.82 65.11 35.64
N ALA OB 72 15.09 65.22 35.29
CA ALA OB 72 16.13 64.36 35.84
C ALA OB 72 16.42 64.72 37.31
N TYR OB 73 16.04 65.90 37.74
CA TYR OB 73 16.46 66.41 39.04
C TYR OB 73 15.91 65.61 40.20
N GLY OB 74 16.68 65.38 41.24
CA GLY OB 74 16.39 64.56 42.39
C GLY OB 74 17.07 63.21 42.23
N GLU OB 75 17.34 62.52 43.35
CA GLU OB 75 18.03 61.27 43.36
C GLU OB 75 17.25 60.20 42.60
N LYS OB 76 15.95 60.08 42.94
CA LYS OB 76 15.10 59.07 42.33
C LYS OB 76 15.15 59.27 40.82
N MET OB 77 14.90 60.50 40.38
CA MET OB 77 14.84 60.82 38.97
C MET OB 77 16.19 60.58 38.28
N THR OB 78 17.28 60.96 38.94
CA THR OB 78 18.60 60.80 38.34
C THR OB 78 18.89 59.31 38.15
N ALA OB 79 18.52 58.49 39.13
CA ALA OB 79 18.70 57.05 39.02
C ALA OB 79 17.96 56.51 37.80
N LEU OB 80 16.70 56.95 37.62
CA LEU OB 80 15.88 56.49 36.52
C LEU OB 80 16.53 56.89 35.19
N CYS OB 81 17.08 58.11 35.12
CA CYS OB 81 17.75 58.54 33.90
C CYS OB 81 18.95 57.64 33.59
N LEU OB 82 19.68 57.26 34.63
CA LEU OB 82 20.83 56.39 34.44
C LEU OB 82 20.37 54.99 34.07
N ARG OB 83 19.28 54.53 34.68
CA ARG OB 83 18.72 53.22 34.35
C ARG OB 83 18.37 53.18 32.86
N ASP OB 84 17.78 54.26 32.36
CA ASP OB 84 17.43 54.33 30.95
C ASP OB 84 18.68 54.21 30.08
N LEU OB 85 19.75 54.88 30.47
CA LEU OB 85 20.99 54.81 29.71
C LEU OB 85 21.50 53.37 29.71
N ASP OB 86 21.41 52.71 30.86
CA ASP OB 86 21.83 51.32 30.96
C ASP OB 86 21.02 50.44 30.01
N TYR OB 87 19.68 50.66 29.98
CA TYR OB 87 18.80 49.91 29.11
C TYR OB 87 19.25 50.03 27.65
N TYR OB 88 19.54 51.26 27.23
CA TYR OB 88 19.92 51.47 25.84
C TYR OB 88 21.24 50.76 25.55
N LEU OB 89 22.16 50.74 26.51
CA LEU OB 89 23.42 50.08 26.28
C LEU OB 89 23.20 48.58 26.10
N ARG OB 90 22.34 47.98 26.93
CA ARG OB 90 22.04 46.58 26.83
C ARG OB 90 21.48 46.27 25.44
N LEU OB 91 20.58 47.14 24.96
CA LEU OB 91 19.99 46.97 23.66
C LEU OB 91 21.07 47.01 22.58
N VAL OB 92 22.03 47.93 22.70
CA VAL OB 92 23.08 48.04 21.70
C VAL OB 92 23.88 46.73 21.64
N THR OB 93 24.21 46.15 22.79
CA THR OB 93 24.98 44.93 22.80
C THR OB 93 24.19 43.84 22.06
N TYR OB 94 22.89 43.74 22.34
CA TYR OB 94 22.04 42.76 21.68
C TYR OB 94 22.12 42.94 20.16
N GLY OB 95 22.09 44.21 19.72
CA GLY OB 95 22.15 44.53 18.31
C GLY OB 95 23.44 44.01 17.64
N ILE OB 96 24.57 44.21 18.33
CA ILE OB 96 25.85 43.85 17.74
C ILE OB 96 25.88 42.35 17.49
N VAL OB 97 25.43 41.54 18.46
CA VAL OB 97 25.46 40.11 18.29
C VAL OB 97 24.48 39.70 17.18
N ALA OB 98 23.32 40.36 17.12
CA ALA OB 98 22.32 40.03 16.10
C ALA OB 98 22.80 40.42 14.69
N GLY OB 99 23.57 41.51 14.62
CA GLY OB 99 24.01 42.00 13.33
C GLY OB 99 22.95 42.85 12.64
N ASP OB 100 21.88 43.16 13.38
CA ASP OB 100 20.74 43.92 12.84
C ASP OB 100 20.22 44.83 13.94
N VAL OB 101 19.51 45.89 13.55
CA VAL OB 101 18.98 46.83 14.53
C VAL OB 101 17.60 46.36 15.01
N THR OB 102 17.04 45.35 14.34
CA THR OB 102 15.68 44.96 14.64
C THR OB 102 15.51 44.65 16.13
N PRO OB 103 16.37 43.85 16.78
CA PRO OB 103 16.21 43.58 18.22
C PRO OB 103 16.16 44.87 19.02
N ILE OB 104 17.08 45.79 18.70
CA ILE OB 104 17.12 47.09 19.36
C ILE OB 104 15.79 47.80 19.13
N GLU OB 105 15.35 47.78 17.86
CA GLU OB 105 14.24 48.60 17.43
C GLU OB 105 12.94 48.22 18.14
N GLU OB 106 12.65 46.92 18.23
CA GLU OB 106 11.40 46.49 18.84
C GLU OB 106 11.36 46.87 20.30
N ILE OB 107 12.45 46.68 21.04
CA ILE OB 107 12.43 46.91 22.48
C ILE OB 107 12.43 48.40 22.81
N GLY OB 108 13.14 49.22 22.02
CA GLY OB 108 13.47 50.57 22.45
C GLY OB 108 12.97 51.70 21.55
N ILE OB 109 12.83 51.49 20.24
CA ILE OB 109 12.62 52.66 19.40
C ILE OB 109 11.17 52.83 18.96
N ILE OB 110 10.29 51.86 19.17
CA ILE OB 110 8.91 52.02 18.71
C ILE OB 110 8.04 52.42 19.89
N GLY OB 111 7.40 53.58 19.76
CA GLY OB 111 6.57 54.13 20.81
C GLY OB 111 7.40 54.93 21.83
N VAL OB 112 8.70 55.09 21.54
CA VAL OB 112 9.60 55.76 22.48
C VAL OB 112 9.14 57.20 22.66
N LYS OB 113 8.78 57.87 21.55
CA LYS OB 113 8.38 59.26 21.59
C LYS OB 113 7.19 59.39 22.54
N GLU OB 114 6.19 58.51 22.37
CA GLU OB 114 4.97 58.57 23.13
C GLU OB 114 5.24 58.37 24.62
N MET OB 115 6.09 57.37 24.92
CA MET OB 115 6.39 57.07 26.31
C MET OB 115 7.06 58.27 26.97
N TYR OB 116 8.06 58.82 26.31
CA TYR OB 116 8.82 59.93 26.90
C TYR OB 116 7.93 61.16 26.99
N ASN OB 117 7.04 61.40 26.02
CA ASN OB 117 6.16 62.55 26.08
C ASN OB 117 5.24 62.46 27.29
N SER OB 118 4.72 61.26 27.59
CA SER OB 118 3.92 61.13 28.80
C SER OB 118 4.80 61.43 30.02
N LEU OB 119 6.02 60.90 30.04
CA LEU OB 119 6.93 61.13 31.14
C LEU OB 119 7.32 62.61 31.20
N GLN OB 120 7.37 63.26 30.04
CA GLN OB 120 7.74 64.65 29.87
C GLN OB 120 9.26 64.80 29.80
N THR OB 121 9.97 63.67 29.77
CA THR OB 121 11.41 63.67 29.54
C THR OB 121 11.68 64.27 28.17
N PRO OB 122 12.67 65.18 28.00
CA PRO OB 122 13.05 65.69 26.68
C PRO OB 122 13.79 64.64 25.85
N ILE OB 123 13.30 64.42 24.62
CA ILE OB 123 13.86 63.41 23.75
C ILE OB 123 15.27 63.79 23.34
N PRO OB 124 15.56 65.06 22.99
CA PRO OB 124 16.92 65.42 22.55
C PRO OB 124 18.00 65.13 23.59
N ALA OB 125 17.67 65.35 24.87
CA ALA OB 125 18.58 65.06 25.96
C ALA OB 125 18.91 63.58 26.00
N VAL OB 126 17.89 62.74 25.80
CA VAL OB 126 18.08 61.29 25.79
C VAL OB 126 19.06 60.95 24.68
N ALA OB 127 18.87 61.58 23.51
CA ALA OB 127 19.73 61.33 22.37
C ALA OB 127 21.18 61.71 22.70
N GLU OB 128 21.36 62.83 23.41
CA GLU OB 128 22.67 63.28 23.80
C GLU OB 128 23.35 62.25 24.70
N GLY OB 129 22.58 61.70 25.63
CA GLY OB 129 23.08 60.65 26.53
C GLY OB 129 23.60 59.45 25.74
N VAL OB 130 22.86 59.06 24.70
CA VAL OB 130 23.27 57.94 23.89
C VAL OB 130 24.55 58.30 23.14
N ARG OB 131 24.62 59.53 22.62
CA ARG OB 131 25.82 60.00 21.95
C ARG OB 131 27.00 59.94 22.90
N ALA OB 132 26.79 60.39 24.14
CA ALA OB 132 27.82 60.37 25.16
C ALA OB 132 28.30 58.95 25.39
N MET OB 133 27.36 58.00 25.51
CA MET OB 133 27.71 56.61 25.73
C MET OB 133 28.56 56.10 24.57
N LYS OB 134 28.22 56.52 23.35
CA LYS OB 134 28.94 56.09 22.18
C LYS OB 134 30.42 56.48 22.31
N ASN OB 135 30.67 57.73 22.72
CA ASN OB 135 32.03 58.25 22.78
C ASN OB 135 32.86 57.46 23.78
N VAL OB 136 32.27 57.19 24.95
CA VAL OB 136 32.95 56.39 25.97
C VAL OB 136 33.23 55.00 25.41
N ALA OB 137 32.21 54.39 24.80
CA ALA OB 137 32.34 53.02 24.29
C ALA OB 137 33.41 52.96 23.21
N THR OB 138 33.44 53.97 22.34
CA THR OB 138 34.40 54.02 21.23
C THR OB 138 35.83 53.97 21.78
N SER OB 139 36.09 54.73 22.84
CA SER OB 139 37.44 54.82 23.39
C SER OB 139 37.93 53.45 23.85
N LEU OB 140 37.07 52.66 24.50
CA LEU OB 140 37.46 51.36 25.01
C LEU OB 140 37.64 50.37 23.86
N LEU OB 141 36.83 50.52 22.81
CA LEU OB 141 36.88 49.60 21.70
C LEU OB 141 38.06 49.94 20.80
N SER OB 142 38.59 48.91 20.12
CA SER OB 142 39.54 49.12 19.04
C SER OB 142 38.83 49.76 17.86
N GLY OB 143 39.58 50.42 16.98
CA GLY OB 143 39.03 51.28 15.93
C GLY OB 143 37.98 50.60 15.04
N ASP OB 144 38.33 49.42 14.51
CA ASP OB 144 37.42 48.67 13.66
C ASP OB 144 36.22 48.20 14.47
N ASP OB 145 36.47 47.74 15.71
CA ASP OB 145 35.39 47.34 16.61
C ASP OB 145 34.49 48.54 16.87
N ALA OB 146 35.10 49.70 17.09
CA ALA OB 146 34.39 50.93 17.41
C ALA OB 146 33.45 51.30 16.26
N ALA OB 147 33.91 51.15 15.02
CA ALA OB 147 33.11 51.50 13.86
C ALA OB 147 31.84 50.66 13.83
N GLU OB 148 31.99 49.34 14.07
CA GLU OB 148 30.85 48.43 14.12
C GLU OB 148 29.87 48.90 15.20
N ALA OB 149 30.40 49.15 16.41
CA ALA OB 149 29.58 49.58 17.52
C ALA OB 149 28.92 50.92 17.22
N GLY OB 150 29.65 51.81 16.54
CA GLY OB 150 29.16 53.14 16.23
C GLY OB 150 27.87 53.09 15.43
N PHE OB 151 27.78 52.19 14.47
CA PHE OB 151 26.62 52.10 13.60
C PHE OB 151 25.38 51.91 14.45
N TYR OB 152 25.43 50.97 15.41
CA TYR OB 152 24.29 50.69 16.25
C TYR OB 152 23.97 51.90 17.13
N PHE OB 153 25.01 52.54 17.66
CA PHE OB 153 24.82 53.73 18.47
C PHE OB 153 24.16 54.84 17.66
N ASP OB 154 24.63 55.01 16.41
CA ASP OB 154 24.11 56.05 15.54
C ASP OB 154 22.62 55.82 15.26
N TYR OB 155 22.26 54.55 15.04
CA TYR OB 155 20.88 54.20 14.76
C TYR OB 155 19.99 54.67 15.90
N LEU OB 156 20.41 54.39 17.13
CA LEU OB 156 19.66 54.78 18.32
C LEU OB 156 19.47 56.28 18.33
N VAL OB 157 20.54 57.01 18.06
CA VAL OB 157 20.50 58.46 18.06
C VAL OB 157 19.52 58.93 16.98
N GLY OB 158 19.56 58.30 15.82
CA GLY OB 158 18.64 58.62 14.74
C GLY OB 158 17.18 58.35 15.14
N ALA OB 159 16.95 57.21 15.80
CA ALA OB 159 15.63 56.79 16.22
C ALA OB 159 15.00 57.80 17.19
N MET OB 160 15.79 58.27 18.15
CA MET OB 160 15.39 59.27 19.13
C MET OB 160 15.69 60.68 18.60
N GLN OB 161 14.87 61.10 17.65
CA GLN OB 161 15.04 62.39 16.99
C GLN OB 161 13.69 62.98 16.56
N MET PB 1 9.89 36.52 12.43
CA MET PB 1 9.81 35.21 13.13
C MET PB 1 10.89 35.16 14.21
N GLN PB 2 11.24 33.97 14.74
CA GLN PB 2 12.37 33.95 15.63
C GLN PB 2 13.43 32.92 15.18
N ASP PB 3 14.68 33.27 15.47
CA ASP PB 3 15.81 32.45 15.15
C ASP PB 3 16.59 32.22 16.41
N ALA PB 4 17.61 31.35 16.38
CA ALA PB 4 18.33 30.97 17.57
C ALA PB 4 18.97 32.18 18.22
N ILE PB 5 19.63 33.02 17.43
CA ILE PB 5 20.28 34.20 17.96
C ILE PB 5 19.26 35.07 18.69
N THR PB 6 18.14 35.35 18.02
CA THR PB 6 17.12 36.21 18.60
C THR PB 6 16.49 35.55 19.82
N ALA PB 7 16.33 34.23 19.80
CA ALA PB 7 15.73 33.51 20.92
C ALA PB 7 16.54 33.72 22.18
N VAL PB 8 17.87 33.63 22.07
CA VAL PB 8 18.76 33.86 23.20
C VAL PB 8 18.56 35.28 23.68
N ILE PB 9 18.60 36.23 22.75
CA ILE PB 9 18.45 37.64 23.09
C ILE PB 9 17.13 37.84 23.83
N ASN PB 10 16.05 37.24 23.34
CA ASN PB 10 14.73 37.50 23.90
C ASN PB 10 14.68 36.97 25.33
N ASN PB 11 15.27 35.79 25.56
CA ASN PB 11 15.25 35.19 26.88
C ASN PB 11 15.98 36.11 27.86
N TYR PB 12 17.09 36.69 27.42
CA TYR PB 12 17.86 37.60 28.26
C TYR PB 12 17.09 38.89 28.49
N ASP PB 13 16.41 39.39 27.45
CA ASP PB 13 15.69 40.64 27.56
C ASP PB 13 14.56 40.55 28.59
N VAL PB 14 13.84 39.43 28.65
CA VAL PB 14 12.76 39.32 29.61
C VAL PB 14 13.36 39.30 31.01
N GLN PB 15 14.54 38.67 31.18
CA GLN PB 15 15.23 38.70 32.44
C GLN PB 15 15.79 40.09 32.70
N GLY PB 16 16.10 40.82 31.63
CA GLY PB 16 16.70 42.14 31.75
C GLY PB 16 18.22 42.05 31.88
N LYS PB 17 18.73 40.81 31.82
CA LYS PB 17 20.13 40.53 32.00
C LYS PB 17 20.91 40.93 30.75
N TYR PB 18 22.11 41.48 30.95
CA TYR PB 18 23.09 41.64 29.88
C TYR PB 18 23.55 40.26 29.43
N LEU PB 19 24.01 40.17 28.18
CA LEU PB 19 24.47 38.89 27.64
C LEU PB 19 25.67 38.40 28.44
N ASP PB 20 25.66 37.11 28.77
CA ASP PB 20 26.70 36.52 29.61
C ASP PB 20 27.38 35.38 28.84
N GLY PB 21 28.50 34.89 29.39
CA GLY PB 21 29.33 33.91 28.72
C GLY PB 21 28.55 32.65 28.33
N ALA PB 22 27.73 32.15 29.27
CA ALA PB 22 26.90 30.98 29.01
C ALA PB 22 26.03 31.21 27.77
N ALA PB 23 25.38 32.38 27.73
CA ALA PB 23 24.60 32.78 26.56
C ALA PB 23 25.49 32.85 25.34
N LEU PB 24 26.69 33.42 25.50
CA LEU PB 24 27.62 33.59 24.39
C LEU PB 24 27.97 32.22 23.80
N ASP PB 25 28.15 31.22 24.68
CA ASP PB 25 28.52 29.89 24.25
C ASP PB 25 27.45 29.27 23.34
N LYS PB 26 26.17 29.48 23.71
CA LYS PB 26 25.07 29.00 22.89
C LYS PB 26 25.12 29.67 21.53
N LEU PB 27 25.39 30.98 21.51
CA LEU PB 27 25.47 31.72 20.26
C LEU PB 27 26.63 31.17 19.43
N LYS PB 28 27.75 30.87 20.11
CA LYS PB 28 28.93 30.39 19.42
C LYS PB 28 28.61 29.03 18.77
N ALA PB 29 27.90 28.19 19.53
CA ALA PB 29 27.50 26.88 19.03
C ALA PB 29 26.72 27.03 17.72
N TYR PB 30 25.77 27.96 17.70
CA TYR PB 30 24.95 28.19 16.52
C TYR PB 30 25.84 28.56 15.34
N PHE PB 31 26.83 29.44 15.59
CA PHE PB 31 27.62 29.99 14.50
C PHE PB 31 28.38 28.87 13.76
N THR PB 32 28.90 27.89 14.50
CA THR PB 32 29.59 26.75 13.92
C THR PB 32 28.63 25.92 13.04
N THR PB 33 27.41 25.68 13.55
CA THR PB 33 26.43 24.85 12.87
C THR PB 33 26.00 25.53 11.56
N GLY PB 34 26.01 26.88 11.57
CA GLY PB 34 25.54 27.66 10.45
C GLY PB 34 26.00 27.18 9.05
N ALA PB 35 27.28 26.97 8.89
CA ALA PB 35 27.87 26.61 7.60
C ALA PB 35 27.21 25.34 7.03
N VAL PB 36 27.05 24.32 7.89
CA VAL PB 36 26.41 23.07 7.51
C VAL PB 36 24.99 23.35 7.00
N ARG PB 37 24.27 24.19 7.76
CA ARG PB 37 22.89 24.47 7.48
C ARG PB 37 22.75 25.09 6.09
N VAL PB 38 23.65 26.05 5.78
CA VAL PB 38 23.55 26.74 4.51
C VAL PB 38 23.72 25.73 3.37
N ARG PB 39 24.65 24.78 3.51
CA ARG PB 39 24.88 23.78 2.48
C ARG PB 39 23.63 22.95 2.30
N ALA PB 40 23.00 22.53 3.42
CA ALA PB 40 21.80 21.72 3.36
C ALA PB 40 20.67 22.45 2.60
N ALA PB 41 20.51 23.74 2.93
CA ALA PB 41 19.45 24.53 2.34
C ALA PB 41 19.58 24.60 0.82
N ALA PB 42 20.81 24.77 0.34
CA ALA PB 42 21.06 24.87 -1.10
C ALA PB 42 20.71 23.56 -1.78
N VAL PB 43 21.04 22.44 -1.14
CA VAL PB 43 20.71 21.13 -1.68
C VAL PB 43 19.20 21.01 -1.82
N ILE PB 44 18.47 21.38 -0.77
CA ILE PB 44 17.03 21.20 -0.78
C ILE PB 44 16.41 22.05 -1.90
N SER PB 45 16.85 23.32 -2.02
CA SER PB 45 16.27 24.21 -3.00
C SER PB 45 16.41 23.66 -4.42
N SER PB 46 17.58 23.12 -4.73
CA SER PB 46 17.87 22.61 -6.06
C SER PB 46 17.03 21.37 -6.37
N ASN PB 47 16.78 20.53 -5.36
CA ASN PB 47 16.13 19.26 -5.58
C ASN PB 47 14.66 19.29 -5.16
N ALA PB 48 14.10 20.50 -4.96
CA ALA PB 48 12.79 20.64 -4.41
C ALA PB 48 11.73 19.92 -5.26
N THR PB 49 11.75 20.17 -6.57
CA THR PB 49 10.75 19.58 -7.45
C THR PB 49 10.78 18.06 -7.33
N THR PB 50 11.98 17.46 -7.36
CA THR PB 50 12.13 16.02 -7.30
C THR PB 50 11.66 15.50 -5.95
N ILE PB 51 12.01 16.23 -4.87
CA ILE PB 51 11.65 15.75 -3.55
C ILE PB 51 10.14 15.58 -3.49
N ILE PB 52 9.42 16.57 -4.03
CA ILE PB 52 7.97 16.54 -3.98
C ILE PB 52 7.47 15.39 -4.83
N LYS PB 53 8.05 15.21 -6.02
CA LYS PB 53 7.64 14.16 -6.93
C LYS PB 53 7.76 12.79 -6.24
N GLU PB 54 8.94 12.54 -5.64
CA GLU PB 54 9.20 11.27 -5.03
C GLU PB 54 8.21 11.01 -3.89
N ALA PB 55 8.00 12.05 -3.05
CA ALA PB 55 7.16 11.90 -1.91
C ALA PB 55 5.72 11.61 -2.32
N ALA PB 56 5.25 12.30 -3.36
CA ALA PB 56 3.89 12.09 -3.84
C ALA PB 56 3.72 10.65 -4.32
N ALA PB 57 4.75 10.18 -5.07
CA ALA PB 57 4.75 8.84 -5.59
C ALA PB 57 4.67 7.81 -4.45
N LYS PB 58 5.42 8.08 -3.37
CA LYS PB 58 5.43 7.20 -2.22
C LYS PB 58 4.08 7.13 -1.52
N ALA PB 59 3.37 8.26 -1.37
CA ALA PB 59 2.18 8.30 -0.51
C ALA PB 59 0.90 8.73 -1.25
N LEU PB 60 0.94 9.85 -1.97
CA LEU PB 60 -0.28 10.43 -2.45
C LEU PB 60 -0.88 9.65 -3.64
N ILE PB 61 -0.04 9.42 -4.66
CA ILE PB 61 -0.63 9.07 -5.97
C ILE PB 61 -0.90 7.57 -6.04
N TYR PB 62 -1.46 7.09 -7.13
CA TYR PB 62 -1.80 5.68 -7.36
C TYR PB 62 -2.71 5.19 -6.24
N SER PB 63 -3.61 6.02 -5.78
CA SER PB 63 -4.38 5.77 -4.56
C SER PB 63 -5.83 6.17 -4.81
N ASP PB 64 -6.70 5.92 -3.84
CA ASP PB 64 -8.05 6.37 -3.88
C ASP PB 64 -8.16 7.89 -4.00
N LEU PB 65 -7.24 8.61 -3.35
CA LEU PB 65 -7.25 10.08 -3.41
C LEU PB 65 -7.26 10.56 -4.84
N THR PB 66 -6.37 10.01 -5.64
CA THR PB 66 -6.28 10.42 -7.04
C THR PB 66 -7.46 9.90 -7.84
N ARG PB 67 -8.10 8.80 -7.41
CA ARG PB 67 -9.23 8.24 -8.14
C ARG PB 67 -10.44 9.15 -7.95
N PRO PB 68 -11.43 9.16 -8.89
CA PRO PB 68 -12.56 10.07 -8.83
C PRO PB 68 -13.33 9.97 -7.53
N GLY PB 69 -13.70 11.10 -6.97
CA GLY PB 69 -14.31 11.25 -5.68
C GLY PB 69 -13.30 11.35 -4.54
N GLY PB 70 -11.99 11.31 -4.87
CA GLY PB 70 -10.93 11.41 -3.88
C GLY PB 70 -10.49 12.87 -3.75
N MET PB 72 -7.69 14.37 -3.96
CA MET PB 72 -6.70 14.87 -4.91
C MET PB 72 -7.13 14.65 -6.35
N TYR PB 73 -8.37 14.19 -6.55
CA TYR PB 73 -8.93 14.05 -7.88
C TYR PB 73 -9.23 15.44 -8.47
N THR PB 74 -9.14 15.56 -9.81
CA THR PB 74 -9.25 16.79 -10.59
C THR PB 74 -7.90 17.49 -10.61
N THR PB 75 -7.60 18.17 -11.71
CA THR PB 75 -6.29 18.80 -11.84
C THR PB 75 -6.11 19.87 -10.77
N ARG PB 76 -7.18 20.65 -10.53
CA ARG PB 76 -7.12 21.75 -9.59
C ARG PB 76 -6.68 21.26 -8.21
N ARG PB 77 -7.34 20.23 -7.71
CA ARG PB 77 -7.01 19.68 -6.42
C ARG PB 77 -5.60 19.08 -6.42
N TYR PB 78 -5.22 18.39 -7.49
CA TYR PB 78 -3.89 17.80 -7.54
C TYR PB 78 -2.86 18.91 -7.40
N ALA PB 79 -3.05 20.00 -8.16
CA ALA PB 79 -2.11 21.08 -8.15
C ALA PB 79 -2.03 21.73 -6.77
N ALA PB 80 -3.18 21.88 -6.11
CA ALA PB 80 -3.21 22.43 -4.77
C ALA PB 80 -2.39 21.61 -3.80
N CYS PB 81 -2.54 20.28 -3.87
CA CYS PB 81 -1.85 19.42 -2.93
C CYS PB 81 -0.35 19.54 -3.11
N ILE PB 82 0.14 19.59 -4.36
CA ILE PB 82 1.57 19.66 -4.54
C ILE PB 82 2.06 21.05 -4.15
N ARG PB 83 1.24 22.08 -4.30
CA ARG PB 83 1.60 23.41 -3.83
C ARG PB 83 1.76 23.41 -2.32
N ASP PB 84 0.87 22.74 -1.61
CA ASP PB 84 0.99 22.65 -0.17
C ASP PB 84 2.27 21.96 0.23
N MET PB 85 2.63 20.91 -0.51
CA MET PB 85 3.82 20.13 -0.23
C MET PB 85 5.04 21.05 -0.34
N ASP PB 86 5.07 21.85 -1.38
CA ASP PB 86 6.14 22.79 -1.60
C ASP PB 86 6.25 23.79 -0.44
N TYR PB 87 5.12 24.28 0.05
CA TYR PB 87 5.10 25.19 1.17
C TYR PB 87 5.81 24.54 2.36
N PHE PB 88 5.41 23.33 2.68
CA PHE PB 88 5.98 22.65 3.83
C PHE PB 88 7.49 22.58 3.67
N LEU PB 89 7.94 22.22 2.48
CA LEU PB 89 9.36 22.08 2.22
C LEU PB 89 10.09 23.40 2.41
N ARG PB 90 9.56 24.47 1.83
CA ARG PB 90 10.19 25.80 1.89
C ARG PB 90 10.30 26.26 3.35
N TYR PB 91 9.25 26.06 4.13
CA TYR PB 91 9.23 26.53 5.50
C TYR PB 91 10.19 25.70 6.34
N ALA PB 92 10.25 24.40 6.09
CA ALA PB 92 11.18 23.55 6.81
C ALA PB 92 12.61 24.01 6.55
N THR PB 93 12.90 24.35 5.30
CA THR PB 93 14.22 24.85 4.94
C THR PB 93 14.51 26.14 5.72
N TYR PB 94 13.52 27.05 5.80
CA TYR PB 94 13.69 28.28 6.55
C TYR PB 94 13.99 27.95 8.01
N ALA PB 95 13.26 27.01 8.57
CA ALA PB 95 13.42 26.65 9.98
C ALA PB 95 14.82 26.10 10.22
N MET PB 96 15.32 25.28 9.28
CA MET PB 96 16.60 24.66 9.46
C MET PB 96 17.71 25.74 9.49
N LEU PB 97 17.63 26.71 8.56
CA LEU PB 97 18.58 27.80 8.59
C LEU PB 97 18.46 28.56 9.91
N ALA PB 98 17.23 28.86 10.33
CA ALA PB 98 17.00 29.66 11.53
C ALA PB 98 17.51 28.92 12.77
N GLY PB 99 17.34 27.61 12.79
CA GLY PB 99 17.65 26.82 13.97
C GLY PB 99 16.54 26.89 15.00
N ASP PB 100 15.37 27.39 14.60
CA ASP PB 100 14.25 27.49 15.53
C ASP PB 100 12.98 26.94 14.89
N PRO PB 101 12.15 26.19 15.63
CA PRO PB 101 10.86 25.73 15.12
C PRO PB 101 9.72 26.75 15.12
N SER PB 102 9.96 27.93 15.68
CA SER PB 102 8.92 28.94 15.88
C SER PB 102 8.28 29.36 14.57
N ILE PB 103 9.09 29.57 13.52
CA ILE PB 103 8.54 30.04 12.25
C ILE PB 103 7.46 29.07 11.78
N LEU PB 104 7.68 27.77 11.98
CA LEU PB 104 6.69 26.78 11.56
C LEU PB 104 5.37 27.04 12.29
N ASP PB 105 5.45 27.30 13.60
CA ASP PB 105 4.25 27.57 14.38
C ASP PB 105 3.56 28.85 13.90
N GLU PB 106 4.33 29.90 13.65
CA GLU PB 106 3.79 31.22 13.32
C GLU PB 106 3.13 31.21 11.94
N ARG PB 107 3.72 30.55 10.95
CA ARG PB 107 3.20 30.60 9.59
C ARG PB 107 2.44 29.34 9.24
N VAL PB 108 3.08 28.18 9.28
CA VAL PB 108 2.47 26.99 8.74
C VAL PB 108 1.43 26.44 9.71
N LEU PB 109 1.82 26.25 10.97
CA LEU PB 109 1.04 25.41 11.86
C LEU PB 109 -0.24 26.10 12.30
N ASN PB 110 -0.26 27.43 12.34
CA ASN PB 110 -1.36 28.17 12.93
C ASN PB 110 -2.59 28.17 12.02
N GLY PB 111 -3.70 27.60 12.52
CA GLY PB 111 -4.92 27.50 11.73
C GLY PB 111 -4.92 26.43 10.65
N LEU PB 112 -3.89 25.62 10.51
CA LEU PB 112 -3.86 24.65 9.43
C LEU PB 112 -4.91 23.57 9.63
N LYS PB 113 -5.02 23.08 10.86
CA LYS PB 113 -5.96 22.00 11.17
C LYS PB 113 -7.36 22.44 10.79
N GLU PB 114 -7.73 23.65 11.20
CA GLU PB 114 -9.05 24.18 10.97
C GLU PB 114 -9.29 24.37 9.48
N THR PB 115 -8.31 24.90 8.75
CA THR PB 115 -8.41 25.08 7.31
C THR PB 115 -8.69 23.74 6.65
N TYR PB 116 -7.90 22.73 7.04
CA TYR PB 116 -8.01 21.43 6.40
C TYR PB 116 -9.37 20.82 6.69
N ASN PB 117 -9.86 20.97 7.92
CA ASN PB 117 -11.15 20.39 8.28
C ASN PB 117 -12.26 21.03 7.46
N SER PB 118 -12.25 22.35 7.29
CA SER PB 118 -13.24 23.00 6.47
C SER PB 118 -13.13 22.51 5.02
N LEU PB 119 -11.91 22.40 4.52
CA LEU PB 119 -11.72 22.00 3.14
C LEU PB 119 -12.12 20.54 2.96
N GLY PB 120 -11.95 19.72 4.00
CA GLY PB 120 -12.13 18.28 3.88
C GLY PB 120 -10.87 17.57 3.38
N VAL PB 121 -9.75 18.28 3.34
CA VAL PB 121 -8.45 17.66 3.10
C VAL PB 121 -8.16 16.67 4.22
N PRO PB 122 -7.68 15.44 3.92
CA PRO PB 122 -7.31 14.46 4.94
C PRO PB 122 -5.95 14.71 5.61
N ILE PB 123 -5.97 14.93 6.91
CA ILE PB 123 -4.77 15.33 7.64
C ILE PB 123 -3.75 14.19 7.64
N ALA PB 124 -4.20 12.98 7.89
CA ALA PB 124 -3.31 11.83 8.01
C ALA PB 124 -2.52 11.61 6.71
N ALA PB 125 -3.19 11.73 5.56
CA ALA PB 125 -2.51 11.62 4.27
C ALA PB 125 -1.46 12.71 4.12
N THR PB 126 -1.78 13.93 4.55
CA THR PB 126 -0.86 15.05 4.45
C THR PB 126 0.36 14.75 5.30
N VAL PB 127 0.12 14.24 6.51
CA VAL PB 127 1.20 13.91 7.42
C VAL PB 127 2.09 12.87 6.76
N GLY PB 128 1.47 11.85 6.17
CA GLY PB 128 2.18 10.82 5.42
C GLY PB 128 3.12 11.40 4.35
N GLY PB 129 2.61 12.37 3.60
CA GLY PB 129 3.39 13.08 2.60
C GLY PB 129 4.59 13.81 3.20
N ILE PB 130 4.39 14.44 4.35
CA ILE PB 130 5.45 15.18 5.01
C ILE PB 130 6.55 14.22 5.41
N GLN PB 131 6.15 13.06 5.99
CA GLN PB 131 7.09 12.04 6.41
C GLN PB 131 7.88 11.52 5.23
N ALA PB 132 7.18 11.32 4.09
CA ALA PB 132 7.84 10.88 2.88
C ALA PB 132 8.89 11.90 2.43
N MET PB 133 8.53 13.19 2.47
CA MET PB 133 9.46 14.21 2.04
C MET PB 133 10.70 14.16 2.94
N LYS PB 134 10.48 13.93 4.24
CA LYS PB 134 11.56 13.89 5.20
C LYS PB 134 12.59 12.86 4.82
N GLU PB 135 12.09 11.65 4.49
CA GLU PB 135 12.96 10.54 4.13
C GLU PB 135 13.81 10.90 2.92
N VAL PB 136 13.18 11.45 1.86
CA VAL PB 136 13.89 11.85 0.69
C VAL PB 136 14.94 12.92 1.03
N VAL PB 137 14.53 13.91 1.84
CA VAL PB 137 15.38 15.04 2.17
C VAL PB 137 16.61 14.52 2.91
N GLY PB 138 16.38 13.58 3.85
CA GLY PB 138 17.46 13.04 4.66
C GLY PB 138 18.63 12.51 3.78
N GLY PB 139 18.27 11.74 2.75
CA GLY PB 139 19.24 11.23 1.80
C GLY PB 139 20.07 12.34 1.14
N LEU PB 140 19.40 13.35 0.58
CA LEU PB 140 20.05 14.38 -0.21
C LEU PB 140 20.98 15.21 0.67
N VAL PB 141 20.51 15.59 1.87
CA VAL PB 141 21.24 16.54 2.68
C VAL PB 141 22.51 15.88 3.22
N GLY PB 142 22.43 14.55 3.48
CA GLY PB 142 23.53 13.85 4.07
C GLY PB 142 23.40 13.78 5.59
N PRO PB 143 24.22 12.94 6.28
CA PRO PB 143 23.93 12.58 7.68
C PRO PB 143 23.90 13.68 8.73
N ASP PB 144 24.93 14.56 8.72
CA ASP PB 144 25.01 15.63 9.71
C ASP PB 144 23.80 16.53 9.60
N ALA PB 145 23.45 16.90 8.34
CA ALA PB 145 22.30 17.75 8.08
C ALA PB 145 21.01 17.00 8.40
N ALA PB 146 20.98 15.70 8.14
CA ALA PB 146 19.74 14.90 8.20
C ALA PB 146 19.03 15.00 9.54
N LYS PB 147 19.85 14.87 10.62
CA LYS PB 147 19.25 14.87 11.96
C LYS PB 147 18.53 16.18 12.20
N GLU PB 148 19.22 17.28 11.84
CA GLU PB 148 18.68 18.64 11.99
C GLU PB 148 17.44 18.80 11.13
N ALA PB 149 17.50 18.35 9.88
CA ALA PB 149 16.37 18.47 8.95
C ALA PB 149 15.17 17.70 9.48
N SER PB 150 15.42 16.50 10.03
CA SER PB 150 14.35 15.61 10.44
C SER PB 150 13.47 16.26 11.52
N ILE PB 151 14.07 16.98 12.46
CA ILE PB 151 13.34 17.48 13.61
C ILE PB 151 12.26 18.45 13.15
N TYR PB 152 12.57 19.31 12.15
CA TYR PB 152 11.60 20.28 11.68
C TYR PB 152 10.43 19.56 10.97
N PHE PB 153 10.76 18.56 10.16
CA PHE PB 153 9.73 17.77 9.49
C PHE PB 153 8.82 17.10 10.51
N ASP PB 154 9.43 16.54 11.57
CA ASP PB 154 8.66 15.89 12.60
C ASP PB 154 7.77 16.86 13.34
N TYR PB 155 8.30 18.07 13.54
CA TYR PB 155 7.55 19.13 14.22
C TYR PB 155 6.28 19.47 13.43
N LEU PB 156 6.42 19.61 12.11
CA LEU PB 156 5.28 19.88 11.25
C LEU PB 156 4.27 18.76 11.40
N SER PB 157 4.75 17.52 11.36
CA SER PB 157 3.88 16.35 11.36
C SER PB 157 3.09 16.31 12.66
N SER PB 158 3.78 16.54 13.80
CA SER PB 158 3.14 16.52 15.09
C SER PB 158 2.07 17.60 15.20
N GLY PB 159 2.36 18.79 14.68
CA GLY PB 159 1.43 19.90 14.71
C GLY PB 159 0.13 19.56 13.98
N LEU PB 160 0.27 18.97 12.80
CA LEU PB 160 -0.87 18.71 11.94
C LEU PB 160 -1.72 17.62 12.59
N SER PB 161 -1.05 16.63 13.16
CA SER PB 161 -1.73 15.54 13.84
C SER PB 161 -1.94 15.92 15.31
N SER QB 2 -30.69 62.88 18.98
CA SER QB 2 -30.67 64.15 19.77
C SER QB 2 -29.44 64.97 19.35
N VAL QB 3 -29.41 66.25 19.76
CA VAL QB 3 -28.29 67.12 19.46
C VAL QB 3 -27.00 66.50 20.00
N LEU QB 4 -27.09 66.00 21.25
CA LEU QB 4 -25.87 65.57 21.91
C LEU QB 4 -25.33 64.34 21.19
N THR QB 5 -26.23 63.41 20.82
CA THR QB 5 -25.81 62.19 20.15
C THR QB 5 -25.07 62.56 18.86
N LYS QB 6 -25.65 63.51 18.11
CA LYS QB 6 -25.06 63.89 16.84
C LYS QB 6 -23.64 64.42 17.07
N ALA QB 7 -23.46 65.29 18.06
CA ALA QB 7 -22.16 65.87 18.33
C ALA QB 7 -21.13 64.82 18.70
N ILE QB 8 -21.52 63.89 19.58
CA ILE QB 8 -20.64 62.84 20.04
C ILE QB 8 -20.20 62.00 18.84
N VAL QB 9 -21.14 61.65 17.98
CA VAL QB 9 -20.86 60.80 16.86
C VAL QB 9 -19.84 61.45 15.93
N ASN QB 10 -19.96 62.76 15.68
CA ASN QB 10 -19.02 63.43 14.81
C ASN QB 10 -17.64 63.41 15.43
N ALA QB 11 -17.57 63.65 16.74
CA ALA QB 11 -16.30 63.64 17.45
C ALA QB 11 -15.65 62.27 17.37
N ASP QB 12 -16.43 61.21 17.57
CA ASP QB 12 -15.88 59.87 17.58
C ASP QB 12 -15.29 59.53 16.21
N ALA QB 13 -15.98 59.94 15.13
CA ALA QB 13 -15.48 59.70 13.80
C ALA QB 13 -14.12 60.38 13.61
N GLU QB 14 -14.02 61.62 14.10
CA GLU QB 14 -12.77 62.36 14.03
C GLU QB 14 -11.77 61.86 15.06
N ALA QB 15 -12.24 61.07 16.03
CA ALA QB 15 -11.39 60.52 17.08
C ALA QB 15 -10.80 61.64 17.94
N ARG QB 16 -11.61 62.66 18.22
CA ARG QB 16 -11.18 63.82 18.98
C ARG QB 16 -12.18 64.11 20.10
N TYR QB 17 -11.77 64.87 21.12
CA TYR QB 17 -12.70 65.39 22.11
C TYR QB 17 -13.62 66.42 21.47
N LEU QB 18 -14.77 66.68 22.08
CA LEU QB 18 -15.74 67.63 21.54
C LEU QB 18 -15.11 69.01 21.40
N SER QB 19 -15.34 69.60 20.22
CA SER QB 19 -14.85 70.92 19.89
C SER QB 19 -15.60 71.95 20.71
N PRO QB 20 -15.00 73.14 20.95
CA PRO QB 20 -15.67 74.21 21.70
C PRO QB 20 -17.01 74.59 21.10
N GLY QB 21 -17.03 74.72 19.75
CA GLY QB 21 -18.24 75.04 19.02
C GLY QB 21 -19.35 74.02 19.29
N GLU QB 22 -18.97 72.73 19.22
CA GLU QB 22 -19.89 71.64 19.49
C GLU QB 22 -20.41 71.74 20.92
N LEU QB 23 -19.49 72.04 21.85
CA LEU QB 23 -19.85 72.16 23.26
C LEU QB 23 -20.85 73.30 23.44
N ASP QB 24 -20.63 74.41 22.71
CA ASP QB 24 -21.50 75.57 22.82
C ASP QB 24 -22.92 75.23 22.40
N ARG QB 25 -23.04 74.46 21.30
CA ARG QB 25 -24.34 74.05 20.80
C ARG QB 25 -25.05 73.21 21.85
N ILE QB 26 -24.31 72.37 22.57
CA ILE QB 26 -24.89 71.54 23.61
C ILE QB 26 -25.45 72.43 24.70
N LYS QB 27 -24.67 73.47 25.08
CA LYS QB 27 -25.10 74.38 26.12
C LYS QB 27 -26.40 75.06 25.73
N SER QB 28 -26.46 75.51 24.46
CA SER QB 28 -27.64 76.22 24.00
C SER QB 28 -28.86 75.29 24.08
N PHE QB 29 -28.66 74.04 23.67
CA PHE QB 29 -29.71 73.05 23.62
C PHE QB 29 -30.30 72.81 25.01
N VAL QB 30 -29.44 72.70 26.03
CA VAL QB 30 -29.93 72.35 27.35
C VAL QB 30 -30.79 73.50 27.89
N ALA QB 31 -30.39 74.75 27.57
CA ALA QB 31 -31.17 75.91 27.96
C ALA QB 31 -32.53 75.90 27.25
N SER QB 32 -32.53 75.55 25.95
CA SER QB 32 -33.74 75.57 25.15
C SER QB 32 -34.72 74.48 25.60
N GLY QB 33 -34.20 73.39 26.16
CA GLY QB 33 -34.96 72.16 26.38
C GLY QB 33 -36.31 72.37 27.10
N GLU QB 34 -36.28 73.16 28.18
CA GLU QB 34 -37.46 73.38 29.00
C GLU QB 34 -38.60 74.00 28.17
N ARG QB 35 -38.24 75.04 27.39
CA ARG QB 35 -39.18 75.63 26.43
C ARG QB 35 -39.67 74.58 25.44
N ARG QB 36 -38.75 73.75 24.93
CA ARG QB 36 -39.11 72.72 23.97
C ARG QB 36 -40.11 71.76 24.57
N LEU QB 37 -39.94 71.40 25.84
CA LEU QB 37 -40.82 70.44 26.48
C LEU QB 37 -42.26 70.97 26.47
N ARG QB 38 -42.41 72.27 26.78
CA ARG QB 38 -43.72 72.89 26.79
C ARG QB 38 -44.35 72.86 25.40
N ILE QB 39 -43.58 73.17 24.36
CA ILE QB 39 -44.09 73.16 23.00
C ILE QB 39 -44.63 71.77 22.67
N ALA QB 40 -43.87 70.74 23.03
CA ALA QB 40 -44.27 69.36 22.76
C ALA QB 40 -45.55 69.03 23.52
N GLN QB 41 -45.63 69.50 24.77
CA GLN QB 41 -46.77 69.20 25.61
C GLN QB 41 -48.04 69.78 24.97
N THR QB 42 -47.93 71.02 24.47
CA THR QB 42 -49.06 71.71 23.87
C THR QB 42 -49.63 70.86 22.72
N LEU QB 43 -48.75 70.41 21.82
CA LEU QB 43 -49.17 69.66 20.65
C LEU QB 43 -49.79 68.33 21.06
N THR QB 44 -49.24 67.70 22.10
CA THR QB 44 -49.78 66.42 22.55
C THR QB 44 -51.23 66.59 22.98
N GLU QB 45 -51.52 67.66 23.72
CA GLU QB 45 -52.86 67.88 24.24
C GLU QB 45 -53.83 68.12 23.08
N ALA QB 46 -53.36 68.86 22.08
CA ALA QB 46 -54.20 69.23 20.94
C ALA QB 46 -54.13 68.17 19.84
N ARG QB 47 -53.49 67.03 20.13
CA ARG QB 47 -53.18 66.07 19.10
C ARG QB 47 -54.44 65.63 18.37
N GLU QB 48 -55.47 65.19 19.10
CA GLU QB 48 -56.69 64.63 18.55
C GLU QB 48 -57.34 65.60 17.56
N ARG QB 49 -57.43 66.87 17.94
CA ARG QB 49 -58.04 67.88 17.10
C ARG QB 49 -57.16 68.19 15.89
N ILE QB 50 -55.82 68.22 16.08
CA ILE QB 50 -54.93 68.54 14.98
C ILE QB 50 -55.13 67.51 13.87
N VAL QB 51 -55.15 66.23 14.27
CA VAL QB 51 -55.26 65.16 13.30
C VAL QB 51 -56.59 65.30 12.55
N LYS QB 52 -57.67 65.51 13.31
CA LYS QB 52 -59.00 65.57 12.73
C LYS QB 52 -59.07 66.71 11.69
N GLN QB 53 -58.64 67.91 12.12
CA GLN QB 53 -58.71 69.07 11.24
C GLN QB 53 -57.86 68.84 9.99
N ALA QB 54 -56.65 68.32 10.17
CA ALA QB 54 -55.72 68.11 9.06
C ALA QB 54 -56.30 67.13 8.07
N GLY QB 55 -56.91 66.05 8.59
CA GLY QB 55 -57.52 65.03 7.75
C GLY QB 55 -58.55 65.64 6.80
N ASP QB 56 -59.44 66.46 7.36
CA ASP QB 56 -60.50 67.10 6.62
C ASP QB 56 -59.91 67.97 5.51
N GLN QB 57 -58.90 68.78 5.88
CA GLN QB 57 -58.23 69.64 4.93
C GLN QB 57 -57.64 68.82 3.80
N LEU QB 58 -56.97 67.71 4.16
CA LEU QB 58 -56.30 66.87 3.17
C LEU QB 58 -57.35 66.32 2.19
N PHE QB 59 -58.48 65.85 2.73
CA PHE QB 59 -59.49 65.23 1.89
C PHE QB 59 -60.11 66.29 0.97
N GLN QB 60 -60.27 67.52 1.46
CA GLN QB 60 -60.74 68.60 0.61
C GLN QB 60 -59.71 68.89 -0.47
N LYS QB 61 -58.42 68.94 -0.08
CA LYS QB 61 -57.34 69.25 -1.02
C LYS QB 61 -57.24 68.16 -2.09
N ARG QB 62 -57.40 66.91 -1.67
CA ARG QB 62 -57.29 65.76 -2.55
C ARG QB 62 -58.57 64.93 -2.50
N PRO QB 63 -59.60 65.24 -3.32
CA PRO QB 63 -60.81 64.42 -3.34
C PRO QB 63 -60.48 62.98 -3.73
N ASP QB 64 -59.50 62.80 -4.61
CA ASP QB 64 -59.20 61.52 -5.23
C ASP QB 64 -58.86 60.47 -4.19
N VAL QB 65 -58.07 60.83 -3.18
CA VAL QB 65 -57.57 59.82 -2.24
C VAL QB 65 -58.75 59.13 -1.58
N VAL QB 66 -59.77 59.89 -1.17
CA VAL QB 66 -61.00 59.30 -0.65
C VAL QB 66 -62.02 59.23 -1.79
N SER QB 67 -61.74 58.39 -2.77
CA SER QB 67 -62.63 58.11 -3.88
C SER QB 67 -62.47 56.63 -4.19
N PRO QB 68 -63.44 55.98 -4.88
CA PRO QB 68 -63.42 54.52 -4.99
C PRO QB 68 -62.09 53.99 -5.53
N GLY QB 69 -61.52 54.70 -6.51
CA GLY QB 69 -60.19 54.38 -6.99
C GLY QB 69 -59.12 54.55 -5.91
N GLY QB 70 -59.23 55.64 -5.13
CA GLY QB 70 -58.19 56.08 -4.21
C GLY QB 70 -57.95 55.11 -3.05
N ASN QB 71 -56.73 55.19 -2.50
CA ASN QB 71 -56.27 54.27 -1.46
C ASN QB 71 -57.04 54.52 -0.16
N ALA QB 72 -57.29 55.79 0.12
CA ALA QB 72 -57.86 56.20 1.38
C ALA QB 72 -59.35 55.81 1.49
N TYR QB 73 -59.98 55.52 0.35
CA TYR QB 73 -61.42 55.33 0.30
C TYR QB 73 -61.89 54.14 1.13
N GLY QB 74 -63.03 54.33 1.80
CA GLY QB 74 -63.60 53.35 2.72
C GLY QB 74 -63.22 53.68 4.15
N GLU QB 75 -64.06 53.24 5.11
CA GLU QB 75 -63.88 53.56 6.52
C GLU QB 75 -62.55 53.00 7.04
N LYS QB 76 -62.30 51.71 6.76
CA LYS QB 76 -61.08 51.06 7.24
C LYS QB 76 -59.88 51.87 6.76
N MET QB 77 -59.86 52.15 5.45
CA MET QB 77 -58.74 52.83 4.84
C MET QB 77 -58.61 54.26 5.39
N THR QB 78 -59.74 54.95 5.56
CA THR QB 78 -59.69 56.33 6.05
C THR QB 78 -59.10 56.34 7.46
N ALA QB 79 -59.50 55.37 8.29
CA ALA QB 79 -58.96 55.28 9.64
C ALA QB 79 -57.45 55.12 9.60
N LEU QB 80 -56.96 54.24 8.71
CA LEU QB 80 -55.54 53.99 8.59
C LEU QB 80 -54.81 55.25 8.18
N CYS QB 81 -55.40 56.03 7.25
CA CYS QB 81 -54.78 57.27 6.83
C CYS QB 81 -54.67 58.23 8.00
N LEU QB 82 -55.70 58.28 8.85
CA LEU QB 82 -55.67 59.15 10.01
C LEU QB 82 -54.67 58.64 11.03
N ARG QB 83 -54.59 57.31 11.19
CA ARG QB 83 -53.62 56.72 12.10
C ARG QB 83 -52.20 57.13 11.67
N ASP QB 84 -51.95 57.12 10.36
CA ASP QB 84 -50.65 57.52 9.86
C ASP QB 84 -50.36 58.97 10.22
N LEU QB 85 -51.35 59.84 10.09
CA LEU QB 85 -51.16 61.24 10.44
C LEU QB 85 -50.83 61.36 11.91
N ASP QB 86 -51.52 60.58 12.74
CA ASP QB 86 -51.26 60.59 14.16
C ASP QB 86 -49.82 60.17 14.45
N TYR QB 87 -49.34 59.11 13.77
CA TYR QB 87 -48.00 58.62 13.92
C TYR QB 87 -46.99 59.73 13.65
N TYR QB 88 -47.19 60.45 12.55
CA TYR QB 88 -46.25 61.48 12.18
C TYR QB 88 -46.25 62.60 13.23
N LEU QB 89 -47.43 62.90 13.80
CA LEU QB 89 -47.46 63.94 14.80
C LEU QB 89 -46.67 63.52 16.03
N ARG QB 90 -46.82 62.26 16.45
CA ARG QB 90 -46.09 61.76 17.59
C ARG QB 90 -44.59 61.88 17.34
N LEU QB 91 -44.17 61.53 16.13
CA LEU QB 91 -42.77 61.63 15.77
C LEU QB 91 -42.30 63.07 15.87
N VAL QB 92 -43.10 64.03 15.40
CA VAL QB 92 -42.69 65.42 15.45
C VAL QB 92 -42.47 65.85 16.90
N THR QB 93 -43.36 65.44 17.82
CA THR QB 93 -43.20 65.84 19.20
C THR QB 93 -41.87 65.30 19.72
N TYR QB 94 -41.57 64.03 19.41
CA TYR QB 94 -40.32 63.42 19.83
C TYR QB 94 -39.14 64.26 19.34
N GLY QB 95 -39.23 64.70 18.09
CA GLY QB 95 -38.19 65.51 17.48
C GLY QB 95 -37.94 66.81 18.23
N ILE QB 96 -39.02 67.49 18.62
CA ILE QB 96 -38.89 68.79 19.26
C ILE QB 96 -38.11 68.61 20.56
N VAL QB 97 -38.45 67.60 21.36
CA VAL QB 97 -37.77 67.41 22.63
C VAL QB 97 -36.31 67.03 22.38
N ALA QB 98 -36.06 66.21 21.35
CA ALA QB 98 -34.70 65.78 21.03
C ALA QB 98 -33.87 66.92 20.48
N GLY QB 99 -34.49 67.87 19.78
CA GLY QB 99 -33.77 68.97 19.19
C GLY QB 99 -33.12 68.57 17.86
N ASP QB 100 -33.43 67.37 17.38
CA ASP QB 100 -32.84 66.83 16.18
C ASP QB 100 -33.86 65.91 15.54
N VAL QB 101 -33.71 65.69 14.21
CA VAL QB 101 -34.64 64.91 13.46
C VAL QB 101 -34.26 63.45 13.53
N THR QB 102 -33.10 63.11 14.07
CA THR QB 102 -32.62 61.73 14.08
C THR QB 102 -33.68 60.78 14.64
N PRO QB 103 -34.28 61.03 15.83
CA PRO QB 103 -35.31 60.14 16.37
C PRO QB 103 -36.45 59.96 15.37
N ILE QB 104 -36.91 61.08 14.79
CA ILE QB 104 -37.95 61.07 13.79
C ILE QB 104 -37.50 60.19 12.63
N GLU QB 105 -36.27 60.40 12.18
CA GLU QB 105 -35.75 59.82 10.96
C GLU QB 105 -35.72 58.30 11.02
N GLU QB 106 -35.22 57.74 12.11
CA GLU QB 106 -35.13 56.30 12.24
C GLU QB 106 -36.51 55.64 12.20
N ILE QB 107 -37.48 56.21 12.91
CA ILE QB 107 -38.79 55.57 13.03
C ILE QB 107 -39.61 55.74 11.75
N GLY QB 108 -39.49 56.89 11.07
CA GLY QB 108 -40.45 57.26 10.05
C GLY QB 108 -39.91 57.52 8.66
N ILE QB 109 -38.66 57.96 8.50
CA ILE QB 109 -38.28 58.51 7.21
C ILE QB 109 -37.41 57.53 6.41
N ILE QB 110 -36.90 56.45 7.01
CA ILE QB 110 -36.03 55.56 6.27
C ILE QB 110 -36.85 54.34 5.83
N GLY QB 111 -36.89 54.13 4.51
CA GLY QB 111 -37.70 53.08 3.95
C GLY QB 111 -39.15 53.51 3.75
N VAL QB 112 -39.47 54.77 4.03
CA VAL QB 112 -40.84 55.24 3.95
C VAL QB 112 -41.35 55.10 2.52
N LYS QB 113 -40.51 55.50 1.54
CA LYS QB 113 -40.89 55.44 0.14
C LYS QB 113 -41.27 54.01 -0.21
N GLU QB 114 -40.41 53.06 0.18
CA GLU QB 114 -40.59 51.66 -0.16
C GLU QB 114 -41.88 51.13 0.45
N MET QB 115 -42.13 51.46 1.72
CA MET QB 115 -43.30 50.99 2.42
C MET QB 115 -44.55 51.49 1.71
N TYR QB 116 -44.60 52.79 1.42
CA TYR QB 116 -45.78 53.37 0.81
C TYR QB 116 -45.96 52.85 -0.61
N ASN QB 117 -44.86 52.63 -1.34
CA ASN QB 117 -44.98 52.12 -2.69
C ASN QB 117 -45.60 50.72 -2.68
N SER QB 118 -45.21 49.87 -1.73
CA SER QB 118 -45.87 48.58 -1.63
C SER QB 118 -47.35 48.77 -1.32
N LEU QB 119 -47.67 49.68 -0.39
CA LEU QB 119 -49.05 49.95 -0.04
C LEU QB 119 -49.79 50.56 -1.23
N GLN QB 120 -49.05 51.32 -2.05
CA GLN QB 120 -49.58 52.03 -3.21
C GLN QB 120 -50.16 53.38 -2.81
N THR QB 121 -50.02 53.73 -1.53
CA THR QB 121 -50.40 55.05 -1.05
C THR QB 121 -49.59 56.10 -1.81
N PRO QB 122 -50.18 57.20 -2.30
CA PRO QB 122 -49.42 58.29 -2.92
C PRO QB 122 -48.63 59.10 -1.89
N ILE QB 123 -47.32 59.25 -2.12
CA ILE QB 123 -46.45 59.93 -1.18
C ILE QB 123 -46.81 61.40 -1.13
N PRO QB 124 -47.09 62.09 -2.26
CA PRO QB 124 -47.39 63.53 -2.21
C PRO QB 124 -48.60 63.87 -1.33
N ALA QB 125 -49.63 63.00 -1.37
CA ALA QB 125 -50.82 63.20 -0.55
C ALA QB 125 -50.45 63.13 0.93
N VAL QB 126 -49.56 62.18 1.29
CA VAL QB 126 -49.12 62.04 2.67
C VAL QB 126 -48.45 63.35 3.09
N ALA QB 127 -47.61 63.89 2.19
CA ALA QB 127 -46.91 65.13 2.47
C ALA QB 127 -47.89 66.28 2.71
N GLU QB 128 -48.96 66.32 1.91
CA GLU QB 128 -49.98 67.35 2.03
C GLU QB 128 -50.63 67.27 3.41
N GLY QB 129 -50.92 66.04 3.86
CA GLY QB 129 -51.50 65.81 5.18
C GLY QB 129 -50.60 66.38 6.28
N VAL QB 130 -49.29 66.18 6.14
CA VAL QB 130 -48.34 66.68 7.12
C VAL QB 130 -48.34 68.20 7.08
N ARG QB 131 -48.39 68.77 5.87
CA ARG QB 131 -48.46 70.21 5.72
C ARG QB 131 -49.71 70.75 6.42
N ALA QB 132 -50.83 70.07 6.20
CA ALA QB 132 -52.09 70.44 6.83
C ALA QB 132 -51.96 70.42 8.35
N MET QB 133 -51.34 69.35 8.89
CA MET QB 133 -51.15 69.25 10.32
C MET QB 133 -50.33 70.41 10.83
N LYS QB 134 -49.33 70.82 10.05
CA LYS QB 134 -48.45 71.90 10.44
C LYS QB 134 -49.28 73.17 10.65
N ASN QB 135 -50.19 73.46 9.71
CA ASN QB 135 -50.96 74.69 9.74
C ASN QB 135 -51.85 74.72 10.99
N VAL QB 136 -52.50 73.59 11.29
CA VAL QB 136 -53.32 73.49 12.48
C VAL QB 136 -52.46 73.70 13.71
N ALA QB 137 -51.31 73.01 13.76
CA ALA QB 137 -50.44 73.06 14.92
C ALA QB 137 -49.93 74.48 15.12
N THR QB 138 -49.59 75.17 14.02
CA THR QB 138 -49.04 76.51 14.09
C THR QB 138 -50.03 77.44 14.78
N SER QB 139 -51.33 77.31 14.43
CA SER QB 139 -52.35 78.20 14.96
C SER QB 139 -52.42 78.11 16.49
N LEU QB 140 -52.34 76.88 17.03
CA LEU QB 140 -52.45 76.67 18.46
C LEU QB 140 -51.17 77.16 19.15
N LEU QB 141 -50.04 77.02 18.49
CA LEU QB 141 -48.76 77.40 19.08
C LEU QB 141 -48.59 78.92 19.00
N SER QB 142 -47.84 79.47 19.95
CA SER QB 142 -47.38 80.85 19.87
C SER QB 142 -46.34 80.96 18.74
N GLY QB 143 -46.15 82.17 18.21
CA GLY QB 143 -45.38 82.40 16.99
C GLY QB 143 -43.97 81.80 17.01
N ASP QB 144 -43.21 82.11 18.07
CA ASP QB 144 -41.86 81.59 18.24
C ASP QB 144 -41.90 80.07 18.38
N ASP QB 145 -42.86 79.57 19.18
CA ASP QB 145 -43.06 78.14 19.36
C ASP QB 145 -43.37 77.50 18.01
N ALA QB 146 -44.24 78.18 17.22
CA ALA QB 146 -44.67 77.68 15.94
C ALA QB 146 -43.48 77.53 14.99
N ALA QB 147 -42.57 78.50 15.01
CA ALA QB 147 -41.41 78.47 14.13
C ALA QB 147 -40.56 77.22 14.41
N GLU QB 148 -40.33 76.95 15.70
CA GLU QB 148 -39.58 75.77 16.11
C GLU QB 148 -40.29 74.51 15.59
N ALA QB 149 -41.60 74.43 15.85
CA ALA QB 149 -42.38 73.28 15.41
C ALA QB 149 -42.36 73.16 13.89
N GLY QB 150 -42.41 74.29 13.20
CA GLY QB 150 -42.45 74.33 11.75
C GLY QB 150 -41.26 73.59 11.12
N PHE QB 151 -40.08 73.80 11.70
CA PHE QB 151 -38.87 73.22 11.16
C PHE QB 151 -39.02 71.70 11.09
N TYR QB 152 -39.50 71.08 12.17
CA TYR QB 152 -39.67 69.64 12.23
C TYR QB 152 -40.72 69.21 11.22
N PHE QB 153 -41.82 69.96 11.13
CA PHE QB 153 -42.87 69.66 10.18
C PHE QB 153 -42.33 69.72 8.76
N ASP QB 154 -41.52 70.75 8.47
CA ASP QB 154 -40.95 70.94 7.14
C ASP QB 154 -40.05 69.76 6.79
N TYR QB 155 -39.24 69.31 7.75
CA TYR QB 155 -38.34 68.19 7.54
C TYR QB 155 -39.14 66.98 7.04
N LEU QB 156 -40.25 66.69 7.72
CA LEU QB 156 -41.06 65.55 7.38
C LEU QB 156 -41.55 65.68 5.96
N VAL QB 157 -42.02 66.87 5.60
CA VAL QB 157 -42.55 67.11 4.27
C VAL QB 157 -41.42 66.91 3.25
N GLY QB 158 -40.23 67.41 3.58
CA GLY QB 158 -39.07 67.23 2.71
C GLY QB 158 -38.71 65.74 2.54
N ALA QB 159 -38.74 65.01 3.64
CA ALA QB 159 -38.35 63.60 3.65
C ALA QB 159 -39.25 62.78 2.73
N MET QB 160 -40.55 63.03 2.72
CA MET QB 160 -41.42 62.30 1.81
C MET QB 160 -41.62 63.14 0.54
N MET RB 1 -25.11 55.37 18.80
CA MET RB 1 -25.16 55.30 20.28
C MET RB 1 -26.52 55.79 20.75
N GLN RB 2 -26.70 55.81 22.08
CA GLN RB 2 -27.94 56.39 22.61
C GLN RB 2 -27.58 57.39 23.72
N ASP RB 3 -28.49 58.33 23.93
CA ASP RB 3 -28.34 59.25 25.04
C ASP RB 3 -29.54 59.14 25.95
N ALA RB 4 -29.61 60.02 26.94
CA ALA RB 4 -30.71 60.00 27.88
C ALA RB 4 -32.00 60.40 27.19
N ILE RB 5 -31.95 61.52 26.46
CA ILE RB 5 -33.15 62.03 25.80
C ILE RB 5 -33.68 60.97 24.83
N THR RB 6 -32.81 60.39 24.01
CA THR RB 6 -33.24 59.41 23.04
C THR RB 6 -33.74 58.15 23.74
N ALA RB 7 -33.12 57.77 24.86
CA ALA RB 7 -33.55 56.59 25.59
C ALA RB 7 -35.02 56.70 26.02
N VAL RB 8 -35.38 57.87 26.54
CA VAL RB 8 -36.76 58.12 26.95
C VAL RB 8 -37.66 58.00 25.72
N ILE RB 9 -37.26 58.67 24.64
CA ILE RB 9 -38.05 58.64 23.42
C ILE RB 9 -38.24 57.21 22.96
N ASN RB 10 -37.18 56.40 22.99
CA ASN RB 10 -37.26 55.06 22.43
C ASN RB 10 -38.22 54.22 23.26
N ASN RB 11 -38.18 54.39 24.58
CA ASN RB 11 -39.06 53.62 25.46
C ASN RB 11 -40.51 53.93 25.13
N TYR RB 12 -40.80 55.21 24.89
CA TYR RB 12 -42.14 55.65 24.56
C TYR RB 12 -42.55 55.14 23.18
N ASP RB 13 -41.61 55.15 22.23
CA ASP RB 13 -41.90 54.74 20.88
C ASP RB 13 -42.29 53.27 20.81
N VAL RB 14 -41.63 52.40 21.59
CA VAL RB 14 -41.99 50.99 21.56
C VAL RB 14 -43.39 50.82 22.13
N GLN RB 15 -43.73 51.63 23.15
CA GLN RB 15 -45.07 51.61 23.70
C GLN RB 15 -46.05 52.24 22.70
N GLY RB 16 -45.54 53.16 21.88
CA GLY RB 16 -46.38 53.88 20.92
C GLY RB 16 -47.03 55.10 21.57
N LYS RB 17 -46.71 55.31 22.86
CA LYS RB 17 -47.31 56.37 23.65
C LYS RB 17 -46.72 57.71 23.25
N TYR RB 18 -47.57 58.76 23.22
CA TYR RB 18 -47.10 60.13 23.19
C TYR RB 18 -46.38 60.46 24.49
N LEU RB 19 -45.50 61.45 24.45
CA LEU RB 19 -44.72 61.83 25.62
C LEU RB 19 -45.64 62.30 26.72
N ASP RB 20 -45.36 61.85 27.94
CA ASP RB 20 -46.20 62.11 29.11
C ASP RB 20 -45.39 62.85 30.18
N GLY RB 21 -46.07 63.40 31.15
CA GLY RB 21 -45.43 64.31 32.13
C GLY RB 21 -44.29 63.64 32.89
N ALA RB 22 -44.54 62.37 33.30
CA ALA RB 22 -43.52 61.59 33.98
C ALA RB 22 -42.27 61.48 33.11
N ALA RB 23 -42.45 61.16 31.83
CA ALA RB 23 -41.37 61.14 30.86
C ALA RB 23 -40.72 62.52 30.78
N LEU RB 24 -41.55 63.57 30.74
CA LEU RB 24 -41.05 64.92 30.59
C LEU RB 24 -40.15 65.27 31.78
N ASP RB 25 -40.53 64.80 32.98
CA ASP RB 25 -39.74 65.14 34.18
C ASP RB 25 -38.35 64.53 34.09
N LYS RB 26 -38.26 63.29 33.60
CA LYS RB 26 -36.97 62.65 33.42
C LYS RB 26 -36.11 63.50 32.46
N LEU RB 27 -36.74 63.97 31.38
CA LEU RB 27 -36.04 64.80 30.43
C LEU RB 27 -35.60 66.10 31.08
N LYS RB 28 -36.47 66.65 31.91
CA LYS RB 28 -36.22 67.92 32.59
C LYS RB 28 -35.02 67.75 33.53
N ALA RB 29 -34.99 66.61 34.23
CA ALA RB 29 -33.90 66.30 35.13
C ALA RB 29 -32.58 66.34 34.37
N TYR RB 30 -32.55 65.71 33.20
CA TYR RB 30 -31.34 65.67 32.39
C TYR RB 30 -30.91 67.09 32.05
N PHE RB 31 -31.88 67.95 31.68
CA PHE RB 31 -31.55 69.27 31.16
C PHE RB 31 -30.82 70.11 32.21
N THR RB 32 -31.23 69.99 33.48
CA THR RB 32 -30.57 70.69 34.56
C THR RB 32 -29.13 70.20 34.74
N THR RB 33 -28.92 68.88 34.66
CA THR RB 33 -27.60 68.30 34.87
C THR RB 33 -26.68 68.70 33.71
N GLY RB 34 -27.26 68.91 32.53
CA GLY RB 34 -26.53 69.14 31.29
C GLY RB 34 -25.43 70.18 31.40
N ALA RB 35 -25.77 71.36 31.97
CA ALA RB 35 -24.84 72.47 32.01
C ALA RB 35 -23.56 72.07 32.75
N VAL RB 36 -23.73 71.39 33.90
CA VAL RB 36 -22.61 70.91 34.71
C VAL RB 36 -21.74 69.99 33.87
N ARG RB 37 -22.39 69.06 33.14
CA ARG RB 37 -21.68 68.06 32.37
C ARG RB 37 -20.80 68.72 31.31
N VAL RB 38 -21.33 69.74 30.64
CA VAL RB 38 -20.57 70.41 29.59
C VAL RB 38 -19.30 71.00 30.19
N ARG RB 39 -19.41 71.63 31.37
CA ARG RB 39 -18.26 72.23 32.01
C ARG RB 39 -17.23 71.15 32.34
N ALA RB 40 -17.70 70.02 32.88
CA ALA RB 40 -16.82 68.92 33.25
C ALA RB 40 -16.06 68.40 32.03
N ALA RB 41 -16.77 68.25 30.91
CA ALA RB 41 -16.17 67.69 29.71
C ALA RB 41 -15.01 68.58 29.24
N ALA RB 42 -15.20 69.91 29.28
CA ALA RB 42 -14.16 70.83 28.84
C ALA RB 42 -12.93 70.71 29.74
N VAL RB 43 -13.16 70.56 31.05
CA VAL RB 43 -12.07 70.41 32.00
C VAL RB 43 -11.28 69.16 31.64
N ILE RB 44 -11.98 68.05 31.39
CA ILE RB 44 -11.30 66.79 31.15
C ILE RB 44 -10.48 66.89 29.87
N SER RB 45 -11.04 67.47 28.81
CA SER RB 45 -10.34 67.54 27.53
C SER RB 45 -9.02 68.29 27.68
N SER RB 46 -9.04 69.41 28.41
CA SER RB 46 -7.86 70.23 28.56
C SER RB 46 -6.78 69.51 29.38
N ASN RB 47 -7.19 68.73 30.37
CA ASN RB 47 -6.26 68.12 31.30
C ASN RB 47 -6.04 66.64 30.99
N ALA RB 48 -6.43 66.20 29.79
CA ALA RB 48 -6.44 64.78 29.49
C ALA RB 48 -5.05 64.16 29.61
N THR RB 49 -4.05 64.81 29.00
CA THR RB 49 -2.70 64.28 29.02
C THR RB 49 -2.23 64.10 30.46
N THR RB 50 -2.46 65.13 31.30
CA THR RB 50 -2.02 65.09 32.69
C THR RB 50 -2.79 64.01 33.45
N ILE RB 51 -4.09 63.88 33.19
CA ILE RB 51 -4.89 62.90 33.91
C ILE RB 51 -4.26 61.53 33.69
N ILE RB 52 -3.90 61.24 32.45
CA ILE RB 52 -3.34 59.94 32.12
C ILE RB 52 -2.01 59.78 32.85
N LYS RB 53 -1.18 60.83 32.80
CA LYS RB 53 0.13 60.81 33.43
C LYS RB 53 0.00 60.49 34.92
N GLU RB 54 -0.89 61.20 35.60
CA GLU RB 54 -1.07 61.04 37.04
C GLU RB 54 -1.54 59.63 37.36
N ALA RB 55 -2.50 59.14 36.58
CA ALA RB 55 -3.08 57.84 36.85
C ALA RB 55 -2.01 56.76 36.64
N ALA RB 56 -1.19 56.91 35.60
CA ALA RB 56 -0.14 55.94 35.33
C ALA RB 56 0.84 55.92 36.50
N ALA RB 57 1.19 57.13 36.97
CA ALA RB 57 2.11 57.29 38.10
C ALA RB 57 1.56 56.59 39.33
N LYS RB 58 0.26 56.72 39.56
CA LYS RB 58 -0.39 56.10 40.71
C LYS RB 58 -0.35 54.58 40.64
N ALA RB 59 -0.57 53.98 39.45
CA ALA RB 59 -0.74 52.52 39.38
C ALA RB 59 0.28 51.84 38.46
N LEU RB 60 0.40 52.31 37.23
CA LEU RB 60 1.08 51.54 36.21
C LEU RB 60 2.60 51.59 36.36
N ILE RB 61 3.19 52.76 36.52
CA ILE RB 61 4.64 52.88 36.46
C ILE RB 61 5.22 52.53 37.83
N TYR RB 62 6.57 52.45 37.90
CA TYR RB 62 7.29 52.09 39.11
C TYR RB 62 6.78 50.76 39.67
N SER RB 63 6.44 49.84 38.77
CA SER RB 63 5.77 48.60 39.12
C SER RB 63 6.46 47.47 38.35
N ASP RB 64 6.08 46.25 38.67
CA ASP RB 64 6.57 45.09 37.93
C ASP RB 64 6.20 45.18 36.46
N LEU RB 65 5.01 45.73 36.13
CA LEU RB 65 4.57 45.83 34.76
C LEU RB 65 5.61 46.52 33.90
N THR RB 66 6.10 47.68 34.41
CA THR RB 66 7.08 48.42 33.65
C THR RB 66 8.43 47.73 33.67
N ARG RB 67 8.72 46.92 34.70
CA ARG RB 67 10.01 46.26 34.80
C ARG RB 67 10.07 45.14 33.77
N PRO RB 68 11.28 44.70 33.32
CA PRO RB 68 11.40 43.67 32.29
C PRO RB 68 10.68 42.39 32.67
N GLY RB 69 9.96 41.83 31.68
CA GLY RB 69 9.11 40.68 31.92
C GLY RB 69 7.68 41.07 32.31
N GLY RB 70 7.42 42.37 32.42
CA GLY RB 70 6.09 42.87 32.74
C GLY RB 70 5.34 43.22 31.48
N MET RB 72 3.81 45.82 30.47
CA MET RB 72 4.00 47.14 29.92
C MET RB 72 5.47 47.45 29.67
N TYR RB 73 6.32 46.44 29.81
CA TYR RB 73 7.73 46.57 29.46
C TYR RB 73 7.92 46.69 27.95
N THR RB 74 8.96 47.43 27.53
CA THR RB 74 9.27 47.81 26.15
C THR RB 74 8.48 49.07 25.79
N THR RB 75 9.05 49.92 24.92
CA THR RB 75 8.40 51.17 24.60
C THR RB 75 7.06 50.92 23.91
N ARG RB 76 7.03 49.92 23.02
CA ARG RB 76 5.84 49.65 22.23
C ARG RB 76 4.67 49.33 23.14
N ARG RB 77 4.88 48.43 24.10
CA ARG RB 77 3.83 48.07 25.03
C ARG RB 77 3.45 49.25 25.92
N TYR RB 78 4.42 50.03 26.38
CA TYR RB 78 4.12 51.17 27.21
C TYR RB 78 3.19 52.12 26.46
N ALA RB 79 3.54 52.39 25.19
CA ALA RB 79 2.76 53.30 24.39
C ALA RB 79 1.34 52.79 24.19
N ALA RB 80 1.21 51.47 23.96
CA ALA RB 80 -0.09 50.85 23.80
C ALA RB 80 -0.96 51.07 25.05
N CYS RB 81 -0.38 50.85 26.22
CA CYS RB 81 -1.14 50.95 27.45
C CYS RB 81 -1.65 52.39 27.64
N ILE RB 82 -0.82 53.39 27.36
CA ILE RB 82 -1.28 54.75 27.56
C ILE RB 82 -2.32 55.12 26.50
N ARG RB 83 -2.21 54.54 25.30
CA ARG RB 83 -3.23 54.74 24.27
C ARG RB 83 -4.57 54.19 24.75
N ASP RB 84 -4.55 53.02 25.36
CA ASP RB 84 -5.78 52.45 25.87
C ASP RB 84 -6.40 53.34 26.94
N MET RB 85 -5.53 53.91 27.79
CA MET RB 85 -5.99 54.75 28.88
C MET RB 85 -6.73 55.96 28.29
N ASP RB 86 -6.15 56.55 27.25
CA ASP RB 86 -6.75 57.68 26.58
C ASP RB 86 -8.13 57.31 26.03
N TYR RB 87 -8.25 56.14 25.42
CA TYR RB 87 -9.52 55.69 24.90
C TYR RB 87 -10.57 55.72 26.01
N PHE RB 88 -10.23 55.09 27.13
CA PHE RB 88 -11.19 54.99 28.20
C PHE RB 88 -11.63 56.39 28.62
N LEU RB 89 -10.67 57.30 28.74
CA LEU RB 89 -10.99 58.65 29.17
C LEU RB 89 -11.93 59.34 28.18
N ARG RB 90 -11.62 59.26 26.88
CA ARG RB 90 -12.42 59.94 25.87
C ARG RB 90 -13.85 59.41 25.88
N TYR RB 91 -13.99 58.10 25.98
CA TYR RB 91 -15.31 57.49 25.91
C TYR RB 91 -16.11 57.83 27.16
N ALA RB 92 -15.45 57.83 28.32
CA ALA RB 92 -16.13 58.18 29.54
C ALA RB 92 -16.65 59.62 29.46
N THR RB 93 -15.85 60.52 28.89
CA THR RB 93 -16.28 61.89 28.70
C THR RB 93 -17.52 61.92 27.81
N TYR RB 94 -17.51 61.14 26.72
CA TYR RB 94 -18.64 61.09 25.81
C TYR RB 94 -19.88 60.62 26.58
N ALA RB 95 -19.71 59.57 27.39
CA ALA RB 95 -20.81 58.99 28.12
C ALA RB 95 -21.39 60.01 29.10
N MET RB 96 -20.51 60.79 29.75
CA MET RB 96 -20.95 61.74 30.74
C MET RB 96 -21.82 62.81 30.08
N LEU RB 97 -21.38 63.33 28.93
CA LEU RB 97 -22.20 64.29 28.21
C LEU RB 97 -23.53 63.65 27.84
N ALA RB 98 -23.49 62.42 27.30
CA ALA RB 98 -24.69 61.76 26.82
C ALA RB 98 -25.66 61.50 27.96
N GLY RB 99 -25.12 61.16 29.13
CA GLY RB 99 -25.97 60.76 30.24
C GLY RB 99 -26.40 59.29 30.11
N ASP RB 100 -25.77 58.54 29.22
CA ASP RB 100 -26.12 57.15 29.01
C ASP RB 100 -24.85 56.30 28.94
N PRO RB 101 -24.83 55.10 29.55
CA PRO RB 101 -23.71 54.18 29.46
C PRO RB 101 -23.58 53.37 28.17
N SER RB 102 -24.56 53.46 27.27
CA SER RB 102 -24.66 52.59 26.11
C SER RB 102 -23.44 52.70 25.20
N ILE RB 103 -22.97 53.92 24.96
CA ILE RB 103 -21.85 54.10 24.05
C ILE RB 103 -20.66 53.29 24.54
N LEU RB 104 -20.46 53.22 25.85
CA LEU RB 104 -19.34 52.44 26.40
C LEU RB 104 -19.50 50.99 25.99
N ASP RB 105 -20.73 50.45 26.11
CA ASP RB 105 -20.98 49.07 25.72
C ASP RB 105 -20.74 48.85 24.23
N GLU RB 106 -21.22 49.78 23.40
CA GLU RB 106 -21.16 49.60 21.96
C GLU RB 106 -19.74 49.69 21.43
N ARG RB 107 -18.91 50.60 21.96
CA ARG RB 107 -17.57 50.80 21.43
C ARG RB 107 -16.51 50.15 22.29
N VAL RB 108 -16.42 50.53 23.57
CA VAL RB 108 -15.28 50.10 24.37
C VAL RB 108 -15.51 48.66 24.83
N LEU RB 109 -16.66 48.39 25.44
CA LEU RB 109 -16.78 47.22 26.27
C LEU RB 109 -16.87 45.94 25.45
N ASN RB 110 -17.40 46.02 24.24
CA ASN RB 110 -17.73 44.82 23.49
C ASN RB 110 -16.48 44.17 22.90
N GLY RB 111 -16.18 42.93 23.27
CA GLY RB 111 -15.00 42.24 22.75
C GLY RB 111 -13.67 42.62 23.41
N LEU RB 112 -13.70 43.52 24.42
CA LEU RB 112 -12.43 43.96 24.99
C LEU RB 112 -11.81 42.81 25.79
N LYS RB 113 -12.64 42.11 26.56
CA LYS RB 113 -12.16 41.06 27.43
C LYS RB 113 -11.42 40.01 26.60
N GLU RB 114 -12.04 39.60 25.50
CA GLU RB 114 -11.48 38.59 24.62
C GLU RB 114 -10.18 39.06 24.01
N THR RB 115 -10.14 40.32 23.55
CA THR RB 115 -8.93 40.90 22.99
C THR RB 115 -7.81 40.84 24.02
N TYR RB 116 -8.12 41.28 25.23
CA TYR RB 116 -7.12 41.35 26.27
C TYR RB 116 -6.61 39.96 26.61
N ASN RB 117 -7.50 38.97 26.67
CA ASN RB 117 -7.09 37.62 27.01
C ASN RB 117 -6.15 37.06 25.96
N SER RB 118 -6.45 37.28 24.68
CA SER RB 118 -5.53 36.83 23.64
C SER RB 118 -4.19 37.56 23.76
N LEU RB 119 -4.23 38.86 24.02
CA LEU RB 119 -3.01 39.63 24.12
C LEU RB 119 -2.21 39.22 25.35
N GLY RB 120 -2.89 38.81 26.42
CA GLY RB 120 -2.27 38.55 27.70
C GLY RB 120 -2.14 39.81 28.55
N VAL RB 121 -2.79 40.90 28.12
CA VAL RB 121 -2.90 42.09 28.95
C VAL RB 121 -3.64 41.75 30.24
N PRO RB 122 -3.16 42.18 31.43
CA PRO RB 122 -3.85 41.90 32.70
C PRO RB 122 -5.04 42.82 32.98
N ILE RB 123 -6.21 42.21 33.13
CA ILE RB 123 -7.45 42.96 33.23
C ILE RB 123 -7.48 43.75 34.55
N ALA RB 124 -7.06 43.10 35.65
CA ALA RB 124 -7.16 43.73 36.95
C ALA RB 124 -6.32 45.00 37.02
N ALA RB 125 -5.11 44.96 36.44
CA ALA RB 125 -4.26 46.14 36.37
C ALA RB 125 -4.92 47.25 35.57
N THR RB 126 -5.58 46.90 34.46
CA THR RB 126 -6.25 47.87 33.62
C THR RB 126 -7.36 48.52 34.42
N VAL RB 127 -8.11 47.69 35.16
CA VAL RB 127 -9.20 48.18 35.97
C VAL RB 127 -8.65 49.17 37.00
N GLY RB 128 -7.54 48.79 37.63
CA GLY RB 128 -6.84 49.65 38.57
C GLY RB 128 -6.52 51.03 37.98
N GLY RB 129 -6.02 51.04 36.76
CA GLY RB 129 -5.72 52.26 36.02
C GLY RB 129 -6.97 53.12 35.79
N ILE RB 130 -8.09 52.47 35.47
CA ILE RB 130 -9.34 53.18 35.21
C ILE RB 130 -9.77 53.86 36.51
N GLN RB 131 -9.68 53.12 37.63
CA GLN RB 131 -10.07 53.64 38.92
C GLN RB 131 -9.18 54.83 39.29
N ALA RB 132 -7.88 54.72 39.01
CA ALA RB 132 -6.97 55.81 39.26
C ALA RB 132 -7.37 57.05 38.45
N MET RB 133 -7.71 56.85 37.17
CA MET RB 133 -8.10 57.99 36.34
C MET RB 133 -9.32 58.66 36.95
N LYS RB 134 -10.25 57.85 37.46
CA LYS RB 134 -11.48 58.35 38.03
C LYS RB 134 -11.16 59.32 39.17
N GLU RB 135 -10.25 58.90 40.06
CA GLU RB 135 -9.86 59.70 41.21
C GLU RB 135 -9.27 61.04 40.77
N VAL RB 136 -8.36 61.02 39.80
CA VAL RB 136 -7.76 62.24 39.29
C VAL RB 136 -8.85 63.11 38.68
N VAL RB 137 -9.74 62.51 37.89
CA VAL RB 137 -10.77 63.26 37.18
C VAL RB 137 -11.66 63.93 38.22
N GLY RB 138 -12.02 63.19 39.27
CA GLY RB 138 -12.89 63.68 40.31
C GLY RB 138 -12.44 65.02 40.87
N GLY RB 139 -11.14 65.11 41.18
CA GLY RB 139 -10.52 66.35 41.66
C GLY RB 139 -10.75 67.50 40.70
N LEU RB 140 -10.39 67.32 39.43
CA LEU RB 140 -10.41 68.40 38.45
C LEU RB 140 -11.84 68.89 38.20
N VAL RB 141 -12.78 67.95 38.07
CA VAL RB 141 -14.13 68.28 37.65
C VAL RB 141 -14.84 69.03 38.78
N GLY RB 142 -14.52 68.66 40.02
CA GLY RB 142 -15.21 69.19 41.19
C GLY RB 142 -16.36 68.27 41.61
N PRO RB 143 -16.90 68.42 42.84
CA PRO RB 143 -17.77 67.41 43.45
C PRO RB 143 -19.07 67.04 42.73
N ASP RB 144 -19.85 68.04 42.30
CA ASP RB 144 -21.12 67.81 41.62
C ASP RB 144 -20.87 67.00 40.35
N ALA RB 145 -19.86 67.41 39.57
CA ALA RB 145 -19.51 66.75 38.33
C ALA RB 145 -18.92 65.36 38.62
N ALA RB 146 -18.19 65.23 39.72
CA ALA RB 146 -17.48 64.01 40.05
C ALA RB 146 -18.43 62.83 40.17
N LYS RB 147 -19.59 63.03 40.82
CA LYS RB 147 -20.51 61.94 41.03
C LYS RB 147 -20.94 61.38 39.68
N GLU RB 148 -21.29 62.28 38.75
CA GLU RB 148 -21.71 61.90 37.41
C GLU RB 148 -20.58 61.20 36.68
N ALA RB 149 -19.37 61.77 36.76
CA ALA RB 149 -18.21 61.19 36.10
C ALA RB 149 -17.92 59.80 36.64
N SER RB 150 -18.04 59.61 37.95
CA SER RB 150 -17.66 58.36 38.60
C SER RB 150 -18.46 57.18 38.05
N ILE RB 151 -19.75 57.36 37.80
CA ILE RB 151 -20.59 56.22 37.43
C ILE RB 151 -20.09 55.60 36.13
N TYR RB 152 -19.68 56.43 35.17
CA TYR RB 152 -19.23 55.94 33.87
C TYR RB 152 -17.90 55.20 34.02
N PHE RB 153 -17.00 55.75 34.83
CA PHE RB 153 -15.73 55.09 35.12
C PHE RB 153 -15.99 53.73 35.75
N ASP RB 154 -16.93 53.67 36.69
CA ASP RB 154 -17.25 52.43 37.38
C ASP RB 154 -17.85 51.43 36.40
N TYR RB 155 -18.66 51.94 35.46
CA TYR RB 155 -19.28 51.09 34.44
C TYR RB 155 -18.21 50.42 33.59
N LEU RB 156 -17.20 51.19 33.17
CA LEU RB 156 -16.09 50.64 32.40
C LEU RB 156 -15.41 49.56 33.21
N SER RB 157 -15.15 49.85 34.49
CA SER RB 157 -14.41 48.94 35.34
C SER RB 157 -15.16 47.62 35.49
N SER RB 158 -16.46 47.70 35.72
CA SER RB 158 -17.29 46.51 35.89
C SER RB 158 -17.32 45.67 34.61
N GLY RB 159 -17.40 46.34 33.46
CA GLY RB 159 -17.42 45.65 32.18
C GLY RB 159 -16.15 44.85 31.95
N LEU RB 160 -15.00 45.46 32.26
CA LEU RB 160 -13.72 44.83 31.99
C LEU RB 160 -13.57 43.64 32.92
N SER RB 161 -13.98 43.83 34.17
CA SER RB 161 -13.89 42.77 35.15
C SER RB 161 -15.19 41.94 35.11
N SER SB 2 -16.15 78.18 10.15
CA SER SB 2 -17.31 78.82 10.84
C SER SB 2 -18.39 77.75 11.08
N VAL SB 3 -19.36 78.07 11.96
CA VAL SB 3 -20.47 77.18 12.23
C VAL SB 3 -21.18 76.83 10.92
N LEU SB 4 -21.42 77.89 10.11
CA LEU SB 4 -22.25 77.69 8.94
C LEU SB 4 -21.52 76.77 7.97
N THR SB 5 -20.21 77.00 7.78
CA THR SB 5 -19.43 76.19 6.86
C THR SB 5 -19.52 74.73 7.28
N LYS SB 6 -19.37 74.48 8.58
CA LYS SB 6 -19.38 73.12 9.07
C LYS SB 6 -20.71 72.46 8.74
N ALA SB 7 -21.82 73.16 8.97
CA ALA SB 7 -23.14 72.59 8.74
C ALA SB 7 -23.35 72.27 7.27
N ILE SB 8 -22.95 73.20 6.39
CA ILE SB 8 -23.11 73.02 4.96
C ILE SB 8 -22.33 71.81 4.51
N VAL SB 9 -21.10 71.68 5.01
CA VAL SB 9 -20.23 70.59 4.58
C VAL SB 9 -20.85 69.25 4.96
N ASN SB 10 -21.43 69.14 6.15
CA ASN SB 10 -22.03 67.88 6.57
C ASN SB 10 -23.22 67.54 5.66
N ALA SB 11 -24.02 68.57 5.34
CA ALA SB 11 -25.17 68.38 4.48
C ALA SB 11 -24.74 67.92 3.10
N ASP SB 12 -23.68 68.53 2.55
CA ASP SB 12 -23.25 68.22 1.21
C ASP SB 12 -22.77 66.77 1.14
N ALA SB 13 -22.06 66.31 2.19
CA ALA SB 13 -21.62 64.93 2.24
C ALA SB 13 -22.82 63.98 2.20
N GLU SB 14 -23.84 64.32 2.96
CA GLU SB 14 -25.07 63.53 2.99
C GLU SB 14 -25.90 63.76 1.73
N ALA SB 15 -25.59 64.82 0.98
CA ALA SB 15 -26.31 65.17 -0.24
C ALA SB 15 -27.76 65.52 0.06
N ARG SB 16 -27.98 66.22 1.18
CA ARG SB 16 -29.32 66.56 1.64
C ARG SB 16 -29.37 68.05 1.96
N TYR SB 17 -30.59 68.62 2.01
CA TYR SB 17 -30.81 69.96 2.52
C TYR SB 17 -30.54 69.99 4.02
N LEU SB 18 -30.25 71.17 4.57
CA LEU SB 18 -29.90 71.31 5.98
C LEU SB 18 -31.04 70.80 6.86
N SER SB 19 -30.66 70.01 7.84
CA SER SB 19 -31.58 69.42 8.81
C SER SB 19 -32.11 70.54 9.72
N PRO SB 20 -33.32 70.37 10.31
CA PRO SB 20 -33.88 71.37 11.21
C PRO SB 20 -32.96 71.71 12.37
N GLY SB 21 -32.39 70.66 12.97
CA GLY SB 21 -31.45 70.81 14.08
C GLY SB 21 -30.24 71.66 13.66
N GLU SB 22 -29.69 71.37 12.48
CA GLU SB 22 -28.59 72.11 11.93
C GLU SB 22 -28.98 73.58 11.73
N LEU SB 23 -30.20 73.78 11.21
CA LEU SB 23 -30.71 75.13 10.98
C LEU SB 23 -30.83 75.87 12.29
N ASP SB 24 -31.29 75.17 13.35
CA ASP SB 24 -31.48 75.80 14.65
C ASP SB 24 -30.15 76.30 15.19
N ARG SB 25 -29.09 75.50 15.03
CA ARG SB 25 -27.79 75.89 15.51
C ARG SB 25 -27.32 77.13 14.78
N ILE SB 26 -27.64 77.25 13.49
CA ILE SB 26 -27.27 78.43 12.72
C ILE SB 26 -27.98 79.64 13.30
N LYS SB 27 -29.27 79.48 13.62
CA LYS SB 27 -30.06 80.58 14.17
C LYS SB 27 -29.44 81.05 15.48
N SER SB 28 -29.05 80.09 16.35
CA SER SB 28 -28.48 80.44 17.64
C SER SB 28 -27.20 81.23 17.42
N PHE SB 29 -26.39 80.79 16.47
CA PHE SB 29 -25.10 81.38 16.18
C PHE SB 29 -25.25 82.83 15.75
N VAL SB 30 -26.23 83.12 14.90
CA VAL SB 30 -26.36 84.48 14.36
C VAL SB 30 -26.75 85.41 15.50
N ALA SB 31 -27.60 84.93 16.43
CA ALA SB 31 -27.97 85.72 17.60
C ALA SB 31 -26.74 85.98 18.48
N SER SB 32 -25.90 84.95 18.67
CA SER SB 32 -24.74 85.04 19.53
C SER SB 32 -23.69 85.99 18.94
N GLY SB 33 -23.66 86.12 17.62
CA GLY SB 33 -22.55 86.75 16.91
C GLY SB 33 -22.17 88.13 17.43
N GLU SB 34 -23.18 88.98 17.65
CA GLU SB 34 -22.94 90.35 18.10
C GLU SB 34 -22.18 90.39 19.42
N ARG SB 35 -22.63 89.55 20.37
CA ARG SB 35 -21.89 89.38 21.63
C ARG SB 35 -20.47 88.89 21.35
N ARG SB 36 -20.33 87.92 20.45
CA ARG SB 36 -19.03 87.36 20.12
C ARG SB 36 -18.11 88.44 19.58
N LEU SB 37 -18.64 89.34 18.75
CA LEU SB 37 -17.82 90.39 18.15
C LEU SB 37 -17.20 91.26 19.24
N ARG SB 38 -18.01 91.60 20.25
CA ARG SB 38 -17.55 92.42 21.36
C ARG SB 38 -16.44 91.70 22.13
N ILE SB 39 -16.61 90.40 22.40
CA ILE SB 39 -15.60 89.63 23.13
C ILE SB 39 -14.29 89.70 22.37
N ALA SB 40 -14.33 89.51 21.05
CA ALA SB 40 -13.15 89.54 20.22
C ALA SB 40 -12.50 90.92 20.27
N GLN SB 41 -13.34 91.97 20.23
CA GLN SB 41 -12.84 93.33 20.22
C GLN SB 41 -12.06 93.59 21.50
N THR SB 42 -12.61 93.15 22.63
CA THR SB 42 -12.00 93.36 23.93
C THR SB 42 -10.58 92.79 23.94
N LEU SB 43 -10.43 91.54 23.49
CA LEU SB 43 -9.15 90.86 23.51
C LEU SB 43 -8.17 91.55 22.57
N THR SB 44 -8.65 92.04 21.42
CA THR SB 44 -7.78 92.71 20.47
C THR SB 44 -7.16 93.95 21.13
N GLU SB 45 -7.97 94.72 21.86
CA GLU SB 45 -7.50 95.95 22.47
C GLU SB 45 -6.45 95.64 23.54
N ALA SB 46 -6.69 94.56 24.30
CA ALA SB 46 -5.82 94.18 25.39
C ALA SB 46 -4.71 93.26 24.92
N ARG SB 47 -4.57 93.09 23.60
CA ARG SB 47 -3.70 92.07 23.05
C ARG SB 47 -2.27 92.26 23.56
N GLU SB 48 -1.72 93.45 23.40
CA GLU SB 48 -0.33 93.76 23.72
C GLU SB 48 -0.02 93.38 25.16
N ARG SB 49 -0.90 93.76 26.09
CA ARG SB 49 -0.69 93.47 27.50
C ARG SB 49 -0.85 91.98 27.78
N ILE SB 50 -1.82 91.32 27.13
CA ILE SB 50 -2.05 89.90 27.38
C ILE SB 50 -0.77 89.14 27.05
N VAL SB 51 -0.19 89.44 25.89
CA VAL SB 51 0.98 88.73 25.44
C VAL SB 51 2.12 88.96 26.44
N LYS SB 52 2.32 90.23 26.83
CA LYS SB 52 3.42 90.57 27.71
C LYS SB 52 3.29 89.83 29.04
N GLN SB 53 2.09 89.91 29.66
CA GLN SB 53 1.88 89.28 30.94
C GLN SB 53 2.07 87.78 30.85
N ALA SB 54 1.52 87.16 29.79
CA ALA SB 54 1.60 85.72 29.63
C ALA SB 54 3.05 85.27 29.47
N GLY SB 55 3.81 86.04 28.69
CA GLY SB 55 5.22 85.74 28.47
C GLY SB 55 5.98 85.63 29.80
N ASP SB 56 5.79 86.65 30.64
CA ASP SB 56 6.45 86.74 31.94
C ASP SB 56 6.08 85.52 32.79
N GLN SB 57 4.79 85.20 32.82
CA GLN SB 57 4.31 84.06 33.58
C GLN SB 57 4.97 82.79 33.08
N LEU SB 58 5.03 82.62 31.75
CA LEU SB 58 5.59 81.42 31.15
C LEU SB 58 7.06 81.29 31.56
N PHE SB 59 7.80 82.41 31.49
CA PHE SB 59 9.22 82.36 31.78
C PHE SB 59 9.44 82.04 33.26
N GLN SB 60 8.57 82.55 34.13
CA GLN SB 60 8.65 82.21 35.54
C GLN SB 60 8.34 80.73 35.72
N LYS SB 61 7.30 80.23 35.03
CA LYS SB 61 6.89 78.83 35.15
C LYS SB 61 8.01 77.91 34.64
N ARG SB 62 8.64 78.32 33.53
CA ARG SB 62 9.69 77.53 32.91
C ARG SB 62 10.97 78.33 32.79
N PRO SB 63 11.84 78.34 33.81
CA PRO SB 63 13.12 79.04 33.70
C PRO SB 63 13.95 78.50 32.54
N ASP SB 64 13.84 77.20 32.28
CA ASP SB 64 14.69 76.50 31.33
C ASP SB 64 14.57 77.09 29.92
N VAL SB 65 13.37 77.42 29.49
CA VAL SB 65 13.16 77.83 28.11
C VAL SB 65 14.02 79.07 27.82
N VAL SB 66 14.04 80.03 28.77
CA VAL SB 66 14.92 81.19 28.66
C VAL SB 66 16.18 80.90 29.48
N SER SB 67 16.97 79.92 29.02
CA SER SB 67 18.25 79.57 29.60
C SER SB 67 19.16 79.21 28.43
N PRO SB 68 20.51 79.22 28.60
CA PRO SB 68 21.40 79.09 27.44
C PRO SB 68 21.10 77.85 26.61
N GLY SB 69 20.78 76.75 27.28
CA GLY SB 69 20.33 75.55 26.59
C GLY SB 69 19.00 75.76 25.85
N GLY SB 70 18.07 76.47 26.51
CA GLY SB 70 16.69 76.58 26.06
C GLY SB 70 16.54 77.34 24.76
N ASN SB 71 15.42 77.04 24.06
CA ASN SB 71 15.17 77.57 22.73
C ASN SB 71 14.90 79.07 22.78
N ALA SB 72 14.18 79.47 23.82
CA ALA SB 72 13.70 80.84 23.95
C ALA SB 72 14.84 81.81 24.27
N TYR SB 73 15.98 81.28 24.75
CA TYR SB 73 17.05 82.12 25.28
C TYR SB 73 17.64 83.05 24.22
N GLY SB 74 17.95 84.28 24.66
CA GLY SB 74 18.45 85.32 23.78
C GLY SB 74 17.32 86.24 23.33
N GLU SB 75 17.66 87.50 22.99
CA GLU SB 75 16.66 88.51 22.64
C GLU SB 75 15.91 88.09 21.38
N LYS SB 76 16.65 87.67 20.33
CA LYS SB 76 16.01 87.31 19.08
C LYS SB 76 14.99 86.21 19.36
N MET SB 77 15.43 85.17 20.07
CA MET SB 77 14.60 84.02 20.34
C MET SB 77 13.41 84.41 21.22
N THR SB 78 13.63 85.26 22.23
CA THR SB 78 12.55 85.63 23.11
C THR SB 78 11.49 86.40 22.33
N ALA SB 79 11.92 87.27 21.41
CA ALA SB 79 10.98 87.99 20.57
C ALA SB 79 10.12 87.03 19.76
N LEU SB 80 10.77 86.01 19.17
CA LEU SB 80 10.07 85.03 18.35
C LEU SB 80 9.05 84.29 19.20
N CYS SB 81 9.40 83.94 20.44
CA CYS SB 81 8.47 83.26 21.32
C CYS SB 81 7.26 84.13 21.59
N LEU SB 82 7.49 85.43 21.79
CA LEU SB 82 6.38 86.34 22.04
C LEU SB 82 5.55 86.51 20.77
N ARG SB 83 6.22 86.56 19.61
CA ARG SB 83 5.51 86.67 18.35
C ARG SB 83 4.57 85.48 18.19
N ASP SB 84 5.04 84.29 18.56
CA ASP SB 84 4.23 83.09 18.47
C ASP SB 84 2.99 83.23 19.34
N LEU SB 85 3.18 83.75 20.56
CA LEU SB 85 2.05 83.93 21.47
C LEU SB 85 1.05 84.89 20.85
N ASP SB 86 1.56 85.96 20.23
CA ASP SB 86 0.70 86.92 19.58
C ASP SB 86 -0.12 86.25 18.47
N TYR SB 87 0.55 85.42 17.66
CA TYR SB 87 -0.11 84.71 16.57
C TYR SB 87 -1.27 83.89 17.10
N TYR SB 88 -1.04 83.15 18.18
CA TYR SB 88 -2.08 82.29 18.71
C TYR SB 88 -3.24 83.14 19.22
N LEU SB 89 -2.95 84.31 19.80
CA LEU SB 89 -4.04 85.15 20.28
C LEU SB 89 -4.89 85.63 19.12
N ARG SB 90 -4.24 86.03 18.02
CA ARG SB 90 -4.97 86.48 16.86
C ARG SB 90 -5.88 85.36 16.36
N LEU SB 91 -5.35 84.14 16.34
CA LEU SB 91 -6.13 83.00 15.89
C LEU SB 91 -7.34 82.80 16.79
N VAL SB 92 -7.16 82.95 18.11
CA VAL SB 92 -8.27 82.74 19.03
C VAL SB 92 -9.37 83.77 18.74
N THR SB 93 -9.01 85.03 18.48
CA THR SB 93 -10.02 86.03 18.20
C THR SB 93 -10.81 85.63 16.97
N TYR SB 94 -10.10 85.17 15.93
CA TYR SB 94 -10.75 84.73 14.70
C TYR SB 94 -11.76 83.63 15.02
N GLY SB 95 -11.35 82.70 15.89
CA GLY SB 95 -12.21 81.59 16.27
C GLY SB 95 -13.49 82.05 16.93
N ILE SB 96 -13.40 83.02 17.83
CA ILE SB 96 -14.57 83.46 18.58
C ILE SB 96 -15.59 84.02 17.61
N VAL SB 97 -15.17 84.85 16.64
CA VAL SB 97 -16.11 85.44 15.70
C VAL SB 97 -16.70 84.33 14.82
N ALA SB 98 -15.87 83.36 14.42
CA ALA SB 98 -16.33 82.27 13.57
C ALA SB 98 -17.28 81.34 14.31
N GLY SB 99 -17.09 81.18 15.61
CA GLY SB 99 -17.91 80.27 16.39
C GLY SB 99 -17.46 78.83 16.25
N ASP SB 100 -16.31 78.63 15.61
CA ASP SB 100 -15.78 77.29 15.38
C ASP SB 100 -14.26 77.40 15.39
N VAL SB 101 -13.59 76.26 15.63
CA VAL SB 101 -12.15 76.22 15.72
C VAL SB 101 -11.55 76.03 14.33
N THR SB 102 -12.37 75.73 13.33
CA THR SB 102 -11.86 75.41 12.00
C THR SB 102 -10.90 76.50 11.51
N PRO SB 103 -11.25 77.81 11.55
CA PRO SB 103 -10.32 78.85 11.10
C PRO SB 103 -9.00 78.76 11.84
N ILE SB 104 -9.08 78.60 13.17
CA ILE SB 104 -7.91 78.46 14.01
C ILE SB 104 -7.11 77.25 13.53
N GLU SB 105 -7.81 76.14 13.30
CA GLU SB 105 -7.20 74.85 13.05
C GLU SB 105 -6.35 74.86 11.79
N GLU SB 106 -6.88 75.40 10.70
CA GLU SB 106 -6.15 75.42 9.44
C GLU SB 106 -4.86 76.22 9.56
N ILE SB 107 -4.91 77.40 10.19
CA ILE SB 107 -3.76 78.29 10.23
C ILE SB 107 -2.70 77.78 11.22
N GLY SB 108 -3.12 77.19 12.34
CA GLY SB 108 -2.22 77.01 13.48
C GLY SB 108 -2.05 75.57 13.95
N ILE SB 109 -3.03 74.67 13.80
CA ILE SB 109 -2.96 73.44 14.55
C ILE SB 109 -2.55 72.25 13.66
N ILE SB 110 -2.53 72.40 12.33
CA ILE SB 110 -2.18 71.28 11.49
C ILE SB 110 -0.72 71.43 11.06
N GLY SB 111 0.08 70.41 11.40
CA GLY SB 111 1.50 70.45 11.15
C GLY SB 111 2.26 71.18 12.25
N VAL SB 112 1.57 71.61 13.31
CA VAL SB 112 2.20 72.39 14.36
C VAL SB 112 3.30 71.55 15.02
N LYS SB 113 3.00 70.29 15.30
CA LYS SB 113 3.94 69.40 15.96
C LYS SB 113 5.22 69.32 15.13
N GLU SB 114 5.05 69.11 13.82
CA GLU SB 114 6.17 68.93 12.91
C GLU SB 114 7.02 70.20 12.86
N MET SB 115 6.36 71.35 12.77
CA MET SB 115 7.07 72.62 12.69
C MET SB 115 7.91 72.82 13.94
N TYR SB 116 7.30 72.64 15.11
CA TYR SB 116 7.99 72.89 16.35
C TYR SB 116 9.11 71.86 16.55
N ASN SB 117 8.89 70.61 16.13
CA ASN SB 117 9.93 69.61 16.27
C ASN SB 117 11.15 69.97 15.44
N SER SB 118 10.96 70.50 14.23
CA SER SB 118 12.11 70.95 13.46
C SER SB 118 12.79 72.10 14.19
N LEU SB 119 11.99 73.04 14.72
CA LEU SB 119 12.55 74.17 15.44
C LEU SB 119 13.23 73.69 16.73
N GLN SB 120 12.70 72.60 17.30
CA GLN SB 120 13.19 72.01 18.54
C GLN SB 120 12.57 72.72 19.75
N THR SB 121 11.65 73.64 19.49
CA THR SB 121 10.87 74.27 20.54
C THR SB 121 10.10 73.18 21.30
N PRO SB 122 10.07 73.19 22.65
CA PRO SB 122 9.24 72.24 23.39
C PRO SB 122 7.75 72.58 23.31
N ILE SB 123 6.95 71.58 22.91
CA ILE SB 123 5.53 71.78 22.70
C ILE SB 123 4.85 72.08 24.03
N PRO SB 124 5.18 71.37 25.14
CA PRO SB 124 4.48 71.63 26.42
C PRO SB 124 4.62 73.07 26.91
N ALA SB 125 5.81 73.66 26.71
CA ALA SB 125 6.05 75.03 27.10
C ALA SB 125 5.13 75.97 26.31
N VAL SB 126 4.95 75.70 25.00
CA VAL SB 126 4.10 76.51 24.16
C VAL SB 126 2.68 76.44 24.73
N ALA SB 127 2.26 75.24 25.13
CA ALA SB 127 0.93 75.04 25.70
C ALA SB 127 0.77 75.87 26.97
N GLU SB 128 1.81 75.89 27.80
CA GLU SB 128 1.79 76.65 29.05
C GLU SB 128 1.58 78.14 28.75
N GLY SB 129 2.29 78.64 27.73
CA GLY SB 129 2.15 80.02 27.30
C GLY SB 129 0.70 80.35 26.93
N VAL SB 130 0.06 79.43 26.22
CA VAL SB 130 -1.32 79.63 25.81
C VAL SB 130 -2.21 79.62 27.04
N ARG SB 131 -1.95 78.71 27.99
CA ARG SB 131 -2.68 78.66 29.24
C ARG SB 131 -2.55 79.99 29.97
N ALA SB 132 -1.31 80.50 30.03
CA ALA SB 132 -1.03 81.77 30.66
C ALA SB 132 -1.84 82.89 30.02
N MET SB 133 -1.87 82.91 28.68
CA MET SB 133 -2.61 83.93 27.96
C MET SB 133 -4.09 83.84 28.32
N LYS SB 134 -4.60 82.61 28.47
CA LYS SB 134 -5.99 82.40 28.79
C LYS SB 134 -6.31 83.08 30.12
N ASN SB 135 -5.45 82.91 31.12
CA ASN SB 135 -5.71 83.43 32.45
C ASN SB 135 -5.77 84.95 32.42
N VAL SB 136 -4.84 85.57 31.71
CA VAL SB 136 -4.83 87.03 31.56
C VAL SB 136 -6.11 87.47 30.86
N ALA SB 137 -6.45 86.78 29.77
CA ALA SB 137 -7.61 87.15 28.98
C ALA SB 137 -8.89 87.01 29.80
N THR SB 138 -8.97 85.94 30.60
CA THR SB 138 -10.15 85.67 31.41
C THR SB 138 -10.41 86.84 32.36
N SER SB 139 -9.33 87.35 32.98
CA SER SB 139 -9.47 88.41 33.97
C SER SB 139 -10.13 89.65 33.36
N LEU SB 140 -9.72 90.02 32.14
CA LEU SB 140 -10.24 91.21 31.49
C LEU SB 140 -11.68 90.97 31.04
N LEU SB 141 -11.99 89.74 30.64
CA LEU SB 141 -13.32 89.42 30.14
C LEU SB 141 -14.29 89.26 31.31
N SER SB 142 -15.55 89.55 31.07
CA SER SB 142 -16.64 89.21 31.99
C SER SB 142 -16.79 87.68 32.02
N GLY SB 143 -17.38 87.16 33.10
CA GLY SB 143 -17.40 85.72 33.38
C GLY SB 143 -17.96 84.87 32.23
N ASP SB 144 -19.15 85.24 31.73
CA ASP SB 144 -19.78 84.54 30.62
C ASP SB 144 -18.91 84.67 29.37
N ASP SB 145 -18.40 85.87 29.12
CA ASP SB 145 -17.51 86.12 28.00
C ASP SB 145 -16.27 85.25 28.13
N ALA SB 146 -15.74 85.17 29.36
CA ALA SB 146 -14.54 84.43 29.65
C ALA SB 146 -14.74 82.94 29.32
N ALA SB 147 -15.90 82.39 29.67
CA ALA SB 147 -16.19 81.00 29.42
C ALA SB 147 -16.13 80.70 27.93
N GLU SB 148 -16.76 81.57 27.12
CA GLU SB 148 -16.73 81.42 25.67
C GLU SB 148 -15.28 81.44 25.19
N ALA SB 149 -14.52 82.44 25.63
CA ALA SB 149 -13.12 82.57 25.22
C ALA SB 149 -12.31 81.35 25.69
N GLY SB 150 -12.62 80.86 26.89
CA GLY SB 150 -11.90 79.73 27.47
C GLY SB 150 -11.93 78.50 26.55
N PHE SB 151 -13.09 78.23 25.96
CA PHE SB 151 -13.25 77.05 25.12
C PHE SB 151 -12.21 77.09 24.00
N TYR SB 152 -12.06 78.24 23.34
CA TYR SB 152 -11.12 78.36 22.24
C TYR SB 152 -9.70 78.21 22.75
N PHE SB 153 -9.41 78.82 23.90
CA PHE SB 153 -8.09 78.71 24.50
C PHE SB 153 -7.78 77.26 24.84
N ASP SB 154 -8.77 76.55 25.39
CA ASP SB 154 -8.60 75.15 25.78
C ASP SB 154 -8.30 74.30 24.55
N TYR SB 155 -9.01 74.56 23.45
CA TYR SB 155 -8.81 73.81 22.21
C TYR SB 155 -7.35 73.91 21.80
N LEU SB 156 -6.79 75.12 21.83
CA LEU SB 156 -5.42 75.35 21.42
C LEU SB 156 -4.50 74.52 22.29
N VAL SB 157 -4.74 74.55 23.61
CA VAL SB 157 -3.91 73.82 24.54
C VAL SB 157 -4.01 72.33 24.23
N GLY SB 158 -5.22 71.85 23.95
CA GLY SB 158 -5.43 70.46 23.58
C GLY SB 158 -4.70 70.08 22.30
N ALA SB 159 -4.76 70.97 21.30
CA ALA SB 159 -4.16 70.73 19.99
C ALA SB 159 -2.64 70.54 20.11
N MET SB 160 -1.97 71.34 20.94
CA MET SB 160 -0.54 71.14 21.11
C MET SB 160 -0.31 70.28 22.35
N MET TB 1 -15.63 74.53 2.02
CA MET TB 1 -15.93 75.70 1.16
C MET TB 1 -15.51 76.97 1.83
N GLN TB 2 -16.03 78.16 1.44
CA GLN TB 2 -15.83 79.34 2.26
C GLN TB 2 -17.18 80.01 2.51
N ASP TB 3 -17.26 80.76 3.60
CA ASP TB 3 -18.44 81.54 3.86
C ASP TB 3 -18.08 83.01 3.96
N ALA TB 4 -19.02 83.81 4.42
CA ALA TB 4 -18.76 85.24 4.57
C ALA TB 4 -17.79 85.46 5.75
N ILE TB 5 -18.12 84.86 6.89
CA ILE TB 5 -17.34 85.05 8.10
C ILE TB 5 -15.90 84.61 7.85
N THR TB 6 -15.73 83.41 7.28
CA THR TB 6 -14.40 82.90 7.04
C THR TB 6 -13.66 83.74 6.00
N ALA TB 7 -14.39 84.26 5.00
CA ALA TB 7 -13.76 85.07 3.97
C ALA TB 7 -13.10 86.31 4.59
N VAL TB 8 -13.80 86.96 5.52
CA VAL TB 8 -13.27 88.12 6.20
C VAL TB 8 -12.03 87.69 6.98
N ILE TB 9 -12.15 86.60 7.74
CA ILE TB 9 -11.04 86.11 8.55
C ILE TB 9 -9.83 85.86 7.65
N ASN TB 10 -10.05 85.21 6.47
CA ASN TB 10 -8.91 84.82 5.69
C ASN TB 10 -8.21 86.07 5.14
N ASN TB 11 -8.98 87.09 4.76
CA ASN TB 11 -8.41 88.31 4.23
C ASN TB 11 -7.52 88.95 5.29
N TYR TB 12 -7.97 88.95 6.55
CA TYR TB 12 -7.22 89.52 7.65
C TYR TB 12 -5.97 88.68 7.92
N ASP TB 13 -6.12 87.35 7.85
CA ASP TB 13 -5.00 86.47 8.16
C ASP TB 13 -3.85 86.67 7.18
N VAL TB 14 -4.14 86.86 5.88
CA VAL TB 14 -3.05 87.05 4.92
C VAL TB 14 -2.35 88.38 5.23
N GLN TB 15 -3.12 89.38 5.66
CA GLN TB 15 -2.53 90.64 6.06
C GLN TB 15 -1.79 90.47 7.39
N GLY TB 16 -2.26 89.51 8.21
CA GLY TB 16 -1.69 89.28 9.53
C GLY TB 16 -2.31 90.21 10.56
N LYS TB 17 -3.28 91.01 10.11
CA LYS TB 17 -3.93 92.01 10.94
C LYS TB 17 -4.91 91.32 11.89
N TYR TB 18 -4.98 91.83 13.14
CA TYR TB 18 -6.04 91.48 14.06
C TYR TB 18 -7.35 92.03 13.52
N LEU TB 19 -8.47 91.42 13.91
CA LEU TB 19 -9.78 91.86 13.45
C LEU TB 19 -10.03 93.28 13.93
N ASP TB 20 -10.56 94.11 13.03
CA ASP TB 20 -10.77 95.53 13.32
C ASP TB 20 -12.25 95.86 13.13
N GLY TB 21 -12.64 97.06 13.57
CA GLY TB 21 -14.04 97.45 13.59
C GLY TB 21 -14.69 97.39 12.21
N ALA TB 22 -13.97 97.86 11.18
CA ALA TB 22 -14.46 97.79 9.81
C ALA TB 22 -14.79 96.36 9.43
N ALA TB 23 -13.87 95.44 9.74
CA ALA TB 23 -14.10 94.02 9.54
C ALA TB 23 -15.31 93.57 10.35
N LEU TB 24 -15.38 94.03 11.60
CA LEU TB 24 -16.46 93.63 12.49
C LEU TB 24 -17.80 94.05 11.91
N ASP TB 25 -17.86 95.23 11.29
CA ASP TB 25 -19.08 95.76 10.71
C ASP TB 25 -19.60 94.84 9.60
N LYS TB 26 -18.69 94.34 8.75
CA LYS TB 26 -19.05 93.41 7.70
C LYS TB 26 -19.63 92.15 8.31
N LEU TB 27 -19.00 91.66 9.38
CA LEU TB 27 -19.47 90.47 10.06
C LEU TB 27 -20.85 90.74 10.65
N LYS TB 28 -21.04 91.93 11.21
CA LYS TB 28 -22.29 92.31 11.86
C LYS TB 28 -23.39 92.33 10.81
N ALA TB 29 -23.07 92.88 9.62
CA ALA TB 29 -24.02 92.94 8.53
C ALA TB 29 -24.53 91.54 8.21
N TYR TB 30 -23.59 90.57 8.12
CA TYR TB 30 -23.95 89.20 7.81
C TYR TB 30 -24.90 88.67 8.89
N PHE TB 31 -24.63 88.97 10.15
CA PHE TB 31 -25.37 88.36 11.25
C PHE TB 31 -26.84 88.76 11.20
N THR TB 32 -27.12 90.03 10.84
CA THR TB 32 -28.49 90.49 10.70
C THR TB 32 -29.21 89.76 9.56
N THR TB 33 -28.51 89.56 8.42
CA THR TB 33 -29.11 88.91 7.27
C THR TB 33 -29.39 87.43 7.58
N GLY TB 34 -28.57 86.85 8.45
CA GLY TB 34 -28.57 85.42 8.74
C GLY TB 34 -29.94 84.85 9.03
N ALA TB 35 -30.70 85.52 9.94
CA ALA TB 35 -31.99 84.98 10.37
C ALA TB 35 -32.93 84.80 9.18
N VAL TB 36 -32.97 85.81 8.30
CA VAL TB 36 -33.78 85.79 7.09
C VAL TB 36 -33.39 84.58 6.24
N ARG TB 37 -32.08 84.39 6.07
CA ARG TB 37 -31.56 83.34 5.20
C ARG TB 37 -32.01 81.98 5.71
N VAL TB 38 -31.95 81.76 7.02
CA VAL TB 38 -32.33 80.48 7.58
C VAL TB 38 -33.79 80.19 7.23
N ARG TB 39 -34.66 81.20 7.37
CA ARG TB 39 -36.06 81.01 7.07
C ARG TB 39 -36.24 80.66 5.60
N ALA TB 40 -35.52 81.37 4.72
CA ALA TB 40 -35.62 81.12 3.28
C ALA TB 40 -35.21 79.70 2.95
N ALA TB 41 -34.12 79.23 3.55
CA ALA TB 41 -33.60 77.91 3.27
C ALA TB 41 -34.64 76.83 3.58
N ALA TB 42 -35.33 76.99 4.73
CA ALA TB 42 -36.32 76.01 5.13
C ALA TB 42 -37.48 75.98 4.14
N VAL TB 43 -37.88 77.17 3.66
CA VAL TB 43 -38.94 77.26 2.67
C VAL TB 43 -38.53 76.51 1.41
N ILE TB 44 -37.31 76.73 0.95
CA ILE TB 44 -36.87 76.14 -0.30
C ILE TB 44 -36.84 74.62 -0.15
N SER TB 45 -36.30 74.11 0.95
CA SER TB 45 -36.16 72.67 1.13
C SER TB 45 -37.54 71.99 1.05
N SER TB 46 -38.54 72.57 1.70
CA SER TB 46 -39.87 71.99 1.75
C SER TB 46 -40.52 71.98 0.36
N ASN TB 47 -40.28 73.03 -0.43
CA ASN TB 47 -40.97 73.21 -1.69
C ASN TB 47 -40.08 72.84 -2.88
N ALA TB 48 -38.98 72.12 -2.62
CA ALA TB 48 -37.98 71.90 -3.65
C ALA TB 48 -38.57 71.16 -4.85
N THR TB 49 -39.29 70.06 -4.59
CA THR TB 49 -39.85 69.26 -5.68
C THR TB 49 -40.75 70.14 -6.55
N THR TB 50 -41.62 70.94 -5.92
CA THR TB 50 -42.55 71.79 -6.64
C THR TB 50 -41.79 72.85 -7.43
N ILE TB 51 -40.75 73.43 -6.81
CA ILE TB 51 -40.01 74.49 -7.48
C ILE TB 51 -39.50 73.95 -8.80
N ILE TB 52 -38.95 72.74 -8.77
CA ILE TB 52 -38.37 72.16 -9.96
C ILE TB 52 -39.48 71.92 -10.99
N LYS TB 53 -40.62 71.38 -10.52
CA LYS TB 53 -41.75 71.10 -11.38
C LYS TB 53 -42.20 72.36 -12.12
N GLU TB 54 -42.39 73.45 -11.35
CA GLU TB 54 -42.88 74.70 -11.90
C GLU TB 54 -41.90 75.24 -12.92
N ALA TB 55 -40.60 75.20 -12.59
CA ALA TB 55 -39.58 75.76 -13.46
C ALA TB 55 -39.53 74.96 -14.76
N ALA TB 56 -39.63 73.64 -14.67
CA ALA TB 56 -39.62 72.80 -15.85
C ALA TB 56 -40.80 73.14 -16.75
N ALA TB 57 -41.97 73.30 -16.12
CA ALA TB 57 -43.19 73.65 -16.82
C ALA TB 57 -43.03 74.99 -17.56
N LYS TB 58 -42.38 75.95 -16.90
CA LYS TB 58 -42.15 77.26 -17.50
C LYS TB 58 -41.23 77.18 -18.72
N ALA TB 59 -40.16 76.37 -18.68
CA ALA TB 59 -39.15 76.41 -19.74
C ALA TB 59 -38.96 75.06 -20.46
N LEU TB 60 -38.72 74.00 -19.71
CA LEU TB 60 -38.20 72.78 -20.29
C LEU TB 60 -39.28 72.00 -21.04
N ILE TB 61 -40.44 71.77 -20.43
CA ILE TB 61 -41.40 70.85 -21.01
C ILE TB 61 -42.23 71.60 -22.06
N TYR TB 62 -43.08 70.85 -22.79
CA TYR TB 62 -43.91 71.38 -23.86
C TYR TB 62 -43.05 72.12 -24.89
N SER TB 63 -41.85 71.60 -25.14
CA SER TB 63 -40.86 72.30 -25.94
C SER TB 63 -40.25 71.31 -26.91
N ASP TB 64 -39.44 71.82 -27.84
CA ASP TB 64 -38.70 70.96 -28.74
C ASP TB 64 -37.79 70.00 -27.98
N LEU TB 65 -37.21 70.46 -26.86
CA LEU TB 65 -36.31 69.62 -26.09
C LEU TB 65 -36.97 68.29 -25.72
N THR TB 66 -38.19 68.38 -25.23
CA THR TB 66 -38.89 67.17 -24.82
C THR TB 66 -39.35 66.38 -26.04
N ARG TB 67 -39.55 67.04 -27.18
CA ARG TB 67 -40.03 66.35 -28.38
C ARG TB 67 -38.90 65.51 -28.95
N PRO TB 68 -39.18 64.43 -29.72
CA PRO TB 68 -38.13 63.55 -30.24
C PRO TB 68 -37.09 64.32 -31.06
N GLY TB 69 -35.82 63.98 -30.82
CA GLY TB 69 -34.71 64.71 -31.44
C GLY TB 69 -34.23 65.88 -30.57
N GLY TB 70 -34.91 66.12 -29.44
CA GLY TB 70 -34.52 67.17 -28.50
C GLY TB 70 -33.62 66.61 -27.42
N MET TB 72 -33.69 66.70 -24.25
CA MET TB 72 -34.31 66.12 -23.08
C MET TB 72 -35.30 65.02 -23.45
N TYR TB 73 -35.31 64.63 -24.71
CA TYR TB 73 -36.11 63.50 -25.17
C TYR TB 73 -35.55 62.19 -24.63
N THR TB 74 -36.42 61.20 -24.39
CA THR TB 74 -36.15 59.90 -23.75
C THR TB 74 -36.22 60.08 -22.25
N THR TB 75 -36.65 59.04 -21.54
CA THR TB 75 -36.82 59.16 -20.10
C THR TB 75 -35.48 59.42 -19.42
N ARG TB 76 -34.44 58.74 -19.89
CA ARG TB 76 -33.12 58.84 -19.28
C ARG TB 76 -32.65 60.29 -19.28
N ARG TB 77 -32.72 60.95 -20.45
CA ARG TB 77 -32.31 62.33 -20.54
C ARG TB 77 -33.20 63.24 -19.71
N TYR TB 78 -34.51 63.00 -19.72
CA TYR TB 78 -35.42 63.84 -18.95
C TYR TB 78 -35.01 63.77 -17.48
N ALA TB 79 -34.77 62.56 -16.99
CA ALA TB 79 -34.43 62.36 -15.60
C ALA TB 79 -33.12 63.06 -15.26
N ALA TB 80 -32.14 62.99 -16.17
CA ALA TB 80 -30.87 63.65 -15.97
C ALA TB 80 -31.06 65.16 -15.80
N CYS TB 81 -31.88 65.75 -16.67
CA CYS TB 81 -32.06 67.19 -16.64
C CYS TB 81 -32.69 67.61 -15.31
N ILE TB 82 -33.68 66.88 -14.81
CA ILE TB 82 -34.31 67.29 -13.58
C ILE TB 82 -33.36 67.05 -12.40
N ARG TB 83 -32.49 66.05 -12.51
CA ARG TB 83 -31.48 65.83 -11.48
C ARG TB 83 -30.53 67.03 -11.42
N ASP TB 84 -30.13 67.53 -12.59
CA ASP TB 84 -29.25 68.69 -12.62
C ASP TB 84 -29.93 69.89 -11.98
N MET TB 85 -31.23 70.05 -12.24
CA MET TB 85 -31.99 71.17 -11.73
C MET TB 85 -31.97 71.14 -10.21
N ASP TB 86 -32.18 69.93 -9.65
CA ASP TB 86 -32.14 69.76 -8.22
C ASP TB 86 -30.78 70.16 -7.64
N TYR TB 87 -29.70 69.75 -8.32
CA TYR TB 87 -28.37 70.11 -7.87
C TYR TB 87 -28.26 71.62 -7.74
N PHE TB 88 -28.64 72.33 -8.82
CA PHE TB 88 -28.49 73.77 -8.81
C PHE TB 88 -29.26 74.34 -7.62
N LEU TB 89 -30.46 73.86 -7.38
CA LEU TB 89 -31.28 74.39 -6.31
C LEU TB 89 -30.61 74.16 -4.95
N ARG TB 90 -30.13 72.93 -4.70
CA ARG TB 90 -29.54 72.59 -3.42
C ARG TB 90 -28.30 73.46 -3.15
N TYR TB 91 -27.47 73.64 -4.18
CA TYR TB 91 -26.24 74.37 -4.01
C TYR TB 91 -26.53 75.84 -3.80
N ALA TB 92 -27.51 76.38 -4.52
CA ALA TB 92 -27.90 77.77 -4.34
C ALA TB 92 -28.35 78.00 -2.91
N THR TB 93 -29.12 77.06 -2.36
CA THR TB 93 -29.58 77.16 -0.99
C THR TB 93 -28.37 77.19 -0.05
N TYR TB 94 -27.38 76.31 -0.31
CA TYR TB 94 -26.18 76.26 0.51
C TYR TB 94 -25.48 77.63 0.45
N ALA TB 95 -25.36 78.18 -0.77
CA ALA TB 95 -24.67 79.43 -0.96
C ALA TB 95 -25.38 80.56 -0.22
N MET TB 96 -26.71 80.54 -0.25
CA MET TB 96 -27.48 81.59 0.39
C MET TB 96 -27.22 81.58 1.90
N LEU TB 97 -27.24 80.40 2.52
CA LEU TB 97 -26.93 80.31 3.93
C LEU TB 97 -25.51 80.81 4.18
N ALA TB 98 -24.56 80.37 3.35
CA ALA TB 98 -23.17 80.71 3.56
C ALA TB 98 -22.94 82.21 3.41
N GLY TB 99 -23.67 82.83 2.47
CA GLY TB 99 -23.42 84.21 2.15
C GLY TB 99 -22.21 84.38 1.22
N ASP TB 100 -21.73 83.28 0.62
CA ASP TB 100 -20.58 83.33 -0.26
C ASP TB 100 -20.87 82.51 -1.52
N PRO TB 101 -20.48 82.99 -2.71
CA PRO TB 101 -20.63 82.24 -3.94
C PRO TB 101 -19.60 81.13 -4.21
N SER TB 102 -18.59 81.02 -3.35
CA SER TB 102 -17.45 80.14 -3.59
C SER TB 102 -17.87 78.68 -3.74
N ILE TB 103 -18.78 78.20 -2.90
CA ILE TB 103 -19.17 76.80 -2.93
C ILE TB 103 -19.71 76.47 -4.34
N LEU TB 104 -20.42 77.40 -4.96
CA LEU TB 104 -20.94 77.18 -6.30
C LEU TB 104 -19.77 76.93 -7.25
N ASP TB 105 -18.74 77.75 -7.15
CA ASP TB 105 -17.56 77.60 -7.99
C ASP TB 105 -16.87 76.26 -7.76
N GLU TB 106 -16.71 75.88 -6.50
CA GLU TB 106 -15.95 74.70 -6.14
C GLU TB 106 -16.67 73.42 -6.56
N ARG TB 107 -18.00 73.35 -6.43
CA ARG TB 107 -18.73 72.14 -6.76
C ARG TB 107 -19.39 72.21 -8.14
N VAL TB 108 -20.30 73.17 -8.31
CA VAL TB 108 -21.17 73.14 -9.47
C VAL TB 108 -20.42 73.69 -10.68
N LEU TB 109 -19.83 74.87 -10.54
CA LEU TB 109 -19.45 75.63 -11.70
C LEU TB 109 -18.24 75.06 -12.39
N ASN TB 110 -17.35 74.37 -11.67
CA ASN TB 110 -16.06 74.01 -12.23
C ASN TB 110 -16.18 72.83 -13.20
N GLY TB 111 -15.80 73.05 -14.47
CA GLY TB 111 -15.90 72.01 -15.47
C GLY TB 111 -17.29 71.78 -16.04
N LEU TB 112 -18.31 72.51 -15.61
CA LEU TB 112 -19.66 72.22 -16.07
C LEU TB 112 -19.79 72.59 -17.55
N LYS TB 113 -19.25 73.74 -17.94
CA LYS TB 113 -19.39 74.21 -19.31
C LYS TB 113 -18.81 73.16 -20.26
N GLU TB 114 -17.61 72.68 -19.93
CA GLU TB 114 -16.91 71.72 -20.75
C GLU TB 114 -17.69 70.42 -20.82
N THR TB 115 -18.21 69.94 -19.68
CA THR TB 115 -19.01 68.73 -19.64
C THR TB 115 -20.20 68.88 -20.56
N TYR TB 116 -20.90 70.00 -20.44
CA TYR TB 116 -22.11 70.22 -21.21
C TYR TB 116 -21.78 70.25 -22.70
N ASN TB 117 -20.68 70.89 -23.08
CA ASN TB 117 -20.31 70.99 -24.48
C ASN TB 117 -20.03 69.61 -25.07
N SER TB 118 -19.30 68.76 -24.33
CA SER TB 118 -19.06 67.41 -24.80
C SER TB 118 -20.39 66.65 -24.91
N LEU TB 119 -21.27 66.81 -23.92
CA LEU TB 119 -22.52 66.09 -23.93
C LEU TB 119 -23.42 66.59 -25.04
N GLY TB 120 -23.30 67.88 -25.39
CA GLY TB 120 -24.21 68.51 -26.33
C GLY TB 120 -25.48 69.02 -25.65
N VAL TB 121 -25.50 69.05 -24.32
CA VAL TB 121 -26.54 69.72 -23.57
C VAL TB 121 -26.51 71.21 -23.94
N PRO TB 122 -27.67 71.86 -24.21
CA PRO TB 122 -27.71 73.29 -24.54
C PRO TB 122 -27.61 74.20 -23.31
N ILE TB 123 -26.56 75.03 -23.26
CA ILE TB 123 -26.30 75.84 -22.08
C ILE TB 123 -27.40 76.88 -21.90
N ALA TB 124 -27.81 77.53 -22.99
CA ALA TB 124 -28.79 78.61 -22.90
C ALA TB 124 -30.10 78.11 -22.30
N ALA TB 125 -30.56 76.93 -22.72
CA ALA TB 125 -31.78 76.33 -22.17
C ALA TB 125 -31.61 76.06 -20.67
N THR TB 126 -30.42 75.58 -20.27
CA THR TB 126 -30.15 75.28 -18.87
C THR TB 126 -30.23 76.58 -18.08
N VAL TB 127 -29.63 77.63 -18.63
CA VAL TB 127 -29.62 78.93 -17.98
C VAL TB 127 -31.07 79.39 -17.81
N GLY TB 128 -31.87 79.25 -18.87
CA GLY TB 128 -33.29 79.56 -18.83
C GLY TB 128 -34.01 78.87 -17.67
N GLY TB 129 -33.73 77.58 -17.49
CA GLY TB 129 -34.28 76.80 -16.39
C GLY TB 129 -33.87 77.35 -15.03
N ILE TB 130 -32.61 77.75 -14.90
CA ILE TB 130 -32.10 78.29 -13.64
C ILE TB 130 -32.85 79.58 -13.33
N GLN TB 131 -33.02 80.44 -14.34
CA GLN TB 131 -33.72 81.70 -14.19
C GLN TB 131 -35.17 81.45 -13.78
N ALA TB 132 -35.80 80.45 -14.39
CA ALA TB 132 -37.15 80.08 -14.03
C ALA TB 132 -37.22 79.65 -12.58
N MET TB 133 -36.26 78.84 -12.11
CA MET TB 133 -36.26 78.40 -10.73
C MET TB 133 -36.17 79.62 -9.82
N LYS TB 134 -35.35 80.58 -10.21
CA LYS TB 134 -35.14 81.78 -9.42
C LYS TB 134 -36.47 82.49 -9.20
N GLU TB 135 -37.23 82.66 -10.27
CA GLU TB 135 -38.52 83.35 -10.22
C GLU TB 135 -39.47 82.63 -9.27
N VAL TB 136 -39.58 81.31 -9.38
CA VAL TB 136 -40.44 80.53 -8.50
C VAL TB 136 -39.96 80.69 -7.06
N VAL TB 137 -38.64 80.59 -6.85
CA VAL TB 137 -38.07 80.65 -5.52
C VAL TB 137 -38.40 81.99 -4.91
N GLY TB 138 -38.25 83.06 -5.71
CA GLY TB 138 -38.48 84.43 -5.26
C GLY TB 138 -39.84 84.59 -4.60
N GLY TB 139 -40.87 84.06 -5.25
CA GLY TB 139 -42.24 84.07 -4.73
C GLY TB 139 -42.31 83.44 -3.34
N LEU TB 140 -41.81 82.20 -3.21
CA LEU TB 140 -41.96 81.43 -1.99
C LEU TB 140 -41.21 82.09 -0.83
N VAL TB 141 -39.99 82.56 -1.09
CA VAL TB 141 -39.11 83.03 -0.03
C VAL TB 141 -39.63 84.36 0.49
N GLY TB 142 -40.24 85.16 -0.39
CA GLY TB 142 -40.67 86.51 -0.05
C GLY TB 142 -39.59 87.53 -0.40
N PRO TB 143 -39.92 88.84 -0.48
CA PRO TB 143 -39.05 89.86 -1.09
C PRO TB 143 -37.65 90.06 -0.52
N ASP TB 144 -37.55 90.19 0.80
CA ASP TB 144 -36.26 90.40 1.46
C ASP TB 144 -35.32 89.24 1.16
N ALA TB 145 -35.84 88.02 1.30
CA ALA TB 145 -35.07 86.81 1.03
C ALA TB 145 -34.76 86.68 -0.47
N ALA TB 146 -35.70 87.12 -1.31
CA ALA TB 146 -35.59 86.95 -2.76
C ALA TB 146 -34.33 87.63 -3.29
N LYS TB 147 -34.02 88.83 -2.82
CA LYS TB 147 -32.87 89.56 -3.32
C LYS TB 147 -31.60 88.74 -3.09
N GLU TB 148 -31.46 88.21 -1.88
CA GLU TB 148 -30.33 87.39 -1.50
C GLU TB 148 -30.28 86.12 -2.35
N ALA TB 149 -31.44 85.46 -2.49
CA ALA TB 149 -31.53 84.23 -3.26
C ALA TB 149 -31.15 84.49 -4.72
N SER TB 150 -31.59 85.62 -5.26
CA SER TB 150 -31.41 85.90 -6.68
C SER TB 150 -29.94 85.95 -7.07
N ILE TB 151 -29.09 86.52 -6.21
CA ILE TB 151 -27.69 86.73 -6.60
C ILE TB 151 -27.01 85.39 -6.88
N TYR TB 152 -27.31 84.37 -6.07
CA TYR TB 152 -26.67 83.07 -6.23
C TYR TB 152 -27.17 82.40 -7.50
N PHE TB 153 -28.47 82.50 -7.78
CA PHE TB 153 -29.03 81.97 -9.01
C PHE TB 153 -28.38 82.65 -10.21
N ASP TB 154 -28.20 83.97 -10.13
CA ASP TB 154 -27.59 84.72 -11.23
C ASP TB 154 -26.12 84.29 -11.40
N TYR TB 155 -25.45 84.02 -10.29
CA TYR TB 155 -24.07 83.57 -10.31
C TYR TB 155 -23.93 82.27 -11.07
N LEU TB 156 -24.84 81.32 -10.78
CA LEU TB 156 -24.85 80.04 -11.48
C LEU TB 156 -25.06 80.30 -12.97
N SER TB 157 -26.02 81.16 -13.30
CA SER TB 157 -26.37 81.41 -14.69
C SER TB 157 -25.17 81.98 -15.45
N SER TB 158 -24.50 82.95 -14.84
CA SER TB 158 -23.34 83.60 -15.45
C SER TB 158 -22.21 82.60 -15.67
N GLY TB 159 -21.99 81.71 -14.71
CA GLY TB 159 -20.96 80.70 -14.82
C GLY TB 159 -21.19 79.78 -16.00
N LEU TB 160 -22.46 79.36 -16.16
CA LEU TB 160 -22.85 78.43 -17.20
C LEU TB 160 -22.73 79.15 -18.56
N SER UB 2 8.04 2.19 36.76
CA SER UB 2 9.16 1.72 37.61
C SER UB 2 8.75 1.78 39.07
N VAL UB 3 9.53 1.18 39.96
CA VAL UB 3 9.34 1.21 41.40
C VAL UB 3 9.18 2.66 41.86
N LEU UB 4 10.01 3.57 41.34
CA LEU UB 4 9.95 4.92 41.81
C LEU UB 4 8.60 5.55 41.44
N THR UB 5 8.16 5.32 40.20
CA THR UB 5 6.90 5.86 39.72
C THR UB 5 5.77 5.38 40.63
N LYS UB 6 5.79 4.08 40.96
CA LYS UB 6 4.74 3.49 41.77
C LYS UB 6 4.68 4.20 43.12
N ALA UB 7 5.84 4.42 43.75
CA ALA UB 7 5.90 5.05 45.06
C ALA UB 7 5.35 6.47 45.01
N ILE UB 8 5.76 7.22 44.01
CA ILE UB 8 5.34 8.61 43.85
C ILE UB 8 3.82 8.66 43.70
N VAL UB 9 3.28 7.76 42.87
CA VAL UB 9 1.87 7.75 42.58
C VAL UB 9 1.07 7.50 43.86
N ASN UB 10 1.53 6.58 44.71
CA ASN UB 10 0.81 6.28 45.95
C ASN UB 10 0.83 7.51 46.85
N ALA UB 11 1.98 8.17 46.92
CA ALA UB 11 2.13 9.35 47.75
C ALA UB 11 1.20 10.45 47.27
N ASP UB 12 1.12 10.66 45.96
CA ASP UB 12 0.33 11.75 45.41
C ASP UB 12 -1.15 11.51 45.72
N ALA UB 13 -1.60 10.26 45.63
CA ALA UB 13 -2.98 9.92 45.97
C ALA UB 13 -3.28 10.28 47.42
N GLU UB 14 -2.33 9.96 48.29
CA GLU UB 14 -2.47 10.26 49.71
C GLU UB 14 -2.21 11.74 49.97
N ALA UB 15 -1.62 12.44 49.00
CA ALA UB 15 -1.29 13.85 49.12
C ALA UB 15 -0.27 14.09 50.23
N ARG UB 16 0.70 13.18 50.34
CA ARG UB 16 1.73 13.24 51.37
C ARG UB 16 3.10 13.12 50.73
N TYR UB 17 4.15 13.52 51.46
CA TYR UB 17 5.54 13.29 51.07
C TYR UB 17 5.82 11.79 51.16
N LEU UB 18 6.84 11.31 50.46
CA LEU UB 18 7.18 9.90 50.45
C LEU UB 18 7.53 9.43 51.86
N SER UB 19 6.95 8.28 52.22
CA SER UB 19 7.15 7.66 53.51
C SER UB 19 8.57 7.11 53.57
N PRO UB 20 9.16 6.98 54.78
CA PRO UB 20 10.50 6.41 54.94
C PRO UB 20 10.60 5.01 54.32
N GLY UB 21 9.57 4.18 54.56
CA GLY UB 21 9.50 2.85 53.99
C GLY UB 21 9.61 2.87 52.46
N GLU UB 22 8.84 3.77 51.85
CA GLU UB 22 8.86 3.97 50.41
C GLU UB 22 10.25 4.41 49.96
N LEU UB 23 10.84 5.32 50.72
CA LEU UB 23 12.18 5.81 50.42
C LEU UB 23 13.19 4.68 50.49
N ASP UB 24 13.03 3.77 51.46
CA ASP UB 24 13.93 2.65 51.63
C ASP UB 24 13.90 1.73 50.41
N ARG UB 25 12.69 1.50 49.90
CA ARG UB 25 12.53 0.65 48.73
C ARG UB 25 13.25 1.29 47.54
N ILE UB 26 13.20 2.62 47.44
CA ILE UB 26 13.89 3.32 46.35
C ILE UB 26 15.38 3.09 46.48
N LYS UB 27 15.90 3.18 47.71
CA LYS UB 27 17.32 2.99 47.96
C LYS UB 27 17.74 1.59 47.52
N SER UB 28 16.94 0.58 47.86
CA SER UB 28 17.27 -0.79 47.53
C SER UB 28 17.34 -0.92 46.01
N PHE UB 29 16.36 -0.31 45.33
CA PHE UB 29 16.25 -0.42 43.88
C PHE UB 29 17.49 0.18 43.20
N VAL UB 30 17.98 1.33 43.69
CA VAL UB 30 19.08 1.99 43.01
C VAL UB 30 20.33 1.14 43.15
N ALA UB 31 20.50 0.48 44.30
CA ALA UB 31 21.62 -0.44 44.50
C ALA UB 31 21.50 -1.63 43.54
N SER UB 32 20.29 -2.17 43.37
CA SER UB 32 20.07 -3.33 42.54
C SER UB 32 20.32 -3.00 41.05
N GLY UB 33 20.09 -1.74 40.67
CA GLY UB 33 19.98 -1.35 39.26
C GLY UB 33 21.18 -1.73 38.45
N GLU UB 34 22.39 -1.49 38.98
CA GLU UB 34 23.61 -1.77 38.23
C GLU UB 34 23.72 -3.23 37.84
N ARG UB 35 23.41 -4.15 38.80
CA ARG UB 35 23.34 -5.55 38.49
C ARG UB 35 22.30 -5.81 37.41
N ARG UB 36 21.12 -5.16 37.56
CA ARG UB 36 20.04 -5.39 36.62
C ARG UB 36 20.48 -4.95 35.21
N LEU UB 37 21.22 -3.84 35.11
CA LEU UB 37 21.62 -3.32 33.82
C LEU UB 37 22.47 -4.34 33.10
N ARG UB 38 23.39 -5.00 33.82
CA ARG UB 38 24.25 -6.00 33.22
C ARG UB 38 23.42 -7.17 32.70
N ILE UB 39 22.43 -7.62 33.47
CA ILE UB 39 21.59 -8.74 33.05
C ILE UB 39 20.90 -8.38 31.74
N ALA UB 40 20.36 -7.16 31.67
CA ALA UB 40 19.67 -6.70 30.48
C ALA UB 40 20.61 -6.64 29.29
N GLN UB 41 21.84 -6.15 29.55
CA GLN UB 41 22.83 -5.99 28.50
C GLN UB 41 23.14 -7.35 27.89
N THR UB 42 23.31 -8.36 28.75
CA THR UB 42 23.65 -9.71 28.29
C THR UB 42 22.59 -10.20 27.29
N LEU UB 43 21.32 -10.07 27.65
CA LEU UB 43 20.23 -10.57 26.82
C LEU UB 43 20.17 -9.79 25.50
N THR UB 44 20.43 -8.48 25.55
CA THR UB 44 20.40 -7.68 24.35
C THR UB 44 21.42 -8.18 23.35
N GLU UB 45 22.63 -8.50 23.82
CA GLU UB 45 23.71 -8.93 22.94
C GLU UB 45 23.35 -10.27 22.32
N ALA UB 46 22.73 -11.15 23.11
CA ALA UB 46 22.39 -12.50 22.67
C ALA UB 46 21.00 -12.52 22.04
N ARG UB 47 20.43 -11.34 21.78
CA ARG UB 47 19.02 -11.26 21.38
C ARG UB 47 18.80 -12.10 20.13
N GLU UB 48 19.57 -11.83 19.08
CA GLU UB 48 19.42 -12.46 17.78
C GLU UB 48 19.41 -13.99 17.88
N ARG UB 49 20.36 -14.54 18.63
CA ARG UB 49 20.46 -15.98 18.81
C ARG UB 49 19.29 -16.50 19.65
N ILE UB 50 18.88 -15.77 20.69
CA ILE UB 50 17.81 -16.25 21.56
C ILE UB 50 16.56 -16.44 20.71
N VAL UB 51 16.25 -15.44 19.88
CA VAL UB 51 15.05 -15.48 19.07
C VAL UB 51 15.12 -16.68 18.14
N LYS UB 52 16.27 -16.83 17.46
CA LYS UB 52 16.43 -17.89 16.46
C LYS UB 52 16.23 -19.25 17.13
N GLN UB 53 16.93 -19.49 18.23
CA GLN UB 53 16.87 -20.78 18.91
C GLN UB 53 15.45 -21.06 19.39
N ALA UB 54 14.80 -20.05 19.98
CA ALA UB 54 13.47 -20.23 20.53
C ALA UB 54 12.49 -20.57 19.42
N GLY UB 55 12.63 -19.86 18.29
CA GLY UB 55 11.76 -20.11 17.14
C GLY UB 55 11.80 -21.55 16.70
N ASP UB 56 13.01 -22.10 16.55
CA ASP UB 56 13.23 -23.47 16.11
C ASP UB 56 12.55 -24.42 17.09
N GLN UB 57 12.77 -24.19 18.39
CA GLN UB 57 12.18 -25.03 19.41
C GLN UB 57 10.66 -25.01 19.29
N LEU UB 58 10.09 -23.80 19.12
CA LEU UB 58 8.66 -23.64 19.04
C LEU UB 58 8.12 -24.41 17.84
N PHE UB 59 8.79 -24.29 16.69
CA PHE UB 59 8.33 -24.92 15.48
C PHE UB 59 8.41 -26.44 15.61
N GLN UB 60 9.43 -26.95 16.29
CA GLN UB 60 9.52 -28.37 16.58
C GLN UB 60 8.36 -28.77 17.49
N LYS UB 61 8.10 -27.98 18.53
CA LYS UB 61 7.03 -28.28 19.48
C LYS UB 61 5.67 -28.25 18.78
N ARG UB 62 5.48 -27.29 17.89
CA ARG UB 62 4.21 -27.11 17.17
C ARG UB 62 4.46 -27.12 15.66
N PRO UB 63 4.45 -28.31 15.03
CA PRO UB 63 4.64 -28.37 13.57
C PRO UB 63 3.54 -27.60 12.85
N ASP UB 64 2.32 -27.66 13.43
CA ASP UB 64 1.11 -27.19 12.77
C ASP UB 64 1.21 -25.71 12.45
N VAL UB 65 1.76 -24.89 13.36
CA VAL UB 65 1.71 -23.45 13.17
C VAL UB 65 2.40 -23.11 11.86
N VAL UB 66 3.55 -23.73 11.57
CA VAL UB 66 4.25 -23.57 10.30
C VAL UB 66 3.86 -24.74 9.39
N SER UB 67 2.59 -24.77 9.01
CA SER UB 67 2.06 -25.76 8.07
C SER UB 67 1.03 -25.02 7.22
N PRO UB 68 0.65 -25.54 6.03
CA PRO UB 68 -0.17 -24.75 5.10
C PRO UB 68 -1.45 -24.21 5.76
N GLY UB 69 -2.07 -25.04 6.58
CA GLY UB 69 -3.21 -24.57 7.37
C GLY UB 69 -2.83 -23.46 8.37
N GLY UB 70 -1.67 -23.63 9.03
CA GLY UB 70 -1.27 -22.82 10.17
C GLY UB 70 -1.00 -21.36 9.80
N ASN UB 71 -1.12 -20.49 10.81
CA ASN UB 71 -1.01 -19.06 10.68
C ASN UB 71 0.41 -18.66 10.31
N ALA UB 72 1.38 -19.35 10.93
CA ALA UB 72 2.78 -19.00 10.82
C ALA UB 72 3.33 -19.36 9.45
N TYR UB 73 2.64 -20.21 8.69
CA TYR UB 73 3.18 -20.78 7.46
C TYR UB 73 3.44 -19.72 6.40
N GLY UB 74 4.56 -19.91 5.69
CA GLY UB 74 5.06 -18.99 4.69
C GLY UB 74 6.17 -18.14 5.29
N GLU UB 75 7.09 -17.64 4.45
CA GLU UB 75 8.22 -16.84 4.91
C GLU UB 75 7.72 -15.55 5.58
N LYS UB 76 6.80 -14.84 4.93
CA LYS UB 76 6.31 -13.58 5.46
C LYS UB 76 5.77 -13.83 6.86
N MET UB 77 4.89 -14.84 6.98
CA MET UB 77 4.24 -15.14 8.24
C MET UB 77 5.25 -15.59 9.28
N THR UB 78 6.22 -16.40 8.87
CA THR UB 78 7.19 -16.92 9.84
C THR UB 78 8.01 -15.76 10.38
N ALA UB 79 8.38 -14.81 9.51
CA ALA UB 79 9.10 -13.63 9.95
C ALA UB 79 8.31 -12.86 11.01
N LEU UB 80 7.01 -12.67 10.76
CA LEU UB 80 6.14 -11.97 11.68
C LEU UB 80 6.09 -12.67 13.03
N CYS UB 81 6.02 -14.01 13.01
CA CYS UB 81 6.00 -14.78 14.24
C CYS UB 81 7.30 -14.55 15.02
N LEU UB 82 8.42 -14.50 14.31
CA LEU UB 82 9.71 -14.26 14.95
C LEU UB 82 9.79 -12.83 15.44
N ARG UB 83 9.27 -11.89 14.67
CA ARG UB 83 9.22 -10.49 15.08
C ARG UB 83 8.48 -10.37 16.40
N ASP UB 84 7.37 -11.09 16.54
CA ASP UB 84 6.60 -11.06 17.77
C ASP UB 84 7.46 -11.54 18.94
N LEU UB 85 8.22 -12.62 18.72
CA LEU UB 85 9.07 -13.15 19.76
C LEU UB 85 10.11 -12.11 20.14
N ASP UB 86 10.66 -11.44 19.15
CA ASP UB 86 11.66 -10.40 19.38
C ASP UB 86 11.05 -9.28 20.22
N TYR UB 87 9.82 -8.86 19.90
CA TYR UB 87 9.12 -7.83 20.65
C TYR UB 87 9.04 -8.21 22.12
N TYR UB 88 8.63 -9.44 22.39
CA TYR UB 88 8.47 -9.86 23.77
C TYR UB 88 9.82 -9.86 24.48
N LEU UB 89 10.89 -10.22 23.79
CA LEU UB 89 12.21 -10.22 24.41
C LEU UB 89 12.60 -8.79 24.78
N ARG UB 90 12.36 -7.85 23.89
CA ARG UB 90 12.67 -6.45 24.14
C ARG UB 90 11.91 -5.99 25.38
N LEU UB 91 10.65 -6.37 25.48
CA LEU UB 91 9.83 -6.00 26.63
C LEU UB 91 10.45 -6.58 27.89
N VAL UB 92 10.90 -7.82 27.87
CA VAL UB 92 11.48 -8.45 29.04
C VAL UB 92 12.70 -7.65 29.51
N THR UB 93 13.55 -7.23 28.57
CA THR UB 93 14.73 -6.47 28.96
C THR UB 93 14.30 -5.19 29.66
N TYR UB 94 13.30 -4.51 29.11
CA TYR UB 94 12.77 -3.29 29.69
C TYR UB 94 12.32 -3.54 31.12
N GLY UB 95 11.64 -4.67 31.33
CA GLY UB 95 11.16 -5.06 32.64
C GLY UB 95 12.29 -5.19 33.66
N ILE UB 96 13.38 -5.83 33.26
CA ILE UB 96 14.47 -6.11 34.18
C ILE UB 96 15.05 -4.78 34.67
N VAL UB 97 15.27 -3.82 33.76
CA VAL UB 97 15.84 -2.55 34.15
C VAL UB 97 14.85 -1.80 35.05
N ALA UB 98 13.56 -1.87 34.73
CA ALA UB 98 12.53 -1.19 35.50
C ALA UB 98 12.38 -1.80 36.91
N GLY UB 99 12.57 -3.12 36.99
CA GLY UB 99 12.40 -3.80 38.26
C GLY UB 99 10.92 -4.12 38.53
N ASP UB 100 10.06 -3.89 37.51
CA ASP UB 100 8.66 -4.24 37.66
C ASP UB 100 8.11 -4.70 36.31
N VAL UB 101 6.96 -5.36 36.31
CA VAL UB 101 6.38 -5.88 35.09
C VAL UB 101 5.54 -4.81 34.42
N THR UB 102 5.29 -3.70 35.09
CA THR UB 102 4.41 -2.68 34.57
C THR UB 102 4.80 -2.28 33.15
N PRO UB 103 6.07 -1.92 32.86
CA PRO UB 103 6.45 -1.55 31.48
C PRO UB 103 6.07 -2.64 30.49
N ILE UB 104 6.38 -3.89 30.85
CA ILE UB 104 6.02 -5.05 30.02
C ILE UB 104 4.52 -5.08 29.84
N GLU UB 105 3.80 -4.91 30.93
CA GLU UB 105 2.36 -5.14 30.98
C GLU UB 105 1.62 -4.18 30.05
N GLU UB 106 1.96 -2.87 30.10
CA GLU UB 106 1.25 -1.91 29.29
C GLU UB 106 1.44 -2.20 27.80
N ILE UB 107 2.68 -2.51 27.39
CA ILE UB 107 2.97 -2.64 25.97
C ILE UB 107 2.45 -3.97 25.42
N GLY UB 108 2.48 -5.04 26.21
CA GLY UB 108 2.32 -6.39 25.68
C GLY UB 108 1.17 -7.20 26.26
N ILE UB 109 0.73 -6.98 27.49
CA ILE UB 109 -0.15 -7.97 28.10
C ILE UB 109 -1.60 -7.50 28.14
N ILE UB 110 -1.88 -6.22 27.89
CA ILE UB 110 -3.27 -5.78 28.01
C ILE UB 110 -3.90 -5.69 26.62
N GLY UB 111 -4.97 -6.45 26.42
CA GLY UB 111 -5.62 -6.57 25.13
C GLY UB 111 -4.93 -7.58 24.23
N VAL UB 112 -3.95 -8.31 24.75
CA VAL UB 112 -3.18 -9.25 23.95
C VAL UB 112 -4.12 -10.33 23.42
N LYS UB 113 -5.01 -10.84 24.28
CA LYS UB 113 -5.93 -11.88 23.89
C LYS UB 113 -6.76 -11.41 22.71
N GLU UB 114 -7.31 -10.22 22.81
CA GLU UB 114 -8.18 -9.65 21.80
C GLU UB 114 -7.45 -9.49 20.47
N MET UB 115 -6.22 -8.97 20.54
CA MET UB 115 -5.44 -8.73 19.34
C MET UB 115 -5.19 -10.06 18.63
N TYR UB 116 -4.72 -11.07 19.39
CA TYR UB 116 -4.38 -12.33 18.78
C TYR UB 116 -5.63 -13.03 18.27
N ASN UB 117 -6.75 -12.90 18.98
CA ASN UB 117 -7.98 -13.54 18.51
C ASN UB 117 -8.41 -12.96 17.17
N SER UB 118 -8.29 -11.64 16.99
CA SER UB 118 -8.60 -11.07 15.68
C SER UB 118 -7.64 -11.65 14.65
N LEU UB 119 -6.35 -11.72 14.99
CA LEU UB 119 -5.36 -12.26 14.07
C LEU UB 119 -5.61 -13.74 13.83
N GLN UB 120 -6.15 -14.42 14.84
CA GLN UB 120 -6.45 -15.86 14.81
C GLN UB 120 -5.21 -16.66 15.18
N THR UB 121 -4.13 -15.97 15.56
CA THR UB 121 -2.95 -16.63 16.12
C THR UB 121 -3.34 -17.39 17.37
N PRO UB 122 -2.90 -18.66 17.57
CA PRO UB 122 -3.15 -19.38 18.82
C PRO UB 122 -2.31 -18.84 19.98
N ILE UB 123 -2.98 -18.50 21.08
CA ILE UB 123 -2.33 -17.90 22.22
C ILE UB 123 -1.38 -18.90 22.86
N PRO UB 124 -1.76 -20.20 23.03
CA PRO UB 124 -0.88 -21.16 23.68
C PRO UB 124 0.47 -21.34 22.97
N ALA UB 125 0.46 -21.29 21.65
CA ALA UB 125 1.69 -21.40 20.87
C ALA UB 125 2.61 -20.22 21.19
N VAL UB 126 2.02 -19.02 21.31
CA VAL UB 126 2.79 -17.83 21.62
C VAL UB 126 3.45 -18.02 22.98
N ALA UB 127 2.68 -18.57 23.93
CA ALA UB 127 3.19 -18.82 25.28
C ALA UB 127 4.38 -19.77 25.23
N GLU UB 128 4.27 -20.81 24.39
CA GLU UB 128 5.34 -21.79 24.28
C GLU UB 128 6.61 -21.12 23.77
N GLY UB 129 6.45 -20.22 22.78
CA GLY UB 129 7.58 -19.48 22.24
C GLY UB 129 8.30 -18.67 23.33
N VAL UB 130 7.51 -18.05 24.22
CA VAL UB 130 8.08 -17.27 25.30
C VAL UB 130 8.82 -18.20 26.25
N ARG UB 131 8.22 -19.36 26.53
CA ARG UB 131 8.86 -20.34 27.39
C ARG UB 131 10.20 -20.76 26.78
N ALA UB 132 10.18 -21.02 25.47
CA ALA UB 132 11.39 -21.40 24.75
C ALA UB 132 12.46 -20.34 24.89
N MET UB 133 12.06 -19.07 24.72
CA MET UB 133 13.02 -17.97 24.82
C MET UB 133 13.62 -17.95 26.22
N LYS UB 134 12.79 -18.24 27.24
CA LYS UB 134 13.25 -18.23 28.62
C LYS UB 134 14.39 -19.23 28.78
N ASN UB 135 14.21 -20.43 28.23
CA ASN UB 135 15.18 -21.51 28.40
C ASN UB 135 16.52 -21.10 27.78
N VAL UB 136 16.48 -20.54 26.58
CA VAL UB 136 17.68 -20.08 25.91
C VAL UB 136 18.34 -19.00 26.75
N ALA UB 137 17.54 -18.03 27.21
CA ALA UB 137 18.06 -16.90 27.96
C ALA UB 137 18.69 -17.36 29.26
N THR UB 138 18.05 -18.34 29.92
CA THR UB 138 18.52 -18.85 31.20
C THR UB 138 19.94 -19.42 31.04
N SER UB 139 20.16 -20.16 29.95
CA SER UB 139 21.45 -20.81 29.73
C SER UB 139 22.58 -19.79 29.65
N LEU UB 140 22.35 -18.66 28.96
CA LEU UB 140 23.37 -17.65 28.79
C LEU UB 140 23.60 -16.91 30.11
N LEU UB 141 22.54 -16.74 30.90
CA LEU UB 141 22.65 -16.00 32.13
C LEU UB 141 23.25 -16.88 33.22
N SER UB 142 23.95 -16.25 34.17
CA SER UB 142 24.39 -16.93 35.38
C SER UB 142 23.16 -17.21 36.24
N GLY UB 143 23.26 -18.19 37.14
CA GLY UB 143 22.13 -18.75 37.88
C GLY UB 143 21.27 -17.70 38.59
N ASP UB 144 21.90 -16.84 39.38
CA ASP UB 144 21.18 -15.79 40.10
C ASP UB 144 20.58 -14.80 39.11
N ASP UB 145 21.34 -14.45 38.07
CA ASP UB 145 20.84 -13.57 37.02
C ASP UB 145 19.65 -14.23 36.33
N ALA UB 146 19.75 -15.53 36.09
CA ALA UB 146 18.72 -16.29 35.41
C ALA UB 146 17.42 -16.25 36.21
N ALA UB 147 17.52 -16.39 37.53
CA ALA UB 147 16.34 -16.38 38.39
C ALA UB 147 15.60 -15.06 38.24
N GLU UB 148 16.34 -13.95 38.28
CA GLU UB 148 15.76 -12.63 38.10
C GLU UB 148 15.05 -12.56 36.75
N ALA UB 149 15.74 -12.96 35.68
CA ALA UB 149 15.19 -12.93 34.34
C ALA UB 149 13.97 -13.84 34.25
N GLY UB 150 14.03 -15.00 34.93
CA GLY UB 150 12.96 -15.97 34.88
C GLY UB 150 11.63 -15.37 35.33
N PHE UB 151 11.66 -14.56 36.39
CA PHE UB 151 10.45 -14.00 36.95
C PHE UB 151 9.69 -13.24 35.86
N TYR UB 152 10.42 -12.40 35.10
CA TYR UB 152 9.80 -11.59 34.07
C TYR UB 152 9.26 -12.50 32.97
N PHE UB 153 10.04 -13.51 32.59
CA PHE UB 153 9.63 -14.45 31.58
C PHE UB 153 8.37 -15.19 32.02
N ASP UB 154 8.35 -15.62 33.29
CA ASP UB 154 7.22 -16.35 33.83
C ASP UB 154 5.96 -15.50 33.78
N TYR UB 155 6.08 -14.22 34.12
CA TYR UB 155 4.95 -13.32 34.13
C TYR UB 155 4.31 -13.30 32.75
N LEU UB 156 5.14 -13.18 31.70
CA LEU UB 156 4.64 -13.14 30.34
C LEU UB 156 3.84 -14.40 30.06
N VAL UB 157 4.42 -15.54 30.43
CA VAL UB 157 3.79 -16.82 30.17
C VAL UB 157 2.46 -16.90 30.92
N GLY UB 158 2.45 -16.41 32.15
CA GLY UB 158 1.23 -16.38 32.95
C GLY UB 158 0.17 -15.49 32.32
N ALA UB 159 0.59 -14.32 31.82
CA ALA UB 159 -0.33 -13.36 31.21
C ALA UB 159 -1.04 -13.98 29.99
N MET UB 160 -0.27 -14.64 29.14
CA MET UB 160 -0.74 -15.24 27.89
C MET UB 160 -1.09 -16.69 28.12
N GLN UB 161 -2.40 -17.05 28.03
CA GLN UB 161 -2.74 -18.47 27.99
C GLN UB 161 -3.86 -18.80 26.98
N MET VB 1 2.60 9.93 34.88
CA MET VB 1 3.87 10.68 34.84
C MET VB 1 4.97 9.70 34.36
N GLN VB 2 6.20 10.20 34.32
CA GLN VB 2 7.31 9.35 34.05
C GLN VB 2 8.46 9.66 34.98
N ASP VB 3 9.34 8.63 35.20
CA ASP VB 3 10.62 8.82 35.82
C ASP VB 3 11.74 8.60 34.84
N ALA VB 4 12.96 8.87 35.21
CA ALA VB 4 14.10 8.86 34.30
C ALA VB 4 14.23 7.48 33.68
N ILE VB 5 14.17 6.42 34.50
CA ILE VB 5 14.33 5.08 33.98
C ILE VB 5 13.25 4.81 32.94
N THR VB 6 11.99 5.12 33.29
CA THR VB 6 10.89 4.85 32.37
C THR VB 6 10.99 5.74 31.14
N ALA VB 7 11.47 6.97 31.30
CA ALA VB 7 11.57 7.89 30.18
C ALA VB 7 12.51 7.33 29.13
N VAL VB 8 13.65 6.78 29.55
CA VAL VB 8 14.59 6.16 28.62
C VAL VB 8 13.90 5.01 27.93
N ILE VB 9 13.25 4.14 28.71
CA ILE VB 9 12.56 2.99 28.17
C ILE VB 9 11.56 3.44 27.12
N ASN VB 10 10.77 4.48 27.43
CA ASN VB 10 9.69 4.87 26.55
C ASN VB 10 10.26 5.38 25.23
N ASN VB 11 11.35 6.15 25.31
CA ASN VB 11 11.96 6.71 24.11
C ASN VB 11 12.42 5.59 23.20
N TYR VB 12 13.01 4.54 23.80
CA TYR VB 12 13.49 3.39 23.05
C TYR VB 12 12.32 2.62 22.47
N ASP VB 13 11.24 2.47 23.24
CA ASP VB 13 10.11 1.68 22.79
C ASP VB 13 9.46 2.30 21.54
N VAL VB 14 9.35 3.64 21.48
CA VAL VB 14 8.73 4.26 20.32
C VAL VB 14 9.64 4.02 19.11
N GLN VB 15 10.95 4.05 19.33
CA GLN VB 15 11.91 3.76 18.26
C GLN VB 15 11.86 2.27 17.94
N GLY VB 16 11.52 1.45 18.94
CA GLY VB 16 11.47 0.01 18.75
C GLY VB 16 12.84 -0.61 19.00
N LYS VB 17 13.82 0.26 19.36
CA LYS VB 17 15.17 -0.19 19.59
C LYS VB 17 15.31 -0.92 20.91
N TYR VB 18 16.12 -1.96 20.95
CA TYR VB 18 16.62 -2.58 22.18
C TYR VB 18 17.51 -1.58 22.88
N LEU VB 19 17.64 -1.69 24.19
CA LEU VB 19 18.45 -0.76 24.98
C LEU VB 19 19.90 -0.90 24.53
N ASP VB 20 20.56 0.26 24.36
CA ASP VB 20 21.91 0.33 23.85
C ASP VB 20 22.81 1.01 24.87
N GLY VB 21 24.13 0.96 24.66
CA GLY VB 21 25.09 1.43 25.64
C GLY VB 21 24.87 2.90 26.02
N ALA VB 22 24.62 3.74 25.00
CA ALA VB 22 24.34 5.16 25.24
C ALA VB 22 23.16 5.32 26.21
N ALA VB 23 22.09 4.57 25.93
CA ALA VB 23 20.94 4.54 26.83
C ALA VB 23 21.35 4.04 28.20
N LEU VB 24 22.18 2.98 28.23
CA LEU VB 24 22.61 2.39 29.47
C LEU VB 24 23.35 3.40 30.32
N ASP VB 25 24.18 4.23 29.67
CA ASP VB 25 24.97 5.24 30.35
C ASP VB 25 24.08 6.23 31.08
N LYS VB 26 22.99 6.66 30.42
CA LYS VB 26 22.05 7.57 31.04
C LYS VB 26 21.45 6.91 32.28
N LEU VB 27 21.08 5.63 32.14
CA LEU VB 27 20.50 4.91 33.26
C LEU VB 27 21.51 4.82 34.39
N LYS VB 28 22.78 4.56 34.02
CA LYS VB 28 23.83 4.37 35.01
C LYS VB 28 24.03 5.67 35.76
N ALA VB 29 24.00 6.80 35.01
CA ALA VB 29 24.17 8.10 35.63
C ALA VB 29 23.12 8.29 36.70
N TYR VB 30 21.86 7.96 36.37
CA TYR VB 30 20.76 8.13 37.30
C TYR VB 30 21.02 7.33 38.55
N PHE VB 31 21.51 6.09 38.41
CA PHE VB 31 21.62 5.19 39.53
C PHE VB 31 22.58 5.74 40.59
N THR VB 32 23.69 6.35 40.14
CA THR VB 32 24.65 6.96 41.05
C THR VB 32 24.02 8.14 41.81
N THR VB 33 23.26 8.97 41.09
CA THR VB 33 22.65 10.16 41.66
C THR VB 33 21.59 9.77 42.68
N GLY VB 34 20.95 8.62 42.46
CA GLY VB 34 19.80 8.16 43.23
C GLY VB 34 19.97 8.27 44.75
N ALA VB 35 21.12 7.74 45.25
CA ALA VB 35 21.29 7.69 46.69
C ALA VB 35 21.24 9.09 47.31
N VAL VB 36 21.91 10.05 46.66
CA VAL VB 36 21.93 11.45 47.08
C VAL VB 36 20.51 11.98 47.14
N ARG VB 37 19.73 11.70 46.08
CA ARG VB 37 18.38 12.22 45.96
C ARG VB 37 17.52 11.75 47.11
N VAL VB 38 17.64 10.47 47.47
CA VAL VB 38 16.82 9.92 48.54
C VAL VB 38 17.11 10.69 49.84
N ARG VB 39 18.39 10.94 50.10
CA ARG VB 39 18.77 11.67 51.31
C ARG VB 39 18.17 13.07 51.28
N ALA VB 40 18.26 13.73 50.15
CA ALA VB 40 17.74 15.10 49.99
C ALA VB 40 16.24 15.13 50.26
N ALA VB 41 15.51 14.15 49.73
CA ALA VB 41 14.07 14.11 49.87
C ALA VB 41 13.68 14.02 51.36
N ALA VB 42 14.39 13.19 52.12
CA ALA VB 42 14.10 13.03 53.53
C ALA VB 42 14.35 14.34 54.29
N VAL VB 43 15.41 15.04 53.93
CA VAL VB 43 15.73 16.33 54.54
C VAL VB 43 14.57 17.28 54.28
N ILE VB 44 14.10 17.35 53.03
CA ILE VB 44 13.08 18.32 52.67
C ILE VB 44 11.80 18.00 53.44
N SER VB 45 11.41 16.72 53.51
CA SER VB 45 10.16 16.36 54.15
C SER VB 45 10.16 16.80 55.61
N SER VB 46 11.27 16.58 56.31
CA SER VB 46 11.37 16.91 57.73
C SER VB 46 11.31 18.41 57.96
N ASN VB 47 11.90 19.19 57.04
CA ASN VB 47 12.03 20.63 57.24
C ASN VB 47 11.02 21.41 56.40
N ALA VB 48 9.98 20.73 55.91
CA ALA VB 48 9.07 21.34 54.95
C ALA VB 48 8.39 22.58 55.54
N THR VB 49 7.84 22.44 56.75
CA THR VB 49 7.13 23.53 57.38
C THR VB 49 8.04 24.75 57.49
N THR VB 50 9.29 24.53 57.96
CA THR VB 50 10.24 25.61 58.15
C THR VB 50 10.61 26.23 56.80
N ILE VB 51 10.80 25.39 55.78
CA ILE VB 51 11.20 25.90 54.48
C ILE VB 51 10.17 26.91 54.02
N ILE VB 52 8.90 26.55 54.18
CA ILE VB 52 7.81 27.41 53.72
C ILE VB 52 7.83 28.69 54.53
N LYS VB 53 8.00 28.57 55.85
CA LYS VB 53 8.02 29.72 56.76
C LYS VB 53 9.11 30.70 56.33
N GLU VB 54 10.32 30.18 56.11
CA GLU VB 54 11.46 31.02 55.77
C GLU VB 54 11.21 31.73 54.44
N ALA VB 55 10.70 30.98 53.46
CA ALA VB 55 10.49 31.53 52.14
C ALA VB 55 9.43 32.63 52.20
N ALA VB 56 8.37 32.41 52.98
CA ALA VB 56 7.32 33.39 53.11
C ALA VB 56 7.88 34.67 53.72
N ALA VB 57 8.71 34.49 54.76
CA ALA VB 57 9.35 35.60 55.45
C ALA VB 57 10.19 36.41 54.48
N LYS VB 58 10.92 35.71 53.60
CA LYS VB 58 11.78 36.36 52.63
C LYS VB 58 10.98 37.19 51.62
N ALA VB 59 9.82 36.70 51.15
CA ALA VB 59 9.13 37.35 50.05
C ALA VB 59 7.69 37.80 50.39
N LEU VB 60 6.88 36.86 50.88
CA LEU VB 60 5.45 37.09 50.93
C LEU VB 60 5.04 38.03 52.06
N ILE VB 61 5.52 37.81 53.28
CA ILE VB 61 4.97 38.55 54.40
C ILE VB 61 5.63 39.93 54.49
N TYR VB 62 5.13 40.77 55.40
CA TYR VB 62 5.62 42.13 55.60
C TYR VB 62 5.57 42.91 54.29
N SER VB 63 4.53 42.65 53.50
CA SER VB 63 4.46 43.16 52.14
C SER VB 63 3.07 43.73 51.90
N ASP VB 64 2.89 44.36 50.76
CA ASP VB 64 1.56 44.82 50.37
C ASP VB 64 0.58 43.66 50.25
N LEU VB 65 1.04 42.49 49.81
CA LEU VB 65 0.18 41.33 49.66
C LEU VB 65 -0.55 41.03 50.95
N THR VB 66 0.18 41.00 52.05
CA THR VB 66 -0.42 40.69 53.33
C THR VB 66 -1.26 41.87 53.82
N ARG VB 67 -0.95 43.09 53.40
CA ARG VB 67 -1.69 44.27 53.86
C ARG VB 67 -3.06 44.27 53.21
N PRO VB 68 -4.09 44.93 53.79
CA PRO VB 68 -5.45 44.92 53.24
C PRO VB 68 -5.49 45.42 51.81
N GLY VB 69 -6.26 44.70 50.97
CA GLY VB 69 -6.30 44.97 49.55
C GLY VB 69 -5.26 44.18 48.76
N GLY VB 70 -4.43 43.40 49.47
CA GLY VB 70 -3.41 42.57 48.83
C GLY VB 70 -3.95 41.16 48.63
N MET VB 72 -2.89 38.26 49.41
CA MET VB 72 -2.76 37.31 50.50
C MET VB 72 -3.37 37.85 51.79
N TYR VB 73 -4.11 38.98 51.68
CA TYR VB 73 -4.85 39.51 52.81
C TYR VB 73 -6.05 38.62 53.13
N THR VB 74 -6.44 38.57 54.42
CA THR VB 74 -7.46 37.69 55.01
C THR VB 74 -6.84 36.34 55.33
N THR VB 75 -7.33 35.67 56.37
CA THR VB 75 -6.73 34.41 56.79
C THR VB 75 -6.90 33.37 55.68
N ARG VB 76 -8.07 33.35 55.05
CA ARG VB 76 -8.38 32.35 54.06
C ARG VB 76 -7.36 32.40 52.92
N ARG VB 77 -7.12 33.60 52.38
CA ARG VB 77 -6.15 33.75 51.32
C ARG VB 77 -4.74 33.44 51.79
N TYR VB 78 -4.37 33.85 52.99
CA TYR VB 78 -3.04 33.55 53.50
C TYR VB 78 -2.84 32.05 53.52
N ALA VB 79 -3.83 31.33 54.04
CA ALA VB 79 -3.74 29.89 54.15
C ALA VB 79 -3.63 29.24 52.77
N ALA VB 80 -4.39 29.75 51.80
CA ALA VB 80 -4.32 29.26 50.43
C ALA VB 80 -2.91 29.40 49.87
N CYS VB 81 -2.31 30.57 50.07
CA CYS VB 81 -1.00 30.82 49.49
C CYS VB 81 0.03 29.85 50.08
N ILE VB 82 -0.01 29.61 51.39
CA ILE VB 82 0.98 28.72 51.96
C ILE VB 82 0.68 27.27 51.53
N ARG VB 83 -0.58 26.94 51.29
CA ARG VB 83 -0.92 25.62 50.77
C ARG VB 83 -0.31 25.45 49.37
N ASP VB 84 -0.40 26.47 48.55
CA ASP VB 84 0.18 26.40 47.21
C ASP VB 84 1.68 26.21 47.31
N MET VB 85 2.32 26.89 48.25
CA MET VB 85 3.75 26.80 48.42
C MET VB 85 4.13 25.37 48.76
N ASP VB 86 3.38 24.75 49.65
CA ASP VB 86 3.59 23.37 50.02
C ASP VB 86 3.47 22.45 48.82
N TYR VB 87 2.47 22.68 47.96
CA TYR VB 87 2.30 21.88 46.75
C TYR VB 87 3.57 21.94 45.94
N PHE VB 88 4.07 23.14 45.68
CA PHE VB 88 5.25 23.28 44.85
C PHE VB 88 6.38 22.49 45.45
N LEU VB 89 6.56 22.58 46.76
CA LEU VB 89 7.64 21.89 47.43
C LEU VB 89 7.49 20.38 47.26
N ARG VB 90 6.30 19.84 47.53
CA ARG VB 90 6.07 18.40 47.48
C ARG VB 90 6.32 17.88 46.07
N TYR VB 91 5.85 18.59 45.06
CA TYR VB 91 5.98 18.14 43.70
C TYR VB 91 7.43 18.21 43.26
N ALA VB 92 8.13 19.25 43.65
CA ALA VB 92 9.54 19.36 43.31
C ALA VB 92 10.31 18.21 43.94
N THR VB 93 9.98 17.83 45.17
CA THR VB 93 10.61 16.69 45.81
C THR VB 93 10.33 15.43 45.01
N TYR VB 94 9.09 15.24 44.56
CA TYR VB 94 8.74 14.07 43.75
C TYR VB 94 9.59 14.07 42.49
N ALA VB 95 9.70 15.24 41.84
CA ALA VB 95 10.43 15.33 40.60
C ALA VB 95 11.91 14.99 40.83
N MET VB 96 12.46 15.45 41.94
CA MET VB 96 13.86 15.24 42.24
C MET VB 96 14.13 13.74 42.41
N LEU VB 97 13.27 13.04 43.15
CA LEU VB 97 13.42 11.59 43.27
C LEU VB 97 13.31 10.95 41.90
N ALA VB 98 12.31 11.36 41.12
CA ALA VB 98 12.07 10.74 39.82
C ALA VB 98 13.21 10.99 38.88
N GLY VB 99 13.83 12.17 38.95
CA GLY VB 99 14.84 12.55 37.99
C GLY VB 99 14.23 13.04 36.68
N ASP VB 100 12.93 13.32 36.67
CA ASP VB 100 12.23 13.76 35.48
C ASP VB 100 11.34 14.95 35.79
N PRO VB 101 11.31 15.97 34.92
CA PRO VB 101 10.40 17.12 35.10
C PRO VB 101 8.94 16.89 34.72
N SER VB 102 8.63 15.73 34.12
CA SER VB 102 7.33 15.49 33.51
C SER VB 102 6.20 15.60 34.52
N ILE VB 103 6.39 15.06 35.74
CA ILE VB 103 5.32 15.09 36.70
C ILE VB 103 4.87 16.52 36.94
N LEU VB 104 5.83 17.46 36.97
CA LEU VB 104 5.49 18.85 37.21
C LEU VB 104 4.57 19.32 36.09
N ASP VB 105 4.88 18.98 34.84
CA ASP VB 105 4.07 19.37 33.71
C ASP VB 105 2.67 18.77 33.79
N GLU VB 106 2.58 17.48 34.14
CA GLU VB 106 1.32 16.78 34.12
C GLU VB 106 0.38 17.27 35.21
N ARG VB 107 0.90 17.51 36.43
CA ARG VB 107 0.05 17.87 37.55
C ARG VB 107 0.08 19.37 37.83
N VAL VB 108 1.25 19.93 38.13
CA VAL VB 108 1.30 21.29 38.61
C VAL VB 108 1.12 22.29 37.47
N LEU VB 109 1.91 22.12 36.41
CA LEU VB 109 2.08 23.19 35.44
C LEU VB 109 0.86 23.33 34.57
N ASN VB 110 0.11 22.24 34.36
CA ASN VB 110 -1.00 22.25 33.41
C ASN VB 110 -2.21 22.98 33.98
N GLY VB 111 -2.65 24.05 33.34
CA GLY VB 111 -3.77 24.85 33.81
C GLY VB 111 -3.45 25.80 34.95
N LEU VB 112 -2.23 25.88 35.44
CA LEU VB 112 -1.95 26.73 36.59
C LEU VB 112 -2.08 28.20 36.20
N LYS VB 113 -1.52 28.56 35.02
CA LYS VB 113 -1.53 29.95 34.60
C LYS VB 113 -2.97 30.44 34.52
N GLU VB 114 -3.83 29.64 33.89
CA GLU VB 114 -5.22 30.00 33.69
C GLU VB 114 -5.93 30.13 35.03
N THR VB 115 -5.70 29.18 35.94
CA THR VB 115 -6.28 29.23 37.28
C THR VB 115 -5.89 30.53 37.96
N TYR VB 116 -4.61 30.84 37.91
CA TYR VB 116 -4.11 32.02 38.60
C TYR VB 116 -4.72 33.28 38.02
N ASN VB 117 -4.83 33.33 36.69
CA ASN VB 117 -5.39 34.52 36.06
C ASN VB 117 -6.84 34.74 36.46
N SER VB 118 -7.63 33.66 36.49
CA SER VB 118 -9.00 33.79 36.94
C SER VB 118 -9.04 34.23 38.40
N LEU VB 119 -8.18 33.66 39.23
CA LEU VB 119 -8.19 33.98 40.65
C LEU VB 119 -7.71 35.42 40.87
N GLY VB 120 -6.82 35.89 40.00
CA GLY VB 120 -6.16 37.18 40.20
C GLY VB 120 -4.93 37.07 41.09
N VAL VB 121 -4.49 35.84 41.37
CA VAL VB 121 -3.23 35.62 42.05
C VAL VB 121 -2.09 36.18 41.20
N PRO VB 122 -1.12 36.91 41.77
CA PRO VB 122 0.01 37.45 41.00
C PRO VB 122 1.11 36.42 40.74
N ILE VB 123 1.38 36.15 39.46
CA ILE VB 123 2.31 35.11 39.08
C ILE VB 123 3.73 35.46 39.52
N ALA VB 124 4.14 36.72 39.31
CA ALA VB 124 5.52 37.10 39.59
C ALA VB 124 5.86 36.90 41.07
N ALA VB 125 4.92 37.28 41.96
CA ALA VB 125 5.10 37.07 43.39
C ALA VB 125 5.25 35.59 43.72
N THR VB 126 4.43 34.75 43.06
CA THR VB 126 4.47 33.32 43.29
C THR VB 126 5.83 32.79 42.87
N VAL VB 127 6.30 33.25 41.71
CA VAL VB 127 7.60 32.83 41.20
C VAL VB 127 8.66 33.21 42.21
N GLY VB 128 8.59 34.44 42.72
CA GLY VB 128 9.50 34.92 43.76
C GLY VB 128 9.57 33.98 44.96
N GLY VB 129 8.38 33.54 45.42
CA GLY VB 129 8.28 32.60 46.52
C GLY VB 129 8.93 31.26 46.21
N ILE VB 130 8.77 30.78 44.97
CA ILE VB 130 9.34 29.50 44.56
C ILE VB 130 10.87 29.62 44.62
N GLN VB 131 11.39 30.74 44.11
CA GLN VB 131 12.82 30.98 44.08
C GLN VB 131 13.36 31.05 45.51
N ALA VB 132 12.61 31.70 46.40
CA ALA VB 132 12.99 31.77 47.80
C ALA VB 132 13.04 30.37 48.41
N MET VB 133 12.06 29.53 48.12
CA MET VB 133 12.05 28.19 48.67
C MET VB 133 13.30 27.45 48.19
N LYS VB 134 13.66 27.66 46.93
CA LYS VB 134 14.80 26.99 46.34
C LYS VB 134 16.06 27.29 47.14
N GLU VB 135 16.25 28.58 47.45
CA GLU VB 135 17.42 29.03 48.19
C GLU VB 135 17.49 28.36 49.56
N VAL VB 136 16.36 28.35 50.29
CA VAL VB 136 16.30 27.71 51.60
C VAL VB 136 16.60 26.23 51.45
N VAL VB 137 15.99 25.59 50.45
CA VAL VB 137 16.14 24.15 50.25
C VAL VB 137 17.60 23.84 49.99
N GLY VB 138 18.25 24.67 49.16
CA GLY VB 138 19.63 24.48 48.78
C GLY VB 138 20.54 24.32 50.00
N GLY VB 139 20.38 25.22 50.97
CA GLY VB 139 21.10 25.16 52.23
C GLY VB 139 20.95 23.81 52.93
N LEU VB 140 19.71 23.38 53.14
CA LEU VB 140 19.43 22.20 53.95
C LEU VB 140 19.96 20.95 53.26
N VAL VB 141 19.76 20.85 51.94
CA VAL VB 141 20.06 19.62 51.21
C VAL VB 141 21.57 19.44 51.13
N GLY VB 142 22.29 20.57 51.02
CA GLY VB 142 23.73 20.54 50.80
C GLY VB 142 24.05 20.62 49.31
N PRO VB 143 25.31 20.96 48.93
CA PRO VB 143 25.65 21.36 47.55
C PRO VB 143 25.36 20.38 46.40
N ASP VB 144 25.75 19.12 46.57
CA ASP VB 144 25.54 18.11 45.53
C ASP VB 144 24.04 17.96 45.25
N ALA VB 145 23.26 17.87 46.32
CA ALA VB 145 21.81 17.73 46.21
C ALA VB 145 21.19 19.02 45.68
N ALA VB 146 21.77 20.17 46.04
CA ALA VB 146 21.20 21.47 45.70
C ALA VB 146 21.09 21.65 44.19
N LYS VB 147 22.12 21.23 43.45
CA LYS VB 147 22.12 21.42 42.00
C LYS VB 147 20.91 20.71 41.41
N GLU VB 148 20.71 19.46 41.83
CA GLU VB 148 19.61 18.64 41.37
C GLU VB 148 18.27 19.27 41.77
N ALA VB 149 18.16 19.70 43.03
CA ALA VB 149 16.94 20.31 43.53
C ALA VB 149 16.63 21.58 42.74
N SER VB 150 17.65 22.38 42.43
CA SER VB 150 17.45 23.68 41.81
C SER VB 150 16.75 23.56 40.47
N ILE VB 151 17.10 22.55 39.67
CA ILE VB 151 16.58 22.49 38.30
C ILE VB 151 15.06 22.36 38.32
N TYR VB 152 14.51 21.57 39.26
CA TYR VB 152 13.08 21.36 39.33
C TYR VB 152 12.37 22.64 39.78
N PHE VB 153 12.96 23.33 40.76
CA PHE VB 153 12.42 24.61 41.21
C PHE VB 153 12.39 25.60 40.05
N ASP VB 154 13.48 25.62 39.27
CA ASP VB 154 13.56 26.54 38.15
C ASP VB 154 12.53 26.18 37.08
N TYR VB 155 12.30 24.88 36.90
CA TYR VB 155 11.33 24.39 35.94
C TYR VB 155 9.94 24.90 36.28
N LEU VB 156 9.58 24.80 37.57
CA LEU VB 156 8.29 25.31 38.03
C LEU VB 156 8.20 26.80 37.75
N SER VB 157 9.27 27.53 38.06
CA SER VB 157 9.26 28.98 37.93
C SER VB 157 9.06 29.36 36.47
N SER VB 158 9.78 28.69 35.57
CA SER VB 158 9.69 28.99 34.14
C SER VB 158 8.30 28.71 33.61
N GLY VB 159 7.68 27.61 34.08
CA GLY VB 159 6.33 27.26 33.66
C GLY VB 159 5.31 28.34 34.02
N LEU VB 160 5.42 28.84 35.26
CA LEU VB 160 4.45 29.79 35.77
C LEU VB 160 4.62 31.10 35.03
N SER VB 161 5.87 31.47 34.78
CA SER VB 161 6.19 32.68 34.01
C SER VB 161 5.49 32.71 32.63
N SER WB 2 7.61 -4.08 61.75
CA SER WB 2 8.94 -3.93 61.14
C SER WB 2 8.91 -4.05 59.63
N VAL WB 3 9.96 -3.70 58.93
CA VAL WB 3 10.10 -3.85 57.49
C VAL WB 3 9.34 -4.99 56.82
N LEU WB 4 9.43 -6.18 57.35
CA LEU WB 4 8.77 -7.34 56.82
C LEU WB 4 7.25 -7.13 56.75
N THR WB 5 6.67 -6.55 57.77
CA THR WB 5 5.27 -6.19 57.80
C THR WB 5 4.98 -5.27 56.60
N LYS WB 6 5.79 -4.31 56.35
CA LYS WB 6 5.62 -3.39 55.25
C LYS WB 6 5.53 -4.15 53.92
N ALA WB 7 6.47 -5.07 53.70
CA ALA WB 7 6.54 -5.86 52.47
C ALA WB 7 5.26 -6.70 52.29
N ILE WB 8 4.84 -7.36 53.36
CA ILE WB 8 3.66 -8.21 53.34
C ILE WB 8 2.43 -7.36 52.98
N VAL WB 9 2.32 -6.20 53.59
CA VAL WB 9 1.19 -5.32 53.38
C VAL WB 9 1.10 -4.91 51.91
N ASN WB 10 2.24 -4.58 51.29
CA ASN WB 10 2.21 -4.18 49.89
C ASN WB 10 1.76 -5.35 49.02
N ALA WB 11 2.24 -6.54 49.34
CA ALA WB 11 1.86 -7.75 48.60
C ALA WB 11 0.35 -7.99 48.73
N ASP WB 12 -0.19 -7.85 49.94
CA ASP WB 12 -1.59 -8.12 50.17
C ASP WB 12 -2.46 -7.14 49.39
N ALA WB 13 -2.05 -5.88 49.32
CA ALA WB 13 -2.77 -4.88 48.53
C ALA WB 13 -2.81 -5.30 47.07
N GLU WB 14 -1.66 -5.77 46.56
CA GLU WB 14 -1.58 -6.24 45.19
C GLU WB 14 -2.23 -7.62 45.03
N ALA WB 15 -2.49 -8.29 46.15
CA ALA WB 15 -3.10 -9.61 46.15
C ALA WB 15 -2.20 -10.64 45.47
N ARG WB 16 -0.89 -10.51 45.69
CA ARG WB 16 0.10 -11.36 45.05
C ARG WB 16 1.04 -11.93 46.11
N TYR WB 17 1.75 -13.01 45.77
CA TYR WB 17 2.83 -13.53 46.59
C TYR WB 17 4.00 -12.56 46.53
N LEU WB 18 4.88 -12.61 47.55
CA LEU WB 18 5.95 -11.63 47.67
C LEU WB 18 6.88 -11.75 46.47
N SER WB 19 7.25 -10.59 45.93
CA SER WB 19 8.14 -10.51 44.78
C SER WB 19 9.55 -10.92 45.19
N PRO WB 20 10.38 -11.43 44.26
CA PRO WB 20 11.74 -11.86 44.61
C PRO WB 20 12.55 -10.71 45.20
N GLY WB 21 12.45 -9.54 44.55
CA GLY WB 21 13.11 -8.33 44.98
C GLY WB 21 12.70 -7.96 46.41
N GLU WB 22 11.40 -8.03 46.70
CA GLU WB 22 10.87 -7.75 48.02
C GLU WB 22 11.46 -8.75 49.02
N LEU WB 23 11.51 -10.03 48.62
CA LEU WB 23 12.06 -11.07 49.46
C LEU WB 23 13.54 -10.79 49.76
N ASP WB 24 14.27 -10.30 48.76
CA ASP WB 24 15.69 -10.01 48.92
C ASP WB 24 15.89 -8.92 49.96
N ARG WB 25 15.04 -7.90 49.92
CA ARG WB 25 15.12 -6.80 50.87
C ARG WB 25 14.88 -7.32 52.28
N ILE WB 26 13.98 -8.29 52.43
CA ILE WB 26 13.72 -8.89 53.74
C ILE WB 26 14.98 -9.59 54.23
N LYS WB 27 15.64 -10.31 53.33
CA LYS WB 27 16.86 -11.03 53.66
C LYS WB 27 17.92 -10.05 54.16
N SER WB 28 18.07 -8.92 53.46
CA SER WB 28 19.07 -7.93 53.81
C SER WB 28 18.76 -7.40 55.21
N PHE WB 29 17.48 -7.15 55.48
CA PHE WB 29 17.05 -6.56 56.75
C PHE WB 29 17.41 -7.50 57.90
N VAL WB 30 17.18 -8.81 57.74
CA VAL WB 30 17.40 -9.74 58.84
C VAL WB 30 18.91 -9.79 59.15
N ALA WB 31 19.74 -9.71 58.12
CA ALA WB 31 21.19 -9.63 58.32
C ALA WB 31 21.59 -8.36 59.06
N SER WB 32 20.97 -7.23 58.68
CA SER WB 32 21.28 -5.94 59.27
C SER WB 32 20.86 -5.87 60.74
N GLY WB 33 19.83 -6.65 61.11
CA GLY WB 33 19.20 -6.54 62.41
C GLY WB 33 20.20 -6.61 63.60
N GLU WB 34 21.12 -7.54 63.57
CA GLU WB 34 22.11 -7.72 64.62
C GLU WB 34 22.93 -6.45 64.86
N ARG WB 35 23.40 -5.82 63.79
CA ARG WB 35 24.06 -4.53 63.88
C ARG WB 35 23.11 -3.50 64.48
N ARG WB 36 21.85 -3.50 64.02
CA ARG WB 36 20.87 -2.54 64.51
C ARG WB 36 20.69 -2.73 66.02
N LEU WB 37 20.66 -3.99 66.50
CA LEU WB 37 20.44 -4.25 67.90
C LEU WB 37 21.54 -3.62 68.74
N ARG WB 38 22.78 -3.70 68.28
CA ARG WB 38 23.92 -3.11 68.97
C ARG WB 38 23.76 -1.59 69.06
N ILE WB 39 23.36 -0.96 67.97
CA ILE WB 39 23.16 0.49 67.96
C ILE WB 39 22.13 0.87 69.01
N ALA WB 40 21.03 0.13 69.06
CA ALA WB 40 19.96 0.36 70.02
C ALA WB 40 20.48 0.19 71.45
N GLN WB 41 21.29 -0.85 71.65
CA GLN WB 41 21.82 -1.18 72.97
C GLN WB 41 22.67 0.00 73.47
N THR WB 42 23.49 0.56 72.59
CA THR WB 42 24.36 1.67 72.93
C THR WB 42 23.53 2.83 73.49
N LEU WB 43 22.47 3.21 72.77
CA LEU WB 43 21.64 4.34 73.17
C LEU WB 43 20.93 4.05 74.48
N THR WB 44 20.49 2.80 74.68
CA THR WB 44 19.81 2.42 75.90
C THR WB 44 20.72 2.66 77.11
N GLU WB 45 21.99 2.27 76.99
CA GLU WB 45 22.93 2.40 78.09
C GLU WB 45 23.17 3.86 78.42
N ALA WB 46 23.25 4.70 77.36
CA ALA WB 46 23.53 6.11 77.52
C ALA WB 46 22.23 6.92 77.74
N ARG WB 47 21.10 6.22 77.89
CA ARG WB 47 19.81 6.87 77.86
C ARG WB 47 19.73 7.97 78.91
N GLU WB 48 20.04 7.64 80.16
CA GLU WB 48 19.90 8.55 81.31
C GLU WB 48 20.65 9.84 81.06
N ARG WB 49 21.90 9.75 80.58
CA ARG WB 49 22.70 10.92 80.33
C ARG WB 49 22.17 11.70 79.12
N ILE WB 50 21.71 11.00 78.08
CA ILE WB 50 21.22 11.68 76.89
C ILE WB 50 20.05 12.59 77.29
N VAL WB 51 19.12 12.02 78.07
CA VAL WB 51 17.94 12.77 78.46
C VAL WB 51 18.36 13.99 79.26
N LYS WB 52 19.24 13.79 80.24
CA LYS WB 52 19.67 14.86 81.13
C LYS WB 52 20.29 15.99 80.31
N GLN WB 53 21.26 15.65 79.46
CA GLN WB 53 21.97 16.65 78.68
C GLN WB 53 21.00 17.41 77.77
N ALA WB 54 20.09 16.66 77.11
CA ALA WB 54 19.17 17.27 76.18
C ALA WB 54 18.23 18.24 76.89
N GLY WB 55 17.77 17.83 78.09
CA GLY WB 55 16.89 18.65 78.89
C GLY WB 55 17.52 20.02 79.16
N ASP WB 56 18.77 20.00 79.63
CA ASP WB 56 19.50 21.20 79.98
C ASP WB 56 19.61 22.11 78.75
N GLN WB 57 19.98 21.51 77.61
CA GLN WB 57 20.12 22.26 76.38
C GLN WB 57 18.77 22.93 76.04
N LEU WB 58 17.69 22.15 76.14
CA LEU WB 58 16.37 22.66 75.81
C LEU WB 58 16.01 23.84 76.69
N PHE WB 59 16.26 23.71 77.99
CA PHE WB 59 15.89 24.75 78.94
C PHE WB 59 16.72 26.00 78.69
N GLN WB 60 17.99 25.84 78.30
CA GLN WB 60 18.81 26.98 77.93
C GLN WB 60 18.22 27.62 76.65
N LYS WB 61 17.86 26.79 75.66
CA LYS WB 61 17.36 27.28 74.39
C LYS WB 61 16.02 28.02 74.62
N ARG WB 62 15.17 27.46 75.51
CA ARG WB 62 13.86 28.02 75.78
C ARG WB 62 13.72 28.32 77.27
N PRO WB 63 14.11 29.52 77.74
CA PRO WB 63 13.91 29.87 79.14
C PRO WB 63 12.42 29.85 79.50
N ASP WB 64 11.56 30.21 78.52
CA ASP WB 64 10.14 30.46 78.77
C ASP WB 64 9.47 29.19 79.29
N VAL WB 65 9.81 28.02 78.74
CA VAL WB 65 9.08 26.80 79.09
C VAL WB 65 9.20 26.57 80.60
N VAL WB 66 10.39 26.75 81.16
CA VAL WB 66 10.59 26.69 82.60
C VAL WB 66 10.54 28.12 83.16
N SER WB 67 9.36 28.73 83.08
CA SER WB 67 9.10 30.05 83.65
C SER WB 67 7.67 29.99 84.19
N PRO WB 68 7.26 30.90 85.11
CA PRO WB 68 5.98 30.73 85.80
C PRO WB 68 4.80 30.56 84.84
N GLY WB 69 4.83 31.32 83.74
CA GLY WB 69 3.86 31.15 82.68
C GLY WB 69 3.95 29.77 82.01
N GLY WB 70 5.19 29.31 81.77
CA GLY WB 70 5.47 28.15 80.94
C GLY WB 70 4.97 26.84 81.56
N ASN WB 71 4.73 25.86 80.68
CA ASN WB 71 4.14 24.58 81.05
C ASN WB 71 5.11 23.79 81.93
N ALA WB 72 6.40 23.86 81.56
CA ALA WB 72 7.42 23.04 82.18
C ALA WB 72 7.71 23.49 83.60
N TYR WB 73 7.33 24.72 83.97
CA TYR WB 73 7.74 25.33 85.23
C TYR WB 73 7.24 24.55 86.44
N GLY WB 74 8.11 24.47 87.46
CA GLY WB 74 7.85 23.68 88.66
C GLY WB 74 8.48 22.30 88.56
N GLU WB 75 8.82 21.70 89.71
CA GLU WB 75 9.50 20.40 89.75
C GLU WB 75 8.64 19.33 89.12
N LYS WB 76 7.36 19.25 89.51
CA LYS WB 76 6.47 18.21 88.98
C LYS WB 76 6.49 18.30 87.46
N MET WB 77 6.26 19.51 86.95
CA MET WB 77 6.16 19.74 85.52
C MET WB 77 7.48 19.45 84.83
N THR WB 78 8.60 19.85 85.44
CA THR WB 78 9.89 19.64 84.81
C THR WB 78 10.16 18.15 84.69
N ALA WB 79 9.79 17.39 85.73
CA ALA WB 79 9.95 15.94 85.70
C ALA WB 79 9.16 15.34 84.52
N LEU WB 80 7.91 15.80 84.35
CA LEU WB 80 7.05 15.32 83.28
C LEU WB 80 7.67 15.62 81.93
N CYS WB 81 8.25 16.81 81.77
CA CYS WB 81 8.89 17.17 80.52
C CYS WB 81 10.06 16.24 80.24
N LEU WB 82 10.82 15.88 81.28
CA LEU WB 82 11.94 14.97 81.10
C LEU WB 82 11.43 13.56 80.81
N ARG WB 83 10.34 13.17 81.48
CA ARG WB 83 9.74 11.87 81.23
C ARG WB 83 9.34 11.77 79.76
N ASP WB 84 8.78 12.83 79.21
CA ASP WB 84 8.38 12.84 77.81
C ASP WB 84 9.60 12.62 76.92
N LEU WB 85 10.71 13.29 77.24
CA LEU WB 85 11.92 13.12 76.45
C LEU WB 85 12.38 11.67 76.51
N ASP WB 86 12.31 11.09 77.71
CA ASP WB 86 12.68 9.69 77.88
C ASP WB 86 11.81 8.79 77.01
N TYR WB 87 10.49 9.04 77.01
CA TYR WB 87 9.55 8.27 76.19
C TYR WB 87 9.97 8.29 74.74
N TYR WB 88 10.29 9.47 74.22
CA TYR WB 88 10.63 9.58 72.82
C TYR WB 88 11.92 8.82 72.54
N LEU WB 89 12.86 8.82 73.49
CA LEU WB 89 14.09 8.09 73.26
C LEU WB 89 13.82 6.59 73.18
N ARG WB 90 12.96 6.10 74.07
CA ARG WB 90 12.61 4.69 74.07
C ARG WB 90 11.99 4.33 72.72
N LEU WB 91 11.12 5.20 72.21
CA LEU WB 91 10.48 4.95 70.93
C LEU WB 91 11.54 4.88 69.84
N VAL WB 92 12.53 5.78 69.86
CA VAL WB 92 13.57 5.78 68.84
C VAL WB 92 14.30 4.45 68.84
N THR WB 93 14.63 3.93 70.02
CA THR WB 93 15.36 2.67 70.10
C THR WB 93 14.51 1.58 69.45
N TYR WB 94 13.22 1.55 69.77
CA TYR WB 94 12.30 0.56 69.20
C TYR WB 94 12.35 0.65 67.67
N GLY WB 95 12.36 1.88 67.14
CA GLY WB 95 12.40 2.11 65.71
C GLY WB 95 13.64 1.50 65.07
N ILE WB 96 14.81 1.69 65.69
CA ILE WB 96 16.05 1.24 65.11
C ILE WB 96 16.02 -0.28 64.96
N VAL WB 97 15.56 -1.00 65.99
CA VAL WB 97 15.52 -2.44 65.91
C VAL WB 97 14.50 -2.88 64.86
N ALA WB 98 13.36 -2.18 64.77
CA ALA WB 98 12.32 -2.52 63.82
C ALA WB 98 12.77 -2.24 62.37
N GLY WB 99 13.58 -1.20 62.20
CA GLY WB 99 14.01 -0.81 60.87
C GLY WB 99 12.98 0.03 60.16
N ASP WB 100 11.94 0.45 60.90
CA ASP WB 100 10.84 1.23 60.34
C ASP WB 100 10.38 2.25 61.40
N VAL WB 101 9.72 3.29 60.96
CA VAL WB 101 9.23 4.31 61.90
C VAL WB 101 7.85 3.92 62.43
N THR WB 102 7.24 2.90 61.83
CA THR WB 102 5.88 2.54 62.17
C THR WB 102 5.73 2.34 63.68
N PRO WB 103 6.56 1.54 64.37
CA PRO WB 103 6.42 1.37 65.82
C PRO WB 103 6.44 2.71 66.53
N ILE WB 104 7.38 3.57 66.15
CA ILE WB 104 7.49 4.91 66.72
C ILE WB 104 6.19 5.65 66.46
N GLU WB 105 5.71 5.57 65.22
CA GLU WB 105 4.62 6.40 64.74
C GLU WB 105 3.33 6.12 65.51
N GLU WB 106 2.99 4.84 65.69
CA GLU WB 106 1.75 4.49 66.37
C GLU WB 106 1.75 4.98 67.80
N ILE WB 107 2.86 4.81 68.52
CA ILE WB 107 2.89 5.13 69.95
C ILE WB 107 2.97 6.64 70.17
N GLY WB 108 3.68 7.37 69.31
CA GLY WB 108 4.08 8.73 69.64
C GLY WB 108 3.64 9.81 68.66
N ILE WB 109 3.41 9.53 67.37
CA ILE WB 109 3.29 10.64 66.44
C ILE WB 109 1.83 10.85 66.03
N ILE WB 110 0.92 9.93 66.33
CA ILE WB 110 -0.46 10.14 65.88
C ILE WB 110 -1.28 10.67 67.05
N GLY WB 111 -1.87 11.85 66.85
CA GLY WB 111 -2.62 12.51 67.91
C GLY WB 111 -1.70 13.32 68.83
N VAL WB 112 -0.42 13.40 68.50
CA VAL WB 112 0.54 14.09 69.35
C VAL WB 112 0.15 15.57 69.46
N LYS WB 113 -0.22 16.17 68.31
CA LYS WB 113 -0.57 17.57 68.26
C LYS WB 113 -1.72 17.82 69.23
N GLU WB 114 -2.75 16.98 69.13
CA GLU WB 114 -3.96 17.13 69.92
C GLU WB 114 -3.65 17.00 71.41
N MET WB 115 -2.84 16.01 71.77
CA MET WB 115 -2.51 15.77 73.16
C MET WB 115 -1.81 16.99 73.72
N TYR WB 116 -0.78 17.48 73.01
CA TYR WB 116 -0.02 18.59 73.52
C TYR WB 116 -0.85 19.86 73.56
N ASN WB 117 -1.75 20.05 72.59
CA ASN WB 117 -2.59 21.24 72.59
C ASN WB 117 -3.50 21.23 73.82
N SER WB 118 -4.05 20.09 74.20
CA SER WB 118 -4.83 20.05 75.42
C SER WB 118 -3.93 20.39 76.61
N LEU WB 119 -2.73 19.83 76.64
CA LEU WB 119 -1.80 20.09 77.73
C LEU WB 119 -1.37 21.57 77.69
N GLN WB 120 -1.32 22.15 76.49
CA GLN WB 120 -0.91 23.51 76.24
C GLN WB 120 0.60 23.62 76.12
N THR WB 121 1.29 22.47 76.18
CA THR WB 121 2.72 22.42 75.92
C THR WB 121 2.98 22.92 74.49
N PRO WB 122 3.99 23.78 74.25
CA PRO WB 122 4.37 24.18 72.89
C PRO WB 122 5.04 23.04 72.11
N ILE WB 123 4.52 22.76 70.92
CA ILE WB 123 5.02 21.67 70.11
C ILE WB 123 6.42 21.95 69.65
N PRO WB 124 6.77 23.19 69.20
CA PRO WB 124 8.12 23.47 68.72
C PRO WB 124 9.21 23.21 69.76
N ALA WB 125 8.93 23.52 71.01
CA ALA WB 125 9.86 23.26 72.11
C ALA WB 125 10.11 21.77 72.25
N VAL WB 126 9.06 20.97 72.12
CA VAL WB 126 9.18 19.51 72.20
C VAL WB 126 10.12 19.06 71.09
N ALA WB 127 9.95 19.62 69.89
CA ALA WB 127 10.78 19.28 68.75
C ALA WB 127 12.23 19.60 69.03
N GLU WB 128 12.48 20.77 69.66
CA GLU WB 128 13.84 21.20 69.99
C GLU WB 128 14.47 20.17 70.94
N GLY WB 129 13.70 19.71 71.93
CA GLY WB 129 14.18 18.71 72.87
C GLY WB 129 14.63 17.43 72.15
N VAL WB 130 13.85 17.02 71.15
CA VAL WB 130 14.19 15.82 70.40
C VAL WB 130 15.46 16.08 69.59
N ARG WB 131 15.58 17.29 69.02
CA ARG WB 131 16.78 17.66 68.27
C ARG WB 131 17.98 17.60 69.20
N ALA WB 132 17.82 18.15 70.41
CA ALA WB 132 18.88 18.16 71.39
C ALA WB 132 19.31 16.73 71.72
N MET WB 133 18.33 15.83 71.91
CA MET WB 133 18.64 14.45 72.22
C MET WB 133 19.43 13.83 71.08
N LYS WB 134 19.07 14.19 69.84
CA LYS WB 134 19.74 13.63 68.68
C LYS WB 134 21.23 13.97 68.74
N ASN WB 135 21.55 15.24 69.06
CA ASN WB 135 22.92 15.70 69.04
C ASN WB 135 23.75 14.94 70.07
N VAL WB 136 23.19 14.77 71.28
CA VAL WB 136 23.87 14.02 72.32
C VAL WB 136 24.07 12.58 71.86
N ALA WB 137 23.02 11.97 71.33
CA ALA WB 137 23.06 10.58 70.92
C ALA WB 137 24.09 10.38 69.82
N THR WB 138 24.15 11.34 68.87
CA THR WB 138 25.06 11.23 67.74
C THR WB 138 26.50 11.15 68.24
N SER WB 139 26.84 11.99 69.23
CA SER WB 139 28.20 12.06 69.74
C SER WB 139 28.67 10.70 70.28
N LEU WB 140 27.78 10.01 71.02
CA LEU WB 140 28.13 8.74 71.63
C LEU WB 140 28.23 7.65 70.56
N LEU WB 141 27.38 7.76 69.52
CA LEU WB 141 27.35 6.74 68.48
C LEU WB 141 28.52 6.96 67.52
N SER WB 142 28.96 5.82 66.93
CA SER WB 142 29.92 5.90 65.83
C SER WB 142 29.20 6.47 64.61
N GLY WB 143 29.98 7.02 63.66
CA GLY WB 143 29.45 7.86 62.58
C GLY WB 143 28.35 7.17 61.76
N ASP WB 144 28.61 5.97 61.29
CA ASP WB 144 27.65 5.20 60.51
C ASP WB 144 26.45 4.85 61.38
N ASP WB 145 26.70 4.46 62.63
CA ASP WB 145 25.61 4.16 63.58
C ASP WB 145 24.79 5.43 63.79
N ALA WB 146 25.47 6.58 63.92
CA ALA WB 146 24.82 7.86 64.16
C ALA WB 146 23.88 8.20 63.02
N ALA WB 147 24.31 7.95 61.77
CA ALA WB 147 23.50 8.27 60.61
C ALA WB 147 22.19 7.50 60.66
N GLU WB 148 22.28 6.20 60.97
CA GLU WB 148 21.10 5.35 61.11
C GLU WB 148 20.18 5.93 62.17
N ALA WB 149 20.74 6.23 63.35
CA ALA WB 149 19.95 6.77 64.45
C ALA WB 149 19.36 8.12 64.08
N GLY WB 150 20.13 8.92 63.33
CA GLY WB 150 19.70 10.26 62.95
C GLY WB 150 18.37 10.23 62.19
N PHE WB 151 18.23 9.27 61.28
CA PHE WB 151 17.04 9.18 60.45
C PHE WB 151 15.81 9.10 61.34
N TYR WB 152 15.85 8.23 62.35
CA TYR WB 152 14.71 8.04 63.23
C TYR WB 152 14.47 9.34 64.03
N PHE WB 153 15.54 9.96 64.50
CA PHE WB 153 15.42 11.20 65.24
C PHE WB 153 14.82 12.29 64.36
N ASP WB 154 15.26 12.36 63.10
CA ASP WB 154 14.77 13.37 62.18
C ASP WB 154 13.28 13.19 61.93
N TYR WB 155 12.85 11.94 61.79
CA TYR WB 155 11.45 11.64 61.55
C TYR WB 155 10.60 12.23 62.67
N LEU WB 156 11.03 12.02 63.91
CA LEU WB 156 10.30 12.51 65.07
C LEU WB 156 10.18 14.02 64.99
N VAL WB 157 11.29 14.67 64.67
CA VAL WB 157 11.32 16.12 64.60
C VAL WB 157 10.36 16.58 63.50
N GLY WB 158 10.38 15.87 62.36
CA GLY WB 158 9.47 16.18 61.27
C GLY WB 158 8.01 16.01 61.67
N ALA WB 159 7.71 14.92 62.40
CA ALA WB 159 6.36 14.61 62.81
C ALA WB 159 5.78 15.70 63.70
N MET WB 160 6.58 16.17 64.66
CA MET WB 160 6.20 17.21 65.61
C MET WB 160 6.61 18.58 65.05
N GLN WB 161 5.88 19.03 64.05
CA GLN WB 161 6.29 20.16 63.23
C GLN WB 161 5.11 20.41 62.22
N GLN XB 2 0.62 -8.56 62.49
CA GLN XB 2 1.93 -7.94 62.83
C GLN XB 2 3.01 -8.99 62.77
N ASP XB 3 4.11 -8.76 63.41
CA ASP XB 3 5.33 -9.55 63.07
C ASP XB 3 5.92 -9.97 64.40
N ALA XB 4 6.86 -10.92 64.37
CA ALA XB 4 7.54 -11.36 65.58
C ALA XB 4 8.30 -10.20 66.22
N ILE XB 5 9.03 -9.47 65.38
CA ILE XB 5 9.81 -8.33 65.86
C ILE XB 5 8.89 -7.32 66.53
N THR XB 6 7.79 -6.97 65.86
CA THR XB 6 6.87 -5.98 66.44
C THR XB 6 6.20 -6.54 67.69
N ALA XB 7 5.92 -7.84 67.72
CA ALA XB 7 5.31 -8.46 68.90
C ALA XB 7 6.16 -8.29 70.13
N VAL XB 8 7.46 -8.49 69.99
CA VAL XB 8 8.42 -8.29 71.09
C VAL XB 8 8.36 -6.83 71.52
N ILE XB 9 8.44 -5.93 70.55
CA ILE XB 9 8.40 -4.51 70.82
C ILE XB 9 7.13 -4.17 71.60
N ASN XB 10 6.00 -4.68 71.16
CA ASN XB 10 4.72 -4.33 71.75
C ASN XB 10 4.66 -4.81 73.20
N ASN XB 11 5.19 -6.00 73.46
CA ASN XB 11 5.18 -6.55 74.81
C ASN XB 11 5.99 -5.65 75.74
N TYR XB 12 7.14 -5.16 75.24
CA TYR XB 12 7.96 -4.24 76.01
C TYR XB 12 7.27 -2.90 76.21
N ASP XB 13 6.59 -2.42 75.17
CA ASP XB 13 5.94 -1.12 75.24
C ASP XB 13 4.85 -1.11 76.29
N VAL XB 14 4.05 -2.18 76.42
CA VAL XB 14 3.00 -2.20 77.42
C VAL XB 14 3.64 -2.18 78.81
N GLN XB 15 4.78 -2.86 78.96
CA GLN XB 15 5.51 -2.83 80.21
C GLN XB 15 6.15 -1.46 80.41
N GLY XB 16 6.47 -0.79 79.28
CA GLY XB 16 7.14 0.50 79.33
C GLY XB 16 8.65 0.33 79.44
N LYS XB 17 9.10 -0.93 79.42
CA LYS XB 17 10.49 -1.27 79.57
C LYS XB 17 11.26 -0.94 78.27
N TYR XB 18 12.49 -0.45 78.44
CA TYR XB 18 13.43 -0.36 77.33
C TYR XB 18 13.83 -1.76 76.93
N LEU XB 19 14.26 -1.92 75.67
CA LEU XB 19 14.61 -3.21 75.12
C LEU XB 19 15.77 -3.81 75.90
N ASP XB 20 15.65 -5.11 76.22
CA ASP XB 20 16.66 -5.76 77.06
C ASP XB 20 17.28 -6.93 76.26
N GLY XB 21 18.39 -7.43 76.75
CA GLY XB 21 19.11 -8.54 76.13
C GLY XB 21 18.24 -9.77 75.94
N ALA XB 22 17.45 -10.12 76.96
CA ALA XB 22 16.53 -11.24 76.88
C ALA XB 22 15.57 -11.06 75.69
N ALA XB 23 15.01 -9.87 75.57
CA ALA XB 23 14.17 -9.50 74.44
C ALA XB 23 14.99 -9.63 73.13
N LEU XB 24 16.23 -9.14 73.16
CA LEU XB 24 17.09 -9.16 71.99
C LEU XB 24 17.30 -10.60 71.52
N ASP XB 25 17.47 -11.51 72.48
CA ASP XB 25 17.71 -12.92 72.19
C ASP XB 25 16.52 -13.54 71.41
N LYS XB 26 15.31 -13.20 71.82
CA LYS XB 26 14.11 -13.66 71.13
C LYS XB 26 14.13 -13.14 69.69
N LEU XB 27 14.49 -11.86 69.53
CA LEU XB 27 14.56 -11.27 68.21
C LEU XB 27 15.63 -11.98 67.39
N LYS XB 28 16.74 -12.30 68.02
CA LYS XB 28 17.87 -12.96 67.37
C LYS XB 28 17.43 -14.32 66.88
N ALA XB 29 16.68 -15.03 67.72
CA ALA XB 29 16.13 -16.34 67.38
C ALA XB 29 15.34 -16.24 66.07
N TYR XB 30 14.47 -15.23 65.99
CA TYR XB 30 13.65 -15.04 64.80
C TYR XB 30 14.56 -14.82 63.57
N PHE XB 31 15.62 -14.03 63.73
CA PHE XB 31 16.46 -13.65 62.61
C PHE XB 31 17.12 -14.87 61.97
N THR XB 32 17.53 -15.84 62.79
CA THR XB 32 18.12 -17.09 62.29
C THR XB 32 17.08 -17.88 61.49
N THR XB 33 15.84 -17.96 61.99
CA THR XB 33 14.79 -18.73 61.35
C THR XB 33 14.42 -18.07 60.01
N GLY XB 34 14.57 -16.75 59.94
CA GLY XB 34 14.14 -15.94 58.81
C GLY XB 34 14.60 -16.49 57.45
N ALA XB 35 15.87 -16.80 57.33
CA ALA XB 35 16.45 -17.24 56.06
C ALA XB 35 15.72 -18.47 55.52
N VAL XB 36 15.47 -19.44 56.40
CA VAL XB 36 14.74 -20.67 56.07
C VAL XB 36 13.35 -20.30 55.53
N ARG XB 37 12.69 -19.38 56.25
CA ARG XB 37 11.32 -19.00 55.92
C ARG XB 37 11.27 -18.41 54.52
N VAL XB 38 12.23 -17.55 54.18
CA VAL XB 38 12.24 -16.91 52.87
C VAL XB 38 12.32 -17.99 51.79
N ARG XB 39 13.17 -18.98 51.99
CA ARG XB 39 13.32 -20.05 51.00
C ARG XB 39 12.00 -20.79 50.86
N ALA XB 40 11.35 -21.11 51.98
CA ALA XB 40 10.08 -21.83 51.96
C ALA XB 40 9.02 -21.04 51.18
N ALA XB 41 8.96 -19.73 51.42
CA ALA XB 41 7.96 -18.89 50.79
C ALA XB 41 8.11 -18.92 49.27
N ALA XB 42 9.35 -18.87 48.78
CA ALA XB 42 9.61 -18.88 47.35
C ALA XB 42 9.15 -20.20 46.74
N VAL XB 43 9.39 -21.30 47.45
CA VAL XB 43 8.95 -22.61 47.00
C VAL XB 43 7.43 -22.61 46.86
N ILE XB 44 6.74 -22.11 47.88
CA ILE XB 44 5.28 -22.16 47.88
C ILE XB 44 4.74 -21.33 46.72
N SER XB 45 5.29 -20.12 46.51
CA SER XB 45 4.78 -19.23 45.49
C SER XB 45 4.86 -19.89 44.10
N SER XB 46 6.00 -20.55 43.83
CA SER XB 46 6.22 -21.15 42.52
C SER XB 46 5.26 -22.33 42.31
N ASN XB 47 4.96 -23.09 43.37
CA ASN XB 47 4.18 -24.31 43.25
C ASN XB 47 2.73 -24.11 43.69
N ALA XB 48 2.30 -22.86 43.80
CA ALA XB 48 1.01 -22.57 44.41
C ALA XB 48 -0.13 -23.23 43.63
N THR XB 49 -0.13 -23.06 42.30
CA THR XB 49 -1.20 -23.60 41.47
C THR XB 49 -1.28 -25.12 41.69
N THR XB 50 -0.13 -25.79 41.66
CA THR XB 50 -0.08 -27.25 41.81
C THR XB 50 -0.56 -27.64 43.21
N ILE XB 51 -0.13 -26.89 44.22
CA ILE XB 51 -0.49 -27.23 45.59
C ILE XB 51 -2.01 -27.28 45.68
N ILE XB 52 -2.66 -26.28 45.10
CA ILE XB 52 -4.11 -26.19 45.17
C ILE XB 52 -4.71 -27.37 44.42
N LYS XB 53 -4.18 -27.66 43.24
CA LYS XB 53 -4.66 -28.76 42.41
C LYS XB 53 -4.60 -30.08 43.17
N GLU XB 54 -3.45 -30.37 43.78
CA GLU XB 54 -3.26 -31.61 44.50
C GLU XB 54 -4.24 -31.71 45.67
N ALA XB 55 -4.37 -30.62 46.41
CA ALA XB 55 -5.22 -30.62 47.58
C ALA XB 55 -6.69 -30.83 47.17
N ALA XB 56 -7.09 -30.20 46.07
CA ALA XB 56 -8.45 -30.35 45.58
C ALA XB 56 -8.70 -31.81 45.21
N ALA XB 57 -7.73 -32.40 44.52
CA ALA XB 57 -7.78 -33.79 44.10
C ALA XB 57 -7.95 -34.70 45.32
N LYS XB 58 -7.21 -34.40 46.38
CA LYS XB 58 -7.28 -35.18 47.61
C LYS XB 58 -8.65 -35.11 48.27
N ALA XB 59 -9.30 -33.93 48.31
CA ALA XB 59 -10.51 -33.75 49.10
C ALA XB 59 -11.72 -33.31 48.28
N LEU XB 60 -11.58 -32.23 47.53
CA LEU XB 60 -12.72 -31.53 46.98
C LEU XB 60 -13.34 -32.25 45.79
N ILE XB 61 -12.53 -32.67 44.82
CA ILE XB 61 -13.10 -33.23 43.61
C ILE XB 61 -13.43 -34.71 43.84
N TYR XB 62 -14.08 -35.34 42.85
CA TYR XB 62 -14.53 -36.72 42.92
C TYR XB 62 -15.39 -36.95 44.16
N SER XB 63 -16.19 -35.96 44.53
CA SER XB 63 -16.92 -35.96 45.79
C SER XB 63 -18.35 -35.51 45.50
N ASP XB 64 -19.20 -35.64 46.53
CA ASP XB 64 -20.56 -35.15 46.42
C ASP XB 64 -20.59 -33.65 46.17
N LEU XB 65 -19.64 -32.91 46.74
CA LEU XB 65 -19.62 -31.47 46.59
C LEU XB 65 -19.63 -31.09 45.12
N THR XB 66 -18.77 -31.73 44.34
CA THR XB 66 -18.66 -31.43 42.93
C THR XB 66 -19.87 -31.97 42.18
N ARG XB 67 -20.52 -33.03 42.68
CA ARG XB 67 -21.65 -33.62 41.99
C ARG XB 67 -22.84 -32.68 42.13
N PRO XB 68 -23.84 -32.73 41.22
CA PRO XB 68 -25.00 -31.83 41.27
C PRO XB 68 -25.72 -31.91 42.60
N GLY XB 69 -26.10 -30.73 43.12
CA GLY XB 69 -26.68 -30.62 44.45
C GLY XB 69 -25.62 -30.42 45.54
N GLY XB 70 -24.34 -30.42 45.17
CA GLY XB 70 -23.25 -30.21 46.11
C GLY XB 70 -22.84 -28.74 46.13
N MET XB 72 -20.07 -27.24 45.76
CA MET XB 72 -19.08 -26.81 44.78
C MET XB 72 -19.55 -27.13 43.35
N TYR XB 73 -20.79 -27.57 43.21
CA TYR XB 73 -21.38 -27.80 41.90
C TYR XB 73 -21.65 -26.47 41.19
N THR XB 74 -21.56 -26.46 39.85
CA THR XB 74 -21.62 -25.30 38.96
C THR XB 74 -20.24 -24.68 38.86
N THR XB 75 -19.91 -24.09 37.72
CA THR XB 75 -18.57 -23.57 37.52
C THR XB 75 -18.30 -22.43 38.51
N ARG XB 76 -19.30 -21.58 38.71
CA ARG XB 76 -19.14 -20.41 39.55
C ARG XB 76 -18.72 -20.82 40.96
N ARG XB 77 -19.44 -21.77 41.55
CA ARG XB 77 -19.12 -22.26 42.87
C ARG XB 77 -17.76 -22.95 42.90
N TYR XB 78 -17.45 -23.74 41.88
CA TYR XB 78 -16.16 -24.43 41.84
C TYR XB 78 -15.05 -23.38 41.88
N ALA XB 79 -15.19 -22.35 41.07
CA ALA XB 79 -14.18 -21.32 40.97
C ALA XB 79 -14.02 -20.59 42.30
N ALA XB 80 -15.14 -20.32 42.98
CA ALA XB 80 -15.12 -19.68 44.29
C ALA XB 80 -14.32 -20.51 45.29
N CYS XB 81 -14.56 -21.82 45.31
CA CYS XB 81 -13.88 -22.67 46.26
C CYS XB 81 -12.37 -22.65 46.03
N ILE XB 82 -11.93 -22.71 44.78
CA ILE XB 82 -10.50 -22.73 44.53
C ILE XB 82 -9.91 -21.35 44.84
N ARG XB 83 -10.69 -20.27 44.66
CA ARG XB 83 -10.23 -18.94 45.03
C ARG XB 83 -10.01 -18.88 46.54
N ASP XB 84 -10.92 -19.46 47.31
CA ASP XB 84 -10.78 -19.45 48.75
C ASP XB 84 -9.51 -20.20 49.15
N MET XB 85 -9.25 -21.33 48.46
CA MET XB 85 -8.10 -22.14 48.77
C MET XB 85 -6.83 -21.33 48.56
N ASP XB 86 -6.78 -20.59 47.46
CA ASP XB 86 -5.65 -19.73 47.16
C ASP XB 86 -5.44 -18.70 48.28
N TYR XB 87 -6.54 -18.08 48.74
CA TYR XB 87 -6.45 -17.11 49.81
C TYR XB 87 -5.72 -17.73 51.00
N PHE XB 88 -6.20 -18.90 51.43
CA PHE XB 88 -5.64 -19.52 52.60
C PHE XB 88 -4.14 -19.72 52.39
N LEU XB 89 -3.76 -20.20 51.22
CA LEU XB 89 -2.36 -20.46 50.95
C LEU XB 89 -1.54 -19.17 51.03
N ARG XB 90 -2.00 -18.11 50.38
CA ARG XB 90 -1.25 -16.86 50.33
C ARG XB 90 -1.06 -16.30 51.74
N TYR XB 91 -2.14 -16.34 52.55
CA TYR XB 91 -2.07 -15.76 53.87
C TYR XB 91 -1.16 -16.59 54.76
N ALA XB 92 -1.23 -17.92 54.63
CA ALA XB 92 -0.37 -18.76 55.42
C ALA XB 92 1.10 -18.46 55.10
N THR XB 93 1.40 -18.26 53.81
CA THR XB 93 2.75 -17.90 53.42
C THR XB 93 3.16 -16.59 54.08
N TYR XB 94 2.26 -15.60 54.08
CA TYR XB 94 2.54 -14.32 54.70
C TYR XB 94 2.84 -14.53 56.18
N ALA XB 95 2.02 -15.35 56.84
CA ALA XB 95 2.16 -15.59 58.27
C ALA XB 95 3.51 -16.25 58.56
N MET XB 96 3.92 -17.18 57.69
CA MET XB 96 5.15 -17.91 57.90
C MET XB 96 6.34 -16.95 57.84
N LEU XB 97 6.35 -16.05 56.85
CA LEU XB 97 7.40 -15.04 56.79
C LEU XB 97 7.36 -14.17 58.04
N ALA XB 98 6.16 -13.73 58.42
CA ALA XB 98 6.02 -12.82 59.55
C ALA XB 98 6.46 -13.48 60.84
N GLY XB 99 6.19 -14.77 60.98
CA GLY XB 99 6.46 -15.48 62.22
C GLY XB 99 5.36 -15.22 63.26
N ASP XB 100 4.22 -14.66 62.83
CA ASP XB 100 3.14 -14.35 63.73
C ASP XB 100 1.82 -14.81 63.15
N PRO XB 101 0.92 -15.40 63.98
CA PRO XB 101 -0.42 -15.78 63.51
C PRO XB 101 -1.45 -14.66 63.40
N SER XB 102 -1.10 -13.46 63.85
CA SER XB 102 -2.05 -12.36 63.98
C SER XB 102 -2.68 -12.00 62.63
N ILE XB 103 -1.87 -11.94 61.57
CA ILE XB 103 -2.39 -11.54 60.28
C ILE XB 103 -3.55 -12.45 59.87
N LEU XB 104 -3.43 -13.74 60.18
CA LEU XB 104 -4.48 -14.69 59.84
C LEU XB 104 -5.77 -14.27 60.55
N ASP XB 105 -5.66 -13.92 61.85
CA ASP XB 105 -6.82 -13.49 62.59
C ASP XB 105 -7.43 -12.22 62.02
N GLU XB 106 -6.59 -11.24 61.68
CA GLU XB 106 -7.05 -9.93 61.25
C GLU XB 106 -7.73 -10.00 59.89
N ARG XB 107 -7.20 -10.78 58.94
CA ARG XB 107 -7.76 -10.83 57.60
C ARG XB 107 -8.64 -12.06 57.37
N VAL XB 108 -8.07 -13.23 57.52
CA VAL XB 108 -8.73 -14.43 57.03
C VAL XB 108 -9.78 -14.89 58.05
N LEU XB 109 -9.37 -14.98 59.32
CA LEU XB 109 -10.20 -15.68 60.28
C LEU XB 109 -11.43 -14.86 60.66
N ASN XB 110 -11.34 -13.53 60.59
CA ASN XB 110 -12.38 -12.67 61.14
C ASN XB 110 -13.60 -12.63 60.24
N GLY XB 111 -14.75 -13.06 60.80
CA GLY XB 111 -16.00 -13.04 60.05
C GLY XB 111 -16.16 -14.18 59.05
N LEU XB 112 -15.18 -15.10 58.93
CA LEU XB 112 -15.29 -16.10 57.90
C LEU XB 112 -16.38 -17.10 58.25
N LYS XB 113 -16.45 -17.50 59.50
CA LYS XB 113 -17.41 -18.51 59.96
C LYS XB 113 -18.82 -18.02 59.64
N GLU XB 114 -19.09 -16.76 59.99
CA GLU XB 114 -20.40 -16.17 59.80
C GLU XB 114 -20.73 -16.10 58.30
N THR XB 115 -19.77 -15.67 57.49
CA THR XB 115 -19.96 -15.60 56.05
C THR XB 115 -20.31 -16.98 55.52
N TYR XB 116 -19.55 -17.98 55.92
CA TYR XB 116 -19.74 -19.33 55.42
C TYR XB 116 -21.11 -19.85 55.83
N ASN XB 117 -21.54 -19.56 57.06
CA ASN XB 117 -22.84 -20.05 57.50
C ASN XB 117 -23.97 -19.42 56.67
N SER XB 118 -23.89 -18.13 56.39
CA SER XB 118 -24.88 -17.51 55.54
C SER XB 118 -24.84 -18.12 54.13
N LEU XB 119 -23.64 -18.34 53.61
CA LEU XB 119 -23.50 -18.88 52.27
C LEU XB 119 -23.99 -20.33 52.22
N GLY XB 120 -23.84 -21.06 53.33
CA GLY XB 120 -24.11 -22.48 53.36
C GLY XB 120 -22.91 -23.32 52.92
N VAL XB 121 -21.75 -22.68 52.76
CA VAL XB 121 -20.51 -23.40 52.54
C VAL XB 121 -20.23 -24.31 53.72
N PRO XB 122 -19.84 -25.58 53.54
CA PRO XB 122 -19.49 -26.47 54.66
C PRO XB 122 -18.10 -26.25 55.25
N ILE XB 123 -18.06 -25.88 56.53
CA ILE XB 123 -16.81 -25.52 57.17
C ILE XB 123 -15.87 -26.73 57.26
N ALA XB 124 -16.41 -27.88 57.64
CA ALA XB 124 -15.58 -29.05 57.86
C ALA XB 124 -14.85 -29.47 56.58
N ALA XB 125 -15.55 -29.41 55.44
CA ALA XB 125 -14.93 -29.71 54.16
C ALA XB 125 -13.81 -28.72 53.84
N THR XB 126 -14.03 -27.44 54.15
CA THR XB 126 -13.04 -26.40 53.92
C THR XB 126 -11.81 -26.70 54.77
N VAL XB 127 -12.04 -27.07 56.03
CA VAL XB 127 -10.97 -27.38 56.94
C VAL XB 127 -10.16 -28.55 56.37
N GLY XB 128 -10.88 -29.58 55.89
CA GLY XB 128 -10.26 -30.72 55.22
C GLY XB 128 -9.31 -30.31 54.09
N GLY XB 129 -9.78 -29.37 53.25
CA GLY XB 129 -8.99 -28.83 52.17
C GLY XB 129 -7.73 -28.12 52.67
N ILE XB 130 -7.85 -27.38 53.77
CA ILE XB 130 -6.71 -26.66 54.33
C ILE XB 130 -5.66 -27.69 54.79
N GLN XB 131 -6.13 -28.75 55.47
CA GLN XB 131 -5.26 -29.79 55.97
C GLN XB 131 -4.55 -30.48 54.80
N ALA XB 132 -5.29 -30.73 53.72
CA ALA XB 132 -4.71 -31.32 52.53
C ALA XB 132 -3.60 -30.42 51.97
N MET XB 133 -3.86 -29.10 51.90
CA MET XB 133 -2.85 -28.20 51.38
C MET XB 133 -1.61 -28.27 52.23
N LYS XB 134 -1.81 -28.37 53.55
CA LYS XB 134 -0.69 -28.41 54.48
C LYS XB 134 0.23 -29.58 54.15
N GLU XB 135 -0.38 -30.75 53.94
CA GLU XB 135 0.37 -31.96 53.64
C GLU XB 135 1.20 -31.79 52.36
N VAL XB 136 0.58 -31.27 51.31
CA VAL XB 136 1.28 -31.03 50.05
C VAL XB 136 2.42 -30.03 50.27
N VAL XB 137 2.13 -28.96 51.02
CA VAL XB 137 3.10 -27.89 51.24
C VAL XB 137 4.30 -28.49 51.98
N GLY XB 138 4.01 -29.32 52.99
CA GLY XB 138 5.05 -29.92 53.82
C GLY XB 138 6.11 -30.62 52.98
N GLY XB 139 5.67 -31.42 52.01
CA GLY XB 139 6.55 -32.10 51.08
C GLY XB 139 7.48 -31.13 50.36
N LEU XB 140 6.92 -30.10 49.72
CA LEU XB 140 7.68 -29.20 48.87
C LEU XB 140 8.69 -28.41 49.68
N VAL XB 141 8.28 -27.92 50.86
CA VAL XB 141 9.11 -27.00 51.62
C VAL XB 141 10.29 -27.77 52.21
N GLY XB 142 10.06 -29.03 52.56
CA GLY XB 142 11.06 -29.84 53.25
C GLY XB 142 10.86 -29.77 54.76
N PRO XB 143 11.47 -30.70 55.55
CA PRO XB 143 11.11 -30.90 56.96
C PRO XB 143 11.25 -29.71 57.93
N ASP XB 144 12.39 -29.03 57.90
CA ASP XB 144 12.64 -27.89 58.78
C ASP XB 144 11.58 -26.81 58.55
N ALA XB 145 11.34 -26.50 57.28
CA ALA XB 145 10.36 -25.50 56.88
C ALA XB 145 8.94 -25.99 57.21
N ALA XB 146 8.71 -27.30 57.06
CA ALA XB 146 7.38 -27.87 57.21
C ALA XB 146 6.82 -27.59 58.60
N LYS XB 147 7.64 -27.73 59.65
CA LYS XB 147 7.15 -27.54 61.01
C LYS XB 147 6.59 -26.12 61.15
N GLU XB 148 7.36 -25.13 60.66
CA GLU XB 148 6.96 -23.74 60.72
C GLU XB 148 5.68 -23.53 59.90
N ALA XB 149 5.65 -24.08 58.68
CA ALA XB 149 4.50 -23.93 57.81
C ALA XB 149 3.25 -24.55 58.44
N SER XB 150 3.41 -25.71 59.09
CA SER XB 150 2.27 -26.47 59.60
C SER XB 150 1.49 -25.66 60.63
N ILE XB 151 2.19 -24.91 61.50
CA ILE XB 151 1.51 -24.26 62.61
C ILE XB 151 0.48 -23.26 62.08
N TYR XB 152 0.83 -22.52 61.00
CA TYR XB 152 -0.08 -21.52 60.47
C TYR XB 152 -1.28 -22.19 59.81
N PHE XB 153 -1.04 -23.29 59.08
CA PHE XB 153 -2.14 -24.04 58.49
C PHE XB 153 -3.08 -24.55 59.58
N ASP XB 154 -2.51 -25.05 60.67
CA ASP XB 154 -3.31 -25.58 61.77
C ASP XB 154 -4.12 -24.46 62.42
N TYR XB 155 -3.49 -23.27 62.51
CA TYR XB 155 -4.15 -22.12 63.10
C TYR XB 155 -5.39 -21.74 62.31
N LEU XB 156 -5.26 -21.71 60.97
CA LEU XB 156 -6.39 -21.43 60.10
C LEU XB 156 -7.49 -22.46 60.35
N SER XB 157 -7.10 -23.73 60.40
CA SER XB 157 -8.06 -24.82 60.53
C SER XB 157 -8.84 -24.68 61.84
N SER XB 158 -8.12 -24.41 62.92
CA SER XB 158 -8.72 -24.28 64.24
C SER XB 158 -9.70 -23.10 64.28
N GLY XB 159 -9.33 -21.98 63.64
CA GLY XB 159 -10.18 -20.82 63.60
C GLY XB 159 -11.50 -21.10 62.90
N LEU XB 160 -11.39 -21.76 61.72
CA LEU XB 160 -12.54 -22.07 60.87
C LEU XB 160 -13.46 -23.04 61.64
N SER YB 2 -35.79 -17.01 32.05
CA SER YB 2 -36.50 -16.92 30.76
C SER YB 2 -36.88 -15.50 30.40
N VAL YB 3 -37.34 -15.24 29.21
CA VAL YB 3 -37.82 -13.99 28.70
C VAL YB 3 -38.74 -13.28 29.67
N LEU YB 4 -39.63 -13.99 30.29
CA LEU YB 4 -40.60 -13.41 31.19
C LEU YB 4 -39.87 -12.81 32.40
N THR YB 5 -38.94 -13.55 32.96
CA THR YB 5 -38.15 -13.08 34.10
C THR YB 5 -37.45 -11.77 33.74
N LYS YB 6 -36.85 -11.76 32.55
CA LYS YB 6 -36.14 -10.57 32.07
C LYS YB 6 -37.08 -9.37 32.05
N ALA YB 7 -38.28 -9.54 31.50
CA ALA YB 7 -39.26 -8.46 31.38
C ALA YB 7 -39.64 -7.93 32.77
N ILE YB 8 -39.93 -8.84 33.69
CA ILE YB 8 -40.32 -8.47 35.04
C ILE YB 8 -39.19 -7.66 35.70
N VAL YB 9 -37.97 -8.13 35.54
CA VAL YB 9 -36.82 -7.50 36.15
C VAL YB 9 -36.66 -6.07 35.64
N ASN YB 10 -36.85 -5.84 34.34
CA ASN YB 10 -36.72 -4.49 33.81
C ASN YB 10 -37.79 -3.59 34.40
N ALA YB 11 -39.02 -4.12 34.51
CA ALA YB 11 -40.11 -3.36 35.09
C ALA YB 11 -39.82 -3.00 36.54
N ASP YB 12 -39.30 -3.95 37.31
CA ASP YB 12 -39.04 -3.73 38.73
C ASP YB 12 -37.98 -2.65 38.90
N ALA YB 13 -36.95 -2.66 38.05
CA ALA YB 13 -35.92 -1.63 38.10
C ALA YB 13 -36.54 -0.26 37.87
N GLU YB 14 -37.45 -0.16 36.89
CA GLU YB 14 -38.12 1.07 36.60
C GLU YB 14 -39.20 1.37 37.65
N ALA YB 15 -39.57 0.35 38.44
CA ALA YB 15 -40.61 0.49 39.44
C ALA YB 15 -41.96 0.81 38.80
N ARG YB 16 -42.22 0.19 37.64
CA ARG YB 16 -43.42 0.46 36.85
C ARG YB 16 -44.09 -0.83 36.48
N TYR YB 17 -45.40 -0.80 36.20
CA TYR YB 17 -46.12 -1.97 35.69
C TYR YB 17 -45.61 -2.31 34.30
N LEU YB 18 -45.80 -3.55 33.86
CA LEU YB 18 -45.27 -3.98 32.56
C LEU YB 18 -45.92 -3.18 31.46
N SER YB 19 -45.08 -2.69 30.52
CA SER YB 19 -45.54 -1.96 29.35
C SER YB 19 -46.30 -2.89 28.42
N PRO YB 20 -47.21 -2.36 27.58
CA PRO YB 20 -47.97 -3.19 26.63
C PRO YB 20 -47.05 -3.99 25.70
N GLY YB 21 -46.03 -3.30 25.18
CA GLY YB 21 -45.02 -3.92 24.32
C GLY YB 21 -44.33 -5.09 25.02
N GLU YB 22 -43.94 -4.89 26.27
CA GLU YB 22 -43.32 -5.92 27.09
C GLU YB 22 -44.29 -7.09 27.26
N LEU YB 23 -45.56 -6.77 27.52
CA LEU YB 23 -46.59 -7.78 27.69
C LEU YB 23 -46.74 -8.60 26.40
N ASP YB 24 -46.67 -7.92 25.25
CA ASP YB 24 -46.83 -8.57 23.96
C ASP YB 24 -45.71 -9.59 23.75
N ARG YB 25 -44.49 -9.23 24.12
CA ARG YB 25 -43.35 -10.10 23.98
C ARG YB 25 -43.55 -11.36 24.84
N ILE YB 26 -44.15 -11.18 26.03
CA ILE YB 26 -44.42 -12.31 26.90
C ILE YB 26 -45.41 -13.25 26.21
N LYS YB 27 -46.44 -12.66 25.58
CA LYS YB 27 -47.45 -13.44 24.89
C LYS YB 27 -46.80 -14.26 23.79
N SER YB 28 -45.91 -13.63 23.02
CA SER YB 28 -45.27 -14.31 21.89
C SER YB 28 -44.47 -15.49 22.43
N PHE YB 29 -43.76 -15.28 23.55
CA PHE YB 29 -42.89 -16.30 24.10
C PHE YB 29 -43.71 -17.52 24.54
N VAL YB 30 -44.88 -17.31 25.16
CA VAL YB 30 -45.66 -18.42 25.67
C VAL YB 30 -46.19 -19.25 24.50
N ALA YB 31 -46.54 -18.59 23.40
CA ALA YB 31 -46.95 -19.29 22.18
C ALA YB 31 -45.81 -20.11 21.61
N SER YB 32 -44.60 -19.54 21.60
CA SER YB 32 -43.42 -20.20 21.05
C SER YB 32 -43.03 -21.42 21.89
N GLY YB 33 -43.33 -21.38 23.19
CA GLY YB 33 -42.83 -22.34 24.16
C GLY YB 33 -43.13 -23.78 23.77
N GLU YB 34 -44.33 -24.09 23.33
CA GLU YB 34 -44.73 -25.43 22.94
C GLU YB 34 -43.82 -25.99 21.85
N ARG YB 35 -43.54 -25.21 20.82
CA ARG YB 35 -42.59 -25.58 19.78
C ARG YB 35 -41.22 -25.82 20.42
N ARG YB 36 -40.81 -24.91 21.33
CA ARG YB 36 -39.52 -25.02 21.97
C ARG YB 36 -39.43 -26.35 22.74
N LEU YB 37 -40.52 -26.71 23.43
CA LEU YB 37 -40.52 -27.92 24.25
C LEU YB 37 -40.26 -29.14 23.38
N ARG YB 38 -40.86 -29.19 22.21
CA ARG YB 38 -40.69 -30.30 21.27
C ARG YB 38 -39.21 -30.41 20.86
N ILE YB 39 -38.59 -29.26 20.53
CA ILE YB 39 -37.19 -29.27 20.13
C ILE YB 39 -36.33 -29.86 21.24
N ALA YB 40 -36.60 -29.42 22.47
CA ALA YB 40 -35.85 -29.89 23.63
C ALA YB 40 -36.07 -31.39 23.83
N GLN YB 41 -37.31 -31.84 23.63
CA GLN YB 41 -37.66 -33.23 23.85
C GLN YB 41 -36.87 -34.10 22.89
N THR YB 42 -36.78 -33.67 21.62
CA THR YB 42 -36.07 -34.42 20.60
C THR YB 42 -34.63 -34.66 21.04
N LEU YB 43 -33.94 -33.60 21.47
CA LEU YB 43 -32.54 -33.70 21.86
C LEU YB 43 -32.38 -34.61 23.08
N THR YB 44 -33.32 -34.52 24.03
CA THR YB 44 -33.26 -35.34 25.23
C THR YB 44 -33.28 -36.82 24.86
N GLU YB 45 -34.16 -37.20 23.93
CA GLU YB 45 -34.29 -38.59 23.55
C GLU YB 45 -33.01 -39.09 22.88
N ALA YB 46 -32.41 -38.22 22.06
CA ALA YB 46 -31.23 -38.57 21.31
C ALA YB 46 -29.96 -38.28 22.11
N ARG YB 47 -30.11 -37.93 23.39
CA ARG YB 47 -29.01 -37.41 24.17
C ARG YB 47 -27.86 -38.41 24.19
N GLU YB 48 -28.13 -39.66 24.57
CA GLU YB 48 -27.11 -40.69 24.75
C GLU YB 48 -26.25 -40.83 23.50
N ARG YB 49 -26.91 -40.90 22.33
CA ARG YB 49 -26.21 -41.07 21.07
C ARG YB 49 -25.44 -39.79 20.71
N ILE YB 50 -26.01 -38.62 20.97
CA ILE YB 50 -25.34 -37.37 20.61
C ILE YB 50 -24.00 -37.32 21.33
N VAL YB 51 -24.02 -37.62 22.64
CA VAL YB 51 -22.82 -37.53 23.44
C VAL YB 51 -21.79 -38.52 22.88
N LYS YB 52 -22.22 -39.76 22.63
CA LYS YB 52 -21.33 -40.80 22.18
C LYS YB 52 -20.66 -40.39 20.87
N GLN YB 53 -21.47 -39.99 19.89
CA GLN YB 53 -20.95 -39.62 18.58
C GLN YB 53 -19.99 -38.44 18.69
N ALA YB 54 -20.37 -37.43 19.48
CA ALA YB 54 -19.55 -36.23 19.61
C ALA YB 54 -18.20 -36.58 20.24
N GLY YB 55 -18.23 -37.44 21.25
CA GLY YB 55 -17.03 -37.87 21.93
C GLY YB 55 -16.02 -38.46 20.95
N ASP YB 56 -16.50 -39.38 20.11
CA ASP YB 56 -15.69 -40.07 19.14
C ASP YB 56 -15.06 -39.05 18.18
N GLN YB 57 -15.90 -38.13 17.69
CA GLN YB 57 -15.42 -37.10 16.78
C GLN YB 57 -14.31 -36.29 17.45
N LEU YB 58 -14.54 -35.90 18.71
CA LEU YB 58 -13.58 -35.08 19.43
C LEU YB 58 -12.26 -35.83 19.55
N PHE YB 59 -12.32 -37.11 19.91
CA PHE YB 59 -11.12 -37.88 20.12
C PHE YB 59 -10.37 -38.06 18.80
N GLN YB 60 -11.09 -38.22 17.70
CA GLN YB 60 -10.45 -38.27 16.39
C GLN YB 60 -9.80 -36.92 16.09
N LYS YB 61 -10.52 -35.82 16.36
CA LYS YB 61 -10.01 -34.49 16.07
C LYS YB 61 -8.77 -34.20 16.91
N ARG YB 62 -8.80 -34.64 18.18
CA ARG YB 62 -7.71 -34.42 19.11
C ARG YB 62 -7.20 -35.73 19.67
N PRO YB 63 -6.25 -36.41 18.99
CA PRO YB 63 -5.69 -37.64 19.56
C PRO YB 63 -5.03 -37.38 20.91
N ASP YB 64 -4.43 -36.20 21.06
CA ASP YB 64 -3.59 -35.85 22.20
C ASP YB 64 -4.37 -35.98 23.51
N VAL YB 65 -5.63 -35.51 23.54
CA VAL YB 65 -6.34 -35.45 24.81
C VAL YB 65 -6.43 -36.86 25.40
N VAL YB 66 -6.72 -37.86 24.58
CA VAL YB 66 -6.71 -39.25 25.01
C VAL YB 66 -5.36 -39.85 24.62
N SER YB 67 -4.31 -39.37 25.27
CA SER YB 67 -2.96 -39.90 25.11
C SER YB 67 -2.32 -39.83 26.49
N PRO YB 68 -1.24 -40.60 26.77
CA PRO YB 68 -0.73 -40.71 28.13
C PRO YB 68 -0.46 -39.35 28.78
N GLY YB 69 0.09 -38.42 27.99
CA GLY YB 69 0.25 -37.05 28.44
C GLY YB 69 -1.09 -36.36 28.73
N GLY YB 70 -2.07 -36.58 27.85
CA GLY YB 70 -3.32 -35.84 27.83
C GLY YB 70 -4.20 -36.10 29.05
N ASN YB 71 -5.06 -35.11 29.35
CA ASN YB 71 -5.90 -35.11 30.54
C ASN YB 71 -6.94 -36.21 30.46
N ALA YB 72 -7.48 -36.40 29.25
CA ALA YB 72 -8.60 -37.29 29.03
C ALA YB 72 -8.17 -38.76 29.14
N TYR YB 73 -6.88 -39.04 29.05
CA TYR YB 73 -6.37 -40.40 28.93
C TYR YB 73 -6.70 -41.24 30.18
N GLY YB 74 -7.04 -42.50 29.93
CA GLY YB 74 -7.47 -43.43 30.97
C GLY YB 74 -9.01 -43.50 31.05
N GLU YB 75 -9.53 -44.61 31.54
CA GLU YB 75 -10.96 -44.88 31.57
C GLU YB 75 -11.67 -43.83 32.44
N LYS YB 76 -11.16 -43.64 33.66
CA LYS YB 76 -11.78 -42.73 34.61
C LYS YB 76 -11.87 -41.35 33.94
N MET YB 77 -10.74 -40.89 33.40
CA MET YB 77 -10.66 -39.57 32.81
C MET YB 77 -11.57 -39.46 31.59
N THR YB 78 -11.61 -40.51 30.76
CA THR YB 78 -12.42 -40.46 29.56
C THR YB 78 -13.89 -40.34 29.94
N ALA YB 79 -14.29 -41.08 30.97
CA ALA YB 79 -15.67 -41.01 31.46
C ALA YB 79 -16.01 -39.58 31.89
N LEU YB 80 -15.09 -38.95 32.64
CA LEU YB 80 -15.31 -37.60 33.11
C LEU YB 80 -15.46 -36.64 31.93
N CYS YB 81 -14.65 -36.82 30.89
CA CYS YB 81 -14.75 -35.96 29.72
C CYS YB 81 -16.12 -36.13 29.07
N LEU YB 82 -16.62 -37.35 29.01
CA LEU YB 82 -17.93 -37.61 28.42
C LEU YB 82 -19.01 -37.05 29.32
N ARG YB 83 -18.83 -37.18 30.63
CA ARG YB 83 -19.79 -36.62 31.59
C ARG YB 83 -19.92 -35.12 31.38
N ASP YB 84 -18.78 -34.45 31.14
CA ASP YB 84 -18.80 -33.01 30.90
C ASP YB 84 -19.62 -32.70 29.67
N LEU YB 85 -19.43 -33.49 28.61
CA LEU YB 85 -20.17 -33.26 27.38
C LEU YB 85 -21.66 -33.42 27.65
N ASP YB 86 -22.01 -34.44 28.44
CA ASP YB 86 -23.40 -34.67 28.79
C ASP YB 86 -23.97 -33.46 29.54
N TYR YB 87 -23.19 -32.92 30.50
CA TYR YB 87 -23.61 -31.76 31.27
C TYR YB 87 -23.95 -30.60 30.35
N TYR YB 88 -23.08 -30.34 29.38
CA TYR YB 88 -23.30 -29.21 28.50
C TYR YB 88 -24.56 -29.44 27.67
N LEU YB 89 -24.82 -30.69 27.26
CA LEU YB 89 -26.00 -30.96 26.48
C LEU YB 89 -27.26 -30.68 27.32
N ARG YB 90 -27.24 -31.12 28.58
CA ARG YB 90 -28.37 -30.89 29.46
C ARG YB 90 -28.62 -29.40 29.59
N LEU YB 91 -27.55 -28.62 29.73
CA LEU YB 91 -27.68 -27.18 29.85
C LEU YB 91 -28.33 -26.62 28.59
N VAL YB 92 -27.91 -27.10 27.41
CA VAL YB 92 -28.46 -26.59 26.17
C VAL YB 92 -29.97 -26.83 26.13
N THR YB 93 -30.41 -28.01 26.53
CA THR YB 93 -31.84 -28.31 26.50
C THR YB 93 -32.58 -27.32 27.40
N TYR YB 94 -32.03 -27.07 28.59
CA TYR YB 94 -32.63 -26.12 29.52
C TYR YB 94 -32.78 -24.76 28.85
N GLY YB 95 -31.74 -24.35 28.12
CA GLY YB 95 -31.74 -23.07 27.42
C GLY YB 95 -32.87 -22.97 26.40
N ILE YB 96 -33.08 -24.03 25.63
CA ILE YB 96 -34.06 -24.00 24.56
C ILE YB 96 -35.45 -23.76 25.17
N VAL YB 97 -35.78 -24.48 26.25
CA VAL YB 97 -37.09 -24.33 26.86
C VAL YB 97 -37.22 -22.92 27.45
N ALA YB 98 -36.14 -22.41 28.06
CA ALA YB 98 -36.17 -21.09 28.66
C ALA YB 98 -36.31 -19.97 27.59
N GLY YB 99 -35.69 -20.21 26.45
CA GLY YB 99 -35.68 -19.20 25.40
C GLY YB 99 -34.57 -18.17 25.62
N ASP YB 100 -33.69 -18.44 26.59
CA ASP YB 100 -32.61 -17.51 26.92
C ASP YB 100 -31.37 -18.32 27.31
N VAL YB 101 -30.21 -17.70 27.24
CA VAL YB 101 -28.98 -18.40 27.58
C VAL YB 101 -28.70 -18.30 29.08
N THR YB 102 -29.47 -17.44 29.78
CA THR YB 102 -29.19 -17.17 31.18
C THR YB 102 -29.12 -18.47 31.98
N PRO YB 103 -30.08 -19.40 31.90
CA PRO YB 103 -30.00 -20.65 32.64
C PRO YB 103 -28.69 -21.39 32.36
N ILE YB 104 -28.34 -21.47 31.08
CA ILE YB 104 -27.09 -22.10 30.65
C ILE YB 104 -25.93 -21.37 31.31
N GLU YB 105 -25.98 -20.04 31.25
CA GLU YB 105 -24.85 -19.21 31.62
C GLU YB 105 -24.49 -19.36 33.10
N GLU YB 106 -25.50 -19.31 33.98
CA GLU YB 106 -25.24 -19.40 35.41
C GLU YB 106 -24.62 -20.75 35.77
N ILE YB 107 -25.12 -21.86 35.20
CA ILE YB 107 -24.66 -23.16 35.62
C ILE YB 107 -23.29 -23.49 35.02
N GLY YB 108 -23.01 -23.04 33.79
CA GLY YB 108 -21.89 -23.57 33.04
C GLY YB 108 -20.83 -22.56 32.60
N ILE YB 109 -21.17 -21.28 32.41
CA ILE YB 109 -20.22 -20.43 31.70
C ILE YB 109 -19.49 -19.49 32.65
N ILE YB 110 -19.90 -19.36 33.92
CA ILE YB 110 -19.20 -18.39 34.76
C ILE YB 110 -18.20 -19.11 35.65
N GLY YB 111 -16.93 -18.72 35.53
CA GLY YB 111 -15.82 -19.34 36.21
C GLY YB 111 -15.34 -20.62 35.51
N VAL YB 112 -15.87 -20.88 34.32
CA VAL YB 112 -15.55 -22.10 33.60
C VAL YB 112 -14.05 -22.14 33.30
N LYS YB 113 -13.50 -21.01 32.85
CA LYS YB 113 -12.08 -20.91 32.52
C LYS YB 113 -11.25 -21.33 33.73
N GLU YB 114 -11.58 -20.74 34.88
CA GLU YB 114 -10.83 -20.95 36.10
C GLU YB 114 -10.90 -22.41 36.53
N MET YB 115 -12.09 -23.00 36.45
CA MET YB 115 -12.28 -24.38 36.85
C MET YB 115 -11.42 -25.29 35.98
N TYR YB 116 -11.50 -25.10 34.66
CA TYR YB 116 -10.77 -25.98 33.76
C TYR YB 116 -9.27 -25.75 33.89
N ASN YB 117 -8.84 -24.51 34.14
CA ASN YB 117 -7.42 -24.26 34.31
C ASN YB 117 -6.88 -25.00 35.53
N SER YB 118 -7.63 -25.02 36.63
CA SER YB 118 -7.19 -25.81 37.77
C SER YB 118 -7.12 -27.28 37.38
N LEU YB 119 -8.14 -27.77 36.67
CA LEU YB 119 -8.17 -29.16 36.25
C LEU YB 119 -7.03 -29.42 35.26
N GLN YB 120 -6.68 -28.39 34.47
CA GLN YB 120 -5.64 -28.46 33.46
C GLN YB 120 -6.21 -28.99 32.14
N THR YB 121 -7.54 -29.22 32.11
CA THR YB 121 -8.22 -29.58 30.88
C THR YB 121 -8.03 -28.45 29.87
N PRO YB 122 -7.70 -28.74 28.58
CA PRO YB 122 -7.63 -27.70 27.56
C PRO YB 122 -9.01 -27.18 27.16
N ILE YB 123 -9.18 -25.85 27.23
CA ILE YB 123 -10.46 -25.23 26.95
C ILE YB 123 -10.83 -25.41 25.49
N PRO YB 124 -9.89 -25.25 24.52
CA PRO YB 124 -10.25 -25.39 23.10
C PRO YB 124 -10.81 -26.77 22.75
N ALA YB 125 -10.27 -27.81 23.35
CA ALA YB 125 -10.74 -29.17 23.13
C ALA YB 125 -12.21 -29.29 23.60
N VAL YB 126 -12.53 -28.68 24.75
CA VAL YB 126 -13.87 -28.70 25.27
C VAL YB 126 -14.80 -28.04 24.26
N ALA YB 127 -14.35 -26.91 23.70
CA ALA YB 127 -15.13 -26.19 22.71
C ALA YB 127 -15.41 -27.05 21.48
N GLU YB 128 -14.39 -27.81 21.05
CA GLU YB 128 -14.51 -28.67 19.90
C GLU YB 128 -15.59 -29.73 20.16
N GLY YB 129 -15.58 -30.30 21.38
CA GLY YB 129 -16.57 -31.28 21.76
C GLY YB 129 -17.99 -30.74 21.66
N VAL YB 130 -18.17 -29.48 22.09
CA VAL YB 130 -19.47 -28.85 22.03
C VAL YB 130 -19.86 -28.65 20.57
N ARG YB 131 -18.89 -28.24 19.74
CA ARG YB 131 -19.14 -28.08 18.31
C ARG YB 131 -19.58 -29.41 17.71
N ALA YB 132 -18.87 -30.48 18.08
CA ALA YB 132 -19.18 -31.81 17.61
C ALA YB 132 -20.61 -32.19 17.99
N MET YB 133 -20.99 -31.92 19.24
CA MET YB 133 -22.33 -32.23 19.70
C MET YB 133 -23.36 -31.48 18.86
N LYS YB 134 -23.03 -30.22 18.52
CA LYS YB 134 -23.94 -29.41 17.74
C LYS YB 134 -24.24 -30.08 16.41
N ASN YB 135 -23.19 -30.58 15.75
CA ASN YB 135 -23.33 -31.17 14.42
C ASN YB 135 -24.23 -32.40 14.49
N VAL YB 136 -24.02 -33.25 15.48
CA VAL YB 136 -24.83 -34.43 15.66
C VAL YB 136 -26.28 -34.00 15.91
N ALA YB 137 -26.47 -33.04 16.81
CA ALA YB 137 -27.80 -32.59 17.20
C ALA YB 137 -28.53 -32.00 15.99
N THR YB 138 -27.79 -31.23 15.17
CA THR YB 138 -28.38 -30.58 14.01
C THR YB 138 -28.96 -31.62 13.06
N SER YB 139 -28.24 -32.71 12.85
CA SER YB 139 -28.67 -33.74 11.91
C SER YB 139 -30.02 -34.33 12.32
N LEU YB 140 -30.21 -34.59 13.62
CA LEU YB 140 -31.45 -35.19 14.10
C LEU YB 140 -32.58 -34.17 14.03
N LEU YB 141 -32.26 -32.89 14.26
CA LEU YB 141 -33.29 -31.86 14.27
C LEU YB 141 -33.67 -31.49 12.84
N SER YB 142 -34.92 -31.05 12.66
CA SER YB 142 -35.33 -30.44 11.41
C SER YB 142 -34.65 -29.07 11.27
N GLY YB 143 -34.53 -28.56 10.04
CA GLY YB 143 -33.72 -27.40 9.73
C GLY YB 143 -34.01 -26.17 10.59
N ASP YB 144 -35.29 -25.78 10.67
CA ASP YB 144 -35.69 -24.64 11.47
C ASP YB 144 -35.43 -24.92 12.96
N ASP YB 145 -35.74 -26.15 13.41
CA ASP YB 145 -35.45 -26.53 14.78
C ASP YB 145 -33.95 -26.46 15.02
N ALA YB 146 -33.17 -26.93 14.04
CA ALA YB 146 -31.72 -26.98 14.15
C ALA YB 146 -31.15 -25.57 14.34
N ALA YB 147 -31.71 -24.59 13.60
CA ALA YB 147 -31.23 -23.22 13.68
C ALA YB 147 -31.40 -22.69 15.11
N GLU YB 148 -32.59 -22.94 15.69
CA GLU YB 148 -32.86 -22.53 17.06
C GLU YB 148 -31.85 -23.17 18.00
N ALA YB 149 -31.66 -24.49 17.87
CA ALA YB 149 -30.74 -25.21 18.73
C ALA YB 149 -29.31 -24.71 18.52
N GLY YB 150 -28.97 -24.39 17.26
CA GLY YB 150 -27.63 -23.94 16.92
C GLY YB 150 -27.21 -22.71 17.74
N PHE YB 151 -28.15 -21.76 17.90
CA PHE YB 151 -27.85 -20.53 18.59
C PHE YB 151 -27.32 -20.84 19.99
N TYR YB 152 -28.02 -21.73 20.71
CA TYR YB 152 -27.62 -22.07 22.07
C TYR YB 152 -26.27 -22.79 22.04
N PHE YB 153 -26.08 -23.69 21.09
CA PHE YB 153 -24.82 -24.39 20.96
C PHE YB 153 -23.68 -23.41 20.68
N ASP YB 154 -23.93 -22.43 19.80
CA ASP YB 154 -22.92 -21.45 19.43
C ASP YB 154 -22.52 -20.62 20.65
N TYR YB 155 -23.51 -20.25 21.47
CA TYR YB 155 -23.26 -19.46 22.66
C TYR YB 155 -22.26 -20.19 23.55
N LEU YB 156 -22.49 -21.48 23.76
CA LEU YB 156 -21.63 -22.30 24.61
C LEU YB 156 -20.21 -22.26 24.06
N VAL YB 157 -20.09 -22.44 22.74
CA VAL YB 157 -18.78 -22.46 22.11
C VAL YB 157 -18.11 -21.11 22.30
N GLY YB 158 -18.89 -20.02 22.15
CA GLY YB 158 -18.36 -18.68 22.36
C GLY YB 158 -17.88 -18.48 23.79
N ALA YB 159 -18.70 -18.96 24.75
CA ALA YB 159 -18.41 -18.79 26.17
C ALA YB 159 -17.09 -19.46 26.55
N MET YB 160 -16.87 -20.69 26.05
CA MET YB 160 -15.68 -21.46 26.29
C MET YB 160 -14.69 -21.22 25.18
N GLN YB 161 -14.05 -20.06 25.28
CA GLN YB 161 -13.09 -19.65 24.26
C GLN YB 161 -11.90 -18.92 24.88
N GLN ZB 2 -37.97 -15.41 40.41
CA GLN ZB 2 -37.78 -16.07 39.07
C GLN ZB 2 -39.12 -16.62 38.60
N ASP ZB 3 -39.16 -17.63 37.79
CA ASP ZB 3 -40.34 -17.84 36.91
C ASP ZB 3 -40.76 -19.30 37.08
N ALA ZB 4 -41.95 -19.65 36.67
CA ALA ZB 4 -42.39 -21.05 36.75
C ALA ZB 4 -41.49 -21.95 35.90
N ILE ZB 5 -41.22 -21.48 34.67
CA ILE ZB 5 -40.37 -22.22 33.76
C ILE ZB 5 -39.00 -22.45 34.40
N THR ZB 6 -38.40 -21.40 34.92
CA THR ZB 6 -37.07 -21.48 35.50
C THR ZB 6 -37.11 -22.34 36.77
N ALA ZB 7 -38.20 -22.26 37.54
CA ALA ZB 7 -38.33 -23.05 38.75
C ALA ZB 7 -38.24 -24.54 38.45
N VAL ZB 8 -38.94 -24.98 37.39
CA VAL ZB 8 -38.90 -26.38 36.97
C VAL ZB 8 -37.46 -26.72 36.58
N ILE ZB 9 -36.85 -25.87 35.77
CA ILE ZB 9 -35.49 -26.10 35.32
C ILE ZB 9 -34.57 -26.25 36.53
N ASN ZB 10 -34.71 -25.37 37.52
CA ASN ZB 10 -33.80 -25.37 38.66
C ASN ZB 10 -33.95 -26.66 39.45
N ASN ZB 11 -35.19 -27.12 39.61
CA ASN ZB 11 -35.46 -28.34 40.37
C ASN ZB 11 -34.77 -29.52 39.67
N TYR ZB 12 -34.84 -29.55 38.35
CA TYR ZB 12 -34.20 -30.59 37.56
C TYR ZB 12 -32.69 -30.49 37.65
N ASP ZB 13 -32.16 -29.26 37.62
CA ASP ZB 13 -30.73 -29.07 37.64
C ASP ZB 13 -30.12 -29.59 38.95
N VAL ZB 14 -30.78 -29.37 40.09
CA VAL ZB 14 -30.22 -29.84 41.35
C VAL ZB 14 -30.22 -31.36 41.34
N GLN ZB 15 -31.26 -31.97 40.74
CA GLN ZB 15 -31.30 -33.41 40.59
C GLN ZB 15 -30.25 -33.86 39.57
N GLY ZB 16 -29.95 -32.98 38.60
CA GLY ZB 16 -29.03 -33.30 37.53
C GLY ZB 16 -29.74 -34.04 36.39
N LYS ZB 17 -31.06 -34.18 36.53
CA LYS ZB 17 -31.89 -34.88 35.57
C LYS ZB 17 -32.09 -34.02 34.33
N TYR ZB 18 -32.10 -34.65 33.16
CA TYR ZB 18 -32.53 -34.01 31.92
C TYR ZB 18 -34.03 -33.76 32.02
N LEU ZB 19 -34.53 -32.73 31.29
CA LEU ZB 19 -35.94 -32.43 31.32
C LEU ZB 19 -36.73 -33.62 30.78
N ASP ZB 20 -37.84 -33.92 31.45
CA ASP ZB 20 -38.63 -35.10 31.13
C ASP ZB 20 -40.07 -34.66 30.82
N GLY ZB 21 -40.85 -35.61 30.28
CA GLY ZB 21 -42.20 -35.33 29.83
C GLY ZB 21 -43.08 -34.75 30.94
N ALA ZB 22 -43.00 -35.33 32.14
CA ALA ZB 22 -43.75 -34.84 33.28
C ALA ZB 22 -43.44 -33.36 33.53
N ALA ZB 23 -42.15 -33.02 33.53
CA ALA ZB 23 -41.71 -31.65 33.63
C ALA ZB 23 -42.28 -30.83 32.47
N LEU ZB 24 -42.22 -31.40 31.25
CA LEU ZB 24 -42.68 -30.70 30.07
C LEU ZB 24 -44.17 -30.35 30.20
N ASP ZB 25 -44.95 -31.29 30.79
CA ASP ZB 25 -46.38 -31.09 30.96
C ASP ZB 25 -46.68 -29.89 31.85
N LYS ZB 26 -45.91 -29.74 32.93
CA LYS ZB 26 -46.05 -28.58 33.81
C LYS ZB 26 -45.76 -27.31 33.02
N LEU ZB 27 -44.73 -27.34 32.21
CA LEU ZB 27 -44.36 -26.17 31.40
C LEU ZB 27 -45.51 -25.87 30.42
N LYS ZB 28 -46.09 -26.94 29.84
CA LYS ZB 28 -47.15 -26.79 28.88
C LYS ZB 28 -48.37 -26.15 29.55
N ALA ZB 29 -48.66 -26.61 30.76
CA ALA ZB 29 -49.76 -26.06 31.55
C ALA ZB 29 -49.60 -24.56 31.70
N TYR ZB 30 -48.39 -24.12 32.05
CA TYR ZB 30 -48.11 -22.70 32.22
C TYR ZB 30 -48.40 -21.95 30.93
N PHE ZB 31 -47.99 -22.52 29.78
CA PHE ZB 31 -48.07 -21.80 28.53
C PHE ZB 31 -49.53 -21.46 28.18
N THR ZB 32 -50.45 -22.40 28.45
CA THR ZB 32 -51.88 -22.16 28.23
C THR ZB 32 -52.40 -21.04 29.13
N THR ZB 33 -51.99 -21.05 30.40
CA THR ZB 33 -52.47 -20.08 31.38
C THR ZB 33 -51.96 -18.68 31.02
N GLY ZB 34 -50.78 -18.63 30.36
CA GLY ZB 34 -50.12 -17.38 30.06
C GLY ZB 34 -51.02 -16.26 29.48
N ALA ZB 35 -51.79 -16.61 28.45
CA ALA ZB 35 -52.59 -15.63 27.74
C ALA ZB 35 -53.56 -14.91 28.69
N VAL ZB 36 -54.22 -15.69 29.56
CA VAL ZB 36 -55.16 -15.17 30.55
C VAL ZB 36 -54.42 -14.17 31.44
N ARG ZB 37 -53.23 -14.58 31.90
CA ARG ZB 37 -52.46 -13.79 32.85
C ARG ZB 37 -52.13 -12.42 32.25
N VAL ZB 38 -51.73 -12.41 30.97
CA VAL ZB 38 -51.35 -11.16 30.34
C VAL ZB 38 -52.53 -10.20 30.35
N ARG ZB 39 -53.73 -10.71 30.04
CA ARG ZB 39 -54.91 -9.87 30.02
C ARG ZB 39 -55.17 -9.32 31.41
N ALA ZB 40 -55.06 -10.17 32.43
CA ALA ZB 40 -55.31 -9.76 33.80
C ALA ZB 40 -54.35 -8.64 34.21
N ALA ZB 41 -53.07 -8.79 33.85
CA ALA ZB 41 -52.05 -7.83 34.24
C ALA ZB 41 -52.38 -6.44 33.68
N ALA ZB 42 -52.83 -6.39 32.42
CA ALA ZB 42 -53.15 -5.11 31.79
C ALA ZB 42 -54.32 -4.44 32.52
N VAL ZB 43 -55.31 -5.25 32.91
CA VAL ZB 43 -56.46 -4.74 33.64
C VAL ZB 43 -55.98 -4.11 34.94
N ILE ZB 44 -55.12 -4.83 35.68
CA ILE ZB 44 -54.69 -4.36 36.98
C ILE ZB 44 -53.92 -3.05 36.83
N SER ZB 45 -53.01 -2.98 35.86
CA SER ZB 45 -52.18 -1.80 35.69
C SER ZB 45 -53.03 -0.55 35.46
N SER ZB 46 -54.07 -0.68 34.62
CA SER ZB 46 -54.92 0.45 34.28
C SER ZB 46 -55.74 0.91 35.49
N ASN ZB 47 -56.17 -0.03 36.33
CA ASN ZB 47 -57.07 0.27 37.43
C ASN ZB 47 -56.34 0.33 38.77
N ALA ZB 48 -55.00 0.43 38.74
CA ALA ZB 48 -54.23 0.28 39.96
C ALA ZB 48 -54.59 1.34 40.99
N THR ZB 49 -54.65 2.61 40.56
CA THR ZB 49 -54.94 3.70 41.48
C THR ZB 49 -56.28 3.45 42.16
N THR ZB 50 -57.31 3.07 41.39
CA THR ZB 50 -58.64 2.84 41.91
C THR ZB 50 -58.63 1.64 42.85
N ILE ZB 51 -57.90 0.58 42.48
CA ILE ZB 51 -57.88 -0.61 43.30
C ILE ZB 51 -57.42 -0.23 44.70
N ILE ZB 52 -56.36 0.57 44.76
CA ILE ZB 52 -55.79 0.96 46.04
C ILE ZB 52 -56.82 1.80 46.81
N LYS ZB 53 -57.46 2.75 46.11
CA LYS ZB 53 -58.46 3.62 46.71
C LYS ZB 53 -59.57 2.80 47.34
N GLU ZB 54 -60.11 1.84 46.58
CA GLU ZB 54 -61.23 1.03 47.04
C GLU ZB 54 -60.81 0.21 48.26
N ALA ZB 55 -59.63 -0.38 48.20
CA ALA ZB 55 -59.16 -1.24 49.28
C ALA ZB 55 -58.97 -0.41 50.55
N ALA ZB 56 -58.42 0.80 50.41
CA ALA ZB 56 -58.21 1.66 51.55
C ALA ZB 56 -59.56 2.00 52.19
N ALA ZB 57 -60.53 2.33 51.33
CA ALA ZB 57 -61.87 2.66 51.77
C ALA ZB 57 -62.50 1.50 52.55
N LYS ZB 58 -62.27 0.27 52.05
CA LYS ZB 58 -62.80 -0.92 52.69
C LYS ZB 58 -62.20 -1.14 54.09
N ALA ZB 59 -60.88 -0.92 54.26
CA ALA ZB 59 -60.21 -1.32 55.50
C ALA ZB 59 -59.53 -0.16 56.22
N LEU ZB 60 -58.69 0.59 55.53
CA LEU ZB 60 -57.77 1.49 56.20
C LEU ZB 60 -58.47 2.76 56.71
N ILE ZB 61 -59.27 3.43 55.86
CA ILE ZB 61 -59.78 4.72 56.25
C ILE ZB 61 -61.02 4.54 57.12
N TYR ZB 62 -61.54 5.66 57.67
CA TYR ZB 62 -62.69 5.67 58.57
C TYR ZB 62 -62.45 4.72 59.74
N SER ZB 63 -61.20 4.66 60.22
CA SER ZB 63 -60.81 3.67 61.20
C SER ZB 63 -59.99 4.35 62.29
N ASP ZB 64 -59.71 3.61 63.35
CA ASP ZB 64 -58.82 4.11 64.40
C ASP ZB 64 -57.44 4.46 63.85
N LEU ZB 65 -56.96 3.68 62.89
CA LEU ZB 65 -55.63 3.91 62.33
C LEU ZB 65 -55.51 5.34 61.83
N THR ZB 66 -56.50 5.79 61.07
CA THR ZB 66 -56.44 7.12 60.53
C THR ZB 66 -56.68 8.16 61.61
N ARG ZB 67 -57.41 7.80 62.70
CA ARG ZB 67 -57.71 8.75 63.75
C ARG ZB 67 -56.43 9.03 64.55
N PRO ZB 68 -56.30 10.20 65.23
CA PRO ZB 68 -55.08 10.53 65.96
C PRO ZB 68 -54.70 9.48 66.98
N GLY ZB 69 -53.40 9.16 67.03
CA GLY ZB 69 -52.92 8.07 67.86
C GLY ZB 69 -52.91 6.72 67.14
N GLY ZB 70 -53.38 6.70 65.89
CA GLY ZB 70 -53.38 5.50 65.07
C GLY ZB 70 -52.13 5.45 64.20
N MET ZB 72 -51.66 5.07 61.08
CA MET ZB 72 -51.71 5.73 59.79
C MET ZB 72 -52.10 7.20 59.94
N TYR ZB 73 -52.15 7.68 61.17
CA TYR ZB 73 -52.38 9.10 61.44
C TYR ZB 73 -51.17 9.93 61.02
N THR ZB 74 -51.41 11.18 60.59
CA THR ZB 74 -50.46 12.13 60.03
C THR ZB 74 -50.33 11.85 58.53
N THR ZB 75 -50.08 12.90 57.74
CA THR ZB 75 -50.04 12.72 56.30
C THR ZB 75 -48.90 11.79 55.91
N ARG ZB 76 -47.76 11.95 56.57
CA ARG ZB 76 -46.56 11.19 56.24
C ARG ZB 76 -46.83 9.69 56.35
N ARG ZB 77 -47.43 9.28 57.47
CA ARG ZB 77 -47.74 7.87 57.67
C ARG ZB 77 -48.80 7.41 56.67
N TYR ZB 78 -49.82 8.24 56.41
CA TYR ZB 78 -50.86 7.85 55.49
C TYR ZB 78 -50.22 7.57 54.12
N ALA ZB 79 -49.35 8.48 53.69
CA ALA ZB 79 -48.72 8.35 52.39
C ALA ZB 79 -47.87 7.08 52.32
N ALA ZB 80 -47.15 6.79 53.41
CA ALA ZB 80 -46.33 5.59 53.48
C ALA ZB 80 -47.19 4.33 53.27
N CYS ZB 81 -48.33 4.28 53.96
CA CYS ZB 81 -49.17 3.10 53.91
C CYS ZB 81 -49.68 2.88 52.48
N ILE ZB 82 -50.10 3.95 51.80
CA ILE ZB 82 -50.62 3.76 50.46
C ILE ZB 82 -49.49 3.39 49.50
N ARG ZB 83 -48.27 3.88 49.77
CA ARG ZB 83 -47.12 3.50 48.97
C ARG ZB 83 -46.87 2.00 49.12
N ASP ZB 84 -46.96 1.49 50.34
CA ASP ZB 84 -46.77 0.07 50.55
C ASP ZB 84 -47.82 -0.74 49.81
N MET ZB 85 -49.05 -0.23 49.80
CA MET ZB 85 -50.15 -0.93 49.15
C MET ZB 85 -49.87 -1.06 47.67
N ASP ZB 86 -49.37 0.02 47.08
CA ASP ZB 86 -48.98 0.02 45.68
C ASP ZB 86 -47.94 -1.06 45.39
N TYR ZB 87 -46.94 -1.14 46.25
CA TYR ZB 87 -45.90 -2.15 46.01
C TYR ZB 87 -46.49 -3.51 46.04
N PHE ZB 88 -47.33 -3.83 47.01
CA PHE ZB 88 -47.90 -5.16 47.08
C PHE ZB 88 -48.62 -5.45 45.77
N LEU ZB 89 -49.38 -4.48 45.27
CA LEU ZB 89 -50.14 -4.71 44.06
C LEU ZB 89 -49.19 -4.97 42.87
N ARG ZB 90 -48.16 -4.14 42.72
CA ARG ZB 90 -47.25 -4.26 41.59
C ARG ZB 90 -46.55 -5.62 41.60
N TYR ZB 91 -46.10 -6.04 42.79
CA TYR ZB 91 -45.35 -7.28 42.88
C TYR ZB 91 -46.28 -8.47 42.64
N ALA ZB 92 -47.52 -8.39 43.13
CA ALA ZB 92 -48.47 -9.47 42.89
C ALA ZB 92 -48.72 -9.61 41.40
N THR ZB 93 -48.83 -8.48 40.69
CA THR ZB 93 -49.02 -8.52 39.25
C THR ZB 93 -47.82 -9.20 38.59
N TYR ZB 94 -46.60 -8.86 39.04
CA TYR ZB 94 -45.40 -9.46 38.50
C TYR ZB 94 -45.46 -10.96 38.73
N ALA ZB 95 -45.83 -11.38 39.94
CA ALA ZB 95 -45.88 -12.79 40.30
C ALA ZB 95 -46.87 -13.53 39.44
N MET ZB 96 -48.02 -12.89 39.17
CA MET ZB 96 -49.05 -13.54 38.38
C MET ZB 96 -48.53 -13.80 36.96
N LEU ZB 97 -47.88 -12.83 36.35
CA LEU ZB 97 -47.29 -13.04 35.04
C LEU ZB 97 -46.25 -14.16 35.11
N ALA ZB 98 -45.39 -14.10 36.13
CA ALA ZB 98 -44.29 -15.05 36.24
C ALA ZB 98 -44.81 -16.44 36.47
N GLY ZB 99 -45.93 -16.59 37.20
CA GLY ZB 99 -46.43 -17.89 37.57
C GLY ZB 99 -45.67 -18.50 38.73
N ASP ZB 100 -44.89 -17.68 39.43
CA ASP ZB 100 -44.03 -18.18 40.50
C ASP ZB 100 -44.16 -17.25 41.71
N PRO ZB 101 -44.24 -17.81 42.93
CA PRO ZB 101 -44.24 -16.99 44.14
C PRO ZB 101 -42.90 -16.43 44.60
N SER ZB 102 -41.80 -16.85 43.96
CA SER ZB 102 -40.46 -16.58 44.43
C SER ZB 102 -40.17 -15.09 44.45
N ILE ZB 103 -40.58 -14.36 43.40
CA ILE ZB 103 -40.30 -12.94 43.34
C ILE ZB 103 -40.84 -12.25 44.59
N LEU ZB 104 -42.01 -12.67 45.06
CA LEU ZB 104 -42.58 -12.07 46.26
C LEU ZB 104 -41.65 -12.29 47.44
N ASP ZB 105 -41.11 -13.48 47.57
CA ASP ZB 105 -40.15 -13.78 48.64
C ASP ZB 105 -38.88 -12.93 48.52
N GLU ZB 106 -38.36 -12.81 47.31
CA GLU ZB 106 -37.09 -12.12 47.08
C GLU ZB 106 -37.28 -10.60 47.24
N ARG ZB 107 -38.36 -10.04 46.75
CA ARG ZB 107 -38.61 -8.62 46.76
C ARG ZB 107 -39.44 -8.13 47.95
N VAL ZB 108 -40.68 -8.54 48.05
CA VAL ZB 108 -41.58 -8.00 49.06
C VAL ZB 108 -41.33 -8.61 50.42
N LEU ZB 109 -41.26 -9.94 50.48
CA LEU ZB 109 -41.39 -10.63 51.77
C LEU ZB 109 -40.12 -10.46 52.59
N ASN ZB 110 -38.98 -10.30 51.93
CA ASN ZB 110 -37.67 -10.31 52.57
C ASN ZB 110 -37.43 -9.02 53.34
N GLY ZB 111 -37.21 -9.18 54.65
CA GLY ZB 111 -36.99 -8.02 55.53
C GLY ZB 111 -38.24 -7.18 55.88
N LEU ZB 112 -39.40 -7.60 55.44
CA LEU ZB 112 -40.58 -6.79 55.66
C LEU ZB 112 -40.99 -6.91 57.13
N LYS ZB 113 -41.01 -8.17 57.62
CA LYS ZB 113 -41.56 -8.42 58.95
C LYS ZB 113 -40.76 -7.63 59.97
N GLU ZB 114 -39.43 -7.69 59.85
CA GLU ZB 114 -38.52 -7.04 60.77
C GLU ZB 114 -38.72 -5.53 60.71
N THR ZB 115 -38.81 -4.97 59.50
CA THR ZB 115 -39.02 -3.55 59.33
C THR ZB 115 -40.32 -3.14 60.03
N TYR ZB 116 -41.38 -3.89 59.79
CA TYR ZB 116 -42.67 -3.55 60.35
C TYR ZB 116 -42.62 -3.60 61.87
N ASN ZB 117 -41.95 -4.62 62.42
CA ASN ZB 117 -41.90 -4.75 63.87
C ASN ZB 117 -41.16 -3.57 64.49
N SER ZB 118 -40.05 -3.16 63.90
CA SER ZB 118 -39.33 -1.99 64.41
C SER ZB 118 -40.21 -0.76 64.29
N LEU ZB 119 -40.91 -0.60 63.17
CA LEU ZB 119 -41.72 0.59 62.96
C LEU ZB 119 -42.91 0.59 63.91
N GLY ZB 120 -43.41 -0.62 64.26
CA GLY ZB 120 -44.64 -0.74 65.02
C GLY ZB 120 -45.88 -0.68 64.12
N VAL ZB 121 -45.69 -0.80 62.81
CA VAL ZB 121 -46.79 -0.99 61.88
C VAL ZB 121 -47.53 -2.28 62.25
N PRO ZB 122 -48.89 -2.28 62.29
CA PRO ZB 122 -49.64 -3.50 62.62
C PRO ZB 122 -49.80 -4.45 61.43
N ILE ZB 123 -49.30 -5.67 61.60
CA ILE ZB 123 -49.28 -6.64 60.53
C ILE ZB 123 -50.70 -7.04 60.12
N ALA ZB 124 -51.57 -7.28 61.12
CA ALA ZB 124 -52.90 -7.80 60.82
C ALA ZB 124 -53.68 -6.81 59.95
N ALA ZB 125 -53.58 -5.50 60.27
CA ALA ZB 125 -54.22 -4.47 59.47
C ALA ZB 125 -53.68 -4.46 58.04
N THR ZB 126 -52.37 -4.65 57.88
CA THR ZB 126 -51.74 -4.67 56.57
C THR ZB 126 -52.30 -5.86 55.79
N VAL ZB 127 -52.39 -7.00 56.47
CA VAL ZB 127 -52.91 -8.21 55.85
C VAL ZB 127 -54.33 -7.94 55.37
N GLY ZB 128 -55.14 -7.32 56.24
CA GLY ZB 128 -56.49 -6.93 55.91
C GLY ZB 128 -56.57 -6.11 54.61
N GLY ZB 129 -55.68 -5.12 54.49
CA GLY ZB 129 -55.58 -4.31 53.30
C GLY ZB 129 -55.26 -5.14 52.04
N ILE ZB 130 -54.35 -6.10 52.19
CA ILE ZB 130 -53.96 -6.94 51.07
C ILE ZB 130 -55.16 -7.76 50.61
N GLN ZB 131 -55.90 -8.31 51.58
CA GLN ZB 131 -57.07 -9.13 51.30
C GLN ZB 131 -58.13 -8.27 50.60
N ALA ZB 132 -58.29 -7.03 51.06
CA ALA ZB 132 -59.22 -6.11 50.42
C ALA ZB 132 -58.82 -5.87 48.97
N MET ZB 133 -57.53 -5.65 48.71
CA MET ZB 133 -57.08 -5.43 47.35
C MET ZB 133 -57.43 -6.64 46.49
N LYS ZB 134 -57.24 -7.83 47.06
CA LYS ZB 134 -57.49 -9.06 46.35
C LYS ZB 134 -58.93 -9.10 45.85
N GLU ZB 135 -59.87 -8.77 46.75
CA GLU ZB 135 -61.28 -8.79 46.45
C GLU ZB 135 -61.60 -7.83 45.29
N VAL ZB 136 -61.09 -6.60 45.37
CA VAL ZB 136 -61.30 -5.62 44.31
C VAL ZB 136 -60.70 -6.14 43.01
N VAL ZB 137 -59.49 -6.70 43.08
CA VAL ZB 137 -58.78 -7.15 41.89
C VAL ZB 137 -59.60 -8.27 41.25
N GLY ZB 138 -60.12 -9.17 42.08
CA GLY ZB 138 -60.88 -10.33 41.62
C GLY ZB 138 -62.02 -9.92 40.68
N GLY ZB 139 -62.78 -8.89 41.10
CA GLY ZB 139 -63.85 -8.33 40.29
C GLY ZB 139 -63.37 -7.90 38.91
N LEU ZB 140 -62.33 -7.05 38.87
CA LEU ZB 140 -61.88 -6.45 37.63
C LEU ZB 140 -61.34 -7.51 36.67
N VAL ZB 141 -60.54 -8.45 37.19
CA VAL ZB 141 -59.83 -9.39 36.35
C VAL ZB 141 -60.83 -10.37 35.73
N GLY ZB 142 -61.88 -10.69 36.49
CA GLY ZB 142 -62.84 -11.71 36.07
C GLY ZB 142 -62.45 -13.08 36.65
N PRO ZB 143 -63.38 -14.08 36.66
CA PRO ZB 143 -63.22 -15.30 37.46
C PRO ZB 143 -62.01 -16.20 37.19
N ASP ZB 144 -61.74 -16.49 35.91
CA ASP ZB 144 -60.62 -17.35 35.55
C ASP ZB 144 -59.31 -16.73 36.05
N ALA ZB 145 -59.15 -15.43 35.79
CA ALA ZB 145 -57.96 -14.69 36.20
C ALA ZB 145 -57.91 -14.56 37.72
N ALA ZB 146 -59.08 -14.43 38.35
CA ALA ZB 146 -59.17 -14.17 39.79
C ALA ZB 146 -58.49 -15.28 40.59
N LYS ZB 147 -58.72 -16.54 40.21
CA LYS ZB 147 -58.18 -17.66 40.95
C LYS ZB 147 -56.65 -17.54 40.98
N GLU ZB 148 -56.07 -17.27 39.81
CA GLU ZB 148 -54.63 -17.12 39.67
C GLU ZB 148 -54.14 -15.94 40.50
N ALA ZB 149 -54.83 -14.80 40.39
CA ALA ZB 149 -54.47 -13.60 41.11
C ALA ZB 149 -54.52 -13.84 42.62
N SER ZB 150 -55.55 -14.57 43.08
CA SER ZB 150 -55.78 -14.74 44.50
C SER ZB 150 -54.60 -15.42 45.19
N ILE ZB 151 -53.99 -16.42 44.54
CA ILE ZB 151 -52.97 -17.21 45.21
C ILE ZB 151 -51.79 -16.32 45.61
N TYR ZB 152 -51.40 -15.38 44.74
CA TYR ZB 152 -50.26 -14.51 45.01
C TYR ZB 152 -50.60 -13.54 46.14
N PHE ZB 153 -51.82 -13.00 46.13
CA PHE ZB 153 -52.27 -12.13 47.21
C PHE ZB 153 -52.24 -12.88 48.53
N ASP ZB 154 -52.70 -14.13 48.53
CA ASP ZB 154 -52.72 -14.94 49.74
C ASP ZB 154 -51.29 -15.22 50.22
N TYR ZB 155 -50.39 -15.43 49.26
CA TYR ZB 155 -48.99 -15.70 49.57
C TYR ZB 155 -48.38 -14.50 50.30
N LEU ZB 156 -48.64 -13.30 49.80
CA LEU ZB 156 -48.16 -12.07 50.43
C LEU ZB 156 -48.71 -12.00 51.84
N SER ZB 157 -50.01 -12.26 52.00
CA SER ZB 157 -50.66 -12.13 53.29
C SER ZB 157 -50.04 -13.08 54.29
N SER ZB 158 -49.82 -14.34 53.88
CA SER ZB 158 -49.25 -15.35 54.75
C SER ZB 158 -47.82 -14.98 55.17
N GLY ZB 159 -47.04 -14.43 54.24
CA GLY ZB 159 -45.69 -14.01 54.53
C GLY ZB 159 -45.64 -12.93 55.60
N LEU ZB 160 -46.52 -11.94 55.47
CA LEU ZB 160 -46.51 -10.79 56.37
C LEU ZB 160 -46.94 -11.27 57.74
N SER ZB 161 -47.86 -12.23 57.76
CA SER ZB 161 -48.29 -12.87 59.00
C SER ZB 161 -47.36 -14.07 59.30
N SER AC 2 -41.24 3.50 18.81
CA SER AC 2 -41.68 2.31 18.04
C SER AC 2 -41.14 1.02 18.67
N VAL AC 3 -41.70 -0.11 18.27
CA VAL AC 3 -41.21 -1.42 18.72
C VAL AC 3 -39.74 -1.56 18.36
N LEU AC 4 -39.39 -1.16 17.15
CA LEU AC 4 -38.02 -1.40 16.69
C LEU AC 4 -37.07 -0.54 17.52
N THR AC 5 -37.42 0.71 17.76
CA THR AC 5 -36.58 1.62 18.54
C THR AC 5 -36.36 1.00 19.92
N LYS AC 6 -37.41 0.49 20.53
CA LYS AC 6 -37.31 -0.11 21.86
C LYS AC 6 -36.30 -1.26 21.83
N ALA AC 7 -36.39 -2.13 20.84
CA ALA AC 7 -35.48 -3.30 20.73
C ALA AC 7 -34.03 -2.84 20.60
N ILE AC 8 -33.79 -1.86 19.72
CA ILE AC 8 -32.46 -1.35 19.50
C ILE AC 8 -31.90 -0.78 20.80
N VAL AC 9 -32.70 -0.02 21.51
CA VAL AC 9 -32.28 0.62 22.74
C VAL AC 9 -31.85 -0.43 23.77
N ASN AC 10 -32.60 -1.53 23.89
CA ASN AC 10 -32.25 -2.58 24.84
C ASN AC 10 -30.92 -3.21 24.45
N ALA AC 11 -30.73 -3.43 23.15
CA ALA AC 11 -29.49 -4.02 22.63
C ALA AC 11 -28.31 -3.08 22.96
N ASP AC 12 -28.48 -1.78 22.74
CA ASP AC 12 -27.41 -0.83 22.93
C ASP AC 12 -27.00 -0.80 24.41
N ALA AC 13 -27.97 -0.86 25.31
CA ALA AC 13 -27.69 -0.91 26.74
C ALA AC 13 -26.83 -2.13 27.06
N GLU AC 14 -27.20 -3.27 26.48
CA GLU AC 14 -26.46 -4.50 26.67
C GLU AC 14 -25.15 -4.48 25.87
N ALA AC 15 -25.03 -3.55 24.92
CA ALA AC 15 -23.85 -3.42 24.08
C ALA AC 15 -23.66 -4.65 23.21
N ARG AC 16 -24.78 -5.21 22.72
CA ARG AC 16 -24.75 -6.42 21.91
C ARG AC 16 -25.55 -6.20 20.63
N TYR AC 17 -25.31 -7.04 19.63
CA TYR AC 17 -26.10 -7.08 18.41
C TYR AC 17 -27.48 -7.65 18.76
N LEU AC 18 -28.48 -7.35 17.92
CA LEU AC 18 -29.85 -7.80 18.23
C LEU AC 18 -29.90 -9.32 18.25
N SER AC 19 -30.56 -9.86 19.28
CA SER AC 19 -30.75 -11.30 19.42
C SER AC 19 -31.67 -11.82 18.32
N PRO AC 20 -31.60 -13.11 17.95
CA PRO AC 20 -32.49 -13.68 16.94
C PRO AC 20 -33.96 -13.52 17.32
N GLY AC 21 -34.25 -13.81 18.59
CA GLY AC 21 -35.59 -13.66 19.15
C GLY AC 21 -36.12 -12.25 18.99
N GLU AC 22 -35.26 -11.27 19.32
CA GLU AC 22 -35.60 -9.84 19.16
C GLU AC 22 -35.85 -9.54 17.70
N LEU AC 23 -35.02 -10.09 16.82
CA LEU AC 23 -35.17 -9.88 15.38
C LEU AC 23 -36.51 -10.45 14.91
N ASP AC 24 -36.89 -11.60 15.45
CA ASP AC 24 -38.15 -12.25 15.07
C ASP AC 24 -39.34 -11.36 15.44
N ARG AC 25 -39.28 -10.75 16.61
CA ARG AC 25 -40.33 -9.85 17.07
C ARG AC 25 -40.44 -8.65 16.11
N ILE AC 26 -39.30 -8.18 15.61
CA ILE AC 26 -39.30 -7.07 14.65
C ILE AC 26 -40.02 -7.51 13.38
N LYS AC 27 -39.74 -8.74 12.94
CA LYS AC 27 -40.36 -9.29 11.74
C LYS AC 27 -41.89 -9.33 11.92
N SER AC 28 -42.33 -9.80 13.08
CA SER AC 28 -43.75 -9.92 13.36
C SER AC 28 -44.39 -8.54 13.29
N PHE AC 29 -43.72 -7.54 13.86
CA PHE AC 29 -44.24 -6.18 13.94
C PHE AC 29 -44.44 -5.61 12.52
N VAL AC 30 -43.48 -5.84 11.63
CA VAL AC 30 -43.56 -5.25 10.30
C VAL AC 30 -44.75 -5.87 9.54
N ALA AC 31 -44.99 -7.16 9.75
CA ALA AC 31 -46.16 -7.83 9.18
C ALA AC 31 -47.46 -7.23 9.73
N SER AC 32 -47.49 -6.98 11.04
CA SER AC 32 -48.68 -6.46 11.71
C SER AC 32 -48.99 -5.03 11.25
N GLY AC 33 -47.95 -4.29 10.85
CA GLY AC 33 -48.05 -2.86 10.60
C GLY AC 33 -49.18 -2.48 9.64
N GLU AC 34 -49.34 -3.20 8.54
CA GLU AC 34 -50.36 -2.93 7.55
C GLU AC 34 -51.76 -2.96 8.16
N ARG AC 35 -52.05 -3.98 8.97
CA ARG AC 35 -53.29 -4.05 9.72
C ARG AC 35 -53.40 -2.83 10.64
N ARG AC 36 -52.29 -2.48 11.33
CA ARG AC 36 -52.30 -1.38 12.25
C ARG AC 36 -52.64 -0.09 11.51
N LEU AC 37 -52.09 0.08 10.30
CA LEU AC 37 -52.32 1.30 9.53
C LEU AC 37 -53.80 1.48 9.25
N ARG AC 38 -54.48 0.40 8.90
CA ARG AC 38 -55.91 0.43 8.62
C ARG AC 38 -56.69 0.87 9.87
N ILE AC 39 -56.33 0.32 11.02
CA ILE AC 39 -57.02 0.67 12.27
C ILE AC 39 -56.89 2.18 12.51
N ALA AC 40 -55.67 2.70 12.32
CA ALA AC 40 -55.40 4.11 12.52
C ALA AC 40 -56.20 4.95 11.53
N GLN AC 41 -56.28 4.48 10.28
CA GLN AC 41 -56.97 5.20 9.23
C GLN AC 41 -58.44 5.35 9.60
N THR AC 42 -59.04 4.25 10.12
CA THR AC 42 -60.45 4.25 10.48
C THR AC 42 -60.72 5.36 11.49
N LEU AC 43 -59.91 5.42 12.56
CA LEU AC 43 -60.10 6.39 13.62
C LEU AC 43 -59.92 7.81 13.09
N THR AC 44 -58.96 8.01 12.19
CA THR AC 44 -58.70 9.33 11.64
C THR AC 44 -59.95 9.84 10.92
N GLU AC 45 -60.59 8.97 10.14
CA GLU AC 45 -61.76 9.37 9.36
C GLU AC 45 -62.91 9.74 10.29
N ALA AC 46 -63.06 8.97 11.37
CA ALA AC 46 -64.14 9.16 12.33
C ALA AC 46 -63.76 10.16 13.41
N ARG AC 47 -62.60 10.82 13.25
CA ARG AC 47 -62.04 11.61 14.33
C ARG AC 47 -63.03 12.67 14.81
N GLU AC 48 -63.55 13.47 13.88
CA GLU AC 48 -64.42 14.60 14.18
C GLU AC 48 -65.61 14.16 15.01
N ARG AC 49 -66.26 13.06 14.61
CA ARG AC 49 -67.43 12.56 15.32
C ARG AC 49 -67.01 11.99 16.68
N ILE AC 50 -65.87 11.29 16.76
CA ILE AC 50 -65.47 10.69 18.02
C ILE AC 50 -65.32 11.79 19.06
N VAL AC 51 -64.65 12.87 18.67
CA VAL AC 51 -64.39 13.96 19.61
C VAL AC 51 -65.72 14.54 20.07
N LYS AC 52 -66.61 14.82 19.11
CA LYS AC 52 -67.89 15.45 19.41
C LYS AC 52 -68.67 14.58 20.40
N GLN AC 53 -68.83 13.29 20.07
CA GLN AC 53 -69.60 12.39 20.91
C GLN AC 53 -68.99 12.30 22.30
N ALA AC 54 -67.67 12.17 22.37
CA ALA AC 54 -66.98 12.00 23.65
C ALA AC 54 -67.19 13.25 24.52
N GLY AC 55 -67.08 14.42 23.88
CA GLY AC 55 -67.26 15.68 24.58
C GLY AC 55 -68.61 15.73 25.30
N ASP AC 56 -69.66 15.39 24.55
CA ASP AC 56 -71.02 15.42 25.05
C ASP AC 56 -71.15 14.47 26.26
N GLN AC 57 -70.61 13.26 26.09
CA GLN AC 57 -70.64 12.27 27.16
C GLN AC 57 -69.95 12.82 28.40
N LEU AC 58 -68.78 13.42 28.20
CA LEU AC 58 -67.99 13.95 29.31
C LEU AC 58 -68.79 15.02 30.05
N PHE AC 59 -69.42 15.92 29.28
CA PHE AC 59 -70.14 17.02 29.90
C PHE AC 59 -71.36 16.49 30.66
N GLN AC 60 -72.00 15.44 30.13
CA GLN AC 60 -73.08 14.80 30.87
C GLN AC 60 -72.54 14.17 32.14
N LYS AC 61 -71.40 13.46 32.04
CA LYS AC 61 -70.82 12.78 33.18
C LYS AC 61 -70.40 13.78 34.24
N ARG AC 62 -69.84 14.92 33.81
CA ARG AC 62 -69.38 15.96 34.70
C ARG AC 62 -70.04 17.28 34.39
N PRO AC 63 -71.22 17.58 34.97
CA PRO AC 63 -71.87 18.87 34.74
C PRO AC 63 -70.96 20.02 35.20
N ASP AC 64 -70.20 19.80 36.26
CA ASP AC 64 -69.44 20.83 36.94
C ASP AC 64 -68.44 21.49 35.99
N VAL AC 65 -67.76 20.71 35.16
CA VAL AC 65 -66.69 21.26 34.35
C VAL AC 65 -67.24 22.36 33.46
N VAL AC 66 -68.41 22.13 32.85
CA VAL AC 66 -69.09 23.17 32.08
C VAL AC 66 -70.16 23.77 32.99
N SER AC 67 -69.67 24.50 34.03
CA SER AC 67 -70.52 25.27 34.91
C SER AC 67 -69.76 26.59 35.15
N PRO AC 68 -70.41 27.67 35.60
CA PRO AC 68 -69.71 28.97 35.65
C PRO AC 68 -68.42 28.90 36.48
N GLY AC 69 -68.44 28.13 37.57
CA GLY AC 69 -67.25 27.85 38.34
C GLY AC 69 -66.22 27.06 37.54
N GLY AC 70 -66.68 26.06 36.78
CA GLY AC 70 -65.82 25.08 36.12
C GLY AC 70 -64.92 25.67 35.04
N ASN AC 71 -63.81 24.98 34.79
CA ASN AC 71 -62.78 25.45 33.88
C ASN AC 71 -63.29 25.44 32.44
N ALA AC 72 -64.07 24.42 32.10
CA ALA AC 72 -64.51 24.21 30.74
C ALA AC 72 -65.57 25.24 30.32
N TYR AC 73 -66.19 25.90 31.28
CA TYR AC 73 -67.35 26.74 30.99
C TYR AC 73 -67.01 27.94 30.13
N GLY AC 74 -67.86 28.31 29.20
CA GLY AC 74 -67.69 29.35 28.22
C GLY AC 74 -67.28 28.73 26.88
N GLU AC 75 -67.57 29.43 25.78
CA GLU AC 75 -67.31 28.94 24.44
C GLU AC 75 -65.81 28.71 24.24
N LYS AC 76 -65.01 29.73 24.57
CA LYS AC 76 -63.57 29.65 24.37
C LYS AC 76 -63.05 28.42 25.10
N MET AC 77 -63.42 28.29 26.37
CA MET AC 77 -62.94 27.22 27.22
C MET AC 77 -63.42 25.87 26.69
N THR AC 78 -64.68 25.80 26.26
CA THR AC 78 -65.21 24.52 25.79
C THR AC 78 -64.45 24.09 24.54
N ALA AC 79 -64.15 25.04 23.66
CA ALA AC 79 -63.39 24.74 22.46
C ALA AC 79 -62.02 24.14 22.83
N LEU AC 80 -61.35 24.77 23.81
CA LEU AC 80 -60.04 24.32 24.23
C LEU AC 80 -60.12 22.91 24.78
N CYS AC 81 -61.18 22.60 25.54
CA CYS AC 81 -61.35 21.27 26.08
C CYS AC 81 -61.50 20.25 24.95
N LEU AC 82 -62.25 20.63 23.91
CA LEU AC 82 -62.42 19.74 22.77
C LEU AC 82 -61.13 19.61 21.99
N ARG AC 83 -60.39 20.71 21.86
CA ARG AC 83 -59.10 20.67 21.19
C ARG AC 83 -58.19 19.67 21.89
N ASP AC 84 -58.20 19.68 23.22
CA ASP AC 84 -57.38 18.76 23.99
C ASP AC 84 -57.77 17.33 23.67
N LEU AC 85 -59.07 17.06 23.59
CA LEU AC 85 -59.53 15.71 23.29
C LEU AC 85 -59.03 15.30 21.90
N ASP AC 86 -59.09 16.25 20.96
CA ASP AC 86 -58.61 15.97 19.62
C ASP AC 86 -57.12 15.62 19.64
N TYR AC 87 -56.33 16.39 20.41
CA TYR AC 87 -54.90 16.14 20.54
C TYR AC 87 -54.65 14.72 21.00
N TYR AC 88 -55.37 14.30 22.03
CA TYR AC 88 -55.14 12.97 22.58
C TYR AC 88 -55.50 11.91 21.54
N LEU AC 89 -56.54 12.15 20.74
CA LEU AC 89 -56.90 11.18 19.74
C LEU AC 89 -55.80 11.05 18.69
N ARG AC 90 -55.24 12.18 18.27
CA ARG AC 90 -54.15 12.17 17.31
C ARG AC 90 -52.98 11.35 17.86
N LEU AC 91 -52.68 11.56 19.14
CA LEU AC 91 -51.60 10.83 19.77
C LEU AC 91 -51.88 9.33 19.73
N VAL AC 92 -53.13 8.94 20.02
CA VAL AC 92 -53.47 7.53 20.03
C VAL AC 92 -53.22 6.91 18.66
N THR AC 93 -53.60 7.62 17.59
CA THR AC 93 -53.41 7.08 16.25
C THR AC 93 -51.92 6.86 16.02
N TYR AC 94 -51.10 7.84 16.41
CA TYR AC 94 -49.65 7.73 16.25
C TYR AC 94 -49.14 6.47 16.95
N GLY AC 95 -49.67 6.23 18.17
CA GLY AC 95 -49.28 5.07 18.95
C GLY AC 95 -49.56 3.75 18.22
N ILE AC 96 -50.75 3.65 17.61
CA ILE AC 96 -51.15 2.40 16.99
C ILE AC 96 -50.19 2.07 15.85
N VAL AC 97 -49.83 3.06 15.03
CA VAL AC 97 -48.93 2.81 13.92
C VAL AC 97 -47.54 2.45 14.45
N ALA AC 98 -47.11 3.12 15.53
CA ALA AC 98 -45.79 2.87 16.10
C ALA AC 98 -45.73 1.47 16.76
N GLY AC 99 -46.85 1.04 17.32
CA GLY AC 99 -46.88 -0.22 18.03
C GLY AC 99 -46.34 -0.09 19.46
N ASP AC 100 -46.13 1.15 19.89
CA ASP AC 100 -45.56 1.42 21.21
C ASP AC 100 -46.22 2.70 21.76
N VAL AC 101 -46.19 2.88 23.07
CA VAL AC 101 -46.80 4.05 23.68
C VAL AC 101 -45.81 5.20 23.72
N THR AC 102 -44.54 4.91 23.42
CA THR AC 102 -43.51 5.92 23.58
C THR AC 102 -43.87 7.20 22.83
N PRO AC 103 -44.27 7.18 21.54
CA PRO AC 103 -44.64 8.41 20.84
C PRO AC 103 -45.71 9.18 21.59
N ILE AC 104 -46.74 8.45 22.05
CA ILE AC 104 -47.82 9.05 22.82
C ILE AC 104 -47.23 9.70 24.07
N GLU AC 105 -46.36 8.93 24.74
CA GLU AC 105 -45.89 9.29 26.07
C GLU AC 105 -45.09 10.59 26.06
N GLU AC 106 -44.18 10.75 25.10
CA GLU AC 106 -43.34 11.93 25.06
C GLU AC 106 -44.18 13.17 24.82
N ILE AC 107 -45.14 13.11 23.89
CA ILE AC 107 -45.89 14.31 23.52
C ILE AC 107 -46.92 14.67 24.59
N GLY AC 108 -47.53 13.69 25.25
CA GLY AC 108 -48.74 13.94 26.03
C GLY AC 108 -48.66 13.59 27.51
N ILE AC 109 -47.86 12.59 27.93
CA ILE AC 109 -48.04 12.12 29.29
C ILE AC 109 -46.95 12.63 30.24
N ILE AC 110 -45.88 13.24 29.75
CA ILE AC 110 -44.84 13.69 30.67
C ILE AC 110 -44.99 15.18 30.92
N GLY AC 111 -45.17 15.54 32.19
CA GLY AC 111 -45.41 16.90 32.59
C GLY AC 111 -46.87 17.30 32.47
N VAL AC 112 -47.74 16.32 32.14
CA VAL AC 112 -49.14 16.60 31.91
C VAL AC 112 -49.76 17.12 33.21
N LYS AC 113 -49.42 16.49 34.33
CA LYS AC 113 -49.97 16.86 35.63
C LYS AC 113 -49.66 18.33 35.89
N GLU AC 114 -48.40 18.71 35.68
CA GLU AC 114 -47.93 20.04 35.97
C GLU AC 114 -48.65 21.07 35.10
N MET AC 115 -48.78 20.75 33.80
CA MET AC 115 -49.42 21.66 32.87
C MET AC 115 -50.86 21.90 33.30
N TYR AC 116 -51.59 20.81 33.56
CA TYR AC 116 -53.00 20.93 33.89
C TYR AC 116 -53.17 21.61 35.24
N ASN AC 117 -52.27 21.37 36.20
CA ASN AC 117 -52.37 22.01 37.50
C ASN AC 117 -52.23 23.53 37.35
N SER AC 118 -51.31 23.99 36.50
CA SER AC 118 -51.21 25.42 36.26
C SER AC 118 -52.52 25.92 35.65
N LEU AC 119 -53.05 25.18 34.67
CA LEU AC 119 -54.29 25.56 34.03
C LEU AC 119 -55.45 25.49 35.03
N GLN AC 120 -55.35 24.56 35.98
CA GLN AC 120 -56.35 24.31 37.00
C GLN AC 120 -57.43 23.37 36.49
N THR AC 121 -57.24 22.85 35.27
CA THR AC 121 -58.11 21.83 34.73
C THR AC 121 -58.05 20.60 35.64
N PRO AC 122 -59.19 19.96 35.99
CA PRO AC 122 -59.16 18.71 36.75
C PRO AC 122 -58.68 17.52 35.91
N ILE AC 123 -57.68 16.81 36.43
CA ILE AC 123 -57.09 15.69 35.71
C ILE AC 123 -58.08 14.57 35.56
N PRO AC 124 -58.88 14.20 36.59
CA PRO AC 124 -59.82 13.08 36.45
C PRO AC 124 -60.85 13.27 35.34
N ALA AC 125 -61.31 14.51 35.16
CA ALA AC 125 -62.24 14.84 34.09
C ALA AC 125 -61.62 14.57 32.74
N VAL AC 126 -60.34 14.95 32.59
CA VAL AC 126 -59.61 14.73 31.34
C VAL AC 126 -59.59 13.22 31.07
N ALA AC 127 -59.32 12.43 32.12
CA ALA AC 127 -59.26 10.99 31.98
C ALA AC 127 -60.61 10.44 31.52
N GLU AC 128 -61.71 10.99 32.06
CA GLU AC 128 -63.04 10.57 31.69
C GLU AC 128 -63.28 10.82 30.22
N GLY AC 129 -62.85 11.98 29.74
CA GLY AC 129 -62.97 12.35 28.33
C GLY AC 129 -62.28 11.32 27.44
N VAL AC 130 -61.09 10.88 27.86
CA VAL AC 130 -60.34 9.90 27.09
C VAL AC 130 -61.09 8.57 27.11
N ARG AC 131 -61.65 8.21 28.28
CA ARG AC 131 -62.44 6.99 28.40
C ARG AC 131 -63.63 7.06 27.44
N ALA AC 132 -64.30 8.22 27.42
CA ALA AC 132 -65.44 8.44 26.55
C ALA AC 132 -65.03 8.25 25.10
N MET AC 133 -63.88 8.83 24.70
CA MET AC 133 -63.41 8.69 23.34
C MET AC 133 -63.17 7.23 23.01
N LYS AC 134 -62.66 6.47 23.97
CA LYS AC 134 -62.37 5.06 23.76
C LYS AC 134 -63.66 4.34 23.38
N ASN AC 135 -64.75 4.62 24.12
CA ASN AC 135 -66.01 3.91 23.92
C ASN AC 135 -66.54 4.18 22.52
N VAL AC 136 -66.50 5.44 22.10
CA VAL AC 136 -66.95 5.81 20.76
C VAL AC 136 -66.08 5.10 19.73
N ALA AC 137 -64.75 5.14 19.92
CA ALA AC 137 -63.82 4.57 18.97
C ALA AC 137 -64.04 3.06 18.87
N THR AC 138 -64.28 2.41 20.01
CA THR AC 138 -64.46 0.97 20.06
C THR AC 138 -65.64 0.56 19.17
N SER AC 139 -66.73 1.32 19.25
CA SER AC 139 -67.95 0.98 18.52
C SER AC 139 -67.69 0.96 17.01
N LEU AC 140 -66.92 1.93 16.50
CA LEU AC 140 -66.65 2.03 15.08
C LEU AC 140 -65.69 0.92 14.65
N LEU AC 141 -64.76 0.56 15.54
CA LEU AC 141 -63.76 -0.44 15.21
C LEU AC 141 -64.38 -1.83 15.32
N SER AC 142 -63.83 -2.76 14.53
CA SER AC 142 -64.13 -4.18 14.69
C SER AC 142 -63.49 -4.67 15.99
N GLY AC 143 -64.00 -5.77 16.54
CA GLY AC 143 -63.68 -6.23 17.88
C GLY AC 143 -62.16 -6.39 18.14
N ASP AC 144 -61.48 -7.11 17.24
CA ASP AC 144 -60.04 -7.32 17.37
C ASP AC 144 -59.31 -5.99 17.21
N ASP AC 145 -59.75 -5.17 16.24
CA ASP AC 145 -59.18 -3.83 16.04
C ASP AC 145 -59.39 -3.01 17.30
N ALA AC 146 -60.59 -3.12 17.89
CA ALA AC 146 -60.96 -2.35 19.07
C ALA AC 146 -60.03 -2.69 20.24
N ALA AC 147 -59.72 -3.99 20.39
CA ALA AC 147 -58.85 -4.43 21.49
C ALA AC 147 -57.49 -3.76 21.38
N GLU AC 148 -56.92 -3.75 20.16
CA GLU AC 148 -55.64 -3.12 19.90
C GLU AC 148 -55.73 -1.64 20.28
N ALA AC 149 -56.76 -0.96 19.78
CA ALA AC 149 -56.94 0.46 20.05
C ALA AC 149 -57.14 0.69 21.55
N GLY AC 150 -57.87 -0.22 22.20
CA GLY AC 150 -58.18 -0.09 23.62
C GLY AC 150 -56.92 0.03 24.47
N PHE AC 151 -55.91 -0.77 24.14
CA PHE AC 151 -54.68 -0.81 24.93
C PHE AC 151 -54.09 0.60 24.99
N TYR AC 152 -54.01 1.28 23.83
CA TYR AC 152 -53.43 2.61 23.77
C TYR AC 152 -54.31 3.58 24.56
N PHE AC 153 -55.63 3.45 24.40
CA PHE AC 153 -56.56 4.31 25.12
C PHE AC 153 -56.40 4.12 26.63
N ASP AC 154 -56.27 2.86 27.05
CA ASP AC 154 -56.14 2.53 28.47
C ASP AC 154 -54.87 3.15 29.04
N TYR AC 155 -53.77 3.10 28.27
CA TYR AC 155 -52.51 3.65 28.70
C TYR AC 155 -52.68 5.13 29.02
N LEU AC 156 -53.35 5.86 28.13
CA LEU AC 156 -53.58 7.28 28.31
C LEU AC 156 -54.35 7.51 29.61
N VAL AC 157 -55.39 6.72 29.83
CA VAL AC 157 -56.20 6.86 31.02
C VAL AC 157 -55.34 6.59 32.25
N GLY AC 158 -54.49 5.57 32.17
CA GLY AC 158 -53.56 5.27 33.26
C GLY AC 158 -52.59 6.43 33.53
N ALA AC 159 -52.06 7.01 32.45
CA ALA AC 159 -51.10 8.09 32.54
C ALA AC 159 -51.69 9.31 33.26
N MET AC 160 -52.92 9.66 32.92
CA MET AC 160 -53.67 10.77 33.50
C MET AC 160 -54.47 10.26 34.72
N GLN AC 161 -53.74 10.00 35.79
CA GLN AC 161 -54.31 9.47 37.01
C GLN AC 161 -53.56 9.95 38.25
N MET BC 1 -33.66 6.93 20.20
CA MET BC 1 -33.14 7.44 18.89
C MET BC 1 -34.33 7.67 17.96
N GLN BC 2 -34.11 7.80 16.63
CA GLN BC 2 -35.25 7.86 15.76
C GLN BC 2 -35.18 6.81 14.64
N ASP BC 3 -36.35 6.34 14.26
CA ASP BC 3 -36.51 5.35 13.24
C ASP BC 3 -37.46 5.90 12.20
N ALA BC 4 -37.63 5.21 11.06
CA ALA BC 4 -38.42 5.73 9.96
C ALA BC 4 -39.85 5.97 10.41
N ILE BC 5 -40.44 5.00 11.11
CA ILE BC 5 -41.81 5.14 11.56
C ILE BC 5 -41.95 6.39 12.43
N THR BC 6 -41.05 6.52 13.42
CA THR BC 6 -41.12 7.65 14.33
C THR BC 6 -40.83 8.96 13.60
N ALA BC 7 -39.94 8.93 12.61
CA ALA BC 7 -39.62 10.14 11.86
C ALA BC 7 -40.83 10.69 11.17
N VAL BC 8 -41.65 9.82 10.55
CA VAL BC 8 -42.88 10.24 9.90
C VAL BC 8 -43.80 10.84 10.96
N ILE BC 9 -43.96 10.13 12.07
CA ILE BC 9 -44.83 10.61 13.14
C ILE BC 9 -44.38 11.99 13.59
N ASN BC 10 -43.08 12.18 13.78
CA ASN BC 10 -42.59 13.41 14.35
C ASN BC 10 -42.86 14.57 13.38
N ASN BC 11 -42.69 14.31 12.09
CA ASN BC 11 -42.90 15.35 11.08
C ASN BC 11 -44.36 15.79 11.13
N TYR BC 12 -45.27 14.82 11.28
CA TYR BC 12 -46.69 15.12 11.34
C TYR BC 12 -47.02 15.85 12.63
N ASP BC 13 -46.40 15.45 13.73
CA ASP BC 13 -46.69 16.04 15.02
C ASP BC 13 -46.32 17.52 15.05
N VAL BC 14 -45.19 17.91 14.43
CA VAL BC 14 -44.81 19.32 14.45
C VAL BC 14 -45.84 20.10 13.61
N GLN BC 15 -46.34 19.50 12.53
CA GLN BC 15 -47.38 20.12 11.75
C GLN BC 15 -48.69 20.10 12.52
N GLY BC 16 -48.86 19.11 13.40
CA GLY BC 16 -50.10 18.94 14.15
C GLY BC 16 -51.13 18.16 13.36
N LYS BC 17 -50.73 17.73 12.15
CA LYS BC 17 -51.61 17.02 11.24
C LYS BC 17 -51.81 15.59 11.71
N TYR BC 18 -53.04 15.08 11.54
CA TYR BC 18 -53.32 13.67 11.66
C TYR BC 18 -52.63 12.93 10.53
N LEU BC 19 -52.34 11.64 10.73
CA LEU BC 19 -51.67 10.84 9.71
C LEU BC 19 -52.55 10.76 8.48
N ASP BC 20 -51.94 10.92 7.31
CA ASP BC 20 -52.66 10.96 6.05
C ASP BC 20 -52.13 9.85 5.13
N GLY BC 21 -52.84 9.61 4.02
CA GLY BC 21 -52.54 8.51 3.12
C GLY BC 21 -51.10 8.57 2.59
N ALA BC 22 -50.66 9.76 2.20
CA ALA BC 22 -49.30 9.95 1.72
C ALA BC 22 -48.29 9.48 2.78
N ALA BC 23 -48.51 9.91 4.02
CA ALA BC 23 -47.71 9.45 5.14
C ALA BC 23 -47.82 7.95 5.29
N LEU BC 24 -49.04 7.42 5.16
CA LEU BC 24 -49.27 5.99 5.32
C LEU BC 24 -48.46 5.21 4.29
N ASP BC 25 -48.38 5.74 3.06
CA ASP BC 25 -47.66 5.07 1.98
C ASP BC 25 -46.17 4.94 2.32
N LYS BC 26 -45.59 5.99 2.90
CA LYS BC 26 -44.20 5.93 3.33
C LYS BC 26 -44.03 4.85 4.39
N LEU BC 27 -44.97 4.78 5.32
CA LEU BC 27 -44.91 3.77 6.37
C LEU BC 27 -45.01 2.39 5.75
N LYS BC 28 -45.89 2.26 4.74
CA LYS BC 28 -46.12 0.98 4.10
C LYS BC 28 -44.81 0.54 3.40
N ALA BC 29 -44.16 1.50 2.74
CA ALA BC 29 -42.91 1.24 2.07
C ALA BC 29 -41.89 0.64 3.04
N TYR BC 30 -41.79 1.26 4.22
CA TYR BC 30 -40.84 0.81 5.22
C TYR BC 30 -41.14 -0.64 5.59
N PHE BC 31 -42.43 -0.96 5.77
CA PHE BC 31 -42.82 -2.26 6.28
C PHE BC 31 -42.36 -3.39 5.35
N THR BC 32 -42.46 -3.16 4.02
CA THR BC 32 -42.01 -4.12 3.04
C THR BC 32 -40.48 -4.32 3.12
N THR BC 33 -39.74 -3.22 3.27
CA THR BC 33 -38.29 -3.25 3.30
C THR BC 33 -37.80 -4.00 4.55
N GLY BC 34 -38.61 -3.92 5.64
CA GLY BC 34 -38.25 -4.48 6.91
C GLY BC 34 -37.67 -5.93 6.87
N ALA BC 35 -38.35 -6.81 6.20
CA ALA BC 35 -37.97 -8.22 6.16
C ALA BC 35 -36.53 -8.41 5.64
N VAL BC 36 -36.20 -7.68 4.56
CA VAL BC 36 -34.86 -7.70 3.98
C VAL BC 36 -33.84 -7.26 5.03
N ARG BC 37 -34.18 -6.17 5.72
CA ARG BC 37 -33.28 -5.56 6.67
C ARG BC 37 -32.94 -6.57 7.78
N VAL BC 38 -33.96 -7.27 8.28
CA VAL BC 38 -33.75 -8.19 9.37
C VAL BC 38 -32.77 -9.27 8.93
N ARG BC 39 -32.91 -9.78 7.70
CA ARG BC 39 -32.03 -10.82 7.20
C ARG BC 39 -30.60 -10.29 7.15
N ALA BC 40 -30.43 -9.05 6.64
CA ALA BC 40 -29.11 -8.46 6.55
C ALA BC 40 -28.44 -8.36 7.93
N ALA BC 41 -29.23 -7.91 8.91
CA ALA BC 41 -28.71 -7.70 10.25
C ALA BC 41 -28.16 -9.00 10.85
N ALA BC 42 -28.89 -10.10 10.63
CA ALA BC 42 -28.49 -11.39 11.16
C ALA BC 42 -27.18 -11.84 10.53
N VAL BC 43 -27.03 -11.60 9.22
CA VAL BC 43 -25.81 -11.92 8.51
C VAL BC 43 -24.64 -11.17 9.15
N ILE BC 44 -24.82 -9.87 9.36
CA ILE BC 44 -23.74 -9.05 9.86
C ILE BC 44 -23.31 -9.53 11.25
N SER BC 45 -24.31 -9.79 12.13
CA SER BC 45 -24.00 -10.17 13.48
C SER BC 45 -23.15 -11.44 13.54
N SER BC 46 -23.49 -12.42 12.70
CA SER BC 46 -22.81 -13.70 12.69
C SER BC 46 -21.37 -13.55 12.18
N ASN BC 47 -21.16 -12.65 11.21
CA ASN BC 47 -19.86 -12.53 10.56
C ASN BC 47 -19.07 -11.34 11.08
N ALA BC 48 -19.49 -10.77 12.23
CA ALA BC 48 -18.92 -9.53 12.69
C ALA BC 48 -17.40 -9.65 12.91
N THR BC 49 -16.98 -10.70 13.61
CA THR BC 49 -15.57 -10.87 13.92
C THR BC 49 -14.75 -10.91 12.63
N THR BC 50 -15.21 -11.67 11.63
CA THR BC 50 -14.49 -11.83 10.38
C THR BC 50 -14.47 -10.50 9.64
N ILE BC 51 -15.61 -9.77 9.65
CA ILE BC 51 -15.67 -8.53 8.91
C ILE BC 51 -14.56 -7.61 9.41
N ILE BC 52 -14.42 -7.55 10.74
CA ILE BC 52 -13.44 -6.67 11.34
C ILE BC 52 -12.03 -7.14 10.96
N LYS BC 53 -11.80 -8.45 11.02
CA LYS BC 53 -10.52 -9.03 10.71
C LYS BC 53 -10.10 -8.65 9.29
N GLU BC 54 -11.02 -8.86 8.32
CA GLU BC 54 -10.71 -8.61 6.95
C GLU BC 54 -10.39 -7.14 6.73
N ALA BC 55 -11.22 -6.26 7.33
CA ALA BC 55 -11.07 -4.85 7.13
C ALA BC 55 -9.75 -4.37 7.69
N ALA BC 56 -9.37 -4.89 8.87
CA ALA BC 56 -8.11 -4.49 9.48
C ALA BC 56 -6.94 -4.88 8.58
N ALA BC 57 -7.04 -6.13 8.05
CA ALA BC 57 -6.01 -6.64 7.17
C ALA BC 57 -5.87 -5.75 5.92
N LYS BC 58 -7.01 -5.30 5.39
CA LYS BC 58 -7.02 -4.44 4.22
C LYS BC 58 -6.36 -3.08 4.48
N ALA BC 59 -6.61 -2.47 5.66
CA ALA BC 59 -6.19 -1.08 5.87
C ALA BC 59 -5.26 -0.89 7.06
N LEU BC 60 -5.62 -1.41 8.23
CA LEU BC 60 -4.91 -1.04 9.43
C LEU BC 60 -3.52 -1.71 9.54
N ILE BC 61 -3.51 -3.05 9.38
CA ILE BC 61 -2.33 -3.78 9.86
C ILE BC 61 -1.23 -3.78 8.80
N TYR BC 62 -0.09 -4.37 9.09
CA TYR BC 62 1.06 -4.47 8.19
C TYR BC 62 1.48 -3.07 7.76
N SER BC 63 1.40 -2.10 8.65
CA SER BC 63 1.53 -0.69 8.31
C SER BC 63 2.40 0.00 9.36
N ASP BC 64 2.70 1.26 9.16
CA ASP BC 64 3.39 2.06 10.14
C ASP BC 64 2.61 2.13 11.45
N LEU BC 65 1.29 2.17 11.39
CA LEU BC 65 0.46 2.24 12.59
C LEU BC 65 0.82 1.13 13.55
N THR BC 66 0.89 -0.09 13.03
CA THR BC 66 1.20 -1.23 13.87
C THR BC 66 2.66 -1.23 14.28
N ARG BC 67 3.54 -0.60 13.50
CA ARG BC 67 4.97 -0.56 13.84
C ARG BC 67 5.17 0.37 15.03
N PRO BC 68 6.26 0.17 15.84
CA PRO BC 68 6.47 0.95 17.05
C PRO BC 68 6.48 2.45 16.81
N GLY BC 69 5.83 3.20 17.66
CA GLY BC 69 5.58 4.61 17.55
C GLY BC 69 4.33 4.94 16.75
N GLY BC 70 3.61 3.93 16.27
CA GLY BC 70 2.39 4.10 15.48
C GLY BC 70 1.18 4.06 16.42
N MET BC 72 -1.51 2.36 16.48
CA MET BC 72 -2.06 1.05 16.81
C MET BC 72 -1.00 0.12 17.39
N TYR BC 73 0.20 0.66 17.64
CA TYR BC 73 1.25 -0.11 18.30
C TYR BC 73 0.90 -0.28 19.79
N THR BC 74 1.36 -1.42 20.36
CA THR BC 74 1.06 -1.89 21.72
C THR BC 74 -0.25 -2.66 21.69
N THR BC 75 -0.39 -3.68 22.54
CA THR BC 75 -1.58 -4.50 22.51
C THR BC 75 -2.80 -3.66 22.90
N ARG BC 76 -2.64 -2.79 23.88
CA ARG BC 76 -3.73 -1.99 24.39
C ARG BC 76 -4.35 -1.17 23.26
N ARG BC 77 -3.53 -0.46 22.52
CA ARG BC 77 -4.00 0.36 21.42
C ARG BC 77 -4.61 -0.51 20.32
N TYR BC 78 -3.99 -1.64 20.00
CA TYR BC 78 -4.53 -2.50 18.98
C TYR BC 78 -5.94 -2.92 19.36
N ALA BC 79 -6.11 -3.34 20.61
CA ALA BC 79 -7.39 -3.81 21.07
C ALA BC 79 -8.43 -2.69 21.02
N ALA BC 80 -8.03 -1.47 21.39
CA ALA BC 80 -8.92 -0.33 21.33
C ALA BC 80 -9.42 -0.10 19.92
N CYS BC 81 -8.52 -0.15 18.94
CA CYS BC 81 -8.89 0.13 17.58
C CYS BC 81 -9.91 -0.88 17.08
N ILE BC 82 -9.71 -2.17 17.40
CA ILE BC 82 -10.66 -3.15 16.89
C ILE BC 82 -11.98 -3.02 17.65
N ARG BC 83 -11.95 -2.59 18.90
CA ARG BC 83 -13.17 -2.32 19.63
C ARG BC 83 -13.96 -1.19 18.96
N ASP BC 84 -13.26 -0.15 18.54
CA ASP BC 84 -13.93 0.94 17.86
C ASP BC 84 -14.58 0.47 16.57
N MET BC 85 -13.88 -0.42 15.86
CA MET BC 85 -14.36 -0.95 14.60
C MET BC 85 -15.67 -1.68 14.84
N ASP BC 86 -15.70 -2.48 15.88
CA ASP BC 86 -16.89 -3.22 16.25
C ASP BC 86 -18.06 -2.27 16.56
N TYR BC 87 -17.80 -1.19 17.27
CA TYR BC 87 -18.81 -0.20 17.56
C TYR BC 87 -19.44 0.30 16.27
N PHE BC 88 -18.60 0.71 15.32
CA PHE BC 88 -19.10 1.25 14.09
C PHE BC 88 -20.01 0.22 13.42
N LEU BC 89 -19.58 -1.02 13.40
CA LEU BC 89 -20.35 -2.07 12.76
C LEU BC 89 -21.70 -2.25 13.44
N ARG BC 90 -21.72 -2.33 14.76
CA ARG BC 90 -22.95 -2.55 15.53
C ARG BC 90 -23.94 -1.40 15.27
N TYR BC 91 -23.44 -0.18 15.28
CA TYR BC 91 -24.31 0.98 15.13
C TYR BC 91 -24.85 1.03 13.71
N ALA BC 92 -24.02 0.71 12.72
CA ALA BC 92 -24.48 0.68 11.35
C ALA BC 92 -25.60 -0.34 11.19
N THR BC 93 -25.45 -1.49 11.83
CA THR BC 93 -26.48 -2.52 11.80
C THR BC 93 -27.78 -1.96 12.40
N TYR BC 94 -27.67 -1.25 13.54
CA TYR BC 94 -28.84 -0.66 14.17
C TYR BC 94 -29.49 0.32 13.20
N ALA BC 95 -28.69 1.14 12.54
CA ALA BC 95 -29.20 2.15 11.63
C ALA BC 95 -29.95 1.48 10.47
N MET BC 96 -29.39 0.38 9.96
CA MET BC 96 -29.98 -0.27 8.82
C MET BC 96 -31.38 -0.82 9.19
N LEU BC 97 -31.48 -1.46 10.37
CA LEU BC 97 -32.79 -1.90 10.83
C LEU BC 97 -33.72 -0.71 10.97
N ALA BC 98 -33.25 0.36 11.59
CA ALA BC 98 -34.08 1.53 11.87
C ALA BC 98 -34.55 2.17 10.57
N GLY BC 99 -33.68 2.19 9.57
CA GLY BC 99 -33.95 2.91 8.34
C GLY BC 99 -33.69 4.40 8.47
N ASP BC 100 -33.00 4.81 9.56
CA ASP BC 100 -32.71 6.21 9.76
C ASP BC 100 -31.23 6.40 10.13
N PRO BC 101 -30.56 7.43 9.59
CA PRO BC 101 -29.18 7.74 9.99
C PRO BC 101 -29.00 8.48 11.31
N SER BC 102 -30.11 8.88 11.94
CA SER BC 102 -30.09 9.72 13.13
C SER BC 102 -29.32 9.06 14.27
N ILE BC 103 -29.53 7.76 14.50
CA ILE BC 103 -28.87 7.10 15.62
C ILE BC 103 -27.36 7.27 15.49
N LEU BC 104 -26.83 7.21 14.27
CA LEU BC 104 -25.40 7.38 14.07
C LEU BC 104 -24.98 8.76 14.58
N ASP BC 105 -25.76 9.78 14.23
CA ASP BC 105 -25.45 11.14 14.69
C ASP BC 105 -25.51 11.25 16.21
N GLU BC 106 -26.54 10.67 16.81
CA GLU BC 106 -26.79 10.82 18.24
C GLU BC 106 -25.74 10.10 19.07
N ARG BC 107 -25.31 8.91 18.66
CA ARG BC 107 -24.39 8.11 19.47
C ARG BC 107 -22.98 8.17 18.93
N VAL BC 108 -22.75 7.76 17.68
CA VAL BC 108 -21.40 7.59 17.22
C VAL BC 108 -20.81 8.94 16.84
N LEU BC 109 -21.51 9.71 16.03
CA LEU BC 109 -20.88 10.82 15.35
C LEU BC 109 -20.61 11.98 16.28
N ASN BC 110 -21.40 12.12 17.36
CA ASN BC 110 -21.34 13.29 18.20
C ASN BC 110 -20.10 13.27 19.10
N GLY BC 111 -19.23 14.29 18.94
CA GLY BC 111 -18.00 14.36 19.71
C GLY BC 111 -16.88 13.41 19.27
N LEU BC 112 -17.05 12.64 18.21
CA LEU BC 112 -16.04 11.67 17.84
C LEU BC 112 -14.78 12.37 17.35
N LYS BC 113 -14.95 13.39 16.52
CA LYS BC 113 -13.82 14.11 15.95
C LYS BC 113 -12.96 14.66 17.07
N GLU BC 114 -13.60 15.30 18.03
CA GLU BC 114 -12.90 15.92 19.15
C GLU BC 114 -12.18 14.87 19.99
N THR BC 115 -12.85 13.75 20.27
CA THR BC 115 -12.25 12.66 21.02
C THR BC 115 -10.99 12.19 20.33
N TYR BC 116 -11.11 11.97 19.01
CA TYR BC 116 -9.99 11.42 18.25
C TYR BC 116 -8.84 12.41 18.25
N ASN BC 117 -9.14 13.70 18.11
CA ASN BC 117 -8.07 14.70 18.07
C ASN BC 117 -7.33 14.74 19.39
N SER BC 118 -8.04 14.70 20.51
CA SER BC 118 -7.37 14.66 21.80
C SER BC 118 -6.53 13.39 21.92
N LEU BC 119 -7.07 12.26 21.49
CA LEU BC 119 -6.36 11.01 21.62
C LEU BC 119 -5.15 10.98 20.70
N GLY BC 120 -5.25 11.66 19.56
CA GLY BC 120 -4.23 11.57 18.51
C GLY BC 120 -4.45 10.38 17.57
N VAL BC 121 -5.61 9.75 17.67
CA VAL BC 121 -6.03 8.75 16.71
C VAL BC 121 -6.14 9.40 15.33
N PRO BC 122 -5.61 8.79 14.24
CA PRO BC 122 -5.74 9.33 12.89
C PRO BC 122 -7.11 9.09 12.23
N ILE BC 123 -7.80 10.18 11.90
CA ILE BC 123 -9.17 10.09 11.41
C ILE BC 123 -9.19 9.41 10.05
N ALA BC 124 -8.30 9.78 9.17
CA ALA BC 124 -8.28 9.27 7.81
C ALA BC 124 -8.12 7.75 7.79
N ALA BC 125 -7.22 7.23 8.63
CA ALA BC 125 -7.05 5.78 8.75
C ALA BC 125 -8.34 5.11 9.23
N THR BC 126 -9.02 5.74 10.19
CA THR BC 126 -10.26 5.20 10.73
C THR BC 126 -11.29 5.14 9.60
N VAL BC 127 -11.36 6.23 8.83
CA VAL BC 127 -12.31 6.31 7.74
C VAL BC 127 -12.01 5.18 6.75
N GLY BC 128 -10.73 4.98 6.44
CA GLY BC 128 -10.28 3.89 5.58
C GLY BC 128 -10.80 2.53 6.05
N GLY BC 129 -10.67 2.28 7.36
CA GLY BC 129 -11.18 1.06 7.97
C GLY BC 129 -12.69 0.89 7.81
N ILE BC 130 -13.43 2.01 7.95
CA ILE BC 130 -14.89 1.96 7.83
C ILE BC 130 -15.24 1.58 6.40
N GLN BC 131 -14.53 2.19 5.43
CA GLN BC 131 -14.77 1.90 4.02
C GLN BC 131 -14.49 0.45 3.71
N ALA BC 132 -13.39 -0.08 4.29
CA ALA BC 132 -13.05 -1.47 4.12
C ALA BC 132 -14.17 -2.36 4.67
N MET BC 133 -14.69 -2.04 5.85
CA MET BC 133 -15.73 -2.86 6.44
C MET BC 133 -16.94 -2.86 5.49
N LYS BC 134 -17.24 -1.69 4.89
CA LYS BC 134 -18.37 -1.54 4.01
C LYS BC 134 -18.30 -2.53 2.88
N GLU BC 135 -17.10 -2.61 2.25
CA GLU BC 135 -16.89 -3.47 1.11
C GLU BC 135 -17.14 -4.94 1.51
N VAL BC 136 -16.57 -5.37 2.63
CA VAL BC 136 -16.77 -6.72 3.11
C VAL BC 136 -18.27 -6.96 3.38
N VAL BC 137 -18.92 -6.01 4.03
CA VAL BC 137 -20.31 -6.15 4.44
C VAL BC 137 -21.17 -6.31 3.19
N GLY BC 138 -20.87 -5.49 2.18
CA GLY BC 138 -21.65 -5.50 0.93
C GLY BC 138 -21.75 -6.94 0.34
N GLY BC 139 -20.60 -7.61 0.28
CA GLY BC 139 -20.54 -8.98 -0.18
C GLY BC 139 -21.47 -9.91 0.61
N LEU BC 140 -21.36 -9.91 1.93
CA LEU BC 140 -22.04 -10.85 2.78
C LEU BC 140 -23.55 -10.62 2.71
N VAL BC 141 -23.99 -9.35 2.74
CA VAL BC 141 -25.40 -9.06 2.87
C VAL BC 141 -26.12 -9.41 1.57
N GLY BC 142 -25.40 -9.25 0.43
CA GLY BC 142 -25.99 -9.47 -0.85
C GLY BC 142 -26.54 -8.18 -1.45
N PRO BC 143 -26.92 -8.16 -2.76
CA PRO BC 143 -27.11 -6.89 -3.48
C PRO BC 143 -28.20 -5.94 -2.98
N ASP BC 144 -29.41 -6.48 -2.72
CA ASP BC 144 -30.54 -5.67 -2.28
C ASP BC 144 -30.18 -4.97 -0.97
N ALA BC 145 -29.61 -5.76 -0.04
CA ALA BC 145 -29.21 -5.23 1.27
C ALA BC 145 -28.03 -4.28 1.10
N ALA BC 146 -27.13 -4.55 0.17
CA ALA BC 146 -25.86 -3.84 0.04
C ALA BC 146 -26.02 -2.33 -0.09
N LYS BC 147 -26.98 -1.95 -0.97
CA LYS BC 147 -27.15 -0.52 -1.23
C LYS BC 147 -27.54 0.18 0.05
N GLU BC 148 -28.50 -0.43 0.78
CA GLU BC 148 -28.99 0.10 2.06
C GLU BC 148 -27.86 0.15 3.07
N ALA BC 149 -27.08 -0.93 3.18
CA ALA BC 149 -25.98 -1.02 4.13
C ALA BC 149 -24.95 0.06 3.83
N SER BC 150 -24.66 0.28 2.53
CA SER BC 150 -23.59 1.16 2.14
C SER BC 150 -23.83 2.59 2.62
N ILE BC 151 -25.08 3.05 2.56
CA ILE BC 151 -25.39 4.44 2.84
C ILE BC 151 -25.01 4.77 4.29
N TYR BC 152 -25.29 3.86 5.23
CA TYR BC 152 -24.99 4.12 6.62
C TYR BC 152 -23.47 4.17 6.84
N PHE BC 153 -22.73 3.25 6.20
CA PHE BC 153 -21.29 3.25 6.29
C PHE BC 153 -20.72 4.55 5.74
N ASP BC 154 -21.28 5.02 4.60
CA ASP BC 154 -20.80 6.24 3.99
C ASP BC 154 -21.11 7.43 4.89
N TYR BC 155 -22.27 7.39 5.56
CA TYR BC 155 -22.68 8.45 6.46
C TYR BC 155 -21.67 8.59 7.60
N LEU BC 156 -21.27 7.45 8.17
CA LEU BC 156 -20.27 7.45 9.25
C LEU BC 156 -18.99 8.08 8.72
N SER BC 157 -18.57 7.66 7.53
CA SER BC 157 -17.30 8.09 6.97
C SER BC 157 -17.30 9.60 6.78
N SER BC 158 -18.41 10.13 6.20
CA SER BC 158 -18.52 11.55 5.95
C SER BC 158 -18.49 12.36 7.25
N GLY BC 159 -19.16 11.84 8.29
CA GLY BC 159 -19.19 12.50 9.58
C GLY BC 159 -17.78 12.64 10.17
N LEU BC 160 -17.01 11.56 10.10
CA LEU BC 160 -15.71 11.53 10.73
C LEU BC 160 -14.78 12.46 9.98
N SER BC 161 -14.90 12.47 8.65
CA SER BC 161 -14.09 13.32 7.81
C SER BC 161 -14.83 14.66 7.62
N SER CC 2 -24.34 37.87 56.79
CA SER CC 2 -25.45 38.59 57.48
C SER CC 2 -26.59 37.59 57.77
N VAL CC 3 -27.53 38.00 58.64
CA VAL CC 3 -28.68 37.17 58.96
C VAL CC 3 -29.43 36.80 57.68
N LEU CC 4 -29.63 37.83 56.83
CA LEU CC 4 -30.48 37.62 55.68
C LEU CC 4 -29.82 36.63 54.74
N THR CC 5 -28.50 36.79 54.52
CA THR CC 5 -27.78 35.91 53.62
C THR CC 5 -27.93 34.47 54.10
N LYS CC 6 -27.77 34.26 55.42
CA LYS CC 6 -27.83 32.92 55.97
C LYS CC 6 -29.20 32.32 55.67
N ALA CC 7 -30.27 33.08 55.90
CA ALA CC 7 -31.62 32.58 55.71
C ALA CC 7 -31.86 32.20 54.25
N ILE CC 8 -31.44 33.06 53.33
CA ILE CC 8 -31.64 32.83 51.91
C ILE CC 8 -30.92 31.55 51.50
N VAL CC 9 -29.68 31.39 51.98
CA VAL CC 9 -28.88 30.26 51.61
C VAL CC 9 -29.56 28.96 52.04
N ASN CC 10 -30.12 28.92 53.26
CA ASN CC 10 -30.77 27.72 53.73
C ASN CC 10 -31.99 27.40 52.86
N ALA CC 11 -32.74 28.44 52.50
CA ALA CC 11 -33.91 28.28 51.66
C ALA CC 11 -33.53 27.72 50.31
N ASP CC 12 -32.46 28.26 49.71
CA ASP CC 12 -32.06 27.85 48.38
C ASP CC 12 -31.64 26.38 48.38
N ALA CC 13 -30.95 25.94 49.44
CA ALA CC 13 -30.56 24.55 49.55
C ALA CC 13 -31.80 23.66 49.58
N GLU CC 14 -32.81 24.08 50.33
CA GLU CC 14 -34.06 23.35 50.41
C GLU CC 14 -34.91 23.56 49.17
N ALA CC 15 -34.55 24.56 48.35
CA ALA CC 15 -35.26 24.87 47.13
C ALA CC 15 -36.71 25.31 47.43
N ARG CC 16 -36.88 26.07 48.50
CA ARG CC 16 -38.18 26.52 48.96
C ARG CC 16 -38.15 28.03 49.19
N TYR CC 17 -39.34 28.67 49.22
CA TYR CC 17 -39.45 30.05 49.66
C TYR CC 17 -39.14 30.15 51.15
N LEU CC 18 -38.78 31.34 51.63
CA LEU CC 18 -38.44 31.53 53.03
C LEU CC 18 -39.61 31.15 53.92
N SER CC 19 -39.27 30.37 54.96
CA SER CC 19 -40.23 29.92 55.95
C SER CC 19 -40.68 31.10 56.79
N PRO CC 20 -41.90 31.04 57.39
CA PRO CC 20 -42.40 32.10 58.25
C PRO CC 20 -41.44 32.43 59.39
N GLY CC 21 -40.91 31.36 60.03
CA GLY CC 21 -39.96 31.52 61.11
C GLY CC 21 -38.72 32.30 60.67
N GLU CC 22 -38.19 31.93 59.49
CA GLU CC 22 -37.06 32.60 58.90
C GLU CC 22 -37.39 34.06 58.65
N LEU CC 23 -38.59 34.31 58.12
CA LEU CC 23 -39.04 35.66 57.84
C LEU CC 23 -39.11 36.47 59.12
N ASP CC 24 -39.58 35.84 60.21
CA ASP CC 24 -39.72 36.53 61.48
C ASP CC 24 -38.37 36.99 62.00
N ARG CC 25 -37.36 36.12 61.85
CA ARG CC 25 -36.01 36.44 62.29
C ARG CC 25 -35.50 37.65 61.51
N ILE CC 26 -35.83 37.73 60.22
CA ILE CC 26 -35.40 38.85 59.41
C ILE CC 26 -36.02 40.12 59.95
N LYS CC 27 -37.32 40.04 60.29
CA LYS CC 27 -38.03 41.21 60.80
C LYS CC 27 -37.37 41.70 62.09
N SER CC 28 -37.03 40.74 62.98
CA SER CC 28 -36.43 41.11 64.25
C SER CC 28 -35.11 41.82 64.00
N PHE CC 29 -34.33 41.29 63.06
CA PHE CC 29 -33.01 41.79 62.75
C PHE CC 29 -33.08 43.23 62.27
N VAL CC 30 -34.05 43.55 61.40
CA VAL CC 30 -34.10 44.88 60.81
C VAL CC 30 -34.43 45.90 61.91
N ALA CC 31 -35.29 45.50 62.87
CA ALA CC 31 -35.60 46.36 64.00
C ALA CC 31 -34.35 46.58 64.87
N SER CC 32 -33.59 45.50 65.09
CA SER CC 32 -32.42 45.56 65.95
C SER CC 32 -31.31 46.43 65.33
N GLY CC 33 -31.27 46.50 63.99
CA GLY CC 33 -30.13 47.03 63.26
C GLY CC 33 -29.66 48.42 63.74
N GLU CC 34 -30.62 49.33 63.94
CA GLU CC 34 -30.29 50.69 64.32
C GLU CC 34 -29.52 50.73 65.64
N ARG CC 35 -30.02 49.97 66.63
CA ARG CC 35 -29.32 49.79 67.89
C ARG CC 35 -27.92 49.20 67.64
N ARG CC 36 -27.84 48.19 66.78
CA ARG CC 36 -26.58 47.54 66.48
C ARG CC 36 -25.58 48.55 65.92
N LEU CC 37 -26.06 49.44 65.04
CA LEU CC 37 -25.18 50.41 64.41
C LEU CC 37 -24.50 51.28 65.47
N ARG CC 38 -25.29 51.71 66.47
CA ARG CC 38 -24.78 52.54 67.55
C ARG CC 38 -23.72 51.79 68.34
N ILE CC 39 -23.96 50.51 68.66
CA ILE CC 39 -23.01 49.71 69.41
C ILE CC 39 -21.68 49.67 68.66
N ALA CC 40 -21.76 49.43 67.34
CA ALA CC 40 -20.57 49.35 66.51
C ALA CC 40 -19.83 50.69 66.52
N GLN CC 41 -20.60 51.78 66.44
CA GLN CC 41 -20.02 53.10 66.37
C GLN CC 41 -19.21 53.37 67.65
N THR CC 42 -19.79 52.99 68.80
CA THR CC 42 -19.16 53.21 70.09
C THR CC 42 -17.78 52.56 70.11
N LEU CC 43 -17.71 51.29 69.71
CA LEU CC 43 -16.48 50.53 69.75
C LEU CC 43 -15.45 51.12 68.79
N THR CC 44 -15.91 51.59 67.62
CA THR CC 44 -14.99 52.18 66.65
C THR CC 44 -14.29 53.39 67.25
N GLU CC 45 -15.05 54.24 67.96
CA GLU CC 45 -14.50 55.46 68.52
C GLU CC 45 -13.47 55.11 69.60
N ALA CC 46 -13.78 54.08 70.39
CA ALA CC 46 -12.92 53.68 71.50
C ALA CC 46 -11.87 52.67 71.05
N ARG CC 47 -11.76 52.45 69.73
CA ARG CC 47 -10.95 51.36 69.21
C ARG CC 47 -9.51 51.48 69.72
N GLU CC 48 -8.89 52.63 69.51
CA GLU CC 48 -7.49 52.88 69.82
C GLU CC 48 -7.18 52.52 71.28
N ARG CC 49 -8.02 52.98 72.19
CA ARG CC 49 -7.83 52.73 73.61
C ARG CC 49 -8.07 51.26 73.94
N ILE CC 50 -9.09 50.63 73.31
CA ILE CC 50 -9.40 49.24 73.60
C ILE CC 50 -8.17 48.39 73.29
N VAL CC 51 -7.58 48.62 72.12
CA VAL CC 51 -6.45 47.84 71.68
C VAL CC 51 -5.30 48.02 72.67
N LYS CC 52 -5.02 49.28 73.01
CA LYS CC 52 -3.90 49.59 73.89
C LYS CC 52 -4.06 48.88 75.23
N GLN CC 53 -5.24 49.06 75.85
CA GLN CC 53 -5.48 48.47 77.16
C GLN CC 53 -5.39 46.94 77.10
N ALA CC 54 -5.98 46.35 76.06
CA ALA CC 54 -6.00 44.90 75.94
C ALA CC 54 -4.59 44.36 75.77
N GLY CC 55 -3.78 45.06 74.98
CA GLY CC 55 -2.39 44.66 74.75
C GLY CC 55 -1.64 44.54 76.07
N ASP CC 56 -1.76 45.59 76.90
CA ASP CC 56 -1.08 45.66 78.18
C ASP CC 56 -1.51 44.47 79.06
N GLN CC 57 -2.82 44.24 79.11
CA GLN CC 57 -3.36 43.14 79.89
C GLN CC 57 -2.79 41.82 79.41
N LEU CC 58 -2.76 41.63 78.09
CA LEU CC 58 -2.28 40.39 77.50
C LEU CC 58 -0.82 40.17 77.90
N PHE CC 59 -0.01 41.23 77.81
CA PHE CC 59 1.41 41.10 78.08
C PHE CC 59 1.62 40.80 79.56
N GLN CC 60 0.80 41.38 80.44
CA GLN CC 60 0.86 41.05 81.86
C GLN CC 60 0.47 39.60 82.05
N LYS CC 61 -0.61 39.15 81.39
CA LYS CC 61 -1.10 37.79 81.54
C LYS CC 61 -0.05 36.79 81.03
N ARG CC 62 0.59 37.14 79.91
CA ARG CC 62 1.58 36.27 79.28
C ARG CC 62 2.91 37.00 79.15
N PRO CC 63 3.79 36.97 80.17
CA PRO CC 63 5.10 37.60 80.04
C PRO CC 63 5.90 37.00 78.88
N ASP CC 64 5.71 35.68 78.66
CA ASP CC 64 6.54 34.93 77.74
C ASP CC 64 6.46 35.49 76.32
N VAL CC 65 5.27 35.87 75.87
CA VAL CC 65 5.09 36.25 74.48
C VAL CC 65 6.02 37.43 74.17
N VAL CC 66 6.09 38.41 75.07
CA VAL CC 66 7.04 39.51 74.93
C VAL CC 66 8.27 39.19 75.77
N SER CC 67 9.00 38.16 75.35
CA SER CC 67 10.27 37.77 75.95
C SER CC 67 11.17 37.32 74.81
N PRO CC 68 12.50 37.28 74.98
CA PRO CC 68 13.40 37.06 73.84
C PRO CC 68 13.04 35.82 73.03
N GLY CC 69 12.66 34.75 73.74
CA GLY CC 69 12.15 33.55 73.08
C GLY CC 69 10.84 33.81 72.33
N GLY CC 70 9.94 34.59 72.95
CA GLY CC 70 8.57 34.75 72.49
C GLY CC 70 8.46 35.48 71.15
N ASN CC 71 7.34 35.21 70.45
CA ASN CC 71 7.11 35.71 69.11
C ASN CC 71 6.92 37.23 69.13
N ALA CC 72 6.22 37.71 70.16
CA ALA CC 72 5.82 39.09 70.25
C ALA CC 72 7.01 40.01 70.55
N TYR CC 73 8.12 39.45 71.03
CA TYR CC 73 9.23 40.23 71.54
C TYR CC 73 9.87 41.09 70.46
N GLY CC 74 10.25 42.32 70.85
CA GLY CC 74 10.80 43.32 69.95
C GLY CC 74 9.71 44.29 69.50
N GLU CC 75 10.12 45.51 69.12
CA GLU CC 75 9.19 46.57 68.75
C GLU CC 75 8.39 46.16 67.52
N LYS CC 76 9.09 45.69 66.48
CA LYS CC 76 8.42 45.34 65.23
C LYS CC 76 7.35 44.30 65.54
N MET CC 77 7.75 43.25 66.26
CA MET CC 77 6.86 42.15 66.57
C MET CC 77 5.70 42.62 67.45
N THR CC 78 5.98 43.48 68.43
CA THR CC 78 4.93 43.93 69.33
C THR CC 78 3.89 44.74 68.54
N ALA CC 79 4.36 45.57 67.60
CA ALA CC 79 3.47 46.33 66.76
C ALA CC 79 2.54 45.40 65.98
N LEU CC 80 3.12 44.34 65.39
CA LEU CC 80 2.35 43.38 64.62
C LEU CC 80 1.29 42.71 65.48
N CYS CC 81 1.65 42.37 66.73
CA CYS CC 81 0.69 41.76 67.63
C CYS CC 81 -0.47 42.71 67.90
N LEU CC 82 -0.16 44.00 68.06
CA LEU CC 82 -1.20 44.98 68.30
C LEU CC 82 -2.05 45.17 67.04
N ARG CC 83 -1.38 45.17 65.87
CA ARG CC 83 -2.11 45.28 64.62
C ARG CC 83 -3.12 44.15 64.49
N ASP CC 84 -2.71 42.94 64.88
CA ASP CC 84 -3.60 41.80 64.83
C ASP CC 84 -4.82 42.03 65.72
N LEU CC 85 -4.58 42.57 66.92
CA LEU CC 85 -5.68 42.84 67.83
C LEU CC 85 -6.64 43.84 67.20
N ASP CC 86 -6.07 44.86 66.55
CA ASP CC 86 -6.89 45.86 65.88
C ASP CC 86 -7.75 45.21 64.79
N TYR CC 87 -7.14 44.31 64.00
CA TYR CC 87 -7.85 43.61 62.95
C TYR CC 87 -9.06 42.88 63.51
N TYR CC 88 -8.86 42.16 64.61
CA TYR CC 88 -9.95 41.39 65.18
C TYR CC 88 -11.05 42.32 65.66
N LEU CC 89 -10.69 43.48 66.21
CA LEU CC 89 -11.71 44.40 66.67
C LEU CC 89 -12.54 44.89 65.49
N ARG CC 90 -11.88 45.23 64.39
CA ARG CC 90 -12.59 45.69 63.21
C ARG CC 90 -13.57 44.61 62.75
N LEU CC 91 -13.12 43.36 62.76
CA LEU CC 91 -13.98 42.25 62.36
C LEU CC 91 -15.20 42.17 63.28
N VAL CC 92 -14.99 42.33 64.58
CA VAL CC 92 -16.11 42.23 65.51
C VAL CC 92 -17.14 43.30 65.20
N THR CC 93 -16.71 44.53 64.90
CA THR CC 93 -17.66 45.59 64.60
C THR CC 93 -18.48 45.19 63.38
N TYR CC 94 -17.80 44.67 62.34
CA TYR CC 94 -18.48 44.24 61.14
C TYR CC 94 -19.55 43.21 61.49
N GLY CC 95 -19.20 42.28 62.38
CA GLY CC 95 -20.13 41.24 62.80
C GLY CC 95 -21.38 41.79 63.45
N ILE CC 96 -21.22 42.79 64.32
CA ILE CC 96 -22.35 43.33 65.05
C ILE CC 96 -23.35 43.91 64.06
N VAL CC 97 -22.87 44.68 63.08
CA VAL CC 97 -23.79 45.30 62.12
C VAL CC 97 -24.44 44.20 61.29
N ALA CC 98 -23.68 43.17 60.91
CA ALA CC 98 -24.21 42.08 60.08
C ALA CC 98 -25.22 41.24 60.85
N GLY CC 99 -25.03 41.12 62.17
CA GLY CC 99 -25.90 40.29 62.99
C GLY CC 99 -25.53 38.80 62.88
N ASP CC 100 -24.40 38.52 62.25
CA ASP CC 100 -23.96 37.16 62.02
C ASP CC 100 -22.45 37.16 61.97
N VAL CC 101 -21.83 36.00 62.25
CA VAL CC 101 -20.41 35.87 62.32
C VAL CC 101 -19.85 35.60 60.95
N THR CC 102 -20.68 35.33 59.96
CA THR CC 102 -20.20 34.96 58.63
C THR CC 102 -19.17 35.97 58.11
N PRO CC 103 -19.44 37.29 58.11
CA PRO CC 103 -18.44 38.26 57.63
C PRO CC 103 -17.13 38.12 58.38
N ILE CC 104 -17.22 38.00 59.71
CA ILE CC 104 -16.06 37.80 60.56
C ILE CC 104 -15.33 36.53 60.11
N GLU CC 105 -16.11 35.47 59.90
CA GLU CC 105 -15.58 34.13 59.69
C GLU CC 105 -14.73 34.05 58.43
N GLU CC 106 -15.23 34.60 57.33
CA GLU CC 106 -14.50 34.56 56.06
C GLU CC 106 -13.15 35.27 56.16
N ILE CC 107 -13.14 36.45 56.77
CA ILE CC 107 -11.93 37.27 56.78
C ILE CC 107 -10.91 36.74 57.78
N GLY CC 108 -11.36 36.20 58.92
CA GLY CC 108 -10.48 35.98 60.05
C GLY CC 108 -10.38 34.54 60.56
N ILE CC 109 -11.42 33.71 60.43
CA ILE CC 109 -11.43 32.49 61.22
C ILE CC 109 -11.10 31.26 60.36
N ILE CC 110 -11.09 31.37 59.02
CA ILE CC 110 -10.82 30.21 58.20
C ILE CC 110 -9.36 30.24 57.76
N GLY CC 111 -8.63 29.18 58.13
CA GLY CC 111 -7.21 29.12 57.87
C GLY CC 111 -6.39 29.85 58.92
N VAL CC 112 -7.04 30.35 59.97
CA VAL CC 112 -6.35 31.12 60.99
C VAL CC 112 -5.29 30.25 61.65
N LYS CC 113 -5.66 29.00 61.99
CA LYS CC 113 -4.75 28.09 62.66
C LYS CC 113 -3.50 27.91 61.81
N GLU CC 114 -3.70 27.66 60.51
CA GLU CC 114 -2.61 27.40 59.60
C GLU CC 114 -1.69 28.60 59.49
N MET CC 115 -2.27 29.80 59.38
CA MET CC 115 -1.50 31.02 59.23
C MET CC 115 -0.63 31.20 60.46
N TYR CC 116 -1.24 31.10 61.65
CA TYR CC 116 -0.51 31.35 62.88
C TYR CC 116 0.55 30.26 63.10
N ASN CC 117 0.25 29.02 62.72
CA ASN CC 117 1.23 27.95 62.88
C ASN CC 117 2.46 28.23 62.03
N SER CC 118 2.28 28.71 60.79
CA SER CC 118 3.44 29.07 60.00
C SER CC 118 4.19 30.21 60.69
N LEU CC 119 3.47 31.20 61.21
CA LEU CC 119 4.10 32.32 61.88
C LEU CC 119 4.76 31.84 63.18
N GLN CC 120 4.18 30.80 63.79
CA GLN CC 120 4.64 30.22 65.04
C GLN CC 120 4.07 30.98 66.23
N THR CC 121 3.20 31.97 65.96
CA THR CC 121 2.48 32.67 67.01
C THR CC 121 1.65 31.66 67.78
N PRO CC 122 1.63 31.69 69.14
CA PRO CC 122 0.74 30.82 69.91
C PRO CC 122 -0.73 31.25 69.82
N ILE CC 123 -1.59 30.31 69.45
CA ILE CC 123 -3.00 30.60 69.25
C ILE CC 123 -3.65 30.97 70.58
N PRO CC 124 -3.37 30.26 71.70
CA PRO CC 124 -4.02 30.59 72.97
C PRO CC 124 -3.78 32.03 73.44
N ALA CC 125 -2.56 32.54 73.21
CA ALA CC 125 -2.22 33.90 73.57
C ALA CC 125 -3.08 34.88 72.77
N VAL CC 126 -3.30 34.59 71.48
CA VAL CC 126 -4.12 35.43 70.63
C VAL CC 126 -5.53 35.46 71.22
N ALA CC 127 -6.02 34.30 71.65
CA ALA CC 127 -7.35 34.19 72.23
C ALA CC 127 -7.45 35.05 73.48
N GLU CC 128 -6.40 35.03 74.30
CA GLU CC 128 -6.37 35.81 75.54
C GLU CC 128 -6.48 37.29 75.21
N GLY CC 129 -5.77 37.74 74.18
CA GLY CC 129 -5.82 39.12 73.74
C GLY CC 129 -7.24 39.52 73.37
N VAL CC 130 -7.95 38.63 72.67
CA VAL CC 130 -9.33 38.91 72.28
C VAL CC 130 -10.20 38.98 73.53
N ARG CC 131 -9.97 38.08 74.47
CA ARG CC 131 -10.70 38.10 75.74
C ARG CC 131 -10.47 39.45 76.44
N ALA CC 132 -9.21 39.87 76.47
CA ALA CC 132 -8.85 41.14 77.08
C ALA CC 132 -9.60 42.28 76.41
N MET CC 133 -9.63 42.28 75.08
CA MET CC 133 -10.32 43.32 74.34
C MET CC 133 -11.79 43.34 74.71
N LYS CC 134 -12.37 42.15 74.90
CA LYS CC 134 -13.78 42.04 75.25
C LYS CC 134 -14.05 42.78 76.55
N ASN CC 135 -13.18 42.57 77.55
CA ASN CC 135 -13.39 43.14 78.87
C ASN CC 135 -13.36 44.66 78.80
N VAL CC 136 -12.39 45.21 78.06
CA VAL CC 136 -12.29 46.65 77.88
C VAL CC 136 -13.54 47.15 77.18
N ALA CC 137 -13.94 46.47 76.09
CA ALA CC 137 -15.07 46.89 75.30
C ALA CC 137 -16.35 46.86 76.14
N THR CC 138 -16.49 45.83 76.97
CA THR CC 138 -17.68 45.66 77.80
C THR CC 138 -17.85 46.86 78.71
N SER CC 139 -16.74 47.33 79.31
CA SER CC 139 -16.79 48.42 80.27
C SER CC 139 -17.37 49.68 79.63
N LEU CC 140 -16.94 49.99 78.39
CA LEU CC 140 -17.39 51.19 77.71
C LEU CC 140 -18.84 51.04 77.27
N LEU CC 141 -19.23 49.83 76.92
CA LEU CC 141 -20.59 49.59 76.43
C LEU CC 141 -21.56 49.53 77.61
N SER CC 142 -22.81 49.90 77.36
CA SER CC 142 -23.90 49.66 78.30
C SER CC 142 -24.16 48.15 78.37
N GLY CC 143 -24.78 47.71 79.47
CA GLY CC 143 -24.90 46.29 79.80
C GLY CC 143 -25.52 45.45 78.68
N ASP CC 144 -26.68 45.87 78.18
CA ASP CC 144 -27.37 45.18 77.10
C ASP CC 144 -26.51 45.21 75.84
N ASP CC 145 -25.91 46.38 75.55
CA ASP CC 145 -25.03 46.53 74.41
C ASP CC 145 -23.84 45.57 74.56
N ALA CC 146 -23.30 45.50 75.79
CA ALA CC 146 -22.15 44.68 76.09
C ALA CC 146 -22.45 43.20 75.81
N ALA CC 147 -23.65 42.76 76.19
CA ALA CC 147 -24.04 41.37 75.99
C ALA CC 147 -24.01 41.02 74.50
N GLU CC 148 -24.57 41.89 73.67
CA GLU CC 148 -24.57 41.71 72.24
C GLU CC 148 -23.12 41.61 71.73
N ALA CC 149 -22.30 42.57 72.14
CA ALA CC 149 -20.90 42.59 71.72
C ALA CC 149 -20.17 41.35 72.22
N GLY CC 150 -20.50 40.90 73.44
CA GLY CC 150 -19.85 39.76 74.04
C GLY CC 150 -19.96 38.50 73.17
N PHE CC 151 -21.14 38.29 72.59
CA PHE CC 151 -21.38 37.10 71.80
C PHE CC 151 -20.36 37.02 70.66
N TYR CC 152 -20.15 38.14 69.97
CA TYR CC 152 -19.21 38.17 68.85
C TYR CC 152 -17.80 37.95 69.35
N PHE CC 153 -17.46 38.57 70.48
CA PHE CC 153 -16.14 38.39 71.07
C PHE CC 153 -15.92 36.93 71.45
N ASP CC 154 -16.95 36.30 72.03
CA ASP CC 154 -16.86 34.92 72.46
C ASP CC 154 -16.63 34.00 71.25
N TYR CC 155 -17.34 34.29 70.14
CA TYR CC 155 -17.20 33.49 68.94
C TYR CC 155 -15.74 33.48 68.51
N LEU CC 156 -15.11 34.65 68.49
CA LEU CC 156 -13.73 34.77 68.06
C LEU CC 156 -12.85 33.91 68.94
N VAL CC 157 -13.08 34.00 70.26
CA VAL CC 157 -12.27 33.24 71.19
C VAL CC 157 -12.47 31.75 70.93
N GLY CC 158 -13.72 31.34 70.69
CA GLY CC 158 -14.02 29.96 70.37
C GLY CC 158 -13.33 29.50 69.08
N ALA CC 159 -13.35 30.35 68.06
CA ALA CC 159 -12.80 30.04 66.75
C ALA CC 159 -11.30 29.76 66.84
N MET CC 160 -10.56 30.53 67.63
CA MET CC 160 -9.15 30.25 67.79
C MET CC 160 -8.93 29.39 69.04
N MET DC 1 -23.67 33.91 48.33
CA MET DC 1 -24.25 35.14 47.73
C MET DC 1 -23.82 36.35 48.53
N GLN DC 2 -24.30 37.53 48.11
CA GLN DC 2 -24.01 38.72 48.91
C GLN DC 2 -25.33 39.48 49.13
N ASP DC 3 -25.37 40.26 50.20
CA ASP DC 3 -26.49 41.13 50.45
C ASP DC 3 -26.01 42.56 50.53
N ALA DC 4 -26.91 43.47 50.88
CA ALA DC 4 -26.57 44.88 50.98
C ALA DC 4 -25.62 45.09 52.15
N ILE DC 5 -25.99 44.56 53.32
CA ILE DC 5 -25.17 44.76 54.51
C ILE DC 5 -23.77 44.22 54.27
N THR DC 6 -23.66 43.00 53.74
CA THR DC 6 -22.37 42.39 53.52
C THR DC 6 -21.60 43.16 52.44
N ALA DC 7 -22.29 43.68 51.42
CA ALA DC 7 -21.64 44.43 50.37
C ALA DC 7 -20.89 45.65 50.94
N VAL DC 8 -21.55 46.36 51.85
CA VAL DC 8 -20.95 47.52 52.49
C VAL DC 8 -19.72 47.05 53.27
N ILE DC 9 -19.90 45.99 54.07
CA ILE DC 9 -18.81 45.46 54.87
C ILE DC 9 -17.64 45.09 53.97
N ASN DC 10 -17.90 44.43 52.85
CA ASN DC 10 -16.82 43.94 52.01
C ASN DC 10 -16.04 45.11 51.43
N ASN DC 11 -16.75 46.17 51.03
CA ASN DC 11 -16.10 47.33 50.46
C ASN DC 11 -15.13 47.95 51.47
N TYR DC 12 -15.58 48.01 52.73
CA TYR DC 12 -14.77 48.56 53.80
C TYR DC 12 -13.60 47.65 54.11
N ASP DC 13 -13.84 46.34 54.08
CA ASP DC 13 -12.79 45.38 54.41
C ASP DC 13 -11.63 45.45 53.41
N VAL DC 14 -11.91 45.63 52.12
CA VAL DC 14 -10.83 45.71 51.15
C VAL DC 14 -10.03 46.98 51.41
N GLN DC 15 -10.72 48.06 51.81
CA GLN DC 15 -10.04 49.29 52.16
C GLN DC 15 -9.31 49.10 53.50
N GLY DC 16 -9.83 48.21 54.35
CA GLY DC 16 -9.26 47.97 55.66
C GLY DC 16 -9.81 48.97 56.68
N LYS DC 17 -10.72 49.84 56.21
CA LYS DC 17 -11.28 50.91 57.01
C LYS DC 17 -12.30 50.33 58.00
N TYR DC 18 -12.32 50.88 59.23
CA TYR DC 18 -13.42 50.69 60.14
C TYR DC 18 -14.67 51.34 59.58
N LEU DC 19 -15.83 50.86 60.01
CA LEU DC 19 -17.11 51.37 59.51
C LEU DC 19 -17.25 52.84 59.88
N ASP DC 20 -17.72 53.62 58.90
CA ASP DC 20 -17.80 55.08 59.02
C ASP DC 20 -19.26 55.52 58.84
N GLY DC 21 -19.54 56.75 59.21
CA GLY DC 21 -20.94 57.23 59.28
C GLY DC 21 -21.66 57.13 57.93
N ALA DC 22 -20.93 57.51 56.86
CA ALA DC 22 -21.47 57.41 55.50
C ALA DC 22 -21.88 55.96 55.21
N ALA DC 23 -20.99 55.02 55.54
CA ALA DC 23 -21.30 53.59 55.42
C ALA DC 23 -22.51 53.25 56.28
N LEU DC 24 -22.54 53.78 57.52
CA LEU DC 24 -23.60 53.47 58.44
C LEU DC 24 -24.94 53.93 57.86
N ASP DC 25 -24.94 55.08 57.18
CA ASP DC 25 -26.21 55.61 56.64
C ASP DC 25 -26.75 54.68 55.56
N LYS DC 26 -25.87 54.15 54.71
CA LYS DC 26 -26.31 53.20 53.70
C LYS DC 26 -26.96 51.99 54.39
N LEU DC 27 -26.33 51.52 55.47
CA LEU DC 27 -26.88 50.39 56.21
C LEU DC 27 -28.22 50.76 56.80
N LYS DC 28 -28.31 51.98 57.31
CA LYS DC 28 -29.53 52.47 57.96
C LYS DC 28 -30.66 52.51 56.92
N ALA DC 29 -30.32 52.98 55.71
CA ALA DC 29 -31.29 53.05 54.63
C ALA DC 29 -31.88 51.66 54.38
N TYR DC 30 -31.01 50.66 54.31
CA TYR DC 30 -31.44 49.30 54.06
C TYR DC 30 -32.41 48.87 55.16
N PHE DC 31 -32.11 49.19 56.42
CA PHE DC 31 -32.86 48.68 57.55
C PHE DC 31 -34.31 49.16 57.49
N THR DC 32 -34.52 50.42 57.08
CA THR DC 32 -35.86 50.96 56.93
C THR DC 32 -36.64 50.22 55.84
N THR DC 33 -35.97 49.95 54.70
CA THR DC 33 -36.62 49.30 53.57
C THR DC 33 -36.97 47.86 53.94
N GLY DC 34 -36.18 47.25 54.83
CA GLY DC 34 -36.27 45.84 55.18
C GLY DC 34 -37.67 45.36 55.50
N ALA DC 35 -38.38 46.11 56.37
CA ALA DC 35 -39.68 45.67 56.84
C ALA DC 35 -40.65 45.49 55.67
N VAL DC 36 -40.65 46.47 54.74
CA VAL DC 36 -41.48 46.43 53.55
C VAL DC 36 -41.16 45.18 52.74
N ARG DC 37 -39.86 44.89 52.57
CA ARG DC 37 -39.41 43.79 51.75
C ARG DC 37 -39.94 42.47 52.31
N VAL DC 38 -39.87 42.31 53.64
CA VAL DC 38 -40.32 41.08 54.25
C VAL DC 38 -41.79 40.86 53.92
N ARG DC 39 -42.60 41.92 54.03
CA ARG DC 39 -44.02 41.80 53.76
C ARG DC 39 -44.23 41.39 52.30
N ALA DC 40 -43.49 42.02 51.39
CA ALA DC 40 -43.61 41.73 49.96
C ALA DC 40 -43.29 40.26 49.68
N ALA DC 41 -42.23 39.75 50.30
CA ALA DC 41 -41.78 38.39 50.08
C ALA DC 41 -42.88 37.40 50.46
N ALA DC 42 -43.55 37.64 51.59
CA ALA DC 42 -44.59 36.74 52.06
C ALA DC 42 -45.77 36.74 51.07
N VAL DC 43 -46.10 37.92 50.55
CA VAL DC 43 -47.16 38.04 49.56
C VAL DC 43 -46.81 37.20 48.35
N ILE DC 44 -45.58 37.33 47.85
CA ILE DC 44 -45.19 36.64 46.63
C ILE DC 44 -45.26 35.13 46.85
N SER DC 45 -44.73 34.65 47.98
CA SER DC 45 -44.69 33.22 48.22
C SER DC 45 -46.09 32.61 48.20
N SER DC 46 -47.05 33.29 48.83
CA SER DC 46 -48.42 32.79 48.91
C SER DC 46 -49.08 32.76 47.53
N ASN DC 47 -48.79 33.76 46.69
CA ASN DC 47 -49.48 33.91 45.42
C ASN DC 47 -48.62 33.42 44.25
N ALA DC 48 -47.57 32.65 44.54
CA ALA DC 48 -46.59 32.31 43.52
C ALA DC 48 -47.24 31.55 42.35
N THR DC 49 -48.03 30.52 42.68
CA THR DC 49 -48.65 29.70 41.65
C THR DC 49 -49.50 30.58 40.73
N THR DC 50 -50.31 31.47 41.33
CA THR DC 50 -51.20 32.34 40.56
C THR DC 50 -50.37 33.31 39.73
N ILE DC 51 -49.29 33.85 40.31
CA ILE DC 51 -48.50 34.83 39.59
C ILE DC 51 -48.03 34.20 38.28
N ILE DC 52 -47.56 32.95 38.38
CA ILE DC 52 -47.03 32.27 37.21
C ILE DC 52 -48.16 32.06 36.20
N LYS DC 53 -49.32 31.62 36.70
CA LYS DC 53 -50.48 31.36 35.87
C LYS DC 53 -50.86 32.61 35.08
N GLU DC 54 -50.97 33.74 35.78
CA GLU DC 54 -51.40 34.98 35.17
C GLU DC 54 -50.39 35.42 34.12
N ALA DC 55 -49.10 35.32 34.45
CA ALA DC 55 -48.06 35.77 33.54
C ALA DC 55 -48.07 34.91 32.28
N ALA DC 56 -48.25 33.59 32.45
CA ALA DC 56 -48.29 32.70 31.31
C ALA DC 56 -49.46 33.06 30.41
N ALA DC 57 -50.60 33.32 31.03
CA ALA DC 57 -51.82 33.71 30.32
C ALA DC 57 -51.58 34.98 29.51
N LYS DC 58 -50.88 35.94 30.11
CA LYS DC 58 -50.58 37.20 29.45
C LYS DC 58 -49.68 37.01 28.22
N ALA DC 59 -48.66 36.14 28.30
CA ALA DC 59 -47.66 36.07 27.23
C ALA DC 59 -47.54 34.68 26.59
N LEU DC 60 -47.36 33.65 27.40
CA LEU DC 60 -46.92 32.36 26.87
C LEU DC 60 -48.06 31.61 26.19
N ILE DC 61 -49.21 31.48 26.81
CA ILE DC 61 -50.24 30.59 26.29
C ILE DC 61 -51.04 31.33 25.22
N TYR DC 62 -51.94 30.59 24.54
CA TYR DC 62 -52.75 31.12 23.45
C TYR DC 62 -51.87 31.77 22.38
N SER DC 63 -50.71 31.17 22.14
CA SER DC 63 -49.68 31.76 21.30
C SER DC 63 -49.15 30.65 20.38
N ASP DC 64 -48.31 31.04 19.43
CA ASP DC 64 -47.65 30.08 18.58
C ASP DC 64 -46.79 29.11 19.39
N LEU DC 65 -46.17 29.59 20.49
CA LEU DC 65 -45.32 28.73 21.30
C LEU DC 65 -46.06 27.49 21.73
N THR DC 66 -47.29 27.69 22.25
CA THR DC 66 -48.05 26.57 22.72
C THR DC 66 -48.58 25.73 21.56
N ARG DC 67 -48.76 26.34 20.38
CA ARG DC 67 -49.29 25.62 19.23
C ARG DC 67 -48.24 24.67 18.71
N PRO DC 68 -48.60 23.57 17.99
CA PRO DC 68 -47.63 22.59 17.52
C PRO DC 68 -46.54 23.22 16.65
N GLY DC 69 -45.29 22.81 16.90
CA GLY DC 69 -44.14 23.41 16.25
C GLY DC 69 -43.57 24.59 17.04
N GLY DC 70 -44.20 24.94 18.16
CA GLY DC 70 -43.73 26.01 19.03
C GLY DC 70 -42.87 25.45 20.14
N MET DC 72 -42.91 25.71 23.31
CA MET DC 72 -43.57 25.26 24.52
C MET DC 72 -44.65 24.22 24.20
N TYR DC 73 -44.69 23.77 22.96
CA TYR DC 73 -45.57 22.67 22.58
C TYR DC 73 -45.11 21.34 23.20
N THR DC 74 -46.06 20.45 23.49
CA THR DC 74 -45.89 19.17 24.20
C THR DC 74 -45.92 19.44 25.71
N THR DC 75 -46.43 18.48 26.48
CA THR DC 75 -46.58 18.68 27.91
C THR DC 75 -45.22 18.89 28.56
N ARG DC 76 -44.23 18.12 28.13
CA ARG DC 76 -42.91 18.15 28.73
C ARG DC 76 -42.32 19.55 28.64
N ARG DC 77 -42.36 20.13 27.45
CA ARG DC 77 -41.85 21.48 27.24
C ARG DC 77 -42.66 22.50 28.03
N TYR DC 78 -43.99 22.36 28.05
CA TYR DC 78 -44.82 23.30 28.77
C TYR DC 78 -44.40 23.30 30.25
N ALA DC 79 -44.25 22.09 30.80
CA ALA DC 79 -43.90 21.97 32.20
C ALA DC 79 -42.54 22.60 32.49
N ALA DC 80 -41.58 22.39 31.57
CA ALA DC 80 -40.27 22.98 31.71
C ALA DC 80 -40.34 24.51 31.78
N CYS DC 81 -41.14 25.10 30.89
CA CYS DC 81 -41.22 26.54 30.82
C CYS DC 81 -41.78 27.11 32.13
N ILE DC 82 -42.82 26.47 32.68
CA ILE DC 82 -43.40 27.00 33.91
C ILE DC 82 -42.44 26.77 35.07
N ARG DC 83 -41.64 25.70 35.02
CA ARG DC 83 -40.62 25.48 36.04
C ARG DC 83 -39.59 26.62 36.00
N ASP DC 84 -39.18 27.01 34.81
CA ASP DC 84 -38.23 28.10 34.69
C ASP DC 84 -38.81 29.39 35.26
N MET DC 85 -40.10 29.62 35.01
CA MET DC 85 -40.76 30.82 35.46
C MET DC 85 -40.72 30.87 36.99
N ASP DC 86 -41.00 29.73 37.62
CA ASP DC 86 -40.95 29.62 39.06
C ASP DC 86 -39.55 29.95 39.60
N TYR DC 87 -38.51 29.45 38.93
CA TYR DC 87 -37.15 29.74 39.34
C TYR DC 87 -36.95 31.25 39.39
N PHE DC 88 -37.30 31.92 38.29
CA PHE DC 88 -37.06 33.34 38.21
C PHE DC 88 -37.78 34.03 39.37
N LEU DC 89 -39.01 33.63 39.64
CA LEU DC 89 -39.77 34.26 40.70
C LEU DC 89 -39.10 34.07 42.06
N ARG DC 90 -38.69 32.83 42.36
CA ARG DC 90 -38.11 32.53 43.66
C ARG DC 90 -36.82 33.34 43.86
N TYR DC 91 -36.00 33.41 42.82
CA TYR DC 91 -34.72 34.07 42.94
C TYR DC 91 -34.93 35.58 43.07
N ALA DC 92 -35.88 36.13 42.33
CA ALA DC 92 -36.17 37.55 42.44
C ALA DC 92 -36.61 37.88 43.86
N THR DC 93 -37.44 37.02 44.46
CA THR DC 93 -37.86 37.22 45.83
C THR DC 93 -36.64 37.23 46.75
N TYR DC 94 -35.71 36.28 46.55
CA TYR DC 94 -34.51 36.21 47.36
C TYR DC 94 -33.74 37.53 47.22
N ALA DC 95 -33.60 38.00 45.98
CA ALA DC 95 -32.83 39.20 45.72
C ALA DC 95 -33.46 40.41 46.41
N MET DC 96 -34.80 40.47 46.38
CA MET DC 96 -35.50 41.58 46.97
C MET DC 96 -35.24 41.64 48.47
N LEU DC 97 -35.33 40.49 49.15
CA LEU DC 97 -35.01 40.46 50.56
C LEU DC 97 -33.57 40.89 50.79
N ALA DC 98 -32.65 40.35 49.98
CA ALA DC 98 -31.23 40.61 50.17
C ALA DC 98 -30.92 42.09 49.93
N GLY DC 99 -31.60 42.69 48.97
CA GLY DC 99 -31.29 44.05 48.59
C GLY DC 99 -30.07 44.09 47.64
N ASP DC 100 -29.66 42.95 47.10
CA ASP DC 100 -28.52 42.88 46.21
C ASP DC 100 -28.85 42.02 45.00
N PRO DC 101 -28.44 42.42 43.78
CA PRO DC 101 -28.63 41.61 42.57
C PRO DC 101 -27.67 40.43 42.37
N SER DC 102 -26.66 40.30 43.23
CA SER DC 102 -25.57 39.36 43.03
C SER DC 102 -26.06 37.91 42.94
N ILE DC 103 -27.00 37.53 43.80
CA ILE DC 103 -27.47 36.15 43.82
C ILE DC 103 -28.02 35.79 42.45
N LEU DC 104 -28.70 36.73 41.78
CA LEU DC 104 -29.24 36.46 40.46
C LEU DC 104 -28.10 36.12 39.51
N ASP DC 105 -27.00 36.89 39.58
CA ASP DC 105 -25.85 36.62 38.73
C ASP DC 105 -25.23 35.26 39.03
N GLU DC 106 -25.08 34.94 40.31
CA GLU DC 106 -24.38 33.73 40.70
C GLU DC 106 -25.18 32.48 40.36
N ARG DC 107 -26.50 32.49 40.52
CA ARG DC 107 -27.30 31.29 40.30
C ARG DC 107 -28.02 31.33 38.97
N VAL DC 108 -28.88 32.33 38.74
CA VAL DC 108 -29.73 32.27 37.57
C VAL DC 108 -28.94 32.67 36.33
N LEU DC 109 -28.26 33.82 36.38
CA LEU DC 109 -27.86 34.48 35.16
C LEU DC 109 -26.70 33.77 34.48
N ASN DC 110 -25.85 33.10 35.26
CA ASN DC 110 -24.58 32.61 34.73
C ASN DC 110 -24.80 31.35 33.89
N GLY DC 111 -24.45 31.39 32.61
CA GLY DC 111 -24.61 30.23 31.74
C GLY DC 111 -26.02 30.01 31.20
N LEU DC 112 -26.98 30.90 31.54
CA LEU DC 112 -28.35 30.67 31.11
C LEU DC 112 -28.46 30.86 29.59
N LYS DC 113 -27.82 31.92 29.10
CA LYS DC 113 -27.92 32.27 27.69
C LYS DC 113 -27.44 31.09 26.85
N GLU DC 114 -26.29 30.52 27.23
CA GLU DC 114 -25.69 29.42 26.50
C GLU DC 114 -26.60 28.20 26.54
N THR DC 115 -27.14 27.88 27.73
CA THR DC 115 -28.06 26.78 27.88
C THR DC 115 -29.24 26.94 26.93
N TYR DC 116 -29.82 28.14 26.95
CA TYR DC 116 -31.01 28.41 26.16
C TYR DC 116 -30.69 28.27 24.67
N ASN DC 117 -29.53 28.77 24.25
CA ASN DC 117 -29.16 28.71 22.84
C ASN DC 117 -29.02 27.27 22.39
N SER DC 118 -28.38 26.43 23.19
CA SER DC 118 -28.28 25.01 22.85
C SER DC 118 -29.67 24.39 22.79
N LEU DC 119 -30.52 24.71 23.76
CA LEU DC 119 -31.85 24.13 23.80
C LEU DC 119 -32.70 24.63 22.64
N GLY DC 120 -32.45 25.86 22.20
CA GLY DC 120 -33.30 26.51 21.21
C GLY DC 120 -34.50 27.22 21.83
N VAL DC 121 -34.51 27.33 23.16
CA VAL DC 121 -35.50 28.15 23.84
C VAL DC 121 -35.35 29.60 23.38
N PRO DC 122 -36.46 30.31 23.06
CA PRO DC 122 -36.39 31.71 22.64
C PRO DC 122 -36.23 32.71 23.80
N ILE DC 123 -35.15 33.46 23.77
CA ILE DC 123 -34.79 34.34 24.88
C ILE DC 123 -35.80 35.46 25.00
N ALA DC 124 -36.20 36.07 23.87
CA ALA DC 124 -37.07 37.22 23.91
C ALA DC 124 -38.42 36.87 24.55
N ALA DC 125 -38.97 35.70 24.20
CA ALA DC 125 -40.20 35.23 24.81
C ALA DC 125 -40.05 35.05 26.31
N THR DC 126 -38.91 34.52 26.75
CA THR DC 126 -38.64 34.29 28.16
C THR DC 126 -38.62 35.65 28.86
N VAL DC 127 -37.95 36.63 28.23
CA VAL DC 127 -37.85 37.95 28.79
C VAL DC 127 -39.26 38.53 28.94
N GLY DC 128 -40.08 38.36 27.90
CA GLY DC 128 -41.47 38.78 27.92
C GLY DC 128 -42.23 38.22 29.13
N GLY DC 129 -42.04 36.92 29.39
CA GLY DC 129 -42.64 36.25 30.53
C GLY DC 129 -42.19 36.86 31.87
N ILE DC 130 -40.90 37.21 31.96
CA ILE DC 130 -40.36 37.79 33.18
C ILE DC 130 -41.03 39.14 33.42
N GLN DC 131 -41.15 39.94 32.34
CA GLN DC 131 -41.76 41.25 32.42
C GLN DC 131 -43.23 41.12 32.85
N ALA DC 132 -43.92 40.11 32.30
CA ALA DC 132 -45.29 39.85 32.68
C ALA DC 132 -45.38 39.52 34.17
N MET DC 133 -44.47 38.68 34.67
CA MET DC 133 -44.50 38.32 36.08
C MET DC 133 -44.34 39.57 36.92
N LYS DC 134 -43.45 40.47 36.46
CA LYS DC 134 -43.17 41.69 37.20
C LYS DC 134 -44.45 42.50 37.39
N GLU DC 135 -45.21 42.64 36.31
CA GLU DC 135 -46.45 43.40 36.33
C GLU DC 135 -47.44 42.80 37.33
N VAL DC 136 -47.63 41.49 37.28
CA VAL DC 136 -48.53 40.81 38.20
C VAL DC 136 -48.04 41.02 39.63
N VAL DC 137 -46.72 40.86 39.85
CA VAL DC 137 -46.14 40.94 41.17
C VAL DC 137 -46.39 42.35 41.72
N GLY DC 138 -46.18 43.35 40.85
CA GLY DC 138 -46.33 44.75 41.22
C GLY DC 138 -47.68 45.02 41.89
N GLY DC 139 -48.75 44.53 41.27
CA GLY DC 139 -50.09 44.64 41.80
C GLY DC 139 -50.19 44.08 43.23
N LEU DC 140 -49.77 42.83 43.42
CA LEU DC 140 -49.96 42.13 44.68
C LEU DC 140 -49.17 42.80 45.80
N VAL DC 141 -47.92 43.19 45.50
CA VAL DC 141 -47.00 43.66 46.53
C VAL DC 141 -47.46 45.04 47.00
N GLY DC 142 -48.01 45.83 46.08
CA GLY DC 142 -48.36 47.21 46.35
C GLY DC 142 -47.23 48.15 45.96
N PRO DC 143 -47.49 49.48 45.83
CA PRO DC 143 -46.57 50.41 45.16
C PRO DC 143 -45.15 50.56 45.71
N ASP DC 144 -45.03 50.74 47.03
CA ASP DC 144 -43.73 50.91 47.67
C ASP DC 144 -42.86 49.68 47.42
N ALA DC 145 -43.44 48.50 47.60
CA ALA DC 145 -42.75 47.24 47.40
C ALA DC 145 -42.46 47.03 45.91
N ALA DC 146 -43.38 47.48 45.04
CA ALA DC 146 -43.30 47.24 43.62
C ALA DC 146 -42.00 47.81 43.04
N LYS DC 147 -41.62 49.02 43.45
CA LYS DC 147 -40.44 49.66 42.91
C LYS DC 147 -39.22 48.78 43.16
N GLU DC 148 -39.11 48.30 44.40
CA GLU DC 148 -38.00 47.44 44.81
C GLU DC 148 -38.04 46.13 44.02
N ALA DC 149 -39.23 45.53 43.92
CA ALA DC 149 -39.39 44.27 43.22
C ALA DC 149 -39.01 44.43 41.74
N SER DC 150 -39.40 45.56 41.13
CA SER DC 150 -39.21 45.76 39.71
C SER DC 150 -37.74 45.70 39.31
N ILE DC 151 -36.85 46.27 40.14
CA ILE DC 151 -35.46 46.38 39.73
C ILE DC 151 -34.86 44.99 39.52
N TYR DC 152 -35.20 44.03 40.38
CA TYR DC 152 -34.64 42.69 40.30
C TYR DC 152 -35.19 41.97 39.06
N PHE DC 153 -36.48 42.14 38.78
CA PHE DC 153 -37.08 41.59 37.58
C PHE DC 153 -36.39 42.16 36.34
N ASP DC 154 -36.13 43.46 36.35
CA ASP DC 154 -35.48 44.11 35.22
C ASP DC 154 -34.06 43.60 35.06
N TYR DC 155 -33.39 43.34 36.19
CA TYR DC 155 -32.03 42.83 36.18
C TYR DC 155 -31.98 41.47 35.49
N LEU DC 156 -32.93 40.59 35.84
CA LEU DC 156 -33.03 39.28 35.21
C LEU DC 156 -33.22 39.45 33.72
N SER DC 157 -34.13 40.36 33.34
CA SER DC 157 -34.48 40.54 31.93
C SER DC 157 -33.25 41.00 31.14
N SER DC 158 -32.52 41.96 31.70
CA SER DC 158 -31.34 42.50 31.04
C SER DC 158 -30.27 41.42 30.87
N GLY DC 159 -30.09 40.59 31.90
CA GLY DC 159 -29.11 39.51 31.86
C GLY DC 159 -29.40 38.53 30.73
N LEU DC 160 -30.69 38.14 30.60
CA LEU DC 160 -31.07 37.13 29.64
C LEU DC 160 -30.88 37.70 28.25
N SER DC 161 -31.26 38.97 28.08
CA SER DC 161 -31.13 39.64 26.81
C SER DC 161 -29.75 40.30 26.72
N SER EC 2 -39.32 23.34 66.19
CA SER EC 2 -39.20 24.63 66.95
C SER EC 2 -37.95 25.38 66.46
N VAL EC 3 -37.85 26.67 66.81
CA VAL EC 3 -36.69 27.48 66.48
C VAL EC 3 -35.43 26.82 67.02
N LEU EC 4 -35.53 26.38 68.29
CA LEU EC 4 -34.34 25.91 68.95
C LEU EC 4 -33.87 24.63 68.27
N THR EC 5 -34.80 23.72 67.96
CA THR EC 5 -34.46 22.47 67.32
C THR EC 5 -33.73 22.75 66.02
N LYS EC 6 -34.26 23.69 65.24
CA LYS EC 6 -33.67 24.00 63.95
C LYS EC 6 -32.23 24.45 64.14
N ALA EC 7 -32.00 25.35 65.09
CA ALA EC 7 -30.66 25.89 65.31
C ALA EC 7 -29.68 24.80 65.72
N ILE EC 8 -30.10 23.93 66.64
CA ILE EC 8 -29.26 22.85 67.13
C ILE EC 8 -28.88 21.95 65.98
N VAL EC 9 -29.86 21.61 65.14
CA VAL EC 9 -29.63 20.69 64.04
C VAL EC 9 -28.59 21.25 63.09
N ASN EC 10 -28.65 22.55 62.78
CA ASN EC 10 -27.70 23.15 61.87
C ASN EC 10 -26.30 23.08 62.48
N ALA EC 11 -26.20 23.37 63.78
CA ALA EC 11 -24.94 23.33 64.48
C ALA EC 11 -24.35 21.94 64.45
N ASP EC 12 -25.18 20.92 64.71
CA ASP EC 12 -24.70 19.55 64.79
C ASP EC 12 -24.15 19.11 63.43
N ALA EC 13 -24.82 19.52 62.33
CA ALA EC 13 -24.34 19.20 61.00
C ALA EC 13 -22.95 19.79 60.79
N GLU EC 14 -22.79 21.03 61.22
CA GLU EC 14 -21.51 21.72 61.11
C GLU EC 14 -20.52 21.21 62.15
N ALA EC 15 -21.02 20.49 63.16
CA ALA EC 15 -20.20 19.96 64.23
C ALA EC 15 -19.55 21.07 65.03
N ARG EC 16 -20.30 22.16 65.26
CA ARG EC 16 -19.79 23.34 65.95
C ARG EC 16 -20.77 23.73 67.06
N TYR EC 17 -20.30 24.53 68.02
CA TYR EC 17 -21.16 25.16 69.01
C TYR EC 17 -22.03 26.22 68.32
N LEU EC 18 -23.14 26.58 68.94
CA LEU EC 18 -24.08 27.52 68.34
C LEU EC 18 -23.40 28.86 68.09
N SER EC 19 -23.64 29.39 66.89
CA SER EC 19 -23.10 30.66 66.45
C SER EC 19 -23.78 31.78 67.22
N PRO EC 20 -23.13 32.95 67.39
CA PRO EC 20 -23.71 34.08 68.10
C PRO EC 20 -25.06 34.50 67.51
N GLY EC 21 -25.09 34.59 66.17
CA GLY EC 21 -26.31 34.93 65.45
C GLY EC 21 -27.44 33.96 65.76
N GLU EC 22 -27.13 32.66 65.75
CA GLU EC 22 -28.07 31.62 66.08
C GLU EC 22 -28.57 31.80 67.51
N LEU EC 23 -27.63 32.10 68.43
CA LEU EC 23 -27.98 32.31 69.82
C LEU EC 23 -28.91 33.51 69.96
N ASP EC 24 -28.66 34.56 69.19
CA ASP EC 24 -29.46 35.78 69.26
C ASP EC 24 -30.90 35.47 68.88
N ARG EC 25 -31.08 34.67 67.82
CA ARG EC 25 -32.40 34.33 67.37
C ARG EC 25 -33.13 33.54 68.46
N ILE EC 26 -32.41 32.70 69.19
CA ILE EC 26 -33.02 31.95 70.28
C ILE EC 26 -33.50 32.91 71.36
N LYS EC 27 -32.68 33.92 71.66
CA LYS EC 27 -33.02 34.91 72.68
C LYS EC 27 -34.30 35.63 72.28
N SER EC 28 -34.37 36.04 71.00
CA SER EC 28 -35.53 36.77 70.52
C SER EC 28 -36.77 35.91 70.68
N PHE EC 29 -36.65 34.63 70.33
CA PHE EC 29 -37.75 33.69 70.34
C PHE EC 29 -38.31 33.54 71.76
N VAL EC 30 -37.42 33.44 72.76
CA VAL EC 30 -37.90 33.18 74.12
C VAL EC 30 -38.68 34.40 74.61
N ALA EC 31 -38.24 35.61 74.23
CA ALA EC 31 -38.97 36.82 74.57
C ALA EC 31 -40.34 36.83 73.89
N SER EC 32 -40.38 36.43 72.62
CA SER EC 32 -41.61 36.45 71.84
C SER EC 32 -42.62 35.43 72.38
N GLY EC 33 -42.14 34.35 72.98
CA GLY EC 33 -42.94 33.18 73.28
C GLY EC 33 -44.25 33.47 74.03
N GLU EC 34 -44.15 34.32 75.07
CA GLU EC 34 -45.30 34.63 75.90
C GLU EC 34 -46.44 35.25 75.06
N ARG EC 35 -46.06 36.22 74.22
CA ARG EC 35 -47.00 36.79 73.25
C ARG EC 35 -47.57 35.70 72.34
N ARG EC 36 -46.70 34.82 71.86
CA ARG EC 36 -47.12 33.75 70.97
C ARG EC 36 -48.14 32.86 71.64
N LEU EC 37 -47.93 32.57 72.92
CA LEU EC 37 -48.83 31.67 73.64
C LEU EC 37 -50.25 32.26 73.65
N ARG EC 38 -50.35 33.57 73.89
CA ARG EC 38 -51.63 34.26 73.91
C ARG EC 38 -52.30 34.17 72.54
N ILE EC 39 -51.55 34.39 71.46
CA ILE EC 39 -52.10 34.34 70.11
C ILE EC 39 -52.71 32.96 69.88
N ALA EC 40 -51.97 31.91 70.27
CA ALA EC 40 -52.44 30.54 70.10
C ALA EC 40 -53.71 30.31 70.90
N GLN EC 41 -53.73 30.84 72.13
CA GLN EC 41 -54.85 30.64 73.02
C GLN EC 41 -56.11 31.24 72.39
N THR EC 42 -55.97 32.45 71.83
CA THR EC 42 -57.09 33.14 71.22
C THR EC 42 -57.72 32.28 70.13
N LEU EC 43 -56.90 31.74 69.23
CA LEU EC 43 -57.38 30.95 68.11
C LEU EC 43 -58.05 29.67 68.60
N THR EC 44 -57.50 29.07 69.66
CA THR EC 44 -58.07 27.84 70.18
C THR EC 44 -59.50 28.09 70.65
N GLU EC 45 -59.72 29.22 71.35
CA GLU EC 45 -61.03 29.52 71.90
C GLU EC 45 -62.02 29.75 70.77
N ALA EC 46 -61.56 30.42 69.70
CA ALA EC 46 -62.42 30.78 68.58
C ALA EC 46 -62.43 29.66 67.53
N ARG EC 47 -61.84 28.51 67.86
CA ARG EC 47 -61.59 27.48 66.86
C ARG EC 47 -62.90 27.07 66.19
N GLU EC 48 -63.90 26.71 66.97
CA GLU EC 48 -65.18 26.18 66.48
C GLU EC 48 -65.80 27.12 65.46
N ARG EC 49 -65.84 28.43 65.81
CA ARG EC 49 -66.43 29.43 64.93
C ARG EC 49 -65.56 29.63 63.68
N ILE EC 50 -64.24 29.63 63.83
CA ILE EC 50 -63.35 29.87 62.69
C ILE EC 50 -63.64 28.79 61.64
N VAL EC 51 -63.70 27.54 62.08
CA VAL EC 51 -63.88 26.43 61.16
C VAL EC 51 -65.22 26.59 60.46
N LYS EC 52 -66.28 26.88 61.23
CA LYS EC 52 -67.63 26.97 60.69
C LYS EC 52 -67.68 28.08 59.63
N GLN EC 53 -67.19 29.27 59.98
CA GLN EC 53 -67.24 30.39 59.07
C GLN EC 53 -66.44 30.09 57.79
N ALA EC 54 -65.24 29.52 57.96
CA ALA EC 54 -64.37 29.24 56.82
C ALA EC 54 -65.03 28.23 55.88
N GLY EC 55 -65.67 27.21 56.47
CA GLY EC 55 -66.35 26.19 55.70
C GLY EC 55 -67.39 26.81 54.76
N ASP EC 56 -68.23 27.68 55.33
CA ASP EC 56 -69.29 28.33 54.60
C ASP EC 56 -68.70 29.14 53.44
N GLN EC 57 -67.65 29.91 53.75
CA GLN EC 57 -66.99 30.72 52.73
C GLN EC 57 -66.48 29.84 51.61
N LEU EC 58 -65.84 28.71 51.97
CA LEU EC 58 -65.25 27.82 50.99
C LEU EC 58 -66.36 27.28 50.09
N PHE EC 59 -67.48 26.86 50.69
CA PHE EC 59 -68.55 26.27 49.90
C PHE EC 59 -69.16 27.31 48.98
N GLN EC 60 -69.26 28.56 49.43
CA GLN EC 60 -69.73 29.63 48.56
C GLN EC 60 -68.73 29.85 47.43
N LYS EC 61 -67.42 29.86 47.76
CA LYS EC 61 -66.39 30.10 46.76
C LYS EC 61 -66.38 28.97 45.73
N ARG EC 62 -66.56 27.73 46.21
CA ARG EC 62 -66.53 26.56 45.36
C ARG EC 62 -67.83 25.77 45.50
N PRO EC 63 -68.87 26.09 44.70
CA PRO EC 63 -70.11 25.31 44.76
C PRO EC 63 -69.84 23.83 44.41
N ASP EC 64 -68.89 23.60 43.50
CA ASP EC 64 -68.64 22.27 42.94
C ASP EC 64 -68.29 21.25 44.02
N VAL EC 65 -67.47 21.63 44.98
CA VAL EC 65 -66.96 20.67 45.95
C VAL EC 65 -68.15 20.04 46.68
N VAL EC 66 -69.14 20.85 47.08
CA VAL EC 66 -70.37 20.33 47.66
C VAL EC 66 -71.42 20.24 46.55
N SER EC 67 -71.18 19.33 45.60
CA SER EC 67 -72.11 19.02 44.53
C SER EC 67 -72.00 17.52 44.29
N PRO EC 68 -72.99 16.86 43.65
CA PRO EC 68 -73.02 15.40 43.60
C PRO EC 68 -71.71 14.81 43.06
N GLY EC 69 -71.15 15.46 42.04
CA GLY EC 69 -69.84 15.09 41.54
C GLY EC 69 -68.73 15.28 42.58
N GLY EC 70 -68.80 16.41 43.32
CA GLY EC 70 -67.73 16.86 44.18
C GLY EC 70 -67.49 15.95 45.38
N ASN EC 71 -66.26 16.02 45.90
CA ASN EC 71 -65.80 15.12 46.96
C ASN EC 71 -66.52 15.44 48.27
N ALA EC 72 -66.73 16.73 48.51
CA ALA EC 72 -67.26 17.21 49.77
C ALA EC 72 -68.74 16.87 49.93
N TYR EC 73 -69.43 16.56 48.82
CA TYR EC 73 -70.87 16.42 48.81
C TYR EC 73 -71.35 15.28 49.71
N GLY EC 74 -72.48 15.54 50.40
CA GLY EC 74 -73.04 14.62 51.37
C GLY EC 74 -72.61 14.99 52.79
N GLU EC 75 -73.43 14.60 53.79
CA GLU EC 75 -73.19 14.98 55.17
C GLU EC 75 -71.88 14.37 55.66
N LYS EC 76 -71.67 13.06 55.41
CA LYS EC 76 -70.47 12.40 55.88
C LYS EC 76 -69.26 13.14 55.34
N MET EC 77 -69.26 13.38 54.03
CA MET EC 77 -68.14 14.00 53.36
C MET EC 77 -67.95 15.43 53.85
N THR EC 78 -69.04 16.18 54.04
CA THR EC 78 -68.91 17.56 54.48
C THR EC 78 -68.29 17.60 55.87
N ALA EC 79 -68.69 16.67 56.74
CA ALA EC 79 -68.11 16.59 58.07
C ALA EC 79 -66.60 16.37 57.99
N LEU EC 80 -66.19 15.44 57.12
CA LEU EC 80 -64.78 15.12 56.96
C LEU EC 80 -64.02 16.36 56.47
N CYS EC 81 -64.60 17.12 55.55
CA CYS EC 81 -63.96 18.32 55.06
C CYS EC 81 -63.77 19.32 56.19
N LEU EC 82 -64.76 19.44 57.07
CA LEU EC 82 -64.66 20.35 58.19
C LEU EC 82 -63.64 19.83 59.20
N ARG EC 83 -63.61 18.51 59.40
CA ARG EC 83 -62.63 17.91 60.29
C ARG EC 83 -61.22 18.24 59.80
N ASP EC 84 -61.00 18.17 58.49
CA ASP EC 84 -59.71 18.50 57.92
C ASP EC 84 -59.34 19.94 58.23
N LEU EC 85 -60.31 20.85 58.10
CA LEU EC 85 -60.05 22.25 58.37
C LEU EC 85 -59.66 22.41 59.84
N ASP EC 86 -60.35 21.68 60.72
CA ASP EC 86 -60.05 21.74 62.13
C ASP EC 86 -58.62 21.26 62.39
N TYR EC 87 -58.22 20.16 61.74
CA TYR EC 87 -56.88 19.61 61.87
C TYR EC 87 -55.84 20.67 61.52
N TYR EC 88 -56.05 21.35 60.40
CA TYR EC 88 -55.07 22.32 59.96
C TYR EC 88 -55.00 23.47 60.95
N LEU EC 89 -56.13 23.86 61.54
CA LEU EC 89 -56.10 24.95 62.51
C LEU EC 89 -55.28 24.54 63.73
N ARG EC 90 -55.47 23.30 64.20
CA ARG EC 90 -54.73 22.82 65.35
C ARG EC 90 -53.23 22.86 65.04
N LEU EC 91 -52.87 22.45 63.83
CA LEU EC 91 -51.47 22.46 63.41
C LEU EC 91 -50.94 23.89 63.45
N VAL EC 92 -51.72 24.86 62.96
CA VAL EC 92 -51.25 26.24 62.93
C VAL EC 92 -50.98 26.72 64.35
N THR EC 93 -51.84 26.39 65.31
CA THR EC 93 -51.63 26.83 66.68
C THR EC 93 -50.30 26.27 67.18
N TYR EC 94 -50.06 24.97 66.91
CA TYR EC 94 -48.82 24.34 67.32
C TYR EC 94 -47.64 25.10 66.75
N GLY EC 95 -47.75 25.50 65.48
CA GLY EC 95 -46.69 26.22 64.81
C GLY EC 95 -46.36 27.54 65.48
N ILE EC 96 -47.40 28.29 65.88
CA ILE EC 96 -47.20 29.60 66.46
C ILE EC 96 -46.39 29.47 67.75
N VAL EC 97 -46.75 28.50 68.60
CA VAL EC 97 -46.03 28.34 69.85
C VAL EC 97 -44.60 27.89 69.57
N ALA EC 98 -44.41 27.01 68.58
CA ALA EC 98 -43.09 26.51 68.23
C ALA EC 98 -42.22 27.58 67.62
N GLY EC 99 -42.83 28.52 66.89
CA GLY EC 99 -42.08 29.57 66.21
C GLY EC 99 -41.48 29.09 64.90
N ASP EC 100 -41.87 27.88 64.48
CA ASP EC 100 -41.34 27.28 63.27
C ASP EC 100 -42.45 26.41 62.67
N VAL EC 101 -42.33 26.14 61.37
CA VAL EC 101 -43.35 25.36 60.67
C VAL EC 101 -43.02 23.88 60.79
N THR EC 102 -41.85 23.53 61.30
CA THR EC 102 -41.43 22.13 61.35
C THR EC 102 -42.50 21.25 61.99
N PRO EC 103 -43.04 21.58 63.19
CA PRO EC 103 -44.08 20.74 63.80
C PRO EC 103 -45.27 20.56 62.85
N ILE EC 104 -45.70 21.66 62.24
CA ILE EC 104 -46.78 21.66 61.27
C ILE EC 104 -46.41 20.72 60.13
N GLU EC 105 -45.18 20.86 59.64
CA GLU EC 105 -44.72 20.21 58.42
C GLU EC 105 -44.76 18.70 58.55
N GLU EC 106 -44.22 18.16 59.65
CA GLU EC 106 -44.18 16.72 59.84
C GLU EC 106 -45.58 16.12 59.87
N ILE EC 107 -46.51 16.75 60.59
CA ILE EC 107 -47.84 16.17 60.79
C ILE EC 107 -48.69 16.31 59.52
N GLY EC 108 -48.56 17.42 58.79
CA GLY EC 108 -49.56 17.79 57.81
C GLY EC 108 -49.05 17.97 56.37
N ILE EC 109 -47.79 18.35 56.15
CA ILE EC 109 -47.44 18.84 54.83
C ILE EC 109 -46.64 17.79 54.04
N ILE EC 110 -46.16 16.72 54.67
CA ILE EC 110 -45.36 15.74 53.94
C ILE EC 110 -46.26 14.56 53.59
N GLY EC 111 -46.36 14.30 52.28
CA GLY EC 111 -47.24 13.26 51.77
C GLY EC 111 -48.67 13.76 51.61
N VAL EC 112 -48.92 15.05 51.84
CA VAL EC 112 -50.27 15.59 51.78
C VAL EC 112 -50.82 15.41 50.37
N LYS EC 113 -49.98 15.72 49.36
CA LYS EC 113 -50.40 15.64 47.97
C LYS EC 113 -50.86 14.22 47.68
N GLU EC 114 -50.05 13.25 48.08
CA GLU EC 114 -50.31 11.84 47.80
C GLU EC 114 -51.60 11.39 48.48
N MET EC 115 -51.79 11.79 49.73
CA MET EC 115 -52.98 11.40 50.48
C MET EC 115 -54.22 11.94 49.78
N TYR EC 116 -54.21 13.23 49.45
CA TYR EC 116 -55.38 13.85 48.85
C TYR EC 116 -55.62 13.28 47.45
N ASN EC 117 -54.56 12.98 46.70
CA ASN EC 117 -54.74 12.41 45.38
C ASN EC 117 -55.42 11.05 45.46
N SER EC 118 -55.06 10.21 46.43
CA SER EC 118 -55.76 8.96 46.60
C SER EC 118 -57.22 9.23 46.94
N LEU EC 119 -57.46 10.19 47.84
CA LEU EC 119 -58.83 10.52 48.22
C LEU EC 119 -59.57 11.13 47.04
N GLN EC 120 -58.83 11.83 46.16
CA GLN EC 120 -59.36 12.51 44.99
C GLN EC 120 -59.89 13.89 45.36
N THR EC 121 -59.69 14.29 46.62
CA THR EC 121 -59.99 15.65 47.05
C THR EC 121 -59.16 16.63 46.22
N PRO EC 122 -59.74 17.74 45.71
CA PRO EC 122 -58.95 18.75 45.02
C PRO EC 122 -58.10 19.58 45.97
N ILE EC 123 -56.79 19.66 45.68
CA ILE EC 123 -55.84 20.32 46.55
C ILE EC 123 -56.15 21.82 46.57
N PRO EC 124 -56.44 22.48 45.42
CA PRO EC 124 -56.68 23.92 45.44
C PRO EC 124 -57.84 24.36 46.34
N ALA EC 125 -58.90 23.53 46.38
CA ALA EC 125 -60.04 23.81 47.23
C ALA EC 125 -59.63 23.77 48.70
N VAL EC 126 -58.76 22.81 49.06
CA VAL EC 126 -58.28 22.68 50.42
C VAL EC 126 -57.53 23.98 50.77
N ALA EC 127 -56.72 24.45 49.83
CA ALA EC 127 -55.94 25.68 50.03
C ALA EC 127 -56.88 26.86 50.27
N GLU EC 128 -57.97 26.93 49.51
CA GLU EC 128 -58.94 28.00 49.64
C GLU EC 128 -59.54 27.99 51.05
N GLY EC 129 -59.87 26.79 51.55
CA GLY EC 129 -60.39 26.62 52.90
C GLY EC 129 -59.44 27.18 53.94
N VAL EC 130 -58.15 26.92 53.76
CA VAL EC 130 -57.14 27.42 54.69
C VAL EC 130 -57.08 28.94 54.59
N ARG EC 131 -57.14 29.48 53.36
CA ARG EC 131 -57.16 30.91 53.16
C ARG EC 131 -58.36 31.52 53.89
N ALA EC 132 -59.52 30.88 53.73
CA ALA EC 132 -60.73 31.33 54.39
C ALA EC 132 -60.55 31.36 55.90
N MET EC 133 -59.95 30.30 56.45
CA MET EC 133 -59.73 30.23 57.89
C MET EC 133 -58.83 31.37 58.32
N LYS EC 134 -57.83 31.70 57.49
CA LYS EC 134 -56.90 32.77 57.81
C LYS EC 134 -57.67 34.08 57.99
N ASN EC 135 -58.59 34.36 57.07
CA ASN EC 135 -59.32 35.64 57.08
C ASN EC 135 -60.14 35.75 58.36
N VAL EC 136 -60.83 34.67 58.73
CA VAL EC 136 -61.62 34.65 59.94
C VAL EC 136 -60.70 34.87 61.14
N ALA EC 137 -59.59 34.14 61.18
CA ALA EC 137 -58.66 34.20 62.29
C ALA EC 137 -58.08 35.61 62.43
N THR EC 138 -57.75 36.22 61.28
CA THR EC 138 -57.15 37.54 61.25
C THR EC 138 -58.07 38.55 61.93
N SER EC 139 -59.37 38.47 61.64
CA SER EC 139 -60.34 39.41 62.17
C SER EC 139 -60.35 39.41 63.69
N LEU EC 140 -60.30 38.20 64.30
CA LEU EC 140 -60.36 38.08 65.74
C LEU EC 140 -59.04 38.53 66.37
N LEU EC 141 -57.94 38.30 65.65
CA LEU EC 141 -56.62 38.65 66.18
C LEU EC 141 -56.38 40.15 66.01
N SER EC 142 -55.58 40.72 66.91
CA SER EC 142 -55.06 42.07 66.74
C SER EC 142 -54.07 42.07 65.57
N GLY EC 143 -53.83 43.25 64.98
CA GLY EC 143 -53.10 43.39 63.72
C GLY EC 143 -51.72 42.72 63.73
N ASP EC 144 -50.91 43.05 64.76
CA ASP EC 144 -49.58 42.47 64.91
C ASP EC 144 -49.69 40.95 65.11
N ASP EC 145 -50.64 40.54 65.96
CA ASP EC 145 -50.89 39.14 66.21
C ASP EC 145 -51.28 38.46 64.91
N ALA EC 146 -52.14 39.14 64.12
CA ALA EC 146 -52.66 38.60 62.87
C ALA EC 146 -51.51 38.35 61.90
N ALA EC 147 -50.54 39.28 61.84
CA ALA EC 147 -49.42 39.14 60.92
C ALA EC 147 -48.63 37.87 61.24
N GLU EC 148 -48.36 37.65 62.53
CA GLU EC 148 -47.65 36.45 62.98
C GLU EC 148 -48.43 35.21 62.54
N ALA EC 149 -49.73 35.19 62.84
CA ALA EC 149 -50.58 34.07 62.48
C ALA EC 149 -50.63 33.89 60.97
N GLY EC 150 -50.65 35.00 60.22
CA GLY EC 150 -50.73 34.96 58.78
C GLY EC 150 -49.60 34.14 58.16
N PHE EC 151 -48.38 34.33 58.69
CA PHE EC 151 -47.22 33.66 58.14
C PHE EC 151 -47.45 32.15 58.14
N TYR EC 152 -47.93 31.60 59.26
CA TYR EC 152 -48.16 30.18 59.39
C TYR EC 152 -49.27 29.75 58.44
N PHE EC 153 -50.32 30.55 58.35
CA PHE EC 153 -51.43 30.26 57.44
C PHE EC 153 -50.93 30.24 56.00
N ASP EC 154 -50.09 31.21 55.64
CA ASP EC 154 -49.56 31.32 54.30
C ASP EC 154 -48.72 30.09 53.95
N TYR EC 155 -47.91 29.64 54.91
CA TYR EC 155 -47.07 28.47 54.70
C TYR EC 155 -47.93 27.29 54.30
N LEU EC 156 -49.03 27.08 55.02
CA LEU EC 156 -49.92 25.96 54.76
C LEU EC 156 -50.44 26.06 53.34
N VAL EC 157 -50.88 27.28 52.96
CA VAL EC 157 -51.42 27.49 51.63
C VAL EC 157 -50.35 27.18 50.59
N GLY EC 158 -49.12 27.63 50.85
CA GLY EC 158 -48.00 27.36 49.96
C GLY EC 158 -47.71 25.86 49.85
N ALA EC 159 -47.76 25.16 50.98
CA ALA EC 159 -47.44 23.74 51.03
C ALA EC 159 -48.42 22.93 50.17
N MET EC 160 -49.70 23.26 50.20
CA MET EC 160 -50.64 22.54 49.34
C MET EC 160 -50.83 23.35 48.05
N MET FC 1 -33.94 16.21 66.20
CA MET FC 1 -34.04 15.78 67.61
C MET FC 1 -35.37 16.16 68.19
N GLN FC 2 -35.53 16.24 69.54
CA GLN FC 2 -36.72 16.87 70.07
C GLN FC 2 -36.30 17.91 71.12
N ASP FC 3 -37.18 18.89 71.33
CA ASP FC 3 -36.94 19.85 72.38
C ASP FC 3 -38.09 19.81 73.37
N ALA FC 4 -38.13 20.81 74.25
CA ALA FC 4 -39.21 20.88 75.23
C ALA FC 4 -40.51 21.27 74.52
N ILE FC 5 -40.44 22.34 73.74
CA ILE FC 5 -41.62 22.88 73.08
C ILE FC 5 -42.22 21.81 72.18
N THR FC 6 -41.39 21.16 71.37
CA THR FC 6 -41.88 20.15 70.44
C THR FC 6 -42.42 18.93 71.21
N ALA FC 7 -41.79 18.59 72.34
CA ALA FC 7 -42.24 17.45 73.13
C ALA FC 7 -43.70 17.65 73.59
N VAL FC 8 -44.00 18.87 74.07
CA VAL FC 8 -45.35 19.19 74.49
C VAL FC 8 -46.29 19.06 73.30
N ILE FC 9 -45.90 19.66 72.17
CA ILE FC 9 -46.71 19.63 70.97
C ILE FC 9 -47.00 18.17 70.59
N ASN FC 10 -45.96 17.31 70.63
CA ASN FC 10 -46.16 15.97 70.13
C ASN FC 10 -47.13 15.22 71.03
N ASN FC 11 -47.03 15.44 72.35
CA ASN FC 11 -47.90 14.76 73.29
C ASN FC 11 -49.35 15.14 73.00
N TYR FC 12 -49.59 16.43 72.71
CA TYR FC 12 -50.93 16.91 72.40
C TYR FC 12 -51.40 16.35 71.06
N ASP FC 13 -50.49 16.27 70.08
CA ASP FC 13 -50.86 15.80 68.77
C ASP FC 13 -51.34 14.34 68.80
N VAL FC 14 -50.69 13.48 69.59
CA VAL FC 14 -51.12 12.09 69.65
C VAL FC 14 -52.50 12.03 70.29
N GLN FC 15 -52.76 12.89 71.27
CA GLN FC 15 -54.08 12.98 71.86
C GLN FC 15 -55.05 13.61 70.88
N GLY FC 16 -54.55 14.47 69.99
CA GLY FC 16 -55.37 15.18 69.03
C GLY FC 16 -55.95 16.45 69.64
N LYS FC 17 -55.56 16.71 70.90
CA LYS FC 17 -56.07 17.84 71.66
C LYS FC 17 -55.42 19.13 71.16
N TYR FC 18 -56.22 20.21 71.12
CA TYR FC 18 -55.69 21.56 70.94
C TYR FC 18 -54.88 21.93 72.18
N LEU FC 19 -53.94 22.86 72.01
CA LEU FC 19 -53.10 23.27 73.13
C LEU FC 19 -53.97 23.92 74.20
N ASP FC 20 -53.71 23.56 75.46
CA ASP FC 20 -54.51 24.01 76.57
C ASP FC 20 -53.62 24.76 77.57
N GLY FC 21 -54.25 25.44 78.54
CA GLY FC 21 -53.54 26.30 79.47
C GLY FC 21 -52.45 25.55 80.24
N ALA FC 22 -52.76 24.34 80.71
CA ALA FC 22 -51.79 23.51 81.41
C ALA FC 22 -50.55 23.29 80.55
N ALA FC 23 -50.79 22.93 79.28
CA ALA FC 23 -49.70 22.80 78.32
C ALA FC 23 -48.98 24.14 78.16
N LEU FC 24 -49.74 25.23 78.08
CA LEU FC 24 -49.17 26.55 77.88
C LEU FC 24 -48.24 26.89 79.04
N ASP FC 25 -48.63 26.51 80.27
CA ASP FC 25 -47.84 26.79 81.45
C ASP FC 25 -46.46 26.13 81.38
N LYS FC 26 -46.43 24.88 80.90
CA LYS FC 26 -45.16 24.17 80.73
C LYS FC 26 -44.30 24.92 79.72
N LEU FC 27 -44.92 25.38 78.64
CA LEU FC 27 -44.19 26.11 77.61
C LEU FC 27 -43.67 27.41 78.21
N LYS FC 28 -44.49 28.06 79.03
CA LYS FC 28 -44.15 29.34 79.64
C LYS FC 28 -42.95 29.14 80.56
N ALA FC 29 -42.97 28.04 81.31
CA ALA FC 29 -41.87 27.72 82.21
C ALA FC 29 -40.57 27.66 81.43
N TYR FC 30 -40.60 26.96 80.28
CA TYR FC 30 -39.42 26.83 79.45
C TYR FC 30 -38.93 28.21 79.01
N PHE FC 31 -39.84 29.09 78.63
CA PHE FC 31 -39.48 30.37 78.05
C PHE FC 31 -38.69 31.22 79.04
N THR FC 32 -39.07 31.18 80.32
CA THR FC 32 -38.35 31.91 81.36
C THR FC 32 -36.93 31.35 81.51
N THR FC 33 -36.79 30.02 81.50
CA THR FC 33 -35.49 29.38 81.69
C THR FC 33 -34.59 29.69 80.50
N GLY FC 34 -35.17 29.87 79.33
CA GLY FC 34 -34.47 30.01 78.06
C GLY FC 34 -33.33 31.00 78.09
N ALA FC 35 -33.60 32.21 78.61
CA ALA FC 35 -32.60 33.29 78.58
C ALA FC 35 -31.33 32.86 79.32
N VAL FC 36 -31.52 32.25 80.49
CA VAL FC 36 -30.41 31.75 81.30
C VAL FC 36 -29.60 30.74 80.49
N ARG FC 37 -30.30 29.82 79.83
CA ARG FC 37 -29.67 28.74 79.09
C ARG FC 37 -28.77 29.32 77.99
N VAL FC 38 -29.27 30.33 77.27
CA VAL FC 38 -28.50 30.91 76.19
C VAL FC 38 -27.19 31.46 76.73
N ARG FC 39 -27.25 32.15 77.87
CA ARG FC 39 -26.05 32.72 78.46
C ARG FC 39 -25.07 31.61 78.83
N ALA FC 40 -25.59 30.53 79.43
CA ALA FC 40 -24.76 29.41 79.84
C ALA FC 40 -24.04 28.79 78.65
N ALA FC 41 -24.78 28.61 77.55
CA ALA FC 41 -24.23 27.98 76.37
C ALA FC 41 -23.04 28.77 75.82
N ALA FC 42 -23.16 30.10 75.80
CA ALA FC 42 -22.09 30.94 75.29
C ALA FC 42 -20.85 30.81 76.17
N VAL FC 43 -21.06 30.75 77.49
CA VAL FC 43 -19.96 30.58 78.42
C VAL FC 43 -19.24 29.27 78.13
N ILE FC 44 -20.00 28.19 77.96
CA ILE FC 44 -19.40 26.89 77.77
C ILE FC 44 -18.60 26.87 76.48
N SER FC 45 -19.16 27.42 75.39
CA SER FC 45 -18.48 27.37 74.11
C SER FC 45 -17.12 28.06 74.18
N SER FC 46 -17.06 29.22 74.85
CA SER FC 46 -15.83 30.00 74.94
C SER FC 46 -14.77 29.26 75.76
N ASN FC 47 -15.21 28.55 76.81
CA ASN FC 47 -14.28 27.94 77.77
C ASN FC 47 -14.15 26.44 77.53
N ALA FC 48 -14.59 25.95 76.37
CA ALA FC 48 -14.69 24.52 76.14
C ALA FC 48 -13.33 23.83 76.29
N THR FC 49 -12.31 24.39 75.62
CA THR FC 49 -10.98 23.80 75.64
C THR FC 49 -10.49 23.67 77.08
N THR FC 50 -10.65 24.74 77.87
CA THR FC 50 -10.19 24.77 79.25
C THR FC 50 -10.99 23.78 80.08
N ILE FC 51 -12.30 23.70 79.85
CA ILE FC 51 -13.14 22.82 80.64
C ILE FC 51 -12.59 21.40 80.50
N ILE FC 52 -12.27 21.02 79.26
CA ILE FC 52 -11.79 19.67 79.00
C ILE FC 52 -10.45 19.48 79.71
N LYS FC 53 -9.56 20.48 79.59
CA LYS FC 53 -8.25 20.42 80.20
C LYS FC 53 -8.36 20.20 81.70
N GLU FC 54 -9.20 20.99 82.36
CA GLU FC 54 -9.35 20.93 83.80
C GLU FC 54 -9.89 19.56 84.21
N ALA FC 55 -10.90 19.08 83.48
CA ALA FC 55 -11.53 17.81 83.82
C ALA FC 55 -10.53 16.68 83.66
N ALA FC 56 -9.73 16.73 82.60
CA ALA FC 56 -8.72 15.69 82.38
C ALA FC 56 -7.73 15.68 83.53
N ALA FC 57 -7.30 16.90 83.93
CA ALA FC 57 -6.37 17.07 85.03
C ALA FC 57 -6.93 16.46 86.32
N LYS FC 58 -8.23 16.68 86.56
CA LYS FC 58 -8.89 16.17 87.74
C LYS FC 58 -8.92 14.65 87.76
N ALA FC 59 -9.19 13.98 86.61
CA ALA FC 59 -9.44 12.55 86.62
C ALA FC 59 -8.47 11.75 85.73
N LEU FC 60 -8.34 12.14 84.47
CA LEU FC 60 -7.72 11.27 83.48
C LEU FC 60 -6.19 11.25 83.62
N ILE FC 61 -5.54 12.41 83.71
CA ILE FC 61 -4.10 12.43 83.63
C ILE FC 61 -3.51 12.13 85.00
N TYR FC 62 -2.17 11.97 85.05
CA TYR FC 62 -1.43 11.64 86.27
C TYR FC 62 -2.00 10.37 86.89
N SER FC 63 -2.40 9.41 86.04
CA SER FC 63 -3.13 8.24 86.48
C SER FC 63 -2.54 7.03 85.80
N ASP FC 64 -2.99 5.84 86.22
CA ASP FC 64 -2.58 4.61 85.55
C ASP FC 64 -2.98 4.62 84.07
N LEU FC 65 -4.14 5.22 83.74
CA LEU FC 65 -4.60 5.26 82.38
C LEU FC 65 -3.54 5.84 81.46
N THR FC 66 -2.98 6.97 81.86
CA THR FC 66 -1.98 7.61 81.03
C THR FC 66 -0.66 6.84 81.07
N ARG FC 67 -0.40 6.08 82.15
CA ARG FC 67 0.85 5.35 82.27
C ARG FC 67 0.82 4.16 81.32
N PRO FC 68 1.99 3.63 80.87
CA PRO FC 68 2.01 2.52 79.91
C PRO FC 68 1.23 1.31 80.38
N GLY FC 69 0.45 0.74 79.46
CA GLY FC 69 -0.46 -0.35 79.81
C GLY FC 69 -1.85 0.15 80.21
N GLY FC 70 -2.03 1.47 80.24
CA GLY FC 70 -3.32 2.08 80.55
C GLY FC 70 -4.09 2.39 79.29
N MET FC 72 -5.49 5.00 78.14
CA MET FC 72 -5.25 6.27 77.48
C MET FC 72 -3.76 6.47 77.19
N TYR FC 73 -2.96 5.42 77.37
CA TYR FC 73 -1.56 5.44 76.98
C TYR FC 73 -1.42 5.44 75.46
N THR FC 74 -0.35 6.08 74.96
CA THR FC 74 -0.06 6.34 73.55
C THR FC 74 -0.78 7.62 73.13
N THR FC 75 -0.19 8.37 72.20
CA THR FC 75 -0.77 9.63 71.80
C THR FC 75 -2.14 9.41 71.17
N ARG FC 76 -2.25 8.38 70.34
CA ARG FC 76 -3.47 8.11 69.60
C ARG FC 76 -4.64 7.93 70.56
N ARG FC 77 -4.46 7.09 71.58
CA ARG FC 77 -5.51 6.87 72.56
C ARG FC 77 -5.79 8.13 73.37
N TYR FC 78 -4.76 8.87 73.75
CA TYR FC 78 -4.98 10.09 74.52
C TYR FC 78 -5.86 11.03 73.71
N ALA FC 79 -5.52 11.19 72.43
CA ALA FC 79 -6.25 12.11 71.58
C ALA FC 79 -7.71 11.66 71.44
N ALA FC 80 -7.93 10.35 71.30
CA ALA FC 80 -9.28 9.81 71.20
C ALA FC 80 -10.10 10.18 72.44
N CYS FC 81 -9.50 10.00 73.62
CA CYS FC 81 -10.23 10.23 74.85
C CYS FC 81 -10.65 11.70 74.95
N ILE FC 82 -9.75 12.63 74.59
CA ILE FC 82 -10.11 14.03 74.72
C ILE FC 82 -11.14 14.39 73.65
N ARG FC 83 -11.09 13.73 72.49
CA ARG FC 83 -12.11 13.95 71.47
C ARG FC 83 -13.48 13.54 72.00
N ASP FC 84 -13.54 12.40 72.68
CA ASP FC 84 -14.80 11.93 73.24
C ASP FC 84 -15.31 12.94 74.26
N MET FC 85 -14.41 13.50 75.07
CA MET FC 85 -14.78 14.44 76.10
C MET FC 85 -15.44 15.66 75.47
N ASP FC 86 -14.84 16.14 74.38
CA ASP FC 86 -15.40 17.26 73.65
C ASP FC 86 -16.81 16.96 73.15
N TYR FC 87 -17.01 15.76 72.61
CA TYR FC 87 -18.32 15.36 72.13
C TYR FC 87 -19.34 15.52 73.25
N PHE FC 88 -19.02 14.92 74.42
CA PHE FC 88 -19.97 14.94 75.51
C PHE FC 88 -20.31 16.39 75.84
N LEU FC 89 -19.31 17.25 75.89
CA LEU FC 89 -19.55 18.63 76.26
C LEU FC 89 -20.47 19.32 75.23
N ARG FC 90 -20.18 19.15 73.93
CA ARG FC 90 -20.94 19.81 72.90
C ARG FC 90 -22.41 19.38 72.96
N TYR FC 91 -22.63 18.07 73.14
CA TYR FC 91 -23.97 17.53 73.11
C TYR FC 91 -24.73 17.99 74.35
N ALA FC 92 -24.05 18.02 75.49
CA ALA FC 92 -24.69 18.48 76.71
C ALA FC 92 -25.14 19.92 76.55
N THR FC 93 -24.31 20.75 75.91
CA THR FC 93 -24.67 22.13 75.66
C THR FC 93 -25.91 22.19 74.77
N TYR FC 94 -25.96 21.34 73.73
CA TYR FC 94 -27.11 21.29 72.85
C TYR FC 94 -28.36 20.94 73.66
N ALA FC 95 -28.22 19.92 74.53
CA ALA FC 95 -29.33 19.45 75.32
C ALA FC 95 -29.85 20.55 76.24
N MET FC 96 -28.92 21.30 76.82
CA MET FC 96 -29.29 22.34 77.76
C MET FC 96 -30.12 23.41 77.05
N LEU FC 97 -29.69 23.84 75.86
CA LEU FC 97 -30.47 24.79 75.10
C LEU FC 97 -31.84 24.20 74.78
N ALA FC 98 -31.87 22.94 74.33
CA ALA FC 98 -33.11 22.32 73.91
C ALA FC 98 -34.07 22.17 75.09
N GLY FC 99 -33.53 21.87 76.26
CA GLY FC 99 -34.36 21.58 77.40
C GLY FC 99 -34.88 20.13 77.37
N ASP FC 100 -34.29 19.29 76.50
CA ASP FC 100 -34.71 17.91 76.38
C ASP FC 100 -33.48 17.00 76.34
N PRO FC 101 -33.51 15.84 77.02
CA PRO FC 101 -32.43 14.87 76.97
C PRO FC 101 -32.35 13.98 75.73
N SER FC 102 -33.35 14.07 74.85
CA SER FC 102 -33.52 13.16 73.73
C SER FC 102 -32.30 13.17 72.79
N ILE FC 103 -31.78 14.35 72.48
CA ILE FC 103 -30.68 14.44 71.54
C ILE FC 103 -29.50 13.60 72.06
N LEU FC 104 -29.28 13.59 73.38
CA LEU FC 104 -28.21 12.79 73.94
C LEU FC 104 -28.44 11.33 73.60
N ASP FC 105 -29.68 10.85 73.77
CA ASP FC 105 -30.01 9.48 73.45
C ASP FC 105 -29.80 9.17 71.98
N GLU FC 106 -30.25 10.06 71.10
CA GLU FC 106 -30.22 9.82 69.67
C GLU FC 106 -28.80 9.82 69.13
N ARG FC 107 -27.91 10.69 69.60
CA ARG FC 107 -26.56 10.75 69.08
C ARG FC 107 -25.55 10.04 69.98
N VAL FC 108 -25.41 10.50 71.21
CA VAL FC 108 -24.29 10.08 72.03
C VAL FC 108 -24.59 8.70 72.61
N LEU FC 109 -25.75 8.55 73.25
CA LEU FC 109 -25.93 7.44 74.16
C LEU FC 109 -26.13 6.13 73.43
N ASN FC 110 -26.64 6.15 72.20
CA ASN FC 110 -27.07 4.91 71.56
C ASN FC 110 -25.86 4.12 71.05
N GLY FC 111 -25.70 2.88 71.55
CA GLY FC 111 -24.58 2.05 71.14
C GLY FC 111 -23.24 2.40 71.80
N LEU FC 112 -23.16 3.39 72.67
CA LEU FC 112 -21.88 3.79 73.22
C LEU FC 112 -21.35 2.70 74.15
N LYS FC 113 -22.23 2.14 74.99
CA LYS FC 113 -21.80 1.16 75.96
C LYS FC 113 -21.15 -0.02 75.24
N GLU FC 114 -21.84 -0.49 74.19
CA GLU FC 114 -21.39 -1.64 73.42
C GLU FC 114 -20.06 -1.33 72.75
N THR FC 115 -19.94 -0.14 72.14
CA THR FC 115 -18.70 0.28 71.51
C THR FC 115 -17.57 0.24 72.51
N TYR FC 116 -17.81 0.83 73.68
CA TYR FC 116 -16.77 0.93 74.69
C TYR FC 116 -16.35 -0.47 75.15
N ASN FC 117 -17.31 -1.37 75.33
CA ASN FC 117 -17.01 -2.70 75.80
C ASN FC 117 -16.13 -3.45 74.79
N SER FC 118 -16.45 -3.34 73.49
CA SER FC 118 -15.61 -3.95 72.48
C SER FC 118 -14.23 -3.33 72.50
N LEU FC 119 -14.15 -2.00 72.62
CA LEU FC 119 -12.87 -1.32 72.59
C LEU FC 119 -12.06 -1.67 73.83
N GLY FC 120 -12.75 -1.92 74.96
CA GLY FC 120 -12.08 -2.10 76.24
C GLY FC 120 -11.81 -0.77 76.94
N VAL FC 121 -12.41 0.32 76.44
CA VAL FC 121 -12.43 1.58 77.17
C VAL FC 121 -13.15 1.37 78.50
N PRO FC 122 -12.62 1.88 79.63
CA PRO FC 122 -13.29 1.74 80.93
C PRO FC 122 -14.43 2.74 81.15
N ILE FC 123 -15.66 2.23 81.33
CA ILE FC 123 -16.83 3.08 81.42
C ILE FC 123 -16.76 3.96 82.67
N ALA FC 124 -16.38 3.36 83.80
CA ALA FC 124 -16.39 4.08 85.06
C ALA FC 124 -15.47 5.31 85.01
N ALA FC 125 -14.28 5.15 84.43
CA ALA FC 125 -13.35 6.26 84.26
C ALA FC 125 -13.96 7.35 83.38
N THR FC 126 -14.66 6.95 82.31
CA THR FC 126 -15.29 7.90 81.41
C THR FC 126 -16.34 8.67 82.18
N VAL FC 127 -17.13 7.95 82.98
CA VAL FC 127 -18.18 8.57 83.77
C VAL FC 127 -17.54 9.58 84.70
N GLY FC 128 -16.44 9.19 85.36
CA GLY FC 128 -15.68 10.08 86.23
C GLY FC 128 -15.30 11.39 85.53
N GLY FC 129 -14.81 11.27 84.30
CA GLY FC 129 -14.46 12.42 83.48
C GLY FC 129 -15.66 13.33 83.20
N ILE FC 130 -16.81 12.72 82.93
CA ILE FC 130 -18.03 13.48 82.64
C ILE FC 130 -18.41 14.27 83.89
N GLN FC 131 -18.35 13.61 85.05
CA GLN FC 131 -18.69 14.24 86.32
C GLN FC 131 -17.73 15.38 86.60
N ALA FC 132 -16.45 15.20 86.31
CA ALA FC 132 -15.47 16.25 86.46
C ALA FC 132 -15.81 17.43 85.58
N MET FC 133 -16.19 17.18 84.32
CA MET FC 133 -16.55 18.27 83.42
C MET FC 133 -17.71 19.04 84.01
N LYS FC 134 -18.66 18.31 84.58
CA LYS FC 134 -19.86 18.92 85.15
C LYS FC 134 -19.48 19.94 86.22
N GLU FC 135 -18.58 19.52 87.11
CA GLU FC 135 -18.13 20.36 88.21
C GLU FC 135 -17.48 21.65 87.67
N VAL FC 136 -16.58 21.51 86.69
CA VAL FC 136 -15.93 22.67 86.10
C VAL FC 136 -16.98 23.56 85.46
N VAL FC 137 -17.92 22.95 84.72
CA VAL FC 137 -18.93 23.71 83.99
C VAL FC 137 -19.76 24.49 84.99
N GLY FC 138 -20.12 23.83 86.09
CA GLY FC 138 -20.97 24.42 87.12
C GLY FC 138 -20.43 25.77 87.59
N GLY FC 139 -19.13 25.81 87.88
CA GLY FC 139 -18.44 27.02 88.27
C GLY FC 139 -18.63 28.15 87.26
N LEU FC 140 -18.30 27.87 85.98
CA LEU FC 140 -18.29 28.90 84.95
C LEU FC 140 -19.70 29.43 84.69
N VAL FC 141 -20.69 28.53 84.64
CA VAL FC 141 -22.03 28.92 84.21
C VAL FC 141 -22.68 29.75 85.32
N GLY FC 142 -22.35 29.43 86.57
CA GLY FC 142 -22.99 30.06 87.72
C GLY FC 142 -24.18 29.22 88.20
N PRO FC 143 -24.68 29.46 89.44
CA PRO FC 143 -25.59 28.52 90.12
C PRO FC 143 -26.93 28.18 89.44
N ASP FC 144 -27.65 29.20 88.97
CA ASP FC 144 -28.94 28.99 88.32
C ASP FC 144 -28.77 28.11 87.09
N ALA FC 145 -27.76 28.43 86.28
CA ALA FC 145 -27.46 27.69 85.07
C ALA FC 145 -26.94 26.28 85.42
N ALA FC 146 -26.18 26.18 86.52
CA ALA FC 146 -25.52 24.94 86.90
C ALA FC 146 -26.54 23.82 87.10
N LYS FC 147 -27.67 24.11 87.76
CA LYS FC 147 -28.65 23.08 88.03
C LYS FC 147 -29.13 22.46 86.72
N GLU FC 148 -29.45 23.32 85.75
CA GLU FC 148 -29.92 22.91 84.44
C GLU FC 148 -28.82 22.10 83.73
N ALA FC 149 -27.59 22.62 83.76
CA ALA FC 149 -26.47 21.96 83.11
C ALA FC 149 -26.24 20.58 83.73
N SER FC 150 -26.36 20.47 85.06
CA SER FC 150 -26.02 19.24 85.75
C SER FC 150 -26.88 18.08 85.29
N ILE FC 151 -28.17 18.32 85.04
CA ILE FC 151 -29.07 17.20 84.75
C ILE FC 151 -28.63 16.47 83.48
N TYR FC 152 -28.19 17.23 82.46
CA TYR FC 152 -27.79 16.63 81.19
C TYR FC 152 -26.49 15.85 81.38
N PHE FC 153 -25.55 16.40 82.14
CA PHE FC 153 -24.32 15.69 82.45
C PHE FC 153 -24.63 14.39 83.18
N ASP FC 154 -25.56 14.43 84.13
CA ASP FC 154 -25.93 13.25 84.89
C ASP FC 154 -26.60 12.23 83.97
N TYR FC 155 -27.38 12.71 83.01
CA TYR FC 155 -28.06 11.85 82.06
C TYR FC 155 -27.05 11.06 81.24
N LEU FC 156 -26.01 11.75 80.77
CA LEU FC 156 -24.94 11.10 80.01
C LEU FC 156 -24.29 10.04 80.89
N SER FC 157 -23.99 10.39 82.14
CA SER FC 157 -23.29 9.50 83.04
C SER FC 157 -24.11 8.23 83.28
N SER FC 158 -25.41 8.41 83.52
CA SER FC 158 -26.30 7.28 83.77
C SER FC 158 -26.39 6.35 82.56
N GLY FC 159 -26.45 6.95 81.36
CA GLY FC 159 -26.51 6.18 80.13
C GLY FC 159 -25.29 5.29 79.96
N LEU FC 160 -24.11 5.88 80.24
CA LEU FC 160 -22.84 5.20 80.07
C LEU FC 160 -22.73 4.08 81.14
N SER GC 2 62.88 21.01 102.72
CA SER GC 2 63.38 19.80 102.00
C SER GC 2 64.82 20.03 101.52
N ARG GC 3 65.61 18.95 101.50
CA ARG GC 3 66.99 19.01 101.05
C ARG GC 3 67.01 19.32 99.56
N TYR GC 4 67.95 20.18 99.14
CA TYR GC 4 68.07 20.59 97.75
C TYR GC 4 69.50 20.42 97.28
N PHE GC 5 69.64 20.05 95.99
CA PHE GC 5 70.94 19.77 95.41
C PHE GC 5 71.27 20.82 94.36
N LYS GC 6 72.47 21.40 94.41
CA LYS GC 6 72.94 22.25 93.32
C LYS GC 6 73.87 21.42 92.44
N VAL GC 7 73.53 21.30 91.15
CA VAL GC 7 74.20 20.38 90.25
C VAL GC 7 74.67 21.13 89.00
N THR GC 8 75.94 20.90 88.61
CA THR GC 8 76.46 21.39 87.34
C THR GC 8 76.81 20.18 86.48
N ALA GC 9 76.26 20.13 85.25
CA ALA GC 9 76.46 19.01 84.35
C ALA GC 9 76.54 19.47 82.90
N CYS GC 10 77.32 18.74 82.10
CA CYS GC 10 77.43 18.98 80.67
C CYS GC 10 76.93 17.77 79.87
N ILE GC 11 76.01 18.01 78.91
CA ILE GC 11 75.36 16.96 78.15
C ILE GC 11 75.62 17.18 76.65
N PRO GC 12 76.14 16.16 75.94
CA PRO GC 12 76.29 16.20 74.48
C PRO GC 12 75.16 15.53 73.69
N SER GC 13 74.82 16.12 72.54
CA SER GC 13 73.77 15.60 71.67
C SER GC 13 74.38 14.70 70.59
N LEU GC 14 74.57 13.43 70.95
CA LEU GC 14 75.28 12.48 70.10
C LEU GC 14 74.34 11.90 69.02
N LYS GC 15 73.06 11.77 69.34
CA LYS GC 15 72.09 11.14 68.45
C LYS GC 15 71.79 12.01 67.22
N ARG GC 16 71.63 13.33 67.40
CA ARG GC 16 71.09 14.19 66.35
C ARG GC 16 71.72 15.59 66.42
N VAL GC 17 71.81 16.25 65.25
CA VAL GC 17 72.30 17.61 65.15
C VAL GC 17 71.11 18.55 65.21
N ARG GC 18 71.16 19.59 66.07
CA ARG GC 18 70.01 20.46 66.27
C ARG GC 18 70.39 21.89 65.87
N THR GC 19 69.52 22.54 65.09
CA THR GC 19 69.76 23.88 64.59
C THR GC 19 69.56 24.92 65.70
N GLY GC 20 68.50 24.79 66.49
CA GLY GC 20 68.22 25.76 67.55
C GLY GC 20 69.29 25.69 68.63
N ARG GC 21 69.55 26.83 69.28
CA ARG GC 21 70.62 26.91 70.26
C ARG GC 21 70.32 25.96 71.42
N GLU GC 22 71.32 25.15 71.78
CA GLU GC 22 71.16 24.11 72.79
C GLU GC 22 72.10 24.39 73.97
N LEU GC 23 72.67 25.60 74.01
CA LEU GC 23 73.74 25.88 74.97
C LEU GC 23 73.20 25.81 76.40
N GLN GC 24 71.95 26.29 76.61
CA GLN GC 24 71.28 26.17 77.89
C GLN GC 24 71.15 24.71 78.30
N ASN GC 25 70.75 23.85 77.36
CA ASN GC 25 70.61 22.42 77.65
C ASN GC 25 71.97 21.80 77.90
N THR GC 26 72.98 22.20 77.14
CA THR GC 26 74.28 21.54 77.17
C THR GC 26 74.93 21.75 78.53
N PHE GC 27 75.04 23.00 79.00
CA PHE GC 27 75.63 23.29 80.30
C PHE GC 27 74.59 23.93 81.21
N PHE GC 28 74.21 23.23 82.29
CA PHE GC 28 73.10 23.68 83.11
C PHE GC 28 73.37 23.51 84.60
N THR GC 29 73.72 24.63 85.27
CA THR GC 29 73.78 24.66 86.73
C THR GC 29 72.36 24.83 87.24
N LYS GC 30 71.92 23.94 88.14
CA LYS GC 30 70.51 23.87 88.51
C LYS GC 30 70.34 23.46 89.96
N LEU GC 31 69.19 23.83 90.54
CA LEU GC 31 68.80 23.39 91.86
C LEU GC 31 67.79 22.27 91.73
N VAL GC 32 68.07 21.12 92.36
CA VAL GC 32 67.25 19.92 92.21
C VAL GC 32 66.72 19.52 93.59
N PRO GC 33 65.43 19.18 93.70
CA PRO GC 33 64.93 18.54 94.91
C PRO GC 33 65.64 17.21 95.09
N TYR GC 34 65.94 16.86 96.35
CA TYR GC 34 66.70 15.66 96.65
C TYR GC 34 66.07 14.44 95.99
N GLU GC 35 64.76 14.32 96.12
CA GLU GC 35 63.99 13.20 95.57
C GLU GC 35 64.18 13.09 94.05
N ASN GC 36 64.15 14.24 93.38
CA ASN GC 36 64.22 14.29 91.92
C ASN GC 36 65.63 13.93 91.44
N TRP GC 37 66.65 14.31 92.22
CA TRP GC 37 68.03 14.27 91.75
C TRP GC 37 68.43 12.88 91.28
N PHE GC 38 68.03 11.84 92.02
CA PHE GC 38 68.42 10.49 91.66
C PHE GC 38 68.06 10.25 90.19
N THR GC 39 66.80 10.50 89.84
CA THR GC 39 66.28 10.28 88.50
C THR GC 39 67.01 11.18 87.51
N GLU GC 40 67.21 12.44 87.90
CA GLU GC 40 67.90 13.41 87.04
C GLU GC 40 69.34 12.93 86.76
N GLN GC 41 70.04 12.48 87.81
CA GLN GC 41 71.40 12.02 87.65
C GLN GC 41 71.43 10.89 86.61
N GLN GC 42 70.48 9.94 86.73
CA GLN GC 42 70.39 8.82 85.81
C GLN GC 42 70.20 9.32 84.38
N ARG GC 43 69.32 10.31 84.20
CA ARG GC 43 69.02 10.84 82.87
C ARG GC 43 70.28 11.42 82.22
N ILE GC 44 71.08 12.15 83.01
CA ILE GC 44 72.31 12.74 82.50
C ILE GC 44 73.28 11.62 82.11
N GLN GC 45 73.37 10.58 82.94
CA GLN GC 45 74.23 9.43 82.65
C GLN GC 45 73.79 8.73 81.38
N LYS GC 46 72.49 8.50 81.21
CA LYS GC 46 71.96 7.82 80.03
C LYS GC 46 72.24 8.62 78.76
N ALA GC 47 72.14 9.95 78.87
CA ALA GC 47 72.50 10.84 77.77
C ALA GC 47 73.98 10.71 77.42
N GLY GC 48 74.81 10.36 78.41
CA GLY GC 48 76.25 10.31 78.23
C GLY GC 48 76.91 11.61 78.69
N GLY GC 49 76.08 12.52 79.23
CA GLY GC 49 76.56 13.71 79.87
C GLY GC 49 77.30 13.40 81.16
N LYS GC 50 78.25 14.28 81.51
CA LYS GC 50 79.08 14.12 82.68
C LYS GC 50 78.68 15.18 83.70
N VAL GC 51 78.45 14.75 84.97
CA VAL GC 51 78.04 15.64 86.04
C VAL GC 51 79.30 16.17 86.73
N LEU GC 52 79.59 17.45 86.49
CA LEU GC 52 80.86 18.07 86.87
C LEU GC 52 80.91 18.21 88.39
N SER GC 53 79.81 18.71 88.99
CA SER GC 53 79.78 19.01 90.42
C SER GC 53 78.38 18.76 91.00
N VAL GC 54 78.36 18.20 92.21
CA VAL GC 54 77.13 18.03 92.99
C VAL GC 54 77.40 18.61 94.38
N LYS GC 55 76.46 19.44 94.86
CA LYS GC 55 76.50 19.93 96.23
C LYS GC 55 75.08 19.95 96.79
N LEU GC 56 74.97 19.79 98.12
CA LEU GC 56 73.69 19.87 98.79
C LEU GC 56 73.46 21.31 99.25
N PHE GC 57 72.61 22.03 98.50
CA PHE GC 57 72.39 23.44 98.73
C PHE GC 57 71.71 23.65 100.08
N THR GC 58 70.64 22.86 100.33
CA THR GC 58 69.82 23.04 101.52
C THR GC 58 69.73 21.72 102.29
N GLY GC 59 69.41 21.82 103.58
CA GLY GC 59 69.26 20.67 104.44
C GLY GC 59 70.58 20.30 105.11
N VAL GC 60 70.48 19.44 106.13
CA VAL GC 60 71.62 18.96 106.90
C VAL GC 60 71.80 17.47 106.62
N GLN GC 61 73.04 17.07 106.34
CA GLN GC 61 73.38 15.68 106.08
C GLN GC 61 73.25 14.90 107.38
N GLY GC 62 72.76 13.65 107.25
CA GLY GC 62 72.59 12.75 108.39
C GLY GC 62 71.58 13.30 109.40
N ALA GC 63 70.53 13.98 108.92
CA ALA GC 63 69.43 14.43 109.77
C ALA GC 63 68.29 13.42 109.67
N ASN GC 64 67.84 12.91 110.81
CA ASN GC 64 66.79 11.90 110.83
C ASN GC 64 65.44 12.52 110.48
N THR GC 65 65.20 13.74 110.99
CA THR GC 65 63.90 14.41 110.87
C THR GC 65 64.08 15.85 110.39
N GLY GC 66 63.02 16.39 109.79
CA GLY GC 66 63.08 17.66 109.08
C GLY GC 66 63.64 17.50 107.66
N VAL GC 67 63.81 16.24 107.23
CA VAL GC 67 64.38 15.93 105.94
C VAL GC 67 63.24 15.85 104.91
N SER HC 2 -99.95 47.63 -50.98
CA SER HC 2 -99.28 46.67 -51.88
C SER HC 2 -100.18 45.46 -52.16
N ARG HC 3 -100.08 44.90 -53.36
CA ARG HC 3 -100.86 43.74 -53.75
C ARG HC 3 -100.41 42.54 -52.93
N TYR HC 4 -101.38 41.73 -52.50
CA TYR HC 4 -101.10 40.55 -51.67
C TYR HC 4 -101.78 39.33 -52.27
N PHE HC 5 -101.11 38.18 -52.13
CA PHE HC 5 -101.58 36.93 -52.70
C PHE HC 5 -101.96 35.97 -51.59
N LYS HC 6 -103.15 35.36 -51.68
CA LYS HC 6 -103.50 34.27 -50.78
C LYS HC 6 -103.27 32.95 -51.51
N VAL HC 7 -102.41 32.09 -50.95
CA VAL HC 7 -101.93 30.90 -51.63
C VAL HC 7 -102.16 29.68 -50.76
N THR HC 8 -102.72 28.60 -51.33
CA THR HC 8 -102.81 27.32 -50.67
C THR HC 8 -101.97 26.31 -51.45
N ALA HC 9 -101.03 25.64 -50.76
CA ALA HC 9 -100.11 24.71 -51.40
C ALA HC 9 -99.81 23.52 -50.48
N CYS HC 10 -99.57 22.35 -51.10
CA CYS HC 10 -99.15 21.15 -50.38
C CYS HC 10 -97.75 20.71 -50.82
N ILE HC 11 -96.85 20.49 -49.84
CA ILE HC 11 -95.46 20.17 -50.09
C ILE HC 11 -95.11 18.83 -49.44
N PRO HC 12 -94.54 17.86 -50.20
CA PRO HC 12 -94.04 16.60 -49.64
C PRO HC 12 -92.53 16.58 -49.38
N SER HC 13 -92.14 15.88 -48.30
CA SER HC 13 -90.75 15.75 -47.91
C SER HC 13 -90.16 14.46 -48.48
N LEU HC 14 -89.68 14.54 -49.73
CA LEU HC 14 -89.24 13.38 -50.47
C LEU HC 14 -87.80 13.00 -50.09
N LYS HC 15 -86.98 14.00 -49.75
CA LYS HC 15 -85.57 13.79 -49.47
C LYS HC 15 -85.34 13.04 -48.15
N ARG HC 16 -86.09 13.36 -47.09
CA ARG HC 16 -85.79 12.88 -45.75
C ARG HC 16 -87.07 12.68 -44.95
N VAL HC 17 -87.04 11.73 -44.02
CA VAL HC 17 -88.15 11.47 -43.11
C VAL HC 17 -87.91 12.28 -41.83
N ARG HC 18 -88.93 13.02 -41.36
CA ARG HC 18 -88.75 13.91 -40.22
C ARG HC 18 -89.68 13.47 -39.08
N THR HC 19 -89.13 13.40 -37.87
CA THR HC 19 -89.87 12.95 -36.70
C THR HC 19 -90.82 14.04 -36.21
N GLY HC 20 -90.35 15.29 -36.16
CA GLY HC 20 -91.18 16.39 -35.67
C GLY HC 20 -92.34 16.65 -36.62
N ARG HC 21 -93.48 17.12 -36.07
CA ARG HC 21 -94.67 17.29 -36.88
C ARG HC 21 -94.40 18.34 -37.95
N GLU HC 22 -94.76 18.00 -39.19
CA GLU HC 22 -94.48 18.85 -40.35
C GLU HC 22 -95.80 19.27 -41.01
N LEU HC 23 -96.92 19.07 -40.31
CA LEU HC 23 -98.23 19.25 -40.93
C LEU HC 23 -98.46 20.71 -41.32
N GLN HC 24 -97.97 21.64 -40.47
CA GLN HC 24 -98.01 23.06 -40.79
C GLN HC 24 -97.22 23.35 -42.06
N ASN HC 25 -96.03 22.77 -42.20
CA ASN HC 25 -95.22 22.97 -43.39
C ASN HC 25 -95.89 22.33 -44.60
N THR HC 26 -96.49 21.15 -44.41
CA THR HC 26 -96.99 20.37 -45.54
C THR HC 26 -98.16 21.11 -46.20
N PHE HC 27 -99.17 21.51 -45.42
CA PHE HC 27 -100.30 22.24 -45.97
C PHE HC 27 -100.37 23.64 -45.36
N PHE HC 28 -100.17 24.68 -46.20
CA PHE HC 28 -100.03 26.03 -45.66
C PHE HC 28 -100.77 27.05 -46.52
N THR HC 29 -101.96 27.47 -46.04
CA THR HC 29 -102.64 28.62 -46.61
C THR HC 29 -102.00 29.89 -46.04
N LYS HC 30 -101.56 30.79 -46.92
CA LYS HC 30 -100.72 31.90 -46.49
C LYS HC 30 -101.00 33.15 -47.32
N LEU HC 31 -100.67 34.31 -46.73
CA LEU HC 31 -100.73 35.58 -47.44
C LEU HC 31 -99.31 35.97 -47.84
N VAL HC 32 -99.10 36.23 -49.13
CA VAL HC 32 -97.77 36.48 -49.67
C VAL HC 32 -97.77 37.87 -50.30
N PRO HC 33 -96.73 38.69 -50.04
CA PRO HC 33 -96.54 39.92 -50.81
C PRO HC 33 -96.31 39.54 -52.26
N TYR HC 34 -96.84 40.38 -53.17
CA TYR HC 34 -96.79 40.08 -54.59
C TYR HC 34 -95.36 39.82 -55.04
N GLU HC 35 -94.43 40.68 -54.60
CA GLU HC 35 -93.02 40.58 -54.96
C GLU HC 35 -92.43 39.24 -54.52
N ASN HC 36 -92.79 38.79 -53.32
CA ASN HC 36 -92.25 37.58 -52.75
C ASN HC 36 -92.80 36.34 -53.46
N TRP HC 37 -94.05 36.41 -53.93
CA TRP HC 37 -94.78 35.23 -54.39
C TRP HC 37 -94.02 34.51 -55.50
N PHE HC 38 -93.46 35.27 -56.45
CA PHE HC 38 -92.77 34.64 -57.57
C PHE HC 38 -91.75 33.64 -57.02
N THR HC 39 -90.89 34.11 -56.12
CA THR HC 39 -89.83 33.31 -55.55
C THR HC 39 -90.42 32.15 -54.74
N GLU HC 40 -91.47 32.44 -53.97
CA GLU HC 40 -92.13 31.43 -53.18
C GLU HC 40 -92.71 30.32 -54.07
N GLN HC 41 -93.37 30.73 -55.17
CA GLN HC 41 -93.96 29.78 -56.09
C GLN HC 41 -92.87 28.83 -56.60
N GLN HC 42 -91.72 29.40 -56.98
CA GLN HC 42 -90.60 28.63 -57.47
C GLN HC 42 -90.15 27.62 -56.42
N ARG HC 43 -90.04 28.06 -55.16
CA ARG HC 43 -89.58 27.21 -54.09
C ARG HC 43 -90.50 26.00 -53.91
N ILE HC 44 -91.82 26.22 -54.00
CA ILE HC 44 -92.79 25.15 -53.88
C ILE HC 44 -92.62 24.17 -55.04
N GLN HC 45 -92.42 24.71 -56.25
CA GLN HC 45 -92.21 23.89 -57.44
C GLN HC 45 -90.94 23.05 -57.30
N LYS HC 46 -89.84 23.66 -56.84
CA LYS HC 46 -88.57 22.97 -56.68
C LYS HC 46 -88.68 21.84 -55.65
N ALA HC 47 -89.45 22.08 -54.58
CA ALA HC 47 -89.73 21.06 -53.59
C ALA HC 47 -90.51 19.90 -54.21
N GLY HC 48 -91.31 20.19 -55.25
CA GLY HC 48 -92.18 19.21 -55.86
C GLY HC 48 -93.59 19.29 -55.29
N GLY HC 49 -93.80 20.27 -54.41
CA GLY HC 49 -95.12 20.61 -53.91
C GLY HC 49 -95.99 21.20 -55.01
N LYS HC 50 -97.31 20.98 -54.86
CA LYS HC 50 -98.29 21.44 -55.82
C LYS HC 50 -99.09 22.58 -55.20
N VAL HC 51 -99.23 23.70 -55.95
CA VAL HC 51 -99.93 24.88 -55.49
C VAL HC 51 -101.40 24.76 -55.88
N LEU HC 52 -102.26 24.48 -54.88
CA LEU HC 52 -103.64 24.11 -55.10
C LEU HC 52 -104.42 25.33 -55.61
N SER HC 53 -104.23 26.49 -54.96
CA SER HC 53 -105.00 27.69 -55.27
C SER HC 53 -104.14 28.95 -55.09
N VAL HC 54 -104.33 29.91 -56.01
CA VAL HC 54 -103.73 31.23 -55.90
C VAL HC 54 -104.85 32.26 -56.10
N LYS HC 55 -104.92 33.25 -55.22
CA LYS HC 55 -105.82 34.38 -55.38
C LYS HC 55 -105.10 35.66 -54.95
N LEU HC 56 -105.51 36.79 -55.55
CA LEU HC 56 -104.96 38.08 -55.18
C LEU HC 56 -105.86 38.70 -54.10
N PHE HC 57 -105.37 38.64 -52.85
CA PHE HC 57 -106.17 39.06 -51.71
C PHE HC 57 -106.41 40.57 -51.76
N THR HC 58 -105.31 41.32 -52.01
CA THR HC 58 -105.38 42.78 -51.97
C THR HC 58 -104.87 43.35 -53.29
N GLY HC 59 -105.27 44.60 -53.57
CA GLY HC 59 -104.86 45.30 -54.78
C GLY HC 59 -105.86 45.04 -55.92
N VAL HC 60 -105.70 45.84 -56.98
CA VAL HC 60 -106.54 45.75 -58.16
C VAL HC 60 -105.65 45.30 -59.34
N GLN HC 61 -106.15 44.32 -60.09
CA GLN HC 61 -105.44 43.81 -61.26
C GLN HC 61 -105.45 44.87 -62.35
N GLY HC 62 -104.33 44.96 -63.09
CA GLY HC 62 -104.17 45.91 -64.17
C GLY HC 62 -104.25 47.35 -63.69
N ALA HC 63 -103.71 47.63 -62.48
CA ALA HC 63 -103.59 48.99 -61.97
C ALA HC 63 -102.17 49.49 -62.24
N ASN HC 64 -102.07 50.64 -62.89
CA ASN HC 64 -100.76 51.19 -63.25
C ASN HC 64 -100.05 51.74 -62.01
N THR HC 65 -100.82 52.37 -61.11
CA THR HC 65 -100.26 53.08 -59.96
C THR HC 65 -101.03 52.70 -58.68
N GLY HC 66 -100.36 52.88 -57.54
CA GLY HC 66 -100.83 52.36 -56.26
C GLY HC 66 -100.50 50.88 -56.08
N VAL HC 67 -99.68 50.33 -56.99
CA VAL HC 67 -99.34 48.93 -57.02
C VAL HC 67 -98.06 48.74 -56.17
N SER IC 2 -51.28 -70.41 -33.43
CA SER IC 2 -49.97 -70.98 -33.05
C SER IC 2 -49.98 -71.42 -31.58
N ARG IC 3 -49.21 -72.47 -31.28
CA ARG IC 3 -49.07 -72.96 -29.91
C ARG IC 3 -48.32 -71.90 -29.09
N TYR IC 4 -48.76 -71.70 -27.84
CA TYR IC 4 -48.19 -70.68 -26.97
C TYR IC 4 -47.83 -71.31 -25.62
N PHE IC 5 -46.75 -70.80 -25.04
CA PHE IC 5 -46.23 -71.33 -23.78
C PHE IC 5 -46.41 -70.28 -22.69
N LYS IC 6 -46.98 -70.68 -21.55
CA LYS IC 6 -47.00 -69.84 -20.38
C LYS IC 6 -45.89 -70.29 -19.45
N VAL IC 7 -44.98 -69.37 -19.13
CA VAL IC 7 -43.74 -69.71 -18.45
C VAL IC 7 -43.58 -68.82 -17.22
N THR IC 8 -43.26 -69.43 -16.07
CA THR IC 8 -42.94 -68.68 -14.86
C THR IC 8 -41.48 -68.98 -14.50
N ALA IC 9 -40.66 -67.93 -14.36
CA ALA IC 9 -39.24 -68.10 -14.10
C ALA IC 9 -38.72 -67.03 -13.15
N CYS IC 10 -37.71 -67.39 -12.35
CA CYS IC 10 -37.05 -66.51 -11.40
C CYS IC 10 -35.57 -66.36 -11.73
N ILE IC 11 -35.11 -65.13 -11.85
CA ILE IC 11 -33.79 -64.79 -12.35
C ILE IC 11 -33.08 -63.92 -11.32
N PRO IC 12 -31.88 -64.33 -10.83
CA PRO IC 12 -31.10 -63.53 -9.88
C PRO IC 12 -29.99 -62.70 -10.55
N SER IC 13 -29.80 -61.47 -10.04
CA SER IC 13 -28.78 -60.56 -10.56
C SER IC 13 -27.49 -60.72 -9.77
N LEU IC 14 -26.68 -61.70 -10.18
CA LEU IC 14 -25.52 -62.11 -9.39
C LEU IC 14 -24.32 -61.19 -9.65
N LYS IC 15 -24.22 -60.63 -10.86
CA LYS IC 15 -23.05 -59.82 -11.21
C LYS IC 15 -23.07 -58.45 -10.52
N ARG IC 16 -24.24 -57.79 -10.42
CA ARG IC 16 -24.27 -56.43 -9.89
C ARG IC 16 -25.59 -56.18 -9.15
N VAL IC 17 -25.52 -55.35 -8.10
CA VAL IC 17 -26.67 -55.00 -7.28
C VAL IC 17 -27.33 -53.75 -7.89
N ARG IC 18 -28.66 -53.75 -8.03
CA ARG IC 18 -29.34 -52.61 -8.65
C ARG IC 18 -30.24 -51.91 -7.63
N THR IC 19 -30.19 -50.58 -7.64
CA THR IC 19 -30.97 -49.74 -6.74
C THR IC 19 -32.44 -49.72 -7.15
N GLY IC 20 -32.74 -49.58 -8.44
CA GLY IC 20 -34.13 -49.55 -8.90
C GLY IC 20 -34.78 -50.92 -8.68
N ARG IC 21 -36.11 -50.95 -8.50
CA ARG IC 21 -36.79 -52.20 -8.30
C ARG IC 21 -36.60 -53.11 -9.51
N GLU IC 22 -36.22 -54.36 -9.23
CA GLU IC 22 -35.94 -55.35 -10.25
C GLU IC 22 -36.96 -56.49 -10.15
N LEU IC 23 -38.05 -56.29 -9.39
CA LEU IC 23 -38.92 -57.41 -9.05
C LEU IC 23 -39.62 -57.94 -10.29
N GLN IC 24 -39.99 -57.05 -11.20
CA GLN IC 24 -40.57 -57.42 -12.49
C GLN IC 24 -39.57 -58.26 -13.30
N ASN IC 25 -38.31 -57.85 -13.32
CA ASN IC 25 -37.28 -58.60 -14.03
C ASN IC 25 -37.04 -59.95 -13.34
N THR IC 26 -37.03 -59.95 -12.01
CA THR IC 26 -36.62 -61.11 -11.25
C THR IC 26 -37.62 -62.24 -11.45
N PHE IC 27 -38.89 -61.96 -11.15
CA PHE IC 27 -39.95 -62.94 -11.21
C PHE IC 27 -40.97 -62.48 -12.25
N PHE IC 28 -41.16 -63.31 -13.29
CA PHE IC 28 -42.09 -62.98 -14.35
C PHE IC 28 -42.84 -64.24 -14.75
N THR IC 29 -44.14 -64.07 -15.00
CA THR IC 29 -44.93 -65.03 -15.75
C THR IC 29 -45.20 -64.42 -17.12
N LYS IC 30 -44.98 -65.18 -18.20
CA LYS IC 30 -45.04 -64.63 -19.54
C LYS IC 30 -45.63 -65.64 -20.52
N LEU IC 31 -46.19 -65.13 -21.62
CA LEU IC 31 -46.64 -65.92 -22.74
C LEU IC 31 -45.57 -65.89 -23.84
N VAL IC 32 -45.16 -67.08 -24.27
CA VAL IC 32 -44.12 -67.19 -25.27
C VAL IC 32 -44.67 -67.95 -26.47
N PRO IC 33 -44.44 -67.47 -27.71
CA PRO IC 33 -44.71 -68.29 -28.90
C PRO IC 33 -43.81 -69.52 -28.84
N TYR IC 34 -44.32 -70.63 -29.38
CA TYR IC 34 -43.64 -71.92 -29.32
C TYR IC 34 -42.19 -71.78 -29.81
N GLU IC 35 -42.02 -71.11 -30.97
CA GLU IC 35 -40.72 -70.93 -31.59
C GLU IC 35 -39.76 -70.15 -30.69
N ASN IC 36 -40.28 -69.12 -30.02
CA ASN IC 36 -39.48 -68.24 -29.19
C ASN IC 36 -39.03 -68.95 -27.93
N TRP IC 37 -39.84 -69.89 -27.42
CA TRP IC 37 -39.59 -70.44 -26.09
C TRP IC 37 -38.21 -71.09 -26.01
N PHE IC 38 -37.81 -71.81 -27.05
CA PHE IC 38 -36.54 -72.49 -27.02
C PHE IC 38 -35.44 -71.51 -26.66
N THR IC 39 -35.39 -70.38 -27.39
CA THR IC 39 -34.39 -69.34 -27.19
C THR IC 39 -34.53 -68.75 -25.80
N GLU IC 40 -35.78 -68.48 -25.41
CA GLU IC 40 -36.06 -67.87 -24.12
C GLU IC 40 -35.59 -68.80 -22.99
N GLN IC 41 -35.87 -70.11 -23.12
CA GLN IC 41 -35.48 -71.06 -22.11
C GLN IC 41 -33.98 -70.98 -21.91
N GLN IC 42 -33.25 -70.97 -23.03
CA GLN IC 42 -31.79 -70.90 -23.00
C GLN IC 42 -31.34 -69.63 -22.30
N ARG IC 43 -31.98 -68.50 -22.59
CA ARG IC 43 -31.61 -67.22 -22.01
C ARG IC 43 -31.76 -67.25 -20.48
N ILE IC 44 -32.85 -67.87 -19.99
CA ILE IC 44 -33.07 -67.98 -18.55
C ILE IC 44 -31.98 -68.85 -17.93
N GLN IC 45 -31.66 -69.96 -18.61
CA GLN IC 45 -30.65 -70.90 -18.14
C GLN IC 45 -29.29 -70.20 -18.07
N LYS IC 46 -28.94 -69.43 -19.12
CA LYS IC 46 -27.66 -68.75 -19.19
C LYS IC 46 -27.56 -67.71 -18.07
N ALA IC 47 -28.62 -66.93 -17.87
CA ALA IC 47 -28.67 -65.95 -16.78
C ALA IC 47 -28.43 -66.62 -15.44
N GLY IC 48 -28.77 -67.91 -15.34
CA GLY IC 48 -28.65 -68.64 -14.10
C GLY IC 48 -30.00 -68.67 -13.36
N GLY IC 49 -31.02 -68.09 -13.99
CA GLY IC 49 -32.38 -68.19 -13.51
C GLY IC 49 -32.92 -69.60 -13.64
N LYS IC 50 -33.87 -69.93 -12.77
CA LYS IC 50 -34.54 -71.22 -12.75
C LYS IC 50 -35.98 -71.05 -13.23
N VAL IC 51 -36.42 -71.94 -14.15
CA VAL IC 51 -37.76 -71.89 -14.71
C VAL IC 51 -38.69 -72.73 -13.83
N LEU IC 52 -39.56 -72.05 -13.08
CA LEU IC 52 -40.37 -72.67 -12.04
C LEU IC 52 -41.43 -73.55 -12.70
N SER IC 53 -42.09 -73.04 -13.75
CA SER IC 53 -43.19 -73.75 -14.39
C SER IC 53 -43.21 -73.46 -15.90
N VAL IC 54 -43.52 -74.50 -16.68
CA VAL IC 54 -43.81 -74.36 -18.11
C VAL IC 54 -45.15 -75.04 -18.38
N LYS IC 55 -46.04 -74.34 -19.10
CA LYS IC 55 -47.28 -74.93 -19.59
C LYS IC 55 -47.53 -74.45 -21.00
N LEU IC 56 -48.25 -75.28 -21.78
CA LEU IC 56 -48.66 -74.91 -23.12
C LEU IC 56 -50.04 -74.26 -23.05
N PHE IC 57 -50.04 -72.92 -23.15
CA PHE IC 57 -51.23 -72.11 -22.94
C PHE IC 57 -52.22 -72.39 -24.05
N THR IC 58 -51.74 -72.36 -25.30
CA THR IC 58 -52.60 -72.52 -26.46
C THR IC 58 -52.10 -73.68 -27.32
N GLY IC 59 -53.02 -74.22 -28.13
CA GLY IC 59 -52.71 -75.28 -29.07
C GLY IC 59 -52.84 -76.67 -28.43
N VAL IC 60 -52.68 -77.69 -29.27
CA VAL IC 60 -52.98 -79.07 -28.89
C VAL IC 60 -51.69 -79.89 -28.93
N GLN IC 61 -51.53 -80.74 -27.91
CA GLN IC 61 -50.40 -81.64 -27.77
C GLN IC 61 -50.40 -82.65 -28.90
N GLY IC 62 -49.19 -82.92 -29.43
CA GLY IC 62 -48.95 -83.92 -30.45
C GLY IC 62 -49.82 -83.75 -31.71
N ALA IC 63 -49.97 -82.48 -32.16
CA ALA IC 63 -50.82 -82.20 -33.31
C ALA IC 63 -49.99 -82.13 -34.59
N ASN IC 64 -50.38 -82.93 -35.59
CA ASN IC 64 -49.58 -83.12 -36.79
C ASN IC 64 -49.71 -81.90 -37.68
N THR IC 65 -50.91 -81.28 -37.73
CA THR IC 65 -51.18 -80.11 -38.57
C THR IC 65 -51.89 -79.04 -37.75
N GLY IC 66 -51.82 -77.80 -38.26
CA GLY IC 66 -52.38 -76.64 -37.60
C GLY IC 66 -51.48 -76.13 -36.46
N VAL IC 67 -50.22 -76.56 -36.49
CA VAL IC 67 -49.29 -76.33 -35.39
C VAL IC 67 -48.56 -74.98 -35.64
N SER JC 2 90.80 -1.99 -21.20
CA SER JC 2 90.16 -2.57 -22.42
C SER JC 2 89.74 -1.45 -23.37
N ARG JC 3 89.67 -1.75 -24.68
CA ARG JC 3 89.20 -0.78 -25.66
C ARG JC 3 87.73 -0.45 -25.40
N TYR JC 4 87.36 0.83 -25.55
CA TYR JC 4 86.00 1.29 -25.35
C TYR JC 4 85.54 2.09 -26.56
N PHE JC 5 84.24 2.01 -26.84
CA PHE JC 5 83.64 2.69 -27.98
C PHE JC 5 82.68 3.75 -27.48
N LYS JC 6 82.79 4.97 -28.01
CA LYS JC 6 81.77 5.99 -27.78
C LYS JC 6 80.87 6.04 -29.01
N VAL JC 7 79.57 5.82 -28.79
CA VAL JC 7 78.63 5.63 -29.88
C VAL JC 7 77.46 6.59 -29.71
N THR JC 8 77.09 7.29 -30.80
CA THR JC 8 75.90 8.13 -30.81
C THR JC 8 74.92 7.55 -31.83
N ALA JC 9 73.68 7.27 -31.41
CA ALA JC 9 72.70 6.63 -32.27
C ALA JC 9 71.29 7.17 -32.01
N CYS JC 10 70.48 7.20 -33.08
CA CYS JC 10 69.09 7.65 -33.01
C CYS JC 10 68.15 6.52 -33.42
N ILE JC 11 67.15 6.25 -32.58
CA ILE JC 11 66.28 5.09 -32.68
C ILE JC 11 64.84 5.56 -32.70
N PRO JC 12 64.05 5.23 -33.75
CA PRO JC 12 62.63 5.60 -33.82
C PRO JC 12 61.68 4.49 -33.37
N SER JC 13 60.60 4.88 -32.68
CA SER JC 13 59.60 3.94 -32.20
C SER JC 13 58.47 3.81 -33.22
N LEU JC 14 58.67 2.92 -34.19
CA LEU JC 14 57.76 2.80 -35.33
C LEU JC 14 56.55 1.94 -34.98
N LYS JC 15 56.72 0.97 -34.08
CA LYS JC 15 55.63 0.06 -33.72
C LYS JC 15 54.49 0.74 -32.94
N ARG JC 16 54.80 1.63 -31.99
CA ARG JC 16 53.78 2.18 -31.11
C ARG JC 16 54.21 3.57 -30.64
N VAL JC 17 53.22 4.46 -30.44
CA VAL JC 17 53.42 5.79 -29.89
C VAL JC 17 53.41 5.71 -28.37
N ARG JC 18 54.38 6.38 -27.71
CA ARG JC 18 54.44 6.35 -26.25
C ARG JC 18 54.18 7.75 -25.69
N THR JC 19 53.39 7.80 -24.63
CA THR JC 19 53.02 9.03 -23.95
C THR JC 19 54.20 9.58 -23.13
N GLY JC 20 54.91 8.71 -22.39
CA GLY JC 20 56.04 9.16 -21.60
C GLY JC 20 57.18 9.62 -22.50
N ARG JC 21 58.01 10.55 -22.02
CA ARG JC 21 59.15 11.00 -22.80
C ARG JC 21 60.06 9.83 -23.15
N GLU JC 22 60.43 9.76 -24.43
CA GLU JC 22 61.26 8.70 -24.96
C GLU JC 22 62.59 9.29 -25.45
N LEU JC 23 62.90 10.54 -25.09
CA LEU JC 23 64.00 11.25 -25.72
C LEU JC 23 65.33 10.61 -25.36
N GLN JC 24 65.46 10.13 -24.12
CA GLN JC 24 66.64 9.39 -23.69
C GLN JC 24 66.81 8.12 -24.53
N ASN JC 25 65.71 7.39 -24.75
CA ASN JC 25 65.76 6.18 -25.54
C ASN JC 25 66.07 6.51 -26.99
N THR JC 26 65.48 7.60 -27.51
CA THR JC 26 65.57 7.90 -28.92
C THR JC 26 67.00 8.25 -29.30
N PHE JC 27 67.57 9.25 -28.62
CA PHE JC 27 68.88 9.75 -28.92
C PHE JC 27 69.77 9.53 -27.70
N PHE JC 28 70.83 8.75 -27.88
CA PHE JC 28 71.74 8.45 -26.78
C PHE JC 28 73.17 8.48 -27.32
N THR JC 29 74.06 9.05 -26.50
CA THR JC 29 75.49 8.84 -26.63
C THR JC 29 75.92 7.93 -25.49
N LYS JC 30 76.69 6.88 -25.78
CA LYS JC 30 76.99 5.86 -24.78
C LYS JC 30 78.42 5.35 -24.96
N LEU JC 31 78.96 4.82 -23.85
CA LEU JC 31 80.24 4.16 -23.85
C LEU JC 31 80.03 2.66 -23.86
N VAL JC 32 80.65 1.98 -24.83
CA VAL JC 32 80.43 0.55 -24.99
C VAL JC 32 81.78 -0.15 -24.90
N PRO JC 33 81.91 -1.24 -24.12
CA PRO JC 33 83.08 -2.11 -24.20
C PRO JC 33 83.19 -2.64 -25.63
N TYR JC 34 84.43 -2.83 -26.09
CA TYR JC 34 84.72 -3.19 -27.46
C TYR JC 34 83.87 -4.39 -27.88
N GLU JC 35 83.89 -5.42 -27.03
CA GLU JC 35 83.16 -6.67 -27.27
C GLU JC 35 81.65 -6.42 -27.37
N ASN JC 36 81.10 -5.66 -26.42
CA ASN JC 36 79.67 -5.42 -26.35
C ASN JC 36 79.17 -4.67 -27.58
N TRP JC 37 80.04 -3.85 -28.19
CA TRP JC 37 79.61 -2.96 -29.25
C TRP JC 37 79.01 -3.75 -30.41
N PHE JC 38 79.65 -4.88 -30.76
CA PHE JC 38 79.17 -5.63 -31.90
C PHE JC 38 77.68 -5.95 -31.72
N THR JC 39 77.33 -6.48 -30.56
CA THR JC 39 75.95 -6.86 -30.25
C THR JC 39 75.06 -5.61 -30.24
N GLU JC 40 75.57 -4.53 -29.63
CA GLU JC 40 74.83 -3.29 -29.52
C GLU JC 40 74.56 -2.73 -30.91
N GLN JC 41 75.58 -2.76 -31.79
CA GLN JC 41 75.42 -2.24 -33.15
C GLN JC 41 74.26 -2.97 -33.82
N GLN JC 42 74.26 -4.30 -33.69
CA GLN JC 42 73.23 -5.12 -34.29
C GLN JC 42 71.85 -4.73 -33.75
N ARG JC 43 71.76 -4.52 -32.43
CA ARG JC 43 70.51 -4.17 -31.79
C ARG JC 43 69.95 -2.86 -32.36
N ILE JC 44 70.82 -1.86 -32.56
CA ILE JC 44 70.40 -0.58 -33.12
C ILE JC 44 69.89 -0.79 -34.54
N GLN JC 45 70.61 -1.61 -35.32
CA GLN JC 45 70.24 -1.90 -36.68
C GLN JC 45 68.87 -2.58 -36.72
N LYS JC 46 68.67 -3.58 -35.86
CA LYS JC 46 67.41 -4.32 -35.82
C LYS JC 46 66.25 -3.40 -35.45
N ALA JC 47 66.44 -2.54 -34.43
CA ALA JC 47 65.44 -1.55 -34.05
C ALA JC 47 65.08 -0.66 -35.24
N GLY JC 48 66.01 -0.51 -36.18
CA GLY JC 48 65.81 0.37 -37.33
C GLY JC 48 66.43 1.74 -37.07
N GLY JC 49 67.07 1.89 -35.91
CA GLY JC 49 67.83 3.08 -35.59
C GLY JC 49 69.09 3.18 -36.45
N LYS JC 50 69.54 4.42 -36.63
CA LYS JC 50 70.73 4.73 -37.39
C LYS JC 50 71.83 5.20 -36.43
N VAL JC 51 73.05 4.66 -36.59
CA VAL JC 51 74.18 5.00 -35.74
C VAL JC 51 74.92 6.18 -36.36
N LEU JC 52 74.77 7.35 -35.72
CA LEU JC 52 75.24 8.61 -36.27
C LEU JC 52 76.78 8.64 -36.26
N SER JC 53 77.38 8.22 -35.14
CA SER JC 53 78.83 8.29 -34.96
C SER JC 53 79.34 7.12 -34.13
N VAL JC 54 80.53 6.60 -34.52
CA VAL JC 54 81.26 5.63 -33.73
C VAL JC 54 82.69 6.15 -33.57
N LYS JC 55 83.20 6.12 -32.34
CA LYS JC 55 84.58 6.46 -32.05
C LYS JC 55 85.11 5.49 -30.99
N LEU JC 56 86.43 5.24 -31.05
CA LEU JC 56 87.09 4.40 -30.06
C LEU JC 56 87.60 5.30 -28.93
N PHE JC 57 86.87 5.28 -27.81
CA PHE JC 57 87.13 6.16 -26.68
C PHE JC 57 88.50 5.81 -26.09
N THR JC 58 88.73 4.53 -25.82
CA THR JC 58 89.93 4.07 -25.15
C THR JC 58 90.61 3.00 -25.98
N GLY JC 59 91.91 2.80 -25.73
CA GLY JC 59 92.71 1.82 -26.45
C GLY JC 59 93.33 2.43 -27.70
N VAL JC 60 94.24 1.66 -28.33
CA VAL JC 60 95.04 2.11 -29.46
C VAL JC 60 94.68 1.29 -30.69
N GLN JC 61 94.57 1.96 -31.84
CA GLN JC 61 94.17 1.31 -33.09
C GLN JC 61 95.01 0.06 -33.39
N GLY JC 62 94.34 -1.11 -33.44
CA GLY JC 62 94.99 -2.36 -33.83
C GLY JC 62 96.20 -2.73 -32.97
N ALA JC 63 96.13 -2.49 -31.65
CA ALA JC 63 97.20 -2.97 -30.78
C ALA JC 63 97.24 -4.50 -30.87
N ASN JC 64 98.44 -5.08 -31.01
CA ASN JC 64 98.54 -6.52 -31.24
C ASN JC 64 98.08 -7.31 -30.01
N THR JC 65 98.43 -6.84 -28.80
CA THR JC 65 98.06 -7.51 -27.56
C THR JC 65 97.57 -6.46 -26.55
N GLY JC 66 96.68 -6.88 -25.64
CA GLY JC 66 96.08 -5.99 -24.65
C GLY JC 66 94.56 -5.91 -24.79
N SER KC 2 -13.13 72.17 -0.37
CA SER KC 2 -11.81 71.48 -0.29
C SER KC 2 -11.12 71.49 -1.66
N ARG KC 3 -9.79 71.61 -1.65
CA ARG KC 3 -9.02 71.61 -2.87
C ARG KC 3 -9.08 70.22 -3.52
N TYR KC 4 -9.16 70.21 -4.85
CA TYR KC 4 -9.10 68.99 -5.63
C TYR KC 4 -8.05 69.14 -6.73
N PHE KC 5 -7.42 68.01 -7.08
CA PHE KC 5 -6.41 67.95 -8.13
C PHE KC 5 -6.93 67.15 -9.30
N LYS KC 6 -6.78 67.66 -10.52
CA LYS KC 6 -7.08 66.90 -11.73
C LYS KC 6 -5.74 66.42 -12.29
N VAL KC 7 -5.59 65.09 -12.41
CA VAL KC 7 -4.31 64.49 -12.73
C VAL KC 7 -4.50 63.56 -13.93
N THR KC 8 -3.60 63.69 -14.93
CA THR KC 8 -3.57 62.75 -16.03
C THR KC 8 -2.24 62.01 -15.97
N ALA KC 9 -2.31 60.67 -15.94
CA ALA KC 9 -1.13 59.84 -15.76
C ALA KC 9 -1.26 58.56 -16.59
N CYS KC 10 -0.12 58.10 -17.12
CA CYS KC 10 -0.05 56.86 -17.88
C CYS KC 10 0.84 55.85 -17.17
N ILE KC 11 0.29 54.63 -16.98
CA ILE KC 11 1.03 53.57 -16.30
C ILE KC 11 1.15 52.35 -17.20
N PRO KC 12 2.38 51.91 -17.56
CA PRO KC 12 2.54 50.70 -18.37
C PRO KC 12 2.48 49.42 -17.54
N SER KC 13 1.97 48.33 -18.14
CA SER KC 13 1.86 47.04 -17.46
C SER KC 13 3.12 46.21 -17.75
N LEU KC 14 4.15 46.42 -16.93
CA LEU KC 14 5.47 45.85 -17.16
C LEU KC 14 5.54 44.40 -16.68
N LYS KC 15 4.78 44.06 -15.62
CA LYS KC 15 4.87 42.73 -15.03
C LYS KC 15 4.23 41.65 -15.92
N ARG KC 16 3.10 41.94 -16.56
CA ARG KC 16 2.42 40.90 -17.35
C ARG KC 16 1.65 41.52 -18.52
N VAL KC 17 1.64 40.81 -19.66
CA VAL KC 17 0.75 41.10 -20.78
C VAL KC 17 -0.69 40.73 -20.41
N ARG KC 18 -1.65 41.61 -20.76
CA ARG KC 18 -3.03 41.40 -20.32
C ARG KC 18 -3.91 41.16 -21.55
N THR KC 19 -4.76 40.12 -21.45
CA THR KC 19 -5.70 39.77 -22.50
C THR KC 19 -6.85 40.78 -22.55
N GLY KC 20 -7.34 41.19 -21.37
CA GLY KC 20 -8.35 42.24 -21.28
C GLY KC 20 -7.82 43.57 -21.81
N ARG KC 21 -8.71 44.38 -22.36
CA ARG KC 21 -8.30 45.56 -23.12
C ARG KC 21 -7.56 46.55 -22.22
N GLU KC 22 -8.09 46.82 -21.02
CA GLU KC 22 -7.45 47.62 -19.99
C GLU KC 22 -6.96 49.00 -20.45
N LEU KC 23 -7.71 49.65 -21.32
CA LEU KC 23 -7.32 50.98 -21.83
C LEU KC 23 -7.35 52.00 -20.66
N GLN KC 24 -8.37 51.86 -19.80
CA GLN KC 24 -8.62 52.80 -18.73
C GLN KC 24 -7.44 52.77 -17.74
N ASN KC 25 -6.93 51.57 -17.43
CA ASN KC 25 -5.83 51.44 -16.48
C ASN KC 25 -4.56 52.10 -17.03
N THR KC 26 -4.30 51.93 -18.33
CA THR KC 26 -3.09 52.50 -18.91
C THR KC 26 -3.15 54.03 -18.86
N PHE KC 27 -4.26 54.62 -19.30
CA PHE KC 27 -4.33 56.08 -19.41
C PHE KC 27 -5.55 56.58 -18.66
N PHE KC 28 -5.36 57.43 -17.64
CA PHE KC 28 -6.47 57.83 -16.78
C PHE KC 28 -6.35 59.31 -16.42
N THR KC 29 -7.47 60.03 -16.53
CA THR KC 29 -7.61 61.37 -15.98
C THR KC 29 -8.54 61.25 -14.77
N LYS KC 30 -8.14 61.84 -13.63
CA LYS KC 30 -8.86 61.61 -12.37
C LYS KC 30 -8.83 62.85 -11.51
N LEU KC 31 -9.83 62.95 -10.62
CA LEU KC 31 -9.89 64.01 -9.62
C LEU KC 31 -9.42 63.44 -8.29
N VAL KC 32 -8.45 64.11 -7.67
CA VAL KC 32 -7.84 63.63 -6.45
C VAL KC 32 -8.03 64.67 -5.36
N PRO KC 33 -8.48 64.27 -4.15
CA PRO KC 33 -8.45 65.19 -3.01
C PRO KC 33 -6.99 65.56 -2.72
N TYR KC 34 -6.79 66.80 -2.28
CA TYR KC 34 -5.46 67.36 -2.07
C TYR KC 34 -4.62 66.42 -1.22
N GLU KC 35 -5.20 65.96 -0.10
CA GLU KC 35 -4.51 65.12 0.87
C GLU KC 35 -4.08 63.80 0.24
N ASN KC 36 -4.96 63.24 -0.60
CA ASN KC 36 -4.73 61.95 -1.22
C ASN KC 36 -3.64 62.05 -2.29
N TRP KC 37 -3.55 63.20 -2.98
CA TRP KC 37 -2.71 63.31 -4.17
C TRP KC 37 -1.26 62.97 -3.86
N PHE KC 38 -0.77 63.46 -2.73
CA PHE KC 38 0.63 63.26 -2.40
C PHE KC 38 0.94 61.77 -2.47
N THR KC 39 0.13 60.97 -1.77
CA THR KC 39 0.32 59.53 -1.68
C THR KC 39 0.14 58.92 -3.06
N GLU KC 40 -0.89 59.37 -3.79
CA GLU KC 40 -1.18 58.86 -5.12
C GLU KC 40 -0.02 59.14 -6.05
N GLN KC 41 0.54 60.36 -6.00
CA GLN KC 41 1.65 60.71 -6.87
C GLN KC 41 2.79 59.72 -6.65
N GLN KC 42 3.09 59.46 -5.37
CA GLN KC 42 4.17 58.54 -5.02
C GLN KC 42 3.88 57.16 -5.61
N ARG KC 43 2.64 56.70 -5.46
CA ARG KC 43 2.25 55.38 -5.91
C ARG KC 43 2.40 55.25 -7.43
N ILE KC 44 2.07 56.29 -8.20
CA ILE KC 44 2.25 56.29 -9.64
C ILE KC 44 3.73 56.19 -9.97
N GLN KC 45 4.56 56.95 -9.23
CA GLN KC 45 6.00 56.92 -9.43
C GLN KC 45 6.56 55.52 -9.14
N LYS KC 46 6.13 54.91 -8.04
CA LYS KC 46 6.59 53.59 -7.65
C LYS KC 46 6.20 52.53 -8.69
N ALA KC 47 4.99 52.67 -9.25
CA ALA KC 47 4.53 51.81 -10.33
C ALA KC 47 5.41 51.98 -11.57
N GLY KC 48 6.00 53.17 -11.75
CA GLY KC 48 6.79 53.48 -12.92
C GLY KC 48 5.94 54.20 -13.97
N GLY KC 49 4.69 54.50 -13.61
CA GLY KC 49 3.86 55.37 -14.44
C GLY KC 49 4.36 56.80 -14.41
N LYS KC 50 4.12 57.53 -15.50
CA LYS KC 50 4.56 58.91 -15.66
C LYS KC 50 3.34 59.82 -15.63
N VAL KC 51 3.38 60.86 -14.79
CA VAL KC 51 2.29 61.80 -14.63
C VAL KC 51 2.51 62.95 -15.61
N LEU KC 52 1.72 63.00 -16.68
CA LEU KC 52 1.97 64.00 -17.72
C LEU KC 52 1.51 65.37 -17.20
N SER KC 53 0.34 65.42 -16.53
CA SER KC 53 -0.23 66.71 -16.16
C SER KC 53 -0.90 66.68 -14.79
N VAL KC 54 -0.67 67.77 -14.04
CA VAL KC 54 -1.30 68.01 -12.75
C VAL KC 54 -1.89 69.42 -12.81
N LYS KC 55 -3.15 69.54 -12.37
CA LYS KC 55 -3.80 70.84 -12.22
C LYS KC 55 -4.65 70.80 -10.96
N LEU KC 56 -4.85 71.97 -10.34
CA LEU KC 56 -5.72 72.10 -9.18
C LEU KC 56 -7.13 72.44 -9.65
N PHE KC 57 -8.00 71.42 -9.64
CA PHE KC 57 -9.34 71.51 -10.21
C PHE KC 57 -10.15 72.51 -9.39
N THR KC 58 -10.13 72.36 -8.05
CA THR KC 58 -10.94 73.17 -7.18
C THR KC 58 -10.04 73.83 -6.12
N GLY KC 59 -10.56 74.93 -5.56
CA GLY KC 59 -9.88 75.68 -4.53
C GLY KC 59 -8.95 76.74 -5.13
N VAL KC 60 -8.33 77.52 -4.25
CA VAL KC 60 -7.44 78.61 -4.63
C VAL KC 60 -6.03 78.30 -4.11
N GLN KC 61 -5.02 78.51 -4.96
CA GLN KC 61 -3.64 78.29 -4.56
C GLN KC 61 -3.23 79.37 -3.55
N GLY KC 62 -2.44 78.96 -2.56
CA GLY KC 62 -1.93 79.84 -1.52
C GLY KC 62 -3.05 80.50 -0.72
N ALA KC 63 -4.12 79.73 -0.44
CA ALA KC 63 -5.21 80.20 0.40
C ALA KC 63 -5.00 79.66 1.80
N ASN KC 64 -5.04 80.57 2.79
CA ASN KC 64 -4.83 80.21 4.18
C ASN KC 64 -5.99 79.37 4.73
N THR KC 65 -7.23 79.60 4.25
CA THR KC 65 -8.39 78.83 4.69
C THR KC 65 -9.25 78.43 3.48
N SER LC 2 -32.83 12.65 63.56
CA SER LC 2 -33.50 11.80 62.54
C SER LC 2 -33.42 10.33 62.92
N ARG LC 3 -34.48 9.58 62.56
CA ARG LC 3 -34.52 8.15 62.82
C ARG LC 3 -33.47 7.46 61.97
N TYR LC 4 -32.80 6.45 62.54
CA TYR LC 4 -31.73 5.72 61.85
C TYR LC 4 -32.00 4.23 61.96
N PHE LC 5 -31.60 3.50 60.91
CA PHE LC 5 -31.80 2.05 60.83
C PHE LC 5 -30.45 1.35 60.87
N LYS LC 6 -30.32 0.31 61.71
CA LYS LC 6 -29.15 -0.56 61.67
C LYS LC 6 -29.53 -1.81 60.90
N VAL LC 7 -28.81 -2.07 59.81
CA VAL LC 7 -29.19 -3.12 58.87
C VAL LC 7 -27.99 -4.04 58.65
N THR LC 8 -28.24 -5.35 58.72
CA THR LC 8 -27.24 -6.35 58.37
C THR LC 8 -27.74 -7.10 57.13
N ALA LC 9 -26.93 -7.12 56.07
CA ALA LC 9 -27.33 -7.71 54.81
C ALA LC 9 -26.12 -8.38 54.13
N CYS LC 10 -26.41 -9.50 53.44
CA CYS LC 10 -25.40 -10.22 52.69
C CYS LC 10 -25.74 -10.22 51.20
N ILE LC 11 -24.76 -9.83 50.37
CA ILE LC 11 -24.94 -9.86 48.92
C ILE LC 11 -23.90 -10.78 48.28
N PRO LC 12 -24.33 -11.84 47.56
CA PRO LC 12 -23.38 -12.72 46.88
C PRO LC 12 -22.93 -12.17 45.53
N SER LC 13 -21.68 -12.48 45.12
CA SER LC 13 -21.13 -11.96 43.88
C SER LC 13 -21.34 -12.95 42.75
N LEU LC 14 -22.54 -12.93 42.16
CA LEU LC 14 -22.98 -13.91 41.18
C LEU LC 14 -22.41 -13.58 39.79
N LYS LC 15 -22.22 -12.29 39.49
CA LYS LC 15 -21.78 -11.84 38.17
C LYS LC 15 -20.34 -12.24 37.85
N ARG LC 16 -19.41 -12.09 38.81
CA ARG LC 16 -18.00 -12.37 38.55
C ARG LC 16 -17.30 -12.67 39.88
N VAL LC 17 -16.27 -13.55 39.83
CA VAL LC 17 -15.48 -13.92 41.00
C VAL LC 17 -14.36 -12.90 41.18
N ARG LC 18 -14.13 -12.44 42.42
CA ARG LC 18 -13.11 -11.43 42.66
C ARG LC 18 -11.98 -12.00 43.52
N THR LC 19 -10.75 -11.72 43.10
CA THR LC 19 -9.55 -12.22 43.76
C THR LC 19 -9.29 -11.49 45.07
N GLY LC 20 -9.43 -10.16 45.09
CA GLY LC 20 -9.20 -9.40 46.31
C GLY LC 20 -10.25 -9.73 47.37
N ARG LC 21 -9.91 -9.58 48.64
CA ARG LC 21 -10.84 -9.89 49.72
C ARG LC 21 -12.09 -9.03 49.60
N GLU LC 22 -13.27 -9.69 49.63
CA GLU LC 22 -14.55 -9.03 49.42
C GLU LC 22 -15.41 -9.13 50.67
N LEU LC 23 -14.82 -9.51 51.80
CA LEU LC 23 -15.60 -9.92 52.97
C LEU LC 23 -16.45 -8.77 53.50
N GLN LC 24 -15.85 -7.56 53.50
CA GLN LC 24 -16.54 -6.36 53.93
C GLN LC 24 -17.73 -6.08 53.02
N ASN LC 25 -17.53 -6.22 51.69
CA ASN LC 25 -18.61 -6.02 50.75
C ASN LC 25 -19.68 -7.08 50.90
N THR LC 26 -19.26 -8.33 51.09
CA THR LC 26 -20.19 -9.46 51.07
C THR LC 26 -21.17 -9.35 52.24
N PHE LC 27 -20.62 -9.18 53.45
CA PHE LC 27 -21.41 -9.14 54.66
C PHE LC 27 -21.17 -7.79 55.33
N PHE LC 28 -22.22 -6.98 55.48
CA PHE LC 28 -22.05 -5.63 55.99
C PHE LC 28 -23.18 -5.30 56.98
N THR LC 29 -22.78 -4.71 58.10
CA THR LC 29 -23.71 -4.07 59.04
C THR LC 29 -23.52 -2.57 58.90
N LYS LC 30 -24.62 -1.82 58.74
CA LYS LC 30 -24.54 -0.41 58.44
C LYS LC 30 -25.67 0.35 59.11
N LEU LC 31 -25.44 1.66 59.31
CA LEU LC 31 -26.44 2.59 59.78
C LEU LC 31 -27.01 3.36 58.58
N VAL LC 32 -28.34 3.33 58.44
CA VAL LC 32 -29.00 3.93 57.30
C VAL LC 32 -29.96 5.00 57.82
N PRO LC 33 -29.99 6.20 57.20
CA PRO LC 33 -31.06 7.16 57.49
C PRO LC 33 -32.39 6.53 57.08
N TYR LC 34 -33.44 6.80 57.86
CA TYR LC 34 -34.73 6.17 57.65
C TYR LC 34 -35.21 6.38 56.22
N GLU LC 35 -35.09 7.60 55.74
CA GLU LC 35 -35.50 7.97 54.39
C GLU LC 35 -34.76 7.15 53.32
N ASN LC 36 -33.46 6.97 53.53
CA ASN LC 36 -32.60 6.27 52.60
C ASN LC 36 -32.91 4.78 52.60
N TRP LC 37 -33.29 4.22 53.75
CA TRP LC 37 -33.41 2.78 53.93
C TRP LC 37 -34.34 2.17 52.91
N PHE LC 38 -35.48 2.83 52.66
CA PHE LC 38 -36.45 2.26 51.75
C PHE LC 38 -35.77 1.92 50.42
N THR LC 39 -35.08 2.91 49.86
CA THR LC 39 -34.40 2.78 48.58
C THR LC 39 -33.30 1.73 48.69
N GLU LC 40 -32.55 1.77 49.79
CA GLU LC 40 -31.45 0.83 50.01
C GLU LC 40 -32.00 -0.59 50.09
N GLN LC 41 -33.12 -0.80 50.81
CA GLN LC 41 -33.70 -2.12 50.93
C GLN LC 41 -34.00 -2.67 49.54
N GLN LC 42 -34.61 -1.83 48.70
CA GLN LC 42 -34.95 -2.23 47.35
C GLN LC 42 -33.70 -2.60 46.57
N ARG LC 43 -32.65 -1.80 46.70
CA ARG LC 43 -31.39 -2.04 46.00
C ARG LC 43 -30.79 -3.39 46.39
N ILE LC 44 -30.84 -3.75 47.67
CA ILE LC 44 -30.35 -5.04 48.13
C ILE LC 44 -31.18 -6.16 47.51
N GLN LC 45 -32.50 -5.97 47.46
CA GLN LC 45 -33.39 -6.96 46.86
C GLN LC 45 -33.04 -7.14 45.37
N LYS LC 46 -32.88 -6.02 44.65
CA LYS LC 46 -32.61 -6.06 43.23
C LYS LC 46 -31.27 -6.73 42.95
N ALA LC 47 -30.27 -6.51 43.80
CA ALA LC 47 -28.98 -7.18 43.73
C ALA LC 47 -29.15 -8.69 43.93
N GLY LC 48 -30.17 -9.09 44.71
CA GLY LC 48 -30.36 -10.49 45.05
C GLY LC 48 -29.72 -10.81 46.40
N GLY LC 49 -29.21 -9.77 47.07
CA GLY LC 49 -28.77 -9.91 48.46
C GLY LC 49 -29.96 -10.10 49.38
N LYS LC 50 -29.72 -10.79 50.50
CA LYS LC 50 -30.73 -11.04 51.52
C LYS LC 50 -30.44 -10.20 52.75
N VAL LC 51 -31.46 -9.50 53.28
CA VAL LC 51 -31.32 -8.63 54.44
C VAL LC 51 -31.58 -9.45 55.70
N LEU LC 52 -30.51 -9.75 56.44
CA LEU LC 52 -30.55 -10.69 57.53
C LEU LC 52 -31.32 -10.07 58.70
N SER LC 53 -31.04 -8.80 59.02
CA SER LC 53 -31.62 -8.14 60.19
C SER LC 53 -31.86 -6.65 59.93
N VAL LC 54 -32.99 -6.13 60.44
CA VAL LC 54 -33.29 -4.70 60.42
C VAL LC 54 -33.68 -4.29 61.84
N LYS LC 55 -33.09 -3.19 62.33
CA LYS LC 55 -33.49 -2.58 63.59
C LYS LC 55 -33.42 -1.06 63.46
N LEU LC 56 -34.24 -0.36 64.26
CA LEU LC 56 -34.25 1.09 64.27
C LEU LC 56 -33.30 1.58 65.36
N PHE LC 57 -32.10 2.04 64.92
CA PHE LC 57 -31.03 2.40 65.84
C PHE LC 57 -31.46 3.62 66.66
N THR LC 58 -31.96 4.65 65.98
CA THR LC 58 -32.27 5.93 66.63
C THR LC 58 -33.72 6.30 66.35
N GLY LC 59 -34.25 7.18 67.21
CA GLY LC 59 -35.61 7.68 67.08
C GLY LC 59 -36.59 6.77 67.81
N VAL LC 60 -37.86 7.23 67.85
CA VAL LC 60 -38.92 6.57 68.59
C VAL LC 60 -39.96 6.06 67.60
N GLN LC 61 -40.44 4.83 67.84
CA GLN LC 61 -41.47 4.22 67.00
C GLN LC 61 -42.78 4.97 67.17
N GLY LC 62 -43.51 5.13 66.06
CA GLY LC 62 -44.80 5.80 66.04
C GLY LC 62 -44.74 7.24 66.55
N ALA LC 63 -43.68 7.97 66.15
CA ALA LC 63 -43.51 9.36 66.52
C ALA LC 63 -44.12 10.29 65.47
N ASN LC 64 -44.97 11.20 65.92
CA ASN LC 64 -45.58 12.19 65.02
C ASN LC 64 -44.54 13.25 64.63
N THR LC 65 -43.71 13.65 65.59
CA THR LC 65 -42.74 14.72 65.40
C THR LC 65 -41.37 14.31 65.94
N GLY LC 66 -40.34 15.00 65.45
CA GLY LC 66 -38.96 14.67 65.75
C GLY LC 66 -38.44 13.55 64.85
N VAL LC 67 -39.22 13.22 63.80
CA VAL LC 67 -38.86 12.15 62.89
C VAL LC 67 -37.86 12.69 61.83
#